data_6OLA
#
_entry.id   6OLA
#
_cell.length_a   1.00
_cell.length_b   1.00
_cell.length_c   1.00
_cell.angle_alpha   90.00
_cell.angle_beta   90.00
_cell.angle_gamma   90.00
#
_symmetry.space_group_name_H-M   'P 1'
#
loop_
_entity.id
_entity.type
_entity.pdbx_description
1 polymer 'Capsid protein'
2 polymer "DNA (5'-D(P*CP*CP*GP*G)-3')"
#
loop_
_entity_poly.entity_id
_entity_poly.type
_entity_poly.pdbx_seq_one_letter_code
_entity_poly.pdbx_strand_id
1 'polypeptide(L)'
;YRWRRKNGIFNTRLSRTIGYTVKKTTVRTPSWNVDMMRFNINDFLPPGGGSNPLTVPFEYYRIRKVKVEFWPCSPITQGD
RGVGSTAVILDDNFVTKANALTYDPYVNYSSRHTITQPFSYHSRYFTPKPVLDRTIDYFQPNNKRNQLWLRLQTTGNVDH
VGLGTAFENSIYDQDYNIRITMYVQFREFNLKDPPL
;
A0,A1,A2,A3,A4,A5,A6,A7,A8,A9,AA,AB,AC,AD,AE,AF,AG,AH,AI,AJ,AK,AL,AM,AN,AO,AP,AQ,AR,AS,AT,AU,AV,AW,AX,AY,AZ,Aa,Ab,Ac,Ad,Ae,Af,Ag,Ah,Ai,Aj,Ak,Al,Am,An,Ao,Ap,Aq,Ar,As,At,Au,Av,Aw,Ax
2 'polydeoxyribonucleotide' (DC)(DC)(DG)(DG) B0,B1,B2,B3,B4,B5,B6,B7,B8,B9,BA,BB,BC,BD,BE,BF,BG,BH,BI,BJ,BK,BL,BM,BN,BO,BP,BQ,BR,BS,BT,BU,BV,BW,BX,BY,BZ,Ba,Bb,Bc,Bd,Be,Bf,Bg,Bh,Bi,Bj,Bk,Bl,Bm,Bn,Bo,Bp,Bq,Br,Bs,Bt,Bu,Bv,Bw,Bx
#
# COMPACT_ATOMS: atom_id res chain seq x y z
N TYR A 1 -24.41 -53.58 -6.13
CA TYR A 1 -25.65 -54.33 -6.06
C TYR A 1 -25.40 -55.79 -5.61
N ARG A 2 -24.72 -55.93 -4.46
CA ARG A 2 -24.47 -57.22 -3.79
C ARG A 2 -23.92 -58.26 -4.77
N TRP A 3 -22.63 -58.19 -5.17
CA TRP A 3 -21.48 -57.61 -4.44
C TRP A 3 -21.19 -58.26 -3.07
N ARG A 4 -20.68 -59.42 -3.07
CA ARG A 4 -20.86 -60.87 -2.92
C ARG A 4 -21.91 -61.34 -1.88
N ARG A 5 -21.90 -61.00 -0.58
CA ARG A 5 -20.94 -60.25 0.20
C ARG A 5 -20.30 -61.13 1.29
N LYS A 6 -21.17 -61.66 2.17
CA LYS A 6 -20.83 -62.54 3.28
C LYS A 6 -21.75 -63.75 3.35
N ASN A 7 -22.72 -63.88 2.45
CA ASN A 7 -23.89 -64.72 2.66
C ASN A 7 -23.62 -66.22 2.52
N GLY A 8 -22.39 -66.65 2.80
CA GLY A 8 -21.95 -68.01 2.67
C GLY A 8 -20.69 -68.10 1.84
N ILE A 9 -20.17 -66.96 1.42
CA ILE A 9 -19.09 -66.94 0.45
C ILE A 9 -17.82 -67.47 1.09
N PHE A 10 -17.18 -68.42 0.44
CA PHE A 10 -15.94 -69.00 0.92
C PHE A 10 -15.07 -69.33 -0.29
N ASN A 11 -14.21 -68.39 -0.66
CA ASN A 11 -13.25 -68.63 -1.71
C ASN A 11 -12.17 -69.57 -1.19
N THR A 12 -11.80 -70.54 -2.02
CA THR A 12 -10.84 -71.54 -1.63
C THR A 12 -10.14 -72.06 -2.87
N ARG A 13 -9.42 -73.16 -2.70
CA ARG A 13 -8.60 -73.74 -3.75
C ARG A 13 -8.69 -75.25 -3.65
N LEU A 14 -8.55 -75.90 -4.80
CA LEU A 14 -8.53 -77.35 -4.87
C LEU A 14 -7.53 -77.76 -5.93
N SER A 15 -7.00 -78.98 -5.79
CA SER A 15 -5.96 -79.45 -6.67
C SER A 15 -5.99 -80.96 -6.71
N ARG A 16 -5.57 -81.50 -7.84
CA ARG A 16 -5.38 -82.93 -8.01
C ARG A 16 -4.21 -83.14 -8.94
N THR A 17 -3.91 -84.40 -9.22
CA THR A 17 -2.72 -84.75 -9.96
C THR A 17 -2.98 -86.02 -10.78
N ILE A 18 -2.39 -86.05 -11.98
CA ILE A 18 -2.56 -87.17 -12.89
C ILE A 18 -1.36 -87.22 -13.82
N GLY A 19 -1.09 -88.40 -14.36
CA GLY A 19 -0.03 -88.61 -15.30
C GLY A 19 -0.57 -88.62 -16.72
N TYR A 20 0.22 -88.07 -17.65
CA TYR A 20 -0.11 -88.05 -19.05
C TYR A 20 1.13 -88.43 -19.83
N THR A 21 0.98 -89.38 -20.74
CA THR A 21 2.09 -90.10 -21.36
C THR A 21 1.96 -89.99 -22.88
N VAL A 22 2.80 -89.15 -23.47
CA VAL A 22 2.92 -89.08 -24.91
C VAL A 22 3.90 -90.15 -25.35
N LYS A 23 3.43 -91.06 -26.19
CA LYS A 23 4.18 -92.27 -26.50
C LYS A 23 5.16 -92.03 -27.63
N LYS A 24 5.99 -93.04 -27.88
CA LYS A 24 6.99 -93.00 -28.92
C LYS A 24 6.36 -93.15 -30.30
N THR A 25 7.19 -93.02 -31.32
CA THR A 25 6.82 -93.32 -32.69
C THR A 25 8.08 -93.39 -33.53
N THR A 26 8.13 -94.38 -34.43
CA THR A 26 9.23 -94.47 -35.37
C THR A 26 9.19 -93.36 -36.41
N VAL A 27 8.03 -92.71 -36.60
CA VAL A 27 7.95 -91.59 -37.52
C VAL A 27 8.93 -90.51 -37.11
N ARG A 28 9.55 -89.89 -38.11
CA ARG A 28 10.50 -88.81 -37.91
C ARG A 28 10.01 -87.48 -38.41
N THR A 29 9.01 -87.46 -39.28
CA THR A 29 8.42 -86.20 -39.69
C THR A 29 7.68 -85.58 -38.51
N PRO A 30 7.52 -84.26 -38.50
CA PRO A 30 6.79 -83.62 -37.40
C PRO A 30 5.35 -84.12 -37.34
N SER A 31 5.01 -84.76 -36.23
CA SER A 31 3.68 -85.27 -35.99
C SER A 31 3.30 -84.93 -34.56
N TRP A 32 2.03 -84.60 -34.37
CA TRP A 32 1.51 -84.14 -33.10
C TRP A 32 0.54 -85.15 -32.50
N ASN A 33 0.38 -85.07 -31.19
CA ASN A 33 -0.51 -85.94 -30.42
C ASN A 33 -1.52 -85.06 -29.72
N VAL A 34 -2.75 -85.07 -30.20
CA VAL A 34 -3.77 -84.15 -29.74
C VAL A 34 -4.61 -84.84 -28.67
N ASP A 35 -5.00 -84.05 -27.66
CA ASP A 35 -5.85 -84.55 -26.59
C ASP A 35 -6.49 -83.34 -25.92
N MET A 36 -7.68 -83.56 -25.41
CA MET A 36 -8.45 -82.52 -24.73
C MET A 36 -8.23 -82.62 -23.23
N MET A 37 -8.99 -81.84 -22.48
CA MET A 37 -8.90 -81.86 -21.02
C MET A 37 -10.17 -81.26 -20.46
N ARG A 38 -10.87 -82.03 -19.62
CA ARG A 38 -12.12 -81.63 -19.00
C ARG A 38 -11.93 -81.48 -17.50
N PHE A 39 -12.77 -80.64 -16.90
CA PHE A 39 -12.73 -80.34 -15.48
C PHE A 39 -14.09 -80.60 -14.87
N ASN A 40 -14.12 -81.44 -13.84
CA ASN A 40 -15.34 -81.74 -13.12
C ASN A 40 -15.01 -81.78 -11.65
N ILE A 41 -15.84 -81.10 -10.85
CA ILE A 41 -15.51 -80.91 -9.45
C ILE A 41 -15.63 -82.19 -8.64
N ASN A 42 -16.35 -83.19 -9.15
CA ASN A 42 -16.44 -84.45 -8.42
C ASN A 42 -15.09 -85.12 -8.29
N ASP A 43 -14.16 -84.84 -9.19
CA ASP A 43 -12.82 -85.36 -9.09
C ASP A 43 -11.97 -84.63 -8.06
N PHE A 44 -12.45 -83.52 -7.52
CA PHE A 44 -11.77 -82.77 -6.48
C PHE A 44 -12.41 -82.93 -5.12
N LEU A 45 -13.73 -82.90 -5.04
CA LEU A 45 -14.46 -83.02 -3.79
C LEU A 45 -14.90 -84.47 -3.62
N PRO A 46 -14.31 -85.25 -2.72
CA PRO A 46 -14.83 -86.57 -2.47
C PRO A 46 -16.12 -86.51 -1.68
N PRO A 47 -16.88 -87.60 -1.63
CA PRO A 47 -18.17 -87.57 -0.96
C PRO A 47 -18.04 -87.62 0.55
N GLY A 48 -18.94 -86.91 1.23
CA GLY A 48 -18.97 -86.91 2.66
C GLY A 48 -19.68 -88.12 3.22
N GLY A 49 -20.48 -87.93 4.26
CA GLY A 49 -21.21 -89.01 4.86
C GLY A 49 -22.35 -88.55 5.73
N GLY A 50 -23.48 -89.27 5.66
CA GLY A 50 -24.63 -88.94 6.46
C GLY A 50 -25.50 -87.88 5.83
N SER A 51 -26.03 -86.98 6.66
CA SER A 51 -26.89 -85.92 6.15
C SER A 51 -26.12 -84.94 5.29
N ASN A 52 -24.82 -84.80 5.55
CA ASN A 52 -23.96 -83.95 4.73
C ASN A 52 -23.39 -84.79 3.60
N PRO A 53 -23.85 -84.63 2.36
CA PRO A 53 -23.43 -85.57 1.31
C PRO A 53 -22.03 -85.31 0.80
N LEU A 54 -21.61 -84.05 0.82
CA LEU A 54 -20.28 -83.64 0.38
C LEU A 54 -19.34 -83.45 1.55
N THR A 55 -18.06 -83.29 1.23
CA THR A 55 -17.06 -83.00 2.24
C THR A 55 -17.01 -81.52 2.59
N VAL A 56 -17.46 -80.66 1.68
CA VAL A 56 -17.49 -79.21 1.90
C VAL A 56 -18.95 -78.82 2.14
N PRO A 57 -19.29 -78.23 3.29
CA PRO A 57 -20.70 -77.91 3.52
C PRO A 57 -21.14 -76.62 2.86
N PHE A 58 -21.44 -76.72 1.57
CA PHE A 58 -22.00 -75.60 0.82
C PHE A 58 -22.93 -76.15 -0.25
N GLU A 59 -23.80 -75.27 -0.74
CA GLU A 59 -24.82 -75.64 -1.71
C GLU A 59 -24.46 -75.24 -3.13
N TYR A 60 -24.12 -73.98 -3.33
CA TYR A 60 -23.82 -73.44 -4.64
C TYR A 60 -22.32 -73.35 -4.84
N TYR A 61 -21.92 -73.10 -6.07
CA TYR A 61 -20.51 -72.90 -6.39
C TYR A 61 -20.38 -72.32 -7.78
N ARG A 62 -19.22 -71.73 -8.04
CA ARG A 62 -18.88 -71.25 -9.35
C ARG A 62 -17.36 -71.17 -9.46
N ILE A 63 -16.82 -71.73 -10.52
CA ILE A 63 -15.38 -71.81 -10.70
C ILE A 63 -14.89 -70.50 -11.30
N ARG A 64 -14.04 -69.79 -10.56
CA ARG A 64 -13.50 -68.53 -11.03
C ARG A 64 -12.38 -68.76 -12.02
N LYS A 65 -11.39 -69.56 -11.66
CA LYS A 65 -10.18 -69.73 -12.44
C LYS A 65 -9.70 -71.17 -12.33
N VAL A 66 -8.86 -71.55 -13.28
CA VAL A 66 -8.18 -72.83 -13.28
C VAL A 66 -6.74 -72.60 -13.67
N LYS A 67 -5.83 -73.26 -12.98
CA LYS A 67 -4.40 -73.19 -13.26
C LYS A 67 -3.92 -74.61 -13.51
N VAL A 68 -3.78 -74.94 -14.77
CA VAL A 68 -3.18 -76.19 -15.16
C VAL A 68 -1.66 -76.03 -15.12
N GLU A 69 -0.97 -77.13 -14.82
CA GLU A 69 0.47 -77.12 -14.67
C GLU A 69 1.01 -78.41 -15.22
N PHE A 70 1.93 -78.32 -16.17
CA PHE A 70 2.55 -79.48 -16.78
C PHE A 70 3.94 -79.68 -16.18
N TRP A 71 3.96 -80.20 -14.97
CA TRP A 71 5.21 -80.53 -14.35
C TRP A 71 5.79 -81.76 -15.05
N PRO A 72 6.88 -81.64 -15.81
CA PRO A 72 7.35 -82.78 -16.59
C PRO A 72 7.91 -83.88 -15.72
N CYS A 73 8.19 -84.99 -16.40
CA CYS A 73 8.82 -86.15 -15.80
C CYS A 73 10.06 -86.58 -16.56
N SER A 74 10.41 -85.91 -17.65
CA SER A 74 11.56 -86.26 -18.46
C SER A 74 12.77 -85.45 -18.02
N PRO A 75 13.98 -85.93 -18.30
CA PRO A 75 15.17 -85.22 -17.85
C PRO A 75 15.54 -84.09 -18.79
N ILE A 76 16.47 -83.27 -18.31
CA ILE A 76 16.99 -82.17 -19.11
C ILE A 76 17.77 -82.69 -20.30
N THR A 77 18.39 -83.85 -20.19
CA THR A 77 19.31 -84.36 -21.20
C THR A 77 18.61 -85.15 -22.28
N GLN A 78 17.32 -84.95 -22.47
CA GLN A 78 16.56 -85.70 -23.45
C GLN A 78 16.63 -84.99 -24.80
N GLY A 79 16.81 -85.79 -25.85
CA GLY A 79 16.94 -85.28 -27.20
C GLY A 79 15.66 -85.41 -27.99
N ASP A 80 15.77 -85.09 -29.28
CA ASP A 80 14.65 -85.05 -30.19
C ASP A 80 13.53 -84.18 -29.61
N ARG A 81 13.90 -82.94 -29.30
CA ARG A 81 12.97 -82.03 -28.68
C ARG A 81 11.88 -81.67 -29.68
N GLY A 82 10.96 -80.83 -29.25
CA GLY A 82 9.86 -80.46 -30.10
C GLY A 82 9.21 -79.19 -29.62
N VAL A 83 7.99 -78.99 -30.11
CA VAL A 83 7.25 -77.78 -29.77
C VAL A 83 5.77 -78.09 -29.98
N GLY A 84 4.96 -77.66 -29.01
CA GLY A 84 3.54 -77.95 -28.99
C GLY A 84 2.71 -76.70 -28.82
N SER A 85 1.46 -76.86 -28.39
CA SER A 85 0.57 -75.73 -28.25
C SER A 85 -0.60 -76.10 -27.35
N THR A 86 -0.98 -75.17 -26.50
CA THR A 86 -2.15 -75.30 -25.65
C THR A 86 -3.11 -74.16 -25.95
N ALA A 87 -4.38 -74.49 -26.03
CA ALA A 87 -5.40 -73.53 -26.38
C ALA A 87 -6.61 -73.73 -25.48
N VAL A 88 -7.40 -72.66 -25.36
CA VAL A 88 -8.56 -72.63 -24.50
C VAL A 88 -9.79 -72.86 -25.35
N ILE A 89 -10.58 -73.86 -24.97
CA ILE A 89 -11.75 -74.28 -25.70
C ILE A 89 -12.93 -74.24 -24.75
N LEU A 90 -13.83 -73.30 -24.96
CA LEU A 90 -14.87 -72.98 -24.00
C LEU A 90 -16.24 -73.50 -24.43
N ASP A 91 -16.28 -74.42 -25.40
CA ASP A 91 -17.54 -74.83 -26.02
C ASP A 91 -17.68 -76.34 -26.18
N ASP A 92 -16.77 -77.14 -25.64
CA ASP A 92 -16.79 -78.59 -25.78
C ASP A 92 -16.64 -79.03 -27.23
N ASN A 93 -16.01 -78.17 -28.04
CA ASN A 93 -15.71 -78.49 -29.43
C ASN A 93 -14.20 -78.54 -29.52
N PHE A 94 -13.65 -79.69 -29.18
CA PHE A 94 -12.23 -79.91 -29.29
C PHE A 94 -11.91 -80.37 -30.70
N VAL A 95 -10.65 -80.67 -30.94
CA VAL A 95 -10.16 -81.12 -32.23
C VAL A 95 -9.79 -82.58 -32.06
N THR A 96 -10.28 -83.42 -32.96
CA THR A 96 -10.42 -84.86 -32.76
C THR A 96 -9.16 -85.49 -32.20
N LYS A 97 -9.35 -86.35 -31.21
CA LYS A 97 -8.26 -87.05 -30.55
C LYS A 97 -7.47 -87.86 -31.56
N ALA A 98 -6.16 -87.64 -31.59
CA ALA A 98 -5.30 -88.25 -32.59
C ALA A 98 -3.92 -88.47 -32.01
N ASN A 99 -3.32 -89.60 -32.35
CA ASN A 99 -1.98 -89.92 -31.92
C ASN A 99 -0.91 -89.34 -32.82
N ALA A 100 -1.25 -89.07 -34.08
CA ALA A 100 -0.28 -88.55 -35.04
C ALA A 100 -1.03 -87.71 -36.05
N LEU A 101 -0.77 -86.41 -36.02
CA LEU A 101 -1.36 -85.47 -36.96
C LEU A 101 -0.24 -84.62 -37.54
N THR A 102 -0.33 -84.37 -38.84
CA THR A 102 0.77 -83.75 -39.58
C THR A 102 0.91 -82.27 -39.32
N TYR A 103 0.10 -81.69 -38.44
CA TYR A 103 0.18 -80.26 -38.18
C TYR A 103 -0.32 -79.99 -36.78
N ASP A 104 -0.01 -78.80 -36.28
CA ASP A 104 -0.44 -78.35 -34.98
C ASP A 104 -1.75 -77.59 -35.13
N PRO A 105 -2.90 -78.18 -34.82
CA PRO A 105 -4.15 -77.47 -35.08
C PRO A 105 -4.39 -76.32 -34.14
N TYR A 106 -3.85 -76.38 -32.93
CA TYR A 106 -4.04 -75.33 -31.94
C TYR A 106 -2.98 -74.25 -32.02
N VAL A 107 -2.31 -74.10 -33.17
CA VAL A 107 -1.20 -73.16 -33.27
C VAL A 107 -1.71 -71.76 -33.60
N ASN A 108 -2.66 -71.64 -34.51
CA ASN A 108 -3.19 -70.34 -34.90
C ASN A 108 -4.32 -69.86 -34.01
N TYR A 109 -4.76 -70.68 -33.06
CA TYR A 109 -5.77 -70.25 -32.11
C TYR A 109 -5.28 -69.02 -31.35
N SER A 110 -6.18 -68.06 -31.18
CA SER A 110 -5.82 -66.82 -30.50
C SER A 110 -5.42 -67.07 -29.06
N SER A 111 -5.95 -68.12 -28.45
CA SER A 111 -5.62 -68.49 -27.08
C SER A 111 -4.42 -69.42 -27.00
N ARG A 112 -3.55 -69.40 -28.00
CA ARG A 112 -2.43 -70.31 -28.05
C ARG A 112 -1.29 -69.79 -27.19
N HIS A 113 -0.74 -70.69 -26.38
CA HIS A 113 0.46 -70.43 -25.60
C HIS A 113 1.40 -71.58 -25.85
N THR A 114 2.58 -71.26 -26.38
CA THR A 114 3.48 -72.28 -26.86
C THR A 114 4.03 -73.13 -25.73
N ILE A 115 4.26 -74.40 -26.04
CA ILE A 115 4.92 -75.33 -25.15
C ILE A 115 6.31 -75.59 -25.70
N THR A 116 7.30 -75.55 -24.83
CA THR A 116 8.60 -76.10 -25.09
C THR A 116 8.62 -77.51 -24.49
N GLN A 117 9.25 -78.42 -25.20
CA GLN A 117 9.23 -79.84 -24.85
C GLN A 117 10.65 -80.37 -24.79
N PRO A 118 10.87 -81.49 -24.08
CA PRO A 118 10.01 -82.28 -23.22
C PRO A 118 10.25 -82.08 -21.73
N PHE A 119 11.10 -81.13 -21.37
CA PHE A 119 11.54 -80.98 -19.98
C PHE A 119 11.12 -79.66 -19.36
N SER A 120 10.28 -78.89 -20.02
CA SER A 120 9.91 -77.56 -19.56
C SER A 120 8.57 -77.58 -18.85
N TYR A 121 8.33 -76.51 -18.09
CA TYR A 121 7.09 -76.31 -17.36
C TYR A 121 6.21 -75.34 -18.12
N HIS A 122 4.91 -75.63 -18.13
CA HIS A 122 3.94 -74.80 -18.84
C HIS A 122 2.69 -74.70 -18.00
N SER A 123 2.14 -73.50 -17.91
CA SER A 123 0.98 -73.21 -17.08
C SER A 123 0.01 -72.33 -17.83
N ARG A 124 -1.26 -72.50 -17.52
CA ARG A 124 -2.36 -71.81 -18.20
C ARG A 124 -3.40 -71.43 -17.17
N TYR A 125 -3.49 -70.14 -16.87
CA TYR A 125 -4.36 -69.61 -15.85
C TYR A 125 -5.51 -68.89 -16.54
N PHE A 126 -6.68 -69.53 -16.56
CA PHE A 126 -7.80 -69.04 -17.33
C PHE A 126 -9.10 -69.32 -16.58
N THR A 127 -10.18 -68.78 -17.13
CA THR A 127 -11.51 -68.95 -16.61
C THR A 127 -12.24 -70.00 -17.43
N PRO A 128 -12.60 -71.15 -16.88
CA PRO A 128 -13.39 -72.10 -17.65
C PRO A 128 -14.85 -71.72 -17.68
N LYS A 129 -15.62 -72.47 -18.45
CA LYS A 129 -17.04 -72.27 -18.58
C LYS A 129 -17.73 -73.63 -18.48
N PRO A 130 -18.96 -73.68 -18.02
CA PRO A 130 -19.66 -74.96 -17.92
C PRO A 130 -20.37 -75.32 -19.21
N VAL A 131 -20.84 -76.56 -19.23
CA VAL A 131 -21.54 -77.12 -20.37
C VAL A 131 -23.01 -77.14 -20.00
N LEU A 132 -23.72 -76.07 -20.35
CA LEU A 132 -25.14 -75.97 -20.08
C LEU A 132 -25.97 -76.68 -21.13
N ASP A 133 -25.62 -76.50 -22.41
CA ASP A 133 -26.34 -77.14 -23.51
C ASP A 133 -25.31 -77.60 -24.53
N ARG A 134 -25.22 -78.91 -24.71
CA ARG A 134 -24.27 -79.46 -25.68
C ARG A 134 -24.72 -79.20 -27.11
N THR A 135 -26.02 -79.20 -27.36
CA THR A 135 -26.52 -78.95 -28.70
C THR A 135 -26.19 -77.54 -29.15
N ILE A 136 -26.34 -76.57 -28.26
CA ILE A 136 -26.19 -75.17 -28.59
C ILE A 136 -24.79 -74.67 -28.26
N ASP A 137 -24.23 -75.15 -27.16
CA ASP A 137 -22.87 -74.83 -26.74
C ASP A 137 -22.70 -73.33 -26.58
N TYR A 138 -23.44 -72.77 -25.63
CA TYR A 138 -23.33 -71.36 -25.27
C TYR A 138 -22.57 -71.20 -23.97
N PHE A 139 -22.01 -70.01 -23.81
CA PHE A 139 -21.29 -69.65 -22.61
C PHE A 139 -21.20 -68.14 -22.55
N GLN A 140 -20.98 -67.64 -21.36
CA GLN A 140 -20.99 -66.21 -21.13
C GLN A 140 -19.59 -65.67 -21.00
N PRO A 141 -19.40 -64.37 -21.16
CA PRO A 141 -18.06 -63.80 -21.01
C PRO A 141 -17.52 -63.89 -19.61
N ASN A 142 -16.32 -63.35 -19.43
CA ASN A 142 -15.68 -63.32 -18.12
C ASN A 142 -16.10 -62.04 -17.41
N ASN A 143 -17.08 -62.16 -16.52
CA ASN A 143 -17.48 -61.07 -15.65
C ASN A 143 -17.77 -61.65 -14.29
N LYS A 144 -17.01 -61.20 -13.29
CA LYS A 144 -17.09 -61.81 -11.97
C LYS A 144 -18.46 -61.57 -11.33
N ARG A 145 -18.98 -60.36 -11.42
CA ARG A 145 -20.22 -60.02 -10.74
C ARG A 145 -21.36 -60.89 -11.23
N ASN A 146 -21.54 -60.97 -12.55
CA ASN A 146 -22.69 -61.62 -13.15
C ASN A 146 -22.42 -63.05 -13.56
N GLN A 147 -21.34 -63.65 -13.06
CA GLN A 147 -21.10 -65.06 -13.34
C GLN A 147 -22.14 -65.91 -12.64
N LEU A 148 -22.47 -67.03 -13.26
CA LEU A 148 -23.55 -67.88 -12.78
C LEU A 148 -23.12 -68.66 -11.55
N TRP A 149 -24.12 -69.09 -10.80
CA TRP A 149 -23.96 -70.02 -9.70
C TRP A 149 -24.52 -71.37 -10.13
N LEU A 150 -24.00 -72.42 -9.51
CA LEU A 150 -24.35 -73.78 -9.85
C LEU A 150 -24.50 -74.60 -8.58
N ARG A 151 -25.55 -75.40 -8.54
CA ARG A 151 -25.76 -76.30 -7.43
C ARG A 151 -24.62 -77.30 -7.34
N LEU A 152 -24.17 -77.54 -6.12
CA LEU A 152 -23.08 -78.48 -5.87
C LEU A 152 -23.72 -79.84 -5.66
N GLN A 153 -23.85 -80.57 -6.75
CA GLN A 153 -24.47 -81.88 -6.71
C GLN A 153 -23.49 -82.90 -6.13
N THR A 154 -24.02 -84.08 -5.83
CA THR A 154 -23.27 -85.12 -5.15
C THR A 154 -22.51 -86.00 -6.12
N THR A 155 -23.14 -86.40 -7.23
CA THR A 155 -22.56 -87.35 -8.17
C THR A 155 -22.64 -86.94 -9.63
N GLY A 156 -23.37 -85.87 -9.96
CA GLY A 156 -23.63 -85.50 -11.34
C GLY A 156 -23.32 -84.06 -11.67
N ASN A 157 -22.23 -83.55 -11.12
CA ASN A 157 -21.85 -82.18 -11.43
C ASN A 157 -21.48 -82.04 -12.89
N VAL A 158 -21.67 -80.85 -13.42
CA VAL A 158 -21.51 -80.59 -14.84
C VAL A 158 -20.03 -80.49 -15.18
N ASP A 159 -19.70 -80.88 -16.40
CA ASP A 159 -18.32 -80.95 -16.85
C ASP A 159 -17.91 -79.60 -17.39
N HIS A 160 -17.17 -78.84 -16.57
CA HIS A 160 -16.51 -77.65 -17.06
C HIS A 160 -15.50 -78.03 -18.14
N VAL A 161 -15.08 -77.02 -18.89
CA VAL A 161 -14.26 -77.19 -20.07
C VAL A 161 -13.35 -75.98 -20.18
N GLY A 162 -12.41 -76.02 -21.13
CA GLY A 162 -11.46 -74.94 -21.27
C GLY A 162 -10.02 -75.22 -21.66
N LEU A 163 -9.64 -76.43 -22.04
CA LEU A 163 -8.27 -76.62 -22.51
C LEU A 163 -8.14 -77.78 -23.47
N GLY A 164 -7.31 -77.56 -24.49
CA GLY A 164 -6.93 -78.61 -25.40
C GLY A 164 -5.45 -78.50 -25.72
N THR A 165 -4.85 -79.65 -26.00
CA THR A 165 -3.40 -79.76 -26.11
C THR A 165 -3.01 -80.32 -27.46
N ALA A 166 -1.75 -80.09 -27.82
CA ALA A 166 -1.15 -80.70 -29.00
C ALA A 166 0.35 -80.78 -28.75
N PHE A 167 0.82 -81.97 -28.42
CA PHE A 167 2.23 -82.21 -28.15
C PHE A 167 2.87 -82.86 -29.36
N GLU A 168 4.11 -82.45 -29.64
CA GLU A 168 4.84 -82.98 -30.78
C GLU A 168 5.45 -84.31 -30.43
N ASN A 169 5.19 -85.31 -31.27
CA ASN A 169 5.68 -86.65 -31.01
C ASN A 169 7.20 -86.68 -31.05
N SER A 170 7.76 -87.71 -30.43
CA SER A 170 9.20 -87.86 -30.35
C SER A 170 9.53 -89.33 -30.27
N ILE A 171 10.81 -89.64 -30.51
CA ILE A 171 11.28 -91.01 -30.45
C ILE A 171 11.11 -91.57 -29.05
N TYR A 172 11.36 -90.74 -28.05
CA TYR A 172 11.33 -91.14 -26.66
C TYR A 172 9.98 -90.78 -26.03
N ASP A 173 9.61 -91.54 -25.00
CA ASP A 173 8.41 -91.22 -24.25
C ASP A 173 8.58 -89.87 -23.56
N GLN A 174 7.49 -89.10 -23.55
CA GLN A 174 7.43 -87.81 -22.89
C GLN A 174 6.35 -87.92 -21.82
N ASP A 175 6.74 -88.39 -20.65
CA ASP A 175 5.83 -88.47 -19.54
C ASP A 175 5.71 -87.11 -18.87
N TYR A 176 4.51 -86.83 -18.37
CA TYR A 176 4.22 -85.58 -17.69
C TYR A 176 3.47 -85.87 -16.41
N ASN A 177 3.47 -84.88 -15.53
CA ASN A 177 2.79 -84.95 -14.24
C ASN A 177 1.92 -83.71 -14.16
N ILE A 178 0.68 -83.86 -14.57
CA ILE A 178 -0.24 -82.73 -14.67
C ILE A 178 -0.83 -82.45 -13.30
N ARG A 179 -0.96 -81.17 -12.98
CA ARG A 179 -1.62 -80.70 -11.77
C ARG A 179 -2.70 -79.72 -12.17
N ILE A 180 -3.93 -80.02 -11.80
CA ILE A 180 -5.08 -79.19 -12.13
C ILE A 180 -5.52 -78.48 -10.87
N THR A 181 -5.04 -77.26 -10.68
CA THR A 181 -5.46 -76.43 -9.57
C THR A 181 -6.70 -75.65 -9.95
N MET A 182 -7.65 -75.60 -9.04
CA MET A 182 -8.94 -74.96 -9.25
C MET A 182 -9.19 -73.95 -8.15
N TYR A 183 -9.74 -72.81 -8.53
CA TYR A 183 -10.04 -71.72 -7.62
C TYR A 183 -11.54 -71.52 -7.62
N VAL A 184 -12.19 -72.02 -6.58
CA VAL A 184 -13.63 -72.15 -6.52
C VAL A 184 -14.16 -71.11 -5.55
N GLN A 185 -15.46 -70.87 -5.62
CA GLN A 185 -16.14 -69.91 -4.77
C GLN A 185 -17.50 -70.49 -4.42
N PHE A 186 -17.65 -70.93 -3.17
CA PHE A 186 -18.85 -71.58 -2.71
C PHE A 186 -19.79 -70.56 -2.07
N ARG A 187 -20.93 -71.04 -1.58
CA ARG A 187 -21.97 -70.17 -1.04
C ARG A 187 -22.99 -71.02 -0.30
N GLU A 188 -23.72 -70.37 0.59
CA GLU A 188 -24.84 -70.96 1.34
C GLU A 188 -24.38 -72.18 2.16
N PHE A 189 -23.62 -71.85 3.20
CA PHE A 189 -23.17 -72.83 4.18
C PHE A 189 -24.35 -73.63 4.72
N ASN A 190 -24.42 -74.91 4.40
CA ASN A 190 -25.60 -75.73 4.61
C ASN A 190 -25.29 -76.95 5.47
N LEU A 191 -24.56 -76.75 6.55
CA LEU A 191 -24.18 -77.86 7.39
C LEU A 191 -25.36 -78.33 8.22
N LYS A 192 -25.44 -79.64 8.40
CA LYS A 192 -26.41 -80.27 9.28
C LYS A 192 -25.74 -80.71 10.56
N ASP A 193 -26.54 -80.81 11.62
CA ASP A 193 -26.06 -81.25 12.94
C ASP A 193 -27.13 -82.11 13.60
N PRO A 194 -27.22 -83.37 13.21
CA PRO A 194 -28.10 -84.28 13.92
C PRO A 194 -27.56 -84.54 15.32
N PRO A 195 -28.34 -85.18 16.18
CA PRO A 195 -27.83 -85.56 17.50
C PRO A 195 -26.89 -86.75 17.42
N LEU A 196 -26.47 -87.27 18.58
CA LEU A 196 -25.54 -88.39 18.66
C LEU A 196 -24.20 -88.02 18.04
N TYR B 1 -4.49 -39.30 -44.01
CA TYR B 1 -5.02 -39.54 -45.34
C TYR B 1 -5.38 -41.02 -45.54
N ARG B 2 -6.23 -41.54 -44.63
CA ARG B 2 -6.80 -42.89 -44.68
C ARG B 2 -5.72 -43.94 -44.94
N TRP B 3 -4.87 -44.31 -43.96
CA TRP B 3 -5.14 -44.29 -42.50
C TRP B 3 -6.33 -45.16 -42.04
N ARG B 4 -6.17 -46.41 -42.06
CA ARG B 4 -6.43 -47.69 -42.73
C ARG B 4 -7.77 -47.85 -43.45
N ARG B 5 -8.98 -47.70 -42.88
CA ARG B 5 -9.34 -47.46 -41.49
C ARG B 5 -10.17 -48.63 -40.92
N LYS B 6 -11.32 -48.89 -41.57
CA LYS B 6 -12.25 -49.96 -41.23
C LYS B 6 -12.68 -50.74 -42.48
N ASN B 7 -12.18 -50.40 -43.66
CA ASN B 7 -12.82 -50.76 -44.92
C ASN B 7 -12.64 -52.22 -45.33
N GLY B 8 -12.47 -53.10 -44.35
CA GLY B 8 -12.24 -54.51 -44.54
C GLY B 8 -11.02 -54.97 -43.78
N ILE B 9 -10.41 -54.06 -43.03
CA ILE B 9 -9.11 -54.33 -42.42
C ILE B 9 -9.27 -55.37 -41.33
N PHE B 10 -8.45 -56.41 -41.37
CA PHE B 10 -8.48 -57.46 -40.38
C PHE B 10 -7.05 -57.95 -40.17
N ASN B 11 -6.38 -57.37 -39.20
CA ASN B 11 -5.06 -57.82 -38.82
C ASN B 11 -5.18 -59.15 -38.09
N THR B 12 -4.30 -60.08 -38.44
CA THR B 12 -4.35 -61.41 -37.86
C THR B 12 -2.96 -62.01 -37.89
N ARG B 13 -2.88 -63.32 -37.64
CA ARG B 13 -1.63 -64.03 -37.52
C ARG B 13 -1.81 -65.41 -38.15
N LEU B 14 -0.70 -65.92 -38.69
CA LEU B 14 -0.66 -67.24 -39.26
C LEU B 14 0.66 -67.88 -38.91
N SER B 15 0.68 -69.20 -38.89
CA SER B 15 1.87 -69.94 -38.48
C SER B 15 1.86 -71.31 -39.11
N ARG B 16 3.05 -71.84 -39.34
CA ARG B 16 3.23 -73.20 -39.80
C ARG B 16 4.51 -73.73 -39.19
N THR B 17 4.84 -74.97 -39.53
CA THR B 17 5.96 -75.65 -38.89
C THR B 17 6.59 -76.62 -39.88
N ILE B 18 7.91 -76.74 -39.80
CA ILE B 18 8.68 -77.60 -40.68
C ILE B 18 9.98 -77.98 -39.99
N GLY B 19 10.53 -79.11 -40.42
CA GLY B 19 11.80 -79.59 -39.91
C GLY B 19 12.94 -79.23 -40.86
N TYR B 20 14.08 -78.91 -40.27
CA TYR B 20 15.29 -78.61 -41.03
C TYR B 20 16.44 -79.35 -40.37
N THR B 21 17.21 -80.05 -41.19
CA THR B 21 18.16 -81.05 -40.73
C THR B 21 19.53 -80.73 -41.31
N VAL B 22 20.41 -80.21 -40.46
CA VAL B 22 21.80 -80.01 -40.83
C VAL B 22 22.53 -81.31 -40.56
N LYS B 23 23.12 -81.89 -41.59
CA LYS B 23 23.64 -83.24 -41.52
C LYS B 23 25.06 -83.26 -40.98
N LYS B 24 25.56 -84.47 -40.75
CA LYS B 24 26.89 -84.68 -40.22
C LYS B 24 27.95 -84.42 -41.29
N THR B 25 29.20 -84.51 -40.87
CA THR B 25 30.34 -84.49 -41.78
C THR B 25 31.57 -84.93 -41.02
N THR B 26 32.40 -85.74 -41.66
CA THR B 26 33.67 -86.13 -41.07
C THR B 26 34.66 -84.98 -41.03
N VAL B 27 34.44 -83.93 -41.83
CA VAL B 27 35.30 -82.75 -41.79
C VAL B 27 35.30 -82.18 -40.38
N ARG B 28 36.46 -81.72 -39.94
CA ARG B 28 36.65 -81.11 -38.63
C ARG B 28 36.98 -79.63 -38.71
N THR B 29 37.43 -79.15 -39.86
CA THR B 29 37.65 -77.73 -40.00
C THR B 29 36.30 -77.01 -39.99
N PRO B 30 36.27 -75.73 -39.61
CA PRO B 30 35.00 -75.01 -39.62
C PRO B 30 34.42 -74.93 -41.02
N SER B 31 33.24 -75.53 -41.18
CA SER B 31 32.52 -75.52 -42.44
C SER B 31 31.06 -75.23 -42.16
N TRP B 32 30.44 -74.47 -43.05
CA TRP B 32 29.08 -74.01 -42.88
C TRP B 32 28.15 -74.64 -43.91
N ASN B 33 26.87 -74.66 -43.57
CA ASN B 33 25.82 -75.22 -44.41
C ASN B 33 24.82 -74.11 -44.68
N VAL B 34 24.83 -73.60 -45.90
CA VAL B 34 24.06 -72.43 -46.27
C VAL B 34 22.75 -72.87 -46.89
N ASP B 35 21.69 -72.12 -46.58
CA ASP B 35 20.37 -72.38 -47.14
C ASP B 35 19.54 -71.12 -46.98
N MET B 36 18.64 -70.92 -47.92
CA MET B 36 17.77 -69.76 -47.93
C MET B 36 16.43 -70.10 -47.27
N MET B 37 15.49 -69.18 -47.36
CA MET B 37 14.16 -69.41 -46.82
C MET B 37 13.19 -68.44 -47.47
N ARG B 38 12.14 -68.98 -48.09
CA ARG B 38 11.12 -68.22 -48.79
C ARG B 38 9.79 -68.32 -48.05
N PHE B 39 8.96 -67.32 -48.25
CA PHE B 39 7.66 -67.21 -47.61
C PHE B 39 6.60 -67.02 -48.67
N ASN B 40 5.59 -67.89 -48.67
CA ASN B 40 4.49 -67.81 -49.60
C ASN B 40 3.22 -68.12 -48.82
N ILE B 41 2.20 -67.29 -49.01
CA ILE B 41 1.02 -67.39 -48.17
C ILE B 41 0.19 -68.62 -48.49
N ASN B 42 0.37 -69.21 -49.67
CA ASN B 42 -0.37 -70.41 -50.00
C ASN B 42 -0.04 -71.56 -49.06
N ASP B 43 1.14 -71.54 -48.46
CA ASP B 43 1.52 -72.54 -47.47
C ASP B 43 0.88 -72.31 -46.12
N PHE B 44 0.23 -71.16 -45.91
CA PHE B 44 -0.47 -70.84 -44.68
C PHE B 44 -1.98 -70.91 -44.83
N LEU B 45 -2.52 -70.39 -45.92
CA LEU B 45 -3.95 -70.38 -46.18
C LEU B 45 -4.31 -71.57 -47.06
N PRO B 46 -4.96 -72.60 -46.54
CA PRO B 46 -5.42 -73.67 -47.42
C PRO B 46 -6.62 -73.22 -48.25
N PRO B 47 -6.97 -73.94 -49.30
CA PRO B 47 -8.05 -73.51 -50.17
C PRO B 47 -9.42 -73.77 -49.56
N GLY B 48 -10.35 -72.86 -49.82
CA GLY B 48 -11.71 -73.02 -49.36
C GLY B 48 -12.51 -73.93 -50.25
N GLY B 49 -13.75 -73.57 -50.50
CA GLY B 49 -14.61 -74.37 -51.35
C GLY B 49 -15.82 -73.61 -51.86
N GLY B 50 -16.17 -73.85 -53.12
CA GLY B 50 -17.33 -73.21 -53.71
C GLY B 50 -17.02 -71.83 -54.26
N SER B 51 -17.95 -70.91 -54.08
CA SER B 51 -17.75 -69.55 -54.57
C SER B 51 -16.65 -68.84 -53.82
N ASN B 52 -16.42 -69.23 -52.56
CA ASN B 52 -15.33 -68.66 -51.78
C ASN B 52 -14.09 -69.52 -52.00
N PRO B 53 -13.08 -69.06 -52.75
CA PRO B 53 -11.99 -69.96 -53.12
C PRO B 53 -11.01 -70.19 -51.99
N LEU B 54 -10.84 -69.19 -51.13
CA LEU B 54 -9.94 -69.26 -49.99
C LEU B 54 -10.70 -69.57 -48.71
N THR B 55 -9.94 -69.87 -47.65
CA THR B 55 -10.51 -70.08 -46.33
C THR B 55 -10.77 -68.78 -45.61
N VAL B 56 -10.07 -67.71 -45.96
CA VAL B 56 -10.23 -66.39 -45.36
C VAL B 56 -10.98 -65.53 -46.36
N PRO B 57 -12.15 -64.98 -46.03
CA PRO B 57 -12.85 -64.19 -47.04
C PRO B 57 -12.36 -62.75 -47.14
N PHE B 58 -11.27 -62.59 -47.87
CA PHE B 58 -10.74 -61.27 -48.17
C PHE B 58 -10.09 -61.29 -49.54
N GLU B 59 -9.91 -60.12 -50.11
CA GLU B 59 -9.39 -59.96 -51.46
C GLU B 59 -7.93 -59.56 -51.48
N TYR B 60 -7.58 -58.50 -50.76
CA TYR B 60 -6.23 -57.97 -50.74
C TYR B 60 -5.51 -58.42 -49.48
N TYR B 61 -4.20 -58.19 -49.46
CA TYR B 61 -3.40 -58.50 -48.29
C TYR B 61 -2.04 -57.86 -48.43
N ARG B 62 -1.37 -57.72 -47.28
CA ARG B 62 0.00 -57.25 -47.25
C ARG B 62 0.64 -57.74 -45.97
N ILE B 63 1.81 -58.34 -46.08
CA ILE B 63 2.49 -58.92 -44.93
C ILE B 63 3.26 -57.83 -44.21
N ARG B 64 2.89 -57.59 -42.96
CA ARG B 64 3.56 -56.58 -42.16
C ARG B 64 4.89 -57.08 -41.63
N LYS B 65 4.87 -58.23 -40.96
CA LYS B 65 6.03 -58.75 -40.27
C LYS B 65 6.05 -60.26 -40.37
N VAL B 66 7.23 -60.82 -40.12
CA VAL B 66 7.44 -62.25 -40.04
C VAL B 66 8.32 -62.53 -38.85
N LYS B 67 7.98 -63.57 -38.10
CA LYS B 67 8.75 -64.00 -36.94
C LYS B 67 9.13 -65.46 -37.17
N VAL B 68 10.34 -65.66 -37.60
CA VAL B 68 10.89 -67.00 -37.71
C VAL B 68 11.39 -67.42 -36.34
N GLU B 69 11.33 -68.72 -36.06
CA GLU B 69 11.71 -69.27 -34.78
C GLU B 69 12.38 -70.61 -35.02
N PHE B 70 13.59 -70.75 -34.50
CA PHE B 70 14.36 -71.99 -34.64
C PHE B 70 14.29 -72.75 -33.33
N TRP B 71 13.15 -73.37 -33.10
CA TRP B 71 12.99 -74.23 -31.94
C TRP B 71 13.83 -75.49 -32.16
N PRO B 72 14.92 -75.69 -31.44
CA PRO B 72 15.80 -76.82 -31.74
C PRO B 72 15.15 -78.16 -31.41
N CYS B 73 15.84 -79.20 -31.83
CA CYS B 73 15.49 -80.57 -31.54
C CYS B 73 16.63 -81.34 -30.89
N SER B 74 17.79 -80.74 -30.71
CA SER B 74 18.95 -81.39 -30.13
C SER B 74 18.99 -81.15 -28.63
N PRO B 75 19.67 -82.02 -27.88
CA PRO B 75 19.69 -81.85 -26.44
C PRO B 75 20.74 -80.84 -25.99
N ILE B 76 20.65 -80.49 -24.71
CA ILE B 76 21.61 -79.58 -24.12
C ILE B 76 22.99 -80.21 -24.05
N THR B 77 23.07 -81.53 -23.93
CA THR B 77 24.32 -82.22 -23.69
C THR B 77 25.07 -82.57 -24.96
N GLN B 78 24.78 -81.87 -26.06
CA GLN B 78 25.41 -82.16 -27.33
C GLN B 78 26.71 -81.39 -27.46
N GLY B 79 27.73 -82.06 -27.97
CA GLY B 79 29.05 -81.49 -28.11
C GLY B 79 29.33 -81.04 -29.53
N ASP B 80 30.58 -80.64 -29.74
CA ASP B 80 31.03 -80.07 -31.00
C ASP B 80 30.11 -78.93 -31.42
N ARG B 81 29.99 -77.97 -30.53
CA ARG B 81 29.11 -76.85 -30.76
C ARG B 81 29.67 -75.99 -31.89
N GLY B 82 28.96 -74.93 -32.20
CA GLY B 82 29.36 -74.08 -33.28
C GLY B 82 28.73 -72.73 -33.19
N VAL B 83 28.75 -72.02 -34.31
CA VAL B 83 28.20 -70.68 -34.37
C VAL B 83 27.85 -70.38 -35.82
N GLY B 84 26.69 -69.80 -36.02
CA GLY B 84 26.15 -69.53 -37.33
C GLY B 84 25.72 -68.09 -37.50
N SER B 85 24.88 -67.82 -38.49
CA SER B 85 24.45 -66.46 -38.77
C SER B 85 23.20 -66.48 -39.61
N THR B 86 22.28 -65.58 -39.28
CA THR B 86 21.07 -65.35 -40.04
C THR B 86 21.04 -63.91 -40.51
N ALA B 87 20.65 -63.73 -41.76
CA ALA B 87 20.64 -62.42 -42.39
C ALA B 87 19.36 -62.26 -43.19
N VAL B 88 19.01 -61.01 -43.41
CA VAL B 88 17.78 -60.63 -44.10
C VAL B 88 18.13 -60.29 -45.53
N ILE B 89 17.46 -60.96 -46.46
CA ILE B 89 17.72 -60.83 -47.89
C ILE B 89 16.40 -60.46 -48.55
N LEU B 90 16.31 -59.23 -49.03
CA LEU B 90 15.05 -58.66 -49.47
C LEU B 90 14.95 -58.58 -50.99
N ASP B 91 15.82 -59.30 -51.72
CA ASP B 91 15.92 -59.14 -53.16
C ASP B 91 15.99 -60.45 -53.92
N ASP B 92 15.79 -61.59 -53.26
CA ASP B 92 15.86 -62.90 -53.90
C ASP B 92 17.27 -63.19 -54.43
N ASN B 93 18.27 -62.55 -53.85
CA ASN B 93 19.67 -62.79 -54.18
C ASN B 93 20.29 -63.39 -52.94
N PHE B 94 20.13 -64.69 -52.79
CA PHE B 94 20.74 -65.42 -51.70
C PHE B 94 22.16 -65.79 -52.10
N VAL B 95 22.83 -66.51 -51.21
CA VAL B 95 24.18 -66.97 -51.41
C VAL B 95 24.12 -68.47 -51.60
N THR B 96 24.77 -68.96 -52.65
CA THR B 96 24.49 -70.25 -53.26
C THR B 96 24.39 -71.37 -52.24
N LYS B 97 23.38 -72.20 -52.41
CA LYS B 97 23.14 -73.33 -51.52
C LYS B 97 24.34 -74.26 -51.50
N ALA B 98 24.83 -74.53 -50.30
CA ALA B 98 26.06 -75.30 -50.14
C ALA B 98 26.00 -76.08 -48.84
N ASN B 99 26.49 -77.31 -48.89
CA ASN B 99 26.57 -78.16 -47.72
C ASN B 99 27.81 -77.91 -46.89
N ALA B 100 28.88 -77.40 -47.50
CA ALA B 100 30.13 -77.17 -46.80
C ALA B 100 30.83 -76.00 -47.45
N LEU B 101 30.93 -74.90 -46.71
CA LEU B 101 31.63 -73.71 -47.16
C LEU B 101 32.59 -73.28 -46.08
N THR B 102 33.79 -72.87 -46.49
CA THR B 102 34.88 -72.63 -45.56
C THR B 102 34.73 -71.34 -44.77
N TYR B 103 33.64 -70.60 -44.94
CA TYR B 103 33.45 -69.35 -44.23
C TYR B 103 31.98 -69.08 -44.08
N ASP B 104 31.66 -68.16 -43.18
CA ASP B 104 30.31 -67.73 -42.93
C ASP B 104 30.01 -66.52 -43.80
N PRO B 105 29.28 -66.68 -44.91
CA PRO B 105 29.10 -65.52 -45.79
C PRO B 105 28.16 -64.48 -45.23
N TYR B 106 27.22 -64.88 -44.38
CA TYR B 106 26.27 -63.96 -43.81
C TYR B 106 26.76 -63.34 -42.50
N VAL B 107 28.06 -63.33 -42.27
CA VAL B 107 28.58 -62.85 -40.98
C VAL B 107 28.75 -61.34 -40.97
N ASN B 108 29.26 -60.77 -42.06
CA ASN B 108 29.48 -59.34 -42.13
C ASN B 108 28.25 -58.58 -42.61
N TYR B 109 27.18 -59.27 -42.99
CA TYR B 109 25.95 -58.61 -43.36
C TYR B 109 25.45 -57.75 -42.21
N SER B 110 25.00 -56.55 -42.55
CA SER B 110 24.52 -55.62 -41.53
C SER B 110 23.32 -56.16 -40.80
N SER B 111 22.52 -57.01 -41.45
CA SER B 111 21.37 -57.62 -40.83
C SER B 111 21.70 -58.94 -40.16
N ARG B 112 22.94 -59.13 -39.74
CA ARG B 112 23.36 -60.39 -39.14
C ARG B 112 22.96 -60.43 -37.68
N HIS B 113 22.38 -61.55 -37.28
CA HIS B 113 22.09 -61.86 -35.90
C HIS B 113 22.64 -63.24 -35.62
N THR B 114 23.55 -63.32 -34.66
CA THR B 114 24.31 -64.55 -34.46
C THR B 114 23.42 -65.66 -33.94
N ILE B 115 23.75 -66.87 -34.34
CA ILE B 115 23.13 -68.09 -33.83
C ILE B 115 24.13 -68.77 -32.93
N THR B 116 23.67 -69.21 -31.77
CA THR B 116 24.37 -70.18 -30.96
C THR B 116 23.78 -71.54 -31.28
N GLN B 117 24.64 -72.55 -31.35
CA GLN B 117 24.26 -73.88 -31.79
C GLN B 117 24.70 -74.90 -30.77
N PRO B 118 24.09 -76.10 -30.77
CA PRO B 118 22.95 -76.60 -31.52
C PRO B 118 21.65 -76.67 -30.75
N PHE B 119 21.64 -76.17 -29.52
CA PHE B 119 20.51 -76.35 -28.61
C PHE B 119 19.81 -75.05 -28.25
N SER B 120 20.15 -73.95 -28.89
CA SER B 120 19.62 -72.65 -28.53
C SER B 120 18.49 -72.24 -29.44
N TYR B 121 17.73 -71.26 -28.98
CA TYR B 121 16.60 -70.69 -29.71
C TYR B 121 17.03 -69.38 -30.35
N HIS B 122 16.57 -69.16 -31.57
CA HIS B 122 16.89 -67.96 -32.32
C HIS B 122 15.67 -67.49 -33.08
N SER B 123 15.42 -66.19 -33.04
CA SER B 123 14.25 -65.59 -33.64
C SER B 123 14.63 -64.33 -34.38
N ARG B 124 13.88 -64.05 -35.44
CA ARG B 124 14.15 -62.92 -36.33
C ARG B 124 12.81 -62.30 -36.73
N TYR B 125 12.55 -61.12 -36.20
CA TYR B 125 11.28 -60.42 -36.39
C TYR B 125 11.54 -59.25 -37.33
N PHE B 126 11.13 -59.39 -38.58
CA PHE B 126 11.45 -58.44 -39.61
C PHE B 126 10.29 -58.30 -40.59
N THR B 127 10.44 -57.33 -41.48
CA THR B 127 9.46 -57.06 -42.51
C THR B 127 9.95 -57.66 -43.82
N PRO B 128 9.28 -58.64 -44.40
CA PRO B 128 9.68 -59.14 -45.70
C PRO B 128 9.18 -58.23 -46.81
N LYS B 129 9.62 -58.56 -48.03
CA LYS B 129 9.23 -57.83 -49.22
C LYS B 129 8.87 -58.83 -50.30
N PRO B 130 7.98 -58.46 -51.22
CA PRO B 130 7.60 -59.39 -52.27
C PRO B 130 8.55 -59.31 -53.46
N VAL B 131 8.37 -60.27 -54.35
CA VAL B 131 9.17 -60.40 -55.56
C VAL B 131 8.29 -59.91 -56.70
N LEU B 132 8.40 -58.61 -57.01
CA LEU B 132 7.64 -58.03 -58.09
C LEU B 132 8.31 -58.25 -59.44
N ASP B 133 9.63 -58.07 -59.51
CA ASP B 133 10.39 -58.25 -60.74
C ASP B 133 11.69 -58.94 -60.39
N ARG B 134 11.85 -60.17 -60.88
CA ARG B 134 13.08 -60.92 -60.61
C ARG B 134 14.26 -60.34 -61.37
N THR B 135 14.02 -59.84 -62.58
CA THR B 135 15.11 -59.26 -63.37
C THR B 135 15.69 -58.05 -62.68
N ILE B 136 14.84 -57.19 -62.13
CA ILE B 136 15.24 -55.91 -61.57
C ILE B 136 15.44 -56.02 -60.07
N ASP B 137 14.59 -56.80 -59.41
CA ASP B 137 14.69 -57.06 -57.96
C ASP B 137 14.65 -55.76 -57.17
N TYR B 138 13.52 -55.08 -57.27
CA TYR B 138 13.27 -53.86 -56.51
C TYR B 138 12.33 -54.14 -55.35
N PHE B 139 12.41 -53.28 -54.35
CA PHE B 139 11.56 -53.35 -53.19
C PHE B 139 11.57 -52.01 -52.51
N GLN B 140 10.55 -51.76 -51.72
CA GLN B 140 10.39 -50.47 -51.10
C GLN B 140 10.78 -50.51 -49.63
N PRO B 141 11.02 -49.36 -49.02
CA PRO B 141 11.39 -49.36 -47.62
C PRO B 141 10.27 -49.80 -46.70
N ASN B 142 10.53 -49.78 -45.40
CA ASN B 142 9.55 -50.15 -44.40
C ASN B 142 8.77 -48.89 -44.02
N ASN B 143 7.59 -48.74 -44.59
CA ASN B 143 6.66 -47.68 -44.22
C ASN B 143 5.27 -48.27 -44.24
N LYS B 144 4.62 -48.24 -43.08
CA LYS B 144 3.35 -48.93 -42.94
C LYS B 144 2.26 -48.28 -43.79
N ARG B 145 2.19 -46.95 -43.79
CA ARG B 145 1.12 -46.26 -44.50
C ARG B 145 1.15 -46.57 -45.98
N ASN B 146 2.32 -46.43 -46.60
CA ASN B 146 2.45 -46.53 -48.06
C ASN B 146 2.90 -47.90 -48.52
N GLN B 147 2.80 -48.91 -47.66
CA GLN B 147 3.10 -50.26 -48.09
C GLN B 147 2.04 -50.74 -49.08
N LEU B 148 2.48 -51.58 -50.00
CA LEU B 148 1.62 -52.01 -51.10
C LEU B 148 0.60 -53.03 -50.62
N TRP B 149 -0.46 -53.14 -51.39
CA TRP B 149 -1.46 -54.18 -51.25
C TRP B 149 -1.30 -55.17 -52.39
N LEU B 150 -1.72 -56.40 -52.14
CA LEU B 150 -1.57 -57.49 -53.09
C LEU B 150 -2.84 -58.32 -53.11
N ARG B 151 -3.26 -58.68 -54.31
CA ARG B 151 -4.41 -59.56 -54.46
C ARG B 151 -4.11 -60.91 -53.84
N LEU B 152 -5.09 -61.44 -53.13
CA LEU B 152 -4.97 -62.74 -52.48
C LEU B 152 -5.41 -63.78 -53.50
N GLN B 153 -4.47 -64.27 -54.27
CA GLN B 153 -4.77 -65.26 -55.29
C GLN B 153 -4.98 -66.63 -54.65
N THR B 154 -5.49 -67.55 -55.45
CA THR B 154 -5.89 -68.86 -55.00
C THR B 154 -4.73 -69.85 -55.02
N THR B 155 -3.93 -69.85 -56.09
CA THR B 155 -2.88 -70.83 -56.28
C THR B 155 -1.53 -70.25 -56.69
N GLY B 156 -1.46 -68.97 -57.00
CA GLY B 156 -0.25 -68.37 -57.55
C GLY B 156 0.21 -67.12 -56.84
N ASN B 157 0.10 -67.11 -55.52
CA ASN B 157 0.56 -65.97 -54.76
C ASN B 157 2.07 -65.81 -54.89
N VAL B 158 2.52 -64.58 -54.76
CA VAL B 158 3.91 -64.25 -55.01
C VAL B 158 4.76 -64.66 -53.82
N ASP B 159 6.01 -65.00 -54.10
CA ASP B 159 6.93 -65.54 -53.10
C ASP B 159 7.61 -64.37 -52.40
N HIS B 160 7.13 -64.05 -51.21
CA HIS B 160 7.85 -63.15 -50.33
C HIS B 160 9.21 -63.74 -49.98
N VAL B 161 10.09 -62.88 -49.48
CA VAL B 161 11.48 -63.21 -49.26
C VAL B 161 11.95 -62.42 -48.04
N GLY B 162 13.16 -62.71 -47.57
CA GLY B 162 13.66 -62.06 -46.39
C GLY B 162 14.53 -62.80 -45.39
N LEU B 163 15.00 -64.02 -45.67
CA LEU B 163 15.92 -64.64 -44.73
C LEU B 163 16.83 -65.65 -45.39
N GLY B 164 18.08 -65.65 -44.95
CA GLY B 164 19.04 -66.65 -45.34
C GLY B 164 19.87 -67.05 -44.14
N THR B 165 20.31 -68.31 -44.16
CA THR B 165 20.92 -68.94 -43.01
C THR B 165 22.31 -69.45 -43.36
N ALA B 166 23.10 -69.66 -42.30
CA ALA B 166 24.40 -70.31 -42.43
C ALA B 166 24.70 -70.98 -41.08
N PHE B 167 24.53 -72.29 -41.04
CA PHE B 167 24.77 -73.07 -39.84
C PHE B 167 26.12 -73.76 -39.94
N GLU B 168 26.83 -73.83 -38.83
CA GLU B 168 28.14 -74.44 -38.78
C GLU B 168 28.00 -75.95 -38.67
N ASN B 169 28.66 -76.66 -39.56
CA ASN B 169 28.55 -78.11 -39.58
C ASN B 169 29.13 -78.70 -38.31
N SER B 170 28.72 -79.93 -38.01
CA SER B 170 29.15 -80.62 -36.82
C SER B 170 29.16 -82.11 -37.08
N ILE B 171 29.83 -82.83 -36.18
CA ILE B 171 29.91 -84.29 -36.30
C ILE B 171 28.52 -84.89 -36.18
N TYR B 172 27.70 -84.34 -35.31
CA TYR B 172 26.38 -84.85 -35.02
C TYR B 172 25.32 -84.09 -35.82
N ASP B 173 24.21 -84.77 -36.08
CA ASP B 173 23.09 -84.11 -36.73
C ASP B 173 22.54 -83.01 -35.83
N GLN B 174 22.16 -81.90 -36.46
CA GLN B 174 21.56 -80.76 -35.78
C GLN B 174 20.18 -80.59 -36.38
N ASP B 175 19.22 -81.30 -35.84
CA ASP B 175 17.84 -81.16 -36.28
C ASP B 175 17.21 -79.94 -35.62
N TYR B 176 16.33 -79.29 -36.37
CA TYR B 176 15.63 -78.11 -35.90
C TYR B 176 14.15 -78.24 -36.22
N ASN B 177 13.35 -77.44 -35.54
CA ASN B 177 11.90 -77.40 -35.70
C ASN B 177 11.56 -75.93 -35.95
N ILE B 178 11.50 -75.56 -37.20
CA ILE B 178 11.29 -74.17 -37.57
C ILE B 178 9.80 -73.86 -37.51
N ARG B 179 9.50 -72.66 -37.02
CA ARG B 179 8.15 -72.12 -36.98
C ARG B 179 8.17 -70.77 -37.66
N ILE B 180 7.37 -70.63 -38.71
CA ILE B 180 7.29 -69.40 -39.48
C ILE B 180 5.97 -68.72 -39.15
N THR B 181 6.01 -67.81 -38.20
CA THR B 181 4.84 -67.02 -37.86
C THR B 181 4.78 -65.79 -38.75
N MET B 182 3.59 -65.49 -39.23
CA MET B 182 3.34 -64.39 -40.15
C MET B 182 2.26 -63.50 -39.61
N TYR B 183 2.45 -62.19 -39.76
CA TYR B 183 1.52 -61.18 -39.28
C TYR B 183 0.99 -60.44 -40.50
N VAL B 184 -0.23 -60.79 -40.89
CA VAL B 184 -0.81 -60.38 -42.15
C VAL B 184 -1.87 -59.32 -41.88
N GLN B 185 -2.24 -58.61 -42.91
CA GLN B 185 -3.27 -57.57 -42.83
C GLN B 185 -4.10 -57.64 -44.10
N PHE B 186 -5.33 -58.12 -43.97
CA PHE B 186 -6.21 -58.32 -45.10
C PHE B 186 -7.12 -57.11 -45.29
N ARG B 187 -7.99 -57.19 -46.29
CA ARG B 187 -8.83 -56.07 -46.66
C ARG B 187 -9.92 -56.55 -47.61
N GLU B 188 -11.00 -55.78 -47.69
CA GLU B 188 -12.10 -56.00 -48.62
C GLU B 188 -12.75 -57.37 -48.41
N PHE B 189 -13.44 -57.48 -47.29
CA PHE B 189 -14.21 -58.67 -46.96
C PHE B 189 -15.17 -59.02 -48.08
N ASN B 190 -14.93 -60.13 -48.76
CA ASN B 190 -15.57 -60.48 -50.02
C ASN B 190 -16.29 -61.82 -49.94
N LEU B 191 -17.03 -62.02 -48.86
CA LEU B 191 -17.72 -63.29 -48.68
C LEU B 191 -18.92 -63.38 -49.60
N LYS B 192 -19.16 -64.57 -50.12
CA LYS B 192 -20.35 -64.88 -50.90
C LYS B 192 -21.32 -65.69 -50.06
N ASP B 193 -22.59 -65.61 -50.43
CA ASP B 193 -23.66 -66.34 -49.73
C ASP B 193 -24.68 -66.81 -50.75
N PRO B 194 -24.39 -67.89 -51.47
CA PRO B 194 -25.39 -68.48 -52.32
C PRO B 194 -26.52 -69.09 -51.50
N PRO B 195 -27.62 -69.48 -52.12
CA PRO B 195 -28.67 -70.17 -51.37
C PRO B 195 -28.30 -71.61 -51.08
N LEU B 196 -29.24 -72.37 -50.52
CA LEU B 196 -29.02 -73.77 -50.13
C LEU B 196 -27.95 -73.86 -49.05
N TYR C 1 38.24 -29.29 -34.22
CA TYR C 1 39.29 -29.15 -35.22
C TYR C 1 39.31 -30.35 -36.18
N ARG C 2 38.15 -30.62 -36.79
CA ARG C 2 37.98 -31.64 -37.83
C ARG C 2 38.58 -33.00 -37.41
N TRP C 3 37.97 -33.76 -36.50
CA TRP C 3 36.50 -33.83 -36.22
C TRP C 3 35.63 -34.24 -37.43
N ARG C 4 35.68 -35.45 -37.80
CA ARG C 4 36.19 -36.45 -38.74
C ARG C 4 36.37 -36.01 -40.20
N ARG C 5 35.41 -35.49 -40.97
CA ARG C 5 33.98 -35.29 -40.73
C ARG C 5 33.14 -36.14 -41.70
N LYS C 6 33.33 -35.88 -43.00
CA LYS C 6 32.67 -36.56 -44.11
C LYS C 6 33.66 -36.95 -45.20
N ASN C 7 34.94 -36.67 -45.04
CA ASN C 7 35.88 -36.61 -46.16
C ASN C 7 36.30 -37.97 -46.71
N GLY C 8 35.43 -38.98 -46.58
CA GLY C 8 35.66 -40.33 -47.00
C GLY C 8 35.39 -41.31 -45.87
N ILE C 9 34.92 -40.79 -44.74
CA ILE C 9 34.82 -41.58 -43.54
C ILE C 9 33.71 -42.61 -43.71
N PHE C 10 34.03 -43.87 -43.44
CA PHE C 10 33.07 -44.96 -43.54
C PHE C 10 33.38 -45.96 -42.43
N ASN C 11 32.71 -45.80 -41.30
CA ASN C 11 32.83 -46.76 -40.22
C ASN C 11 32.07 -48.02 -40.60
N THR C 12 32.69 -49.17 -40.34
CA THR C 12 32.11 -50.44 -40.70
C THR C 12 32.64 -51.50 -39.75
N ARG C 13 32.40 -52.75 -40.11
CA ARG C 13 32.72 -53.90 -39.29
C ARG C 13 33.22 -55.02 -40.18
N LEU C 14 34.11 -55.83 -39.63
CA LEU C 14 34.63 -57.01 -40.30
C LEU C 14 34.78 -58.13 -39.29
N SER C 15 34.73 -59.36 -39.79
CA SER C 15 34.76 -60.52 -38.93
C SER C 15 35.32 -61.70 -39.69
N ARG C 16 35.95 -62.61 -38.95
CA ARG C 16 36.41 -63.86 -39.49
C ARG C 16 36.30 -64.90 -38.39
N THR C 17 36.70 -66.14 -38.70
CA THR C 17 36.50 -67.24 -37.80
C THR C 17 37.62 -68.25 -37.98
N ILE C 18 38.02 -68.87 -36.86
CA ILE C 18 39.10 -69.83 -36.84
C ILE C 18 38.92 -70.75 -35.65
N GLY C 19 39.49 -71.94 -35.76
CA GLY C 19 39.46 -72.92 -34.69
C GLY C 19 40.75 -72.90 -33.91
N TYR C 20 40.62 -73.11 -32.60
CA TYR C 20 41.76 -73.19 -31.70
C TYR C 20 41.56 -74.37 -30.78
N THR C 21 42.58 -75.21 -30.67
CA THR C 21 42.46 -76.54 -30.09
C THR C 21 43.50 -76.68 -28.98
N VAL C 22 43.04 -76.62 -27.75
CA VAL C 22 43.88 -76.92 -26.60
C VAL C 22 43.87 -78.44 -26.39
N LYS C 23 45.04 -79.05 -26.46
CA LYS C 23 45.13 -80.49 -26.53
C LYS C 23 45.13 -81.10 -25.14
N LYS C 24 45.08 -82.43 -25.11
CA LYS C 24 45.06 -83.20 -23.87
C LYS C 24 46.44 -83.21 -23.23
N THR C 25 46.50 -83.81 -22.05
CA THR C 25 47.74 -84.10 -21.37
C THR C 25 47.46 -85.06 -20.22
N THR C 26 48.34 -86.04 -20.05
CA THR C 26 48.25 -86.95 -18.91
C THR C 26 48.58 -86.26 -17.60
N VAL C 27 49.27 -85.11 -17.65
CA VAL C 27 49.56 -84.35 -16.44
C VAL C 27 48.26 -84.00 -15.75
N ARG C 28 48.28 -84.07 -14.41
CA ARG C 28 47.13 -83.73 -13.59
C ARG C 28 47.35 -82.49 -12.75
N THR C 29 48.60 -82.07 -12.55
CA THR C 29 48.84 -80.82 -11.86
C THR C 29 48.36 -79.67 -12.73
N PRO C 30 48.02 -78.53 -12.13
CA PRO C 30 47.59 -77.39 -12.94
C PRO C 30 48.68 -76.93 -13.87
N SER C 31 48.40 -77.02 -15.17
CA SER C 31 49.33 -76.59 -16.20
C SER C 31 48.54 -75.81 -17.25
N TRP C 32 49.16 -74.77 -17.78
CA TRP C 32 48.53 -73.86 -18.70
C TRP C 32 49.14 -73.97 -20.09
N ASN C 33 48.37 -73.56 -21.08
CA ASN C 33 48.76 -73.57 -22.49
C ASN C 33 48.68 -72.14 -23.00
N VAL C 34 49.83 -71.53 -23.21
CA VAL C 34 49.93 -70.11 -23.53
C VAL C 34 50.02 -69.96 -25.04
N ASP C 35 49.37 -68.92 -25.55
CA ASP C 35 49.41 -68.59 -26.96
C ASP C 35 49.00 -67.14 -27.12
N MET C 36 49.55 -66.50 -28.13
CA MET C 36 49.28 -65.11 -28.43
C MET C 36 48.19 -65.01 -29.48
N MET C 37 47.95 -63.80 -29.97
CA MET C 37 46.94 -63.58 -31.01
C MET C 37 47.23 -62.26 -31.68
N ARG C 38 47.42 -62.29 -32.99
CA ARG C 38 47.72 -61.12 -33.80
C ARG C 38 46.56 -60.81 -34.73
N PHE C 39 46.47 -59.54 -35.11
CA PHE C 39 45.40 -59.05 -35.98
C PHE C 39 46.03 -58.34 -37.17
N ASN C 40 45.65 -58.77 -38.36
CA ASN C 40 46.11 -58.16 -39.59
C ASN C 40 44.94 -58.09 -40.54
N ILE C 41 44.75 -56.91 -41.15
CA ILE C 41 43.53 -56.67 -41.91
C ILE C 41 43.52 -57.45 -43.23
N ASN C 42 44.67 -57.92 -43.69
CA ASN C 42 44.69 -58.70 -44.91
C ASN C 42 43.91 -59.99 -44.76
N ASP C 43 43.78 -60.49 -43.54
CA ASP C 43 42.97 -61.67 -43.28
C ASP C 43 41.48 -61.38 -43.26
N PHE C 44 41.08 -60.12 -43.31
CA PHE C 44 39.69 -59.71 -43.38
C PHE C 44 39.29 -59.20 -44.74
N LEU C 45 40.13 -58.39 -45.38
CA LEU C 45 39.85 -57.81 -46.68
C LEU C 45 40.51 -58.66 -47.75
N PRO C 46 39.78 -59.43 -48.54
CA PRO C 46 40.42 -60.13 -49.65
C PRO C 46 40.76 -59.17 -50.76
N PRO C 47 41.61 -59.58 -51.71
CA PRO C 47 42.04 -58.67 -52.75
C PRO C 47 40.98 -58.47 -53.82
N GLY C 48 40.91 -57.26 -54.34
CA GLY C 48 39.99 -56.95 -55.42
C GLY C 48 40.52 -57.39 -56.77
N GLY C 49 40.31 -56.55 -57.77
CA GLY C 49 40.78 -56.86 -59.10
C GLY C 49 40.83 -55.66 -60.02
N GLY C 50 41.88 -55.59 -60.83
CA GLY C 50 42.03 -54.50 -61.77
C GLY C 50 42.69 -53.28 -61.15
N SER C 51 42.20 -52.10 -61.53
CA SER C 51 42.76 -50.87 -61.00
C SER C 51 42.46 -50.71 -59.51
N ASN C 52 41.36 -51.31 -59.05
CA ASN C 52 41.03 -51.30 -57.63
C ASN C 52 41.66 -52.53 -56.98
N PRO C 53 42.74 -52.38 -56.20
CA PRO C 53 43.46 -53.57 -55.73
C PRO C 53 42.75 -54.29 -54.60
N LEU C 54 42.02 -53.54 -53.77
CA LEU C 54 41.29 -54.08 -52.65
C LEU C 54 39.81 -54.24 -52.99
N THR C 55 39.10 -54.93 -52.10
CA THR C 55 37.66 -55.07 -52.22
C THR C 55 36.90 -53.86 -51.70
N VAL C 56 37.50 -53.11 -50.79
CA VAL C 56 36.91 -51.90 -50.22
C VAL C 56 37.60 -50.70 -50.85
N PRO C 57 36.89 -49.81 -51.53
CA PRO C 57 37.58 -48.69 -52.17
C PRO C 57 37.88 -47.55 -51.20
N PHE C 58 38.97 -47.71 -50.45
CA PHE C 58 39.46 -46.66 -49.58
C PHE C 58 40.97 -46.75 -49.50
N GLU C 59 41.59 -45.66 -49.08
CA GLU C 59 43.03 -45.54 -49.02
C GLU C 59 43.58 -45.73 -47.62
N TYR C 60 43.06 -44.97 -46.67
CA TYR C 60 43.54 -44.99 -45.30
C TYR C 60 42.61 -45.82 -44.43
N TYR C 61 43.06 -46.11 -43.21
CA TYR C 61 42.25 -46.83 -42.26
C TYR C 61 42.88 -46.73 -40.88
N ARG C 62 42.06 -46.99 -39.88
CA ARG C 62 42.53 -47.08 -38.50
C ARG C 62 41.55 -47.92 -37.72
N ILE C 63 42.05 -48.89 -36.98
CA ILE C 63 41.22 -49.82 -36.25
C ILE C 63 40.84 -49.20 -34.92
N ARG C 64 39.54 -48.99 -34.72
CA ARG C 64 39.06 -48.41 -33.49
C ARG C 64 39.02 -49.43 -32.36
N LYS C 65 38.38 -50.56 -32.61
CA LYS C 65 38.14 -51.57 -31.58
C LYS C 65 38.21 -52.95 -32.19
N VAL C 66 38.39 -53.93 -31.31
CA VAL C 66 38.36 -55.33 -31.68
C VAL C 66 37.56 -56.06 -30.62
N LYS C 67 36.72 -56.99 -31.07
CA LYS C 67 35.90 -57.82 -30.18
C LYS C 67 36.22 -59.26 -30.52
N VAL C 68 37.06 -59.85 -29.71
CA VAL C 68 37.33 -61.28 -29.80
C VAL C 68 36.22 -62.03 -29.07
N GLU C 69 35.91 -63.22 -29.54
CA GLU C 69 34.83 -64.03 -28.99
C GLU C 69 35.26 -65.48 -29.03
N PHE C 70 35.23 -66.13 -27.87
CA PHE C 70 35.60 -67.53 -27.74
C PHE C 70 34.33 -68.36 -27.67
N TRP C 71 33.70 -68.55 -28.80
CA TRP C 71 32.55 -69.42 -28.88
C TRP C 71 33.03 -70.86 -28.73
N PRO C 72 32.74 -71.56 -27.64
CA PRO C 72 33.32 -72.88 -27.44
C PRO C 72 32.75 -73.90 -28.40
N CYS C 73 33.37 -75.08 -28.36
CA CYS C 73 32.93 -76.24 -29.09
C CYS C 73 32.73 -77.45 -28.21
N SER C 74 32.99 -77.35 -26.91
CA SER C 74 32.85 -78.45 -25.99
C SER C 74 31.47 -78.43 -25.36
N PRO C 75 31.00 -79.56 -24.85
CA PRO C 75 29.65 -79.61 -24.29
C PRO C 75 29.64 -79.12 -22.85
N ILE C 76 28.42 -78.91 -22.35
CA ILE C 76 28.22 -78.52 -20.97
C ILE C 76 28.65 -79.62 -20.01
N THR C 77 28.53 -80.88 -20.43
CA THR C 77 28.75 -82.01 -19.54
C THR C 77 30.20 -82.45 -19.46
N GLN C 78 31.13 -81.57 -19.81
CA GLN C 78 32.55 -81.91 -19.81
C GLN C 78 33.13 -81.67 -18.44
N GLY C 79 33.97 -82.61 -17.99
CA GLY C 79 34.58 -82.55 -16.70
C GLY C 79 36.02 -82.07 -16.75
N ASP C 80 36.67 -82.15 -15.60
CA ASP C 80 38.01 -81.63 -15.42
C ASP C 80 38.10 -80.19 -15.89
N ARG C 81 37.24 -79.37 -15.32
CA ARG C 81 37.17 -77.97 -15.71
C ARG C 81 38.44 -77.27 -15.28
N GLY C 82 38.49 -75.99 -15.57
CA GLY C 82 39.67 -75.22 -15.27
C GLY C 82 39.38 -73.75 -15.24
N VAL C 83 40.44 -72.97 -15.33
CA VAL C 83 40.34 -71.52 -15.29
C VAL C 83 41.56 -70.94 -15.96
N GLY C 84 41.34 -69.93 -16.80
CA GLY C 84 42.39 -69.34 -17.59
C GLY C 84 42.42 -67.83 -17.46
N SER C 85 43.05 -67.15 -18.40
CA SER C 85 43.17 -65.71 -18.32
C SER C 85 43.51 -65.15 -19.69
N THR C 86 42.90 -64.02 -20.00
CA THR C 86 43.18 -63.26 -21.22
C THR C 86 43.64 -61.87 -20.83
N ALA C 87 44.68 -61.41 -21.52
CA ALA C 87 45.27 -60.12 -21.23
C ALA C 87 45.57 -59.40 -22.53
N VAL C 88 45.67 -58.09 -22.41
CA VAL C 88 45.88 -57.20 -23.55
C VAL C 88 47.35 -56.83 -23.60
N ILE C 89 47.97 -57.08 -24.75
CA ILE C 89 49.40 -56.89 -24.95
C ILE C 89 49.55 -55.98 -26.16
N LEU C 90 49.98 -54.75 -25.92
CA LEU C 90 49.96 -53.70 -26.92
C LEU C 90 51.34 -53.40 -27.49
N ASP C 91 52.32 -54.30 -27.27
CA ASP C 91 53.71 -54.01 -27.60
C ASP C 91 54.41 -55.15 -28.31
N ASP C 92 53.70 -56.20 -28.72
CA ASP C 92 54.31 -57.36 -29.38
C ASP C 92 55.29 -58.08 -28.48
N ASN C 93 55.12 -57.94 -27.17
CA ASN C 93 55.92 -58.64 -26.17
C ASN C 93 54.98 -59.57 -25.46
N PHE C 94 54.76 -60.73 -26.05
CA PHE C 94 53.95 -61.76 -25.45
C PHE C 94 54.82 -62.59 -24.52
N VAL C 95 54.22 -63.62 -23.94
CA VAL C 95 54.88 -64.51 -23.00
C VAL C 95 55.00 -65.84 -23.71
N THR C 96 56.21 -66.40 -23.71
CA THR C 96 56.64 -67.41 -24.66
C THR C 96 55.64 -68.54 -24.84
N LYS C 97 55.42 -68.90 -26.09
CA LYS C 97 54.47 -69.95 -26.43
C LYS C 97 54.87 -71.26 -25.77
N ALA C 98 53.92 -71.85 -25.05
CA ALA C 98 54.20 -73.03 -24.24
C ALA C 98 52.96 -73.88 -24.16
N ASN C 99 53.15 -75.20 -24.24
CA ASN C 99 52.07 -76.14 -24.12
C ASN C 99 51.74 -76.48 -22.67
N ALA C 100 52.70 -76.33 -21.77
CA ALA C 100 52.50 -76.68 -20.36
C ALA C 100 53.38 -75.78 -19.52
N LEU C 101 52.76 -74.90 -18.76
CA LEU C 101 53.44 -74.00 -17.86
C LEU C 101 52.79 -74.10 -16.49
N THR C 102 53.61 -74.13 -15.46
CA THR C 102 53.14 -74.42 -14.11
C THR C 102 52.38 -73.28 -13.47
N TYR C 103 52.15 -72.17 -14.17
CA TYR C 103 51.45 -71.04 -13.60
C TYR C 103 50.78 -70.25 -14.70
N ASP C 104 49.85 -69.41 -14.30
CA ASP C 104 49.13 -68.53 -15.22
C ASP C 104 49.86 -67.21 -15.29
N PRO C 105 50.64 -66.94 -16.34
CA PRO C 105 51.42 -65.71 -16.34
C PRO C 105 50.59 -64.47 -16.55
N TYR C 106 49.45 -64.59 -17.23
CA TYR C 106 48.58 -63.45 -17.49
C TYR C 106 47.55 -63.24 -16.39
N VAL C 107 47.80 -63.73 -15.18
CA VAL C 107 46.80 -63.66 -14.12
C VAL C 107 46.88 -62.33 -13.39
N ASN C 108 48.08 -61.85 -13.09
CA ASN C 108 48.27 -60.61 -12.37
C ASN C 108 48.29 -59.40 -13.27
N TYR C 109 48.24 -59.59 -14.59
CA TYR C 109 48.15 -58.48 -15.51
C TYR C 109 46.92 -57.64 -15.21
N SER C 110 47.09 -56.33 -15.24
CA SER C 110 46.00 -55.42 -14.94
C SER C 110 44.86 -55.56 -15.94
N SER C 111 45.17 -55.96 -17.17
CA SER C 111 44.18 -56.17 -18.21
C SER C 111 43.63 -57.58 -18.21
N ARG C 112 43.69 -58.27 -17.07
CA ARG C 112 43.26 -59.66 -17.01
C ARG C 112 41.75 -59.73 -16.87
N HIS C 113 41.15 -60.61 -17.67
CA HIS C 113 39.74 -60.94 -17.57
C HIS C 113 39.65 -62.45 -17.55
N THR C 114 39.09 -62.99 -16.48
CA THR C 114 39.15 -64.42 -16.25
C THR C 114 38.32 -65.18 -17.28
N ILE C 115 38.79 -66.38 -17.61
CA ILE C 115 38.06 -67.32 -18.44
C ILE C 115 37.57 -68.43 -17.55
N THR C 116 36.31 -68.79 -17.72
CA THR C 116 35.79 -70.05 -17.23
C THR C 116 35.86 -71.05 -18.38
N GLN C 117 36.20 -72.28 -18.06
CA GLN C 117 36.45 -73.31 -19.05
C GLN C 117 35.64 -74.54 -18.73
N PRO C 118 35.40 -75.41 -19.72
CA PRO C 118 35.69 -75.36 -21.15
C PRO C 118 34.49 -75.04 -22.03
N PHE C 119 33.35 -74.74 -21.42
CA PHE C 119 32.09 -74.59 -22.16
C PHE C 119 31.53 -73.17 -22.12
N SER C 120 32.28 -72.20 -21.62
CA SER C 120 31.77 -70.86 -21.44
C SER C 120 32.22 -69.95 -22.56
N TYR C 121 31.54 -68.81 -22.67
CA TYR C 121 31.83 -67.79 -23.66
C TYR C 121 32.61 -66.66 -22.99
N HIS C 122 33.58 -66.14 -23.71
CA HIS C 122 34.42 -65.06 -23.21
C HIS C 122 34.71 -64.08 -24.33
N SER C 123 34.61 -62.80 -24.02
CA SER C 123 34.75 -61.74 -25.00
C SER C 123 35.62 -60.62 -24.42
N ARG C 124 36.33 -59.95 -25.31
CA ARG C 124 37.29 -58.91 -24.94
C ARG C 124 37.20 -57.79 -25.97
N TYR C 125 36.62 -56.67 -25.56
CA TYR C 125 36.37 -55.53 -26.43
C TYR C 125 37.36 -54.44 -26.06
N PHE C 126 38.38 -54.27 -26.90
CA PHE C 126 39.48 -53.38 -26.60
C PHE C 126 39.96 -52.69 -27.86
N THR C 127 40.87 -51.76 -27.66
CA THR C 127 41.50 -51.00 -28.74
C THR C 127 42.88 -51.57 -29.00
N PRO C 128 43.15 -52.16 -30.15
CA PRO C 128 44.52 -52.61 -30.44
C PRO C 128 45.39 -51.45 -30.88
N LYS C 129 46.67 -51.77 -31.04
CA LYS C 129 47.66 -50.80 -31.48
C LYS C 129 48.50 -51.45 -32.55
N PRO C 130 49.05 -50.67 -33.48
CA PRO C 130 49.90 -51.25 -34.52
C PRO C 130 51.34 -51.39 -34.09
N VAL C 131 52.09 -52.09 -34.92
CA VAL C 131 53.50 -52.36 -34.69
C VAL C 131 54.26 -51.44 -35.63
N LEU C 132 54.61 -50.25 -35.13
CA LEU C 132 55.36 -49.30 -35.92
C LEU C 132 56.86 -49.58 -35.88
N ASP C 133 57.39 -49.90 -34.71
CA ASP C 133 58.81 -50.20 -34.55
C ASP C 133 58.95 -51.37 -33.58
N ARG C 134 59.43 -52.50 -34.09
CA ARG C 134 59.61 -53.67 -33.24
C ARG C 134 60.75 -53.49 -32.26
N THR C 135 61.81 -52.78 -32.67
CA THR C 135 62.94 -52.56 -31.79
C THR C 135 62.53 -51.74 -30.58
N ILE C 136 61.74 -50.71 -30.80
CA ILE C 136 61.38 -49.75 -29.75
C ILE C 136 60.04 -50.10 -29.12
N ASP C 137 59.11 -50.60 -29.92
CA ASP C 137 57.79 -51.05 -29.46
C ASP C 137 57.07 -49.93 -28.72
N TYR C 138 56.76 -48.87 -29.45
CA TYR C 138 55.98 -47.77 -28.94
C TYR C 138 54.57 -47.81 -29.46
N PHE C 139 53.68 -47.17 -28.72
CA PHE C 139 52.28 -47.07 -29.09
C PHE C 139 51.68 -45.91 -28.31
N GLN C 140 50.58 -45.40 -28.83
CA GLN C 140 49.96 -44.24 -28.25
C GLN C 140 48.73 -44.60 -27.44
N PRO C 141 48.28 -43.70 -26.58
CA PRO C 141 47.09 -44.01 -25.79
C PRO C 141 45.84 -44.12 -26.61
N ASN C 142 44.71 -44.35 -25.93
CA ASN C 142 43.42 -44.44 -26.59
C ASN C 142 42.81 -43.06 -26.63
N ASN C 143 42.94 -42.40 -27.78
CA ASN C 143 42.27 -41.13 -28.03
C ASN C 143 41.78 -41.15 -29.46
N LYS C 144 40.46 -41.03 -29.62
CA LYS C 144 39.87 -41.20 -30.93
C LYS C 144 40.29 -40.10 -31.89
N ARG C 145 40.29 -38.84 -31.42
CA ARG C 145 40.58 -37.73 -32.30
C ARG C 145 41.97 -37.84 -32.90
N ASN C 146 42.97 -38.06 -32.05
CA ASN C 146 44.36 -38.03 -32.48
C ASN C 146 44.93 -39.40 -32.78
N GLN C 147 44.08 -40.40 -32.98
CA GLN C 147 44.56 -41.69 -33.40
C GLN C 147 45.09 -41.62 -34.82
N LEU C 148 46.10 -42.45 -35.09
CA LEU C 148 46.80 -42.39 -36.36
C LEU C 148 45.97 -43.00 -37.47
N TRP C 149 46.31 -42.61 -38.69
CA TRP C 149 45.80 -43.22 -39.90
C TRP C 149 46.90 -44.04 -40.54
N LEU C 150 46.49 -45.05 -41.30
CA LEU C 150 47.41 -45.99 -41.90
C LEU C 150 46.96 -46.27 -43.32
N ARG C 151 47.92 -46.31 -44.23
CA ARG C 151 47.63 -46.66 -45.61
C ARG C 151 47.14 -48.09 -45.68
N LEU C 152 46.11 -48.30 -46.50
CA LEU C 152 45.52 -49.63 -46.67
C LEU C 152 46.29 -50.29 -47.81
N GLN C 153 47.34 -51.00 -47.45
CA GLN C 153 48.16 -51.68 -48.43
C GLN C 153 47.47 -52.93 -48.94
N THR C 154 48.01 -53.48 -50.01
CA THR C 154 47.41 -54.60 -50.70
C THR C 154 47.83 -55.94 -50.12
N THR C 155 49.12 -56.10 -49.79
CA THR C 155 49.66 -57.37 -49.33
C THR C 155 50.52 -57.30 -48.09
N GLY C 156 50.88 -56.10 -47.63
CA GLY C 156 51.83 -55.94 -46.55
C GLY C 156 51.36 -55.05 -45.43
N ASN C 157 50.09 -55.16 -45.07
CA ASN C 157 49.56 -54.37 -43.97
C ASN C 157 50.23 -54.77 -42.66
N VAL C 158 50.29 -53.82 -41.76
CA VAL C 158 51.03 -54.01 -40.51
C VAL C 158 50.21 -54.85 -39.55
N ASP C 159 50.91 -55.59 -38.70
CA ASP C 159 50.30 -56.55 -37.80
C ASP C 159 49.91 -55.83 -36.51
N HIS C 160 48.63 -55.50 -36.41
CA HIS C 160 48.10 -55.05 -35.13
C HIS C 160 48.24 -56.14 -34.09
N VAL C 161 48.11 -55.74 -32.83
CA VAL C 161 48.39 -56.59 -31.69
C VAL C 161 47.43 -56.19 -30.57
N GLY C 162 47.43 -56.96 -29.49
CA GLY C 162 46.51 -56.68 -28.41
C GLY C 162 45.89 -57.82 -27.62
N LEU C 163 46.29 -59.09 -27.79
CA LEU C 163 45.73 -60.12 -26.93
C LEU C 163 46.65 -61.30 -26.76
N GLY C 164 46.68 -61.81 -25.54
CA GLY C 164 47.38 -63.04 -25.24
C GLY C 164 46.55 -63.88 -24.29
N THR C 165 46.69 -65.19 -24.41
CA THR C 165 45.83 -66.15 -23.75
C THR C 165 46.63 -67.09 -22.88
N ALA C 166 45.93 -67.72 -21.94
CA ALA C 166 46.50 -68.78 -21.12
C ALA C 166 45.34 -69.67 -20.66
N PHE C 167 45.21 -70.81 -21.30
CA PHE C 167 44.16 -71.77 -20.99
C PHE C 167 44.73 -72.90 -20.16
N GLU C 168 43.94 -73.35 -19.20
CA GLU C 168 44.36 -74.41 -18.31
C GLU C 168 44.17 -75.76 -18.98
N ASN C 169 45.23 -76.55 -18.99
CA ASN C 169 45.17 -77.84 -19.66
C ASN C 169 44.18 -78.76 -18.96
N SER C 170 43.74 -79.77 -19.70
CA SER C 170 42.76 -80.72 -19.20
C SER C 170 42.98 -82.06 -19.86
N ILE C 171 42.37 -83.09 -19.27
CA ILE C 171 42.48 -84.44 -19.82
C ILE C 171 41.86 -84.49 -21.21
N TYR C 172 40.76 -83.78 -21.39
CA TYR C 172 40.01 -83.80 -22.63
C TYR C 172 40.39 -82.61 -23.50
N ASP C 173 40.22 -82.78 -24.80
CA ASP C 173 40.44 -81.69 -25.73
C ASP C 173 39.43 -80.58 -25.47
N GLN C 174 39.90 -79.34 -25.55
CA GLN C 174 39.07 -78.15 -25.40
C GLN C 174 39.15 -77.40 -26.72
N ASP C 175 38.27 -77.76 -27.64
CA ASP C 175 38.19 -77.07 -28.91
C ASP C 175 37.38 -75.80 -28.75
N TYR C 176 37.77 -74.78 -29.51
CA TYR C 176 37.11 -73.49 -29.49
C TYR C 176 36.88 -73.02 -30.91
N ASN C 177 35.97 -72.07 -31.05
CA ASN C 177 35.61 -71.46 -32.32
C ASN C 177 35.74 -69.96 -32.13
N ILE C 178 36.90 -69.44 -32.47
CA ILE C 178 37.20 -68.04 -32.22
C ILE C 178 36.62 -67.20 -33.34
N ARG C 179 36.07 -66.05 -32.96
CA ARG C 179 35.56 -65.05 -33.91
C ARG C 179 36.23 -63.73 -33.58
N ILE C 180 36.93 -63.18 -34.57
CA ILE C 180 37.64 -61.91 -34.40
C ILE C 180 36.87 -60.85 -35.16
N THR C 181 36.02 -60.13 -34.46
CA THR C 181 35.30 -59.02 -35.02
C THR C 181 36.13 -57.76 -34.89
N MET C 182 36.16 -56.97 -35.96
CA MET C 182 36.96 -55.77 -36.05
C MET C 182 36.07 -54.61 -36.45
N TYR C 183 36.31 -53.46 -35.83
CA TYR C 183 35.55 -52.24 -36.07
C TYR C 183 36.51 -51.21 -36.64
N VAL C 184 36.44 -51.02 -37.94
CA VAL C 184 37.42 -50.27 -38.70
C VAL C 184 36.79 -48.95 -39.10
N GLN C 185 37.65 -48.01 -39.51
CA GLN C 185 37.22 -46.70 -39.94
C GLN C 185 38.11 -46.29 -41.11
N PHE C 186 37.54 -46.30 -42.30
CA PHE C 186 38.27 -46.02 -43.52
C PHE C 186 38.16 -44.54 -43.88
N ARG C 187 38.77 -44.16 -45.00
CA ARG C 187 38.83 -42.76 -45.40
C ARG C 187 39.33 -42.69 -46.85
N GLU C 188 39.03 -41.57 -47.49
CA GLU C 188 39.50 -41.25 -48.83
C GLU C 188 39.04 -42.30 -49.86
N PHE C 189 37.74 -42.28 -50.12
CA PHE C 189 37.13 -43.12 -51.13
C PHE C 189 37.83 -42.94 -52.47
N ASN C 190 38.54 -43.98 -52.92
CA ASN C 190 39.47 -43.90 -54.03
C ASN C 190 39.10 -44.87 -55.15
N LEU C 191 37.83 -44.92 -55.50
CA LEU C 191 37.40 -45.85 -56.53
C LEU C 191 37.82 -45.37 -57.90
N LYS C 192 38.20 -46.32 -58.75
CA LYS C 192 38.50 -46.06 -60.14
C LYS C 192 37.35 -46.55 -61.02
N ASP C 193 37.23 -45.95 -62.19
CA ASP C 193 36.19 -46.31 -63.16
C ASP C 193 36.77 -46.24 -64.56
N PRO C 194 37.52 -47.25 -64.98
CA PRO C 194 37.94 -47.31 -66.36
C PRO C 194 36.76 -47.56 -67.27
N PRO C 195 36.94 -47.43 -68.58
CA PRO C 195 35.86 -47.77 -69.51
C PRO C 195 35.67 -49.27 -69.65
N LEU C 196 34.81 -49.69 -70.57
CA LEU C 196 34.50 -51.10 -70.79
C LEU C 196 33.86 -51.71 -69.55
N TYR D 1 44.89 -37.32 9.63
CA TYR D 1 46.20 -37.46 10.24
C TYR D 1 47.08 -38.45 9.45
N ARG D 2 47.21 -38.19 8.13
CA ARG D 2 48.09 -38.94 7.22
C ARG D 2 47.87 -40.46 7.36
N TRP D 3 46.78 -41.05 6.83
CA TRP D 3 45.98 -40.59 5.66
C TRP D 3 46.77 -40.50 4.35
N ARG D 4 47.09 -41.58 3.78
CA ARG D 4 48.12 -42.58 3.50
C ARG D 4 49.57 -42.07 3.32
N ARG D 5 49.95 -41.13 2.43
CA ARG D 5 49.20 -40.46 1.39
C ARG D 5 49.78 -40.80 -0.01
N LYS D 6 51.06 -40.47 -0.19
CA LYS D 6 51.83 -40.71 -1.41
C LYS D 6 53.20 -41.32 -1.10
N ASN D 7 53.53 -41.56 0.16
CA ASN D 7 54.92 -41.73 0.60
C ASN D 7 55.53 -43.07 0.21
N GLY D 8 55.06 -43.68 -0.87
CA GLY D 8 55.50 -44.96 -1.35
C GLY D 8 54.33 -45.89 -1.58
N ILE D 9 53.12 -45.37 -1.38
CA ILE D 9 51.94 -46.21 -1.37
C ILE D 9 51.67 -46.72 -2.76
N PHE D 10 51.49 -48.03 -2.90
CA PHE D 10 51.20 -48.65 -4.18
C PHE D 10 50.26 -49.82 -3.93
N ASN D 11 48.96 -49.56 -4.02
CA ASN D 11 47.98 -50.61 -3.94
C ASN D 11 48.01 -51.44 -5.20
N THR D 12 47.96 -52.75 -5.04
CA THR D 12 48.06 -53.66 -6.16
C THR D 12 47.32 -54.95 -5.81
N ARG D 13 47.54 -55.98 -6.63
CA ARG D 13 46.85 -57.25 -6.51
C ARG D 13 47.84 -58.36 -6.84
N LEU D 14 47.63 -59.51 -6.22
CA LEU D 14 48.41 -60.69 -6.47
C LEU D 14 47.49 -61.90 -6.44
N SER D 15 47.90 -62.95 -7.12
CA SER D 15 47.07 -64.13 -7.26
C SER D 15 47.95 -65.34 -7.53
N ARG D 16 47.46 -66.49 -7.08
CA ARG D 16 48.11 -67.76 -7.37
C ARG D 16 47.00 -68.80 -7.49
N THR D 17 47.41 -70.04 -7.75
CA THR D 17 46.47 -71.11 -8.04
C THR D 17 47.01 -72.43 -7.54
N ILE D 18 46.10 -73.27 -7.06
CA ILE D 18 46.45 -74.58 -6.51
C ILE D 18 45.24 -75.49 -6.61
N GLY D 19 45.52 -76.78 -6.64
CA GLY D 19 44.49 -77.80 -6.68
C GLY D 19 44.23 -78.36 -5.29
N TYR D 20 42.96 -78.65 -5.03
CA TYR D 20 42.55 -79.26 -3.77
C TYR D 20 41.58 -80.39 -4.10
N THR D 21 41.83 -81.55 -3.51
CA THR D 21 41.21 -82.80 -3.94
C THR D 21 40.55 -83.45 -2.73
N VAL D 22 39.23 -83.38 -2.66
CA VAL D 22 38.46 -84.12 -1.67
C VAL D 22 38.23 -85.51 -2.21
N LYS D 23 38.70 -86.51 -1.48
CA LYS D 23 38.75 -87.86 -1.98
C LYS D 23 37.43 -88.59 -1.75
N LYS D 24 37.35 -89.79 -2.31
CA LYS D 24 36.18 -90.63 -2.20
C LYS D 24 36.08 -91.25 -0.80
N THR D 25 34.98 -91.96 -0.57
CA THR D 25 34.81 -92.78 0.61
C THR D 25 33.61 -93.69 0.39
N THR D 26 33.75 -94.94 0.81
CA THR D 26 32.62 -95.87 0.76
C THR D 26 31.55 -95.53 1.78
N VAL D 27 31.87 -94.72 2.80
CA VAL D 27 30.88 -94.28 3.76
C VAL D 27 29.77 -93.54 3.04
N ARG D 28 28.53 -93.78 3.49
CA ARG D 28 27.35 -93.14 2.94
C ARG D 28 26.69 -92.18 3.91
N THR D 29 26.97 -92.28 5.19
CA THR D 29 26.46 -91.32 6.13
C THR D 29 27.12 -89.97 5.88
N PRO D 30 26.48 -88.87 6.25
CA PRO D 30 27.10 -87.56 6.05
C PRO D 30 28.39 -87.43 6.84
N SER D 31 29.49 -87.26 6.11
CA SER D 31 30.80 -87.08 6.71
C SER D 31 31.51 -85.96 5.97
N TRP D 32 32.26 -85.17 6.74
CA TRP D 32 32.92 -83.98 6.23
C TRP D 32 34.43 -84.15 6.23
N ASN D 33 35.09 -83.35 5.38
CA ASN D 33 36.53 -83.35 5.23
C ASN D 33 37.02 -81.95 5.55
N VAL D 34 37.65 -81.80 6.70
CA VAL D 34 38.02 -80.50 7.22
C VAL D 34 39.47 -80.20 6.83
N ASP D 35 39.74 -78.94 6.52
CA ASP D 35 41.08 -78.49 6.19
C ASP D 35 41.10 -76.99 6.36
N MET D 36 42.28 -76.48 6.72
CA MET D 36 42.50 -75.07 6.94
C MET D 36 43.06 -74.44 5.68
N MET D 37 43.47 -73.18 5.78
CA MET D 37 44.08 -72.47 4.66
C MET D 37 44.85 -71.29 5.19
N ARG D 38 46.14 -71.23 4.88
CA ARG D 38 47.03 -70.17 5.32
C ARG D 38 47.48 -69.34 4.13
N PHE D 39 47.84 -68.10 4.41
CA PHE D 39 48.27 -67.14 3.41
C PHE D 39 49.62 -66.57 3.79
N ASN D 40 50.58 -66.69 2.89
CA ASN D 40 51.92 -66.16 3.09
C ASN D 40 52.37 -65.53 1.79
N ILE D 41 52.90 -64.31 1.88
CA ILE D 41 53.18 -63.54 0.68
C ILE D 41 54.37 -64.09 -0.08
N ASN D 42 55.21 -64.90 0.55
CA ASN D 42 56.33 -65.49 -0.17
C ASN D 42 55.87 -66.41 -1.29
N ASP D 43 54.66 -66.96 -1.18
CA ASP D 43 54.09 -67.76 -2.24
C ASP D 43 53.55 -66.94 -3.38
N PHE D 44 53.48 -65.62 -3.24
CA PHE D 44 53.03 -64.72 -4.29
C PHE D 44 54.18 -63.93 -4.92
N LEU D 45 55.10 -63.42 -4.09
CA LEU D 45 56.22 -62.64 -4.56
C LEU D 45 57.44 -63.54 -4.70
N PRO D 46 57.89 -63.88 -5.90
CA PRO D 46 59.12 -64.63 -6.02
C PRO D 46 60.32 -63.74 -5.74
N PRO D 47 61.49 -64.33 -5.50
CA PRO D 47 62.65 -63.52 -5.14
C PRO D 47 63.26 -62.83 -6.34
N GLY D 48 63.76 -61.61 -6.10
CA GLY D 48 64.43 -60.86 -7.14
C GLY D 48 65.86 -61.31 -7.33
N GLY D 49 66.75 -60.33 -7.52
CA GLY D 49 68.16 -60.64 -7.71
C GLY D 49 69.05 -59.44 -7.50
N GLY D 50 70.20 -59.67 -6.87
CA GLY D 50 71.16 -58.62 -6.63
C GLY D 50 70.86 -57.82 -5.40
N SER D 51 71.07 -56.51 -5.46
CA SER D 51 70.81 -55.65 -4.32
C SER D 51 69.34 -55.57 -4.00
N ASN D 52 68.47 -55.76 -5.00
CA ASN D 52 67.04 -55.80 -4.80
C ASN D 52 66.62 -57.24 -4.51
N PRO D 53 66.30 -57.60 -3.26
CA PRO D 53 66.09 -59.02 -2.97
C PRO D 53 64.75 -59.54 -3.46
N LEU D 54 63.75 -58.69 -3.49
CA LEU D 54 62.41 -59.04 -3.95
C LEU D 54 62.18 -58.59 -5.38
N THR D 55 61.08 -59.06 -5.95
CA THR D 55 60.66 -58.63 -7.27
C THR D 55 59.93 -57.31 -7.26
N VAL D 56 59.33 -56.94 -6.13
CA VAL D 56 58.62 -55.68 -5.97
C VAL D 56 59.50 -54.76 -5.12
N PRO D 57 59.89 -53.59 -5.61
CA PRO D 57 60.77 -52.76 -4.80
C PRO D 57 60.02 -51.93 -3.76
N PHE D 58 59.71 -52.57 -2.65
CA PHE D 58 59.11 -51.90 -1.52
C PHE D 58 59.58 -52.56 -0.24
N GLU D 59 59.45 -51.85 0.87
CA GLU D 59 59.93 -52.29 2.17
C GLU D 59 58.82 -52.83 3.05
N TYR D 60 57.77 -52.05 3.24
CA TYR D 60 56.67 -52.41 4.11
C TYR D 60 55.50 -52.92 3.29
N TYR D 61 54.53 -53.50 3.99
CA TYR D 61 53.32 -53.98 3.34
C TYR D 61 52.27 -54.29 4.39
N ARG D 62 51.02 -54.34 3.95
CA ARG D 62 49.92 -54.76 4.79
C ARG D 62 48.80 -55.26 3.89
N ILE D 63 48.29 -56.43 4.20
CA ILE D 63 47.26 -57.05 3.38
C ILE D 63 45.91 -56.49 3.77
N ARG D 64 45.26 -55.84 2.81
CA ARG D 64 43.93 -55.27 3.06
C ARG D 64 42.86 -56.33 3.01
N LYS D 65 42.82 -57.11 1.94
CA LYS D 65 41.74 -58.05 1.69
C LYS D 65 42.30 -59.28 1.00
N VAL D 66 41.52 -60.35 1.07
CA VAL D 66 41.80 -61.59 0.37
C VAL D 66 40.51 -62.08 -0.24
N LYS D 67 40.58 -62.57 -1.47
CA LYS D 67 39.44 -63.12 -2.18
C LYS D 67 39.82 -64.53 -2.60
N VAL D 68 39.36 -65.49 -1.85
CA VAL D 68 39.49 -66.89 -2.20
C VAL D 68 38.39 -67.24 -3.19
N GLU D 69 38.69 -68.17 -4.09
CA GLU D 69 37.77 -68.57 -5.13
C GLU D 69 37.91 -70.06 -5.34
N PHE D 70 36.80 -70.78 -5.23
CA PHE D 70 36.77 -72.23 -5.42
C PHE D 70 36.21 -72.53 -6.80
N TRP D 71 37.04 -72.32 -7.81
CA TRP D 71 36.66 -72.68 -9.15
C TRP D 71 36.66 -74.19 -9.26
N PRO D 72 35.51 -74.86 -9.40
CA PRO D 72 35.50 -76.32 -9.36
C PRO D 72 36.15 -76.93 -10.58
N CYS D 73 36.30 -78.25 -10.50
CA CYS D 73 36.80 -79.05 -11.58
C CYS D 73 35.87 -80.20 -11.93
N SER D 74 34.76 -80.35 -11.21
CA SER D 74 33.81 -81.43 -11.45
C SER D 74 32.71 -80.97 -12.39
N PRO D 75 32.05 -81.89 -13.08
CA PRO D 75 31.02 -81.50 -14.03
C PRO D 75 29.69 -81.22 -13.36
N ILE D 76 28.80 -80.63 -14.13
CA ILE D 76 27.45 -80.35 -13.66
C ILE D 76 26.69 -81.64 -13.41
N THR D 77 26.99 -82.70 -14.15
CA THR D 77 26.21 -83.93 -14.10
C THR D 77 26.66 -84.88 -13.01
N GLN D 78 27.35 -84.39 -11.99
CA GLN D 78 27.85 -85.23 -10.93
C GLN D 78 26.79 -85.40 -9.85
N GLY D 79 26.67 -86.62 -9.35
CA GLY D 79 25.68 -86.96 -8.36
C GLY D 79 26.28 -87.05 -6.97
N ASP D 80 25.45 -87.50 -6.04
CA ASP D 80 25.77 -87.56 -4.63
C ASP D 80 26.30 -86.21 -4.16
N ARG D 81 25.47 -85.20 -4.36
CA ARG D 81 25.85 -83.85 -4.02
C ARG D 81 25.94 -83.72 -2.51
N GLY D 82 26.27 -82.53 -2.05
CA GLY D 82 26.43 -82.30 -0.65
C GLY D 82 26.34 -80.85 -0.31
N VAL D 83 26.84 -80.52 0.88
CA VAL D 83 26.81 -79.16 1.37
C VAL D 83 27.90 -79.01 2.41
N GLY D 84 28.63 -77.91 2.32
CA GLY D 84 29.76 -77.65 3.17
C GLY D 84 29.68 -76.29 3.84
N SER D 85 30.83 -75.79 4.32
CA SER D 85 30.84 -74.52 5.02
C SER D 85 32.25 -73.98 5.05
N THR D 86 32.36 -72.67 4.86
CA THR D 86 33.60 -71.93 4.98
C THR D 86 33.46 -70.88 6.05
N ALA D 87 34.48 -70.75 6.88
CA ALA D 87 34.47 -69.83 7.99
C ALA D 87 35.81 -69.12 8.08
N VAL D 88 35.79 -67.97 8.72
CA VAL D 88 36.93 -67.10 8.85
C VAL D 88 37.54 -67.32 10.23
N ILE D 89 38.82 -67.64 10.26
CA ILE D 89 39.55 -67.98 11.48
C ILE D 89 40.74 -67.05 11.56
N LEU D 90 40.71 -66.11 12.49
CA LEU D 90 41.67 -65.02 12.53
C LEU D 90 42.71 -65.20 13.63
N ASP D 91 42.85 -66.42 14.18
CA ASP D 91 43.66 -66.64 15.36
C ASP D 91 44.56 -67.87 15.27
N ASP D 92 44.64 -68.52 14.11
CA ASP D 92 45.44 -69.72 13.93
C ASP D 92 44.95 -70.86 14.81
N ASN D 93 43.66 -70.83 15.17
CA ASN D 93 43.01 -71.89 15.92
C ASN D 93 41.97 -72.48 14.99
N PHE D 94 42.42 -73.39 14.15
CA PHE D 94 41.53 -74.10 13.26
C PHE D 94 40.95 -75.30 14.00
N VAL D 95 40.17 -76.08 13.29
CA VAL D 95 39.52 -77.27 13.83
C VAL D 95 40.18 -78.45 13.15
N THR D 96 40.60 -79.42 13.97
CA THR D 96 41.62 -80.40 13.60
C THR D 96 41.37 -81.04 12.25
N LYS D 97 42.45 -81.14 11.48
CA LYS D 97 42.39 -81.71 10.14
C LYS D 97 41.88 -83.13 10.20
N ALA D 98 40.85 -83.41 9.41
CA ALA D 98 40.17 -84.69 9.47
C ALA D 98 39.61 -85.02 8.09
N ASN D 99 39.71 -86.29 7.72
CA ASN D 99 39.17 -86.76 6.46
C ASN D 99 37.71 -87.13 6.55
N ALA D 100 37.22 -87.46 7.74
CA ALA D 100 35.83 -87.87 7.92
C ALA D 100 35.40 -87.47 9.32
N LEU D 101 34.48 -86.52 9.40
CA LEU D 101 33.92 -86.06 10.65
C LEU D 101 32.41 -86.07 10.53
N THR D 102 31.74 -86.52 11.57
CA THR D 102 30.31 -86.78 11.53
C THR D 102 29.47 -85.52 11.55
N TYR D 103 30.07 -84.34 11.55
CA TYR D 103 29.31 -83.10 11.61
C TYR D 103 30.12 -81.99 10.96
N ASP D 104 29.43 -80.92 10.63
CA ASP D 104 30.04 -79.73 10.06
C ASP D 104 30.42 -78.78 11.18
N PRO D 105 31.70 -78.70 11.57
CA PRO D 105 32.02 -77.86 12.73
C PRO D 105 31.94 -76.38 12.43
N TYR D 106 32.15 -75.98 11.18
CA TYR D 106 32.11 -74.59 10.79
C TYR D 106 30.72 -74.12 10.39
N VAL D 107 29.67 -74.83 10.82
CA VAL D 107 28.32 -74.50 10.37
C VAL D 107 27.71 -73.40 11.22
N ASN D 108 27.88 -73.46 12.53
CA ASN D 108 27.32 -72.46 13.43
C ASN D 108 28.20 -71.25 13.60
N TYR D 109 29.40 -71.26 13.03
CA TYR D 109 30.26 -70.08 13.08
C TYR D 109 29.55 -68.89 12.46
N SER D 110 29.68 -67.74 13.12
CA SER D 110 29.03 -66.53 12.65
C SER D 110 29.54 -66.12 11.28
N SER D 111 30.79 -66.45 10.96
CA SER D 111 31.37 -66.15 9.67
C SER D 111 31.14 -67.25 8.65
N ARG D 112 30.08 -68.04 8.81
CA ARG D 112 29.83 -69.15 7.93
C ARG D 112 29.15 -68.67 6.66
N HIS D 113 29.65 -69.15 5.53
CA HIS D 113 29.02 -68.94 4.23
C HIS D 113 28.93 -70.29 3.56
N THR D 114 27.72 -70.70 3.25
CA THR D 114 27.47 -72.07 2.81
C THR D 114 28.10 -72.33 1.46
N ILE D 115 28.55 -73.57 1.28
CA ILE D 115 29.02 -74.06 -0.01
C ILE D 115 27.98 -75.01 -0.56
N THR D 116 27.67 -74.86 -1.83
CA THR D 116 26.99 -75.87 -2.61
C THR D 116 28.05 -76.68 -3.33
N GLN D 117 27.84 -77.97 -3.41
CA GLN D 117 28.83 -78.89 -3.94
C GLN D 117 28.20 -79.76 -5.02
N PRO D 118 29.01 -80.35 -5.91
CA PRO D 118 30.45 -80.24 -6.15
C PRO D 118 30.83 -79.39 -7.33
N PHE D 119 29.86 -78.74 -7.98
CA PHE D 119 30.09 -78.05 -9.24
C PHE D 119 29.89 -76.55 -9.15
N SER D 120 29.72 -75.99 -7.96
CA SER D 120 29.41 -74.59 -7.79
C SER D 120 30.65 -73.79 -7.44
N TYR D 121 30.53 -72.48 -7.61
CA TYR D 121 31.58 -71.53 -7.31
C TYR D 121 31.29 -70.87 -5.98
N HIS D 122 32.33 -70.66 -5.18
CA HIS D 122 32.19 -70.05 -3.87
C HIS D 122 33.37 -69.12 -3.64
N SER D 123 33.08 -67.95 -3.10
CA SER D 123 34.08 -66.91 -2.91
C SER D 123 33.90 -66.28 -1.53
N ARG D 124 35.01 -65.82 -0.97
CA ARG D 124 35.04 -65.27 0.39
C ARG D 124 35.99 -64.09 0.38
N TYR D 125 35.44 -62.89 0.48
CA TYR D 125 36.18 -61.64 0.42
C TYR D 125 36.24 -61.06 1.81
N PHE D 126 37.40 -61.18 2.45
CA PHE D 126 37.55 -60.82 3.85
C PHE D 126 38.91 -60.22 4.09
N THR D 127 39.09 -59.72 5.31
CA THR D 127 40.34 -59.14 5.76
C THR D 127 41.07 -60.15 6.62
N PRO D 128 42.24 -60.65 6.23
CA PRO D 128 42.98 -61.55 7.10
C PRO D 128 43.74 -60.77 8.15
N LYS D 129 44.36 -61.51 9.06
CA LYS D 129 45.16 -60.95 10.12
C LYS D 129 46.45 -61.73 10.23
N PRO D 130 47.53 -61.11 10.67
CA PRO D 130 48.79 -61.84 10.80
C PRO D 130 48.92 -62.56 12.13
N VAL D 131 49.94 -63.39 12.20
CA VAL D 131 50.23 -64.20 13.37
C VAL D 131 51.41 -63.53 14.06
N LEU D 132 51.12 -62.63 14.99
CA LEU D 132 52.15 -61.94 15.74
C LEU D 132 52.65 -62.76 16.91
N ASP D 133 51.75 -63.39 17.65
CA ASP D 133 52.12 -64.22 18.79
C ASP D 133 51.23 -65.47 18.78
N ARG D 134 51.85 -66.62 18.57
CA ARG D 134 51.09 -67.87 18.55
C ARG D 134 50.60 -68.25 19.94
N THR D 135 51.39 -67.95 20.97
CA THR D 135 50.98 -68.28 22.34
C THR D 135 49.73 -67.52 22.73
N ILE D 136 49.67 -66.23 22.38
CA ILE D 136 48.61 -65.36 22.82
C ILE D 136 47.52 -65.26 21.76
N ASP D 137 47.91 -65.25 20.49
CA ASP D 137 46.98 -65.23 19.36
C ASP D 137 46.05 -64.02 19.44
N TYR D 138 46.67 -62.84 19.35
CA TYR D 138 45.93 -61.59 19.30
C TYR D 138 45.90 -61.04 17.88
N PHE D 139 44.90 -60.20 17.65
CA PHE D 139 44.74 -59.53 16.37
C PHE D 139 43.83 -58.34 16.58
N GLN D 140 43.92 -57.41 15.66
CA GLN D 140 43.19 -56.16 15.80
C GLN D 140 41.98 -56.14 14.89
N PRO D 141 41.03 -55.25 15.16
CA PRO D 141 39.85 -55.18 14.31
C PRO D 141 40.16 -54.71 12.90
N ASN D 142 39.11 -54.58 12.09
CA ASN D 142 39.24 -54.10 10.73
C ASN D 142 39.10 -52.58 10.75
N ASN D 143 40.23 -51.90 10.71
CA ASN D 143 40.26 -50.45 10.55
C ASN D 143 41.41 -50.11 9.63
N LYS D 144 41.07 -49.48 8.50
CA LYS D 144 42.07 -49.25 7.47
C LYS D 144 43.15 -48.28 7.93
N ARG D 145 42.76 -47.20 8.58
CA ARG D 145 43.72 -46.17 8.96
C ARG D 145 44.78 -46.72 9.90
N ASN D 146 44.35 -47.40 10.95
CA ASN D 146 45.25 -47.84 12.00
C ASN D 146 45.71 -49.28 11.84
N GLN D 147 45.55 -49.86 10.66
CA GLN D 147 46.07 -51.19 10.41
C GLN D 147 47.59 -51.15 10.40
N LEU D 148 48.19 -52.25 10.84
CA LEU D 148 49.62 -52.31 11.02
C LEU D 148 50.34 -52.43 9.68
N TRP D 149 51.61 -52.05 9.70
CA TRP D 149 52.53 -52.28 8.60
C TRP D 149 53.50 -53.37 9.00
N LEU D 150 54.03 -54.05 7.99
CA LEU D 150 54.90 -55.19 8.19
C LEU D 150 56.05 -55.12 7.20
N ARG D 151 57.25 -55.39 7.69
CA ARG D 151 58.41 -55.45 6.82
C ARG D 151 58.25 -56.57 5.81
N LEU D 152 58.62 -56.28 4.57
CA LEU D 152 58.54 -57.25 3.50
C LEU D 152 59.85 -58.02 3.48
N GLN D 153 59.88 -59.11 4.23
CA GLN D 153 61.09 -59.91 4.32
C GLN D 153 61.26 -60.74 3.06
N THR D 154 62.44 -61.34 2.94
CA THR D 154 62.84 -62.06 1.75
C THR D 154 62.40 -63.51 1.78
N THR D 155 62.57 -64.18 2.91
CA THR D 155 62.30 -65.62 3.03
C THR D 155 61.46 -66.02 4.23
N GLY D 156 61.19 -65.10 5.17
CA GLY D 156 60.55 -65.44 6.43
C GLY D 156 59.36 -64.58 6.76
N ASN D 157 58.55 -64.25 5.76
CA ASN D 157 57.37 -63.46 6.01
C ASN D 157 56.38 -64.23 6.86
N VAL D 158 55.59 -63.49 7.61
CA VAL D 158 54.70 -64.09 8.60
C VAL D 158 53.48 -64.67 7.90
N ASP D 159 52.93 -65.72 8.51
CA ASP D 159 51.82 -66.47 7.93
C ASP D 159 50.52 -65.81 8.32
N HIS D 160 49.95 -65.04 7.40
CA HIS D 160 48.59 -64.58 7.57
C HIS D 160 47.64 -65.76 7.62
N VAL D 161 46.43 -65.49 8.10
CA VAL D 161 45.44 -66.52 8.40
C VAL D 161 44.07 -65.92 8.13
N GLY D 162 43.04 -66.76 8.21
CA GLY D 162 41.71 -66.29 7.91
C GLY D 162 40.71 -67.19 7.21
N LEU D 163 40.98 -68.48 6.99
CA LEU D 163 39.95 -69.32 6.40
C LEU D 163 40.10 -70.78 6.78
N GLY D 164 38.95 -71.40 7.02
CA GLY D 164 38.89 -72.83 7.24
C GLY D 164 37.68 -73.39 6.53
N THR D 165 37.81 -74.65 6.10
CA THR D 165 36.84 -75.28 5.22
C THR D 165 36.29 -76.56 5.84
N ALA D 166 35.14 -76.97 5.32
CA ALA D 166 34.56 -78.26 5.67
C ALA D 166 33.70 -78.69 4.49
N PHE D 167 34.21 -79.63 3.70
CA PHE D 167 33.51 -80.15 2.55
C PHE D 167 32.90 -81.49 2.88
N GLU D 168 31.71 -81.73 2.36
CA GLU D 168 31.00 -82.97 2.61
C GLU D 168 31.52 -84.05 1.68
N ASN D 169 31.89 -85.18 2.26
CA ASN D 169 32.46 -86.26 1.48
C ASN D 169 31.42 -86.82 0.52
N SER D 170 31.92 -87.49 -0.52
CA SER D 170 31.06 -88.05 -1.54
C SER D 170 31.72 -89.29 -2.12
N ILE D 171 30.92 -90.07 -2.83
CA ILE D 171 31.42 -91.29 -3.46
C ILE D 171 32.48 -90.94 -4.49
N TYR D 172 32.27 -89.85 -5.22
CA TYR D 172 33.15 -89.44 -6.30
C TYR D 172 34.13 -88.39 -5.81
N ASP D 173 35.29 -88.32 -6.46
CA ASP D 173 36.26 -87.28 -6.18
C ASP D 173 35.67 -85.92 -6.50
N GLN D 174 35.96 -84.95 -5.65
CA GLN D 174 35.56 -83.56 -5.83
C GLN D 174 36.83 -82.74 -5.93
N ASP D 175 37.36 -82.65 -7.14
CA ASP D 175 38.53 -81.82 -7.38
C ASP D 175 38.12 -80.37 -7.51
N TYR D 176 38.99 -79.49 -7.03
CA TYR D 176 38.77 -78.06 -7.08
C TYR D 176 40.03 -77.37 -7.59
N ASN D 177 39.85 -76.14 -8.04
CA ASN D 177 40.92 -75.30 -8.55
C ASN D 177 40.83 -73.99 -7.78
N ILE D 178 41.58 -73.90 -6.70
CA ILE D 178 41.51 -72.76 -5.82
C ILE D 178 42.36 -71.63 -6.37
N ARG D 179 41.84 -70.42 -6.25
CA ARG D 179 42.56 -69.20 -6.61
C ARG D 179 42.55 -68.28 -5.42
N ILE D 180 43.73 -67.91 -4.95
CA ILE D 180 43.88 -67.05 -3.79
C ILE D 180 44.33 -65.68 -4.29
N THR D 181 43.38 -64.79 -4.48
CA THR D 181 43.68 -63.42 -4.86
C THR D 181 43.91 -62.59 -3.60
N MET D 182 44.93 -61.76 -3.65
CA MET D 182 45.34 -60.94 -2.52
C MET D 182 45.42 -59.49 -2.95
N TYR D 183 44.97 -58.60 -2.08
CA TYR D 183 44.95 -57.17 -2.34
C TYR D 183 45.86 -56.51 -1.31
N VAL D 184 47.05 -56.15 -1.76
CA VAL D 184 48.14 -55.74 -0.89
C VAL D 184 48.33 -54.24 -1.04
N GLN D 185 49.03 -53.66 -0.08
CA GLN D 185 49.32 -52.24 -0.08
C GLN D 185 50.74 -52.06 0.43
N PHE D 186 51.65 -51.72 -0.47
CA PHE D 186 53.06 -51.59 -0.16
C PHE D 186 53.40 -50.14 0.20
N ARG D 187 54.67 -49.89 0.47
CA ARG D 187 55.11 -48.58 0.94
C ARG D 187 56.64 -48.53 0.90
N GLU D 188 57.16 -47.30 0.85
CA GLU D 188 58.59 -47.03 0.91
C GLU D 188 59.35 -47.70 -0.24
N PHE D 189 59.11 -47.17 -1.43
CA PHE D 189 59.80 -47.58 -2.64
C PHE D 189 61.31 -47.54 -2.43
N ASN D 190 61.95 -48.69 -2.40
CA ASN D 190 63.33 -48.84 -1.96
C ASN D 190 64.21 -49.46 -3.04
N LEU D 191 64.07 -48.98 -4.26
CA LEU D 191 64.84 -49.55 -5.36
C LEU D 191 66.29 -49.11 -5.28
N LYS D 192 67.18 -50.01 -5.63
CA LYS D 192 68.60 -49.73 -5.76
C LYS D 192 68.97 -49.64 -7.23
N ASP D 193 70.04 -48.90 -7.51
CA ASP D 193 70.55 -48.73 -8.87
C ASP D 193 72.07 -48.71 -8.84
N PRO D 194 72.70 -49.87 -8.74
CA PRO D 194 74.15 -49.93 -8.89
C PRO D 194 74.55 -49.59 -10.31
N PRO D 195 75.84 -49.39 -10.56
CA PRO D 195 76.30 -49.18 -11.94
C PRO D 195 76.32 -50.48 -12.72
N LEU D 196 76.84 -50.43 -13.96
CA LEU D 196 76.89 -51.58 -14.85
C LEU D 196 75.49 -52.06 -15.20
N TYR E 1 5.97 -52.26 26.98
CA TYR E 1 5.88 -52.96 28.26
C TYR E 1 6.90 -54.11 28.34
N ARG E 2 8.17 -53.76 28.12
CA ARG E 2 9.31 -54.67 28.27
C ARG E 2 9.08 -56.00 27.54
N TRP E 3 9.17 -56.06 26.20
CA TRP E 3 9.99 -55.20 25.30
C TRP E 3 11.51 -55.26 25.57
N ARG E 4 12.12 -56.32 25.24
CA ARG E 4 12.73 -57.58 25.64
C ARG E 4 13.42 -57.63 27.01
N ARG E 5 14.40 -56.81 27.41
CA ARG E 5 15.14 -55.78 26.69
C ARG E 5 16.64 -56.15 26.57
N LYS E 6 17.27 -56.30 27.75
CA LYS E 6 18.67 -56.67 27.90
C LYS E 6 18.86 -57.78 28.93
N ASN E 7 17.79 -58.28 29.54
CA ASN E 7 17.87 -59.00 30.81
C ASN E 7 18.41 -60.43 30.69
N GLY E 8 19.24 -60.67 29.69
CA GLY E 8 19.82 -61.97 29.40
C GLY E 8 19.60 -62.34 27.95
N ILE E 9 18.99 -61.44 27.18
CA ILE E 9 18.54 -61.78 25.85
C ILE E 9 19.74 -61.97 24.95
N PHE E 10 19.77 -63.09 24.23
CA PHE E 10 20.85 -63.41 23.31
C PHE E 10 20.26 -64.15 22.13
N ASN E 11 19.90 -63.41 21.09
CA ASN E 11 19.44 -64.02 19.86
C ASN E 11 20.61 -64.65 19.14
N THR E 12 20.41 -65.86 18.63
CA THR E 12 21.47 -66.59 17.98
C THR E 12 20.86 -67.55 16.98
N ARG E 13 21.68 -68.47 16.48
CA ARG E 13 21.29 -69.40 15.44
C ARG E 13 21.92 -70.75 15.73
N LEU E 14 21.24 -71.79 15.30
CA LEU E 14 21.72 -73.16 15.42
C LEU E 14 21.34 -73.92 14.17
N SER E 15 22.10 -74.96 13.88
CA SER E 15 21.90 -75.72 12.67
C SER E 15 22.44 -77.13 12.85
N ARG E 16 21.83 -78.05 12.14
CA ARG E 16 22.29 -79.43 12.08
C ARG E 16 22.00 -79.96 10.69
N THR E 17 22.34 -81.22 10.47
CA THR E 17 22.25 -81.81 9.15
C THR E 17 21.95 -83.29 9.26
N ILE E 18 21.16 -83.78 8.32
CA ILE E 18 20.73 -85.18 8.28
C ILE E 18 20.39 -85.55 6.86
N GLY E 19 20.48 -86.85 6.58
CA GLY E 19 20.13 -87.38 5.27
C GLY E 19 18.72 -87.97 5.30
N TYR E 20 18.02 -87.80 4.18
CA TYR E 20 16.69 -88.35 4.01
C TYR E 20 16.62 -88.98 2.63
N THR E 21 16.14 -90.22 2.58
CA THR E 21 16.28 -91.08 1.42
C THR E 21 14.90 -91.58 1.01
N VAL E 22 14.38 -91.02 -0.07
CA VAL E 22 13.16 -91.52 -0.69
C VAL E 22 13.54 -92.66 -1.62
N LYS E 23 13.01 -93.84 -1.37
CA LYS E 23 13.47 -95.04 -2.02
C LYS E 23 12.76 -95.25 -3.35
N LYS E 24 13.23 -96.25 -4.08
CA LYS E 24 12.68 -96.60 -5.38
C LYS E 24 11.33 -97.30 -5.24
N THR E 25 10.72 -97.56 -6.38
CA THR E 25 9.53 -98.39 -6.46
C THR E 25 9.29 -98.75 -7.92
N THR E 26 8.91 -100.00 -8.15
CA THR E 26 8.54 -100.44 -9.50
C THR E 26 7.22 -99.83 -9.95
N VAL E 27 6.39 -99.34 -9.00
CA VAL E 27 5.16 -98.67 -9.36
C VAL E 27 5.45 -97.49 -10.26
N ARG E 28 4.59 -97.30 -11.26
CA ARG E 28 4.70 -96.21 -12.21
C ARG E 28 3.59 -95.19 -12.08
N THR E 29 2.49 -95.55 -11.44
CA THR E 29 1.44 -94.58 -11.19
C THR E 29 1.95 -93.55 -10.17
N PRO E 30 1.40 -92.34 -10.18
CA PRO E 30 1.84 -91.35 -9.20
C PRO E 30 1.56 -91.81 -7.78
N SER E 31 2.63 -91.98 -7.01
CA SER E 31 2.54 -92.37 -5.62
C SER E 31 3.50 -91.52 -4.82
N TRP E 32 3.08 -91.17 -3.60
CA TRP E 32 3.80 -90.26 -2.74
C TRP E 32 4.34 -90.99 -1.50
N ASN E 33 5.38 -90.40 -0.93
CA ASN E 33 6.04 -90.93 0.26
C ASN E 33 5.95 -89.85 1.34
N VAL E 34 5.11 -90.09 2.32
CA VAL E 34 4.78 -89.09 3.33
C VAL E 34 5.65 -89.31 4.56
N ASP E 35 6.08 -88.22 5.17
CA ASP E 35 6.87 -88.27 6.38
C ASP E 35 6.76 -86.91 7.06
N MET E 36 6.84 -86.93 8.38
CA MET E 36 6.76 -85.75 9.20
C MET E 36 8.16 -85.23 9.52
N MET E 37 8.23 -84.23 10.39
CA MET E 37 9.51 -83.68 10.81
C MET E 37 9.31 -82.94 12.13
N ARG E 38 10.06 -83.34 13.14
CA ARG E 38 10.00 -82.76 14.47
C ARG E 38 11.28 -82.02 14.77
N PHE E 39 11.18 -81.04 15.68
CA PHE E 39 12.29 -80.21 16.08
C PHE E 39 12.42 -80.24 17.59
N ASN E 40 13.60 -80.59 18.06
CA ASN E 40 13.90 -80.63 19.49
C ASN E 40 15.29 -80.07 19.69
N ILE E 41 15.42 -79.17 20.65
CA ILE E 41 16.66 -78.42 20.79
C ILE E 41 17.78 -79.27 21.33
N ASN E 42 17.48 -80.41 21.95
CA ASN E 42 18.53 -81.28 22.44
C ASN E 42 19.39 -81.82 21.30
N ASP E 43 18.84 -81.89 20.09
CA ASP E 43 19.61 -82.29 18.93
C ASP E 43 20.52 -81.19 18.40
N PHE E 44 20.38 -79.97 18.91
CA PHE E 44 21.23 -78.85 18.54
C PHE E 44 22.23 -78.47 19.61
N LEU E 45 21.81 -78.45 20.87
CA LEU E 45 22.65 -78.10 22.00
C LEU E 45 23.20 -79.36 22.63
N PRO E 46 24.47 -79.71 22.48
CA PRO E 46 25.00 -80.85 23.21
C PRO E 46 25.18 -80.51 24.67
N PRO E 47 25.37 -81.52 25.52
CA PRO E 47 25.46 -81.25 26.96
C PRO E 47 26.81 -80.70 27.36
N GLY E 48 26.80 -79.80 28.34
CA GLY E 48 28.02 -79.24 28.86
C GLY E 48 28.70 -80.15 29.85
N GLY E 49 29.23 -79.58 30.93
CA GLY E 49 29.88 -80.36 31.95
C GLY E 49 30.04 -79.63 33.26
N GLY E 50 29.84 -80.34 34.36
CA GLY E 50 29.99 -79.76 35.67
C GLY E 50 28.74 -79.07 36.14
N SER E 51 28.92 -77.92 36.81
CA SER E 51 27.77 -77.17 37.31
C SER E 51 26.95 -76.58 36.18
N ASN E 52 27.58 -76.32 35.04
CA ASN E 52 26.87 -75.83 33.86
C ASN E 52 26.42 -77.04 33.05
N PRO E 53 25.14 -77.40 33.04
CA PRO E 53 24.75 -78.66 32.40
C PRO E 53 24.73 -78.59 30.88
N LEU E 54 24.42 -77.42 30.35
CA LEU E 54 24.35 -77.19 28.92
C LEU E 54 25.63 -76.51 28.42
N THR E 55 25.75 -76.46 27.09
CA THR E 55 26.86 -75.76 26.45
C THR E 55 26.62 -74.27 26.36
N VAL E 56 25.36 -73.84 26.37
CA VAL E 56 24.99 -72.43 26.30
C VAL E 56 24.53 -72.02 27.70
N PRO E 57 25.15 -71.03 28.34
CA PRO E 57 24.73 -70.69 29.68
C PRO E 57 23.51 -69.77 29.73
N PHE E 58 22.34 -70.38 29.58
CA PHE E 58 21.08 -69.67 29.71
C PHE E 58 20.05 -70.62 30.28
N GLU E 59 18.98 -70.04 30.82
CA GLU E 59 17.93 -70.78 31.49
C GLU E 59 16.70 -70.96 30.62
N TYR E 60 16.17 -69.87 30.09
CA TYR E 60 14.95 -69.90 29.30
C TYR E 60 15.29 -69.83 27.81
N TYR E 61 14.28 -70.09 27.00
CA TYR E 61 14.44 -69.99 25.55
C TYR E 61 13.08 -70.01 24.89
N ARG E 62 13.06 -69.54 23.64
CA ARG E 62 11.88 -69.61 22.82
C ARG E 62 12.30 -69.53 21.36
N ILE E 63 11.80 -70.46 20.56
CA ILE E 63 12.20 -70.55 19.17
C ILE E 63 11.36 -69.57 18.35
N ARG E 64 12.03 -68.61 17.73
CA ARG E 64 11.37 -67.63 16.92
C ARG E 64 10.99 -68.20 15.55
N LYS E 65 11.97 -68.76 14.86
CA LYS E 65 11.79 -69.20 13.48
C LYS E 65 12.60 -70.45 13.24
N VAL E 66 12.24 -71.15 12.18
CA VAL E 66 12.97 -72.31 11.70
C VAL E 66 13.06 -72.21 10.19
N LYS E 67 14.24 -72.54 9.66
CA LYS E 67 14.49 -72.54 8.23
C LYS E 67 14.97 -73.93 7.85
N VAL E 68 14.08 -74.72 7.33
CA VAL E 68 14.43 -76.02 6.79
C VAL E 68 14.95 -75.80 5.37
N GLU E 69 15.87 -76.67 4.96
CA GLU E 69 16.50 -76.56 3.66
C GLU E 69 16.73 -77.96 3.13
N PHE E 70 16.21 -78.22 1.93
CA PHE E 70 16.35 -79.51 1.28
C PHE E 70 17.43 -79.42 0.22
N TRP E 71 18.67 -79.42 0.66
CA TRP E 71 19.78 -79.45 -0.24
C TRP E 71 19.85 -80.83 -0.88
N PRO E 72 19.55 -80.98 -2.17
CA PRO E 72 19.48 -82.33 -2.74
C PRO E 72 20.83 -82.99 -2.83
N CYS E 73 20.78 -84.27 -3.19
CA CYS E 73 21.96 -85.08 -3.44
C CYS E 73 21.92 -85.74 -4.81
N SER E 74 20.86 -85.55 -5.58
CA SER E 74 20.72 -86.16 -6.89
C SER E 74 21.22 -85.21 -7.95
N PRO E 75 21.60 -85.72 -9.12
CA PRO E 75 22.14 -84.86 -10.17
C PRO E 75 21.04 -84.18 -10.97
N ILE E 76 21.47 -83.21 -11.78
CA ILE E 76 20.56 -82.51 -12.66
C ILE E 76 20.02 -83.44 -13.74
N THR E 77 20.78 -84.44 -14.14
CA THR E 77 20.44 -85.27 -15.27
C THR E 77 19.56 -86.45 -14.90
N GLN E 78 18.86 -86.38 -13.78
CA GLN E 78 18.03 -87.47 -13.31
C GLN E 78 16.64 -87.35 -13.92
N GLY E 79 16.11 -88.49 -14.35
CA GLY E 79 14.82 -88.54 -14.99
C GLY E 79 13.72 -89.02 -14.05
N ASP E 80 12.56 -89.24 -14.62
CA ASP E 80 11.35 -89.58 -13.89
C ASP E 80 11.12 -88.59 -12.76
N ARG E 81 11.04 -87.32 -13.15
CA ARG E 81 10.89 -86.27 -12.17
C ARG E 81 9.51 -86.37 -11.55
N GLY E 82 9.24 -85.46 -10.64
CA GLY E 82 7.98 -85.47 -9.95
C GLY E 82 7.67 -84.15 -9.33
N VAL E 83 6.74 -84.17 -8.38
CA VAL E 83 6.30 -82.96 -7.71
C VAL E 83 5.72 -83.36 -6.37
N GLY E 84 6.09 -82.60 -5.34
CA GLY E 84 5.70 -82.90 -3.97
C GLY E 84 5.08 -81.70 -3.28
N SER E 85 5.05 -81.72 -1.96
CA SER E 85 4.43 -80.64 -1.21
C SER E 85 4.92 -80.68 0.22
N THR E 86 5.16 -79.49 0.77
CA THR E 86 5.52 -79.30 2.16
C THR E 86 4.48 -78.40 2.80
N ALA E 87 4.07 -78.77 4.01
CA ALA E 87 3.04 -78.05 4.74
C ALA E 87 3.46 -77.92 6.19
N VAL E 88 2.87 -76.92 6.83
CA VAL E 88 3.18 -76.56 8.21
C VAL E 88 2.11 -77.15 9.10
N ILE E 89 2.52 -77.94 10.08
CA ILE E 89 1.63 -78.66 10.98
C ILE E 89 2.01 -78.27 12.39
N LEU E 90 1.14 -77.51 13.05
CA LEU E 90 1.47 -76.87 14.32
C LEU E 90 0.82 -77.55 15.50
N ASP E 91 0.32 -78.78 15.32
CA ASP E 91 -0.51 -79.44 16.33
C ASP E 91 -0.13 -80.89 16.59
N ASP E 92 0.96 -81.38 16.01
CA ASP E 92 1.39 -82.77 16.16
C ASP E 92 0.36 -83.74 15.59
N ASN E 93 -0.42 -83.26 14.63
CA ASN E 93 -1.38 -84.09 13.90
C ASN E 93 -0.90 -84.13 12.46
N PHE E 94 0.02 -85.04 12.21
CA PHE E 94 0.53 -85.25 10.87
C PHE E 94 -0.40 -86.22 10.15
N VAL E 95 -0.03 -86.57 8.93
CA VAL E 95 -0.78 -87.47 8.09
C VAL E 95 0.05 -88.73 7.96
N THR E 96 -0.58 -89.87 8.22
CA THR E 96 0.08 -91.11 8.58
C THR E 96 1.25 -91.45 7.68
N LYS E 97 2.35 -91.86 8.30
CA LYS E 97 3.56 -92.20 7.58
C LYS E 97 3.30 -93.32 6.59
N ALA E 98 3.66 -93.09 5.34
CA ALA E 98 3.34 -94.02 4.28
C ALA E 98 4.41 -93.95 3.21
N ASN E 99 4.78 -95.11 2.67
CA ASN E 99 5.75 -95.19 1.60
C ASN E 99 5.13 -94.99 0.22
N ALA E 100 3.84 -95.25 0.08
CA ALA E 100 3.18 -95.13 -1.21
C ALA E 100 1.72 -94.77 -0.96
N LEU E 101 1.34 -93.56 -1.34
CA LEU E 101 -0.02 -93.08 -1.22
C LEU E 101 -0.43 -92.51 -2.57
N THR E 102 -1.67 -92.79 -2.96
CA THR E 102 -2.14 -92.49 -4.30
C THR E 102 -2.42 -91.02 -4.52
N TYR E 103 -2.18 -90.16 -3.54
CA TYR E 103 -2.47 -88.75 -3.69
C TYR E 103 -1.56 -87.95 -2.77
N ASP E 104 -1.46 -86.66 -3.05
CA ASP E 104 -0.68 -85.74 -2.25
C ASP E 104 -1.58 -85.14 -1.18
N PRO E 105 -1.49 -85.59 0.08
CA PRO E 105 -2.43 -85.08 1.07
C PRO E 105 -2.15 -83.64 1.47
N TYR E 106 -0.90 -83.21 1.40
CA TYR E 106 -0.52 -81.86 1.78
C TYR E 106 -0.63 -80.88 0.64
N VAL E 107 -1.41 -81.18 -0.39
CA VAL E 107 -1.46 -80.31 -1.57
C VAL E 107 -2.46 -79.18 -1.38
N ASN E 108 -3.62 -79.45 -0.81
CA ASN E 108 -4.63 -78.43 -0.61
C ASN E 108 -4.46 -77.67 0.69
N TYR E 109 -3.48 -78.06 1.52
CA TYR E 109 -3.21 -77.31 2.74
C TYR E 109 -2.84 -75.87 2.40
N SER E 110 -3.39 -74.94 3.17
CA SER E 110 -3.15 -73.53 2.93
C SER E 110 -1.69 -73.18 3.07
N SER E 111 -0.96 -73.92 3.90
CA SER E 111 0.47 -73.70 4.09
C SER E 111 1.32 -74.51 3.12
N ARG E 112 0.77 -74.85 1.96
CA ARG E 112 1.48 -75.68 1.00
C ARG E 112 2.44 -74.83 0.18
N HIS E 113 3.66 -75.32 0.05
CA HIS E 113 4.66 -74.74 -0.84
C HIS E 113 5.21 -75.87 -1.67
N THR E 114 5.07 -75.76 -2.98
CA THR E 114 5.36 -76.87 -3.87
C THR E 114 6.84 -77.18 -3.89
N ILE E 115 7.14 -78.47 -4.06
CA ILE E 115 8.49 -78.94 -4.26
C ILE E 115 8.62 -79.36 -5.71
N THR E 116 9.71 -78.95 -6.34
CA THR E 116 10.15 -79.53 -7.59
C THR E 116 11.19 -80.58 -7.24
N GLN E 117 11.17 -81.69 -7.96
CA GLN E 117 12.00 -82.84 -7.64
C GLN E 117 12.75 -83.27 -8.89
N PRO E 118 13.86 -84.02 -8.72
CA PRO E 118 14.59 -84.42 -7.53
C PRO E 118 15.86 -83.64 -7.26
N PHE E 119 16.14 -82.62 -8.06
CA PHE E 119 17.41 -81.91 -8.01
C PHE E 119 17.30 -80.46 -7.56
N SER E 120 16.14 -80.03 -7.09
CA SER E 120 15.90 -78.65 -6.76
C SER E 120 16.03 -78.42 -5.25
N TYR E 121 16.19 -77.15 -4.90
CA TYR E 121 16.29 -76.70 -3.53
C TYR E 121 14.95 -76.14 -3.07
N HIS E 122 14.59 -76.45 -1.84
CA HIS E 122 13.34 -75.98 -1.27
C HIS E 122 13.56 -75.60 0.18
N SER E 123 12.97 -74.47 0.58
CA SER E 123 13.17 -73.91 1.90
C SER E 123 11.84 -73.43 2.45
N ARG E 124 11.71 -73.50 3.77
CA ARG E 124 10.47 -73.16 4.47
C ARG E 124 10.84 -72.44 5.75
N TYR E 125 10.57 -71.14 5.78
CA TYR E 125 10.93 -70.26 6.89
C TYR E 125 9.66 -69.91 7.63
N PHE E 126 9.47 -70.54 8.79
CA PHE E 126 8.23 -70.42 9.52
C PHE E 126 8.50 -70.42 11.02
N THR E 127 7.43 -70.17 11.76
CA THR E 127 7.47 -70.16 13.22
C THR E 127 6.90 -71.46 13.74
N PRO E 128 7.66 -72.31 14.40
CA PRO E 128 7.09 -73.52 14.98
C PRO E 128 6.41 -73.21 16.30
N LYS E 129 5.75 -74.23 16.83
CA LYS E 129 5.05 -74.14 18.10
C LYS E 129 5.40 -75.36 18.92
N PRO E 130 5.38 -75.25 20.24
CA PRO E 130 5.69 -76.41 21.08
C PRO E 130 4.48 -77.27 21.35
N VAL E 131 4.75 -78.43 21.93
CA VAL E 131 3.73 -79.42 22.25
C VAL E 131 3.53 -79.32 23.76
N LEU E 132 2.57 -78.50 24.16
CA LEU E 132 2.26 -78.34 25.58
C LEU E 132 1.33 -79.43 26.07
N ASP E 133 0.30 -79.77 25.30
CA ASP E 133 -0.66 -80.80 25.66
C ASP E 133 -0.99 -81.60 24.42
N ARG E 134 -0.61 -82.87 24.42
CA ARG E 134 -0.88 -83.73 23.28
C ARG E 134 -2.37 -84.06 23.17
N THR E 135 -3.04 -84.21 24.31
CA THR E 135 -4.46 -84.52 24.29
C THR E 135 -5.26 -83.40 23.65
N ILE E 136 -4.93 -82.15 23.99
CA ILE E 136 -5.69 -81.00 23.57
C ILE E 136 -5.09 -80.37 22.32
N ASP E 137 -3.76 -80.36 22.22
CA ASP E 137 -3.04 -79.86 21.06
C ASP E 137 -3.41 -78.41 20.77
N TYR E 138 -3.07 -77.55 21.72
CA TYR E 138 -3.26 -76.11 21.57
C TYR E 138 -1.94 -75.42 21.29
N PHE E 139 -2.06 -74.26 20.68
CA PHE E 139 -0.90 -73.43 20.37
C PHE E 139 -1.40 -72.02 20.13
N GLN E 140 -0.48 -71.08 20.27
CA GLN E 140 -0.83 -69.68 20.19
C GLN E 140 -0.42 -69.10 18.86
N PRO E 141 -0.98 -67.96 18.48
CA PRO E 141 -0.60 -67.35 17.21
C PRO E 141 0.83 -66.86 17.19
N ASN E 142 1.22 -66.25 16.07
CA ASN E 142 2.55 -65.69 15.92
C ASN E 142 2.52 -64.26 16.40
N ASN E 143 2.98 -64.05 17.62
CA ASN E 143 3.16 -62.70 18.17
C ASN E 143 4.45 -62.71 18.97
N LYS E 144 5.39 -61.88 18.56
CA LYS E 144 6.72 -61.92 19.16
C LYS E 144 6.69 -61.49 20.61
N ARG E 145 5.96 -60.42 20.92
CA ARG E 145 5.97 -59.88 22.28
C ARG E 145 5.47 -60.90 23.27
N ASN E 146 4.32 -61.50 23.00
CA ASN E 146 3.64 -62.35 23.95
C ASN E 146 3.92 -63.83 23.71
N GLN E 147 4.95 -64.16 22.96
CA GLN E 147 5.34 -65.55 22.81
C GLN E 147 5.89 -66.08 24.12
N LEU E 148 5.67 -67.37 24.34
CA LEU E 148 6.01 -67.99 25.61
C LEU E 148 7.50 -68.20 25.73
N TRP E 149 7.94 -68.34 26.97
CA TRP E 149 9.28 -68.75 27.30
C TRP E 149 9.24 -70.17 27.83
N LEU E 150 10.35 -70.88 27.68
CA LEU E 150 10.45 -72.28 28.05
C LEU E 150 11.78 -72.52 28.74
N ARG E 151 11.74 -73.28 29.82
CA ARG E 151 12.96 -73.66 30.51
C ARG E 151 13.83 -74.51 29.58
N LEU E 152 15.12 -74.24 29.60
CA LEU E 152 16.08 -74.98 28.79
C LEU E 152 16.53 -76.17 29.61
N GLN E 153 15.83 -77.28 29.46
CA GLN E 153 16.14 -78.48 30.19
C GLN E 153 17.37 -79.15 29.60
N THR E 154 17.88 -80.13 30.34
CA THR E 154 19.12 -80.80 30.00
C THR E 154 18.91 -81.98 29.06
N THR E 155 17.88 -82.80 29.32
CA THR E 155 17.64 -84.02 28.57
C THR E 155 16.22 -84.21 28.11
N GLY E 156 15.27 -83.39 28.54
CA GLY E 156 13.87 -83.61 28.27
C GLY E 156 13.15 -82.40 27.70
N ASN E 157 13.81 -81.69 26.81
CA ASN E 157 13.17 -80.53 26.19
C ASN E 157 12.00 -80.98 25.33
N VAL E 158 11.03 -80.10 25.19
CA VAL E 158 9.78 -80.43 24.52
C VAL E 158 9.98 -80.42 23.02
N ASP E 159 9.21 -81.25 22.34
CA ASP E 159 9.35 -81.46 20.90
C ASP E 159 8.53 -80.41 20.17
N HIS E 160 9.21 -79.39 19.68
CA HIS E 160 8.57 -78.47 18.75
C HIS E 160 8.15 -79.20 17.49
N VAL E 161 7.29 -78.56 16.73
CA VAL E 161 6.63 -79.17 15.57
C VAL E 161 6.41 -78.07 14.54
N GLY E 162 5.95 -78.46 13.36
CA GLY E 162 5.77 -77.50 12.29
C GLY E 162 6.06 -77.86 10.85
N LEU E 163 6.33 -79.13 10.51
CA LEU E 163 6.49 -79.44 9.09
C LEU E 163 6.15 -80.88 8.78
N GLY E 164 5.51 -81.06 7.64
CA GLY E 164 5.25 -82.38 7.09
C GLY E 164 5.47 -82.36 5.60
N THR E 165 5.88 -83.50 5.07
CA THR E 165 6.35 -83.61 3.69
C THR E 165 5.55 -84.66 2.94
N ALA E 166 5.62 -84.54 1.62
CA ALA E 166 5.05 -85.55 0.73
C ALA E 166 5.83 -85.49 -0.58
N PHE E 167 6.74 -86.45 -0.77
CA PHE E 167 7.56 -86.52 -1.96
C PHE E 167 7.00 -87.58 -2.90
N GLU E 168 7.06 -87.28 -4.19
CA GLU E 168 6.55 -88.19 -5.20
C GLU E 168 7.56 -89.27 -5.49
N ASN E 169 7.14 -90.51 -5.42
CA ASN E 169 8.04 -91.62 -5.62
C ASN E 169 8.56 -91.63 -7.05
N SER E 170 9.68 -92.32 -7.24
CA SER E 170 10.32 -92.38 -8.53
C SER E 170 11.07 -93.69 -8.65
N ILE E 171 11.44 -94.04 -9.88
CA ILE E 171 12.17 -95.26 -10.14
C ILE E 171 13.52 -95.23 -9.44
N TYR E 172 14.15 -94.06 -9.43
CA TYR E 172 15.48 -93.88 -8.87
C TYR E 172 15.39 -93.34 -7.45
N ASP E 173 16.42 -93.63 -6.67
CA ASP E 173 16.51 -93.08 -5.33
C ASP E 173 16.65 -91.57 -5.41
N GLN E 174 15.98 -90.89 -4.48
CA GLN E 174 16.03 -89.44 -4.35
C GLN E 174 16.60 -89.15 -2.98
N ASP E 175 17.92 -89.11 -2.88
CA ASP E 175 18.57 -88.77 -1.64
C ASP E 175 18.58 -87.26 -1.46
N TYR E 176 18.47 -86.83 -0.21
CA TYR E 176 18.47 -85.42 0.14
C TYR E 176 19.40 -85.21 1.32
N ASN E 177 19.79 -83.95 1.50
CA ASN E 177 20.68 -83.53 2.58
C ASN E 177 19.95 -82.39 3.27
N ILE E 178 19.21 -82.71 4.31
CA ILE E 178 18.38 -81.73 5.00
C ILE E 178 19.23 -80.95 5.98
N ARG E 179 18.97 -79.66 6.06
CA ARG E 179 19.58 -78.76 7.02
C ARG E 179 18.49 -78.06 7.78
N ILE E 180 18.47 -78.21 9.09
CA ILE E 180 17.47 -77.61 9.95
C ILE E 180 18.11 -76.48 10.71
N THR E 181 17.99 -75.27 10.18
CA THR E 181 18.48 -74.08 10.85
C THR E 181 17.40 -73.55 11.78
N MET E 182 17.82 -73.17 12.97
CA MET E 182 16.94 -72.70 14.03
C MET E 182 17.41 -71.35 14.52
N TYR E 183 16.45 -70.46 14.76
CA TYR E 183 16.71 -69.10 15.23
C TYR E 183 16.10 -68.97 16.61
N VAL E 184 16.94 -69.04 17.63
CA VAL E 184 16.53 -69.17 19.01
C VAL E 184 16.77 -67.84 19.70
N GLN E 185 16.14 -67.68 20.86
CA GLN E 185 16.26 -66.49 21.67
C GLN E 185 16.30 -66.92 23.12
N PHE E 186 17.47 -66.83 23.74
CA PHE E 186 17.69 -67.28 25.10
C PHE E 186 17.51 -66.12 26.07
N ARG E 187 17.70 -66.39 27.36
CA ARG E 187 17.45 -65.41 28.41
C ARG E 187 18.04 -65.94 29.71
N GLU E 188 18.30 -65.00 30.63
CA GLU E 188 18.76 -65.29 31.98
C GLU E 188 20.08 -66.05 31.98
N PHE E 189 21.12 -65.33 31.59
CA PHE E 189 22.48 -65.83 31.62
C PHE E 189 22.83 -66.37 33.00
N ASN E 190 23.00 -67.69 33.11
CA ASN E 190 23.08 -68.39 34.38
C ASN E 190 24.37 -69.16 34.52
N LEU E 191 25.48 -68.53 34.19
CA LEU E 191 26.77 -69.20 34.24
C LEU E 191 27.22 -69.35 35.69
N LYS E 192 27.85 -70.48 35.98
CA LYS E 192 28.48 -70.74 37.26
C LYS E 192 29.98 -70.62 37.13
N ASP E 193 30.64 -70.31 38.24
CA ASP E 193 32.10 -70.18 38.29
C ASP E 193 32.60 -70.73 39.61
N PRO E 194 32.71 -72.05 39.72
CA PRO E 194 33.35 -72.63 40.89
C PRO E 194 34.83 -72.31 40.90
N PRO E 195 35.53 -72.57 41.99
CA PRO E 195 36.99 -72.38 42.00
C PRO E 195 37.71 -73.49 41.25
N LEU E 196 39.04 -73.48 41.31
CA LEU E 196 39.87 -74.46 40.60
C LEU E 196 39.68 -74.34 39.09
N TYR F 1 1.05 -57.65 12.94
CA TYR F 1 1.89 -58.83 12.98
C TYR F 1 1.07 -60.10 12.70
N ARG F 2 0.37 -60.10 11.56
CA ARG F 2 -0.38 -61.26 11.04
C ARG F 2 -1.29 -61.87 12.13
N TRP F 3 -2.43 -61.25 12.49
CA TRP F 3 -3.27 -60.35 11.66
C TRP F 3 -3.83 -60.98 10.37
N ARG F 4 -4.76 -61.84 10.51
CA ARG F 4 -5.16 -63.25 10.53
C ARG F 4 -4.42 -64.21 9.59
N ARG F 5 -4.33 -64.06 8.25
CA ARG F 5 -4.94 -63.09 7.36
C ARG F 5 -5.90 -63.77 6.36
N LYS F 6 -5.33 -64.69 5.57
CA LYS F 6 -6.02 -65.49 4.57
C LYS F 6 -5.66 -66.97 4.66
N ASN F 7 -4.80 -67.36 5.61
CA ASN F 7 -4.06 -68.62 5.52
C ASN F 7 -4.90 -69.86 5.83
N GLY F 8 -6.21 -69.79 5.59
CA GLY F 8 -7.15 -70.85 5.85
C GLY F 8 -8.32 -70.33 6.66
N ILE F 9 -8.34 -69.03 6.92
CA ILE F 9 -9.29 -68.47 7.86
C ILE F 9 -10.68 -68.52 7.25
N PHE F 10 -11.63 -69.06 8.01
CA PHE F 10 -13.01 -69.15 7.56
C PHE F 10 -13.91 -68.96 8.78
N ASN F 11 -14.32 -67.72 9.00
CA ASN F 11 -15.27 -67.44 10.05
C ASN F 11 -16.64 -67.92 9.63
N THR F 12 -17.34 -68.56 10.55
CA THR F 12 -18.64 -69.13 10.26
C THR F 12 -19.45 -69.18 11.54
N ARG F 13 -20.56 -69.92 11.49
CA ARG F 13 -21.52 -69.99 12.57
C ARG F 13 -22.03 -71.41 12.65
N LEU F 14 -22.38 -71.82 13.86
CA LEU F 14 -22.98 -73.12 14.11
C LEU F 14 -24.04 -72.96 15.19
N SER F 15 -25.00 -73.88 15.18
CA SER F 15 -26.13 -73.80 16.09
C SER F 15 -26.70 -75.18 16.31
N ARG F 16 -27.28 -75.37 17.49
CA ARG F 16 -28.00 -76.58 17.81
C ARG F 16 -29.14 -76.19 18.74
N THR F 17 -29.91 -77.19 19.16
CA THR F 17 -31.13 -76.94 19.92
C THR F 17 -31.38 -78.10 20.87
N ILE F 18 -31.89 -77.75 22.05
CA ILE F 18 -32.17 -78.73 23.10
C ILE F 18 -33.26 -78.19 23.99
N GLY F 19 -33.96 -79.10 24.66
CA GLY F 19 -35.00 -78.75 25.60
C GLY F 19 -34.46 -78.80 27.03
N TYR F 20 -34.95 -77.87 27.85
CA TYR F 20 -34.60 -77.82 29.26
C TYR F 20 -35.88 -77.59 30.04
N THR F 21 -36.09 -78.41 31.07
CA THR F 21 -37.38 -78.54 31.74
C THR F 21 -37.19 -78.31 33.22
N VAL F 22 -37.60 -77.14 33.70
CA VAL F 22 -37.64 -76.86 35.12
C VAL F 22 -38.96 -77.39 35.66
N LYS F 23 -38.88 -78.31 36.61
CA LYS F 23 -40.03 -79.07 37.04
C LYS F 23 -40.81 -78.33 38.12
N LYS F 24 -41.97 -78.89 38.46
CA LYS F 24 -42.84 -78.34 39.46
C LYS F 24 -42.28 -78.56 40.87
N THR F 25 -42.98 -77.99 41.85
CA THR F 25 -42.72 -78.25 43.25
C THR F 25 -43.89 -77.72 44.06
N THR F 26 -44.29 -78.48 45.08
CA THR F 26 -45.33 -78.02 45.99
C THR F 26 -44.82 -76.90 46.89
N VAL F 27 -43.50 -76.75 47.02
CA VAL F 27 -42.94 -75.65 47.81
C VAL F 27 -43.43 -74.33 47.24
N ARG F 28 -43.73 -73.40 48.15
CA ARG F 28 -44.18 -72.07 47.80
C ARG F 28 -43.18 -70.98 48.15
N THR F 29 -42.24 -71.27 49.03
CA THR F 29 -41.20 -70.30 49.31
C THR F 29 -40.30 -70.16 48.09
N PRO F 30 -39.63 -69.03 47.91
CA PRO F 30 -38.73 -68.87 46.77
C PRO F 30 -37.61 -69.90 46.81
N SER F 31 -37.58 -70.75 45.79
CA SER F 31 -36.57 -71.77 45.64
C SER F 31 -36.12 -71.79 44.19
N TRP F 32 -34.82 -72.01 43.99
CA TRP F 32 -34.20 -71.96 42.69
C TRP F 32 -33.71 -73.33 42.25
N ASN F 33 -33.58 -73.48 40.94
CA ASN F 33 -33.13 -74.71 40.30
C ASN F 33 -31.86 -74.39 39.52
N VAL F 34 -30.74 -74.84 40.03
CA VAL F 34 -29.44 -74.47 39.49
C VAL F 34 -28.97 -75.55 38.53
N ASP F 35 -28.32 -75.12 37.45
CA ASP F 35 -27.76 -76.03 36.47
C ASP F 35 -26.72 -75.26 35.68
N MET F 36 -25.72 -75.98 35.21
CA MET F 36 -24.63 -75.43 34.45
C MET F 36 -24.90 -75.60 32.96
N MET F 37 -23.91 -75.29 32.14
CA MET F 37 -24.04 -75.45 30.70
C MET F 37 -22.64 -75.48 30.09
N ARG F 38 -22.32 -76.55 29.37
CA ARG F 38 -21.05 -76.76 28.74
C ARG F 38 -21.20 -76.72 27.23
N PHE F 39 -20.10 -76.37 26.56
CA PHE F 39 -20.06 -76.24 25.11
C PHE F 39 -18.93 -77.09 24.58
N ASN F 40 -19.26 -77.99 23.65
CA ASN F 40 -18.27 -78.84 23.00
C ASN F 40 -18.63 -78.91 21.53
N ILE F 41 -17.62 -78.73 20.68
CA ILE F 41 -17.89 -78.58 19.26
C ILE F 41 -18.30 -79.89 18.61
N ASN F 42 -18.03 -81.02 19.25
CA ASN F 42 -18.45 -82.30 18.68
C ASN F 42 -19.97 -82.40 18.59
N ASP F 43 -20.69 -81.65 19.43
CA ASP F 43 -22.14 -81.61 19.36
C ASP F 43 -22.64 -80.73 18.23
N PHE F 44 -21.77 -79.98 17.57
CA PHE F 44 -22.11 -79.14 16.43
C PHE F 44 -21.63 -79.70 15.11
N LEU F 45 -20.41 -80.21 15.07
CA LEU F 45 -19.82 -80.76 13.87
C LEU F 45 -20.00 -82.27 13.88
N PRO F 46 -20.87 -82.85 13.06
CA PRO F 46 -20.93 -84.30 12.98
C PRO F 46 -19.73 -84.85 12.23
N PRO F 47 -19.48 -86.15 12.32
CA PRO F 47 -18.29 -86.71 11.69
C PRO F 47 -18.47 -86.88 10.19
N GLY F 48 -17.38 -86.68 9.46
CA GLY F 48 -17.39 -86.86 8.03
C GLY F 48 -17.24 -88.31 7.64
N GLY F 49 -16.45 -88.56 6.60
CA GLY F 49 -16.22 -89.92 6.16
C GLY F 49 -15.01 -90.06 5.26
N GLY F 50 -14.26 -91.15 5.45
CA GLY F 50 -13.10 -91.41 4.65
C GLY F 50 -11.85 -90.72 5.17
N SER F 51 -11.04 -90.20 4.25
CA SER F 51 -9.81 -89.53 4.65
C SER F 51 -10.11 -88.22 5.36
N ASN F 52 -11.26 -87.60 5.07
CA ASN F 52 -11.68 -86.39 5.75
C ASN F 52 -12.51 -86.80 6.96
N PRO F 53 -12.00 -86.68 8.19
CA PRO F 53 -12.73 -87.25 9.33
C PRO F 53 -13.90 -86.40 9.76
N LEU F 54 -13.78 -85.08 9.59
CA LEU F 54 -14.84 -84.14 9.95
C LEU F 54 -15.64 -83.73 8.73
N THR F 55 -16.75 -83.04 9.00
CA THR F 55 -17.58 -82.48 7.95
C THR F 55 -17.05 -81.17 7.42
N VAL F 56 -16.27 -80.45 8.22
CA VAL F 56 -15.67 -79.18 7.84
C VAL F 56 -14.19 -79.44 7.58
N PRO F 57 -13.66 -79.16 6.39
CA PRO F 57 -12.25 -79.46 6.16
C PRO F 57 -11.31 -78.37 6.68
N PHE F 58 -11.04 -78.43 7.97
CA PHE F 58 -10.07 -77.55 8.60
C PHE F 58 -9.41 -78.29 9.74
N GLU F 59 -8.25 -77.78 10.15
CA GLU F 59 -7.44 -78.41 11.18
C GLU F 59 -7.58 -77.74 12.53
N TYR F 60 -7.38 -76.43 12.57
CA TYR F 60 -7.41 -75.66 13.81
C TYR F 60 -8.75 -74.95 13.95
N TYR F 61 -8.98 -74.42 15.14
CA TYR F 61 -10.18 -73.64 15.38
C TYR F 61 -10.04 -72.90 16.70
N ARG F 62 -10.87 -71.87 16.85
CA ARG F 62 -10.97 -71.14 18.11
C ARG F 62 -12.31 -70.46 18.16
N ILE F 63 -13.01 -70.62 19.27
CA ILE F 63 -14.35 -70.09 19.41
C ILE F 63 -14.27 -68.64 19.84
N ARG F 64 -14.78 -67.76 19.00
CA ARG F 64 -14.78 -66.34 19.30
C ARG F 64 -15.86 -65.98 20.29
N LYS F 65 -17.10 -66.36 19.99
CA LYS F 65 -18.26 -65.95 20.77
C LYS F 65 -19.27 -67.06 20.81
N VAL F 66 -20.17 -66.97 21.77
CA VAL F 66 -21.30 -67.87 21.91
C VAL F 66 -22.52 -67.04 22.24
N LYS F 67 -23.64 -67.37 21.61
CA LYS F 67 -24.91 -66.71 21.84
C LYS F 67 -25.92 -67.76 22.25
N VAL F 68 -26.14 -67.86 23.54
CA VAL F 68 -27.18 -68.71 24.06
C VAL F 68 -28.50 -67.97 23.96
N GLU F 69 -29.58 -68.73 23.77
CA GLU F 69 -30.91 -68.16 23.59
C GLU F 69 -31.90 -69.08 24.28
N PHE F 70 -32.69 -68.50 25.18
CA PHE F 70 -33.71 -69.24 25.92
C PHE F 70 -35.06 -68.94 25.31
N TRP F 71 -35.33 -69.55 24.17
CA TRP F 71 -36.62 -69.43 23.56
C TRP F 71 -37.63 -70.23 24.39
N PRO F 72 -38.56 -69.60 25.10
CA PRO F 72 -39.41 -70.35 26.00
C PRO F 72 -40.39 -71.25 25.25
N CYS F 73 -41.07 -72.06 26.05
CA CYS F 73 -42.13 -72.93 25.58
C CYS F 73 -43.43 -72.75 26.35
N SER F 74 -43.45 -71.87 27.35
CA SER F 74 -44.62 -71.63 28.16
C SER F 74 -45.42 -70.47 27.59
N PRO F 75 -46.71 -70.39 27.90
CA PRO F 75 -47.53 -69.32 27.35
C PRO F 75 -47.40 -68.04 28.13
N ILE F 76 -47.94 -66.98 27.54
CA ILE F 76 -47.96 -65.68 28.19
C ILE F 76 -48.85 -65.70 29.42
N THR F 77 -49.90 -66.53 29.42
CA THR F 77 -50.91 -66.50 30.47
C THR F 77 -50.55 -67.37 31.66
N GLN F 78 -49.28 -67.69 31.84
CA GLN F 78 -48.85 -68.54 32.93
C GLN F 78 -48.61 -67.71 34.18
N GLY F 79 -49.06 -68.24 35.31
CA GLY F 79 -48.95 -67.56 36.58
C GLY F 79 -47.80 -68.09 37.42
N ASP F 80 -47.75 -67.61 38.66
CA ASP F 80 -46.68 -67.90 39.58
C ASP F 80 -45.33 -67.63 38.94
N ARG F 81 -45.18 -66.39 38.48
CA ARG F 81 -43.97 -66.00 37.78
C ARG F 81 -42.81 -65.99 38.76
N GLY F 82 -41.64 -65.65 38.24
CA GLY F 82 -40.46 -65.65 39.07
C GLY F 82 -39.38 -64.82 38.47
N VAL F 83 -38.17 -65.04 38.95
CA VAL F 83 -37.01 -64.29 38.49
C VAL F 83 -35.77 -65.13 38.77
N GLY F 84 -34.88 -65.17 37.78
CA GLY F 84 -33.70 -65.99 37.83
C GLY F 84 -32.44 -65.21 37.53
N SER F 85 -31.38 -65.91 37.16
CA SER F 85 -30.11 -65.25 36.90
C SER F 85 -29.21 -66.16 36.08
N THR F 86 -28.51 -65.57 35.13
CA THR F 86 -27.50 -66.24 34.33
C THR F 86 -26.17 -65.55 34.52
N ALA F 87 -25.13 -66.35 34.68
CA ALA F 87 -23.80 -65.84 34.93
C ALA F 87 -22.80 -66.61 34.10
N VAL F 88 -21.66 -65.97 33.88
CA VAL F 88 -20.59 -66.50 33.03
C VAL F 88 -19.53 -67.10 33.94
N ILE F 89 -19.21 -68.37 33.70
CA ILE F 89 -18.29 -69.14 34.51
C ILE F 89 -17.23 -69.68 33.58
N LEU F 90 -16.02 -69.15 33.71
CA LEU F 90 -14.96 -69.39 32.74
C LEU F 90 -13.90 -70.35 33.26
N ASP F 91 -14.21 -71.09 34.34
CA ASP F 91 -13.19 -71.89 35.03
C ASP F 91 -13.67 -73.30 35.38
N ASP F 92 -14.83 -73.73 34.91
CA ASP F 92 -15.38 -75.04 35.22
C ASP F 92 -15.66 -75.20 36.71
N ASN F 93 -15.87 -74.08 37.40
CA ASN F 93 -16.24 -74.08 38.81
C ASN F 93 -17.65 -73.52 38.86
N PHE F 94 -18.61 -74.38 38.65
CA PHE F 94 -20.01 -74.01 38.75
C PHE F 94 -20.44 -74.14 40.19
N VAL F 95 -21.71 -73.89 40.44
CA VAL F 95 -22.30 -73.95 41.76
C VAL F 95 -23.24 -75.15 41.75
N THR F 96 -23.09 -76.00 42.76
CA THR F 96 -23.54 -77.38 42.74
C THR F 96 -24.97 -77.53 42.23
N LYS F 97 -25.15 -78.51 41.35
CA LYS F 97 -26.45 -78.78 40.76
C LYS F 97 -27.48 -79.09 41.84
N ALA F 98 -28.59 -78.36 41.80
CA ALA F 98 -29.59 -78.46 42.84
C ALA F 98 -30.96 -78.18 42.26
N ASN F 99 -31.95 -78.93 42.72
CA ASN F 99 -33.32 -78.74 42.29
C ASN F 99 -34.04 -77.68 43.09
N ALA F 100 -33.60 -77.41 44.33
CA ALA F 100 -34.26 -76.45 45.19
C ALA F 100 -33.21 -75.85 46.11
N LEU F 101 -32.93 -74.57 45.93
CA LEU F 101 -31.99 -73.84 46.75
C LEU F 101 -32.67 -72.56 47.20
N THR F 102 -32.47 -72.21 48.46
CA THR F 102 -33.20 -71.13 49.09
C THR F 102 -32.75 -69.75 48.66
N TYR F 103 -31.80 -69.64 47.74
CA TYR F 103 -31.31 -68.35 47.30
C TYR F 103 -30.77 -68.47 45.89
N ASP F 104 -30.61 -67.32 45.25
CA ASP F 104 -30.07 -67.24 43.91
C ASP F 104 -28.56 -67.04 44.02
N PRO F 105 -27.75 -68.07 43.80
CA PRO F 105 -26.31 -67.89 44.00
C PRO F 105 -25.66 -67.05 42.94
N TYR F 106 -26.20 -67.04 41.73
CA TYR F 106 -25.64 -66.28 40.64
C TYR F 106 -26.18 -64.86 40.56
N VAL F 107 -26.71 -64.32 41.66
CA VAL F 107 -27.33 -63.01 41.62
C VAL F 107 -26.32 -61.90 41.79
N ASN F 108 -25.37 -62.07 42.71
CA ASN F 108 -24.37 -61.05 42.96
C ASN F 108 -23.16 -61.17 42.04
N TYR F 109 -23.10 -62.20 41.21
CA TYR F 109 -22.02 -62.31 40.24
C TYR F 109 -22.01 -61.10 39.32
N SER F 110 -20.80 -60.60 39.07
CA SER F 110 -20.65 -59.42 38.24
C SER F 110 -21.15 -59.65 36.83
N SER F 111 -21.10 -60.89 36.36
CA SER F 111 -21.59 -61.25 35.04
C SER F 111 -23.06 -61.64 35.05
N ARG F 112 -23.82 -61.14 36.01
CA ARG F 112 -25.22 -61.53 36.14
C ARG F 112 -26.08 -60.72 35.18
N HIS F 113 -26.95 -61.41 34.48
CA HIS F 113 -27.97 -60.79 33.64
C HIS F 113 -29.29 -61.43 34.01
N THR F 114 -30.23 -60.61 34.46
CA THR F 114 -31.45 -61.13 35.05
C THR F 114 -32.31 -61.81 34.01
N ILE F 115 -33.03 -62.84 34.46
CA ILE F 115 -34.03 -63.53 33.67
C ILE F 115 -35.38 -63.15 34.21
N THR F 116 -36.30 -62.82 33.31
CA THR F 116 -37.71 -62.78 33.61
C THR F 116 -38.30 -64.11 33.19
N GLN F 117 -39.22 -64.62 33.98
CA GLN F 117 -39.78 -65.95 33.80
C GLN F 117 -41.29 -65.88 33.77
N PRO F 118 -41.96 -66.89 33.20
CA PRO F 118 -41.50 -68.06 32.45
C PRO F 118 -41.67 -67.96 30.96
N PHE F 119 -42.10 -66.80 30.45
CA PHE F 119 -42.47 -66.66 29.05
C PHE F 119 -41.58 -65.70 28.28
N SER F 120 -40.48 -65.25 28.86
CA SER F 120 -39.63 -64.24 28.26
C SER F 120 -38.42 -64.88 27.59
N TYR F 121 -37.79 -64.09 26.72
CA TYR F 121 -36.60 -64.48 26.00
C TYR F 121 -35.38 -63.86 26.66
N HIS F 122 -34.30 -64.64 26.75
CA HIS F 122 -33.07 -64.18 27.36
C HIS F 122 -31.90 -64.70 26.55
N SER F 123 -30.91 -63.82 26.34
CA SER F 123 -29.77 -64.13 25.51
C SER F 123 -28.51 -63.62 26.18
N ARG F 124 -27.40 -64.32 25.92
CA ARG F 124 -26.12 -64.04 26.54
C ARG F 124 -25.03 -64.23 25.50
N TYR F 125 -24.46 -63.13 25.05
CA TYR F 125 -23.46 -63.11 23.98
C TYR F 125 -22.11 -62.84 24.62
N PHE F 126 -21.29 -63.87 24.74
CA PHE F 126 -20.04 -63.79 25.47
C PHE F 126 -18.98 -64.64 24.79
N THR F 127 -17.77 -64.51 25.31
CA THR F 127 -16.62 -65.26 24.84
C THR F 127 -16.35 -66.41 25.80
N PRO F 128 -16.48 -67.66 25.40
CA PRO F 128 -16.13 -68.75 26.30
C PRO F 128 -14.63 -68.98 26.31
N LYS F 129 -14.21 -69.88 27.19
CA LYS F 129 -12.82 -70.26 27.33
C LYS F 129 -12.73 -71.76 27.42
N PRO F 130 -11.63 -72.36 26.98
CA PRO F 130 -11.50 -73.81 27.06
C PRO F 130 -10.96 -74.27 28.40
N VAL F 131 -11.03 -75.58 28.59
CA VAL F 131 -10.58 -76.23 29.80
C VAL F 131 -9.24 -76.87 29.47
N LEU F 132 -8.16 -76.14 29.71
CA LEU F 132 -6.83 -76.65 29.46
C LEU F 132 -6.32 -77.49 30.62
N ASP F 133 -6.53 -77.04 31.85
CA ASP F 133 -6.10 -77.78 33.04
C ASP F 133 -7.19 -77.67 34.08
N ARG F 134 -7.81 -78.81 34.41
CA ARG F 134 -8.86 -78.81 35.41
C ARG F 134 -8.32 -78.58 36.81
N THR F 135 -7.12 -79.08 37.08
CA THR F 135 -6.52 -78.89 38.41
C THR F 135 -6.26 -77.41 38.68
N ILE F 136 -5.76 -76.70 37.68
CA ILE F 136 -5.33 -75.32 37.84
C ILE F 136 -6.42 -74.36 37.42
N ASP F 137 -7.16 -74.70 36.37
CA ASP F 137 -8.29 -73.92 35.88
C ASP F 137 -7.85 -72.50 35.53
N TYR F 138 -6.98 -72.40 34.55
CA TYR F 138 -6.53 -71.12 34.03
C TYR F 138 -7.19 -70.82 32.69
N PHE F 139 -7.23 -69.53 32.38
CA PHE F 139 -7.78 -69.07 31.13
C PHE F 139 -7.27 -67.67 30.88
N GLN F 140 -7.29 -67.26 29.63
CA GLN F 140 -6.73 -66.00 29.24
C GLN F 140 -7.80 -64.96 29.01
N PRO F 141 -7.45 -63.68 29.01
CA PRO F 141 -8.46 -62.66 28.77
C PRO F 141 -9.03 -62.68 27.37
N ASN F 142 -9.91 -61.74 27.09
CA ASN F 142 -10.52 -61.62 25.77
C ASN F 142 -9.66 -60.71 24.94
N ASN F 143 -8.83 -61.31 24.09
CA ASN F 143 -8.04 -60.57 23.11
C ASN F 143 -8.04 -61.38 21.83
N LYS F 144 -8.57 -60.79 20.76
CA LYS F 144 -8.78 -61.54 19.53
C LYS F 144 -7.46 -61.93 18.90
N ARG F 145 -6.48 -61.02 18.86
CA ARG F 145 -5.23 -61.30 18.17
C ARG F 145 -4.51 -62.48 18.80
N ASN F 146 -4.35 -62.46 20.12
CA ASN F 146 -3.54 -63.44 20.81
C ASN F 146 -4.35 -64.58 21.39
N GLN F 147 -5.58 -64.77 20.94
CA GLN F 147 -6.36 -65.91 21.37
C GLN F 147 -5.76 -67.19 20.81
N LEU F 148 -5.89 -68.26 21.56
CA LEU F 148 -5.25 -69.51 21.21
C LEU F 148 -5.99 -70.20 20.07
N TRP F 149 -5.25 -71.09 19.41
CA TRP F 149 -5.79 -72.00 18.43
C TRP F 149 -5.81 -73.40 19.02
N LEU F 150 -6.72 -74.22 18.51
CA LEU F 150 -6.94 -75.56 19.02
C LEU F 150 -7.13 -76.51 17.87
N ARG F 151 -6.50 -77.67 17.96
CA ARG F 151 -6.69 -78.70 16.96
C ARG F 151 -8.14 -79.16 16.96
N LEU F 152 -8.68 -79.35 15.76
CA LEU F 152 -10.06 -79.81 15.60
C LEU F 152 -10.02 -81.32 15.58
N GLN F 153 -10.16 -81.92 16.75
CA GLN F 153 -10.12 -83.35 16.88
C GLN F 153 -11.43 -83.96 16.41
N THR F 154 -11.42 -85.27 16.26
CA THR F 154 -12.54 -86.01 15.69
C THR F 154 -13.57 -86.40 16.74
N THR F 155 -13.11 -86.87 17.90
CA THR F 155 -14.01 -87.40 18.93
C THR F 155 -13.73 -86.88 20.33
N GLY F 156 -12.63 -86.15 20.55
CA GLY F 156 -12.21 -85.77 21.88
C GLY F 156 -11.91 -84.30 22.03
N ASN F 157 -12.71 -83.45 21.40
CA ASN F 157 -12.52 -82.02 21.52
C ASN F 157 -12.76 -81.58 22.96
N VAL F 158 -12.10 -80.51 23.34
CA VAL F 158 -12.12 -80.04 24.72
C VAL F 158 -13.43 -79.32 25.01
N ASP F 159 -13.85 -79.39 26.25
CA ASP F 159 -15.14 -78.86 26.68
C ASP F 159 -14.96 -77.40 27.03
N HIS F 160 -15.36 -76.52 26.12
CA HIS F 160 -15.49 -75.11 26.45
C HIS F 160 -16.53 -74.92 27.53
N VAL F 161 -16.49 -73.74 28.15
CA VAL F 161 -17.29 -73.44 29.33
C VAL F 161 -17.64 -71.96 29.26
N GLY F 162 -18.50 -71.52 30.19
CA GLY F 162 -18.93 -70.14 30.17
C GLY F 162 -20.36 -69.78 30.56
N LEU F 163 -21.18 -70.68 31.07
CA LEU F 163 -22.50 -70.25 31.53
C LEU F 163 -23.05 -71.13 32.62
N GLY F 164 -23.70 -70.49 33.58
CA GLY F 164 -24.45 -71.19 34.61
C GLY F 164 -25.74 -70.47 34.88
N THR F 165 -26.75 -71.23 35.27
CA THR F 165 -28.12 -70.74 35.36
C THR F 165 -28.67 -70.95 36.75
N ALA F 166 -29.73 -70.19 37.04
CA ALA F 166 -30.49 -70.36 38.28
C ALA F 166 -31.91 -69.87 38.00
N PHE F 167 -32.82 -70.81 37.81
CA PHE F 167 -34.22 -70.51 37.54
C PHE F 167 -35.03 -70.69 38.80
N GLU F 168 -36.00 -69.80 38.99
CA GLU F 168 -36.85 -69.84 40.17
C GLU F 168 -37.94 -70.87 39.97
N ASN F 169 -38.08 -71.77 40.92
CA ASN F 169 -39.07 -72.83 40.81
C ASN F 169 -40.47 -72.25 40.82
N SER F 170 -41.41 -73.04 40.31
CA SER F 170 -42.80 -72.61 40.21
C SER F 170 -43.69 -73.83 40.30
N ILE F 171 -44.98 -73.57 40.55
CA ILE F 171 -45.96 -74.64 40.64
C ILE F 171 -46.05 -75.38 39.32
N TYR F 172 -45.97 -74.64 38.21
CA TYR F 172 -46.14 -75.19 36.88
C TYR F 172 -44.78 -75.47 36.25
N ASP F 173 -44.77 -76.43 35.33
CA ASP F 173 -43.56 -76.71 34.58
C ASP F 173 -43.19 -75.50 33.73
N GLN F 174 -41.89 -75.23 33.65
CA GLN F 174 -41.34 -74.15 32.85
C GLN F 174 -40.41 -74.82 31.83
N ASP F 175 -40.99 -75.23 30.71
CA ASP F 175 -40.21 -75.80 29.64
C ASP F 175 -39.58 -74.69 28.82
N TYR F 176 -38.38 -74.96 28.32
CA TYR F 176 -37.63 -74.02 27.51
C TYR F 176 -37.08 -74.73 26.29
N ASN F 177 -36.71 -73.94 25.29
CA ASN F 177 -36.16 -74.43 24.04
C ASN F 177 -34.86 -73.65 23.84
N ILE F 178 -33.77 -74.24 24.29
CA ILE F 178 -32.48 -73.56 24.27
C ILE F 178 -31.86 -73.70 22.89
N ARG F 179 -31.24 -72.63 22.43
CA ARG F 179 -30.48 -72.60 21.19
C ARG F 179 -29.09 -72.09 21.50
N ILE F 180 -28.08 -72.90 21.20
CA ILE F 180 -26.70 -72.55 21.46
C ILE F 180 -26.04 -72.24 20.12
N THR F 181 -26.00 -70.96 19.79
CA THR F 181 -25.32 -70.51 18.59
C THR F 181 -23.86 -70.24 18.92
N MET F 182 -22.99 -70.68 18.03
CA MET F 182 -21.55 -70.58 18.20
C MET F 182 -20.95 -69.89 16.99
N TYR F 183 -19.98 -69.03 17.24
CA TYR F 183 -19.29 -68.27 16.21
C TYR F 183 -17.83 -68.69 16.22
N VAL F 184 -17.47 -69.52 15.27
CA VAL F 184 -16.19 -70.22 15.26
C VAL F 184 -15.32 -69.60 14.19
N GLN F 185 -14.03 -69.88 14.27
CA GLN F 185 -13.05 -69.38 13.32
C GLN F 185 -12.04 -70.50 13.07
N PHE F 186 -12.11 -71.10 11.90
CA PHE F 186 -11.27 -72.22 11.54
C PHE F 186 -10.02 -71.74 10.80
N ARG F 187 -9.18 -72.70 10.40
CA ARG F 187 -7.90 -72.38 9.80
C ARG F 187 -7.32 -73.64 9.18
N GLU F 188 -6.40 -73.46 8.24
CA GLU F 188 -5.64 -74.53 7.60
C GLU F 188 -6.56 -75.54 6.91
N PHE F 189 -7.16 -75.07 5.82
CA PHE F 189 -7.98 -75.91 4.97
C PHE F 189 -7.23 -77.15 4.54
N ASN F 190 -7.66 -78.31 5.02
CA ASN F 190 -6.91 -79.56 4.93
C ASN F 190 -7.71 -80.64 4.22
N LEU F 191 -8.32 -80.29 3.11
CA LEU F 191 -9.14 -81.26 2.38
C LEU F 191 -8.25 -82.26 1.66
N LYS F 192 -8.70 -83.50 1.63
CA LYS F 192 -8.08 -84.55 0.87
C LYS F 192 -8.91 -84.85 -0.37
N ASP F 193 -8.24 -85.38 -1.40
CA ASP F 193 -8.88 -85.74 -2.66
C ASP F 193 -8.27 -87.03 -3.19
N PRO F 194 -8.66 -88.17 -2.65
CA PRO F 194 -8.25 -89.43 -3.23
C PRO F 194 -8.88 -89.62 -4.60
N PRO F 195 -8.43 -90.62 -5.36
CA PRO F 195 -9.09 -90.91 -6.64
C PRO F 195 -10.42 -91.62 -6.43
N LEU F 196 -11.04 -92.06 -7.54
CA LEU F 196 -12.35 -92.72 -7.50
C LEU F 196 -13.42 -91.78 -6.97
N TYR G 1 -10.57 -32.40 48.31
CA TYR G 1 -10.15 -32.68 49.68
C TYR G 1 -10.39 -34.15 50.06
N ARG G 2 -9.86 -35.06 49.23
CA ARG G 2 -9.87 -36.51 49.47
C ARG G 2 -11.28 -37.00 49.83
N TRP G 3 -12.23 -37.12 48.88
CA TRP G 3 -12.02 -37.38 47.42
C TRP G 3 -11.29 -38.70 47.10
N ARG G 4 -11.94 -39.78 47.27
CA ARG G 4 -12.20 -40.96 48.10
C ARG G 4 -11.01 -41.56 48.86
N ARG G 5 -9.87 -41.97 48.30
CA ARG G 5 -9.47 -42.06 46.90
C ARG G 5 -9.20 -43.53 46.50
N LYS G 6 -8.24 -44.14 47.21
CA LYS G 6 -7.82 -45.53 47.03
C LYS G 6 -7.71 -46.27 48.36
N ASN G 7 -7.99 -45.61 49.49
CA ASN G 7 -7.51 -46.05 50.79
C ASN G 7 -8.27 -47.25 51.36
N GLY G 8 -8.80 -48.11 50.50
CA GLY G 8 -9.56 -49.26 50.85
C GLY G 8 -10.90 -49.28 50.13
N ILE G 9 -11.11 -48.30 49.25
CA ILE G 9 -12.42 -48.10 48.65
C ILE G 9 -12.71 -49.23 47.69
N PHE G 10 -13.88 -49.84 47.85
CA PHE G 10 -14.30 -50.94 46.98
C PHE G 10 -15.81 -50.82 46.80
N ASN G 11 -16.22 -50.14 45.75
CA ASN G 11 -17.62 -50.08 45.40
C ASN G 11 -18.06 -51.41 44.83
N THR G 12 -19.23 -51.86 45.27
CA THR G 12 -19.74 -53.16 44.86
C THR G 12 -21.26 -53.14 44.93
N ARG G 13 -21.85 -54.32 44.84
CA ARG G 13 -23.29 -54.48 44.77
C ARG G 13 -23.67 -55.72 45.57
N LEU G 14 -24.86 -55.69 46.14
CA LEU G 14 -25.42 -56.81 46.86
C LEU G 14 -26.90 -56.89 46.56
N SER G 15 -27.46 -58.09 46.70
CA SER G 15 -28.84 -58.32 46.36
C SER G 15 -29.36 -59.51 47.14
N ARG G 16 -30.66 -59.47 47.40
CA ARG G 16 -31.35 -60.58 48.02
C ARG G 16 -32.76 -60.62 47.45
N THR G 17 -33.56 -61.58 47.92
CA THR G 17 -34.87 -61.82 47.35
C THR G 17 -35.80 -62.32 48.43
N ILE G 18 -37.07 -61.91 48.33
CA ILE G 18 -38.09 -62.28 49.31
C ILE G 18 -39.45 -62.19 48.63
N GLY G 19 -40.40 -62.94 49.17
CA GLY G 19 -41.76 -62.93 48.69
C GLY G 19 -42.64 -62.03 49.56
N TYR G 20 -43.58 -61.36 48.92
CA TYR G 20 -44.54 -60.50 49.60
C TYR G 20 -45.90 -60.79 49.01
N THR G 21 -46.87 -61.03 49.89
CA THR G 21 -48.15 -61.61 49.53
C THR G 21 -49.27 -60.69 50.03
N VAL G 22 -49.89 -59.96 49.11
CA VAL G 22 -51.07 -59.19 49.41
C VAL G 22 -52.27 -60.11 49.28
N LYS G 23 -53.01 -60.26 50.37
CA LYS G 23 -54.03 -61.29 50.46
C LYS G 23 -55.35 -60.80 49.88
N LYS G 24 -56.30 -61.73 49.79
CA LYS G 24 -57.62 -61.45 49.26
C LYS G 24 -58.46 -60.67 50.26
N THR G 25 -59.65 -60.29 49.83
CA THR G 25 -60.65 -59.70 50.70
C THR G 25 -61.98 -59.70 49.96
N THR G 26 -63.05 -60.03 50.68
CA THR G 26 -64.39 -59.94 50.11
C THR G 26 -64.83 -58.50 49.91
N VAL G 27 -64.19 -57.54 50.57
CA VAL G 27 -64.51 -56.13 50.37
C VAL G 27 -64.31 -55.79 48.91
N ARG G 28 -65.21 -54.95 48.39
CA ARG G 28 -65.15 -54.48 47.03
C ARG G 28 -64.87 -53.00 46.90
N THR G 29 -65.06 -52.24 47.98
CA THR G 29 -64.68 -50.84 47.95
C THR G 29 -63.16 -50.73 47.88
N PRO G 30 -62.63 -49.63 47.35
CA PRO G 30 -61.17 -49.49 47.31
C PRO G 30 -60.58 -49.48 48.69
N SER G 31 -59.73 -50.47 48.96
CA SER G 31 -59.04 -50.60 50.22
C SER G 31 -57.59 -50.97 49.94
N TRP G 32 -56.69 -50.42 50.75
CA TRP G 32 -55.26 -50.57 50.56
C TRP G 32 -54.65 -51.39 51.68
N ASN G 33 -53.48 -51.96 51.37
CA ASN G 33 -52.73 -52.79 52.29
C ASN G 33 -51.36 -52.16 52.47
N VAL G 34 -51.13 -51.55 53.62
CA VAL G 34 -49.94 -50.74 53.86
C VAL G 34 -48.90 -51.60 54.55
N ASP G 35 -47.64 -51.38 54.18
CA ASP G 35 -46.52 -52.08 54.79
C ASP G 35 -45.28 -51.28 54.50
N MET G 36 -44.33 -51.35 55.43
CA MET G 36 -43.07 -50.65 55.34
C MET G 36 -42.01 -51.57 54.76
N MET G 37 -40.76 -51.11 54.77
CA MET G 37 -39.65 -51.91 54.27
C MET G 37 -38.35 -51.34 54.83
N ARG G 38 -37.60 -52.19 55.53
CA ARG G 38 -36.35 -51.83 56.15
C ARG G 38 -35.19 -52.54 55.47
N PHE G 39 -34.02 -51.93 55.57
CA PHE G 39 -32.80 -52.45 54.95
C PHE G 39 -31.72 -52.56 56.01
N ASN G 40 -31.16 -53.75 56.14
CA ASN G 40 -30.08 -54.01 57.06
C ASN G 40 -29.08 -54.91 56.37
N ILE G 41 -27.80 -54.53 56.47
CA ILE G 41 -26.79 -55.21 55.67
C ILE G 41 -26.50 -56.61 56.17
N ASN G 42 -26.88 -56.93 57.40
CA ASN G 42 -26.67 -58.29 57.90
C ASN G 42 -27.46 -59.30 57.09
N ASP G 43 -28.55 -58.88 56.47
CA ASP G 43 -29.33 -59.75 55.60
C ASP G 43 -28.68 -59.96 54.24
N PHE G 44 -27.63 -59.21 53.91
CA PHE G 44 -26.89 -59.35 52.67
C PHE G 44 -25.54 -60.00 52.86
N LEU G 45 -24.81 -59.61 53.90
CA LEU G 45 -23.49 -60.15 54.18
C LEU G 45 -23.60 -61.26 55.20
N PRO G 46 -23.45 -62.53 54.84
CA PRO G 46 -23.43 -63.58 55.85
C PRO G 46 -22.12 -63.55 56.64
N PRO G 47 -22.08 -64.22 57.78
CA PRO G 47 -20.87 -64.16 58.61
C PRO G 47 -19.75 -65.02 58.08
N GLY G 48 -18.53 -64.53 58.25
CA GLY G 48 -17.36 -65.28 57.84
C GLY G 48 -16.97 -66.33 58.85
N GLY G 49 -15.68 -66.47 59.09
CA GLY G 49 -15.19 -67.43 60.06
C GLY G 49 -13.77 -67.17 60.49
N GLY G 50 -13.50 -67.38 61.78
CA GLY G 50 -12.18 -67.19 62.32
C GLY G 50 -11.89 -65.75 62.69
N SER G 51 -10.67 -65.31 62.42
CA SER G 51 -10.29 -63.93 62.75
C SER G 51 -11.04 -62.94 61.88
N ASN G 52 -11.44 -63.35 60.67
CA ASN G 52 -12.23 -62.49 59.81
C ASN G 52 -13.70 -62.75 60.09
N PRO G 53 -14.42 -61.84 60.77
CA PRO G 53 -15.77 -62.16 61.21
C PRO G 53 -16.79 -62.12 60.09
N LEU G 54 -16.57 -61.24 59.11
CA LEU G 54 -17.46 -61.08 57.97
C LEU G 54 -16.91 -61.82 56.76
N THR G 55 -17.76 -61.91 55.74
CA THR G 55 -17.36 -62.48 54.46
C THR G 55 -16.61 -61.50 53.58
N VAL G 56 -16.82 -60.22 53.79
CA VAL G 56 -16.16 -59.15 53.04
C VAL G 56 -15.10 -58.54 53.95
N PRO G 57 -13.82 -58.55 53.60
CA PRO G 57 -12.82 -58.01 54.51
C PRO G 57 -12.70 -56.49 54.41
N PHE G 58 -13.61 -55.81 55.09
CA PHE G 58 -13.56 -54.36 55.23
C PHE G 58 -14.13 -53.97 56.58
N GLU G 59 -13.80 -52.75 56.99
CA GLU G 59 -14.18 -52.24 58.30
C GLU G 59 -15.37 -51.30 58.23
N TYR G 60 -15.28 -50.27 57.39
CA TYR G 60 -16.30 -49.26 57.28
C TYR G 60 -17.17 -49.52 56.06
N TYR G 61 -18.28 -48.79 55.99
CA TYR G 61 -19.16 -48.89 54.84
C TYR G 61 -20.15 -47.75 54.86
N ARG G 62 -20.74 -47.49 53.70
CA ARG G 62 -21.81 -46.52 53.58
C ARG G 62 -22.61 -46.86 52.34
N ILE G 63 -23.92 -46.91 52.50
CA ILE G 63 -24.81 -47.30 51.41
C ILE G 63 -25.09 -46.09 50.55
N ARG G 64 -24.69 -46.17 49.29
CA ARG G 64 -24.92 -45.08 48.36
C ARG G 64 -26.35 -45.07 47.85
N LYS G 65 -26.82 -46.20 47.34
CA LYS G 65 -28.11 -46.28 46.68
C LYS G 65 -28.73 -47.64 46.97
N VAL G 66 -30.04 -47.69 46.76
CA VAL G 66 -30.81 -48.92 46.85
C VAL G 66 -31.76 -48.97 45.67
N LYS G 67 -31.89 -50.14 45.07
CA LYS G 67 -32.80 -50.36 43.95
C LYS G 67 -33.72 -51.50 44.33
N VAL G 68 -34.90 -51.15 44.77
CA VAL G 68 -35.94 -52.13 45.02
C VAL G 68 -36.60 -52.48 43.70
N GLU G 69 -37.07 -53.71 43.59
CA GLU G 69 -37.67 -54.21 42.36
C GLU G 69 -38.82 -55.12 42.74
N PHE G 70 -40.01 -54.83 42.22
CA PHE G 70 -41.19 -55.63 42.48
C PHE G 70 -41.47 -56.51 41.28
N TRP G 71 -40.69 -57.56 41.16
CA TRP G 71 -40.93 -58.53 40.11
C TRP G 71 -42.18 -59.32 40.46
N PRO G 72 -43.30 -59.15 39.74
CA PRO G 72 -44.54 -59.79 40.16
C PRO G 72 -44.49 -61.29 40.00
N CYS G 73 -45.53 -61.92 40.53
CA CYS G 73 -45.76 -63.35 40.41
C CYS G 73 -47.13 -63.67 39.84
N SER G 74 -47.96 -62.66 39.56
CA SER G 74 -49.30 -62.86 39.03
C SER G 74 -49.27 -62.81 37.52
N PRO G 75 -50.26 -63.41 36.86
CA PRO G 75 -50.26 -63.43 35.40
C PRO G 75 -50.82 -62.14 34.82
N ILE G 76 -50.63 -62.01 33.52
CA ILE G 76 -51.17 -60.86 32.79
C ILE G 76 -52.68 -60.89 32.76
N THR G 77 -53.29 -62.08 32.80
CA THR G 77 -54.72 -62.23 32.61
C THR G 77 -55.51 -62.09 33.90
N GLN G 78 -54.93 -61.44 34.91
CA GLN G 78 -55.59 -61.30 36.20
C GLN G 78 -56.47 -60.06 36.19
N GLY G 79 -57.67 -60.20 36.76
CA GLY G 79 -58.63 -59.13 36.80
C GLY G 79 -58.67 -58.44 38.15
N ASP G 80 -59.65 -57.55 38.28
CA ASP G 80 -59.81 -56.70 39.45
C ASP G 80 -58.50 -55.99 39.75
N ARG G 81 -58.03 -55.27 38.75
CA ARG G 81 -56.75 -54.57 38.86
C ARG G 81 -56.89 -53.45 39.88
N GLY G 82 -55.81 -52.72 40.07
CA GLY G 82 -55.81 -51.66 41.04
C GLY G 82 -54.69 -50.70 40.79
N VAL G 83 -54.40 -49.92 41.82
CA VAL G 83 -53.35 -48.91 41.73
C VAL G 83 -52.88 -48.61 43.15
N GLY G 84 -51.56 -48.53 43.29
CA GLY G 84 -50.93 -48.34 44.59
C GLY G 84 -49.96 -47.18 44.59
N SER G 85 -49.05 -47.17 45.56
CA SER G 85 -48.11 -46.07 45.68
C SER G 85 -46.95 -46.49 46.54
N THR G 86 -45.75 -46.07 46.14
CA THR G 86 -44.53 -46.26 46.88
C THR G 86 -43.92 -44.91 47.19
N ALA G 87 -43.45 -44.75 48.42
CA ALA G 87 -42.90 -43.50 48.87
C ALA G 87 -41.65 -43.77 49.69
N VAL G 88 -40.81 -42.75 49.77
CA VAL G 88 -39.52 -42.82 50.43
C VAL G 88 -39.66 -42.20 51.81
N ILE G 89 -39.30 -42.96 52.83
CA ILE G 89 -39.44 -42.56 54.22
C ILE G 89 -38.07 -42.68 54.87
N LEU G 90 -37.48 -41.54 55.19
CA LEU G 90 -36.08 -41.48 55.59
C LEU G 90 -35.92 -41.27 57.09
N ASP G 91 -36.98 -41.48 57.88
CA ASP G 91 -36.97 -41.12 59.29
C ASP G 91 -37.54 -42.19 60.21
N ASP G 92 -37.84 -43.39 59.69
CA ASP G 92 -38.41 -44.47 60.48
C ASP G 92 -39.79 -44.11 61.01
N ASN G 93 -40.48 -43.19 60.32
CA ASN G 93 -41.85 -42.81 60.64
C ASN G 93 -42.68 -43.25 59.47
N PHE G 94 -43.07 -44.52 59.50
CA PHE G 94 -43.95 -45.06 58.49
C PHE G 94 -45.38 -44.79 58.89
N VAL G 95 -46.31 -45.28 58.08
CA VAL G 95 -47.74 -45.12 58.29
C VAL G 95 -48.27 -46.48 58.66
N THR G 96 -49.03 -46.54 59.75
CA THR G 96 -49.28 -47.76 60.52
C THR G 96 -49.67 -48.94 59.65
N LYS G 97 -49.07 -50.08 59.94
CA LYS G 97 -49.33 -51.29 59.19
C LYS G 97 -50.79 -51.66 59.26
N ALA G 98 -51.40 -51.86 58.10
CA ALA G 98 -52.83 -52.08 57.99
C ALA G 98 -53.13 -52.97 56.81
N ASN G 99 -54.07 -53.89 56.99
CA ASN G 99 -54.50 -54.76 55.93
C ASN G 99 -55.56 -54.14 55.04
N ALA G 100 -56.31 -53.17 55.55
CA ALA G 100 -57.40 -52.55 54.81
C ALA G 100 -57.55 -51.12 55.29
N LEU G 101 -57.22 -50.17 54.43
CA LEU G 101 -57.36 -48.76 54.72
C LEU G 101 -58.11 -48.11 53.56
N THR G 102 -59.02 -47.21 53.90
CA THR G 102 -59.95 -46.66 52.92
C THR G 102 -59.32 -45.65 51.99
N TYR G 103 -58.01 -45.40 52.09
CA TYR G 103 -57.37 -44.42 51.24
C TYR G 103 -55.91 -44.77 51.09
N ASP G 104 -55.28 -44.18 50.09
CA ASP G 104 -53.86 -44.37 49.82
C ASP G 104 -53.08 -43.29 50.56
N PRO G 105 -52.45 -43.59 51.69
CA PRO G 105 -51.80 -42.50 52.43
C PRO G 105 -50.55 -42.00 51.77
N TYR G 106 -49.87 -42.84 51.00
CA TYR G 106 -48.63 -42.45 50.34
C TYR G 106 -48.87 -41.86 48.96
N VAL G 107 -50.07 -41.34 48.69
CA VAL G 107 -50.39 -40.87 47.35
C VAL G 107 -49.93 -39.43 47.15
N ASN G 108 -50.14 -38.58 48.16
CA ASN G 108 -49.76 -37.18 48.06
C ASN G 108 -48.32 -36.92 48.46
N TYR G 109 -47.61 -37.94 48.94
CA TYR G 109 -46.21 -37.79 49.26
C TYR G 109 -45.43 -37.35 48.03
N SER G 110 -44.54 -36.39 48.23
CA SER G 110 -43.75 -35.86 47.12
C SER G 110 -42.88 -36.92 46.48
N SER G 111 -42.47 -37.92 47.25
CA SER G 111 -41.68 -39.04 46.75
C SER G 111 -42.52 -40.18 46.22
N ARG G 112 -43.75 -39.90 45.80
CA ARG G 112 -44.66 -40.94 45.36
C ARG G 112 -44.35 -41.31 43.91
N HIS G 113 -44.29 -42.61 43.67
CA HIS G 113 -44.17 -43.17 42.33
C HIS G 113 -45.24 -44.25 42.21
N THR G 114 -46.13 -44.07 41.25
CA THR G 114 -47.32 -44.90 41.18
C THR G 114 -46.97 -46.33 40.82
N ILE G 115 -47.75 -47.25 41.36
CA ILE G 115 -47.68 -48.67 41.01
C ILE G 115 -48.90 -48.99 40.17
N THR G 116 -48.68 -49.71 39.08
CA THR G 116 -49.73 -50.41 38.38
C THR G 116 -49.74 -51.84 38.88
N GLN G 117 -50.92 -52.40 39.04
CA GLN G 117 -51.10 -53.71 39.65
C GLN G 117 -51.94 -54.59 38.75
N PRO G 118 -51.86 -55.92 38.91
CA PRO G 118 -50.99 -56.74 39.75
C PRO G 118 -49.86 -57.43 39.02
N PHE G 119 -49.68 -57.12 37.73
CA PHE G 119 -48.74 -57.84 36.90
C PHE G 119 -47.59 -56.99 36.38
N SER G 120 -47.44 -55.77 36.88
CA SER G 120 -46.45 -54.84 36.38
C SER G 120 -45.22 -54.82 37.26
N TYR G 121 -44.14 -54.29 36.70
CA TYR G 121 -42.86 -54.14 37.38
C TYR G 121 -42.71 -52.70 37.86
N HIS G 122 -42.17 -52.54 39.06
CA HIS G 122 -41.96 -51.22 39.64
C HIS G 122 -40.63 -51.21 40.37
N SER G 123 -39.89 -50.12 40.18
CA SER G 123 -38.56 -49.98 40.73
C SER G 123 -38.37 -48.60 41.31
N ARG G 124 -37.54 -48.52 42.34
CA ARG G 124 -37.32 -47.29 43.08
C ARG G 124 -35.85 -47.20 43.44
N TYR G 125 -35.14 -46.30 42.78
CA TYR G 125 -33.69 -46.15 42.91
C TYR G 125 -33.43 -44.87 43.69
N PHE G 126 -33.08 -45.03 44.97
CA PHE G 126 -32.96 -43.90 45.87
C PHE G 126 -31.82 -44.13 46.84
N THR G 127 -31.55 -43.08 47.61
CA THR G 127 -30.51 -43.10 48.62
C THR G 127 -31.15 -43.30 49.99
N PRO G 128 -30.92 -44.39 50.70
CA PRO G 128 -31.46 -44.52 52.04
C PRO G 128 -30.62 -43.77 53.05
N LYS G 129 -31.11 -43.74 54.27
CA LYS G 129 -30.43 -43.08 55.37
C LYS G 129 -30.47 -44.01 56.58
N PRO G 130 -29.49 -43.93 57.46
CA PRO G 130 -29.49 -44.79 58.63
C PRO G 130 -30.29 -44.20 59.78
N VAL G 131 -30.48 -45.05 60.79
CA VAL G 131 -31.24 -44.69 61.98
C VAL G 131 -30.20 -44.46 63.08
N LEU G 132 -29.78 -43.20 63.22
CA LEU G 132 -28.81 -42.85 64.25
C LEU G 132 -29.48 -42.61 65.59
N ASP G 133 -30.61 -41.92 65.61
CA ASP G 133 -31.35 -41.64 66.83
C ASP G 133 -32.84 -41.79 66.54
N ARG G 134 -33.46 -42.78 67.17
CA ARG G 134 -34.89 -42.99 66.96
C ARG G 134 -35.73 -41.90 67.62
N THR G 135 -35.27 -41.39 68.77
CA THR G 135 -36.01 -40.35 69.45
C THR G 135 -36.07 -39.08 68.62
N ILE G 136 -34.96 -38.71 67.99
CA ILE G 136 -34.84 -37.47 67.26
C ILE G 136 -35.10 -37.66 65.78
N ASP G 137 -34.65 -38.79 65.23
CA ASP G 137 -34.89 -39.15 63.84
C ASP G 137 -34.35 -38.08 62.90
N TYR G 138 -33.03 -37.91 62.94
CA TYR G 138 -32.34 -37.00 62.05
C TYR G 138 -31.62 -37.77 60.95
N PHE G 139 -31.38 -37.07 59.85
CA PHE G 139 -30.65 -37.62 58.73
C PHE G 139 -30.14 -36.47 57.88
N GLN G 140 -29.14 -36.76 57.10
CA GLN G 140 -28.49 -35.72 56.33
C GLN G 140 -28.89 -35.78 54.87
N PRO G 141 -28.67 -34.71 54.12
CA PRO G 141 -29.04 -34.73 52.71
C PRO G 141 -28.22 -35.69 51.89
N ASN G 142 -28.49 -35.71 50.59
CA ASN G 142 -27.76 -36.56 49.66
C ASN G 142 -26.56 -35.78 49.16
N ASN G 143 -25.40 -36.05 49.74
CA ASN G 143 -24.14 -35.51 49.27
C ASN G 143 -23.10 -36.60 49.38
N LYS G 144 -22.53 -36.98 48.25
CA LYS G 144 -21.64 -38.13 48.22
C LYS G 144 -20.36 -37.87 49.01
N ARG G 145 -19.77 -36.69 48.86
CA ARG G 145 -18.49 -36.41 49.50
C ARG G 145 -18.61 -36.50 51.01
N ASN G 146 -19.59 -35.83 51.58
CA ASN G 146 -19.72 -35.70 53.02
C ASN G 146 -20.67 -36.71 53.64
N GLN G 147 -21.00 -37.77 52.92
CA GLN G 147 -21.81 -38.82 53.50
C GLN G 147 -21.01 -39.56 54.56
N LEU G 148 -21.72 -40.04 55.57
CA LEU G 148 -21.08 -40.64 56.73
C LEU G 148 -20.57 -42.03 56.40
N TRP G 149 -19.62 -42.47 57.20
CA TRP G 149 -19.13 -43.83 57.22
C TRP G 149 -19.64 -44.53 58.46
N LEU G 150 -19.76 -45.85 58.37
CA LEU G 150 -20.30 -46.66 59.43
C LEU G 150 -19.48 -47.92 59.59
N ARG G 151 -19.20 -48.27 60.84
CA ARG G 151 -18.50 -49.51 61.11
C ARG G 151 -19.33 -50.69 60.66
N LEU G 152 -18.67 -51.67 60.04
CA LEU G 152 -19.32 -52.87 59.55
C LEU G 152 -19.29 -53.87 60.69
N GLN G 153 -20.35 -53.85 61.49
CA GLN G 153 -20.44 -54.74 62.63
C GLN G 153 -20.80 -56.14 62.17
N THR G 154 -20.69 -57.08 63.09
CA THR G 154 -20.88 -58.49 62.80
C THR G 154 -22.32 -58.93 62.91
N THR G 155 -23.02 -58.47 63.95
CA THR G 155 -24.38 -58.92 64.24
C THR G 155 -25.36 -57.80 64.53
N GLY G 156 -24.92 -56.57 64.70
CA GLY G 156 -25.76 -55.48 65.14
C GLY G 156 -25.70 -54.25 64.27
N ASN G 157 -25.63 -54.44 62.97
CA ASN G 157 -25.61 -53.30 62.07
C ASN G 157 -26.93 -52.54 62.14
N VAL G 158 -26.85 -51.25 61.86
CA VAL G 158 -27.99 -50.36 62.03
C VAL G 158 -28.96 -50.54 60.87
N ASP G 159 -30.23 -50.31 61.16
CA ASP G 159 -31.30 -50.56 60.21
C ASP G 159 -31.48 -49.31 59.36
N HIS G 160 -30.95 -49.35 58.15
CA HIS G 160 -31.28 -48.34 57.16
C HIS G 160 -32.76 -48.38 56.84
N VAL G 161 -33.24 -47.30 56.23
CA VAL G 161 -34.66 -47.08 56.01
C VAL G 161 -34.79 -46.32 54.69
N GLY G 162 -36.04 -46.15 54.24
CA GLY G 162 -36.26 -45.49 52.97
C GLY G 162 -37.39 -45.93 52.06
N LEU G 163 -38.28 -46.83 52.47
CA LEU G 163 -39.40 -47.14 51.59
C LEU G 163 -40.63 -47.59 52.34
N GLY G 164 -41.78 -47.14 51.86
CA GLY G 164 -43.05 -47.62 52.36
C GLY G 164 -44.00 -47.80 51.20
N THR G 165 -44.92 -48.76 51.35
CA THR G 165 -45.77 -49.22 50.27
C THR G 165 -47.23 -49.09 50.64
N ALA G 166 -48.07 -49.09 49.61
CA ALA G 166 -49.51 -49.14 49.78
C ALA G 166 -50.09 -49.79 48.52
N PHE G 167 -50.47 -51.05 48.63
CA PHE G 167 -51.04 -51.80 47.52
C PHE G 167 -52.54 -51.89 47.69
N GLU G 168 -53.24 -51.79 46.57
CA GLU G 168 -54.69 -51.83 46.57
C GLU G 168 -55.17 -53.26 46.64
N ASN G 169 -56.03 -53.54 47.60
CA ASN G 169 -56.52 -54.90 47.79
C ASN G 169 -57.32 -55.35 46.59
N SER G 170 -57.44 -56.67 46.44
CA SER G 170 -58.15 -57.26 45.33
C SER G 170 -58.75 -58.58 45.77
N ILE G 171 -59.67 -59.08 44.96
CA ILE G 171 -60.33 -60.35 45.24
C ILE G 171 -59.31 -61.47 45.23
N TYR G 172 -58.35 -61.41 44.31
CA TYR G 172 -57.35 -62.44 44.12
C TYR G 172 -56.07 -62.07 44.85
N ASP G 173 -55.31 -63.10 45.23
CA ASP G 173 -54.00 -62.88 45.81
C ASP G 173 -53.08 -62.21 44.81
N GLN G 174 -52.28 -61.28 45.30
CA GLN G 174 -51.29 -60.57 44.50
C GLN G 174 -49.93 -60.89 45.11
N ASP G 175 -49.35 -61.99 44.68
CA ASP G 175 -48.03 -62.37 45.13
C ASP G 175 -46.98 -61.59 44.34
N TYR G 176 -45.89 -61.26 45.04
CA TYR G 176 -44.78 -60.53 44.44
C TYR G 176 -43.48 -61.21 44.81
N ASN G 177 -42.44 -60.87 44.06
CA ASN G 177 -41.10 -61.40 44.26
C ASN G 177 -40.19 -60.19 44.33
N ILE G 178 -39.94 -59.72 45.53
CA ILE G 178 -39.19 -58.50 45.74
C ILE G 178 -37.70 -58.81 45.67
N ARG G 179 -36.95 -57.90 45.05
CA ARG G 179 -35.50 -57.97 44.98
C ARG G 179 -34.96 -56.65 45.49
N ILE G 180 -34.15 -56.71 46.53
CA ILE G 180 -33.56 -55.53 47.14
C ILE G 180 -32.09 -55.49 46.77
N THR G 181 -31.78 -54.76 45.72
CA THR G 181 -30.41 -54.55 45.31
C THR G 181 -29.83 -53.35 46.05
N MET G 182 -28.61 -53.51 46.52
CA MET G 182 -27.93 -52.50 47.32
C MET G 182 -26.58 -52.19 46.69
N TYR G 183 -26.24 -50.91 46.68
CA TYR G 183 -24.98 -50.43 46.10
C TYR G 183 -24.17 -49.82 47.24
N VAL G 184 -23.17 -50.57 47.69
CA VAL G 184 -22.45 -50.28 48.91
C VAL G 184 -21.06 -49.80 48.53
N GLN G 185 -20.40 -49.16 49.49
CA GLN G 185 -19.05 -48.64 49.31
C GLN G 185 -18.29 -48.89 50.60
N PHE G 186 -17.37 -49.84 50.56
CA PHE G 186 -16.60 -50.24 51.73
C PHE G 186 -15.28 -49.48 51.79
N ARG G 187 -14.49 -49.78 52.81
CA ARG G 187 -13.25 -49.05 53.05
C ARG G 187 -12.44 -49.82 54.09
N GLU G 188 -11.13 -49.54 54.10
CA GLU G 188 -10.19 -50.08 55.07
C GLU G 188 -10.15 -51.60 55.06
N PHE G 189 -9.59 -52.12 53.96
CA PHE G 189 -9.36 -53.55 53.80
C PHE G 189 -8.60 -54.11 54.98
N ASN G 190 -9.26 -54.95 55.78
CA ASN G 190 -8.77 -55.37 57.08
C ASN G 190 -8.65 -56.88 57.17
N LEU G 191 -8.08 -57.50 56.15
CA LEU G 191 -7.96 -58.94 56.14
C LEU G 191 -6.88 -59.39 57.11
N LYS G 192 -7.12 -60.51 57.76
CA LYS G 192 -6.15 -61.18 58.61
C LYS G 192 -5.60 -62.41 57.89
N ASP G 193 -4.39 -62.80 58.27
CA ASP G 193 -3.73 -63.98 57.70
C ASP G 193 -2.95 -64.68 58.79
N PRO G 194 -3.63 -65.46 59.62
CA PRO G 194 -2.93 -66.31 60.57
C PRO G 194 -2.16 -67.41 59.85
N PRO G 195 -1.30 -68.13 60.54
CA PRO G 195 -0.63 -69.27 59.91
C PRO G 195 -1.56 -70.47 59.77
N LEU G 196 -1.02 -71.60 59.33
CA LEU G 196 -1.80 -72.82 59.11
C LEU G 196 -2.84 -72.60 58.02
N TYR H 1 -46.05 -7.21 36.50
CA TYR H 1 -46.93 -6.55 37.46
C TYR H 1 -47.39 -7.53 38.55
N ARG H 2 -46.42 -8.17 39.21
CA ARG H 2 -46.63 -9.05 40.37
C ARG H 2 -47.74 -10.08 40.09
N TRP H 3 -47.49 -11.14 39.30
CA TRP H 3 -46.19 -11.81 39.05
C TRP H 3 -45.51 -12.39 40.31
N ARG H 4 -46.03 -13.43 40.82
CA ARG H 4 -46.85 -14.03 41.86
C ARG H 4 -46.82 -13.38 43.26
N ARG H 5 -45.70 -13.20 43.98
CA ARG H 5 -44.33 -13.62 43.74
C ARG H 5 -43.86 -14.62 44.83
N LYS H 6 -43.89 -14.15 46.09
CA LYS H 6 -43.51 -14.90 47.28
C LYS H 6 -44.55 -14.75 48.39
N ASN H 7 -45.62 -14.00 48.17
CA ASN H 7 -46.44 -13.44 49.25
C ASN H 7 -47.34 -14.47 49.95
N GLY H 8 -46.94 -15.73 49.95
CA GLY H 8 -47.67 -16.83 50.52
C GLY H 8 -47.84 -17.95 49.52
N ILE H 9 -47.24 -17.80 48.35
CA ILE H 9 -47.49 -18.71 47.25
C ILE H 9 -46.87 -20.06 47.56
N PHE H 10 -47.67 -21.11 47.43
CA PHE H 10 -47.21 -22.47 47.68
C PHE H 10 -47.92 -23.39 46.69
N ASN H 11 -47.29 -23.63 45.56
CA ASN H 11 -47.80 -24.58 44.61
C ASN H 11 -47.59 -25.99 45.14
N THR H 12 -48.62 -26.81 44.99
CA THR H 12 -48.57 -28.17 45.52
C THR H 12 -49.50 -29.04 44.69
N ARG H 13 -49.78 -30.24 45.20
CA ARG H 13 -50.54 -31.25 44.50
C ARG H 13 -51.41 -31.96 45.51
N LEU H 14 -52.57 -32.42 45.04
CA LEU H 14 -53.49 -33.21 45.84
C LEU H 14 -54.09 -34.29 44.96
N SER H 15 -54.52 -35.37 45.60
CA SER H 15 -55.03 -36.52 44.88
C SER H 15 -55.99 -37.29 45.76
N ARG H 16 -56.94 -37.94 45.11
CA ARG H 16 -57.85 -38.85 45.79
C ARG H 16 -58.18 -39.97 44.83
N THR H 17 -59.03 -40.89 45.27
CA THR H 17 -59.31 -42.09 44.51
C THR H 17 -60.73 -42.54 44.77
N ILE H 18 -61.37 -43.07 43.74
CA ILE H 18 -62.75 -43.53 43.81
C ILE H 18 -62.98 -44.58 42.73
N GLY H 19 -63.97 -45.43 42.97
CA GLY H 19 -64.35 -46.45 42.02
C GLY H 19 -65.55 -46.01 41.20
N TYR H 20 -65.56 -46.40 39.94
CA TYR H 20 -66.66 -46.12 39.03
C TYR H 20 -66.97 -47.39 38.26
N THR H 21 -68.24 -47.76 38.24
CA THR H 21 -68.68 -49.09 37.81
C THR H 21 -69.71 -48.94 36.71
N VAL H 22 -69.31 -49.20 35.48
CA VAL H 22 -70.22 -49.28 34.36
C VAL H 22 -70.81 -50.69 34.33
N LYS H 23 -72.13 -50.77 34.45
CA LYS H 23 -72.78 -52.05 34.68
C LYS H 23 -73.07 -52.77 33.37
N LYS H 24 -73.53 -54.00 33.50
CA LYS H 24 -73.85 -54.84 32.36
C LYS H 24 -75.15 -54.39 31.69
N THR H 25 -75.46 -55.05 30.59
CA THR H 25 -76.75 -54.89 29.93
C THR H 25 -76.90 -56.02 28.92
N THR H 26 -78.10 -56.58 28.84
CA THR H 26 -78.39 -57.58 27.82
C THR H 26 -78.47 -56.97 26.42
N VAL H 27 -78.65 -55.64 26.33
CA VAL H 27 -78.66 -54.98 25.03
C VAL H 27 -77.34 -55.24 24.33
N ARG H 28 -77.42 -55.45 23.01
CA ARG H 28 -76.26 -55.70 22.17
C ARG H 28 -75.99 -54.58 21.19
N THR H 29 -76.97 -53.72 20.93
CA THR H 29 -76.73 -52.57 20.08
C THR H 29 -75.81 -51.61 20.82
N PRO H 30 -75.07 -50.77 20.10
CA PRO H 30 -74.19 -49.80 20.78
C PRO H 30 -74.99 -48.85 21.64
N SER H 31 -74.74 -48.89 22.94
CA SER H 31 -75.38 -48.02 23.90
C SER H 31 -74.33 -47.50 24.86
N TRP H 32 -74.47 -46.25 25.26
CA TRP H 32 -73.51 -45.55 26.08
C TRP H 32 -74.08 -45.25 27.46
N ASN H 33 -73.17 -45.07 28.41
CA ASN H 33 -73.49 -44.77 29.80
C ASN H 33 -72.85 -43.43 30.14
N VAL H 34 -73.66 -42.40 30.26
CA VAL H 34 -73.18 -41.05 30.41
C VAL H 34 -73.16 -40.68 31.89
N ASP H 35 -72.14 -39.93 32.28
CA ASP H 35 -72.01 -39.46 33.65
C ASP H 35 -71.05 -38.29 33.63
N MET H 36 -71.28 -37.37 34.56
CA MET H 36 -70.48 -36.17 34.70
C MET H 36 -69.40 -36.39 35.75
N MET H 37 -68.68 -35.33 36.10
CA MET H 37 -67.65 -35.40 37.13
C MET H 37 -67.38 -34.00 37.64
N ARG H 38 -67.52 -33.81 38.94
CA ARG H 38 -67.32 -32.54 39.61
C ARG H 38 -66.10 -32.60 40.51
N PHE H 39 -65.51 -31.44 40.75
CA PHE H 39 -64.31 -31.31 41.56
C PHE H 39 -64.57 -30.28 42.65
N ASN H 40 -64.36 -30.68 43.90
CA ASN H 40 -64.51 -29.80 45.04
C ASN H 40 -63.37 -30.09 45.99
N ILE H 41 -62.72 -29.03 46.47
CA ILE H 41 -61.50 -29.20 47.22
C ILE H 41 -61.75 -29.76 48.62
N ASN H 42 -62.98 -29.68 49.10
CA ASN H 42 -63.27 -30.25 50.41
C ASN H 42 -63.07 -31.75 50.44
N ASP H 43 -63.18 -32.41 49.27
CA ASP H 43 -62.91 -33.83 49.17
C ASP H 43 -61.43 -34.15 49.16
N PHE H 44 -60.56 -33.15 49.06
CA PHE H 44 -59.12 -33.33 49.10
C PHE H 44 -58.51 -32.86 50.41
N LEU H 45 -58.93 -31.72 50.92
CA LEU H 45 -58.43 -31.15 52.16
C LEU H 45 -59.34 -31.53 53.31
N PRO H 46 -58.95 -32.44 54.19
CA PRO H 46 -59.78 -32.70 55.36
C PRO H 46 -59.68 -31.56 56.36
N PRO H 47 -60.59 -31.49 57.32
CA PRO H 47 -60.60 -30.36 58.25
C PRO H 47 -59.52 -30.49 59.31
N GLY H 48 -58.97 -29.35 59.69
CA GLY H 48 -57.96 -29.31 60.73
C GLY H 48 -58.58 -29.34 62.11
N GLY H 49 -58.04 -28.56 63.02
CA GLY H 49 -58.55 -28.49 64.37
C GLY H 49 -58.11 -27.28 65.13
N GLY H 50 -59.01 -26.70 65.91
CA GLY H 50 -58.70 -25.54 66.72
C GLY H 50 -58.83 -24.25 65.95
N SER H 51 -57.91 -23.32 66.19
CA SER H 51 -57.95 -22.03 65.52
C SER H 51 -57.66 -22.18 64.04
N ASN H 52 -56.90 -23.21 63.66
CA ASN H 52 -56.63 -23.49 62.25
C ASN H 52 -57.72 -24.43 61.73
N PRO H 53 -58.67 -23.97 60.93
CA PRO H 53 -59.80 -24.82 60.58
C PRO H 53 -59.47 -25.89 59.55
N LEU H 54 -58.53 -25.58 58.66
CA LEU H 54 -58.10 -26.50 57.63
C LEU H 54 -56.79 -27.18 58.01
N THR H 55 -56.44 -28.20 57.21
CA THR H 55 -55.16 -28.88 57.38
C THR H 55 -54.01 -28.14 56.74
N VAL H 56 -54.29 -27.32 55.74
CA VAL H 56 -53.29 -26.52 55.05
C VAL H 56 -53.44 -25.08 55.51
N PRO H 57 -52.41 -24.47 56.10
CA PRO H 57 -52.59 -23.10 56.59
C PRO H 57 -52.44 -22.04 55.50
N PHE H 58 -53.51 -21.85 54.75
CA PHE H 58 -53.58 -20.80 53.75
C PHE H 58 -55.01 -20.31 53.66
N GLU H 59 -55.16 -19.12 53.10
CA GLU H 59 -56.45 -18.45 53.00
C GLU H 59 -57.06 -18.56 51.61
N TYR H 60 -56.31 -18.17 50.60
CA TYR H 60 -56.79 -18.16 49.22
C TYR H 60 -56.29 -19.38 48.48
N TYR H 61 -56.85 -19.61 47.30
CA TYR H 61 -56.42 -20.70 46.45
C TYR H 61 -57.00 -20.51 45.05
N ARG H 62 -56.37 -21.20 44.11
CA ARG H 62 -56.88 -21.24 42.74
C ARG H 62 -56.32 -22.49 42.08
N ILE H 63 -57.21 -23.26 41.45
CA ILE H 63 -56.82 -24.52 40.85
C ILE H 63 -56.26 -24.25 39.46
N ARG H 64 -55.00 -24.59 39.26
CA ARG H 64 -54.36 -24.40 37.98
C ARG H 64 -54.76 -25.48 36.98
N LYS H 65 -54.61 -26.74 37.38
CA LYS H 65 -54.80 -27.86 36.47
C LYS H 65 -55.41 -29.02 37.24
N VAL H 66 -55.98 -29.95 36.47
CA VAL H 66 -56.50 -31.19 37.00
C VAL H 66 -56.08 -32.30 36.05
N LYS H 67 -55.66 -33.43 36.62
CA LYS H 67 -55.26 -34.60 35.87
C LYS H 67 -56.11 -35.76 36.35
N VAL H 68 -57.14 -36.06 35.60
CA VAL H 68 -57.94 -37.24 35.84
C VAL H 68 -57.23 -38.44 35.23
N GLU H 69 -57.42 -39.60 35.85
CA GLU H 69 -56.76 -40.82 35.42
C GLU H 69 -57.73 -41.97 35.62
N PHE H 70 -57.98 -42.72 34.54
CA PHE H 70 -58.88 -43.85 34.57
C PHE H 70 -58.05 -45.13 34.62
N TRP H 71 -57.51 -45.41 35.78
CA TRP H 71 -56.80 -46.65 35.98
C TRP H 71 -57.80 -47.80 35.99
N PRO H 72 -57.85 -48.66 34.98
CA PRO H 72 -58.90 -49.67 34.93
C PRO H 72 -58.76 -50.72 36.01
N CYS H 73 -59.79 -51.55 36.10
CA CYS H 73 -59.83 -52.69 36.98
C CYS H 73 -60.15 -53.98 36.25
N SER H 74 -60.38 -53.93 34.95
CA SER H 74 -60.71 -55.09 34.15
C SER H 74 -59.46 -55.69 33.55
N PRO H 75 -59.47 -56.97 33.19
CA PRO H 75 -58.28 -57.61 32.66
C PRO H 75 -58.12 -57.33 31.17
N ILE H 76 -56.92 -57.69 30.68
CA ILE H 76 -56.63 -57.56 29.26
C ILE H 76 -57.48 -58.51 28.44
N THR H 77 -57.86 -59.66 28.99
CA THR H 77 -58.53 -60.71 28.24
C THR H 77 -60.03 -60.54 28.19
N GLN H 78 -60.53 -59.33 28.42
CA GLN H 78 -61.97 -59.09 28.42
C GLN H 78 -62.45 -58.79 27.02
N GLY H 79 -63.60 -59.36 26.68
CA GLY H 79 -64.17 -59.22 25.37
C GLY H 79 -65.31 -58.21 25.34
N ASP H 80 -65.97 -58.14 24.20
CA ASP H 80 -67.01 -57.17 23.93
C ASP H 80 -66.50 -55.77 24.23
N ARG H 81 -65.40 -55.42 23.57
CA ARG H 81 -64.77 -54.14 23.82
C ARG H 81 -65.67 -53.04 23.27
N GLY H 82 -65.21 -51.81 23.41
CA GLY H 82 -66.00 -50.69 22.99
C GLY H 82 -65.16 -49.47 22.81
N VAL H 83 -65.83 -48.32 22.78
CA VAL H 83 -65.16 -47.05 22.57
C VAL H 83 -66.04 -45.96 23.14
N GLY H 84 -65.41 -45.04 23.87
CA GLY H 84 -66.12 -43.99 24.57
C GLY H 84 -65.56 -42.62 24.26
N SER H 85 -65.84 -41.64 25.11
CA SER H 85 -65.39 -40.28 24.86
C SER H 85 -65.43 -39.49 26.14
N THR H 86 -64.42 -38.66 26.34
CA THR H 86 -64.34 -37.73 27.45
C THR H 86 -64.23 -36.32 26.89
N ALA H 87 -64.97 -35.40 27.51
CA ALA H 87 -65.02 -34.03 27.05
C ALA H 87 -64.98 -33.10 28.24
N VAL H 88 -64.56 -31.88 27.98
CA VAL H 88 -64.37 -30.87 29.00
C VAL H 88 -65.58 -29.95 28.98
N ILE H 89 -66.21 -29.80 30.14
CA ILE H 89 -67.44 -29.03 30.29
C ILE H 89 -67.19 -28.00 31.38
N LEU H 90 -67.11 -26.74 30.99
CA LEU H 90 -66.65 -25.68 31.87
C LEU H 90 -67.78 -24.79 32.37
N ASP H 91 -69.03 -25.25 32.24
CA ASP H 91 -70.18 -24.40 32.50
C ASP H 91 -71.27 -25.08 33.33
N ASP H 92 -71.02 -26.28 33.86
CA ASP H 92 -72.01 -27.01 34.65
C ASP H 92 -73.23 -27.38 33.82
N ASN H 93 -73.04 -27.47 32.50
CA ASN H 93 -74.08 -27.91 31.58
C ASN H 93 -73.60 -29.22 30.99
N PHE H 94 -73.85 -30.28 31.73
CA PHE H 94 -73.53 -31.62 31.26
C PHE H 94 -74.67 -32.13 30.42
N VAL H 95 -74.54 -33.37 29.97
CA VAL H 95 -75.53 -34.03 29.14
C VAL H 95 -76.14 -35.12 29.99
N THR H 96 -77.47 -35.15 30.03
CA THR H 96 -78.25 -35.79 31.09
C THR H 96 -77.77 -37.19 31.40
N LYS H 97 -77.67 -37.47 32.70
CA LYS H 97 -77.21 -38.76 33.18
C LYS H 97 -78.11 -39.87 32.66
N ALA H 98 -77.49 -40.87 32.04
CA ALA H 98 -78.24 -41.92 31.37
C ALA H 98 -77.43 -43.21 31.41
N ASN H 99 -78.12 -44.32 31.64
CA ASN H 99 -77.49 -45.63 31.65
C ASN H 99 -77.38 -46.22 30.26
N ALA H 100 -78.22 -45.81 29.32
CA ALA H 100 -78.22 -46.37 27.98
C ALA H 100 -78.70 -45.30 27.03
N LEU H 101 -77.80 -44.83 26.17
CA LEU H 101 -78.10 -43.85 25.16
C LEU H 101 -77.58 -44.35 23.83
N THR H 102 -78.36 -44.16 22.78
CA THR H 102 -78.09 -44.77 21.49
C THR H 102 -76.96 -44.11 20.73
N TYR H 103 -76.29 -43.11 21.31
CA TYR H 103 -75.22 -42.42 20.62
C TYR H 103 -74.27 -41.84 21.64
N ASP H 104 -73.08 -41.48 21.16
CA ASP H 104 -72.06 -40.87 21.98
C ASP H 104 -72.22 -39.36 21.89
N PRO H 105 -72.78 -38.69 22.89
CA PRO H 105 -73.02 -37.25 22.73
C PRO H 105 -71.75 -36.44 22.80
N TYR H 106 -70.73 -36.91 23.51
CA TYR H 106 -69.49 -36.19 23.66
C TYR H 106 -68.49 -36.52 22.56
N VAL H 107 -68.94 -37.02 21.42
CA VAL H 107 -68.02 -37.46 20.38
C VAL H 107 -67.59 -36.30 19.49
N ASN H 108 -68.52 -35.43 19.12
CA ASN H 108 -68.22 -34.31 18.25
C ASN H 108 -67.74 -33.09 19.01
N TYR H 109 -67.73 -33.14 20.34
CA TYR H 109 -67.19 -32.05 21.12
C TYR H 109 -65.73 -31.80 20.76
N SER H 110 -65.37 -30.53 20.63
CA SER H 110 -64.02 -30.18 20.25
C SER H 110 -63.00 -30.64 21.27
N SER H 111 -63.41 -30.74 22.53
CA SER H 111 -62.54 -31.21 23.61
C SER H 111 -62.61 -32.71 23.79
N ARG H 112 -62.96 -33.45 22.74
CA ARG H 112 -63.11 -34.88 22.84
C ARG H 112 -61.77 -35.57 22.75
N HIS H 113 -61.53 -36.51 23.65
CA HIS H 113 -60.37 -37.38 23.62
C HIS H 113 -60.89 -38.79 23.79
N THR H 114 -60.61 -39.63 22.79
CA THR H 114 -61.23 -40.94 22.72
C THR H 114 -60.75 -41.84 23.85
N ILE H 115 -61.64 -42.71 24.30
CA ILE H 115 -61.33 -43.75 25.25
C ILE H 115 -61.33 -45.07 24.51
N THR H 116 -60.31 -45.88 24.75
CA THR H 116 -60.35 -47.29 24.42
C THR H 116 -60.77 -48.04 25.67
N GLN H 117 -61.58 -49.06 25.49
CA GLN H 117 -62.19 -49.78 26.60
C GLN H 117 -61.94 -51.27 26.44
N PRO H 118 -62.03 -52.05 27.53
CA PRO H 118 -62.23 -51.72 28.94
C PRO H 118 -60.99 -51.79 29.79
N PHE H 119 -59.83 -52.04 29.18
CA PHE H 119 -58.60 -52.31 29.92
C PHE H 119 -57.52 -51.25 29.72
N SER H 120 -57.84 -50.14 29.10
CA SER H 120 -56.85 -49.13 28.77
C SER H 120 -56.88 -47.99 29.77
N TYR H 121 -55.80 -47.21 29.76
CA TYR H 121 -55.63 -46.05 30.61
C TYR H 121 -55.92 -44.80 29.81
N HIS H 122 -56.60 -43.84 30.44
CA HIS H 122 -56.95 -42.59 29.81
C HIS H 122 -56.79 -41.46 30.80
N SER H 123 -56.21 -40.36 30.34
CA SER H 123 -55.90 -39.22 31.18
C SER H 123 -56.26 -37.94 30.47
N ARG H 124 -56.63 -36.94 31.26
CA ARG H 124 -57.11 -35.66 30.76
C ARG H 124 -56.56 -34.56 31.64
N TYR H 125 -55.60 -33.80 31.12
CA TYR H 125 -54.90 -32.76 31.85
C TYR H 125 -55.38 -31.41 31.34
N PHE H 126 -56.23 -30.76 32.13
CA PHE H 126 -56.90 -29.55 31.71
C PHE H 126 -57.04 -28.60 32.88
N THR H 127 -57.50 -27.40 32.55
CA THR H 127 -57.75 -26.35 33.52
C THR H 127 -59.24 -26.29 33.81
N PRO H 128 -59.69 -26.58 35.02
CA PRO H 128 -61.11 -26.43 35.34
C PRO H 128 -61.45 -24.98 35.62
N LYS H 129 -62.74 -24.73 35.80
CA LYS H 129 -63.25 -23.42 36.10
C LYS H 129 -64.27 -23.55 37.23
N PRO H 130 -64.43 -22.52 38.04
CA PRO H 130 -65.40 -22.60 39.13
C PRO H 130 -66.80 -22.20 38.69
N VAL H 131 -67.74 -22.45 39.58
CA VAL H 131 -69.15 -22.16 39.35
C VAL H 131 -69.46 -20.92 40.17
N LEU H 132 -69.32 -19.76 39.52
CA LEU H 132 -69.62 -18.50 40.19
C LEU H 132 -71.10 -18.17 40.15
N ASP H 133 -71.75 -18.38 39.01
CA ASP H 133 -73.18 -18.12 38.86
C ASP H 133 -73.79 -19.23 38.04
N ARG H 134 -74.67 -20.01 38.66
CA ARG H 134 -75.31 -21.11 37.96
C ARG H 134 -76.31 -20.61 36.93
N THR H 135 -76.99 -19.50 37.24
CA THR H 135 -77.98 -18.96 36.31
C THR H 135 -77.32 -18.51 35.02
N ILE H 136 -76.16 -17.86 35.13
CA ILE H 136 -75.49 -17.25 34.00
C ILE H 136 -74.43 -18.17 33.43
N ASP H 137 -73.73 -18.90 34.31
CA ASP H 137 -72.72 -19.87 33.92
C ASP H 137 -71.63 -19.23 33.06
N TYR H 138 -70.91 -18.30 33.69
CA TYR H 138 -69.78 -17.65 33.06
C TYR H 138 -68.47 -18.20 33.61
N PHE H 139 -67.43 -18.04 32.82
CA PHE H 139 -66.10 -18.46 33.19
C PHE H 139 -65.11 -17.74 32.30
N GLN H 140 -63.89 -17.65 32.78
CA GLN H 140 -62.88 -16.89 32.09
C GLN H 140 -61.91 -17.80 31.35
N PRO H 141 -61.17 -17.27 30.39
CA PRO H 141 -60.23 -18.11 29.66
C PRO H 141 -59.08 -18.60 30.52
N ASN H 142 -58.17 -19.34 29.90
CA ASN H 142 -56.99 -19.86 30.59
C ASN H 142 -55.89 -18.83 30.48
N ASN H 143 -55.71 -18.05 31.54
CA ASN H 143 -54.59 -17.13 31.66
C ASN H 143 -54.11 -17.17 33.08
N LYS H 144 -52.85 -17.57 33.25
CA LYS H 144 -52.33 -17.80 34.59
C LYS H 144 -52.25 -16.52 35.40
N ARG H 145 -51.78 -15.44 34.80
CA ARG H 145 -51.57 -14.20 35.54
C ARG H 145 -52.88 -13.69 36.11
N ASN H 146 -53.91 -13.59 35.29
CA ASN H 146 -55.16 -12.96 35.67
C ASN H 146 -56.21 -13.95 36.12
N GLN H 147 -55.82 -15.17 36.45
CA GLN H 147 -56.77 -16.13 37.01
C GLN H 147 -57.19 -15.68 38.40
N LEU H 148 -58.42 -16.00 38.75
CA LEU H 148 -59.01 -15.53 39.98
C LEU H 148 -58.46 -16.29 41.17
N TRP H 149 -58.58 -15.66 42.33
CA TRP H 149 -58.32 -16.27 43.61
C TRP H 149 -59.64 -16.52 44.31
N LEU H 150 -59.64 -17.51 45.19
CA LEU H 150 -60.84 -17.93 45.90
C LEU H 150 -60.50 -18.21 47.35
N ARG H 151 -61.37 -17.75 48.24
CA ARG H 151 -61.21 -18.04 49.64
C ARG H 151 -61.31 -19.53 49.89
N LEU H 152 -60.42 -20.03 50.75
CA LEU H 152 -60.41 -21.44 51.09
C LEU H 152 -61.34 -21.62 52.28
N GLN H 153 -62.60 -21.90 51.99
CA GLN H 153 -63.59 -22.07 53.02
C GLN H 153 -63.42 -23.43 53.69
N THR H 154 -64.12 -23.60 54.80
CA THR H 154 -64.00 -24.77 55.63
C THR H 154 -64.92 -25.90 55.20
N THR H 155 -66.17 -25.58 54.86
CA THR H 155 -67.18 -26.59 54.56
C THR H 155 -67.98 -26.31 53.30
N GLY H 156 -67.85 -25.13 52.69
CA GLY H 156 -68.69 -24.73 51.58
C GLY H 156 -67.93 -24.23 50.37
N ASN H 157 -66.82 -24.87 50.06
CA ASN H 157 -66.06 -24.49 48.88
C ASN H 157 -66.86 -24.74 47.62
N VAL H 158 -66.58 -23.95 46.60
CA VAL H 158 -67.37 -23.97 45.38
C VAL H 158 -66.98 -25.18 44.53
N ASP H 159 -67.94 -25.67 43.76
CA ASP H 159 -67.77 -26.89 42.99
C ASP H 159 -67.16 -26.53 41.65
N HIS H 160 -65.86 -26.75 41.51
CA HIS H 160 -65.23 -26.69 40.21
C HIS H 160 -65.83 -27.75 39.30
N VAL H 161 -65.58 -27.59 38.00
CA VAL H 161 -66.21 -28.38 36.96
C VAL H 161 -65.20 -28.52 35.83
N GLY H 162 -65.53 -29.35 34.84
CA GLY H 162 -64.61 -29.59 33.75
C GLY H 162 -64.51 -30.97 33.11
N LEU H 163 -65.36 -31.92 33.43
CA LEU H 163 -65.28 -33.19 32.70
C LEU H 163 -66.60 -33.92 32.65
N GLY H 164 -66.86 -34.52 31.51
CA GLY H 164 -68.00 -35.41 31.34
C GLY H 164 -67.59 -36.60 30.51
N THR H 165 -68.24 -37.73 30.78
CA THR H 165 -67.84 -39.01 30.23
C THR H 165 -68.98 -39.66 29.47
N ALA H 166 -68.60 -40.61 28.62
CA ALA H 166 -69.57 -41.45 27.92
C ALA H 166 -68.87 -42.77 27.59
N PHE H 167 -69.18 -43.79 28.37
CA PHE H 167 -68.60 -45.11 28.20
C PHE H 167 -69.60 -46.01 27.49
N GLU H 168 -69.07 -46.86 26.60
CA GLU H 168 -69.91 -47.76 25.82
C GLU H 168 -70.25 -48.98 26.66
N ASN H 169 -71.53 -49.28 26.74
CA ASN H 169 -71.96 -50.40 27.55
C ASN H 169 -71.44 -51.71 27.00
N SER H 170 -71.41 -52.72 27.85
CA SER H 170 -70.90 -54.02 27.48
C SER H 170 -71.61 -55.09 28.29
N ILE H 171 -71.47 -56.34 27.84
CA ILE H 171 -72.09 -57.46 28.53
C ILE H 171 -71.50 -57.59 29.93
N TYR H 172 -70.21 -57.36 30.05
CA TYR H 172 -69.49 -57.53 31.30
C TYR H 172 -69.35 -56.20 32.02
N ASP H 173 -69.23 -56.27 33.34
CA ASP H 173 -68.96 -55.08 34.13
C ASP H 173 -67.61 -54.50 33.75
N GLN H 174 -67.55 -53.17 33.70
CA GLN H 174 -66.32 -52.44 33.41
C GLN H 174 -66.06 -51.57 34.64
N ASP H 175 -65.37 -52.14 35.62
CA ASP H 175 -65.00 -51.39 36.79
C ASP H 175 -63.75 -50.57 36.49
N TYR H 176 -63.68 -49.40 37.12
CA TYR H 176 -62.57 -48.49 36.96
C TYR H 176 -62.13 -47.99 38.33
N ASN H 177 -60.92 -47.46 38.37
CA ASN H 177 -60.32 -46.92 39.58
C ASN H 177 -59.85 -45.52 39.21
N ILE H 178 -60.70 -44.54 39.45
CA ILE H 178 -60.42 -43.17 39.04
C ILE H 178 -59.53 -42.51 40.07
N ARG H 179 -58.59 -41.72 39.57
CA ARG H 179 -57.70 -40.91 40.40
C ARG H 179 -57.80 -39.47 39.92
N ILE H 180 -58.19 -38.59 40.81
CA ILE H 180 -58.36 -37.17 40.49
C ILE H 180 -57.21 -36.42 41.13
N THR H 181 -56.16 -36.18 40.36
CA THR H 181 -55.05 -35.38 40.81
C THR H 181 -55.31 -33.92 40.52
N MET H 182 -55.00 -33.07 41.49
CA MET H 182 -55.26 -31.64 41.42
C MET H 182 -53.97 -30.89 41.71
N TYR H 183 -53.76 -29.82 40.95
CA TYR H 183 -52.58 -28.99 41.06
C TYR H 183 -53.03 -27.60 41.49
N VAL H 184 -52.85 -27.31 42.76
CA VAL H 184 -53.43 -26.15 43.41
C VAL H 184 -52.33 -25.15 43.68
N GLN H 185 -52.73 -23.91 43.94
CA GLN H 185 -51.81 -22.83 44.22
C GLN H 185 -52.44 -21.97 45.32
N PHE H 186 -51.89 -22.07 46.52
CA PHE H 186 -52.41 -21.38 47.69
C PHE H 186 -51.71 -20.04 47.88
N ARG H 187 -52.09 -19.33 48.93
CA ARG H 187 -51.58 -17.98 49.16
C ARG H 187 -51.97 -17.56 50.58
N GLU H 188 -51.24 -16.58 51.09
CA GLU H 188 -51.50 -15.95 52.38
C GLU H 188 -51.48 -16.95 53.53
N PHE H 189 -50.27 -17.43 53.80
CA PHE H 189 -50.00 -18.32 54.93
C PHE H 189 -50.54 -17.73 56.22
N ASN H 190 -51.58 -18.34 56.78
CA ASN H 190 -52.38 -17.78 57.86
C ASN H 190 -52.39 -18.68 59.08
N LEU H 191 -51.24 -19.18 59.46
CA LEU H 191 -51.17 -20.08 60.60
C LEU H 191 -51.34 -19.32 61.90
N LYS H 192 -52.03 -19.93 62.84
CA LYS H 192 -52.16 -19.43 64.19
C LYS H 192 -51.28 -20.23 65.14
N ASP H 193 -50.90 -19.59 66.23
CA ASP H 193 -50.07 -20.22 67.26
C ASP H 193 -50.53 -19.76 68.63
N PRO H 194 -51.60 -20.34 69.15
CA PRO H 194 -51.98 -20.08 70.52
C PRO H 194 -50.96 -20.66 71.49
N PRO H 195 -51.04 -20.32 72.77
CA PRO H 195 -50.15 -20.95 73.74
C PRO H 195 -50.57 -22.37 74.06
N LEU H 196 -49.92 -22.99 75.04
CA LEU H 196 -50.18 -24.38 75.44
C LEU H 196 -49.88 -25.33 74.28
N TYR I 1 -56.27 -17.04 -6.31
CA TYR I 1 -57.54 -16.72 -6.93
C TYR I 1 -58.72 -17.18 -6.06
N ARG I 2 -58.71 -16.73 -4.79
CA ARG I 2 -59.79 -16.96 -3.82
C ARG I 2 -60.20 -18.45 -3.77
N TRP I 3 -59.42 -19.34 -3.15
CA TRP I 3 -58.48 -19.10 -2.02
C TRP I 3 -59.14 -18.55 -0.74
N ARG I 4 -59.86 -19.35 -0.06
CA ARG I 4 -61.20 -19.81 0.30
C ARG I 4 -62.31 -18.75 0.38
N ARG I 5 -62.27 -17.64 1.14
CA ARG I 5 -61.29 -17.19 2.12
C ARG I 5 -61.92 -17.11 3.53
N LYS I 6 -62.97 -16.27 3.64
CA LYS I 6 -63.74 -16.04 4.85
C LYS I 6 -65.24 -16.09 4.59
N ASN I 7 -65.67 -16.33 3.35
CA ASN I 7 -67.01 -15.98 2.90
C ASN I 7 -68.11 -16.91 3.42
N GLY I 8 -67.90 -17.51 4.58
CA GLY I 8 -68.80 -18.46 5.20
C GLY I 8 -68.09 -19.73 5.57
N ILE I 9 -66.78 -19.77 5.35
CA ILE I 9 -66.03 -21.01 5.46
C ILE I 9 -65.95 -21.41 6.92
N PHE I 10 -66.31 -22.66 7.21
CA PHE I 10 -66.26 -23.18 8.57
C PHE I 10 -65.87 -24.65 8.48
N ASN I 11 -64.58 -24.92 8.59
CA ASN I 11 -64.09 -26.28 8.64
C ASN I 11 -64.42 -26.87 10.00
N THR I 12 -64.90 -28.11 10.00
CA THR I 12 -65.33 -28.75 11.22
C THR I 12 -65.18 -30.26 11.04
N ARG I 13 -65.76 -31.01 11.97
CA ARG I 13 -65.64 -32.44 12.03
C ARG I 13 -66.98 -33.03 12.46
N LEU I 14 -67.25 -34.24 11.98
CA LEU I 14 -68.44 -34.97 12.35
C LEU I 14 -68.08 -36.44 12.49
N SER I 15 -68.85 -37.16 13.28
CA SER I 15 -68.56 -38.54 13.58
C SER I 15 -69.85 -39.25 13.96
N ARG I 16 -69.87 -40.55 13.67
CA ARG I 16 -70.96 -41.42 14.09
C ARG I 16 -70.36 -42.79 14.37
N THR I 17 -71.21 -43.72 14.75
CA THR I 17 -70.76 -45.02 15.20
C THR I 17 -71.80 -46.08 14.84
N ILE I 18 -71.32 -47.26 14.49
CA ILE I 18 -72.16 -48.37 14.09
C ILE I 18 -71.43 -49.68 14.34
N GLY I 19 -72.20 -50.74 14.50
CA GLY I 19 -71.65 -52.08 14.69
C GLY I 19 -71.67 -52.85 13.39
N TYR I 20 -70.63 -53.65 13.20
CA TYR I 20 -70.52 -54.53 12.04
C TYR I 20 -70.07 -55.89 12.52
N THR I 21 -70.77 -56.92 12.08
CA THR I 21 -70.69 -58.25 12.66
C THR I 21 -70.38 -59.25 11.55
N VAL I 22 -69.13 -59.72 11.52
CA VAL I 22 -68.75 -60.80 10.64
C VAL I 22 -69.07 -62.11 11.35
N LYS I 23 -69.92 -62.91 10.73
CA LYS I 23 -70.50 -64.07 11.39
C LYS I 23 -69.59 -65.29 11.28
N LYS I 24 -69.98 -66.35 11.98
CA LYS I 24 -69.24 -67.59 11.99
C LYS I 24 -69.43 -68.35 10.69
N THR I 25 -68.71 -69.46 10.58
CA THR I 25 -68.90 -70.42 9.51
C THR I 25 -68.16 -71.70 9.87
N THR I 26 -68.79 -72.83 9.58
CA THR I 26 -68.13 -74.12 9.78
C THR I 26 -67.02 -74.35 8.76
N VAL I 27 -67.03 -73.62 7.65
CA VAL I 27 -65.97 -73.72 6.66
C VAL I 27 -64.63 -73.41 7.33
N ARG I 28 -63.60 -74.17 6.94
CA ARG I 28 -62.26 -73.99 7.44
C ARG I 28 -61.28 -73.49 6.39
N THR I 29 -61.62 -73.63 5.11
CA THR I 29 -60.78 -73.07 4.09
C THR I 29 -60.85 -71.55 4.16
N PRO I 30 -59.82 -70.85 3.68
CA PRO I 30 -59.87 -69.38 3.70
C PRO I 30 -61.02 -68.86 2.87
N SER I 31 -61.94 -68.17 3.54
CA SER I 31 -63.08 -67.56 2.89
C SER I 31 -63.28 -66.17 3.46
N TRP I 32 -63.66 -65.24 2.60
CA TRP I 32 -63.78 -63.84 2.93
C TRP I 32 -65.24 -63.40 2.91
N ASN I 33 -65.51 -62.31 3.64
CA ASN I 33 -66.83 -61.71 3.76
C ASN I 33 -66.73 -60.28 3.26
N VAL I 34 -67.27 -60.03 2.08
CA VAL I 34 -67.11 -58.76 1.40
C VAL I 34 -68.30 -57.87 1.70
N ASP I 35 -68.04 -56.58 1.86
CA ASP I 35 -69.08 -55.60 2.09
C ASP I 35 -68.51 -54.23 1.76
N MET I 36 -69.39 -53.36 1.31
CA MET I 36 -69.03 -52.01 0.91
C MET I 36 -69.28 -51.06 2.08
N MET I 37 -69.16 -49.76 1.81
CA MET I 37 -69.41 -48.75 2.82
C MET I 37 -69.65 -47.42 2.13
N ARG I 38 -70.81 -46.82 2.40
CA ARG I 38 -71.22 -45.55 1.82
C ARG I 38 -71.27 -44.48 2.88
N PHE I 39 -71.12 -43.24 2.44
CA PHE I 39 -71.10 -42.07 3.32
C PHE I 39 -72.13 -41.07 2.83
N ASN I 40 -73.03 -40.68 3.71
CA ASN I 40 -74.06 -39.69 3.40
C ASN I 40 -74.18 -38.79 4.62
N ILE I 41 -74.19 -37.48 4.37
CA ILE I 41 -74.11 -36.53 5.45
C ILE I 41 -75.40 -36.46 6.25
N ASN I 42 -76.51 -36.94 5.70
CA ASN I 42 -77.76 -36.94 6.44
C ASN I 42 -77.67 -37.82 7.68
N ASP I 43 -76.79 -38.82 7.67
CA ASP I 43 -76.56 -39.66 8.83
C ASP I 43 -75.71 -38.99 9.89
N PHE I 44 -75.12 -37.83 9.59
CA PHE I 44 -74.34 -37.05 10.54
C PHE I 44 -75.05 -35.82 11.03
N LEU I 45 -75.71 -35.09 10.13
CA LEU I 45 -76.42 -33.87 10.47
C LEU I 45 -77.89 -34.19 10.68
N PRO I 46 -78.41 -34.18 11.90
CA PRO I 46 -79.85 -34.35 12.07
C PRO I 46 -80.60 -33.10 11.66
N PRO I 47 -81.90 -33.20 11.47
CA PRO I 47 -82.66 -32.04 10.97
C PRO I 47 -82.92 -31.02 12.07
N GLY I 48 -82.90 -29.75 11.67
CA GLY I 48 -83.19 -28.67 12.59
C GLY I 48 -84.67 -28.48 12.79
N GLY I 49 -85.09 -27.23 12.85
CA GLY I 49 -86.50 -26.92 13.02
C GLY I 49 -86.86 -25.50 12.66
N GLY I 50 -88.01 -25.34 12.03
CA GLY I 50 -88.48 -24.02 11.64
C GLY I 50 -87.91 -23.56 10.32
N SER I 51 -87.58 -22.27 10.24
CA SER I 51 -87.03 -21.73 9.00
C SER I 51 -85.64 -22.29 8.72
N ASN I 52 -84.92 -22.69 9.76
CA ASN I 52 -83.61 -23.31 9.59
C ASN I 52 -83.81 -24.82 9.49
N PRO I 53 -83.69 -25.43 8.31
CA PRO I 53 -84.06 -26.84 8.19
C PRO I 53 -83.05 -27.79 8.78
N LEU I 54 -81.78 -27.40 8.73
CA LEU I 54 -80.68 -28.21 9.26
C LEU I 54 -80.26 -27.71 10.63
N THR I 55 -79.42 -28.52 11.29
CA THR I 55 -78.84 -28.13 12.57
C THR I 55 -77.64 -27.21 12.41
N VAL I 56 -76.97 -27.26 11.27
CA VAL I 56 -75.81 -26.42 10.97
C VAL I 56 -76.28 -25.33 10.00
N PRO I 57 -76.16 -24.06 10.34
CA PRO I 57 -76.65 -23.04 9.41
C PRO I 57 -75.65 -22.70 8.30
N PHE I 58 -75.66 -23.55 7.27
CA PHE I 58 -74.87 -23.31 6.09
C PHE I 58 -75.60 -23.88 4.89
N GLU I 59 -75.21 -23.42 3.71
CA GLU I 59 -75.86 -23.78 2.46
C GLU I 59 -75.08 -24.82 1.69
N TYR I 60 -73.81 -24.55 1.43
CA TYR I 60 -72.95 -25.42 0.63
C TYR I 60 -72.07 -26.26 1.54
N TYR I 61 -71.43 -27.25 0.95
CA TYR I 61 -70.49 -28.09 1.68
C TYR I 61 -69.68 -28.91 0.70
N ARG I 62 -68.55 -29.40 1.19
CA ARG I 62 -67.71 -30.33 0.43
C ARG I 62 -66.87 -31.11 1.41
N ILE I 63 -66.86 -32.43 1.25
CA ILE I 63 -66.15 -33.30 2.17
C ILE I 63 -64.70 -33.38 1.76
N ARG I 64 -63.81 -32.93 2.64
CA ARG I 64 -62.40 -32.96 2.38
C ARG I 64 -61.83 -34.35 2.57
N LYS I 65 -62.07 -34.94 3.73
CA LYS I 65 -61.45 -36.20 4.12
C LYS I 65 -62.43 -37.02 4.94
N VAL I 66 -62.15 -38.31 5.01
CA VAL I 66 -62.89 -39.24 5.86
C VAL I 66 -61.89 -40.13 6.55
N LYS I 67 -62.12 -40.39 7.82
CA LYS I 67 -61.28 -41.27 8.63
C LYS I 67 -62.18 -42.34 9.21
N VAL I 68 -62.16 -43.49 8.58
CA VAL I 68 -62.83 -44.67 9.09
C VAL I 68 -61.93 -45.30 10.14
N GLU I 69 -62.55 -45.93 11.14
CA GLU I 69 -61.85 -46.53 12.24
C GLU I 69 -62.56 -47.80 12.63
N PHE I 70 -61.83 -48.92 12.63
CA PHE I 70 -62.37 -50.21 12.99
C PHE I 70 -61.96 -50.56 14.42
N TRP I 71 -62.61 -49.91 15.36
CA TRP I 71 -62.37 -50.23 16.75
C TRP I 71 -62.97 -51.60 17.05
N PRO I 72 -62.18 -52.64 17.29
CA PRO I 72 -62.75 -53.97 17.43
C PRO I 72 -63.56 -54.12 18.70
N CYS I 73 -64.23 -55.27 18.77
CA CYS I 73 -64.99 -55.69 19.93
C CYS I 73 -64.58 -57.05 20.44
N SER I 74 -63.65 -57.72 19.78
CA SER I 74 -63.20 -59.05 20.16
C SER I 74 -61.99 -58.95 21.07
N PRO I 75 -61.72 -59.97 21.87
CA PRO I 75 -60.61 -59.90 22.80
C PRO I 75 -59.29 -60.26 22.13
N ILE I 76 -58.22 -59.99 22.86
CA ILE I 76 -56.89 -60.33 22.40
C ILE I 76 -56.70 -61.83 22.33
N THR I 77 -57.39 -62.60 23.16
CA THR I 77 -57.15 -64.02 23.29
C THR I 77 -57.98 -64.84 22.31
N GLN I 78 -58.43 -64.24 21.23
CA GLN I 78 -59.25 -64.94 20.26
C GLN I 78 -58.38 -65.63 19.23
N GLY I 79 -58.76 -66.86 18.90
CA GLY I 79 -58.01 -67.67 17.97
C GLY I 79 -58.62 -67.69 16.59
N ASP I 80 -58.06 -68.55 15.74
CA ASP I 80 -58.42 -68.63 14.33
C ASP I 80 -58.37 -67.25 13.69
N ARG I 81 -57.19 -66.64 13.80
CA ARG I 81 -57.03 -65.30 13.29
C ARG I 81 -57.08 -65.33 11.77
N GLY I 82 -56.93 -64.17 11.17
CA GLY I 82 -57.01 -64.08 9.74
C GLY I 82 -56.37 -62.83 9.23
N VAL I 83 -56.71 -62.47 8.01
CA VAL I 83 -56.16 -61.30 7.36
C VAL I 83 -57.11 -60.86 6.27
N GLY I 84 -57.35 -59.55 6.21
CA GLY I 84 -58.31 -58.97 5.31
C GLY I 84 -57.71 -57.84 4.49
N SER I 85 -58.56 -57.00 3.92
CA SER I 85 -58.09 -55.92 3.07
C SER I 85 -59.16 -54.86 2.94
N THR I 86 -58.74 -53.61 2.96
CA THR I 86 -59.60 -52.46 2.73
C THR I 86 -59.07 -51.68 1.54
N ALA I 87 -59.97 -51.26 0.68
CA ALA I 87 -59.62 -50.56 -0.53
C ALA I 87 -60.56 -49.40 -0.74
N VAL I 88 -60.10 -48.44 -1.52
CA VAL I 88 -60.81 -47.20 -1.78
C VAL I 88 -61.48 -47.32 -3.14
N ILE I 89 -62.79 -47.12 -3.17
CA ILE I 89 -63.61 -47.28 -4.36
C ILE I 89 -64.34 -45.96 -4.57
N LEU I 90 -63.97 -45.23 -5.61
CA LEU I 90 -64.41 -43.87 -5.81
C LEU I 90 -65.46 -43.75 -6.91
N ASP I 91 -66.08 -44.87 -7.31
CA ASP I 91 -66.95 -44.88 -8.48
C ASP I 91 -68.26 -45.63 -8.27
N ASP I 92 -68.56 -46.06 -7.04
CA ASP I 92 -69.78 -46.82 -6.75
C ASP I 92 -69.79 -48.15 -7.47
N ASN I 93 -68.61 -48.67 -7.79
CA ASN I 93 -68.45 -49.99 -8.40
C ASN I 93 -67.71 -50.83 -7.38
N PHE I 94 -68.47 -51.37 -6.45
CA PHE I 94 -67.91 -52.27 -5.45
C PHE I 94 -67.87 -53.68 -6.03
N VAL I 95 -67.45 -54.62 -5.21
CA VAL I 95 -67.33 -56.02 -5.57
C VAL I 95 -68.40 -56.76 -4.79
N THR I 96 -69.19 -57.56 -5.49
CA THR I 96 -70.51 -58.01 -5.05
C THR I 96 -70.50 -58.52 -3.62
N LYS I 97 -71.52 -58.09 -2.87
CA LYS I 97 -71.66 -58.48 -1.48
C LYS I 97 -71.75 -59.98 -1.35
N ALA I 98 -70.90 -60.55 -0.51
CA ALA I 98 -70.79 -61.98 -0.39
C ALA I 98 -70.38 -62.35 1.03
N ASN I 99 -70.98 -63.42 1.55
CA ASN I 99 -70.64 -63.91 2.87
C ASN I 99 -69.43 -64.84 2.86
N ALA I 100 -69.15 -65.47 1.73
CA ALA I 100 -68.04 -66.42 1.64
C ALA I 100 -67.52 -66.40 0.21
N LEU I 101 -66.31 -65.91 0.05
CA LEU I 101 -65.63 -65.87 -1.23
C LEU I 101 -64.25 -66.45 -1.07
N THR I 102 -63.84 -67.26 -2.03
CA THR I 102 -62.63 -68.06 -1.92
C THR I 102 -61.36 -67.25 -2.07
N TYR I 103 -61.44 -65.93 -2.22
CA TYR I 103 -60.25 -65.12 -2.41
C TYR I 103 -60.53 -63.71 -1.92
N ASP I 104 -59.47 -62.96 -1.70
CA ASP I 104 -59.55 -61.58 -1.28
C ASP I 104 -59.54 -60.70 -2.53
N PRO I 105 -60.69 -60.17 -2.96
CA PRO I 105 -60.67 -59.40 -4.21
C PRO I 105 -60.00 -58.06 -4.09
N TYR I 106 -60.00 -57.47 -2.91
CA TYR I 106 -59.41 -56.17 -2.69
C TYR I 106 -57.94 -56.25 -2.30
N VAL I 107 -57.26 -57.35 -2.62
CA VAL I 107 -55.88 -57.54 -2.17
C VAL I 107 -54.90 -56.89 -3.13
N ASN I 108 -55.12 -57.03 -4.43
CA ASN I 108 -54.23 -56.46 -5.42
C ASN I 108 -54.56 -55.02 -5.77
N TYR I 109 -55.65 -54.48 -5.23
CA TYR I 109 -55.97 -53.08 -5.44
C TYR I 109 -54.84 -52.19 -4.95
N SER I 110 -54.51 -51.18 -5.74
CA SER I 110 -53.42 -50.29 -5.40
C SER I 110 -53.69 -49.54 -4.11
N SER I 111 -54.96 -49.32 -3.78
CA SER I 111 -55.35 -48.65 -2.55
C SER I 111 -55.55 -49.62 -1.40
N ARG I 112 -54.90 -50.77 -1.44
CA ARG I 112 -55.08 -51.79 -0.43
C ARG I 112 -54.24 -51.47 0.79
N HIS I 113 -54.87 -51.57 1.96
CA HIS I 113 -54.19 -51.47 3.24
C HIS I 113 -54.63 -52.66 4.07
N THR I 114 -53.66 -53.48 4.46
CA THR I 114 -53.98 -54.76 5.06
C THR I 114 -54.62 -54.59 6.42
N ILE I 115 -55.52 -55.52 6.73
CA ILE I 115 -56.13 -55.62 8.05
C ILE I 115 -55.54 -56.83 8.75
N THR I 116 -55.17 -56.66 10.00
CA THR I 116 -54.93 -57.76 10.90
C THR I 116 -56.20 -57.98 11.69
N GLN I 117 -56.52 -59.24 11.94
CA GLN I 117 -57.79 -59.62 12.54
C GLN I 117 -57.53 -60.52 13.73
N PRO I 118 -58.48 -60.64 14.66
CA PRO I 118 -59.76 -59.94 14.84
C PRO I 118 -59.75 -58.87 15.91
N PHE I 119 -58.58 -58.59 16.50
CA PHE I 119 -58.49 -57.72 17.67
C PHE I 119 -57.70 -56.43 17.41
N SER I 120 -57.36 -56.15 16.16
CA SER I 120 -56.52 -55.02 15.84
C SER I 120 -57.35 -53.83 15.36
N TYR I 121 -56.71 -52.67 15.38
CA TYR I 121 -57.30 -51.42 14.94
C TYR I 121 -56.80 -51.10 13.54
N HIS I 122 -57.69 -50.60 12.70
CA HIS I 122 -57.35 -50.24 11.33
C HIS I 122 -58.07 -48.96 10.96
N SER I 123 -57.34 -48.07 10.29
CA SER I 123 -57.85 -46.75 9.94
C SER I 123 -57.46 -46.42 8.52
N ARG I 124 -58.31 -45.63 7.86
CA ARG I 124 -58.16 -45.28 6.46
C ARG I 124 -58.56 -43.82 6.29
N TYR I 125 -57.57 -42.97 6.06
CA TYR I 125 -57.76 -41.53 5.97
C TYR I 125 -57.61 -41.13 4.50
N PHE I 126 -58.74 -40.86 3.85
CA PHE I 126 -58.75 -40.65 2.42
C PHE I 126 -59.79 -39.59 2.07
N THR I 127 -59.76 -39.21 0.80
CA THR I 127 -60.69 -38.24 0.24
C THR I 127 -61.80 -38.97 -0.50
N PRO I 128 -63.04 -38.91 -0.09
CA PRO I 128 -64.11 -39.54 -0.87
C PRO I 128 -64.52 -38.64 -2.02
N LYS I 129 -65.40 -39.19 -2.86
CA LYS I 129 -65.92 -38.48 -4.00
C LYS I 129 -67.43 -38.70 -4.05
N PRO I 130 -68.18 -37.76 -4.59
CA PRO I 130 -69.63 -37.94 -4.66
C PRO I 130 -70.06 -38.70 -5.90
N VAL I 131 -71.34 -39.06 -5.90
CA VAL I 131 -71.95 -39.82 -6.98
C VAL I 131 -72.78 -38.81 -7.77
N LEU I 132 -72.17 -38.23 -8.80
CA LEU I 132 -72.86 -37.28 -9.64
C LEU I 132 -73.68 -37.97 -10.72
N ASP I 133 -73.12 -39.00 -11.36
CA ASP I 133 -73.81 -39.74 -12.41
C ASP I 133 -73.49 -41.21 -12.23
N ARG I 134 -74.52 -42.00 -11.90
CA ARG I 134 -74.31 -43.43 -11.71
C ARG I 134 -74.05 -44.14 -13.03
N THR I 135 -74.68 -43.68 -14.11
CA THR I 135 -74.46 -44.31 -15.41
C THR I 135 -73.03 -44.16 -15.86
N ILE I 136 -72.45 -42.97 -15.66
CA ILE I 136 -71.14 -42.64 -16.17
C ILE I 136 -70.06 -42.86 -15.10
N ASP I 137 -70.40 -42.55 -13.85
CA ASP I 137 -69.52 -42.76 -12.71
C ASP I 137 -68.19 -42.04 -12.90
N TYR I 138 -68.27 -40.72 -12.97
CA TYR I 138 -67.10 -39.87 -13.05
C TYR I 138 -66.81 -39.21 -11.72
N PHE I 139 -65.57 -38.81 -11.55
CA PHE I 139 -65.12 -38.12 -10.36
C PHE I 139 -63.82 -37.42 -10.68
N GLN I 140 -63.51 -36.43 -9.89
CA GLN I 140 -62.36 -35.60 -10.15
C GLN I 140 -61.21 -35.95 -9.22
N PRO I 141 -59.99 -35.55 -9.56
CA PRO I 141 -58.86 -35.85 -8.69
C PRO I 141 -58.92 -35.13 -7.36
N ASN I 142 -57.89 -35.33 -6.55
CA ASN I 142 -57.80 -34.68 -5.25
C ASN I 142 -57.05 -33.36 -5.45
N ASN I 143 -57.82 -32.28 -5.51
CA ASN I 143 -57.26 -30.94 -5.54
C ASN I 143 -58.16 -30.05 -4.70
N LYS I 144 -57.59 -29.49 -3.63
CA LYS I 144 -58.39 -28.76 -2.68
C LYS I 144 -59.00 -27.51 -3.27
N ARG I 145 -58.21 -26.75 -4.04
CA ARG I 145 -58.70 -25.48 -4.56
C ARG I 145 -59.91 -25.68 -5.45
N ASN I 146 -59.82 -26.59 -6.41
CA ASN I 146 -60.84 -26.76 -7.43
C ASN I 146 -61.83 -27.87 -7.11
N GLN I 147 -61.89 -28.31 -5.86
CA GLN I 147 -62.90 -29.28 -5.47
C GLN I 147 -64.27 -28.65 -5.51
N LEU I 148 -65.27 -29.45 -5.83
CA LEU I 148 -66.61 -28.96 -6.04
C LEU I 148 -67.28 -28.63 -4.72
N TRP I 149 -68.29 -27.78 -4.81
CA TRP I 149 -69.20 -27.48 -3.73
C TRP I 149 -70.54 -28.14 -4.02
N LEU I 150 -71.27 -28.44 -2.95
CA LEU I 150 -72.53 -29.14 -3.03
C LEU I 150 -73.54 -28.50 -2.09
N ARG I 151 -74.75 -28.33 -2.58
CA ARG I 151 -75.82 -27.82 -1.75
C ARG I 151 -76.10 -28.78 -0.61
N LEU I 152 -76.30 -28.22 0.58
CA LEU I 152 -76.58 -29.01 1.77
C LEU I 152 -78.09 -29.18 1.83
N GLN I 153 -78.58 -30.25 1.23
CA GLN I 153 -79.99 -30.52 1.20
C GLN I 153 -80.46 -31.05 2.54
N THR I 154 -81.77 -31.11 2.70
CA THR I 154 -82.40 -31.46 3.96
C THR I 154 -82.57 -32.97 4.12
N THR I 155 -83.02 -33.65 3.06
CA THR I 155 -83.35 -35.06 3.12
C THR I 155 -82.78 -35.90 2.00
N GLY I 156 -82.18 -35.29 0.97
CA GLY I 156 -81.75 -36.01 -0.21
C GLY I 156 -80.33 -35.74 -0.62
N ASN I 157 -79.44 -35.64 0.36
CA ASN I 157 -78.03 -35.42 0.05
C ASN I 157 -77.46 -36.62 -0.68
N VAL I 158 -76.45 -36.36 -1.50
CA VAL I 158 -75.90 -37.37 -2.38
C VAL I 158 -74.99 -38.29 -1.59
N ASP I 159 -74.92 -39.54 -2.04
CA ASP I 159 -74.20 -40.60 -1.34
C ASP I 159 -72.75 -40.56 -1.78
N HIS I 160 -71.89 -39.99 -0.94
CA HIS I 160 -70.47 -40.12 -1.12
C HIS I 160 -70.06 -41.58 -1.01
N VAL I 161 -68.87 -41.87 -1.49
CA VAL I 161 -68.37 -43.23 -1.64
C VAL I 161 -66.87 -43.20 -1.40
N GLY I 162 -66.26 -44.38 -1.34
CA GLY I 162 -64.84 -44.45 -1.07
C GLY I 162 -64.27 -45.58 -0.24
N LEU I 163 -65.03 -46.62 0.12
CA LEU I 163 -64.39 -47.72 0.83
C LEU I 163 -65.13 -49.04 0.62
N GLY I 164 -64.33 -50.09 0.48
CA GLY I 164 -64.86 -51.45 0.45
C GLY I 164 -63.95 -52.35 1.25
N THR I 165 -64.55 -53.39 1.82
CA THR I 165 -63.89 -54.24 2.79
C THR I 165 -63.92 -55.69 2.35
N ALA I 166 -63.02 -56.47 2.94
CA ALA I 166 -63.00 -57.91 2.77
C ALA I 166 -62.36 -58.52 4.01
N PHE I 167 -63.18 -59.06 4.89
CA PHE I 167 -62.72 -59.67 6.12
C PHE I 167 -62.71 -61.18 5.97
N GLU I 168 -61.69 -61.81 6.55
CA GLU I 168 -61.55 -63.25 6.47
C GLU I 168 -62.43 -63.92 7.49
N ASN I 169 -63.24 -64.87 7.05
CA ASN I 169 -64.17 -65.52 7.93
C ASN I 169 -63.42 -66.34 8.99
N SER I 170 -64.11 -66.62 10.08
CA SER I 170 -63.53 -67.35 11.19
C SER I 170 -64.61 -68.14 11.89
N ILE I 171 -64.17 -69.09 12.71
CA ILE I 171 -65.11 -69.92 13.47
C ILE I 171 -65.92 -69.06 14.43
N TYR I 172 -65.28 -68.06 15.01
CA TYR I 172 -65.89 -67.21 16.01
C TYR I 172 -66.39 -65.92 15.37
N ASP I 173 -67.40 -65.33 15.99
CA ASP I 173 -67.89 -64.04 15.55
C ASP I 173 -66.80 -62.98 15.73
N GLN I 174 -66.70 -62.08 14.76
CA GLN I 174 -65.78 -60.97 14.79
C GLN I 174 -66.61 -59.70 14.75
N ASP I 175 -67.03 -59.25 15.92
CA ASP I 175 -67.77 -58.02 16.03
C ASP I 175 -66.82 -56.84 16.00
N TYR I 176 -67.27 -55.74 15.40
CA TYR I 176 -66.50 -54.53 15.29
C TYR I 176 -67.37 -53.34 15.67
N ASN I 177 -66.70 -52.24 15.98
CA ASN I 177 -67.35 -50.99 16.36
C ASN I 177 -66.75 -49.93 15.44
N ILE I 178 -67.43 -49.68 14.34
CA ILE I 178 -66.93 -48.78 13.32
C ILE I 178 -67.25 -47.34 13.72
N ARG I 179 -66.30 -46.45 13.47
CA ARG I 179 -66.46 -45.02 13.67
C ARG I 179 -66.11 -44.33 12.37
N ILE I 180 -67.06 -43.58 11.82
CA ILE I 180 -66.87 -42.87 10.57
C ILE I 180 -66.74 -41.39 10.88
N THR I 181 -65.51 -40.94 11.00
CA THR I 181 -65.23 -39.53 11.20
C THR I 181 -65.13 -38.83 9.86
N MET I 182 -65.74 -37.66 9.76
CA MET I 182 -65.81 -36.89 8.54
C MET I 182 -65.30 -35.48 8.80
N TYR I 183 -64.55 -34.97 7.84
CA TYR I 183 -63.96 -33.64 7.92
C TYR I 183 -64.55 -32.80 6.80
N VAL I 184 -65.50 -31.95 7.17
CA VAL I 184 -66.35 -31.25 6.23
C VAL I 184 -65.92 -29.79 6.19
N GLN I 185 -66.36 -29.10 5.16
CA GLN I 185 -66.06 -27.69 4.97
C GLN I 185 -67.30 -27.02 4.41
N PHE I 186 -67.97 -26.23 5.24
CA PHE I 186 -69.23 -25.59 4.88
C PHE I 186 -68.96 -24.19 4.35
N ARG I 187 -70.04 -23.49 4.00
CA ARG I 187 -69.93 -22.18 3.37
C ARG I 187 -71.31 -21.52 3.37
N GLU I 188 -71.30 -20.20 3.25
CA GLU I 188 -72.50 -19.37 3.12
C GLU I 188 -73.44 -19.55 4.32
N PHE I 189 -72.98 -19.02 5.44
CA PHE I 189 -73.76 -18.98 6.67
C PHE I 189 -75.12 -18.36 6.42
N ASN I 190 -76.18 -19.15 6.52
CA ASN I 190 -77.51 -18.79 6.06
C ASN I 190 -78.53 -18.88 7.17
N LEU I 191 -78.19 -18.35 8.33
CA LEU I 191 -79.10 -18.44 9.47
C LEU I 191 -80.25 -17.46 9.30
N LYS I 192 -81.43 -17.89 9.73
CA LYS I 192 -82.60 -17.06 9.79
C LYS I 192 -82.88 -16.65 11.23
N ASP I 193 -83.57 -15.51 11.38
CA ASP I 193 -83.94 -15.00 12.70
C ASP I 193 -85.32 -14.38 12.62
N PRO I 194 -86.36 -15.20 12.66
CA PRO I 194 -87.70 -14.66 12.76
C PRO I 194 -87.91 -14.02 14.12
N PRO I 195 -89.01 -13.29 14.31
CA PRO I 195 -89.31 -12.76 15.64
C PRO I 195 -89.83 -13.84 16.58
N LEU I 196 -90.26 -13.43 17.78
CA LEU I 196 -90.75 -14.36 18.80
C LEU I 196 -89.64 -15.30 19.25
N TYR J 1 -27.18 -48.11 -20.76
CA TYR J 1 -27.39 -48.93 -21.95
C TYR J 1 -28.79 -49.58 -21.93
N ARG J 2 -29.82 -48.74 -21.78
CA ARG J 2 -31.23 -49.14 -21.86
C ARG J 2 -31.52 -50.36 -20.97
N TRP J 3 -31.60 -50.23 -19.63
CA TRP J 3 -31.99 -49.02 -18.87
C TRP J 3 -33.41 -48.50 -19.17
N ARG J 4 -34.39 -49.18 -18.73
CA ARG J 4 -35.46 -50.14 -18.99
C ARG J 4 -36.14 -50.08 -20.38
N ARG J 5 -36.72 -48.99 -20.88
CA ARG J 5 -36.98 -47.67 -20.31
C ARG J 5 -38.50 -47.41 -20.19
N LYS J 6 -39.17 -47.43 -21.35
CA LYS J 6 -40.60 -47.24 -21.50
C LYS J 6 -41.24 -48.29 -22.41
N ASN J 7 -40.46 -49.24 -22.92
CA ASN J 7 -40.85 -50.01 -24.10
C ASN J 7 -41.90 -51.08 -23.84
N GLY J 8 -42.75 -50.87 -22.84
CA GLY J 8 -43.77 -51.78 -22.41
C GLY J 8 -43.69 -52.05 -20.93
N ILE J 9 -42.77 -51.38 -20.25
CA ILE J 9 -42.45 -51.70 -18.88
C ILE J 9 -43.62 -51.31 -17.99
N PHE J 10 -44.07 -52.23 -17.17
CA PHE J 10 -45.16 -51.99 -16.23
C PHE J 10 -44.89 -52.77 -14.96
N ASN J 11 -44.25 -52.11 -14.01
CA ASN J 11 -44.04 -52.71 -12.71
C ASN J 11 -45.36 -52.74 -11.95
N THR J 12 -45.63 -53.86 -11.30
CA THR J 12 -46.88 -54.03 -10.60
C THR J 12 -46.67 -55.03 -9.47
N ARG J 13 -47.78 -55.50 -8.90
CA ARG J 13 -47.77 -56.37 -7.74
C ARG J 13 -48.89 -57.38 -7.90
N LEU J 14 -48.66 -58.56 -7.34
CA LEU J 14 -49.65 -59.62 -7.31
C LEU J 14 -49.58 -60.33 -5.97
N SER J 15 -50.68 -60.94 -5.59
CA SER J 15 -50.77 -61.58 -4.28
C SER J 15 -51.82 -62.67 -4.32
N ARG J 16 -51.61 -63.68 -3.49
CA ARG J 16 -52.57 -64.74 -3.30
C ARG J 16 -52.48 -65.18 -1.84
N THR J 17 -53.29 -66.17 -1.49
CA THR J 17 -53.42 -66.58 -0.10
C THR J 17 -53.72 -68.06 -0.04
N ILE J 18 -53.17 -68.72 0.98
CA ILE J 18 -53.33 -70.15 1.18
C ILE J 18 -53.13 -70.47 2.64
N GLY J 19 -53.72 -71.58 3.07
CA GLY J 19 -53.58 -72.05 4.44
C GLY J 19 -52.52 -73.14 4.51
N TYR J 20 -51.78 -73.13 5.62
CA TYR J 20 -50.78 -74.15 5.90
C TYR J 20 -50.94 -74.58 7.33
N THR J 21 -50.97 -75.89 7.54
CA THR J 21 -51.42 -76.49 8.80
C THR J 21 -50.35 -77.44 9.29
N VAL J 22 -49.63 -77.01 10.32
CA VAL J 22 -48.68 -77.88 11.01
C VAL J 22 -49.46 -78.66 12.06
N LYS J 23 -49.45 -79.98 11.96
CA LYS J 23 -50.33 -80.82 12.73
C LYS J 23 -49.74 -81.13 14.10
N LYS J 24 -50.54 -81.78 14.93
CA LYS J 24 -50.15 -82.16 16.28
C LYS J 24 -49.20 -83.34 16.25
N THR J 25 -48.70 -83.70 17.43
CA THR J 25 -47.94 -84.91 17.63
C THR J 25 -47.84 -85.17 19.12
N THR J 26 -47.97 -86.43 19.50
CA THR J 26 -47.77 -86.81 20.90
C THR J 26 -46.31 -86.73 21.31
N VAL J 27 -45.38 -86.71 20.35
CA VAL J 27 -43.98 -86.56 20.66
C VAL J 27 -43.76 -85.26 21.41
N ARG J 28 -42.87 -85.31 22.41
CA ARG J 28 -42.52 -84.16 23.22
C ARG J 28 -41.09 -83.68 23.00
N THR J 29 -40.23 -84.51 22.44
CA THR J 29 -38.90 -84.07 22.11
C THR J 29 -38.99 -83.06 20.97
N PRO J 30 -38.01 -82.16 20.85
CA PRO J 30 -38.03 -81.20 19.74
C PRO J 30 -37.99 -81.90 18.39
N SER J 31 -39.05 -81.72 17.62
CA SER J 31 -39.16 -82.27 16.29
C SER J 31 -39.73 -81.21 15.37
N TRP J 32 -39.23 -81.20 14.14
CA TRP J 32 -39.56 -80.18 13.16
C TRP J 32 -40.35 -80.77 12.01
N ASN J 33 -41.09 -79.89 11.33
CA ASN J 33 -41.93 -80.25 10.19
C ASN J 33 -41.45 -79.44 9.00
N VAL J 34 -40.78 -80.10 8.07
CA VAL J 34 -40.11 -79.44 6.97
C VAL J 34 -41.03 -79.44 5.75
N ASP J 35 -41.00 -78.34 5.01
CA ASP J 35 -41.77 -78.21 3.79
C ASP J 35 -41.16 -77.10 2.96
N MET J 36 -41.26 -77.24 1.65
CA MET J 36 -40.72 -76.28 0.71
C MET J 36 -41.82 -75.30 0.30
N MET J 37 -41.51 -74.47 -0.69
CA MET J 37 -42.48 -73.50 -1.20
C MET J 37 -42.04 -73.06 -2.58
N ARG J 38 -42.90 -73.23 -3.57
CA ARG J 38 -42.63 -72.89 -4.96
C ARG J 38 -43.54 -71.75 -5.38
N PHE J 39 -43.07 -71.00 -6.38
CA PHE J 39 -43.78 -69.84 -6.91
C PHE J 39 -43.93 -70.00 -8.40
N ASN J 40 -45.18 -69.92 -8.87
CA ASN J 40 -45.48 -70.00 -10.29
C ASN J 40 -46.55 -68.96 -10.58
N ILE J 41 -46.34 -68.19 -11.64
CA ILE J 41 -47.18 -67.04 -11.90
C ILE J 41 -48.57 -67.43 -12.38
N ASN J 42 -48.74 -68.67 -12.85
CA ASN J 42 -50.06 -69.10 -13.26
C ASN J 42 -51.04 -69.12 -12.10
N ASP J 43 -50.54 -69.26 -10.88
CA ASP J 43 -51.39 -69.19 -9.69
C ASP J 43 -51.77 -67.77 -9.32
N PHE J 44 -51.18 -66.77 -9.96
CA PHE J 44 -51.51 -65.37 -9.73
C PHE J 44 -52.30 -64.76 -10.87
N LEU J 45 -51.93 -65.05 -12.12
CA LEU J 45 -52.59 -64.52 -13.29
C LEU J 45 -53.60 -65.54 -13.80
N PRO J 46 -54.90 -65.33 -13.64
CA PRO J 46 -55.86 -66.25 -14.25
C PRO J 46 -55.92 -66.04 -15.75
N PRO J 47 -56.50 -66.98 -16.49
CA PRO J 47 -56.51 -66.87 -17.94
C PRO J 47 -57.55 -65.88 -18.43
N GLY J 48 -57.20 -65.18 -19.51
CA GLY J 48 -58.11 -64.24 -20.12
C GLY J 48 -59.12 -64.93 -21.02
N GLY J 49 -59.39 -64.31 -22.16
CA GLY J 49 -60.33 -64.89 -23.11
C GLY J 49 -60.21 -64.31 -24.50
N GLY J 50 -60.34 -65.16 -25.51
CA GLY J 50 -60.27 -64.73 -26.88
C GLY J 50 -58.85 -64.64 -27.40
N SER J 51 -58.58 -63.60 -28.20
CA SER J 51 -57.25 -63.44 -28.75
C SER J 51 -56.23 -63.10 -27.67
N ASN J 52 -56.69 -62.47 -26.59
CA ASN J 52 -55.82 -62.17 -25.45
C ASN J 52 -55.87 -63.35 -24.49
N PRO J 53 -54.83 -64.19 -24.40
CA PRO J 53 -54.96 -65.41 -23.62
C PRO J 53 -54.87 -65.19 -22.12
N LEU J 54 -54.12 -64.17 -21.73
CA LEU J 54 -53.94 -63.82 -20.32
C LEU J 54 -54.83 -62.65 -19.94
N THR J 55 -54.91 -62.40 -18.63
CA THR J 55 -55.63 -61.25 -18.11
C THR J 55 -54.81 -59.97 -18.17
N VAL J 56 -53.50 -60.08 -18.20
CA VAL J 56 -52.59 -58.94 -18.29
C VAL J 56 -52.04 -58.91 -19.71
N PRO J 57 -52.23 -57.82 -20.46
CA PRO J 57 -51.73 -57.84 -21.84
C PRO J 57 -50.26 -57.49 -21.94
N PHE J 58 -49.41 -58.49 -21.70
CA PHE J 58 -47.99 -58.35 -21.88
C PHE J 58 -47.42 -59.69 -22.31
N GLU J 59 -46.22 -59.64 -22.88
CA GLU J 59 -45.56 -60.80 -23.44
C GLU J 59 -44.49 -61.36 -22.52
N TYR J 60 -43.56 -60.52 -22.10
CA TYR J 60 -42.43 -60.92 -21.28
C TYR J 60 -42.69 -60.56 -19.82
N TYR J 61 -41.84 -61.09 -18.96
CA TYR J 61 -41.92 -60.77 -17.54
C TYR J 61 -40.67 -61.25 -16.84
N ARG J 62 -40.43 -60.68 -15.66
CA ARG J 62 -39.35 -61.12 -14.80
C ARG J 62 -39.69 -60.72 -13.38
N ILE J 63 -39.57 -61.66 -12.46
CA ILE J 63 -39.95 -61.44 -11.07
C ILE J 63 -38.78 -60.77 -10.36
N ARG J 64 -39.01 -59.56 -9.87
CA ARG J 64 -37.97 -58.84 -9.15
C ARG J 64 -37.83 -59.34 -7.72
N LYS J 65 -38.94 -59.39 -6.99
CA LYS J 65 -38.92 -59.70 -5.57
C LYS J 65 -40.16 -60.49 -5.21
N VAL J 66 -40.08 -61.15 -4.06
CA VAL J 66 -41.20 -61.87 -3.48
C VAL J 66 -41.21 -61.57 -1.99
N LYS J 67 -42.40 -61.34 -1.46
CA LYS J 67 -42.61 -61.07 -0.04
C LYS J 67 -43.59 -62.11 0.48
N VAL J 68 -43.07 -63.13 1.10
CA VAL J 68 -43.89 -64.10 1.79
C VAL J 68 -44.25 -63.55 3.15
N GLU J 69 -45.43 -63.92 3.63
CA GLU J 69 -45.96 -63.42 4.90
C GLU J 69 -46.70 -64.56 5.58
N PHE J 70 -46.30 -64.85 6.81
CA PHE J 70 -46.92 -65.90 7.61
C PHE J 70 -47.85 -65.27 8.62
N TRP J 71 -49.00 -64.84 8.14
CA TRP J 71 -50.02 -64.32 9.03
C TRP J 71 -50.61 -65.47 9.81
N PRO J 72 -50.37 -65.59 11.11
CA PRO J 72 -50.82 -66.78 11.83
C PRO J 72 -52.33 -66.83 11.96
N CYS J 73 -52.78 -67.97 12.47
CA CYS J 73 -54.17 -68.22 12.78
C CYS J 73 -54.37 -68.68 14.21
N SER J 74 -53.30 -68.84 14.98
CA SER J 74 -53.38 -69.29 16.36
C SER J 74 -53.45 -68.11 17.30
N PRO J 75 -53.98 -68.30 18.51
CA PRO J 75 -54.11 -67.17 19.43
C PRO J 75 -52.82 -66.89 20.18
N ILE J 76 -52.81 -65.75 20.85
CA ILE J 76 -51.68 -65.36 21.68
C ILE J 76 -51.53 -66.30 22.87
N THR J 77 -52.62 -66.87 23.36
CA THR J 77 -52.60 -67.63 24.59
C THR J 77 -52.27 -69.10 24.38
N GLN J 78 -51.63 -69.43 23.26
CA GLN J 78 -51.30 -70.82 22.96
C GLN J 78 -49.97 -71.18 23.59
N GLY J 79 -49.91 -72.38 24.16
CA GLY J 79 -48.74 -72.87 24.84
C GLY J 79 -47.94 -73.83 23.98
N ASP J 80 -46.94 -74.43 24.61
CA ASP J 80 -45.98 -75.31 23.96
C ASP J 80 -45.40 -74.62 22.73
N ARG J 81 -44.84 -73.45 22.97
CA ARG J 81 -44.29 -72.66 21.88
C ARG J 81 -43.07 -73.37 21.30
N GLY J 82 -42.48 -72.75 20.31
CA GLY J 82 -41.35 -73.34 19.66
C GLY J 82 -40.55 -72.32 18.90
N VAL J 83 -39.73 -72.81 17.99
CA VAL J 83 -38.86 -71.97 17.20
C VAL J 83 -38.51 -72.72 15.91
N GLY J 84 -38.57 -72.00 14.80
CA GLY J 84 -38.36 -72.58 13.49
C GLY J 84 -37.34 -71.81 12.68
N SER J 85 -37.35 -71.99 11.38
CA SER J 85 -36.36 -71.35 10.52
C SER J 85 -36.86 -71.34 9.09
N THR J 86 -36.62 -70.23 8.41
CA THR J 86 -36.90 -70.07 6.99
C THR J 86 -35.61 -69.74 6.28
N ALA J 87 -35.41 -70.37 5.13
CA ALA J 87 -34.20 -70.20 4.35
C ALA J 87 -34.55 -70.09 2.89
N VAL J 88 -33.64 -69.48 2.15
CA VAL J 88 -33.81 -69.21 0.73
C VAL J 88 -33.06 -70.27 -0.05
N ILE J 89 -33.78 -70.94 -0.95
CA ILE J 89 -33.26 -72.05 -1.73
C ILE J 89 -33.49 -71.70 -3.20
N LEU J 90 -32.41 -71.43 -3.91
CA LEU J 90 -32.49 -70.86 -5.24
C LEU J 90 -32.17 -71.88 -6.33
N ASP J 91 -32.19 -73.18 -6.00
CA ASP J 91 -31.72 -74.21 -6.90
C ASP J 91 -32.64 -75.42 -7.00
N ASP J 92 -33.83 -75.37 -6.41
CA ASP J 92 -34.77 -76.49 -6.41
C ASP J 92 -34.20 -77.71 -5.69
N ASN J 93 -33.27 -77.48 -4.78
CA ASN J 93 -32.70 -78.52 -3.93
C ASN J 93 -33.13 -78.21 -2.52
N PHE J 94 -34.33 -78.63 -2.18
CA PHE J 94 -34.85 -78.48 -0.84
C PHE J 94 -34.37 -79.64 0.00
N VAL J 95 -34.81 -79.67 1.25
CA VAL J 95 -34.46 -80.70 2.21
C VAL J 95 -35.72 -81.51 2.45
N THR J 96 -35.60 -82.82 2.34
CA THR J 96 -36.70 -83.74 2.11
C THR J 96 -37.89 -83.47 3.02
N LYS J 97 -39.07 -83.47 2.42
CA LYS J 97 -40.31 -83.23 3.13
C LYS J 97 -40.49 -84.25 4.25
N ALA J 98 -40.71 -83.76 5.45
CA ALA J 98 -40.75 -84.60 6.64
C ALA J 98 -41.69 -83.99 7.66
N ASN J 99 -42.47 -84.85 8.32
CA ASN J 99 -43.38 -84.42 9.36
C ASN J 99 -42.70 -84.31 10.71
N ALA J 100 -41.61 -85.05 10.92
CA ALA J 100 -40.92 -85.05 12.21
C ALA J 100 -39.45 -85.33 11.96
N LEU J 101 -38.62 -84.33 12.21
CA LEU J 101 -37.18 -84.44 12.07
C LEU J 101 -36.54 -83.92 13.35
N THR J 102 -35.52 -84.62 13.81
CA THR J 102 -34.94 -84.37 15.13
C THR J 102 -34.08 -83.12 15.18
N TYR J 103 -33.99 -82.35 14.10
CA TYR J 103 -33.17 -81.17 14.09
C TYR J 103 -33.71 -80.19 13.07
N ASP J 104 -33.28 -78.94 13.19
CA ASP J 104 -33.66 -77.88 12.28
C ASP J 104 -32.62 -77.81 11.17
N PRO J 105 -32.90 -78.33 9.97
CA PRO J 105 -31.86 -78.35 8.95
C PRO J 105 -31.56 -76.98 8.38
N TYR J 106 -32.53 -76.09 8.36
CA TYR J 106 -32.36 -74.75 7.82
C TYR J 106 -31.85 -73.76 8.85
N VAL J 107 -31.22 -74.23 9.92
CA VAL J 107 -30.81 -73.32 11.00
C VAL J 107 -29.46 -72.69 10.70
N ASN J 108 -28.51 -73.47 10.20
CA ASN J 108 -27.18 -72.96 9.91
C ASN J 108 -27.07 -72.35 8.53
N TYR J 109 -28.13 -72.42 7.72
CA TYR J 109 -28.11 -71.76 6.43
C TYR J 109 -27.87 -70.27 6.59
N SER J 110 -27.03 -69.74 5.73
CA SER J 110 -26.68 -68.32 5.80
C SER J 110 -27.89 -67.44 5.58
N SER J 111 -28.87 -67.92 4.82
CA SER J 111 -30.11 -67.19 4.57
C SER J 111 -31.17 -67.47 5.61
N ARG J 112 -30.78 -67.87 6.81
CA ARG J 112 -31.73 -68.23 7.83
C ARG J 112 -32.27 -66.99 8.52
N HIS J 113 -33.58 -66.93 8.69
CA HIS J 113 -34.25 -65.91 9.47
C HIS J 113 -35.19 -66.63 10.41
N THR J 114 -34.99 -66.43 11.71
CA THR J 114 -35.67 -67.23 12.70
C THR J 114 -37.16 -66.92 12.72
N ILE J 115 -37.94 -67.96 13.03
CA ILE J 115 -39.37 -67.84 13.26
C ILE J 115 -39.62 -68.00 14.74
N THR J 116 -40.43 -67.12 15.29
CA THR J 116 -41.05 -67.34 16.57
C THR J 116 -42.43 -67.92 16.32
N GLN J 117 -42.83 -68.86 17.17
CA GLN J 117 -44.05 -69.62 16.96
C GLN J 117 -44.89 -69.57 18.23
N PRO J 118 -46.20 -69.83 18.12
CA PRO J 118 -47.05 -70.05 16.96
C PRO J 118 -47.93 -68.87 16.57
N PHE J 119 -47.75 -67.74 17.24
CA PHE J 119 -48.65 -66.60 17.08
C PHE J 119 -47.98 -65.38 16.48
N SER J 120 -46.75 -65.49 15.99
CA SER J 120 -46.00 -64.37 15.50
C SER J 120 -46.06 -64.28 13.98
N TYR J 121 -45.71 -63.10 13.47
CA TYR J 121 -45.66 -62.80 12.06
C TYR J 121 -44.22 -62.88 11.58
N HIS J 122 -44.03 -63.45 10.39
CA HIS J 122 -42.71 -63.58 9.81
C HIS J 122 -42.78 -63.31 8.32
N SER J 123 -41.82 -62.55 7.81
CA SER J 123 -41.80 -62.13 6.43
C SER J 123 -40.41 -62.27 5.87
N ARG J 124 -40.34 -62.54 4.57
CA ARG J 124 -39.08 -62.80 3.87
C ARG J 124 -39.16 -62.14 2.51
N TYR J 125 -38.41 -61.06 2.33
CA TYR J 125 -38.41 -60.25 1.13
C TYR J 125 -37.13 -60.52 0.37
N PHE J 126 -37.21 -61.29 -0.70
CA PHE J 126 -36.04 -61.77 -1.40
C PHE J 126 -36.32 -61.82 -2.89
N THR J 127 -35.27 -62.11 -3.64
CA THR J 127 -35.32 -62.25 -5.08
C THR J 127 -35.33 -63.73 -5.43
N PRO J 128 -36.38 -64.28 -6.02
CA PRO J 128 -36.34 -65.67 -6.44
C PRO J 128 -35.61 -65.81 -7.76
N LYS J 129 -35.43 -67.06 -8.17
CA LYS J 129 -34.78 -67.40 -9.41
C LYS J 129 -35.59 -68.47 -10.11
N PRO J 130 -35.56 -68.53 -11.43
CA PRO J 130 -36.32 -69.55 -12.13
C PRO J 130 -35.55 -70.86 -12.26
N VAL J 131 -36.27 -71.88 -12.71
CA VAL J 131 -35.73 -73.21 -12.89
C VAL J 131 -35.55 -73.38 -14.40
N LEU J 132 -34.34 -73.05 -14.87
CA LEU J 132 -34.02 -73.19 -16.29
C LEU J 132 -33.60 -74.61 -16.63
N ASP J 133 -32.78 -75.23 -15.79
CA ASP J 133 -32.30 -76.59 -16.02
C ASP J 133 -32.29 -77.32 -14.68
N ARG J 134 -33.15 -78.33 -14.55
CA ARG J 134 -33.21 -79.09 -13.30
C ARG J 134 -31.98 -79.95 -13.12
N THR J 135 -31.44 -80.48 -14.21
CA THR J 135 -30.25 -81.34 -14.12
C THR J 135 -29.07 -80.55 -13.60
N ILE J 136 -28.89 -79.33 -14.07
CA ILE J 136 -27.73 -78.52 -13.77
C ILE J 136 -28.00 -77.56 -12.62
N ASP J 137 -29.22 -77.02 -12.57
CA ASP J 137 -29.66 -76.14 -11.49
C ASP J 137 -28.74 -74.93 -11.36
N TYR J 138 -28.73 -74.13 -12.40
CA TYR J 138 -27.99 -72.87 -12.42
C TYR J 138 -28.92 -71.69 -12.25
N PHE J 139 -28.35 -70.60 -11.77
CA PHE J 139 -29.07 -69.36 -11.60
C PHE J 139 -28.06 -68.24 -11.51
N GLN J 140 -28.53 -67.04 -11.78
CA GLN J 140 -27.65 -65.90 -11.84
C GLN J 140 -27.77 -65.04 -10.60
N PRO J 141 -26.80 -64.18 -10.34
CA PRO J 141 -26.89 -63.33 -9.16
C PRO J 141 -28.01 -62.31 -9.23
N ASN J 142 -28.10 -61.48 -8.20
CA ASN J 142 -29.11 -60.43 -8.14
C ASN J 142 -28.52 -59.19 -8.79
N ASN J 143 -28.88 -58.95 -10.04
CA ASN J 143 -28.53 -57.72 -10.74
C ASN J 143 -29.73 -57.31 -11.57
N LYS J 144 -30.27 -56.13 -11.28
CA LYS J 144 -31.51 -55.72 -11.90
C LYS J 144 -31.34 -55.50 -13.40
N ARG J 145 -30.26 -54.86 -13.81
CA ARG J 145 -30.09 -54.51 -15.21
C ARG J 145 -30.04 -55.76 -16.08
N ASN J 146 -29.21 -56.72 -15.70
CA ASN J 146 -28.95 -57.89 -16.53
C ASN J 146 -29.79 -59.10 -16.14
N GLN J 147 -30.85 -58.90 -15.38
CA GLN J 147 -31.75 -59.99 -15.08
C GLN J 147 -32.49 -60.41 -16.33
N LEU J 148 -32.80 -61.71 -16.41
CA LEU J 148 -33.38 -62.28 -17.60
C LEU J 148 -34.84 -61.90 -17.74
N TRP J 149 -35.32 -61.99 -18.96
CA TRP J 149 -36.74 -61.88 -19.28
C TRP J 149 -37.26 -63.25 -19.65
N LEU J 150 -38.56 -63.44 -19.44
CA LEU J 150 -39.21 -64.72 -19.66
C LEU J 150 -40.54 -64.50 -20.34
N ARG J 151 -40.83 -65.33 -21.32
CA ARG J 151 -42.11 -65.28 -21.99
C ARG J 151 -43.22 -65.62 -21.01
N LEU J 152 -44.30 -64.85 -21.10
CA LEU J 152 -45.46 -65.06 -20.23
C LEU J 152 -46.36 -66.06 -20.92
N GLN J 153 -46.15 -67.33 -20.62
CA GLN J 153 -46.93 -68.38 -21.23
C GLN J 153 -48.31 -68.45 -20.59
N THR J 154 -49.18 -69.22 -21.23
CA THR J 154 -50.58 -69.30 -20.84
C THR J 154 -50.83 -70.35 -19.77
N THR J 155 -50.21 -71.53 -19.90
CA THR J 155 -50.46 -72.65 -19.02
C THR J 155 -49.21 -73.35 -18.49
N GLY J 156 -48.03 -73.01 -18.99
CA GLY J 156 -46.81 -73.74 -18.67
C GLY J 156 -45.68 -72.85 -18.22
N ASN J 157 -45.97 -71.83 -17.43
CA ASN J 157 -44.92 -70.97 -16.94
C ASN J 157 -44.01 -71.74 -15.99
N VAL J 158 -42.77 -71.30 -15.93
CA VAL J 158 -41.74 -72.01 -15.19
C VAL J 158 -41.88 -71.75 -13.71
N ASP J 159 -41.49 -72.73 -12.92
CA ASP J 159 -41.67 -72.71 -11.47
C ASP J 159 -40.48 -71.98 -10.85
N HIS J 160 -40.69 -70.73 -10.49
CA HIS J 160 -39.73 -70.03 -9.66
C HIS J 160 -39.61 -70.72 -8.31
N VAL J 161 -38.54 -70.39 -7.60
CA VAL J 161 -38.16 -71.06 -6.38
C VAL J 161 -37.50 -70.04 -5.47
N GLY J 162 -37.21 -70.43 -4.23
CA GLY J 162 -36.64 -69.50 -3.28
C GLY J 162 -37.02 -69.57 -1.82
N LEU J 163 -37.76 -70.56 -1.34
CA LEU J 163 -38.00 -70.62 0.10
C LEU J 163 -38.25 -72.04 0.59
N GLY J 164 -37.70 -72.32 1.76
CA GLY J 164 -37.98 -73.55 2.46
C GLY J 164 -38.14 -73.28 3.93
N THR J 165 -38.96 -74.10 4.58
CA THR J 165 -39.40 -73.86 5.94
C THR J 165 -39.07 -75.04 6.84
N ALA J 166 -39.06 -74.76 8.13
CA ALA J 166 -38.92 -75.80 9.14
C ALA J 166 -39.58 -75.28 10.41
N PHE J 167 -40.78 -75.78 10.68
CA PHE J 167 -41.54 -75.39 11.85
C PHE J 167 -41.43 -76.45 12.93
N GLU J 168 -41.34 -76.01 14.17
CA GLU J 168 -41.19 -76.93 15.29
C GLU J 168 -42.56 -77.47 15.68
N ASN J 169 -42.65 -78.79 15.75
CA ASN J 169 -43.92 -79.43 16.06
C ASN J 169 -44.37 -79.06 17.47
N SER J 170 -45.67 -79.21 17.70
CA SER J 170 -46.25 -78.88 18.98
C SER J 170 -47.46 -79.77 19.23
N ILE J 171 -47.90 -79.80 20.47
CA ILE J 171 -49.06 -80.60 20.86
C ILE J 171 -50.30 -80.11 20.12
N TYR J 172 -50.42 -78.79 19.96
CA TYR J 172 -51.57 -78.17 19.36
C TYR J 172 -51.31 -77.89 17.89
N ASP J 173 -52.39 -77.84 17.11
CA ASP J 173 -52.28 -77.45 15.71
C ASP J 173 -51.81 -76.00 15.61
N GLN J 174 -50.95 -75.75 14.64
CA GLN J 174 -50.43 -74.42 14.34
C GLN J 174 -50.86 -74.10 12.92
N ASP J 175 -52.06 -73.56 12.79
CA ASP J 175 -52.55 -73.13 11.51
C ASP J 175 -51.97 -71.77 11.16
N TYR J 176 -51.73 -71.57 9.87
CA TYR J 176 -51.18 -70.33 9.35
C TYR J 176 -51.98 -69.90 8.13
N ASN J 177 -51.84 -68.62 7.80
CA ASN J 177 -52.51 -68.01 6.66
C ASN J 177 -51.40 -67.33 5.86
N ILE J 178 -50.87 -68.04 4.88
CA ILE J 178 -49.74 -67.56 4.12
C ILE J 178 -50.23 -66.63 3.03
N ARG J 179 -49.48 -65.56 2.81
CA ARG J 179 -49.72 -64.60 1.73
C ARG J 179 -48.44 -64.48 0.92
N ILE J 180 -48.52 -64.79 -0.36
CA ILE J 180 -47.38 -64.73 -1.25
C ILE J 180 -47.55 -63.52 -2.15
N THR J 181 -46.94 -62.42 -1.76
CA THR J 181 -46.94 -61.22 -2.57
C THR J 181 -45.75 -61.27 -3.53
N MET J 182 -46.02 -60.88 -4.78
CA MET J 182 -45.04 -60.94 -5.84
C MET J 182 -44.95 -59.57 -6.50
N TYR J 183 -43.73 -59.16 -6.83
CA TYR J 183 -43.44 -57.88 -7.45
C TYR J 183 -42.85 -58.16 -8.82
N VAL J 184 -43.68 -58.01 -9.84
CA VAL J 184 -43.38 -58.44 -11.18
C VAL J 184 -43.09 -57.22 -12.04
N GLN J 185 -42.48 -57.46 -13.19
CA GLN J 185 -42.14 -56.41 -14.14
C GLN J 185 -42.37 -56.96 -15.53
N PHE J 186 -43.43 -56.49 -16.18
CA PHE J 186 -43.82 -56.97 -17.49
C PHE J 186 -43.22 -56.10 -18.58
N ARG J 187 -43.54 -56.42 -19.83
CA ARG J 187 -42.94 -55.74 -20.97
C ARG J 187 -43.72 -56.13 -22.23
N GLU J 188 -43.60 -55.30 -23.25
CA GLU J 188 -44.17 -55.53 -24.58
C GLU J 188 -45.68 -55.71 -24.53
N PHE J 189 -46.34 -54.59 -24.24
CA PHE J 189 -47.80 -54.52 -24.25
C PHE J 189 -48.36 -55.04 -25.57
N ASN J 190 -49.04 -56.18 -25.53
CA ASN J 190 -49.41 -56.94 -26.72
C ASN J 190 -50.91 -57.14 -26.80
N LEU J 191 -51.67 -56.08 -26.57
CA LEU J 191 -53.12 -56.21 -26.59
C LEU J 191 -53.62 -56.33 -28.02
N LYS J 192 -54.64 -57.14 -28.20
CA LYS J 192 -55.35 -57.28 -29.45
C LYS J 192 -56.69 -56.55 -29.38
N ASP J 193 -57.19 -56.15 -30.53
CA ASP J 193 -58.48 -55.46 -30.64
C ASP J 193 -59.19 -55.92 -31.90
N PRO J 194 -59.81 -57.09 -31.87
CA PRO J 194 -60.66 -57.50 -32.97
C PRO J 194 -61.89 -56.62 -33.05
N PRO J 195 -62.65 -56.71 -34.13
CA PRO J 195 -63.92 -55.98 -34.20
C PRO J 195 -65.00 -56.61 -33.35
N LEU J 196 -66.23 -56.10 -33.44
CA LEU J 196 -67.36 -56.57 -32.65
C LEU J 196 -67.11 -56.36 -31.16
N TYR K 1 13.51 56.16 12.40
CA TYR K 1 13.20 57.30 13.26
C TYR K 1 13.43 58.63 12.53
N ARG K 2 12.80 58.78 11.35
CA ARG K 2 12.79 60.00 10.54
C ARG K 2 14.22 60.56 10.36
N TRP K 3 15.07 59.96 9.50
CA TRP K 3 14.73 59.19 8.28
C TRP K 3 13.94 59.98 7.22
N ARG K 4 14.56 60.86 6.56
CA ARG K 4 14.85 62.28 6.35
C ARG K 4 13.72 63.28 6.61
N ARG K 5 12.51 63.25 6.02
CA ARG K 5 11.99 62.39 4.96
C ARG K 5 11.65 63.22 3.70
N LYS K 6 10.73 64.18 3.88
CA LYS K 6 10.27 65.11 2.85
C LYS K 6 10.24 66.54 3.35
N ASN K 7 10.64 66.80 4.59
CA ASN K 7 10.26 68.03 5.30
C ASN K 7 11.02 69.28 4.86
N GLY K 8 11.45 69.29 3.59
CA GLY K 8 12.22 70.37 3.00
C GLY K 8 13.47 69.84 2.35
N ILE K 9 13.65 68.53 2.35
CA ILE K 9 14.90 67.92 1.93
C ILE K 9 15.07 68.11 0.44
N PHE K 10 16.23 68.62 0.04
CA PHE K 10 16.55 68.83 -1.36
C PHE K 10 18.03 68.57 -1.55
N ASN K 11 18.37 67.35 -1.90
CA ASN K 11 19.74 67.01 -2.24
C ASN K 11 20.09 67.60 -3.58
N THR K 12 21.27 68.19 -3.67
CA THR K 12 21.69 68.85 -4.89
C THR K 12 23.21 68.83 -4.95
N ARG K 13 23.76 69.62 -5.86
CA ARG K 13 25.19 69.64 -6.14
C ARG K 13 25.59 71.08 -6.43
N LEU K 14 26.84 71.39 -6.09
CA LEU K 14 27.42 72.69 -6.36
C LEU K 14 28.87 72.49 -6.76
N SER K 15 29.39 73.45 -7.51
CA SER K 15 30.73 73.35 -8.03
C SER K 15 31.28 74.72 -8.30
N ARG K 16 32.60 74.83 -8.20
CA ARG K 16 33.31 76.04 -8.55
C ARG K 16 34.66 75.64 -9.12
N THR K 17 35.47 76.63 -9.48
CA THR K 17 36.72 76.38 -10.17
C THR K 17 37.73 77.44 -9.80
N ILE K 18 38.99 77.03 -9.70
CA ILE K 18 40.08 77.91 -9.33
C ILE K 18 41.38 77.35 -9.87
N GLY K 19 42.35 78.23 -10.06
CA GLY K 19 43.67 77.84 -10.53
C GLY K 19 44.64 77.74 -9.36
N TYR K 20 45.54 76.76 -9.46
CA TYR K 20 46.58 76.57 -8.46
C TYR K 20 47.88 76.33 -9.20
N THR K 21 48.92 77.06 -8.79
CA THR K 21 50.14 77.20 -9.56
C THR K 21 51.33 76.82 -8.68
N VAL K 22 51.87 75.64 -8.92
CA VAL K 22 53.11 75.21 -8.27
C VAL K 22 54.26 75.77 -9.09
N LYS K 23 55.10 76.60 -8.46
CA LYS K 23 56.08 77.37 -9.18
C LYS K 23 57.37 76.58 -9.38
N LYS K 24 58.27 77.16 -10.16
CA LYS K 24 59.56 76.56 -10.47
C LYS K 24 60.49 76.62 -9.27
N THR K 25 61.66 76.01 -9.44
CA THR K 25 62.76 76.12 -8.49
C THR K 25 64.01 75.57 -9.15
N THR K 26 65.13 76.27 -8.93
CA THR K 26 66.40 75.76 -9.41
C THR K 26 66.88 74.54 -8.62
N VAL K 27 66.32 74.31 -7.43
CA VAL K 27 66.66 73.13 -6.66
C VAL K 27 66.34 71.89 -7.48
N ARG K 28 67.22 70.89 -7.37
CA ARG K 28 67.07 69.63 -8.07
C ARG K 28 66.82 68.46 -7.13
N THR K 29 67.13 68.61 -5.84
CA THR K 29 66.79 67.57 -4.89
C THR K 29 65.28 67.51 -4.74
N PRO K 30 64.74 66.36 -4.35
CA PRO K 30 63.29 66.26 -4.15
C PRO K 30 62.81 67.22 -3.07
N SER K 31 61.96 68.17 -3.48
CA SER K 31 61.38 69.14 -2.59
C SER K 31 59.91 69.27 -2.91
N TRP K 32 59.10 69.44 -1.87
CA TRP K 32 57.65 69.47 -1.98
C TRP K 32 57.11 70.85 -1.66
N ASN K 33 55.91 71.12 -2.17
CA ASN K 33 55.21 72.38 -1.99
C ASN K 33 53.88 72.07 -1.32
N VAL K 34 53.78 72.40 -0.05
CA VAL K 34 52.64 72.02 0.77
C VAL K 34 51.63 73.15 0.80
N ASP K 35 50.36 72.79 0.78
CA ASP K 35 49.27 73.75 0.85
C ASP K 35 48.02 73.02 1.29
N MET K 36 47.17 73.72 2.00
CA MET K 36 45.92 73.18 2.51
C MET K 36 44.79 73.52 1.56
N MET K 37 43.57 73.23 1.97
CA MET K 37 42.39 73.52 1.17
C MET K 37 41.17 73.53 2.07
N ARG K 38 40.45 74.65 2.08
CA ARG K 38 39.27 74.85 2.90
C ARG K 38 38.04 74.96 2.01
N PHE K 39 36.89 74.62 2.60
CA PHE K 39 35.62 74.63 1.89
C PHE K 39 34.64 75.46 2.68
N ASN K 40 34.05 76.45 2.03
CA ASN K 40 33.04 77.32 2.63
C ASN K 40 31.95 77.54 1.60
N ILE K 41 30.70 77.38 2.03
CA ILE K 41 29.60 77.38 1.09
C ILE K 41 29.32 78.76 0.52
N ASN K 42 29.80 79.81 1.18
CA ASN K 42 29.59 81.16 0.65
C ASN K 42 30.27 81.34 -0.69
N ASP K 43 31.32 80.57 -0.96
CA ASP K 43 31.98 80.60 -2.25
C ASP K 43 31.22 79.85 -3.33
N PHE K 44 30.17 79.12 -2.97
CA PHE K 44 29.32 78.41 -3.92
C PHE K 44 27.96 79.08 -4.11
N LEU K 45 27.34 79.51 -3.02
CA LEU K 45 26.04 80.14 -3.06
C LEU K 45 26.21 81.65 -3.07
N PRO K 46 25.98 82.35 -4.18
CA PRO K 46 26.02 83.81 -4.13
C PRO K 46 24.79 84.36 -3.42
N PRO K 47 24.82 85.63 -3.04
CA PRO K 47 23.71 86.18 -2.27
C PRO K 47 22.51 86.50 -3.16
N GLY K 48 21.32 86.30 -2.59
CA GLY K 48 20.10 86.62 -3.30
C GLY K 48 19.77 88.09 -3.22
N GLY K 49 18.49 88.40 -3.04
CA GLY K 49 18.07 89.78 -2.94
C GLY K 49 16.70 89.93 -2.31
N GLY K 50 16.54 90.96 -1.48
CA GLY K 50 15.27 91.24 -0.85
C GLY K 50 15.06 90.43 0.41
N SER K 51 13.84 89.97 0.62
CA SER K 51 13.53 89.19 1.81
C SER K 51 14.23 87.85 1.79
N ASN K 52 14.51 87.32 0.60
CA ASN K 52 15.25 86.07 0.46
C ASN K 52 16.73 86.40 0.38
N PRO K 53 17.53 86.16 1.43
CA PRO K 53 18.90 86.65 1.41
C PRO K 53 19.83 85.82 0.54
N LEU K 54 19.54 84.53 0.42
CA LEU K 54 20.33 83.61 -0.39
C LEU K 54 19.66 83.36 -1.73
N THR K 55 20.41 82.70 -2.61
CA THR K 55 19.88 82.29 -3.90
C THR K 55 19.09 81.00 -3.83
N VAL K 56 19.36 80.17 -2.82
CA VAL K 56 18.66 78.91 -2.61
C VAL K 56 17.71 79.11 -1.43
N PRO K 57 16.41 78.92 -1.59
CA PRO K 57 15.51 79.17 -0.47
C PRO K 57 15.43 78.00 0.50
N PHE K 58 16.42 77.92 1.39
CA PHE K 58 16.43 76.94 2.45
C PHE K 58 17.12 77.53 3.66
N GLU K 59 16.87 76.93 4.81
CA GLU K 59 17.37 77.41 6.09
C GLU K 59 18.58 76.62 6.57
N TYR K 60 18.44 75.31 6.65
CA TYR K 60 19.48 74.44 7.16
C TYR K 60 20.23 73.78 6.02
N TYR K 61 21.35 73.16 6.36
CA TYR K 61 22.13 72.43 5.37
C TYR K 61 23.15 71.55 6.08
N ARG K 62 23.64 70.57 5.34
CA ARG K 62 24.73 69.73 5.82
C ARG K 62 25.41 69.11 4.61
N ILE K 63 26.73 69.22 4.58
CA ILE K 63 27.50 68.74 3.44
C ILE K 63 27.75 67.26 3.59
N ARG K 64 27.24 66.47 2.65
CA ARG K 64 27.41 65.04 2.68
C ARG K 64 28.80 64.65 2.20
N LYS K 65 29.19 65.12 1.02
CA LYS K 65 30.41 64.70 0.37
C LYS K 65 31.01 65.86 -0.39
N VAL K 66 32.29 65.71 -0.70
CA VAL K 66 33.03 66.65 -1.52
C VAL K 66 33.88 65.86 -2.49
N LYS K 67 33.91 66.30 -3.74
CA LYS K 67 34.71 65.69 -4.78
C LYS K 67 35.62 66.76 -5.35
N VAL K 68 36.85 66.75 -4.89
CA VAL K 68 37.88 67.60 -5.46
C VAL K 68 38.41 66.95 -6.71
N GLU K 69 38.83 67.77 -7.68
CA GLU K 69 39.31 67.29 -8.96
C GLU K 69 40.45 68.19 -9.39
N PHE K 70 41.60 67.57 -9.68
CA PHE K 70 42.78 68.29 -10.12
C PHE K 70 42.92 68.12 -11.62
N TRP K 71 42.10 68.85 -12.36
CA TRP K 71 42.21 68.86 -13.80
C TRP K 71 43.48 69.62 -14.18
N PRO K 72 44.52 68.97 -14.69
CA PRO K 72 45.77 69.69 -14.91
C PRO K 72 45.67 70.70 -16.05
N CYS K 73 46.74 71.48 -16.17
CA CYS K 73 46.91 72.44 -17.23
C CYS K 73 48.22 72.24 -17.98
N SER K 74 49.04 71.28 -17.59
CA SER K 74 50.32 71.03 -18.21
C SER K 74 50.17 69.97 -19.30
N PRO K 75 51.07 69.93 -20.27
CA PRO K 75 50.95 68.96 -21.35
C PRO K 75 51.49 67.60 -20.96
N ILE K 76 51.19 66.63 -21.81
CA ILE K 76 51.70 65.28 -21.63
C ILE K 76 53.21 65.23 -21.79
N THR K 77 53.77 66.11 -22.61
CA THR K 77 55.18 66.04 -22.97
C THR K 77 56.08 66.77 -22.00
N GLN K 78 55.62 67.00 -20.77
CA GLN K 78 56.39 67.73 -19.79
C GLN K 78 57.30 66.78 -19.04
N GLY K 79 58.54 67.23 -18.81
CA GLY K 79 59.54 66.43 -18.15
C GLY K 79 59.71 66.82 -16.70
N ASP K 80 60.73 66.23 -16.09
CA ASP K 80 61.01 66.38 -14.67
C ASP K 80 59.75 66.09 -13.85
N ARG K 81 59.22 64.90 -14.06
CA ARG K 81 57.99 64.52 -13.40
C ARG K 81 58.26 64.35 -11.92
N GLY K 82 57.21 64.00 -11.20
CA GLY K 82 57.33 63.86 -9.77
C GLY K 82 56.23 63.02 -9.21
N VAL K 83 56.04 63.15 -7.89
CA VAL K 83 55.02 62.39 -7.19
C VAL K 83 54.69 63.13 -5.91
N GLY K 84 53.39 63.21 -5.63
CA GLY K 84 52.89 63.97 -4.51
C GLY K 84 51.95 63.15 -3.64
N SER K 85 51.14 63.82 -2.84
CA SER K 85 50.25 63.13 -1.93
C SER K 85 49.14 64.06 -1.48
N THR K 86 47.94 63.52 -1.40
CA THR K 86 46.77 64.21 -0.87
C THR K 86 46.23 63.44 0.31
N ALA K 87 45.88 64.17 1.36
CA ALA K 87 45.41 63.56 2.59
C ALA K 87 44.23 64.35 3.11
N VAL K 88 43.43 63.68 3.93
CA VAL K 88 42.20 64.22 4.48
C VAL K 88 42.48 64.69 5.89
N ILE K 89 42.18 65.96 6.16
CA ILE K 89 42.46 66.60 7.44
C ILE K 89 41.16 67.16 7.95
N LEU K 90 40.63 66.57 9.01
CA LEU K 90 39.28 66.84 9.46
C LEU K 90 39.25 67.69 10.73
N ASP K 91 40.37 68.35 11.06
CA ASP K 91 40.50 69.03 12.34
C ASP K 91 41.11 70.41 12.24
N ASP K 92 41.32 70.94 11.04
CA ASP K 92 41.93 72.26 10.85
C ASP K 92 43.36 72.29 11.36
N ASN K 93 44.00 71.13 11.41
CA ASN K 93 45.42 71.01 11.79
C ASN K 93 46.14 70.52 10.55
N PHE K 94 46.48 71.46 9.69
CA PHE K 94 47.24 71.14 8.51
C PHE K 94 48.72 71.16 8.86
N VAL K 95 49.56 70.96 7.86
CA VAL K 95 50.99 70.92 8.01
C VAL K 95 51.52 72.16 7.30
N THR K 96 52.37 72.92 8.01
CA THR K 96 52.65 74.32 7.74
C THR K 96 52.93 74.58 6.27
N LYS K 97 52.32 75.64 5.76
CA LYS K 97 52.47 76.04 4.37
C LYS K 97 53.93 76.30 4.04
N ALA K 98 54.42 75.64 3.00
CA ALA K 98 55.83 75.69 2.66
C ALA K 98 56.00 75.53 1.17
N ASN K 99 56.93 76.29 0.61
CA ASN K 99 57.23 76.20 -0.81
C ASN K 99 58.24 75.11 -1.13
N ALA K 100 59.06 74.72 -0.16
CA ALA K 100 60.09 73.72 -0.38
C ALA K 100 60.33 72.98 0.93
N LEU K 101 59.95 71.71 0.95
CA LEU K 101 60.16 70.85 2.10
C LEU K 101 60.82 69.57 1.63
N THR K 102 61.79 69.10 2.40
CA THR K 102 62.64 68.00 1.97
C THR K 102 61.96 66.65 2.03
N TYR K 103 60.68 66.58 2.38
CA TYR K 103 59.99 65.31 2.47
C TYR K 103 58.51 65.53 2.24
N ASP K 104 57.82 64.44 1.97
CA ASP K 104 56.38 64.44 1.76
C ASP K 104 55.70 64.17 3.10
N PRO K 105 55.17 65.17 3.79
CA PRO K 105 54.62 64.90 5.11
C PRO K 105 53.32 64.13 5.08
N TYR K 106 52.55 64.25 4.00
CA TYR K 106 51.28 63.57 3.87
C TYR K 106 51.41 62.19 3.25
N VAL K 107 52.60 61.59 3.29
CA VAL K 107 52.81 60.32 2.60
C VAL K 107 52.38 59.15 3.47
N ASN K 108 52.71 59.17 4.75
CA ASN K 108 52.36 58.09 5.65
C ASN K 108 50.98 58.23 6.25
N TYR K 109 50.29 59.33 5.97
CA TYR K 109 48.91 59.48 6.43
C TYR K 109 48.04 58.35 5.89
N SER K 110 47.19 57.81 6.75
CA SER K 110 46.34 56.71 6.37
C SER K 110 45.39 57.10 5.25
N SER K 111 45.02 58.37 5.18
CA SER K 111 44.14 58.88 4.13
C SER K 111 44.91 59.34 2.90
N ARG K 112 46.10 58.81 2.68
CA ARG K 112 46.92 59.25 1.57
C ARG K 112 46.50 58.56 0.28
N HIS K 113 46.36 59.36 -0.76
CA HIS K 113 46.12 58.88 -2.11
C HIS K 113 47.12 59.54 -3.01
N THR K 114 47.94 58.75 -3.67
CA THR K 114 49.09 59.26 -4.39
C THR K 114 48.67 60.10 -5.58
N ILE K 115 49.47 61.11 -5.88
CA ILE K 115 49.32 61.91 -7.08
C ILE K 115 50.45 61.56 -8.02
N THR K 116 50.12 61.36 -9.28
CA THR K 116 51.09 61.37 -10.36
C THR K 116 51.09 62.76 -10.95
N GLN K 117 52.26 63.24 -11.31
CA GLN K 117 52.45 64.61 -11.76
C GLN K 117 53.18 64.62 -13.08
N PRO K 118 53.08 65.72 -13.85
CA PRO K 118 52.27 66.92 -13.72
C PRO K 118 51.05 66.97 -14.62
N PHE K 119 50.77 65.89 -15.34
CA PHE K 119 49.74 65.89 -16.38
C PHE K 119 48.57 64.96 -16.07
N SER K 120 48.50 64.41 -14.87
CA SER K 120 47.50 63.41 -14.53
C SER K 120 46.35 64.04 -13.76
N TYR K 121 45.25 63.31 -13.72
CA TYR K 121 44.03 63.70 -13.01
C TYR K 121 43.97 62.96 -11.69
N HIS K 122 43.54 63.67 -10.65
CA HIS K 122 43.43 63.10 -9.32
C HIS K 122 42.17 63.62 -8.66
N SER K 123 41.45 62.72 -8.00
CA SER K 123 40.17 63.04 -7.39
C SER K 123 40.09 62.41 -6.02
N ARG K 124 39.35 63.07 -5.13
CA ARG K 124 39.23 62.67 -3.74
C ARG K 124 37.79 62.90 -3.30
N TYR K 125 37.06 61.82 -3.12
CA TYR K 125 35.64 61.85 -2.79
C TYR K 125 35.49 61.44 -1.34
N PHE K 126 35.25 62.42 -0.48
CA PHE K 126 35.24 62.20 0.96
C PHE K 126 34.19 63.06 1.62
N THR K 127 34.01 62.82 2.91
CA THR K 127 33.07 63.56 3.74
C THR K 127 33.82 64.58 4.55
N PRO K 128 33.61 65.88 4.35
CA PRO K 128 34.27 66.87 5.21
C PRO K 128 33.54 67.01 6.53
N LYS K 129 34.14 67.80 7.40
CA LYS K 129 33.57 68.08 8.71
C LYS K 129 33.69 69.58 8.97
N PRO K 130 32.79 70.15 9.75
CA PRO K 130 32.87 71.57 10.03
C PRO K 130 33.78 71.89 11.21
N VAL K 131 34.04 73.18 11.36
CA VAL K 131 34.91 73.69 12.41
C VAL K 131 33.99 74.29 13.46
N LEU K 132 33.62 73.48 14.45
CA LEU K 132 32.76 73.94 15.52
C LEU K 132 33.54 74.65 16.62
N ASP K 133 34.70 74.09 16.99
CA ASP K 133 35.54 74.69 18.03
C ASP K 133 36.99 74.55 17.59
N ARG K 134 37.64 75.68 17.32
CA ARG K 134 39.03 75.65 16.90
C ARG K 134 39.95 75.25 18.05
N THR K 135 39.62 75.67 19.27
CA THR K 135 40.45 75.32 20.41
C THR K 135 40.48 73.82 20.65
N ILE K 136 39.33 73.18 20.53
CA ILE K 136 39.17 71.77 20.85
C ILE K 136 39.30 70.90 19.60
N ASP K 137 38.78 71.38 18.48
CA ASP K 137 38.88 70.71 17.20
C ASP K 137 38.29 69.30 17.27
N TYR K 138 36.99 69.25 17.52
CA TYR K 138 36.26 68.00 17.54
C TYR K 138 35.42 67.86 16.28
N PHE K 139 35.09 66.61 15.97
CA PHE K 139 34.26 66.30 14.83
C PHE K 139 33.72 64.90 15.03
N GLN K 140 32.64 64.62 14.34
CA GLN K 140 31.95 63.37 14.53
C GLN K 140 32.23 62.40 13.38
N PRO K 141 31.98 61.12 13.57
CA PRO K 141 32.23 60.17 12.49
C PRO K 141 31.30 60.36 11.31
N ASN K 142 31.46 59.49 10.32
CA ASN K 142 30.62 59.52 9.13
C ASN K 142 29.40 58.65 9.38
N ASN K 143 28.29 59.28 9.73
CA ASN K 143 27.01 58.61 9.85
C ASN K 143 25.95 59.53 9.29
N LYS K 144 25.26 59.07 8.25
CA LYS K 144 24.35 59.93 7.53
C LYS K 144 23.16 60.32 8.40
N ARG K 145 22.59 59.37 9.13
CA ARG K 145 21.38 59.64 9.91
C ARG K 145 21.62 60.72 10.94
N ASN K 146 22.68 60.56 11.73
CA ASN K 146 22.92 61.43 12.87
C ASN K 146 23.90 62.56 12.56
N GLN K 147 24.14 62.85 11.28
CA GLN K 147 24.95 63.99 10.93
C GLN K 147 24.24 65.28 11.29
N LEU K 148 25.01 66.29 11.64
CA LEU K 148 24.46 67.53 12.14
C LEU K 148 23.88 68.36 11.01
N TRP K 149 22.98 69.26 11.39
CA TRP K 149 22.47 70.28 10.52
C TRP K 149 23.06 71.62 10.92
N LEU K 150 23.12 72.53 9.96
CA LEU K 150 23.75 73.83 10.15
C LEU K 150 22.89 74.89 9.48
N ARG K 151 22.72 76.00 10.19
CA ARG K 151 22.00 77.13 9.62
C ARG K 151 22.75 77.66 8.42
N LEU K 152 22.01 78.00 7.37
CA LEU K 152 22.58 78.53 6.15
C LEU K 152 22.62 80.03 6.31
N GLN K 153 23.74 80.52 6.83
CA GLN K 153 23.90 81.94 7.05
C GLN K 153 24.19 82.66 5.74
N THR K 154 24.12 83.97 5.80
CA THR K 154 24.23 84.82 4.61
C THR K 154 25.68 85.15 4.27
N THR K 155 26.48 85.50 5.29
CA THR K 155 27.84 85.97 5.08
C THR K 155 28.89 85.31 5.96
N GLY K 156 28.49 84.52 6.96
CA GLY K 156 29.40 83.99 7.94
C GLY K 156 29.31 82.50 8.14
N ASN K 157 29.12 81.76 7.06
CA ASN K 157 29.05 80.31 7.17
C ASN K 157 30.38 79.75 7.62
N VAL K 158 30.33 78.61 8.28
CA VAL K 158 31.50 78.03 8.91
C VAL K 158 32.36 77.35 7.86
N ASP K 159 33.66 77.33 8.11
CA ASP K 159 34.65 76.83 7.16
C ASP K 159 34.79 75.33 7.36
N HIS K 160 34.15 74.57 6.49
CA HIS K 160 34.42 73.14 6.41
C HIS K 160 35.87 72.90 6.03
N VAL K 161 36.31 71.68 6.26
CA VAL K 161 37.72 71.30 6.13
C VAL K 161 37.76 69.86 5.66
N GLY K 162 38.97 69.38 5.34
CA GLY K 162 39.09 68.03 4.82
C GLY K 162 40.12 67.71 3.76
N LEU K 163 41.03 68.60 3.38
CA LEU K 163 42.06 68.20 2.44
C LEU K 163 43.33 69.02 2.57
N GLY K 164 44.45 68.31 2.43
CA GLY K 164 45.74 68.95 2.36
C GLY K 164 46.59 68.27 1.30
N THR K 165 47.48 69.04 0.70
CA THR K 165 48.20 68.63 -0.48
C THR K 165 49.70 68.73 -0.25
N ALA K 166 50.45 68.01 -1.08
CA ALA K 166 51.90 68.10 -1.11
C ALA K 166 52.35 67.71 -2.52
N PHE K 167 52.68 68.71 -3.32
CA PHE K 167 53.14 68.50 -4.69
C PHE K 167 54.65 68.61 -4.75
N GLU K 168 55.25 67.77 -5.57
CA GLU K 168 56.69 67.74 -5.71
C GLU K 168 57.13 68.83 -6.67
N ASN K 169 58.06 69.65 -6.23
CA ASN K 169 58.52 70.76 -7.04
C ASN K 169 59.20 70.26 -8.30
N SER K 170 59.28 71.14 -9.30
CA SER K 170 59.86 70.80 -10.58
C SER K 170 60.45 72.05 -11.20
N ILE K 171 61.29 71.83 -12.20
CA ILE K 171 61.93 72.94 -12.90
C ILE K 171 60.88 73.80 -13.58
N TYR K 172 59.85 73.16 -14.13
CA TYR K 172 58.80 73.84 -14.89
C TYR K 172 57.60 74.11 -14.00
N ASP K 173 56.85 75.14 -14.35
CA ASP K 173 55.60 75.43 -13.66
C ASP K 173 54.63 74.29 -13.87
N GLN K 174 53.89 73.96 -12.81
CA GLN K 174 52.85 72.93 -12.83
C GLN K 174 51.55 73.64 -12.48
N ASP K 175 50.90 74.18 -13.49
CA ASP K 175 49.61 74.81 -13.30
C ASP K 175 48.52 73.74 -13.26
N TYR K 176 47.51 74.00 -12.45
CA TYR K 176 46.37 73.10 -12.29
C TYR K 176 45.08 73.90 -12.36
N ASN K 177 44.00 73.19 -12.61
CA ASN K 177 42.66 73.76 -12.70
C ASN K 177 41.79 72.94 -11.75
N ILE K 178 41.67 73.42 -10.53
CA ILE K 178 40.98 72.68 -9.49
C ILE K 178 39.48 72.91 -9.62
N ARG K 179 38.71 71.86 -9.42
CA ARG K 179 37.26 71.91 -9.38
C ARG K 179 36.81 71.30 -8.07
N ILE K 180 36.09 72.08 -7.28
CA ILE K 180 35.59 71.64 -5.99
C ILE K 180 34.10 71.41 -6.11
N THR K 181 33.71 70.17 -6.36
CA THR K 181 32.32 69.79 -6.40
C THR K 181 31.85 69.42 -5.00
N MET K 182 30.67 69.90 -4.65
CA MET K 182 30.09 69.71 -3.34
C MET K 182 28.71 69.11 -3.47
N TYR K 183 28.40 68.17 -2.59
CA TYR K 183 27.11 67.48 -2.57
C TYR K 183 26.42 67.82 -1.27
N VAL K 184 25.46 68.72 -1.35
CA VAL K 184 24.84 69.35 -0.20
C VAL K 184 23.44 68.78 -0.03
N GLN K 185 22.89 68.99 1.15
CA GLN K 185 21.55 68.52 1.49
C GLN K 185 20.89 69.60 2.33
N PHE K 186 19.94 70.32 1.74
CA PHE K 186 19.27 71.42 2.39
C PHE K 186 17.98 70.95 3.06
N ARG K 187 17.27 71.89 3.68
CA ARG K 187 16.09 71.57 4.45
C ARG K 187 15.33 72.85 4.77
N GLU K 188 14.05 72.70 5.07
CA GLU K 188 13.17 73.79 5.52
C GLU K 188 13.09 74.90 4.47
N PHE K 189 12.43 74.57 3.37
CA PHE K 189 12.14 75.52 2.31
C PHE K 189 11.46 76.77 2.86
N ASN K 190 12.16 77.90 2.83
CA ASN K 190 11.79 79.11 3.55
C ASN K 190 11.63 80.28 2.61
N LEU K 191 10.95 80.08 1.49
CA LEU K 191 10.79 81.15 0.52
C LEU K 191 9.78 82.16 1.01
N LYS K 192 10.04 83.42 0.73
CA LYS K 192 9.12 84.51 0.98
C LYS K 192 8.48 84.96 -0.32
N ASP K 193 7.30 85.55 -0.21
CA ASP K 193 6.55 86.05 -1.36
C ASP K 193 5.85 87.34 -0.97
N PRO K 194 6.58 88.46 -0.94
CA PRO K 194 5.94 89.75 -0.76
C PRO K 194 5.08 90.10 -1.95
N PRO K 195 4.26 91.13 -1.86
CA PRO K 195 3.50 91.57 -3.03
C PRO K 195 4.37 92.33 -4.02
N LEU K 196 3.77 92.90 -5.06
CA LEU K 196 4.47 93.62 -6.10
C LEU K 196 5.43 92.69 -6.86
N TYR L 1 48.71 28.36 17.60
CA TYR L 1 49.68 28.48 18.66
C TYR L 1 50.20 29.92 18.78
N ARG L 2 49.28 30.88 18.91
CA ARG L 2 49.57 32.30 19.15
C ARG L 2 50.61 32.83 18.15
N TRP L 3 50.26 33.09 16.88
CA TRP L 3 48.92 33.46 16.36
C TRP L 3 48.35 34.77 16.95
N ARG L 4 48.87 35.86 16.58
CA ARG L 4 49.78 36.97 16.87
C ARG L 4 49.87 37.43 18.34
N ARG L 5 48.83 37.83 19.09
CA ARG L 5 47.43 38.03 18.75
C ARG L 5 47.02 39.51 18.91
N LYS L 6 47.18 40.01 20.15
CA LYS L 6 46.89 41.39 20.55
C LYS L 6 48.01 41.98 21.37
N ASN L 7 49.09 41.24 21.62
CA ASN L 7 50.01 41.53 22.73
C ASN L 7 50.94 42.72 22.47
N GLY L 8 50.50 43.67 21.66
CA GLY L 8 51.25 44.84 21.28
C GLY L 8 51.29 45.00 19.77
N ILE L 9 50.59 44.11 19.06
CA ILE L 9 50.73 44.03 17.62
C ILE L 9 50.11 45.26 17.00
N PHE L 10 50.86 45.93 16.13
CA PHE L 10 50.38 47.11 15.43
C PHE L 10 50.97 47.09 14.03
N ASN L 11 50.23 46.54 13.09
CA ASN L 11 50.63 46.57 11.70
C ASN L 11 50.43 47.98 11.16
N THR L 12 51.42 48.46 10.41
CA THR L 12 51.38 49.81 9.89
C THR L 12 52.20 49.86 8.61
N ARG L 13 52.48 51.09 8.17
CA ARG L 13 53.16 51.33 6.91
C ARG L 13 54.09 52.51 7.09
N LEU L 14 55.18 52.49 6.34
CA LEU L 14 56.15 53.57 6.32
C LEU L 14 56.64 53.76 4.89
N SER L 15 57.10 54.97 4.60
CA SER L 15 57.50 55.31 3.25
C SER L 15 58.50 56.45 3.30
N ARG L 16 59.39 56.46 2.31
CA ARG L 16 60.33 57.54 2.11
C ARG L 16 60.54 57.71 0.62
N THR L 17 61.39 58.66 0.27
CA THR L 17 61.57 59.02 -1.13
C THR L 17 63.00 59.48 -1.36
N ILE L 18 63.53 59.15 -2.53
CA ILE L 18 64.90 59.49 -2.90
C ILE L 18 64.99 59.53 -4.41
N GLY L 19 65.98 60.28 -4.90
CA GLY L 19 66.25 60.38 -6.32
C GLY L 19 67.38 59.46 -6.71
N TYR L 20 67.27 58.90 -7.92
CA TYR L 20 68.30 58.04 -8.48
C TYR L 20 68.49 58.45 -9.93
N THR L 21 69.75 58.66 -10.30
CA THR L 21 70.11 59.34 -11.54
C THR L 21 71.05 58.45 -12.34
N VAL L 22 70.53 57.84 -13.39
CA VAL L 22 71.34 57.10 -14.34
C VAL L 22 71.88 58.10 -15.35
N LYS L 23 73.20 58.20 -15.44
CA LYS L 23 73.84 59.27 -16.18
C LYS L 23 73.99 58.91 -17.66
N LYS L 24 74.42 59.89 -18.43
CA LYS L 24 74.63 59.73 -19.86
C LYS L 24 75.87 58.90 -20.15
N THR L 25 76.07 58.63 -21.44
CA THR L 25 77.29 58.03 -21.93
C THR L 25 77.33 58.17 -23.44
N THR L 26 78.50 58.48 -23.97
CA THR L 26 78.67 58.52 -25.41
C THR L 26 78.65 57.14 -26.04
N VAL L 27 78.85 56.08 -25.23
CA VAL L 27 78.77 54.72 -25.73
C VAL L 27 77.38 54.49 -26.33
N ARG L 28 77.35 53.76 -27.44
CA ARG L 28 76.11 53.42 -28.12
C ARG L 28 75.80 51.93 -28.06
N THR L 29 76.78 51.09 -27.77
CA THR L 29 76.49 49.68 -27.59
C THR L 29 75.67 49.50 -26.32
N PRO L 30 74.89 48.42 -26.22
CA PRO L 30 74.11 48.20 -25.00
C PRO L 30 75.01 48.04 -23.79
N SER L 31 74.87 48.95 -22.85
CA SER L 31 75.61 48.93 -21.61
C SER L 31 74.66 49.24 -20.46
N TRP L 32 74.88 48.57 -19.34
CA TRP L 32 74.01 48.66 -18.19
C TRP L 32 74.71 49.34 -17.02
N ASN L 33 73.89 49.88 -16.13
CA ASN L 33 74.34 50.58 -14.93
C ASN L 33 73.77 49.85 -13.72
N VAL L 34 74.62 49.13 -13.01
CA VAL L 34 74.19 48.25 -11.94
C VAL L 34 74.31 48.97 -10.61
N ASP L 35 73.35 48.72 -9.74
CA ASP L 35 73.36 49.30 -8.41
C ASP L 35 72.44 48.46 -7.53
N MET L 36 72.77 48.40 -6.26
CA MET L 36 72.01 47.64 -5.28
C MET L 36 71.02 48.55 -4.57
N MET L 37 70.38 48.03 -3.53
CA MET L 37 69.44 48.81 -2.75
C MET L 37 69.24 48.12 -1.40
N ARG L 38 69.52 48.86 -0.33
CA ARG L 38 69.40 48.37 1.03
C ARG L 38 68.26 49.08 1.76
N PHE L 39 67.73 48.40 2.77
CA PHE L 39 66.61 48.90 3.55
C PHE L 39 67.00 48.87 5.02
N ASN L 40 66.88 50.01 5.68
CA ASN L 40 67.16 50.12 7.10
C ASN L 40 66.09 51.01 7.70
N ILE L 41 65.52 50.58 8.83
CA ILE L 41 64.36 51.25 9.37
C ILE L 41 64.72 52.58 9.99
N ASN L 42 65.99 52.83 10.30
CA ASN L 42 66.38 54.11 10.86
C ASN L 42 66.13 55.24 9.86
N ASP L 43 66.12 54.93 8.57
CA ASP L 43 65.81 55.93 7.56
C ASP L 43 64.32 56.21 7.45
N PHE L 44 63.48 55.44 8.13
CA PHE L 44 62.04 55.65 8.17
C PHE L 44 61.55 56.21 9.48
N LEU L 45 62.06 55.69 10.60
CA LEU L 45 61.67 56.12 11.92
C LEU L 45 62.67 57.15 12.44
N PRO L 46 62.34 58.43 12.51
CA PRO L 46 63.26 59.38 13.13
C PRO L 46 63.28 59.21 14.64
N PRO L 47 64.27 59.77 15.31
CA PRO L 47 64.39 59.56 16.75
C PRO L 47 63.40 60.41 17.53
N GLY L 48 62.91 59.84 18.63
CA GLY L 48 62.01 60.56 19.51
C GLY L 48 62.75 61.49 20.43
N GLY L 49 62.30 61.53 21.69
CA GLY L 49 62.94 62.38 22.68
C GLY L 49 62.59 62.01 24.10
N GLY L 50 63.58 62.08 24.98
CA GLY L 50 63.37 61.77 26.38
C GLY L 50 63.47 60.30 26.67
N SER L 51 62.61 59.81 27.56
CA SER L 51 62.63 58.40 27.92
C SER L 51 62.20 57.52 26.75
N ASN L 52 61.39 58.05 25.85
CA ASN L 52 60.99 57.34 24.65
C ASN L 52 62.00 57.64 23.54
N PRO L 53 62.89 56.72 23.18
CA PRO L 53 63.97 57.07 22.26
C PRO L 53 63.51 57.18 20.82
N LEU L 54 62.51 56.39 20.45
CA LEU L 54 61.96 56.38 19.11
C LEU L 54 60.67 57.19 19.03
N THR L 55 60.23 57.42 17.80
CA THR L 55 58.95 58.09 17.57
C THR L 55 57.77 57.14 17.69
N VAL L 56 57.99 55.85 17.50
CA VAL L 56 56.95 54.84 17.59
C VAL L 56 57.18 54.08 18.90
N PRO L 57 56.22 54.06 19.83
CA PRO L 57 56.48 53.38 21.10
C PRO L 57 56.27 51.87 21.01
N PHE L 58 57.28 51.18 20.50
CA PHE L 58 57.29 49.73 20.48
C PHE L 58 58.73 49.25 20.62
N GLU L 59 58.85 47.99 21.00
CA GLU L 59 60.15 47.37 21.28
C GLU L 59 60.64 46.50 20.13
N TYR L 60 59.82 45.57 19.70
CA TYR L 60 60.17 44.62 18.67
C TYR L 60 59.58 45.04 17.33
N TYR L 61 60.04 44.38 16.27
CA TYR L 61 59.49 44.63 14.95
C TYR L 61 59.95 43.55 14.00
N ARG L 62 59.22 43.42 12.89
CA ARG L 62 59.61 42.53 11.81
C ARG L 62 58.97 43.02 10.53
N ILE L 63 59.77 43.13 9.49
CA ILE L 63 59.29 43.66 8.22
C ILE L 63 58.63 42.56 7.43
N ARG L 64 57.34 42.72 7.16
CA ARG L 64 56.59 41.74 6.41
C ARG L 64 56.88 41.86 4.92
N LYS L 65 56.73 43.05 4.36
CA LYS L 65 56.81 43.27 2.94
C LYS L 65 57.44 44.62 2.66
N VAL L 66 57.91 44.77 1.43
CA VAL L 66 58.44 46.02 0.93
C VAL L 66 57.92 46.22 -0.47
N LYS L 67 57.51 47.45 -0.78
CA LYS L 67 57.01 47.83 -2.09
C LYS L 67 57.86 48.97 -2.59
N VAL L 68 58.81 48.65 -3.43
CA VAL L 68 59.61 49.66 -4.11
C VAL L 68 58.81 50.16 -5.30
N GLU L 69 59.01 51.42 -5.65
CA GLU L 69 58.29 52.05 -6.73
C GLU L 69 59.23 53.00 -7.45
N PHE L 70 59.37 52.82 -8.75
CA PHE L 70 60.23 53.65 -9.58
C PHE L 70 59.36 54.65 -10.33
N TRP L 71 58.93 55.67 -9.63
CA TRP L 71 58.19 56.74 -10.26
C TRP L 71 59.17 57.56 -11.10
N PRO L 72 59.09 57.52 -12.43
CA PRO L 72 60.11 58.19 -13.23
C PRO L 72 60.03 59.70 -13.14
N CYS L 73 61.04 60.32 -13.72
CA CYS L 73 61.12 61.76 -13.84
C CYS L 73 61.33 62.21 -15.28
N SER L 74 61.45 61.29 -16.21
CA SER L 74 61.68 61.61 -17.61
C SER L 74 60.37 61.68 -18.36
N PRO L 75 60.31 62.40 -19.48
CA PRO L 75 59.06 62.54 -20.20
C PRO L 75 58.77 61.35 -21.09
N ILE L 76 57.54 61.32 -21.59
CA ILE L 76 57.13 60.28 -22.52
C ILE L 76 57.87 60.39 -23.84
N THR L 77 58.27 61.60 -24.23
CA THR L 77 58.83 61.84 -25.54
C THR L 77 60.33 61.63 -25.60
N GLN L 78 60.89 60.87 -24.66
CA GLN L 78 62.32 60.65 -24.60
C GLN L 78 62.68 59.46 -25.48
N GLY L 79 63.79 59.62 -26.22
CA GLY L 79 64.25 58.61 -27.13
C GLY L 79 65.40 57.80 -26.56
N ASP L 80 65.97 56.97 -27.42
CA ASP L 80 67.01 56.02 -27.05
C ASP L 80 66.57 55.21 -25.84
N ARG L 81 65.43 54.54 -26.00
CA ARG L 81 64.87 53.79 -24.91
C ARG L 81 65.75 52.58 -24.63
N GLY L 82 65.34 51.79 -23.67
CA GLY L 82 66.12 50.64 -23.28
C GLY L 82 65.30 49.64 -22.53
N VAL L 83 65.99 48.76 -21.83
CA VAL L 83 65.34 47.71 -21.07
C VAL L 83 66.31 47.25 -19.99
N GLY L 84 65.78 47.08 -18.79
CA GLY L 84 66.56 46.74 -17.62
C GLY L 84 66.02 45.55 -16.89
N SER L 85 66.40 45.39 -15.62
CA SER L 85 65.98 44.23 -14.85
C SER L 85 66.16 44.51 -13.38
N THR L 86 65.19 44.07 -12.59
CA THR L 86 65.23 44.12 -11.14
C THR L 86 65.12 42.72 -10.59
N ALA L 87 65.93 42.43 -9.58
CA ALA L 87 65.98 41.11 -9.00
C ALA L 87 66.07 41.23 -7.49
N VAL L 88 65.67 40.16 -6.83
CA VAL L 88 65.60 40.10 -5.38
C VAL L 88 66.83 39.38 -4.87
N ILE L 89 67.56 40.01 -3.98
CA ILE L 89 68.82 39.51 -3.45
C ILE L 89 68.69 39.49 -1.94
N LEU L 90 68.62 38.29 -1.37
CA LEU L 90 68.26 38.12 0.03
C LEU L 90 69.46 37.76 0.89
N ASP L 91 70.69 37.97 0.39
CA ASP L 91 71.88 37.48 1.05
C ASP L 91 73.01 38.50 1.12
N ASP L 92 72.78 39.74 0.73
CA ASP L 92 73.80 40.79 0.72
C ASP L 92 74.94 40.45 -0.24
N ASN L 93 74.64 39.63 -1.26
CA ASN L 93 75.58 39.30 -2.32
C ASN L 93 75.01 39.89 -3.58
N PHE L 94 75.29 41.17 -3.78
CA PHE L 94 74.89 41.85 -4.99
C PHE L 94 75.95 41.62 -6.06
N VAL L 95 75.74 42.24 -7.21
CA VAL L 95 76.63 42.14 -8.35
C VAL L 95 77.29 43.49 -8.51
N THR L 96 78.61 43.49 -8.61
CA THR L 96 79.45 44.64 -8.33
C THR L 96 78.96 45.91 -9.00
N LYS L 97 78.97 46.99 -8.22
CA LYS L 97 78.51 48.28 -8.71
C LYS L 97 79.33 48.72 -9.92
N ALA L 98 78.62 49.06 -10.98
CA ALA L 98 79.28 49.37 -12.25
C ALA L 98 78.45 50.37 -13.02
N ASN L 99 79.13 51.31 -13.66
CA ASN L 99 78.47 52.31 -14.48
C ASN L 99 78.20 51.83 -15.90
N ALA L 100 78.98 50.86 -16.38
CA ALA L 100 78.84 50.36 -17.74
C ALA L 100 79.26 48.91 -17.76
N LEU L 101 78.31 48.02 -17.99
CA LEU L 101 78.55 46.60 -18.11
C LEU L 101 77.90 46.10 -19.37
N THR L 102 78.59 45.23 -20.08
CA THR L 102 78.20 44.82 -21.42
C THR L 102 77.02 43.86 -21.43
N TYR L 103 76.44 43.53 -20.28
CA TYR L 103 75.34 42.60 -20.24
C TYR L 103 74.49 42.89 -19.01
N ASP L 104 73.29 42.35 -19.02
CA ASP L 104 72.35 42.48 -17.91
C ASP L 104 72.54 41.30 -16.98
N PRO L 105 73.22 41.46 -15.85
CA PRO L 105 73.47 40.28 -15.02
C PRO L 105 72.25 39.77 -14.30
N TYR L 106 71.28 40.64 -14.02
CA TYR L 106 70.07 40.25 -13.33
C TYR L 106 68.97 39.80 -14.27
N VAL L 107 69.31 39.38 -15.48
CA VAL L 107 68.29 39.03 -16.46
C VAL L 107 67.83 37.61 -16.30
N ASN L 108 68.74 36.67 -16.07
CA ASN L 108 68.40 35.27 -15.91
C ASN L 108 68.01 34.90 -14.50
N TYR L 109 68.13 35.84 -13.55
CA TYR L 109 67.69 35.57 -12.19
C TYR L 109 66.21 35.21 -12.18
N SER L 110 65.89 34.19 -11.39
CA SER L 110 64.51 33.72 -11.32
C SER L 110 63.57 34.78 -10.79
N SER L 111 64.09 35.69 -9.96
CA SER L 111 63.31 36.80 -9.42
C SER L 111 63.34 38.02 -10.30
N ARG L 112 63.58 37.85 -11.60
CA ARG L 112 63.69 38.98 -12.51
C ARG L 112 62.32 39.47 -12.92
N HIS L 113 62.14 40.78 -12.87
CA HIS L 113 60.96 41.45 -13.38
C HIS L 113 61.45 42.57 -14.26
N THR L 114 61.06 42.54 -15.53
CA THR L 114 61.63 43.43 -16.51
C THR L 114 61.21 44.87 -16.26
N ILE L 115 62.12 45.79 -16.58
CA ILE L 115 61.86 47.21 -16.56
C ILE L 115 61.76 47.69 -17.99
N THR L 116 60.75 48.48 -18.28
CA THR L 116 60.71 49.30 -19.47
C THR L 116 61.22 50.68 -19.09
N GLN L 117 61.97 51.28 -19.99
CA GLN L 117 62.65 52.54 -19.71
C GLN L 117 62.35 53.53 -20.80
N PRO L 118 62.51 54.84 -20.53
CA PRO L 118 62.85 55.54 -19.29
C PRO L 118 61.67 56.22 -18.61
N PHE L 119 60.46 56.03 -19.13
CA PHE L 119 59.30 56.77 -18.67
C PHE L 119 58.24 55.90 -18.00
N SER L 120 58.53 54.65 -17.74
CA SER L 120 57.55 53.71 -17.22
C SER L 120 57.70 53.54 -15.72
N TYR L 121 56.65 53.01 -15.12
CA TYR L 121 56.58 52.72 -13.69
C TYR L 121 56.84 51.24 -13.46
N HIS L 122 57.60 50.94 -12.41
CA HIS L 122 57.93 49.58 -12.06
C HIS L 122 57.89 49.42 -10.56
N SER L 123 57.31 48.32 -10.11
CA SER L 123 57.10 48.06 -8.69
C SER L 123 57.44 46.62 -8.38
N ARG L 124 57.91 46.39 -7.16
CA ARG L 124 58.38 45.09 -6.71
C ARG L 124 57.93 44.90 -5.27
N TYR L 125 56.97 44.03 -5.07
CA TYR L 125 56.35 43.77 -3.77
C TYR L 125 56.83 42.42 -3.27
N PHE L 126 57.76 42.45 -2.33
CA PHE L 126 58.43 41.24 -1.88
C PHE L 126 58.70 41.31 -0.39
N THR L 127 59.17 40.19 0.13
CA THR L 127 59.54 40.05 1.54
C THR L 127 61.04 40.16 1.66
N PRO L 128 61.59 41.17 2.32
CA PRO L 128 63.03 41.21 2.54
C PRO L 128 63.43 40.32 3.69
N LYS L 129 64.74 40.22 3.88
CA LYS L 129 65.32 39.43 4.95
C LYS L 129 66.42 40.25 5.60
N PRO L 130 66.70 40.03 6.87
CA PRO L 130 67.75 40.78 7.54
C PRO L 130 69.12 40.14 7.36
N VAL L 131 70.13 40.89 7.77
CA VAL L 131 71.52 40.47 7.68
C VAL L 131 71.92 40.09 9.09
N LEU L 132 71.78 38.80 9.41
CA LEU L 132 72.15 38.30 10.72
C LEU L 132 73.64 37.99 10.79
N ASP L 133 74.19 37.36 9.75
CA ASP L 133 75.60 37.00 9.71
C ASP L 133 76.10 37.25 8.30
N ARG L 134 77.01 38.22 8.15
CA ARG L 134 77.55 38.53 6.84
C ARG L 134 78.49 37.43 6.36
N THR L 135 79.22 36.80 7.26
CA THR L 135 80.13 35.73 6.86
C THR L 135 79.38 34.56 6.27
N ILE L 136 78.26 34.19 6.89
CA ILE L 136 77.51 33.01 6.53
C ILE L 136 76.36 33.34 5.58
N ASP L 137 75.73 34.49 5.80
CA ASP L 137 74.67 34.99 4.94
C ASP L 137 73.53 33.98 4.84
N TYR L 138 72.90 33.74 5.97
CA TYR L 138 71.72 32.87 6.04
C TYR L 138 70.47 33.71 6.19
N PHE L 139 69.36 33.09 5.80
CA PHE L 139 68.05 33.70 5.91
C PHE L 139 67.01 32.61 5.83
N GLN L 140 65.84 32.90 6.34
CA GLN L 140 64.80 31.92 6.43
C GLN L 140 63.74 32.13 5.35
N PRO L 141 62.94 31.12 5.07
CA PRO L 141 61.90 31.28 4.04
C PRO L 141 60.83 32.27 4.44
N ASN L 142 59.84 32.43 3.56
CA ASN L 142 58.72 33.31 3.81
C ASN L 142 57.63 32.52 4.52
N ASN L 143 57.57 32.67 5.85
CA ASN L 143 56.50 32.10 6.64
C ASN L 143 56.13 33.12 7.70
N LYS L 144 54.89 33.57 7.67
CA LYS L 144 54.48 34.66 8.54
C LYS L 144 54.51 34.27 10.00
N ARG L 145 54.01 33.07 10.32
CA ARG L 145 53.91 32.67 11.72
C ARG L 145 55.28 32.62 12.38
N ASN L 146 56.24 31.96 11.74
CA ASN L 146 57.53 31.71 12.35
C ASN L 146 58.60 32.71 11.93
N GLN L 147 58.20 33.85 11.37
CA GLN L 147 59.16 34.88 11.07
C GLN L 147 59.71 35.48 12.35
N LEU L 148 60.97 35.90 12.29
CA LEU L 148 61.67 36.37 13.46
C LEU L 148 61.20 37.75 13.87
N TRP L 149 61.45 38.06 15.13
CA TRP L 149 61.27 39.39 15.69
C TRP L 149 62.64 39.99 15.93
N LEU L 150 62.69 41.32 15.91
CA LEU L 150 63.93 42.07 16.03
C LEU L 150 63.71 43.25 16.94
N ARG L 151 64.66 43.47 17.83
CA ARG L 151 64.62 44.65 18.69
C ARG L 151 64.70 45.91 17.85
N LEU L 152 63.88 46.89 18.21
CA LEU L 152 63.84 48.16 17.52
C LEU L 152 64.86 49.07 18.20
N GLN L 153 66.08 49.02 17.69
CA GLN L 153 67.16 49.81 18.25
C GLN L 153 67.02 51.27 17.83
N THR L 154 67.80 52.12 18.48
CA THR L 154 67.71 53.55 18.31
C THR L 154 68.56 54.06 17.15
N THR L 155 69.79 53.55 17.02
CA THR L 155 70.74 54.05 16.04
C THR L 155 71.43 52.97 15.23
N GLY L 156 71.29 51.69 15.58
CA GLY L 156 72.04 50.62 14.98
C GLY L 156 71.20 49.47 14.48
N ASN L 157 70.04 49.76 13.90
CA ASN L 157 69.19 48.72 13.37
C ASN L 157 69.88 48.03 12.21
N VAL L 158 69.53 46.77 12.01
CA VAL L 158 70.21 45.94 11.03
C VAL L 158 69.70 46.26 9.64
N ASP L 159 70.58 46.08 8.66
CA ASP L 159 70.32 46.47 7.28
C ASP L 159 69.61 45.32 6.59
N HIS L 160 68.29 45.44 6.45
CA HIS L 160 67.55 44.54 5.58
C HIS L 160 68.03 44.69 4.15
N VAL L 161 67.68 43.70 3.34
CA VAL L 161 68.19 43.57 1.98
C VAL L 161 67.08 42.94 1.14
N GLY L 162 67.31 42.87 -0.17
CA GLY L 162 66.29 42.35 -1.05
C GLY L 162 66.09 42.95 -2.44
N LEU L 163 66.94 43.83 -2.93
CA LEU L 163 66.76 44.29 -4.30
C LEU L 163 68.05 44.74 -4.95
N GLY L 164 68.19 44.41 -6.22
CA GLY L 164 69.28 44.90 -7.03
C GLY L 164 68.76 45.24 -8.41
N THR L 165 69.40 46.22 -9.02
CA THR L 165 68.92 46.82 -10.26
C THR L 165 69.97 46.75 -11.35
N ALA L 166 69.49 46.89 -12.58
CA ALA L 166 70.36 47.00 -13.74
C ALA L 166 69.61 47.78 -14.80
N PHE L 167 69.96 49.06 -14.95
CA PHE L 167 69.33 49.93 -15.92
C PHE L 167 70.22 50.08 -17.14
N GLU L 168 69.60 50.13 -18.31
CA GLU L 168 70.33 50.23 -19.56
C GLU L 168 70.71 51.69 -19.79
N ASN L 169 71.99 51.93 -20.05
CA ASN L 169 72.46 53.28 -20.24
C ASN L 169 71.84 53.89 -21.49
N SER L 170 71.86 55.22 -21.54
CA SER L 170 71.28 55.95 -22.65
C SER L 170 72.02 57.25 -22.82
N ILE L 171 71.82 57.87 -23.99
CA ILE L 171 72.46 59.14 -24.29
C ILE L 171 71.99 60.21 -23.31
N TYR L 172 70.72 60.16 -22.95
CA TYR L 172 70.10 61.16 -22.09
C TYR L 172 70.06 60.66 -20.65
N ASP L 173 70.05 61.61 -19.72
CA ASP L 173 69.90 61.27 -18.32
C ASP L 173 68.53 60.64 -18.09
N GLN L 174 68.51 59.62 -17.24
CA GLN L 174 67.29 58.94 -16.83
C GLN L 174 67.16 59.13 -15.33
N ASP L 175 66.55 60.23 -14.95
CA ASP L 175 66.28 60.49 -13.54
C ASP L 175 65.04 59.73 -13.10
N TYR L 176 65.07 59.28 -11.85
CA TYR L 176 63.97 58.55 -11.25
C TYR L 176 63.67 59.12 -9.88
N ASN L 177 62.47 58.80 -9.39
CA ASN L 177 62.00 59.23 -8.09
C ASN L 177 61.54 57.97 -7.38
N ILE L 178 62.44 57.38 -6.61
CA ILE L 178 62.18 56.10 -5.97
C ILE L 178 61.39 56.33 -4.69
N ARG L 179 60.42 55.46 -4.44
CA ARG L 179 59.64 55.44 -3.21
C ARG L 179 59.75 54.06 -2.62
N ILE L 180 60.24 53.98 -1.39
CA ILE L 180 60.41 52.72 -0.69
C ILE L 180 59.35 52.64 0.39
N THR L 181 58.25 51.98 0.07
CA THR L 181 57.19 51.74 1.03
C THR L 181 57.48 50.45 1.78
N MET L 182 57.28 50.49 3.09
CA MET L 182 57.58 49.38 3.99
C MET L 182 56.34 49.06 4.80
N TYR L 183 56.10 47.76 4.98
CA TYR L 183 54.95 47.27 5.73
C TYR L 183 55.49 46.51 6.93
N VAL L 184 55.43 47.17 8.09
CA VAL L 184 56.09 46.72 9.29
C VAL L 184 55.04 46.20 10.26
N GLN L 185 55.51 45.46 11.25
CA GLN L 185 54.65 44.88 12.26
C GLN L 185 55.38 44.96 13.59
N PHE L 186 54.94 45.87 14.46
CA PHE L 186 55.59 46.12 15.72
C PHE L 186 54.95 45.28 16.84
N ARG L 187 55.44 45.45 18.06
CA ARG L 187 55.00 44.63 19.17
C ARG L 187 55.52 45.26 20.47
N GLU L 188 54.85 44.91 21.57
CA GLU L 188 55.25 45.30 22.92
C GLU L 188 55.29 46.82 23.08
N PHE L 189 54.10 47.40 23.07
CA PHE L 189 53.92 48.82 23.31
C PHE L 189 54.57 49.23 24.61
N ASN L 190 55.64 50.03 24.52
CA ASN L 190 56.55 50.31 25.63
C ASN L 190 56.64 51.79 25.92
N LEU L 191 55.50 52.47 25.96
CA LEU L 191 55.51 53.90 26.19
C LEU L 191 55.81 54.20 27.65
N LYS L 192 56.56 55.27 27.86
CA LYS L 192 56.84 55.80 29.18
C LYS L 192 56.01 57.06 29.42
N ASP L 193 55.74 57.34 30.69
CA ASP L 193 54.98 58.52 31.09
C ASP L 193 55.57 59.09 32.37
N PRO L 194 56.67 59.83 32.25
CA PRO L 194 57.18 60.55 33.42
C PRO L 194 56.22 61.66 33.81
N PRO L 195 56.42 62.27 34.97
CA PRO L 195 55.60 63.43 35.34
C PRO L 195 56.01 64.68 34.59
N LEU L 196 55.42 65.82 34.94
CA LEU L 196 55.68 67.09 34.27
C LEU L 196 55.25 67.04 32.81
N TYR M 1 54.93 6.28 -21.13
CA TYR M 1 56.16 5.58 -21.47
C TYR M 1 57.39 6.47 -21.26
N ARG M 2 57.51 7.01 -20.03
CA ARG M 2 58.67 7.78 -19.57
C ARG M 2 59.03 8.90 -20.57
N TRP M 3 58.28 10.01 -20.66
CA TRP M 3 57.45 10.63 -19.59
C TRP M 3 58.24 11.06 -18.34
N ARG M 4 58.98 12.08 -18.44
CA ARG M 4 60.34 12.62 -18.60
C ARG M 4 61.49 11.85 -17.92
N ARG M 5 61.55 11.56 -16.61
CA ARG M 5 60.68 11.92 -15.51
C ARG M 5 61.43 12.79 -14.49
N LYS M 6 62.51 12.21 -13.93
CA LYS M 6 63.40 12.84 -12.95
C LYS M 6 64.86 12.64 -13.31
N ASN M 7 65.18 11.97 -14.42
CA ASN M 7 66.48 11.36 -14.63
C ASN M 7 67.59 12.36 -14.99
N GLY M 8 67.46 13.59 -14.52
CA GLY M 8 68.38 14.67 -14.78
C GLY M 8 67.66 15.89 -15.32
N ILE M 9 66.33 15.81 -15.38
CA ILE M 9 65.56 16.82 -16.08
C ILE M 9 65.59 18.11 -15.27
N PHE M 10 65.93 19.20 -15.93
CA PHE M 10 65.99 20.52 -15.30
C PHE M 10 65.54 21.55 -16.32
N ASN M 11 64.25 21.86 -16.30
CA ASN M 11 63.74 22.93 -17.14
C ASN M 11 64.17 24.26 -16.58
N THR M 12 64.60 25.15 -17.46
CA THR M 12 65.11 26.44 -17.04
C THR M 12 64.89 27.44 -18.18
N ARG M 13 65.54 28.59 -18.06
CA ARG M 13 65.37 29.69 -18.98
C ARG M 13 66.72 30.37 -19.18
N LEU M 14 66.90 30.92 -20.37
CA LEU M 14 68.10 31.68 -20.70
C LEU M 14 67.70 32.85 -21.56
N SER M 15 68.52 33.89 -21.53
CA SER M 15 68.21 35.12 -22.22
C SER M 15 69.50 35.86 -22.55
N ARG M 16 69.45 36.62 -23.63
CA ARG M 16 70.53 37.50 -24.01
C ARG M 16 69.92 38.72 -24.68
N THR M 17 70.78 39.63 -25.11
CA THR M 17 70.32 40.91 -25.63
C THR M 17 71.29 41.41 -26.68
N ILE M 18 70.73 42.05 -27.71
CA ILE M 18 71.50 42.57 -28.83
C ILE M 18 70.75 43.72 -29.46
N GLY M 19 71.48 44.59 -30.13
CA GLY M 19 70.91 45.72 -30.84
C GLY M 19 70.78 45.41 -32.32
N TYR M 20 69.72 45.91 -32.92
CA TYR M 20 69.47 45.76 -34.34
C TYR M 20 69.02 47.11 -34.87
N THR M 21 69.65 47.55 -35.95
CA THR M 21 69.57 48.92 -36.43
C THR M 21 69.13 48.92 -37.88
N VAL M 22 67.88 49.28 -38.11
CA VAL M 22 67.37 49.50 -39.46
C VAL M 22 67.72 50.93 -39.85
N LYS M 23 68.47 51.07 -40.92
CA LYS M 23 69.07 52.35 -41.28
C LYS M 23 68.12 53.20 -42.10
N LYS M 24 68.53 54.43 -42.33
CA LYS M 24 67.74 55.39 -43.10
C LYS M 24 67.79 55.07 -44.59
N THR M 25 67.03 55.83 -45.35
CA THR M 25 67.08 55.80 -46.80
C THR M 25 66.34 57.01 -47.34
N THR M 26 66.91 57.64 -48.36
CA THR M 26 66.23 58.74 -49.03
C THR M 26 65.03 58.25 -49.84
N VAL M 27 64.96 56.96 -50.16
CA VAL M 27 63.81 56.42 -50.86
C VAL M 27 62.55 56.68 -50.05
N ARG M 28 61.47 57.01 -50.75
CA ARG M 28 60.18 57.27 -50.15
C ARG M 28 59.13 56.23 -50.49
N THR M 29 59.35 55.45 -51.54
CA THR M 29 58.44 54.37 -51.85
C THR M 29 58.57 53.29 -50.77
N PRO M 30 57.52 52.49 -50.55
CA PRO M 30 57.63 51.43 -49.55
C PRO M 30 58.72 50.44 -49.91
N SER M 31 59.72 50.35 -49.04
CA SER M 31 60.82 49.43 -49.19
C SER M 31 61.11 48.78 -47.85
N TRP M 32 61.45 47.51 -47.89
CA TRP M 32 61.65 46.70 -46.70
C TRP M 32 63.10 46.30 -46.55
N ASN M 33 63.47 45.99 -45.31
CA ASN M 33 64.81 45.58 -44.93
C ASN M 33 64.72 44.19 -44.32
N VAL M 34 65.17 43.20 -45.06
CA VAL M 34 64.98 41.80 -44.68
C VAL M 34 66.23 41.32 -43.97
N ASP M 35 66.03 40.48 -42.95
CA ASP M 35 67.12 39.88 -42.21
C ASP M 35 66.57 38.67 -41.48
N MET M 36 67.43 37.68 -41.30
CA MET M 36 67.10 36.44 -40.64
C MET M 36 67.48 36.51 -39.17
N MET M 37 67.38 35.39 -38.47
CA MET M 37 67.74 35.32 -37.07
C MET M 37 67.98 33.87 -36.70
N ARG M 38 69.16 33.57 -36.20
CA ARG M 38 69.56 32.23 -35.81
C ARG M 38 69.75 32.16 -34.30
N PHE M 39 69.60 30.95 -33.77
CA PHE M 39 69.70 30.70 -32.34
C PHE M 39 70.71 29.59 -32.11
N ASN M 40 71.71 29.87 -31.28
CA ASN M 40 72.73 28.90 -30.93
C ASN M 40 73.00 29.04 -29.44
N ILE M 41 73.03 27.91 -28.74
CA ILE M 41 73.09 27.95 -27.30
C ILE M 41 74.43 28.40 -26.78
N ASN M 42 75.47 28.34 -27.60
CA ASN M 42 76.78 28.80 -27.17
C ASN M 42 76.77 30.29 -26.86
N ASP M 43 75.87 31.03 -27.47
CA ASP M 43 75.71 32.45 -27.15
C ASP M 43 74.98 32.69 -25.85
N PHE M 44 74.40 31.67 -25.24
CA PHE M 44 73.74 31.77 -23.96
C PHE M 44 74.53 31.16 -22.81
N LEU M 45 75.14 30.00 -23.04
CA LEU M 45 75.91 29.29 -22.03
C LEU M 45 77.39 29.62 -22.23
N PRO M 46 78.01 30.43 -21.37
CA PRO M 46 79.44 30.63 -21.49
C PRO M 46 80.20 29.39 -21.01
N PRO M 47 81.48 29.29 -21.34
CA PRO M 47 82.23 28.08 -20.98
C PRO M 47 82.61 28.06 -19.52
N GLY M 48 82.61 26.86 -18.93
CA GLY M 48 83.01 26.68 -17.57
C GLY M 48 84.52 26.62 -17.42
N GLY M 49 84.99 25.73 -16.56
CA GLY M 49 86.41 25.58 -16.35
C GLY M 49 86.78 24.27 -15.69
N GLY M 50 87.88 23.67 -16.14
CA GLY M 50 88.35 22.43 -15.57
C GLY M 50 87.69 21.22 -16.18
N SER M 51 87.39 20.23 -15.34
CA SER M 51 86.75 19.01 -15.83
C SER M 51 85.33 19.28 -16.29
N ASN M 52 84.69 20.29 -15.73
CA ASN M 52 83.35 20.69 -16.16
C ASN M 52 83.50 21.73 -17.28
N PRO M 53 83.24 21.38 -18.54
CA PRO M 53 83.56 22.32 -19.62
C PRO M 53 82.56 23.45 -19.74
N LEU M 54 81.31 23.19 -19.40
CA LEU M 54 80.25 24.17 -19.46
C LEU M 54 79.96 24.75 -18.08
N THR M 55 79.15 25.81 -18.08
CA THR M 55 78.70 26.41 -16.83
C THR M 55 77.53 25.69 -16.22
N VAL M 56 76.76 24.96 -17.02
CA VAL M 56 75.61 24.18 -16.57
C VAL M 56 76.02 22.72 -16.58
N PRO M 57 75.97 22.01 -15.47
CA PRO M 57 76.41 20.62 -15.50
C PRO M 57 75.34 19.66 -16.00
N PHE M 58 75.22 19.58 -17.32
CA PHE M 58 74.33 18.63 -17.95
C PHE M 58 74.94 18.21 -19.28
N GLU M 59 74.46 17.08 -19.80
CA GLU M 59 74.98 16.48 -21.01
C GLU M 59 74.10 16.75 -22.22
N TYR M 60 72.82 16.43 -22.10
CA TYR M 60 71.88 16.56 -23.20
C TYR M 60 71.05 17.82 -23.02
N TYR M 61 70.32 18.17 -24.08
CA TYR M 61 69.43 19.32 -24.02
C TYR M 61 68.50 19.28 -25.22
N ARG M 62 67.40 20.01 -25.10
CA ARG M 62 66.48 20.21 -26.21
C ARG M 62 65.69 21.48 -25.95
N ILE M 63 65.63 22.34 -26.94
CA ILE M 63 64.98 23.63 -26.81
C ILE M 63 63.48 23.46 -27.03
N ARG M 64 62.71 23.76 -26.01
CA ARG M 64 61.26 23.65 -26.10
C ARG M 64 60.66 24.83 -26.85
N LYS M 65 61.00 26.04 -26.41
CA LYS M 65 60.37 27.24 -26.94
C LYS M 65 61.39 28.37 -26.96
N VAL M 66 61.07 29.38 -27.76
CA VAL M 66 61.84 30.60 -27.85
C VAL M 66 60.88 31.76 -27.85
N LYS M 67 61.22 32.81 -27.11
CA LYS M 67 60.43 34.03 -27.04
C LYS M 67 61.34 35.18 -27.44
N VAL M 68 61.22 35.60 -28.67
CA VAL M 68 61.89 36.79 -29.14
C VAL M 68 61.07 38.00 -28.73
N GLU M 69 61.76 39.11 -28.48
CA GLU M 69 61.13 40.33 -28.02
C GLU M 69 61.84 41.50 -28.66
N PHE M 70 61.07 42.35 -29.34
CA PHE M 70 61.61 43.53 -30.01
C PHE M 70 61.29 44.75 -29.16
N TRP M 71 62.06 44.91 -28.09
CA TRP M 71 61.93 46.09 -27.27
C TRP M 71 62.51 47.27 -28.03
N PRO M 72 61.70 48.22 -28.49
CA PRO M 72 62.24 49.28 -29.34
C PRO M 72 63.15 50.21 -28.59
N CYS M 73 63.79 51.09 -29.38
CA CYS M 73 64.63 52.15 -28.86
C CYS M 73 64.22 53.52 -29.39
N SER M 74 63.20 53.59 -30.25
CA SER M 74 62.75 54.84 -30.83
C SER M 74 61.64 55.43 -29.98
N PRO M 75 61.40 56.73 -30.06
CA PRO M 75 60.38 57.35 -29.24
C PRO M 75 59.00 57.21 -29.85
N ILE M 76 58.00 57.54 -29.03
CA ILE M 76 56.62 57.52 -29.49
C ILE M 76 56.38 58.58 -30.55
N THR M 77 57.11 59.69 -30.50
CA THR M 77 56.84 60.84 -31.36
C THR M 77 57.55 60.75 -32.71
N GLN M 78 57.93 59.55 -33.13
CA GLN M 78 58.63 59.38 -34.38
C GLN M 78 57.65 59.23 -35.53
N GLY M 79 57.95 59.89 -36.64
CA GLY M 79 57.10 59.89 -37.80
C GLY M 79 57.59 58.94 -38.88
N ASP M 80 56.92 59.01 -40.02
CA ASP M 80 57.15 58.12 -41.14
C ASP M 80 57.09 56.68 -40.68
N ARG M 81 55.96 56.34 -40.07
CA ARG M 81 55.78 55.02 -39.53
C ARG M 81 55.71 54.00 -40.67
N GLY M 82 55.54 52.76 -40.30
CA GLY M 82 55.50 51.71 -41.29
C GLY M 82 54.86 50.47 -40.76
N VAL M 83 55.10 49.37 -41.45
CA VAL M 83 54.52 48.08 -41.08
C VAL M 83 55.41 46.99 -41.65
N GLY M 84 55.67 45.98 -40.85
CA GLY M 84 56.56 44.91 -41.19
C GLY M 84 55.94 43.54 -40.98
N SER M 85 56.77 42.51 -40.89
CA SER M 85 56.26 41.16 -40.74
C SER M 85 57.35 40.26 -40.22
N THR M 86 56.97 39.37 -39.31
CA THR M 86 57.84 38.34 -38.78
C THR M 86 57.23 36.98 -39.08
N ALA M 87 58.08 36.05 -39.50
CA ALA M 87 57.64 34.73 -39.88
C ALA M 87 58.61 33.70 -39.34
N VAL M 88 58.10 32.48 -39.20
CA VAL M 88 58.83 31.37 -38.63
C VAL M 88 59.38 30.51 -39.77
N ILE M 89 60.68 30.29 -39.76
CA ILE M 89 61.39 29.58 -40.82
C ILE M 89 62.14 28.45 -40.15
N LEU M 90 61.70 27.22 -40.37
CA LEU M 90 62.17 26.08 -39.63
C LEU M 90 63.12 25.21 -40.45
N ASP M 91 63.66 25.73 -41.56
CA ASP M 91 64.42 24.92 -42.50
C ASP M 91 65.72 25.57 -42.97
N ASP M 92 66.11 26.70 -42.39
CA ASP M 92 67.33 27.41 -42.78
C ASP M 92 67.23 27.91 -44.22
N ASN M 93 66.01 28.12 -44.71
CA ASN M 93 65.75 28.68 -46.03
C ASN M 93 65.08 30.01 -45.78
N PHE M 94 65.89 31.02 -45.54
CA PHE M 94 65.40 32.36 -45.37
C PHE M 94 65.26 33.01 -46.73
N VAL M 95 64.88 34.28 -46.74
CA VAL M 95 64.68 35.06 -47.95
C VAL M 95 65.79 36.09 -47.96
N THR M 96 66.49 36.19 -49.09
CA THR M 96 67.82 36.76 -49.19
C THR M 96 67.94 38.11 -48.49
N LYS M 97 69.02 38.26 -47.74
CA LYS M 97 69.27 39.48 -47.00
C LYS M 97 69.34 40.68 -47.93
N ALA M 98 68.53 41.69 -47.62
CA ALA M 98 68.39 42.84 -48.50
C ALA M 98 68.09 44.07 -47.67
N ASN M 99 68.69 45.19 -48.07
CA ASN M 99 68.46 46.46 -47.41
C ASN M 99 67.22 47.19 -47.94
N ALA M 100 66.81 46.90 -49.16
CA ALA M 100 65.69 47.57 -49.78
C ALA M 100 65.04 46.61 -50.75
N LEU M 101 63.82 46.18 -50.44
CA LEU M 101 63.04 45.30 -51.30
C LEU M 101 61.66 45.90 -51.45
N THR M 102 61.14 45.84 -52.66
CA THR M 102 59.92 46.55 -53.01
C THR M 102 58.66 45.90 -52.46
N TYR M 103 58.78 44.82 -51.69
CA TYR M 103 57.61 44.15 -51.16
C TYR M 103 57.98 43.44 -49.88
N ASP M 104 56.97 43.07 -49.12
CA ASP M 104 57.13 42.32 -47.88
C ASP M 104 57.04 40.84 -48.19
N PRO M 105 58.16 40.11 -48.25
CA PRO M 105 58.06 38.71 -48.65
C PRO M 105 57.44 37.83 -47.60
N TYR M 106 57.58 38.19 -46.32
CA TYR M 106 57.05 37.40 -45.23
C TYR M 106 55.62 37.77 -44.88
N VAL M 107 54.88 38.39 -45.80
CA VAL M 107 53.54 38.88 -45.48
C VAL M 107 52.51 37.79 -45.65
N ASN M 108 52.60 37.01 -46.71
CA ASN M 108 51.64 35.95 -46.97
C ASN M 108 51.99 34.65 -46.29
N TYR M 109 53.14 34.57 -45.62
CA TYR M 109 53.49 33.39 -44.86
C TYR M 109 52.43 33.11 -43.80
N SER M 110 52.07 31.84 -43.66
CA SER M 110 51.05 31.45 -42.71
C SER M 110 51.46 31.77 -41.28
N SER M 111 52.75 31.77 -41.00
CA SER M 111 53.28 32.11 -39.69
C SER M 111 53.55 33.60 -39.52
N ARG M 112 52.86 34.42 -40.28
CA ARG M 112 53.10 35.86 -40.24
C ARG M 112 52.38 36.48 -39.06
N HIS M 113 53.10 37.32 -38.32
CA HIS M 113 52.54 38.13 -37.26
C HIS M 113 53.00 39.56 -37.51
N THR M 114 52.07 40.46 -37.69
CA THR M 114 52.38 41.80 -38.14
C THR M 114 53.15 42.57 -37.09
N ILE M 115 54.04 43.44 -37.56
CA ILE M 115 54.76 44.38 -36.73
C ILE M 115 54.19 45.76 -36.98
N THR M 116 53.93 46.49 -35.92
CA THR M 116 53.74 47.92 -35.99
C THR M 116 55.07 48.58 -35.67
N GLN M 117 55.37 49.65 -36.37
CA GLN M 117 56.67 50.30 -36.29
C GLN M 117 56.48 51.78 -36.02
N PRO M 118 57.51 52.46 -35.50
CA PRO M 118 58.83 52.02 -35.01
C PRO M 118 58.95 51.96 -33.50
N PHE M 119 57.84 52.20 -32.77
CA PHE M 119 57.89 52.34 -31.32
C PHE M 119 57.13 51.25 -30.59
N SER M 120 56.69 50.22 -31.26
CA SER M 120 55.85 49.19 -30.66
C SER M 120 56.68 47.97 -30.29
N TYR M 121 56.09 47.15 -29.43
CA TYR M 121 56.68 45.90 -28.96
C TYR M 121 56.07 44.74 -29.72
N HIS M 122 56.89 43.77 -30.07
CA HIS M 122 56.45 42.59 -30.80
C HIS M 122 57.17 41.38 -30.27
N SER M 123 56.43 40.30 -30.09
CA SER M 123 56.95 39.07 -29.50
C SER M 123 56.43 37.88 -30.28
N ARG M 124 57.26 36.83 -30.30
CA ARG M 124 56.99 35.62 -31.07
C ARG M 124 57.42 34.43 -30.25
N TYR M 125 56.45 33.68 -29.74
CA TYR M 125 56.67 32.55 -28.86
C TYR M 125 56.41 31.28 -29.65
N PHE M 126 57.48 30.60 -30.05
CA PHE M 126 57.38 29.47 -30.94
C PHE M 126 58.41 28.41 -30.57
N THR M 127 58.29 27.27 -31.24
CA THR M 127 59.21 26.16 -31.07
C THR M 127 60.20 26.15 -32.21
N PRO M 128 61.49 26.34 -31.99
CA PRO M 128 62.45 26.23 -33.07
C PRO M 128 62.79 24.78 -33.34
N LYS M 129 63.57 24.59 -34.40
CA LYS M 129 64.02 23.27 -34.80
C LYS M 129 65.50 23.35 -35.12
N PRO M 130 66.24 22.27 -34.95
CA PRO M 130 67.68 22.30 -35.25
C PRO M 130 67.97 22.00 -36.71
N VAL M 131 69.22 22.23 -37.06
CA VAL M 131 69.71 22.03 -38.42
C VAL M 131 70.50 20.72 -38.39
N LEU M 132 69.82 19.62 -38.69
CA LEU M 132 70.47 18.33 -38.72
C LEU M 132 71.16 18.08 -40.06
N ASP M 133 70.51 18.42 -41.16
CA ASP M 133 71.09 18.24 -42.50
C ASP M 133 70.73 19.46 -43.33
N ARG M 134 71.75 20.22 -43.72
CA ARG M 134 71.52 21.41 -44.53
C ARG M 134 71.11 21.05 -45.95
N THR M 135 71.66 19.95 -46.48
CA THR M 135 71.31 19.54 -47.84
C THR M 135 69.84 19.17 -47.94
N ILE M 136 69.33 18.46 -46.94
CA ILE M 136 67.98 17.93 -46.97
C ILE M 136 67.01 18.84 -46.25
N ASP M 137 67.46 19.45 -45.16
CA ASP M 137 66.67 20.40 -44.38
C ASP M 137 65.36 19.79 -43.92
N TYR M 138 65.49 18.77 -43.07
CA TYR M 138 64.34 18.13 -42.46
C TYR M 138 64.20 18.56 -41.01
N PHE M 139 62.98 18.42 -40.51
CA PHE M 139 62.67 18.74 -39.14
C PHE M 139 61.37 18.05 -38.78
N GLN M 140 61.17 17.86 -37.50
CA GLN M 140 60.02 17.12 -37.03
C GLN M 140 58.95 18.05 -36.48
N PRO M 141 57.72 17.56 -36.35
CA PRO M 141 56.66 18.42 -35.82
C PRO M 141 56.87 18.78 -34.38
N ASN M 142 55.91 19.52 -33.83
CA ASN M 142 55.94 19.92 -32.43
C ASN M 142 55.24 18.85 -31.61
N ASN M 143 56.03 17.97 -31.00
CA ASN M 143 55.52 16.99 -30.06
C ASN M 143 56.52 16.89 -28.92
N LYS M 144 56.06 17.20 -27.72
CA LYS M 144 56.97 17.29 -26.58
C LYS M 144 57.56 15.94 -26.23
N ARG M 145 56.75 14.89 -26.21
CA ARG M 145 57.22 13.58 -25.78
C ARG M 145 58.35 13.09 -26.67
N ASN M 146 58.13 13.12 -27.98
CA ASN M 146 59.06 12.51 -28.93
C ASN M 146 60.03 13.52 -29.53
N GLN M 147 60.18 14.68 -28.92
CA GLN M 147 61.19 15.62 -29.38
C GLN M 147 62.58 15.08 -29.10
N LEU M 148 63.51 15.43 -29.97
CA LEU M 148 64.85 14.88 -29.91
C LEU M 148 65.64 15.50 -28.78
N TRP M 149 66.67 14.77 -28.37
CA TRP M 149 67.69 15.26 -27.45
C TRP M 149 68.96 15.51 -28.23
N LEU M 150 69.78 16.41 -27.71
CA LEU M 150 71.00 16.83 -28.36
C LEU M 150 72.11 16.95 -27.33
N ARG M 151 73.28 16.47 -27.68
CA ARG M 151 74.43 16.61 -26.82
C ARG M 151 74.78 18.08 -26.65
N LEU M 152 75.11 18.47 -25.43
CA LEU M 152 75.47 19.84 -25.12
C LEU M 152 76.96 19.95 -25.31
N GLN M 153 77.35 20.31 -26.53
CA GLN M 153 78.77 20.44 -26.86
C GLN M 153 79.32 21.73 -26.28
N THR M 154 80.64 21.82 -26.31
CA THR M 154 81.37 22.92 -25.69
C THR M 154 81.50 24.13 -26.61
N THR M 155 81.83 23.90 -27.88
CA THR M 155 82.12 24.97 -28.82
C THR M 155 81.41 24.84 -30.16
N GLY M 156 80.76 23.72 -30.45
CA GLY M 156 80.19 23.46 -31.76
C GLY M 156 78.75 23.04 -31.74
N ASN M 157 77.96 23.66 -30.89
CA ASN M 157 76.54 23.34 -30.84
C ASN M 157 75.86 23.74 -32.14
N VAL M 158 74.79 23.04 -32.47
CA VAL M 158 74.13 23.20 -33.74
C VAL M 158 73.27 24.45 -33.72
N ASP M 159 73.11 25.06 -34.88
CA ASP M 159 72.43 26.34 -35.02
C ASP M 159 70.93 26.07 -35.19
N HIS M 160 70.19 26.24 -34.11
CA HIS M 160 68.75 26.26 -34.21
C HIS M 160 68.30 27.44 -35.08
N VAL M 161 67.05 27.36 -35.52
CA VAL M 161 66.50 28.28 -36.51
C VAL M 161 65.03 28.47 -36.19
N GLY M 162 64.39 29.40 -36.89
CA GLY M 162 63.00 29.69 -36.61
C GLY M 162 62.47 31.11 -36.71
N LEU M 163 63.22 32.08 -37.22
CA LEU M 163 62.62 33.40 -37.39
C LEU M 163 63.28 34.20 -38.50
N GLY M 164 62.44 34.91 -39.24
CA GLY M 164 62.91 35.86 -40.23
C GLY M 164 62.05 37.10 -40.18
N THR M 165 62.67 38.23 -40.51
CA THR M 165 62.07 39.54 -40.32
C THR M 165 62.01 40.31 -41.63
N ALA M 166 61.14 41.31 -41.64
CA ALA M 166 61.05 42.25 -42.75
C ALA M 166 60.50 43.56 -42.19
N PHE M 167 61.37 44.52 -41.98
CA PHE M 167 61.01 45.82 -41.46
C PHE M 167 60.93 46.83 -42.58
N GLU M 168 59.96 47.72 -42.50
CA GLU M 168 59.75 48.73 -43.53
C GLU M 168 60.70 49.88 -43.30
N ASN M 169 61.43 50.25 -44.34
CA ASN M 169 62.42 51.31 -44.23
C ASN M 169 61.73 52.63 -43.93
N SER M 170 62.51 53.57 -43.40
CA SER M 170 62.00 54.87 -43.02
C SER M 170 63.12 55.89 -43.14
N ILE M 171 62.72 57.16 -43.15
CA ILE M 171 63.68 58.25 -43.24
C ILE M 171 64.61 58.23 -42.03
N TYR M 172 64.06 57.92 -40.87
CA TYR M 172 64.79 57.94 -39.61
C TYR M 172 65.27 56.55 -39.26
N ASP M 173 66.36 56.50 -38.49
CA ASP M 173 66.84 55.23 -37.98
C ASP M 173 65.81 54.62 -37.03
N GLN M 174 65.66 53.31 -37.13
CA GLN M 174 64.77 52.52 -36.28
C GLN M 174 65.65 51.55 -35.52
N ASP M 175 66.18 52.00 -34.39
CA ASP M 175 66.98 51.13 -33.55
C ASP M 175 66.05 50.28 -32.69
N TYR M 176 66.50 49.05 -32.43
CA TYR M 176 65.76 48.11 -31.61
C TYR M 176 66.70 47.47 -30.61
N ASN M 177 66.10 46.89 -29.58
CA ASN M 177 66.82 46.20 -28.51
C ASN M 177 66.19 44.82 -28.41
N ILE M 178 66.77 43.87 -29.11
CA ILE M 178 66.21 42.53 -29.20
C ILE M 178 66.61 41.73 -27.97
N ARG M 179 65.68 40.94 -27.46
CA ARG M 179 65.90 40.02 -26.36
C ARG M 179 65.45 38.64 -26.81
N ILE M 180 66.38 37.70 -26.78
CA ILE M 180 66.11 36.33 -27.21
C ILE M 180 66.05 35.46 -25.97
N THR M 181 64.85 35.25 -25.46
CA THR M 181 64.64 34.36 -24.33
C THR M 181 64.44 32.94 -24.84
N MET M 182 65.09 32.00 -24.17
CA MET M 182 65.08 30.59 -24.55
C MET M 182 64.64 29.76 -23.37
N TYR M 183 63.82 28.75 -23.65
CA TYR M 183 63.28 27.85 -22.64
C TYR M 183 63.81 26.46 -22.95
N VAL M 184 64.81 26.05 -22.18
CA VAL M 184 65.60 24.87 -22.46
C VAL M 184 65.22 23.79 -21.47
N GLN M 185 65.59 22.56 -21.80
CA GLN M 185 65.32 21.40 -20.95
C GLN M 185 66.52 20.49 -21.02
N PHE M 186 67.30 20.46 -19.94
CA PHE M 186 68.54 19.68 -19.89
C PHE M 186 68.28 18.30 -19.30
N ARG M 187 69.34 17.52 -19.18
CA ARG M 187 69.22 16.13 -18.74
C ARG M 187 70.61 15.60 -18.42
N GLU M 188 70.64 14.54 -17.60
CA GLU M 188 71.86 13.81 -17.25
C GLU M 188 72.89 14.72 -16.58
N PHE M 189 72.55 15.10 -15.36
CA PHE M 189 73.43 15.88 -14.50
C PHE M 189 74.79 15.20 -14.38
N ASN M 190 75.82 15.81 -14.95
CA ASN M 190 77.12 15.20 -15.16
C ASN M 190 78.24 15.98 -14.49
N LEU M 191 78.01 16.39 -13.25
CA LEU M 191 79.01 17.19 -12.56
C LEU M 191 80.18 16.31 -12.12
N LYS M 192 81.37 16.88 -12.20
CA LYS M 192 82.59 16.26 -11.70
C LYS M 192 83.00 16.93 -10.39
N ASP M 193 83.73 16.18 -9.58
CA ASP M 193 84.24 16.67 -8.29
C ASP M 193 85.62 16.12 -8.05
N PRO M 194 86.64 16.70 -8.68
CA PRO M 194 88.00 16.34 -8.35
C PRO M 194 88.36 16.77 -6.95
N PRO M 195 89.48 16.33 -6.41
CA PRO M 195 89.92 16.82 -5.10
C PRO M 195 90.49 18.24 -5.19
N LEU M 196 91.04 18.73 -4.08
CA LEU M 196 91.58 20.09 -4.00
C LEU M 196 90.49 21.13 -4.22
N TYR N 1 23.63 20.43 -50.18
CA TYR N 1 23.70 20.24 -51.62
C TYR N 1 25.06 20.68 -52.17
N ARG N 2 26.14 20.12 -51.59
CA ARG N 2 27.52 20.32 -52.04
C ARG N 2 27.84 21.82 -52.25
N TRP N 3 28.04 22.62 -51.18
CA TRP N 3 28.56 22.23 -49.84
C TRP N 3 29.97 21.60 -49.84
N ARG N 4 30.94 22.36 -50.07
CA ARG N 4 31.94 22.86 -51.01
C ARG N 4 32.51 21.86 -52.04
N ARG N 5 33.09 20.69 -51.74
CA ARG N 5 33.44 20.10 -50.45
C ARG N 5 34.97 19.94 -50.32
N LYS N 6 35.53 19.15 -51.26
CA LYS N 6 36.96 18.85 -51.37
C LYS N 6 37.46 19.00 -52.79
N ASN N 7 36.61 19.38 -53.75
CA ASN N 7 36.85 19.14 -55.16
C ASN N 7 37.89 20.08 -55.79
N GLY N 8 38.83 20.57 -54.98
CA GLY N 8 39.86 21.49 -55.38
C GLY N 8 39.90 22.70 -54.47
N ILE N 9 39.06 22.69 -53.44
CA ILE N 9 38.86 23.86 -52.62
C ILE N 9 40.11 24.12 -51.81
N PHE N 10 40.59 25.36 -51.86
CA PHE N 10 41.78 25.76 -51.12
C PHE N 10 41.60 27.21 -50.68
N ASN N 11 41.07 27.39 -49.49
CA ASN N 11 40.96 28.71 -48.92
C ASN N 11 42.33 29.20 -48.50
N THR N 12 42.62 30.45 -48.81
CA THR N 12 43.92 31.02 -48.52
C THR N 12 43.77 32.53 -48.34
N ARG N 13 44.91 33.21 -48.34
CA ARG N 13 44.97 34.64 -48.08
C ARG N 13 46.03 35.25 -48.97
N LEU N 14 45.81 36.51 -49.34
CA LEU N 14 46.75 37.27 -50.12
C LEU N 14 46.77 38.69 -49.61
N SER N 15 47.88 39.38 -49.84
CA SER N 15 48.06 40.71 -49.32
C SER N 15 49.06 41.46 -50.19
N ARG N 16 48.88 42.78 -50.23
CA ARG N 16 49.82 43.66 -50.90
C ARG N 16 49.84 44.97 -50.11
N THR N 17 50.64 45.90 -50.60
CA THR N 17 50.88 47.14 -49.87
C THR N 17 51.14 48.28 -50.85
N ILE N 18 50.64 49.46 -50.49
CA ILE N 18 50.77 50.64 -51.33
C ILE N 18 50.69 51.87 -50.44
N GLY N 19 51.27 52.97 -50.94
CA GLY N 19 51.24 54.25 -50.25
C GLY N 19 50.14 55.13 -50.83
N TYR N 20 49.51 55.90 -49.94
CA TYR N 20 48.50 56.85 -50.33
C TYR N 20 48.76 58.14 -49.58
N THR N 21 48.78 59.25 -50.32
CA THR N 21 49.31 60.52 -49.85
C THR N 21 48.24 61.59 -50.02
N VAL N 22 47.64 62.00 -48.92
CA VAL N 22 46.73 63.13 -48.90
C VAL N 22 47.57 64.38 -48.72
N LYS N 23 47.49 65.28 -49.69
CA LYS N 23 48.41 66.40 -49.76
C LYS N 23 47.92 67.58 -48.92
N LYS N 24 48.78 68.58 -48.82
CA LYS N 24 48.50 69.79 -48.06
C LYS N 24 47.49 70.67 -48.79
N THR N 25 47.10 71.74 -48.12
CA THR N 25 46.31 72.81 -48.71
C THR N 25 46.32 74.00 -47.78
N THR N 26 46.45 75.19 -48.37
CA THR N 26 46.36 76.42 -47.58
C THR N 26 44.94 76.68 -47.09
N VAL N 27 43.94 76.05 -47.70
CA VAL N 27 42.57 76.19 -47.24
C VAL N 27 42.47 75.74 -45.79
N ARG N 28 41.68 76.47 -45.02
CA ARG N 28 41.44 76.18 -43.62
C ARG N 28 40.03 75.73 -43.32
N THR N 29 39.09 76.00 -44.22
CA THR N 29 37.75 75.48 -44.04
C THR N 29 37.77 73.97 -44.20
N PRO N 30 36.82 73.25 -43.60
CA PRO N 30 36.78 71.80 -43.76
C PRO N 30 36.60 71.41 -45.21
N SER N 31 37.59 70.72 -45.75
CA SER N 31 37.56 70.23 -47.11
C SER N 31 38.07 68.81 -47.13
N TRP N 32 37.47 67.99 -47.97
CA TRP N 32 37.75 66.57 -48.03
C TRP N 32 38.42 66.20 -49.35
N ASN N 33 39.13 65.07 -49.33
CA ASN N 33 39.84 64.54 -50.47
C ASN N 33 39.29 63.15 -50.75
N VAL N 34 38.52 63.04 -51.82
CA VAL N 34 37.78 61.83 -52.13
C VAL N 34 38.58 60.98 -53.10
N ASP N 35 38.53 59.66 -52.91
CA ASP N 35 39.19 58.73 -53.79
C ASP N 35 38.54 57.37 -53.59
N MET N 36 38.53 56.58 -54.65
CA MET N 36 37.95 55.26 -54.65
C MET N 36 39.04 54.22 -54.39
N MET N 37 38.68 52.95 -54.52
CA MET N 37 39.63 51.87 -54.35
C MET N 37 39.08 50.62 -55.01
N ARG N 38 39.85 50.06 -55.94
CA ARG N 38 39.47 48.88 -56.70
C ARG N 38 40.39 47.71 -56.32
N PHE N 39 39.86 46.51 -56.51
CA PHE N 39 40.55 45.28 -56.18
C PHE N 39 40.58 44.38 -57.40
N ASN N 40 41.77 43.97 -57.79
CA ASN N 40 41.95 43.05 -58.91
C ASN N 40 43.02 42.06 -58.52
N ILE N 41 42.74 40.78 -58.77
CA ILE N 41 43.60 39.73 -58.27
C ILE N 41 44.92 39.66 -59.01
N ASN N 42 45.01 40.25 -60.19
CA ASN N 42 46.27 40.25 -60.92
C ASN N 42 47.35 41.01 -60.16
N ASP N 43 46.95 41.96 -59.32
CA ASP N 43 47.90 42.67 -58.48
C ASP N 43 48.37 41.86 -57.29
N PHE N 44 47.77 40.71 -57.02
CA PHE N 44 48.16 39.81 -55.95
C PHE N 44 48.88 38.58 -56.45
N LEU N 45 48.38 37.97 -57.52
CA LEU N 45 48.96 36.76 -58.09
C LEU N 45 49.88 37.14 -59.24
N PRO N 46 51.20 37.05 -59.09
CA PRO N 46 52.05 37.28 -60.25
C PRO N 46 52.00 36.12 -61.21
N PRO N 47 52.48 36.30 -62.43
CA PRO N 47 52.36 35.24 -63.43
C PRO N 47 53.38 34.14 -63.21
N GLY N 48 52.97 32.91 -63.51
CA GLY N 48 53.85 31.77 -63.41
C GLY N 48 54.75 31.65 -64.62
N GLY N 49 54.94 30.41 -65.08
CA GLY N 49 55.77 30.17 -66.24
C GLY N 49 55.55 28.81 -66.85
N GLY N 50 55.56 28.76 -68.18
CA GLY N 50 55.38 27.51 -68.89
C GLY N 50 53.93 27.14 -69.08
N SER N 51 53.63 25.85 -68.95
CA SER N 51 52.26 25.39 -69.11
C SER N 51 51.36 25.90 -68.00
N ASN N 52 51.92 26.16 -66.82
CA ASN N 52 51.18 26.73 -65.72
C ASN N 52 51.26 28.25 -65.80
N PRO N 53 50.21 28.95 -66.20
CA PRO N 53 50.36 30.39 -66.48
C PRO N 53 50.42 31.23 -65.21
N LEU N 54 49.74 30.77 -64.16
CA LEU N 54 49.70 31.47 -62.89
C LEU N 54 50.67 30.83 -61.90
N THR N 55 50.87 31.53 -60.78
CA THR N 55 51.67 31.00 -59.69
C THR N 55 50.91 30.04 -58.79
N VAL N 56 49.59 30.15 -58.77
CA VAL N 56 48.73 29.28 -57.98
C VAL N 56 48.05 28.31 -58.95
N PRO N 57 48.22 27.00 -58.80
CA PRO N 57 47.60 26.10 -59.77
C PRO N 57 46.13 25.82 -59.47
N PHE N 58 45.28 26.74 -59.89
CA PHE N 58 43.84 26.57 -59.80
C PHE N 58 43.19 27.28 -60.96
N GLU N 59 41.95 26.90 -61.24
CA GLU N 59 41.20 27.41 -62.38
C GLU N 59 40.18 28.47 -61.98
N TYR N 60 39.33 28.16 -61.02
CA TYR N 60 38.27 29.05 -60.59
C TYR N 60 38.67 29.75 -59.30
N TYR N 61 37.89 30.77 -58.94
CA TYR N 61 38.11 31.48 -57.70
C TYR N 61 36.90 32.34 -57.39
N ARG N 62 36.80 32.72 -56.12
CA ARG N 62 35.78 33.67 -55.68
C ARG N 62 36.26 34.31 -54.40
N ILE N 63 36.19 35.64 -54.35
CA ILE N 63 36.69 36.38 -53.22
C ILE N 63 35.62 36.42 -52.14
N ARG N 64 35.94 35.85 -50.99
CA ARG N 64 35.01 35.82 -49.87
C ARG N 64 34.97 37.16 -49.16
N LYS N 65 36.13 37.66 -48.75
CA LYS N 65 36.23 38.85 -47.92
C LYS N 65 37.46 39.64 -48.30
N VAL N 66 37.46 40.89 -47.90
CA VAL N 66 38.59 41.78 -48.06
C VAL N 66 38.75 42.56 -46.77
N LYS N 67 39.99 42.72 -46.33
CA LYS N 67 40.33 43.48 -45.13
C LYS N 67 41.32 44.55 -45.53
N VAL N 68 40.82 45.74 -45.71
CA VAL N 68 41.66 46.90 -45.95
C VAL N 68 42.17 47.40 -44.60
N GLU N 69 43.37 47.96 -44.60
CA GLU N 69 44.01 48.43 -43.39
C GLU N 69 44.77 49.69 -43.72
N PHE N 70 44.48 50.76 -42.99
CA PHE N 70 45.13 52.05 -43.17
C PHE N 70 46.18 52.23 -42.08
N TRP N 71 47.29 51.55 -42.25
CA TRP N 71 48.40 51.73 -41.34
C TRP N 71 49.02 53.10 -41.60
N PRO N 72 48.89 54.07 -40.70
CA PRO N 72 49.36 55.42 -41.01
C PRO N 72 50.87 55.50 -41.09
N CYS N 73 51.32 56.67 -41.53
CA CYS N 73 52.72 57.02 -41.60
C CYS N 73 53.02 58.32 -40.87
N SER N 74 52.03 58.99 -40.31
CA SER N 74 52.20 60.24 -39.62
C SER N 74 52.40 60.00 -38.14
N PRO N 75 53.03 60.94 -37.43
CA PRO N 75 53.29 60.72 -36.01
C PRO N 75 52.08 61.07 -35.16
N ILE N 76 52.18 60.68 -33.89
CA ILE N 76 51.14 60.98 -32.92
C ILE N 76 51.05 62.48 -32.67
N THR N 77 52.17 63.20 -32.79
CA THR N 77 52.24 64.59 -32.39
C THR N 77 51.82 65.54 -33.51
N GLN N 78 51.07 65.06 -34.49
CA GLN N 78 50.67 65.88 -35.61
C GLN N 78 49.39 66.62 -35.28
N GLY N 79 49.34 67.89 -35.66
CA GLY N 79 48.21 68.75 -35.39
C GLY N 79 47.30 68.91 -36.59
N ASP N 80 46.34 69.80 -36.43
CA ASP N 80 45.29 70.04 -37.42
C ASP N 80 44.64 68.73 -37.80
N ARG N 81 44.13 68.04 -36.79
CA ARG N 81 43.52 66.74 -37.01
C ARG N 81 42.24 66.91 -37.80
N GLY N 82 41.58 65.80 -38.05
CA GLY N 82 40.37 65.84 -38.83
C GLY N 82 39.55 64.60 -38.62
N VAL N 83 38.63 64.38 -39.56
CA VAL N 83 37.73 63.24 -39.49
C VAL N 83 37.24 62.95 -40.89
N GLY N 84 37.22 61.67 -41.23
CA GLY N 84 36.88 61.22 -42.56
C GLY N 84 35.82 60.14 -42.54
N SER N 85 35.70 59.39 -43.63
CA SER N 85 34.67 58.37 -43.73
C SER N 85 35.04 57.39 -44.82
N THR N 86 34.78 56.11 -44.55
CA THR N 86 34.94 55.04 -45.51
C THR N 86 33.60 54.35 -45.69
N ALA N 87 33.28 54.04 -46.94
CA ALA N 87 32.01 53.44 -47.28
C ALA N 87 32.23 52.35 -48.32
N VAL N 88 31.28 51.44 -48.37
CA VAL N 88 31.34 50.28 -49.23
C VAL N 88 30.48 50.55 -50.45
N ILE N 89 31.09 50.41 -51.63
CA ILE N 89 30.47 50.73 -52.91
C ILE N 89 30.57 49.49 -53.76
N LEU N 90 29.45 48.83 -54.01
CA LEU N 90 29.42 47.51 -54.61
C LEU N 90 28.97 47.55 -56.07
N ASP N 91 28.98 48.73 -56.70
CA ASP N 91 28.39 48.89 -58.02
C ASP N 91 29.26 49.69 -58.98
N ASP N 92 30.49 50.02 -58.62
CA ASP N 92 31.39 50.81 -59.47
C ASP N 92 30.83 52.20 -59.71
N ASN N 93 30.00 52.68 -58.79
CA ASN N 93 29.46 54.05 -58.83
C ASN N 93 30.03 54.74 -57.61
N PHE N 94 31.23 55.25 -57.77
CA PHE N 94 31.88 56.03 -56.73
C PHE N 94 31.43 57.47 -56.84
N VAL N 95 31.98 58.31 -55.99
CA VAL N 95 31.68 59.74 -55.95
C VAL N 95 32.92 60.45 -56.43
N THR N 96 32.74 61.36 -57.38
CA THR N 96 33.79 61.84 -58.28
C THR N 96 35.06 62.21 -57.54
N LYS N 97 36.18 61.78 -58.09
CA LYS N 97 37.49 62.04 -57.51
C LYS N 97 37.72 63.53 -57.40
N ALA N 98 38.07 63.98 -56.19
CA ALA N 98 38.19 65.39 -55.92
C ALA N 98 39.24 65.60 -54.84
N ASN N 99 40.04 66.66 -55.01
CA ASN N 99 41.04 67.01 -54.03
C ASN N 99 40.50 67.87 -52.90
N ALA N 100 39.40 68.58 -53.14
CA ALA N 100 38.84 69.48 -52.14
C ALA N 100 37.34 69.55 -52.38
N LEU N 101 36.58 69.01 -51.44
CA LEU N 101 35.13 69.05 -51.49
C LEU N 101 34.63 69.55 -50.15
N THR N 102 33.62 70.41 -50.19
CA THR N 102 33.17 71.13 -49.00
C THR N 102 32.37 70.28 -48.04
N TYR N 103 32.21 68.98 -48.31
CA TYR N 103 31.43 68.12 -47.43
C TYR N 103 31.93 66.70 -47.57
N ASP N 104 31.55 65.87 -46.60
CA ASP N 104 31.88 64.46 -46.59
C ASP N 104 30.76 63.70 -47.27
N PRO N 105 30.91 63.27 -48.53
CA PRO N 105 29.78 62.63 -49.19
C PRO N 105 29.48 61.24 -48.66
N TYR N 106 30.49 60.55 -48.15
CA TYR N 106 30.31 59.20 -47.64
C TYR N 106 29.94 59.17 -46.17
N VAL N 107 29.39 60.25 -45.64
CA VAL N 107 29.11 60.33 -44.20
C VAL N 107 27.76 59.70 -43.87
N ASN N 108 26.74 59.97 -44.67
CA ASN N 108 25.42 59.45 -44.42
C ASN N 108 25.21 58.06 -45.01
N TYR N 109 26.18 57.54 -45.75
CA TYR N 109 26.08 56.18 -46.26
C TYR N 109 25.91 55.21 -45.12
N SER N 110 25.01 54.25 -45.30
CA SER N 110 24.73 53.27 -44.27
C SER N 110 25.95 52.42 -43.94
N SER N 111 26.84 52.23 -44.91
CA SER N 111 28.07 51.49 -44.72
C SER N 111 29.22 52.36 -44.25
N ARG N 112 28.92 53.48 -43.60
CA ARG N 112 29.95 54.41 -43.18
C ARG N 112 30.58 53.94 -41.88
N HIS N 113 31.90 53.97 -41.85
CA HIS N 113 32.68 53.71 -40.65
C HIS N 113 33.68 54.86 -40.52
N THR N 114 33.59 55.58 -39.43
CA THR N 114 34.33 56.83 -39.29
C THR N 114 35.83 56.57 -39.21
N ILE N 115 36.58 57.51 -39.75
CA ILE N 115 38.03 57.53 -39.64
C ILE N 115 38.41 58.63 -38.68
N THR N 116 39.31 58.34 -37.76
CA THR N 116 40.03 59.34 -37.02
C THR N 116 41.36 59.56 -37.72
N GLN N 117 41.79 60.81 -37.77
CA GLN N 117 42.97 61.20 -38.54
C GLN N 117 43.91 61.98 -37.66
N PRO N 118 45.20 62.06 -38.03
CA PRO N 118 45.94 61.41 -39.11
C PRO N 118 46.82 60.25 -38.69
N PHE N 119 46.74 59.87 -37.42
CA PHE N 119 47.66 58.89 -36.86
C PHE N 119 46.99 57.60 -36.41
N SER N 120 45.73 57.41 -36.74
CA SER N 120 44.97 56.26 -36.26
C SER N 120 44.90 55.17 -37.32
N TYR N 121 44.55 53.97 -36.86
CA TYR N 121 44.38 52.81 -37.69
C TYR N 121 42.91 52.58 -37.96
N HIS N 122 42.59 52.21 -39.20
CA HIS N 122 41.21 51.95 -39.60
C HIS N 122 41.18 50.75 -40.52
N SER N 123 40.19 49.88 -40.29
CA SER N 123 40.07 48.63 -41.02
C SER N 123 38.63 48.41 -41.40
N ARG N 124 38.43 47.73 -42.52
CA ARG N 124 37.11 47.50 -43.10
C ARG N 124 37.09 46.08 -43.67
N TYR N 125 36.37 45.19 -42.99
CA TYR N 125 36.29 43.78 -43.33
C TYR N 125 34.93 43.51 -43.95
N PHE N 126 34.90 43.37 -45.26
CA PHE N 126 33.66 43.27 -45.99
C PHE N 126 33.81 42.31 -47.16
N THR N 127 32.67 42.04 -47.79
CA THR N 127 32.59 41.17 -48.95
C THR N 127 32.50 42.02 -50.20
N PRO N 128 33.48 42.01 -51.10
CA PRO N 128 33.35 42.74 -52.34
C PRO N 128 32.50 41.98 -53.34
N LYS N 129 32.24 42.64 -54.45
CA LYS N 129 31.46 42.07 -55.54
C LYS N 129 32.18 42.37 -56.85
N PRO N 130 32.02 41.53 -57.86
CA PRO N 130 32.68 41.78 -59.13
C PRO N 130 31.85 42.68 -60.04
N VAL N 131 32.49 43.10 -61.12
CA VAL N 131 31.88 43.98 -62.10
C VAL N 131 31.56 43.10 -63.30
N LEU N 132 30.33 42.58 -63.32
CA LEU N 132 29.88 41.75 -64.42
C LEU N 132 29.38 42.57 -65.58
N ASP N 133 28.60 43.62 -65.31
CA ASP N 133 28.07 44.49 -66.35
C ASP N 133 28.14 45.93 -65.85
N ARG N 134 28.97 46.73 -66.52
CA ARG N 134 29.11 48.13 -66.12
C ARG N 134 27.87 48.93 -66.47
N THR N 135 27.21 48.61 -67.58
CA THR N 135 26.01 49.33 -67.97
C THR N 135 24.90 49.14 -66.95
N ILE N 136 24.73 47.91 -66.46
CA ILE N 136 23.64 47.56 -65.59
C ILE N 136 24.04 47.63 -64.12
N ASP N 137 25.28 47.23 -63.83
CA ASP N 137 25.86 47.29 -62.49
C ASP N 137 25.00 46.52 -61.49
N TYR N 138 24.92 45.21 -61.72
CA TYR N 138 24.23 44.32 -60.82
C TYR N 138 25.22 43.53 -59.98
N PHE N 139 24.73 43.05 -58.84
CA PHE N 139 25.52 42.24 -57.95
C PHE N 139 24.56 41.50 -57.03
N GLN N 140 25.05 40.41 -56.47
CA GLN N 140 24.22 39.56 -55.67
C GLN N 140 24.47 39.76 -54.18
N PRO N 141 23.57 39.33 -53.32
CA PRO N 141 23.79 39.50 -51.89
C PRO N 141 24.94 38.66 -51.37
N ASN N 142 25.15 38.74 -50.06
CA ASN N 142 26.19 37.97 -49.40
C ASN N 142 25.60 36.64 -48.98
N ASN N 143 25.86 35.60 -49.77
CA ASN N 143 25.50 34.24 -49.42
C ASN N 143 26.63 33.33 -49.87
N LYS N 144 27.23 32.65 -48.91
CA LYS N 144 28.44 31.89 -49.21
C LYS N 144 28.15 30.72 -50.14
N ARG N 145 27.05 29.99 -49.90
CA ARG N 145 26.77 28.80 -50.69
C ARG N 145 26.60 29.14 -52.16
N ASN N 146 25.78 30.13 -52.46
CA ASN N 146 25.39 30.44 -53.82
C ASN N 146 26.21 31.58 -54.43
N GLN N 147 27.35 31.91 -53.83
CA GLN N 147 28.23 32.88 -54.43
C GLN N 147 28.84 32.33 -55.70
N LEU N 148 29.09 33.22 -56.66
CA LEU N 148 29.54 32.82 -57.97
C LEU N 148 31.00 32.40 -57.95
N TRP N 149 31.36 31.63 -58.95
CA TRP N 149 32.75 31.29 -59.24
C TRP N 149 33.18 32.04 -60.48
N LEU N 150 34.48 32.27 -60.58
CA LEU N 150 35.06 33.05 -61.65
C LEU N 150 36.34 32.39 -62.13
N ARG N 151 36.50 32.33 -63.44
CA ARG N 151 37.72 31.80 -64.02
C ARG N 151 38.90 32.67 -63.62
N LEU N 152 40.01 32.02 -63.27
CA LEU N 152 41.22 32.71 -62.87
C LEU N 152 42.02 32.95 -64.14
N GLN N 153 41.79 34.10 -64.75
CA GLN N 153 42.47 34.44 -65.98
C GLN N 153 43.90 34.88 -65.69
N THR N 154 44.68 34.99 -66.75
CA THR N 154 46.10 35.27 -66.65
C THR N 154 46.40 36.76 -66.59
N THR N 155 45.73 37.56 -67.44
CA THR N 155 46.02 38.98 -67.56
C THR N 155 44.80 39.88 -67.53
N GLY N 156 43.59 39.33 -67.57
CA GLY N 156 42.38 40.12 -67.70
C GLY N 156 41.31 39.81 -66.68
N ASN N 157 41.72 39.58 -65.44
CA ASN N 157 40.75 39.31 -64.39
C ASN N 157 39.90 40.54 -64.14
N VAL N 158 38.69 40.30 -63.68
CA VAL N 158 37.70 41.35 -63.53
C VAL N 158 37.99 42.16 -62.28
N ASP N 159 37.63 43.43 -62.32
CA ASP N 159 37.93 44.38 -61.26
C ASP N 159 36.84 44.31 -60.21
N HIS N 160 37.12 43.61 -59.12
CA HIS N 160 36.27 43.69 -57.95
C HIS N 160 36.26 45.11 -57.41
N VAL N 161 35.26 45.37 -56.57
CA VAL N 161 34.96 46.72 -56.10
C VAL N 161 34.43 46.60 -54.68
N GLY N 162 34.24 47.73 -54.02
CA GLY N 162 33.79 47.69 -52.64
C GLY N 162 34.29 48.71 -51.64
N LEU N 163 35.03 49.76 -52.02
CA LEU N 163 35.39 50.76 -51.03
C LEU N 163 35.64 52.12 -51.65
N GLY N 164 35.18 53.14 -50.93
CA GLY N 164 35.47 54.52 -51.29
C GLY N 164 35.77 55.30 -50.03
N THR N 165 36.61 56.31 -50.18
CA THR N 165 37.19 57.04 -49.06
C THR N 165 36.89 58.52 -49.17
N ALA N 166 37.01 59.19 -48.03
CA ALA N 166 36.92 60.64 -47.97
C ALA N 166 37.72 61.10 -46.75
N PHE N 167 38.91 61.61 -47.00
CA PHE N 167 39.79 62.09 -45.94
C PHE N 167 39.73 63.60 -45.87
N GLU N 168 39.77 64.11 -44.65
CA GLU N 168 39.69 65.55 -44.44
C GLU N 168 41.06 66.16 -44.65
N ASN N 169 41.12 67.19 -45.48
CA ASN N 169 42.37 67.82 -45.80
C ASN N 169 42.96 68.49 -44.56
N SER N 170 44.27 68.73 -44.61
CA SER N 170 44.98 69.31 -43.50
C SER N 170 46.17 70.10 -44.03
N ILE N 171 46.72 70.95 -43.17
CA ILE N 171 47.87 71.75 -43.54
C ILE N 171 49.06 70.86 -43.86
N TYR N 172 49.21 69.79 -43.11
CA TYR N 172 50.33 68.88 -43.24
C TYR N 172 49.96 67.67 -44.10
N ASP N 173 50.96 67.09 -44.74
CA ASP N 173 50.75 65.87 -45.48
C ASP N 173 50.32 64.75 -44.55
N GLN N 174 49.39 63.94 -45.02
CA GLN N 174 48.89 62.77 -44.29
C GLN N 174 49.21 61.56 -45.15
N ASP N 175 50.42 61.03 -44.99
CA ASP N 175 50.80 59.83 -45.69
C ASP N 175 50.25 58.61 -44.98
N TYR N 176 49.90 57.60 -45.76
CA TYR N 176 49.35 56.36 -45.26
C TYR N 176 50.06 55.19 -45.93
N ASN N 177 49.93 54.03 -45.31
CA ASN N 177 50.52 52.79 -45.79
C ASN N 177 49.37 51.78 -45.82
N ILE N 178 48.75 51.67 -46.97
CA ILE N 178 47.56 50.83 -47.10
C ILE N 178 47.99 49.40 -47.32
N ARG N 179 47.26 48.48 -46.69
CA ARG N 179 47.44 47.04 -46.86
C ARG N 179 46.10 46.45 -47.25
N ILE N 180 46.05 45.81 -48.40
CA ILE N 180 44.83 45.20 -48.91
C ILE N 180 44.96 43.70 -48.78
N THR N 181 44.44 43.16 -47.69
CA THR N 181 44.41 41.73 -47.48
C THR N 181 43.16 41.16 -48.11
N MET N 182 43.31 40.03 -48.78
CA MET N 182 42.24 39.37 -49.51
C MET N 182 42.15 37.93 -49.07
N TYR N 183 40.92 37.46 -48.92
CA TYR N 183 40.63 36.10 -48.48
C TYR N 183 39.90 35.40 -49.62
N VAL N 184 40.65 34.56 -50.34
CA VAL N 184 40.21 33.99 -51.60
C VAL N 184 39.90 32.52 -51.38
N GLN N 185 39.16 31.95 -52.32
CA GLN N 185 38.79 30.55 -52.28
C GLN N 185 38.87 30.00 -53.69
N PHE N 186 39.89 29.18 -53.95
CA PHE N 186 40.15 28.65 -55.27
C PHE N 186 39.49 27.27 -55.43
N ARG N 187 39.68 26.67 -56.59
CA ARG N 187 39.01 25.42 -56.92
C ARG N 187 39.64 24.84 -58.18
N GLU N 188 39.47 23.53 -58.35
CA GLU N 188 39.91 22.79 -59.53
C GLU N 188 41.42 22.90 -59.76
N PHE N 189 42.15 22.25 -58.86
CA PHE N 189 43.60 22.15 -58.95
C PHE N 189 44.01 21.62 -60.30
N ASN N 190 44.65 22.46 -61.11
CA ASN N 190 44.88 22.22 -62.52
C ASN N 190 46.37 22.26 -62.86
N LEU N 191 47.18 21.61 -62.05
CA LEU N 191 48.62 21.64 -62.28
C LEU N 191 48.98 20.75 -63.45
N LYS N 192 49.95 21.21 -64.23
CA LYS N 192 50.54 20.43 -65.31
C LYS N 192 51.92 19.92 -64.89
N ASP N 193 52.32 18.82 -65.51
CA ASP N 193 53.62 18.20 -65.24
C ASP N 193 54.20 17.67 -66.53
N PRO N 194 54.78 18.54 -67.36
CA PRO N 194 55.50 18.07 -68.52
C PRO N 194 56.76 17.31 -68.10
N PRO N 195 57.42 16.64 -69.03
CA PRO N 195 58.70 16.00 -68.69
C PRO N 195 59.82 17.01 -68.60
N LEU N 196 61.05 16.53 -68.43
CA LEU N 196 62.23 17.38 -68.27
C LEU N 196 62.12 18.23 -67.01
N TYR O 1 -1.90 51.19 -29.43
CA TYR O 1 -2.77 52.12 -30.12
C TYR O 1 -2.02 52.84 -31.26
N ARG O 2 -1.42 52.03 -32.15
CA ARG O 2 -0.77 52.51 -33.38
C ARG O 2 0.22 53.66 -33.08
N TRP O 3 1.41 53.41 -32.50
CA TRP O 3 2.20 52.16 -32.57
C TRP O 3 2.63 51.74 -33.99
N ARG O 4 3.53 52.42 -34.55
CA ARG O 4 3.89 53.45 -35.52
C ARG O 4 3.03 53.54 -36.80
N ARG O 5 2.83 52.54 -37.66
CA ARG O 5 3.38 51.20 -37.71
C ARG O 5 4.23 50.99 -38.99
N LYS O 6 3.56 51.15 -40.13
CA LYS O 6 4.14 51.04 -41.48
C LYS O 6 3.73 52.20 -42.37
N ASN O 7 2.95 53.15 -41.87
CA ASN O 7 2.16 54.05 -42.72
C ASN O 7 2.99 55.14 -43.41
N GLY O 8 4.26 54.88 -43.66
CA GLY O 8 5.20 55.80 -44.25
C GLY O 8 6.45 55.93 -43.43
N ILE O 9 6.53 55.15 -42.35
CA ILE O 9 7.58 55.34 -41.37
C ILE O 9 8.91 54.92 -41.97
N PHE O 10 9.90 55.79 -41.86
CA PHE O 10 11.23 55.51 -42.38
C PHE O 10 12.24 56.16 -41.44
N ASN O 11 12.71 55.39 -40.47
CA ASN O 11 13.76 55.86 -39.59
C ASN O 11 15.07 55.88 -40.35
N THR O 12 15.83 56.95 -40.17
CA THR O 12 17.08 57.12 -40.88
C THR O 12 18.00 58.01 -40.05
N ARG O 13 19.07 58.47 -40.68
CA ARG O 13 20.12 59.23 -40.03
C ARG O 13 20.59 60.31 -40.98
N LEU O 14 21.03 61.42 -40.40
CA LEU O 14 21.60 62.52 -41.15
C LEU O 14 22.76 63.10 -40.35
N SER O 15 23.68 63.73 -41.07
CA SER O 15 24.89 64.24 -40.44
C SER O 15 25.43 65.38 -41.27
N ARG O 16 26.10 66.30 -40.58
CA ARG O 16 26.81 67.39 -41.24
C ARG O 16 28.05 67.69 -40.39
N THR O 17 28.82 68.68 -40.83
CA THR O 17 30.10 68.97 -40.22
C THR O 17 30.38 70.46 -40.32
N ILE O 18 31.02 70.99 -39.27
CA ILE O 18 31.35 72.40 -39.19
C ILE O 18 32.53 72.58 -38.26
N GLY O 19 33.26 73.67 -38.45
CA GLY O 19 34.39 74.02 -37.62
C GLY O 19 33.98 75.04 -36.57
N TYR O 20 34.57 74.90 -35.39
CA TYR O 20 34.35 75.83 -34.28
C TYR O 20 35.70 76.14 -33.68
N THR O 21 35.97 77.43 -33.49
CA THR O 21 37.31 77.94 -33.20
C THR O 21 37.24 78.77 -31.94
N VAL O 22 37.74 78.23 -30.85
CA VAL O 22 37.93 78.98 -29.62
C VAL O 22 39.26 79.69 -29.70
N LYS O 23 39.23 81.01 -29.62
CA LYS O 23 40.39 81.83 -29.93
C LYS O 23 41.29 81.98 -28.71
N LYS O 24 42.45 82.59 -28.94
CA LYS O 24 43.43 82.83 -27.90
C LYS O 24 42.99 83.96 -26.98
N THR O 25 43.79 84.19 -25.94
CA THR O 25 43.65 85.34 -25.07
C THR O 25 44.89 85.45 -24.22
N THR O 26 45.36 86.68 -24.03
CA THR O 26 46.48 86.92 -23.14
C THR O 26 46.10 86.74 -21.68
N VAL O 27 44.80 86.75 -21.36
CA VAL O 27 44.36 86.50 -20.00
C VAL O 27 44.83 85.13 -19.56
N ARG O 28 45.24 85.05 -18.29
CA ARG O 28 45.71 83.81 -17.69
C ARG O 28 44.78 83.30 -16.61
N THR O 29 43.91 84.13 -16.07
CA THR O 29 42.93 83.65 -15.13
C THR O 29 41.94 82.75 -15.85
N PRO O 30 41.29 81.83 -15.14
CA PRO O 30 40.30 80.97 -15.80
C PRO O 30 39.15 81.78 -16.37
N SER O 31 39.01 81.73 -17.69
CA SER O 31 37.94 82.40 -18.40
C SER O 31 37.37 81.46 -19.44
N TRP O 32 36.06 81.53 -19.61
CA TRP O 32 35.32 80.62 -20.47
C TRP O 32 34.76 81.35 -21.69
N ASN O 33 34.50 80.58 -22.72
CA ASN O 33 33.95 81.08 -23.98
C ASN O 33 32.64 80.35 -24.24
N VAL O 34 31.54 81.06 -24.06
CA VAL O 34 30.22 80.47 -24.09
C VAL O 34 29.63 80.62 -25.48
N ASP O 35 28.91 79.60 -25.92
CA ASP O 35 28.23 79.63 -27.21
C ASP O 35 27.16 78.56 -27.18
N MET O 36 26.08 78.82 -27.91
CA MET O 36 24.94 77.93 -28.00
C MET O 36 25.09 77.04 -29.23
N MET O 37 24.04 76.29 -29.53
CA MET O 37 24.03 75.42 -30.71
C MET O 37 22.59 75.08 -31.04
N ARG O 38 22.19 75.40 -32.27
CA ARG O 38 20.83 75.16 -32.76
C ARG O 38 20.86 74.10 -33.85
N PHE O 39 19.72 73.43 -34.01
CA PHE O 39 19.55 72.36 -34.98
C PHE O 39 18.36 72.66 -35.85
N ASN O 40 18.57 72.68 -37.16
CA ASN O 40 17.51 72.91 -38.12
C ASN O 40 17.73 71.95 -39.27
N ILE O 41 16.66 71.27 -39.68
CA ILE O 41 16.80 70.19 -40.64
C ILE O 41 17.11 70.70 -42.05
N ASN O 42 16.86 71.98 -42.32
CA ASN O 42 17.18 72.51 -43.62
C ASN O 42 18.68 72.47 -43.90
N ASP O 43 19.49 72.48 -42.84
CA ASP O 43 20.93 72.35 -42.99
C ASP O 43 21.37 70.91 -43.26
N PHE O 44 20.47 69.94 -43.16
CA PHE O 44 20.75 68.55 -43.46
C PHE O 44 20.13 68.09 -44.76
N LEU O 45 18.89 68.47 -45.03
CA LEU O 45 18.17 68.08 -46.23
C LEU O 45 18.30 69.19 -47.26
N PRO O 46 19.08 69.03 -48.33
CA PRO O 46 19.08 70.04 -49.37
C PRO O 46 17.81 69.98 -50.19
N PRO O 47 17.52 71.00 -50.97
CA PRO O 47 16.26 71.03 -51.72
C PRO O 47 16.30 70.13 -52.94
N GLY O 48 15.16 69.52 -53.24
CA GLY O 48 15.04 68.69 -54.41
C GLY O 48 14.80 69.50 -55.67
N GLY O 49 13.91 69.01 -56.53
CA GLY O 49 13.61 69.71 -57.75
C GLY O 49 12.31 69.25 -58.39
N GLY O 50 11.55 70.20 -58.93
CA GLY O 50 10.31 69.89 -59.59
C GLY O 50 9.15 69.78 -58.63
N SER O 51 8.26 68.81 -58.88
CA SER O 51 7.11 68.63 -58.01
C SER O 51 7.52 68.13 -56.64
N ASN O 52 8.65 67.44 -56.54
CA ASN O 52 9.17 67.00 -55.26
C ASN O 52 10.09 68.09 -54.72
N PRO O 53 9.69 68.85 -53.71
CA PRO O 53 10.50 70.02 -53.32
C PRO O 53 11.74 69.65 -52.53
N LEU O 54 11.65 68.56 -51.76
CA LEU O 54 12.75 68.09 -50.95
C LEU O 54 13.47 66.92 -51.62
N THR O 55 14.62 66.56 -51.06
CA THR O 55 15.36 65.41 -51.52
C THR O 55 14.83 64.10 -50.96
N VAL O 56 14.15 64.15 -49.84
CA VAL O 56 13.56 62.97 -49.19
C VAL O 56 12.06 63.04 -49.43
N PRO O 57 11.45 62.05 -50.06
CA PRO O 57 10.01 62.16 -50.31
C PRO O 57 9.15 61.75 -49.12
N PHE O 58 9.00 62.68 -48.19
CA PHE O 58 8.12 62.49 -47.05
C PHE O 58 7.54 63.83 -46.66
N GLU O 59 6.44 63.78 -45.91
CA GLU O 59 5.69 64.96 -45.52
C GLU O 59 5.97 65.37 -44.09
N TYR O 60 5.83 64.46 -43.15
CA TYR O 60 5.99 64.72 -41.73
C TYR O 60 7.35 64.25 -41.27
N TYR O 61 7.72 64.66 -40.06
CA TYR O 61 8.96 64.21 -39.45
C TYR O 61 8.96 64.56 -37.98
N ARG O 62 9.83 63.88 -37.24
CA ARG O 62 10.06 64.19 -35.84
C ARG O 62 11.43 63.67 -35.46
N ILE O 63 12.22 64.52 -34.83
CA ILE O 63 13.58 64.18 -34.47
C ILE O 63 13.59 63.41 -33.17
N ARG O 64 14.06 62.17 -33.23
CA ARG O 64 14.12 61.33 -32.05
C ARG O 64 15.31 61.70 -31.18
N LYS O 65 16.50 61.74 -31.76
CA LYS O 65 17.73 61.92 -31.02
C LYS O 65 18.70 62.73 -31.84
N VAL O 66 19.68 63.27 -31.14
CA VAL O 66 20.80 64.00 -31.75
C VAL O 66 22.07 63.56 -31.05
N LYS O 67 23.12 63.34 -31.84
CA LYS O 67 24.42 62.96 -31.33
C LYS O 67 25.42 63.99 -31.83
N VAL O 68 25.76 64.92 -30.98
CA VAL O 68 26.81 65.87 -31.27
C VAL O 68 28.15 65.21 -30.96
N GLU O 69 29.17 65.60 -31.70
CA GLU O 69 30.50 65.02 -31.56
C GLU O 69 31.52 66.12 -31.77
N PHE O 70 32.40 66.28 -30.78
CA PHE O 70 33.45 67.29 -30.84
C PHE O 70 34.77 66.61 -31.20
N TRP O 71 34.90 66.28 -32.47
CA TRP O 71 36.15 65.73 -32.95
C TRP O 71 37.19 66.84 -32.97
N PRO O 72 38.20 66.82 -32.11
CA PRO O 72 39.11 67.96 -32.03
C PRO O 72 39.98 68.08 -33.26
N CYS O 73 40.70 69.19 -33.30
CA CYS O 73 41.68 69.48 -34.33
C CYS O 73 43.05 69.81 -33.74
N SER O 74 43.18 69.85 -32.43
CA SER O 74 44.44 70.18 -31.77
C SER O 74 45.22 68.92 -31.47
N PRO O 75 46.53 69.02 -31.31
CA PRO O 75 47.33 67.83 -31.07
C PRO O 75 47.32 67.43 -29.60
N ILE O 76 47.84 66.22 -29.37
CA ILE O 76 47.96 65.71 -28.01
C ILE O 76 48.96 66.52 -27.20
N THR O 77 49.96 67.10 -27.86
CA THR O 77 51.07 67.75 -27.16
C THR O 77 50.79 69.21 -26.85
N GLN O 78 49.52 69.61 -26.82
CA GLN O 78 49.17 70.99 -26.57
C GLN O 78 49.07 71.23 -25.07
N GLY O 79 49.60 72.38 -24.64
CA GLY O 79 49.62 72.74 -23.25
C GLY O 79 48.53 73.74 -22.89
N ASP O 80 48.61 74.22 -21.66
CA ASP O 80 47.61 75.11 -21.09
C ASP O 80 46.22 74.52 -21.26
N ARG O 81 46.07 73.30 -20.75
CA ARG O 81 44.82 72.59 -20.90
C ARG O 81 43.75 73.27 -20.06
N GLY O 82 42.56 72.73 -20.09
CA GLY O 82 41.46 73.32 -19.38
C GLY O 82 40.36 72.34 -19.17
N VAL O 83 39.18 72.87 -18.87
CA VAL O 83 38.01 72.05 -18.59
C VAL O 83 36.77 72.90 -18.85
N GLY O 84 35.80 72.29 -19.53
CA GLY O 84 34.60 72.97 -19.94
C GLY O 84 33.35 72.24 -19.52
N SER O 85 32.23 72.54 -20.17
CA SER O 85 30.97 71.92 -19.80
C SER O 85 29.98 72.07 -20.93
N THR O 86 29.21 71.01 -21.16
CA THR O 86 28.12 71.00 -22.12
C THR O 86 26.83 70.66 -21.40
N ALA O 87 25.78 71.39 -21.74
CA ALA O 87 24.50 71.23 -21.08
C ALA O 87 23.40 71.27 -22.13
N VAL O 88 22.26 70.70 -21.76
CA VAL O 88 21.12 70.55 -22.63
C VAL O 88 20.12 71.64 -22.29
N ILE O 89 19.75 72.42 -23.30
CA ILE O 89 18.87 73.57 -23.14
C ILE O 89 17.70 73.37 -24.09
N LEU O 90 16.53 73.11 -23.54
CA LEU O 90 15.38 72.67 -24.31
C LEU O 90 14.34 73.77 -24.49
N ASP O 91 14.71 75.04 -24.23
CA ASP O 91 13.74 76.11 -24.18
C ASP O 91 14.20 77.37 -24.93
N ASP O 92 15.30 77.33 -25.65
CA ASP O 92 15.83 78.48 -26.37
C ASP O 92 16.23 79.61 -25.42
N ASN O 93 16.54 79.25 -24.17
CA ASN O 93 17.04 80.19 -23.17
C ASN O 93 18.45 79.76 -22.87
N PHE O 94 19.37 80.22 -23.70
CA PHE O 94 20.78 79.96 -23.50
C PHE O 94 21.33 81.03 -22.56
N VAL O 95 22.62 80.96 -22.33
CA VAL O 95 23.34 81.88 -21.46
C VAL O 95 24.22 82.72 -22.36
N THR O 96 24.14 84.04 -22.18
CA THR O 96 24.54 85.02 -23.18
C THR O 96 25.91 84.73 -23.78
N LYS O 97 25.98 84.85 -25.09
CA LYS O 97 27.21 84.61 -25.82
C LYS O 97 28.31 85.52 -25.34
N ALA O 98 29.45 84.93 -24.97
CA ALA O 98 30.53 85.67 -24.36
C ALA O 98 31.85 85.02 -24.71
N ASN O 99 32.85 85.86 -24.98
CA ASN O 99 34.19 85.37 -25.28
C ASN O 99 35.01 85.11 -24.03
N ALA O 100 34.68 85.76 -22.92
CA ALA O 100 35.45 85.62 -21.70
C ALA O 100 34.51 85.84 -20.53
N LEU O 101 34.25 84.79 -19.77
CA LEU O 101 33.43 84.84 -18.59
C LEU O 101 34.17 84.18 -17.45
N THR O 102 34.09 84.79 -16.27
CA THR O 102 34.93 84.39 -15.14
C THR O 102 34.48 83.10 -14.48
N TYR O 103 33.46 82.43 -15.01
CA TYR O 103 32.97 81.21 -14.40
C TYR O 103 32.31 80.35 -15.47
N ASP O 104 32.14 79.08 -15.14
CA ASP O 104 31.47 78.12 -16.01
C ASP O 104 29.99 78.10 -15.68
N PRO O 105 29.13 78.74 -16.47
CA PRO O 105 27.73 78.81 -16.07
C PRO O 105 27.01 77.49 -16.22
N TYR O 106 27.44 76.64 -17.14
CA TYR O 106 26.81 75.36 -17.38
C TYR O 106 27.39 74.24 -16.51
N VAL O 107 28.03 74.58 -15.40
CA VAL O 107 28.70 73.56 -14.59
C VAL O 107 27.74 72.90 -13.63
N ASN O 108 26.87 73.68 -12.98
CA ASN O 108 25.93 73.13 -12.03
C ASN O 108 24.64 72.64 -12.67
N TYR O 109 24.48 72.84 -13.97
CA TYR O 109 23.32 72.30 -14.67
C TYR O 109 23.25 70.79 -14.50
N SER O 110 22.06 70.29 -14.25
CA SER O 110 21.87 68.86 -14.04
C SER O 110 22.24 68.06 -15.27
N SER O 111 22.11 68.66 -16.45
CA SER O 111 22.46 68.01 -17.71
C SER O 111 23.91 68.25 -18.09
N ARG O 112 24.78 68.52 -17.12
CA ARG O 112 26.16 68.84 -17.40
C ARG O 112 26.96 67.56 -17.63
N HIS O 113 27.75 67.56 -18.69
CA HIS O 113 28.71 66.50 -18.97
C HIS O 113 30.03 67.18 -19.25
N THR O 114 31.04 66.85 -18.45
CA THR O 114 32.28 67.59 -18.47
C THR O 114 33.03 67.36 -19.78
N ILE O 115 33.73 68.39 -20.20
CA ILE O 115 34.64 68.33 -21.34
C ILE O 115 36.06 68.37 -20.81
N THR O 116 36.90 67.49 -21.31
CA THR O 116 38.33 67.62 -21.19
C THR O 116 38.84 68.29 -22.45
N GLN O 117 39.81 69.16 -22.30
CA GLN O 117 40.30 69.99 -23.39
C GLN O 117 41.80 69.87 -23.49
N PRO O 118 42.38 70.21 -24.66
CA PRO O 118 41.82 70.58 -25.95
C PRO O 118 41.86 69.48 -26.99
N PHE O 119 42.29 68.27 -26.61
CA PHE O 119 42.54 67.21 -27.57
C PHE O 119 41.61 66.01 -27.40
N SER O 120 40.58 66.11 -26.57
CA SER O 120 39.73 64.99 -26.26
C SER O 120 38.43 65.05 -27.08
N TYR O 121 37.76 63.91 -27.11
CA TYR O 121 36.50 63.74 -27.80
C TYR O 121 35.37 63.78 -26.79
N HIS O 122 34.27 64.44 -27.16
CA HIS O 122 33.12 64.57 -26.31
C HIS O 122 31.85 64.44 -27.14
N SER O 123 30.89 63.69 -26.62
CA SER O 123 29.67 63.38 -27.33
C SER O 123 28.49 63.51 -26.38
N ARG O 124 27.35 63.89 -26.95
CA ARG O 124 26.12 64.16 -26.20
C ARG O 124 24.95 63.63 -26.99
N TYR O 125 24.36 62.54 -26.53
CA TYR O 125 23.28 61.83 -27.21
C TYR O 125 22.01 62.10 -26.43
N PHE O 126 21.17 62.98 -26.98
CA PHE O 126 19.99 63.45 -26.27
C PHE O 126 18.85 63.66 -27.25
N THR O 127 17.69 63.95 -26.69
CA THR O 127 16.48 64.23 -27.44
C THR O 127 16.26 65.74 -27.48
N PRO O 128 16.31 66.38 -28.64
CA PRO O 128 16.00 67.81 -28.69
C PRO O 128 14.50 68.03 -28.70
N LYS O 129 14.13 69.30 -28.64
CA LYS O 129 12.74 69.71 -28.66
C LYS O 129 12.62 70.89 -29.62
N PRO O 130 11.46 71.07 -30.24
CA PRO O 130 11.29 72.19 -31.15
C PRO O 130 10.86 73.46 -30.45
N VAL O 131 10.89 74.54 -31.20
CA VAL O 131 10.53 75.86 -30.71
C VAL O 131 9.14 76.16 -31.28
N LEU O 132 8.12 75.82 -30.50
CA LEU O 132 6.75 76.07 -30.92
C LEU O 132 6.32 77.49 -30.60
N ASP O 133 6.66 77.98 -29.41
CA ASP O 133 6.31 79.34 -29.00
C ASP O 133 7.49 79.94 -28.27
N ARG O 134 8.09 80.97 -28.84
CA ARG O 134 9.23 81.62 -28.22
C ARG O 134 8.82 82.41 -26.99
N THR O 135 7.63 83.01 -27.01
CA THR O 135 7.16 83.78 -25.87
C THR O 135 6.98 82.90 -24.65
N ILE O 136 6.41 81.71 -24.86
CA ILE O 136 6.05 80.82 -23.76
C ILE O 136 7.12 79.79 -23.51
N ASP O 137 7.76 79.31 -24.58
CA ASP O 137 8.86 78.35 -24.51
C ASP O 137 8.45 77.10 -23.76
N TYR O 138 7.49 76.38 -24.34
CA TYR O 138 7.04 75.11 -23.81
C TYR O 138 7.60 73.96 -24.64
N PHE O 139 7.65 72.80 -24.00
CA PHE O 139 8.10 71.59 -24.65
C PHE O 139 7.62 70.42 -23.83
N GLN O 140 7.55 69.27 -24.48
CA GLN O 140 6.99 68.09 -23.85
C GLN O 140 8.08 67.14 -23.41
N PRO O 141 7.77 66.21 -22.52
CA PRO O 141 8.79 65.26 -22.08
C PRO O 141 9.23 64.32 -23.17
N ASN O 142 10.12 63.40 -22.82
CA ASN O 142 10.62 62.39 -23.75
C ASN O 142 9.71 61.18 -23.67
N ASN O 143 8.79 61.08 -24.62
CA ASN O 143 7.95 59.91 -24.78
C ASN O 143 7.81 59.64 -26.26
N LYS O 144 8.26 58.46 -26.68
CA LYS O 144 8.33 58.17 -28.11
C LYS O 144 6.95 58.08 -28.72
N ARG O 145 6.01 57.42 -28.05
CA ARG O 145 4.69 57.20 -28.63
C ARG O 145 3.99 58.51 -28.91
N ASN O 146 3.95 59.39 -27.92
CA ASN O 146 3.16 60.61 -28.00
C ASN O 146 3.99 61.82 -28.41
N GLN O 147 5.17 61.61 -28.98
CA GLN O 147 5.94 62.71 -29.51
C GLN O 147 5.25 63.29 -30.74
N LEU O 148 5.41 64.59 -30.93
CA LEU O 148 4.71 65.30 -31.97
C LEU O 148 5.30 65.01 -33.33
N TRP O 149 4.49 65.23 -34.35
CA TRP O 149 4.91 65.22 -35.74
C TRP O 149 4.94 66.64 -36.25
N LEU O 150 5.77 66.88 -37.26
CA LEU O 150 5.98 68.20 -37.81
C LEU O 150 6.04 68.11 -39.32
N ARG O 151 5.38 69.04 -39.98
CA ARG O 151 5.45 69.11 -41.43
C ARG O 151 6.88 69.40 -41.87
N LEU O 152 7.30 68.71 -42.91
CA LEU O 152 8.64 68.89 -43.47
C LEU O 152 8.56 69.99 -44.50
N GLN O 153 8.77 71.22 -44.06
CA GLN O 153 8.70 72.36 -44.93
C GLN O 153 9.94 72.43 -45.80
N THR O 154 9.87 73.30 -46.81
CA THR O 154 10.91 73.42 -47.82
C THR O 154 12.02 74.38 -47.40
N THR O 155 11.65 75.54 -46.84
CA THR O 155 12.61 76.58 -46.51
C THR O 155 12.47 77.15 -45.12
N GLY O 156 11.42 76.82 -44.37
CA GLY O 156 11.14 77.45 -43.11
C GLY O 156 10.90 76.48 -41.97
N ASN O 157 11.68 75.40 -41.93
CA ASN O 157 11.54 74.45 -40.85
C ASN O 157 11.93 75.08 -39.52
N VAL O 158 11.34 74.57 -38.46
CA VAL O 158 11.49 75.17 -37.14
C VAL O 158 12.84 74.78 -36.56
N ASP O 159 13.37 75.67 -35.73
CA ASP O 159 14.71 75.52 -35.17
C ASP O 159 14.62 74.69 -33.90
N HIS O 160 14.96 73.41 -34.01
CA HIS O 160 15.16 72.60 -32.83
C HIS O 160 16.30 73.16 -32.00
N VAL O 161 16.36 72.71 -30.75
CA VAL O 161 17.27 73.26 -29.76
C VAL O 161 17.66 72.12 -28.83
N GLY O 162 18.61 72.38 -27.93
CA GLY O 162 19.09 71.35 -27.05
C GLY O 162 20.55 71.29 -26.64
N LEU O 163 21.38 72.28 -26.95
CA LEU O 163 22.75 72.22 -26.45
C LEU O 163 23.37 73.60 -26.29
N GLY O 164 24.12 73.75 -25.21
CA GLY O 164 24.93 74.93 -25.00
C GLY O 164 26.27 74.52 -24.43
N THR O 165 27.29 75.32 -24.74
CA THR O 165 28.67 74.97 -24.47
C THR O 165 29.34 76.05 -23.64
N ALA O 166 30.44 75.66 -23.01
CA ALA O 166 31.30 76.60 -22.30
C ALA O 166 32.71 76.00 -22.28
N PHE O 167 33.56 76.53 -23.13
CA PHE O 167 34.93 76.07 -23.25
C PHE O 167 35.86 77.03 -22.52
N GLU O 168 36.87 76.47 -21.87
CA GLU O 168 37.81 77.27 -21.11
C GLU O 168 38.85 77.85 -22.05
N ASN O 169 39.05 79.15 -21.97
CA ASN O 169 39.97 79.82 -22.86
C ASN O 169 41.40 79.35 -22.58
N SER O 170 42.26 79.55 -23.57
CA SER O 170 43.64 79.13 -23.48
C SER O 170 44.50 80.05 -24.31
N ILE O 171 45.81 79.99 -24.08
CA ILE O 171 46.75 80.80 -24.81
C ILE O 171 46.71 80.44 -26.29
N TYR O 172 46.56 79.16 -26.59
CA TYR O 172 46.59 78.66 -27.95
C TYR O 172 45.18 78.48 -28.47
N ASP O 173 45.05 78.57 -29.79
CA ASP O 173 43.77 78.30 -30.43
C ASP O 173 43.36 76.85 -30.20
N GLN O 174 42.08 76.65 -29.96
CA GLN O 174 41.49 75.33 -29.77
C GLN O 174 40.46 75.16 -30.88
N ASP O 175 40.92 74.68 -32.03
CA ASP O 175 40.03 74.40 -33.13
C ASP O 175 39.37 73.05 -32.92
N TYR O 176 38.12 72.95 -33.37
CA TYR O 176 37.33 71.74 -33.26
C TYR O 176 36.66 71.46 -34.59
N ASN O 177 36.23 70.21 -34.75
CA ASN O 177 35.55 69.73 -35.94
C ASN O 177 34.27 69.08 -35.45
N ILE O 178 33.21 69.85 -35.41
CA ILE O 178 31.95 69.39 -34.86
C ILE O 178 31.20 68.58 -35.91
N ARG O 179 30.57 67.50 -35.46
CA ARG O 179 29.71 66.67 -36.29
C ARG O 179 28.37 66.55 -35.59
N ILE O 180 27.32 66.98 -36.27
CA ILE O 180 25.97 66.94 -35.73
C ILE O 180 25.21 65.84 -36.43
N THR O 181 25.19 64.66 -35.81
CA THR O 181 24.42 63.54 -36.31
C THR O 181 23.01 63.63 -35.77
N MET O 182 22.05 63.37 -36.64
CA MET O 182 20.63 63.47 -36.33
C MET O 182 19.94 62.17 -36.69
N TYR O 183 19.03 61.73 -35.84
CA TYR O 183 18.28 60.50 -36.01
C TYR O 183 16.81 60.87 -36.15
N VAL O 184 16.34 60.85 -37.39
CA VAL O 184 15.04 61.39 -37.75
C VAL O 184 14.10 60.24 -38.04
N GLN O 185 12.82 60.56 -38.05
CA GLN O 185 11.77 59.58 -38.32
C GLN O 185 10.71 60.26 -39.18
N PHE O 186 10.66 59.90 -40.45
CA PHE O 186 9.75 60.52 -41.40
C PHE O 186 8.46 59.72 -41.50
N ARG O 187 7.56 60.17 -42.36
CA ARG O 187 6.24 59.58 -42.48
C ARG O 187 5.56 60.11 -43.74
N GLU O 188 4.57 59.36 -44.21
CA GLU O 188 3.72 59.74 -45.34
C GLU O 188 4.54 59.99 -46.61
N PHE O 189 5.05 58.89 -47.14
CA PHE O 189 5.77 58.89 -48.41
C PHE O 189 4.94 59.54 -49.50
N ASN O 190 5.38 60.71 -49.97
CA ASN O 190 4.59 61.60 -50.80
C ASN O 190 5.27 61.88 -52.13
N LEU O 191 5.79 60.84 -52.76
CA LEU O 191 6.51 61.04 -54.01
C LEU O 191 5.54 61.31 -55.15
N LYS O 192 5.94 62.19 -56.04
CA LYS O 192 5.22 62.48 -57.27
C LYS O 192 5.93 61.81 -58.45
N ASP O 193 5.15 61.53 -59.50
CA ASP O 193 5.67 60.93 -60.72
C ASP O 193 4.96 61.52 -61.92
N PRO O 194 5.37 62.73 -62.33
CA PRO O 194 4.86 63.27 -63.57
C PRO O 194 5.36 62.46 -64.76
N PRO O 195 4.81 62.69 -65.95
CA PRO O 195 5.35 62.02 -67.14
C PRO O 195 6.67 62.63 -67.60
N LEU O 196 7.17 62.19 -68.74
CA LEU O 196 8.45 62.65 -69.29
C LEU O 196 9.59 62.28 -68.35
N TYR P 1 9.74 54.97 -19.32
CA TYR P 1 10.46 55.77 -20.29
C TYR P 1 10.80 57.16 -19.72
N ARG P 2 11.46 57.17 -18.56
CA ARG P 2 11.98 58.37 -17.90
C ARG P 2 10.90 59.47 -17.81
N TRP P 3 9.90 59.37 -16.91
CA TRP P 3 9.94 58.67 -15.60
C TRP P 3 11.01 59.18 -14.61
N ARG P 4 10.81 60.32 -14.07
CA ARG P 4 11.11 61.74 -14.03
C ARG P 4 12.54 62.17 -14.38
N ARG P 5 13.64 61.72 -13.75
CA ARG P 5 13.80 60.85 -12.60
C ARG P 5 14.47 61.61 -11.43
N LYS P 6 15.70 62.09 -11.70
CA LYS P 6 16.53 62.86 -10.77
C LYS P 6 17.12 64.10 -11.42
N ASN P 7 16.82 64.35 -12.70
CA ASN P 7 17.64 65.24 -13.53
C ASN P 7 17.46 66.73 -13.23
N GLY P 8 17.10 67.07 -12.00
CA GLY P 8 16.85 68.41 -11.55
C GLY P 8 15.51 68.51 -10.87
N ILE P 9 14.82 67.38 -10.73
CA ILE P 9 13.44 67.39 -10.29
C ILE P 9 13.39 67.79 -8.82
N PHE P 10 12.55 68.77 -8.51
CA PHE P 10 12.37 69.24 -7.15
C PHE P 10 10.91 69.63 -6.96
N ASN P 11 10.12 68.69 -6.49
CA ASN P 11 8.74 68.97 -6.16
C ASN P 11 8.69 69.80 -4.89
N THR P 12 7.85 70.81 -4.90
CA THR P 12 7.75 71.72 -3.77
C THR P 12 6.35 72.32 -3.73
N ARG P 13 6.19 73.36 -2.94
CA ARG P 13 4.90 73.99 -2.69
C ARG P 13 5.11 75.49 -2.59
N LEU P 14 4.10 76.23 -2.98
CA LEU P 14 4.09 77.68 -2.88
C LEU P 14 2.69 78.13 -2.49
N SER P 15 2.62 79.29 -1.86
CA SER P 15 1.36 79.80 -1.35
C SER P 15 1.41 81.30 -1.26
N ARG P 16 0.25 81.91 -1.41
CA ARG P 16 0.09 83.34 -1.21
C ARG P 16 -1.29 83.58 -0.64
N THR P 17 -1.62 84.84 -0.41
CA THR P 17 -2.85 85.20 0.28
C THR P 17 -3.36 86.53 -0.23
N ILE P 18 -4.67 86.65 -0.31
CA ILE P 18 -5.33 87.85 -0.80
C ILE P 18 -6.74 87.92 -0.23
N GLY P 19 -7.26 89.13 -0.17
CA GLY P 19 -8.61 89.36 0.30
C GLY P 19 -9.56 89.53 -0.86
N TYR P 20 -10.78 89.02 -0.68
CA TYR P 20 -11.84 89.14 -1.67
C TYR P 20 -13.11 89.54 -0.94
N THR P 21 -13.77 90.57 -1.46
CA THR P 21 -14.82 91.27 -0.73
C THR P 21 -16.07 91.30 -1.59
N VAL P 22 -17.05 90.48 -1.24
CA VAL P 22 -18.37 90.53 -1.87
C VAL P 22 -19.18 91.59 -1.14
N LYS P 23 -19.62 92.59 -1.88
CA LYS P 23 -20.19 93.78 -1.28
C LYS P 23 -21.69 93.60 -1.01
N LYS P 24 -22.26 94.58 -0.33
CA LYS P 24 -23.66 94.58 0.01
C LYS P 24 -24.53 94.88 -1.21
N THR P 25 -25.83 94.80 -0.99
CA THR P 25 -26.82 95.24 -1.97
C THR P 25 -28.17 95.32 -1.29
N THR P 26 -28.92 96.38 -1.61
CA THR P 26 -30.28 96.50 -1.12
C THR P 26 -31.22 95.49 -1.76
N VAL P 27 -30.83 94.93 -2.91
CA VAL P 27 -31.65 93.90 -3.55
C VAL P 27 -31.83 92.74 -2.58
N ARG P 28 -33.04 92.17 -2.60
CA ARG P 28 -33.39 91.03 -1.77
C ARG P 28 -33.65 89.77 -2.57
N THR P 29 -33.90 89.89 -3.87
CA THR P 29 -34.03 88.71 -4.68
C THR P 29 -32.68 88.01 -4.79
N PRO P 30 -32.65 86.71 -5.04
CA PRO P 30 -31.36 86.02 -5.20
C PRO P 30 -30.57 86.58 -6.35
N SER P 31 -29.42 87.14 -6.04
CA SER P 31 -28.51 87.69 -7.03
C SER P 31 -27.10 87.26 -6.68
N TRP P 32 -26.32 86.96 -7.71
CA TRP P 32 -24.98 86.42 -7.57
C TRP P 32 -23.93 87.43 -8.04
N ASN P 33 -22.71 87.24 -7.53
CA ASN P 33 -21.57 88.09 -7.83
C ASN P 33 -20.50 87.20 -8.44
N VAL P 34 -20.30 87.31 -9.73
CA VAL P 34 -19.43 86.41 -10.47
C VAL P 34 -18.06 87.03 -10.60
N ASP P 35 -17.03 86.19 -10.52
CA ASP P 35 -15.65 86.63 -10.68
C ASP P 35 -14.82 85.41 -11.00
N MET P 36 -13.76 85.62 -11.76
CA MET P 36 -12.85 84.57 -12.18
C MET P 36 -11.66 84.53 -11.24
N MET P 37 -10.66 83.73 -11.59
CA MET P 37 -9.45 83.62 -10.79
C MET P 37 -8.35 83.03 -11.66
N ARG P 38 -7.25 83.76 -11.79
CA ARG P 38 -6.10 83.37 -12.59
C ARG P 38 -4.91 83.08 -11.69
N PHE P 39 -4.01 82.24 -12.20
CA PHE P 39 -2.82 81.81 -11.48
C PHE P 39 -1.60 82.08 -12.33
N ASN P 40 -0.65 82.82 -11.78
CA ASN P 40 0.59 83.13 -12.45
C ASN P 40 1.70 83.01 -11.44
N ILE P 41 2.78 82.32 -11.82
CA ILE P 41 3.80 81.98 -10.85
C ILE P 41 4.63 83.19 -10.44
N ASN P 42 4.61 84.26 -11.22
CA ASN P 42 5.35 85.46 -10.84
C ASN P 42 4.83 86.05 -9.54
N ASP P 43 3.57 85.80 -9.21
CA ASP P 43 3.00 86.24 -7.95
C ASP P 43 3.43 85.38 -6.77
N PHE P 44 4.08 84.25 -7.03
CA PHE P 44 4.60 83.38 -5.98
C PHE P 44 6.10 83.45 -5.84
N LEU P 45 6.83 83.48 -6.96
CA LEU P 45 8.28 83.53 -6.95
C LEU P 45 8.73 84.97 -7.12
N PRO P 46 9.25 85.64 -6.09
CA PRO P 46 9.79 86.97 -6.29
C PRO P 46 11.12 86.90 -7.03
N PRO P 47 11.60 88.02 -7.55
CA PRO P 47 12.82 87.99 -8.35
C PRO P 47 14.06 87.90 -7.49
N GLY P 48 15.06 87.18 -8.00
CA GLY P 48 16.32 87.06 -7.31
C GLY P 48 17.22 88.25 -7.53
N GLY P 49 18.50 87.99 -7.72
CA GLY P 49 19.45 89.07 -7.97
C GLY P 49 20.75 88.59 -8.57
N GLY P 50 21.29 89.37 -9.50
CA GLY P 50 22.54 89.03 -10.13
C GLY P 50 22.37 88.07 -11.29
N SER P 51 23.31 87.14 -11.42
CA SER P 51 23.24 86.18 -12.51
C SER P 51 22.07 85.23 -12.35
N ASN P 52 21.63 85.00 -11.12
CA ASN P 52 20.45 84.18 -10.86
C ASN P 52 19.23 85.09 -10.85
N PRO P 53 18.38 85.07 -11.87
CA PRO P 53 17.32 86.07 -11.95
C PRO P 53 16.16 85.79 -11.01
N LEU P 54 15.91 84.51 -10.75
CA LEU P 54 14.83 84.08 -9.86
C LEU P 54 15.37 83.73 -8.48
N THR P 55 14.44 83.54 -7.55
CA THR P 55 14.78 83.09 -6.21
C THR P 55 14.99 81.60 -6.12
N VAL P 56 14.39 80.84 -7.04
CA VAL P 56 14.52 79.39 -7.10
C VAL P 56 15.44 79.05 -8.26
N PRO P 57 16.56 78.38 -8.04
CA PRO P 57 17.46 78.12 -9.17
C PRO P 57 17.04 76.91 -10.00
N PHE P 58 16.08 77.14 -10.89
CA PHE P 58 15.66 76.13 -11.84
C PHE P 58 15.23 76.82 -13.13
N GLU P 59 15.19 76.03 -14.19
CA GLU P 59 14.89 76.53 -15.53
C GLU P 59 13.46 76.25 -15.96
N TYR P 60 13.06 74.99 -15.87
CA TYR P 60 11.74 74.56 -16.31
C TYR P 60 10.82 74.40 -15.12
N TYR P 61 9.53 74.24 -15.41
CA TYR P 61 8.55 74.00 -14.37
C TYR P 61 7.25 73.54 -14.99
N ARG P 62 6.42 72.92 -14.17
CA ARG P 62 5.08 72.55 -14.57
C ARG P 62 4.23 72.40 -13.32
N ILE P 63 3.07 73.02 -13.34
CA ILE P 63 2.19 73.03 -12.16
C ILE P 63 1.37 71.76 -12.15
N ARG P 64 1.55 70.95 -11.12
CA ARG P 64 0.81 69.72 -10.99
C ARG P 64 -0.61 69.97 -10.50
N LYS P 65 -0.74 70.67 -9.39
CA LYS P 65 -2.02 70.85 -8.73
C LYS P 65 -2.08 72.25 -8.12
N VAL P 66 -3.31 72.67 -7.84
CA VAL P 66 -3.58 73.91 -7.13
C VAL P 66 -4.65 73.63 -6.10
N LYS P 67 -4.48 74.20 -4.91
CA LYS P 67 -5.43 74.07 -3.83
C LYS P 67 -5.83 75.48 -3.41
N VAL P 68 -6.96 75.91 -3.88
CA VAL P 68 -7.55 77.16 -3.45
C VAL P 68 -8.27 76.92 -2.13
N GLU P 69 -8.30 77.94 -1.28
CA GLU P 69 -8.90 77.85 0.03
C GLU P 69 -9.57 79.16 0.35
N PHE P 70 -10.86 79.11 0.66
CA PHE P 70 -11.65 80.29 0.99
C PHE P 70 -11.81 80.35 2.51
N TRP P 71 -10.75 80.77 3.17
CA TRP P 71 -10.82 80.98 4.59
C TRP P 71 -11.65 82.22 4.86
N PRO P 72 -12.86 82.12 5.41
CA PRO P 72 -13.72 83.30 5.53
C PRO P 72 -13.18 84.29 6.54
N CYS P 73 -13.85 85.44 6.55
CA CYS P 73 -13.59 86.51 7.49
C CYS P 73 -14.85 86.93 8.23
N SER P 74 -16.00 86.35 7.92
CA SER P 74 -17.26 86.70 8.55
C SER P 74 -17.52 85.80 9.75
N PRO P 75 -18.34 86.25 10.69
CA PRO P 75 -18.58 85.43 11.88
C PRO P 75 -19.65 84.37 11.64
N ILE P 76 -19.74 83.46 12.60
CA ILE P 76 -20.75 82.42 12.55
C ILE P 76 -22.15 83.00 12.69
N THR P 77 -22.29 84.12 13.39
CA THR P 77 -23.59 84.66 13.72
C THR P 77 -24.15 85.59 12.65
N GLN P 78 -23.66 85.47 11.42
CA GLN P 78 -24.11 86.33 10.34
C GLN P 78 -25.33 85.75 9.68
N GLY P 79 -26.30 86.63 9.38
CA GLY P 79 -27.55 86.23 8.78
C GLY P 79 -27.59 86.50 7.30
N ASP P 80 -28.77 86.29 6.72
CA ASP P 80 -29.00 86.38 5.29
C ASP P 80 -27.98 85.53 4.55
N ARG P 81 -27.97 84.25 4.91
CA ARG P 81 -27.01 83.34 4.33
C ARG P 81 -27.34 83.13 2.85
N GLY P 82 -26.56 82.30 2.20
CA GLY P 82 -26.75 82.06 0.79
C GLY P 82 -26.09 80.80 0.36
N VAL P 83 -25.91 80.69 -0.95
CA VAL P 83 -25.31 79.52 -1.54
C VAL P 83 -24.72 79.91 -2.89
N GLY P 84 -23.51 79.43 -3.15
CA GLY P 84 -22.77 79.79 -4.34
C GLY P 84 -22.26 78.57 -5.08
N SER P 85 -21.26 78.77 -5.94
CA SER P 85 -20.75 77.67 -6.74
C SER P 85 -19.38 78.03 -7.27
N THR P 86 -18.48 77.04 -7.26
CA THR P 86 -17.15 77.15 -7.84
C THR P 86 -17.01 76.09 -8.91
N ALA P 87 -16.42 76.49 -10.02
CA ALA P 87 -16.26 75.62 -11.17
C ALA P 87 -14.86 75.80 -11.74
N VAL P 88 -14.42 74.78 -12.46
CA VAL P 88 -13.10 74.72 -13.04
C VAL P 88 -13.20 75.10 -14.51
N ILE P 89 -12.43 76.10 -14.91
CA ILE P 89 -12.46 76.65 -16.25
C ILE P 89 -11.04 76.58 -16.79
N LEU P 90 -10.82 75.70 -17.77
CA LEU P 90 -9.48 75.36 -18.21
C LEU P 90 -9.15 75.99 -19.57
N ASP P 91 -9.92 76.99 -20.00
CA ASP P 91 -9.79 77.52 -21.35
C ASP P 91 -9.80 79.04 -21.42
N ASP P 92 -9.74 79.73 -20.29
CA ASP P 92 -9.77 81.20 -20.25
C ASP P 92 -11.08 81.75 -20.81
N ASN P 93 -12.14 80.94 -20.75
CA ASN P 93 -13.48 81.36 -21.14
C ASN P 93 -14.31 81.35 -19.88
N PHE P 94 -14.23 82.42 -19.13
CA PHE P 94 -15.03 82.59 -17.94
C PHE P 94 -16.38 83.15 -18.32
N VAL P 95 -17.20 83.41 -17.33
CA VAL P 95 -18.54 83.95 -17.51
C VAL P 95 -18.51 85.36 -16.96
N THR P 96 -19.00 86.31 -17.77
CA THR P 96 -18.68 87.73 -17.66
C THR P 96 -18.79 88.24 -16.23
N LYS P 97 -17.79 89.02 -15.83
CA LYS P 97 -17.74 89.59 -14.49
C LYS P 97 -18.96 90.45 -14.24
N ALA P 98 -19.65 90.17 -13.14
CA ALA P 98 -20.92 90.82 -12.85
C ALA P 98 -21.10 90.91 -11.34
N ASN P 99 -21.63 92.04 -10.90
CA ASN P 99 -21.91 92.25 -9.49
C ASN P 99 -23.27 91.69 -9.07
N ALA P 100 -24.20 91.55 -10.00
CA ALA P 100 -25.54 91.08 -9.69
C ALA P 100 -26.08 90.37 -10.92
N LEU P 101 -26.25 89.06 -10.80
CA LEU P 101 -26.81 88.23 -11.85
C LEU P 101 -27.92 87.39 -11.26
N THR P 102 -29.02 87.25 -11.99
CA THR P 102 -30.23 86.65 -11.46
C THR P 102 -30.15 85.15 -11.34
N TYR P 103 -29.01 84.53 -11.65
CA TYR P 103 -28.90 83.08 -11.59
C TYR P 103 -27.45 82.72 -11.35
N ASP P 104 -27.25 81.48 -10.94
CA ASP P 104 -25.92 80.93 -10.71
C ASP P 104 -25.45 80.25 -11.98
N PRO P 105 -24.57 80.87 -12.76
CA PRO P 105 -24.20 80.25 -14.03
C PRO P 105 -23.33 79.04 -13.88
N TYR P 106 -22.54 78.96 -12.81
CA TYR P 106 -21.66 77.84 -12.58
C TYR P 106 -22.31 76.71 -11.80
N VAL P 107 -23.65 76.65 -11.81
CA VAL P 107 -24.33 75.65 -10.99
C VAL P 107 -24.43 74.31 -11.70
N ASN P 108 -24.74 74.32 -12.99
CA ASN P 108 -24.89 73.10 -13.75
C ASN P 108 -23.58 72.60 -14.33
N TYR P 109 -22.49 73.35 -14.17
CA TYR P 109 -21.20 72.89 -14.61
C TYR P 109 -20.84 71.57 -13.92
N SER P 110 -20.30 70.65 -14.70
CA SER P 110 -19.95 69.34 -14.16
C SER P 110 -18.90 69.44 -13.08
N SER P 111 -18.05 70.46 -13.15
CA SER P 111 -17.02 70.68 -12.14
C SER P 111 -17.51 71.55 -10.99
N ARG P 112 -18.80 71.56 -10.74
CA ARG P 112 -19.36 72.42 -9.71
C ARG P 112 -19.20 71.77 -8.34
N HIS P 113 -18.74 72.56 -7.38
CA HIS P 113 -18.67 72.17 -5.99
C HIS P 113 -19.31 73.30 -5.19
N THR P 114 -20.37 72.96 -4.46
CA THR P 114 -21.19 73.97 -3.84
C THR P 114 -20.44 74.69 -2.73
N ILE P 115 -20.76 75.97 -2.58
CA ILE P 115 -20.27 76.78 -1.47
C ILE P 115 -21.42 77.01 -0.52
N THR P 116 -21.17 76.84 0.76
CA THR P 116 -22.03 77.36 1.80
C THR P 116 -21.45 78.69 2.24
N GLN P 117 -22.33 79.64 2.52
CA GLN P 117 -21.94 81.01 2.80
C GLN P 117 -22.57 81.46 4.10
N PRO P 118 -22.02 82.50 4.75
CA PRO P 118 -20.79 83.25 4.50
C PRO P 118 -19.64 82.91 5.42
N PHE P 119 -19.81 81.90 6.27
CA PHE P 119 -18.83 81.60 7.30
C PHE P 119 -18.15 80.25 7.14
N SER P 120 -18.34 79.58 6.01
CA SER P 120 -17.83 78.25 5.81
C SER P 120 -16.54 78.26 5.01
N TYR P 121 -15.82 77.15 5.07
CA TYR P 121 -14.58 76.94 4.35
C TYR P 121 -14.85 76.09 3.12
N HIS P 122 -14.20 76.45 2.02
CA HIS P 122 -14.35 75.74 0.76
C HIS P 122 -13.00 75.63 0.08
N SER P 123 -12.71 74.45 -0.45
CA SER P 123 -11.44 74.16 -1.06
C SER P 123 -11.64 73.40 -2.36
N ARG P 124 -10.72 73.60 -3.30
CA ARG P 124 -10.82 73.03 -4.63
C ARG P 124 -9.41 72.62 -5.06
N TYR P 125 -9.18 71.32 -5.10
CA TYR P 125 -7.88 70.73 -5.40
C TYR P 125 -7.94 70.14 -6.80
N PHE P 126 -7.34 70.84 -7.75
CA PHE P 126 -7.46 70.48 -9.15
C PHE P 126 -6.16 70.76 -9.88
N THR P 127 -6.12 70.32 -11.13
CA THR P 127 -4.99 70.52 -12.01
C THR P 127 -5.29 71.67 -12.95
N PRO P 128 -4.57 72.79 -12.89
CA PRO P 128 -4.79 73.85 -13.87
C PRO P 128 -4.10 73.54 -15.18
N LYS P 129 -4.34 74.40 -16.15
CA LYS P 129 -3.75 74.28 -17.46
C LYS P 129 -3.27 75.66 -17.89
N PRO P 130 -2.24 75.73 -18.72
CA PRO P 130 -1.73 77.03 -19.16
C PRO P 130 -2.48 77.54 -20.38
N VAL P 131 -2.20 78.80 -20.69
CA VAL P 131 -2.80 79.50 -21.81
C VAL P 131 -1.74 79.56 -22.90
N LEU P 132 -1.75 78.56 -23.78
CA LEU P 132 -0.80 78.52 -24.88
C LEU P 132 -1.27 79.34 -26.06
N ASP P 133 -2.55 79.27 -26.40
CA ASP P 133 -3.11 80.03 -27.51
C ASP P 133 -4.48 80.53 -27.09
N ARG P 134 -4.62 81.85 -26.97
CA ARG P 134 -5.90 82.44 -26.59
C ARG P 134 -6.92 82.32 -27.70
N THR P 135 -6.49 82.42 -28.96
CA THR P 135 -7.41 82.31 -30.08
C THR P 135 -8.04 80.94 -30.13
N ILE P 136 -7.24 79.90 -29.92
CA ILE P 136 -7.68 78.53 -30.07
C ILE P 136 -8.12 77.93 -28.75
N ASP P 137 -7.42 78.28 -27.68
CA ASP P 137 -7.75 77.85 -26.33
C ASP P 137 -7.78 76.32 -26.22
N TYR P 138 -6.61 75.74 -26.44
CA TYR P 138 -6.44 74.30 -26.30
C TYR P 138 -5.71 73.98 -25.01
N PHE P 139 -5.90 72.75 -24.55
CA PHE P 139 -5.24 72.25 -23.37
C PHE P 139 -5.31 70.74 -23.40
N GLN P 140 -4.42 70.12 -22.66
CA GLN P 140 -4.29 68.68 -22.69
C GLN P 140 -4.90 68.05 -21.45
N PRO P 141 -5.20 66.77 -21.49
CA PRO P 141 -5.78 66.12 -20.31
C PRO P 141 -4.84 66.06 -19.14
N ASN P 142 -5.30 65.44 -18.06
CA ASN P 142 -4.50 65.27 -16.85
C ASN P 142 -3.74 63.96 -16.98
N ASN P 143 -2.47 64.05 -17.37
CA ASN P 143 -1.58 62.90 -17.39
C ASN P 143 -0.23 63.37 -16.91
N LYS P 144 0.24 62.80 -15.81
CA LYS P 144 1.44 63.29 -15.18
C LYS P 144 2.67 63.07 -16.05
N ARG P 145 2.79 61.89 -16.65
CA ARG P 145 3.99 61.57 -17.42
C ARG P 145 4.17 62.53 -18.58
N ASN P 146 3.13 62.73 -19.37
CA ASN P 146 3.22 63.49 -20.61
C ASN P 146 2.80 64.95 -20.44
N GLN P 147 2.72 65.44 -19.22
CA GLN P 147 2.44 66.84 -19.02
C GLN P 147 3.61 67.69 -19.49
N LEU P 148 3.29 68.87 -19.98
CA LEU P 148 4.28 69.73 -20.60
C LEU P 148 5.18 70.37 -19.56
N TRP P 149 6.34 70.79 -20.02
CA TRP P 149 7.27 71.61 -19.25
C TRP P 149 7.25 73.02 -19.82
N LEU P 150 7.57 73.98 -18.97
CA LEU P 150 7.53 75.39 -19.32
C LEU P 150 8.75 76.08 -18.75
N ARG P 151 9.33 76.94 -19.57
CA ARG P 151 10.45 77.75 -19.11
C ARG P 151 10.02 78.67 -18.00
N LEU P 152 10.86 78.78 -16.98
CA LEU P 152 10.58 79.64 -15.83
C LEU P 152 11.14 81.01 -16.16
N GLN P 153 10.30 81.84 -16.76
CA GLN P 153 10.72 83.17 -17.15
C GLN P 153 10.78 84.08 -15.93
N THR P 154 11.36 85.25 -16.13
CA THR P 154 11.62 86.19 -15.05
C THR P 154 10.45 87.12 -14.79
N THR P 155 9.82 87.64 -15.85
CA THR P 155 8.78 88.64 -15.74
C THR P 155 7.54 88.36 -16.56
N GLY P 156 7.56 87.37 -17.45
CA GLY P 156 6.48 87.14 -18.39
C GLY P 156 5.97 85.72 -18.42
N ASN P 157 5.87 85.09 -17.25
CA ASN P 157 5.34 83.75 -17.20
C ASN P 157 3.88 83.72 -17.62
N VAL P 158 3.47 82.59 -18.14
CA VAL P 158 2.14 82.47 -18.73
C VAL P 158 1.10 82.31 -17.64
N ASP P 159 -0.09 82.79 -17.92
CA ASP P 159 -1.18 82.83 -16.94
C ASP P 159 -1.92 81.50 -16.97
N HIS P 160 -1.62 80.65 -16.00
CA HIS P 160 -2.43 79.47 -15.77
C HIS P 160 -3.85 79.89 -15.40
N VAL P 161 -4.76 78.93 -15.50
CA VAL P 161 -6.19 79.16 -15.37
C VAL P 161 -6.79 77.92 -14.73
N GLY P 162 -8.08 78.00 -14.40
CA GLY P 162 -8.73 76.89 -13.74
C GLY P 162 -9.77 77.13 -12.67
N LEU P 163 -10.24 78.35 -12.42
CA LEU P 163 -11.31 78.50 -11.45
C LEU P 163 -12.16 79.73 -11.71
N GLY P 164 -13.46 79.56 -11.52
CA GLY P 164 -14.39 80.67 -11.55
C GLY P 164 -15.41 80.51 -10.44
N THR P 165 -15.89 81.64 -9.95
CA THR P 165 -16.70 81.69 -8.74
C THR P 165 -18.05 82.36 -9.03
N ALA P 166 -18.99 82.09 -8.13
CA ALA P 166 -20.28 82.77 -8.14
C ALA P 166 -20.81 82.75 -6.72
N PHE P 167 -20.71 83.88 -6.04
CA PHE P 167 -21.17 84.03 -4.67
C PHE P 167 -22.50 84.74 -4.65
N GLU P 168 -23.38 84.31 -3.76
CA GLU P 168 -24.71 84.88 -3.65
C GLU P 168 -24.64 86.15 -2.83
N ASN P 169 -25.18 87.22 -3.39
CA ASN P 169 -25.13 88.51 -2.71
C ASN P 169 -25.93 88.48 -1.42
N SER P 170 -25.61 89.41 -0.53
CA SER P 170 -26.26 89.49 0.76
C SER P 170 -26.29 90.92 1.23
N ILE P 171 -27.12 91.18 2.23
CA ILE P 171 -27.24 92.53 2.79
C ILE P 171 -25.91 92.95 3.39
N TYR P 172 -25.22 92.03 4.03
CA TYR P 172 -23.97 92.30 4.72
C TYR P 172 -22.79 91.97 3.84
N ASP P 173 -21.67 92.64 4.10
CA ASP P 173 -20.43 92.32 3.40
C ASP P 173 -19.99 90.91 3.76
N GLN P 174 -19.48 90.20 2.76
CA GLN P 174 -18.93 88.86 2.92
C GLN P 174 -17.48 88.93 2.53
N ASP P 175 -16.63 89.28 3.50
CA ASP P 175 -15.20 89.30 3.26
C ASP P 175 -14.64 87.90 3.36
N TYR P 176 -13.62 87.63 2.55
CA TYR P 176 -12.95 86.35 2.52
C TYR P 176 -11.45 86.56 2.53
N ASN P 177 -10.74 85.50 2.88
CA ASN P 177 -9.28 85.49 2.95
C ASN P 177 -8.85 84.29 2.11
N ILE P 178 -8.57 84.54 0.85
CA ILE P 178 -8.25 83.47 -0.08
C ILE P 178 -6.78 83.10 0.06
N ARG P 179 -6.51 81.80 -0.01
CA ARG P 179 -5.16 81.27 -0.02
C ARG P 179 -5.02 80.38 -1.24
N ILE P 180 -4.07 80.71 -2.09
CA ILE P 180 -3.82 79.97 -3.31
C ILE P 180 -2.54 79.18 -3.14
N THR P 181 -2.68 77.93 -2.74
CA THR P 181 -1.56 77.02 -2.62
C THR P 181 -1.30 76.34 -3.95
N MET P 182 -0.04 76.26 -4.33
CA MET P 182 0.39 75.71 -5.61
C MET P 182 1.40 74.62 -5.36
N TYR P 183 1.30 73.55 -6.13
CA TYR P 183 2.19 72.40 -6.04
C TYR P 183 2.93 72.28 -7.36
N VAL P 184 4.17 72.73 -7.35
CA VAL P 184 4.96 72.91 -8.55
C VAL P 184 6.01 71.82 -8.63
N GLN P 185 6.57 71.66 -9.81
CA GLN P 185 7.60 70.65 -10.06
C GLN P 185 8.63 71.27 -11.00
N PHE P 186 9.79 71.61 -10.47
CA PHE P 186 10.83 72.27 -11.23
C PHE P 186 11.80 71.25 -11.82
N ARG P 187 12.82 71.75 -12.51
CA ARG P 187 13.75 70.89 -13.22
C ARG P 187 14.96 71.72 -13.66
N GLU P 188 16.07 71.03 -13.91
CA GLU P 188 17.28 71.62 -14.45
C GLU P 188 17.84 72.72 -13.54
N PHE P 189 18.34 72.27 -12.39
CA PHE P 189 19.01 73.14 -11.43
C PHE P 189 20.11 73.93 -12.10
N ASN P 190 19.93 75.25 -12.22
CA ASN P 190 20.75 76.11 -13.06
C ASN P 190 21.39 77.22 -12.26
N LEU P 191 21.95 76.89 -11.11
CA LEU P 191 22.55 77.90 -10.26
C LEU P 191 23.88 78.36 -10.84
N LYS P 192 24.14 79.65 -10.70
CA LYS P 192 25.42 80.24 -11.06
C LYS P 192 26.21 80.53 -9.79
N ASP P 193 27.53 80.58 -9.95
CA ASP P 193 28.45 80.88 -8.84
C ASP P 193 29.60 81.72 -9.36
N PRO P 194 29.37 83.02 -9.53
CA PRO P 194 30.48 83.91 -9.84
C PRO P 194 31.43 84.02 -8.66
N PRO P 195 32.61 84.61 -8.86
CA PRO P 195 33.50 84.85 -7.72
C PRO P 195 33.03 86.00 -6.85
N LEU P 196 33.84 86.39 -5.87
CA LEU P 196 33.50 87.45 -4.92
C LEU P 196 32.27 87.07 -4.10
N TYR Q 1 -33.72 43.29 -22.06
CA TYR Q 1 -34.59 43.67 -23.15
C TYR Q 1 -34.50 45.18 -23.43
N ARG Q 2 -33.27 45.66 -23.66
CA ARG Q 2 -32.96 47.03 -24.07
C ARG Q 2 -33.68 48.06 -23.16
N TRP Q 3 -33.24 48.29 -21.92
CA TRP Q 3 -31.84 48.16 -21.42
C TRP Q 3 -30.81 49.05 -22.14
N ARG Q 4 -30.84 50.29 -21.91
CA ARG Q 4 -31.24 51.64 -22.34
C ARG Q 4 -31.17 51.93 -23.85
N ARG Q 5 -30.08 51.79 -24.61
CA ARG Q 5 -28.71 51.44 -24.27
C ARG Q 5 -27.75 52.61 -24.58
N LYS Q 6 -27.73 52.99 -25.88
CA LYS Q 6 -26.92 54.07 -26.43
C LYS Q 6 -27.74 54.97 -27.34
N ASN Q 7 -29.03 54.70 -27.53
CA ASN Q 7 -29.78 55.21 -28.68
C ASN Q 7 -30.15 56.69 -28.59
N GLY Q 8 -29.35 57.48 -27.88
CA GLY Q 8 -29.56 58.87 -27.65
C GLY Q 8 -29.49 59.20 -26.17
N ILE Q 9 -29.20 58.20 -25.35
CA ILE Q 9 -29.31 58.35 -23.92
C ILE Q 9 -28.23 59.29 -23.42
N PHE Q 10 -28.64 60.29 -22.65
CA PHE Q 10 -27.70 61.26 -22.08
C PHE Q 10 -28.22 61.64 -20.69
N ASN Q 11 -27.74 60.95 -19.68
CA ASN Q 11 -28.06 61.30 -18.31
C ASN Q 11 -27.29 62.55 -17.94
N THR Q 12 -27.99 63.48 -17.27
CA THR Q 12 -27.40 64.74 -16.92
C THR Q 12 -28.10 65.26 -15.66
N ARG Q 13 -27.86 66.54 -15.36
CA ARG Q 13 -28.36 67.18 -14.16
C ARG Q 13 -28.74 68.60 -14.49
N LEU Q 14 -29.73 69.11 -13.76
CA LEU Q 14 -30.18 70.47 -13.89
C LEU Q 14 -30.51 71.01 -12.51
N SER Q 15 -30.44 72.32 -12.37
CA SER Q 15 -30.65 72.94 -11.08
C SER Q 15 -31.12 74.37 -11.28
N ARG Q 16 -31.89 74.85 -10.31
CA ARG Q 16 -32.31 76.24 -10.27
C ARG Q 16 -32.40 76.64 -8.81
N THR Q 17 -32.79 77.88 -8.58
CA THR Q 17 -32.78 78.45 -7.24
C THR Q 17 -33.90 79.46 -7.09
N ILE Q 18 -34.49 79.50 -5.90
CA ILE Q 18 -35.60 80.39 -5.61
C ILE Q 18 -35.64 80.64 -4.11
N GLY Q 19 -36.22 81.78 -3.73
CA GLY Q 19 -36.39 82.14 -2.35
C GLY Q 19 -37.80 81.81 -1.87
N TYR Q 20 -37.88 81.38 -0.61
CA TYR Q 20 -39.15 81.08 0.02
C TYR Q 20 -39.13 81.69 1.41
N THR Q 21 -40.19 82.42 1.73
CA THR Q 21 -40.22 83.33 2.87
C THR Q 21 -41.41 82.98 3.74
N VAL Q 22 -41.16 82.34 4.88
CA VAL Q 22 -42.18 82.11 5.88
C VAL Q 22 -42.25 83.34 6.76
N LYS Q 23 -43.41 83.96 6.81
CA LYS Q 23 -43.55 85.28 7.41
C LYS Q 23 -43.79 85.17 8.91
N LYS Q 24 -43.78 86.33 9.56
CA LYS Q 24 -43.99 86.43 10.99
C LYS Q 24 -45.45 86.21 11.35
N THR Q 25 -45.71 86.18 12.65
CA THR Q 25 -47.06 86.18 13.18
C THR Q 25 -47.00 86.49 14.66
N THR Q 26 -47.93 87.31 15.14
CA THR Q 26 -48.04 87.58 16.56
C THR Q 26 -48.55 86.38 17.33
N VAL Q 27 -49.18 85.41 16.65
CA VAL Q 27 -49.63 84.19 17.31
C VAL Q 27 -48.45 83.50 17.95
N ARG Q 28 -48.68 82.95 19.14
CA ARG Q 28 -47.67 82.22 19.88
C ARG Q 28 -47.97 80.74 20.01
N THR Q 29 -49.22 80.33 19.78
CA THR Q 29 -49.52 78.92 19.77
C THR Q 29 -48.87 78.28 18.55
N PRO Q 30 -48.58 76.97 18.59
CA PRO Q 30 -47.99 76.32 17.43
C PRO Q 30 -48.91 76.39 16.22
N SER Q 31 -48.43 77.06 15.18
CA SER Q 31 -49.16 77.20 13.93
C SER Q 31 -48.20 76.97 12.79
N TRP Q 32 -48.70 76.33 11.75
CA TRP Q 32 -47.89 75.92 10.61
C TRP Q 32 -48.29 76.68 9.35
N ASN Q 33 -47.35 76.75 8.41
CA ASN Q 33 -47.51 77.43 7.14
C ASN Q 33 -47.31 76.41 6.04
N VAL Q 34 -48.39 76.01 5.40
CA VAL Q 34 -48.38 74.91 4.44
C VAL Q 34 -48.23 75.48 3.04
N ASP Q 35 -47.47 74.76 2.21
CA ASP Q 35 -47.27 75.14 0.83
C ASP Q 35 -46.80 73.91 0.08
N MET Q 36 -47.16 73.83 -1.19
CA MET Q 36 -46.79 72.73 -2.05
C MET Q 36 -45.54 73.09 -2.84
N MET Q 37 -45.18 72.24 -3.80
CA MET Q 37 -44.02 72.48 -4.65
C MET Q 37 -44.16 71.63 -5.90
N ARG Q 38 -44.14 72.28 -7.05
CA ARG Q 38 -44.27 71.63 -8.35
C ARG Q 38 -42.96 71.75 -9.11
N PHE Q 39 -42.77 70.80 -10.04
CA PHE Q 39 -41.57 70.72 -10.85
C PHE Q 39 -41.97 70.67 -12.31
N ASN Q 40 -41.42 71.59 -13.09
CA ASN Q 40 -41.67 71.65 -14.53
C ASN Q 40 -40.35 71.97 -15.20
N ILE Q 41 -40.03 71.21 -16.25
CA ILE Q 41 -38.71 71.30 -16.84
C ILE Q 41 -38.51 72.59 -17.62
N ASN Q 42 -39.59 73.27 -17.98
CA ASN Q 42 -39.45 74.53 -18.68
C ASN Q 42 -38.75 75.58 -17.83
N ASP Q 43 -38.83 75.44 -16.51
CA ASP Q 43 -38.12 76.33 -15.61
C ASP Q 43 -36.64 76.01 -15.51
N PHE Q 44 -36.19 74.90 -16.06
CA PHE Q 44 -34.79 74.50 -16.10
C PHE Q 44 -34.16 74.67 -17.46
N LEU Q 45 -34.86 74.28 -18.52
CA LEU Q 45 -34.36 74.37 -19.88
C LEU Q 45 -34.88 75.64 -20.52
N PRO Q 46 -34.07 76.66 -20.74
CA PRO Q 46 -34.55 77.83 -21.47
C PRO Q 46 -34.67 77.50 -22.95
N PRO Q 47 -35.38 78.34 -23.71
CA PRO Q 47 -35.60 78.03 -25.13
C PRO Q 47 -34.38 78.32 -25.98
N GLY Q 48 -34.19 77.49 -26.99
CA GLY Q 48 -33.10 77.68 -27.92
C GLY Q 48 -33.42 78.71 -28.97
N GLY Q 49 -33.03 78.44 -30.21
CA GLY Q 49 -33.30 79.35 -31.30
C GLY Q 49 -33.17 78.71 -32.66
N GLY Q 50 -34.07 79.07 -33.57
CA GLY Q 50 -34.03 78.55 -34.92
C GLY Q 50 -34.72 77.21 -35.05
N SER Q 51 -34.15 76.32 -35.85
CA SER Q 51 -34.74 75.00 -36.04
C SER Q 51 -34.67 74.17 -34.77
N ASN Q 52 -33.69 74.43 -33.92
CA ASN Q 52 -33.59 73.75 -32.64
C ASN Q 52 -34.35 74.55 -31.60
N PRO Q 53 -35.53 74.11 -31.16
CA PRO Q 53 -36.35 74.97 -30.30
C PRO Q 53 -35.86 75.05 -28.87
N LEU Q 54 -35.24 73.98 -28.40
CA LEU Q 54 -34.71 73.91 -27.04
C LEU Q 54 -33.21 74.13 -27.04
N THR Q 55 -32.66 74.30 -25.84
CA THR Q 55 -31.23 74.43 -25.65
C THR Q 55 -30.52 73.09 -25.63
N VAL Q 56 -31.23 72.02 -25.29
CA VAL Q 56 -30.69 70.67 -25.26
C VAL Q 56 -31.24 69.93 -26.49
N PRO Q 57 -30.39 69.42 -27.37
CA PRO Q 57 -30.94 68.76 -28.56
C PRO Q 57 -31.35 67.31 -28.30
N PHE Q 58 -32.54 67.15 -27.74
CA PHE Q 58 -33.12 65.83 -27.54
C PHE Q 58 -34.63 65.95 -27.66
N GLU Q 59 -35.27 64.81 -27.90
CA GLU Q 59 -36.70 64.74 -28.13
C GLU Q 59 -37.47 64.27 -26.91
N TYR Q 60 -37.08 63.15 -26.35
CA TYR Q 60 -37.77 62.54 -25.23
C TYR Q 60 -37.01 62.83 -23.94
N TYR Q 61 -37.66 62.55 -22.82
CA TYR Q 61 -37.03 62.70 -21.51
C TYR Q 61 -37.87 62.00 -20.46
N ARG Q 62 -37.22 61.73 -19.33
CA ARG Q 62 -37.90 61.19 -18.17
C ARG Q 62 -37.08 61.53 -16.94
N ILE Q 63 -37.75 62.06 -15.93
CA ILE Q 63 -37.06 62.51 -14.72
C ILE Q 63 -36.87 61.32 -13.80
N ARG Q 64 -35.62 60.99 -13.52
CA ARG Q 64 -35.31 59.88 -12.64
C ARG Q 64 -35.49 60.27 -11.18
N LYS Q 65 -34.86 61.36 -10.77
CA LYS Q 65 -34.82 61.74 -9.37
C LYS Q 65 -34.85 63.26 -9.27
N VAL Q 66 -35.19 63.73 -8.07
CA VAL Q 66 -35.17 65.14 -7.73
C VAL Q 66 -34.56 65.27 -6.36
N LYS Q 67 -33.69 66.25 -6.18
CA LYS Q 67 -33.05 66.54 -4.90
C LYS Q 67 -33.37 67.99 -4.57
N VAL Q 68 -34.34 68.17 -3.71
CA VAL Q 68 -34.65 69.48 -3.17
C VAL Q 68 -33.69 69.75 -2.02
N GLU Q 69 -33.37 71.02 -1.82
CA GLU Q 69 -32.41 71.44 -0.81
C GLU Q 69 -32.88 72.75 -0.22
N PHE Q 70 -33.05 72.78 1.09
CA PHE Q 70 -33.49 73.98 1.81
C PHE Q 70 -32.27 74.64 2.45
N TRP Q 71 -31.48 75.30 1.64
CA TRP Q 71 -30.37 76.06 2.17
C TRP Q 71 -30.91 77.28 2.88
N PRO Q 72 -30.83 77.37 4.21
CA PRO Q 72 -31.47 78.48 4.90
C PRO Q 72 -30.80 79.80 4.64
N CYS Q 73 -31.46 80.84 5.13
CA CYS Q 73 -30.95 82.20 5.08
C CYS Q 73 -30.94 82.86 6.45
N SER Q 74 -31.39 82.17 7.49
CA SER Q 74 -31.44 82.70 8.84
C SER Q 74 -30.18 82.34 9.60
N PRO Q 75 -29.82 83.09 10.63
CA PRO Q 75 -28.59 82.80 11.35
C PRO Q 75 -28.79 81.71 12.39
N ILE Q 76 -27.66 81.25 12.91
CA ILE Q 76 -27.66 80.24 13.96
C ILE Q 76 -28.27 80.79 15.24
N THR Q 77 -28.14 82.09 15.48
CA THR Q 77 -28.52 82.69 16.76
C THR Q 77 -29.99 83.10 16.79
N GLN Q 78 -30.82 82.52 15.93
CA GLN Q 78 -32.23 82.88 15.87
C GLN Q 78 -33.02 82.06 16.88
N GLY Q 79 -33.94 82.72 17.56
CA GLY Q 79 -34.75 82.09 18.57
C GLY Q 79 -36.13 81.75 18.07
N ASP Q 80 -36.97 81.31 19.01
CA ASP Q 80 -38.31 80.83 18.72
C ASP Q 80 -38.27 79.77 17.62
N ARG Q 81 -37.48 78.74 17.88
CA ARG Q 81 -37.29 77.69 16.90
C ARG Q 81 -38.59 76.92 16.75
N GLY Q 82 -38.56 75.92 15.88
CA GLY Q 82 -39.73 75.15 15.62
C GLY Q 82 -39.40 73.83 15.00
N VAL Q 83 -40.41 73.22 14.40
CA VAL Q 83 -40.26 71.92 13.77
C VAL Q 83 -41.35 71.77 12.73
N GLY Q 84 -40.96 71.26 11.56
CA GLY Q 84 -41.84 71.14 10.43
C GLY Q 84 -41.84 69.75 9.84
N SER Q 85 -42.29 69.62 8.60
CA SER Q 85 -42.38 68.31 7.98
C SER Q 85 -42.47 68.47 6.47
N THR Q 86 -41.78 67.59 5.76
CA THR Q 86 -41.84 67.50 4.32
C THR Q 86 -42.30 66.11 3.93
N ALA Q 87 -43.20 66.05 2.96
CA ALA Q 87 -43.79 64.80 2.52
C ALA Q 87 -43.85 64.78 1.02
N VAL Q 88 -43.93 63.57 0.47
CA VAL Q 88 -43.92 63.33 -0.94
C VAL Q 88 -45.36 63.09 -1.40
N ILE Q 89 -45.80 63.87 -2.37
CA ILE Q 89 -47.16 63.86 -2.87
C ILE Q 89 -47.09 63.62 -4.36
N LEU Q 90 -47.52 62.44 -4.79
CA LEU Q 90 -47.30 61.98 -6.15
C LEU Q 90 -48.56 62.03 -7.00
N ASP Q 91 -49.58 62.77 -6.55
CA ASP Q 91 -50.90 62.72 -7.19
C ASP Q 91 -51.52 64.09 -7.39
N ASP Q 92 -50.81 65.18 -7.13
CA ASP Q 92 -51.33 66.54 -7.27
C ASP Q 92 -52.47 66.79 -6.30
N ASN Q 93 -52.49 66.05 -5.20
CA ASN Q 93 -53.48 66.25 -4.13
C ASN Q 93 -52.68 66.69 -2.92
N PHE Q 94 -52.42 67.98 -2.87
CA PHE Q 94 -51.75 68.59 -1.75
C PHE Q 94 -52.78 68.92 -0.67
N VAL Q 95 -52.31 69.53 0.40
CA VAL Q 95 -53.14 69.92 1.52
C VAL Q 95 -53.20 71.43 1.51
N THR Q 96 -54.42 71.97 1.58
CA THR Q 96 -54.73 73.33 1.15
C THR Q 96 -53.76 74.36 1.69
N LYS Q 97 -53.36 75.26 0.80
CA LYS Q 97 -52.41 76.31 1.14
C LYS Q 97 -52.95 77.17 2.26
N ALA Q 98 -52.15 77.32 3.31
CA ALA Q 98 -52.59 78.00 4.51
C ALA Q 98 -51.40 78.67 5.17
N ASN Q 99 -51.64 79.86 5.69
CA ASN Q 99 -50.61 80.60 6.41
C ASN Q 99 -50.53 80.22 7.87
N ALA Q 100 -51.61 79.70 8.45
CA ALA Q 100 -51.65 79.36 9.86
C ALA Q 100 -52.62 78.21 10.04
N LEU Q 101 -52.09 77.03 10.39
CA LEU Q 101 -52.88 75.86 10.65
C LEU Q 101 -52.45 75.29 11.99
N THR Q 102 -53.42 74.86 12.78
CA THR Q 102 -53.18 74.47 14.16
C THR Q 102 -52.48 73.13 14.31
N TYR Q 103 -52.12 72.47 13.21
CA TYR Q 103 -51.47 71.18 13.30
C TYR Q 103 -50.61 70.96 12.08
N ASP Q 104 -49.72 69.99 12.17
CA ASP Q 104 -48.85 69.62 11.08
C ASP Q 104 -49.51 68.50 10.28
N PRO Q 105 -50.10 68.79 9.12
CA PRO Q 105 -50.83 67.73 8.42
C PRO Q 105 -49.93 66.70 7.80
N TYR Q 106 -48.70 67.07 7.44
CA TYR Q 106 -47.77 66.16 6.82
C TYR Q 106 -46.91 65.40 7.83
N VAL Q 107 -47.36 65.30 9.08
CA VAL Q 107 -46.54 64.69 10.12
C VAL Q 107 -46.69 63.18 10.13
N ASN Q 108 -47.90 62.68 9.99
CA ASN Q 108 -48.15 61.25 10.00
C ASN Q 108 -47.98 60.59 8.65
N TYR Q 109 -47.74 61.38 7.60
CA TYR Q 109 -47.47 60.82 6.29
C TYR Q 109 -46.27 59.89 6.35
N SER Q 110 -46.40 58.74 5.69
CA SER Q 110 -45.33 57.75 5.70
C SER Q 110 -44.05 58.30 5.08
N SER Q 111 -44.19 59.23 4.13
CA SER Q 111 -43.04 59.86 3.49
C SER Q 111 -42.56 61.09 4.23
N ARG Q 112 -42.81 61.18 5.52
CA ARG Q 112 -42.44 62.34 6.30
C ARG Q 112 -40.99 62.29 6.69
N HIS Q 113 -40.30 63.41 6.48
CA HIS Q 113 -38.93 63.60 6.95
C HIS Q 113 -38.90 64.92 7.68
N THR Q 114 -38.54 64.88 8.95
CA THR Q 114 -38.68 66.04 9.81
C THR Q 114 -37.73 67.14 9.40
N ILE Q 115 -38.19 68.38 9.60
CA ILE Q 115 -37.37 69.57 9.43
C ILE Q 115 -37.06 70.12 10.80
N THR Q 116 -35.81 70.47 11.01
CA THR Q 116 -35.41 71.34 12.11
C THR Q 116 -35.34 72.75 11.56
N GLN Q 117 -35.77 73.71 12.36
CA GLN Q 117 -35.90 75.09 11.93
C GLN Q 117 -35.18 76.00 12.91
N PRO Q 118 -34.83 77.22 12.49
CA PRO Q 118 -34.88 77.85 11.17
C PRO Q 118 -33.56 77.92 10.44
N PHE Q 119 -32.51 77.32 11.00
CA PHE Q 119 -31.16 77.48 10.49
C PHE Q 119 -30.55 76.19 9.95
N SER Q 120 -31.33 75.13 9.83
CA SER Q 120 -30.82 73.83 9.44
C SER Q 120 -31.06 73.57 7.96
N TYR Q 121 -30.32 72.59 7.44
CA TYR Q 121 -30.42 72.15 6.07
C TYR Q 121 -31.24 70.88 6.00
N HIS Q 122 -32.09 70.80 4.97
CA HIS Q 122 -32.94 69.64 4.78
C HIS Q 122 -33.01 69.31 3.30
N SER Q 123 -32.93 68.02 3.00
CA SER Q 123 -32.88 67.55 1.63
C SER Q 123 -33.77 66.33 1.47
N ARG Q 124 -34.32 66.18 0.27
CA ARG Q 124 -35.28 65.12 -0.03
C ARG Q 124 -34.99 64.62 -1.43
N TYR Q 125 -34.45 63.41 -1.52
CA TYR Q 125 -34.03 62.79 -2.76
C TYR Q 125 -35.02 61.70 -3.11
N PHE Q 126 -35.88 61.98 -4.07
CA PHE Q 126 -36.99 61.10 -4.39
C PHE Q 126 -37.24 61.10 -5.89
N THR Q 127 -38.14 60.21 -6.29
CA THR Q 127 -38.56 60.08 -7.67
C THR Q 127 -39.91 60.76 -7.85
N PRO Q 128 -40.02 61.82 -8.63
CA PRO Q 128 -41.32 62.41 -8.88
C PRO Q 128 -42.08 61.63 -9.94
N LYS Q 129 -43.32 62.04 -10.14
CA LYS Q 129 -44.20 61.43 -11.13
C LYS Q 129 -44.90 62.54 -11.88
N PRO Q 130 -45.27 62.31 -13.14
CA PRO Q 130 -45.94 63.34 -13.90
C PRO Q 130 -47.45 63.31 -13.69
N VAL Q 131 -48.09 64.36 -14.20
CA VAL Q 131 -49.53 64.55 -14.10
C VAL Q 131 -50.09 64.20 -15.46
N LEU Q 132 -50.47 62.93 -15.63
CA LEU Q 132 -51.06 62.48 -16.88
C LEU Q 132 -52.55 62.78 -16.95
N ASP Q 133 -53.27 62.54 -15.87
CA ASP Q 133 -54.71 62.80 -15.80
C ASP Q 133 -55.03 63.38 -14.45
N ARG Q 134 -55.47 64.64 -14.43
CA ARG Q 134 -55.82 65.29 -13.18
C ARG Q 134 -57.10 64.72 -12.58
N THR Q 135 -58.05 64.33 -13.43
CA THR Q 135 -59.30 63.77 -12.93
C THR Q 135 -59.05 62.47 -12.20
N ILE Q 136 -58.20 61.62 -12.75
CA ILE Q 136 -57.98 60.28 -12.24
C ILE Q 136 -56.77 60.24 -11.31
N ASP Q 137 -55.74 61.00 -11.64
CA ASP Q 137 -54.54 61.13 -10.82
C ASP Q 137 -53.89 59.77 -10.58
N TYR Q 138 -53.44 59.16 -11.67
CA TYR Q 138 -52.71 57.91 -11.61
C TYR Q 138 -51.23 58.14 -11.83
N PHE Q 139 -50.45 57.18 -11.34
CA PHE Q 139 -49.01 57.21 -11.49
C PHE Q 139 -48.50 55.80 -11.25
N GLN Q 140 -47.32 55.55 -11.78
CA GLN Q 140 -46.75 54.22 -11.72
C GLN Q 140 -45.69 54.11 -10.65
N PRO Q 141 -45.33 52.90 -10.24
CA PRO Q 141 -44.29 52.76 -9.22
C PRO Q 141 -42.93 53.18 -9.70
N ASN Q 142 -41.95 53.02 -8.83
CA ASN Q 142 -40.56 53.36 -9.15
C ASN Q 142 -39.91 52.12 -9.74
N ASN Q 143 -39.82 52.08 -11.07
CA ASN Q 143 -39.08 51.05 -11.78
C ASN Q 143 -38.37 51.71 -12.94
N LYS Q 144 -37.04 51.62 -12.92
CA LYS Q 144 -36.26 52.36 -13.90
C LYS Q 144 -36.48 51.84 -15.31
N ARG Q 145 -36.52 50.52 -15.48
CA ARG Q 145 -36.62 49.96 -16.83
C ARG Q 145 -37.90 50.39 -17.50
N ASN Q 146 -39.03 50.23 -16.83
CA ASN Q 146 -40.34 50.45 -17.43
C ASN Q 146 -40.90 51.84 -17.14
N GLN Q 147 -40.07 52.78 -16.71
CA GLN Q 147 -40.52 54.14 -16.55
C GLN Q 147 -40.82 54.75 -17.90
N LEU Q 148 -41.80 55.65 -17.91
CA LEU Q 148 -42.29 56.22 -19.15
C LEU Q 148 -41.32 57.24 -19.71
N TRP Q 149 -41.44 57.48 -21.00
CA TRP Q 149 -40.77 58.56 -21.69
C TRP Q 149 -41.80 59.63 -22.03
N LEU Q 150 -41.31 60.85 -22.16
CA LEU Q 150 -42.15 62.01 -22.41
C LEU Q 150 -41.50 62.91 -23.44
N ARG Q 151 -42.31 63.39 -24.36
CA ARG Q 151 -41.81 64.33 -25.35
C ARG Q 151 -41.36 65.61 -24.67
N LEU Q 152 -40.23 66.14 -25.12
CA LEU Q 152 -39.67 67.37 -24.58
C LEU Q 152 -40.27 68.51 -25.37
N GLN Q 153 -41.39 69.02 -24.89
CA GLN Q 153 -42.08 70.10 -25.56
C GLN Q 153 -41.35 71.42 -25.31
N THR Q 154 -41.75 72.43 -26.07
CA THR Q 154 -41.08 73.72 -26.06
C THR Q 154 -41.64 74.65 -24.98
N THR Q 155 -42.96 74.69 -24.83
CA THR Q 155 -43.61 75.63 -23.92
C THR Q 155 -44.66 75.02 -23.02
N GLY Q 156 -45.03 73.76 -23.23
CA GLY Q 156 -46.14 73.16 -22.51
C GLY Q 156 -45.81 71.83 -21.87
N ASN Q 157 -44.62 71.71 -21.31
CA ASN Q 157 -44.25 70.47 -20.64
C ASN Q 157 -45.13 70.24 -19.42
N VAL Q 158 -45.31 68.98 -19.07
CA VAL Q 158 -46.24 68.61 -18.02
C VAL Q 158 -45.60 68.87 -16.66
N ASP Q 159 -46.46 69.16 -15.70
CA ASP Q 159 -46.02 69.57 -14.36
C ASP Q 159 -45.81 68.31 -13.52
N HIS Q 160 -44.57 67.92 -13.37
CA HIS Q 160 -44.22 66.90 -12.39
C HIS Q 160 -44.56 67.39 -10.99
N VAL Q 161 -44.62 66.44 -10.07
CA VAL Q 161 -45.10 66.68 -8.72
C VAL Q 161 -44.32 65.76 -7.79
N GLY Q 162 -44.51 65.94 -6.48
CA GLY Q 162 -43.76 65.16 -5.52
C GLY Q 162 -43.32 65.78 -4.21
N LEU Q 163 -43.73 66.98 -3.84
CA LEU Q 163 -43.34 67.47 -2.52
C LEU Q 163 -44.33 68.48 -1.96
N GLY Q 164 -44.56 68.37 -0.66
CA GLY Q 164 -45.34 69.35 0.06
C GLY Q 164 -44.70 69.61 1.40
N THR Q 165 -44.88 70.83 1.88
CA THR Q 165 -44.16 71.33 3.05
C THR Q 165 -45.12 71.80 4.12
N ALA Q 166 -44.60 71.88 5.34
CA ALA Q 166 -45.33 72.46 6.46
C ALA Q 166 -44.29 72.99 7.45
N PHE Q 167 -44.10 74.30 7.44
CA PHE Q 167 -43.14 74.95 8.32
C PHE Q 167 -43.88 75.58 9.49
N GLU Q 168 -43.27 75.51 10.66
CA GLU Q 168 -43.86 76.05 11.87
C GLU Q 168 -43.61 77.54 11.93
N ASN Q 169 -44.68 78.30 12.12
CA ASN Q 169 -44.58 79.74 12.15
C ASN Q 169 -43.74 80.19 13.34
N SER Q 170 -43.22 81.41 13.24
CA SER Q 170 -42.36 81.97 14.27
C SER Q 170 -42.52 83.47 14.28
N ILE Q 171 -42.05 84.09 15.37
CA ILE Q 171 -42.13 85.54 15.50
C ILE Q 171 -41.30 86.20 14.42
N TYR Q 172 -40.15 85.62 14.10
CA TYR Q 172 -39.21 86.18 13.14
C TYR Q 172 -39.42 85.54 11.77
N ASP Q 173 -39.06 86.30 10.74
CA ASP Q 173 -39.08 85.76 9.38
C ASP Q 173 -38.09 84.62 9.26
N GLN Q 174 -38.49 83.59 8.53
CA GLN Q 174 -37.66 82.43 8.24
C GLN Q 174 -37.50 82.38 6.73
N ASP Q 175 -36.51 83.10 6.23
CA ASP Q 175 -36.20 83.07 4.82
C ASP Q 175 -35.38 81.83 4.49
N TYR Q 176 -35.61 81.29 3.30
CA TYR Q 176 -34.91 80.12 2.81
C TYR Q 176 -34.45 80.36 1.40
N ASN Q 177 -33.49 79.54 0.98
CA ASN Q 177 -32.92 79.59 -0.36
C ASN Q 177 -33.02 78.18 -0.91
N ILE Q 178 -34.10 77.92 -1.63
CA ILE Q 178 -34.38 76.58 -2.12
C ILE Q 178 -33.60 76.33 -3.39
N ARG Q 179 -33.07 75.12 -3.52
CA ARG Q 179 -32.40 74.65 -4.72
C ARG Q 179 -33.06 73.36 -5.16
N ILE Q 180 -33.57 73.35 -6.38
CA ILE Q 180 -34.26 72.21 -6.93
C ILE Q 180 -33.34 71.58 -7.97
N THR Q 181 -32.59 70.58 -7.56
CA THR Q 181 -31.74 69.82 -8.46
C THR Q 181 -32.54 68.68 -9.06
N MET Q 182 -32.38 68.50 -10.37
CA MET Q 182 -33.10 67.50 -11.12
C MET Q 182 -32.12 66.62 -11.88
N TYR Q 183 -32.42 65.32 -11.90
CA TYR Q 183 -31.59 64.33 -12.56
C TYR Q 183 -32.41 63.72 -13.69
N VAL Q 184 -32.12 64.17 -14.91
CA VAL Q 184 -32.94 63.89 -16.06
C VAL Q 184 -32.22 62.89 -16.94
N GLN Q 185 -32.96 62.28 -17.85
CA GLN Q 185 -32.44 61.29 -18.78
C GLN Q 185 -33.11 61.51 -20.12
N PHE Q 186 -32.36 62.06 -21.07
CA PHE Q 186 -32.88 62.40 -22.39
C PHE Q 186 -32.66 61.26 -23.37
N ARG Q 187 -33.07 61.48 -24.61
CA ARG Q 187 -33.02 60.43 -25.62
C ARG Q 187 -33.29 61.05 -26.98
N GLU Q 188 -32.84 60.35 -28.03
CA GLU Q 188 -33.08 60.70 -29.42
C GLU Q 188 -32.52 62.09 -29.76
N PHE Q 189 -31.19 62.13 -29.78
CA PHE Q 189 -30.46 63.33 -30.18
C PHE Q 189 -30.93 63.83 -31.53
N ASN Q 190 -31.59 64.99 -31.55
CA ASN Q 190 -32.34 65.48 -32.71
C ASN Q 190 -31.84 66.83 -33.17
N LEU Q 191 -30.53 66.98 -33.26
CA LEU Q 191 -29.97 68.26 -33.65
C LEU Q 191 -30.16 68.50 -35.14
N LYS Q 192 -30.42 69.74 -35.49
CA LYS Q 192 -30.50 70.18 -36.88
C LYS Q 192 -29.23 70.97 -37.23
N ASP Q 193 -28.92 70.98 -38.52
CA ASP Q 193 -27.76 71.71 -39.04
C ASP Q 193 -28.10 72.32 -40.38
N PRO Q 194 -28.81 73.43 -40.38
CA PRO Q 194 -29.02 74.17 -41.62
C PRO Q 194 -27.71 74.74 -42.13
N PRO Q 195 -27.68 75.25 -43.35
CA PRO Q 195 -26.48 75.93 -43.83
C PRO Q 195 -26.34 77.32 -43.23
N LEU Q 196 -25.34 78.08 -43.70
CA LEU Q 196 -25.06 79.42 -43.19
C LEU Q 196 -24.65 79.36 -41.72
N TYR R 1 -47.20 30.29 18.71
CA TYR R 1 -48.60 30.19 19.11
C TYR R 1 -49.37 31.46 18.77
N ARG R 2 -49.31 31.85 17.48
CA ARG R 2 -50.07 32.97 16.92
C ARG R 2 -49.94 34.24 17.78
N TRP R 3 -48.80 34.96 17.75
CA TRP R 3 -47.82 35.08 16.63
C TRP R 3 -48.42 35.64 15.33
N ARG R 4 -48.69 36.88 15.30
CA ARG R 4 -49.71 37.93 15.36
C ARG R 4 -51.09 37.61 14.76
N ARG R 5 -51.30 37.21 13.49
CA ARG R 5 -50.39 37.08 12.37
C ARG R 5 -50.76 38.06 11.24
N LYS R 6 -52.00 37.90 10.74
CA LYS R 6 -52.59 38.71 9.68
C LYS R 6 -54.00 39.16 10.03
N ASN R 7 -54.53 38.79 11.19
CA ASN R 7 -55.96 38.78 11.45
C ASN R 7 -56.57 40.16 11.67
N GLY R 8 -55.97 41.19 11.07
CA GLY R 8 -56.38 42.57 11.18
C GLY R 8 -55.22 43.45 11.59
N ILE R 9 -54.04 42.85 11.70
CA ILE R 9 -52.90 43.56 12.28
C ILE R 9 -52.45 44.65 11.33
N PHE R 10 -52.30 45.85 11.86
CA PHE R 10 -51.85 46.99 11.08
C PHE R 10 -51.01 47.87 11.98
N ASN R 11 -49.70 47.64 11.96
CA ASN R 11 -48.78 48.50 12.67
C ASN R 11 -48.66 49.83 11.96
N THR R 12 -48.68 50.91 12.72
CA THR R 12 -48.64 52.24 12.15
C THR R 12 -48.02 53.18 13.18
N ARG R 13 -48.16 54.47 12.91
CA ARG R 13 -47.54 55.52 13.71
C ARG R 13 -48.51 56.69 13.79
N LEU R 14 -48.42 57.40 14.91
CA LEU R 14 -49.21 58.60 15.13
C LEU R 14 -48.35 59.61 15.86
N SER R 15 -48.70 60.89 15.70
CA SER R 15 -47.90 61.95 16.25
C SER R 15 -48.77 63.18 16.46
N ARG R 16 -48.41 63.97 17.46
CA ARG R 16 -49.04 65.24 17.70
C ARG R 16 -47.97 66.18 18.25
N THR R 17 -48.38 67.41 18.55
CA THR R 17 -47.44 68.45 18.93
C THR R 17 -48.11 69.41 19.90
N ILE R 18 -47.30 69.89 20.86
CA ILE R 18 -47.79 70.80 21.89
C ILE R 18 -46.61 71.61 22.41
N GLY R 19 -46.93 72.78 22.95
CA GLY R 19 -45.94 73.65 23.54
C GLY R 19 -45.90 73.49 25.05
N TYR R 20 -44.70 73.58 25.60
CA TYR R 20 -44.49 73.51 27.05
C TYR R 20 -43.53 74.62 27.43
N THR R 21 -43.91 75.38 28.45
CA THR R 21 -43.28 76.66 28.75
C THR R 21 -42.83 76.65 30.21
N VAL R 22 -41.53 76.51 30.42
CA VAL R 22 -40.94 76.66 31.74
C VAL R 22 -40.68 78.13 31.97
N LYS R 23 -41.29 78.70 33.00
CA LYS R 23 -41.32 80.13 33.19
C LYS R 23 -40.08 80.62 33.92
N LYS R 24 -39.96 81.94 34.01
CA LYS R 24 -38.85 82.58 34.68
C LYS R 24 -38.98 82.46 36.20
N THR R 25 -37.95 82.95 36.88
CA THR R 25 -37.98 83.11 38.32
C THR R 25 -36.80 83.98 38.74
N THR R 26 -37.04 84.89 39.67
CA THR R 26 -35.97 85.69 40.23
C THR R 26 -35.03 84.87 41.10
N VAL R 27 -35.47 83.69 41.57
CA VAL R 27 -34.61 82.82 42.35
C VAL R 27 -33.38 82.47 41.53
N ARG R 28 -32.24 82.42 42.21
CA ARG R 28 -30.97 82.07 41.61
C ARG R 28 -30.41 80.75 42.10
N THR R 29 -30.88 80.24 43.22
CA THR R 29 -30.47 78.93 43.66
C THR R 29 -31.05 77.88 42.71
N PRO R 30 -30.41 76.71 42.61
CA PRO R 30 -30.95 75.67 41.73
C PRO R 30 -32.34 75.24 42.18
N SER R 31 -33.31 75.46 41.30
CA SER R 31 -34.69 75.07 41.54
C SER R 31 -35.24 74.46 40.28
N TRP R 32 -36.07 73.43 40.46
CA TRP R 32 -36.60 72.64 39.38
C TRP R 32 -38.11 72.84 39.23
N ASN R 33 -38.60 72.56 38.02
CA ASN R 33 -40.00 72.68 37.68
C ASN R 33 -40.49 71.32 37.22
N VAL R 34 -41.27 70.67 38.07
CA VAL R 34 -41.67 69.28 37.85
C VAL R 34 -43.03 69.25 37.18
N ASP R 35 -43.20 68.30 36.27
CA ASP R 35 -44.45 68.10 35.57
C ASP R 35 -44.45 66.70 35.01
N MET R 36 -45.65 66.13 34.92
CA MET R 36 -45.84 64.79 34.41
C MET R 36 -46.20 64.84 32.94
N MET R 37 -46.57 63.69 32.38
CA MET R 37 -46.98 63.62 30.99
C MET R 37 -47.78 62.34 30.78
N ARG R 38 -49.00 62.49 30.29
CA ARG R 38 -49.92 61.39 30.04
C ARG R 38 -50.16 61.23 28.55
N PHE R 39 -50.51 60.01 28.17
CA PHE R 39 -50.74 59.65 26.78
C PHE R 39 -52.12 59.02 26.65
N ASN R 40 -52.94 59.59 25.78
CA ASN R 40 -54.28 59.06 25.51
C ASN R 40 -54.51 59.13 24.02
N ILE R 41 -55.00 58.04 23.46
CA ILE R 41 -55.08 57.93 22.01
C ILE R 41 -56.16 58.82 21.43
N ASN R 42 -57.11 59.27 22.23
CA ASN R 42 -58.14 60.16 21.72
C ASN R 42 -57.55 61.48 21.23
N ASP R 43 -56.40 61.86 21.77
CA ASP R 43 -55.71 63.06 21.31
C ASP R 43 -54.97 62.85 20.00
N PHE R 44 -54.88 61.61 19.52
CA PHE R 44 -54.26 61.29 18.24
C PHE R 44 -55.26 60.93 17.16
N LEU R 45 -56.26 60.14 17.51
CA LEU R 45 -57.28 59.70 16.57
C LEU R 45 -58.50 60.60 16.70
N PRO R 46 -58.78 61.48 15.75
CA PRO R 46 -60.01 62.24 15.82
C PRO R 46 -61.21 61.38 15.47
N PRO R 47 -62.41 61.82 15.77
CA PRO R 47 -63.59 60.98 15.54
C PRO R 47 -64.00 60.95 14.08
N GLY R 48 -64.48 59.79 13.65
CA GLY R 48 -64.96 59.63 12.30
C GLY R 48 -66.36 60.16 12.13
N GLY R 49 -67.17 59.43 11.37
CA GLY R 49 -68.55 59.84 11.16
C GLY R 49 -69.43 58.73 10.64
N GLY R 50 -70.66 58.67 11.13
CA GLY R 50 -71.60 57.66 10.70
C GLY R 50 -71.45 56.36 11.45
N SER R 51 -71.60 55.24 10.74
CA SER R 51 -71.48 53.94 11.37
C SER R 51 -70.06 53.67 11.84
N ASN R 52 -69.07 54.28 11.17
CA ASN R 52 -67.69 54.15 11.59
C ASN R 52 -67.37 55.28 12.57
N PRO R 53 -67.25 55.01 13.87
CA PRO R 53 -67.14 56.11 14.83
C PRO R 53 -65.76 56.76 14.84
N LEU R 54 -64.73 55.98 14.55
CA LEU R 54 -63.36 56.45 14.52
C LEU R 54 -62.90 56.72 13.09
N THR R 55 -61.75 57.36 12.98
CA THR R 55 -61.13 57.59 11.69
C THR R 55 -60.36 56.39 11.18
N VAL R 56 -59.91 55.52 12.07
CA VAL R 56 -59.18 54.30 11.73
C VAL R 56 -60.15 53.13 11.91
N PRO R 57 -60.42 52.34 10.88
CA PRO R 57 -61.37 51.25 11.07
C PRO R 57 -60.75 50.01 11.69
N PHE R 58 -60.63 50.04 13.02
CA PHE R 58 -60.19 48.89 13.78
C PHE R 58 -60.86 48.90 15.13
N GLU R 59 -60.86 47.74 15.77
CA GLU R 59 -61.55 47.55 17.04
C GLU R 59 -60.60 47.57 18.22
N TYR R 60 -59.56 46.75 18.18
CA TYR R 60 -58.61 46.62 19.27
C TYR R 60 -57.35 47.42 18.96
N TYR R 61 -56.51 47.57 19.99
CA TYR R 61 -55.23 48.24 19.82
C TYR R 61 -54.37 47.99 21.03
N ARG R 62 -53.07 48.21 20.85
CA ARG R 62 -52.11 48.14 21.94
C ARG R 62 -50.90 48.96 21.55
N ILE R 63 -50.47 49.83 22.44
CA ILE R 63 -49.36 50.73 22.17
C ILE R 63 -48.06 50.00 22.44
N ARG R 64 -47.25 49.85 21.41
CA ARG R 64 -45.97 49.18 21.54
C ARG R 64 -44.94 50.10 22.16
N LYS R 65 -44.77 51.29 21.59
CA LYS R 65 -43.71 52.20 21.98
C LYS R 65 -44.20 53.63 21.86
N VAL R 66 -43.48 54.51 22.55
CA VAL R 66 -43.71 55.95 22.46
C VAL R 66 -42.35 56.62 22.36
N LYS R 67 -42.27 57.63 21.50
CA LYS R 67 -41.06 58.42 21.31
C LYS R 67 -41.42 59.87 21.56
N VAL R 68 -41.12 60.33 22.73
CA VAL R 68 -41.25 61.74 23.05
C VAL R 68 -40.03 62.47 22.52
N GLU R 69 -40.22 63.73 22.13
CA GLU R 69 -39.17 64.54 21.55
C GLU R 69 -39.34 65.96 22.03
N PHE R 70 -38.29 66.51 22.63
CA PHE R 70 -38.28 67.87 23.15
C PHE R 70 -37.55 68.76 22.17
N TRP R 71 -38.20 69.08 21.08
CA TRP R 71 -37.64 70.01 20.13
C TRP R 71 -37.68 71.41 20.74
N PRO R 72 -36.55 72.01 21.10
CA PRO R 72 -36.60 73.28 21.82
C PRO R 72 -37.09 74.41 20.94
N CYS R 73 -37.30 75.54 21.61
CA CYS R 73 -37.67 76.79 20.97
C CYS R 73 -36.74 77.93 21.35
N SER R 74 -35.76 77.69 22.20
CA SER R 74 -34.82 78.71 22.65
C SER R 74 -33.59 78.71 21.76
N PRO R 75 -32.86 79.82 21.70
CA PRO R 75 -31.69 79.88 20.83
C PRO R 75 -30.47 79.27 21.48
N ILE R 76 -29.45 79.09 20.66
CA ILE R 76 -28.17 78.57 21.13
C ILE R 76 -27.49 79.56 22.07
N THR R 77 -27.73 80.85 21.89
CA THR R 77 -27.01 81.89 22.61
C THR R 77 -27.66 82.23 23.94
N GLN R 78 -28.47 81.35 24.49
CA GLN R 78 -29.15 81.61 25.75
C GLN R 78 -28.27 81.22 26.91
N GLY R 79 -28.26 82.06 27.93
CA GLY R 79 -27.44 81.85 29.10
C GLY R 79 -28.23 81.29 30.27
N ASP R 80 -27.56 81.23 31.41
CA ASP R 80 -28.10 80.63 32.63
C ASP R 80 -28.62 79.24 32.33
N ARG R 81 -27.74 78.42 31.80
CA ARG R 81 -28.12 77.08 31.41
C ARG R 81 -28.42 76.26 32.65
N GLY R 82 -28.77 75.00 32.44
CA GLY R 82 -29.12 74.15 33.54
C GLY R 82 -29.04 72.70 33.17
N VAL R 83 -29.69 71.88 33.97
CA VAL R 83 -29.67 70.44 33.76
C VAL R 83 -30.90 69.87 34.44
N GLY R 84 -31.56 68.96 33.74
CA GLY R 84 -32.80 68.37 34.20
C GLY R 84 -32.78 66.86 34.16
N SER R 85 -33.95 66.24 34.16
CA SER R 85 -34.03 64.79 34.19
C SER R 85 -35.40 64.34 33.75
N THR R 86 -35.43 63.28 32.96
CA THR R 86 -36.65 62.62 32.53
C THR R 86 -36.62 61.18 32.99
N ALA R 87 -37.76 60.72 33.50
CA ALA R 87 -37.87 59.38 34.05
C ALA R 87 -39.18 58.76 33.59
N VAL R 88 -39.20 57.45 33.62
CA VAL R 88 -40.33 56.66 33.16
C VAL R 88 -41.14 56.22 34.37
N ILE R 89 -42.42 56.54 34.36
CA ILE R 89 -43.32 56.29 35.48
C ILE R 89 -44.49 55.49 34.93
N LEU R 90 -44.56 54.21 35.31
CA LEU R 90 -45.47 53.27 34.70
C LEU R 90 -46.67 52.96 35.58
N ASP R 91 -46.92 53.77 36.62
CA ASP R 91 -47.91 53.44 37.62
C ASP R 91 -48.83 54.60 37.99
N ASP R 92 -48.76 55.71 37.28
CA ASP R 92 -49.58 56.90 37.57
C ASP R 92 -49.25 57.47 38.94
N ASN R 93 -48.04 57.23 39.43
CA ASN R 93 -47.55 57.79 40.67
C ASN R 93 -46.41 58.71 40.29
N PHE R 94 -46.76 59.92 39.92
CA PHE R 94 -45.77 60.93 39.61
C PHE R 94 -45.36 61.63 40.90
N VAL R 95 -44.50 62.63 40.76
CA VAL R 95 -43.98 63.39 41.87
C VAL R 95 -44.58 64.78 41.74
N THR R 96 -45.16 65.26 42.85
CA THR R 96 -46.15 66.33 42.85
C THR R 96 -45.73 67.52 42.00
N LYS R 97 -46.69 68.01 41.23
CA LYS R 97 -46.45 69.13 40.34
C LYS R 97 -46.01 70.35 41.13
N ALA R 98 -44.89 70.93 40.72
CA ALA R 98 -44.27 72.01 41.47
C ALA R 98 -43.53 72.92 40.50
N ASN R 99 -43.63 74.22 40.76
CA ASN R 99 -42.92 75.22 39.97
C ASN R 99 -41.49 75.44 40.42
N ALA R 100 -41.20 75.15 41.69
CA ALA R 100 -39.87 75.39 42.25
C ALA R 100 -39.64 74.36 43.34
N LEU R 101 -38.71 73.45 43.10
CA LEU R 101 -38.31 72.44 44.06
C LEU R 101 -36.80 72.45 44.17
N THR R 102 -36.31 72.33 45.39
CA THR R 102 -34.90 72.53 45.68
C THR R 102 -34.02 71.38 45.24
N TYR R 103 -34.57 70.36 44.59
CA TYR R 103 -33.79 69.22 44.17
C TYR R 103 -34.45 68.57 42.97
N ASP R 104 -33.68 67.74 42.28
CA ASP R 104 -34.16 67.00 41.13
C ASP R 104 -34.66 65.64 41.61
N PRO R 105 -35.98 65.43 41.73
CA PRO R 105 -36.43 64.16 42.29
C PRO R 105 -36.25 62.99 41.35
N TYR R 106 -36.26 63.24 40.05
CA TYR R 106 -36.11 62.17 39.07
C TYR R 106 -34.66 61.91 38.70
N VAL R 107 -33.72 62.29 39.55
CA VAL R 107 -32.31 62.17 39.20
C VAL R 107 -31.77 60.77 39.52
N ASN R 108 -32.15 60.22 40.66
CA ASN R 108 -31.68 58.90 41.06
C ASN R 108 -32.54 57.78 40.51
N TYR R 109 -33.65 58.09 39.84
CA TYR R 109 -34.45 57.07 39.21
C TYR R 109 -33.63 56.28 38.22
N SER R 110 -33.81 54.96 38.23
CA SER R 110 -33.05 54.10 37.35
C SER R 110 -33.33 54.39 35.89
N SER R 111 -34.54 54.88 35.58
CA SER R 111 -34.92 55.23 34.23
C SER R 111 -34.57 56.68 33.89
N ARG R 112 -33.59 57.25 34.56
CA ARG R 112 -33.24 58.64 34.35
C ARG R 112 -32.36 58.80 33.12
N HIS R 113 -32.71 59.76 32.28
CA HIS R 113 -31.90 60.17 31.14
C HIS R 113 -31.76 61.67 31.21
N THR R 114 -30.53 62.14 31.31
CA THR R 114 -30.28 63.53 31.60
C THR R 114 -30.71 64.42 30.45
N ILE R 115 -31.17 65.62 30.81
CA ILE R 115 -31.48 66.67 29.85
C ILE R 115 -30.41 67.73 29.97
N THR R 116 -29.91 68.17 28.83
CA THR R 116 -29.16 69.41 28.74
C THR R 116 -30.13 70.50 28.33
N GLN R 117 -29.96 71.68 28.89
CA GLN R 117 -30.90 72.78 28.71
C GLN R 117 -30.15 74.02 28.27
N PRO R 118 -30.84 74.99 27.66
CA PRO R 118 -32.21 75.05 27.20
C PRO R 118 -32.40 74.87 25.70
N PHE R 119 -31.33 74.57 24.98
CA PHE R 119 -31.35 74.55 23.52
C PHE R 119 -31.09 73.18 22.92
N SER R 120 -31.08 72.14 23.72
CA SER R 120 -30.74 70.81 23.27
C SER R 120 -31.99 69.97 23.02
N TYR R 121 -31.80 68.91 22.26
CA TYR R 121 -32.85 67.95 21.93
C TYR R 121 -32.73 66.73 22.83
N HIS R 122 -33.86 66.22 23.27
CA HIS R 122 -33.90 65.06 24.14
C HIS R 122 -35.07 64.17 23.74
N SER R 123 -34.82 62.87 23.69
CA SER R 123 -35.79 61.90 23.24
C SER R 123 -35.78 60.70 24.16
N ARG R 124 -36.94 60.07 24.29
CA ARG R 124 -37.15 58.95 25.20
C ARG R 124 -38.06 57.93 24.51
N TYR R 125 -37.48 56.81 24.11
CA TYR R 125 -38.15 55.77 23.36
C TYR R 125 -38.39 54.60 24.29
N PHE R 126 -39.64 54.45 24.74
CA PHE R 126 -39.96 53.48 25.76
C PHE R 126 -41.34 52.89 25.50
N THR R 127 -41.67 51.88 26.29
CA THR R 127 -42.95 51.20 26.24
C THR R 127 -43.84 51.71 27.35
N PRO R 128 -44.95 52.39 27.08
CA PRO R 128 -45.84 52.79 28.15
C PRO R 128 -46.73 51.63 28.58
N LYS R 129 -47.49 51.89 29.63
CA LYS R 129 -48.42 50.91 30.18
C LYS R 129 -49.73 51.61 30.45
N PRO R 130 -50.85 50.90 30.39
CA PRO R 130 -52.14 51.53 30.66
C PRO R 130 -52.48 51.54 32.14
N VAL R 131 -53.53 52.28 32.45
CA VAL R 131 -54.03 52.45 33.80
C VAL R 131 -55.28 51.58 33.90
N LEU R 132 -55.07 50.34 34.34
CA LEU R 132 -56.18 49.41 34.52
C LEU R 132 -56.88 49.61 35.85
N ASP R 133 -56.11 49.79 36.92
CA ASP R 133 -56.68 50.00 38.26
C ASP R 133 -55.85 51.06 38.96
N ARG R 134 -56.47 52.21 39.24
CA ARG R 134 -55.76 53.29 39.91
C ARG R 134 -55.49 52.96 41.37
N THR R 135 -56.41 52.24 42.01
CA THR R 135 -56.22 51.87 43.41
C THR R 135 -55.01 50.97 43.57
N ILE R 136 -54.86 50.01 42.68
CA ILE R 136 -53.84 48.98 42.80
C ILE R 136 -52.60 49.35 42.00
N ASP R 137 -52.79 49.96 40.83
CA ASP R 137 -51.72 50.43 39.97
C ASP R 137 -50.77 49.31 39.61
N TYR R 138 -51.31 48.33 38.88
CA TYR R 138 -50.53 47.22 38.37
C TYR R 138 -50.28 47.39 36.88
N PHE R 139 -49.23 46.73 36.43
CA PHE R 139 -48.86 46.74 35.03
C PHE R 139 -47.94 45.56 34.78
N GLN R 140 -47.86 45.16 33.53
CA GLN R 140 -47.12 43.98 33.17
C GLN R 140 -45.79 44.33 32.55
N PRO R 141 -44.86 43.39 32.50
CA PRO R 141 -43.56 43.69 31.89
C PRO R 141 -43.64 43.94 30.40
N ASN R 142 -42.49 44.16 29.79
CA ASN R 142 -42.40 44.38 28.35
C ASN R 142 -42.21 43.04 27.68
N ASN R 143 -43.29 42.49 27.16
CA ASN R 143 -43.25 41.28 26.35
C ASN R 143 -44.23 41.45 25.21
N LYS R 144 -43.72 41.43 23.98
CA LYS R 144 -44.55 41.74 22.83
C LYS R 144 -45.64 40.71 22.62
N ARG R 145 -45.31 39.42 22.74
CA ARG R 145 -46.28 38.38 22.45
C ARG R 145 -47.48 38.47 23.36
N ASN R 146 -47.24 38.56 24.67
CA ASN R 146 -48.30 38.48 25.67
C ASN R 146 -48.77 39.84 26.13
N GLN R 147 -48.46 40.90 25.39
CA GLN R 147 -49.00 42.21 25.72
C GLN R 147 -50.50 42.24 25.48
N LEU R 148 -51.19 43.02 26.28
CA LEU R 148 -52.64 43.05 26.25
C LEU R 148 -53.15 43.80 25.05
N TRP R 149 -54.39 43.50 24.70
CA TRP R 149 -55.15 44.25 23.72
C TRP R 149 -56.22 45.07 24.43
N LEU R 150 -56.62 46.15 23.80
CA LEU R 150 -57.56 47.10 24.37
C LEU R 150 -58.54 47.54 23.31
N ARG R 151 -59.81 47.59 23.70
CA ARG R 151 -60.83 48.09 22.80
C ARG R 151 -60.57 49.55 22.47
N LEU R 152 -60.75 49.89 21.20
CA LEU R 152 -60.55 51.25 20.73
C LEU R 152 -61.87 51.97 20.88
N GLN R 153 -62.05 52.60 22.04
CA GLN R 153 -63.28 53.31 22.33
C GLN R 153 -63.30 54.64 21.59
N THR R 154 -64.48 55.25 21.59
CA THR R 154 -64.71 56.47 20.83
C THR R 154 -64.34 57.72 21.60
N THR R 155 -64.70 57.79 22.89
CA THR R 155 -64.51 58.98 23.69
C THR R 155 -63.87 58.73 25.06
N GLY R 156 -63.71 57.49 25.48
CA GLY R 156 -63.27 57.17 26.82
C GLY R 156 -62.10 56.22 26.88
N ASN R 157 -61.15 56.36 25.97
CA ASN R 157 -59.98 55.51 25.99
C ASN R 157 -59.16 55.75 27.25
N VAL R 158 -58.45 54.72 27.67
CA VAL R 158 -57.75 54.76 28.94
C VAL R 158 -56.46 55.54 28.79
N ASP R 159 -56.04 56.16 29.88
CA ASP R 159 -54.90 57.07 29.88
C ASP R 159 -53.64 56.25 30.11
N HIS R 160 -52.91 55.99 29.03
CA HIS R 160 -51.57 55.46 29.16
C HIS R 160 -50.68 56.45 29.90
N VAL R 161 -49.55 55.93 30.37
CA VAL R 161 -48.66 56.66 31.24
C VAL R 161 -47.24 56.21 30.94
N GLY R 162 -46.26 56.88 31.54
CA GLY R 162 -44.87 56.55 31.26
C GLY R 162 -43.83 57.65 31.21
N LEU R 163 -44.11 58.89 31.59
CA LEU R 163 -43.03 59.87 31.62
C LEU R 163 -43.28 60.98 32.61
N GLY R 164 -42.22 61.38 33.29
CA GLY R 164 -42.24 62.54 34.15
C GLY R 164 -40.96 63.32 33.98
N THR R 165 -41.07 64.64 34.17
CA THR R 165 -40.00 65.57 33.84
C THR R 165 -39.61 66.40 35.05
N ALA R 166 -38.41 66.96 34.97
CA ALA R 166 -37.93 67.91 35.96
C ALA R 166 -36.92 68.82 35.26
N PHE R 167 -37.35 70.03 34.94
CA PHE R 167 -36.51 71.00 34.28
C PHE R 167 -36.01 72.02 35.28
N GLU R 168 -34.76 72.42 35.11
CA GLU R 168 -34.14 73.38 36.02
C GLU R 168 -34.56 74.78 35.65
N ASN R 169 -35.06 75.52 36.62
CA ASN R 169 -35.55 76.86 36.37
C ASN R 169 -34.39 77.77 35.94
N SER R 170 -34.76 78.87 35.28
CA SER R 170 -33.78 79.81 34.78
C SER R 170 -34.40 81.20 34.76
N ILE R 171 -33.53 82.20 34.62
CA ILE R 171 -33.99 83.58 34.57
C ILE R 171 -34.87 83.80 33.35
N TYR R 172 -34.52 83.17 32.24
CA TYR R 172 -35.22 83.33 30.98
C TYR R 172 -36.23 82.22 30.78
N ASP R 173 -37.26 82.52 29.99
CA ASP R 173 -38.22 81.50 29.63
C ASP R 173 -37.55 80.42 28.79
N GLN R 174 -37.93 79.18 29.03
CA GLN R 174 -37.44 78.02 28.28
C GLN R 174 -38.67 77.39 27.63
N ASP R 175 -39.01 77.89 26.46
CA ASP R 175 -40.10 77.32 25.69
C ASP R 175 -39.61 76.08 24.95
N TYR R 176 -40.52 75.11 24.83
CA TYR R 176 -40.24 73.86 24.14
C TYR R 176 -41.37 73.54 23.20
N ASN R 177 -41.09 72.65 22.26
CA ASN R 177 -42.04 72.19 21.26
C ASN R 177 -42.02 70.67 21.32
N ILE R 178 -42.92 70.13 22.12
CA ILE R 178 -42.93 68.70 22.37
C ILE R 178 -43.65 67.98 21.23
N ARG R 179 -43.11 66.84 20.84
CA ARG R 179 -43.72 65.97 19.84
C ARG R 179 -43.85 64.59 20.46
N ILE R 180 -45.08 64.09 20.52
CA ILE R 180 -45.35 62.78 21.10
C ILE R 180 -45.68 61.83 19.98
N THR R 181 -44.68 61.10 19.51
CA THR R 181 -44.87 60.08 18.50
C THR R 181 -45.24 58.77 19.18
N MET R 182 -46.22 58.08 18.60
CA MET R 182 -46.76 56.85 19.13
C MET R 182 -46.72 55.79 18.07
N TYR R 183 -46.37 54.57 18.48
CA TYR R 183 -46.25 53.42 17.59
C TYR R 183 -47.28 52.40 18.04
N VAL R 184 -48.39 52.34 17.31
CA VAL R 184 -49.57 51.60 17.71
C VAL R 184 -49.68 50.36 16.85
N GLN R 185 -50.50 49.42 17.31
CA GLN R 185 -50.73 48.17 16.61
C GLN R 185 -52.20 47.83 16.76
N PHE R 186 -52.95 47.98 15.68
CA PHE R 186 -54.39 47.77 15.68
C PHE R 186 -54.72 46.34 15.26
N ARG R 187 -56.01 46.03 15.21
CA ARG R 187 -56.47 44.68 14.93
C ARG R 187 -57.96 44.71 14.65
N GLU R 188 -58.43 43.66 13.96
CA GLU R 188 -59.84 43.44 13.67
C GLU R 188 -60.45 44.60 12.88
N PHE R 189 -60.02 44.68 11.63
CA PHE R 189 -60.55 45.64 10.66
C PHE R 189 -62.06 45.55 10.60
N ASN R 190 -62.75 46.58 11.08
CA ASN R 190 -64.18 46.56 11.32
C ASN R 190 -64.91 47.64 10.55
N LEU R 191 -64.58 47.79 9.29
CA LEU R 191 -65.20 48.84 8.49
C LEU R 191 -66.63 48.45 8.13
N LYS R 192 -67.49 49.45 8.12
CA LYS R 192 -68.87 49.32 7.67
C LYS R 192 -69.02 49.94 6.29
N ASP R 193 -70.02 49.46 5.55
CA ASP R 193 -70.31 49.96 4.21
C ASP R 193 -71.81 49.98 4.00
N PRO R 194 -72.50 50.99 4.54
CA PRO R 194 -73.90 51.16 4.23
C PRO R 194 -74.09 51.54 2.77
N PRO R 195 -75.32 51.53 2.27
CA PRO R 195 -75.55 52.00 0.91
C PRO R 195 -75.52 53.52 0.83
N LEU R 196 -75.85 54.07 -0.34
CA LEU R 196 -75.81 55.50 -0.59
C LEU R 196 -74.39 56.04 -0.47
N TYR S 1 -12.23 33.92 46.83
CA TYR S 1 -12.34 33.94 48.28
C TYR S 1 -13.40 34.96 48.73
N ARG S 2 -14.62 34.81 48.19
CA ARG S 2 -15.80 35.59 48.57
C ARG S 2 -15.50 37.10 48.59
N TRP S 3 -15.39 37.78 47.43
CA TRP S 3 -16.03 37.47 46.13
C TRP S 3 -17.57 37.46 46.17
N ARG S 4 -18.16 38.58 46.27
CA ARG S 4 -18.88 39.54 47.12
C ARG S 4 -19.76 38.98 48.24
N ARG S 5 -20.76 38.11 48.05
CA ARG S 5 -21.35 37.56 46.83
C ARG S 5 -22.82 38.01 46.68
N LYS S 6 -23.64 37.63 47.68
CA LYS S 6 -25.05 37.93 47.77
C LYS S 6 -25.43 38.44 49.15
N ASN S 7 -24.49 38.56 50.09
CA ASN S 7 -24.78 38.61 51.51
C ASN S 7 -25.34 39.94 51.99
N GLY S 8 -26.02 40.67 51.11
CA GLY S 8 -26.59 41.96 51.37
C GLY S 8 -26.16 42.97 50.31
N ILE S 9 -25.41 42.50 49.31
CA ILE S 9 -24.78 43.40 48.38
C ILE S 9 -25.83 44.04 47.50
N PHE S 10 -25.79 45.36 47.41
CA PHE S 10 -26.73 46.12 46.58
C PHE S 10 -25.98 47.30 45.98
N ASN S 11 -25.45 47.11 44.79
CA ASN S 11 -24.82 48.21 44.08
C ASN S 11 -25.89 49.14 43.56
N THR S 12 -25.66 50.44 43.71
CA THR S 12 -26.62 51.44 43.33
C THR S 12 -25.90 52.72 42.98
N ARG S 13 -26.66 53.81 42.86
CA ARG S 13 -26.15 55.10 42.44
C ARG S 13 -26.86 56.18 43.23
N LEU S 14 -26.16 57.28 43.44
CA LEU S 14 -26.70 58.44 44.12
C LEU S 14 -26.15 59.69 43.44
N SER S 15 -26.90 60.77 43.55
CA SER S 15 -26.54 62.01 42.87
C SER S 15 -27.14 63.19 43.61
N ARG S 16 -26.45 64.31 43.52
CA ARG S 16 -26.95 65.57 44.04
C ARG S 16 -26.47 66.68 43.12
N THR S 17 -26.82 67.91 43.45
CA THR S 17 -26.55 69.04 42.59
C THR S 17 -26.31 70.28 43.43
N ILE S 18 -25.40 71.13 42.95
CA ILE S 18 -25.03 72.35 43.64
C ILE S 18 -24.48 73.33 42.62
N GLY S 19 -24.56 74.61 42.96
CA GLY S 19 -24.03 75.68 42.14
C GLY S 19 -22.67 76.13 42.64
N TYR S 20 -21.80 76.46 41.70
CA TYR S 20 -20.47 76.97 42.00
C TYR S 20 -20.23 78.17 41.11
N THR S 21 -19.78 79.27 41.71
CA THR S 21 -19.77 80.58 41.08
C THR S 21 -18.36 81.15 41.15
N VAL S 22 -17.66 81.14 40.04
CA VAL S 22 -16.38 81.81 39.92
C VAL S 22 -16.65 83.27 39.57
N LYS S 23 -16.20 84.17 40.43
CA LYS S 23 -16.59 85.56 40.35
C LYS S 23 -15.70 86.34 39.39
N LYS S 24 -16.08 87.58 39.15
CA LYS S 24 -15.35 88.47 38.26
C LYS S 24 -14.07 88.96 38.91
N THR S 25 -13.30 89.70 38.14
CA THR S 25 -12.13 90.42 38.63
C THR S 25 -11.69 91.41 37.57
N THR S 26 -11.31 92.61 38.01
CA THR S 26 -10.76 93.60 37.09
C THR S 26 -9.36 93.22 36.62
N VAL S 27 -8.69 92.30 37.32
CA VAL S 27 -7.38 91.83 36.89
C VAL S 27 -7.50 91.23 35.52
N ARG S 28 -6.49 91.48 34.68
CA ARG S 28 -6.41 90.96 33.34
C ARG S 28 -5.30 89.94 33.14
N THR S 29 -4.32 89.92 34.03
CA THR S 29 -3.30 88.89 33.95
C THR S 29 -3.92 87.55 34.29
N PRO S 30 -3.34 86.45 33.80
CA PRO S 30 -3.89 85.13 34.13
C PRO S 30 -3.84 84.88 35.62
N SER S 31 -5.02 84.71 36.21
CA SER S 31 -5.17 84.41 37.62
C SER S 31 -6.21 83.32 37.78
N TRP S 32 -5.97 82.43 38.73
CA TRP S 32 -6.79 81.25 38.95
C TRP S 32 -7.53 81.35 40.27
N ASN S 33 -8.62 80.60 40.36
CA ASN S 33 -9.48 80.53 41.55
C ASN S 33 -9.52 79.09 41.99
N VAL S 34 -8.84 78.80 43.09
CA VAL S 34 -8.64 77.44 43.56
C VAL S 34 -9.70 77.11 44.59
N ASP S 35 -10.17 75.87 44.55
CA ASP S 35 -11.14 75.38 45.51
C ASP S 35 -11.10 73.87 45.49
N MET S 36 -11.38 73.27 46.64
CA MET S 36 -11.38 71.83 46.81
C MET S 36 -12.79 71.29 46.64
N MET S 37 -12.97 70.01 46.92
CA MET S 37 -14.28 69.39 46.83
C MET S 37 -14.25 68.10 47.67
N ARG S 38 -15.16 68.01 48.62
CA ARG S 38 -15.29 66.88 49.52
C ARG S 38 -16.58 66.13 49.26
N PHE S 39 -16.58 64.86 49.60
CA PHE S 39 -17.72 63.97 49.39
C PHE S 39 -18.08 63.30 50.70
N ASN S 40 -19.33 63.45 51.11
CA ASN S 40 -19.84 62.83 52.32
C ASN S 40 -21.22 62.30 52.02
N ILE S 41 -21.48 61.05 52.42
CA ILE S 41 -22.69 60.39 52.00
C ILE S 41 -23.91 60.94 52.71
N ASN S 42 -23.75 61.65 53.82
CA ASN S 42 -24.89 62.23 54.50
C ASN S 42 -25.58 63.27 53.63
N ASP S 43 -24.86 63.87 52.69
CA ASP S 43 -25.46 64.80 51.74
C ASP S 43 -26.23 64.12 50.64
N PHE S 44 -26.13 62.79 50.53
CA PHE S 44 -26.88 62.01 49.55
C PHE S 44 -28.02 61.23 50.17
N LEU S 45 -27.79 60.60 51.32
CA LEU S 45 -28.79 59.80 52.00
C LEU S 45 -29.47 60.64 53.07
N PRO S 46 -30.71 61.07 52.90
CA PRO S 46 -31.38 61.77 53.99
C PRO S 46 -31.77 60.79 55.08
N PRO S 47 -32.12 61.30 56.27
CA PRO S 47 -32.43 60.40 57.38
C PRO S 47 -33.80 59.78 57.26
N GLY S 48 -33.91 58.53 57.71
CA GLY S 48 -35.17 57.84 57.71
C GLY S 48 -36.03 58.23 58.90
N GLY S 49 -36.69 57.23 59.49
CA GLY S 49 -37.52 57.48 60.64
C GLY S 49 -37.86 56.23 61.42
N GLY S 50 -37.86 56.34 62.74
CA GLY S 50 -38.19 55.22 63.59
C GLY S 50 -36.99 54.33 63.87
N SER S 51 -37.24 53.02 63.89
CA SER S 51 -36.16 52.07 64.16
C SER S 51 -35.16 52.05 63.02
N ASN S 52 -35.59 52.37 61.81
CA ASN S 52 -34.69 52.46 60.66
C ASN S 52 -34.17 53.89 60.58
N PRO S 53 -32.91 54.15 60.93
CA PRO S 53 -32.47 55.55 61.03
C PRO S 53 -32.21 56.19 59.67
N LEU S 54 -31.79 55.38 58.71
CA LEU S 54 -31.51 55.84 57.36
C LEU S 54 -32.67 55.53 56.42
N THR S 55 -32.58 56.11 55.22
CA THR S 55 -33.55 55.84 54.17
C THR S 55 -33.25 54.55 53.43
N VAL S 56 -32.00 54.11 53.43
CA VAL S 56 -31.56 52.89 52.77
C VAL S 56 -31.32 51.85 53.86
N PRO S 57 -31.99 50.71 53.86
CA PRO S 57 -31.77 49.76 54.95
C PRO S 57 -30.55 48.88 54.73
N PHE S 58 -29.38 49.44 55.07
CA PHE S 58 -28.15 48.69 55.04
C PHE S 58 -27.24 49.22 56.13
N GLU S 59 -26.24 48.40 56.49
CA GLU S 59 -25.33 48.71 57.58
C GLU S 59 -23.99 49.22 57.09
N TYR S 60 -23.35 48.49 56.21
CA TYR S 60 -22.03 48.82 55.71
C TYR S 60 -22.13 49.47 54.34
N TYR S 61 -21.03 50.04 53.89
CA TYR S 61 -20.96 50.62 52.57
C TYR S 61 -19.51 50.89 52.20
N ARG S 62 -19.28 51.04 50.90
CA ARG S 62 -17.99 51.45 50.39
C ARG S 62 -18.19 52.08 49.03
N ILE S 63 -17.59 53.24 48.83
CA ILE S 63 -17.78 53.99 47.60
C ILE S 63 -16.80 53.47 46.56
N ARG S 64 -17.34 52.94 45.47
CA ARG S 64 -16.51 52.42 44.40
C ARG S 64 -15.95 53.54 43.53
N LYS S 65 -16.83 54.40 43.04
CA LYS S 65 -16.47 55.42 42.08
C LYS S 65 -17.27 56.68 42.32
N VAL S 66 -16.77 57.77 41.77
CA VAL S 66 -17.46 59.06 41.80
C VAL S 66 -17.31 59.67 40.42
N LYS S 67 -18.40 60.26 39.93
CA LYS S 67 -18.43 60.94 38.64
C LYS S 67 -18.90 62.36 38.89
N VAL S 68 -17.96 63.26 38.94
CA VAL S 68 -18.26 64.67 39.01
C VAL S 68 -18.56 65.17 37.60
N GLU S 69 -19.43 66.16 37.51
CA GLU S 69 -19.86 66.71 36.23
C GLU S 69 -20.04 68.20 36.38
N PHE S 70 -19.36 68.96 35.54
CA PHE S 70 -19.43 70.41 35.55
C PHE S 70 -20.33 70.87 34.42
N TRP S 71 -21.62 70.72 34.63
CA TRP S 71 -22.59 71.22 33.68
C TRP S 71 -22.61 72.73 33.75
N PRO S 72 -22.11 73.46 32.75
CA PRO S 72 -22.00 74.91 32.89
C PRO S 72 -23.36 75.59 32.92
N CYS S 73 -23.29 76.89 33.20
CA CYS S 73 -24.43 77.77 33.18
C CYS S 73 -24.21 78.99 32.30
N SER S 74 -23.04 79.14 31.71
CA SER S 74 -22.72 80.28 30.86
C SER S 74 -23.02 79.96 29.41
N PRO S 75 -23.23 80.97 28.58
CA PRO S 75 -23.58 80.71 27.19
C PRO S 75 -22.35 80.44 26.34
N ILE S 76 -22.61 79.98 25.13
CA ILE S 76 -21.56 79.73 24.16
C ILE S 76 -20.88 81.02 23.73
N THR S 77 -21.62 82.14 23.74
CA THR S 77 -21.13 83.39 23.19
C THR S 77 -20.35 84.22 24.20
N GLN S 78 -19.84 83.60 25.25
CA GLN S 78 -19.12 84.32 26.29
C GLN S 78 -17.65 84.43 25.91
N GLY S 79 -17.10 85.61 26.14
CA GLY S 79 -15.73 85.92 25.81
C GLY S 79 -14.81 85.84 27.01
N ASP S 80 -13.57 86.25 26.78
CA ASP S 80 -12.50 86.17 27.77
C ASP S 80 -12.42 84.76 28.33
N ARG S 81 -12.24 83.81 27.41
CA ARG S 81 -12.21 82.41 27.80
C ARG S 81 -10.95 82.15 28.60
N GLY S 82 -10.78 80.91 29.00
CA GLY S 82 -9.64 80.56 29.81
C GLY S 82 -9.39 79.08 29.76
N VAL S 83 -8.62 78.62 30.75
CA VAL S 83 -8.25 77.22 30.83
C VAL S 83 -7.89 76.92 32.28
N GLY S 84 -8.39 75.79 32.77
CA GLY S 84 -8.22 75.40 34.15
C GLY S 84 -7.68 74.00 34.30
N SER S 85 -7.86 73.40 35.46
CA SER S 85 -7.32 72.07 35.71
C SER S 85 -8.02 71.45 36.90
N THR S 86 -8.30 70.16 36.79
CA THR S 86 -8.86 69.36 37.86
C THR S 86 -7.91 68.22 38.15
N ALA S 87 -7.71 67.97 39.44
CA ALA S 87 -6.78 66.95 39.89
C ALA S 87 -7.40 66.17 41.04
N VAL S 88 -6.89 64.96 41.22
CA VAL S 88 -7.40 64.03 42.21
C VAL S 88 -6.48 64.09 43.43
N ILE S 89 -7.07 64.34 44.58
CA ILE S 89 -6.35 64.52 45.84
C ILE S 89 -6.93 63.54 46.83
N LEU S 90 -6.16 62.52 47.17
CA LEU S 90 -6.65 61.39 47.93
C LEU S 90 -6.20 61.41 49.38
N ASP S 91 -5.73 62.56 49.87
CA ASP S 91 -5.09 62.63 51.18
C ASP S 91 -5.55 63.81 52.03
N ASP S 92 -6.56 64.56 51.59
CA ASP S 92 -7.04 65.74 52.31
C ASP S 92 -5.98 66.82 52.40
N ASN S 93 -5.03 66.81 51.46
CA ASN S 93 -4.01 67.84 51.36
C ASN S 93 -4.27 68.56 50.06
N PHE S 94 -5.17 69.52 50.12
CA PHE S 94 -5.46 70.36 48.98
C PHE S 94 -4.48 71.51 48.95
N VAL S 95 -4.66 72.39 47.98
CA VAL S 95 -3.81 73.55 47.78
C VAL S 95 -4.66 74.76 48.14
N THR S 96 -4.11 75.63 48.99
CA THR S 96 -4.87 76.59 49.78
C THR S 96 -5.90 77.35 48.96
N LYS S 97 -7.09 77.46 49.53
CA LYS S 97 -8.19 78.16 48.89
C LYS S 97 -7.81 79.59 48.59
N ALA S 98 -7.97 79.99 47.34
CA ALA S 98 -7.53 81.30 46.88
C ALA S 98 -8.42 81.77 45.76
N ASN S 99 -8.73 83.07 45.78
CA ASN S 99 -9.53 83.69 44.74
C ASN S 99 -8.71 84.11 43.54
N ALA S 100 -7.42 84.35 43.73
CA ALA S 100 -6.55 84.83 42.66
C ALA S 100 -5.15 84.33 42.92
N LEU S 101 -4.68 83.42 42.09
CA LEU S 101 -3.34 82.88 42.17
C LEU S 101 -2.70 82.98 40.79
N THR S 102 -1.43 83.37 40.77
CA THR S 102 -0.76 83.70 39.52
C THR S 102 -0.39 82.49 38.69
N TYR S 103 -0.75 81.27 39.11
CA TYR S 103 -0.39 80.08 38.36
C TYR S 103 -1.41 79.00 38.66
N ASP S 104 -1.40 77.99 37.80
CA ASP S 104 -2.28 76.84 37.95
C ASP S 104 -1.54 75.78 38.74
N PRO S 105 -1.83 75.59 40.02
CA PRO S 105 -1.04 74.63 40.79
C PRO S 105 -1.32 73.19 40.44
N TYR S 106 -2.53 72.90 39.98
CA TYR S 106 -2.92 71.54 39.63
C TYR S 106 -2.61 71.19 38.19
N VAL S 107 -1.69 71.91 37.55
CA VAL S 107 -1.43 71.69 36.13
C VAL S 107 -0.45 70.55 35.91
N ASN S 108 0.60 70.49 36.71
CA ASN S 108 1.61 69.45 36.56
C ASN S 108 1.26 68.18 37.31
N TYR S 109 0.17 68.18 38.08
CA TYR S 109 -0.27 66.96 38.74
C TYR S 109 -0.53 65.86 37.73
N SER S 110 -0.08 64.65 38.05
CA SER S 110 -0.23 63.53 37.14
C SER S 110 -1.69 63.22 36.88
N SER S 111 -2.56 63.51 37.84
CA SER S 111 -4.00 63.30 37.70
C SER S 111 -4.70 64.49 37.09
N ARG S 112 -3.99 65.31 36.33
CA ARG S 112 -4.57 66.52 35.76
C ARG S 112 -5.36 66.19 34.51
N HIS S 113 -6.57 66.74 34.43
CA HIS S 113 -7.40 66.68 33.25
C HIS S 113 -7.86 68.09 32.96
N THR S 114 -7.51 68.60 31.79
CA THR S 114 -7.70 70.00 31.49
C THR S 114 -9.17 70.35 31.39
N ILE S 115 -9.48 71.58 31.80
CA ILE S 115 -10.81 72.17 31.64
C ILE S 115 -10.73 73.21 30.55
N THR S 116 -11.68 73.18 29.65
CA THR S 116 -11.96 74.29 28.77
C THR S 116 -13.07 75.11 29.41
N GLN S 117 -12.97 76.42 29.29
CA GLN S 117 -13.88 77.33 29.98
C GLN S 117 -14.45 78.32 28.99
N PRO S 118 -15.59 78.95 29.31
CA PRO S 118 -16.51 78.78 30.43
C PRO S 118 -17.78 78.03 30.10
N PHE S 119 -17.90 77.49 28.89
CA PHE S 119 -19.14 76.91 28.41
C PHE S 119 -19.04 75.41 28.14
N SER S 120 -17.96 74.76 28.53
CA SER S 120 -17.73 73.37 28.21
C SER S 120 -18.07 72.48 29.40
N TYR S 121 -18.24 71.19 29.09
CA TYR S 121 -18.54 70.16 30.07
C TYR S 121 -17.28 69.40 30.40
N HIS S 122 -17.11 69.08 31.68
CA HIS S 122 -15.95 68.35 32.14
C HIS S 122 -16.37 67.35 33.20
N SER S 123 -15.83 66.14 33.10
CA SER S 123 -16.20 65.04 33.97
C SER S 123 -14.96 64.30 34.42
N ARG S 124 -15.03 63.74 35.62
CA ARG S 124 -13.91 63.08 36.26
C ARG S 124 -14.44 61.84 36.99
N TYR S 125 -14.14 60.68 36.45
CA TYR S 125 -14.63 59.40 36.95
C TYR S 125 -13.48 58.69 37.62
N PHE S 126 -13.49 58.69 38.95
CA PHE S 126 -12.37 58.20 39.73
C PHE S 126 -12.87 57.52 40.99
N THR S 127 -11.92 56.89 41.69
CA THR S 127 -12.19 56.21 42.94
C THR S 127 -11.74 57.10 44.09
N PRO S 128 -12.64 57.58 44.95
CA PRO S 128 -12.19 58.35 46.10
C PRO S 128 -11.70 57.43 47.21
N LYS S 129 -11.17 58.07 48.25
CA LYS S 129 -10.68 57.36 49.41
C LYS S 129 -11.18 58.08 50.66
N PRO S 130 -11.36 57.37 51.76
CA PRO S 130 -11.84 58.01 52.98
C PRO S 130 -10.70 58.59 53.79
N VAL S 131 -11.10 59.37 54.80
CA VAL S 131 -10.19 60.04 55.70
C VAL S 131 -10.21 59.24 57.00
N LEU S 132 -9.30 58.29 57.12
CA LEU S 132 -9.20 57.48 58.31
C LEU S 132 -8.39 58.17 59.40
N ASP S 133 -7.27 58.78 59.03
CA ASP S 133 -6.41 59.49 59.98
C ASP S 133 -5.92 60.76 59.32
N ARG S 134 -6.34 61.90 59.85
CA ARG S 134 -5.92 63.19 59.30
C ARG S 134 -4.46 63.47 59.58
N THR S 135 -3.97 63.03 60.75
CA THR S 135 -2.56 63.26 61.09
C THR S 135 -1.64 62.53 60.13
N ILE S 136 -1.99 61.28 59.79
CA ILE S 136 -1.13 60.43 59.00
C ILE S 136 -1.51 60.48 57.53
N ASP S 137 -2.80 60.57 57.25
CA ASP S 137 -3.32 60.70 55.89
C ASP S 137 -2.87 59.53 55.01
N TYR S 138 -3.32 58.34 55.39
CA TYR S 138 -3.06 57.14 54.62
C TYR S 138 -4.30 56.72 53.85
N PHE S 139 -4.06 55.96 52.80
CA PHE S 139 -5.12 55.42 51.97
C PHE S 139 -4.55 54.27 51.18
N GLN S 140 -5.45 53.41 50.73
CA GLN S 140 -5.03 52.20 50.06
C GLN S 140 -5.22 52.32 48.55
N PRO S 141 -4.57 51.46 47.78
CA PRO S 141 -4.73 51.52 46.33
C PRO S 141 -6.13 51.17 45.87
N ASN S 142 -6.32 51.17 44.56
CA ASN S 142 -7.60 50.80 43.96
C ASN S 142 -7.59 49.30 43.71
N ASN S 143 -8.22 48.56 44.61
CA ASN S 143 -8.44 47.14 44.44
C ASN S 143 -9.83 46.81 44.95
N LYS S 144 -10.68 46.32 44.05
CA LYS S 144 -12.09 46.14 44.39
C LYS S 144 -12.26 45.08 45.46
N ARG S 145 -11.56 43.96 45.35
CA ARG S 145 -11.76 42.85 46.28
C ARG S 145 -11.44 43.26 47.70
N ASN S 146 -10.27 43.86 47.91
CA ASN S 146 -9.78 44.16 49.25
C ASN S 146 -10.07 45.59 49.68
N GLN S 147 -11.00 46.27 49.02
CA GLN S 147 -11.40 47.59 49.48
C GLN S 147 -12.16 47.47 50.78
N LEU S 148 -12.01 48.50 51.61
CA LEU S 148 -12.57 48.47 52.95
C LEU S 148 -14.06 48.67 52.93
N TRP S 149 -14.70 48.22 54.01
CA TRP S 149 -16.09 48.50 54.29
C TRP S 149 -16.17 49.50 55.44
N LEU S 150 -17.27 50.24 55.46
CA LEU S 150 -17.47 51.31 56.41
C LEU S 150 -18.90 51.27 56.92
N ARG S 151 -19.04 51.44 58.22
CA ARG S 151 -20.37 51.51 58.82
C ARG S 151 -21.11 52.72 58.29
N LEU S 152 -22.38 52.53 57.98
CA LEU S 152 -23.23 53.60 57.47
C LEU S 152 -23.85 54.28 58.67
N GLN S 153 -23.16 55.30 59.16
CA GLN S 153 -23.63 56.04 60.31
C GLN S 153 -24.76 56.97 59.93
N THR S 154 -25.42 57.50 60.95
CA THR S 154 -26.61 58.31 60.77
C THR S 154 -26.30 59.78 60.54
N THR S 155 -25.34 60.34 61.29
CA THR S 155 -25.05 61.77 61.25
C THR S 155 -23.57 62.09 61.15
N GLY S 156 -22.68 61.11 61.29
CA GLY S 156 -21.25 61.38 61.37
C GLY S 156 -20.42 60.55 60.43
N ASN S 157 -20.90 60.35 59.21
CA ASN S 157 -20.14 59.59 58.23
C ASN S 157 -18.87 60.35 57.86
N VAL S 158 -17.87 59.59 57.48
CA VAL S 158 -16.54 60.13 57.23
C VAL S 158 -16.51 60.84 55.89
N ASP S 159 -15.66 61.85 55.80
CA ASP S 159 -15.59 62.71 54.63
C ASP S 159 -14.64 62.08 53.63
N HIS S 160 -15.19 61.43 52.61
CA HIS S 160 -14.40 61.03 51.48
C HIS S 160 -13.82 62.25 50.78
N VAL S 161 -12.82 62.00 49.94
CA VAL S 161 -12.02 63.05 49.32
C VAL S 161 -11.60 62.55 47.95
N GLY S 162 -10.99 63.43 47.16
CA GLY S 162 -10.61 63.06 45.81
C GLY S 162 -10.69 64.07 44.68
N LEU S 163 -10.93 65.35 44.93
CA LEU S 163 -10.89 66.30 43.81
C LEU S 163 -10.55 67.70 44.27
N GLY S 164 -9.75 68.37 43.45
CA GLY S 164 -9.46 69.77 43.63
C GLY S 164 -9.44 70.46 42.28
N THR S 165 -9.81 71.74 42.29
CA THR S 165 -10.06 72.49 41.08
C THR S 165 -9.20 73.73 41.03
N ALA S 166 -9.06 74.25 39.81
CA ALA S 166 -8.39 75.54 39.59
C ALA S 166 -8.96 76.12 38.30
N PHE S 167 -9.85 77.09 38.45
CA PHE S 167 -10.49 77.75 37.32
C PHE S 167 -9.83 79.09 37.07
N GLU S 168 -9.68 79.43 35.80
CA GLU S 168 -9.04 80.68 35.42
C GLU S 168 -10.04 81.82 35.52
N ASN S 169 -9.67 82.86 36.23
CA ASN S 169 -10.56 83.98 36.43
C ASN S 169 -10.86 84.68 35.11
N SER S 170 -11.97 85.41 35.10
CA SER S 170 -12.41 86.11 33.90
C SER S 170 -13.16 87.36 34.31
N ILE S 171 -13.35 88.24 33.33
CA ILE S 171 -14.08 89.47 33.57
C ILE S 171 -15.52 89.17 33.95
N TYR S 172 -16.10 88.17 33.32
CA TYR S 172 -17.49 87.80 33.53
C TYR S 172 -17.60 86.67 34.53
N ASP S 173 -18.75 86.60 35.19
CA ASP S 173 -19.03 85.49 36.08
C ASP S 173 -19.10 84.20 35.30
N GLN S 174 -18.56 83.14 35.88
CA GLN S 174 -18.58 81.80 35.31
C GLN S 174 -19.35 80.93 36.30
N ASP S 175 -20.66 80.91 36.17
CA ASP S 175 -21.48 80.05 36.99
C ASP S 175 -21.47 78.64 36.44
N TYR S 176 -21.54 77.68 37.34
CA TYR S 176 -21.55 76.26 37.00
C TYR S 176 -22.64 75.57 37.78
N ASN S 177 -23.01 74.39 37.30
CA ASN S 177 -24.03 73.55 37.90
C ASN S 177 -23.39 72.18 38.08
N ILE S 178 -22.83 71.95 39.25
CA ILE S 178 -22.08 70.74 39.53
C ILE S 178 -23.04 69.63 39.89
N ARG S 179 -22.75 68.43 39.39
CA ARG S 179 -23.49 67.22 39.72
C ARG S 179 -22.49 66.19 40.21
N ILE S 180 -22.68 65.72 41.44
CA ILE S 180 -21.80 64.75 42.05
C ILE S 180 -22.52 63.42 42.10
N THR S 181 -22.28 62.59 41.09
CA THR S 181 -22.82 61.25 41.04
C THR S 181 -21.88 60.31 41.77
N MET S 182 -22.48 59.43 42.57
CA MET S 182 -21.75 58.49 43.40
C MET S 182 -22.24 57.09 43.13
N TYR S 183 -21.30 56.14 43.08
CA TYR S 183 -21.59 54.74 42.82
C TYR S 183 -21.18 53.95 44.04
N VAL S 184 -22.18 53.58 44.83
CA VAL S 184 -21.99 53.03 46.15
C VAL S 184 -22.29 51.55 46.12
N GLN S 185 -21.84 50.85 47.15
CA GLN S 185 -22.05 49.41 47.27
C GLN S 185 -22.31 49.11 48.74
N PHE S 186 -23.57 48.80 49.06
CA PHE S 186 -24.00 48.58 50.42
C PHE S 186 -23.94 47.08 50.75
N ARG S 187 -24.34 46.75 51.97
CA ARG S 187 -24.22 45.38 52.46
C ARG S 187 -25.02 45.25 53.76
N GLU S 188 -25.37 44.01 54.08
CA GLU S 188 -26.04 43.66 55.34
C GLU S 188 -27.38 44.39 55.49
N PHE S 189 -28.32 43.98 54.65
CA PHE S 189 -29.69 44.47 54.70
C PHE S 189 -30.26 44.32 56.10
N ASN S 190 -30.49 45.43 56.79
CA ASN S 190 -30.78 45.47 58.21
C ASN S 190 -32.11 46.14 58.50
N LEU S 191 -33.14 45.78 57.75
CA LEU S 191 -34.43 46.41 57.92
C LEU S 191 -35.11 45.88 59.18
N LYS S 192 -35.80 46.77 59.87
CA LYS S 192 -36.63 46.44 61.00
C LYS S 192 -38.11 46.46 60.60
N ASP S 193 -38.91 45.69 61.33
CA ASP S 193 -40.35 45.62 61.10
C ASP S 193 -41.07 45.51 62.43
N PRO S 194 -41.24 46.63 63.12
CA PRO S 194 -42.08 46.63 64.31
C PRO S 194 -43.52 46.40 63.95
N PRO S 195 -44.39 46.15 64.91
CA PRO S 195 -45.82 46.04 64.63
C PRO S 195 -46.45 47.40 64.38
N LEU S 196 -47.78 47.43 64.22
CA LEU S 196 -48.52 48.66 63.94
C LEU S 196 -48.10 49.24 62.59
N TYR T 1 23.08 49.41 23.44
CA TYR T 1 24.26 50.00 24.06
C TYR T 1 23.87 51.08 25.08
N ARG T 2 23.02 50.69 26.04
CA ARG T 2 22.61 51.53 27.18
C ARG T 2 22.17 52.93 26.72
N TRP T 3 20.98 53.11 26.13
CA TRP T 3 19.75 52.29 26.31
C TRP T 3 19.21 52.24 27.76
N ARG T 4 18.66 53.29 28.21
CA ARG T 4 18.77 54.49 29.04
C ARG T 4 19.60 54.38 30.33
N ARG T 5 19.41 53.49 31.31
CA ARG T 5 18.36 52.49 31.49
C ARG T 5 17.53 52.79 32.75
N LYS T 6 18.22 52.82 33.90
CA LYS T 6 17.67 53.09 35.22
C LYS T 6 18.51 54.10 35.99
N ASN T 7 19.60 54.60 35.42
CA ASN T 7 20.69 55.21 36.18
C ASN T 7 20.38 56.61 36.71
N GLY T 8 19.11 56.90 36.94
CA GLY T 8 18.63 58.18 37.41
C GLY T 8 17.52 58.69 36.52
N ILE T 9 17.12 57.89 35.54
CA ILE T 9 16.21 58.36 34.51
C ILE T 9 14.84 58.56 35.11
N PHE T 10 14.27 59.75 34.88
CA PHE T 10 12.94 60.08 35.37
C PHE T 10 12.26 60.95 34.33
N ASN T 11 11.51 60.33 33.44
CA ASN T 11 10.72 61.07 32.48
C ASN T 11 9.53 61.69 33.19
N THR T 12 9.26 62.94 32.87
CA THR T 12 8.19 63.69 33.51
C THR T 12 7.68 64.75 32.55
N ARG T 13 6.89 65.67 33.09
CA ARG T 13 6.23 66.70 32.31
C ARG T 13 6.22 67.98 33.11
N LEU T 14 6.26 69.09 32.41
CA LEU T 14 6.18 70.41 33.00
C LEU T 14 5.34 71.31 32.11
N SER T 15 4.74 72.32 32.71
CA SER T 15 3.83 73.19 32.00
C SER T 15 3.80 74.55 32.66
N ARG T 16 3.54 75.57 31.86
CA ARG T 16 3.33 76.92 32.35
C ARG T 16 2.31 77.58 31.44
N THR T 17 1.99 78.84 31.75
CA THR T 17 0.92 79.54 31.05
C THR T 17 1.25 81.01 30.97
N ILE T 18 0.86 81.62 29.85
CA ILE T 18 1.12 83.03 29.59
C ILE T 18 0.08 83.55 28.61
N GLY T 19 -0.14 84.85 28.66
CA GLY T 19 -1.05 85.52 27.75
C GLY T 19 -0.30 86.16 26.61
N TYR T 20 -0.91 86.13 25.42
CA TYR T 20 -0.36 86.75 24.24
C TYR T 20 -1.49 87.50 23.55
N THR T 21 -1.22 88.76 23.22
CA THR T 21 -2.26 89.72 22.83
C THR T 21 -1.89 90.31 21.48
N VAL T 22 -2.59 89.88 20.44
CA VAL T 22 -2.47 90.48 19.13
C VAL T 22 -3.41 91.67 19.08
N LYS T 23 -2.86 92.85 18.85
CA LYS T 23 -3.60 94.09 19.02
C LYS T 23 -4.38 94.44 17.75
N LYS T 24 -5.20 95.48 17.88
CA LYS T 24 -6.03 95.96 16.79
C LYS T 24 -5.19 96.71 15.76
N THR T 25 -5.85 97.11 14.68
CA THR T 25 -5.27 97.99 13.68
C THR T 25 -6.39 98.49 12.79
N THR T 26 -6.34 99.77 12.45
CA THR T 26 -7.29 100.33 11.49
C THR T 26 -7.03 99.83 10.07
N VAL T 27 -5.83 99.30 9.80
CA VAL T 27 -5.55 98.74 8.49
C VAL T 27 -6.53 97.62 8.19
N ARG T 28 -6.96 97.55 6.93
CA ARG T 28 -7.89 96.54 6.47
C ARG T 28 -7.27 95.57 5.48
N THR T 29 -6.13 95.93 4.87
CA THR T 29 -5.44 94.98 4.03
C THR T 29 -4.88 93.86 4.88
N PRO T 30 -4.66 92.68 4.30
CA PRO T 30 -4.08 91.59 5.09
C PRO T 30 -2.69 91.95 5.60
N SER T 31 -2.56 91.99 6.92
CA SER T 31 -1.30 92.27 7.58
C SER T 31 -1.14 91.30 8.73
N TRP T 32 0.09 90.88 8.95
CA TRP T 32 0.42 89.86 9.93
C TRP T 32 1.25 90.46 11.07
N ASN T 33 1.20 89.77 12.21
CA ASN T 33 1.92 90.16 13.42
C ASN T 33 2.84 89.00 13.79
N VAL T 34 4.13 89.20 13.57
CA VAL T 34 5.12 88.14 13.71
C VAL T 34 5.74 88.21 15.10
N ASP T 35 6.00 87.05 15.67
CA ASP T 35 6.65 86.95 16.97
C ASP T 35 7.21 85.55 17.10
N MET T 36 8.31 85.45 17.84
CA MET T 36 9.00 84.20 18.06
C MET T 36 8.54 83.60 19.38
N MET T 37 9.21 82.54 19.80
CA MET T 37 8.89 81.88 21.06
C MET T 37 10.09 81.05 21.49
N ARG T 38 10.61 81.31 22.68
CA ARG T 38 11.76 80.63 23.25
C ARG T 38 11.33 79.80 24.45
N PHE T 39 12.12 78.77 24.72
CA PHE T 39 11.85 77.83 25.80
C PHE T 39 13.09 77.74 26.67
N ASN T 40 12.92 78.00 27.97
CA ASN T 40 14.01 77.89 28.93
C ASN T 40 13.44 77.25 30.18
N ILE T 41 14.17 76.25 30.70
CA ILE T 41 13.62 75.45 31.77
C ILE T 41 13.56 76.19 33.09
N ASN T 42 14.30 77.29 33.22
CA ASN T 42 14.23 78.07 34.46
C ASN T 42 12.85 78.65 34.68
N ASP T 43 12.09 78.84 33.60
CA ASP T 43 10.72 79.31 33.72
C ASP T 43 9.75 78.22 34.14
N PHE T 44 10.20 76.96 34.17
CA PHE T 44 9.39 75.84 34.62
C PHE T 44 9.79 75.34 35.99
N LEU T 45 11.09 75.22 36.25
CA LEU T 45 11.61 74.73 37.52
C LEU T 45 11.95 75.91 38.41
N PRO T 46 11.19 76.20 39.45
CA PRO T 46 11.60 77.24 40.38
C PRO T 46 12.76 76.78 41.24
N PRO T 47 13.44 77.70 41.92
CA PRO T 47 14.62 77.31 42.68
C PRO T 47 14.25 76.66 44.01
N GLY T 48 15.06 75.69 44.41
CA GLY T 48 14.87 75.02 45.67
C GLY T 48 15.42 75.81 46.83
N GLY T 49 16.05 75.12 47.77
CA GLY T 49 16.64 75.78 48.91
C GLY T 49 17.65 74.93 49.65
N GLY T 50 18.73 75.56 50.09
CA GLY T 50 19.77 74.86 50.82
C GLY T 50 20.77 74.19 49.93
N SER T 51 21.20 72.99 50.31
CA SER T 51 22.18 72.26 49.52
C SER T 51 21.58 71.80 48.19
N ASN T 52 20.27 71.61 48.14
CA ASN T 52 19.59 71.27 46.90
C ASN T 52 19.16 72.55 46.21
N PRO T 53 19.83 72.98 45.13
CA PRO T 53 19.54 74.31 44.58
C PRO T 53 18.25 74.36 43.79
N LEU T 54 17.88 73.25 43.16
CA LEU T 54 16.66 73.15 42.38
C LEU T 54 15.56 72.46 43.16
N THR T 55 14.36 72.52 42.61
CA THR T 55 13.21 71.81 43.18
C THR T 55 13.17 70.35 42.79
N VAL T 56 13.80 69.99 41.68
CA VAL T 56 13.87 68.61 41.20
C VAL T 56 15.28 68.10 41.47
N PRO T 57 15.46 67.04 42.24
CA PRO T 57 16.83 66.60 42.52
C PRO T 57 17.42 65.74 41.42
N PHE T 58 17.92 66.42 40.38
CA PHE T 58 18.63 65.76 39.31
C PHE T 58 19.70 66.70 38.78
N GLU T 59 20.67 66.13 38.08
CA GLU T 59 21.82 66.87 37.58
C GLU T 59 21.71 67.19 36.10
N TYR T 60 21.46 66.17 35.28
CA TYR T 60 21.39 66.32 33.83
C TYR T 60 19.95 66.38 33.39
N TYR T 61 19.76 66.74 32.12
CA TYR T 61 18.43 66.76 31.53
C TYR T 61 18.55 66.90 30.03
N ARG T 62 17.46 66.53 29.36
CA ARG T 62 17.35 66.73 27.91
C ARG T 62 15.88 66.77 27.56
N ILE T 63 15.49 67.78 26.79
CA ILE T 63 14.09 67.97 26.44
C ILE T 63 13.77 67.11 25.24
N ARG T 64 12.84 66.17 25.43
CA ARG T 64 12.44 65.29 24.35
C ARG T 64 11.48 65.99 23.40
N LYS T 65 10.41 66.57 23.94
CA LYS T 65 9.34 67.13 23.14
C LYS T 65 8.78 68.36 23.82
N VAL T 66 8.08 69.16 23.04
CA VAL T 66 7.36 70.32 23.52
C VAL T 66 6.01 70.35 22.84
N LYS T 67 4.97 70.65 23.62
CA LYS T 67 3.61 70.77 23.11
C LYS T 67 3.11 72.15 23.46
N VAL T 68 3.16 73.03 22.50
CA VAL T 68 2.57 74.35 22.64
C VAL T 68 1.08 74.24 22.36
N GLU T 69 0.30 75.08 23.02
CA GLU T 69 -1.14 75.06 22.91
C GLU T 69 -1.65 76.49 22.95
N PHE T 70 -2.40 76.87 21.93
CA PHE T 70 -2.97 78.21 21.83
C PHE T 70 -4.44 78.15 22.23
N TRP T 71 -4.68 78.06 23.51
CA TRP T 71 -6.03 78.11 24.01
C TRP T 71 -6.54 79.53 23.88
N PRO T 72 -7.50 79.81 22.98
CA PRO T 72 -7.88 81.20 22.76
C PRO T 72 -8.61 81.81 23.93
N CYS T 73 -8.83 83.10 23.82
CA CYS T 73 -9.61 83.87 24.77
C CYS T 73 -10.73 84.65 24.11
N SER T 74 -10.87 84.58 22.80
CA SER T 74 -11.90 85.30 22.06
C SER T 74 -13.12 84.42 21.88
N PRO T 75 -14.29 85.02 21.67
CA PRO T 75 -15.51 84.22 21.54
C PRO T 75 -15.67 83.67 20.14
N ILE T 76 -16.62 82.75 20.02
CA ILE T 76 -16.97 82.17 18.73
C ILE T 76 -17.57 83.22 17.80
N THR T 77 -18.26 84.21 18.35
CA THR T 77 -19.02 85.16 17.56
C THR T 77 -18.20 86.33 17.09
N GLN T 78 -16.87 86.20 17.05
CA GLN T 78 -16.00 87.29 16.65
C GLN T 78 -15.84 87.29 15.14
N GLY T 79 -15.88 88.49 14.56
CA GLY T 79 -15.77 88.66 13.13
C GLY T 79 -14.38 89.11 12.70
N ASP T 80 -14.29 89.42 11.42
CA ASP T 80 -13.03 89.77 10.78
C ASP T 80 -11.99 88.69 11.07
N ARG T 81 -12.34 87.48 10.71
CA ARG T 81 -11.47 86.34 10.97
C ARG T 81 -10.22 86.46 10.10
N GLY T 82 -9.35 85.48 10.24
CA GLY T 82 -8.12 85.50 9.50
C GLY T 82 -7.50 84.14 9.43
N VAL T 83 -6.21 84.14 9.11
CA VAL T 83 -5.47 82.89 8.97
C VAL T 83 -4.00 83.21 9.17
N GLY T 84 -3.33 82.35 9.94
CA GLY T 84 -1.95 82.54 10.32
C GLY T 84 -1.10 81.33 10.03
N SER T 85 0.05 81.24 10.67
CA SER T 85 0.96 80.14 10.41
C SER T 85 1.95 80.01 11.55
N THR T 86 2.24 78.78 11.93
CA THR T 86 3.25 78.44 12.92
C THR T 86 4.29 77.55 12.28
N ALA T 87 5.55 77.83 12.57
CA ALA T 87 6.66 77.11 11.98
C ALA T 87 7.70 76.83 13.06
N VAL T 88 8.50 75.81 12.78
CA VAL T 88 9.51 75.33 13.71
C VAL T 88 10.85 75.89 13.27
N ILE T 89 11.52 76.56 14.19
CA ILE T 89 12.78 77.25 13.94
C ILE T 89 13.79 76.73 14.94
N LEU T 90 14.75 75.95 14.46
CA LEU T 90 15.64 75.20 15.32
C LEU T 90 17.03 75.80 15.40
N ASP T 91 17.19 77.07 14.99
CA ASP T 91 18.51 77.68 14.85
C ASP T 91 18.61 79.08 15.42
N ASP T 92 17.58 79.57 16.11
CA ASP T 92 17.58 80.91 16.68
C ASP T 92 17.63 81.98 15.59
N ASN T 93 17.18 81.62 14.38
CA ASN T 93 17.09 82.56 13.26
C ASN T 93 15.61 82.70 12.97
N PHE T 94 14.97 83.58 13.71
CA PHE T 94 13.57 83.88 13.49
C PHE T 94 13.46 84.95 12.42
N VAL T 95 12.25 85.37 12.15
CA VAL T 95 11.94 86.38 11.16
C VAL T 95 11.48 87.61 11.93
N THR T 96 12.07 88.76 11.60
CA THR T 96 12.11 89.94 12.47
C THR T 96 10.75 90.28 13.05
N LYS T 97 10.75 90.58 14.34
CA LYS T 97 9.53 90.92 15.06
C LYS T 97 8.88 92.14 14.43
N ALA T 98 7.60 92.00 14.10
CA ALA T 98 6.89 93.03 13.36
C ALA T 98 5.42 93.01 13.75
N ASN T 99 4.84 94.19 13.88
CA ASN T 99 3.42 94.31 14.20
C ASN T 99 2.55 94.25 12.96
N ALA T 100 3.09 94.59 11.79
CA ALA T 100 2.31 94.61 10.57
C ALA T 100 3.25 94.30 9.41
N LEU T 101 3.05 93.15 8.79
CA LEU T 101 3.81 92.73 7.64
C LEU T 101 2.84 92.29 6.56
N THR T 102 3.14 92.66 5.32
CA THR T 102 2.20 92.51 4.22
C THR T 102 2.08 91.07 3.73
N TYR T 103 2.77 90.12 4.36
CA TYR T 103 2.71 88.74 3.91
C TYR T 103 3.00 87.83 5.10
N ASP T 104 2.66 86.56 4.92
CA ASP T 104 2.89 85.54 5.92
C ASP T 104 4.25 84.89 5.64
N PRO T 105 5.31 85.23 6.38
CA PRO T 105 6.61 84.67 6.02
C PRO T 105 6.75 83.21 6.34
N TYR T 106 6.03 82.73 7.34
CA TYR T 106 6.10 81.34 7.75
C TYR T 106 5.12 80.45 7.01
N VAL T 107 4.65 80.87 5.83
CA VAL T 107 3.61 80.12 5.13
C VAL T 107 4.22 79.02 4.28
N ASN T 108 5.31 79.30 3.58
CA ASN T 108 5.96 78.32 2.72
C ASN T 108 6.94 77.44 3.46
N TYR T 109 7.20 77.72 4.74
CA TYR T 109 8.06 76.85 5.52
C TYR T 109 7.51 75.43 5.55
N SER T 110 8.41 74.47 5.39
CA SER T 110 8.01 73.07 5.35
C SER T 110 7.38 72.63 6.66
N SER T 111 7.75 73.26 7.76
CA SER T 111 7.19 72.97 9.07
C SER T 111 5.96 73.81 9.37
N ARG T 112 5.26 74.27 8.36
CA ARG T 112 4.12 75.14 8.55
C ARG T 112 2.89 74.32 8.90
N HIS T 113 2.17 74.76 9.93
CA HIS T 113 0.88 74.21 10.29
C HIS T 113 -0.07 75.38 10.45
N THR T 114 -1.13 75.39 9.66
CA THR T 114 -1.98 76.55 9.56
C THR T 114 -2.73 76.80 10.86
N ILE T 115 -2.97 78.07 11.13
CA ILE T 115 -3.81 78.50 12.24
C ILE T 115 -5.10 79.02 11.66
N THR T 116 -6.21 78.62 12.24
CA THR T 116 -7.48 79.29 12.05
C THR T 116 -7.66 80.25 13.22
N GLN T 117 -8.21 81.41 12.93
CA GLN T 117 -8.31 82.50 13.89
C GLN T 117 -9.73 82.99 13.96
N PRO T 118 -10.11 83.67 15.06
CA PRO T 118 -9.43 83.93 16.32
C PRO T 118 -9.88 83.07 17.49
N PHE T 119 -10.76 82.10 17.23
CA PHE T 119 -11.40 81.33 18.30
C PHE T 119 -11.02 79.86 18.29
N SER T 120 -10.05 79.45 17.50
CA SER T 120 -9.71 78.06 17.35
C SER T 120 -8.49 77.69 18.18
N TYR T 121 -8.33 76.39 18.39
CA TYR T 121 -7.22 75.82 19.13
C TYR T 121 -6.18 75.30 18.16
N HIS T 122 -4.92 75.51 18.49
CA HIS T 122 -3.82 75.07 17.66
C HIS T 122 -2.70 74.55 18.53
N SER T 123 -2.12 73.42 18.14
CA SER T 123 -1.09 72.75 18.92
C SER T 123 0.01 72.28 18.01
N ARG T 124 1.22 72.24 18.57
CA ARG T 124 2.43 71.91 17.82
C ARG T 124 3.32 71.05 18.72
N TYR T 125 3.41 69.77 18.39
CA TYR T 125 4.14 68.79 19.18
C TYR T 125 5.42 68.43 18.43
N PHE T 126 6.54 68.98 18.90
CA PHE T 126 7.79 68.86 18.19
C PHE T 126 8.94 68.71 19.17
N THR T 127 10.11 68.45 18.60
CA THR T 127 11.34 68.32 19.36
C THR T 127 12.14 69.61 19.24
N PRO T 128 12.37 70.35 20.31
CA PRO T 128 13.22 71.53 20.21
C PRO T 128 14.68 71.15 20.24
N LYS T 129 15.52 72.15 20.05
CA LYS T 129 16.96 71.98 20.06
C LYS T 129 17.56 73.12 20.88
N PRO T 130 18.70 72.89 21.52
CA PRO T 130 19.32 73.95 22.30
C PRO T 130 20.21 74.86 21.46
N VAL T 131 20.62 75.95 22.09
CA VAL T 131 21.46 76.95 21.46
C VAL T 131 22.86 76.73 22.04
N LEU T 132 23.65 75.93 21.34
CA LEU T 132 25.02 75.66 21.76
C LEU T 132 25.97 76.75 21.30
N ASP T 133 25.84 77.20 20.05
CA ASP T 133 26.69 78.25 19.50
C ASP T 133 25.84 79.17 18.66
N ARG T 134 25.70 80.42 19.09
CA ARG T 134 24.89 81.38 18.36
C ARG T 134 25.56 81.79 17.06
N THR T 135 26.90 81.88 17.06
CA THR T 135 27.61 82.25 15.85
C THR T 135 27.42 81.23 14.75
N ILE T 136 27.47 79.95 15.10
CA ILE T 136 27.44 78.87 14.14
C ILE T 136 26.03 78.32 13.97
N ASP T 137 25.28 78.26 15.07
CA ASP T 137 23.89 77.82 15.07
C ASP T 137 23.75 76.42 14.48
N TYR T 138 24.36 75.47 15.17
CA TYR T 138 24.26 74.07 14.81
C TYR T 138 23.31 73.34 15.74
N PHE T 139 22.78 72.22 15.24
CA PHE T 139 21.89 71.37 16.02
C PHE T 139 21.87 70.02 15.35
N GLN T 140 21.49 69.02 16.13
CA GLN T 140 21.52 67.66 15.66
C GLN T 140 20.14 67.16 15.30
N PRO T 141 20.04 66.09 14.53
CA PRO T 141 18.72 65.57 14.17
C PRO T 141 17.95 65.02 15.36
N ASN T 142 16.77 64.50 15.08
CA ASN T 142 15.93 63.89 16.10
C ASN T 142 16.30 62.42 16.19
N ASN T 143 17.11 62.08 17.18
CA ASN T 143 17.42 60.69 17.50
C ASN T 143 17.46 60.56 19.00
N LYS T 144 16.58 59.73 19.54
CA LYS T 144 16.43 59.66 20.99
C LYS T 144 17.68 59.09 21.66
N ARG T 145 18.27 58.04 21.09
CA ARG T 145 19.39 57.39 21.74
C ARG T 145 20.56 58.35 21.89
N ASN T 146 20.93 59.02 20.80
CA ASN T 146 22.15 59.83 20.77
C ASN T 146 21.87 61.30 21.02
N GLN T 147 20.71 61.64 21.57
CA GLN T 147 20.46 63.02 21.94
C GLN T 147 21.34 63.41 23.11
N LEU T 148 21.70 64.69 23.15
CA LEU T 148 22.65 65.17 24.13
C LEU T 148 22.00 65.30 25.49
N TRP T 149 22.86 65.31 26.50
CA TRP T 149 22.49 65.63 27.87
C TRP T 149 23.04 67.00 28.21
N LEU T 150 22.38 67.66 29.16
CA LEU T 150 22.72 69.01 29.55
C LEU T 150 22.65 69.13 31.05
N ARG T 151 23.63 69.81 31.62
CA ARG T 151 23.62 70.07 33.05
C ARG T 151 22.44 70.95 33.40
N LEU T 152 21.79 70.61 34.51
CA LEU T 152 20.64 71.37 34.99
C LEU T 152 21.17 72.46 35.89
N GLN T 153 21.45 73.61 35.30
CA GLN T 153 21.99 74.72 36.05
C GLN T 153 20.89 75.39 36.87
N THR T 154 21.31 76.28 37.76
CA THR T 154 20.42 76.91 38.71
C THR T 154 19.78 78.18 38.15
N THR T 155 20.56 79.01 37.47
CA THR T 155 20.09 80.31 37.00
C THR T 155 20.42 80.61 35.55
N GLY T 156 21.24 79.79 34.89
CA GLY T 156 21.73 80.11 33.56
C GLY T 156 21.55 78.99 32.56
N ASN T 157 20.41 78.32 32.61
CA ASN T 157 20.14 77.26 31.66
C ASN T 157 20.01 77.84 30.26
N VAL T 158 20.34 77.01 29.28
CA VAL T 158 20.41 77.46 27.90
C VAL T 158 19.01 77.58 27.31
N ASP T 159 18.86 78.49 26.37
CA ASP T 159 17.56 78.83 25.79
C ASP T 159 17.30 77.87 24.63
N HIS T 160 16.48 76.86 24.88
CA HIS T 160 15.95 76.06 23.80
C HIS T 160 15.12 76.92 22.87
N VAL T 161 14.86 76.39 21.68
CA VAL T 161 14.24 77.13 20.59
C VAL T 161 13.41 76.13 19.79
N GLY T 162 12.63 76.65 18.84
CA GLY T 162 11.76 75.78 18.07
C GLY T 162 10.40 76.26 17.62
N LEU T 163 10.03 77.53 17.79
CA LEU T 163 8.74 77.95 17.24
C LEU T 163 8.71 79.43 16.92
N GLY T 164 8.06 79.74 15.80
CA GLY T 164 7.78 81.11 15.42
C GLY T 164 6.39 81.21 14.86
N THR T 165 5.77 82.37 15.05
CA THR T 165 4.36 82.57 14.78
C THR T 165 4.16 83.72 13.80
N ALA T 166 2.99 83.72 13.19
CA ALA T 166 2.55 84.81 12.34
C ALA T 166 1.04 84.82 12.35
N PHE T 167 0.46 85.75 13.11
CA PHE T 167 -0.98 85.89 13.23
C PHE T 167 -1.46 87.04 12.37
N GLU T 168 -2.61 86.86 11.75
CA GLU T 168 -3.17 87.87 10.88
C GLU T 168 -3.88 88.92 11.70
N ASN T 169 -3.54 90.18 11.47
CA ASN T 169 -4.12 91.25 12.24
C ASN T 169 -5.62 91.36 11.97
N SER T 170 -6.32 91.99 12.91
CA SER T 170 -7.75 92.15 12.82
C SER T 170 -8.16 93.43 13.52
N ILE T 171 -9.39 93.86 13.24
CA ILE T 171 -9.93 95.06 13.86
C ILE T 171 -10.01 94.89 15.36
N TYR T 172 -10.37 93.70 15.81
CA TYR T 172 -10.58 93.41 17.22
C TYR T 172 -9.33 92.76 17.80
N ASP T 173 -9.17 92.94 19.11
CA ASP T 173 -8.09 92.27 19.81
C ASP T 173 -8.29 90.76 19.76
N GLN T 174 -7.20 90.03 19.59
CA GLN T 174 -7.19 88.58 19.58
C GLN T 174 -6.30 88.15 20.74
N ASP T 175 -6.88 88.04 21.91
CA ASP T 175 -6.16 87.56 23.07
C ASP T 175 -6.09 86.04 23.04
N TYR T 176 -4.98 85.52 23.53
CA TYR T 176 -4.74 84.09 23.59
C TYR T 176 -4.21 83.72 24.97
N ASN T 177 -4.30 82.44 25.28
CA ASN T 177 -3.85 81.88 26.54
C ASN T 177 -2.93 80.72 26.17
N ILE T 178 -1.66 81.00 26.08
CA ILE T 178 -0.70 80.00 25.63
C ILE T 178 -0.31 79.11 26.79
N ARG T 179 -0.17 77.82 26.49
CA ARG T 179 0.30 76.81 27.43
C ARG T 179 1.47 76.10 26.80
N ILE T 180 2.62 76.15 27.46
CA ILE T 180 3.84 75.53 26.97
C ILE T 180 4.11 74.29 27.82
N THR T 181 3.65 73.15 27.34
CA THR T 181 3.93 71.89 27.99
C THR T 181 5.25 71.33 27.49
N MET T 182 6.05 70.82 28.41
CA MET T 182 7.37 70.32 28.14
C MET T 182 7.49 68.91 28.68
N TYR T 183 8.15 68.05 27.90
CA TYR T 183 8.35 66.64 28.24
C TYR T 183 9.85 66.42 28.39
N VAL T 184 10.29 66.37 29.63
CA VAL T 184 11.70 66.39 29.97
C VAL T 184 12.11 65.01 30.43
N GLN T 185 13.42 64.78 30.44
CA GLN T 185 13.99 63.51 30.86
C GLN T 185 15.25 63.82 31.65
N PHE T 186 15.18 63.62 32.97
CA PHE T 186 16.27 63.94 33.87
C PHE T 186 17.14 62.71 34.10
N ARG T 187 18.17 62.86 34.94
CA ARG T 187 19.14 61.82 35.16
C ARG T 187 20.00 62.19 36.37
N GLU T 188 20.61 61.17 36.96
CA GLU T 188 21.56 61.32 38.07
C GLU T 188 20.93 62.02 39.27
N PHE T 189 20.03 61.28 39.91
CA PHE T 189 19.39 61.72 41.15
C PHE T 189 20.43 62.11 42.17
N ASN T 190 20.50 63.40 42.49
CA ASN T 190 21.59 63.99 43.25
C ASN T 190 21.09 64.68 44.51
N LEU T 191 20.21 64.02 45.24
CA LEU T 191 19.65 64.63 46.43
C LEU T 191 20.68 64.63 47.57
N LYS T 192 20.66 65.70 48.34
CA LYS T 192 21.46 65.81 49.55
C LYS T 192 20.58 65.64 50.77
N ASP T 193 21.19 65.20 51.87
CA ASP T 193 20.48 65.00 53.14
C ASP T 193 21.39 65.41 54.28
N PRO T 194 21.50 66.71 54.54
CA PRO T 194 22.20 67.16 55.72
C PRO T 194 21.45 66.76 56.98
N PRO T 195 22.06 66.90 58.15
CA PRO T 195 21.32 66.64 59.39
C PRO T 195 20.36 67.77 59.73
N LEU T 196 19.74 67.70 60.90
CA LEU T 196 18.75 68.68 61.35
C LEU T 196 17.55 68.70 60.42
N TYR U 1 -14.76 6.27 -56.86
CA TYR U 1 -14.63 7.12 -58.04
C TYR U 1 -15.87 7.03 -58.93
N ARG U 2 -17.05 7.29 -58.33
CA ARG U 2 -18.34 7.37 -59.01
C ARG U 2 -18.57 6.15 -59.94
N TRP U 3 -18.90 4.96 -59.41
CA TRP U 3 -19.61 4.70 -58.14
C TRP U 3 -21.03 5.31 -58.05
N ARG U 4 -21.94 4.77 -58.75
CA ARG U 4 -22.77 4.80 -59.94
C ARG U 4 -23.21 6.19 -60.46
N ARG U 5 -23.87 7.10 -59.73
CA ARG U 5 -24.43 7.03 -58.39
C ARG U 5 -25.97 7.17 -58.43
N LYS U 6 -26.42 8.32 -58.96
CA LYS U 6 -27.82 8.68 -59.12
C LYS U 6 -28.11 9.24 -60.51
N ASN U 7 -27.11 9.31 -61.39
CA ASN U 7 -27.15 10.20 -62.55
C ASN U 7 -28.06 9.70 -63.69
N GLY U 8 -29.09 8.92 -63.35
CA GLY U 8 -30.00 8.33 -64.28
C GLY U 8 -30.13 6.84 -64.04
N ILE U 9 -29.46 6.33 -63.02
CA ILE U 9 -29.33 4.91 -62.83
C ILE U 9 -30.67 4.34 -62.43
N PHE U 10 -31.11 3.30 -63.12
CA PHE U 10 -32.37 2.62 -62.83
C PHE U 10 -32.19 1.14 -63.11
N ASN U 11 -31.83 0.40 -62.06
CA ASN U 11 -31.75 -1.04 -62.17
C ASN U 11 -33.16 -1.61 -62.23
N THR U 12 -33.35 -2.57 -63.13
CA THR U 12 -34.66 -3.15 -63.34
C THR U 12 -34.48 -4.57 -63.86
N ARG U 13 -35.58 -5.15 -64.35
CA ARG U 13 -35.62 -6.52 -64.79
C ARG U 13 -36.51 -6.60 -66.02
N LEU U 14 -36.20 -7.56 -66.88
CA LEU U 14 -36.99 -7.83 -68.07
C LEU U 14 -37.01 -9.33 -68.29
N SER U 15 -38.07 -9.78 -68.97
CA SER U 15 -38.27 -11.21 -69.17
C SER U 15 -39.10 -11.43 -70.42
N ARG U 16 -38.87 -12.57 -71.04
CA ARG U 16 -39.66 -13.01 -72.17
C ARG U 16 -39.75 -14.52 -72.11
N THR U 17 -40.44 -15.11 -73.09
CA THR U 17 -40.73 -16.53 -73.06
C THR U 17 -40.80 -17.06 -74.48
N ILE U 18 -40.32 -18.29 -74.65
CA ILE U 18 -40.28 -18.95 -75.95
C ILE U 18 -40.27 -20.45 -75.74
N GLY U 19 -40.74 -21.16 -76.76
CA GLY U 19 -40.75 -22.60 -76.76
C GLY U 19 -39.56 -23.16 -77.51
N TYR U 20 -39.03 -24.28 -77.01
CA TYR U 20 -37.92 -24.98 -77.64
C TYR U 20 -38.25 -26.45 -77.63
N THR U 21 -38.12 -27.09 -78.79
CA THR U 21 -38.67 -28.42 -79.05
C THR U 21 -37.55 -29.31 -79.55
N VAL U 22 -37.09 -30.20 -78.69
CA VAL U 22 -36.16 -31.25 -79.07
C VAL U 22 -36.97 -32.41 -79.63
N LYS U 23 -36.71 -32.76 -80.88
CA LYS U 23 -37.56 -33.67 -81.61
C LYS U 23 -37.17 -35.13 -81.34
N LYS U 24 -37.98 -36.03 -81.85
CA LYS U 24 -37.77 -37.46 -81.71
C LYS U 24 -36.63 -37.93 -82.60
N THR U 25 -36.31 -39.22 -82.46
CA THR U 25 -35.40 -39.90 -83.36
C THR U 25 -35.51 -41.39 -83.11
N THR U 26 -35.50 -42.16 -84.20
CA THR U 26 -35.49 -43.61 -84.07
C THR U 26 -34.14 -44.12 -83.56
N VAL U 27 -33.08 -43.32 -83.65
CA VAL U 27 -31.79 -43.71 -83.11
C VAL U 27 -31.92 -43.99 -81.63
N ARG U 28 -31.22 -45.03 -81.17
CA ARG U 28 -31.20 -45.43 -79.78
C ARG U 28 -29.87 -45.22 -79.11
N THR U 29 -28.79 -45.07 -79.87
CA THR U 29 -27.51 -44.75 -79.28
C THR U 29 -27.57 -43.33 -78.72
N PRO U 30 -26.74 -43.02 -77.72
CA PRO U 30 -26.75 -41.66 -77.18
C PRO U 30 -26.36 -40.64 -78.24
N SER U 31 -27.29 -39.74 -78.54
CA SER U 31 -27.08 -38.68 -79.49
C SER U 31 -27.65 -37.40 -78.91
N TRP U 32 -26.95 -36.30 -79.18
CA TRP U 32 -27.27 -35.00 -78.61
C TRP U 32 -27.76 -34.04 -79.69
N ASN U 33 -28.51 -33.03 -79.24
CA ASN U 33 -29.07 -31.99 -80.10
C ASN U 33 -28.53 -30.66 -79.61
N VAL U 34 -27.62 -30.09 -80.37
CA VAL U 34 -26.89 -28.90 -79.97
C VAL U 34 -27.57 -27.67 -80.54
N ASP U 35 -27.60 -26.60 -79.75
CA ASP U 35 -28.16 -25.34 -80.17
C ASP U 35 -27.60 -24.26 -79.27
N MET U 36 -27.46 -23.06 -79.83
CA MET U 36 -26.94 -21.91 -79.12
C MET U 36 -28.10 -21.08 -78.57
N MET U 37 -27.77 -19.91 -78.04
CA MET U 37 -28.78 -19.00 -77.51
C MET U 37 -28.18 -17.60 -77.44
N ARG U 38 -28.83 -16.65 -78.09
CA ARG U 38 -28.40 -15.27 -78.15
C ARG U 38 -29.39 -14.39 -77.41
N PHE U 39 -28.88 -13.25 -76.94
CA PHE U 39 -29.67 -12.29 -76.17
C PHE U 39 -29.55 -10.93 -76.82
N ASN U 40 -30.69 -10.33 -77.15
CA ASN U 40 -30.74 -9.00 -77.73
C ASN U 40 -31.88 -8.27 -77.08
N ILE U 41 -31.62 -7.03 -76.66
CA ILE U 41 -32.59 -6.31 -75.86
C ILE U 41 -33.80 -5.86 -76.67
N ASN U 42 -33.68 -5.82 -77.99
CA ASN U 42 -34.83 -5.44 -78.80
C ASN U 42 -35.97 -6.42 -78.66
N ASP U 43 -35.67 -7.66 -78.30
CA ASP U 43 -36.69 -8.66 -78.05
C ASP U 43 -37.37 -8.49 -76.70
N PHE U 44 -36.85 -7.61 -75.84
CA PHE U 44 -37.44 -7.31 -74.54
C PHE U 44 -38.12 -5.96 -74.50
N LEU U 45 -37.49 -4.94 -75.09
CA LEU U 45 -38.03 -3.59 -75.10
C LEU U 45 -38.75 -3.35 -76.41
N PRO U 46 -40.08 -3.30 -76.44
CA PRO U 46 -40.75 -2.93 -77.68
C PRO U 46 -40.60 -1.45 -77.97
N PRO U 47 -40.88 -1.02 -79.19
CA PRO U 47 -40.67 0.38 -79.54
C PRO U 47 -41.75 1.29 -79.00
N GLY U 48 -41.35 2.49 -78.62
CA GLY U 48 -42.28 3.48 -78.14
C GLY U 48 -43.00 4.19 -79.26
N GLY U 49 -43.17 5.50 -79.10
CA GLY U 49 -43.82 6.28 -80.13
C GLY U 49 -43.57 7.77 -80.00
N GLY U 50 -43.39 8.43 -81.13
CA GLY U 50 -43.16 9.86 -81.14
C GLY U 50 -41.71 10.22 -80.92
N SER U 51 -41.48 11.29 -80.16
CA SER U 51 -40.11 11.73 -79.89
C SER U 51 -39.37 10.73 -79.03
N ASN U 52 -40.09 9.97 -78.21
CA ASN U 52 -39.49 8.92 -77.39
C ASN U 52 -39.51 7.62 -78.20
N PRO U 53 -38.37 7.15 -78.72
CA PRO U 53 -38.43 6.02 -79.64
C PRO U 53 -38.64 4.69 -78.95
N LEU U 54 -38.14 4.57 -77.72
CA LEU U 54 -38.27 3.36 -76.92
C LEU U 54 -39.39 3.50 -75.90
N THR U 55 -39.72 2.37 -75.28
CA THR U 55 -40.70 2.35 -74.21
C THR U 55 -40.10 2.75 -72.87
N VAL U 56 -38.80 2.61 -72.70
CA VAL U 56 -38.10 2.97 -71.47
C VAL U 56 -37.32 4.25 -71.77
N PRO U 57 -37.56 5.35 -71.06
CA PRO U 57 -36.84 6.58 -71.39
C PRO U 57 -35.44 6.64 -70.78
N PHE U 58 -34.51 5.98 -71.45
CA PHE U 58 -33.11 6.05 -71.08
C PHE U 58 -32.27 5.93 -72.34
N GLU U 59 -31.01 6.36 -72.22
CA GLU U 59 -30.09 6.42 -73.33
C GLU U 59 -29.11 5.25 -73.34
N TYR U 60 -28.42 5.06 -72.23
CA TYR U 60 -27.39 4.03 -72.11
C TYR U 60 -27.94 2.82 -71.38
N TYR U 61 -27.19 1.73 -71.42
CA TYR U 61 -27.56 0.53 -70.70
C TYR U 61 -26.38 -0.42 -70.66
N ARG U 62 -26.45 -1.35 -69.72
CA ARG U 62 -25.47 -2.42 -69.63
C ARG U 62 -26.10 -3.58 -68.88
N ILE U 63 -25.99 -4.77 -69.45
CA ILE U 63 -26.62 -5.95 -68.88
C ILE U 63 -25.71 -6.53 -67.80
N ARG U 64 -26.22 -6.55 -66.57
CA ARG U 64 -25.46 -7.08 -65.46
C ARG U 64 -25.48 -8.60 -65.45
N LYS U 65 -26.67 -9.18 -65.50
CA LYS U 65 -26.84 -10.61 -65.35
C LYS U 65 -27.97 -11.09 -66.22
N VAL U 66 -27.97 -12.39 -66.46
CA VAL U 66 -29.05 -13.07 -67.18
C VAL U 66 -29.36 -14.35 -66.44
N LYS U 67 -30.65 -14.64 -66.31
CA LYS U 67 -31.13 -15.86 -65.66
C LYS U 67 -32.01 -16.59 -66.67
N VAL U 68 -31.44 -17.57 -67.31
CA VAL U 68 -32.20 -18.46 -68.18
C VAL U 68 -32.87 -19.51 -67.31
N GLU U 69 -34.04 -19.97 -67.75
CA GLU U 69 -34.84 -20.93 -67.01
C GLU U 69 -35.49 -21.87 -67.99
N PHE U 70 -35.26 -23.16 -67.80
CA PHE U 70 -35.82 -24.20 -68.67
C PHE U 70 -37.02 -24.83 -67.95
N TRP U 71 -38.11 -24.11 -67.94
CA TRP U 71 -39.34 -24.65 -67.40
C TRP U 71 -39.86 -25.71 -68.35
N PRO U 72 -39.84 -27.00 -68.00
CA PRO U 72 -40.20 -28.03 -68.98
C PRO U 72 -41.67 -28.01 -69.31
N CYS U 73 -42.00 -28.82 -70.30
CA CYS U 73 -43.37 -29.04 -70.72
C CYS U 73 -43.73 -30.52 -70.74
N SER U 74 -42.80 -31.41 -70.43
CA SER U 74 -43.03 -32.84 -70.43
C SER U 74 -43.46 -33.32 -69.05
N PRO U 75 -44.14 -34.45 -68.96
CA PRO U 75 -44.61 -34.92 -67.66
C PRO U 75 -43.53 -35.66 -66.90
N ILE U 76 -43.82 -35.90 -65.63
CA ILE U 76 -42.93 -36.66 -64.79
C ILE U 76 -42.82 -38.11 -65.24
N THR U 77 -43.88 -38.64 -65.84
CA THR U 77 -43.94 -40.06 -66.17
C THR U 77 -43.34 -40.39 -67.52
N GLN U 78 -42.48 -39.53 -68.03
CA GLN U 78 -41.88 -39.75 -69.35
C GLN U 78 -40.63 -40.60 -69.21
N GLY U 79 -40.48 -41.55 -70.13
CA GLY U 79 -39.37 -42.46 -70.12
C GLY U 79 -38.29 -42.09 -71.11
N ASP U 80 -37.32 -42.98 -71.26
CA ASP U 80 -36.14 -42.76 -72.07
C ASP U 80 -35.49 -41.44 -71.70
N ARG U 81 -35.16 -41.33 -70.42
CA ARG U 81 -34.59 -40.11 -69.92
C ARG U 81 -33.19 -39.94 -70.49
N GLY U 82 -32.55 -38.85 -70.10
CA GLY U 82 -31.23 -38.56 -70.62
C GLY U 82 -30.50 -37.59 -69.74
N VAL U 83 -29.47 -37.01 -70.32
CA VAL U 83 -28.63 -36.05 -69.59
C VAL U 83 -27.95 -35.16 -70.61
N GLY U 84 -27.94 -33.87 -70.30
CA GLY U 84 -27.42 -32.86 -71.20
C GLY U 84 -26.42 -31.96 -70.53
N SER U 85 -26.17 -30.79 -71.11
CA SER U 85 -25.17 -29.88 -70.57
C SER U 85 -25.41 -28.49 -71.12
N THR U 86 -25.24 -27.50 -70.25
CA THR U 86 -25.30 -26.09 -70.62
C THR U 86 -23.98 -25.44 -70.25
N ALA U 87 -23.49 -24.60 -71.15
CA ALA U 87 -22.21 -23.96 -70.98
C ALA U 87 -22.32 -22.51 -71.41
N VAL U 88 -21.41 -21.70 -70.89
CA VAL U 88 -21.38 -20.27 -71.10
C VAL U 88 -20.36 -19.97 -72.18
N ILE U 89 -20.79 -19.29 -73.22
CA ILE U 89 -19.97 -18.98 -74.39
C ILE U 89 -20.00 -17.49 -74.58
N LEU U 90 -18.87 -16.83 -74.32
CA LEU U 90 -18.81 -15.38 -74.22
C LEU U 90 -18.16 -14.75 -75.44
N ASP U 91 -18.02 -15.49 -76.54
CA ASP U 91 -17.24 -15.04 -77.69
C ASP U 91 -17.92 -15.27 -79.03
N ASP U 92 -19.18 -15.68 -79.05
CA ASP U 92 -19.92 -15.96 -80.29
C ASP U 92 -19.28 -17.10 -81.07
N ASN U 93 -18.57 -17.98 -80.38
CA ASN U 93 -17.99 -19.18 -80.96
C ASN U 93 -18.69 -20.35 -80.31
N PHE U 94 -19.84 -20.69 -80.86
CA PHE U 94 -20.60 -21.83 -80.41
C PHE U 94 -20.09 -23.07 -81.12
N VAL U 95 -20.73 -24.19 -80.85
CA VAL U 95 -20.38 -25.48 -81.42
C VAL U 95 -21.51 -25.85 -82.36
N THR U 96 -21.15 -26.20 -83.60
CA THR U 96 -22.04 -26.18 -84.74
C THR U 96 -23.40 -26.81 -84.46
N LYS U 97 -24.45 -26.13 -84.91
CA LYS U 97 -25.81 -26.58 -84.72
C LYS U 97 -26.00 -27.95 -85.36
N ALA U 98 -26.50 -28.89 -84.56
CA ALA U 98 -26.62 -30.27 -84.99
C ALA U 98 -27.79 -30.92 -84.30
N ASN U 99 -28.52 -31.75 -85.05
CA ASN U 99 -29.64 -32.48 -84.52
C ASN U 99 -29.23 -33.79 -83.86
N ALA U 100 -28.10 -34.34 -84.25
CA ALA U 100 -27.65 -35.62 -83.71
C ALA U 100 -26.13 -35.63 -83.73
N LEU U 101 -25.52 -35.61 -82.55
CA LEU U 101 -24.09 -35.68 -82.39
C LEU U 101 -23.77 -36.76 -81.38
N THR U 102 -22.73 -37.54 -81.67
CA THR U 102 -22.44 -38.74 -80.91
C THR U 102 -21.82 -38.46 -79.55
N TYR U 103 -21.67 -37.21 -79.16
CA TYR U 103 -21.06 -36.88 -77.88
C TYR U 103 -21.58 -35.54 -77.41
N ASP U 104 -21.38 -35.27 -76.13
CA ASP U 104 -21.77 -34.02 -75.51
C ASP U 104 -20.59 -33.07 -75.57
N PRO U 105 -20.57 -32.10 -76.48
CA PRO U 105 -19.37 -31.27 -76.60
C PRO U 105 -19.21 -30.29 -75.46
N TYR U 106 -20.31 -29.88 -74.82
CA TYR U 106 -20.26 -28.93 -73.73
C TYR U 106 -20.11 -29.61 -72.37
N VAL U 107 -19.60 -30.84 -72.34
CA VAL U 107 -19.54 -31.58 -71.09
C VAL U 107 -18.27 -31.24 -70.31
N ASN U 108 -17.14 -31.13 -70.98
CA ASN U 108 -15.89 -30.83 -70.33
C ASN U 108 -15.64 -29.34 -70.17
N TYR U 109 -16.52 -28.50 -70.70
CA TYR U 109 -16.40 -27.07 -70.50
C TYR U 109 -16.43 -26.74 -69.02
N SER U 110 -15.54 -25.84 -68.61
CA SER U 110 -15.45 -25.46 -67.21
C SER U 110 -16.74 -24.83 -66.71
N SER U 111 -17.49 -24.17 -67.60
CA SER U 111 -18.76 -23.56 -67.25
C SER U 111 -19.93 -24.52 -67.42
N ARG U 112 -19.69 -25.82 -67.33
CA ARG U 112 -20.73 -26.81 -67.55
C ARG U 112 -21.56 -26.97 -66.29
N HIS U 113 -22.87 -26.96 -66.47
CA HIS U 113 -23.84 -27.27 -65.42
C HIS U 113 -24.78 -28.30 -65.99
N THR U 114 -24.84 -29.47 -65.36
CA THR U 114 -25.54 -30.60 -65.93
C THR U 114 -27.04 -30.36 -65.96
N ILE U 115 -27.68 -30.91 -66.98
CA ILE U 115 -29.13 -30.93 -67.10
C ILE U 115 -29.59 -32.34 -66.84
N THR U 116 -30.63 -32.48 -66.03
CA THR U 116 -31.41 -33.69 -65.96
C THR U 116 -32.62 -33.50 -66.87
N GLN U 117 -32.98 -34.56 -67.56
CA GLN U 117 -34.01 -34.50 -68.58
C GLN U 117 -35.06 -35.58 -68.32
N PRO U 118 -36.27 -35.43 -68.87
CA PRO U 118 -36.86 -34.33 -69.62
C PRO U 118 -37.84 -33.47 -68.83
N PHE U 119 -37.97 -33.73 -67.53
CA PHE U 119 -39.00 -33.10 -66.72
C PHE U 119 -38.44 -32.19 -65.63
N SER U 120 -37.16 -31.91 -65.64
CA SER U 120 -36.53 -31.15 -64.58
C SER U 120 -36.34 -29.69 -64.99
N TYR U 121 -36.11 -28.86 -63.98
CA TYR U 121 -35.86 -27.44 -64.14
C TYR U 121 -34.37 -27.17 -64.05
N HIS U 122 -33.89 -26.27 -64.90
CA HIS U 122 -32.48 -25.91 -64.94
C HIS U 122 -32.36 -24.42 -65.17
N SER U 123 -31.46 -23.79 -64.43
CA SER U 123 -31.27 -22.35 -64.45
C SER U 123 -29.79 -22.02 -64.47
N ARG U 124 -29.47 -20.90 -65.10
CA ARG U 124 -28.09 -20.48 -65.30
C ARG U 124 -28.04 -18.97 -65.14
N TYR U 125 -27.46 -18.52 -64.03
CA TYR U 125 -27.39 -17.11 -63.66
C TYR U 125 -25.97 -16.65 -63.86
N PHE U 126 -25.75 -15.90 -64.94
CA PHE U 126 -24.41 -15.52 -65.35
C PHE U 126 -24.42 -14.12 -65.93
N THR U 127 -23.22 -13.62 -66.19
CA THR U 127 -23.01 -12.32 -66.80
C THR U 127 -22.71 -12.49 -68.27
N PRO U 128 -23.55 -12.02 -69.19
CA PRO U 128 -23.21 -12.09 -70.60
C PRO U 128 -22.25 -10.98 -70.98
N LYS U 129 -21.80 -11.05 -72.24
CA LYS U 129 -20.90 -10.07 -72.79
C LYS U 129 -21.40 -9.70 -74.18
N PRO U 130 -21.13 -8.50 -74.65
CA PRO U 130 -21.59 -8.10 -75.97
C PRO U 130 -20.59 -8.49 -77.06
N VAL U 131 -21.06 -8.34 -78.29
CA VAL U 131 -20.29 -8.68 -79.47
C VAL U 131 -19.82 -7.36 -80.05
N LEU U 132 -18.63 -6.93 -79.66
CA LEU U 132 -18.05 -5.69 -80.15
C LEU U 132 -17.36 -5.90 -81.49
N ASP U 133 -16.60 -6.98 -81.62
CA ASP U 133 -15.88 -7.28 -82.85
C ASP U 133 -15.97 -8.78 -83.11
N ARG U 134 -16.66 -9.15 -84.18
CA ARG U 134 -16.80 -10.56 -84.51
C ARG U 134 -15.49 -11.16 -85.00
N THR U 135 -14.69 -10.37 -85.72
CA THR U 135 -13.42 -10.87 -86.22
C THR U 135 -12.48 -11.23 -85.08
N ILE U 136 -12.44 -10.38 -84.06
CA ILE U 136 -11.49 -10.51 -82.97
C ILE U 136 -12.11 -11.24 -81.79
N ASP U 137 -13.38 -10.97 -81.53
CA ASP U 137 -14.14 -11.63 -80.48
C ASP U 137 -13.47 -11.45 -79.11
N TYR U 138 -13.41 -10.19 -78.69
CA TYR U 138 -12.90 -9.84 -77.38
C TYR U 138 -14.02 -9.50 -76.43
N PHE U 139 -13.73 -9.62 -75.14
CA PHE U 139 -14.67 -9.30 -74.09
C PHE U 139 -13.89 -9.11 -72.82
N GLN U 140 -14.49 -8.40 -71.89
CA GLN U 140 -13.81 -8.04 -70.67
C GLN U 140 -14.28 -8.91 -69.50
N PRO U 141 -13.53 -8.96 -68.42
CA PRO U 141 -13.95 -9.77 -67.28
C PRO U 141 -15.19 -9.24 -66.61
N ASN U 142 -15.59 -9.90 -65.53
CA ASN U 142 -16.74 -9.49 -64.76
C ASN U 142 -16.28 -8.53 -63.68
N ASN U 143 -16.45 -7.25 -63.93
CA ASN U 143 -16.19 -6.21 -62.94
C ASN U 143 -17.28 -5.17 -63.06
N LYS U 144 -18.04 -4.99 -62.00
CA LYS U 144 -19.22 -4.14 -62.07
C LYS U 144 -18.84 -2.68 -62.30
N ARG U 145 -17.82 -2.19 -61.59
CA ARG U 145 -17.47 -0.77 -61.68
C ARG U 145 -17.08 -0.40 -63.09
N ASN U 146 -16.18 -1.16 -63.70
CA ASN U 146 -15.58 -0.81 -64.98
C ASN U 146 -16.27 -1.50 -66.15
N GLN U 147 -17.48 -2.03 -65.96
CA GLN U 147 -18.22 -2.59 -67.07
C GLN U 147 -18.65 -1.47 -68.00
N LEU U 148 -18.73 -1.81 -69.29
CA LEU U 148 -18.99 -0.83 -70.31
C LEU U 148 -20.46 -0.42 -70.31
N TRP U 149 -20.71 0.75 -70.88
CA TRP U 149 -22.03 1.23 -71.18
C TRP U 149 -22.26 1.16 -72.68
N LEU U 150 -23.53 1.05 -73.06
CA LEU U 150 -23.91 0.89 -74.44
C LEU U 150 -25.13 1.73 -74.74
N ARG U 151 -25.10 2.40 -75.87
CA ARG U 151 -26.25 3.18 -76.30
C ARG U 151 -27.43 2.27 -76.53
N LEU U 152 -28.60 2.72 -76.09
CA LEU U 152 -29.83 1.96 -76.26
C LEU U 152 -30.43 2.37 -77.58
N GLN U 153 -30.07 1.63 -78.62
CA GLN U 153 -30.55 1.92 -79.95
C GLN U 153 -31.99 1.45 -80.10
N THR U 154 -32.60 1.88 -81.20
CA THR U 154 -34.01 1.64 -81.45
C THR U 154 -34.26 0.31 -82.15
N THR U 155 -33.44 -0.04 -83.15
CA THR U 155 -33.65 -1.21 -83.97
C THR U 155 -32.42 -2.07 -84.17
N GLY U 156 -31.24 -1.62 -83.78
CA GLY U 156 -30.00 -2.29 -84.10
C GLY U 156 -29.11 -2.53 -82.89
N ASN U 157 -29.69 -2.89 -81.77
CA ASN U 157 -28.90 -3.17 -80.59
C ASN U 157 -28.04 -4.41 -80.81
N VAL U 158 -26.92 -4.45 -80.12
CA VAL U 158 -25.93 -5.48 -80.34
C VAL U 158 -26.37 -6.78 -79.67
N ASP U 159 -25.95 -7.89 -80.24
CA ASP U 159 -26.38 -9.21 -79.81
C ASP U 159 -25.45 -9.68 -78.69
N HIS U 160 -25.92 -9.57 -77.46
CA HIS U 160 -25.25 -10.21 -76.35
C HIS U 160 -25.25 -11.72 -76.55
N VAL U 161 -24.37 -12.38 -75.80
CA VAL U 161 -24.10 -13.79 -75.96
C VAL U 161 -23.79 -14.36 -74.58
N GLY U 162 -23.65 -15.69 -74.51
CA GLY U 162 -23.40 -16.31 -73.23
C GLY U 162 -24.01 -17.67 -72.91
N LEU U 163 -24.64 -18.38 -73.84
CA LEU U 163 -25.11 -19.72 -73.50
C LEU U 163 -25.21 -20.62 -74.70
N GLY U 164 -24.83 -21.87 -74.50
CA GLY U 164 -25.01 -22.92 -75.48
C GLY U 164 -25.46 -24.18 -74.79
N THR U 165 -26.23 -24.98 -75.52
CA THR U 165 -26.93 -26.13 -74.97
C THR U 165 -26.57 -27.39 -75.71
N ALA U 166 -26.82 -28.52 -75.05
CA ALA U 166 -26.69 -29.83 -75.66
C ALA U 166 -27.63 -30.77 -74.93
N PHE U 167 -28.76 -31.07 -75.55
CA PHE U 167 -29.77 -31.95 -74.99
C PHE U 167 -29.66 -33.32 -75.62
N GLU U 168 -29.86 -34.35 -74.81
CA GLU U 168 -29.76 -35.71 -75.26
C GLU U 168 -31.06 -36.12 -75.94
N ASN U 169 -30.95 -36.63 -77.17
CA ASN U 169 -32.13 -36.99 -77.92
C ASN U 169 -32.87 -38.14 -77.24
N SER U 170 -34.14 -38.27 -77.59
CA SER U 170 -34.98 -39.29 -77.00
C SER U 170 -36.05 -39.70 -78.01
N ILE U 171 -36.68 -40.84 -77.72
CA ILE U 171 -37.74 -41.34 -78.59
C ILE U 171 -38.90 -40.35 -78.63
N TYR U 172 -39.20 -39.74 -77.49
CA TYR U 172 -40.33 -38.84 -77.34
C TYR U 172 -39.88 -37.40 -77.48
N ASP U 173 -40.80 -36.55 -77.91
CA ASP U 173 -40.52 -35.12 -77.95
C ASP U 173 -40.28 -34.59 -76.56
N GLN U 174 -39.32 -33.68 -76.44
CA GLN U 174 -38.98 -33.01 -75.20
C GLN U 174 -39.22 -31.52 -75.44
N ASP U 175 -40.44 -31.09 -75.22
CA ASP U 175 -40.77 -29.69 -75.33
C ASP U 175 -40.38 -28.97 -74.06
N TYR U 176 -39.95 -27.72 -74.22
CA TYR U 176 -39.54 -26.87 -73.12
C TYR U 176 -40.18 -25.51 -73.27
N ASN U 177 -40.20 -24.77 -72.15
CA ASN U 177 -40.75 -23.43 -72.08
C ASN U 177 -39.66 -22.57 -71.47
N ILE U 178 -38.86 -21.95 -72.33
CA ILE U 178 -37.71 -21.19 -71.88
C ILE U 178 -38.16 -19.80 -71.46
N ARG U 179 -37.56 -19.32 -70.38
CA ARG U 179 -37.77 -17.97 -69.89
C ARG U 179 -36.41 -17.31 -69.75
N ILE U 180 -36.22 -16.20 -70.45
CA ILE U 180 -34.96 -15.47 -70.43
C ILE U 180 -35.18 -14.20 -69.64
N THR U 181 -34.83 -14.25 -68.36
CA THR U 181 -34.89 -13.09 -67.50
C THR U 181 -33.57 -12.33 -67.59
N MET U 182 -33.68 -11.01 -67.68
CA MET U 182 -32.54 -10.13 -67.85
C MET U 182 -32.56 -9.06 -66.78
N TYR U 183 -31.39 -8.76 -66.25
CA TYR U 183 -31.22 -7.77 -65.19
C TYR U 183 -30.36 -6.64 -65.75
N VAL U 184 -31.02 -5.55 -66.10
CA VAL U 184 -30.42 -4.47 -66.86
C VAL U 184 -30.20 -3.30 -65.94
N GLN U 185 -29.37 -2.36 -66.39
CA GLN U 185 -29.05 -1.16 -65.65
C GLN U 185 -28.95 -0.01 -66.63
N PHE U 186 -29.95 0.87 -66.62
CA PHE U 186 -30.04 1.97 -67.56
C PHE U 186 -29.41 3.22 -66.96
N ARG U 187 -29.45 4.31 -67.72
CA ARG U 187 -28.79 5.54 -67.33
C ARG U 187 -29.26 6.67 -68.25
N GLU U 188 -29.12 7.90 -67.76
CA GLU U 188 -29.40 9.12 -68.51
C GLU U 188 -30.86 9.17 -68.98
N PHE U 189 -31.73 9.36 -68.00
CA PHE U 189 -33.16 9.55 -68.24
C PHE U 189 -33.39 10.66 -69.24
N ASN U 190 -33.87 10.30 -70.43
CA ASN U 190 -33.91 11.19 -71.58
C ASN U 190 -35.31 11.38 -72.12
N LEU U 191 -36.27 11.59 -71.23
CA LEU U 191 -37.65 11.72 -71.65
C LEU U 191 -37.88 13.07 -72.32
N LYS U 192 -38.71 13.06 -73.34
CA LYS U 192 -39.16 14.27 -74.01
C LYS U 192 -40.60 14.58 -73.59
N ASP U 193 -40.96 15.85 -73.68
CA ASP U 193 -42.30 16.32 -73.36
C ASP U 193 -42.70 17.42 -74.31
N PRO U 194 -43.12 17.05 -75.52
CA PRO U 194 -43.69 18.04 -76.43
C PRO U 194 -45.02 18.55 -75.90
N PRO U 195 -45.56 19.60 -76.48
CA PRO U 195 -46.90 20.05 -76.08
C PRO U 195 -47.99 19.15 -76.64
N LEU U 196 -49.25 19.54 -76.44
CA LEU U 196 -50.41 18.76 -76.88
C LEU U 196 -50.45 17.42 -76.16
N TYR V 1 8.46 -31.70 -49.26
CA TYR V 1 9.46 -32.23 -50.17
C TYR V 1 8.92 -32.31 -51.61
N ARG V 2 8.43 -31.17 -52.11
CA ARG V 2 7.98 -30.98 -53.49
C ARG V 2 7.01 -32.10 -53.92
N TRP V 3 5.74 -32.11 -53.48
CA TRP V 3 4.92 -30.93 -53.07
C TRP V 3 4.70 -29.89 -54.18
N ARG V 4 3.92 -30.19 -55.13
CA ARG V 4 3.75 -30.64 -56.51
C ARG V 4 4.79 -30.15 -57.53
N ARG V 5 5.08 -28.87 -57.78
CA ARG V 5 4.50 -27.64 -57.27
C ARG V 5 3.85 -26.83 -58.43
N LYS V 6 4.69 -26.47 -59.40
CA LYS V 6 4.31 -25.72 -60.61
C LYS V 6 4.89 -26.35 -61.87
N ASN V 7 5.63 -27.45 -61.76
CA ASN V 7 6.57 -27.87 -62.80
C ASN V 7 5.90 -28.49 -64.03
N GLY V 8 4.66 -28.08 -64.32
CA GLY V 8 3.88 -28.59 -65.41
C GLY V 8 2.51 -29.03 -64.94
N ILE V 9 2.23 -28.85 -63.65
CA ILE V 9 1.06 -29.43 -63.04
C ILE V 9 -0.18 -28.73 -63.57
N PHE V 10 -1.14 -29.51 -64.04
CA PHE V 10 -2.40 -28.97 -64.55
C PHE V 10 -3.51 -29.94 -64.18
N ASN V 11 -4.14 -29.69 -63.06
CA ASN V 11 -5.30 -30.48 -62.67
C ASN V 11 -6.48 -30.08 -63.53
N THR V 12 -7.21 -31.08 -63.99
CA THR V 12 -8.33 -30.86 -64.88
C THR V 12 -9.34 -31.99 -64.71
N ARG V 13 -10.28 -32.06 -65.63
CA ARG V 13 -11.38 -32.99 -65.58
C ARG V 13 -11.67 -33.48 -66.98
N LEU V 14 -12.16 -34.71 -67.06
CA LEU V 14 -12.57 -35.32 -68.32
C LEU V 14 -13.81 -36.16 -68.07
N SER V 15 -14.59 -36.34 -69.12
CA SER V 15 -15.86 -37.04 -69.00
C SER V 15 -16.23 -37.64 -70.34
N ARG V 16 -16.96 -38.74 -70.27
CA ARG V 16 -17.53 -39.38 -71.45
C ARG V 16 -18.86 -39.98 -71.04
N THR V 17 -19.52 -40.63 -72.00
CA THR V 17 -20.87 -41.12 -71.79
C THR V 17 -21.08 -42.38 -72.61
N ILE V 18 -21.86 -43.31 -72.05
CA ILE V 18 -22.14 -44.57 -72.69
C ILE V 18 -23.45 -45.12 -72.14
N GLY V 19 -24.09 -45.97 -72.93
CA GLY V 19 -25.33 -46.62 -72.54
C GLY V 19 -25.05 -48.02 -72.04
N TYR V 20 -25.81 -48.42 -71.02
CA TYR V 20 -25.73 -49.77 -70.47
C TYR V 20 -27.15 -50.28 -70.29
N THR V 21 -27.39 -51.49 -70.78
CA THR V 21 -28.73 -52.02 -70.96
C THR V 21 -28.84 -53.36 -70.24
N VAL V 22 -29.52 -53.35 -69.10
CA VAL V 22 -29.87 -54.59 -68.41
C VAL V 22 -31.15 -55.12 -69.02
N LYS V 23 -31.08 -56.33 -69.56
CA LYS V 23 -32.15 -56.86 -70.38
C LYS V 23 -33.22 -57.54 -69.52
N LYS V 24 -34.30 -57.92 -70.18
CA LYS V 24 -35.42 -58.58 -69.54
C LYS V 24 -35.09 -60.02 -69.20
N THR V 25 -36.02 -60.67 -68.52
CA THR V 25 -35.97 -62.10 -68.27
C THR V 25 -37.34 -62.54 -67.78
N THR V 26 -37.79 -63.70 -68.26
CA THR V 26 -39.02 -64.29 -67.76
C THR V 26 -38.87 -64.82 -66.35
N VAL V 27 -37.64 -65.03 -65.88
CA VAL V 27 -37.41 -65.47 -64.50
C VAL V 27 -37.99 -64.44 -63.56
N ARG V 28 -38.60 -64.94 -62.48
CA ARG V 28 -39.19 -64.11 -61.45
C ARG V 28 -38.46 -64.19 -60.12
N THR V 29 -37.65 -65.21 -59.91
CA THR V 29 -36.85 -65.27 -58.71
C THR V 29 -35.78 -64.18 -58.78
N PRO V 30 -35.28 -63.72 -57.62
CA PRO V 30 -34.24 -62.70 -57.65
C PRO V 30 -32.98 -63.20 -58.35
N SER V 31 -32.65 -62.53 -59.45
CA SER V 31 -31.46 -62.84 -60.22
C SER V 31 -30.77 -61.56 -60.60
N TRP V 32 -29.45 -61.58 -60.59
CA TRP V 32 -28.63 -60.41 -60.81
C TRP V 32 -27.86 -60.51 -62.12
N ASN V 33 -27.47 -59.35 -62.63
CA ASN V 33 -26.73 -59.22 -63.88
C ASN V 33 -25.41 -58.53 -63.56
N VAL V 34 -24.33 -59.28 -63.57
CA VAL V 34 -23.04 -58.79 -63.12
C VAL V 34 -22.24 -58.30 -64.32
N ASP V 35 -21.49 -57.22 -64.11
CA ASP V 35 -20.64 -56.67 -65.14
C ASP V 35 -19.61 -55.79 -64.46
N MET V 36 -18.43 -55.71 -65.06
CA MET V 36 -17.33 -54.94 -64.55
C MET V 36 -17.31 -53.56 -65.23
N MET V 37 -16.26 -52.80 -64.98
CA MET V 37 -16.10 -51.49 -65.59
C MET V 37 -14.63 -51.09 -65.51
N ARG V 38 -14.03 -50.81 -66.67
CA ARG V 38 -12.64 -50.43 -66.78
C ARG V 38 -12.53 -48.98 -67.24
N PHE V 39 -11.41 -48.37 -66.90
CA PHE V 39 -11.14 -46.98 -67.22
C PHE V 39 -9.81 -46.89 -67.94
N ASN V 40 -9.83 -46.28 -69.12
CA ASN V 40 -8.62 -46.07 -69.90
C ASN V 40 -8.69 -44.68 -70.50
N ILE V 41 -7.60 -43.93 -70.38
CA ILE V 41 -7.63 -42.52 -70.73
C ILE V 41 -7.71 -42.31 -72.22
N ASN V 42 -7.37 -43.32 -73.02
CA ASN V 42 -7.47 -43.17 -74.47
C ASN V 42 -8.91 -42.95 -74.91
N ASP V 43 -9.87 -43.41 -74.12
CA ASP V 43 -11.28 -43.17 -74.40
C ASP V 43 -11.72 -41.76 -74.04
N PHE V 44 -10.88 -40.99 -73.36
CA PHE V 44 -11.16 -39.61 -73.01
C PHE V 44 -10.37 -38.62 -73.84
N LEU V 45 -9.09 -38.88 -74.07
CA LEU V 45 -8.22 -38.01 -74.82
C LEU V 45 -8.14 -38.49 -76.26
N PRO V 46 -8.75 -37.82 -77.23
CA PRO V 46 -8.56 -38.24 -78.61
C PRO V 46 -7.18 -37.85 -79.10
N PRO V 47 -6.74 -38.40 -80.22
CA PRO V 47 -5.38 -38.13 -80.68
C PRO V 47 -5.26 -36.76 -81.35
N GLY V 48 -4.12 -36.13 -81.15
CA GLY V 48 -3.84 -34.85 -81.77
C GLY V 48 -3.39 -35.00 -83.20
N GLY V 49 -2.41 -34.20 -83.59
CA GLY V 49 -1.88 -34.26 -84.93
C GLY V 49 -0.53 -33.61 -85.08
N GLY V 50 0.34 -34.22 -85.87
CA GLY V 50 1.66 -33.68 -86.12
C GLY V 50 2.65 -34.09 -85.06
N SER V 51 3.53 -33.16 -84.69
CA SER V 51 4.53 -33.43 -83.67
C SER V 51 3.90 -33.62 -82.31
N ASN V 52 2.75 -33.01 -82.07
CA ASN V 52 2.02 -33.20 -80.83
C ASN V 52 1.06 -34.37 -81.00
N PRO V 53 1.33 -35.55 -80.41
CA PRO V 53 0.51 -36.72 -80.74
C PRO V 53 -0.84 -36.71 -80.06
N LEU V 54 -0.91 -36.12 -78.88
CA LEU V 54 -2.13 -36.02 -78.11
C LEU V 54 -2.78 -34.65 -78.27
N THR V 55 -4.02 -34.55 -77.78
CA THR V 55 -4.73 -33.28 -77.77
C THR V 55 -4.33 -32.41 -76.58
N VAL V 56 -3.83 -33.01 -75.52
CA VAL V 56 -3.39 -32.29 -74.32
C VAL V 56 -1.87 -32.31 -74.33
N PRO V 57 -1.20 -31.15 -74.34
CA PRO V 57 0.26 -31.20 -74.39
C PRO V 57 0.91 -31.42 -73.02
N PHE V 58 0.95 -32.68 -72.62
CA PHE V 58 1.64 -33.08 -71.41
C PHE V 58 2.21 -34.47 -71.61
N GLU V 59 3.17 -34.82 -70.75
CA GLU V 59 3.90 -36.07 -70.86
C GLU V 59 3.42 -37.10 -69.84
N TYR V 60 3.39 -36.73 -68.58
CA TYR V 60 3.02 -37.61 -67.50
C TYR V 60 1.58 -37.36 -67.07
N TYR V 61 1.05 -38.27 -66.26
CA TYR V 61 -0.28 -38.11 -65.72
C TYR V 61 -0.49 -39.11 -64.60
N ARG V 62 -1.48 -38.81 -63.76
CA ARG V 62 -1.91 -39.73 -62.72
C ARG V 62 -3.34 -39.40 -62.36
N ILE V 63 -4.19 -40.41 -62.32
CA ILE V 63 -5.61 -40.22 -62.06
C ILE V 63 -5.83 -40.14 -60.56
N ARG V 64 -6.33 -39.00 -60.11
CA ARG V 64 -6.61 -38.80 -58.70
C ARG V 64 -7.90 -39.49 -58.28
N LYS V 65 -8.99 -39.21 -58.99
CA LYS V 65 -10.30 -39.66 -58.62
C LYS V 65 -11.12 -39.97 -59.86
N VAL V 66 -12.18 -40.74 -59.65
CA VAL V 66 -13.15 -41.04 -60.69
C VAL V 66 -14.53 -40.92 -60.07
N LYS V 67 -15.45 -40.32 -60.81
CA LYS V 67 -16.84 -40.18 -60.39
C LYS V 67 -17.70 -40.81 -61.46
N VAL V 68 -18.13 -42.01 -61.21
CA VAL V 68 -19.10 -42.68 -62.05
C VAL V 68 -20.49 -42.19 -61.67
N GLU V 69 -21.38 -42.15 -62.66
CA GLU V 69 -22.73 -41.63 -62.47
C GLU V 69 -23.67 -42.47 -63.32
N PHE V 70 -24.68 -43.04 -62.67
CA PHE V 70 -25.68 -43.87 -63.33
C PHE V 70 -26.94 -43.04 -63.54
N TRP V 71 -26.89 -42.15 -64.51
CA TRP V 71 -28.07 -41.40 -64.87
C TRP V 71 -29.05 -42.32 -65.56
N PRO V 72 -30.19 -42.67 -64.95
CA PRO V 72 -31.06 -43.67 -65.56
C PRO V 72 -31.73 -43.17 -66.81
N CYS V 73 -32.39 -44.12 -67.47
CA CYS V 73 -33.19 -43.85 -68.65
C CYS V 73 -34.61 -44.36 -68.50
N SER V 74 -34.95 -45.00 -67.40
CA SER V 74 -36.28 -45.54 -67.17
C SER V 74 -37.14 -44.54 -66.43
N PRO V 75 -38.47 -44.66 -66.54
CA PRO V 75 -39.33 -43.69 -65.89
C PRO V 75 -39.56 -44.01 -64.43
N ILE V 76 -40.14 -43.04 -63.74
CA ILE V 76 -40.49 -43.20 -62.34
C ILE V 76 -41.57 -44.27 -62.16
N THR V 77 -42.44 -44.43 -63.15
CA THR V 77 -43.62 -45.27 -63.02
C THR V 77 -43.33 -46.72 -63.39
N GLN V 78 -42.08 -47.15 -63.35
CA GLN V 78 -41.72 -48.50 -63.73
C GLN V 78 -41.83 -49.42 -62.52
N GLY V 79 -42.38 -50.61 -62.75
CA GLY V 79 -42.61 -51.58 -61.71
C GLY V 79 -41.55 -52.67 -61.71
N ASP V 80 -41.79 -53.66 -60.87
CA ASP V 80 -40.86 -54.76 -60.63
C ASP V 80 -39.49 -54.20 -60.30
N ARG V 81 -39.46 -53.38 -59.25
CA ARG V 81 -38.23 -52.72 -58.86
C ARG V 81 -37.27 -53.77 -58.30
N GLY V 82 -36.10 -53.31 -57.90
CA GLY V 82 -35.11 -54.21 -57.39
C GLY V 82 -34.08 -53.49 -56.57
N VAL V 83 -32.96 -54.15 -56.38
CA VAL V 83 -31.88 -53.60 -55.58
C VAL V 83 -30.58 -54.27 -56.01
N GLY V 84 -29.55 -53.46 -56.17
CA GLY V 84 -28.26 -53.92 -56.67
C GLY V 84 -27.12 -53.51 -55.78
N SER V 85 -25.90 -53.52 -56.30
CA SER V 85 -24.74 -53.20 -55.50
C SER V 85 -23.58 -52.84 -56.41
N THR V 86 -22.83 -51.84 -56.01
CA THR V 86 -21.60 -51.42 -56.67
C THR V 86 -20.45 -51.51 -55.69
N ALA V 87 -19.33 -52.04 -56.16
CA ALA V 87 -18.17 -52.26 -55.33
C ALA V 87 -16.93 -51.85 -56.08
N VAL V 88 -15.88 -51.56 -55.33
CA VAL V 88 -14.63 -51.06 -55.85
C VAL V 88 -13.65 -52.23 -55.91
N ILE V 89 -13.10 -52.46 -57.09
CA ILE V 89 -12.22 -53.59 -57.36
C ILE V 89 -10.93 -53.02 -57.92
N LEU V 90 -9.86 -53.08 -57.14
CA LEU V 90 -8.63 -52.39 -57.44
C LEU V 90 -7.54 -53.31 -57.95
N ASP V 91 -7.90 -54.54 -58.36
CA ASP V 91 -6.91 -55.56 -58.69
C ASP V 91 -7.19 -56.31 -59.98
N ASP V 92 -8.18 -55.88 -60.77
CA ASP V 92 -8.54 -56.55 -62.01
C ASP V 92 -9.05 -57.96 -61.76
N ASN V 93 -9.56 -58.21 -60.56
CA ASN V 93 -10.17 -59.49 -60.19
C ASN V 93 -11.63 -59.20 -59.95
N PHE V 94 -12.39 -59.18 -61.03
CA PHE V 94 -13.82 -59.00 -60.94
C PHE V 94 -14.47 -60.35 -60.70
N VAL V 95 -15.79 -60.35 -60.67
CA VAL V 95 -16.58 -61.54 -60.44
C VAL V 95 -17.29 -61.82 -61.75
N THR V 96 -17.19 -63.07 -62.20
CA THR V 96 -17.41 -63.46 -63.59
C THR V 96 -18.67 -62.88 -64.19
N LYS V 97 -18.54 -62.37 -65.40
CA LYS V 97 -19.66 -61.76 -66.11
C LYS V 97 -20.78 -62.75 -66.28
N ALA V 98 -21.98 -62.35 -65.85
CA ALA V 98 -23.12 -63.25 -65.83
C ALA V 98 -24.39 -62.46 -66.03
N ASN V 99 -25.31 -63.03 -66.80
CA ASN V 99 -26.60 -62.41 -67.04
C ASN V 99 -27.62 -62.72 -65.96
N ALA V 100 -27.44 -63.84 -65.25
CA ALA V 100 -28.39 -64.26 -64.23
C ALA V 100 -27.62 -65.03 -63.17
N LEU V 101 -27.53 -64.46 -61.97
CA LEU V 101 -26.89 -65.09 -60.84
C LEU V 101 -27.83 -65.01 -59.65
N THR V 102 -27.91 -66.10 -58.90
CA THR V 102 -28.91 -66.23 -57.86
C THR V 102 -28.61 -65.42 -56.63
N TYR V 103 -27.55 -64.63 -56.60
CA TYR V 103 -27.21 -63.84 -55.43
C TYR V 103 -26.42 -62.62 -55.87
N ASP V 104 -26.35 -61.66 -54.96
CA ASP V 104 -25.59 -60.43 -55.18
C ASP V 104 -24.18 -60.63 -54.65
N PRO V 105 -23.18 -60.87 -55.51
CA PRO V 105 -21.86 -61.16 -54.97
C PRO V 105 -21.17 -59.95 -54.38
N TYR V 106 -21.50 -58.76 -54.86
CA TYR V 106 -20.88 -57.54 -54.37
C TYR V 106 -21.62 -56.93 -53.19
N VAL V 107 -22.41 -57.72 -52.47
CA VAL V 107 -23.23 -57.18 -51.39
C VAL V 107 -22.45 -57.08 -50.09
N ASN V 108 -21.66 -58.09 -49.77
CA ASN V 108 -20.90 -58.10 -48.53
C ASN V 108 -19.55 -57.42 -48.67
N TYR V 109 -19.17 -56.99 -49.88
CA TYR V 109 -17.95 -56.24 -50.05
C TYR V 109 -17.96 -54.98 -49.20
N SER V 110 -16.83 -54.71 -48.56
CA SER V 110 -16.73 -53.55 -47.69
C SER V 110 -16.94 -52.26 -48.45
N SER V 111 -16.60 -52.23 -49.73
CA SER V 111 -16.79 -51.06 -50.58
C SER V 111 -18.16 -51.04 -51.25
N ARG V 112 -19.14 -51.69 -50.65
CA ARG V 112 -20.46 -51.79 -51.26
C ARG V 112 -21.26 -50.52 -50.97
N HIS V 113 -21.88 -50.00 -52.02
CA HIS V 113 -22.82 -48.89 -51.92
C HIS V 113 -24.06 -49.31 -52.67
N THR V 114 -25.19 -49.35 -51.98
CA THR V 114 -26.39 -49.94 -52.53
C THR V 114 -26.93 -49.09 -53.67
N ILE V 115 -27.54 -49.79 -54.64
CA ILE V 115 -28.26 -49.16 -55.73
C ILE V 115 -29.74 -49.39 -55.49
N THR V 116 -30.52 -48.34 -55.66
CA THR V 116 -31.95 -48.46 -55.83
C THR V 116 -32.24 -48.44 -57.32
N GLN V 117 -33.19 -49.24 -57.74
CA GLN V 117 -33.48 -49.46 -59.14
C GLN V 117 -34.95 -49.25 -59.41
N PRO V 118 -35.34 -48.97 -60.66
CA PRO V 118 -34.56 -48.72 -61.88
C PRO V 118 -34.49 -47.26 -62.29
N PHE V 119 -35.00 -46.35 -61.46
CA PHE V 119 -35.14 -44.95 -61.83
C PHE V 119 -34.30 -44.01 -60.98
N SER V 120 -33.41 -44.53 -60.16
CA SER V 120 -32.65 -43.72 -59.23
C SER V 120 -31.25 -43.44 -59.76
N TYR V 121 -30.62 -42.44 -59.18
CA TYR V 121 -29.27 -42.01 -59.50
C TYR V 121 -28.30 -42.58 -58.48
N HIS V 122 -27.14 -43.03 -58.94
CA HIS V 122 -26.13 -43.59 -58.07
C HIS V 122 -24.76 -43.14 -58.55
N SER V 123 -23.91 -42.75 -57.60
CA SER V 123 -22.61 -42.20 -57.90
C SER V 123 -21.58 -42.80 -56.95
N ARG V 124 -20.36 -42.91 -57.45
CA ARG V 124 -19.26 -43.55 -56.72
C ARG V 124 -17.99 -42.76 -57.00
N TYR V 125 -17.53 -42.04 -56.00
CA TYR V 125 -16.38 -41.14 -56.10
C TYR V 125 -15.23 -41.79 -55.36
N PHE V 126 -14.29 -42.35 -56.12
CA PHE V 126 -13.21 -43.14 -55.55
C PHE V 126 -11.93 -42.91 -56.32
N THR V 127 -10.86 -43.48 -55.79
CA THR V 127 -9.54 -43.43 -56.39
C THR V 127 -9.26 -44.74 -57.10
N PRO V 128 -9.11 -44.78 -58.41
CA PRO V 128 -8.75 -46.02 -59.07
C PRO V 128 -7.25 -46.27 -58.97
N LYS V 129 -6.86 -47.44 -59.44
CA LYS V 129 -5.47 -47.84 -59.45
C LYS V 129 -5.15 -48.45 -60.80
N PRO V 130 -3.91 -48.36 -61.25
CA PRO V 130 -3.56 -48.94 -62.56
C PRO V 130 -3.19 -50.40 -62.46
N VAL V 131 -3.07 -51.01 -63.63
CA VAL V 131 -2.74 -52.42 -63.77
C VAL V 131 -1.28 -52.47 -64.19
N LEU V 132 -0.39 -52.57 -63.20
CA LEU V 132 1.03 -52.65 -63.47
C LEU V 132 1.46 -54.08 -63.80
N ASP V 133 0.96 -55.05 -63.04
CA ASP V 133 1.29 -56.46 -63.26
C ASP V 133 0.03 -57.28 -63.07
N ARG V 134 -0.44 -57.90 -64.16
CA ARG V 134 -1.64 -58.71 -64.08
C ARG V 134 -1.39 -60.01 -63.31
N THR V 135 -0.19 -60.57 -63.44
CA THR V 135 0.13 -61.80 -62.73
C THR V 135 0.09 -61.60 -61.23
N ILE V 136 0.64 -60.48 -60.76
CA ILE V 136 0.80 -60.22 -59.34
C ILE V 136 -0.34 -59.37 -58.80
N ASP V 137 -0.81 -58.43 -59.61
CA ASP V 137 -1.95 -57.58 -59.27
C ASP V 137 -1.71 -56.83 -57.97
N TYR V 138 -0.70 -55.97 -58.00
CA TYR V 138 -0.38 -55.10 -56.87
C TYR V 138 -0.84 -53.68 -57.14
N PHE V 139 -1.03 -52.95 -56.06
CA PHE V 139 -1.43 -51.56 -56.12
C PHE V 139 -1.11 -50.92 -54.79
N GLN V 140 -0.99 -49.62 -54.81
CA GLN V 140 -0.58 -48.89 -53.63
C GLN V 140 -1.75 -48.20 -52.97
N PRO V 141 -1.62 -47.81 -51.71
CA PRO V 141 -2.72 -47.13 -51.04
C PRO V 141 -3.03 -45.77 -51.62
N ASN V 142 -3.99 -45.10 -51.01
CA ASN V 142 -4.38 -43.76 -51.44
C ASN V 142 -3.52 -42.76 -50.66
N ASN V 143 -2.48 -42.26 -51.30
CA ASN V 143 -1.67 -41.19 -50.76
C ASN V 143 -1.31 -40.26 -51.90
N LYS V 144 -1.74 -39.00 -51.80
CA LYS V 144 -1.60 -38.08 -52.91
C LYS V 144 -0.15 -37.77 -53.20
N ARG V 145 0.65 -37.54 -52.15
CA ARG V 145 2.04 -37.13 -52.36
C ARG V 145 2.82 -38.19 -53.11
N ASN V 146 2.74 -39.42 -52.66
CA ASN V 146 3.57 -40.50 -53.18
C ASN V 146 2.87 -41.34 -54.24
N GLN V 147 1.77 -40.84 -54.80
CA GLN V 147 1.13 -41.54 -55.90
C GLN V 147 2.03 -41.50 -57.13
N LEU V 148 1.94 -42.56 -57.92
CA LEU V 148 2.83 -42.73 -59.06
C LEU V 148 2.44 -41.81 -60.20
N TRP V 149 3.39 -41.56 -61.06
CA TRP V 149 3.19 -40.89 -62.34
C TRP V 149 3.30 -41.91 -63.46
N LEU V 150 2.64 -41.61 -64.56
CA LEU V 150 2.56 -42.52 -65.69
C LEU V 150 2.72 -41.73 -66.98
N ARG V 151 3.50 -42.27 -67.89
CA ARG V 151 3.66 -41.66 -69.20
C ARG V 151 2.33 -41.66 -69.92
N LEU V 152 2.04 -40.53 -70.58
CA LEU V 152 0.81 -40.38 -71.34
C LEU V 152 1.09 -40.88 -72.75
N GLN V 153 0.86 -42.16 -72.96
CA GLN V 153 1.11 -42.77 -74.26
C GLN V 153 0.01 -42.38 -75.23
N THR V 154 0.26 -42.68 -76.50
CA THR V 154 -0.60 -42.27 -77.59
C THR V 154 -1.73 -43.26 -77.85
N THR V 155 -1.42 -44.57 -77.84
CA THR V 155 -2.36 -45.61 -78.19
C THR V 155 -2.43 -46.77 -77.22
N GLY V 156 -1.52 -46.86 -76.26
CA GLY V 156 -1.41 -48.02 -75.40
C GLY V 156 -1.38 -47.70 -73.92
N ASN V 157 -2.19 -46.74 -73.50
CA ASN V 157 -2.25 -46.40 -72.09
C ASN V 157 -2.81 -47.57 -71.30
N VAL V 158 -2.41 -47.64 -70.04
CA VAL V 158 -2.75 -48.77 -69.19
C VAL V 158 -4.17 -48.65 -68.71
N ASP V 159 -4.80 -49.79 -68.48
CA ASP V 159 -6.21 -49.87 -68.13
C ASP V 159 -6.33 -49.74 -66.62
N HIS V 160 -6.71 -48.54 -66.17
CA HIS V 160 -7.11 -48.36 -64.80
C HIS V 160 -8.35 -49.19 -64.50
N VAL V 161 -8.61 -49.38 -63.22
CA VAL V 161 -9.64 -50.30 -62.74
C VAL V 161 -10.21 -49.70 -61.46
N GLY V 162 -11.27 -50.32 -60.94
CA GLY V 162 -11.92 -49.79 -59.76
C GLY V 162 -13.43 -49.88 -59.60
N LEU V 163 -14.17 -50.58 -60.46
CA LEU V 163 -15.59 -50.70 -60.20
C LEU V 163 -16.18 -51.96 -60.80
N GLY V 164 -17.08 -52.56 -60.05
CA GLY V 164 -17.87 -53.68 -60.53
C GLY V 164 -19.30 -53.54 -60.05
N THR V 165 -20.22 -54.05 -60.85
CA THR V 165 -21.64 -53.82 -60.66
C THR V 165 -22.39 -55.14 -60.53
N ALA V 166 -23.58 -55.04 -59.97
CA ALA V 166 -24.52 -56.16 -59.91
C ALA V 166 -25.92 -55.58 -59.83
N PHE V 167 -26.63 -55.62 -60.95
CA PHE V 167 -27.98 -55.10 -61.05
C PHE V 167 -28.97 -56.25 -61.01
N GLU V 168 -30.08 -56.03 -60.33
CA GLU V 168 -31.10 -57.05 -60.19
C GLU V 168 -31.97 -57.08 -61.43
N ASN V 169 -32.12 -58.26 -62.00
CA ASN V 169 -32.88 -58.40 -63.23
C ASN V 169 -34.35 -58.06 -62.98
N SER V 170 -35.04 -57.74 -64.07
CA SER V 170 -36.44 -57.36 -64.00
C SER V 170 -37.13 -57.75 -65.28
N ILE V 171 -38.46 -57.75 -65.24
CA ILE V 171 -39.25 -58.08 -66.41
C ILE V 171 -38.99 -57.08 -67.53
N TYR V 172 -38.85 -55.82 -67.16
CA TYR V 172 -38.69 -54.73 -68.11
C TYR V 172 -37.21 -54.40 -68.28
N ASP V 173 -36.88 -53.85 -69.45
CA ASP V 173 -35.54 -53.37 -69.68
C ASP V 173 -35.22 -52.22 -68.74
N GLN V 174 -33.99 -52.21 -68.24
CA GLN V 174 -33.48 -51.14 -67.38
C GLN V 174 -32.31 -50.52 -68.11
N ASP V 175 -32.60 -49.54 -68.95
CA ASP V 175 -31.57 -48.82 -69.65
C ASP V 175 -30.99 -47.75 -68.74
N TYR V 176 -29.70 -47.51 -68.89
CA TYR V 176 -28.99 -46.52 -68.12
C TYR V 176 -28.12 -45.68 -69.04
N ASN V 177 -27.72 -44.52 -68.53
CA ASN V 177 -26.88 -43.57 -69.25
C ASN V 177 -25.71 -43.27 -68.32
N ILE V 178 -24.64 -44.01 -68.50
CA ILE V 178 -23.50 -43.90 -67.60
C ILE V 178 -22.63 -42.74 -68.03
N ARG V 179 -22.12 -42.02 -67.04
CA ARG V 179 -21.17 -40.93 -67.24
C ARG V 179 -19.96 -41.20 -66.38
N ILE V 180 -18.80 -41.30 -67.01
CA ILE V 180 -17.55 -41.58 -66.31
C ILE V 180 -16.74 -40.31 -66.30
N THR V 181 -16.85 -39.56 -65.21
CA THR V 181 -16.05 -38.37 -65.00
C THR V 181 -14.74 -38.74 -64.35
N MET V 182 -13.66 -38.15 -64.85
CA MET V 182 -12.31 -38.44 -64.41
C MET V 182 -11.62 -37.15 -64.02
N TYR V 183 -10.86 -37.21 -62.92
CA TYR V 183 -10.14 -36.06 -62.39
C TYR V 183 -8.67 -36.38 -62.46
N VAL V 184 -8.00 -35.80 -63.46
CA VAL V 184 -6.65 -36.16 -63.84
C VAL V 184 -5.71 -35.05 -63.41
N GLN V 185 -4.43 -35.37 -63.38
CA GLN V 185 -3.39 -34.43 -63.00
C GLN V 185 -2.19 -34.68 -63.89
N PHE V 186 -1.96 -33.77 -64.83
CA PHE V 186 -0.90 -33.90 -65.81
C PHE V 186 0.37 -33.20 -65.33
N ARG V 187 1.41 -33.23 -66.15
CA ARG V 187 2.71 -32.70 -65.78
C ARG V 187 3.58 -32.63 -67.02
N GLU V 188 4.61 -31.78 -66.94
CA GLU V 188 5.63 -31.63 -67.97
C GLU V 188 5.03 -31.22 -69.31
N PHE V 189 4.56 -29.98 -69.35
CA PHE V 189 4.04 -29.36 -70.55
C PHE V 189 5.05 -29.46 -71.69
N ASN V 190 4.73 -30.26 -72.70
CA ASN V 190 5.68 -30.68 -73.73
C ASN V 190 5.21 -30.28 -75.12
N LEU V 191 4.75 -29.06 -75.27
CA LEU V 191 4.24 -28.61 -76.56
C LEU V 191 5.38 -28.37 -77.53
N LYS V 192 5.15 -28.71 -78.78
CA LYS V 192 6.07 -28.41 -79.87
C LYS V 192 5.52 -27.26 -80.69
N ASP V 193 6.43 -26.56 -81.36
CA ASP V 193 6.09 -25.43 -82.22
C ASP V 193 6.98 -25.43 -83.44
N PRO V 194 6.70 -26.28 -84.42
CA PRO V 194 7.41 -26.20 -85.69
C PRO V 194 7.07 -24.91 -86.42
N PRO V 195 7.79 -24.58 -87.48
CA PRO V 195 7.42 -23.42 -88.28
C PRO V 195 6.21 -23.69 -89.16
N LEU V 196 5.87 -22.75 -90.02
CA LEU V 196 4.71 -22.85 -90.91
C LEU V 196 3.43 -22.92 -90.10
N TYR W 1 -13.26 -54.92 -17.28
CA TYR W 1 -13.03 -56.34 -17.00
C TYR W 1 -13.10 -57.17 -18.30
N ARG W 2 -12.28 -56.76 -19.29
CA ARG W 2 -12.09 -57.47 -20.56
C ARG W 2 -13.45 -57.83 -21.21
N TRP W 3 -14.17 -56.87 -21.82
CA TRP W 3 -13.67 -55.63 -22.46
C TRP W 3 -12.70 -55.85 -23.63
N ARG W 4 -13.17 -56.31 -24.72
CA ARG W 4 -13.37 -57.44 -25.60
C ARG W 4 -12.26 -58.49 -25.67
N ARG W 5 -10.97 -58.23 -25.98
CA ARG W 5 -10.32 -57.00 -26.41
C ARG W 5 -9.76 -57.16 -27.84
N LYS W 6 -8.84 -58.13 -27.99
CA LYS W 6 -8.17 -58.48 -29.24
C LYS W 6 -8.18 -59.98 -29.47
N ASN W 7 -8.75 -60.78 -28.58
CA ASN W 7 -8.44 -62.21 -28.47
C ASN W 7 -9.06 -63.07 -29.57
N GLY W 8 -9.29 -62.48 -30.74
CA GLY W 8 -9.91 -63.12 -31.88
C GLY W 8 -11.07 -62.31 -32.40
N ILE W 9 -11.28 -61.14 -31.81
CA ILE W 9 -12.49 -60.37 -32.08
C ILE W 9 -12.42 -59.83 -33.50
N PHE W 10 -13.48 -60.05 -34.27
CA PHE W 10 -13.56 -59.57 -35.64
C PHE W 10 -15.01 -59.20 -35.92
N ASN W 11 -15.34 -57.93 -35.70
CA ASN W 11 -16.66 -57.44 -36.05
C ASN W 11 -16.76 -57.31 -37.56
N THR W 12 -17.89 -57.75 -38.10
CA THR W 12 -18.09 -57.74 -39.53
C THR W 12 -19.58 -57.63 -39.81
N ARG W 13 -19.95 -57.89 -41.07
CA ARG W 13 -21.30 -57.73 -41.54
C ARG W 13 -21.60 -58.85 -42.52
N LEU W 14 -22.86 -59.23 -42.57
CA LEU W 14 -23.34 -60.23 -43.51
C LEU W 14 -24.72 -59.82 -43.99
N SER W 15 -25.08 -60.30 -45.17
CA SER W 15 -26.32 -59.91 -45.79
C SER W 15 -26.77 -60.98 -46.76
N ARG W 16 -28.09 -61.08 -46.93
CA ARG W 16 -28.68 -61.96 -47.91
C ARG W 16 -29.94 -61.28 -48.42
N THR W 17 -30.62 -61.96 -49.33
CA THR W 17 -31.77 -61.36 -50.02
C THR W 17 -32.78 -62.45 -50.35
N ILE W 18 -34.06 -62.08 -50.27
CA ILE W 18 -35.16 -62.99 -50.54
C ILE W 18 -36.38 -62.19 -50.94
N GLY W 19 -37.27 -62.84 -51.68
CA GLY W 19 -38.51 -62.25 -52.11
C GLY W 19 -39.65 -62.66 -51.20
N TYR W 20 -40.56 -61.73 -50.97
CA TYR W 20 -41.76 -61.97 -50.18
C TYR W 20 -42.94 -61.37 -50.92
N THR W 21 -43.99 -62.17 -51.07
CA THR W 21 -45.08 -61.88 -52.00
C THR W 21 -46.39 -61.91 -51.24
N VAL W 22 -46.95 -60.74 -50.97
CA VAL W 22 -48.29 -60.63 -50.42
C VAL W 22 -49.28 -60.70 -51.57
N LYS W 23 -50.15 -61.69 -51.54
CA LYS W 23 -50.99 -62.00 -52.68
C LYS W 23 -52.25 -61.16 -52.69
N LYS W 24 -53.01 -61.28 -53.78
CA LYS W 24 -54.25 -60.55 -53.97
C LYS W 24 -55.35 -61.13 -53.11
N THR W 25 -56.51 -60.46 -53.15
CA THR W 25 -57.73 -60.97 -52.55
C THR W 25 -58.89 -60.14 -53.07
N THR W 26 -60.00 -60.80 -53.37
CA THR W 26 -61.21 -60.09 -53.76
C THR W 26 -61.85 -59.36 -52.59
N VAL W 27 -61.49 -59.74 -51.36
CA VAL W 27 -62.01 -59.03 -50.18
C VAL W 27 -61.61 -57.56 -50.27
N ARG W 28 -62.54 -56.70 -49.85
CA ARG W 28 -62.33 -55.27 -49.83
C ARG W 28 -62.28 -54.69 -48.43
N THR W 29 -62.77 -55.41 -47.44
CA THR W 29 -62.64 -54.96 -46.07
C THR W 29 -61.17 -55.02 -45.66
N PRO W 30 -60.75 -54.21 -44.69
CA PRO W 30 -59.35 -54.28 -44.26
C PRO W 30 -59.01 -55.64 -43.69
N SER W 31 -58.08 -56.31 -44.35
CA SER W 31 -57.59 -57.61 -43.93
C SER W 31 -56.08 -57.63 -44.04
N TRP W 32 -55.44 -58.30 -43.10
CA TRP W 32 -54.00 -58.32 -42.98
C TRP W 32 -53.45 -59.72 -43.26
N ASN W 33 -52.18 -59.75 -43.63
CA ASN W 33 -51.46 -60.98 -43.96
C ASN W 33 -50.27 -61.06 -43.02
N VAL W 34 -50.35 -61.96 -42.05
CA VAL W 34 -49.38 -62.05 -40.97
C VAL W 34 -48.33 -63.09 -41.33
N ASP W 35 -47.09 -62.82 -40.97
CA ASP W 35 -46.00 -63.75 -41.19
C ASP W 35 -44.87 -63.34 -40.27
N MET W 36 -44.10 -64.34 -39.85
CA MET W 36 -42.97 -64.15 -38.95
C MET W 36 -41.68 -64.03 -39.76
N MET W 37 -40.56 -64.01 -39.07
CA MET W 37 -39.26 -63.95 -39.72
C MET W 37 -38.20 -64.42 -38.75
N ARG W 38 -37.45 -65.44 -39.14
CA ARG W 38 -36.39 -66.04 -38.34
C ARG W 38 -35.04 -65.76 -38.97
N PHE W 39 -34.01 -65.78 -38.12
CA PHE W 39 -32.64 -65.50 -38.53
C PHE W 39 -31.77 -66.65 -38.07
N ASN W 40 -31.04 -67.23 -39.02
CA ASN W 40 -30.11 -68.31 -38.73
C ASN W 40 -28.87 -68.08 -39.56
N ILE W 41 -27.70 -68.18 -38.93
CA ILE W 41 -26.46 -67.78 -39.57
C ILE W 41 -26.05 -68.74 -40.66
N ASN W 42 -26.57 -69.97 -40.66
CA ASN W 42 -26.23 -70.91 -41.70
C ASN W 42 -26.68 -70.42 -43.07
N ASP W 43 -27.70 -69.57 -43.11
CA ASP W 43 -28.16 -68.98 -44.35
C ASP W 43 -27.27 -67.84 -44.82
N PHE W 44 -26.32 -67.40 -44.01
CA PHE W 44 -25.36 -66.37 -44.36
C PHE W 44 -23.97 -66.91 -44.62
N LEU W 45 -23.51 -67.83 -43.77
CA LEU W 45 -22.19 -68.42 -43.90
C LEU W 45 -22.29 -69.74 -44.64
N PRO W 46 -21.86 -69.85 -45.89
CA PRO W 46 -21.84 -71.14 -46.54
C PRO W 46 -20.73 -72.01 -46.00
N PRO W 47 -20.76 -73.31 -46.25
CA PRO W 47 -19.76 -74.20 -45.67
C PRO W 47 -18.43 -74.12 -46.40
N GLY W 48 -17.35 -74.24 -45.63
CA GLY W 48 -16.02 -74.25 -46.19
C GLY W 48 -15.64 -75.59 -46.77
N GLY W 49 -14.40 -76.00 -46.55
CA GLY W 49 -13.94 -77.28 -47.04
C GLY W 49 -12.68 -77.76 -46.36
N GLY W 50 -12.60 -79.05 -46.09
CA GLY W 50 -11.44 -79.64 -45.46
C GLY W 50 -11.47 -79.53 -43.95
N SER W 51 -10.31 -79.26 -43.36
CA SER W 51 -10.24 -79.14 -41.91
C SER W 51 -10.98 -77.91 -41.41
N ASN W 52 -11.08 -76.88 -42.25
CA ASN W 52 -11.85 -75.70 -41.91
C ASN W 52 -13.29 -75.89 -42.37
N PRO W 53 -14.24 -76.13 -41.47
CA PRO W 53 -15.58 -76.51 -41.92
C PRO W 53 -16.39 -75.34 -42.44
N LEU W 54 -16.14 -74.16 -41.90
CA LEU W 54 -16.83 -72.94 -42.29
C LEU W 54 -15.96 -72.11 -43.24
N THR W 55 -16.60 -71.09 -43.82
CA THR W 55 -15.89 -70.14 -44.67
C THR W 55 -15.18 -69.07 -43.86
N VAL W 56 -15.63 -68.80 -42.66
CA VAL W 56 -15.03 -67.81 -41.76
C VAL W 56 -14.27 -68.58 -40.68
N PRO W 57 -12.97 -68.38 -40.54
CA PRO W 57 -12.24 -69.15 -39.53
C PRO W 57 -12.37 -68.57 -38.12
N PHE W 58 -13.49 -68.88 -37.48
CA PHE W 58 -13.70 -68.52 -36.09
C PHE W 58 -14.55 -69.58 -35.42
N GLU W 59 -14.50 -69.59 -34.10
CA GLU W 59 -15.19 -70.60 -33.30
C GLU W 59 -16.48 -70.08 -32.70
N TYR W 60 -16.41 -68.96 -31.99
CA TYR W 60 -17.56 -68.40 -31.30
C TYR W 60 -18.15 -67.25 -32.12
N TYR W 61 -19.34 -66.82 -31.71
CA TYR W 61 -19.98 -65.69 -32.35
C TYR W 61 -21.13 -65.21 -31.49
N ARG W 62 -21.54 -63.97 -31.74
CA ARG W 62 -22.72 -63.42 -31.11
C ARG W 62 -23.23 -62.29 -31.98
N ILE W 63 -24.53 -62.30 -32.26
CA ILE W 63 -25.13 -61.34 -33.15
C ILE W 63 -25.46 -60.09 -32.36
N ARG W 64 -24.84 -58.97 -32.74
CA ARG W 64 -25.08 -57.71 -32.07
C ARG W 64 -26.39 -57.08 -32.52
N LYS W 65 -26.55 -56.93 -33.83
CA LYS W 65 -27.68 -56.21 -34.39
C LYS W 65 -28.11 -56.86 -35.69
N VAL W 66 -29.33 -56.54 -36.09
CA VAL W 66 -29.89 -56.96 -37.36
C VAL W 66 -30.60 -55.78 -37.97
N LYS W 67 -30.43 -55.59 -39.28
CA LYS W 67 -31.08 -54.52 -40.02
C LYS W 67 -31.85 -55.17 -41.16
N VAL W 68 -33.13 -55.32 -40.95
CA VAL W 68 -34.02 -55.79 -42.00
C VAL W 68 -34.38 -54.60 -42.88
N GLU W 69 -34.60 -54.85 -44.16
CA GLU W 69 -34.90 -53.82 -45.13
C GLU W 69 -35.92 -54.35 -46.11
N PHE W 70 -37.03 -53.65 -46.25
CA PHE W 70 -38.10 -54.03 -47.16
C PHE W 70 -38.00 -53.16 -48.41
N TRP W 71 -37.05 -53.50 -49.25
CA TRP W 71 -36.94 -52.82 -50.53
C TRP W 71 -38.09 -53.27 -51.41
N PRO W 72 -39.06 -52.43 -51.73
CA PRO W 72 -40.24 -52.91 -52.45
C PRO W 72 -39.92 -53.27 -53.89
N CYS W 73 -40.92 -53.86 -54.53
CA CYS W 73 -40.88 -54.21 -55.92
C CYS W 73 -42.05 -53.63 -56.70
N SER W 74 -42.98 -52.95 -56.03
CA SER W 74 -44.15 -52.38 -56.67
C SER W 74 -43.88 -50.94 -57.09
N PRO W 75 -44.61 -50.42 -58.06
CA PRO W 75 -44.36 -49.07 -58.53
C PRO W 75 -45.03 -48.03 -57.64
N ILE W 76 -44.63 -46.78 -57.88
CA ILE W 76 -45.21 -45.66 -57.17
C ILE W 76 -46.68 -45.48 -57.52
N THR W 77 -47.07 -45.85 -58.74
CA THR W 77 -48.41 -45.57 -59.24
C THR W 77 -49.42 -46.64 -58.88
N GLN W 78 -49.15 -47.43 -57.85
CA GLN W 78 -50.04 -48.52 -57.46
C GLN W 78 -51.09 -47.99 -56.50
N GLY W 79 -52.33 -48.44 -56.71
CA GLY W 79 -53.45 -48.01 -55.92
C GLY W 79 -53.84 -49.03 -54.87
N ASP W 80 -54.96 -48.75 -54.22
CA ASP W 80 -55.45 -49.54 -53.10
C ASP W 80 -54.35 -49.71 -52.06
N ARG W 81 -53.84 -48.58 -51.60
CA ARG W 81 -52.74 -48.60 -50.65
C ARG W 81 -53.25 -49.14 -49.32
N GLY W 82 -52.35 -49.21 -48.37
CA GLY W 82 -52.69 -49.74 -47.08
C GLY W 82 -51.72 -49.31 -46.03
N VAL W 83 -51.74 -50.04 -44.92
CA VAL W 83 -50.89 -49.73 -43.79
C VAL W 83 -50.72 -50.99 -42.96
N GLY W 84 -49.48 -51.25 -42.56
CA GLY W 84 -49.12 -52.46 -41.85
C GLY W 84 -48.37 -52.18 -40.57
N SER W 85 -47.67 -53.18 -40.06
CA SER W 85 -46.96 -53.01 -38.80
C SER W 85 -45.91 -54.10 -38.67
N THR W 86 -44.74 -53.70 -38.15
CA THR W 86 -43.66 -54.61 -37.84
C THR W 86 -43.34 -54.50 -36.36
N ALA W 87 -43.13 -55.63 -35.73
CA ALA W 87 -42.88 -55.70 -34.31
C ALA W 87 -41.76 -56.69 -34.03
N VAL W 88 -41.13 -56.50 -32.88
CA VAL W 88 -39.98 -57.29 -32.47
C VAL W 88 -40.46 -58.34 -31.49
N ILE W 89 -40.16 -59.60 -31.80
CA ILE W 89 -40.61 -60.76 -31.03
C ILE W 89 -39.37 -61.54 -30.65
N LEU W 90 -39.04 -61.53 -29.37
CA LEU W 90 -37.77 -62.03 -28.88
C LEU W 90 -37.91 -63.38 -28.19
N ASP W 91 -39.03 -64.07 -28.37
CA ASP W 91 -39.33 -65.26 -27.60
C ASP W 91 -39.87 -66.43 -28.43
N ASP W 92 -39.87 -66.32 -29.75
CA ASP W 92 -40.38 -67.36 -30.64
C ASP W 92 -41.87 -67.58 -30.43
N ASN W 93 -42.57 -66.56 -29.94
CA ASN W 93 -44.02 -66.58 -29.79
C ASN W 93 -44.56 -65.54 -30.74
N PHE W 94 -44.72 -65.95 -31.98
CA PHE W 94 -45.31 -65.10 -32.99
C PHE W 94 -46.82 -65.22 -32.92
N VAL W 95 -47.49 -64.53 -33.83
CA VAL W 95 -48.93 -64.53 -33.92
C VAL W 95 -49.29 -65.27 -35.18
N THR W 96 -50.21 -66.23 -35.06
CA THR W 96 -50.38 -67.33 -36.00
C THR W 96 -50.42 -66.87 -37.45
N LYS W 97 -49.70 -67.59 -38.28
CA LYS W 97 -49.60 -67.28 -39.70
C LYS W 97 -50.99 -67.31 -40.33
N ALA W 98 -51.32 -66.22 -41.01
CA ALA W 98 -52.67 -66.06 -41.55
C ALA W 98 -52.60 -65.21 -42.81
N ASN W 99 -53.40 -65.59 -43.80
CA ASN W 99 -53.48 -64.84 -45.04
C ASN W 99 -54.47 -63.69 -44.96
N ALA W 100 -55.45 -63.76 -44.06
CA ALA W 100 -56.48 -62.73 -43.96
C ALA W 100 -56.94 -62.68 -42.52
N LEU W 101 -56.63 -61.60 -41.84
CA LEU W 101 -57.06 -61.36 -40.47
C LEU W 101 -57.68 -59.99 -40.38
N THR W 102 -58.78 -59.90 -39.65
CA THR W 102 -59.61 -58.70 -39.63
C THR W 102 -59.00 -57.56 -38.85
N TYR W 103 -57.79 -57.70 -38.32
CA TYR W 103 -57.19 -56.65 -37.53
C TYR W 103 -55.68 -56.79 -37.60
N ASP W 104 -54.99 -55.72 -37.22
CA ASP W 104 -53.54 -55.69 -37.18
C ASP W 104 -53.09 -56.09 -35.78
N PRO W 105 -52.62 -57.32 -35.56
CA PRO W 105 -52.31 -57.71 -34.19
C PRO W 105 -51.06 -57.06 -33.66
N TYR W 106 -50.12 -56.70 -34.54
CA TYR W 106 -48.87 -56.09 -34.12
C TYR W 106 -48.96 -54.57 -34.05
N VAL W 107 -50.17 -54.01 -33.91
CA VAL W 107 -50.32 -52.56 -33.95
C VAL W 107 -50.08 -51.95 -32.58
N ASN W 108 -50.60 -52.57 -31.53
CA ASN W 108 -50.46 -52.04 -30.18
C ASN W 108 -49.17 -52.49 -29.52
N TYR W 109 -48.40 -53.36 -30.15
CA TYR W 109 -47.11 -53.75 -29.61
C TYR W 109 -46.22 -52.54 -29.42
N SER W 110 -45.54 -52.50 -28.28
CA SER W 110 -44.68 -51.37 -27.96
C SER W 110 -43.55 -51.23 -28.97
N SER W 111 -43.12 -52.34 -29.57
CA SER W 111 -42.07 -52.33 -30.57
C SER W 111 -42.61 -52.14 -31.98
N ARG W 112 -43.77 -51.51 -32.11
CA ARG W 112 -44.40 -51.34 -33.41
C ARG W 112 -43.80 -50.16 -34.14
N HIS W 113 -43.47 -50.38 -35.41
CA HIS W 113 -43.04 -49.34 -36.32
C HIS W 113 -43.87 -49.47 -37.58
N THR W 114 -44.60 -48.42 -37.90
CA THR W 114 -45.60 -48.50 -38.95
C THR W 114 -44.96 -48.69 -40.31
N ILE W 115 -45.66 -49.42 -41.16
CA ILE W 115 -45.30 -49.58 -42.56
C ILE W 115 -46.28 -48.78 -43.39
N THR W 116 -45.75 -48.03 -44.34
CA THR W 116 -46.54 -47.50 -45.43
C THR W 116 -46.39 -48.45 -46.61
N GLN W 117 -47.48 -48.66 -47.33
CA GLN W 117 -47.53 -49.66 -48.38
C GLN W 117 -48.05 -49.02 -49.66
N PRO W 118 -47.78 -49.62 -50.83
CA PRO W 118 -46.95 -50.79 -51.14
C PRO W 118 -45.60 -50.45 -51.75
N PHE W 119 -45.26 -49.17 -51.84
CA PHE W 119 -44.08 -48.73 -52.57
C PHE W 119 -43.02 -48.09 -51.69
N SER W 120 -43.16 -48.16 -50.38
CA SER W 120 -42.26 -47.48 -49.46
C SER W 120 -41.23 -48.44 -48.90
N TYR W 121 -40.17 -47.85 -48.35
CA TYR W 121 -39.07 -48.57 -47.72
C TYR W 121 -39.25 -48.54 -46.22
N HIS W 122 -38.96 -49.67 -45.57
CA HIS W 122 -39.08 -49.79 -44.14
C HIS W 122 -37.92 -50.61 -43.61
N SER W 123 -37.35 -50.15 -42.50
CA SER W 123 -36.16 -50.76 -41.92
C SER W 123 -36.33 -50.85 -40.41
N ARG W 124 -35.72 -51.87 -39.84
CA ARG W 124 -35.83 -52.18 -38.42
C ARG W 124 -34.47 -52.64 -37.91
N TYR W 125 -33.82 -51.79 -37.14
CA TYR W 125 -32.47 -52.03 -36.63
C TYR W 125 -32.57 -52.35 -35.15
N PHE W 126 -32.42 -53.63 -34.83
CA PHE W 126 -32.65 -54.11 -33.48
C PHE W 126 -31.67 -55.21 -33.14
N THR W 127 -31.71 -55.61 -31.88
CA THR W 127 -30.88 -56.68 -31.36
C THR W 127 -31.71 -57.95 -31.25
N PRO W 128 -31.43 -59.00 -31.99
CA PRO W 128 -32.16 -60.25 -31.81
C PRO W 128 -31.64 -61.02 -30.61
N LYS W 129 -32.34 -62.11 -30.31
CA LYS W 129 -31.98 -62.99 -29.23
C LYS W 129 -32.07 -64.42 -29.72
N PRO W 130 -31.28 -65.32 -29.16
CA PRO W 130 -31.34 -66.72 -29.60
C PRO W 130 -32.42 -67.51 -28.86
N VAL W 131 -32.65 -68.70 -29.37
CA VAL W 131 -33.64 -69.62 -28.82
C VAL W 131 -32.87 -70.68 -28.05
N LEU W 132 -32.69 -70.43 -26.76
CA LEU W 132 -31.99 -71.37 -25.90
C LEU W 132 -32.91 -72.48 -25.41
N ASP W 133 -34.13 -72.13 -25.00
CA ASP W 133 -35.10 -73.11 -24.52
C ASP W 133 -36.46 -72.73 -25.06
N ARG W 134 -37.02 -73.57 -25.92
CA ARG W 134 -38.33 -73.30 -26.49
C ARG W 134 -39.44 -73.46 -25.46
N THR W 135 -39.28 -74.40 -24.53
CA THR W 135 -40.30 -74.61 -23.50
C THR W 135 -40.42 -73.39 -22.60
N ILE W 136 -39.30 -72.80 -22.23
CA ILE W 136 -39.25 -71.72 -21.27
C ILE W 136 -39.22 -70.36 -21.97
N ASP W 137 -38.51 -70.29 -23.08
CA ASP W 137 -38.43 -69.08 -23.90
C ASP W 137 -37.92 -67.90 -23.09
N TYR W 138 -36.68 -68.02 -22.64
CA TYR W 138 -36.00 -66.95 -21.93
C TYR W 138 -34.99 -66.27 -22.83
N PHE W 139 -34.67 -65.04 -22.46
CA PHE W 139 -33.68 -64.25 -23.17
C PHE W 139 -33.24 -63.12 -22.26
N GLN W 140 -32.08 -62.60 -22.56
CA GLN W 140 -31.48 -61.60 -21.69
C GLN W 140 -31.61 -60.21 -22.29
N PRO W 141 -31.45 -59.17 -21.49
CA PRO W 141 -31.57 -57.82 -22.01
C PRO W 141 -30.46 -57.47 -22.99
N ASN W 142 -30.49 -56.23 -23.47
CA ASN W 142 -29.48 -55.73 -24.39
C ASN W 142 -28.36 -55.12 -23.57
N ASN W 143 -27.29 -55.89 -23.39
CA ASN W 143 -26.08 -55.40 -22.76
C ASN W 143 -24.90 -55.99 -23.51
N LYS W 144 -24.08 -55.11 -24.09
CA LYS W 144 -23.03 -55.58 -24.97
C LYS W 144 -21.97 -56.37 -24.21
N ARG W 145 -21.57 -55.89 -23.04
CA ARG W 145 -20.48 -56.54 -22.31
C ARG W 145 -20.84 -57.96 -21.95
N ASN W 146 -22.02 -58.17 -21.36
CA ASN W 146 -22.40 -59.45 -20.81
C ASN W 146 -23.26 -60.26 -21.76
N GLN W 147 -23.29 -59.92 -23.04
CA GLN W 147 -23.99 -60.73 -24.01
C GLN W 147 -23.28 -62.06 -24.19
N LEU W 148 -24.06 -63.09 -24.47
CA LEU W 148 -23.55 -64.44 -24.53
C LEU W 148 -22.76 -64.67 -25.81
N TRP W 149 -21.90 -65.66 -25.76
CA TRP W 149 -21.20 -66.19 -26.92
C TRP W 149 -21.80 -67.54 -27.28
N LEU W 150 -21.67 -67.89 -28.56
CA LEU W 150 -22.26 -69.10 -29.10
C LEU W 150 -21.27 -69.76 -30.04
N ARG W 151 -21.16 -71.07 -29.92
CA ARG W 151 -20.32 -71.83 -30.82
C ARG W 151 -20.85 -71.71 -32.24
N LEU W 152 -19.93 -71.54 -33.18
CA LEU W 152 -20.28 -71.42 -34.59
C LEU W 152 -20.29 -72.82 -35.17
N GLN W 153 -21.46 -73.45 -35.12
CA GLN W 153 -21.60 -74.80 -35.61
C GLN W 153 -21.64 -74.81 -37.13
N THR W 154 -21.53 -76.00 -37.69
CA THR W 154 -21.41 -76.19 -39.13
C THR W 154 -22.77 -76.29 -39.80
N THR W 155 -23.71 -77.03 -39.21
CA THR W 155 -25.00 -77.30 -39.83
C THR W 155 -26.20 -77.09 -38.91
N GLY W 156 -25.99 -76.88 -37.61
CA GLY W 156 -27.07 -76.83 -36.66
C GLY W 156 -27.07 -75.61 -35.78
N ASN W 157 -26.74 -74.45 -36.34
CA ASN W 157 -26.76 -73.22 -35.56
C ASN W 157 -28.17 -72.90 -35.12
N VAL W 158 -28.26 -72.21 -34.00
CA VAL W 158 -29.55 -71.94 -33.37
C VAL W 158 -30.26 -70.82 -34.10
N ASP W 159 -31.58 -70.88 -34.07
CA ASP W 159 -32.42 -69.95 -34.82
C ASP W 159 -32.65 -68.71 -33.97
N HIS W 160 -31.92 -67.65 -34.28
CA HIS W 160 -32.23 -66.35 -33.72
C HIS W 160 -33.62 -65.90 -34.18
N VAL W 161 -34.15 -64.92 -33.47
CA VAL W 161 -35.52 -64.47 -33.62
C VAL W 161 -35.55 -62.98 -33.37
N GLY W 162 -36.71 -62.36 -33.62
CA GLY W 162 -36.81 -60.92 -33.44
C GLY W 162 -37.67 -60.10 -34.38
N LEU W 163 -38.47 -60.69 -35.28
CA LEU W 163 -39.36 -59.84 -36.08
C LEU W 163 -40.59 -60.58 -36.54
N GLY W 164 -41.71 -59.85 -36.52
CA GLY W 164 -42.95 -60.34 -37.08
C GLY W 164 -43.64 -59.21 -37.80
N THR W 165 -44.39 -59.57 -38.84
CA THR W 165 -44.95 -58.63 -39.79
C THR W 165 -46.46 -58.77 -39.87
N ALA W 166 -47.09 -57.73 -40.37
CA ALA W 166 -48.51 -57.74 -40.68
C ALA W 166 -48.75 -56.72 -41.79
N PHE W 167 -48.92 -57.22 -43.00
CA PHE W 167 -49.15 -56.38 -44.16
C PHE W 167 -50.63 -56.38 -44.51
N GLU W 168 -51.14 -55.22 -44.92
CA GLU W 168 -52.54 -55.09 -45.26
C GLU W 168 -52.77 -55.59 -46.67
N ASN W 169 -53.73 -56.49 -46.83
CA ASN W 169 -54.01 -57.07 -48.12
C ASN W 169 -54.50 -56.01 -49.09
N SER W 170 -54.38 -56.32 -50.38
CA SER W 170 -54.77 -55.40 -51.43
C SER W 170 -55.21 -56.19 -52.64
N ILE W 171 -55.89 -55.50 -53.55
CA ILE W 171 -56.36 -56.13 -54.78
C ILE W 171 -55.17 -56.61 -55.60
N TYR W 172 -54.10 -55.84 -55.62
CA TYR W 172 -52.93 -56.11 -56.42
C TYR W 172 -51.87 -56.81 -55.59
N ASP W 173 -51.03 -57.58 -56.26
CA ASP W 173 -49.89 -58.20 -55.59
C ASP W 173 -48.94 -57.14 -55.09
N GLN W 174 -48.40 -57.36 -53.90
CA GLN W 174 -47.41 -56.49 -53.27
C GLN W 174 -46.15 -57.33 -53.09
N ASP W 175 -45.33 -57.35 -54.12
CA ASP W 175 -44.06 -58.05 -54.04
C ASP W 175 -43.04 -57.16 -53.34
N TYR W 176 -42.15 -57.81 -52.60
CA TYR W 176 -41.10 -57.13 -51.86
C TYR W 176 -39.78 -57.85 -52.09
N ASN W 177 -38.71 -57.14 -51.80
CA ASN W 177 -37.35 -57.65 -51.93
C ASN W 177 -36.68 -57.40 -50.59
N ILE W 178 -36.73 -58.40 -49.73
CA ILE W 178 -36.23 -58.26 -48.38
C ILE W 178 -34.73 -58.46 -48.36
N ARG W 179 -34.04 -57.66 -47.56
CA ARG W 179 -32.62 -57.77 -47.33
C ARG W 179 -32.39 -57.86 -45.83
N ILE W 180 -31.77 -58.95 -45.39
CA ILE W 180 -31.51 -59.18 -43.99
C ILE W 180 -30.02 -58.98 -43.75
N THR W 181 -29.66 -57.78 -43.33
CA THR W 181 -28.29 -57.48 -42.97
C THR W 181 -28.06 -57.82 -41.50
N MET W 182 -26.93 -58.45 -41.24
CA MET W 182 -26.57 -58.92 -39.91
C MET W 182 -25.21 -58.38 -39.53
N TYR W 183 -25.08 -57.97 -38.27
CA TYR W 183 -23.86 -57.41 -37.74
C TYR W 183 -23.36 -58.35 -36.65
N VAL W 184 -22.36 -59.14 -37.00
CA VAL W 184 -21.91 -60.26 -36.18
C VAL W 184 -20.58 -59.89 -35.55
N GLN W 185 -20.21 -60.64 -34.53
CA GLN W 185 -18.96 -60.44 -33.81
C GLN W 185 -18.40 -61.81 -33.47
N PHE W 186 -17.33 -62.20 -34.18
CA PHE W 186 -16.73 -63.51 -34.02
C PHE W 186 -15.58 -63.46 -33.01
N ARG W 187 -14.94 -64.60 -32.80
CA ARG W 187 -13.91 -64.72 -31.78
C ARG W 187 -13.16 -66.03 -31.99
N GLU W 188 -11.95 -66.08 -31.46
CA GLU W 188 -11.10 -67.29 -31.44
C GLU W 188 -10.81 -67.79 -32.86
N PHE W 189 -10.00 -67.00 -33.55
CA PHE W 189 -9.51 -67.35 -34.87
C PHE W 189 -8.88 -68.73 -34.87
N ASN W 190 -9.51 -69.69 -35.53
CA ASN W 190 -9.20 -71.11 -35.41
C ASN W 190 -8.84 -71.72 -36.76
N LEU W 191 -8.02 -71.04 -37.52
CA LEU W 191 -7.66 -71.53 -38.84
C LEU W 191 -6.69 -72.70 -38.73
N LYS W 192 -6.86 -73.66 -39.61
CA LYS W 192 -5.95 -74.78 -39.76
C LYS W 192 -5.09 -74.59 -40.99
N ASP W 193 -3.92 -75.21 -40.98
CA ASP W 193 -2.98 -75.15 -42.10
C ASP W 193 -2.30 -76.49 -42.26
N PRO W 194 -2.97 -77.46 -42.87
CA PRO W 194 -2.31 -78.71 -43.20
C PRO W 194 -1.26 -78.49 -44.27
N PRO W 195 -0.42 -79.48 -44.55
CA PRO W 195 0.52 -79.35 -45.66
C PRO W 195 -0.15 -79.53 -47.01
N LEU W 196 0.64 -79.56 -48.07
CA LEU W 196 0.13 -79.69 -49.44
C LEU W 196 -0.72 -78.49 -49.80
N TYR X 1 -49.86 -31.50 -5.30
CA TYR X 1 -50.99 -32.06 -4.57
C TYR X 1 -51.47 -33.37 -5.23
N ARG X 2 -50.53 -34.31 -5.41
CA ARG X 2 -50.81 -35.67 -5.91
C ARG X 2 -51.66 -35.64 -7.20
N TRP X 3 -51.11 -35.28 -8.37
CA TRP X 3 -49.69 -35.43 -8.78
C TRP X 3 -49.16 -36.87 -8.79
N ARG X 4 -49.58 -37.65 -9.71
CA ARG X 4 -50.48 -38.72 -10.12
C ARG X 4 -50.78 -39.82 -9.07
N ARG X 5 -49.86 -40.56 -8.44
CA ARG X 5 -48.42 -40.63 -8.61
C ARG X 5 -47.99 -42.03 -9.10
N LYS X 6 -48.32 -43.04 -8.28
CA LYS X 6 -48.05 -44.46 -8.52
C LYS X 6 -49.27 -45.33 -8.26
N ASN X 7 -50.40 -44.75 -7.86
CA ASN X 7 -51.47 -45.48 -7.18
C ASN X 7 -52.30 -46.37 -8.11
N GLY X 8 -51.71 -46.85 -9.18
CA GLY X 8 -52.35 -47.67 -10.19
C GLY X 8 -52.14 -47.11 -11.57
N ILE X 9 -51.38 -46.02 -11.66
CA ILE X 9 -51.28 -45.28 -12.91
C ILE X 9 -50.52 -46.10 -13.92
N PHE X 10 -51.10 -46.24 -15.11
CA PHE X 10 -50.47 -46.98 -16.20
C PHE X 10 -50.84 -46.30 -17.51
N ASN X 11 -49.98 -45.40 -17.95
CA ASN X 11 -50.15 -44.77 -19.24
C ASN X 11 -49.82 -45.77 -20.33
N THR X 12 -50.66 -45.80 -21.35
CA THR X 12 -50.49 -46.75 -22.44
C THR X 12 -51.09 -46.16 -23.70
N ARG X 13 -51.25 -47.02 -24.70
CA ARG X 13 -51.71 -46.62 -26.02
C ARG X 13 -52.62 -47.71 -26.56
N LEU X 14 -53.58 -47.29 -27.38
CA LEU X 14 -54.49 -48.20 -28.05
C LEU X 14 -54.74 -47.69 -29.45
N SER X 15 -55.11 -48.60 -30.34
CA SER X 15 -55.28 -48.25 -31.74
C SER X 15 -56.23 -49.23 -32.38
N ARG X 16 -56.94 -48.75 -33.39
CA ARG X 16 -57.80 -49.58 -34.21
C ARG X 16 -57.77 -49.02 -35.63
N THR X 17 -58.52 -49.66 -36.51
CA THR X 17 -58.45 -49.33 -37.93
C THR X 17 -59.81 -49.56 -38.56
N ILE X 18 -60.17 -48.70 -39.52
CA ILE X 18 -61.44 -48.76 -40.21
C ILE X 18 -61.30 -48.09 -41.56
N GLY X 19 -62.16 -48.49 -42.48
CA GLY X 19 -62.21 -47.91 -43.81
C GLY X 19 -63.30 -46.86 -43.91
N TYR X 20 -63.02 -45.81 -44.66
CA TYR X 20 -63.97 -44.74 -44.92
C TYR X 20 -63.92 -44.42 -46.41
N THR X 21 -65.09 -44.38 -47.02
CA THR X 21 -65.22 -44.39 -48.47
C THR X 21 -66.06 -43.19 -48.89
N VAL X 22 -65.41 -42.18 -49.45
CA VAL X 22 -66.08 -41.05 -50.07
C VAL X 22 -66.42 -41.44 -51.50
N LYS X 23 -67.71 -41.43 -51.82
CA LYS X 23 -68.18 -42.00 -53.06
C LYS X 23 -68.10 -40.99 -54.21
N LYS X 24 -68.38 -41.47 -55.41
CA LYS X 24 -68.35 -40.67 -56.61
C LYS X 24 -69.56 -39.75 -56.66
N THR X 25 -69.57 -38.90 -57.69
CA THR X 25 -70.73 -38.09 -58.03
C THR X 25 -70.51 -37.50 -59.41
N THR X 26 -71.58 -37.48 -60.21
CA THR X 26 -71.51 -36.84 -61.51
C THR X 26 -71.44 -35.32 -61.40
N VAL X 27 -71.81 -34.76 -60.24
CA VAL X 27 -71.69 -33.32 -60.04
C VAL X 27 -70.24 -32.90 -60.22
N ARG X 28 -70.06 -31.74 -60.84
CA ARG X 28 -68.75 -31.16 -61.08
C ARG X 28 -68.50 -29.90 -60.29
N THR X 29 -69.54 -29.26 -59.79
CA THR X 29 -69.34 -28.11 -58.94
C THR X 29 -68.74 -28.56 -57.61
N PRO X 30 -68.02 -27.70 -56.91
CA PRO X 30 -67.46 -28.10 -55.62
C PRO X 30 -68.54 -28.48 -54.63
N SER X 31 -68.51 -29.74 -54.22
CA SER X 31 -69.44 -30.27 -53.24
C SER X 31 -68.68 -31.12 -52.24
N TRP X 32 -69.09 -31.04 -50.99
CA TRP X 32 -68.42 -31.69 -49.88
C TRP X 32 -69.26 -32.80 -49.30
N ASN X 33 -68.58 -33.73 -48.64
CA ASN X 33 -69.20 -34.89 -47.99
C ASN X 33 -68.84 -34.84 -46.52
N VAL X 34 -69.82 -34.49 -45.70
CA VAL X 34 -69.60 -34.23 -44.29
C VAL X 34 -69.89 -35.49 -43.49
N ASP X 35 -69.10 -35.72 -42.46
CA ASP X 35 -69.29 -36.85 -41.56
C ASP X 35 -68.55 -36.55 -40.28
N MET X 36 -69.08 -37.08 -39.18
CA MET X 36 -68.53 -36.89 -37.86
C MET X 36 -67.64 -38.07 -37.51
N MET X 37 -67.17 -38.12 -36.27
CA MET X 37 -66.34 -39.21 -35.80
C MET X 37 -66.39 -39.25 -34.28
N ARG X 38 -66.79 -40.38 -33.73
CA ARG X 38 -66.92 -40.59 -32.30
C ARG X 38 -65.89 -41.60 -31.83
N PHE X 39 -65.54 -41.49 -30.55
CA PHE X 39 -64.55 -42.35 -29.92
C PHE X 39 -65.16 -42.98 -28.68
N ASN X 40 -65.11 -44.31 -28.63
CA ASN X 40 -65.60 -45.06 -27.48
C ASN X 40 -64.62 -46.17 -27.21
N ILE X 41 -64.25 -46.32 -25.94
CA ILE X 41 -63.16 -47.23 -25.60
C ILE X 41 -63.56 -48.69 -25.74
N ASN X 42 -64.85 -48.99 -25.77
CA ASN X 42 -65.28 -50.36 -25.96
C ASN X 42 -64.84 -50.91 -27.31
N ASP X 43 -64.64 -50.05 -28.29
CA ASP X 43 -64.13 -50.46 -29.58
C ASP X 43 -62.63 -50.72 -29.58
N PHE X 44 -61.93 -50.39 -28.50
CA PHE X 44 -60.51 -50.65 -28.34
C PHE X 44 -60.22 -51.79 -27.37
N LEU X 45 -60.92 -51.83 -26.23
CA LEU X 45 -60.74 -52.84 -25.23
C LEU X 45 -61.76 -53.94 -25.41
N PRO X 46 -61.39 -55.13 -25.90
CA PRO X 46 -62.36 -56.21 -25.95
C PRO X 46 -62.63 -56.76 -24.56
N PRO X 47 -63.70 -57.54 -24.40
CA PRO X 47 -64.05 -58.01 -23.06
C PRO X 47 -63.17 -59.17 -22.62
N GLY X 48 -62.88 -59.20 -21.32
CA GLY X 48 -62.11 -60.28 -20.75
C GLY X 48 -62.94 -61.51 -20.49
N GLY X 49 -62.70 -62.15 -19.35
CA GLY X 49 -63.45 -63.33 -18.99
C GLY X 49 -63.34 -63.69 -17.52
N GLY X 50 -64.46 -64.12 -16.94
CA GLY X 50 -64.48 -64.51 -15.55
C GLY X 50 -64.69 -63.34 -14.61
N SER X 51 -64.00 -63.35 -13.49
CA SER X 51 -64.13 -62.28 -12.52
C SER X 51 -63.56 -60.97 -13.06
N ASN X 52 -62.58 -61.06 -13.96
CA ASN X 52 -62.03 -59.87 -14.61
C ASN X 52 -62.83 -59.59 -15.86
N PRO X 53 -63.69 -58.56 -15.89
CA PRO X 53 -64.60 -58.41 -17.04
C PRO X 53 -63.92 -57.85 -18.27
N LEU X 54 -62.89 -57.02 -18.06
CA LEU X 54 -62.15 -56.41 -19.15
C LEU X 54 -60.83 -57.15 -19.38
N THR X 55 -60.19 -56.80 -20.49
CA THR X 55 -58.87 -57.33 -20.80
C THR X 55 -57.76 -56.60 -20.07
N VAL X 56 -57.99 -55.35 -19.68
CA VAL X 56 -57.01 -54.55 -18.95
C VAL X 56 -57.48 -54.48 -17.50
N PRO X 57 -56.68 -54.94 -16.53
CA PRO X 57 -57.17 -54.91 -15.15
C PRO X 57 -57.00 -53.55 -14.48
N PHE X 58 -57.94 -52.67 -14.77
CA PHE X 58 -58.00 -51.37 -14.11
C PHE X 58 -59.46 -50.95 -13.99
N GLU X 59 -59.69 -50.00 -13.08
CA GLU X 59 -61.04 -49.54 -12.77
C GLU X 59 -61.36 -48.22 -13.44
N TYR X 60 -60.52 -47.21 -13.24
CA TYR X 60 -60.75 -45.88 -13.76
C TYR X 60 -59.93 -45.66 -15.02
N TYR X 61 -60.24 -44.57 -15.71
CA TYR X 61 -59.48 -44.20 -16.89
C TYR X 61 -59.83 -42.77 -17.28
N ARG X 62 -58.94 -42.17 -18.07
CA ARG X 62 -59.18 -40.86 -18.65
C ARG X 62 -58.32 -40.73 -19.89
N ILE X 63 -58.95 -40.31 -20.99
CA ILE X 63 -58.25 -40.21 -22.26
C ILE X 63 -57.52 -38.89 -22.33
N ARG X 64 -56.19 -38.97 -22.43
CA ARG X 64 -55.37 -37.77 -22.52
C ARG X 64 -55.42 -37.17 -23.91
N LYS X 65 -55.13 -37.97 -24.93
CA LYS X 65 -54.99 -37.50 -26.29
C LYS X 65 -55.52 -38.53 -27.26
N VAL X 66 -55.78 -38.07 -28.47
CA VAL X 66 -56.18 -38.92 -29.57
C VAL X 66 -55.42 -38.47 -30.81
N LYS X 67 -54.93 -39.43 -31.58
CA LYS X 67 -54.22 -39.16 -32.83
C LYS X 67 -54.94 -39.91 -33.93
N VAL X 68 -55.76 -39.20 -34.65
CA VAL X 68 -56.39 -39.74 -35.84
C VAL X 68 -55.40 -39.65 -36.99
N GLU X 69 -55.49 -40.60 -37.91
CA GLU X 69 -54.59 -40.69 -39.04
C GLU X 69 -55.37 -41.15 -40.24
N PHE X 70 -55.31 -40.38 -41.32
CA PHE X 70 -56.00 -40.68 -42.57
C PHE X 70 -54.99 -41.26 -43.55
N TRP X 71 -54.63 -42.50 -43.34
CA TRP X 71 -53.76 -43.19 -44.28
C TRP X 71 -54.56 -43.48 -45.54
N PRO X 72 -54.28 -42.83 -46.67
CA PRO X 72 -55.14 -43.00 -47.84
C PRO X 72 -55.02 -44.38 -48.44
N CYS X 73 -55.89 -44.62 -49.41
CA CYS X 73 -55.90 -45.83 -50.20
C CYS X 73 -55.87 -45.55 -51.69
N SER X 74 -55.87 -44.29 -52.10
CA SER X 74 -55.87 -43.90 -53.50
C SER X 74 -54.45 -43.69 -53.97
N PRO X 75 -54.19 -43.79 -55.28
CA PRO X 75 -52.84 -43.64 -55.78
C PRO X 75 -52.46 -42.18 -55.95
N ILE X 76 -51.16 -41.97 -56.18
CA ILE X 76 -50.64 -40.64 -56.43
C ILE X 76 -51.17 -40.09 -57.75
N THR X 77 -51.45 -40.96 -58.72
CA THR X 77 -51.79 -40.54 -60.07
C THR X 77 -53.27 -40.26 -60.24
N GLN X 78 -53.99 -40.01 -59.17
CA GLN X 78 -55.43 -39.77 -59.24
C GLN X 78 -55.70 -38.31 -59.50
N GLY X 79 -56.65 -38.05 -60.39
CA GLY X 79 -57.01 -36.72 -60.78
C GLY X 79 -58.26 -36.22 -60.10
N ASP X 80 -58.71 -35.05 -60.53
CA ASP X 80 -59.84 -34.34 -59.94
C ASP X 80 -59.63 -34.21 -58.43
N ARG X 81 -58.50 -33.61 -58.08
CA ARG X 81 -58.14 -33.47 -56.69
C ARG X 81 -59.10 -32.49 -56.02
N GLY X 82 -58.87 -32.26 -54.75
CA GLY X 82 -59.75 -31.39 -54.01
C GLY X 82 -59.09 -30.89 -52.76
N VAL X 83 -59.92 -30.41 -51.85
CA VAL X 83 -59.45 -29.86 -50.59
C VAL X 83 -60.58 -29.93 -49.59
N GLY X 84 -60.26 -30.35 -48.38
CA GLY X 84 -61.23 -30.57 -47.33
C GLY X 84 -60.85 -29.88 -46.04
N SER X 85 -61.44 -30.31 -44.94
CA SER X 85 -61.18 -29.67 -43.66
C SER X 85 -61.58 -30.60 -42.53
N THR X 86 -60.76 -30.61 -41.48
CA THR X 86 -61.04 -31.33 -40.26
C THR X 86 -61.06 -30.36 -39.11
N ALA X 87 -62.04 -30.53 -38.22
CA ALA X 87 -62.23 -29.63 -37.11
C ALA X 87 -62.55 -30.44 -35.87
N VAL X 88 -62.29 -29.83 -34.72
CA VAL X 88 -62.45 -30.46 -33.42
C VAL X 88 -63.78 -29.98 -32.83
N ILE X 89 -64.62 -30.95 -32.47
CA ILE X 89 -65.96 -30.69 -31.97
C ILE X 89 -66.08 -31.38 -30.64
N LEU X 90 -66.13 -30.60 -29.57
CA LEU X 90 -66.01 -31.11 -28.22
C LEU X 90 -67.35 -31.15 -27.48
N ASP X 91 -68.47 -31.04 -28.21
CA ASP X 91 -69.77 -30.87 -27.58
C ASP X 91 -70.86 -31.75 -28.18
N ASP X 92 -70.52 -32.68 -29.08
CA ASP X 92 -71.49 -33.56 -29.72
C ASP X 92 -72.47 -32.76 -30.58
N ASN X 93 -72.04 -31.59 -31.04
CA ASN X 93 -72.82 -30.76 -31.96
C ASN X 93 -72.04 -30.71 -33.25
N PHE X 94 -72.24 -31.74 -34.06
CA PHE X 94 -71.62 -31.79 -35.36
C PHE X 94 -72.50 -31.04 -36.35
N VAL X 95 -72.10 -31.06 -37.61
CA VAL X 95 -72.80 -30.39 -38.68
C VAL X 95 -73.37 -31.50 -39.57
N THR X 96 -74.66 -31.39 -39.86
CA THR X 96 -75.50 -32.50 -40.29
C THR X 96 -74.85 -33.34 -41.38
N LYS X 97 -74.95 -34.65 -41.22
CA LYS X 97 -74.37 -35.59 -42.17
C LYS X 97 -74.97 -35.39 -43.55
N ALA X 98 -74.10 -35.21 -44.52
CA ALA X 98 -74.53 -34.86 -45.87
C ALA X 98 -73.55 -35.42 -46.88
N ASN X 99 -74.08 -35.93 -47.99
CA ASN X 99 -73.26 -36.45 -49.06
C ASN X 99 -72.80 -35.38 -50.03
N ALA X 100 -73.52 -34.26 -50.11
CA ALA X 100 -73.19 -33.21 -51.05
C ALA X 100 -73.66 -31.88 -50.45
N LEU X 101 -72.72 -31.04 -50.09
CA LEU X 101 -72.99 -29.72 -49.56
C LEU X 101 -72.16 -28.72 -50.33
N THR X 102 -72.77 -27.58 -50.65
CA THR X 102 -72.19 -26.61 -51.56
C THR X 102 -71.05 -25.81 -50.94
N TYR X 103 -70.68 -26.08 -49.69
CA TYR X 103 -69.63 -25.33 -49.05
C TYR X 103 -68.98 -26.19 -47.99
N ASP X 104 -67.80 -25.75 -47.55
CA ASP X 104 -67.05 -26.43 -46.51
C ASP X 104 -67.43 -25.81 -45.17
N PRO X 105 -68.27 -26.45 -44.36
CA PRO X 105 -68.70 -25.79 -43.13
C PRO X 105 -67.62 -25.72 -42.08
N TYR X 106 -66.68 -26.65 -42.09
CA TYR X 106 -65.61 -26.69 -41.11
C TYR X 106 -64.39 -25.90 -41.55
N VAL X 107 -64.55 -24.94 -42.46
CA VAL X 107 -63.40 -24.23 -43.00
C VAL X 107 -63.02 -23.05 -42.11
N ASN X 108 -64.00 -22.30 -41.62
CA ASN X 108 -63.73 -21.15 -40.78
C ASN X 108 -63.59 -21.50 -39.31
N TYR X 109 -63.82 -22.76 -38.95
CA TYR X 109 -63.61 -23.18 -37.57
C TYR X 109 -62.17 -22.92 -37.16
N SER X 110 -62.01 -22.41 -35.94
CA SER X 110 -60.68 -22.09 -35.44
C SER X 110 -59.80 -23.32 -35.33
N SER X 111 -60.41 -24.48 -35.12
CA SER X 111 -59.69 -25.74 -35.04
C SER X 111 -59.53 -26.41 -36.39
N ARG X 112 -59.56 -25.64 -37.47
CA ARG X 112 -59.50 -26.21 -38.81
C ARG X 112 -58.06 -26.51 -39.18
N HIS X 113 -57.83 -27.70 -39.72
CA HIS X 113 -56.56 -28.10 -40.29
C HIS X 113 -56.86 -28.67 -41.66
N THR X 114 -56.29 -28.07 -42.68
CA THR X 114 -56.66 -28.37 -44.04
C THR X 114 -56.24 -29.78 -44.42
N ILE X 115 -57.05 -30.40 -45.27
CA ILE X 115 -56.74 -31.68 -45.89
C ILE X 115 -56.40 -31.43 -47.34
N THR X 116 -55.33 -32.04 -47.80
CA THR X 116 -55.07 -32.20 -49.21
C THR X 116 -55.58 -33.59 -49.61
N GLN X 117 -56.16 -33.67 -50.78
CA GLN X 117 -56.83 -34.88 -51.23
C GLN X 117 -56.31 -35.26 -52.61
N PRO X 118 -56.48 -36.54 -53.01
CA PRO X 118 -56.97 -37.72 -52.31
C PRO X 118 -55.90 -38.69 -51.85
N PHE X 119 -54.63 -38.33 -52.02
CA PHE X 119 -53.52 -39.24 -51.79
C PHE X 119 -52.62 -38.83 -50.64
N SER X 120 -53.00 -37.82 -49.86
CA SER X 120 -52.14 -37.29 -48.82
C SER X 120 -52.53 -37.84 -47.45
N TYR X 121 -51.61 -37.68 -46.51
CA TYR X 121 -51.79 -38.10 -45.13
C TYR X 121 -52.13 -36.90 -44.29
N HIS X 122 -53.06 -37.09 -43.35
CA HIS X 122 -53.48 -36.02 -42.46
C HIS X 122 -53.70 -36.59 -41.07
N SER X 123 -53.22 -35.85 -40.08
CA SER X 123 -53.25 -36.29 -38.69
C SER X 123 -53.70 -35.15 -37.80
N ARG X 124 -54.36 -35.50 -36.70
CA ARG X 124 -54.94 -34.54 -35.78
C ARG X 124 -54.74 -35.06 -34.36
N TYR X 125 -53.84 -34.42 -33.63
CA TYR X 125 -53.45 -34.83 -32.29
C TYR X 125 -54.06 -33.85 -31.30
N PHE X 126 -55.12 -34.27 -30.63
CA PHE X 126 -55.89 -33.38 -29.78
C PHE X 126 -56.40 -34.13 -28.57
N THR X 127 -56.99 -33.36 -27.65
CA THR X 127 -57.57 -33.89 -26.43
C THR X 127 -59.07 -33.98 -26.61
N PRO X 128 -59.68 -35.15 -26.59
CA PRO X 128 -61.14 -35.24 -26.66
C PRO X 128 -61.74 -34.97 -25.29
N LYS X 129 -63.07 -34.90 -25.28
CA LYS X 129 -63.84 -34.69 -24.08
C LYS X 129 -65.00 -35.66 -24.07
N PRO X 130 -65.47 -36.06 -22.90
CA PRO X 130 -66.60 -36.99 -22.84
C PRO X 130 -67.94 -36.28 -22.90
N VAL X 131 -68.97 -37.09 -23.06
CA VAL X 131 -70.35 -36.62 -23.16
C VAL X 131 -70.99 -36.93 -21.81
N LEU X 132 -70.94 -35.94 -20.91
CA LEU X 132 -71.55 -36.10 -19.60
C LEU X 132 -73.03 -35.79 -19.63
N ASP X 133 -73.42 -34.72 -20.31
CA ASP X 133 -74.83 -34.33 -20.41
C ASP X 133 -75.09 -33.88 -21.84
N ARG X 134 -75.93 -34.62 -22.56
CA ARG X 134 -76.25 -34.27 -23.93
C ARG X 134 -77.13 -33.03 -23.99
N THR X 135 -78.02 -32.86 -23.02
CA THR X 135 -78.89 -31.69 -23.01
C THR X 135 -78.10 -30.42 -22.85
N ILE X 136 -77.11 -30.43 -21.97
CA ILE X 136 -76.36 -29.24 -21.61
C ILE X 136 -75.07 -29.15 -22.42
N ASP X 137 -74.43 -30.28 -22.67
CA ASP X 137 -73.22 -30.37 -23.48
C ASP X 137 -72.12 -29.48 -22.92
N TYR X 138 -71.69 -29.83 -21.72
CA TYR X 138 -70.58 -29.14 -21.07
C TYR X 138 -69.32 -29.99 -21.13
N PHE X 139 -68.20 -29.31 -21.01
CA PHE X 139 -66.90 -29.96 -20.99
C PHE X 139 -65.90 -29.00 -20.40
N GLN X 140 -64.82 -29.55 -19.91
CA GLN X 140 -63.83 -28.76 -19.21
C GLN X 140 -62.62 -28.48 -20.07
N PRO X 141 -61.81 -27.50 -19.72
CA PRO X 141 -60.63 -27.21 -20.52
C PRO X 141 -59.59 -28.31 -20.48
N ASN X 142 -58.47 -28.08 -21.15
CA ASN X 142 -57.37 -29.03 -21.17
C ASN X 142 -56.45 -28.71 -20.01
N ASN X 143 -56.59 -29.45 -18.92
CA ASN X 143 -55.68 -29.37 -17.80
C ASN X 143 -55.45 -30.78 -17.30
N LYS X 144 -54.19 -31.22 -17.34
CA LYS X 144 -53.88 -32.60 -17.03
C LYS X 144 -54.16 -32.93 -15.58
N ARG X 145 -53.77 -32.05 -14.65
CA ARG X 145 -53.91 -32.34 -13.24
C ARG X 145 -55.36 -32.56 -12.87
N ASN X 146 -56.22 -31.64 -13.25
CA ASN X 146 -57.61 -31.64 -12.81
C ASN X 146 -58.56 -32.28 -13.81
N GLN X 147 -58.03 -33.05 -14.76
CA GLN X 147 -58.89 -33.78 -15.67
C GLN X 147 -59.62 -34.89 -14.91
N LEU X 148 -60.83 -35.17 -15.36
CA LEU X 148 -61.70 -36.10 -14.67
C LEU X 148 -61.25 -37.53 -14.89
N TRP X 149 -61.68 -38.40 -13.97
CA TRP X 149 -61.55 -39.82 -14.08
C TRP X 149 -62.91 -40.42 -14.37
N LEU X 150 -62.91 -41.57 -15.01
CA LEU X 150 -64.12 -42.24 -15.44
C LEU X 150 -64.00 -43.73 -15.17
N ARG X 151 -65.07 -44.30 -14.66
CA ARG X 151 -65.12 -45.73 -14.44
C ARG X 151 -65.03 -46.46 -15.77
N LEU X 152 -64.24 -47.53 -15.79
CA LEU X 152 -64.05 -48.33 -16.99
C LEU X 152 -65.13 -49.40 -16.98
N GLN X 153 -66.25 -49.07 -17.60
CA GLN X 153 -67.37 -49.99 -17.64
C GLN X 153 -67.12 -51.08 -18.66
N THR X 154 -67.96 -52.11 -18.61
CA THR X 154 -67.79 -53.30 -19.42
C THR X 154 -68.42 -53.17 -20.79
N THR X 155 -69.64 -52.61 -20.86
CA THR X 155 -70.41 -52.54 -22.10
C THR X 155 -71.01 -51.18 -22.41
N GLY X 156 -70.96 -50.23 -21.48
CA GLY X 156 -71.65 -48.97 -21.63
C GLY X 156 -70.78 -47.76 -21.39
N ASN X 157 -69.53 -47.80 -21.85
CA ASN X 157 -68.65 -46.66 -21.69
C ASN X 157 -69.17 -45.48 -22.49
N VAL X 158 -68.84 -44.29 -22.01
CA VAL X 158 -69.39 -43.07 -22.59
C VAL X 158 -68.66 -42.72 -23.88
N ASP X 159 -69.38 -42.08 -24.77
CA ASP X 159 -68.88 -41.78 -26.11
C ASP X 159 -68.11 -40.47 -26.07
N HIS X 160 -66.79 -40.57 -26.04
CA HIS X 160 -65.96 -39.41 -26.25
C HIS X 160 -66.19 -38.85 -27.66
N VAL X 161 -65.76 -37.61 -27.84
CA VAL X 161 -66.05 -36.84 -29.03
C VAL X 161 -64.85 -35.94 -29.31
N GLY X 162 -64.86 -35.26 -30.45
CA GLY X 162 -63.74 -34.43 -30.82
C GLY X 162 -63.31 -34.31 -32.26
N LEU X 163 -64.03 -34.83 -33.25
CA LEU X 163 -63.62 -34.60 -34.62
C LEU X 163 -64.78 -34.65 -35.60
N GLY X 164 -64.73 -33.75 -36.57
CA GLY X 164 -65.66 -33.77 -37.68
C GLY X 164 -64.92 -33.44 -38.95
N THR X 165 -65.41 -33.99 -40.05
CA THR X 165 -64.72 -33.98 -41.32
C THR X 165 -65.58 -33.36 -42.41
N ALA X 166 -64.92 -32.93 -43.47
CA ALA X 166 -65.59 -32.45 -44.67
C ALA X 166 -64.65 -32.68 -45.84
N PHE X 167 -64.92 -33.71 -46.62
CA PHE X 167 -64.10 -34.06 -47.78
C PHE X 167 -64.79 -33.59 -49.05
N GLU X 168 -64.00 -33.11 -49.98
CA GLU X 168 -64.52 -32.59 -51.23
C GLU X 168 -64.80 -33.75 -52.18
N ASN X 169 -66.01 -33.79 -52.71
CA ASN X 169 -66.40 -34.88 -53.58
C ASN X 169 -65.56 -34.85 -54.86
N SER X 170 -65.52 -36.01 -55.53
CA SER X 170 -64.75 -36.16 -56.74
C SER X 170 -65.41 -37.19 -57.62
N ILE X 171 -65.00 -37.21 -58.89
CA ILE X 171 -65.53 -38.17 -59.84
C ILE X 171 -65.19 -39.58 -59.42
N TYR X 172 -63.99 -39.77 -58.88
CA TYR X 172 -63.48 -41.08 -58.50
C TYR X 172 -63.70 -41.31 -57.02
N ASP X 173 -63.80 -42.58 -56.64
CA ASP X 173 -63.88 -42.94 -55.24
C ASP X 173 -62.59 -42.55 -54.53
N GLN X 174 -62.73 -42.06 -53.31
CA GLN X 174 -61.62 -41.67 -52.45
C GLN X 174 -61.72 -42.56 -51.21
N ASP X 175 -61.14 -43.74 -51.29
CA ASP X 175 -61.09 -44.63 -50.15
C ASP X 175 -59.97 -44.21 -49.22
N TYR X 176 -60.20 -44.41 -47.93
CA TYR X 176 -59.25 -44.08 -46.89
C TYR X 176 -59.14 -45.23 -45.92
N ASN X 177 -58.05 -45.23 -45.15
CA ASN X 177 -57.78 -46.24 -44.15
C ASN X 177 -57.48 -45.47 -42.86
N ILE X 178 -58.51 -45.28 -42.07
CA ILE X 178 -58.40 -44.46 -40.87
C ILE X 178 -57.82 -45.29 -39.74
N ARG X 179 -56.94 -44.67 -38.97
CA ARG X 179 -56.36 -45.27 -37.77
C ARG X 179 -56.61 -44.31 -36.61
N ILE X 180 -57.29 -44.80 -35.59
CA ILE X 180 -57.62 -44.01 -34.42
C ILE X 180 -56.75 -44.48 -33.28
N THR X 181 -55.63 -43.80 -33.08
CA THR X 181 -54.76 -44.07 -31.96
C THR X 181 -55.21 -43.28 -30.74
N MET X 182 -55.21 -43.93 -29.60
CA MET X 182 -55.69 -43.35 -28.35
C MET X 182 -54.61 -43.49 -27.29
N TYR X 183 -54.44 -42.45 -26.50
CA TYR X 183 -53.45 -42.40 -25.43
C TYR X 183 -54.19 -42.28 -24.11
N VAL X 184 -54.29 -43.40 -23.41
CA VAL X 184 -55.16 -43.54 -22.26
C VAL X 184 -54.30 -43.58 -21.01
N GLN X 185 -54.95 -43.36 -19.87
CA GLN X 185 -54.28 -43.36 -18.58
C GLN X 185 -55.21 -44.02 -17.58
N PHE X 186 -54.87 -45.24 -17.18
CA PHE X 186 -55.69 -46.03 -16.29
C PHE X 186 -55.27 -45.83 -14.85
N ARG X 187 -55.94 -46.53 -13.93
CA ARG X 187 -55.72 -46.36 -12.50
C ARG X 187 -56.41 -47.48 -11.76
N GLU X 188 -55.94 -47.72 -10.52
CA GLU X 188 -56.53 -48.67 -9.60
C GLU X 188 -56.54 -50.10 -10.17
N PHE X 189 -55.34 -50.65 -10.27
CA PHE X 189 -55.14 -52.03 -10.68
C PHE X 189 -56.00 -52.97 -9.86
N ASN X 190 -56.99 -53.59 -10.48
CA ASN X 190 -58.05 -54.31 -9.78
C ASN X 190 -58.13 -55.75 -10.24
N LEU X 191 -57.00 -56.42 -10.34
CA LEU X 191 -56.99 -57.79 -10.81
C LEU X 191 -57.50 -58.72 -9.72
N LYS X 192 -58.24 -59.74 -10.15
CA LYS X 192 -58.69 -60.80 -9.29
C LYS X 192 -57.87 -62.06 -9.55
N ASP X 193 -57.80 -62.92 -8.54
CA ASP X 193 -57.07 -64.18 -8.62
C ASP X 193 -57.84 -65.25 -7.87
N PRO X 194 -58.87 -65.82 -8.48
CA PRO X 194 -59.53 -66.96 -7.89
C PRO X 194 -58.61 -68.17 -7.90
N PRO X 195 -58.97 -69.24 -7.21
CA PRO X 195 -58.17 -70.47 -7.30
C PRO X 195 -58.42 -71.21 -8.61
N LEU X 196 -57.84 -72.41 -8.74
CA LEU X 196 -57.95 -73.21 -9.96
C LEU X 196 -57.30 -72.49 -11.13
N TYR Y 1 -50.68 6.21 -29.78
CA TYR Y 1 -51.86 7.04 -29.94
C TYR Y 1 -53.08 6.19 -30.35
N ARG Y 2 -53.37 5.16 -29.55
CA ARG Y 2 -54.55 4.30 -29.69
C ARG Y 2 -54.72 3.80 -31.14
N TRP Y 3 -53.92 2.83 -31.62
CA TRP Y 3 -53.25 1.75 -30.85
C TRP Y 3 -54.20 0.82 -30.07
N ARG Y 4 -54.89 0.00 -30.74
CA ARG Y 4 -56.18 -0.36 -31.35
C ARG Y 4 -57.45 0.06 -30.58
N ARG Y 5 -57.72 -0.28 -29.31
CA ARG Y 5 -57.02 -1.15 -28.39
C ARG Y 5 -57.89 -2.37 -28.01
N LYS Y 6 -59.07 -2.08 -27.43
CA LYS Y 6 -60.07 -3.04 -27.01
C LYS Y 6 -61.47 -2.65 -27.45
N ASN Y 7 -61.63 -1.52 -28.15
CA ASN Y 7 -62.91 -0.82 -28.25
C ASN Y 7 -63.91 -1.50 -29.19
N GLY Y 8 -63.82 -2.81 -29.35
CA GLY Y 8 -64.64 -3.60 -30.21
C GLY Y 8 -63.81 -4.47 -31.13
N ILE Y 9 -62.49 -4.42 -30.96
CA ILE Y 9 -61.59 -5.03 -31.91
C ILE Y 9 -61.70 -6.53 -31.81
N PHE Y 10 -61.89 -7.19 -32.96
CA PHE Y 10 -61.99 -8.63 -33.02
C PHE Y 10 -61.36 -9.10 -34.32
N ASN Y 11 -60.08 -9.43 -34.25
CA ASN Y 11 -59.40 -10.00 -35.40
C ASN Y 11 -59.87 -11.43 -35.59
N THR Y 12 -60.13 -11.78 -36.85
CA THR Y 12 -60.64 -13.10 -37.16
C THR Y 12 -60.22 -13.46 -38.59
N ARG Y 13 -60.83 -14.51 -39.12
CA ARG Y 13 -60.49 -15.07 -40.41
C ARG Y 13 -61.77 -15.51 -41.09
N LEU Y 14 -61.74 -15.45 -42.42
CA LEU Y 14 -62.84 -15.90 -43.25
C LEU Y 14 -62.28 -16.56 -44.48
N SER Y 15 -63.06 -17.46 -45.06
CA SER Y 15 -62.60 -18.24 -46.20
C SER Y 15 -63.79 -18.69 -47.02
N ARG Y 16 -63.55 -18.85 -48.31
CA ARG Y 16 -64.53 -19.41 -49.21
C ARG Y 16 -63.78 -20.21 -50.27
N THR Y 17 -64.53 -20.78 -51.21
CA THR Y 17 -63.95 -21.69 -52.18
C THR Y 17 -64.72 -21.59 -53.49
N ILE Y 18 -63.99 -21.71 -54.59
CA ILE Y 18 -64.57 -21.61 -55.93
C ILE Y 18 -63.67 -22.37 -56.89
N GLY Y 19 -64.28 -22.80 -57.99
CA GLY Y 19 -63.56 -23.49 -59.05
C GLY Y 19 -63.21 -22.53 -60.18
N TYR Y 20 -62.04 -22.74 -60.76
CA TYR Y 20 -61.58 -21.97 -61.90
C TYR Y 20 -61.02 -22.93 -62.92
N THR Y 21 -61.45 -22.78 -64.17
CA THR Y 21 -61.26 -23.79 -65.20
C THR Y 21 -60.59 -23.12 -66.41
N VAL Y 22 -59.30 -23.39 -66.59
CA VAL Y 22 -58.59 -22.98 -67.78
C VAL Y 22 -58.81 -24.04 -68.85
N LYS Y 23 -59.40 -23.64 -69.96
CA LYS Y 23 -59.88 -24.58 -70.95
C LYS Y 23 -58.78 -24.99 -71.91
N LYS Y 24 -59.11 -25.96 -72.76
CA LYS Y 24 -58.19 -26.48 -73.75
C LYS Y 24 -58.02 -25.49 -74.90
N THR Y 25 -57.12 -25.84 -75.82
CA THR Y 25 -56.94 -25.14 -77.07
C THR Y 25 -56.09 -26.00 -77.99
N THR Y 26 -56.46 -26.05 -79.27
CA THR Y 26 -55.65 -26.74 -80.25
C THR Y 26 -54.35 -25.99 -80.55
N VAL Y 27 -54.29 -24.69 -80.21
CA VAL Y 27 -53.06 -23.94 -80.40
C VAL Y 27 -51.94 -24.60 -79.61
N ARG Y 28 -50.74 -24.61 -80.21
CA ARG Y 28 -49.56 -25.17 -79.60
C ARG Y 28 -48.50 -24.13 -79.27
N THR Y 29 -48.59 -22.95 -79.85
CA THR Y 29 -47.68 -21.89 -79.47
C THR Y 29 -48.01 -21.43 -78.05
N PRO Y 30 -47.04 -20.87 -77.33
CA PRO Y 30 -47.34 -20.39 -75.98
C PRO Y 30 -48.39 -19.31 -75.99
N SER Y 31 -49.52 -19.59 -75.35
CA SER Y 31 -50.61 -18.66 -75.22
C SER Y 31 -51.12 -18.70 -73.81
N TRP Y 32 -51.51 -17.53 -73.29
CA TRP Y 32 -51.91 -17.37 -71.91
C TRP Y 32 -53.39 -17.02 -71.82
N ASN Y 33 -53.95 -17.31 -70.65
CA ASN Y 33 -55.35 -17.07 -70.34
C ASN Y 33 -55.41 -16.13 -69.13
N VAL Y 34 -55.76 -14.89 -69.38
CA VAL Y 34 -55.70 -13.84 -68.39
C VAL Y 34 -57.05 -13.69 -67.72
N ASP Y 35 -57.04 -13.43 -66.42
CA ASP Y 35 -58.25 -13.20 -65.66
C ASP Y 35 -57.87 -12.49 -64.38
N MET Y 36 -58.78 -11.66 -63.89
CA MET Y 36 -58.59 -10.88 -62.69
C MET Y 36 -59.19 -11.63 -61.50
N MET Y 37 -59.24 -10.95 -60.35
CA MET Y 37 -59.83 -11.53 -59.16
C MET Y 37 -60.16 -10.41 -58.19
N ARG Y 38 -61.42 -10.33 -57.80
CA ARG Y 38 -61.93 -9.30 -56.90
C ARG Y 38 -62.34 -9.94 -55.58
N PHE Y 39 -62.32 -9.13 -54.53
CA PHE Y 39 -62.65 -9.55 -53.18
C PHE Y 39 -63.73 -8.64 -52.62
N ASN Y 40 -64.83 -9.24 -52.19
CA ASN Y 40 -65.93 -8.49 -51.58
C ASN Y 40 -66.42 -9.31 -50.39
N ILE Y 41 -66.60 -8.62 -49.26
CA ILE Y 41 -66.87 -9.34 -48.02
C ILE Y 41 -68.27 -9.91 -47.99
N ASN Y 42 -69.17 -9.43 -48.84
CA ASN Y 42 -70.52 -9.99 -48.88
C ASN Y 42 -70.51 -11.45 -49.30
N ASP Y 43 -69.48 -11.87 -50.03
CA ASP Y 43 -69.33 -13.27 -50.40
C ASP Y 43 -68.80 -14.13 -49.27
N PHE Y 44 -68.37 -13.53 -48.17
CA PHE Y 44 -67.90 -14.24 -46.99
C PHE Y 44 -68.89 -14.20 -45.84
N LEU Y 45 -69.49 -13.04 -45.59
CA LEU Y 45 -70.44 -12.86 -44.50
C LEU Y 45 -71.85 -13.00 -45.04
N PRO Y 46 -72.57 -14.08 -44.77
CA PRO Y 46 -73.96 -14.13 -45.19
C PRO Y 46 -74.83 -13.24 -44.32
N PRO Y 47 -76.05 -12.95 -44.74
CA PRO Y 47 -76.88 -12.01 -43.99
C PRO Y 47 -77.49 -12.66 -42.75
N GLY Y 48 -77.61 -11.86 -41.70
CA GLY Y 48 -78.24 -12.33 -40.47
C GLY Y 48 -79.74 -12.28 -40.55
N GLY Y 49 -80.37 -11.87 -39.46
CA GLY Y 49 -81.81 -11.77 -39.43
C GLY Y 49 -82.33 -10.91 -38.30
N GLY Y 50 -83.37 -10.13 -38.58
CA GLY Y 50 -83.96 -9.28 -37.57
C GLY Y 50 -83.26 -7.95 -37.45
N SER Y 51 -83.13 -7.47 -36.22
CA SER Y 51 -82.47 -6.20 -35.97
C SER Y 51 -80.98 -6.28 -36.28
N ASN Y 52 -80.39 -7.47 -36.18
CA ASN Y 52 -79.00 -7.66 -36.52
C ASN Y 52 -78.93 -8.06 -38.00
N PRO Y 53 -78.49 -7.18 -38.90
CA PRO Y 53 -78.61 -7.49 -40.32
C PRO Y 53 -77.56 -8.48 -40.81
N LEU Y 54 -76.39 -8.45 -40.19
CA LEU Y 54 -75.29 -9.33 -40.53
C LEU Y 54 -75.20 -10.51 -39.55
N THR Y 55 -74.38 -11.48 -39.92
CA THR Y 55 -74.09 -12.62 -39.05
C THR Y 55 -73.06 -12.30 -38.00
N VAL Y 56 -72.20 -11.32 -38.25
CA VAL Y 56 -71.17 -10.89 -37.31
C VAL Y 56 -71.62 -9.57 -36.70
N PRO Y 57 -71.77 -9.46 -35.40
CA PRO Y 57 -72.26 -8.20 -34.84
C PRO Y 57 -71.15 -7.16 -34.66
N PHE Y 58 -70.83 -6.49 -35.76
CA PHE Y 58 -69.89 -5.39 -35.73
C PHE Y 58 -70.29 -4.38 -36.79
N GLU Y 59 -69.78 -3.16 -36.64
CA GLU Y 59 -70.13 -2.04 -37.51
C GLU Y 59 -69.06 -1.75 -38.54
N TYR Y 60 -67.84 -1.57 -38.10
CA TYR Y 60 -66.72 -1.21 -38.97
C TYR Y 60 -65.89 -2.45 -39.27
N TYR Y 61 -64.99 -2.30 -40.25
CA TYR Y 61 -64.08 -3.37 -40.59
C TYR Y 61 -62.98 -2.83 -41.48
N ARG Y 62 -61.88 -3.57 -41.54
CA ARG Y 62 -60.79 -3.27 -42.46
C ARG Y 62 -60.02 -4.55 -42.70
N ILE Y 63 -59.77 -4.85 -43.97
CA ILE Y 63 -59.10 -6.08 -44.34
C ILE Y 63 -57.60 -5.89 -44.23
N ARG Y 64 -56.98 -6.66 -43.36
CA ARG Y 64 -55.55 -6.58 -43.16
C ARG Y 64 -54.79 -7.30 -44.27
N LYS Y 65 -55.14 -8.56 -44.52
CA LYS Y 65 -54.41 -9.41 -45.43
C LYS Y 65 -55.37 -10.34 -46.14
N VAL Y 66 -54.89 -10.88 -47.25
CA VAL Y 66 -55.60 -11.89 -48.01
C VAL Y 66 -54.61 -12.96 -48.41
N LYS Y 67 -55.01 -14.21 -48.31
CA LYS Y 67 -54.21 -15.36 -48.69
C LYS Y 67 -54.99 -16.16 -49.71
N VAL Y 68 -54.67 -15.96 -50.96
CA VAL Y 68 -55.22 -16.76 -52.03
C VAL Y 68 -54.44 -18.06 -52.11
N GLU Y 69 -55.11 -19.13 -52.52
CA GLU Y 69 -54.52 -20.45 -52.58
C GLU Y 69 -55.08 -21.15 -53.79
N PHE Y 70 -54.19 -21.62 -54.67
CA PHE Y 70 -54.57 -22.33 -55.88
C PHE Y 70 -54.36 -23.83 -55.66
N TRP Y 71 -55.26 -24.41 -54.92
CA TRP Y 71 -55.23 -25.85 -54.73
C TRP Y 71 -55.64 -26.52 -56.03
N PRO Y 72 -54.74 -27.19 -56.75
CA PRO Y 72 -55.09 -27.70 -58.07
C PRO Y 72 -56.09 -28.84 -58.00
N CYS Y 73 -56.56 -29.22 -59.18
CA CYS Y 73 -57.43 -30.36 -59.36
C CYS Y 73 -56.90 -31.34 -60.40
N SER Y 74 -55.76 -31.05 -61.01
CA SER Y 74 -55.18 -31.91 -62.03
C SER Y 74 -54.19 -32.86 -61.40
N PRO Y 75 -53.90 -33.99 -62.04
CA PRO Y 75 -52.99 -34.96 -61.45
C PRO Y 75 -51.54 -34.60 -61.71
N ILE Y 76 -50.67 -35.33 -61.00
CA ILE Y 76 -49.23 -35.16 -61.18
C ILE Y 76 -48.80 -35.61 -62.56
N THR Y 77 -49.49 -36.57 -63.15
CA THR Y 77 -49.05 -37.20 -64.38
C THR Y 77 -49.54 -36.47 -65.62
N GLN Y 78 -49.89 -35.20 -65.50
CA GLN Y 78 -50.40 -34.43 -66.62
C GLN Y 78 -49.26 -33.81 -67.39
N GLY Y 79 -49.36 -33.86 -68.72
CA GLY Y 79 -48.33 -33.36 -69.60
C GLY Y 79 -48.69 -32.00 -70.17
N ASP Y 80 -47.85 -31.56 -71.10
CA ASP Y 80 -47.93 -30.23 -71.69
C ASP Y 80 -48.00 -29.18 -70.60
N ARG Y 81 -46.99 -29.21 -69.75
CA ARG Y 81 -46.94 -28.29 -68.63
C ARG Y 81 -46.73 -26.88 -69.14
N GLY Y 82 -46.66 -25.95 -68.22
CA GLY Y 82 -46.50 -24.57 -68.58
C GLY Y 82 -45.99 -23.75 -67.44
N VAL Y 83 -46.17 -22.44 -67.58
CA VAL Y 83 -45.70 -21.51 -66.56
C VAL Y 83 -46.53 -20.23 -66.69
N GLY Y 84 -46.95 -19.71 -65.55
CA GLY Y 84 -47.81 -18.55 -65.49
C GLY Y 84 -47.27 -17.48 -64.58
N SER Y 85 -48.15 -16.57 -64.15
CA SER Y 85 -47.71 -15.46 -63.31
C SER Y 85 -48.91 -14.86 -62.60
N THR Y 86 -48.70 -14.51 -61.34
CA THR Y 86 -49.67 -13.81 -60.52
C THR Y 86 -49.08 -12.50 -60.07
N ALA Y 87 -49.89 -11.45 -60.13
CA ALA Y 87 -49.44 -10.11 -59.78
C ALA Y 87 -50.51 -9.42 -58.98
N VAL Y 88 -50.07 -8.42 -58.22
CA VAL Y 88 -50.93 -7.68 -57.31
C VAL Y 88 -51.32 -6.37 -57.98
N ILE Y 89 -52.62 -6.12 -58.08
CA ILE Y 89 -53.17 -4.98 -58.76
C ILE Y 89 -54.06 -4.26 -57.78
N LEU Y 90 -53.63 -3.08 -57.35
CA LEU Y 90 -54.25 -2.39 -56.23
C LEU Y 90 -55.10 -1.20 -56.68
N ASP Y 91 -55.44 -1.13 -57.98
CA ASP Y 91 -56.08 0.06 -58.53
C ASP Y 91 -57.26 -0.25 -59.44
N ASP Y 92 -57.70 -1.50 -59.52
CA ASP Y 92 -58.80 -1.89 -60.39
C ASP Y 92 -58.48 -1.67 -61.86
N ASN Y 93 -57.18 -1.67 -62.19
CA ASN Y 93 -56.71 -1.57 -63.57
C ASN Y 93 -56.03 -2.89 -63.88
N PHE Y 94 -56.84 -3.86 -64.25
CA PHE Y 94 -56.33 -5.16 -64.65
C PHE Y 94 -55.96 -5.09 -66.13
N VAL Y 95 -55.54 -6.23 -66.66
CA VAL Y 95 -55.13 -6.37 -68.04
C VAL Y 95 -56.19 -7.23 -68.71
N THR Y 96 -56.70 -6.76 -69.85
CA THR Y 96 -57.98 -7.17 -70.41
C THR Y 96 -58.15 -8.68 -70.43
N LYS Y 97 -59.33 -9.12 -70.02
CA LYS Y 97 -59.65 -10.54 -69.98
C LYS Y 97 -59.52 -11.15 -71.36
N ALA Y 98 -58.76 -12.23 -71.44
CA ALA Y 98 -58.42 -12.84 -72.72
C ALA Y 98 -58.22 -14.33 -72.53
N ASN Y 99 -58.71 -15.10 -73.49
CA ASN Y 99 -58.53 -16.54 -73.46
C ASN Y 99 -57.22 -16.99 -74.07
N ALA Y 100 -56.63 -16.18 -74.94
CA ALA Y 100 -55.39 -16.54 -75.61
C ALA Y 100 -54.63 -15.26 -75.92
N LEU Y 101 -53.50 -15.07 -75.25
CA LEU Y 101 -52.64 -13.94 -75.47
C LEU Y 101 -51.22 -14.45 -75.67
N THR Y 102 -50.51 -13.86 -76.63
CA THR Y 102 -49.23 -14.37 -77.07
C THR Y 102 -48.10 -14.11 -76.10
N TYR Y 103 -48.38 -13.51 -74.94
CA TYR Y 103 -47.32 -13.20 -73.99
C TYR Y 103 -47.92 -13.15 -72.60
N ASP Y 104 -47.04 -13.22 -71.62
CA ASP Y 104 -47.42 -13.13 -70.21
C ASP Y 104 -47.34 -11.68 -69.78
N PRO Y 105 -48.46 -10.97 -69.66
CA PRO Y 105 -48.35 -9.55 -69.35
C PRO Y 105 -47.94 -9.27 -67.92
N TYR Y 106 -48.26 -10.18 -67.00
CA TYR Y 106 -47.92 -10.01 -65.60
C TYR Y 106 -46.56 -10.57 -65.25
N VAL Y 107 -45.66 -10.73 -66.22
CA VAL Y 107 -44.38 -11.35 -65.96
C VAL Y 107 -43.36 -10.35 -65.44
N ASN Y 108 -43.32 -9.16 -66.01
CA ASN Y 108 -42.36 -8.14 -65.60
C ASN Y 108 -42.87 -7.31 -64.45
N TYR Y 109 -44.11 -7.50 -64.02
CA TYR Y 109 -44.61 -6.79 -62.86
C TYR Y 109 -43.75 -7.08 -61.64
N SER Y 110 -43.45 -6.03 -60.88
CA SER Y 110 -42.61 -6.18 -59.71
C SER Y 110 -43.22 -7.11 -58.67
N SER Y 111 -44.54 -7.19 -58.63
CA SER Y 111 -45.26 -8.06 -57.72
C SER Y 111 -45.50 -9.44 -58.31
N ARG Y 112 -44.66 -9.87 -59.25
CA ARG Y 112 -44.85 -11.14 -59.92
C ARG Y 112 -44.30 -12.27 -59.07
N HIS Y 113 -45.10 -13.32 -58.93
CA HIS Y 113 -44.68 -14.56 -58.30
C HIS Y 113 -45.06 -15.68 -59.25
N THR Y 114 -44.06 -16.44 -59.67
CA THR Y 114 -44.27 -17.40 -60.74
C THR Y 114 -45.16 -18.53 -60.31
N ILE Y 115 -45.93 -19.05 -61.26
CA ILE Y 115 -46.74 -20.24 -61.08
C ILE Y 115 -46.09 -21.36 -61.86
N THR Y 116 -45.97 -22.52 -61.23
CA THR Y 116 -45.72 -23.76 -61.93
C THR Y 116 -47.06 -24.43 -62.17
N GLN Y 117 -47.21 -25.04 -63.33
CA GLN Y 117 -48.48 -25.60 -63.75
C GLN Y 117 -48.29 -27.04 -64.18
N PRO Y 118 -49.37 -27.84 -64.19
CA PRO Y 118 -50.74 -27.63 -63.76
C PRO Y 118 -51.11 -28.27 -62.44
N PHE Y 119 -50.12 -28.86 -61.74
CA PHE Y 119 -50.39 -29.66 -60.56
C PHE Y 119 -49.79 -29.07 -59.29
N SER Y 120 -49.28 -27.86 -59.34
CA SER Y 120 -48.59 -27.27 -58.20
C SER Y 120 -49.50 -26.32 -57.43
N TYR Y 121 -49.09 -26.03 -56.21
CA TYR Y 121 -49.78 -25.12 -55.32
C TYR Y 121 -49.10 -23.76 -55.34
N HIS Y 122 -49.90 -22.71 -55.32
CA HIS Y 122 -49.40 -21.36 -55.34
C HIS Y 122 -50.23 -20.49 -54.42
N SER Y 123 -49.56 -19.65 -53.65
CA SER Y 123 -50.21 -18.83 -52.65
C SER Y 123 -49.63 -17.42 -52.69
N ARG Y 124 -50.47 -16.45 -52.34
CA ARG Y 124 -50.13 -15.04 -52.42
C ARG Y 124 -50.73 -14.34 -51.20
N TYR Y 125 -49.87 -13.95 -50.28
CA TYR Y 125 -50.27 -13.35 -49.00
C TYR Y 125 -49.93 -11.88 -49.06
N PHE Y 126 -50.95 -11.04 -49.26
CA PHE Y 126 -50.76 -9.63 -49.49
C PHE Y 126 -51.87 -8.83 -48.84
N THR Y 127 -51.68 -7.51 -48.88
CA THR Y 127 -52.65 -6.57 -48.35
C THR Y 127 -53.46 -5.98 -49.49
N PRO Y 128 -54.76 -6.22 -49.58
CA PRO Y 128 -55.55 -5.57 -50.63
C PRO Y 128 -55.89 -4.15 -50.25
N LYS Y 129 -56.50 -3.46 -51.19
CA LYS Y 129 -56.93 -2.08 -51.00
C LYS Y 129 -58.34 -1.95 -51.54
N PRO Y 130 -59.14 -1.03 -51.00
CA PRO Y 130 -60.50 -0.86 -51.49
C PRO Y 130 -60.58 0.08 -52.68
N VAL Y 131 -61.75 0.11 -53.29
CA VAL Y 131 -62.03 0.93 -54.45
C VAL Y 131 -62.86 2.10 -53.94
N LEU Y 132 -62.18 3.19 -53.58
CA LEU Y 132 -62.86 4.38 -53.11
C LEU Y 132 -63.35 5.25 -54.25
N ASP Y 133 -62.52 5.43 -55.29
CA ASP Y 133 -62.88 6.24 -56.45
C ASP Y 133 -62.37 5.53 -57.69
N ARG Y 134 -63.28 5.09 -58.54
CA ARG Y 134 -62.89 4.40 -59.76
C ARG Y 134 -62.28 5.36 -60.77
N THR Y 135 -62.78 6.60 -60.81
CA THR Y 135 -62.24 7.58 -61.74
C THR Y 135 -60.78 7.89 -61.44
N ILE Y 136 -60.46 8.03 -60.16
CA ILE Y 136 -59.15 8.47 -59.73
C ILE Y 136 -58.26 7.28 -59.38
N ASP Y 137 -58.85 6.26 -58.77
CA ASP Y 137 -58.16 5.02 -58.43
C ASP Y 137 -56.96 5.30 -57.53
N TYR Y 138 -57.25 5.81 -56.34
CA TYR Y 138 -56.24 6.04 -55.33
C TYR Y 138 -56.31 4.98 -54.24
N PHE Y 139 -55.19 4.82 -53.56
CA PHE Y 139 -55.08 3.88 -52.46
C PHE Y 139 -53.88 4.28 -51.63
N GLN Y 140 -53.88 3.83 -50.40
CA GLN Y 140 -52.85 4.23 -49.47
C GLN Y 140 -51.84 3.11 -49.25
N PRO Y 141 -50.67 3.43 -48.73
CA PRO Y 141 -49.68 2.37 -48.50
C PRO Y 141 -50.09 1.39 -47.44
N ASN Y 142 -49.21 0.44 -47.15
CA ASN Y 142 -49.44 -0.57 -46.13
C ASN Y 142 -48.91 -0.02 -44.81
N ASN Y 143 -49.82 0.50 -43.99
CA ASN Y 143 -49.50 0.91 -42.64
C ASN Y 143 -50.66 0.52 -41.75
N LYS Y 144 -50.38 -0.33 -40.77
CA LYS Y 144 -51.46 -0.91 -39.97
C LYS Y 144 -52.14 0.15 -39.13
N ARG Y 145 -51.38 1.04 -38.49
CA ARG Y 145 -51.96 2.01 -37.58
C ARG Y 145 -52.95 2.90 -38.29
N ASN Y 146 -52.54 3.48 -39.42
CA ASN Y 146 -53.32 4.49 -40.11
C ASN Y 146 -54.15 3.93 -41.25
N GLN Y 147 -54.36 2.62 -41.28
CA GLN Y 147 -55.25 2.04 -42.28
C GLN Y 147 -56.68 2.45 -41.99
N LEU Y 148 -57.45 2.59 -43.06
CA LEU Y 148 -58.80 3.10 -42.95
C LEU Y 148 -59.74 2.06 -42.38
N TRP Y 149 -60.85 2.55 -41.84
CA TRP Y 149 -61.96 1.74 -41.42
C TRP Y 149 -63.10 1.93 -42.41
N LEU Y 150 -63.95 0.93 -42.50
CA LEU Y 150 -65.05 0.91 -43.46
C LEU Y 150 -66.30 0.36 -42.78
N ARG Y 151 -67.42 1.01 -43.05
CA ARG Y 151 -68.69 0.53 -42.53
C ARG Y 151 -69.00 -0.83 -43.13
N LEU Y 152 -69.50 -1.74 -42.29
CA LEU Y 152 -69.85 -3.08 -42.72
C LEU Y 152 -71.30 -3.02 -43.18
N GLN Y 153 -71.48 -2.76 -44.45
CA GLN Y 153 -72.81 -2.67 -45.02
C GLN Y 153 -73.42 -4.05 -45.20
N THR Y 154 -74.71 -4.06 -45.48
CA THR Y 154 -75.48 -5.29 -45.56
C THR Y 154 -75.44 -5.92 -46.94
N THR Y 155 -75.56 -5.12 -48.00
CA THR Y 155 -75.67 -5.61 -49.36
C THR Y 155 -74.77 -4.91 -50.36
N GLY Y 156 -74.11 -3.82 -49.99
CA GLY Y 156 -73.37 -3.00 -50.92
C GLY Y 156 -71.96 -2.69 -50.48
N ASN Y 157 -71.28 -3.67 -49.91
CA ASN Y 157 -69.90 -3.47 -49.49
C ASN Y 157 -69.01 -3.24 -50.72
N VAL Y 158 -67.94 -2.52 -50.50
CA VAL Y 158 -67.08 -2.10 -51.59
C VAL Y 158 -66.18 -3.25 -52.02
N ASP Y 159 -65.83 -3.26 -53.30
CA ASP Y 159 -65.09 -4.34 -53.91
C ASP Y 159 -63.60 -4.09 -53.70
N HIS Y 160 -63.02 -4.77 -52.72
CA HIS Y 160 -61.58 -4.81 -52.60
C HIS Y 160 -60.96 -5.46 -53.84
N VAL Y 161 -59.66 -5.24 -53.99
CA VAL Y 161 -58.94 -5.62 -55.20
C VAL Y 161 -57.53 -5.99 -54.78
N GLY Y 162 -56.75 -6.52 -55.72
CA GLY Y 162 -55.41 -6.96 -55.41
C GLY Y 162 -54.83 -8.19 -56.08
N LEU Y 163 -55.45 -8.79 -57.09
CA LEU Y 163 -54.78 -9.89 -57.76
C LEU Y 163 -55.24 -10.06 -59.19
N GLY Y 164 -54.27 -10.38 -60.04
CA GLY Y 164 -54.54 -10.73 -61.41
C GLY Y 164 -53.66 -11.90 -61.82
N THR Y 165 -54.17 -12.71 -62.74
CA THR Y 165 -53.57 -13.99 -63.07
C THR Y 165 -53.28 -14.06 -64.57
N ALA Y 166 -52.38 -14.97 -64.91
CA ALA Y 166 -52.10 -15.30 -66.30
C ALA Y 166 -51.59 -16.74 -66.34
N PHE Y 167 -52.46 -17.64 -66.75
CA PHE Y 167 -52.13 -19.06 -66.84
C PHE Y 167 -51.84 -19.42 -68.28
N GLU Y 168 -50.86 -20.29 -68.47
CA GLU Y 168 -50.46 -20.72 -69.80
C GLU Y 168 -51.39 -21.81 -70.29
N ASN Y 169 -51.95 -21.61 -71.47
CA ASN Y 169 -52.88 -22.56 -72.02
C ASN Y 169 -52.21 -23.90 -72.27
N SER Y 170 -53.03 -24.94 -72.36
CA SER Y 170 -52.54 -26.29 -72.56
C SER Y 170 -53.59 -27.08 -73.32
N ILE Y 171 -53.15 -28.22 -73.84
CA ILE Y 171 -54.06 -29.10 -74.58
C ILE Y 171 -55.15 -29.62 -73.67
N TYR Y 172 -54.80 -29.91 -72.42
CA TYR Y 172 -55.72 -30.48 -71.45
C TYR Y 172 -56.30 -29.39 -70.56
N ASP Y 173 -57.49 -29.65 -70.04
CA ASP Y 173 -58.10 -28.75 -69.08
C ASP Y 173 -57.25 -28.69 -67.81
N GLN Y 174 -57.13 -27.49 -67.26
CA GLN Y 174 -56.40 -27.24 -66.02
C GLN Y 174 -57.43 -26.69 -65.03
N ASP Y 175 -58.11 -27.58 -64.34
CA ASP Y 175 -59.06 -27.18 -63.33
C ASP Y 175 -58.31 -26.87 -62.04
N TYR Y 176 -58.83 -25.89 -61.31
CA TYR Y 176 -58.26 -25.45 -60.05
C TYR Y 176 -59.36 -25.32 -59.02
N ASN Y 177 -58.96 -25.30 -57.75
CA ASN Y 177 -59.86 -25.17 -56.61
C ASN Y 177 -59.30 -24.02 -55.79
N ILE Y 178 -59.80 -22.83 -56.04
CA ILE Y 178 -59.28 -21.63 -55.41
C ILE Y 178 -59.89 -21.48 -54.03
N ARG Y 179 -59.08 -21.06 -53.09
CA ARG Y 179 -59.50 -20.74 -51.73
C ARG Y 179 -59.04 -19.34 -51.41
N ILE Y 180 -59.99 -18.47 -51.09
CA ILE Y 180 -59.70 -17.08 -50.78
C ILE Y 180 -59.87 -16.89 -49.29
N THR Y 181 -58.78 -16.99 -48.56
CA THR Y 181 -58.78 -16.73 -47.13
C THR Y 181 -58.55 -15.25 -46.89
N MET Y 182 -59.32 -14.70 -45.96
CA MET Y 182 -59.31 -13.28 -45.64
C MET Y 182 -59.09 -13.11 -44.15
N TYR Y 183 -58.27 -12.13 -43.79
CA TYR Y 183 -57.92 -11.82 -42.42
C TYR Y 183 -58.44 -10.43 -42.11
N VAL Y 184 -59.57 -10.37 -41.41
CA VAL Y 184 -60.34 -9.16 -41.23
C VAL Y 184 -60.16 -8.69 -39.80
N GLN Y 185 -60.52 -7.44 -39.57
CA GLN Y 185 -60.42 -6.82 -38.25
C GLN Y 185 -61.64 -5.93 -38.08
N PHE Y 186 -62.57 -6.36 -37.24
CA PHE Y 186 -63.82 -5.66 -37.02
C PHE Y 186 -63.71 -4.72 -35.83
N ARG Y 187 -64.80 -4.04 -35.52
CA ARG Y 187 -64.80 -3.02 -34.47
C ARG Y 187 -66.25 -2.65 -34.16
N GLU Y 188 -66.44 -2.09 -32.96
CA GLU Y 188 -67.72 -1.56 -32.50
C GLU Y 188 -68.81 -2.63 -32.49
N PHE Y 189 -68.65 -3.56 -31.55
CA PHE Y 189 -69.63 -4.60 -31.31
C PHE Y 189 -71.01 -4.00 -31.09
N ASN Y 190 -71.92 -4.24 -32.03
CA ASN Y 190 -73.19 -3.54 -32.12
C ASN Y 190 -74.37 -4.49 -32.08
N LEU Y 191 -74.34 -5.44 -31.15
CA LEU Y 191 -75.40 -6.43 -31.07
C LEU Y 191 -76.64 -5.80 -30.47
N LYS Y 192 -77.79 -6.22 -30.99
CA LYS Y 192 -79.09 -5.86 -30.45
C LYS Y 192 -79.68 -7.04 -29.69
N ASP Y 193 -80.55 -6.72 -28.74
CA ASP Y 193 -81.23 -7.74 -27.93
C ASP Y 193 -82.66 -7.30 -27.67
N PRO Y 194 -83.54 -7.49 -28.64
CA PRO Y 194 -84.96 -7.26 -28.40
C PRO Y 194 -85.51 -8.28 -27.43
N PRO Y 195 -86.72 -8.09 -26.93
CA PRO Y 195 -87.34 -9.12 -26.09
C PRO Y 195 -87.83 -10.30 -26.90
N LEU Y 196 -88.53 -11.24 -26.26
CA LEU Y 196 -89.03 -12.44 -26.90
C LEU Y 196 -87.87 -13.31 -27.41
N TYR Z 1 -42.09 -0.28 -41.49
CA TYR Z 1 -43.21 -1.03 -42.02
C TYR Z 1 -43.36 -0.80 -43.53
N ARG Z 2 -42.27 -1.05 -44.28
CA ARG Z 2 -42.23 -1.01 -45.74
C ARG Z 2 -42.85 0.29 -46.29
N TRP Z 3 -42.17 1.45 -46.21
CA TRP Z 3 -40.70 1.63 -46.17
C TRP Z 3 -39.95 1.09 -47.41
N ARG Z 4 -40.08 1.74 -48.49
CA ARG Z 4 -40.70 1.85 -49.81
C ARG Z 4 -41.01 0.54 -50.56
N ARG Z 5 -40.10 -0.40 -50.87
CA ARG Z 5 -38.65 -0.42 -50.69
C ARG Z 5 -37.94 -0.49 -52.05
N LYS Z 6 -38.23 -1.56 -52.80
CA LYS Z 6 -37.69 -1.84 -54.13
C LYS Z 6 -38.79 -2.24 -55.10
N ASN Z 7 -40.04 -2.30 -54.68
CA ASN Z 7 -41.08 -3.07 -55.37
C ASN Z 7 -41.59 -2.41 -56.66
N GLY Z 8 -40.75 -1.62 -57.32
CA GLY Z 8 -41.07 -0.90 -58.52
C GLY Z 8 -40.72 0.57 -58.39
N ILE Z 9 -40.13 0.94 -57.25
CA ILE Z 9 -39.95 2.34 -56.92
C ILE Z 9 -38.91 2.93 -57.84
N PHE Z 10 -39.25 4.05 -58.46
CA PHE Z 10 -38.32 4.75 -59.36
C PHE Z 10 -38.57 6.24 -59.21
N ASN Z 11 -37.81 6.87 -58.32
CA ASN Z 11 -37.86 8.31 -58.17
C ASN Z 11 -37.19 8.96 -59.38
N THR Z 12 -37.82 9.99 -59.89
CA THR Z 12 -37.31 10.66 -61.09
C THR Z 12 -37.78 12.11 -61.06
N ARG Z 13 -37.63 12.78 -62.19
CA ARG Z 13 -37.91 14.19 -62.34
C ARG Z 13 -38.53 14.43 -63.70
N LEU Z 14 -39.38 15.44 -63.77
CA LEU Z 14 -40.00 15.85 -65.01
C LEU Z 14 -40.10 17.37 -65.02
N SER Z 15 -40.14 17.94 -66.21
CA SER Z 15 -40.13 19.38 -66.36
C SER Z 15 -40.80 19.75 -67.68
N ARG Z 16 -41.39 20.93 -67.69
CA ARG Z 16 -41.95 21.51 -68.89
C ARG Z 16 -41.76 23.02 -68.80
N THR Z 17 -42.23 23.72 -69.82
CA THR Z 17 -41.99 25.15 -69.94
C THR Z 17 -43.16 25.81 -70.64
N ILE Z 18 -43.48 27.03 -70.21
CA ILE Z 18 -44.60 27.79 -70.75
C ILE Z 18 -44.34 29.27 -70.52
N GLY Z 19 -44.95 30.09 -71.35
CA GLY Z 19 -44.86 31.54 -71.24
C GLY Z 19 -46.07 32.10 -70.53
N TYR Z 20 -45.84 33.13 -69.71
CA TYR Z 20 -46.90 33.84 -69.01
C TYR Z 20 -46.65 35.32 -69.16
N THR Z 21 -47.68 36.05 -69.56
CA THR Z 21 -47.56 37.41 -70.05
C THR Z 21 -48.50 38.30 -69.24
N VAL Z 22 -47.92 39.09 -68.34
CA VAL Z 22 -48.67 40.11 -67.63
C VAL Z 22 -48.68 41.36 -68.50
N LYS Z 23 -49.88 41.80 -68.86
CA LYS Z 23 -50.03 42.83 -69.88
C LYS Z 23 -49.92 44.22 -69.28
N LYS Z 24 -49.91 45.22 -70.16
CA LYS Z 24 -49.81 46.61 -69.78
C LYS Z 24 -51.13 47.11 -69.18
N THR Z 25 -51.10 48.35 -68.72
CA THR Z 25 -52.29 49.06 -68.31
C THR Z 25 -51.94 50.53 -68.16
N THR Z 26 -52.84 51.41 -68.61
CA THR Z 26 -52.66 52.83 -68.41
C THR Z 26 -52.85 53.23 -66.95
N VAL Z 27 -53.50 52.38 -66.14
CA VAL Z 27 -53.66 52.65 -64.72
C VAL Z 27 -52.28 52.81 -64.08
N ARG Z 28 -52.19 53.77 -63.16
CA ARG Z 28 -50.96 54.04 -62.43
C ARG Z 28 -51.06 53.70 -60.96
N THR Z 29 -52.27 53.57 -60.43
CA THR Z 29 -52.40 53.13 -59.05
C THR Z 29 -51.96 51.68 -58.95
N PRO Z 30 -51.52 51.23 -57.77
CA PRO Z 30 -51.13 49.83 -57.63
C PRO Z 30 -52.30 48.89 -57.90
N SER Z 31 -52.14 48.08 -58.93
CA SER Z 31 -53.13 47.09 -59.32
C SER Z 31 -52.42 45.79 -59.62
N TRP Z 32 -53.05 44.68 -59.25
CA TRP Z 32 -52.47 43.36 -59.37
C TRP Z 32 -53.21 42.53 -60.40
N ASN Z 33 -52.52 41.52 -60.92
CA ASN Z 33 -53.03 40.60 -61.91
C ASN Z 33 -52.95 39.19 -61.33
N VAL Z 34 -54.09 38.65 -60.97
CA VAL Z 34 -54.17 37.40 -60.24
C VAL Z 34 -54.39 36.27 -61.22
N ASP Z 35 -53.76 35.13 -60.94
CA ASP Z 35 -53.91 33.93 -61.75
C ASP Z 35 -53.47 32.75 -60.92
N MET Z 36 -54.09 31.61 -61.18
CA MET Z 36 -53.79 30.38 -60.48
C MET Z 36 -52.79 29.55 -61.29
N MET Z 37 -52.56 28.32 -60.84
CA MET Z 37 -51.65 27.42 -61.55
C MET Z 37 -51.95 26.00 -61.11
N ARG Z 38 -52.26 25.15 -62.08
CA ARG Z 38 -52.59 23.75 -61.85
C ARG Z 38 -51.51 22.86 -62.43
N PHE Z 39 -51.41 21.65 -61.86
CA PHE Z 39 -50.41 20.67 -62.26
C PHE Z 39 -51.11 19.37 -62.59
N ASN Z 40 -50.86 18.86 -63.78
CA ASN Z 40 -51.41 17.60 -64.23
C ASN Z 40 -50.32 16.85 -64.98
N ILE Z 41 -50.15 15.57 -64.65
CA ILE Z 41 -49.01 14.84 -65.16
C ILE Z 41 -49.14 14.52 -66.63
N ASN Z 42 -50.35 14.60 -67.19
CA ASN Z 42 -50.50 14.34 -68.61
C ASN Z 42 -49.76 15.37 -69.45
N ASP Z 43 -49.53 16.56 -68.91
CA ASP Z 43 -48.75 17.58 -69.57
C ASP Z 43 -47.26 17.32 -69.52
N PHE Z 44 -46.82 16.34 -68.72
CA PHE Z 44 -45.42 15.95 -68.63
C PHE Z 44 -45.12 14.64 -69.31
N LEU Z 45 -45.99 13.64 -69.14
CA LEU Z 45 -45.81 12.33 -69.74
C LEU Z 45 -46.60 12.25 -71.02
N PRO Z 46 -45.97 12.26 -72.20
CA PRO Z 46 -46.73 12.05 -73.42
C PRO Z 46 -47.14 10.60 -73.56
N PRO Z 47 -48.08 10.29 -74.45
CA PRO Z 47 -48.57 8.92 -74.56
C PRO Z 47 -47.60 8.02 -75.30
N GLY Z 48 -47.55 6.77 -74.87
CA GLY Z 48 -46.71 5.78 -75.54
C GLY Z 48 -47.38 5.21 -76.76
N GLY Z 49 -47.24 3.91 -76.96
CA GLY Z 49 -47.83 3.25 -78.09
C GLY Z 49 -47.93 1.75 -77.94
N GLY Z 50 -49.04 1.19 -78.40
CA GLY Z 50 -49.24 -0.25 -78.33
C GLY Z 50 -49.79 -0.70 -77.00
N SER Z 51 -49.30 -1.84 -76.51
CA SER Z 51 -49.77 -2.36 -75.24
C SER Z 51 -49.33 -1.48 -74.08
N ASN Z 52 -48.21 -0.77 -74.24
CA ASN Z 52 -47.76 0.17 -73.23
C ASN Z 52 -48.37 1.53 -73.52
N PRO Z 53 -49.37 2.00 -72.76
CA PRO Z 53 -50.07 3.21 -73.16
C PRO Z 53 -49.29 4.48 -72.88
N LEU Z 54 -48.47 4.46 -71.83
CA LEU Z 54 -47.65 5.60 -71.45
C LEU Z 54 -46.22 5.43 -71.93
N THR Z 55 -45.45 6.50 -71.81
CA THR Z 55 -44.03 6.48 -72.13
C THR Z 55 -43.20 5.92 -71.00
N VAL Z 56 -43.69 6.00 -69.77
CA VAL Z 56 -43.00 5.47 -68.59
C VAL Z 56 -43.70 4.19 -68.18
N PRO Z 57 -43.03 3.05 -68.13
CA PRO Z 57 -43.74 1.82 -67.78
C PRO Z 57 -43.90 1.64 -66.28
N PHE Z 58 -44.91 2.31 -65.74
CA PHE Z 58 -45.29 2.14 -64.34
C PHE Z 58 -46.79 2.32 -64.22
N GLU Z 59 -47.34 1.83 -63.11
CA GLU Z 59 -48.77 1.83 -62.87
C GLU Z 59 -49.19 2.93 -61.91
N TYR Z 60 -48.56 3.00 -60.75
CA TYR Z 60 -48.91 3.96 -59.72
C TYR Z 60 -47.93 5.12 -59.73
N TYR Z 61 -48.29 6.16 -59.00
CA TYR Z 61 -47.41 7.32 -58.86
C TYR Z 61 -47.91 8.19 -57.73
N ARG Z 62 -47.02 9.05 -57.25
CA ARG Z 62 -47.36 10.05 -56.26
C ARG Z 62 -46.34 11.17 -56.34
N ILE Z 63 -46.82 12.40 -56.42
CA ILE Z 63 -45.95 13.55 -56.58
C ILE Z 63 -45.43 13.98 -55.22
N ARG Z 64 -44.12 13.91 -55.06
CA ARG Z 64 -43.49 14.31 -53.80
C ARG Z 64 -43.40 15.81 -53.68
N LYS Z 65 -42.82 16.46 -54.69
CA LYS Z 65 -42.52 17.87 -54.63
C LYS Z 65 -42.70 18.49 -56.00
N VAL Z 66 -42.82 19.81 -56.01
CA VAL Z 66 -42.88 20.59 -57.23
C VAL Z 66 -42.01 21.82 -57.03
N LYS Z 67 -41.25 22.17 -58.06
CA LYS Z 67 -40.39 23.34 -58.05
C LYS Z 67 -40.78 24.20 -59.24
N VAL Z 68 -41.56 25.20 -58.97
CA VAL Z 68 -41.88 26.21 -59.97
C VAL Z 68 -40.74 27.21 -60.04
N GLU Z 69 -40.53 27.75 -61.23
CA GLU Z 69 -39.44 28.67 -61.47
C GLU Z 69 -39.91 29.74 -62.44
N PHE Z 70 -39.80 31.00 -62.03
CA PHE Z 70 -40.20 32.13 -62.85
C PHE Z 70 -38.96 32.75 -63.48
N TRP Z 71 -38.45 32.10 -64.50
CA TRP Z 71 -37.34 32.64 -65.25
C TRP Z 71 -37.84 33.82 -66.07
N PRO Z 72 -37.48 35.06 -65.76
CA PRO Z 72 -38.09 36.18 -66.46
C PRO Z 72 -37.65 36.27 -67.90
N CYS Z 73 -38.30 37.19 -68.61
CA CYS Z 73 -37.97 37.52 -69.97
C CYS Z 73 -37.74 39.01 -70.17
N SER Z 74 -37.88 39.82 -69.13
CA SER Z 74 -37.69 41.25 -69.21
C SER Z 74 -36.26 41.61 -68.85
N PRO Z 75 -35.78 42.77 -69.30
CA PRO Z 75 -34.39 43.14 -69.03
C PRO Z 75 -34.23 43.76 -67.66
N ILE Z 76 -32.97 43.89 -67.27
CA ILE Z 76 -32.63 44.52 -66.01
C ILE Z 76 -33.00 46.00 -66.02
N THR Z 77 -32.97 46.64 -67.18
CA THR Z 77 -33.14 48.08 -67.28
C THR Z 77 -34.59 48.51 -67.39
N GLN Z 78 -35.52 47.66 -66.97
CA GLN Z 78 -36.94 47.96 -67.06
C GLN Z 78 -37.39 48.74 -65.85
N GLY Z 79 -38.21 49.76 -66.08
CA GLY Z 79 -38.71 50.62 -65.04
C GLY Z 79 -40.12 50.27 -64.63
N ASP Z 80 -40.68 51.13 -63.78
CA ASP Z 80 -41.98 50.92 -63.17
C ASP Z 80 -42.06 49.55 -62.54
N ARG Z 81 -41.11 49.31 -61.64
CA ARG Z 81 -41.03 48.01 -60.99
C ARG Z 81 -42.24 47.82 -60.08
N GLY Z 82 -42.28 46.68 -59.43
CA GLY Z 82 -43.38 46.38 -58.57
C GLY Z 82 -43.05 45.30 -57.59
N VAL Z 83 -44.08 44.71 -57.02
CA VAL Z 83 -43.92 43.66 -56.03
C VAL Z 83 -45.19 42.82 -56.02
N GLY Z 84 -45.01 41.51 -55.97
CA GLY Z 84 -46.10 40.56 -56.05
C GLY Z 84 -46.06 39.56 -54.93
N SER Z 85 -46.76 38.43 -55.10
CA SER Z 85 -46.82 37.43 -54.05
C SER Z 85 -47.26 36.11 -54.65
N THR Z 86 -46.64 35.05 -54.17
CA THR Z 86 -47.00 33.67 -54.52
C THR Z 86 -47.37 32.93 -53.26
N ALA Z 87 -48.45 32.16 -53.34
CA ALA Z 87 -48.97 31.44 -52.21
C ALA Z 87 -49.37 30.03 -52.64
N VAL Z 88 -49.42 29.15 -51.66
CA VAL Z 88 -49.69 27.74 -51.87
C VAL Z 88 -51.14 27.49 -51.54
N ILE Z 89 -51.88 26.92 -52.49
CA ILE Z 89 -53.31 26.69 -52.37
C ILE Z 89 -53.54 25.21 -52.62
N LEU Z 90 -53.90 24.48 -51.58
CA LEU Z 90 -53.94 23.03 -51.60
C LEU Z 90 -55.35 22.48 -51.69
N ASP Z 91 -56.34 23.32 -52.05
CA ASP Z 91 -57.74 22.93 -51.97
C ASP Z 91 -58.55 23.32 -53.20
N ASP Z 92 -57.91 23.79 -54.27
CA ASP Z 92 -58.61 24.21 -55.48
C ASP Z 92 -59.54 25.39 -55.23
N ASN Z 93 -59.24 26.16 -54.18
CA ASN Z 93 -59.97 27.38 -53.86
C ASN Z 93 -58.99 28.52 -54.06
N PHE Z 94 -58.89 28.95 -55.30
CA PHE Z 94 -58.05 30.09 -55.62
C PHE Z 94 -58.86 31.36 -55.43
N VAL Z 95 -58.25 32.50 -55.74
CA VAL Z 95 -58.85 33.79 -55.61
C VAL Z 95 -59.08 34.31 -57.02
N THR Z 96 -60.30 34.76 -57.28
CA THR Z 96 -60.87 34.88 -58.62
C THR Z 96 -59.92 35.55 -59.60
N LYS Z 97 -59.82 34.97 -60.79
CA LYS Z 97 -58.95 35.48 -61.84
C LYS Z 97 -59.33 36.90 -62.20
N ALA Z 98 -58.35 37.79 -62.16
CA ALA Z 98 -58.59 39.21 -62.34
C ALA Z 98 -57.37 39.85 -62.97
N ASN Z 99 -57.62 40.77 -63.90
CA ASN Z 99 -56.56 41.51 -64.55
C ASN Z 99 -56.11 42.73 -63.75
N ALA Z 100 -56.98 43.25 -62.90
CA ALA Z 100 -56.66 44.46 -62.13
C ALA Z 100 -57.44 44.39 -60.83
N LEU Z 101 -56.71 44.24 -59.73
CA LEU Z 101 -57.28 44.22 -58.40
C LEU Z 101 -56.52 45.19 -57.53
N THR Z 102 -57.24 45.94 -56.70
CA THR Z 102 -56.66 47.05 -55.96
C THR Z 102 -55.80 46.62 -54.80
N TYR Z 103 -55.61 45.32 -54.59
CA TYR Z 103 -54.81 44.86 -53.46
C TYR Z 103 -54.23 43.50 -53.80
N ASP Z 104 -53.22 43.11 -53.02
CA ASP Z 104 -52.57 41.83 -53.16
C ASP Z 104 -53.26 40.83 -52.25
N PRO Z 105 -54.11 39.94 -52.77
CA PRO Z 105 -54.85 39.07 -51.86
C PRO Z 105 -53.99 37.99 -51.25
N TYR Z 106 -52.92 37.58 -51.93
CA TYR Z 106 -52.05 36.53 -51.43
C TYR Z 106 -50.92 37.08 -50.57
N VAL Z 107 -51.07 38.27 -50.01
CA VAL Z 107 -49.98 38.90 -49.27
C VAL Z 107 -49.94 38.42 -47.82
N ASN Z 108 -51.10 38.31 -47.18
CA ASN Z 108 -51.17 37.89 -45.80
C ASN Z 108 -51.23 36.39 -45.64
N TYR Z 109 -51.31 35.65 -46.73
CA TYR Z 109 -51.27 34.19 -46.66
C TYR Z 109 -49.98 33.73 -45.99
N SER Z 110 -50.12 32.76 -45.10
CA SER Z 110 -48.97 32.25 -44.37
C SER Z 110 -47.94 31.64 -45.30
N SER Z 111 -48.37 31.11 -46.44
CA SER Z 111 -47.48 30.54 -47.43
C SER Z 111 -46.99 31.55 -48.43
N ARG Z 112 -46.96 32.83 -48.07
CA ARG Z 112 -46.57 33.87 -48.99
C ARG Z 112 -45.07 33.97 -49.08
N HIS Z 113 -44.56 34.04 -50.31
CA HIS Z 113 -43.17 34.31 -50.60
C HIS Z 113 -43.13 35.43 -51.61
N THR Z 114 -42.49 36.53 -51.24
CA THR Z 114 -42.58 37.74 -52.04
C THR Z 114 -41.88 37.58 -53.38
N ILE Z 115 -42.41 38.26 -54.38
CA ILE Z 115 -41.80 38.36 -55.69
C ILE Z 115 -41.27 39.76 -55.84
N THR Z 116 -40.05 39.87 -56.33
CA THR Z 116 -39.52 41.10 -56.87
C THR Z 116 -39.73 41.06 -58.37
N GLN Z 117 -40.08 42.20 -58.93
CA GLN Z 117 -40.47 42.29 -60.33
C GLN Z 117 -39.66 43.39 -61.02
N PRO Z 118 -39.55 43.35 -62.36
CA PRO Z 118 -39.96 42.35 -63.34
C PRO Z 118 -38.84 41.48 -63.87
N PHE Z 119 -37.64 41.62 -63.32
CA PHE Z 119 -36.46 40.97 -63.87
C PHE Z 119 -35.84 39.94 -62.94
N SER Z 120 -36.50 39.59 -61.85
CA SER Z 120 -35.94 38.71 -60.85
C SER Z 120 -36.46 37.29 -61.01
N TYR Z 121 -35.75 36.36 -60.39
CA TYR Z 121 -36.09 34.95 -60.39
C TYR Z 121 -36.76 34.59 -59.07
N HIS Z 122 -37.78 33.76 -59.15
CA HIS Z 122 -38.53 33.34 -57.98
C HIS Z 122 -38.88 31.87 -58.11
N SER Z 123 -38.71 31.13 -57.03
CA SER Z 123 -38.91 29.69 -57.00
C SER Z 123 -39.67 29.30 -55.76
N ARG Z 124 -40.45 28.23 -55.89
CA ARG Z 124 -41.32 27.74 -54.83
C ARG Z 124 -41.29 26.22 -54.83
N TYR Z 125 -40.65 25.65 -53.83
CA TYR Z 125 -40.43 24.21 -53.71
C TYR Z 125 -41.34 23.70 -52.62
N PHE Z 126 -42.43 23.04 -53.02
CA PHE Z 126 -43.47 22.64 -52.10
C PHE Z 126 -44.04 21.29 -52.51
N THR Z 127 -44.89 20.77 -51.64
CA THR Z 127 -45.59 19.51 -51.87
C THR Z 127 -47.00 19.81 -52.32
N PRO Z 128 -47.41 19.46 -53.54
CA PRO Z 128 -48.80 19.66 -53.93
C PRO Z 128 -49.67 18.53 -53.39
N LYS Z 129 -50.97 18.69 -53.61
CA LYS Z 129 -51.96 17.72 -53.18
C LYS Z 129 -52.93 17.51 -54.33
N PRO Z 130 -53.52 16.33 -54.44
CA PRO Z 130 -54.48 16.09 -55.51
C PRO Z 130 -55.89 16.53 -55.15
N VAL Z 131 -56.73 16.51 -56.18
CA VAL Z 131 -58.12 16.92 -56.05
C VAL Z 131 -58.93 15.63 -56.04
N LEU Z 132 -59.20 15.11 -54.85
CA LEU Z 132 -59.98 13.90 -54.71
C LEU Z 132 -61.47 14.18 -54.74
N ASP Z 133 -61.91 15.24 -54.05
CA ASP Z 133 -63.32 15.61 -54.01
C ASP Z 133 -63.40 17.13 -54.08
N ARG Z 134 -63.97 17.63 -55.17
CA ARG Z 134 -64.10 19.07 -55.33
C ARG Z 134 -65.15 19.65 -54.39
N THR Z 135 -66.22 18.89 -54.12
CA THR Z 135 -67.26 19.37 -53.21
C THR Z 135 -66.71 19.56 -51.81
N ILE Z 136 -65.89 18.62 -51.35
CA ILE Z 136 -65.42 18.62 -49.98
C ILE Z 136 -64.04 19.26 -49.87
N ASP Z 137 -63.20 19.04 -50.88
CA ASP Z 137 -61.88 19.64 -50.95
C ASP Z 137 -61.04 19.30 -49.73
N TYR Z 138 -60.77 18.01 -49.57
CA TYR Z 138 -59.91 17.52 -48.52
C TYR Z 138 -58.54 17.14 -49.06
N PHE Z 139 -57.58 17.14 -48.16
CA PHE Z 139 -56.22 16.76 -48.48
C PHE Z 139 -55.50 16.42 -47.19
N GLN Z 140 -54.44 15.66 -47.33
CA GLN Z 140 -53.74 15.16 -46.17
C GLN Z 140 -52.45 15.93 -45.93
N PRO Z 141 -51.89 15.85 -44.74
CA PRO Z 141 -50.64 16.57 -44.49
C PRO Z 141 -49.47 16.04 -45.27
N ASN Z 142 -48.31 16.63 -45.03
CA ASN Z 142 -47.08 16.21 -45.69
C ASN Z 142 -46.43 15.13 -44.83
N ASN Z 143 -46.63 13.88 -45.22
CA ASN Z 143 -45.95 12.75 -44.61
C ASN Z 143 -45.58 11.78 -45.70
N LYS Z 144 -44.29 11.55 -45.86
CA LYS Z 144 -43.81 10.75 -46.98
C LYS Z 144 -44.29 9.31 -46.90
N ARG Z 145 -44.20 8.71 -45.72
CA ARG Z 145 -44.53 7.29 -45.58
C ARG Z 145 -45.97 7.02 -45.97
N ASN Z 146 -46.90 7.79 -45.41
CA ASN Z 146 -48.32 7.54 -45.57
C ASN Z 146 -48.96 8.37 -46.67
N GLN Z 147 -48.16 8.93 -47.56
CA GLN Z 147 -48.73 9.63 -48.71
C GLN Z 147 -49.39 8.63 -49.65
N LEU Z 148 -50.44 9.08 -50.31
CA LEU Z 148 -51.26 8.21 -51.13
C LEU Z 148 -50.55 7.87 -52.44
N TRP Z 149 -50.98 6.78 -53.03
CA TRP Z 149 -50.61 6.38 -54.37
C TRP Z 149 -51.79 6.61 -55.30
N LEU Z 150 -51.49 6.81 -56.57
CA LEU Z 150 -52.49 7.13 -57.57
C LEU Z 150 -52.19 6.36 -58.84
N ARG Z 151 -53.22 5.81 -59.43
CA ARG Z 151 -53.07 5.12 -60.71
C ARG Z 151 -52.63 6.11 -61.77
N LEU Z 152 -51.69 5.68 -62.61
CA LEU Z 152 -51.18 6.51 -63.69
C LEU Z 152 -52.06 6.26 -64.89
N GLN Z 153 -53.10 7.06 -65.01
CA GLN Z 153 -54.03 6.92 -66.11
C GLN Z 153 -53.43 7.47 -67.40
N THR Z 154 -54.09 7.18 -68.50
CA THR Z 154 -53.59 7.51 -69.83
C THR Z 154 -54.00 8.92 -70.27
N THR Z 155 -55.26 9.30 -70.02
CA THR Z 155 -55.79 10.56 -70.50
C THR Z 155 -56.55 11.37 -69.46
N GLY Z 156 -56.81 10.82 -68.28
CA GLY Z 156 -57.65 11.46 -67.30
C GLY Z 156 -57.06 11.55 -65.91
N ASN Z 157 -55.76 11.83 -65.84
CA ASN Z 157 -55.12 11.97 -64.55
C ASN Z 157 -55.67 13.17 -63.81
N VAL Z 158 -55.62 13.10 -62.50
CA VAL Z 158 -56.25 14.10 -61.65
C VAL Z 158 -55.37 15.34 -61.58
N ASP Z 159 -56.03 16.48 -61.41
CA ASP Z 159 -55.36 17.78 -61.45
C ASP Z 159 -54.84 18.10 -60.06
N HIS Z 160 -53.54 17.89 -59.87
CA HIS Z 160 -52.88 18.40 -58.69
C HIS Z 160 -52.97 19.92 -58.65
N VAL Z 161 -52.70 20.46 -57.47
CA VAL Z 161 -52.91 21.87 -57.18
C VAL Z 161 -51.84 22.29 -56.19
N GLY Z 162 -51.77 23.59 -55.91
CA GLY Z 162 -50.75 24.10 -55.02
C GLY Z 162 -50.09 25.44 -55.27
N LEU Z 163 -50.55 26.26 -56.21
CA LEU Z 163 -49.95 27.58 -56.33
C LEU Z 163 -50.89 28.60 -56.93
N GLY Z 164 -50.83 29.81 -56.38
CA GLY Z 164 -51.54 30.94 -56.94
C GLY Z 164 -50.66 32.17 -56.88
N THR Z 165 -50.86 33.06 -57.83
CA THR Z 165 -49.97 34.18 -58.07
C THR Z 165 -50.72 35.50 -58.01
N ALA Z 166 -49.96 36.57 -57.81
CA ALA Z 166 -50.49 37.92 -57.87
C ALA Z 166 -49.33 38.84 -58.25
N PHE Z 167 -49.30 39.24 -59.51
CA PHE Z 167 -48.26 40.12 -60.02
C PHE Z 167 -48.79 41.53 -60.12
N GLU Z 168 -47.93 42.49 -59.80
CA GLU Z 168 -48.30 43.89 -59.82
C GLU Z 168 -48.22 44.42 -61.25
N ASN Z 169 -49.30 45.03 -61.70
CA ASN Z 169 -49.36 45.52 -63.06
C ASN Z 169 -48.34 46.64 -63.27
N SER Z 170 -48.00 46.86 -64.53
CA SER Z 170 -47.02 47.87 -64.88
C SER Z 170 -47.33 48.41 -66.26
N ILE Z 171 -46.72 49.54 -66.57
CA ILE Z 171 -46.91 50.17 -67.88
C ILE Z 171 -46.43 49.26 -68.99
N TYR Z 172 -45.32 48.57 -68.75
CA TYR Z 172 -44.69 47.71 -69.73
C TYR Z 172 -45.11 46.26 -69.53
N ASP Z 173 -45.07 45.50 -70.61
CA ASP Z 173 -45.33 44.08 -70.53
C ASP Z 173 -44.27 43.41 -69.67
N GLN Z 174 -44.69 42.44 -68.87
CA GLN Z 174 -43.81 41.65 -68.02
C GLN Z 174 -43.98 40.21 -68.47
N ASP Z 175 -43.22 39.82 -69.47
CA ASP Z 175 -43.22 38.45 -69.93
C ASP Z 175 -42.35 37.59 -69.02
N TYR Z 176 -42.78 36.35 -68.85
CA TYR Z 176 -42.07 35.39 -68.03
C TYR Z 176 -41.96 34.07 -68.77
N ASN Z 177 -41.03 33.25 -68.31
CA ASN Z 177 -40.76 31.92 -68.87
C ASN Z 177 -40.83 30.96 -67.70
N ILE Z 178 -41.99 30.39 -67.48
CA ILE Z 178 -42.22 29.54 -66.33
C ILE Z 178 -41.71 28.13 -66.63
N ARG Z 179 -41.09 27.52 -65.63
CA ARG Z 179 -40.64 26.14 -65.69
C ARG Z 179 -41.23 25.41 -64.50
N ILE Z 180 -41.99 24.36 -64.78
CA ILE Z 180 -42.64 23.57 -63.75
C ILE Z 180 -41.91 22.25 -63.65
N THR Z 181 -40.97 22.16 -62.73
CA THR Z 181 -40.26 20.93 -62.45
C THR Z 181 -41.04 20.11 -61.43
N MET Z 182 -41.13 18.83 -61.67
CA MET Z 182 -41.90 17.90 -60.85
C MET Z 182 -41.02 16.75 -60.43
N TYR Z 183 -41.15 16.34 -59.18
CA TYR Z 183 -40.38 15.25 -58.60
C TYR Z 183 -41.35 14.14 -58.23
N VAL Z 184 -41.39 13.11 -59.08
CA VAL Z 184 -42.40 12.08 -59.03
C VAL Z 184 -41.77 10.81 -58.49
N GLN Z 185 -42.62 9.89 -58.07
CA GLN Z 185 -42.20 8.61 -57.53
C GLN Z 185 -43.17 7.55 -58.03
N PHE Z 186 -42.71 6.73 -58.96
CA PHE Z 186 -43.55 5.73 -59.59
C PHE Z 186 -43.41 4.39 -58.87
N ARG Z 187 -44.11 3.38 -59.38
CA ARG Z 187 -44.16 2.08 -58.73
C ARG Z 187 -44.78 1.07 -59.68
N GLU Z 188 -44.50 -0.21 -59.42
CA GLU Z 188 -45.08 -1.33 -60.14
C GLU Z 188 -44.76 -1.28 -61.64
N PHE Z 189 -43.48 -1.50 -61.93
CA PHE Z 189 -43.01 -1.60 -63.30
C PHE Z 189 -43.81 -2.60 -64.09
N ASN Z 190 -44.59 -2.12 -65.07
CA ASN Z 190 -45.62 -2.90 -65.74
C ASN Z 190 -45.39 -2.95 -67.23
N LEU Z 191 -44.16 -3.20 -67.65
CA LEU Z 191 -43.85 -3.22 -69.06
C LEU Z 191 -44.38 -4.50 -69.70
N LYS Z 192 -44.86 -4.36 -70.92
CA LYS Z 192 -45.27 -5.48 -71.75
C LYS Z 192 -44.23 -5.75 -72.82
N ASP Z 193 -44.20 -6.99 -73.28
CA ASP Z 193 -43.26 -7.42 -74.33
C ASP Z 193 -43.96 -8.40 -75.25
N PRO Z 194 -44.78 -7.91 -76.17
CA PRO Z 194 -45.34 -8.78 -77.20
C PRO Z 194 -44.25 -9.27 -78.13
N PRO Z 195 -44.54 -10.24 -78.99
CA PRO Z 195 -43.56 -10.66 -79.98
C PRO Z 195 -43.44 -9.66 -81.13
N LEU Z 196 -42.68 -10.00 -82.16
CA LEU Z 196 -42.44 -9.12 -83.30
C LEU Z 196 -41.72 -7.85 -82.87
N TYR AA 1 -45.14 35.47 -14.25
CA TYR AA 1 -46.39 36.04 -13.79
C TYR AA 1 -47.36 36.28 -14.95
N ARG AA 2 -47.62 35.21 -15.72
CA ARG AA 2 -48.60 35.18 -16.82
C ARG AA 2 -48.42 36.39 -17.76
N TRP AA 3 -47.40 36.42 -18.64
CA TRP AA 3 -46.71 35.25 -19.27
C TRP AA 3 -47.62 34.33 -20.09
N ARG AA 4 -48.03 34.76 -21.21
CA ARG AA 4 -49.13 35.35 -22.00
C ARG AA 4 -50.56 34.90 -21.64
N ARG AA 5 -50.99 33.64 -21.62
CA ARG AA 5 -50.34 32.40 -21.99
C ARG AA 5 -51.05 31.74 -23.19
N LYS AA 6 -52.34 31.42 -22.98
CA LYS AA 6 -53.24 30.82 -23.97
C LYS AA 6 -54.58 31.53 -24.03
N ASN AA 7 -54.79 32.58 -23.24
CA ASN AA 7 -56.13 33.05 -22.90
C ASN AA 7 -56.83 33.82 -24.03
N GLY AA 8 -56.49 33.51 -25.28
CA GLY AA 8 -57.01 34.14 -26.45
C GLY AA 8 -55.90 34.62 -27.36
N ILE AA 9 -54.66 34.32 -26.98
CA ILE AA 9 -53.50 34.90 -27.64
C ILE AA 9 -53.39 34.31 -29.03
N PHE AA 10 -53.27 35.18 -30.04
CA PHE AA 10 -53.12 34.76 -31.42
C PHE AA 10 -52.20 35.75 -32.12
N ASN AA 11 -50.91 35.42 -32.13
CA ASN AA 11 -49.96 36.22 -32.87
C ASN AA 11 -50.14 35.97 -34.35
N THR AA 12 -50.11 37.05 -35.13
CA THR AA 12 -50.34 36.97 -36.55
C THR AA 12 -49.63 38.12 -37.24
N ARG AA 13 -49.96 38.33 -38.50
CA ARG AA 13 -49.30 39.31 -39.34
C ARG AA 13 -50.34 39.95 -40.25
N LEU AA 14 -50.10 41.20 -40.59
CA LEU AA 14 -50.95 41.94 -41.50
C LEU AA 14 -50.06 42.82 -42.38
N SER AA 15 -50.57 43.14 -43.56
CA SER AA 15 -49.80 43.88 -44.53
C SER AA 15 -50.73 44.63 -45.46
N ARG AA 16 -50.25 45.75 -45.96
CA ARG AA 16 -50.95 46.53 -46.97
C ARG AA 16 -49.90 47.16 -47.87
N THR AA 17 -50.37 47.91 -48.86
CA THR AA 17 -49.49 48.45 -49.88
C THR AA 17 -50.02 49.80 -50.35
N ILE AA 18 -49.10 50.70 -50.66
CA ILE AA 18 -49.43 52.05 -51.10
C ILE AA 18 -48.27 52.59 -51.91
N GLY AA 19 -48.59 53.55 -52.79
CA GLY AA 19 -47.59 54.22 -53.60
C GLY AA 19 -47.21 55.56 -52.99
N TYR AA 20 -45.94 55.89 -53.12
CA TYR AA 20 -45.41 57.17 -52.64
C TYR AA 20 -44.52 57.73 -53.73
N THR AA 21 -44.76 59.00 -54.08
CA THR AA 21 -44.21 59.60 -55.29
C THR AA 21 -43.46 60.87 -54.90
N VAL AA 22 -42.14 60.80 -54.93
CA VAL AA 22 -41.30 61.98 -54.77
C VAL AA 22 -41.15 62.63 -56.14
N LYS AA 23 -41.59 63.88 -56.23
CA LYS AA 23 -41.73 64.53 -57.51
C LYS AA 23 -40.42 65.18 -57.96
N LYS AA 24 -40.44 65.68 -59.19
CA LYS AA 24 -39.27 66.33 -59.78
C LYS AA 24 -39.06 67.71 -59.18
N THR AA 25 -37.97 68.34 -59.60
CA THR AA 25 -37.70 69.73 -59.31
C THR AA 25 -36.56 70.20 -60.20
N THR AA 26 -36.69 71.41 -60.72
CA THR AA 26 -35.61 72.01 -61.50
C THR AA 26 -34.43 72.40 -60.62
N VAL AA 27 -34.63 72.51 -59.30
CA VAL AA 27 -33.53 72.79 -58.40
C VAL AA 27 -32.47 71.72 -58.53
N ARG AA 28 -31.21 72.14 -58.48
CA ARG AA 28 -30.07 71.24 -58.56
C ARG AA 28 -29.28 71.16 -57.26
N THR AA 29 -29.45 72.13 -56.36
CA THR AA 29 -28.81 72.02 -55.07
C THR AA 29 -29.45 70.88 -54.28
N PRO AA 30 -28.74 70.29 -53.33
CA PRO AA 30 -29.33 69.22 -52.53
C PRO AA 30 -30.54 69.72 -51.75
N SER AA 31 -31.70 69.15 -52.06
CA SER AA 31 -32.94 69.48 -51.38
C SER AA 31 -33.68 68.20 -51.09
N TRP AA 32 -34.33 68.16 -49.93
CA TRP AA 32 -35.00 66.98 -49.43
C TRP AA 32 -36.51 67.17 -49.40
N ASN AA 33 -37.21 66.04 -49.43
CA ASN AA 33 -38.67 65.99 -49.39
C ASN AA 33 -39.08 65.20 -48.17
N VAL AA 34 -39.59 65.89 -47.17
CA VAL AA 34 -39.88 65.31 -45.87
C VAL AA 34 -41.33 64.89 -45.81
N ASP AA 35 -41.59 63.77 -45.17
CA ASP AA 35 -42.94 63.27 -44.99
C ASP AA 35 -42.92 62.27 -43.84
N MET AA 36 -44.02 62.20 -43.13
CA MET AA 36 -44.18 61.32 -41.99
C MET AA 36 -44.85 60.03 -42.43
N MET AA 37 -45.21 59.19 -41.46
CA MET AA 37 -45.90 57.94 -41.75
C MET AA 37 -46.58 57.46 -40.48
N ARG AA 38 -47.89 57.27 -40.55
CA ARG AA 38 -48.71 56.83 -39.44
C ARG AA 38 -49.24 55.43 -39.70
N PHE AA 39 -49.54 54.72 -38.62
CA PHE AA 39 -50.03 53.36 -38.67
C PHE AA 39 -51.32 53.27 -37.87
N ASN AA 40 -52.37 52.78 -38.52
CA ASN AA 40 -53.66 52.59 -37.88
C ASN AA 40 -54.22 51.27 -38.37
N ILE AA 41 -54.70 50.46 -37.43
CA ILE AA 41 -55.07 49.09 -37.76
C ILE AA 41 -56.35 49.02 -38.58
N ASN AA 42 -57.14 50.09 -38.59
CA ASN AA 42 -58.35 50.08 -39.41
C ASN AA 42 -58.03 49.98 -40.88
N ASP AA 43 -56.83 50.41 -41.29
CA ASP AA 43 -56.40 50.26 -42.67
C ASP AA 43 -55.94 48.85 -43.00
N PHE AA 44 -55.82 47.97 -42.01
CA PHE AA 44 -55.46 46.58 -42.20
C PHE AA 44 -56.63 45.64 -42.02
N LEU AA 45 -57.44 45.86 -40.99
CA LEU AA 45 -58.58 45.01 -40.69
C LEU AA 45 -59.83 45.64 -41.29
N PRO AA 46 -60.41 45.10 -42.36
CA PRO AA 46 -61.68 45.63 -42.84
C PRO AA 46 -62.81 45.22 -41.91
N PRO AA 47 -63.98 45.85 -42.04
CA PRO AA 47 -65.07 45.56 -41.11
C PRO AA 47 -65.77 44.26 -41.46
N GLY AA 48 -66.21 43.56 -40.43
CA GLY AA 48 -66.95 42.33 -40.61
C GLY AA 48 -68.40 42.59 -40.91
N GLY AA 49 -69.28 41.78 -40.32
CA GLY AA 49 -70.71 41.95 -40.53
C GLY AA 49 -71.55 41.24 -39.49
N GLY AA 50 -72.63 41.89 -39.07
CA GLY AA 50 -73.53 41.31 -38.09
C GLY AA 50 -73.08 41.56 -36.67
N SER AA 51 -73.25 40.55 -35.82
CA SER AA 51 -72.86 40.68 -34.43
C SER AA 51 -71.35 40.78 -34.28
N ASN AA 52 -70.61 40.20 -35.22
CA ASN AA 52 -69.15 40.30 -35.22
C ASN AA 52 -68.77 41.54 -36.03
N PRO AA 53 -68.33 42.63 -35.41
CA PRO AA 53 -68.13 43.87 -36.16
C PRO AA 53 -66.87 43.86 -37.00
N LEU AA 54 -65.85 43.16 -36.53
CA LEU AA 54 -64.57 43.06 -37.22
C LEU AA 54 -64.47 41.74 -37.99
N THR AA 55 -63.45 41.66 -38.83
CA THR AA 55 -63.15 40.43 -39.55
C THR AA 55 -62.38 39.44 -38.71
N VAL AA 56 -61.66 39.90 -37.69
CA VAL AA 56 -60.89 39.05 -36.79
C VAL AA 56 -61.65 38.98 -35.47
N PRO AA 57 -62.06 37.81 -35.00
CA PRO AA 57 -62.82 37.78 -33.76
C PRO AA 57 -61.95 37.84 -32.51
N PHE AA 58 -61.55 39.06 -32.16
CA PHE AA 58 -60.83 39.30 -30.93
C PHE AA 58 -61.19 40.67 -30.41
N GLU AA 59 -60.93 40.89 -29.12
CA GLU AA 59 -61.30 42.11 -28.43
C GLU AA 59 -60.12 43.05 -28.25
N TYR AA 60 -59.04 42.56 -27.69
CA TYR AA 60 -57.86 43.37 -27.40
C TYR AA 60 -56.79 43.15 -28.45
N TYR AA 61 -55.78 43.99 -28.43
CA TYR AA 61 -54.65 43.85 -29.34
C TYR AA 61 -53.52 44.75 -28.87
N ARG AA 62 -52.32 44.43 -29.35
CA ARG AA 62 -51.15 45.25 -29.12
C ARG AA 62 -50.14 44.96 -30.22
N ILE AA 63 -49.63 46.01 -30.84
CA ILE AA 63 -48.72 45.87 -31.95
C ILE AA 63 -47.32 45.66 -31.42
N ARG AA 64 -46.74 44.51 -31.73
CA ARG AA 64 -45.39 44.20 -31.29
C ARG AA 64 -44.35 44.90 -32.15
N LYS AA 65 -44.44 44.74 -33.46
CA LYS AA 65 -43.43 45.22 -34.37
C LYS AA 65 -44.08 45.68 -35.66
N VAL AA 66 -43.33 46.48 -36.41
CA VAL AA 66 -43.72 46.94 -37.73
C VAL AA 66 -42.51 46.82 -38.63
N LYS AA 67 -42.73 46.35 -39.85
CA LYS AA 67 -41.68 46.23 -40.85
C LYS AA 67 -42.14 47.00 -42.08
N VAL AA 68 -41.64 48.20 -42.21
CA VAL AA 68 -41.85 48.99 -43.41
C VAL AA 68 -40.86 48.53 -44.47
N GLU AA 69 -41.27 48.63 -45.72
CA GLU AA 69 -40.46 48.17 -46.84
C GLU AA 69 -40.68 49.13 -48.00
N PHE AA 70 -39.59 49.69 -48.51
CA PHE AA 70 -39.62 50.63 -49.63
C PHE AA 70 -39.21 49.89 -50.89
N TRP AA 71 -40.12 49.09 -51.41
CA TRP AA 71 -39.89 48.44 -52.67
C TRP AA 71 -39.95 49.47 -53.78
N PRO AA 72 -38.84 49.82 -54.43
CA PRO AA 72 -38.87 50.91 -55.39
C PRO AA 72 -39.65 50.56 -56.64
N CYS AA 73 -39.85 51.60 -57.45
CA CYS AA 73 -40.47 51.48 -58.75
C CYS AA 73 -39.61 52.06 -59.86
N SER AA 74 -38.44 52.60 -59.55
CA SER AA 74 -37.55 53.19 -60.53
C SER AA 74 -36.55 52.16 -61.02
N PRO AA 75 -35.98 52.35 -62.20
CA PRO AA 75 -35.04 51.37 -62.72
C PRO AA 75 -33.65 51.57 -62.17
N ILE AA 76 -32.81 50.57 -62.42
CA ILE AA 76 -31.41 50.61 -62.02
C ILE AA 76 -30.67 51.70 -62.77
N THR AA 77 -31.07 52.00 -64.01
CA THR AA 77 -30.33 52.89 -64.87
C THR AA 77 -30.70 54.36 -64.68
N GLN AA 78 -31.27 54.71 -63.53
CA GLN AA 78 -31.69 56.07 -63.28
C GLN AA 78 -30.55 56.87 -62.71
N GLY AA 79 -30.41 58.11 -63.19
CA GLY AA 79 -29.33 58.99 -62.78
C GLY AA 79 -29.79 60.01 -61.77
N ASP AA 80 -28.89 60.94 -61.48
CA ASP AA 80 -29.08 61.95 -60.46
C ASP AA 80 -29.51 61.30 -59.15
N ARG AA 81 -28.67 60.38 -58.69
CA ARG AA 81 -28.97 59.63 -57.49
C ARG AA 81 -28.91 60.56 -56.29
N GLY AA 82 -29.17 60.01 -55.12
CA GLY AA 82 -29.17 60.81 -53.93
C GLY AA 82 -29.01 59.96 -52.71
N VAL AA 83 -29.38 60.55 -51.57
CA VAL AA 83 -29.25 59.87 -50.29
C VAL AA 83 -30.23 60.51 -49.33
N GLY AA 84 -30.93 59.68 -48.58
CA GLY AA 84 -31.97 60.11 -47.67
C GLY AA 84 -31.79 59.56 -46.28
N SER AA 85 -32.85 59.56 -45.49
CA SER AA 85 -32.76 59.10 -44.11
C SER AA 85 -34.15 58.78 -43.58
N THR AA 86 -34.23 57.70 -42.83
CA THR AA 86 -35.43 57.29 -42.13
C THR AA 86 -35.15 57.23 -40.64
N ALA AA 87 -36.08 57.74 -39.87
CA ALA AA 87 -35.94 57.82 -38.43
C ALA AA 87 -37.24 57.42 -37.76
N VAL AA 88 -37.11 57.01 -36.50
CA VAL AA 88 -38.22 56.51 -35.72
C VAL AA 88 -38.69 57.62 -34.80
N ILE AA 89 -39.97 57.94 -34.88
CA ILE AA 89 -40.57 59.04 -34.14
C ILE AA 89 -41.73 58.47 -33.36
N LEU AA 90 -41.58 58.40 -32.04
CA LEU AA 90 -42.50 57.68 -31.19
C LEU AA 90 -43.43 58.59 -30.41
N ASP AA 91 -43.55 59.86 -30.81
CA ASP AA 91 -44.26 60.86 -30.02
C ASP AA 91 -45.20 61.73 -30.84
N ASP AA 92 -45.40 61.44 -32.12
CA ASP AA 92 -46.26 62.24 -32.99
C ASP AA 92 -45.71 63.66 -33.16
N ASN AA 93 -44.40 63.81 -33.00
CA ASN AA 93 -43.71 65.08 -33.23
C ASN AA 93 -42.78 64.84 -34.41
N PHE AA 94 -43.34 64.96 -35.60
CA PHE AA 94 -42.56 64.84 -36.81
C PHE AA 94 -41.96 66.19 -37.13
N VAL AA 95 -41.27 66.26 -38.25
CA VAL AA 95 -40.61 67.46 -38.73
C VAL AA 95 -41.37 67.90 -39.96
N THR AA 96 -41.74 69.18 -39.97
CA THR AA 96 -42.81 69.71 -40.81
C THR AA 96 -42.72 69.25 -42.25
N LYS AA 97 -43.87 68.85 -42.78
CA LYS AA 97 -43.97 68.37 -44.14
C LYS AA 97 -43.49 69.43 -45.12
N ALA AA 98 -42.56 69.05 -45.98
CA ALA AA 98 -41.92 70.00 -46.87
C ALA AA 98 -41.50 69.29 -48.15
N ASN AA 99 -41.69 69.98 -49.27
CA ASN AA 99 -41.28 69.45 -50.57
C ASN AA 99 -39.82 69.72 -50.88
N ALA AA 100 -39.23 70.75 -50.28
CA ALA AA 100 -37.85 71.11 -50.56
C ALA AA 100 -37.27 71.74 -49.31
N LEU AA 101 -36.32 71.06 -48.68
CA LEU AA 101 -35.62 71.54 -47.52
C LEU AA 101 -34.14 71.39 -47.76
N THR AA 102 -33.38 72.41 -47.35
CA THR AA 102 -31.96 72.50 -47.70
C THR AA 102 -31.09 71.56 -46.91
N TYR AA 103 -31.65 70.71 -46.05
CA TYR AA 103 -30.85 69.80 -45.25
C TYR AA 103 -31.69 68.58 -44.90
N ASP AA 104 -31.01 67.54 -44.46
CA ASP AA 104 -31.64 66.30 -44.04
C ASP AA 104 -31.88 66.38 -42.53
N PRO AA 105 -33.09 66.65 -42.07
CA PRO AA 105 -33.27 66.82 -40.63
C PRO AA 105 -33.17 65.53 -39.85
N TYR AA 106 -33.49 64.40 -40.48
CA TYR AA 106 -33.45 63.11 -39.82
C TYR AA 106 -32.09 62.43 -39.93
N VAL AA 107 -31.03 63.19 -40.19
CA VAL AA 107 -29.72 62.59 -40.42
C VAL AA 107 -28.99 62.33 -39.12
N ASN AA 108 -29.04 63.26 -38.18
CA ASN AA 108 -28.36 63.11 -36.91
C ASN AA 108 -29.19 62.37 -35.88
N TYR AA 109 -30.44 62.05 -36.18
CA TYR AA 109 -31.26 61.26 -35.27
C TYR AA 109 -30.58 59.93 -34.98
N SER AA 110 -30.61 59.54 -33.72
CA SER AA 110 -29.96 58.30 -33.30
C SER AA 110 -30.59 57.09 -33.97
N SER AA 111 -31.87 57.18 -34.32
CA SER AA 111 -32.58 56.11 -35.00
C SER AA 111 -32.48 56.22 -36.51
N ARG AA 112 -31.44 56.86 -37.02
CA ARG AA 112 -31.29 57.08 -38.45
C ARG AA 112 -30.73 55.84 -39.11
N HIS AA 113 -31.36 55.44 -40.21
CA HIS AA 113 -30.86 54.38 -41.08
C HIS AA 113 -30.88 54.93 -42.49
N THR AA 114 -29.71 54.96 -43.11
CA THR AA 114 -29.55 55.66 -44.37
C THR AA 114 -30.32 54.97 -45.48
N ILE AA 115 -30.81 55.77 -46.41
CA ILE AA 115 -31.44 55.29 -47.64
C ILE AA 115 -30.48 55.57 -48.78
N THR AA 116 -30.30 54.58 -49.64
CA THR AA 116 -29.73 54.78 -50.95
C THR AA 116 -30.88 54.92 -51.93
N GLN AA 117 -30.72 55.80 -52.88
CA GLN AA 117 -31.79 56.17 -53.80
C GLN AA 117 -31.29 56.06 -55.23
N PRO AA 118 -32.20 55.93 -56.20
CA PRO AA 118 -33.65 55.75 -56.17
C PRO AA 118 -34.12 54.33 -56.42
N PHE AA 119 -33.20 53.38 -56.55
CA PHE AA 119 -33.53 52.03 -56.99
C PHE AA 119 -33.28 50.97 -55.92
N SER AA 120 -32.98 51.37 -54.70
CA SER AA 120 -32.60 50.44 -53.66
C SER AA 120 -33.78 50.14 -52.73
N TYR AA 121 -33.64 49.05 -51.99
CA TYR AA 121 -34.62 48.60 -51.02
C TYR AA 121 -34.17 49.00 -49.63
N HIS AA 122 -35.13 49.44 -48.81
CA HIS AA 122 -34.85 49.86 -47.45
C HIS AA 122 -35.97 49.40 -46.55
N SER AA 123 -35.59 48.88 -45.38
CA SER AA 123 -36.53 48.30 -44.44
C SER AA 123 -36.19 48.74 -43.04
N ARG AA 124 -37.23 48.84 -42.21
CA ARG AA 124 -37.11 49.35 -40.85
C ARG AA 124 -38.02 48.53 -39.95
N TYR AA 125 -37.43 47.69 -39.13
CA TYR AA 125 -38.14 46.76 -38.26
C TYR AA 125 -38.04 47.27 -36.83
N PHE AA 126 -39.12 47.84 -36.34
CA PHE AA 126 -39.12 48.53 -35.07
C PHE AA 126 -40.45 48.32 -34.36
N THR AA 127 -40.48 48.77 -33.11
CA THR AA 127 -41.67 48.71 -32.27
C THR AA 127 -42.34 50.07 -32.27
N PRO AA 128 -43.54 50.22 -32.78
CA PRO AA 128 -44.23 51.51 -32.67
C PRO AA 128 -44.86 51.67 -31.31
N LYS AA 129 -45.41 52.85 -31.09
CA LYS AA 129 -46.08 53.19 -29.86
C LYS AA 129 -47.37 53.91 -30.19
N PRO AA 130 -48.39 53.81 -29.35
CA PRO AA 130 -49.66 54.48 -29.64
C PRO AA 130 -49.67 55.91 -29.14
N VAL AA 131 -50.71 56.62 -29.55
CA VAL AA 131 -50.91 58.02 -29.20
C VAL AA 131 -52.00 58.03 -28.15
N LEU AA 132 -51.57 58.00 -26.88
CA LEU AA 132 -52.52 58.03 -25.78
C LEU AA 132 -52.92 59.45 -25.43
N ASP AA 133 -51.96 60.38 -25.40
CA ASP AA 133 -52.25 61.78 -25.10
C ASP AA 133 -51.41 62.64 -26.02
N ARG AA 134 -52.07 63.39 -26.90
CA ARG AA 134 -51.35 64.25 -27.83
C ARG AA 134 -50.75 65.45 -27.12
N THR AA 135 -51.42 65.96 -26.09
CA THR AA 135 -50.90 67.11 -25.36
C THR AA 135 -49.58 66.76 -24.67
N ILE AA 136 -49.52 65.58 -24.06
CA ILE AA 136 -48.39 65.17 -23.25
C ILE AA 136 -47.41 64.34 -24.05
N ASP AA 137 -47.92 63.49 -24.94
CA ASP AA 137 -47.11 62.68 -25.84
C ASP AA 137 -46.15 61.79 -25.05
N TYR AA 138 -46.73 60.89 -24.27
CA TYR AA 138 -45.96 59.91 -23.52
C TYR AA 138 -46.05 58.54 -24.18
N PHE AA 139 -45.06 57.73 -23.88
CA PHE AA 139 -45.00 56.36 -24.38
C PHE AA 139 -44.04 55.60 -23.51
N GLN AA 140 -44.19 54.28 -23.53
CA GLN AA 140 -43.42 53.43 -22.66
C GLN AA 140 -42.30 52.74 -23.41
N PRO AA 141 -41.30 52.22 -22.72
CA PRO AA 141 -40.21 51.54 -23.41
C PRO AA 141 -40.64 50.26 -24.08
N ASN AA 142 -39.68 49.58 -24.68
CA ASN AA 142 -39.92 48.31 -25.34
C ASN AA 142 -39.74 47.20 -24.31
N ASN AA 143 -40.85 46.72 -23.77
CA ASN AA 143 -40.84 45.55 -22.90
C ASN AA 143 -42.07 44.72 -23.23
N LYS AA 144 -41.83 43.49 -23.67
CA LYS AA 144 -42.91 42.67 -24.18
C LYS AA 144 -43.91 42.31 -23.08
N ARG AA 145 -43.41 41.93 -21.90
CA ARG AA 145 -44.31 41.48 -20.84
C ARG AA 145 -45.28 42.57 -20.44
N ASN AA 146 -44.78 43.77 -20.17
CA ASN AA 146 -45.58 44.84 -19.61
C ASN AA 146 -46.09 45.81 -20.67
N GLN AA 147 -46.07 45.42 -21.94
CA GLN AA 147 -46.67 46.25 -22.96
C GLN AA 147 -48.17 46.29 -22.80
N LEU AA 148 -48.75 47.42 -23.16
CA LEU AA 148 -50.17 47.65 -22.95
C LEU AA 148 -51.02 46.87 -23.94
N TRP AA 149 -52.26 46.65 -23.54
CA TRP AA 149 -53.29 46.12 -24.41
C TRP AA 149 -54.25 47.24 -24.77
N LEU AA 150 -54.90 47.08 -25.92
CA LEU AA 150 -55.79 48.08 -26.46
C LEU AA 150 -57.02 47.42 -27.02
N ARG AA 151 -58.17 48.01 -26.74
CA ARG AA 151 -59.41 47.51 -27.31
C ARG AA 151 -59.39 47.65 -28.81
N LEU AA 152 -59.88 46.62 -29.49
CA LEU AA 152 -59.93 46.60 -30.95
C LEU AA 152 -61.27 47.21 -31.35
N GLN AA 153 -61.26 48.52 -31.54
CA GLN AA 153 -62.46 49.23 -31.91
C GLN AA 153 -62.79 48.99 -33.37
N THR AA 154 -63.99 49.40 -33.74
CA THR AA 154 -64.52 49.14 -35.08
C THR AA 154 -64.13 50.21 -36.08
N THR AA 155 -64.20 51.49 -35.69
CA THR AA 155 -63.98 52.60 -36.59
C THR AA 155 -63.03 53.67 -36.05
N GLY AA 156 -62.65 53.63 -34.79
CA GLY AA 156 -61.89 54.69 -34.16
C GLY AA 156 -60.65 54.23 -33.44
N ASN AA 157 -59.94 53.27 -34.03
CA ASN AA 157 -58.70 52.80 -33.41
C ASN AA 157 -57.67 53.91 -33.40
N VAL AA 158 -56.78 53.84 -32.44
CA VAL AA 158 -55.81 54.91 -32.20
C VAL AA 158 -54.69 54.81 -33.22
N ASP AA 159 -54.11 55.96 -33.53
CA ASP AA 159 -53.11 56.07 -34.59
C ASP AA 159 -51.74 55.80 -33.97
N HIS AA 160 -51.24 54.58 -34.17
CA HIS AA 160 -49.86 54.30 -33.87
C HIS AA 160 -48.94 55.16 -34.72
N VAL AA 161 -47.69 55.24 -34.29
CA VAL AA 161 -46.71 56.15 -34.86
C VAL AA 161 -45.35 55.47 -34.78
N GLY AA 162 -44.34 56.09 -35.39
CA GLY AA 162 -43.03 55.48 -35.42
C GLY AA 162 -42.14 55.62 -36.64
N LEU AA 163 -42.47 56.44 -37.64
CA LEU AA 163 -41.52 56.61 -38.73
C LEU AA 163 -41.68 57.95 -39.42
N GLY AA 164 -40.54 58.52 -39.78
CA GLY AA 164 -40.50 59.72 -40.59
C GLY AA 164 -39.38 59.60 -41.61
N THR AA 165 -39.59 60.23 -42.75
CA THR AA 165 -38.73 60.06 -43.92
C THR AA 165 -38.17 61.39 -44.38
N ALA AA 166 -37.09 61.30 -45.15
CA ALA AA 166 -36.51 62.46 -45.82
C ALA AA 166 -35.78 61.95 -47.05
N PHE AA 167 -36.41 62.12 -48.21
CA PHE AA 167 -35.84 61.69 -49.48
C PHE AA 167 -35.24 62.87 -50.20
N GLU AA 168 -34.11 62.65 -50.85
CA GLU AA 168 -33.42 63.70 -51.57
C GLU AA 168 -34.06 63.89 -52.94
N ASN AA 169 -34.41 65.13 -53.24
CA ASN AA 169 -35.09 65.42 -54.48
C ASN AA 169 -34.16 65.14 -55.67
N SER AA 170 -34.78 64.95 -56.83
CA SER AA 170 -34.05 64.63 -58.04
C SER AA 170 -34.80 65.18 -59.24
N ILE AA 171 -34.09 65.25 -60.37
CA ILE AA 171 -34.70 65.73 -61.59
C ILE AA 171 -35.84 64.83 -62.02
N TYR AA 172 -35.67 63.53 -61.83
CA TYR AA 172 -36.64 62.53 -62.25
C TYR AA 172 -37.54 62.14 -61.09
N ASP AA 173 -38.74 61.70 -61.43
CA ASP AA 173 -39.64 61.17 -60.42
C ASP AA 173 -39.06 59.91 -59.79
N GLN AA 174 -39.24 59.80 -58.48
CA GLN AA 174 -38.80 58.63 -57.71
C GLN AA 174 -40.06 58.02 -57.11
N ASP AA 175 -40.70 57.16 -57.87
CA ASP AA 175 -41.86 56.45 -57.38
C ASP AA 175 -41.42 55.26 -56.54
N TYR AA 176 -42.22 54.97 -55.51
CA TYR AA 176 -41.95 53.87 -54.59
C TYR AA 176 -43.23 53.09 -54.39
N ASN AA 177 -43.06 51.86 -53.90
CA ASN AA 177 -44.15 50.96 -53.61
C ASN AA 177 -43.95 50.50 -52.17
N ILE AA 178 -44.59 51.21 -51.26
CA ILE AA 178 -44.39 50.96 -49.84
C ILE AA 178 -45.25 49.79 -49.40
N ARG AA 179 -44.70 48.96 -48.54
CA ARG AA 179 -45.40 47.85 -47.91
C ARG AA 179 -45.24 47.98 -46.41
N ILE AA 180 -46.36 48.07 -45.71
CA ILE AA 180 -46.37 48.23 -44.27
C ILE AA 180 -46.83 46.92 -43.67
N THR AA 181 -45.88 46.08 -43.30
CA THR AA 181 -46.17 44.83 -42.62
C THR AA 181 -46.24 45.08 -41.12
N MET AA 182 -47.25 44.49 -40.49
CA MET AA 182 -47.51 44.66 -39.07
C MET AA 182 -47.59 43.30 -38.40
N TYR AA 183 -47.02 43.21 -37.21
CA TYR AA 183 -46.98 42.00 -36.42
C TYR AA 183 -47.77 42.25 -35.15
N VAL AA 184 -48.99 41.73 -35.12
CA VAL AA 184 -49.97 42.06 -34.11
C VAL AA 184 -50.13 40.86 -33.19
N GLN AA 185 -50.72 41.12 -32.02
CA GLN AA 185 -50.96 40.09 -31.03
C GLN AA 185 -52.31 40.36 -30.40
N PHE AA 186 -53.30 39.53 -30.74
CA PHE AA 186 -54.67 39.71 -30.30
C PHE AA 186 -54.93 38.90 -29.03
N ARG AA 187 -56.15 38.97 -28.53
CA ARG AA 187 -56.51 38.34 -27.27
C ARG AA 187 -58.03 38.33 -27.13
N GLU AA 188 -58.51 37.43 -26.28
CA GLU AA 188 -59.92 37.33 -25.91
C GLU AA 188 -60.80 37.08 -27.14
N PHE AA 189 -60.67 35.87 -27.67
CA PHE AA 189 -61.49 35.40 -28.77
C PHE AA 189 -62.98 35.56 -28.44
N ASN AA 190 -63.65 36.47 -29.14
CA ASN AA 190 -64.99 36.93 -28.79
C ASN AA 190 -65.97 36.70 -29.92
N LEU AA 191 -65.95 35.51 -30.50
CA LEU AA 191 -66.84 35.23 -31.62
C LEU AA 191 -68.25 35.01 -31.12
N LYS AA 192 -69.20 35.48 -31.91
CA LYS AA 192 -70.62 35.25 -31.68
C LYS AA 192 -71.13 34.21 -32.66
N ASP AA 193 -72.21 33.53 -32.27
CA ASP AA 193 -72.84 32.51 -33.09
C ASP AA 193 -74.34 32.58 -32.91
N PRO AA 194 -75.00 33.52 -33.57
CA PRO AA 194 -76.45 33.54 -33.59
C PRO AA 194 -76.99 32.34 -34.35
N PRO AA 195 -78.28 32.09 -34.27
CA PRO AA 195 -78.86 31.02 -35.10
C PRO AA 195 -79.01 31.44 -36.55
N LEU AA 196 -79.65 30.59 -37.37
CA LEU AA 196 -79.82 30.84 -38.79
C LEU AA 196 -78.47 30.89 -39.51
N TYR BA 1 -5.52 56.87 -15.06
CA TYR BA 1 -5.34 58.24 -14.61
C TYR BA 1 -6.38 59.18 -15.23
N ARG BA 2 -7.66 58.83 -15.06
CA ARG BA 2 -8.82 59.64 -15.46
C ARG BA 2 -8.68 60.12 -16.91
N TRP BA 3 -8.89 59.26 -17.94
CA TRP BA 3 -9.76 58.06 -17.94
C TRP BA 3 -11.25 58.33 -17.65
N ARG BA 4 -11.92 58.90 -18.56
CA ARG BA 4 -12.53 60.13 -19.07
C ARG BA 4 -13.10 61.12 -18.04
N ARG BA 5 -14.02 60.82 -17.11
CA ARG BA 5 -14.78 59.59 -16.88
C ARG BA 5 -16.29 59.85 -17.09
N LYS BA 6 -16.83 60.78 -16.28
CA LYS BA 6 -18.23 61.20 -16.30
C LYS BA 6 -18.36 62.72 -16.28
N ASN BA 7 -17.25 63.46 -16.26
CA ASN BA 7 -17.24 64.85 -15.81
C ASN BA 7 -17.84 65.84 -16.82
N GLY BA 8 -18.76 65.37 -17.65
CA GLY BA 8 -19.40 66.14 -18.69
C GLY BA 8 -19.32 65.44 -20.02
N ILE BA 9 -18.76 64.24 -20.02
CA ILE BA 9 -18.43 63.56 -21.27
C ILE BA 9 -19.71 63.13 -21.95
N PHE BA 10 -19.83 63.48 -23.23
CA PHE BA 10 -20.99 63.12 -24.03
C PHE BA 10 -20.53 62.86 -25.45
N ASN BA 11 -20.24 61.60 -25.74
CA ASN BA 11 -19.91 61.20 -27.09
C ASN BA 11 -21.16 61.23 -27.94
N THR BA 12 -21.04 61.76 -29.14
CA THR BA 12 -22.18 61.90 -30.03
C THR BA 12 -21.68 61.89 -31.47
N ARG BA 13 -22.56 62.27 -32.38
CA ARG BA 13 -22.30 62.23 -33.80
C ARG BA 13 -22.94 63.44 -34.45
N LEU BA 14 -22.33 63.90 -35.53
CA LEU BA 14 -22.85 65.01 -36.32
C LEU BA 14 -22.60 64.71 -37.78
N SER BA 15 -23.42 65.30 -38.63
CA SER BA 15 -23.35 65.03 -40.06
C SER BA 15 -23.90 66.21 -40.83
N ARG BA 16 -23.38 66.39 -42.04
CA ARG BA 16 -23.89 67.38 -42.96
C ARG BA 16 -23.74 66.83 -44.36
N THR BA 17 -24.14 67.62 -45.35
CA THR BA 17 -24.19 67.14 -46.72
C THR BA 17 -23.91 68.30 -47.66
N ILE BA 18 -23.23 67.99 -48.76
CA ILE BA 18 -22.85 68.99 -49.76
C ILE BA 18 -22.63 68.29 -51.08
N GLY BA 19 -22.79 69.05 -52.16
CA GLY BA 19 -22.56 68.56 -53.50
C GLY BA 19 -21.19 68.95 -54.00
N TYR BA 20 -20.58 68.05 -54.76
CA TYR BA 20 -19.28 68.29 -55.37
C TYR BA 20 -19.36 67.82 -56.81
N THR BA 21 -18.92 68.68 -57.72
CA THR BA 21 -19.19 68.54 -59.15
C THR BA 21 -17.87 68.57 -59.90
N VAL BA 22 -17.42 67.41 -60.37
CA VAL BA 22 -16.28 67.33 -61.26
C VAL BA 22 -16.78 67.54 -62.67
N LYS BA 23 -16.25 68.56 -63.33
CA LYS BA 23 -16.81 69.03 -64.58
C LYS BA 23 -16.22 68.25 -65.76
N LYS BA 24 -16.78 68.51 -66.94
CA LYS BA 24 -16.36 67.86 -68.17
C LYS BA 24 -15.03 68.43 -68.64
N THR BA 25 -14.52 67.83 -69.71
CA THR BA 25 -13.37 68.34 -70.43
C THR BA 25 -13.27 67.62 -71.76
N THR BA 26 -12.95 68.37 -72.81
CA THR BA 26 -12.71 67.77 -74.11
C THR BA 26 -11.41 66.97 -74.14
N VAL BA 27 -10.51 67.21 -73.19
CA VAL BA 27 -9.27 66.43 -73.11
C VAL BA 27 -9.61 64.97 -72.95
N ARG BA 28 -8.83 64.12 -73.63
CA ARG BA 28 -8.99 62.68 -73.56
C ARG BA 28 -7.84 61.98 -72.88
N THR BA 29 -6.69 62.63 -72.74
CA THR BA 29 -5.60 62.05 -71.99
C THR BA 29 -5.99 62.00 -70.51
N PRO BA 30 -5.41 61.08 -69.74
CA PRO BA 30 -5.72 61.04 -68.32
C PRO BA 30 -5.34 62.33 -67.62
N SER BA 31 -6.35 63.01 -67.07
CA SER BA 31 -6.16 64.24 -66.33
C SER BA 31 -7.01 64.19 -65.09
N TRP BA 32 -6.48 64.73 -64.00
CA TRP BA 32 -7.10 64.67 -62.69
C TRP BA 32 -7.55 66.05 -62.24
N ASN BA 33 -8.51 66.06 -61.33
CA ASN BA 33 -9.09 67.27 -60.75
C ASN BA 33 -8.87 67.21 -59.25
N VAL BA 34 -7.95 68.01 -58.76
CA VAL BA 34 -7.51 67.95 -57.38
C VAL BA 34 -8.28 68.97 -56.55
N ASP BA 35 -8.62 68.59 -55.33
CA ASP BA 35 -9.30 69.49 -54.41
C ASP BA 35 -9.10 68.94 -53.01
N MET BA 36 -9.06 69.85 -52.05
CA MET BA 36 -8.86 69.52 -50.65
C MET BA 36 -10.21 69.41 -49.95
N MET BA 37 -10.18 69.28 -48.64
CA MET BA 37 -11.41 69.20 -47.85
C MET BA 37 -11.08 69.52 -46.41
N ARG BA 38 -11.74 70.54 -45.86
CA ARG BA 38 -11.54 71.01 -44.50
C ARG BA 38 -12.78 70.72 -43.67
N PHE BA 39 -12.57 70.60 -42.36
CA PHE BA 39 -13.62 70.30 -41.40
C PHE BA 39 -13.61 71.35 -40.31
N ASN BA 40 -14.76 71.98 -40.11
CA ASN BA 40 -14.93 72.98 -39.07
C ASN BA 40 -16.28 72.74 -38.43
N ILE BA 41 -16.30 72.73 -37.09
CA ILE BA 41 -17.51 72.32 -36.38
C ILE BA 41 -18.60 73.36 -36.47
N ASN BA 42 -18.28 74.60 -36.81
CA ASN BA 42 -19.31 75.61 -36.96
C ASN BA 42 -20.29 75.27 -38.07
N ASP BA 43 -19.85 74.49 -39.05
CA ASP BA 43 -20.73 74.03 -40.10
C ASP BA 43 -21.63 72.89 -39.68
N PHE BA 44 -21.42 72.33 -38.50
CA PHE BA 44 -22.26 71.29 -37.93
C PHE BA 44 -23.16 71.77 -36.81
N LEU BA 45 -22.62 72.59 -35.91
CA LEU BA 45 -23.36 73.12 -34.78
C LEU BA 45 -23.88 74.51 -35.12
N PRO BA 46 -25.17 74.70 -35.36
CA PRO BA 46 -25.68 76.05 -35.55
C PRO BA 46 -25.72 76.80 -34.24
N PRO BA 47 -25.86 78.11 -34.27
CA PRO BA 47 -25.83 78.90 -33.04
C PRO BA 47 -27.12 78.81 -32.26
N GLY BA 48 -26.99 78.81 -30.94
CA GLY BA 48 -28.14 78.79 -30.07
C GLY BA 48 -28.77 80.16 -29.91
N GLY BA 49 -29.17 80.48 -28.68
CA GLY BA 49 -29.77 81.77 -28.41
C GLY BA 49 -29.79 82.12 -26.95
N GLY BA 50 -29.53 83.38 -26.64
CA GLY BA 50 -29.54 83.85 -25.27
C GLY BA 50 -28.23 83.61 -24.56
N SER BA 51 -28.31 83.23 -23.29
CA SER BA 51 -27.11 82.98 -22.51
C SER BA 51 -26.37 81.75 -23.01
N ASN BA 52 -27.09 80.80 -23.62
CA ASN BA 52 -26.46 79.63 -24.20
C ASN BA 52 -26.14 79.95 -25.66
N PRO BA 53 -24.86 80.15 -26.02
CA PRO BA 53 -24.57 80.64 -27.36
C PRO BA 53 -24.67 79.57 -28.43
N LEU BA 54 -24.38 78.33 -28.05
CA LEU BA 54 -24.43 77.18 -28.95
C LEU BA 54 -25.72 76.40 -28.75
N THR BA 55 -25.96 75.48 -29.68
CA THR BA 55 -27.09 74.56 -29.58
C THR BA 55 -26.81 73.39 -28.65
N VAL BA 56 -25.55 73.04 -28.47
CA VAL BA 56 -25.14 71.95 -27.59
C VAL BA 56 -24.54 72.57 -26.33
N PRO BA 57 -25.08 72.29 -25.15
CA PRO BA 57 -24.54 72.94 -23.96
C PRO BA 57 -23.29 72.24 -23.42
N PHE BA 58 -22.16 72.55 -24.03
CA PHE BA 58 -20.87 72.07 -23.56
C PHE BA 58 -19.82 73.12 -23.87
N GLU BA 59 -18.69 73.02 -23.18
CA GLU BA 59 -17.61 73.98 -23.27
C GLU BA 59 -16.47 73.49 -24.15
N TYR BA 60 -15.95 72.31 -23.84
CA TYR BA 60 -14.81 71.75 -24.54
C TYR BA 60 -15.27 70.71 -25.55
N TYR BA 61 -14.35 70.30 -26.41
CA TYR BA 61 -14.63 69.26 -27.38
C TYR BA 61 -13.33 68.78 -27.99
N ARG BA 62 -13.40 67.59 -28.58
CA ARG BA 62 -12.29 67.04 -29.34
C ARG BA 62 -12.85 66.02 -30.32
N ILE BA 63 -12.44 66.14 -31.57
CA ILE BA 63 -12.96 65.27 -32.62
C ILE BA 63 -12.17 63.98 -32.62
N ARG BA 64 -12.87 62.87 -32.37
CA ARG BA 64 -12.23 61.57 -32.36
C ARG BA 64 -11.99 61.06 -33.77
N LYS BA 65 -13.05 61.03 -34.58
CA LYS BA 65 -13.00 60.42 -35.90
C LYS BA 65 -13.88 61.21 -36.85
N VAL BA 66 -13.62 60.99 -38.13
CA VAL BA 66 -14.43 61.56 -39.21
C VAL BA 66 -14.65 60.46 -40.24
N LYS BA 67 -15.87 60.39 -40.75
CA LYS BA 67 -16.24 59.42 -41.77
C LYS BA 67 -16.80 60.21 -42.95
N VAL BA 68 -15.98 60.42 -43.94
CA VAL BA 68 -16.41 61.00 -45.19
C VAL BA 68 -17.05 59.92 -46.04
N GLU BA 69 -18.03 60.30 -46.85
CA GLU BA 69 -18.77 59.37 -47.67
C GLU BA 69 -19.08 60.04 -48.99
N PHE BA 70 -18.68 59.41 -50.08
CA PHE BA 70 -18.90 59.93 -51.42
C PHE BA 70 -20.08 59.17 -52.04
N TRP BA 71 -21.27 59.53 -51.60
CA TRP BA 71 -22.46 58.97 -52.21
C TRP BA 71 -22.63 59.56 -53.60
N PRO BA 72 -22.45 58.79 -54.68
CA PRO BA 72 -22.46 59.39 -56.00
C PRO BA 72 -23.84 59.87 -56.40
N CYS BA 73 -23.86 60.56 -57.54
CA CYS BA 73 -25.08 61.03 -58.17
C CYS BA 73 -25.18 60.59 -59.62
N SER BA 74 -24.18 59.90 -60.14
CA SER BA 74 -24.17 59.45 -61.53
C SER BA 74 -24.74 58.05 -61.63
N PRO BA 75 -25.23 57.65 -62.80
CA PRO BA 75 -25.83 56.33 -62.93
C PRO BA 75 -24.78 55.25 -63.15
N ILE BA 76 -25.25 54.01 -63.05
CA ILE BA 76 -24.40 52.87 -63.30
C ILE BA 76 -23.97 52.80 -64.76
N THR BA 77 -24.81 53.29 -65.66
CA THR BA 77 -24.59 53.13 -67.08
C THR BA 77 -23.71 54.21 -67.68
N GLN BA 78 -22.93 54.90 -66.86
CA GLN BA 78 -22.09 55.98 -67.34
C GLN BA 78 -20.75 55.43 -67.83
N GLY BA 79 -20.30 55.96 -68.96
CA GLY BA 79 -19.07 55.52 -69.57
C GLY BA 79 -17.91 56.47 -69.30
N ASP BA 80 -16.80 56.19 -69.96
CA ASP BA 80 -15.55 56.91 -69.76
C ASP BA 80 -15.20 56.93 -68.29
N ARG BA 81 -15.12 55.73 -67.71
CA ARG BA 81 -14.84 55.61 -66.30
C ARG BA 81 -13.42 56.06 -66.02
N GLY BA 82 -13.04 55.99 -64.77
CA GLY BA 82 -11.72 56.43 -64.37
C GLY BA 82 -11.33 55.85 -63.05
N VAL BA 83 -10.32 56.48 -62.45
CA VAL BA 83 -9.79 56.03 -61.18
C VAL BA 83 -9.11 57.21 -60.52
N GLY BA 84 -9.36 57.37 -59.22
CA GLY BA 84 -8.87 58.48 -58.45
C GLY BA 84 -8.15 58.05 -57.20
N SER BA 85 -8.01 58.97 -56.24
CA SER BA 85 -7.29 58.66 -55.02
C SER BA 85 -7.66 59.66 -53.95
N THR BA 86 -7.81 59.16 -52.73
CA THR BA 86 -8.04 59.97 -51.54
C THR BA 86 -6.92 59.72 -50.55
N ALA BA 87 -6.44 60.78 -49.95
CA ALA BA 87 -5.33 60.71 -49.03
C ALA BA 87 -5.60 61.61 -47.83
N VAL BA 88 -4.93 61.29 -46.74
CA VAL BA 88 -5.12 61.97 -45.47
C VAL BA 88 -3.97 62.97 -45.31
N ILE BA 89 -4.33 64.23 -45.08
CA ILE BA 89 -3.39 65.34 -44.99
C ILE BA 89 -3.63 66.01 -43.66
N LEU BA 90 -2.69 65.87 -42.73
CA LEU BA 90 -2.89 66.26 -41.36
C LEU BA 90 -2.16 67.55 -41.00
N ASP BA 91 -1.71 68.31 -42.01
CA ASP BA 91 -0.83 69.45 -41.77
C ASP BA 91 -1.23 70.70 -42.54
N ASP BA 92 -2.38 70.72 -43.20
CA ASP BA 92 -2.83 71.85 -44.00
C ASP BA 92 -1.89 72.14 -45.16
N ASN BA 93 -1.18 71.11 -45.61
CA ASN BA 93 -0.30 71.19 -46.79
C ASN BA 93 -0.92 70.27 -47.81
N PHE BA 94 -1.88 70.80 -48.54
CA PHE BA 94 -2.50 70.07 -49.62
C PHE BA 94 -1.68 70.27 -50.87
N VAL BA 95 -2.16 69.70 -51.98
CA VAL BA 95 -1.51 69.78 -53.27
C VAL BA 95 -2.39 70.65 -54.14
N THR BA 96 -1.77 71.63 -54.78
CA THR BA 96 -2.43 72.83 -55.30
C THR BA 96 -3.69 72.50 -56.09
N LYS BA 97 -4.75 73.26 -55.81
CA LYS BA 97 -6.03 73.07 -56.47
C LYS BA 97 -5.88 73.22 -57.97
N ALA BA 98 -6.35 72.21 -58.70
CA ALA BA 98 -6.15 72.16 -60.14
C ALA BA 98 -7.31 71.43 -60.79
N ASN BA 99 -7.75 71.94 -61.93
CA ASN BA 99 -8.81 71.31 -62.69
C ASN BA 99 -8.31 70.21 -63.60
N ALA BA 100 -7.04 70.25 -64.00
CA ALA BA 100 -6.49 69.27 -64.92
C ALA BA 100 -5.00 69.13 -64.62
N LEU BA 101 -4.63 67.96 -64.11
CA LEU BA 101 -3.24 67.64 -63.81
C LEU BA 101 -2.93 66.29 -64.44
N THR BA 102 -1.74 66.20 -65.03
CA THR BA 102 -1.38 65.04 -65.84
C THR BA 102 -1.07 63.80 -65.03
N TYR BA 103 -1.20 63.84 -63.71
CA TYR BA 103 -0.88 62.69 -62.89
C TYR BA 103 -1.70 62.76 -61.61
N ASP BA 104 -1.76 61.63 -60.93
CA ASP BA 104 -2.45 61.51 -59.65
C ASP BA 104 -1.45 61.77 -58.54
N PRO BA 105 -1.44 62.94 -57.91
CA PRO BA 105 -0.40 63.20 -56.92
C PRO BA 105 -0.60 62.45 -55.64
N TYR BA 106 -1.83 62.11 -55.29
CA TYR BA 106 -2.14 61.40 -54.07
C TYR BA 106 -2.11 59.89 -54.24
N VAL BA 107 -1.41 59.39 -55.27
CA VAL BA 107 -1.44 57.96 -55.55
C VAL BA 107 -0.41 57.20 -54.73
N ASN BA 108 0.79 57.75 -54.59
CA ASN BA 108 1.85 57.11 -53.84
C ASN BA 108 1.81 57.43 -52.36
N TYR BA 109 0.91 58.31 -51.93
CA TYR BA 109 0.76 58.58 -50.52
C TYR BA 109 0.41 57.31 -49.77
N SER BA 110 1.05 57.14 -48.61
CA SER BA 110 0.83 55.94 -47.81
C SER BA 110 -0.60 55.83 -47.35
N SER BA 111 -1.29 56.96 -47.18
CA SER BA 111 -2.68 56.99 -46.78
C SER BA 111 -3.63 56.94 -47.96
N ARG BA 112 -3.19 56.40 -49.08
CA ARG BA 112 -4.01 56.38 -50.29
C ARG BA 112 -5.00 55.24 -50.23
N HIS BA 113 -6.25 55.55 -50.56
CA HIS BA 113 -7.30 54.56 -50.72
C HIS BA 113 -7.97 54.85 -52.06
N THR BA 114 -7.93 53.88 -52.95
CA THR BA 114 -8.32 54.10 -54.32
C THR BA 114 -9.82 54.38 -54.43
N ILE BA 115 -10.17 55.22 -55.39
CA ILE BA 115 -11.55 55.48 -55.76
C ILE BA 115 -11.81 54.81 -57.08
N THR BA 116 -12.94 54.11 -57.18
CA THR BA 116 -13.50 53.72 -58.44
C THR BA 116 -14.54 54.77 -58.82
N GLN BA 117 -14.62 55.10 -60.08
CA GLN BA 117 -15.45 56.19 -60.57
C GLN BA 117 -16.33 55.69 -61.71
N PRO BA 118 -17.43 56.38 -62.00
CA PRO BA 118 -18.07 57.52 -61.34
C PRO BA 118 -19.29 57.18 -60.51
N PHE BA 119 -19.60 55.89 -60.37
CA PHE BA 119 -20.85 55.45 -59.75
C PHE BA 119 -20.64 54.68 -58.46
N SER BA 120 -19.43 54.65 -57.92
CA SER BA 120 -19.13 53.84 -56.76
C SER BA 120 -19.11 54.69 -55.49
N TYR BA 121 -19.20 54.00 -54.36
CA TYR BA 121 -19.17 54.61 -53.04
C TYR BA 121 -17.79 54.46 -52.45
N HIS BA 122 -17.32 55.50 -51.78
CA HIS BA 122 -16.02 55.51 -51.15
C HIS BA 122 -16.10 56.21 -49.82
N SER BA 123 -15.45 55.62 -48.81
CA SER BA 123 -15.51 56.12 -47.45
C SER BA 123 -14.13 56.08 -46.84
N ARG BA 124 -13.89 57.02 -45.92
CA ARG BA 124 -12.59 57.20 -45.29
C ARG BA 124 -12.82 57.55 -43.83
N TYR BA 125 -12.51 56.60 -42.95
CA TYR BA 125 -12.75 56.72 -41.52
C TYR BA 125 -11.40 56.92 -40.85
N PHE BA 126 -11.13 58.15 -40.43
CA PHE BA 126 -9.83 58.52 -39.93
C PHE BA 126 -9.98 59.54 -38.81
N THR BA 127 -8.84 59.82 -38.18
CA THR BA 127 -8.75 60.79 -37.11
C THR BA 127 -8.17 62.09 -37.66
N PRO BA 128 -8.91 63.19 -37.68
CA PRO BA 128 -8.33 64.45 -38.13
C PRO BA 128 -7.52 65.08 -37.01
N LYS BA 129 -6.86 66.18 -37.36
CA LYS BA 129 -6.04 66.94 -36.44
C LYS BA 129 -6.35 68.41 -36.63
N PRO BA 130 -6.21 69.22 -35.59
CA PRO BA 130 -6.50 70.65 -35.73
C PRO BA 130 -5.28 71.42 -36.22
N VAL BA 131 -5.55 72.68 -36.57
CA VAL BA 131 -4.54 73.59 -37.07
C VAL BA 131 -4.21 74.53 -35.93
N LEU BA 132 -3.19 74.16 -35.15
CA LEU BA 132 -2.75 74.98 -34.04
C LEU BA 132 -1.81 76.09 -34.50
N ASP BA 133 -0.86 75.77 -35.37
CA ASP BA 133 0.09 76.75 -35.88
C ASP BA 133 0.29 76.49 -37.36
N ARG BA 134 -0.13 77.44 -38.20
CA ARG BA 134 0.02 77.29 -39.63
C ARG BA 134 1.47 77.41 -40.07
N THR BA 135 2.24 78.27 -39.39
CA THR BA 135 3.65 78.42 -39.73
C THR BA 135 4.42 77.14 -39.50
N ILE BA 136 4.15 76.47 -38.39
CA ILE BA 136 4.91 75.29 -37.98
C ILE BA 136 4.23 74.02 -38.42
N ASP BA 137 2.90 74.00 -38.37
CA ASP BA 137 2.09 72.87 -38.82
C ASP BA 137 2.48 71.59 -38.08
N TYR BA 138 2.26 71.61 -36.77
CA TYR BA 138 2.47 70.45 -35.94
C TYR BA 138 1.16 69.80 -35.56
N PHE BA 139 1.25 68.52 -35.22
CA PHE BA 139 0.11 67.75 -34.79
C PHE BA 139 0.61 66.53 -34.06
N GLN BA 140 -0.25 65.96 -33.24
CA GLN BA 140 0.14 64.87 -32.39
C GLN BA 140 -0.38 63.54 -32.92
N PRO BA 141 0.18 62.43 -32.48
CA PRO BA 141 -0.29 61.14 -32.96
C PRO BA 141 -1.70 60.82 -32.53
N ASN BA 142 -2.16 59.63 -32.91
CA ASN BA 142 -3.48 59.16 -32.53
C ASN BA 142 -3.37 58.43 -31.21
N ASN BA 143 -3.71 59.12 -30.13
CA ASN BA 143 -3.80 58.50 -28.81
C ASN BA 143 -5.01 59.10 -28.12
N LYS BA 144 -5.97 58.24 -27.78
CA LYS BA 144 -7.24 58.72 -27.26
C LYS BA 144 -7.07 59.39 -25.90
N ARG BA 145 -6.28 58.79 -25.01
CA ARG BA 145 -6.16 59.31 -23.66
C ARG BA 145 -5.60 60.71 -23.66
N ASN BA 146 -4.50 60.92 -24.35
CA ASN BA 146 -3.76 62.17 -24.31
C ASN BA 146 -4.12 63.11 -25.45
N GLN BA 147 -5.22 62.88 -26.13
CA GLN BA 147 -5.66 63.81 -27.15
C GLN BA 147 -6.10 65.11 -26.51
N LEU BA 148 -5.91 66.20 -27.23
CA LEU BA 148 -6.16 67.52 -26.69
C LEU BA 148 -7.65 67.82 -26.63
N TRP BA 149 -7.98 68.77 -25.77
CA TRP BA 149 -9.30 69.35 -25.70
C TRP BA 149 -9.25 70.75 -26.27
N LEU BA 150 -10.40 71.21 -26.77
CA LEU BA 150 -10.50 72.49 -27.43
C LEU BA 150 -11.77 73.18 -26.99
N ARG BA 151 -11.67 74.47 -26.71
CA ARG BA 151 -12.83 75.26 -26.37
C ARG BA 151 -13.80 75.29 -27.54
N LEU BA 152 -15.08 75.16 -27.24
CA LEU BA 152 -16.13 75.18 -28.25
C LEU BA 152 -16.55 76.63 -28.41
N GLN BA 153 -15.90 77.31 -29.33
CA GLN BA 153 -16.18 78.71 -29.58
C GLN BA 153 -17.48 78.85 -30.37
N THR BA 154 -17.95 80.08 -30.44
CA THR BA 154 -19.23 80.39 -31.04
C THR BA 154 -19.14 80.62 -32.55
N THR BA 155 -18.12 81.35 -32.99
CA THR BA 155 -17.99 81.74 -34.39
C THR BA 155 -16.61 81.52 -34.99
N GLY BA 156 -15.61 81.18 -34.19
CA GLY BA 156 -14.23 81.11 -34.64
C GLY BA 156 -13.54 79.81 -34.31
N ASN BA 157 -14.24 78.69 -34.42
CA ASN BA 157 -13.63 77.41 -34.15
C ASN BA 157 -12.55 77.11 -35.18
N VAL BA 158 -11.57 76.33 -34.78
CA VAL BA 158 -10.39 76.08 -35.59
C VAL BA 158 -10.73 75.06 -36.66
N ASP BA 159 -10.03 75.18 -37.79
CA ASP BA 159 -10.30 74.38 -38.98
C ASP BA 159 -9.52 73.08 -38.87
N HIS BA 160 -10.20 72.02 -38.47
CA HIS BA 160 -9.63 70.69 -38.58
C HIS BA 160 -9.35 70.36 -40.05
N VAL BA 161 -8.52 69.34 -40.24
CA VAL BA 161 -8.00 68.99 -41.54
C VAL BA 161 -7.83 67.48 -41.58
N GLY BA 162 -7.49 66.94 -42.75
CA GLY BA 162 -7.38 65.51 -42.89
C GLY BA 162 -7.79 64.82 -44.17
N LEU BA 163 -8.12 65.53 -45.25
CA LEU BA 163 -8.42 64.80 -46.48
C LEU BA 163 -8.15 65.64 -47.73
N GLY BA 164 -7.62 64.97 -48.73
CA GLY BA 164 -7.45 65.57 -50.04
C GLY BA 164 -7.79 64.55 -51.11
N THR BA 165 -8.28 65.05 -52.23
CA THR BA 165 -8.87 64.21 -53.27
C THR BA 165 -8.18 64.44 -54.60
N ALA BA 166 -8.35 63.48 -55.49
CA ALA BA 166 -7.89 63.59 -56.87
C ALA BA 166 -8.79 62.69 -57.71
N PHE BA 167 -9.72 63.30 -58.42
CA PHE BA 167 -10.65 62.58 -59.27
C PHE BA 167 -10.22 62.70 -60.73
N GLU BA 168 -10.38 61.61 -61.46
CA GLU BA 168 -9.97 61.57 -62.86
C GLU BA 168 -11.05 62.21 -63.71
N ASN BA 169 -10.65 63.17 -64.54
CA ASN BA 169 -11.61 63.88 -65.37
C ASN BA 169 -12.24 62.94 -66.38
N SER BA 170 -13.40 63.35 -66.87
CA SER BA 170 -14.15 62.55 -67.82
C SER BA 170 -14.94 63.47 -68.73
N ILE BA 171 -15.42 62.90 -69.83
CA ILE BA 171 -16.22 63.66 -70.78
C ILE BA 171 -17.50 64.14 -70.13
N TYR BA 172 -18.09 63.32 -69.28
CA TYR BA 172 -19.36 63.60 -68.64
C TYR BA 172 -19.14 64.17 -67.25
N ASP BA 173 -20.10 64.95 -66.79
CA ASP BA 173 -20.06 65.45 -65.42
C ASP BA 173 -20.15 64.29 -64.44
N GLN BA 174 -19.39 64.39 -63.36
CA GLN BA 174 -19.39 63.41 -62.29
C GLN BA 174 -19.82 64.15 -61.04
N ASP BA 175 -21.13 64.23 -60.83
CA ASP BA 175 -21.66 64.84 -59.64
C ASP BA 175 -21.61 63.86 -58.48
N TYR BA 176 -21.38 64.38 -57.29
CA TYR BA 176 -21.31 63.59 -56.08
C TYR BA 176 -22.12 64.25 -54.99
N ASN BA 177 -22.46 63.47 -53.97
CA ASN BA 177 -23.23 63.92 -52.82
C ASN BA 177 -22.41 63.51 -51.60
N ILE BA 178 -21.60 64.43 -51.13
CA ILE BA 178 -20.68 64.14 -50.04
C ILE BA 178 -21.41 64.27 -48.72
N ARG BA 179 -21.11 63.36 -47.81
CA ARG BA 179 -21.62 63.37 -46.44
C ARG BA 179 -20.43 63.33 -45.50
N ILE BA 180 -20.31 64.34 -44.65
CA ILE BA 180 -19.21 64.43 -43.70
C ILE BA 180 -19.76 64.13 -42.32
N THR BA 181 -19.64 62.88 -41.91
CA THR BA 181 -20.03 62.48 -40.57
C THR BA 181 -18.87 62.68 -39.62
N MET BA 182 -19.18 63.22 -38.45
CA MET BA 182 -18.18 63.56 -37.44
C MET BA 182 -18.57 62.91 -36.13
N TYR BA 183 -17.57 62.39 -35.43
CA TYR BA 183 -17.75 61.71 -34.14
C TYR BA 183 -17.02 62.53 -33.10
N VAL BA 184 -17.77 63.29 -32.33
CA VAL BA 184 -17.24 64.30 -31.44
C VAL BA 184 -17.38 63.81 -30.01
N GLN BA 185 -16.65 64.46 -29.12
CA GLN BA 185 -16.66 64.12 -27.70
C GLN BA 185 -16.59 65.42 -26.92
N PHE BA 186 -17.70 65.82 -26.32
CA PHE BA 186 -17.81 67.07 -25.60
C PHE BA 186 -17.52 66.87 -24.11
N ARG BA 187 -17.60 67.95 -23.35
CA ARG BA 187 -17.24 67.93 -21.95
C ARG BA 187 -17.72 69.22 -21.29
N GLU BA 188 -17.87 69.16 -19.97
CA GLU BA 188 -18.22 70.30 -19.13
C GLU BA 188 -19.56 70.91 -19.53
N PHE BA 189 -20.61 70.15 -19.25
CA PHE BA 189 -21.99 70.59 -19.45
C PHE BA 189 -22.22 71.93 -18.78
N ASN BA 190 -22.43 72.98 -19.58
CA ASN BA 190 -22.41 74.36 -19.12
C ASN BA 190 -23.72 75.06 -19.42
N LEU BA 191 -24.83 74.41 -19.15
CA LEU BA 191 -26.13 75.00 -19.45
C LEU BA 191 -26.46 76.09 -18.45
N LYS BA 192 -27.09 77.15 -18.95
CA LYS BA 192 -27.62 78.23 -18.14
C LYS BA 192 -29.12 78.10 -18.02
N ASP BA 193 -29.66 78.65 -16.94
CA ASP BA 193 -31.11 78.65 -16.70
C ASP BA 193 -31.52 79.96 -16.06
N PRO BA 194 -31.66 81.01 -16.86
CA PRO BA 194 -32.22 82.25 -16.35
C PRO BA 194 -33.69 82.06 -15.99
N PRO BA 195 -34.29 83.03 -15.31
CA PRO BA 195 -35.73 82.95 -15.06
C PRO BA 195 -36.54 83.27 -16.30
N LEU BA 196 -37.86 83.37 -16.14
CA LEU BA 196 -38.79 83.63 -17.25
C LEU BA 196 -38.72 82.52 -18.28
N TYR CA 1 22.00 34.42 -42.86
CA TYR CA 1 23.21 34.98 -43.41
C TYR CA 1 22.94 36.36 -44.04
N ARG CA 2 22.38 37.26 -43.24
CA ARG CA 2 22.14 38.67 -43.61
C ARG CA 2 21.45 38.79 -44.98
N TRP CA 3 20.15 38.52 -45.11
CA TRP CA 3 19.08 38.62 -44.08
C TRP CA 3 18.89 40.03 -43.49
N ARG CA 4 18.35 40.90 -44.24
CA ARG CA 4 18.49 42.06 -45.12
C ARG CA 4 19.61 43.06 -44.77
N ARG CA 5 19.73 43.71 -43.60
CA ARG CA 5 18.86 43.72 -42.42
C ARG CA 5 18.30 45.13 -42.17
N LYS CA 6 19.22 46.08 -41.95
CA LYS CA 6 18.93 47.49 -41.72
C LYS CA 6 19.81 48.40 -42.57
N ASN CA 7 20.70 47.85 -43.40
CA ASN CA 7 21.86 48.58 -43.92
C ASN CA 7 21.51 49.59 -45.02
N GLY CA 8 20.31 50.13 -45.00
CA GLY CA 8 19.80 51.06 -45.97
C GLY CA 8 18.47 50.61 -46.52
N ILE CA 9 17.96 49.51 -46.01
CA ILE CA 9 16.80 48.86 -46.61
C ILE CA 9 15.58 49.72 -46.38
N PHE CA 10 14.85 50.01 -47.45
CA PHE CA 10 13.64 50.80 -47.38
C PHE CA 10 12.65 50.25 -48.40
N ASN CA 11 11.80 49.35 -47.96
CA ASN CA 11 10.74 48.84 -48.81
C ASN CA 11 9.68 49.91 -48.97
N THR CA 12 9.20 50.08 -50.19
CA THR CA 12 8.24 51.11 -50.49
C THR CA 12 7.41 50.68 -51.70
N ARG CA 13 6.66 51.63 -52.26
CA ARG CA 13 5.74 51.37 -53.34
C ARG CA 13 5.78 52.55 -54.29
N LEU CA 14 5.53 52.25 -55.56
CA LEU CA 14 5.44 53.27 -56.60
C LEU CA 14 4.33 52.88 -57.56
N SER CA 15 3.78 53.89 -58.23
CA SER CA 15 2.66 53.69 -59.10
C SER CA 15 2.62 54.77 -60.16
N ARG CA 16 2.07 54.41 -61.32
CA ARG CA 16 1.84 55.35 -62.38
C ARG CA 16 0.58 54.92 -63.10
N THR CA 17 0.20 55.66 -64.13
CA THR CA 17 -1.06 55.45 -64.81
C THR CA 17 -0.92 55.82 -66.28
N ILE CA 18 -1.61 55.06 -67.13
CA ILE CA 18 -1.58 55.26 -68.57
C ILE CA 18 -2.84 54.70 -69.17
N GLY CA 19 -3.20 55.22 -70.34
CA GLY CA 19 -4.35 54.76 -71.09
C GLY CA 19 -3.94 53.79 -72.17
N TYR CA 20 -4.79 52.79 -72.40
CA TYR CA 20 -4.58 51.81 -73.44
C TYR CA 20 -5.91 51.62 -74.16
N THR CA 21 -5.86 51.68 -75.49
CA THR CA 21 -7.05 51.83 -76.32
C THR CA 21 -7.06 50.72 -77.36
N VAL CA 22 -7.90 49.73 -77.15
CA VAL CA 22 -8.15 48.70 -78.15
C VAL CA 22 -9.21 49.22 -79.11
N LYS CA 23 -8.85 49.31 -80.39
CA LYS CA 23 -9.66 50.01 -81.36
C LYS CA 23 -10.73 49.10 -81.94
N LYS CA 24 -11.61 49.70 -82.73
CA LYS CA 24 -12.70 49.00 -83.38
C LYS CA 24 -12.19 48.16 -84.54
N THR CA 25 -13.11 47.40 -85.12
CA THR CA 25 -12.87 46.69 -86.36
C THR CA 25 -14.21 46.21 -86.91
N THR CA 26 -14.37 46.33 -88.22
CA THR CA 26 -15.56 45.79 -88.87
C THR CA 26 -15.57 44.27 -88.90
N VAL CA 27 -14.41 43.63 -88.69
CA VAL CA 27 -14.36 42.18 -88.61
C VAL CA 27 -15.27 41.70 -87.50
N ARG CA 28 -15.95 40.58 -87.75
CA ARG CA 28 -16.84 39.97 -86.78
C ARG CA 28 -16.35 38.62 -86.29
N THR CA 29 -15.43 37.99 -87.01
CA THR CA 29 -14.84 36.77 -86.51
C THR CA 29 -13.97 37.08 -85.29
N PRO CA 30 -13.76 36.11 -84.40
CA PRO CA 30 -12.91 36.37 -83.24
C PRO CA 30 -11.50 36.72 -83.66
N SER CA 31 -11.09 37.93 -83.32
CA SER CA 31 -9.75 38.42 -83.60
C SER CA 31 -9.23 39.14 -82.36
N TRP CA 32 -7.94 38.98 -82.11
CA TRP CA 32 -7.29 39.49 -80.91
C TRP CA 32 -6.31 40.59 -81.25
N ASN CA 33 -6.04 41.43 -80.25
CA ASN CA 33 -5.12 42.55 -80.36
C ASN CA 33 -4.02 42.35 -79.34
N VAL CA 34 -2.84 41.99 -79.80
CA VAL CA 34 -1.74 41.59 -78.95
C VAL CA 34 -0.84 42.79 -78.69
N ASP CA 35 -0.33 42.89 -77.47
CA ASP CA 35 0.58 43.94 -77.10
C ASP CA 35 1.32 43.49 -75.85
N MET CA 36 2.56 43.95 -75.72
CA MET CA 36 3.41 43.62 -74.60
C MET CA 36 3.33 44.71 -73.55
N MET CA 37 4.18 44.62 -72.54
CA MET CA 37 4.22 45.63 -71.49
C MET CA 37 5.56 45.54 -70.77
N ARG CA 38 6.30 46.64 -70.74
CA ARG CA 38 7.61 46.72 -70.14
C ARG CA 38 7.55 47.64 -68.92
N PHE CA 39 8.48 47.40 -67.99
CA PHE CA 39 8.57 48.14 -66.75
C PHE CA 39 9.97 48.70 -66.60
N ASN CA 40 10.06 50.01 -66.41
CA ASN CA 40 11.33 50.68 -66.21
C ASN CA 40 11.13 51.71 -65.13
N ILE CA 41 12.05 51.74 -64.16
CA ILE CA 41 11.85 52.55 -62.97
C ILE CA 41 11.99 54.03 -63.25
N ASN CA 42 12.63 54.40 -64.37
CA ASN CA 42 12.75 55.81 -64.70
C ASN CA 42 11.40 56.45 -64.94
N ASP CA 43 10.40 55.66 -65.33
CA ASP CA 43 9.05 56.16 -65.49
C ASP CA 43 8.32 56.34 -64.17
N PHE CA 44 8.89 55.88 -63.06
CA PHE CA 44 8.33 56.05 -61.73
C PHE CA 44 9.07 57.08 -60.89
N LEU CA 45 10.41 57.06 -60.94
CA LEU CA 45 11.24 57.97 -60.18
C LEU CA 45 11.63 59.14 -61.07
N PRO CA 46 11.10 60.34 -60.89
CA PRO CA 46 11.58 61.47 -61.65
C PRO CA 46 12.95 61.92 -61.15
N PRO CA 47 13.66 62.72 -61.92
CA PRO CA 47 15.01 63.10 -61.52
C PRO CA 47 15.02 64.17 -60.44
N GLY CA 48 15.99 64.07 -59.55
CA GLY CA 48 16.15 65.05 -58.50
C GLY CA 48 16.86 66.30 -58.97
N GLY CA 49 17.75 66.82 -58.15
CA GLY CA 49 18.50 68.00 -58.51
C GLY CA 49 19.74 68.22 -57.67
N GLY CA 50 20.81 68.66 -58.30
CA GLY CA 50 22.05 68.93 -57.61
C GLY CA 50 22.90 67.69 -57.43
N SER CA 51 23.54 67.57 -56.26
CA SER CA 51 24.39 66.42 -56.00
C SER CA 51 23.57 65.14 -55.88
N ASN CA 52 22.31 65.25 -55.48
CA ASN CA 52 21.41 64.10 -55.43
C ASN CA 52 20.71 63.98 -56.78
N PRO CA 53 21.06 63.00 -57.62
CA PRO CA 53 20.53 63.00 -58.98
C PRO CA 53 19.09 62.50 -59.05
N LEU CA 54 18.72 61.62 -58.14
CA LEU CA 54 17.38 61.06 -58.09
C LEU CA 54 16.55 61.74 -57.00
N THR CA 55 15.26 61.46 -57.02
CA THR CA 55 14.36 61.94 -55.99
C THR CA 55 14.39 61.10 -54.73
N VAL CA 56 14.79 59.85 -54.84
CA VAL CA 56 14.90 58.92 -53.72
C VAL CA 56 16.38 58.76 -53.40
N PRO CA 57 16.84 59.07 -52.20
CA PRO CA 57 18.27 58.95 -51.94
C PRO CA 57 18.70 57.54 -51.59
N PHE CA 58 18.89 56.73 -52.62
CA PHE CA 58 19.41 55.39 -52.46
C PHE CA 58 20.22 55.03 -53.70
N GLU CA 59 21.07 54.02 -53.54
CA GLU CA 59 22.00 53.61 -54.59
C GLU CA 59 21.53 52.37 -55.32
N TYR CA 60 21.22 51.32 -54.59
CA TYR CA 60 20.82 50.04 -55.16
C TYR CA 60 19.31 49.88 -55.10
N TYR CA 61 18.81 48.87 -55.79
CA TYR CA 61 17.39 48.57 -55.76
C TYR CA 61 17.16 47.21 -56.38
N ARG CA 62 16.01 46.64 -56.06
CA ARG CA 62 15.56 45.40 -56.67
C ARG CA 62 14.05 45.33 -56.56
N ILE CA 63 13.40 45.04 -57.67
CA ILE CA 63 11.94 45.02 -57.72
C ILE CA 63 11.46 43.67 -57.23
N ARG CA 64 10.70 43.68 -56.13
CA ARG CA 64 10.15 42.46 -55.57
C ARG CA 64 8.95 41.98 -56.35
N LYS CA 65 7.97 42.86 -56.54
CA LYS CA 65 6.69 42.49 -57.12
C LYS CA 65 6.17 43.64 -57.96
N VAL CA 66 5.23 43.30 -58.83
CA VAL CA 66 4.51 44.27 -59.65
C VAL CA 66 3.06 43.87 -59.64
N LYS CA 67 2.18 44.86 -59.51
CA LYS CA 67 0.74 44.67 -59.54
C LYS CA 67 0.19 45.56 -60.64
N VAL CA 68 -0.07 44.96 -61.77
CA VAL CA 68 -0.75 45.63 -62.85
C VAL CA 68 -2.26 45.59 -62.57
N GLU CA 69 -2.95 46.62 -63.02
CA GLU CA 69 -4.37 46.76 -62.79
C GLU CA 69 -5.01 47.37 -64.02
N PHE CA 70 -6.00 46.68 -64.57
CA PHE CA 70 -6.73 47.14 -65.75
C PHE CA 70 -8.06 47.74 -65.32
N TRP CA 71 -8.00 48.94 -64.79
CA TRP CA 71 -9.20 49.66 -64.45
C TRP CA 71 -9.88 50.09 -65.73
N PRO CA 72 -11.03 49.54 -66.11
CA PRO CA 72 -11.60 49.85 -67.41
C PRO CA 72 -12.12 51.27 -67.47
N CYS CA 73 -12.50 51.65 -68.69
CA CYS CA 73 -13.12 52.92 -68.98
C CYS CA 73 -14.44 52.76 -69.71
N SER CA 74 -14.85 51.54 -70.03
CA SER CA 74 -16.08 51.29 -70.75
C SER CA 74 -17.22 51.03 -69.78
N PRO CA 75 -18.46 51.24 -70.19
CA PRO CA 75 -19.58 51.06 -69.27
C PRO CA 75 -20.00 49.60 -69.17
N ILE CA 76 -20.85 49.35 -68.18
CA ILE CA 76 -21.40 48.03 -67.98
C ILE CA 76 -22.30 47.62 -69.13
N THR CA 77 -22.96 48.58 -69.77
CA THR CA 77 -23.97 48.29 -70.77
C THR CA 77 -23.40 48.11 -72.16
N GLN CA 78 -22.11 47.81 -72.27
CA GLN CA 78 -21.48 47.66 -73.57
C GLN CA 78 -21.65 46.23 -74.08
N GLY CA 79 -21.95 46.11 -75.36
CA GLY CA 79 -22.17 44.83 -75.98
C GLY CA 79 -20.98 44.35 -76.77
N ASP CA 80 -21.19 43.25 -77.49
CA ASP CA 80 -20.15 42.55 -78.22
C ASP CA 80 -18.96 42.28 -77.31
N ARG CA 81 -19.25 41.59 -76.22
CA ARG CA 81 -18.23 41.31 -75.23
C ARG CA 81 -17.23 40.33 -75.82
N GLY CA 82 -16.24 39.98 -75.02
CA GLY CA 82 -15.21 39.09 -75.48
C GLY CA 82 -14.48 38.46 -74.35
N VAL CA 83 -13.30 37.93 -74.65
CA VAL CA 83 -12.48 37.26 -73.67
C VAL CA 83 -11.04 37.29 -74.16
N GLY CA 84 -10.13 37.60 -73.22
CA GLY CA 84 -8.73 37.77 -73.53
C GLY CA 84 -7.85 36.95 -72.64
N SER CA 85 -6.56 37.31 -72.56
CA SER CA 85 -5.63 36.55 -71.76
C SER CA 85 -4.40 37.40 -71.47
N THR CA 86 -3.90 37.28 -70.25
CA THR CA 86 -2.67 37.90 -69.81
C THR CA 86 -1.71 36.83 -69.35
N ALA CA 87 -0.46 36.98 -69.74
CA ALA CA 87 0.57 36.00 -69.44
C ALA CA 87 1.84 36.71 -69.03
N VAL CA 88 2.67 35.99 -68.30
CA VAL CA 88 3.91 36.51 -67.74
C VAL CA 88 5.05 36.06 -68.63
N ILE CA 89 5.83 37.02 -69.10
CA ILE CA 89 6.92 36.80 -70.03
C ILE CA 89 8.17 37.38 -69.41
N LEU CA 90 9.09 36.51 -69.01
CA LEU CA 90 10.22 36.89 -68.18
C LEU CA 90 11.52 36.94 -68.98
N ASP CA 91 11.45 36.96 -70.31
CA ASP CA 91 12.63 36.81 -71.14
C ASP CA 91 12.70 37.79 -72.30
N ASP CA 92 11.81 38.78 -72.36
CA ASP CA 92 11.77 39.75 -73.45
C ASP CA 92 11.48 39.09 -74.78
N ASN CA 93 10.81 37.93 -74.75
CA ASN CA 93 10.38 37.24 -75.95
C ASN CA 93 8.86 37.26 -75.91
N PHE CA 94 8.30 38.36 -76.39
CA PHE CA 94 6.87 38.50 -76.50
C PHE CA 94 6.42 37.88 -77.82
N VAL CA 95 5.12 37.99 -78.08
CA VAL CA 95 4.51 37.46 -79.29
C VAL CA 95 4.10 38.67 -80.11
N THR CA 96 4.48 38.65 -81.38
CA THR CA 96 4.58 39.84 -82.22
C THR CA 96 3.35 40.73 -82.13
N LYS CA 97 3.61 42.03 -82.01
CA LYS CA 97 2.55 43.02 -81.90
C LYS CA 97 1.64 42.96 -83.12
N ALA CA 98 0.34 42.82 -82.87
CA ALA CA 98 -0.62 42.63 -83.93
C ALA CA 98 -1.95 43.22 -83.54
N ASN CA 99 -2.62 43.85 -84.50
CA ASN CA 99 -3.93 44.41 -84.27
C ASN CA 99 -5.05 43.41 -84.45
N ALA CA 100 -4.82 42.35 -85.22
CA ALA CA 100 -5.85 41.35 -85.49
C ALA CA 100 -5.16 40.02 -85.71
N LEU CA 101 -5.36 39.09 -84.79
CA LEU CA 101 -4.83 37.75 -84.89
C LEU CA 101 -5.96 36.77 -84.65
N THR CA 102 -5.99 35.71 -85.43
CA THR CA 102 -7.12 34.79 -85.46
C THR CA 102 -7.18 33.87 -84.25
N TYR CA 103 -6.28 34.01 -83.28
CA TYR CA 103 -6.28 33.15 -82.11
C TYR CA 103 -5.65 33.89 -80.95
N ASP CA 104 -5.88 33.35 -79.76
CA ASP CA 104 -5.32 33.89 -78.54
C ASP CA 104 -4.00 33.18 -78.27
N PRO CA 105 -2.85 33.79 -78.52
CA PRO CA 105 -1.61 33.05 -78.35
C PRO CA 105 -1.24 32.83 -76.90
N TYR CA 106 -1.67 33.71 -76.01
CA TYR CA 106 -1.35 33.61 -74.60
C TYR CA 106 -2.38 32.79 -73.84
N VAL CA 107 -3.14 31.93 -74.51
CA VAL CA 107 -4.21 31.20 -73.85
C VAL CA 107 -3.69 29.94 -73.19
N ASN CA 108 -2.82 29.20 -73.85
CA ASN CA 108 -2.28 27.96 -73.31
C ASN CA 108 -1.07 28.17 -72.44
N TYR CA 109 -0.57 29.40 -72.34
CA TYR CA 109 0.53 29.70 -71.43
C TYR CA 109 0.16 29.32 -70.01
N SER CA 110 1.11 28.71 -69.31
CA SER CA 110 0.86 28.26 -67.96
C SER CA 110 0.58 29.43 -67.02
N SER CA 111 1.12 30.61 -67.34
CA SER CA 111 0.90 31.82 -66.55
C SER CA 111 -0.32 32.59 -67.04
N ARG CA 112 -1.28 31.92 -67.66
CA ARG CA 112 -2.43 32.60 -68.21
C ARG CA 112 -3.46 32.85 -67.13
N HIS CA 113 -3.97 34.08 -67.10
CA HIS CA 113 -5.09 34.45 -66.24
C HIS CA 113 -6.10 35.16 -67.13
N THR CA 114 -7.30 34.60 -67.19
CA THR CA 114 -8.28 35.05 -68.16
C THR CA 114 -8.75 36.47 -67.86
N ILE CA 115 -9.05 37.19 -68.92
CA ILE CA 115 -9.67 38.51 -68.84
C ILE CA 115 -11.11 38.37 -69.29
N THR CA 116 -12.02 38.96 -68.53
CA THR CA 116 -13.36 39.24 -69.00
C THR CA 116 -13.38 40.66 -69.50
N GLN CA 117 -14.10 40.89 -70.58
CA GLN CA 117 -14.10 42.17 -71.28
C GLN CA 117 -15.52 42.64 -71.48
N PRO CA 118 -15.73 43.95 -71.70
CA PRO CA 118 -14.81 45.09 -71.68
C PRO CA 118 -14.90 45.95 -70.43
N PHE CA 119 -15.70 45.54 -69.45
CA PHE CA 119 -16.01 46.38 -68.29
C PHE CA 119 -15.49 45.81 -66.98
N SER CA 120 -14.68 44.77 -67.02
CA SER CA 120 -14.23 44.09 -65.82
C SER CA 120 -12.82 44.54 -65.43
N TYR CA 121 -12.48 44.27 -64.18
CA TYR CA 121 -11.17 44.56 -63.61
C TYR CA 121 -10.33 43.31 -63.60
N HIS CA 122 -9.05 43.46 -63.92
CA HIS CA 122 -8.12 42.36 -63.95
C HIS CA 122 -6.79 42.81 -63.39
N SER CA 123 -6.19 41.96 -62.56
CA SER CA 123 -4.96 42.28 -61.86
C SER CA 123 -4.03 41.09 -61.91
N ARG CA 124 -2.73 41.38 -61.90
CA ARG CA 124 -1.68 40.38 -62.03
C ARG CA 124 -0.54 40.75 -61.12
N TYR CA 125 -0.38 40.01 -60.04
CA TYR CA 125 0.61 40.28 -59.00
C TYR CA 125 1.71 39.25 -59.13
N PHE CA 126 2.85 39.67 -59.67
CA PHE CA 126 3.92 38.76 -60.00
C PHE CA 126 5.26 39.42 -59.76
N THR CA 127 6.31 38.61 -59.90
CA THR CA 127 7.68 39.04 -59.75
C THR CA 127 8.29 39.24 -61.13
N PRO CA 128 8.66 40.44 -61.54
CA PRO CA 128 9.34 40.59 -62.83
C PRO CA 128 10.81 40.25 -62.70
N LYS CA 129 11.47 40.25 -63.85
CA LYS CA 129 12.89 39.97 -63.94
C LYS CA 129 13.52 41.00 -64.85
N PRO CA 130 14.79 41.32 -64.64
CA PRO CA 130 15.45 42.31 -65.50
C PRO CA 130 16.03 41.67 -66.76
N VAL CA 131 16.45 42.55 -67.66
CA VAL CA 131 17.02 42.16 -68.94
C VAL CA 131 18.53 42.39 -68.80
N LEU CA 132 19.23 41.32 -68.40
CA LEU CA 132 20.68 41.40 -68.26
C LEU CA 132 21.39 41.18 -69.59
N ASP CA 133 20.93 40.20 -70.37
CA ASP CA 133 21.53 39.90 -71.67
C ASP CA 133 20.40 39.58 -72.64
N ARG CA 134 20.23 40.43 -73.65
CA ARG CA 134 19.20 40.21 -74.63
C ARG CA 134 19.52 39.03 -75.53
N THR CA 135 20.79 38.83 -75.84
CA THR CA 135 21.18 37.71 -76.70
C THR CA 135 20.85 36.38 -76.05
N ILE CA 136 21.13 36.27 -74.75
CA ILE CA 136 21.00 35.01 -74.03
C ILE CA 136 19.65 34.91 -73.33
N ASP CA 137 19.18 36.04 -72.80
CA ASP CA 137 17.88 36.13 -72.15
C ASP CA 137 17.76 35.14 -71.00
N TYR CA 138 18.61 35.35 -70.00
CA TYR CA 138 18.58 34.56 -68.77
C TYR CA 138 17.95 35.34 -67.64
N PHE CA 139 17.45 34.59 -66.66
CA PHE CA 139 16.85 35.17 -65.49
C PHE CA 139 16.82 34.11 -64.41
N GLN CA 140 16.73 34.55 -63.18
CA GLN CA 140 16.81 33.65 -62.06
C GLN CA 140 15.43 33.39 -61.46
N PRO CA 141 15.29 32.34 -60.67
CA PRO CA 141 13.99 32.06 -60.07
C PRO CA 141 13.57 33.09 -59.06
N ASN CA 142 12.42 32.86 -58.44
CA ASN CA 142 11.89 33.75 -57.42
C ASN CA 142 12.42 33.27 -56.08
N ASN CA 143 13.47 33.93 -55.59
CA ASN CA 143 13.99 33.70 -54.26
C ASN CA 143 14.38 35.05 -53.67
N LYS CA 144 13.74 35.42 -52.58
CA LYS CA 144 13.91 36.75 -52.03
C LYS CA 144 15.32 36.97 -51.52
N ARG CA 145 15.87 35.99 -50.82
CA ARG CA 145 17.19 36.17 -50.21
C ARG CA 145 18.25 36.44 -51.25
N ASN CA 146 18.31 35.60 -52.28
CA ASN CA 146 19.37 35.63 -53.26
C ASN CA 146 19.01 36.41 -54.51
N GLN CA 147 17.97 37.23 -54.46
CA GLN CA 147 17.65 38.08 -55.58
C GLN CA 147 18.73 39.14 -55.74
N LEU CA 148 18.95 39.54 -56.99
CA LEU CA 148 20.03 40.44 -57.30
C LEU CA 148 19.69 41.87 -56.89
N TRP CA 149 20.74 42.66 -56.74
CA TRP CA 149 20.64 44.09 -56.55
C TRP CA 149 21.10 44.78 -57.82
N LEU CA 150 20.60 45.98 -58.03
CA LEU CA 150 20.87 46.75 -59.24
C LEU CA 150 21.11 48.20 -58.87
N ARG CA 151 22.13 48.78 -59.49
CA ARG CA 151 22.41 50.19 -59.29
C ARG CA 151 21.25 51.03 -59.80
N LEU CA 152 20.89 52.05 -59.04
CA LEU CA 152 19.80 52.94 -59.39
C LEU CA 152 20.40 54.06 -60.22
N GLN CA 153 20.41 53.85 -61.53
CA GLN CA 153 20.98 54.82 -62.44
C GLN CA 153 20.02 55.99 -62.62
N THR CA 154 20.53 57.04 -63.24
CA THR CA 154 19.81 58.29 -63.39
C THR CA 154 18.93 58.32 -64.62
N THR CA 155 19.44 57.83 -65.75
CA THR CA 155 18.75 57.92 -67.03
C THR CA 155 18.72 56.62 -67.82
N GLY CA 156 19.46 55.59 -67.41
CA GLY CA 156 19.60 54.38 -68.20
C GLY CA 156 19.32 53.12 -67.43
N ASN CA 157 18.31 53.13 -66.58
CA ASN CA 157 17.95 51.93 -65.85
C ASN CA 157 17.46 50.85 -66.79
N VAL CA 158 17.64 49.61 -66.39
CA VAL CA 158 17.36 48.47 -67.24
C VAL CA 158 15.87 48.21 -67.29
N ASP CA 159 15.41 47.68 -68.41
CA ASP CA 159 13.99 47.48 -68.67
C ASP CA 159 13.58 46.14 -68.09
N HIS CA 160 12.95 46.16 -66.93
CA HIS CA 160 12.29 44.98 -66.42
C HIS CA 160 11.18 44.55 -67.36
N VAL CA 161 10.73 43.32 -67.20
CA VAL CA 161 9.80 42.66 -68.11
C VAL CA 161 8.94 41.73 -67.29
N GLY CA 162 7.92 41.16 -67.92
CA GLY CA 162 7.00 40.30 -67.20
C GLY CA 162 5.52 40.29 -67.56
N LEU CA 163 5.05 40.93 -68.62
CA LEU CA 163 3.65 40.80 -68.96
C LEU CA 163 3.38 41.00 -70.44
N GLY CA 164 2.48 40.18 -70.96
CA GLY CA 164 1.98 40.35 -72.31
C GLY CA 164 0.50 40.09 -72.33
N THR CA 165 -0.17 40.77 -73.25
CA THR CA 165 -1.63 40.83 -73.28
C THR CA 165 -2.16 40.35 -74.62
N ALA CA 166 -3.44 39.98 -74.61
CA ALA CA 166 -4.16 39.64 -75.82
C ALA CA 166 -5.63 39.92 -75.56
N PHE CA 167 -6.12 41.04 -76.09
CA PHE CA 167 -7.51 41.44 -75.94
C PHE CA 167 -8.28 41.12 -77.20
N GLU CA 168 -9.52 40.68 -77.02
CA GLU CA 168 -10.37 40.31 -78.13
C GLU CA 168 -10.99 41.54 -78.73
N ASN CA 169 -10.84 41.71 -80.04
CA ASN CA 169 -11.35 42.88 -80.71
C ASN CA 169 -12.86 42.93 -80.63
N SER CA 170 -13.41 44.12 -80.82
CA SER CA 170 -14.84 44.34 -80.73
C SER CA 170 -15.22 45.49 -81.64
N ILE CA 171 -16.52 45.59 -81.91
CA ILE CA 171 -17.03 46.66 -82.76
C ILE CA 171 -16.77 48.01 -82.12
N TYR CA 172 -16.89 48.08 -80.81
CA TYR CA 172 -16.75 49.32 -80.06
C TYR CA 172 -15.35 49.43 -79.49
N ASP CA 173 -14.92 50.67 -79.28
CA ASP CA 173 -13.65 50.91 -78.62
C ASP CA 173 -13.70 50.39 -77.19
N GLN CA 174 -12.59 49.80 -76.76
CA GLN CA 174 -12.42 49.28 -75.41
C GLN CA 174 -11.26 50.06 -74.80
N ASP CA 175 -11.55 51.21 -74.23
CA ASP CA 175 -10.55 51.99 -73.55
C ASP CA 175 -10.32 51.44 -72.16
N TYR CA 176 -9.08 51.53 -71.71
CA TYR CA 176 -8.68 51.06 -70.39
C TYR CA 176 -7.83 52.12 -69.72
N ASN CA 177 -7.71 52.00 -68.40
CA ASN CA 177 -6.93 52.90 -67.57
C ASN CA 177 -6.01 52.01 -66.75
N ILE CA 178 -4.81 51.80 -67.26
CA ILE CA 178 -3.87 50.87 -66.66
C ILE CA 178 -3.15 51.57 -65.52
N ARG CA 179 -2.94 50.84 -64.43
CA ARG CA 179 -2.17 51.29 -63.29
C ARG CA 179 -1.10 50.26 -63.01
N ILE CA 180 0.16 50.69 -63.06
CA ILE CA 180 1.29 49.82 -62.83
C ILE CA 180 1.88 50.14 -61.47
N THR CA 181 1.45 49.39 -60.47
CA THR CA 181 2.00 49.52 -59.13
C THR CA 181 3.23 48.64 -59.00
N MET CA 182 4.25 49.19 -58.38
CA MET CA 182 5.54 48.53 -58.22
C MET CA 182 5.94 48.52 -56.75
N TYR CA 183 6.49 47.41 -56.31
CA TYR CA 183 6.91 47.22 -54.93
C TYR CA 183 8.41 47.02 -54.93
N VAL CA 184 9.13 48.08 -54.57
CA VAL CA 184 10.57 48.16 -54.73
C VAL CA 184 11.21 48.04 -53.37
N GLN CA 185 12.51 47.76 -53.39
CA GLN CA 185 13.29 47.61 -52.17
C GLN CA 185 14.66 48.23 -52.42
N PHE CA 186 14.89 49.39 -51.82
CA PHE CA 186 16.12 50.15 -52.03
C PHE CA 186 17.15 49.80 -50.95
N ARG CA 187 18.30 50.45 -51.03
CA ARG CA 187 19.42 50.14 -50.15
C ARG CA 187 20.47 51.23 -50.28
N GLU CA 188 21.31 51.34 -49.24
CA GLU CA 188 22.45 52.23 -49.20
C GLU CA 188 22.03 53.70 -49.37
N PHE CA 189 21.38 54.19 -48.33
CA PHE CA 189 20.98 55.59 -48.24
C PHE CA 189 22.17 56.51 -48.48
N ASN CA 190 22.17 57.22 -49.60
CA ASN CA 190 23.33 57.94 -50.11
C ASN CA 190 23.05 59.42 -50.27
N LEU CA 191 22.42 60.03 -49.28
CA LEU CA 191 22.08 61.43 -49.38
C LEU CA 191 23.32 62.29 -49.21
N LYS CA 192 23.37 63.38 -49.96
CA LYS CA 192 24.39 64.39 -49.85
C LYS CA 192 23.81 65.62 -49.14
N ASP CA 193 24.70 66.38 -48.51
CA ASP CA 193 24.32 67.60 -47.80
C ASP CA 193 25.41 68.65 -47.99
N PRO CA 194 25.43 69.31 -49.14
CA PRO CA 194 26.32 70.44 -49.32
C PRO CA 194 25.91 71.60 -48.42
N PRO CA 195 26.75 72.61 -48.29
CA PRO CA 195 26.33 73.80 -47.54
C PRO CA 195 25.35 74.66 -48.33
N LEU CA 196 25.01 75.84 -47.79
CA LEU CA 196 24.05 76.75 -48.41
C LEU CA 196 22.68 76.11 -48.49
N TYR DA 1 -0.80 -1.04 -59.13
CA TYR DA 1 -0.38 -1.78 -60.31
C TYR DA 1 -0.09 -0.85 -61.49
N ARG DA 2 0.81 0.13 -61.25
CA ARG DA 2 1.33 1.06 -62.25
C ARG DA 2 0.19 1.70 -63.07
N TRP DA 3 -0.57 2.67 -62.53
CA TRP DA 3 -0.19 3.63 -61.46
C TRP DA 3 1.00 4.54 -61.81
N ARG DA 4 0.80 5.46 -62.67
CA ARG DA 4 0.96 5.94 -64.04
C ARG DA 4 2.24 5.52 -64.80
N ARG DA 5 3.49 5.76 -64.37
CA ARG DA 5 3.98 6.51 -63.22
C ARG DA 5 4.81 7.73 -63.68
N LYS DA 6 5.89 7.44 -64.43
CA LYS DA 6 6.81 8.42 -64.99
C LYS DA 6 7.10 8.14 -66.46
N ASN DA 7 6.52 7.10 -67.05
CA ASN DA 7 7.04 6.49 -68.27
C ASN DA 7 6.77 7.30 -69.53
N GLY DA 8 6.65 8.62 -69.40
CA GLY DA 8 6.37 9.53 -70.48
C GLY DA 8 5.20 10.42 -70.13
N ILE DA 9 4.68 10.29 -68.90
CA ILE DA 9 3.44 10.93 -68.55
C ILE DA 9 3.66 12.43 -68.46
N PHE DA 10 2.80 13.19 -69.13
CA PHE DA 10 2.88 14.64 -69.11
C PHE DA 10 1.46 15.19 -69.17
N ASN DA 11 0.89 15.45 -68.00
CA ASN DA 11 -0.41 16.08 -67.92
C ASN DA 11 -0.27 17.54 -68.30
N THR DA 12 -1.20 18.02 -69.11
CA THR DA 12 -1.15 19.39 -69.59
C THR DA 12 -2.57 19.85 -69.89
N ARG DA 13 -2.65 20.98 -70.59
CA ARG DA 13 -3.92 21.63 -70.88
C ARG DA 13 -3.85 22.21 -72.29
N LEU DA 14 -5.01 22.27 -72.93
CA LEU DA 14 -5.13 22.86 -74.25
C LEU DA 14 -6.45 23.60 -74.31
N SER DA 15 -6.52 24.59 -75.19
CA SER DA 15 -7.69 25.44 -75.29
C SER DA 15 -7.77 26.03 -76.68
N ARG DA 16 -9.00 26.30 -77.09
CA ARG DA 16 -9.26 26.99 -78.34
C ARG DA 16 -10.51 27.84 -78.14
N THR DA 17 -10.90 28.54 -79.20
CA THR DA 17 -11.99 29.50 -79.10
C THR DA 17 -12.73 29.57 -80.42
N ILE DA 18 -14.04 29.75 -80.33
CA ILE DA 18 -14.92 29.81 -81.50
C ILE DA 18 -16.15 30.60 -81.14
N GLY DA 19 -16.79 31.17 -82.17
CA GLY DA 19 -18.02 31.90 -82.00
C GLY DA 19 -19.21 31.04 -82.37
N TYR DA 20 -20.30 31.24 -81.62
CA TYR DA 20 -21.55 30.55 -81.86
C TYR DA 20 -22.67 31.56 -81.79
N THR DA 21 -23.53 31.56 -82.80
CA THR DA 21 -24.47 32.63 -83.05
C THR DA 21 -25.87 32.05 -83.13
N VAL DA 22 -26.66 32.27 -82.09
CA VAL DA 22 -28.07 31.93 -82.11
C VAL DA 22 -28.82 33.10 -82.73
N LYS DA 23 -29.51 32.83 -83.82
CA LYS DA 23 -30.07 33.88 -84.65
C LYS DA 23 -31.45 34.32 -84.13
N LYS DA 24 -31.95 35.38 -84.75
CA LYS DA 24 -33.25 35.94 -84.40
C LYS DA 24 -34.39 35.05 -84.91
N THR DA 25 -35.60 35.44 -84.56
CA THR DA 25 -36.81 34.85 -85.11
C THR DA 25 -37.98 35.74 -84.74
N THR DA 26 -38.89 35.93 -85.69
CA THR DA 26 -40.12 36.66 -85.42
C THR DA 26 -41.07 35.87 -84.52
N VAL DA 27 -40.88 34.55 -84.41
CA VAL DA 27 -41.69 33.74 -83.51
C VAL DA 27 -41.55 34.27 -82.09
N ARG DA 28 -42.67 34.27 -81.36
CA ARG DA 28 -42.70 34.71 -79.98
C ARG DA 28 -42.99 33.58 -79.00
N THR DA 29 -43.52 32.47 -79.48
CA THR DA 29 -43.71 31.33 -78.61
C THR DA 29 -42.34 30.76 -78.23
N PRO DA 30 -42.24 30.08 -77.09
CA PRO DA 30 -40.94 29.50 -76.71
C PRO DA 30 -40.48 28.47 -77.73
N SER DA 31 -39.35 28.77 -78.36
CA SER DA 31 -38.73 27.89 -79.33
C SER DA 31 -37.25 27.82 -79.06
N TRP DA 32 -36.68 26.64 -79.24
CA TRP DA 32 -35.29 26.36 -78.92
C TRP DA 32 -34.49 26.10 -80.18
N ASN DA 33 -33.17 26.30 -80.06
CA ASN DA 33 -32.21 26.11 -81.14
C ASN DA 33 -31.21 25.07 -80.67
N VAL DA 34 -31.30 23.88 -81.23
CA VAL DA 34 -30.53 22.74 -80.76
C VAL DA 34 -29.29 22.60 -81.62
N ASP DA 35 -28.18 22.23 -80.98
CA ASP DA 35 -26.92 22.00 -81.68
C ASP DA 35 -26.05 21.14 -80.78
N MET DA 36 -25.22 20.33 -81.41
CA MET DA 36 -24.32 19.43 -80.71
C MET DA 36 -22.95 20.09 -80.57
N MET DA 37 -21.97 19.33 -80.11
CA MET DA 37 -20.61 19.82 -79.97
C MET DA 37 -19.67 18.64 -79.88
N ARG DA 38 -18.70 18.58 -80.78
CA ARG DA 38 -17.72 17.52 -80.87
C ARG DA 38 -16.34 18.05 -80.51
N PHE DA 39 -15.49 17.13 -80.05
CA PHE DA 39 -14.14 17.46 -79.62
C PHE DA 39 -13.17 16.56 -80.35
N ASN DA 40 -12.21 17.17 -81.03
CA ASN DA 40 -11.17 16.43 -81.75
C ASN DA 40 -9.86 17.15 -81.51
N ILE DA 41 -8.83 16.39 -81.16
CA ILE DA 41 -7.58 16.99 -80.71
C ILE DA 41 -6.82 17.64 -81.85
N ASN DA 42 -7.12 17.29 -83.10
CA ASN DA 42 -6.45 17.92 -84.22
C ASN DA 42 -6.74 19.41 -84.28
N ASP DA 43 -7.87 19.85 -83.73
CA ASP DA 43 -8.19 21.26 -83.65
C ASP DA 43 -7.43 21.98 -82.55
N PHE DA 44 -6.74 21.26 -81.68
CA PHE DA 44 -5.91 21.83 -80.63
C PHE DA 44 -4.43 21.74 -80.91
N LEU DA 45 -3.97 20.59 -81.40
CA LEU DA 45 -2.56 20.37 -81.70
C LEU DA 45 -2.32 20.63 -83.19
N PRO DA 46 -1.66 21.72 -83.57
CA PRO DA 46 -1.31 21.89 -84.97
C PRO DA 46 -0.18 20.97 -85.36
N PRO DA 47 0.05 20.78 -86.66
CA PRO DA 47 1.08 19.83 -87.09
C PRO DA 47 2.47 20.39 -86.94
N GLY DA 48 3.41 19.51 -86.60
CA GLY DA 48 4.79 19.89 -86.49
C GLY DA 48 5.49 19.94 -87.82
N GLY DA 49 6.72 19.46 -87.87
CA GLY DA 49 7.48 19.44 -89.10
C GLY DA 49 8.67 18.51 -89.07
N GLY DA 50 8.90 17.81 -90.17
CA GLY DA 50 10.02 16.91 -90.28
C GLY DA 50 9.71 15.54 -89.72
N SER DA 51 10.68 14.94 -89.04
CA SER DA 51 10.49 13.62 -88.47
C SER DA 51 9.48 13.64 -87.34
N ASN DA 52 9.34 14.78 -86.66
CA ASN DA 52 8.35 14.93 -85.61
C ASN DA 52 7.07 15.47 -86.25
N PRO DA 53 6.03 14.64 -86.41
CA PRO DA 53 4.86 15.09 -87.19
C PRO DA 53 3.98 16.06 -86.43
N LEU DA 54 3.91 15.91 -85.11
CA LEU DA 54 3.11 16.77 -84.25
C LEU DA 54 3.97 17.83 -83.58
N THR DA 55 3.28 18.80 -82.96
CA THR DA 55 3.96 19.82 -82.18
C THR DA 55 4.34 19.35 -80.78
N VAL DA 56 3.64 18.35 -80.27
CA VAL DA 56 3.90 17.78 -78.95
C VAL DA 56 4.58 16.44 -79.16
N PRO DA 57 5.79 16.22 -78.65
CA PRO DA 57 6.45 14.93 -78.91
C PRO DA 57 5.98 13.83 -77.97
N PHE DA 58 4.84 13.25 -78.30
CA PHE DA 58 4.33 12.09 -77.57
C PHE DA 58 3.57 11.21 -78.55
N GLU DA 59 3.38 9.96 -78.14
CA GLU DA 59 2.75 8.94 -78.98
C GLU DA 59 1.30 8.70 -78.60
N TYR DA 60 1.06 8.40 -77.33
CA TYR DA 60 -0.27 8.07 -76.85
C TYR DA 60 -0.90 9.28 -76.16
N TYR DA 61 -2.18 9.17 -75.89
CA TYR DA 61 -2.89 10.23 -75.17
C TYR DA 61 -4.24 9.70 -74.71
N ARG DA 62 -4.80 10.40 -73.73
CA ARG DA 62 -6.15 10.12 -73.26
C ARG DA 62 -6.69 11.37 -72.61
N ILE DA 63 -7.89 11.77 -72.99
CA ILE DA 63 -8.49 13.00 -72.49
C ILE DA 63 -9.15 12.71 -71.15
N ARG DA 64 -8.67 13.36 -70.10
CA ARG DA 64 -9.23 13.19 -68.78
C ARG DA 64 -10.52 13.96 -68.62
N LYS DA 65 -10.49 15.25 -68.92
CA LYS DA 65 -11.61 16.15 -68.66
C LYS DA 65 -11.69 17.19 -69.76
N VAL DA 66 -12.85 17.80 -69.84
CA VAL DA 66 -13.11 18.92 -70.75
C VAL DA 66 -13.90 19.96 -69.99
N LYS DA 67 -13.52 21.22 -70.17
CA LYS DA 67 -14.21 22.35 -69.56
C LYS DA 67 -14.65 23.28 -70.67
N VAL DA 68 -15.89 23.18 -71.03
CA VAL DA 68 -16.50 24.10 -71.96
C VAL DA 68 -16.90 25.35 -71.20
N GLU DA 69 -16.85 26.49 -71.88
CA GLU DA 69 -17.14 27.78 -71.29
C GLU DA 69 -17.87 28.63 -72.30
N PHE DA 70 -19.05 29.12 -71.93
CA PHE DA 70 -19.86 29.96 -72.78
C PHE DA 70 -19.71 31.42 -72.35
N TRP DA 71 -18.58 31.99 -72.71
CA TRP DA 71 -18.35 33.40 -72.45
C TRP DA 71 -19.24 34.21 -73.39
N PRO DA 72 -20.28 34.88 -72.91
CA PRO DA 72 -21.21 35.53 -73.83
C PRO DA 72 -20.58 36.72 -74.54
N CYS DA 73 -21.34 37.23 -75.49
CA CYS DA 73 -21.01 38.43 -76.24
C CYS DA 73 -22.12 39.47 -76.19
N SER DA 74 -23.23 39.18 -75.55
CA SER DA 74 -24.36 40.08 -75.47
C SER DA 74 -24.27 40.93 -74.21
N PRO DA 75 -24.91 42.09 -74.18
CA PRO DA 75 -24.81 42.95 -73.01
C PRO DA 75 -25.77 42.55 -71.92
N ILE DA 76 -25.56 43.14 -70.76
CA ILE DA 76 -26.43 42.91 -69.62
C ILE DA 76 -27.83 43.47 -69.88
N THR DA 77 -27.94 44.52 -70.68
CA THR DA 77 -29.19 45.24 -70.86
C THR DA 77 -30.06 44.65 -71.97
N GLN DA 78 -29.83 43.40 -72.32
CA GLN DA 78 -30.58 42.76 -73.39
C GLN DA 78 -31.86 42.15 -72.84
N GLY DA 79 -32.95 42.34 -73.59
CA GLY DA 79 -34.25 41.86 -73.19
C GLY DA 79 -34.64 40.58 -73.90
N ASP DA 80 -35.89 40.18 -73.69
CA ASP DA 80 -36.43 38.93 -74.18
C ASP DA 80 -35.51 37.78 -73.79
N ARG DA 81 -35.29 37.67 -72.48
CA ARG DA 81 -34.38 36.65 -71.98
C ARG DA 81 -35.00 35.29 -72.18
N GLY DA 82 -34.29 34.27 -71.75
CA GLY DA 82 -34.76 32.92 -71.93
C GLY DA 82 -34.08 31.97 -71.00
N VAL DA 83 -34.16 30.69 -71.34
CA VAL DA 83 -33.59 29.65 -70.53
C VAL DA 83 -33.35 28.44 -71.41
N GLY DA 84 -32.18 27.83 -71.26
CA GLY DA 84 -31.75 26.73 -72.09
C GLY DA 84 -31.29 25.54 -71.28
N SER DA 85 -30.53 24.65 -71.89
CA SER DA 85 -30.08 23.44 -71.20
C SER DA 85 -28.90 22.85 -71.94
N THR DA 86 -27.94 22.38 -71.17
CA THR DA 86 -26.78 21.65 -71.68
C THR DA 86 -26.75 20.27 -71.05
N ALA DA 87 -26.46 19.28 -71.87
CA ALA DA 87 -26.46 17.90 -71.45
C ALA DA 87 -25.25 17.19 -72.03
N VAL DA 88 -24.87 16.11 -71.37
CA VAL DA 88 -23.70 15.33 -71.72
C VAL DA 88 -24.15 14.11 -72.52
N ILE DA 89 -23.59 13.95 -73.71
CA ILE DA 89 -23.97 12.91 -74.64
C ILE DA 89 -22.71 12.15 -74.99
N LEU DA 90 -22.61 10.91 -74.51
CA LEU DA 90 -21.37 10.15 -74.56
C LEU DA 90 -21.40 9.06 -75.62
N ASP DA 91 -22.35 9.12 -76.57
CA ASP DA 91 -22.58 8.03 -77.50
C ASP DA 91 -22.75 8.49 -78.94
N ASP DA 92 -22.53 9.76 -79.25
CA ASP DA 92 -22.70 10.29 -80.60
C ASP DA 92 -24.15 10.19 -81.06
N ASN DA 93 -25.08 10.15 -80.12
CA ASN DA 93 -26.51 10.16 -80.40
C ASN DA 93 -27.04 11.45 -79.84
N PHE DA 94 -26.92 12.50 -80.64
CA PHE DA 94 -27.46 13.80 -80.28
C PHE DA 94 -28.91 13.85 -80.70
N VAL DA 95 -29.52 15.01 -80.49
CA VAL DA 95 -30.92 15.25 -80.81
C VAL DA 95 -30.91 16.23 -81.97
N THR DA 96 -31.66 15.89 -83.02
CA THR DA 96 -31.48 16.42 -84.37
C THR DA 96 -31.34 17.93 -84.38
N LYS DA 97 -30.37 18.40 -85.15
CA LYS DA 97 -30.09 19.82 -85.28
C LYS DA 97 -31.31 20.56 -85.80
N ALA DA 98 -31.72 21.59 -85.07
CA ALA DA 98 -32.95 22.30 -85.37
C ALA DA 98 -32.81 23.75 -84.95
N ASN DA 99 -33.35 24.63 -85.79
CA ASN DA 99 -33.34 26.06 -85.49
C ASN DA 99 -34.51 26.48 -84.61
N ALA DA 100 -35.60 25.72 -84.62
CA ALA DA 100 -36.79 26.08 -83.84
C ALA DA 100 -37.49 24.80 -83.46
N LEU DA 101 -37.50 24.48 -82.17
CA LEU DA 101 -38.19 23.32 -81.64
C LEU DA 101 -39.04 23.78 -80.47
N THR DA 102 -40.25 23.24 -80.39
CA THR DA 102 -41.25 23.72 -79.46
C THR DA 102 -40.99 23.30 -78.03
N TYR DA 103 -39.90 22.61 -77.74
CA TYR DA 103 -39.62 22.17 -76.39
C TYR DA 103 -38.11 22.02 -76.22
N ASP DA 104 -37.70 21.95 -74.96
CA ASP DA 104 -36.30 21.76 -74.61
C ASP DA 104 -36.05 20.26 -74.45
N PRO DA 105 -35.43 19.60 -75.43
CA PRO DA 105 -35.28 18.15 -75.31
C PRO DA 105 -34.27 17.73 -74.28
N TYR DA 106 -33.27 18.57 -74.00
CA TYR DA 106 -32.24 18.25 -73.04
C TYR DA 106 -32.58 18.70 -71.63
N VAL DA 107 -33.88 18.89 -71.33
CA VAL DA 107 -34.26 19.43 -70.04
C VAL DA 107 -34.37 18.33 -68.99
N ASN DA 108 -34.96 17.19 -69.35
CA ASN DA 108 -35.14 16.09 -68.42
C ASN DA 108 -33.93 15.18 -68.36
N TYR DA 109 -32.92 15.40 -69.20
CA TYR DA 109 -31.70 14.61 -69.12
C TYR DA 109 -31.07 14.74 -67.74
N SER DA 110 -30.61 13.61 -67.21
CA SER DA 110 -30.03 13.61 -65.89
C SER DA 110 -28.78 14.47 -65.81
N SER DA 111 -28.07 14.61 -66.92
CA SER DA 111 -26.89 15.45 -67.00
C SER DA 111 -27.20 16.88 -67.36
N ARG DA 112 -28.41 17.35 -67.08
CA ARG DA 112 -28.82 18.68 -67.46
C ARG DA 112 -28.30 19.70 -66.46
N HIS DA 113 -27.73 20.77 -66.98
CA HIS DA 113 -27.33 21.92 -66.19
C HIS DA 113 -27.90 23.15 -66.87
N THR DA 114 -28.72 23.89 -66.16
CA THR DA 114 -29.50 24.95 -66.77
C THR DA 114 -28.61 26.09 -67.22
N ILE DA 115 -29.02 26.72 -68.32
CA ILE DA 115 -28.40 27.94 -68.81
C ILE DA 115 -29.33 29.09 -68.53
N THR DA 116 -28.79 30.17 -68.02
CA THR DA 116 -29.46 31.46 -68.03
C THR DA 116 -28.95 32.22 -69.23
N GLN DA 117 -29.84 32.95 -69.88
CA GLN DA 117 -29.54 33.61 -71.14
C GLN DA 117 -29.93 35.07 -71.06
N PRO DA 118 -29.36 35.93 -71.91
CA PRO DA 118 -28.30 35.75 -72.91
C PRO DA 118 -26.95 36.28 -72.50
N PHE DA 119 -26.82 36.75 -71.26
CA PHE DA 119 -25.62 37.46 -70.82
C PHE DA 119 -24.85 36.72 -69.73
N SER DA 120 -25.21 35.49 -69.43
CA SER DA 120 -24.61 34.76 -68.32
C SER DA 120 -23.54 33.80 -68.81
N TYR DA 121 -22.71 33.37 -67.88
CA TYR DA 121 -21.63 32.43 -68.11
C TYR DA 121 -22.07 31.05 -67.66
N HIS DA 122 -21.71 30.03 -68.45
CA HIS DA 122 -22.05 28.66 -68.14
C HIS DA 122 -20.88 27.76 -68.49
N SER DA 123 -20.59 26.81 -67.61
CA SER DA 123 -19.45 25.94 -67.74
C SER DA 123 -19.85 24.52 -67.40
N ARG DA 124 -19.18 23.57 -68.04
CA ARG DA 124 -19.49 22.15 -67.91
C ARG DA 124 -18.18 21.38 -67.90
N TYR DA 125 -17.83 20.86 -66.73
CA TYR DA 125 -16.56 20.17 -66.51
C TYR DA 125 -16.86 18.68 -66.38
N PHE DA 126 -16.56 17.93 -67.43
CA PHE DA 126 -16.94 16.54 -67.51
C PHE DA 126 -15.86 15.74 -68.22
N THR DA 127 -16.05 14.43 -68.21
CA THR DA 127 -15.16 13.49 -68.86
C THR DA 127 -15.77 13.06 -70.19
N PRO DA 128 -15.18 13.37 -71.33
CA PRO DA 128 -15.72 12.87 -72.59
C PRO DA 128 -15.29 11.44 -72.83
N LYS DA 129 -15.84 10.87 -73.89
CA LYS DA 129 -15.52 9.51 -74.30
C LYS DA 129 -15.29 9.51 -75.80
N PRO DA 130 -14.47 8.59 -76.30
CA PRO DA 130 -14.22 8.54 -77.74
C PRO DA 130 -15.26 7.71 -78.48
N VAL DA 131 -15.19 7.81 -79.79
CA VAL DA 131 -16.10 7.11 -80.69
C VAL DA 131 -15.30 5.95 -81.26
N LEU DA 132 -15.39 4.80 -80.60
CA LEU DA 132 -14.71 3.60 -81.07
C LEU DA 132 -15.50 2.88 -82.14
N ASP DA 133 -16.81 2.75 -81.95
CA ASP DA 133 -17.67 2.07 -82.92
C ASP DA 133 -18.96 2.86 -83.02
N ARG DA 134 -19.21 3.44 -84.20
CA ARG DA 134 -20.43 4.20 -84.40
C ARG DA 134 -21.65 3.31 -84.46
N THR DA 135 -21.51 2.11 -85.03
CA THR DA 135 -22.64 1.19 -85.12
C THR DA 135 -23.12 0.78 -83.74
N ILE DA 136 -22.18 0.50 -82.84
CA ILE DA 136 -22.50 -0.05 -81.53
C ILE DA 136 -22.58 1.05 -80.48
N ASP DA 137 -21.71 2.04 -80.60
CA ASP DA 137 -21.69 3.21 -79.72
C ASP DA 137 -21.54 2.79 -78.26
N TYR DA 138 -20.39 2.18 -77.97
CA TYR DA 138 -20.04 1.81 -76.61
C TYR DA 138 -19.01 2.76 -76.04
N PHE DA 139 -18.98 2.79 -74.71
CA PHE DA 139 -18.03 3.62 -73.99
C PHE DA 139 -17.94 3.09 -72.57
N GLN DA 140 -16.85 3.40 -71.92
CA GLN DA 140 -16.59 2.88 -70.61
C GLN DA 140 -16.85 3.90 -69.53
N PRO DA 141 -17.01 3.49 -68.28
CA PRO DA 141 -17.25 4.45 -67.22
C PRO DA 141 -16.07 5.35 -66.95
N ASN DA 142 -16.23 6.22 -65.96
CA ASN DA 142 -15.18 7.14 -65.56
C ASN DA 142 -14.33 6.44 -64.50
N ASN DA 143 -13.19 5.90 -64.92
CA ASN DA 143 -12.20 5.35 -64.01
C ASN DA 143 -10.83 5.73 -64.53
N LYS DA 144 -10.09 6.47 -63.73
CA LYS DA 144 -8.82 7.03 -64.20
C LYS DA 144 -7.80 5.94 -64.47
N ARG DA 145 -7.69 4.96 -63.59
CA ARG DA 145 -6.66 3.93 -63.73
C ARG DA 145 -6.83 3.16 -65.02
N ASN DA 146 -8.04 2.67 -65.28
CA ASN DA 146 -8.29 1.77 -66.38
C ASN DA 146 -8.83 2.49 -67.62
N GLN DA 147 -8.69 3.80 -67.69
CA GLN DA 147 -9.07 4.51 -68.89
C GLN DA 147 -8.12 4.15 -70.03
N LEU DA 148 -8.66 4.16 -71.24
CA LEU DA 148 -7.92 3.72 -72.39
C LEU DA 148 -6.89 4.75 -72.82
N TRP DA 149 -5.90 4.28 -73.55
CA TRP DA 149 -4.94 5.10 -74.24
C TRP DA 149 -5.22 5.07 -75.73
N LEU DA 150 -4.83 6.12 -76.42
CA LEU DA 150 -5.09 6.28 -77.83
C LEU DA 150 -3.86 6.84 -78.52
N ARG DA 151 -3.55 6.28 -79.68
CA ARG DA 151 -2.45 6.78 -80.48
C ARG DA 151 -2.74 8.21 -80.91
N LEU DA 152 -1.72 9.05 -80.85
CA LEU DA 152 -1.83 10.44 -81.23
C LEU DA 152 -1.50 10.51 -82.72
N GLN DA 153 -2.53 10.39 -83.54
CA GLN DA 153 -2.35 10.41 -84.97
C GLN DA 153 -2.14 11.84 -85.45
N THR DA 154 -1.73 11.95 -86.71
CA THR DA 154 -1.34 13.21 -87.29
C THR DA 154 -2.52 13.97 -87.88
N THR DA 155 -3.41 13.27 -88.59
CA THR DA 155 -4.51 13.90 -89.31
C THR DA 155 -5.86 13.24 -89.09
N GLY DA 156 -5.92 12.08 -88.45
CA GLY DA 156 -7.15 11.31 -88.35
C GLY DA 156 -7.50 10.89 -86.94
N ASN DA 157 -7.28 11.78 -85.98
CA ASN DA 157 -7.64 11.46 -84.61
C ASN DA 157 -9.14 11.30 -84.47
N VAL DA 158 -9.54 10.50 -83.50
CA VAL DA 158 -10.94 10.14 -83.34
C VAL DA 158 -11.70 11.28 -82.68
N ASP DA 159 -12.98 11.37 -83.01
CA ASP DA 159 -13.81 12.48 -82.56
C ASP DA 159 -14.40 12.12 -81.20
N HIS DA 160 -13.81 12.68 -80.15
CA HIS DA 160 -14.43 12.63 -78.85
C HIS DA 160 -15.77 13.35 -78.87
N VAL DA 161 -16.58 13.08 -77.86
CA VAL DA 161 -17.96 13.52 -77.79
C VAL DA 161 -18.29 13.79 -76.32
N GLY DA 162 -19.46 14.35 -76.08
CA GLY DA 162 -19.83 14.68 -74.72
C GLY DA 162 -20.64 15.94 -74.43
N LEU DA 163 -21.17 16.65 -75.41
CA LEU DA 163 -22.02 17.79 -75.06
C LEU DA 163 -23.03 18.11 -76.16
N GLY DA 164 -24.23 18.45 -75.72
CA GLY DA 164 -25.26 18.95 -76.60
C GLY DA 164 -25.99 20.09 -75.93
N THR DA 165 -26.48 21.02 -76.75
CA THR DA 165 -27.02 22.28 -76.29
C THR DA 165 -28.44 22.48 -76.76
N ALA DA 166 -29.14 23.37 -76.08
CA ALA DA 166 -30.47 23.80 -76.50
C ALA DA 166 -30.68 25.20 -75.94
N PHE DA 167 -30.55 26.19 -76.80
CA PHE DA 167 -30.71 27.59 -76.44
C PHE DA 167 -32.08 28.08 -76.87
N GLU DA 168 -32.70 28.90 -76.03
CA GLU DA 168 -34.03 29.42 -76.30
C GLU DA 168 -33.92 30.60 -77.25
N ASN DA 169 -34.68 30.54 -78.34
CA ASN DA 169 -34.62 31.59 -79.33
C ASN DA 169 -35.12 32.91 -78.76
N SER DA 170 -34.71 34.00 -79.40
CA SER DA 170 -35.07 35.33 -78.96
C SER DA 170 -35.15 36.25 -80.16
N ILE DA 171 -35.77 37.41 -79.94
CA ILE DA 171 -35.90 38.40 -81.00
C ILE DA 171 -34.53 38.88 -81.45
N TYR DA 172 -33.62 39.04 -80.50
CA TYR DA 172 -32.29 39.57 -80.75
C TYR DA 172 -31.30 38.44 -80.91
N ASP DA 173 -30.23 38.72 -81.65
CA ASP DA 173 -29.15 37.76 -81.78
C ASP DA 173 -28.48 37.54 -80.43
N GLN DA 174 -28.13 36.29 -80.16
CA GLN DA 174 -27.42 35.88 -78.95
C GLN DA 174 -26.09 35.30 -79.39
N ASP DA 175 -25.11 36.17 -79.56
CA ASP DA 175 -23.78 35.72 -79.90
C ASP DA 175 -23.05 35.24 -78.65
N TYR DA 176 -22.22 34.24 -78.82
CA TYR DA 176 -21.44 33.66 -77.75
C TYR DA 176 -20.00 33.49 -78.20
N ASN DA 177 -19.12 33.34 -77.22
CA ASN DA 177 -17.70 33.15 -77.45
C ASN DA 177 -17.32 31.89 -76.66
N ILE DA 178 -17.35 30.77 -77.34
CA ILE DA 178 -17.13 29.49 -76.68
C ILE DA 178 -15.64 29.24 -76.54
N ARG DA 179 -15.25 28.69 -75.40
CA ARG DA 179 -13.88 28.27 -75.13
C ARG DA 179 -13.92 26.81 -74.71
N ILE DA 180 -13.21 25.97 -75.44
CA ILE DA 180 -13.15 24.55 -75.18
C ILE DA 180 -11.79 24.23 -74.60
N THR DA 181 -11.72 24.20 -73.28
CA THR DA 181 -10.50 23.81 -72.59
C THR DA 181 -10.47 22.30 -72.42
N MET DA 182 -9.31 21.71 -72.67
CA MET DA 182 -9.12 20.28 -72.63
C MET DA 182 -7.95 19.96 -71.71
N TYR DA 183 -8.11 18.90 -70.93
CA TYR DA 183 -7.11 18.45 -69.97
C TYR DA 183 -6.66 17.06 -70.41
N VAL DA 184 -5.50 17.01 -71.03
CA VAL DA 184 -5.02 15.84 -71.72
C VAL DA 184 -3.90 15.22 -70.90
N GLN DA 185 -3.58 13.97 -71.21
CA GLN DA 185 -2.53 13.23 -70.53
C GLN DA 185 -1.81 12.39 -71.57
N PHE DA 186 -0.60 12.80 -71.92
CA PHE DA 186 0.19 12.15 -72.96
C PHE DA 186 1.11 11.11 -72.35
N ARG DA 187 1.90 10.45 -73.21
CA ARG DA 187 2.75 9.35 -72.79
C ARG DA 187 3.72 9.02 -73.91
N GLU DA 188 4.82 8.37 -73.53
CA GLU DA 188 5.83 7.87 -74.45
C GLU DA 188 6.45 9.00 -75.30
N PHE DA 189 7.23 9.82 -74.61
CA PHE DA 189 7.98 10.89 -75.23
C PHE DA 189 8.82 10.35 -76.37
N ASN DA 190 8.49 10.72 -77.60
CA ASN DA 190 9.01 10.10 -78.81
C ASN DA 190 9.69 11.12 -79.71
N LEU DA 191 10.52 11.97 -79.13
CA LEU DA 191 11.17 13.00 -79.93
C LEU DA 191 12.29 12.40 -80.76
N LYS DA 192 12.44 12.92 -81.96
CA LYS DA 192 13.54 12.58 -82.85
C LYS DA 192 14.56 13.71 -82.87
N ASP DA 193 15.80 13.36 -83.17
CA ASP DA 193 16.89 14.33 -83.27
C ASP DA 193 17.81 13.95 -84.41
N PRO DA 194 17.42 14.27 -85.63
CA PRO DA 194 18.33 14.11 -86.75
C PRO DA 194 19.50 15.06 -86.65
N PRO DA 195 20.53 14.89 -87.47
CA PRO DA 195 21.62 15.88 -87.49
C PRO DA 195 21.23 17.15 -88.21
N LEU DA 196 22.18 18.06 -88.40
CA LEU DA 196 21.95 19.35 -89.04
C LEU DA 196 20.98 20.18 -88.21
N TYR EA 1 17.47 6.35 56.16
CA TYR EA 1 17.72 7.32 57.22
C TYR EA 1 18.84 6.84 58.16
N ARG EA 2 20.01 6.53 57.55
CA ARG EA 2 21.24 6.17 58.25
C ARG EA 2 20.99 5.08 59.31
N TRP EA 3 20.79 3.81 58.95
CA TRP EA 3 21.31 3.14 57.73
C TRP EA 3 22.85 3.11 57.60
N ARG EA 4 23.49 2.34 58.39
CA ARG EA 4 24.29 2.17 59.60
C ARG EA 4 25.26 3.32 59.95
N ARG EA 5 26.22 3.80 59.14
CA ARG EA 5 26.67 3.35 57.84
C ARG EA 5 28.14 2.86 57.89
N LYS EA 6 29.02 3.80 58.30
CA LYS EA 6 30.46 3.58 58.46
C LYS EA 6 30.97 4.13 59.78
N ASN EA 7 30.11 4.71 60.62
CA ASN EA 7 30.53 5.62 61.67
C ASN EA 7 31.18 4.94 62.88
N GLY EA 8 31.80 3.78 62.66
CA GLY EA 8 32.43 2.99 63.68
C GLY EA 8 31.94 1.55 63.63
N ILE EA 9 31.10 1.25 62.64
CA ILE EA 9 30.40 -0.02 62.62
C ILE EA 9 31.40 -1.13 62.32
N PHE EA 10 31.39 -2.16 63.14
CA PHE EA 10 32.27 -3.31 62.97
C PHE EA 10 31.52 -4.56 63.41
N ASN EA 11 30.88 -5.21 62.45
CA ASN EA 11 30.23 -6.47 62.72
C ASN EA 11 31.28 -7.55 62.88
N THR EA 12 31.10 -8.39 63.89
CA THR EA 12 32.07 -9.43 64.20
C THR EA 12 31.35 -10.58 64.87
N ARG EA 13 32.13 -11.48 65.45
CA ARG EA 13 31.63 -12.70 66.06
C ARG EA 13 32.45 -12.98 67.30
N LEU EA 14 31.80 -13.62 68.27
CA LEU EA 14 32.44 -14.05 69.50
C LEU EA 14 31.87 -15.40 69.89
N SER EA 15 32.65 -16.15 70.65
CA SER EA 15 32.28 -17.50 71.01
C SER EA 15 32.98 -17.89 72.30
N ARG EA 16 32.33 -18.77 73.05
CA ARG EA 16 32.90 -19.36 74.24
C ARG EA 16 32.38 -20.78 74.35
N THR EA 17 32.80 -21.47 75.41
CA THR EA 17 32.49 -22.88 75.56
C THR EA 17 32.36 -23.22 77.03
N ILE EA 18 31.44 -24.13 77.33
CA ILE EA 18 31.17 -24.55 78.69
C ILE EA 18 30.56 -25.94 78.66
N GLY EA 19 30.73 -26.65 79.77
CA GLY EA 19 30.16 -27.98 79.93
C GLY EA 19 28.86 -27.92 80.71
N TYR EA 20 27.92 -28.78 80.33
CA TYR EA 20 26.65 -28.90 81.01
C TYR EA 20 26.35 -30.38 81.18
N THR EA 21 26.00 -30.75 82.41
CA THR EA 21 25.98 -32.15 82.83
C THR EA 21 24.61 -32.47 83.40
N VAL EA 22 23.80 -33.20 82.63
CA VAL EA 22 22.55 -33.72 83.12
C VAL EA 22 22.83 -35.04 83.82
N LYS EA 23 22.48 -35.11 85.09
CA LYS EA 23 22.92 -36.20 85.95
C LYS EA 23 21.97 -37.38 85.84
N LYS EA 24 22.36 -38.48 86.48
CA LYS EA 24 21.59 -39.70 86.49
C LYS EA 24 20.38 -39.58 87.41
N THR EA 25 19.57 -40.63 87.41
CA THR EA 25 18.48 -40.77 88.36
C THR EA 25 17.98 -42.21 88.28
N THR EA 26 17.68 -42.78 89.44
CA THR EA 26 17.08 -44.10 89.49
C THR EA 26 15.64 -44.09 89.01
N VAL EA 27 15.00 -42.93 88.97
CA VAL EA 27 13.64 -42.82 88.45
C VAL EA 27 13.62 -43.32 87.02
N ARG EA 28 12.54 -44.03 86.67
CA ARG EA 28 12.34 -44.55 85.33
C ARG EA 28 11.18 -43.90 84.61
N THR EA 29 10.28 -43.24 85.32
CA THR EA 29 9.22 -42.51 84.65
C THR EA 29 9.83 -41.31 83.94
N PRO EA 30 9.17 -40.81 82.89
CA PRO EA 30 9.71 -39.63 82.20
C PRO EA 30 9.78 -38.43 83.12
N SER EA 31 11.00 -37.96 83.33
CA SER EA 31 11.26 -36.79 84.15
C SER EA 31 12.27 -35.92 83.45
N TRP EA 32 12.09 -34.61 83.56
CA TRP EA 32 12.89 -33.62 82.86
C TRP EA 32 13.75 -32.82 83.83
N ASN EA 33 14.82 -32.26 83.29
CA ASN EA 33 15.77 -31.44 84.03
C ASN EA 33 15.81 -30.07 83.39
N VAL EA 34 15.21 -29.09 84.05
CA VAL EA 34 15.01 -27.77 83.49
C VAL EA 34 16.15 -26.86 83.93
N ASP EA 35 16.58 -25.99 83.03
CA ASP EA 35 17.61 -25.02 83.32
C ASP EA 35 17.51 -23.92 82.28
N MET EA 36 17.88 -22.71 82.69
CA MET EA 36 17.85 -21.55 81.84
C MET EA 36 19.22 -21.31 81.23
N MET EA 37 19.38 -20.18 80.56
CA MET EA 37 20.65 -19.82 79.96
C MET EA 37 20.66 -18.33 79.70
N ARG EA 38 21.65 -17.64 80.27
CA ARG EA 38 21.82 -16.20 80.14
C ARG EA 38 23.06 -15.88 79.34
N PHE EA 39 23.05 -14.70 78.71
CA PHE EA 39 24.13 -14.23 77.87
C PHE EA 39 24.59 -12.87 78.35
N ASN EA 40 25.86 -12.75 78.64
CA ASN EA 40 26.46 -11.49 79.07
C ASN EA 40 27.80 -11.35 78.37
N ILE EA 41 28.04 -10.17 77.79
CA ILE EA 41 29.19 -10.01 76.94
C ILE EA 41 30.49 -9.98 77.72
N ASN EA 42 30.44 -9.74 79.03
CA ASN EA 42 31.66 -9.76 79.82
C ASN EA 42 32.31 -11.13 79.82
N ASP EA 43 31.52 -12.18 79.60
CA ASP EA 43 32.06 -13.53 79.50
C ASP EA 43 32.72 -13.80 78.15
N PHE EA 44 32.57 -12.90 77.19
CA PHE EA 44 33.21 -13.01 75.88
C PHE EA 44 34.37 -12.05 75.69
N LEU EA 45 34.22 -10.80 76.14
CA LEU EA 45 35.25 -9.79 76.02
C LEU EA 45 36.04 -9.72 77.31
N PRO EA 46 37.28 -10.19 77.37
CA PRO EA 46 38.06 -9.99 78.57
C PRO EA 46 38.52 -8.55 78.68
N PRO EA 47 38.99 -8.13 79.86
CA PRO EA 47 39.36 -6.72 80.04
C PRO EA 47 40.70 -6.40 79.42
N GLY EA 48 40.80 -5.19 78.88
CA GLY EA 48 42.04 -4.72 78.32
C GLY EA 48 43.01 -4.22 79.36
N GLY EA 49 43.69 -3.12 79.07
CA GLY EA 49 44.62 -2.55 80.01
C GLY EA 49 44.98 -1.12 79.71
N GLY EA 50 45.11 -0.32 80.75
CA GLY EA 50 45.47 1.09 80.59
C GLY EA 50 44.28 1.97 80.29
N SER EA 51 44.48 2.93 79.40
CA SER EA 51 43.41 3.85 79.05
C SER EA 51 42.31 3.14 78.28
N ASN EA 52 42.64 2.06 77.57
CA ASN EA 52 41.65 1.26 76.88
C ASN EA 52 41.16 0.16 77.82
N PRO EA 53 39.95 0.25 78.37
CA PRO EA 53 39.57 -0.70 79.42
C PRO EA 53 39.21 -2.08 78.89
N LEU EA 54 38.68 -2.12 77.67
CA LEU EA 54 38.29 -3.36 77.02
C LEU EA 54 39.35 -3.81 76.02
N THR EA 55 39.19 -5.04 75.54
CA THR EA 55 40.05 -5.57 74.51
C THR EA 55 39.64 -5.12 73.12
N VAL EA 56 38.38 -4.75 72.93
CA VAL EA 56 37.86 -4.28 71.66
C VAL EA 56 37.67 -2.78 71.78
N PRO EA 57 38.31 -1.96 70.95
CA PRO EA 57 38.15 -0.51 71.12
C PRO EA 57 36.88 0.03 70.47
N PHE EA 58 35.78 -0.11 71.19
CA PHE EA 58 34.51 0.46 70.78
C PHE EA 58 33.72 0.85 72.01
N GLU EA 59 32.74 1.72 71.82
CA GLU EA 59 31.94 2.27 72.89
C GLU EA 59 30.58 1.61 73.01
N TYR EA 60 29.84 1.58 71.91
CA TYR EA 60 28.49 1.04 71.89
C TYR EA 60 28.49 -0.37 71.31
N TYR EA 61 27.37 -1.04 71.46
CA TYR EA 61 27.21 -2.38 70.89
C TYR EA 61 25.74 -2.77 70.94
N ARG EA 62 25.41 -3.75 70.11
CA ARG EA 62 24.08 -4.35 70.12
C ARG EA 62 24.19 -5.74 69.52
N ILE EA 63 23.61 -6.71 70.22
CA ILE EA 63 23.71 -8.10 69.81
C ILE EA 63 22.63 -8.39 68.79
N ARG EA 64 23.06 -8.75 67.58
CA ARG EA 64 22.12 -9.06 66.51
C ARG EA 64 21.53 -10.45 66.69
N LYS EA 65 22.38 -11.45 66.84
CA LYS EA 65 21.96 -12.83 66.85
C LYS EA 65 22.83 -13.62 67.80
N VAL EA 66 22.33 -14.78 68.20
CA VAL EA 66 23.04 -15.74 69.01
C VAL EA 66 22.81 -17.11 68.44
N LYS EA 67 23.86 -17.92 68.37
CA LYS EA 67 23.79 -19.29 67.89
C LYS EA 67 24.34 -20.18 68.99
N VAL EA 68 23.44 -20.78 69.73
CA VAL EA 68 23.79 -21.79 70.71
C VAL EA 68 23.97 -23.11 69.98
N GLU EA 69 24.86 -23.94 70.51
CA GLU EA 69 25.20 -25.22 69.91
C GLU EA 69 25.44 -26.22 71.01
N PHE EA 70 24.71 -27.33 70.97
CA PHE EA 70 24.83 -28.39 71.95
C PHE EA 70 25.65 -29.53 71.35
N TRP EA 71 26.95 -29.31 71.29
CA TRP EA 71 27.84 -30.36 70.84
C TRP EA 71 27.91 -31.42 71.93
N PRO EA 72 27.36 -32.63 71.73
CA PRO EA 72 27.31 -33.59 72.82
C PRO EA 72 28.67 -34.12 73.18
N CYS EA 73 28.67 -34.88 74.28
CA CYS EA 73 29.85 -35.58 74.76
C CYS EA 73 29.58 -37.07 74.96
N SER EA 74 28.36 -37.54 74.72
CA SER EA 74 28.00 -38.93 74.91
C SER EA 74 28.17 -39.69 73.60
N PRO EA 75 28.34 -41.01 73.66
CA PRO EA 75 28.56 -41.78 72.43
C PRO EA 75 27.25 -42.10 71.73
N ILE EA 76 27.39 -42.59 70.51
CA ILE EA 76 26.25 -43.02 69.73
C ILE EA 76 25.59 -44.24 70.35
N THR EA 77 26.35 -45.08 71.04
CA THR EA 77 25.86 -46.35 71.53
C THR EA 77 25.20 -46.25 72.89
N GLN EA 78 24.76 -45.07 73.29
CA GLN EA 78 24.16 -44.87 74.59
C GLN EA 78 22.67 -45.16 74.52
N GLY EA 79 22.17 -45.86 75.54
CA GLY EA 79 20.79 -46.25 75.61
C GLY EA 79 19.98 -45.35 76.53
N ASP EA 80 18.74 -45.77 76.74
CA ASP EA 80 17.76 -45.00 77.50
C ASP EA 80 17.68 -43.58 76.97
N ARG EA 81 17.39 -43.49 75.67
CA ARG EA 81 17.34 -42.21 75.01
C ARG EA 81 16.15 -41.42 75.53
N GLY EA 82 15.98 -40.24 74.99
CA GLY EA 82 14.91 -39.39 75.44
C GLY EA 82 14.60 -38.32 74.45
N VAL EA 83 13.91 -37.29 74.92
CA VAL EA 83 13.51 -36.19 74.07
C VAL EA 83 13.26 -34.97 74.95
N GLY EA 84 13.76 -33.83 74.50
CA GLY EA 84 13.71 -32.60 75.27
C GLY EA 84 13.14 -31.46 74.46
N SER EA 85 13.39 -30.23 74.90
CA SER EA 85 12.84 -29.07 74.24
C SER EA 85 13.63 -27.84 74.62
N THR EA 86 13.85 -26.97 73.63
CA THR EA 86 14.47 -25.67 73.83
C THR EA 86 13.52 -24.60 73.36
N ALA EA 87 13.42 -23.54 74.15
CA ALA EA 87 12.50 -22.46 73.87
C ALA EA 87 13.20 -21.13 74.13
N VAL EA 88 12.66 -20.10 73.49
CA VAL EA 88 13.23 -18.76 73.55
C VAL EA 88 12.43 -17.95 74.54
N ILE EA 89 13.12 -17.38 75.52
CA ILE EA 89 12.52 -16.64 76.62
C ILE EA 89 13.16 -15.26 76.64
N LEU EA 90 12.38 -14.25 76.27
CA LEU EA 90 12.90 -12.93 76.01
C LEU EA 90 12.58 -11.94 77.12
N ASP EA 91 12.19 -12.44 78.31
CA ASP EA 91 11.68 -11.57 79.37
C ASP EA 91 12.24 -11.90 80.74
N ASP EA 92 13.23 -12.79 80.85
CA ASP EA 92 13.82 -13.18 82.12
C ASP EA 92 12.80 -13.87 83.02
N ASN EA 93 11.78 -14.47 82.41
CA ASN EA 93 10.78 -15.26 83.11
C ASN EA 93 10.94 -16.68 82.62
N PHE EA 94 11.88 -17.38 83.24
CA PHE EA 94 12.10 -18.77 82.94
C PHE EA 94 11.15 -19.61 83.78
N VAL EA 95 11.28 -20.93 83.66
CA VAL EA 95 10.45 -21.88 84.38
C VAL EA 95 11.37 -22.56 85.37
N THR EA 96 10.93 -22.60 86.63
CA THR EA 96 11.78 -22.80 87.79
C THR EA 96 12.75 -23.95 87.62
N LYS EA 97 14.00 -23.69 88.02
CA LYS EA 97 15.06 -24.68 87.91
C LYS EA 97 14.70 -25.92 88.71
N ALA EA 98 14.77 -27.07 88.04
CA ALA EA 98 14.33 -28.31 88.63
C ALA EA 98 15.13 -29.47 88.06
N ASN EA 99 15.48 -30.42 88.92
CA ASN EA 99 16.21 -31.59 88.50
C ASN EA 99 15.30 -32.69 87.98
N ALA EA 100 14.03 -32.70 88.40
CA ALA EA 100 13.09 -33.75 88.00
C ALA EA 100 11.71 -33.14 87.99
N LEU EA 101 11.13 -33.03 86.79
CA LEU EA 101 9.78 -32.53 86.60
C LEU EA 101 9.03 -33.50 85.73
N THR EA 102 7.78 -33.76 86.07
CA THR EA 102 7.01 -34.82 85.45
C THR EA 102 6.53 -34.48 84.05
N TYR EA 103 6.89 -33.32 83.51
CA TYR EA 103 6.43 -32.93 82.19
C TYR EA 103 7.43 -31.98 81.58
N ASP EA 104 7.33 -31.81 80.27
CA ASP EA 104 8.17 -30.89 79.52
C ASP EA 104 7.47 -29.55 79.44
N PRO EA 105 7.86 -28.55 80.24
CA PRO EA 105 7.11 -27.30 80.23
C PRO EA 105 7.32 -26.48 78.97
N TYR EA 106 8.47 -26.63 78.33
CA TYR EA 106 8.79 -25.87 77.12
C TYR EA 106 8.35 -26.59 75.86
N VAL EA 107 7.39 -27.51 75.95
CA VAL EA 107 7.01 -28.30 74.79
C VAL EA 107 5.97 -27.57 73.95
N ASN EA 108 4.98 -26.94 74.57
CA ASN EA 108 3.94 -26.24 73.85
C ASN EA 108 4.31 -24.81 73.52
N TYR EA 109 5.47 -24.34 73.98
CA TYR EA 109 5.92 -23.00 73.60
C TYR EA 109 6.05 -22.90 72.09
N SER EA 110 5.59 -21.77 71.56
CA SER EA 110 5.63 -21.55 70.12
C SER EA 110 7.05 -21.56 69.58
N SER EA 111 8.02 -21.16 70.42
CA SER EA 111 9.42 -21.15 70.04
C SER EA 111 10.11 -22.47 70.34
N ARG EA 112 9.36 -23.56 70.40
CA ARG EA 112 9.94 -24.85 70.75
C ARG EA 112 10.60 -25.48 69.55
N HIS EA 113 11.81 -25.97 69.76
CA HIS EA 113 12.54 -26.77 68.78
C HIS EA 113 13.01 -28.01 69.49
N THR EA 114 12.58 -29.17 69.00
CA THR EA 114 12.79 -30.41 69.70
C THR EA 114 14.26 -30.79 69.76
N ILE EA 115 14.64 -31.43 70.85
CA ILE EA 115 15.95 -32.01 71.01
C ILE EA 115 15.81 -33.52 70.92
N THR EA 116 16.69 -34.14 70.16
CA THR EA 116 16.93 -35.56 70.26
C THR EA 116 18.12 -35.77 71.17
N GLN EA 117 18.05 -36.81 71.99
CA GLN EA 117 19.04 -37.05 73.02
C GLN EA 117 19.55 -38.47 72.91
N PRO EA 118 20.73 -38.76 73.48
CA PRO EA 118 21.74 -37.91 74.11
C PRO EA 118 22.96 -37.61 73.25
N PHE EA 119 22.95 -38.05 71.99
CA PHE EA 119 24.12 -37.98 71.14
C PHE EA 119 23.96 -37.06 69.94
N SER EA 120 22.88 -36.29 69.88
CA SER EA 120 22.59 -35.47 68.73
C SER EA 120 23.01 -34.02 68.95
N TYR EA 121 23.11 -33.30 67.85
CA TYR EA 121 23.46 -31.88 67.84
C TYR EA 121 22.20 -31.05 67.68
N HIS EA 122 22.15 -29.94 68.41
CA HIS EA 122 21.00 -29.05 68.36
C HIS EA 122 21.48 -27.61 68.42
N SER EA 123 20.90 -26.77 67.58
CA SER EA 123 21.30 -25.39 67.45
C SER EA 123 20.08 -24.50 67.37
N ARG EA 124 20.24 -23.28 67.87
CA ARG EA 124 19.16 -22.31 67.98
C ARG EA 124 19.71 -20.93 67.64
N TYR EA 125 19.32 -20.43 66.48
CA TYR EA 125 19.83 -19.16 65.94
C TYR EA 125 18.71 -18.14 66.05
N PHE EA 126 18.83 -17.25 67.03
CA PHE EA 126 17.78 -16.32 67.36
C PHE EA 126 18.36 -14.99 67.77
N THR EA 127 17.46 -14.03 67.95
CA THR EA 127 17.80 -12.69 68.39
C THR EA 127 17.50 -12.55 69.87
N PRO EA 128 18.47 -12.35 70.74
CA PRO EA 128 18.16 -12.12 72.14
C PRO EA 128 17.74 -10.68 72.37
N LYS EA 129 17.33 -10.42 73.61
CA LYS EA 129 16.91 -9.10 74.03
C LYS EA 129 17.54 -8.80 75.38
N PRO EA 130 17.80 -7.54 75.69
CA PRO EA 130 18.40 -7.21 76.97
C PRO EA 130 17.36 -7.04 78.07
N VAL EA 131 17.87 -6.95 79.28
CA VAL EA 131 17.06 -6.81 80.48
C VAL EA 131 17.18 -5.35 80.89
N LEU EA 132 16.24 -4.53 80.41
CA LEU EA 132 16.22 -3.12 80.75
C LEU EA 132 15.54 -2.87 82.08
N ASP EA 133 14.41 -3.53 82.32
CA ASP EA 133 13.65 -3.37 83.57
C ASP EA 133 13.15 -4.74 83.99
N ARG EA 134 13.66 -5.23 85.11
CA ARG EA 134 13.23 -6.54 85.61
C ARG EA 134 11.80 -6.49 86.13
N THR EA 135 11.40 -5.38 86.74
CA THR EA 135 10.04 -5.26 87.26
C THR EA 135 9.02 -5.34 86.15
N ILE EA 136 9.29 -4.67 85.03
CA ILE EA 136 8.35 -4.54 83.93
C ILE EA 136 8.59 -5.58 82.86
N ASP EA 137 9.86 -5.88 82.62
CA ASP EA 137 10.27 -6.92 81.66
C ASP EA 137 9.70 -6.64 80.28
N TYR EA 138 10.14 -5.52 79.71
CA TYR EA 138 9.78 -5.15 78.35
C TYR EA 138 10.93 -5.40 77.39
N PHE EA 139 10.57 -5.54 76.13
CA PHE EA 139 11.54 -5.75 75.07
C PHE EA 139 10.86 -5.41 73.75
N GLN EA 140 11.68 -5.12 72.77
CA GLN EA 140 11.18 -4.67 71.49
C GLN EA 140 11.24 -5.77 70.46
N PRO EA 141 10.50 -5.63 69.37
CA PRO EA 141 10.54 -6.67 68.34
C PRO EA 141 11.88 -6.77 67.64
N ASN EA 142 11.95 -7.66 66.66
CA ASN EA 142 13.15 -7.85 65.87
C ASN EA 142 13.08 -6.91 64.68
N ASN EA 143 13.77 -5.78 64.78
CA ASN EA 143 13.92 -4.86 63.66
C ASN EA 143 15.34 -4.32 63.71
N LYS EA 144 16.09 -4.59 62.64
CA LYS EA 144 17.51 -4.28 62.65
C LYS EA 144 17.75 -2.78 62.70
N ARG EA 145 17.00 -2.01 61.92
CA ARG EA 145 17.24 -0.57 61.83
C ARG EA 145 17.06 0.09 63.18
N ASN EA 146 15.94 -0.17 63.84
CA ASN EA 146 15.58 0.53 65.06
C ASN EA 146 15.96 -0.23 66.32
N GLN EA 147 16.83 -1.21 66.22
CA GLN EA 147 17.32 -1.88 67.40
C GLN EA 147 18.19 -0.94 68.22
N LEU EA 148 18.15 -1.13 69.53
CA LEU EA 148 18.82 -0.22 70.45
C LEU EA 148 20.31 -0.44 70.44
N TRP EA 149 21.02 0.59 70.87
CA TRP EA 149 22.44 0.53 71.14
C TRP EA 149 22.65 0.55 72.65
N LEU EA 150 23.77 -0.01 73.07
CA LEU EA 150 24.09 -0.15 74.48
C LEU EA 150 25.55 0.17 74.70
N ARG EA 151 25.82 0.92 75.75
CA ARG EA 151 27.19 1.22 76.12
C ARG EA 151 27.93 -0.06 76.48
N LEU EA 152 29.17 -0.17 76.02
CA LEU EA 152 29.99 -1.34 76.30
C LEU EA 152 30.73 -1.05 77.59
N GLN EA 153 30.13 -1.45 78.70
CA GLN EA 153 30.72 -1.22 80.00
C GLN EA 153 31.84 -2.22 80.24
N THR EA 154 32.60 -1.94 81.29
CA THR EA 154 33.81 -2.70 81.61
C THR EA 154 33.51 -3.93 82.46
N THR EA 155 32.66 -3.79 83.47
CA THR EA 155 32.39 -4.85 84.43
C THR EA 155 30.92 -5.11 84.70
N GLY EA 156 30.01 -4.27 84.23
CA GLY EA 156 28.62 -4.35 84.58
C GLY EA 156 27.67 -4.35 83.40
N ASN EA 157 28.05 -5.04 82.33
CA ASN EA 157 27.18 -5.13 81.17
C ASN EA 157 25.90 -5.87 81.52
N VAL EA 158 24.84 -5.55 80.81
CA VAL EA 158 23.52 -6.07 81.12
C VAL EA 158 23.40 -7.49 80.61
N ASP EA 159 22.58 -8.27 81.31
CA ASP EA 159 22.43 -9.69 81.04
C ASP EA 159 21.37 -9.88 79.97
N HIS EA 160 21.82 -10.10 78.74
CA HIS EA 160 20.92 -10.54 77.70
C HIS EA 160 20.31 -11.89 78.06
N VAL EA 161 19.24 -12.24 77.37
CA VAL EA 161 18.42 -13.40 77.69
C VAL EA 161 17.87 -13.95 76.38
N GLY EA 162 17.21 -15.10 76.46
CA GLY EA 162 16.71 -15.72 75.25
C GLY EA 162 16.73 -17.23 75.10
N LEU EA 163 17.03 -18.02 76.12
CA LEU EA 163 16.92 -19.47 75.96
C LEU EA 163 16.67 -20.19 77.26
N GLY EA 164 15.82 -21.20 77.18
CA GLY EA 164 15.59 -22.10 78.29
C GLY EA 164 15.48 -23.52 77.77
N THR EA 165 15.89 -24.46 78.61
CA THR EA 165 16.06 -25.85 78.20
C THR EA 165 15.23 -26.77 79.09
N ALA EA 166 15.00 -27.97 78.56
CA ALA EA 166 14.36 -29.04 79.31
C ALA EA 166 14.83 -30.36 78.73
N PHE EA 167 15.76 -31.01 79.41
CA PHE EA 167 16.31 -32.28 78.97
C PHE EA 167 15.68 -33.41 79.76
N GLU EA 168 15.43 -34.51 79.07
CA GLU EA 168 14.81 -35.67 79.69
C GLU EA 168 15.85 -36.47 80.45
N ASN EA 169 15.57 -36.75 81.71
CA ASN EA 169 16.52 -37.47 82.53
C ASN EA 169 16.72 -38.88 82.01
N SER EA 170 17.84 -39.48 82.40
CA SER EA 170 18.20 -40.80 81.96
C SER EA 170 19.03 -41.48 83.03
N ILE EA 171 19.15 -42.80 82.90
CA ILE EA 171 19.94 -43.58 83.85
C ILE EA 171 21.40 -43.14 83.80
N TYR EA 172 21.89 -42.85 82.61
CA TYR EA 172 23.28 -42.49 82.39
C TYR EA 172 23.44 -40.98 82.35
N ASP EA 173 24.65 -40.53 82.70
CA ASP EA 173 24.97 -39.12 82.57
C ASP EA 173 24.92 -38.70 81.11
N GLN EA 174 24.41 -37.50 80.87
CA GLN EA 174 24.33 -36.90 79.54
C GLN EA 174 25.14 -35.62 79.61
N ASP EA 175 26.45 -35.75 79.39
CA ASP EA 175 27.31 -34.59 79.34
C ASP EA 175 27.20 -33.92 77.98
N TYR EA 176 27.32 -32.60 77.99
CA TYR EA 176 27.25 -31.79 76.78
C TYR EA 176 28.39 -30.79 76.78
N ASN EA 177 28.68 -30.26 75.60
CA ASN EA 177 29.72 -29.27 75.40
C ASN EA 177 29.05 -28.12 74.66
N ILE EA 178 28.59 -27.14 75.41
CA ILE EA 178 27.83 -26.04 74.85
C ILE EA 178 28.78 -25.01 74.28
N ARG EA 179 28.41 -24.45 73.14
CA ARG EA 179 29.13 -23.37 72.50
C ARG EA 179 28.15 -22.24 72.25
N ILE EA 180 28.43 -21.07 72.81
CA ILE EA 180 27.58 -19.91 72.68
C ILE EA 180 28.25 -18.93 71.74
N THR EA 181 27.90 -18.99 70.48
CA THR EA 181 28.39 -18.06 69.49
C THR EA 181 27.50 -16.83 69.46
N MET EA 182 28.12 -15.67 69.40
CA MET EA 182 27.44 -14.39 69.43
C MET EA 182 27.86 -13.55 68.24
N TYR EA 183 26.89 -12.87 67.65
CA TYR EA 183 27.11 -12.02 66.48
C TYR EA 183 26.79 -10.59 66.89
N VAL EA 184 27.84 -9.83 67.12
CA VAL EA 184 27.74 -8.51 67.74
C VAL EA 184 27.99 -7.46 66.68
N GLN EA 185 27.61 -6.23 67.00
CA GLN EA 185 27.79 -5.10 66.11
C GLN EA 185 28.18 -3.90 66.96
N PHE EA 186 29.43 -3.50 66.87
CA PHE EA 186 29.98 -2.43 67.68
C PHE EA 186 29.90 -1.11 66.92
N ARG EA 187 30.38 -0.04 67.55
CA ARG EA 187 30.27 1.30 67.00
C ARG EA 187 31.18 2.24 67.79
N GLU EA 188 31.52 3.36 67.16
CA GLU EA 188 32.29 4.44 67.77
C GLU EA 188 33.66 3.96 68.26
N PHE EA 189 34.50 3.66 67.30
CA PHE EA 189 35.89 3.29 67.55
C PHE EA 189 36.58 4.33 68.42
N ASN EA 190 36.90 3.95 69.65
CA ASN EA 190 37.32 4.88 70.70
C ASN EA 190 38.69 4.54 71.25
N LEU EA 191 39.63 4.26 70.36
CA LEU EA 191 40.96 3.87 70.80
C LEU EA 191 41.72 5.08 71.31
N LYS EA 192 42.50 4.86 72.36
CA LYS EA 192 43.41 5.85 72.89
C LYS EA 192 44.84 5.51 72.48
N ASP EA 193 45.69 6.54 72.43
CA ASP EA 193 47.10 6.38 72.08
C ASP EA 193 47.93 7.33 72.92
N PRO EA 194 48.19 6.98 74.18
CA PRO EA 194 49.13 7.74 74.97
C PRO EA 194 50.54 7.62 74.42
N PRO EA 195 51.47 8.43 74.90
CA PRO EA 195 52.86 8.25 74.48
C PRO EA 195 53.52 7.06 75.17
N LEU EA 196 54.82 6.89 74.96
CA LEU EA 196 55.58 5.77 75.51
C LEU EA 196 55.06 4.44 74.95
N TYR FA 1 -19.17 -19.75 52.32
CA TYR FA 1 -20.27 -19.74 53.26
C TYR FA 1 -19.77 -19.85 54.72
N ARG FA 2 -18.86 -18.94 55.08
CA ARG FA 2 -18.34 -18.80 56.45
C ARG FA 2 -17.89 -20.16 57.03
N TRP FA 3 -16.74 -20.72 56.62
CA TRP FA 3 -15.53 -20.03 56.11
C TRP FA 3 -14.88 -19.02 57.09
N ARG FA 4 -14.27 -19.51 58.09
CA ARG FA 4 -14.26 -19.82 59.52
C ARG FA 4 -15.00 -18.84 60.45
N ARG FA 5 -14.76 -17.53 60.54
CA ARG FA 5 -13.73 -16.70 59.91
C ARG FA 5 -12.79 -16.10 60.97
N LYS FA 6 -13.39 -15.32 61.88
CA LYS FA 6 -12.72 -14.64 62.99
C LYS FA 6 -13.47 -14.82 64.30
N ASN FA 7 -14.59 -15.55 64.32
CA ASN FA 7 -15.60 -15.44 65.36
C ASN FA 7 -15.21 -16.12 66.68
N GLY FA 8 -13.90 -16.21 66.95
CA GLY FA 8 -13.36 -16.85 68.12
C GLY FA 8 -12.29 -17.87 67.73
N ILE FA 9 -12.00 -17.95 66.44
CA ILE FA 9 -11.17 -19.03 65.93
C ILE FA 9 -9.74 -18.82 66.40
N PHE FA 10 -9.16 -19.86 66.98
CA PHE FA 10 -7.78 -19.81 67.47
C PHE FA 10 -7.17 -21.18 67.25
N ASN FA 11 -6.51 -21.34 66.12
CA ASN FA 11 -5.77 -22.56 65.85
C ASN FA 11 -4.51 -22.58 66.70
N THR FA 12 -4.23 -23.73 67.29
CA THR FA 12 -3.09 -23.87 68.18
C THR FA 12 -2.63 -25.31 68.16
N ARG FA 13 -1.77 -25.65 69.12
CA ARG FA 13 -1.13 -26.95 69.20
C ARG FA 13 -1.03 -27.34 70.66
N LEU FA 14 -1.08 -28.65 70.90
CA LEU FA 14 -0.92 -29.21 72.23
C LEU FA 14 -0.12 -30.49 72.11
N SER FA 15 0.55 -30.85 73.19
CA SER FA 15 1.42 -32.00 73.19
C SER FA 15 1.56 -32.55 74.60
N ARG FA 16 1.78 -33.85 74.68
CA ARG FA 16 2.07 -34.51 75.94
C ARG FA 16 3.04 -35.64 75.65
N THR FA 17 3.41 -36.38 76.69
CA THR FA 17 4.44 -37.39 76.58
C THR FA 17 4.16 -38.52 77.55
N ILE FA 18 4.48 -39.74 77.13
CA ILE FA 18 4.24 -40.94 77.91
C ILE FA 18 5.21 -42.01 77.45
N GLY FA 19 5.48 -42.95 78.36
CA GLY FA 19 6.34 -44.08 78.07
C GLY FA 19 5.51 -45.31 77.74
N TYR FA 20 6.03 -46.10 76.80
CA TYR FA 20 5.40 -47.35 76.40
C TYR FA 20 6.49 -48.40 76.31
N THR FA 21 6.24 -49.55 76.95
CA THR FA 21 7.27 -50.54 77.23
C THR FA 21 6.82 -51.88 76.68
N VAL FA 22 7.41 -52.29 75.57
CA VAL FA 22 7.22 -53.63 75.04
C VAL FA 22 8.19 -54.56 75.74
N LYS FA 23 7.65 -55.57 76.42
CA LYS FA 23 8.44 -56.38 77.31
C LYS FA 23 9.13 -57.52 76.58
N LYS FA 24 9.99 -58.22 77.31
CA LYS FA 24 10.74 -59.34 76.77
C LYS FA 24 9.84 -60.56 76.59
N THR FA 25 10.43 -61.61 76.02
CA THR FA 25 9.81 -62.92 75.95
C THR FA 25 10.86 -63.92 75.54
N THR FA 26 10.81 -65.09 76.17
CA THR FA 26 11.70 -66.18 75.77
C THR FA 26 11.33 -66.78 74.42
N VAL FA 27 10.09 -66.53 73.95
CA VAL FA 27 9.69 -67.00 72.64
C VAL FA 27 10.61 -66.41 71.59
N ARG FA 28 10.94 -67.23 70.59
CA ARG FA 28 11.80 -66.84 69.49
C ARG FA 28 11.06 -66.77 68.16
N THR FA 29 9.90 -67.40 68.06
CA THR FA 29 9.12 -67.27 66.84
C THR FA 29 8.58 -65.85 66.75
N PRO FA 30 8.29 -65.37 65.55
CA PRO FA 30 7.74 -64.02 65.42
C PRO FA 30 6.41 -63.88 66.14
N SER FA 31 6.38 -63.01 67.15
CA SER FA 31 5.19 -62.73 67.92
C SER FA 31 5.09 -61.24 68.12
N TRP FA 32 3.86 -60.74 68.09
CA TRP FA 32 3.58 -59.32 68.14
C TRP FA 32 2.86 -58.95 69.43
N ASN FA 33 2.98 -57.68 69.80
CA ASN FA 33 2.38 -57.11 71.00
C ASN FA 33 1.45 -55.99 70.56
N VAL FA 34 0.16 -56.24 70.63
CA VAL FA 34 -0.84 -55.34 70.10
C VAL FA 34 -1.35 -54.44 71.20
N ASP FA 35 -1.60 -53.18 70.85
CA ASP FA 35 -2.15 -52.21 71.79
C ASP FA 35 -2.74 -51.08 70.98
N MET FA 36 -3.78 -50.47 71.54
CA MET FA 36 -4.49 -49.38 70.90
C MET FA 36 -3.95 -48.06 71.42
N MET FA 37 -4.62 -46.96 71.06
CA MET FA 37 -4.22 -45.64 71.52
C MET FA 37 -5.41 -44.70 71.35
N ARG FA 38 -5.81 -44.07 72.44
CA ARG FA 38 -6.93 -43.15 72.48
C ARG FA 38 -6.45 -41.74 72.77
N PHE FA 39 -7.23 -40.77 72.32
CA PHE FA 39 -6.92 -39.36 72.46
C PHE FA 39 -8.09 -38.66 73.13
N ASN FA 40 -7.81 -37.98 74.23
CA ASN FA 40 -8.81 -37.22 74.95
C ASN FA 40 -8.17 -35.91 75.38
N ILE FA 41 -8.88 -34.81 75.14
CA ILE FA 41 -8.28 -33.50 75.33
C ILE FA 41 -8.09 -33.16 76.79
N ASN FA 42 -8.78 -33.84 77.70
CA ASN FA 42 -8.59 -33.58 79.12
C ASN FA 42 -7.18 -33.90 79.57
N ASP FA 43 -6.49 -34.80 78.86
CA ASP FA 43 -5.11 -35.11 79.15
C ASP FA 43 -4.15 -34.05 78.64
N PHE FA 44 -4.63 -33.10 77.85
CA PHE FA 44 -3.83 -31.99 77.35
C PHE FA 44 -4.13 -30.67 78.03
N LEU FA 45 -5.40 -30.38 78.25
CA LEU FA 45 -5.84 -29.14 78.89
C LEU FA 45 -6.07 -29.38 80.36
N PRO FA 46 -5.22 -28.91 81.27
CA PRO FA 46 -5.53 -29.05 82.68
C PRO FA 46 -6.62 -28.08 83.08
N PRO FA 47 -7.22 -28.27 84.25
CA PRO FA 47 -8.35 -27.42 84.64
C PRO FA 47 -7.90 -26.06 85.14
N GLY FA 48 -8.70 -25.05 84.83
CA GLY FA 48 -8.43 -23.71 85.28
C GLY FA 48 -8.87 -23.49 86.72
N GLY FA 49 -9.44 -22.32 86.98
CA GLY FA 49 -9.91 -22.01 88.31
C GLY FA 49 -10.89 -20.86 88.34
N GLY FA 50 -11.91 -20.98 89.19
CA GLY FA 50 -12.90 -19.94 89.33
C GLY FA 50 -13.99 -20.03 88.30
N SER FA 51 -14.43 -18.87 87.80
CA SER FA 51 -15.49 -18.84 86.80
C SER FA 51 -15.02 -19.43 85.47
N ASN FA 52 -13.72 -19.37 85.20
CA ASN FA 52 -13.16 -19.97 84.01
C ASN FA 52 -12.75 -21.40 84.35
N PRO FA 53 -13.47 -22.43 83.89
CA PRO FA 53 -13.19 -23.78 84.37
C PRO FA 53 -11.96 -24.39 83.73
N LEU FA 54 -11.69 -24.02 82.50
CA LEU FA 54 -10.54 -24.53 81.75
C LEU FA 54 -9.40 -23.51 81.77
N THR FA 55 -8.24 -23.97 81.31
CA THR FA 55 -7.07 -23.11 81.16
C THR FA 55 -7.12 -22.29 79.87
N VAL FA 56 -7.83 -22.76 78.87
CA VAL FA 56 -7.98 -22.08 77.59
C VAL FA 56 -9.38 -21.48 77.55
N PRO FA 57 -9.54 -20.17 77.41
CA PRO FA 57 -10.89 -19.61 77.42
C PRO FA 57 -11.59 -19.72 76.08
N PHE FA 58 -12.15 -20.90 75.82
CA PHE FA 58 -12.97 -21.12 74.65
C PHE FA 58 -14.04 -22.13 75.00
N GLU FA 59 -15.09 -22.17 74.17
CA GLU FA 59 -16.25 -23.01 74.39
C GLU FA 59 -16.24 -24.25 73.52
N TYR FA 60 -16.09 -24.07 72.22
CA TYR FA 60 -16.14 -25.16 71.26
C TYR FA 60 -14.72 -25.56 70.85
N TYR FA 61 -14.63 -26.69 70.17
CA TYR FA 61 -13.35 -27.14 69.64
C TYR FA 61 -13.59 -28.26 68.65
N ARG FA 62 -12.57 -28.48 67.82
CA ARG FA 62 -12.57 -29.61 66.90
C ARG FA 62 -11.13 -29.92 66.54
N ILE FA 63 -10.77 -31.19 66.64
CA ILE FA 63 -9.40 -31.61 66.41
C ILE FA 63 -9.20 -31.81 64.92
N ARG FA 64 -8.29 -31.03 64.35
CA ARG FA 64 -7.99 -31.13 62.92
C ARG FA 64 -7.10 -32.31 62.64
N LYS FA 65 -5.97 -32.40 63.33
CA LYS FA 65 -4.95 -33.39 63.04
C LYS FA 65 -4.30 -33.85 64.34
N VAL FA 66 -3.64 -34.99 64.24
CA VAL FA 66 -2.85 -35.53 65.34
C VAL FA 66 -1.55 -36.06 64.76
N LYS FA 67 -0.46 -35.80 65.44
CA LYS FA 67 0.87 -36.27 65.04
C LYS FA 67 1.44 -37.06 66.20
N VAL FA 68 1.34 -38.35 66.10
CA VAL FA 68 1.98 -39.25 67.05
C VAL FA 68 3.44 -39.40 66.65
N GLU FA 69 4.29 -39.60 67.65
CA GLU FA 69 5.72 -39.70 67.43
C GLU FA 69 6.27 -40.74 68.39
N PHE FA 70 6.96 -41.74 67.85
CA PHE FA 70 7.55 -42.81 68.64
C PHE FA 70 9.05 -42.54 68.77
N TRP FA 71 9.38 -41.60 69.63
CA TRP FA 71 10.77 -41.34 69.92
C TRP FA 71 11.31 -42.49 70.75
N PRO FA 72 12.20 -43.33 70.22
CA PRO FA 72 12.60 -44.52 70.96
C PRO FA 72 13.45 -44.19 72.17
N CYS FA 73 13.70 -45.23 72.95
CA CYS FA 73 14.57 -45.17 74.11
C CYS FA 73 15.67 -46.22 74.07
N SER FA 74 15.69 -47.07 73.05
CA SER FA 74 16.68 -48.13 72.91
C SER FA 74 17.86 -47.65 72.09
N PRO FA 75 19.03 -48.26 72.25
CA PRO FA 75 20.20 -47.80 71.52
C PRO FA 75 20.24 -48.36 70.11
N ILE FA 76 21.15 -47.79 69.32
CA ILE FA 76 21.36 -48.25 67.96
C ILE FA 76 21.93 -49.67 67.94
N THR FA 77 22.69 -50.05 68.96
CA THR FA 77 23.42 -51.30 68.97
C THR FA 77 22.59 -52.47 69.49
N GLN FA 78 21.27 -52.35 69.48
CA GLN FA 78 20.41 -53.39 69.99
C GLN FA 78 20.11 -54.41 68.90
N GLY FA 79 20.15 -55.69 69.29
CA GLY FA 79 19.94 -56.78 68.38
C GLY FA 79 18.54 -57.35 68.47
N ASP FA 80 18.34 -58.46 67.76
CA ASP FA 80 17.04 -59.11 67.63
C ASP FA 80 16.00 -58.08 67.19
N ARG FA 81 16.29 -57.45 66.06
CA ARG FA 81 15.41 -56.41 65.56
C ARG FA 81 14.10 -57.04 65.10
N GLY FA 82 13.21 -56.21 64.62
CA GLY FA 82 11.93 -56.68 64.19
C GLY FA 82 11.26 -55.72 63.27
N VAL FA 83 9.95 -55.89 63.13
CA VAL FA 83 9.17 -55.05 62.24
C VAL FA 83 7.73 -55.09 62.72
N GLY FA 84 7.09 -53.93 62.74
CA GLY FA 84 5.76 -53.76 63.26
C GLY FA 84 4.85 -53.05 62.29
N SER FA 85 3.75 -52.50 62.79
CA SER FA 85 2.79 -51.84 61.93
C SER FA 85 1.89 -50.95 62.75
N THR FA 86 1.59 -49.78 62.21
CA THR FA 86 0.65 -48.83 62.79
C THR FA 86 -0.46 -48.57 61.80
N ALA FA 87 -1.69 -48.54 62.30
CA ALA FA 87 -2.85 -48.37 61.46
C ALA FA 87 -3.81 -47.42 62.14
N VAL FA 88 -4.67 -46.82 61.32
CA VAL FA 88 -5.61 -45.81 61.75
C VAL FA 88 -6.97 -46.47 61.91
N ILE FA 89 -7.55 -46.32 63.10
CA ILE FA 89 -8.80 -46.96 63.47
C ILE FA 89 -9.74 -45.87 63.93
N LEU FA 90 -10.76 -45.59 63.13
CA LEU FA 90 -11.61 -44.43 63.32
C LEU FA 90 -12.96 -44.78 63.90
N ASP FA 91 -13.12 -45.98 64.47
CA ASP FA 91 -14.42 -46.47 64.88
C ASP FA 91 -14.43 -47.12 66.27
N ASP FA 92 -13.34 -47.03 67.02
CA ASP FA 92 -13.24 -47.64 68.34
C ASP FA 92 -13.36 -49.16 68.27
N ASN FA 93 -13.02 -49.73 67.13
CA ASN FA 93 -12.98 -51.18 66.93
C ASN FA 93 -11.52 -51.52 66.69
N PHE FA 94 -10.80 -51.68 67.78
CA PHE FA 94 -9.42 -52.10 67.71
C PHE FA 94 -9.37 -53.62 67.65
N VAL FA 95 -8.16 -54.15 67.64
CA VAL FA 95 -7.91 -55.57 67.58
C VAL FA 95 -7.34 -55.97 68.94
N THR FA 96 -7.93 -57.01 69.53
CA THR FA 96 -7.86 -57.28 70.96
C THR FA 96 -6.45 -57.19 71.51
N LYS FA 97 -6.33 -56.53 72.65
CA LYS FA 97 -5.06 -56.33 73.32
C LYS FA 97 -4.41 -57.67 73.63
N ALA FA 98 -3.18 -57.83 73.19
CA ALA FA 98 -2.49 -59.11 73.31
C ALA FA 98 -1.00 -58.87 73.45
N ASN FA 99 -0.37 -59.66 74.30
CA ASN FA 99 1.06 -59.59 74.50
C ASN FA 99 1.84 -60.41 73.50
N ALA FA 100 1.22 -61.44 72.91
CA ALA FA 100 1.90 -62.32 71.98
C ALA FA 100 0.87 -62.84 70.99
N LEU FA 101 0.98 -62.42 69.74
CA LEU FA 101 0.11 -62.87 68.68
C LEU FA 101 0.98 -63.32 67.52
N THR FA 102 0.60 -64.42 66.89
CA THR FA 102 1.45 -65.08 65.90
C THR FA 102 1.47 -64.37 64.57
N TYR FA 103 0.82 -63.22 64.44
CA TYR FA 103 0.79 -62.51 63.16
C TYR FA 103 0.57 -61.03 63.43
N ASP FA 104 0.85 -60.24 62.42
CA ASP FA 104 0.66 -58.79 62.47
C ASP FA 104 -0.72 -58.47 61.93
N PRO FA 105 -1.71 -58.18 62.78
CA PRO FA 105 -3.05 -57.98 62.25
C PRO FA 105 -3.21 -56.68 61.50
N TYR FA 106 -2.43 -55.66 61.84
CA TYR FA 106 -2.51 -54.37 61.20
C TYR FA 106 -1.62 -54.26 59.98
N VAL FA 107 -1.23 -55.38 59.38
CA VAL FA 107 -0.28 -55.34 58.27
C VAL FA 107 -0.99 -55.08 56.95
N ASN FA 108 -2.12 -55.73 56.72
CA ASN FA 108 -2.85 -55.58 55.48
C ASN FA 108 -3.81 -54.40 55.49
N TYR FA 109 -3.96 -53.72 56.63
CA TYR FA 109 -4.78 -52.52 56.69
C TYR FA 109 -4.28 -51.49 55.69
N SER FA 110 -5.22 -50.86 54.99
CA SER FA 110 -4.86 -49.88 53.99
C SER FA 110 -4.13 -48.69 54.60
N SER FA 111 -4.41 -48.39 55.86
CA SER FA 111 -3.75 -47.30 56.57
C SER FA 111 -2.48 -47.74 57.26
N ARG FA 112 -1.85 -48.80 56.78
CA ARG FA 112 -0.67 -49.34 57.43
C ARG FA 112 0.56 -48.55 57.02
N HIS FA 113 1.37 -48.20 58.01
CA HIS FA 113 2.68 -47.58 57.81
C HIS FA 113 3.66 -48.37 58.65
N THR FA 114 4.66 -48.93 57.99
CA THR FA 114 5.54 -49.89 58.64
C THR FA 114 6.40 -49.21 59.68
N ILE FA 115 6.69 -49.97 60.74
CA ILE FA 115 7.63 -49.55 61.77
C ILE FA 115 8.89 -50.38 61.60
N THR FA 116 10.03 -49.71 61.66
CA THR FA 116 11.30 -50.37 61.88
C THR FA 116 11.60 -50.29 63.37
N GLN FA 117 12.15 -51.36 63.90
CA GLN FA 117 12.36 -51.50 65.34
C GLN FA 117 13.81 -51.87 65.61
N PRO FA 118 14.30 -51.63 66.83
CA PRO FA 118 13.73 -50.94 67.99
C PRO FA 118 14.25 -49.54 68.22
N PHE FA 119 15.06 -49.02 67.31
CA PHE FA 119 15.76 -47.76 67.52
C PHE FA 119 15.35 -46.66 66.55
N SER FA 120 14.30 -46.88 65.76
CA SER FA 120 13.91 -45.95 64.73
C SER FA 120 12.75 -45.07 65.19
N TYR FA 121 12.56 -43.97 64.47
CA TYR FA 121 11.50 -43.02 64.71
C TYR FA 121 10.37 -43.25 63.73
N HIS FA 122 9.14 -43.15 64.21
CA HIS FA 122 7.97 -43.35 63.39
C HIS FA 122 6.90 -42.34 63.77
N SER FA 123 6.27 -41.76 62.77
CA SER FA 123 5.28 -40.71 62.95
C SER FA 123 4.09 -40.95 62.06
N ARG FA 124 2.93 -40.51 62.54
CA ARG FA 124 1.65 -40.73 61.86
C ARG FA 124 0.82 -39.47 62.01
N TYR FA 125 0.66 -38.75 60.91
CA TYR FA 125 -0.03 -37.46 60.87
C TYR FA 125 -1.37 -37.68 60.19
N PHE FA 126 -2.43 -37.72 60.98
CA PHE FA 126 -3.75 -38.08 60.48
C PHE FA 126 -4.81 -37.27 61.19
N THR FA 127 -6.04 -37.42 60.69
CA THR FA 127 -7.21 -36.77 61.25
C THR FA 127 -7.98 -37.77 62.10
N PRO FA 128 -8.09 -37.59 63.41
CA PRO FA 128 -8.92 -38.49 64.20
C PRO FA 128 -10.38 -38.14 64.08
N LYS FA 129 -11.20 -38.99 64.68
CA LYS FA 129 -12.64 -38.80 64.70
C LYS FA 129 -13.14 -39.06 66.10
N PRO FA 130 -14.23 -38.44 66.51
CA PRO FA 130 -14.75 -38.65 67.86
C PRO FA 130 -15.67 -39.86 67.92
N VAL FA 131 -16.00 -40.23 69.16
CA VAL FA 131 -16.86 -41.36 69.44
C VAL FA 131 -18.21 -40.77 69.83
N LEU FA 132 -19.09 -40.62 68.84
CA LEU FA 132 -20.42 -40.10 69.08
C LEU FA 132 -21.37 -41.18 69.56
N ASP FA 133 -21.33 -42.36 68.94
CA ASP FA 133 -22.19 -43.47 69.31
C ASP FA 133 -21.36 -44.75 69.25
N ARG FA 134 -21.16 -45.37 70.41
CA ARG FA 134 -20.39 -46.60 70.47
C ARG FA 134 -21.16 -47.77 69.85
N THR FA 135 -22.48 -47.78 70.01
CA THR FA 135 -23.27 -48.86 69.44
C THR FA 135 -23.19 -48.87 67.92
N ILE FA 136 -23.26 -47.69 67.32
CA ILE FA 136 -23.34 -47.55 65.88
C ILE FA 136 -21.96 -47.31 65.27
N ASP FA 137 -21.13 -46.54 65.97
CA ASP FA 137 -19.76 -46.26 65.57
C ASP FA 137 -19.71 -45.64 64.18
N TYR FA 138 -20.29 -44.45 64.08
CA TYR FA 138 -20.26 -43.67 62.85
C TYR FA 138 -19.27 -42.53 62.97
N PHE FA 139 -18.82 -42.07 61.81
CA PHE FA 139 -17.90 -40.96 61.72
C PHE FA 139 -17.97 -40.40 60.31
N GLN FA 140 -17.56 -39.17 60.18
CA GLN FA 140 -17.67 -38.48 58.91
C GLN FA 140 -16.33 -38.41 58.20
N PRO FA 141 -16.33 -38.14 56.91
CA PRO FA 141 -15.05 -38.05 56.19
C PRO FA 141 -14.22 -36.86 56.62
N ASN FA 142 -13.08 -36.70 55.96
CA ASN FA 142 -12.18 -35.59 56.23
C ASN FA 142 -12.58 -34.44 55.32
N ASN FA 143 -13.32 -33.49 55.88
CA ASN FA 143 -13.64 -32.26 55.19
C ASN FA 143 -13.58 -31.13 56.21
N LYS FA 144 -12.69 -30.18 55.97
CA LYS FA 144 -12.41 -29.15 56.96
C LYS FA 144 -13.62 -28.25 57.17
N ARG FA 145 -14.28 -27.84 56.09
CA ARG FA 145 -15.38 -26.89 56.20
C ARG FA 145 -16.51 -27.45 57.05
N ASN FA 146 -16.94 -28.67 56.75
CA ASN FA 146 -18.12 -29.25 57.37
C ASN FA 146 -17.78 -30.17 58.54
N GLN FA 147 -16.57 -30.08 59.07
CA GLN FA 147 -16.25 -30.84 60.26
C GLN FA 147 -17.02 -30.31 61.45
N LEU FA 148 -17.34 -31.21 62.37
CA LEU FA 148 -18.20 -30.88 63.49
C LEU FA 148 -17.44 -30.06 64.52
N TRP FA 149 -18.21 -29.36 65.33
CA TRP FA 149 -17.72 -28.67 66.52
C TRP FA 149 -18.19 -29.43 67.74
N LEU FA 150 -17.45 -29.29 68.83
CA LEU FA 150 -17.71 -30.01 70.06
C LEU FA 150 -17.52 -29.08 71.24
N ARG FA 151 -18.43 -29.14 72.18
CA ARG FA 151 -18.30 -28.37 73.40
C ARG FA 151 -17.07 -28.82 74.16
N LEU FA 152 -16.35 -27.84 74.70
CA LEU FA 152 -15.14 -28.11 75.46
C LEU FA 152 -15.57 -28.27 76.91
N GLN FA 153 -15.86 -29.51 77.28
CA GLN FA 153 -16.30 -29.81 78.62
C GLN FA 153 -15.11 -29.78 79.58
N THR FA 154 -15.44 -29.80 80.87
CA THR FA 154 -14.45 -29.65 81.93
C THR FA 154 -13.82 -30.97 82.33
N THR FA 155 -14.63 -32.02 82.46
CA THR FA 155 -14.16 -33.31 82.96
C THR FA 155 -14.60 -34.51 82.14
N GLY FA 156 -15.48 -34.34 81.16
CA GLY FA 156 -16.07 -35.45 80.44
C GLY FA 156 -16.00 -35.32 78.94
N ASN FA 157 -14.88 -34.82 78.43
CA ASN FA 157 -14.72 -34.71 77.00
C ASN FA 157 -14.69 -36.08 76.36
N VAL FA 158 -15.12 -36.14 75.10
CA VAL FA 158 -15.29 -37.40 74.41
C VAL FA 158 -13.94 -37.92 73.95
N ASP FA 159 -13.83 -39.24 73.87
CA ASP FA 159 -12.57 -39.91 73.57
C ASP FA 159 -12.43 -40.02 72.06
N HIS FA 160 -11.63 -39.14 71.49
CA HIS FA 160 -11.22 -39.29 70.11
C HIS FA 160 -10.43 -40.58 69.95
N VAL FA 161 -10.28 -41.01 68.70
CA VAL FA 161 -9.72 -42.30 68.36
C VAL FA 161 -9.00 -42.14 67.03
N GLY FA 162 -8.27 -43.19 66.62
CA GLY FA 162 -7.50 -43.11 65.41
C GLY FA 162 -6.16 -43.81 65.30
N LEU FA 163 -5.73 -44.64 66.25
CA LEU FA 163 -4.48 -45.35 66.04
C LEU FA 163 -4.43 -46.67 66.81
N GLY FA 164 -3.87 -47.66 66.15
CA GLY FA 164 -3.58 -48.94 66.79
C GLY FA 164 -2.24 -49.43 66.33
N THR FA 165 -1.58 -50.18 67.21
CA THR FA 165 -0.18 -50.56 67.04
C THR FA 165 -0.02 -52.07 67.08
N ALA FA 166 1.09 -52.52 66.54
CA ALA FA 166 1.50 -53.92 66.63
C ALA FA 166 3.01 -53.97 66.53
N PHE FA 167 3.67 -54.15 67.67
CA PHE FA 167 5.12 -54.21 67.74
C PHE FA 167 5.57 -55.66 67.86
N GLU FA 168 6.66 -55.98 67.18
CA GLU FA 168 7.18 -57.33 67.18
C GLU FA 168 7.99 -57.56 68.45
N ASN FA 169 7.67 -58.62 69.17
CA ASN FA 169 8.34 -58.92 70.42
C ASN FA 169 9.81 -59.22 70.17
N SER FA 170 10.60 -59.08 71.23
CA SER FA 170 12.02 -59.29 71.15
C SER FA 170 12.53 -59.77 72.50
N ILE FA 171 13.75 -60.31 72.49
CA ILE FA 171 14.37 -60.80 73.71
C ILE FA 171 14.57 -59.65 74.69
N TYR FA 172 14.93 -58.49 74.18
CA TYR FA 172 15.24 -57.33 75.00
C TYR FA 172 14.02 -56.41 75.08
N ASP FA 173 13.97 -55.65 76.17
CA ASP FA 173 12.92 -54.64 76.31
C ASP FA 173 13.08 -53.58 75.23
N GLN FA 174 11.95 -53.13 74.70
CA GLN FA 174 11.89 -52.06 73.71
C GLN FA 174 11.08 -50.94 74.33
N ASP FA 175 11.76 -50.08 75.06
CA ASP FA 175 11.11 -48.92 75.64
C ASP FA 175 10.99 -47.82 74.59
N TYR FA 176 9.91 -47.07 74.69
CA TYR FA 176 9.63 -45.97 73.78
C TYR FA 176 9.20 -44.76 74.58
N ASN FA 177 9.29 -43.60 73.93
CA ASN FA 177 8.91 -42.32 74.51
C ASN FA 177 7.94 -41.69 73.52
N ILE FA 178 6.66 -41.91 73.74
CA ILE FA 178 5.64 -41.47 72.81
C ILE FA 178 5.32 -40.01 73.07
N ARG FA 179 5.12 -39.26 71.99
CA ARG FA 179 4.69 -37.87 72.04
C ARG FA 179 3.46 -37.74 71.18
N ILE FA 180 2.36 -37.30 71.79
CA ILE FA 180 1.10 -37.13 71.11
C ILE FA 180 0.85 -35.64 70.91
N THR FA 181 1.23 -35.14 69.75
CA THR FA 181 0.97 -33.76 69.39
C THR FA 181 -0.40 -33.65 68.75
N MET FA 182 -1.13 -32.63 69.15
CA MET FA 182 -2.49 -32.40 68.70
C MET FA 182 -2.62 -31.00 68.14
N TYR FA 183 -3.36 -30.88 67.05
CA TYR FA 183 -3.57 -29.61 66.36
C TYR FA 183 -5.06 -29.29 66.43
N VAL FA 184 -5.41 -28.39 67.34
CA VAL FA 184 -6.78 -28.13 67.73
C VAL FA 184 -7.20 -26.80 67.14
N GLN FA 185 -8.51 -26.59 67.11
CA GLN FA 185 -9.08 -25.36 66.60
C GLN FA 185 -10.26 -25.00 67.48
N PHE FA 186 -10.10 -23.97 68.30
CA PHE FA 186 -11.10 -23.55 69.26
C PHE FA 186 -11.99 -22.47 68.67
N ARG FA 187 -12.94 -21.98 69.46
CA ARG FA 187 -13.92 -21.02 68.99
C ARG FA 187 -14.67 -20.46 70.19
N GLU FA 188 -15.26 -19.28 69.99
CA GLU FA 188 -16.13 -18.62 70.97
C GLU FA 188 -15.38 -18.33 72.27
N PHE FA 189 -14.45 -17.38 72.17
CA PHE FA 189 -13.70 -16.88 73.30
C PHE FA 189 -14.64 -16.44 74.41
N ASN FA 190 -14.64 -17.17 75.53
CA ASN FA 190 -15.65 -17.05 76.57
C ASN FA 190 -15.04 -16.73 77.91
N LEU FA 191 -14.12 -15.77 77.93
CA LEU FA 191 -13.45 -15.42 79.18
C LEU FA 191 -14.38 -14.62 80.07
N LYS FA 192 -14.28 -14.88 81.36
CA LYS FA 192 -14.97 -14.12 82.39
C LYS FA 192 -14.00 -13.19 83.09
N ASP FA 193 -14.53 -12.11 83.64
CA ASP FA 193 -13.74 -11.12 84.37
C ASP FA 193 -14.54 -10.62 85.56
N PRO FA 194 -14.59 -11.38 86.64
CA PRO FA 194 -15.18 -10.89 87.87
C PRO FA 194 -14.33 -9.77 88.45
N PRO FA 195 -14.85 -9.05 89.44
CA PRO FA 195 -14.03 -8.05 90.12
C PRO FA 195 -13.01 -8.67 91.05
N LEU FA 196 -12.30 -7.85 91.81
CA LEU FA 196 -11.25 -8.29 92.73
C LEU FA 196 -10.12 -8.97 91.97
N TYR GA 1 -9.42 -53.19 23.99
CA TYR GA 1 -10.19 -54.42 23.89
C TYR GA 1 -10.44 -55.04 25.27
N ARG GA 2 -10.99 -54.23 26.19
CA ARG GA 2 -11.42 -54.65 27.53
C ARG GA 2 -10.30 -55.44 28.24
N TRP GA 3 -9.23 -54.79 28.75
CA TRP GA 3 -9.17 -53.39 29.23
C TRP GA 3 -10.13 -53.06 30.40
N ARG GA 4 -9.85 -53.53 31.54
CA ARG GA 4 -10.10 -54.55 32.57
C ARG GA 4 -11.55 -55.05 32.72
N ARG GA 5 -12.61 -54.26 32.97
CA ARG GA 5 -12.69 -52.83 33.24
C ARG GA 5 -13.23 -52.58 34.66
N LYS GA 6 -14.47 -53.07 34.90
CA LYS GA 6 -15.18 -52.98 36.16
C LYS GA 6 -15.78 -54.31 36.58
N ASN GA 7 -15.60 -55.37 35.80
CA ASN GA 7 -16.45 -56.56 35.86
C ASN GA 7 -16.19 -57.47 37.06
N GLY GA 8 -15.72 -56.89 38.16
CA GLY GA 8 -15.38 -57.59 39.38
C GLY GA 8 -13.98 -57.24 39.82
N ILE GA 9 -13.33 -56.33 39.12
CA ILE GA 9 -11.92 -56.09 39.32
C ILE GA 9 -11.73 -55.40 40.66
N PHE GA 10 -10.82 -55.94 41.47
CA PHE GA 10 -10.53 -55.37 42.78
C PHE GA 10 -9.04 -55.59 43.05
N ASN GA 11 -8.23 -54.59 42.69
CA ASN GA 11 -6.83 -54.62 43.01
C ASN GA 11 -6.64 -54.38 44.50
N THR GA 12 -5.77 -55.16 45.11
CA THR GA 12 -5.54 -55.07 46.53
C THR GA 12 -4.13 -55.54 46.84
N ARG GA 13 -3.86 -55.76 48.11
CA ARG GA 13 -2.54 -56.11 48.61
C ARG GA 13 -2.69 -57.13 49.72
N LEU GA 14 -1.69 -57.98 49.85
CA LEU GA 14 -1.62 -58.97 50.90
C LEU GA 14 -0.20 -59.10 51.37
N SER GA 15 -0.02 -59.53 52.60
CA SER GA 15 1.30 -59.59 53.21
C SER GA 15 1.30 -60.65 54.31
N ARG GA 16 2.46 -61.24 54.51
CA ARG GA 16 2.69 -62.16 55.60
C ARG GA 16 4.12 -61.99 56.07
N THR GA 17 4.51 -62.78 57.06
CA THR GA 17 5.80 -62.61 57.70
C THR GA 17 6.31 -63.96 58.18
N ILE GA 18 7.62 -64.15 58.08
CA ILE GA 18 8.27 -65.38 58.49
C ILE GA 18 9.72 -65.10 58.83
N GLY GA 19 10.29 -65.96 59.65
CA GLY GA 19 11.68 -65.87 60.04
C GLY GA 19 12.54 -66.80 59.21
N TYR GA 20 13.75 -66.36 58.90
CA TYR GA 20 14.71 -67.14 58.17
C TYR GA 20 16.05 -66.99 58.85
N THR GA 21 16.70 -68.11 59.13
CA THR GA 21 17.84 -68.18 60.04
C THR GA 21 19.01 -68.83 59.32
N VAL GA 22 19.99 -68.02 58.93
CA VAL GA 22 21.25 -68.52 58.40
C VAL GA 22 22.15 -68.83 59.58
N LYS GA 23 22.56 -70.09 59.68
CA LYS GA 23 23.22 -70.58 60.88
C LYS GA 23 24.73 -70.31 60.81
N LYS GA 24 25.38 -70.60 61.92
CA LYS GA 24 26.82 -70.41 62.05
C LYS GA 24 27.58 -71.49 61.29
N THR GA 25 28.91 -71.34 61.29
CA THR GA 25 29.80 -72.36 60.78
C THR GA 25 31.22 -72.00 61.22
N THR GA 26 31.97 -73.02 61.64
CA THR GA 26 33.37 -72.82 61.96
C THR GA 26 34.22 -72.55 60.72
N VAL GA 27 33.72 -72.89 59.54
CA VAL GA 27 34.43 -72.59 58.31
C VAL GA 27 34.67 -71.09 58.21
N ARG GA 28 35.85 -70.73 57.71
CA ARG GA 28 36.23 -69.34 57.52
C ARG GA 28 36.38 -68.96 56.06
N THR GA 29 36.52 -69.93 55.17
CA THR GA 29 36.55 -69.61 53.76
C THR GA 29 35.16 -69.14 53.32
N PRO GA 30 35.07 -68.34 52.26
CA PRO GA 30 33.76 -67.90 51.81
C PRO GA 30 32.88 -69.07 51.39
N SER GA 31 31.78 -69.23 52.11
CA SER GA 31 30.80 -70.26 51.82
C SER GA 31 29.42 -69.67 51.91
N TRP GA 32 28.54 -70.12 51.03
CA TRP GA 32 27.20 -69.58 50.87
C TRP GA 32 26.16 -70.60 51.31
N ASN GA 33 24.98 -70.08 51.66
CA ASN GA 33 23.84 -70.86 52.10
C ASN GA 33 22.69 -70.58 51.16
N VAL GA 34 22.38 -71.53 50.30
CA VAL GA 34 21.43 -71.35 49.22
C VAL GA 34 20.06 -71.84 49.67
N ASP GA 35 19.02 -71.13 49.25
CA ASP GA 35 17.66 -71.52 49.55
C ASP GA 35 16.76 -70.80 48.56
N MET GA 36 15.64 -71.45 48.24
CA MET GA 36 14.67 -70.93 47.30
C MET GA 36 13.56 -70.21 48.06
N MET GA 37 12.52 -69.82 47.34
CA MET GA 37 11.37 -69.17 47.96
C MET GA 37 10.18 -69.29 47.02
N ARG GA 38 9.10 -69.87 47.51
CA ARG GA 38 7.87 -70.08 46.76
C ARG GA 38 6.76 -69.21 47.33
N PHE GA 39 5.79 -68.92 46.46
CA PHE GA 39 4.65 -68.08 46.80
C PHE GA 39 3.38 -68.81 46.47
N ASN GA 40 2.50 -68.94 47.46
CA ASN GA 40 1.21 -69.59 47.28
C ASN GA 40 0.19 -68.78 48.04
N ILE GA 41 -0.93 -68.48 47.39
CA ILE GA 41 -1.89 -67.54 47.95
C ILE GA 41 -2.63 -68.12 49.14
N ASN GA 42 -2.64 -69.45 49.29
CA ASN GA 42 -3.31 -70.04 50.44
C ASN GA 42 -2.66 -69.62 51.75
N ASP GA 43 -1.38 -69.25 51.70
CA ASP GA 43 -0.70 -68.75 52.89
C ASP GA 43 -1.04 -67.30 53.19
N PHE GA 44 -1.76 -66.62 52.31
CA PHE GA 44 -2.21 -65.26 52.52
C PHE GA 44 -3.69 -65.16 52.80
N LEU GA 45 -4.51 -65.91 52.07
CA LEU GA 45 -5.96 -65.90 52.23
C LEU GA 45 -6.38 -67.06 53.12
N PRO GA 46 -6.77 -66.83 54.37
CA PRO GA 46 -7.29 -67.93 55.17
C PRO GA 46 -8.68 -68.33 54.70
N PRO GA 47 -9.16 -69.50 55.11
CA PRO GA 47 -10.45 -69.97 54.60
C PRO GA 47 -11.62 -69.28 55.29
N GLY GA 48 -12.68 -69.06 54.52
CA GLY GA 48 -13.88 -68.45 55.05
C GLY GA 48 -14.76 -69.46 55.77
N GLY GA 49 -16.06 -69.35 55.57
CA GLY GA 49 -16.98 -70.27 56.19
C GLY GA 49 -18.35 -70.28 55.54
N GLY GA 50 -18.93 -71.47 55.43
CA GLY GA 50 -20.25 -71.61 54.85
C GLY GA 50 -20.21 -71.70 53.34
N SER GA 51 -21.19 -71.06 52.69
CA SER GA 51 -21.25 -71.09 51.24
C SER GA 51 -20.09 -70.33 50.62
N ASN GA 52 -19.56 -69.33 51.33
CA ASN GA 52 -18.40 -68.61 50.86
C ASN GA 52 -17.14 -69.31 51.37
N PRO GA 53 -16.38 -70.01 50.54
CA PRO GA 53 -15.30 -70.84 51.06
C PRO GA 53 -14.08 -70.03 51.47
N LEU GA 54 -13.84 -68.92 50.77
CA LEU GA 54 -12.71 -68.05 51.03
C LEU GA 54 -13.15 -66.84 51.86
N THR GA 55 -12.15 -66.10 52.33
CA THR GA 55 -12.39 -64.85 53.05
C THR GA 55 -12.63 -63.69 52.10
N VAL GA 56 -12.14 -63.77 50.88
CA VAL GA 56 -12.32 -62.73 49.87
C VAL GA 56 -13.34 -63.25 48.86
N PRO GA 57 -14.47 -62.56 48.67
CA PRO GA 57 -15.46 -63.10 47.74
C PRO GA 57 -15.16 -62.78 46.28
N PHE GA 58 -14.28 -63.59 45.70
CA PHE GA 58 -13.97 -63.50 44.28
C PHE GA 58 -13.63 -64.88 43.77
N GLU GA 59 -13.71 -65.04 42.46
CA GLU GA 59 -13.51 -66.33 41.79
C GLU GA 59 -12.14 -66.45 41.17
N TYR GA 60 -11.77 -65.49 40.34
CA TYR GA 60 -10.50 -65.51 39.61
C TYR GA 60 -9.49 -64.60 40.30
N TYR GA 61 -8.24 -64.74 39.87
CA TYR GA 61 -7.18 -63.89 40.39
C TYR GA 61 -5.96 -64.02 39.50
N ARG GA 62 -5.07 -63.03 39.61
CA ARG GA 62 -3.79 -63.07 38.95
C ARG GA 62 -2.84 -62.15 39.70
N ILE GA 63 -1.66 -62.65 40.01
CA ILE GA 63 -0.69 -61.90 40.79
C ILE GA 63 0.09 -60.99 39.87
N ARG GA 64 -0.03 -59.69 40.10
CA ARG GA 64 0.68 -58.71 39.30
C ARG GA 64 2.13 -58.62 39.70
N LYS GA 65 2.39 -58.40 40.99
CA LYS GA 65 3.73 -58.13 41.48
C LYS GA 65 3.89 -58.74 42.85
N VAL GA 66 5.14 -58.89 43.24
CA VAL GA 66 5.52 -59.35 44.57
C VAL GA 66 6.67 -58.48 45.05
N LYS GA 67 6.62 -58.09 46.32
CA LYS GA 67 7.65 -57.29 46.95
C LYS GA 67 8.13 -58.06 48.18
N VAL GA 68 9.23 -58.73 48.02
CA VAL GA 68 9.90 -59.39 49.14
C VAL GA 68 10.72 -58.34 49.87
N GLU GA 69 10.86 -58.52 51.18
CA GLU GA 69 11.56 -57.58 52.03
C GLU GA 69 12.30 -58.36 53.08
N PHE GA 70 13.61 -58.15 53.17
CA PHE GA 70 14.47 -58.82 54.14
C PHE GA 70 14.76 -57.85 55.28
N TRP GA 71 13.77 -57.67 56.14
CA TRP GA 71 13.98 -56.86 57.32
C TRP GA 71 14.86 -57.63 58.28
N PRO GA 72 16.12 -57.22 58.52
CA PRO GA 72 17.01 -58.04 59.32
C PRO GA 72 16.61 -58.07 60.78
N CYS GA 73 17.31 -58.94 61.50
CA CYS GA 73 17.16 -59.06 62.94
C CYS GA 73 18.50 -58.93 63.67
N SER GA 74 19.59 -58.75 62.95
CA SER GA 74 20.92 -58.63 63.53
C SER GA 74 21.25 -57.17 63.78
N PRO GA 75 22.16 -56.87 64.70
CA PRO GA 75 22.48 -55.49 64.99
C PRO GA 75 23.49 -54.90 64.01
N ILE GA 76 23.63 -53.59 64.09
CA ILE GA 76 24.60 -52.89 63.26
C ILE GA 76 26.02 -53.27 63.63
N THR GA 77 26.26 -53.62 64.90
CA THR GA 77 27.60 -53.84 65.39
C THR GA 77 28.09 -55.27 65.17
N GLN GA 78 27.50 -55.99 64.24
CA GLN GA 78 27.88 -57.38 64.00
C GLN GA 78 29.03 -57.44 63.01
N GLY GA 79 29.99 -58.32 63.31
CA GLY GA 79 31.16 -58.47 62.49
C GLY GA 79 31.09 -59.67 61.58
N ASP GA 80 32.21 -59.94 60.92
CA ASP GA 80 32.32 -60.99 59.92
C ASP GA 80 31.20 -60.83 58.89
N ARG GA 81 31.18 -59.66 58.29
CA ARG GA 81 30.15 -59.34 57.32
C ARG GA 81 30.35 -60.19 56.07
N GLY GA 82 29.48 -60.00 55.11
CA GLY GA 82 29.55 -60.78 53.90
C GLY GA 82 28.81 -60.12 52.78
N VAL GA 83 28.51 -60.92 51.77
CA VAL GA 83 27.82 -60.43 50.60
C VAL GA 83 27.14 -61.61 49.92
N GLY GA 84 25.89 -61.39 49.52
CA GLY GA 84 25.06 -62.44 48.95
C GLY GA 84 24.45 -62.03 47.63
N SER GA 85 23.39 -62.71 47.22
CA SER GA 85 22.78 -62.43 45.94
C SER GA 85 21.37 -63.00 45.91
N THR GA 86 20.46 -62.24 45.32
CA THR GA 86 19.09 -62.67 45.09
C THR GA 86 18.80 -62.61 43.60
N ALA GA 87 18.14 -63.64 43.11
CA ALA GA 87 17.85 -63.76 41.70
C ALA GA 87 16.42 -64.24 41.51
N VAL GA 88 15.89 -63.96 40.33
CA VAL GA 88 14.51 -64.26 39.99
C VAL GA 88 14.50 -65.53 39.15
N ILE GA 89 13.73 -66.51 39.60
CA ILE GA 89 13.66 -67.83 39.00
C ILE GA 89 12.21 -68.09 38.68
N LEU GA 90 11.87 -68.10 37.38
CA LEU GA 90 10.49 -68.11 36.94
C LEU GA 90 10.06 -69.47 36.41
N ASP GA 91 10.82 -70.53 36.70
CA ASP GA 91 10.59 -71.83 36.08
C ASP GA 91 10.64 -72.99 37.05
N ASP GA 92 10.72 -72.73 38.36
CA ASP GA 92 10.79 -73.79 39.37
C ASP GA 92 12.07 -74.62 39.23
N ASN GA 93 13.10 -74.01 38.64
CA ASN GA 93 14.41 -74.63 38.51
C ASN GA 93 15.35 -73.79 39.35
N PHE GA 94 15.37 -74.09 40.64
CA PHE GA 94 16.28 -73.42 41.55
C PHE GA 94 17.61 -74.15 41.53
N VAL GA 95 18.52 -73.70 42.37
CA VAL GA 95 19.85 -74.26 42.49
C VAL GA 95 19.91 -74.93 43.85
N THR GA 96 20.36 -76.18 43.86
CA THR GA 96 20.10 -77.14 44.92
C THR GA 96 20.36 -76.56 46.31
N LYS GA 97 19.42 -76.83 47.21
CA LYS GA 97 19.50 -76.35 48.57
C LYS GA 97 20.78 -76.85 49.24
N ALA GA 98 21.54 -75.93 49.79
CA ALA GA 98 22.85 -76.24 50.34
C ALA GA 98 23.17 -75.31 51.48
N ASN GA 99 23.76 -75.85 52.53
CA ASN GA 99 24.17 -75.06 53.68
C ASN GA 99 25.53 -74.42 53.49
N ALA GA 100 26.39 -74.98 52.63
CA ALA GA 100 27.73 -74.46 52.43
C ALA GA 100 28.13 -74.78 51.00
N LEU GA 101 28.28 -73.74 50.18
CA LEU GA 101 28.72 -73.87 48.81
C LEU GA 101 29.84 -72.88 48.59
N THR GA 102 30.86 -73.32 47.87
CA THR GA 102 32.10 -72.56 47.74
C THR GA 102 31.99 -71.37 46.81
N TYR GA 103 30.81 -71.09 46.26
CA TYR GA 103 30.65 -69.97 45.35
C TYR GA 103 29.22 -69.50 45.39
N ASP GA 104 29.01 -68.29 44.88
CA ASP GA 104 27.69 -67.68 44.79
C ASP GA 104 27.08 -68.04 43.44
N PRO GA 105 26.16 -68.99 43.37
CA PRO GA 105 25.67 -69.38 42.04
C PRO GA 105 24.77 -68.35 41.41
N TYR GA 106 24.08 -67.55 42.21
CA TYR GA 106 23.17 -66.54 41.70
C TYR GA 106 23.86 -65.21 41.45
N VAL GA 107 25.18 -65.19 41.28
CA VAL GA 107 25.91 -63.94 41.15
C VAL GA 107 25.90 -63.44 39.71
N ASN GA 108 26.10 -64.33 38.76
CA ASN GA 108 26.14 -63.95 37.35
C ASN GA 108 24.77 -63.93 36.71
N TYR GA 109 23.74 -64.33 37.43
CA TYR GA 109 22.37 -64.24 36.90
C TYR GA 109 22.05 -62.81 36.55
N SER GA 110 21.40 -62.63 35.40
CA SER GA 110 21.07 -61.29 34.93
C SER GA 110 20.11 -60.60 35.89
N SER GA 111 19.29 -61.36 36.60
CA SER GA 111 18.36 -60.81 37.58
C SER GA 111 18.97 -60.69 38.96
N ARG GA 112 20.28 -60.57 39.05
CA ARG GA 112 20.96 -60.52 40.33
C ARG GA 112 20.89 -59.12 40.90
N HIS GA 113 20.54 -59.04 42.18
CA HIS GA 113 20.59 -57.81 42.95
C HIS GA 113 21.33 -58.11 44.23
N THR GA 114 22.44 -57.41 44.45
CA THR GA 114 23.34 -57.77 45.52
C THR GA 114 22.72 -57.52 46.88
N ILE GA 115 23.08 -58.37 47.83
CA ILE GA 115 22.72 -58.20 49.23
C ILE GA 115 23.97 -57.77 49.98
N THR GA 116 23.81 -56.76 50.82
CA THR GA 116 24.77 -56.47 51.87
C THR GA 116 24.29 -57.14 53.13
N GLN GA 117 25.21 -57.67 53.90
CA GLN GA 117 24.89 -58.48 55.07
C GLN GA 117 25.65 -57.95 56.27
N PRO GA 118 25.19 -58.26 57.49
CA PRO GA 118 23.97 -58.95 57.93
C PRO GA 118 22.89 -58.04 58.46
N PHE GA 119 23.09 -56.72 58.39
CA PHE GA 119 22.21 -55.76 59.03
C PHE GA 119 21.47 -54.86 58.06
N SER GA 120 21.54 -55.14 56.77
CA SER GA 120 20.97 -54.28 55.76
C SER GA 120 19.61 -54.79 55.28
N TYR GA 121 18.87 -53.90 54.65
CA TYR GA 121 17.56 -54.19 54.09
C TYR GA 121 17.70 -54.41 52.59
N HIS GA 122 16.96 -55.39 52.08
CA HIS GA 122 16.99 -55.72 50.66
C HIS GA 122 15.58 -56.06 50.21
N SER GA 123 15.21 -55.54 49.04
CA SER GA 123 13.88 -55.69 48.51
C SER GA 123 13.95 -56.01 47.03
N ARG GA 124 12.96 -56.76 46.56
CA ARG GA 124 12.90 -57.25 45.19
C ARG GA 124 11.46 -57.19 44.72
N TYR GA 125 11.18 -56.25 43.83
CA TYR GA 125 9.84 -55.98 43.33
C TYR GA 125 9.76 -56.49 41.90
N PHE GA 126 9.11 -57.63 41.72
CA PHE GA 126 9.10 -58.32 40.45
C PHE GA 126 7.75 -58.97 40.22
N THR GA 127 7.58 -59.49 39.01
CA THR GA 127 6.39 -60.20 38.60
C THR GA 127 6.64 -61.69 38.66
N PRO GA 128 5.97 -62.44 39.52
CA PRO GA 128 6.14 -63.89 39.50
C PRO GA 128 5.32 -64.53 38.40
N LYS GA 129 5.52 -65.82 38.24
CA LYS GA 129 4.81 -66.61 37.25
C LYS GA 129 4.33 -67.89 37.91
N PRO GA 130 3.24 -68.47 37.45
CA PRO GA 130 2.74 -69.71 38.04
C PRO GA 130 3.40 -70.94 37.44
N VAL GA 131 3.13 -72.06 38.08
CA VAL GA 131 3.67 -73.35 37.68
C VAL GA 131 2.51 -74.09 37.02
N LEU GA 132 2.42 -73.95 35.69
CA LEU GA 132 1.38 -74.63 34.94
C LEU GA 132 1.77 -76.06 34.60
N ASP GA 133 3.01 -76.28 34.20
CA ASP GA 133 3.50 -77.61 33.85
C ASP GA 133 4.91 -77.74 34.37
N ARG GA 134 5.11 -78.64 35.34
CA ARG GA 134 6.42 -78.85 35.90
C ARG GA 134 7.35 -79.55 34.92
N THR GA 135 6.81 -80.46 34.11
CA THR GA 135 7.63 -81.18 33.14
C THR GA 135 8.21 -80.21 32.11
N ILE GA 136 7.40 -79.28 31.64
CA ILE GA 136 7.77 -78.39 30.56
C ILE GA 136 8.30 -77.08 31.08
N ASP GA 137 7.71 -76.58 32.17
CA ASP GA 137 8.15 -75.36 32.84
C ASP GA 137 8.14 -74.18 31.89
N TYR GA 138 6.94 -73.84 31.42
CA TYR GA 138 6.73 -72.68 30.57
C TYR GA 138 6.09 -71.55 31.36
N PHE GA 139 6.29 -70.34 30.85
CA PHE GA 139 5.72 -69.16 31.43
C PHE GA 139 5.74 -68.06 30.39
N GLN GA 140 4.89 -67.08 30.58
CA GLN GA 140 4.72 -66.03 29.60
C GLN GA 140 5.42 -64.76 30.03
N PRO GA 141 5.66 -63.85 29.11
CA PRO GA 141 6.32 -62.60 29.48
C PRO GA 141 5.48 -61.72 30.38
N ASN GA 142 6.01 -60.55 30.71
CA ASN GA 142 5.31 -59.59 31.54
C ASN GA 142 4.50 -58.68 30.62
N ASN GA 143 3.21 -58.97 30.51
CA ASN GA 143 2.28 -58.11 29.80
C ASN GA 143 0.98 -58.09 30.59
N LYS GA 144 0.61 -56.90 31.04
CA LYS GA 144 -0.54 -56.79 31.94
C LYS GA 144 -1.83 -57.18 31.26
N ARG GA 145 -2.04 -56.71 30.03
CA ARG GA 145 -3.31 -56.96 29.35
C ARG GA 145 -3.57 -58.44 29.17
N ASN GA 146 -2.59 -59.17 28.64
CA ASN GA 146 -2.77 -60.55 28.26
C ASN GA 146 -2.27 -61.53 29.32
N GLN GA 147 -2.08 -61.07 30.54
CA GLN GA 147 -1.73 -61.98 31.62
C GLN GA 147 -2.92 -62.87 31.93
N LEU GA 148 -2.60 -64.09 32.36
CA LEU GA 148 -3.62 -65.10 32.57
C LEU GA 148 -4.39 -64.84 33.84
N TRP GA 149 -5.58 -65.41 33.89
CA TRP GA 149 -6.40 -65.48 35.08
C TRP GA 149 -6.38 -66.90 35.62
N LEU GA 150 -6.61 -67.02 36.92
CA LEU GA 150 -6.54 -68.28 37.61
C LEU GA 150 -7.68 -68.38 38.60
N ARG GA 151 -8.32 -69.54 38.64
CA ARG GA 151 -9.36 -69.79 39.61
C ARG GA 151 -8.79 -69.73 41.01
N LEU GA 152 -9.54 -69.09 41.90
CA LEU GA 152 -9.14 -68.96 43.30
C LEU GA 152 -9.68 -70.17 44.03
N GLN GA 153 -8.86 -71.21 44.08
CA GLN GA 153 -9.27 -72.44 44.73
C GLN GA 153 -9.19 -72.28 46.25
N THR GA 154 -9.76 -73.26 46.94
CA THR GA 154 -9.89 -73.21 48.39
C THR GA 154 -8.68 -73.76 49.11
N THR GA 155 -8.13 -74.88 48.63
CA THR GA 155 -7.04 -75.58 49.30
C THR GA 155 -5.89 -75.97 48.40
N GLY GA 156 -6.01 -75.85 47.08
CA GLY GA 156 -5.03 -76.36 46.15
C GLY GA 156 -4.57 -75.34 45.13
N ASN GA 157 -4.39 -74.10 45.54
CA ASN GA 157 -3.90 -73.08 44.63
C ASN GA 157 -2.49 -73.40 44.18
N VAL GA 158 -2.16 -72.94 43.00
CA VAL GA 158 -0.90 -73.29 42.36
C VAL GA 158 0.22 -72.46 42.97
N ASP GA 159 1.42 -73.05 42.98
CA ASP GA 159 2.58 -72.46 43.64
C ASP GA 159 3.26 -71.52 42.66
N HIS GA 160 3.02 -70.23 42.82
CA HIS GA 160 3.82 -69.24 42.12
C HIS GA 160 5.27 -69.34 42.54
N VAL GA 161 6.13 -68.74 41.74
CA VAL GA 161 7.57 -68.87 41.88
C VAL GA 161 8.20 -67.55 41.44
N GLY GA 162 9.51 -67.42 41.65
CA GLY GA 162 10.17 -66.18 41.31
C GLY GA 162 11.32 -65.67 42.17
N LEU GA 163 11.84 -66.41 43.14
CA LEU GA 163 13.00 -65.90 43.86
C LEU GA 163 13.86 -67.01 44.43
N GLY GA 164 15.17 -66.80 44.35
CA GLY GA 164 16.13 -67.68 44.99
C GLY GA 164 17.23 -66.84 45.60
N THR GA 165 17.79 -67.36 46.69
CA THR GA 165 18.70 -66.62 47.53
C THR GA 165 20.04 -67.34 47.67
N ALA GA 166 21.05 -66.57 48.06
CA ALA GA 166 22.36 -67.12 48.39
C ALA GA 166 23.01 -66.16 49.38
N PHE GA 167 22.99 -66.53 50.65
CA PHE GA 167 23.57 -65.73 51.71
C PHE GA 167 24.93 -66.29 52.09
N GLU GA 168 25.87 -65.39 52.37
CA GLU GA 168 27.22 -65.79 52.73
C GLU GA 168 27.26 -66.17 54.20
N ASN GA 169 27.79 -67.35 54.48
CA ASN GA 169 27.84 -67.85 55.83
C ASN GA 169 28.75 -66.96 56.69
N SER GA 170 28.54 -67.04 57.99
CA SER GA 170 29.29 -66.24 58.94
C SER GA 170 29.41 -67.00 60.25
N ILE GA 171 30.34 -66.53 61.09
CA ILE GA 171 30.54 -67.14 62.39
C ILE GA 171 29.29 -67.01 63.24
N TYR GA 172 28.62 -65.87 63.13
CA TYR GA 172 27.46 -65.57 63.94
C TYR GA 172 26.18 -65.87 63.16
N ASP GA 173 25.11 -66.16 63.90
CA ASP GA 173 23.81 -66.34 63.29
C ASP GA 173 23.35 -65.06 62.64
N GLN GA 174 22.74 -65.18 61.47
CA GLN GA 174 22.17 -64.07 60.72
C GLN GA 174 20.68 -64.35 60.61
N ASP GA 175 19.94 -63.92 61.62
CA ASP GA 175 18.49 -64.05 61.59
C ASP GA 175 17.89 -62.92 60.77
N TYR GA 176 16.81 -63.24 60.08
CA TYR GA 176 16.09 -62.29 59.24
C TYR GA 176 14.61 -62.39 59.53
N ASN GA 177 13.90 -61.34 59.13
CA ASN GA 177 12.45 -61.25 59.30
C ASN GA 177 11.90 -60.91 57.92
N ILE GA 178 11.53 -61.94 57.18
CA ILE GA 178 11.10 -61.77 55.81
C ILE GA 178 9.63 -61.37 55.78
N ARG GA 179 9.31 -60.44 54.88
CA ARG GA 179 7.95 -59.99 54.62
C ARG GA 179 7.68 -60.17 53.14
N ILE GA 180 6.66 -60.96 52.82
CA ILE GA 180 6.29 -61.23 51.44
C ILE GA 180 5.01 -60.48 51.15
N THR GA 181 5.14 -59.30 50.59
CA THR GA 181 3.99 -58.52 50.16
C THR GA 181 3.61 -58.91 48.74
N MET GA 182 2.32 -59.05 48.52
CA MET GA 182 1.76 -59.51 47.25
C MET GA 182 0.72 -58.50 46.78
N TYR GA 183 0.74 -58.23 45.49
CA TYR GA 183 -0.17 -57.29 44.85
C TYR GA 183 -1.03 -58.07 43.86
N VAL GA 184 -2.26 -58.35 44.28
CA VAL GA 184 -3.14 -59.28 43.60
C VAL GA 184 -4.23 -58.49 42.90
N GLN GA 185 -4.89 -59.15 41.96
CA GLN GA 185 -5.98 -58.54 41.20
C GLN GA 185 -7.05 -59.61 41.01
N PHE GA 186 -8.16 -59.45 41.72
CA PHE GA 186 -9.24 -60.42 41.71
C PHE GA 186 -10.29 -60.03 40.68
N ARG GA 187 -11.35 -60.83 40.59
CA ARG GA 187 -12.37 -60.64 39.57
C ARG GA 187 -13.57 -61.52 39.92
N GLU GA 188 -14.72 -61.14 39.35
CA GLU GA 188 -15.97 -61.89 39.46
C GLU GA 188 -16.40 -62.07 40.92
N PHE GA 189 -16.82 -60.95 41.51
CA PHE GA 189 -17.37 -60.91 42.84
C PHE GA 189 -18.50 -61.92 42.99
N ASN GA 190 -18.28 -62.97 43.77
CA ASN GA 190 -19.14 -64.14 43.82
C ASN GA 190 -19.68 -64.40 45.21
N LEU GA 191 -20.14 -63.35 45.88
CA LEU GA 191 -20.64 -63.50 47.23
C LEU GA 191 -21.99 -64.18 47.23
N LYS GA 192 -22.20 -65.04 48.22
CA LYS GA 192 -23.49 -65.66 48.48
C LYS GA 192 -24.16 -65.00 49.67
N ASP GA 193 -25.49 -65.10 49.70
CA ASP GA 193 -26.29 -64.54 50.78
C ASP GA 193 -27.45 -65.47 51.08
N PRO GA 194 -27.20 -66.54 51.82
CA PRO GA 194 -28.30 -67.37 52.28
C PRO GA 194 -29.15 -66.62 53.29
N PRO GA 195 -30.31 -67.16 53.66
CA PRO GA 195 -31.09 -66.53 54.72
C PRO GA 195 -30.51 -66.80 56.10
N LEU GA 196 -31.21 -66.39 57.15
CA LEU GA 196 -30.77 -66.54 58.53
C LEU GA 196 -29.49 -65.75 58.77
N TYR HA 1 33.02 -47.95 10.17
CA TYR HA 1 33.81 -49.01 9.55
C TYR HA 1 33.76 -50.31 10.37
N ARG HA 2 32.52 -50.77 10.65
CA ARG HA 2 32.24 -52.05 11.30
C ARG HA 2 33.07 -52.21 12.59
N TRP HA 3 32.74 -51.53 13.70
CA TRP HA 3 31.38 -51.05 14.10
C TRP HA 3 30.33 -52.16 14.26
N ARG HA 4 30.43 -52.92 15.27
CA ARG HA 4 30.83 -54.21 15.82
C ARG HA 4 30.65 -55.45 14.92
N ARG HA 5 29.49 -55.83 14.37
CA ARG HA 5 28.14 -55.29 14.50
C ARG HA 5 27.20 -56.34 15.14
N LYS HA 6 27.08 -57.49 14.46
CA LYS HA 6 26.27 -58.64 14.86
C LYS HA 6 27.04 -59.95 14.73
N ASN HA 7 28.30 -59.92 14.30
CA ASN HA 7 28.96 -61.09 13.72
C ASN HA 7 29.39 -62.13 14.77
N GLY HA 8 28.68 -62.20 15.89
CA GLY HA 8 28.97 -63.08 16.98
C GLY HA 8 29.05 -62.33 18.29
N ILE HA 9 28.77 -61.02 18.24
CA ILE HA 9 29.02 -60.15 19.38
C ILE HA 9 28.02 -60.49 20.47
N PHE HA 10 28.53 -60.70 21.68
CA PHE HA 10 27.69 -61.01 22.83
C PHE HA 10 28.33 -60.38 24.06
N ASN HA 11 27.91 -59.15 24.37
CA ASN HA 11 28.36 -58.50 25.58
C ASN HA 11 27.69 -59.15 26.78
N THR HA 12 28.46 -59.39 27.82
CA THR HA 12 27.95 -60.07 29.00
C THR HA 12 28.78 -59.63 30.20
N ARG HA 13 28.61 -60.35 31.30
CA ARG HA 13 29.23 -60.02 32.57
C ARG HA 13 29.64 -61.31 33.26
N LEU HA 14 30.70 -61.22 34.05
CA LEU HA 14 31.19 -62.33 34.83
C LEU HA 14 31.66 -61.80 36.17
N SER HA 15 31.66 -62.66 37.17
CA SER HA 15 31.99 -62.26 38.52
C SER HA 15 32.49 -63.47 39.30
N ARG HA 16 33.36 -63.19 40.26
CA ARG HA 16 33.83 -64.19 41.20
C ARG HA 16 34.06 -63.50 42.53
N THR HA 17 34.51 -64.27 43.51
CA THR HA 17 34.64 -63.78 44.86
C THR HA 17 35.81 -64.47 45.55
N ILE HA 18 36.50 -63.71 46.41
CA ILE HA 18 37.66 -64.19 47.13
C ILE HA 18 37.83 -63.37 48.39
N GLY HA 19 38.49 -63.97 49.38
CA GLY HA 19 38.79 -63.30 50.63
C GLY HA 19 40.22 -62.78 50.62
N TYR HA 20 40.39 -61.62 51.25
CA TYR HA 20 41.70 -61.01 51.40
C TYR HA 20 41.82 -60.52 52.83
N THR HA 21 42.93 -60.87 53.47
CA THR HA 21 43.08 -60.77 54.91
C THR HA 21 44.34 -59.96 55.22
N VAL HA 22 44.16 -58.72 55.62
CA VAL HA 22 45.25 -57.90 56.11
C VAL HA 22 45.44 -58.21 57.59
N LYS HA 23 46.62 -58.68 57.94
CA LYS HA 23 46.86 -59.24 59.25
C LYS HA 23 47.23 -58.15 60.26
N LYS HA 24 47.32 -58.57 61.52
CA LYS HA 24 47.64 -57.68 62.62
C LYS HA 24 49.13 -57.32 62.60
N THR HA 25 49.50 -56.43 63.51
CA THR HA 25 50.89 -56.12 63.78
C THR HA 25 50.96 -55.33 65.08
N THR HA 26 51.96 -55.65 65.89
CA THR HA 26 52.21 -54.89 67.12
C THR HA 26 52.73 -53.49 66.82
N VAL HA 27 53.27 -53.26 65.62
CA VAL HA 27 53.73 -51.94 65.23
C VAL HA 27 52.58 -50.96 65.34
N ARG HA 28 52.89 -49.75 65.81
CA ARG HA 28 51.92 -48.68 65.95
C ARG HA 28 52.18 -47.52 65.01
N THR HA 29 53.38 -47.40 64.46
CA THR HA 29 53.64 -46.38 63.47
C THR HA 29 52.86 -46.72 62.20
N PRO HA 30 52.53 -45.72 61.39
CA PRO HA 30 51.82 -46.01 60.14
C PRO HA 30 52.64 -46.90 59.23
N SER HA 31 52.10 -48.09 58.96
CA SER HA 31 52.72 -49.06 58.08
C SER HA 31 51.65 -49.63 57.17
N TRP HA 32 52.03 -49.88 55.93
CA TRP HA 32 51.11 -50.32 54.89
C TRP HA 32 51.43 -51.75 54.45
N ASN HA 33 50.42 -52.40 53.90
CA ASN HA 33 50.50 -53.77 53.41
C ASN HA 33 50.16 -53.75 51.93
N VAL HA 34 51.18 -53.93 51.10
CA VAL HA 34 51.04 -53.77 49.66
C VAL HA 34 50.79 -55.13 49.02
N ASP HA 35 49.94 -55.13 48.00
CA ASP HA 35 49.64 -56.34 47.26
C ASP HA 35 49.06 -55.92 45.93
N MET HA 36 49.30 -56.75 44.92
CA MET HA 36 48.83 -56.51 43.57
C MET HA 36 47.53 -57.26 43.35
N MET HA 37 47.06 -57.27 42.09
CA MET HA 37 45.84 -57.99 41.74
C MET HA 37 45.83 -58.21 40.25
N ARG HA 38 45.74 -59.48 39.84
CA ARG HA 38 45.73 -59.88 38.44
C ARG HA 38 44.37 -60.44 38.06
N PHE HA 39 44.07 -60.36 36.77
CA PHE HA 39 42.79 -60.81 36.23
C PHE HA 39 43.07 -61.78 35.09
N ASN HA 40 42.50 -62.97 35.19
CA ASN HA 40 42.61 -63.98 34.16
C ASN HA 40 41.26 -64.64 33.99
N ILE HA 41 40.82 -64.78 32.75
CA ILE HA 41 39.46 -65.20 32.49
C ILE HA 41 39.25 -66.67 32.81
N ASN HA 42 40.32 -67.46 32.91
CA ASN HA 42 40.16 -68.85 33.26
C ASN HA 42 39.57 -69.02 34.65
N ASP HA 43 39.76 -68.04 35.52
CA ASP HA 43 39.16 -68.06 36.84
C ASP HA 43 37.69 -67.70 36.83
N PHE HA 44 37.15 -67.24 35.70
CA PHE HA 44 35.74 -66.93 35.54
C PHE HA 44 35.00 -67.96 34.72
N LEU HA 45 35.59 -68.41 33.61
CA LEU HA 45 34.98 -69.38 32.72
C LEU HA 45 35.50 -70.77 33.06
N PRO HA 46 34.70 -71.64 33.67
CA PRO HA 46 35.16 -73.01 33.87
C PRO HA 46 35.14 -73.77 32.56
N PRO HA 47 35.80 -74.93 32.52
CA PRO HA 47 35.90 -75.66 31.26
C PRO HA 47 34.62 -76.41 30.93
N GLY HA 48 34.31 -76.48 29.65
CA GLY HA 48 33.16 -77.21 29.18
C GLY HA 48 33.43 -78.70 29.09
N GLY HA 49 32.91 -79.31 28.03
CA GLY HA 49 33.13 -80.73 27.82
C GLY HA 49 32.85 -81.18 26.40
N GLY HA 50 33.68 -82.08 25.90
CA GLY HA 50 33.52 -82.61 24.57
C GLY HA 50 34.15 -81.74 23.51
N SER HA 51 33.47 -81.60 22.38
CA SER HA 51 34.00 -80.79 21.29
C SER HA 51 34.01 -79.32 21.66
N ASN HA 52 33.11 -78.90 22.55
CA ASN HA 52 33.09 -77.53 23.04
C ASN HA 52 33.97 -77.44 24.27
N PRO HA 53 35.16 -76.85 24.20
CA PRO HA 53 36.09 -76.93 25.33
C PRO HA 53 35.72 -76.01 26.48
N LEU HA 54 35.12 -74.88 26.15
CA LEU HA 54 34.70 -73.89 27.14
C LEU HA 54 33.21 -74.02 27.43
N THR HA 55 32.78 -73.30 28.47
CA THR HA 55 31.37 -73.23 28.81
C THR HA 55 30.62 -72.21 27.98
N VAL HA 56 31.31 -71.22 27.45
CA VAL HA 56 30.73 -70.17 26.60
C VAL HA 56 31.14 -70.47 25.16
N PRO HA 57 30.21 -70.68 24.23
CA PRO HA 57 30.63 -71.02 22.88
C PRO HA 57 31.00 -69.78 22.05
N PHE HA 58 32.23 -69.32 22.25
CA PHE HA 58 32.77 -68.24 21.45
C PHE HA 58 34.27 -68.46 21.32
N GLU HA 59 34.85 -67.79 20.31
CA GLU HA 59 36.26 -67.95 19.97
C GLU HA 59 37.11 -66.80 20.49
N TYR HA 60 36.73 -65.58 20.16
CA TYR HA 60 37.48 -64.39 20.52
C TYR HA 60 36.85 -63.72 21.72
N TYR HA 61 37.58 -62.76 22.28
CA TYR HA 61 37.07 -61.99 23.40
C TYR HA 61 37.97 -60.78 23.63
N ARG HA 62 37.42 -59.80 24.33
CA ARG HA 62 38.17 -58.64 24.75
C ARG HA 62 37.48 -58.02 25.95
N ILE HA 63 38.24 -57.75 27.00
CA ILE HA 63 37.69 -57.26 28.24
C ILE HA 63 37.53 -55.75 28.13
N ARG HA 64 36.30 -55.28 28.22
CA ARG HA 64 36.02 -53.85 28.14
C ARG HA 64 36.34 -53.15 29.45
N LYS HA 65 35.78 -53.65 30.55
CA LYS HA 65 35.87 -53.00 31.84
C LYS HA 65 35.97 -54.05 32.93
N VAL HA 66 36.43 -53.59 34.09
CA VAL HA 66 36.48 -54.40 35.29
C VAL HA 66 36.01 -53.54 36.45
N LYS HA 67 35.19 -54.12 37.31
CA LYS HA 67 34.68 -53.45 38.50
C LYS HA 67 35.07 -54.29 39.70
N VAL HA 68 36.12 -53.89 40.37
CA VAL HA 68 36.52 -54.49 41.62
C VAL HA 68 35.67 -53.88 42.73
N GLU HA 69 35.41 -54.68 43.75
CA GLU HA 69 34.57 -54.26 44.87
C GLU HA 69 35.14 -54.85 46.13
N PHE HA 70 35.41 -53.99 47.11
CA PHE HA 70 35.95 -54.40 48.40
C PHE HA 70 34.83 -54.41 49.42
N TRP HA 71 33.99 -55.42 49.35
CA TRP HA 71 32.95 -55.59 50.34
C TRP HA 71 33.60 -56.02 51.65
N PRO HA 72 33.64 -55.18 52.68
CA PRO HA 72 34.38 -55.55 53.88
C PRO HA 72 33.73 -56.68 54.64
N CYS HA 73 34.47 -57.14 55.64
CA CYS HA 73 34.01 -58.15 56.58
C CYS HA 73 34.13 -57.71 58.03
N SER HA 74 34.65 -56.51 58.28
CA SER HA 74 34.83 -56.00 59.63
C SER HA 74 33.63 -55.18 60.04
N PRO HA 75 33.39 -55.02 61.33
CA PRO HA 75 32.22 -54.28 61.78
C PRO HA 75 32.45 -52.78 61.78
N ILE HA 76 31.36 -52.05 61.95
CA ILE HA 76 31.42 -50.61 62.03
C ILE HA 76 32.16 -50.16 63.29
N THR HA 77 32.10 -50.94 64.36
CA THR HA 77 32.61 -50.54 65.66
C THR HA 77 34.09 -50.87 65.84
N GLN HA 78 34.82 -51.04 64.75
CA GLN HA 78 36.22 -51.40 64.83
C GLN HA 78 37.07 -50.14 64.93
N GLY HA 79 38.07 -50.19 65.79
CA GLY HA 79 38.94 -49.06 66.04
C GLY HA 79 40.27 -49.20 65.32
N ASP HA 80 41.17 -48.26 65.64
CA ASP HA 80 42.45 -48.15 64.98
C ASP HA 80 42.28 -48.11 63.48
N ARG HA 81 41.48 -47.15 63.04
CA ARG HA 81 41.17 -47.04 61.62
C ARG HA 81 42.41 -46.61 60.87
N GLY HA 82 42.28 -46.47 59.57
CA GLY HA 82 43.40 -46.11 58.75
C GLY HA 82 42.97 -45.54 57.44
N VAL HA 83 43.90 -45.55 56.49
CA VAL HA 83 43.65 -45.00 55.17
C VAL HA 83 44.63 -45.63 54.21
N GLY HA 84 44.13 -46.04 53.05
CA GLY HA 84 44.91 -46.75 52.06
C GLY HA 84 44.81 -46.11 50.70
N SER HA 85 45.15 -46.87 49.65
CA SER HA 85 45.13 -46.33 48.30
C SER HA 85 45.10 -47.47 47.30
N THR HA 86 44.32 -47.27 46.25
CA THR HA 86 44.24 -48.18 45.12
C THR HA 86 44.63 -47.45 43.86
N ALA HA 87 45.43 -48.09 43.04
CA ALA HA 87 45.94 -47.48 41.82
C ALA HA 87 45.87 -48.50 40.70
N VAL HA 88 45.85 -47.96 39.48
CA VAL HA 88 45.71 -48.75 38.27
C VAL HA 88 47.10 -48.92 37.66
N ILE HA 89 47.48 -50.18 37.43
CA ILE HA 89 48.80 -50.53 36.94
C ILE HA 89 48.60 -51.36 35.69
N LEU HA 90 48.93 -50.80 34.54
CA LEU HA 90 48.59 -51.38 33.26
C LEU HA 90 49.77 -52.03 32.56
N ASP HA 91 50.86 -52.30 33.30
CA ASP HA 91 52.11 -52.74 32.69
C ASP HA 91 52.76 -53.90 33.41
N ASP HA 92 52.11 -54.51 34.40
CA ASP HA 92 52.66 -55.62 35.16
C ASP HA 92 53.90 -55.18 35.95
N ASN HA 93 53.99 -53.89 36.25
CA ASN HA 93 55.06 -53.34 37.08
C ASN HA 93 54.39 -52.84 38.34
N PHE HA 94 54.19 -53.74 39.27
CA PHE HA 94 53.64 -53.40 40.56
C PHE HA 94 54.77 -52.96 41.47
N VAL HA 95 54.42 -52.66 42.71
CA VAL HA 95 55.36 -52.22 43.73
C VAL HA 95 55.46 -53.34 44.73
N THR HA 96 56.70 -53.73 45.04
CA THR HA 96 57.03 -55.03 45.62
C THR HA 96 56.14 -55.40 46.79
N LYS HA 97 55.69 -56.64 46.78
CA LYS HA 97 54.82 -57.16 47.82
C LYS HA 97 55.48 -57.04 49.18
N ALA HA 98 54.78 -56.42 50.12
CA ALA HA 98 55.35 -56.12 51.42
C ALA HA 98 54.26 -56.12 52.47
N ASN HA 99 54.57 -56.67 53.64
CA ASN HA 99 53.63 -56.70 54.75
C ASN HA 99 53.66 -55.42 55.57
N ALA HA 100 54.77 -54.69 55.54
CA ALA HA 100 54.92 -53.48 56.33
C ALA HA 100 55.86 -52.54 55.60
N LEU HA 101 55.33 -51.43 55.12
CA LEU HA 101 56.09 -50.40 54.44
C LEU HA 101 55.76 -49.07 55.07
N THR HA 102 56.78 -48.25 55.27
CA THR HA 102 56.63 -47.03 56.05
C THR HA 102 55.92 -45.91 55.31
N TYR HA 103 55.42 -46.16 54.10
CA TYR HA 103 54.74 -45.12 53.34
C TYR HA 103 53.77 -45.77 52.37
N ASP HA 104 52.86 -44.96 51.87
CA ASP HA 104 51.88 -45.39 50.89
C ASP HA 104 52.43 -45.14 49.50
N PRO HA 105 52.94 -46.16 48.79
CA PRO HA 105 53.55 -45.86 47.50
C PRO HA 105 52.56 -45.50 46.42
N TYR HA 106 51.33 -45.98 46.51
CA TYR HA 106 50.32 -45.69 45.53
C TYR HA 106 49.53 -44.43 45.84
N VAL HA 107 50.08 -43.52 46.64
CA VAL HA 107 49.32 -42.35 47.06
C VAL HA 107 49.41 -41.23 46.03
N ASN HA 108 50.60 -41.00 45.48
CA ASN HA 108 50.79 -39.94 44.50
C ASN HA 108 50.49 -40.38 43.08
N TYR HA 109 50.18 -41.65 42.88
CA TYR HA 109 49.78 -42.11 41.56
C TYR HA 109 48.56 -41.35 41.08
N SER HA 110 48.58 -40.96 39.80
CA SER HA 110 47.48 -40.19 39.24
C SER HA 110 46.18 -40.98 39.26
N SER HA 111 46.26 -42.30 39.20
CA SER HA 111 45.10 -43.17 39.25
C SER HA 111 44.73 -43.56 40.67
N ARG HA 112 45.09 -42.75 41.65
CA ARG HA 112 44.84 -43.08 43.04
C ARG HA 112 43.42 -42.73 43.41
N HIS HA 113 42.75 -43.67 44.08
CA HIS HA 113 41.44 -43.46 44.67
C HIS HA 113 41.52 -43.93 46.10
N THR HA 114 41.26 -43.02 47.03
CA THR HA 114 41.52 -43.30 48.43
C THR HA 114 40.58 -44.37 48.97
N ILE HA 115 41.10 -45.15 49.91
CA ILE HA 115 40.31 -46.12 50.65
C ILE HA 115 40.14 -45.59 52.06
N THR HA 116 38.92 -45.67 52.56
CA THR HA 116 38.66 -45.55 53.98
C THR HA 116 38.59 -46.95 54.54
N GLN HA 117 39.12 -47.13 55.74
CA GLN HA 117 39.26 -48.44 56.35
C GLN HA 117 38.67 -48.43 57.74
N PRO HA 118 38.32 -49.60 58.29
CA PRO HA 118 38.29 -50.95 57.75
C PRO HA 118 36.90 -51.46 57.38
N PHE HA 119 35.88 -50.61 57.48
CA PHE HA 119 34.50 -51.03 57.32
C PHE HA 119 33.81 -50.42 56.11
N SER HA 120 34.54 -49.75 55.24
CA SER HA 120 33.94 -49.04 54.12
C SER HA 120 34.04 -49.86 52.83
N TYR HA 121 33.23 -49.46 51.86
CA TYR HA 121 33.19 -50.07 50.55
C TYR HA 121 33.96 -49.21 49.57
N HIS HA 122 34.71 -49.87 48.69
CA HIS HA 122 35.51 -49.17 47.69
C HIS HA 122 35.44 -49.94 46.38
N SER HA 123 35.27 -49.20 45.29
CA SER HA 123 35.10 -49.77 43.97
C SER HA 123 35.93 -49.01 42.96
N ARG HA 124 36.36 -49.72 41.93
CA ARG HA 124 37.26 -49.18 40.91
C ARG HA 124 36.83 -49.74 39.56
N TYR HA 125 36.25 -48.89 38.74
CA TYR HA 125 35.68 -49.27 37.44
C TYR HA 125 36.61 -48.73 36.37
N PHE HA 126 37.40 -49.62 35.77
CA PHE HA 126 38.44 -49.22 34.85
C PHE HA 126 38.56 -50.24 33.74
N THR HA 127 39.39 -49.89 32.76
CA THR HA 127 39.69 -50.74 31.62
C THR HA 127 41.03 -51.40 31.83
N PRO HA 128 41.12 -52.72 31.97
CA PRO HA 128 42.43 -53.35 32.08
C PRO HA 128 43.05 -53.52 30.71
N LYS HA 129 44.29 -53.99 30.72
CA LYS HA 129 45.05 -54.24 29.52
C LYS HA 129 45.72 -55.59 29.65
N PRO HA 130 45.97 -56.28 28.54
CA PRO HA 130 46.63 -57.59 28.62
C PRO HA 130 48.15 -57.47 28.63
N VAL HA 131 48.77 -58.60 28.91
CA VAL HA 131 50.22 -58.70 28.98
C VAL HA 131 50.65 -59.40 27.69
N LEU HA 132 50.97 -58.59 26.69
CA LEU HA 132 51.43 -59.13 25.42
C LEU HA 132 52.91 -59.44 25.44
N ASP HA 133 53.72 -58.55 26.01
CA ASP HA 133 55.17 -58.74 26.09
C ASP HA 133 55.63 -58.26 27.46
N ARG HA 134 56.12 -59.19 28.27
CA ARG HA 134 56.59 -58.83 29.60
C ARG HA 134 57.89 -58.06 29.54
N THR HA 135 58.75 -58.37 28.57
CA THR HA 135 60.02 -57.66 28.45
C THR HA 135 59.79 -56.20 28.13
N ILE HA 136 58.86 -55.92 27.23
CA ILE HA 136 58.64 -54.58 26.72
C ILE HA 136 57.52 -53.88 27.48
N ASP HA 137 56.48 -54.64 27.85
CA ASP HA 137 55.37 -54.14 28.64
C ASP HA 137 54.69 -52.95 27.95
N TYR HA 138 54.13 -53.24 26.78
CA TYR HA 138 53.36 -52.25 26.04
C TYR HA 138 51.88 -52.51 26.16
N PHE HA 139 51.11 -51.46 25.94
CA PHE HA 139 49.66 -51.53 25.97
C PHE HA 139 49.12 -50.32 25.24
N GLN HA 140 47.89 -50.45 24.79
CA GLN HA 140 47.28 -49.42 23.99
C GLN HA 140 46.30 -48.59 24.78
N PRO HA 141 45.95 -47.41 24.31
CA PRO HA 141 45.00 -46.58 25.04
C PRO HA 141 43.61 -47.17 25.10
N ASN HA 142 42.70 -46.44 25.72
CA ASN HA 142 41.31 -46.85 25.82
C ASN HA 142 40.56 -46.33 24.61
N ASN HA 143 40.36 -47.19 23.62
CA ASN HA 143 39.53 -46.88 22.47
C ASN HA 143 38.74 -48.13 22.13
N LYS HA 144 37.42 -48.02 22.19
CA LYS HA 144 36.58 -49.19 22.05
C LYS HA 144 36.66 -49.77 20.65
N ARG HA 145 36.63 -48.92 19.63
CA ARG HA 145 36.60 -49.41 18.26
C ARG HA 145 37.84 -50.24 17.93
N ASN HA 146 39.02 -49.70 18.24
CA ASN HA 146 40.27 -50.30 17.82
C ASN HA 146 40.90 -51.14 18.93
N GLN HA 147 40.14 -51.52 19.94
CA GLN HA 147 40.66 -52.44 20.95
C GLN HA 147 40.87 -53.80 20.34
N LEU HA 148 41.88 -54.51 20.86
CA LEU HA 148 42.27 -55.77 20.29
C LEU HA 148 41.29 -56.87 20.67
N TRP HA 149 41.33 -57.93 19.87
CA TRP HA 149 40.63 -59.17 20.14
C TRP HA 149 41.66 -60.22 20.53
N LEU HA 150 41.21 -61.19 21.30
CA LEU HA 150 42.07 -62.24 21.83
C LEU HA 150 41.36 -63.57 21.75
N ARG HA 151 42.11 -64.58 21.32
CA ARG HA 151 41.56 -65.92 21.28
C ARG HA 151 41.23 -66.40 22.69
N LEU HA 152 40.08 -67.05 22.81
CA LEU HA 152 39.62 -67.57 24.08
C LEU HA 152 40.18 -68.96 24.22
N GLN HA 153 41.35 -69.05 24.82
CA GLN HA 153 42.02 -70.32 25.00
C GLN HA 153 41.36 -71.10 26.15
N THR HA 154 41.74 -72.36 26.23
CA THR HA 154 41.12 -73.29 27.17
C THR HA 154 41.79 -73.27 28.53
N THR HA 155 43.13 -73.23 28.57
CA THR HA 155 43.88 -73.33 29.81
C THR HA 155 44.99 -72.30 29.97
N GLY HA 156 45.30 -71.53 28.93
CA GLY HA 156 46.44 -70.63 28.94
C GLY HA 156 46.12 -69.21 28.54
N ASN HA 157 44.98 -68.70 28.98
CA ASN HA 157 44.62 -67.33 28.67
C ASN HA 157 45.59 -66.37 29.33
N VAL HA 158 45.76 -65.21 28.71
CA VAL HA 158 46.75 -64.26 29.15
C VAL HA 158 46.25 -63.50 30.37
N ASP HA 159 47.20 -63.09 31.21
CA ASP HA 159 46.90 -62.47 32.48
C ASP HA 159 46.71 -60.98 32.28
N HIS HA 160 45.46 -60.54 32.23
CA HIS HA 160 45.16 -59.13 32.29
C HIS HA 160 45.65 -58.55 33.61
N VAL HA 161 45.74 -57.22 33.64
CA VAL HA 161 46.35 -56.50 34.74
C VAL HA 161 45.62 -55.18 34.88
N GLY HA 162 45.93 -54.43 35.94
CA GLY HA 162 45.24 -53.19 36.17
C GLY HA 162 44.92 -52.73 37.59
N LEU HA 163 45.41 -53.39 38.65
CA LEU HA 163 45.16 -52.84 39.98
C LEU HA 163 46.23 -53.24 40.97
N GLY HA 164 46.57 -52.29 41.82
CA GLY HA 164 47.44 -52.54 42.95
C GLY HA 164 46.92 -51.81 44.17
N THR HA 165 47.19 -52.38 45.34
CA THR HA 165 46.58 -51.94 46.58
C THR HA 165 47.66 -51.58 47.60
N ALA HA 166 47.24 -50.81 48.59
CA ALA HA 166 48.08 -50.50 49.74
C ALA HA 166 47.16 -50.20 50.91
N PHE HA 167 47.01 -51.15 51.81
CA PHE HA 167 46.17 -51.02 52.97
C PHE HA 167 47.02 -50.71 54.20
N GLU HA 168 46.50 -49.85 55.05
CA GLU HA 168 47.22 -49.44 56.24
C GLU HA 168 47.03 -50.49 57.33
N ASN HA 169 48.14 -50.95 57.90
CA ASN HA 169 48.09 -51.99 58.89
C ASN HA 169 47.37 -51.49 60.14
N SER HA 170 46.89 -52.44 60.94
CA SER HA 170 46.16 -52.13 62.14
C SER HA 170 46.37 -53.24 63.15
N ILE HA 171 46.02 -52.92 64.40
CA ILE HA 171 46.14 -53.91 65.48
C ILE HA 171 45.26 -55.11 65.21
N TYR HA 172 44.07 -54.86 64.67
CA TYR HA 172 43.07 -55.89 64.43
C TYR HA 172 43.13 -56.36 62.99
N ASP HA 173 42.71 -57.59 62.78
CA ASP HA 173 42.61 -58.12 61.43
C ASP HA 173 41.56 -57.33 60.64
N GLN HA 174 41.86 -57.08 59.38
CA GLN HA 174 40.96 -56.39 58.45
C GLN HA 174 40.67 -57.38 57.33
N ASP HA 175 39.67 -58.21 57.54
CA ASP HA 175 39.25 -59.14 56.51
C ASP HA 175 38.36 -58.42 55.52
N TYR HA 176 38.47 -58.84 54.25
CA TYR HA 176 37.68 -58.28 53.17
C TYR HA 176 37.11 -59.40 52.33
N ASN HA 177 36.09 -59.05 51.56
CA ASN HA 177 35.41 -59.98 50.66
C ASN HA 177 35.41 -59.32 49.30
N ILE HA 178 36.41 -59.64 48.50
CA ILE HA 178 36.60 -58.99 47.21
C ILE HA 178 35.71 -59.65 46.18
N ARG HA 179 35.13 -58.83 45.31
CA ARG HA 179 34.33 -59.27 44.18
C ARG HA 179 34.90 -58.64 42.93
N ILE HA 180 35.32 -59.48 41.99
CA ILE HA 180 35.90 -59.02 40.74
C ILE HA 180 34.89 -59.24 39.63
N THR HA 181 34.13 -58.20 39.33
CA THR HA 181 33.19 -58.23 38.23
C THR HA 181 33.88 -57.83 36.95
N MET HA 182 33.61 -58.55 35.89
CA MET HA 182 34.23 -58.36 34.60
C MET HA 182 33.16 -58.19 33.53
N TYR HA 183 33.40 -57.27 32.61
CA TYR HA 183 32.48 -56.95 31.53
C TYR HA 183 33.17 -57.29 30.22
N VAL HA 184 32.80 -58.43 29.66
CA VAL HA 184 33.51 -59.04 28.56
C VAL HA 184 32.68 -58.88 27.29
N GLN HA 185 33.32 -59.06 26.15
CA GLN HA 185 32.68 -58.95 24.86
C GLN HA 185 33.24 -60.04 23.96
N PHE HA 186 32.43 -61.07 23.70
CA PHE HA 186 32.86 -62.21 22.93
C PHE HA 186 32.50 -62.04 21.46
N ARG HA 187 32.82 -63.04 20.65
CA ARG HA 187 32.65 -62.96 19.22
C ARG HA 187 32.81 -64.35 18.62
N GLU HA 188 32.26 -64.53 17.41
CA GLU HA 188 32.39 -65.73 16.62
C GLU HA 188 31.85 -66.97 17.35
N PHE HA 189 30.54 -66.97 17.49
CA PHE HA 189 29.81 -68.10 18.07
C PHE HA 189 30.19 -69.40 17.37
N ASN HA 190 30.88 -70.28 18.07
CA ASN HA 190 31.54 -71.44 17.50
C ASN HA 190 31.05 -72.74 18.12
N LEU HA 191 29.75 -72.88 18.28
CA LEU HA 191 29.21 -74.07 18.90
C LEU HA 191 29.28 -75.24 17.95
N LYS HA 192 29.56 -76.41 18.51
CA LYS HA 192 29.52 -77.67 17.79
C LYS HA 192 28.27 -78.45 18.18
N ASP HA 193 27.84 -79.32 17.27
CA ASP HA 193 26.67 -80.17 17.49
C ASP HA 193 26.92 -81.53 16.89
N PRO HA 194 27.67 -82.38 17.57
CA PRO HA 194 27.79 -83.76 17.14
C PRO HA 194 26.47 -84.49 17.28
N PRO HA 195 26.35 -85.68 16.73
CA PRO HA 195 25.13 -86.48 16.94
C PRO HA 195 25.09 -87.09 18.33
N LEU HA 196 24.10 -87.93 18.59
CA LEU HA 196 23.90 -88.57 19.89
C LEU HA 196 23.62 -87.52 20.96
N TYR IA 1 49.69 -11.09 30.17
CA TYR IA 1 51.11 -10.79 30.27
C TYR IA 1 51.89 -12.00 30.81
N ARG IA 2 51.72 -13.15 30.14
CA ARG IA 2 52.46 -14.39 30.41
C ARG IA 2 52.45 -14.73 31.90
N TRP IA 3 51.34 -15.24 32.47
CA TRP IA 3 50.27 -16.04 31.82
C TRP IA 3 50.75 -17.37 31.19
N ARG IA 4 51.06 -18.31 31.97
CA ARG IA 4 52.11 -19.08 32.64
C ARG IA 4 53.43 -19.30 31.86
N ARG IA 5 53.50 -19.87 30.64
CA ARG IA 5 52.49 -20.49 29.81
C ARG IA 5 52.79 -21.99 29.60
N LYS IA 6 53.97 -22.26 29.01
CA LYS IA 6 54.49 -23.59 28.74
C LYS IA 6 55.94 -23.74 29.16
N ASN IA 7 56.55 -22.71 29.73
CA ASN IA 7 58.01 -22.58 29.78
C ASN IA 7 58.68 -23.49 30.81
N GLY IA 8 58.07 -24.61 31.12
CA GLY IA 8 58.53 -25.57 32.10
C GLY IA 8 57.44 -25.90 33.09
N ILE IA 9 56.25 -25.35 32.88
CA ILE IA 9 55.20 -25.42 33.87
C ILE IA 9 54.69 -26.86 33.95
N PHE IA 10 54.64 -27.39 35.17
CA PHE IA 10 54.15 -28.74 35.40
C PHE IA 10 53.41 -28.75 36.74
N ASN IA 11 52.11 -28.55 36.68
CA ASN IA 11 51.28 -28.66 37.87
C ASN IA 11 51.15 -30.12 38.24
N THR IA 12 51.27 -30.40 39.53
CA THR IA 12 51.23 -31.77 40.01
C THR IA 12 50.73 -31.75 41.45
N ARG IA 13 50.88 -32.89 42.12
CA ARG IA 13 50.38 -33.10 43.45
C ARG IA 13 51.38 -33.94 44.22
N LEU IA 14 51.43 -33.72 45.53
CA LEU IA 14 52.27 -34.49 46.43
C LEU IA 14 51.51 -34.71 47.73
N SER IA 15 51.88 -35.77 48.42
CA SER IA 15 51.18 -36.16 49.63
C SER IA 15 52.11 -36.96 50.52
N ARG IA 16 51.86 -36.85 51.83
CA ARG IA 16 52.55 -37.65 52.82
C ARG IA 16 51.57 -37.95 53.93
N THR IA 17 52.05 -38.66 54.94
CA THR IA 17 51.18 -39.14 56.00
C THR IA 17 51.96 -39.21 57.30
N ILE IA 18 51.27 -38.89 58.40
CA ILE IA 18 51.87 -38.88 59.73
C ILE IA 18 50.78 -39.10 60.76
N GLY IA 19 51.18 -39.60 61.92
CA GLY IA 19 50.27 -39.81 63.03
C GLY IA 19 50.37 -38.67 64.04
N TYR IA 20 49.24 -38.32 64.61
CA TYR IA 20 49.15 -37.30 65.64
C TYR IA 20 48.27 -37.82 66.74
N THR IA 21 48.76 -37.72 67.98
CA THR IA 21 48.21 -38.43 69.12
C THR IA 21 47.90 -37.42 70.22
N VAL IA 22 46.62 -37.13 70.40
CA VAL IA 22 46.15 -36.32 71.53
C VAL IA 22 45.96 -37.25 72.70
N LYS IA 23 46.69 -36.99 73.78
CA LYS IA 23 46.78 -37.93 74.88
C LYS IA 23 45.62 -37.75 75.87
N LYS IA 24 45.56 -38.66 76.83
CA LYS IA 24 44.53 -38.64 77.85
C LYS IA 24 44.79 -37.54 78.87
N THR IA 25 43.86 -37.39 79.80
CA THR IA 25 44.02 -36.54 80.96
C THR IA 25 42.91 -36.87 81.95
N THR IA 26 43.27 -36.91 83.23
CA THR IA 26 42.27 -37.10 84.27
C THR IA 26 41.40 -35.86 84.45
N VAL IA 27 41.84 -34.70 83.96
CA VAL IA 27 41.03 -33.49 84.02
C VAL IA 27 39.71 -33.74 83.30
N ARG IA 28 38.63 -33.19 83.86
CA ARG IA 28 37.31 -33.30 83.30
C ARG IA 28 36.75 -31.97 82.82
N THR IA 29 37.32 -30.86 83.27
CA THR IA 29 36.90 -29.58 82.73
C THR IA 29 37.35 -29.46 81.28
N PRO IA 30 36.67 -28.65 80.48
CA PRO IA 30 37.10 -28.49 79.09
C PRO IA 30 38.50 -27.92 79.00
N SER IA 31 39.41 -28.71 78.42
CA SER IA 31 40.78 -28.33 78.21
C SER IA 31 41.20 -28.73 76.82
N TRP IA 32 42.00 -27.88 76.19
CA TRP IA 32 42.41 -28.06 74.80
C TRP IA 32 43.90 -28.36 74.70
N ASN IA 33 44.27 -28.98 73.58
CA ASN IA 33 45.64 -29.36 73.28
C ASN IA 33 46.03 -28.67 71.99
N VAL IA 34 46.86 -27.66 72.10
CA VAL IA 34 47.20 -26.80 70.97
C VAL IA 34 48.48 -27.28 70.34
N ASP IA 35 48.55 -27.19 69.01
CA ASP IA 35 49.72 -27.57 68.26
C ASP IA 35 49.62 -26.91 66.90
N MET IA 36 50.79 -26.59 66.34
CA MET IA 36 50.90 -25.94 65.04
C MET IA 36 51.12 -27.00 63.97
N MET IA 37 51.40 -26.54 62.76
CA MET IA 37 51.67 -27.44 61.64
C MET IA 37 52.40 -26.67 60.55
N ARG IA 38 53.59 -27.14 60.19
CA ARG IA 38 54.44 -26.54 59.19
C ARG IA 38 54.53 -27.43 57.96
N PHE IA 39 54.81 -26.80 56.83
CA PHE IA 39 54.91 -27.49 55.55
C PHE IA 39 56.24 -27.15 54.91
N ASN IA 40 57.00 -28.18 54.57
CA ASN IA 40 58.28 -28.03 53.91
C ASN IA 40 58.38 -29.10 52.84
N ILE IA 41 58.78 -28.69 51.64
CA ILE IA 41 58.72 -29.59 50.50
C ILE IA 41 59.77 -30.68 50.57
N ASN IA 42 60.81 -30.50 51.37
CA ASN IA 42 61.81 -31.55 51.52
C ASN IA 42 61.22 -32.82 52.10
N ASP IA 43 60.14 -32.70 52.86
CA ASP IA 43 59.45 -33.86 53.38
C ASP IA 43 58.59 -34.57 52.35
N PHE IA 44 58.40 -33.97 51.17
CA PHE IA 44 57.66 -34.57 50.08
C PHE IA 44 58.55 -35.07 48.95
N LEU IA 45 59.56 -34.28 48.58
CA LEU IA 45 60.48 -34.63 47.51
C LEU IA 45 61.72 -35.26 48.09
N PRO IA 46 61.94 -36.56 47.97
CA PRO IA 46 63.21 -37.12 48.42
C PRO IA 46 64.33 -36.76 47.47
N PRO IA 47 65.58 -36.93 47.89
CA PRO IA 47 66.70 -36.51 47.04
C PRO IA 47 66.96 -37.48 45.91
N GLY IA 48 67.36 -36.94 44.77
CA GLY IA 48 67.71 -37.75 43.63
C GLY IA 48 69.11 -38.31 43.74
N GLY IA 49 69.84 -38.32 42.62
CA GLY IA 49 71.19 -38.81 42.60
C GLY IA 49 71.98 -38.37 41.40
N GLY IA 50 73.25 -38.05 41.61
CA GLY IA 50 74.11 -37.63 40.53
C GLY IA 50 74.00 -36.15 40.23
N SER IA 51 74.04 -35.81 38.93
CA SER IA 51 73.94 -34.42 38.54
C SER IA 51 72.56 -33.86 38.82
N ASN IA 52 71.54 -34.71 38.84
CA ASN IA 52 70.19 -34.30 39.18
C ASN IA 52 70.01 -34.45 40.68
N PRO IA 53 69.98 -33.37 41.47
CA PRO IA 53 70.00 -33.53 42.93
C PRO IA 53 68.66 -33.96 43.49
N LEU IA 54 67.58 -33.53 42.85
CA LEU IA 54 66.22 -33.85 43.27
C LEU IA 54 65.65 -34.99 42.44
N THR IA 55 64.51 -35.50 42.89
CA THR IA 55 63.78 -36.52 42.15
C THR IA 55 62.93 -35.93 41.04
N VAL IA 56 62.55 -34.67 41.15
CA VAL IA 56 61.75 -33.97 40.15
C VAL IA 56 62.68 -33.03 39.40
N PRO IA 57 62.83 -33.15 38.09
CA PRO IA 57 63.77 -32.26 37.41
C PRO IA 57 63.17 -30.89 37.08
N PHE IA 58 63.17 -30.03 38.09
CA PHE IA 58 62.75 -28.65 37.91
C PHE IA 58 63.56 -27.77 38.85
N GLU IA 59 63.57 -26.48 38.54
CA GLU IA 59 64.36 -25.50 39.27
C GLU IA 59 63.53 -24.68 40.25
N TYR IA 60 62.47 -24.08 39.76
CA TYR IA 60 61.62 -23.21 40.55
C TYR IA 60 60.36 -23.96 40.98
N TYR IA 61 59.63 -23.35 41.91
CA TYR IA 61 58.37 -23.91 42.35
C TYR IA 61 57.61 -22.87 43.15
N ARG IA 62 56.30 -23.10 43.27
CA ARG IA 62 55.45 -22.28 44.12
C ARG IA 62 54.24 -23.10 44.49
N ILE IA 63 53.92 -23.12 45.78
CA ILE IA 63 52.82 -23.94 46.28
C ILE IA 63 51.52 -23.16 46.11
N ARG IA 64 50.61 -23.72 45.32
CA ARG IA 64 49.34 -23.10 45.08
C ARG IA 64 48.39 -23.31 46.25
N LYS IA 65 48.20 -24.57 46.65
CA LYS IA 65 47.21 -24.94 47.64
C LYS IA 65 47.74 -26.08 48.48
N VAL IA 66 47.11 -26.26 49.64
CA VAL IA 66 47.38 -27.37 50.52
C VAL IA 66 46.05 -27.90 51.02
N LYS IA 67 45.92 -29.21 51.07
CA LYS IA 67 44.72 -29.88 51.57
C LYS IA 67 45.15 -30.80 52.69
N VAL IA 68 44.97 -30.34 53.91
CA VAL IA 68 45.17 -31.17 55.07
C VAL IA 68 43.94 -32.02 55.29
N GLU IA 69 44.13 -33.21 55.83
CA GLU IA 69 43.06 -34.17 56.04
C GLU IA 69 43.32 -34.90 57.34
N PHE IA 70 42.34 -34.86 58.24
CA PHE IA 70 42.44 -35.51 59.53
C PHE IA 70 41.63 -36.81 59.48
N TRP IA 71 42.21 -37.80 58.84
CA TRP IA 71 41.59 -39.11 58.82
C TRP IA 71 41.73 -39.73 60.20
N PRO IA 72 40.66 -39.89 60.98
CA PRO IA 72 40.81 -40.34 62.36
C PRO IA 72 41.26 -41.79 62.43
N CYS IA 73 41.57 -42.18 63.67
CA CYS IA 73 41.91 -43.54 64.01
C CYS IA 73 41.05 -44.09 65.13
N SER IA 74 40.15 -43.31 65.68
CA SER IA 74 39.30 -43.73 66.77
C SER IA 74 37.99 -44.27 66.24
N PRO IA 75 37.29 -45.10 67.00
CA PRO IA 75 36.05 -45.70 66.51
C PRO IA 75 34.87 -44.76 66.69
N ILE IA 76 33.76 -45.14 66.05
CA ILE IA 76 32.53 -44.39 66.17
C ILE IA 76 31.98 -44.46 67.58
N THR IA 77 32.24 -45.56 68.30
CA THR IA 77 31.62 -45.80 69.58
C THR IA 77 32.39 -45.19 70.74
N GLN IA 78 33.22 -44.18 70.47
CA GLN IA 78 34.02 -43.56 71.51
C GLN IA 78 33.24 -42.46 72.18
N GLY IA 79 33.35 -42.39 73.50
CA GLY IA 79 32.64 -41.42 74.30
C GLY IA 79 33.53 -40.25 74.71
N ASP IA 80 32.95 -39.41 75.57
CA ASP IA 80 33.58 -38.17 76.00
C ASP IA 80 34.03 -37.36 74.80
N ARG IA 81 33.08 -37.08 73.93
CA ARG IA 81 33.38 -36.37 72.70
C ARG IA 81 33.76 -34.94 73.04
N GLY IA 82 34.06 -34.17 72.02
CA GLY IA 82 34.48 -32.81 72.22
C GLY IA 82 34.31 -32.00 70.98
N VAL IA 83 35.01 -30.87 70.95
CA VAL IA 83 34.92 -29.94 69.83
C VAL IA 83 36.19 -29.10 69.83
N GLY IA 84 36.76 -28.93 68.65
CA GLY IA 84 38.02 -28.24 68.48
C GLY IA 84 37.93 -27.15 67.43
N SER IA 85 39.09 -26.73 66.91
CA SER IA 85 39.11 -25.65 65.94
C SER IA 85 40.43 -25.67 65.20
N THR IA 86 40.35 -25.42 63.90
CA THR IA 86 41.50 -25.26 63.03
C THR IA 86 41.47 -23.88 62.40
N ALA IA 87 42.63 -23.25 62.36
CA ALA IA 87 42.75 -21.90 61.86
C ALA IA 87 43.99 -21.79 61.00
N VAL IA 88 43.97 -20.80 60.12
CA VAL IA 88 45.03 -20.58 59.14
C VAL IA 88 45.92 -19.46 59.67
N ILE IA 89 47.22 -19.77 59.76
CA ILE IA 89 48.21 -18.86 60.33
C ILE IA 89 49.29 -18.68 59.29
N LEU IA 90 49.36 -17.48 58.70
CA LEU IA 90 50.17 -17.24 57.53
C LEU IA 90 51.44 -16.44 57.86
N ASP IA 91 51.81 -16.37 59.14
CA ASP IA 91 52.89 -15.48 59.58
C ASP IA 91 53.87 -16.13 60.55
N ASP IA 92 53.77 -17.43 60.79
CA ASP IA 92 54.64 -18.14 61.72
C ASP IA 92 54.46 -17.63 63.14
N ASN IA 93 53.30 -17.07 63.43
CA ASN IA 93 52.94 -16.63 64.78
C ASN IA 93 51.79 -17.52 65.22
N PHE IA 94 52.15 -18.68 65.73
CA PHE IA 94 51.17 -19.60 66.27
C PHE IA 94 50.90 -19.23 67.72
N VAL IA 95 50.07 -20.02 68.37
CA VAL IA 95 49.68 -19.82 69.75
C VAL IA 95 50.31 -20.96 70.54
N THR IA 96 51.00 -20.60 71.62
CA THR IA 96 52.02 -21.42 72.26
C THR IA 96 51.57 -22.85 72.46
N LYS IA 97 52.46 -23.78 72.14
CA LYS IA 97 52.20 -25.20 72.27
C LYS IA 97 51.85 -25.54 73.70
N ALA IA 98 50.72 -26.21 73.89
CA ALA IA 98 50.21 -26.48 75.22
C ALA IA 98 49.41 -27.77 75.20
N ASN IA 99 49.58 -28.56 76.26
CA ASN IA 99 48.84 -29.81 76.40
C ASN IA 99 47.47 -29.60 77.02
N ALA IA 100 47.28 -28.52 77.79
CA ALA IA 100 46.02 -28.28 78.47
C ALA IA 100 45.84 -26.77 78.60
N LEU IA 101 44.87 -26.23 77.88
CA LEU IA 101 44.53 -24.82 77.95
C LEU IA 101 43.04 -24.69 78.18
N THR IA 102 42.66 -23.76 79.04
CA THR IA 102 41.28 -23.66 79.51
C THR IA 102 40.34 -23.08 78.49
N TYR IA 103 40.80 -22.77 77.28
CA TYR IA 103 39.93 -22.20 76.27
C TYR IA 103 40.46 -22.54 74.89
N ASP IA 104 39.61 -22.37 73.90
CA ASP IA 104 39.96 -22.61 72.51
C ASP IA 104 40.46 -21.31 71.91
N PRO IA 105 41.77 -21.13 71.73
CA PRO IA 105 42.23 -19.82 71.25
C PRO IA 105 41.93 -19.58 69.80
N TYR IA 106 41.83 -20.64 69.00
CA TYR IA 106 41.55 -20.51 67.58
C TYR IA 106 40.07 -20.52 67.26
N VAL IA 107 39.22 -20.18 68.23
CA VAL IA 107 37.78 -20.28 68.01
C VAL IA 107 37.24 -19.01 67.35
N ASN IA 108 37.70 -17.85 67.78
CA ASN IA 108 37.22 -16.59 67.24
C ASN IA 108 37.98 -16.15 66.00
N TYR IA 109 39.04 -16.89 65.62
CA TYR IA 109 39.75 -16.58 64.40
C TYR IA 109 38.80 -16.64 63.20
N SER IA 110 38.95 -15.65 62.32
CA SER IA 110 38.08 -15.58 61.16
C SER IA 110 38.24 -16.79 60.25
N SER IA 111 39.43 -17.41 60.25
CA SER IA 111 39.70 -18.60 59.46
C SER IA 111 39.37 -19.88 60.22
N ARG IA 112 38.46 -19.81 61.18
CA ARG IA 112 38.15 -20.97 62.00
C ARG IA 112 37.16 -21.87 61.27
N HIS IA 113 37.47 -23.16 61.28
CA HIS IA 113 36.57 -24.20 60.78
C HIS IA 113 36.49 -25.26 61.87
N THR IA 114 35.28 -25.49 62.35
CA THR IA 114 35.10 -26.31 63.54
C THR IA 114 35.46 -27.77 63.26
N ILE IA 115 35.99 -28.42 64.28
CA ILE IA 115 36.24 -29.85 64.26
C ILE IA 115 35.21 -30.52 65.16
N THR IA 116 34.63 -31.60 64.66
CA THR IA 116 33.92 -32.55 65.50
C THR IA 116 34.87 -33.66 65.84
N GLN IA 117 34.80 -34.14 67.06
CA GLN IA 117 35.75 -35.12 67.59
C GLN IA 117 35.01 -36.30 68.17
N PRO IA 118 35.67 -37.45 68.31
CA PRO IA 118 37.01 -37.86 67.88
C PRO IA 118 37.04 -38.75 66.65
N PHE IA 119 35.89 -38.97 66.02
CA PHE IA 119 35.78 -39.94 64.93
C PHE IA 119 35.43 -39.32 63.59
N SER IA 120 35.47 -38.00 63.48
CA SER IA 120 35.03 -37.33 62.27
C SER IA 120 36.23 -36.92 61.42
N TYR IA 121 35.94 -36.63 60.16
CA TYR IA 121 36.92 -36.19 59.18
C TYR IA 121 36.84 -34.68 59.03
N HIS IA 122 38.00 -34.05 58.91
CA HIS IA 122 38.08 -32.61 58.76
C HIS IA 122 39.17 -32.27 57.77
N SER IA 123 38.87 -31.33 56.88
CA SER IA 123 39.77 -30.95 55.81
C SER IA 123 39.81 -29.44 55.68
N ARG IA 124 40.96 -28.94 55.23
CA ARG IA 124 41.21 -27.51 55.13
C ARG IA 124 42.01 -27.25 53.86
N TYR IA 125 41.37 -26.67 52.87
CA TYR IA 125 41.93 -26.43 51.55
C TYR IA 125 42.22 -24.94 51.43
N PHE IA 126 43.49 -24.58 51.55
CA PHE IA 126 43.89 -23.20 51.61
C PHE IA 126 45.21 -22.99 50.90
N THR IA 127 45.58 -21.72 50.77
CA THR IA 127 46.83 -21.31 50.16
C THR IA 127 47.83 -20.97 51.25
N PRO IA 128 48.93 -21.69 51.39
CA PRO IA 128 49.93 -21.31 52.38
C PRO IA 128 50.81 -20.19 51.83
N LYS IA 129 51.68 -19.70 52.71
CA LYS IA 129 52.61 -18.66 52.37
C LYS IA 129 53.97 -19.04 52.93
N PRO IA 130 55.05 -18.58 52.30
CA PRO IA 130 56.38 -18.92 52.80
C PRO IA 130 56.86 -17.95 53.86
N VAL IA 131 57.97 -18.33 54.49
CA VAL IA 131 58.58 -17.56 55.56
C VAL IA 131 59.80 -16.89 54.94
N LEU IA 132 59.60 -15.67 54.44
CA LEU IA 132 60.70 -14.92 53.84
C LEU IA 132 61.52 -14.19 54.89
N ASP IA 133 60.87 -13.58 55.87
CA ASP IA 133 61.55 -12.86 56.94
C ASP IA 133 60.82 -13.14 58.25
N ARG IA 134 61.51 -13.82 59.16
CA ARG IA 134 60.90 -14.14 60.44
C ARG IA 134 60.75 -12.90 61.31
N THR IA 135 61.70 -11.98 61.22
CA THR IA 135 61.63 -10.75 62.02
C THR IA 135 60.42 -9.92 61.65
N ILE IA 136 60.14 -9.81 60.35
CA ILE IA 136 59.11 -8.93 59.84
C ILE IA 136 57.82 -9.70 59.61
N ASP IA 137 57.93 -10.95 59.15
CA ASP IA 137 56.79 -11.83 58.94
C ASP IA 137 55.78 -11.20 57.98
N TYR IA 138 56.21 -11.00 56.76
CA TYR IA 138 55.36 -10.49 55.70
C TYR IA 138 54.97 -11.61 54.74
N PHE IA 139 53.86 -11.38 54.05
CA PHE IA 139 53.36 -12.31 53.07
C PHE IA 139 52.40 -11.58 52.17
N GLN IA 140 52.18 -12.12 51.00
CA GLN IA 140 51.38 -11.46 50.01
C GLN IA 140 50.00 -12.09 49.90
N PRO IA 141 49.04 -11.39 49.32
CA PRO IA 141 47.70 -11.98 49.19
C PRO IA 141 47.66 -13.17 48.26
N ASN IA 142 46.46 -13.70 48.07
CA ASN IA 142 46.25 -14.83 47.17
C ASN IA 142 45.95 -14.27 45.80
N ASN IA 143 46.97 -14.26 44.94
CA ASN IA 143 46.80 -13.91 43.53
C ASN IA 143 47.69 -14.85 42.73
N LYS IA 144 47.07 -15.63 41.85
CA LYS IA 144 47.79 -16.67 41.15
C LYS IA 144 48.83 -16.09 40.20
N ARG IA 145 48.47 -15.05 39.45
CA ARG IA 145 49.37 -14.51 38.45
C ARG IA 145 50.65 -14.00 39.07
N ASN IA 146 50.54 -13.19 40.12
CA ASN IA 146 51.68 -12.50 40.70
C ASN IA 146 52.24 -13.21 41.91
N GLN IA 147 51.90 -14.48 42.11
CA GLN IA 147 52.51 -15.25 43.18
C GLN IA 147 53.98 -15.48 42.89
N LEU IA 148 54.77 -15.54 43.94
CA LEU IA 148 56.20 -15.63 43.81
C LEU IA 148 56.63 -17.03 43.39
N TRP IA 149 57.83 -17.09 42.82
CA TRP IA 149 58.51 -18.33 42.53
C TRP IA 149 59.66 -18.49 43.52
N LEU IA 150 60.04 -19.74 43.75
CA LEU IA 150 61.06 -20.08 44.72
C LEU IA 150 61.95 -21.16 44.14
N ARG IA 151 63.25 -20.99 44.35
CA ARG IA 151 64.20 -22.00 43.94
C ARG IA 151 63.96 -23.29 44.70
N LEU IA 152 64.03 -24.40 43.98
CA LEU IA 152 63.83 -25.72 44.57
C LEU IA 152 65.19 -26.20 45.06
N GLN IA 153 65.49 -25.88 46.30
CA GLN IA 153 66.76 -26.26 46.88
C GLN IA 153 66.76 -27.74 47.23
N THR IA 154 67.94 -28.25 47.54
CA THR IA 154 68.16 -29.67 47.78
C THR IA 154 67.90 -30.06 49.23
N THR IA 155 68.37 -29.24 50.19
CA THR IA 155 68.29 -29.59 51.60
C THR IA 155 67.78 -28.47 52.49
N GLY IA 156 67.61 -27.25 51.97
CA GLY IA 156 67.28 -26.10 52.79
C GLY IA 156 66.10 -25.30 52.29
N ASN IA 157 65.08 -25.99 51.81
CA ASN IA 157 63.89 -25.29 51.35
C ASN IA 157 63.19 -24.60 52.51
N VAL IA 158 62.50 -23.53 52.19
CA VAL IA 158 61.91 -22.67 53.21
C VAL IA 158 60.64 -23.31 53.74
N ASP IA 159 60.34 -23.02 55.00
CA ASP IA 159 59.24 -23.64 55.72
C ASP IA 159 57.98 -22.84 55.45
N HIS IA 160 57.15 -23.34 54.53
CA HIS IA 160 55.80 -22.81 54.39
C HIS IA 160 55.02 -23.00 55.68
N VAL IA 161 53.92 -22.27 55.78
CA VAL IA 161 53.14 -22.18 57.00
C VAL IA 161 51.68 -22.00 56.59
N GLY IA 162 50.79 -22.05 57.57
CA GLY IA 162 49.37 -21.96 57.28
C GLY IA 162 48.36 -22.75 58.07
N LEU IA 163 48.72 -23.43 59.16
CA LEU IA 163 47.68 -24.09 59.94
C LEU IA 163 48.06 -24.25 61.40
N GLY IA 164 47.08 -24.05 62.25
CA GLY IA 164 47.22 -24.33 63.67
C GLY IA 164 45.95 -24.97 64.19
N THR IA 165 46.11 -25.81 65.20
CA THR IA 165 45.06 -26.69 65.67
C THR IA 165 44.81 -26.47 67.16
N ALA IA 166 43.62 -26.90 67.58
CA ALA IA 166 43.26 -26.91 69.00
C ALA IA 166 42.22 -28.01 69.19
N PHE IA 167 42.66 -29.13 69.72
CA PHE IA 167 41.79 -30.28 69.97
C PHE IA 167 41.42 -30.33 71.44
N GLU IA 168 40.17 -30.70 71.70
CA GLU IA 168 39.67 -30.76 73.06
C GLU IA 168 40.10 -32.07 73.69
N ASN IA 169 40.72 -31.98 74.87
CA ASN IA 169 41.22 -33.16 75.54
C ASN IA 169 40.07 -34.07 75.94
N SER IA 170 40.40 -35.34 76.16
CA SER IA 170 39.42 -36.34 76.51
C SER IA 170 40.07 -37.40 77.37
N ILE IA 171 39.23 -38.20 78.04
CA ILE IA 171 39.71 -39.27 78.88
C ILE IA 171 40.50 -40.28 78.06
N TYR IA 172 40.02 -40.56 76.84
CA TYR IA 172 40.60 -41.55 75.97
C TYR IA 172 41.55 -40.90 74.98
N ASP IA 173 42.52 -41.68 74.52
CA ASP IA 173 43.40 -41.22 73.47
C ASP IA 173 42.63 -40.97 72.20
N GLN IA 174 42.99 -39.90 71.50
CA GLN IA 174 42.40 -39.53 70.22
C GLN IA 174 43.53 -39.55 69.20
N ASP IA 175 43.78 -40.72 68.64
CA ASP IA 175 44.77 -40.86 67.60
C ASP IA 175 44.19 -40.42 66.27
N TYR IA 176 45.04 -39.82 65.44
CA TYR IA 176 44.66 -39.35 64.13
C TYR IA 176 45.70 -39.79 63.12
N ASN IA 177 45.30 -39.76 61.85
CA ASN IA 177 46.15 -40.13 60.73
C ASN IA 177 46.08 -38.96 59.75
N ILE IA 178 47.03 -38.05 59.88
CA ILE IA 178 47.01 -36.83 59.10
C ILE IA 178 47.60 -37.10 57.73
N ARG IA 179 46.99 -36.50 56.71
CA ARG IA 179 47.48 -36.54 55.34
C ARG IA 179 47.62 -35.12 54.86
N ILE IA 180 48.83 -34.74 54.46
CA ILE IA 180 49.12 -33.41 53.97
C ILE IA 180 49.31 -33.48 52.47
N THR IA 181 48.25 -33.21 51.73
CA THR IA 181 48.31 -33.13 50.29
C THR IA 181 48.70 -31.73 49.87
N MET IA 182 49.60 -31.66 48.90
CA MET IA 182 50.14 -30.40 48.42
C MET IA 182 49.97 -30.33 46.91
N TYR IA 183 49.61 -29.15 46.43
CA TYR IA 183 49.39 -28.90 45.01
C TYR IA 183 50.42 -27.87 44.56
N VAL IA 184 51.45 -28.36 43.89
CA VAL IA 184 52.63 -27.59 43.58
C VAL IA 184 52.63 -27.26 42.10
N GLN IA 185 53.45 -26.29 41.73
CA GLN IA 185 53.58 -25.85 40.35
C GLN IA 185 55.04 -25.55 40.10
N PHE IA 186 55.70 -26.41 39.34
CA PHE IA 186 57.13 -26.31 39.07
C PHE IA 186 57.37 -25.55 37.77
N ARG IA 187 58.63 -25.41 37.41
CA ARG IA 187 59.02 -24.61 36.25
C ARG IA 187 60.48 -24.88 35.93
N GLU IA 188 60.86 -24.59 34.69
CA GLU IA 188 62.22 -24.68 34.20
C GLU IA 188 62.80 -26.09 34.34
N PHE IA 189 62.25 -26.97 33.51
CA PHE IA 189 62.72 -28.35 33.41
C PHE IA 189 64.22 -28.38 33.16
N ASN IA 190 64.98 -28.85 34.15
CA ASN IA 190 66.43 -28.72 34.19
C ASN IA 190 67.12 -30.07 34.28
N LEU IA 191 66.68 -31.02 33.48
CA LEU IA 191 67.26 -32.35 33.54
C LEU IA 191 68.63 -32.36 32.89
N LYS IA 192 69.53 -33.14 33.48
CA LYS IA 192 70.85 -33.40 32.93
C LYS IA 192 70.89 -34.79 32.33
N ASP IA 193 71.79 -34.97 31.37
CA ASP IA 193 71.98 -36.26 30.70
C ASP IA 193 73.46 -36.46 30.43
N PRO IA 194 74.22 -36.88 31.44
CA PRO IA 194 75.60 -37.26 31.21
C PRO IA 194 75.67 -38.53 30.38
N PRO IA 195 76.84 -38.90 29.89
CA PRO IA 195 76.97 -40.19 29.19
C PRO IA 195 76.96 -41.36 30.15
N LEU IA 196 77.21 -42.56 29.63
CA LEU IA 196 77.20 -43.79 30.42
C LEU IA 196 75.82 -44.05 31.00
N TYR JA 1 39.51 -12.22 42.24
CA TYR JA 1 40.25 -13.28 42.89
C TYR JA 1 40.51 -12.95 44.38
N ARG JA 2 39.43 -12.65 45.11
CA ARG JA 2 39.44 -12.42 46.55
C ARG JA 2 40.53 -11.43 46.96
N TRP JA 3 40.38 -10.10 46.72
CA TRP JA 3 39.10 -9.35 46.62
C TRP JA 3 38.22 -9.39 47.89
N ARG JA 4 38.62 -8.73 48.90
CA ARG JA 4 39.27 -8.73 50.22
C ARG JA 4 39.04 -9.95 51.12
N ARG JA 5 37.83 -10.39 51.50
CA ARG JA 5 36.49 -9.86 51.28
C ARG JA 5 35.84 -9.46 52.62
N LYS JA 6 35.69 -10.47 53.50
CA LYS JA 6 35.12 -10.34 54.84
C LYS JA 6 35.97 -11.04 55.89
N ASN JA 7 37.10 -11.63 55.52
CA ASN JA 7 37.75 -12.68 56.32
C ASN JA 7 38.50 -12.13 57.53
N GLY JA 8 38.06 -11.00 58.08
CA GLY JA 8 38.66 -10.32 59.19
C GLY JA 8 38.93 -8.87 58.87
N ILE JA 9 38.53 -8.43 57.69
CA ILE JA 9 38.92 -7.13 57.19
C ILE JA 9 38.22 -6.06 58.00
N PHE JA 10 38.99 -5.10 58.50
CA PHE JA 10 38.45 -3.99 59.27
C PHE JA 10 39.27 -2.75 58.95
N ASN JA 11 38.81 -1.99 57.98
CA ASN JA 11 39.43 -0.72 57.67
C ASN JA 11 39.10 0.29 58.76
N THR JA 12 40.10 1.04 59.17
CA THR JA 12 39.94 2.00 60.26
C THR JA 12 40.94 3.11 60.08
N ARG JA 13 41.09 3.92 61.12
CA ARG JA 13 41.93 5.10 61.10
C ARG JA 13 42.61 5.24 62.45
N LEU JA 14 43.81 5.82 62.42
CA LEU JA 14 44.57 6.10 63.63
C LEU JA 14 45.26 7.44 63.45
N SER JA 15 45.56 8.07 64.57
CA SER JA 15 46.13 9.40 64.56
C SER JA 15 46.91 9.64 65.84
N ARG JA 16 47.93 10.47 65.73
CA ARG JA 16 48.70 10.91 66.87
C ARG JA 16 49.14 12.35 66.60
N THR JA 17 49.88 12.92 67.54
CA THR JA 17 50.23 14.33 67.48
C THR JA 17 51.58 14.54 68.13
N ILE JA 18 52.35 15.46 67.57
CA ILE JA 18 53.69 15.78 68.06
C ILE JA 18 54.04 17.19 67.64
N GLY JA 19 54.95 17.80 68.39
CA GLY JA 19 55.44 19.13 68.10
C GLY JA 19 56.77 19.06 67.37
N TYR JA 20 56.95 20.00 66.44
CA TYR JA 20 58.18 20.13 65.69
C TYR JA 20 58.56 21.60 65.66
N THR JA 21 59.81 21.88 65.99
CA THR JA 21 60.26 23.23 66.32
C THR JA 21 61.46 23.56 65.44
N VAL JA 22 61.23 24.40 64.43
CA VAL JA 22 62.31 24.95 63.63
C VAL JA 22 62.84 26.18 64.35
N LYS JA 23 64.13 26.15 64.68
CA LYS JA 23 64.70 27.14 65.58
C LYS JA 23 65.14 28.38 64.82
N LYS JA 24 65.54 29.38 65.57
CA LYS JA 24 66.01 30.65 65.02
C LYS JA 24 67.40 30.50 64.42
N THR JA 25 67.87 31.59 63.82
CA THR JA 25 69.24 31.70 63.36
C THR JA 25 69.51 33.16 63.02
N THR JA 26 70.69 33.64 63.40
CA THR JA 26 71.10 34.98 63.02
C THR JA 26 71.41 35.09 61.53
N VAL JA 27 71.63 33.97 60.85
CA VAL JA 27 71.86 33.98 59.41
C VAL JA 27 70.66 34.61 58.73
N ARG JA 28 70.93 35.39 57.69
CA ARG JA 28 69.91 36.05 56.90
C ARG JA 28 69.82 35.53 55.48
N THR JA 29 70.86 34.86 54.99
CA THR JA 29 70.79 34.24 53.69
C THR JA 29 69.80 33.08 53.74
N PRO JA 30 69.20 32.71 52.62
CA PRO JA 30 68.27 31.58 52.62
C PRO JA 30 68.97 30.31 53.04
N SER JA 31 68.51 29.75 54.16
CA SER JA 31 69.03 28.50 54.68
C SER JA 31 67.86 27.64 55.13
N TRP JA 32 67.98 26.34 54.91
CA TRP JA 32 66.92 25.38 55.16
C TRP JA 32 67.29 24.45 56.30
N ASN JA 33 66.26 23.88 56.91
CA ASN JA 33 66.39 22.94 58.03
C ASN JA 33 65.74 21.64 57.62
N VAL JA 34 66.56 20.65 57.35
CA VAL JA 34 66.10 19.39 56.78
C VAL JA 34 65.86 18.38 57.89
N ASP JA 35 64.82 17.58 57.74
CA ASP JA 35 64.51 16.53 58.69
C ASP JA 35 63.61 15.54 57.99
N MET JA 36 63.71 14.28 58.40
CA MET JA 36 62.94 13.19 57.84
C MET JA 36 61.71 12.95 58.70
N MET JA 37 60.99 11.88 58.40
CA MET JA 37 59.81 11.50 59.18
C MET JA 37 59.51 10.04 58.92
N ARG JA 38 59.46 9.26 59.99
CA ARG JA 38 59.20 7.82 59.94
C ARG JA 38 57.86 7.52 60.58
N PHE JA 39 57.27 6.40 60.16
CA PHE JA 39 55.97 5.96 60.63
C PHE JA 39 56.09 4.53 61.14
N ASN JA 40 55.68 4.32 62.38
CA ASN JA 40 55.70 3.00 62.99
C ASN JA 40 54.42 2.85 63.78
N ILE JA 41 53.74 1.73 63.60
CA ILE JA 41 52.40 1.57 64.16
C ILE JA 41 52.43 1.41 65.66
N ASN JA 42 53.57 1.06 66.25
CA ASN JA 42 53.64 0.94 67.70
C ASN JA 42 53.39 2.27 68.38
N ASP JA 43 53.65 3.37 67.68
CA ASP JA 43 53.36 4.69 68.22
C ASP JA 43 51.88 5.05 68.14
N PHE JA 44 51.07 4.24 67.45
CA PHE JA 44 49.63 4.44 67.36
C PHE JA 44 48.84 3.45 68.19
N LEU JA 45 49.24 2.18 68.16
CA LEU JA 45 48.55 1.13 68.90
C LEU JA 45 49.27 0.89 70.22
N PRO JA 46 48.73 1.29 71.37
CA PRO JA 46 49.36 0.94 72.63
C PRO JA 46 49.16 -0.52 72.94
N PRO JA 47 49.91 -1.07 73.89
CA PRO JA 47 49.81 -2.50 74.17
C PRO JA 47 48.58 -2.84 75.00
N GLY JA 48 48.01 -4.00 74.71
CA GLY JA 48 46.87 -4.48 75.46
C GLY JA 48 47.27 -5.12 76.77
N GLY JA 49 46.62 -6.22 77.11
CA GLY JA 49 46.93 -6.93 78.33
C GLY JA 49 46.41 -8.34 78.36
N GLY JA 50 47.20 -9.25 78.91
CA GLY JA 50 46.81 -10.64 79.02
C GLY JA 50 47.10 -11.43 77.77
N SER JA 51 46.19 -12.32 77.41
CA SER JA 51 46.38 -13.14 76.22
C SER JA 51 46.30 -12.30 74.96
N ASN JA 52 45.58 -11.20 75.00
CA ASN JA 52 45.52 -10.27 73.86
C ASN JA 52 46.63 -9.25 74.01
N PRO JA 53 47.71 -9.31 73.23
CA PRO JA 53 48.86 -8.45 73.50
C PRO JA 53 48.65 -7.02 73.06
N LEU JA 54 47.87 -6.84 72.00
CA LEU JA 54 47.56 -5.52 71.45
C LEU JA 54 46.20 -5.04 71.91
N THR JA 55 45.93 -3.76 71.64
CA THR JA 55 44.63 -3.19 71.92
C THR JA 55 43.61 -3.49 70.84
N VAL JA 56 44.06 -3.77 69.63
CA VAL JA 56 43.20 -4.10 68.49
C VAL JA 56 43.32 -5.60 68.26
N PRO JA 57 42.24 -6.37 68.33
CA PRO JA 57 42.40 -7.81 68.14
C PRO JA 57 42.44 -8.23 66.68
N PHE JA 58 43.63 -8.09 66.10
CA PHE JA 58 43.88 -8.57 64.74
C PHE JA 58 45.32 -9.01 64.64
N GLU JA 59 45.60 -9.81 63.61
CA GLU JA 59 46.91 -10.42 63.41
C GLU JA 59 47.71 -9.70 62.35
N TYR JA 60 47.14 -9.52 61.17
CA TYR JA 60 47.83 -8.92 60.04
C TYR JA 60 47.40 -7.47 59.89
N TYR JA 61 48.13 -6.75 59.04
CA TYR JA 61 47.79 -5.37 58.75
C TYR JA 61 48.58 -4.90 57.54
N ARG JA 62 48.09 -3.83 56.93
CA ARG JA 62 48.79 -3.17 55.84
C ARG JA 62 48.30 -1.74 55.76
N ILE JA 63 49.24 -0.82 55.71
CA ILE JA 63 48.91 0.61 55.71
C ILE JA 63 48.58 1.04 54.30
N ARG JA 64 47.35 1.48 54.10
CA ARG JA 64 46.91 1.94 52.79
C ARG JA 64 47.43 3.33 52.49
N LYS JA 65 47.18 4.28 53.39
CA LYS JA 65 47.47 5.68 53.16
C LYS JA 65 47.91 6.32 54.46
N VAL JA 66 48.56 7.47 54.31
CA VAL JA 66 48.96 8.31 55.43
C VAL JA 66 48.64 9.75 55.06
N LYS JA 67 48.11 10.49 56.01
CA LYS JA 67 47.79 11.90 55.84
C LYS JA 67 48.52 12.66 56.94
N VAL JA 68 49.64 13.24 56.57
CA VAL JA 68 50.35 14.13 57.47
C VAL JA 68 49.71 15.50 57.39
N GLU JA 69 49.76 16.23 58.49
CA GLU JA 69 49.13 17.54 58.59
C GLU JA 69 50.01 18.43 59.44
N PHE JA 70 50.41 19.57 58.89
CA PHE JA 70 51.25 20.54 59.57
C PHE JA 70 50.38 21.68 60.09
N TRP JA 71 49.67 21.40 61.16
CA TRP JA 71 48.88 22.44 61.80
C TRP JA 71 49.84 23.40 62.49
N PRO JA 72 50.00 24.63 62.03
CA PRO JA 72 51.02 25.49 62.61
C PRO JA 72 50.68 25.92 64.02
N CYS JA 73 51.66 26.58 64.64
CA CYS JA 73 51.53 27.18 65.95
C CYS JA 73 51.91 28.65 65.95
N SER JA 74 52.33 29.20 64.83
CA SER JA 74 52.75 30.59 64.73
C SER JA 74 51.58 31.45 64.29
N PRO JA 75 51.61 32.74 64.59
CA PRO JA 75 50.49 33.60 64.25
C PRO JA 75 50.56 34.06 62.79
N ILE JA 76 49.45 34.65 62.35
CA ILE JA 76 49.38 35.21 61.02
C ILE JA 76 50.31 36.40 60.86
N THR JA 77 50.56 37.13 61.94
CA THR JA 77 51.29 38.38 61.88
C THR JA 77 52.79 38.20 61.98
N GLN JA 78 53.31 37.00 61.68
CA GLN JA 78 54.72 36.72 61.79
C GLN JA 78 55.42 37.10 60.51
N GLY JA 79 56.59 37.71 60.65
CA GLY JA 79 57.37 38.17 59.52
C GLY JA 79 58.51 37.24 59.19
N ASP JA 80 59.34 37.71 58.26
CA ASP JA 80 60.45 36.92 57.72
C ASP JA 80 59.95 35.56 57.26
N ARG JA 81 58.98 35.61 56.37
CA ARG JA 81 58.36 34.39 55.88
C ARG JA 81 59.37 33.63 55.03
N GLY JA 82 58.94 32.50 54.52
CA GLY JA 82 59.81 31.67 53.74
C GLY JA 82 59.05 30.72 52.88
N VAL JA 83 59.75 29.69 52.42
CA VAL JA 83 59.16 28.69 51.55
C VAL JA 83 59.99 27.42 51.67
N GLY JA 84 59.29 26.29 51.78
CA GLY JA 84 59.90 25.00 52.00
C GLY JA 84 59.45 23.96 51.01
N SER JA 85 59.63 22.70 51.33
CA SER JA 85 59.28 21.63 50.42
C SER JA 85 59.15 20.32 51.17
N THR JA 86 58.15 19.54 50.81
CA THR JA 86 57.93 18.21 51.32
C THR JA 86 57.96 17.22 50.17
N ALA JA 87 58.62 16.11 50.38
CA ALA JA 87 58.79 15.10 49.36
C ALA JA 87 58.59 13.73 49.96
N VAL JA 88 58.26 12.78 49.09
CA VAL JA 88 57.95 11.42 49.47
C VAL JA 88 59.17 10.56 49.21
N ILE JA 89 59.64 9.87 50.25
CA ILE JA 89 60.85 9.07 50.20
C ILE JA 89 60.47 7.66 50.64
N LEU JA 90 60.50 6.73 49.69
CA LEU JA 90 59.93 5.40 49.89
C LEU JA 90 61.02 4.35 50.09
N ASP JA 91 62.26 4.75 50.38
CA ASP JA 91 63.38 3.83 50.39
C ASP JA 91 64.30 3.99 51.58
N ASP JA 92 63.94 4.81 52.57
CA ASP JA 92 64.78 5.06 53.74
C ASP JA 92 66.09 5.73 53.37
N ASN JA 93 66.11 6.43 52.25
CA ASN JA 93 67.26 7.20 51.80
C ASN JA 93 66.83 8.65 51.83
N PHE JA 94 66.93 9.24 53.01
CA PHE JA 94 66.63 10.65 53.17
C PHE JA 94 67.87 11.45 52.84
N VAL JA 95 67.77 12.76 53.01
CA VAL JA 95 68.85 13.69 52.75
C VAL JA 95 69.29 14.23 54.10
N THR JA 96 70.60 14.18 54.34
CA THR JA 96 71.19 14.22 55.67
C THR JA 96 70.61 15.33 56.53
N LYS JA 97 70.31 14.98 57.78
CA LYS JA 97 69.74 15.92 58.73
C LYS JA 97 70.66 17.09 58.93
N ALA JA 98 70.12 18.30 58.76
CA ALA JA 98 70.92 19.51 58.78
C ALA JA 98 70.07 20.65 59.30
N ASN JA 99 70.69 21.50 60.12
CA ASN JA 99 70.03 22.68 60.64
C ASN JA 99 70.10 23.86 59.70
N ALA JA 100 71.09 23.90 58.81
CA ALA JA 100 71.27 25.03 57.90
C ALA JA 100 71.92 24.50 56.64
N LEU JA 101 71.18 24.52 55.54
CA LEU JA 101 71.67 24.11 54.25
C LEU JA 101 71.33 25.20 53.24
N THR JA 102 72.28 25.48 52.36
CA THR JA 102 72.18 26.64 51.48
C THR JA 102 71.20 26.45 50.34
N TYR JA 103 70.49 25.32 50.27
CA TYR JA 103 69.56 25.09 49.19
C TYR JA 103 68.48 24.14 49.66
N ASP JA 104 67.40 24.10 48.91
CA ASP JA 104 66.28 23.21 49.18
C ASP JA 104 66.49 21.91 48.41
N PRO JA 105 66.93 20.83 49.06
CA PRO JA 105 67.23 19.63 48.29
C PRO JA 105 66.00 18.93 47.78
N TYR JA 106 64.87 19.05 48.47
CA TYR JA 106 63.64 18.40 48.07
C TYR JA 106 62.80 19.25 47.12
N VAL JA 107 63.41 20.21 46.43
CA VAL JA 107 62.64 21.12 45.59
C VAL JA 107 62.40 20.53 44.20
N ASN JA 108 63.40 19.89 43.62
CA ASN JA 108 63.27 19.32 42.29
C ASN JA 108 62.71 17.90 42.32
N TYR JA 109 62.50 17.32 43.50
CA TYR JA 109 61.89 16.01 43.59
C TYR JA 109 60.51 16.03 42.94
N SER JA 110 60.22 14.99 42.18
CA SER JA 110 58.96 14.90 41.48
C SER JA 110 57.78 14.88 42.44
N SER JA 111 57.99 14.36 43.65
CA SER JA 111 56.96 14.31 44.67
C SER JA 111 56.94 15.56 45.53
N ARG JA 112 57.42 16.68 45.02
CA ARG JA 112 57.51 17.90 45.80
C ARG JA 112 56.17 18.60 45.84
N HIS JA 113 55.77 19.01 47.03
CA HIS JA 113 54.60 19.84 47.24
C HIS JA 113 55.03 21.00 48.12
N THR JA 114 54.89 22.21 47.60
CA THR JA 114 55.46 23.38 48.24
C THR JA 114 54.78 23.66 49.56
N ILE JA 115 55.57 24.18 50.51
CA ILE JA 115 55.08 24.68 51.77
C ILE JA 115 55.16 26.19 51.75
N THR JA 116 54.09 26.83 52.18
CA THR JA 116 54.13 28.24 52.55
C THR JA 116 54.32 28.30 54.06
N GLN JA 117 55.12 29.25 54.50
CA GLN JA 117 55.53 29.35 55.89
C GLN JA 117 55.25 30.74 56.41
N PRO JA 118 55.16 30.92 57.73
CA PRO JA 118 55.15 29.97 58.83
C PRO JA 118 53.79 29.69 59.43
N PHE JA 119 52.73 30.23 58.84
CA PHE JA 119 51.39 30.18 59.43
C PHE JA 119 50.40 29.38 58.61
N SER JA 120 50.84 28.67 57.58
CA SER JA 120 49.95 27.98 56.68
C SER JA 120 49.86 26.50 57.03
N TYR JA 121 48.82 25.87 56.50
CA TYR JA 121 48.57 24.45 56.67
C TYR JA 121 49.02 23.70 55.42
N HIS JA 122 49.62 22.53 55.63
CA HIS JA 122 50.11 21.71 54.54
C HIS JA 122 49.84 20.25 54.87
N SER JA 123 49.37 19.53 53.86
CA SER JA 123 48.97 18.14 54.02
C SER JA 123 49.48 17.32 52.85
N ARG JA 124 49.76 16.05 53.12
CA ARG JA 124 50.36 15.14 52.16
C ARG JA 124 49.71 13.77 52.34
N TYR JA 125 48.87 13.39 51.39
CA TYR JA 125 48.09 12.16 51.43
C TYR JA 125 48.70 11.19 50.44
N PHE JA 126 49.44 10.21 50.95
CA PHE JA 126 50.20 9.31 50.11
C PHE JA 126 50.20 7.91 50.70
N THR JA 127 50.75 6.99 49.92
CA THR JA 127 50.88 5.60 50.31
C THR JA 127 52.31 5.34 50.78
N PRO JA 128 52.56 5.01 52.03
CA PRO JA 128 53.92 4.68 52.44
C PRO JA 128 54.25 3.25 52.06
N LYS JA 129 55.52 2.90 52.30
CA LYS JA 129 56.02 1.57 52.02
C LYS JA 129 56.85 1.13 53.21
N PRO JA 130 56.93 -0.18 53.47
CA PRO JA 130 57.71 -0.65 54.61
C PRO JA 130 59.17 -0.86 54.24
N VAL JA 131 59.96 -1.09 55.28
CA VAL JA 131 61.39 -1.29 55.15
C VAL JA 131 61.62 -2.79 55.33
N LEU JA 132 61.63 -3.51 54.21
CA LEU JA 132 61.85 -4.95 54.24
C LEU JA 132 63.33 -5.28 54.27
N ASP JA 133 64.15 -4.58 53.48
CA ASP JA 133 65.58 -4.81 53.43
C ASP JA 133 66.28 -3.47 53.33
N ARG JA 134 67.02 -3.11 54.37
CA ARG JA 134 67.72 -1.83 54.37
C ARG JA 134 68.90 -1.84 53.39
N THR JA 135 69.56 -2.99 53.25
CA THR JA 135 70.68 -3.08 52.32
C THR JA 135 70.24 -2.85 50.89
N ILE JA 136 69.11 -3.43 50.52
CA ILE JA 136 68.64 -3.41 49.14
C ILE JA 136 67.64 -2.28 48.92
N ASP JA 137 66.80 -2.03 49.92
CA ASP JA 137 65.83 -0.94 49.88
C ASP JA 137 64.90 -1.06 48.68
N TYR JA 138 64.13 -2.15 48.67
CA TYR JA 138 63.12 -2.37 47.66
C TYR JA 138 61.74 -2.10 48.20
N PHE JA 139 60.82 -1.82 47.27
CA PHE JA 139 59.44 -1.57 47.60
C PHE JA 139 58.62 -1.75 46.34
N GLN JA 140 57.35 -2.00 46.53
CA GLN JA 140 56.48 -2.31 45.42
C GLN JA 140 55.61 -1.12 45.06
N PRO JA 141 55.04 -1.12 43.87
CA PRO JA 141 54.18 0.01 43.48
C PRO JA 141 52.91 0.10 44.29
N ASN JA 142 52.08 1.07 43.95
CA ASN JA 142 50.80 1.26 44.62
C ASN JA 142 49.75 0.44 43.87
N ASN JA 143 49.45 -0.73 44.42
CA ASN JA 143 48.35 -1.56 43.91
C ASN JA 143 47.65 -2.16 45.11
N LYS JA 144 46.37 -1.84 45.25
CA LYS JA 144 45.65 -2.23 46.46
C LYS JA 144 45.49 -3.74 46.55
N ARG JA 145 45.14 -4.39 45.45
CA ARG JA 145 44.87 -5.83 45.49
C ARG JA 145 46.09 -6.61 45.94
N ASN JA 146 47.24 -6.34 45.33
CA ASN JA 146 48.44 -7.13 45.56
C ASN JA 146 49.38 -6.51 46.57
N GLN JA 147 48.90 -5.57 47.37
CA GLN JA 147 49.72 -5.03 48.44
C GLN JA 147 49.94 -6.08 49.51
N LEU JA 148 51.10 -6.01 50.14
CA LEU JA 148 51.51 -7.03 51.08
C LEU JA 148 50.75 -6.89 52.40
N TRP JA 149 50.72 -7.99 53.13
CA TRP JA 149 50.25 -8.03 54.50
C TRP JA 149 51.44 -8.20 55.42
N LEU JA 150 51.27 -7.73 56.65
CA LEU JA 150 52.33 -7.73 57.64
C LEU JA 150 51.77 -8.16 58.99
N ARG JA 151 52.50 -9.01 59.67
CA ARG JA 151 52.13 -9.42 61.01
C ARG JA 151 52.14 -8.21 61.94
N LEU JA 152 51.13 -8.13 62.79
CA LEU JA 152 51.00 -7.04 63.75
C LEU JA 152 51.74 -7.47 65.00
N GLN JA 153 53.01 -7.14 65.07
CA GLN JA 153 53.83 -7.52 66.20
C GLN JA 153 53.53 -6.62 67.38
N THR JA 154 54.04 -7.02 68.54
CA THR JA 154 53.75 -6.36 69.80
C THR JA 154 54.69 -5.21 70.08
N THR JA 155 55.99 -5.39 69.82
CA THR JA 155 57.00 -4.40 70.18
C THR JA 155 57.99 -4.09 69.07
N GLY JA 156 57.99 -4.84 67.98
CA GLY JA 156 59.00 -4.71 66.94
C GLY JA 156 58.45 -4.55 65.55
N ASN JA 157 57.39 -3.79 65.40
CA ASN JA 157 56.83 -3.56 64.09
C ASN JA 157 57.81 -2.78 63.22
N VAL JA 158 57.70 -2.98 61.92
CA VAL JA 158 58.67 -2.43 60.98
C VAL JA 158 58.36 -0.96 60.75
N ASP JA 159 59.41 -0.20 60.46
CA ASP JA 159 59.33 1.24 60.32
C ASP JA 159 58.94 1.57 58.89
N HIS JA 160 57.67 1.89 58.69
CA HIS JA 160 57.25 2.47 57.44
C HIS JA 160 57.93 3.82 57.22
N VAL JA 161 57.89 4.27 55.97
CA VAL JA 161 58.64 5.44 55.54
C VAL JA 161 57.81 6.13 54.46
N GLY JA 162 58.26 7.31 54.03
CA GLY JA 162 57.51 8.06 53.06
C GLY JA 162 57.46 9.57 53.13
N LEU JA 163 58.23 10.25 53.99
CA LEU JA 163 58.22 11.71 53.93
C LEU JA 163 59.51 12.33 54.43
N GLY JA 164 59.91 13.38 53.74
CA GLY JA 164 61.03 14.19 54.18
C GLY JA 164 60.72 15.65 53.95
N THR JA 165 61.28 16.50 54.81
CA THR JA 165 60.92 17.90 54.88
C THR JA 165 62.14 18.78 54.68
N ALA JA 166 61.87 20.04 54.33
CA ALA JA 166 62.89 21.06 54.25
C ALA JA 166 62.22 22.40 54.49
N PHE JA 167 62.37 22.94 55.69
CA PHE JA 167 61.78 24.21 56.07
C PHE JA 167 62.84 25.29 56.01
N GLU JA 168 62.43 26.47 55.55
CA GLU JA 168 63.34 27.59 55.42
C GLU JA 168 63.51 28.27 56.77
N ASN JA 169 64.75 28.45 57.19
CA ASN JA 169 65.02 29.03 58.48
C ASN JA 169 64.55 30.48 58.51
N SER JA 170 64.35 30.98 59.73
CA SER JA 170 63.85 32.33 59.94
C SER JA 170 64.40 32.85 61.25
N ILE JA 171 64.30 34.17 61.42
CA ILE JA 171 64.76 34.82 62.64
C ILE JA 171 63.97 34.32 63.83
N TYR JA 172 62.67 34.10 63.63
CA TYR JA 172 61.77 33.70 64.69
C TYR JA 172 61.57 32.19 64.68
N ASP JA 173 61.24 31.65 65.85
CA ASP JA 173 60.90 30.24 65.93
C ASP JA 173 59.64 29.96 65.14
N GLN JA 174 59.63 28.82 64.46
CA GLN JA 174 58.49 28.34 63.69
C GLN JA 174 58.08 27.02 64.31
N ASP JA 175 57.23 27.09 65.33
CA ASP JA 175 56.70 25.90 65.95
C ASP JA 175 55.54 25.37 65.12
N TYR JA 176 55.42 24.04 65.10
CA TYR JA 176 54.38 23.36 64.38
C TYR JA 176 53.76 22.30 65.27
N ASN JA 177 52.56 21.86 64.88
CA ASN JA 177 51.81 20.84 65.58
C ASN JA 177 51.45 19.80 64.54
N ILE JA 178 52.28 18.78 64.42
CA ILE JA 178 52.13 17.78 63.39
C ILE JA 178 51.10 16.76 63.84
N ARG JA 179 50.27 16.32 62.90
CA ARG JA 179 49.29 15.26 63.11
C ARG JA 179 49.52 14.21 62.03
N ILE JA 180 49.80 12.99 62.45
CA ILE JA 180 50.06 11.89 61.54
C ILE JA 180 48.86 10.97 61.57
N THR JA 181 47.94 11.16 60.63
CA THR JA 181 46.79 10.29 60.49
C THR JA 181 47.15 9.12 59.59
N MET JA 182 46.73 7.93 59.99
CA MET JA 182 47.04 6.70 59.31
C MET JA 182 45.76 5.95 59.01
N TYR JA 183 45.69 5.37 57.82
CA TYR JA 183 44.53 4.62 57.35
C TYR JA 183 44.96 3.18 57.15
N VAL JA 184 44.60 2.34 58.10
CA VAL JA 184 45.12 0.99 58.20
C VAL JA 184 44.02 0.03 57.80
N GLN JA 185 44.43 -1.21 57.52
CA GLN JA 185 43.50 -2.26 57.12
C GLN JA 185 43.99 -3.55 57.77
N PHE JA 186 43.26 -4.00 58.78
CA PHE JA 186 43.63 -5.18 59.55
C PHE JA 186 42.95 -6.42 58.99
N ARG JA 187 43.19 -7.56 59.63
CA ARG JA 187 42.70 -8.84 59.13
C ARG JA 187 42.88 -9.89 60.22
N GLU JA 188 42.10 -10.96 60.10
CA GLU JA 188 42.19 -12.13 60.97
C GLU JA 188 41.95 -11.77 62.44
N PHE JA 189 40.71 -11.43 62.72
CA PHE JA 189 40.26 -11.16 64.07
C PHE JA 189 40.61 -12.30 65.00
N ASN JA 190 41.52 -12.06 65.94
CA ASN JA 190 42.17 -13.10 66.73
C ASN JA 190 41.97 -12.87 68.21
N LEU JA 191 40.75 -12.56 68.61
CA LEU JA 191 40.48 -12.28 70.01
C LEU JA 191 40.48 -13.57 70.81
N LYS JA 192 40.99 -13.49 72.03
CA LYS JA 192 40.95 -14.58 72.99
C LYS JA 192 39.90 -14.28 74.05
N ASP JA 193 39.38 -15.34 74.65
CA ASP JA 193 38.38 -15.23 75.72
C ASP JA 193 38.63 -16.29 76.77
N PRO JA 194 39.60 -16.06 77.65
CA PRO JA 194 39.78 -16.96 78.79
C PRO JA 194 38.60 -16.85 79.74
N PRO JA 195 38.50 -17.75 80.71
CA PRO JA 195 37.45 -17.61 81.72
C PRO JA 195 37.78 -16.52 82.73
N LEU JA 196 36.95 -16.40 83.77
CA LEU JA 196 37.11 -15.37 84.80
C LEU JA 196 36.96 -13.98 84.20
N TYR KA 1 55.83 15.83 11.14
CA TYR KA 1 57.21 15.78 10.64
C TYR KA 1 58.22 15.75 11.79
N ARG KA 2 58.04 14.77 12.69
CA ARG KA 2 58.95 14.47 13.81
C ARG KA 2 59.30 15.75 14.60
N TRP KA 3 58.40 16.29 15.45
CA TRP KA 3 57.31 15.59 16.17
C TRP KA 3 57.79 14.48 17.14
N ARG KA 4 58.37 14.84 18.21
CA ARG KA 4 59.63 15.03 18.94
C ARG KA 4 60.75 14.01 18.67
N ARG KA 5 60.65 12.68 18.82
CA ARG KA 5 59.55 11.86 19.32
C ARG KA 5 59.97 11.12 20.60
N LYS KA 6 61.02 10.29 20.47
CA LYS KA 6 61.61 9.50 21.53
C LYS KA 6 63.13 9.61 21.55
N ASN KA 7 63.73 10.38 20.65
CA ASN KA 7 65.14 10.23 20.29
C ASN KA 7 66.11 10.78 21.34
N GLY KA 8 65.71 10.78 22.60
CA GLY KA 8 66.47 11.29 23.71
C GLY KA 8 65.66 12.28 24.52
N ILE KA 9 64.40 12.46 24.15
CA ILE KA 9 63.59 13.53 24.71
C ILE KA 9 63.29 13.21 26.16
N PHE KA 10 63.55 14.16 27.05
CA PHE KA 10 63.28 14.00 28.47
C PHE KA 10 62.85 15.35 29.01
N ASN KA 11 61.55 15.58 29.04
CA ASN KA 11 61.01 16.78 29.65
C ASN KA 11 61.13 16.66 31.16
N THR KA 12 61.55 17.74 31.80
CA THR KA 12 61.76 17.74 33.23
C THR KA 12 61.59 19.16 33.76
N ARG KA 13 62.00 19.36 35.00
CA ARG KA 13 61.82 20.62 35.70
C ARG KA 13 63.05 20.88 36.54
N LEU KA 14 63.34 22.16 36.72
CA LEU KA 14 64.44 22.60 37.57
C LEU KA 14 64.00 23.85 38.32
N SER KA 15 64.64 24.08 39.46
CA SER KA 15 64.25 25.18 40.31
C SER KA 15 65.43 25.59 41.17
N ARG KA 16 65.45 26.86 41.52
CA ARG KA 16 66.43 27.41 42.45
C ARG KA 16 65.75 28.50 43.24
N THR KA 17 66.51 29.13 44.14
CA THR KA 17 65.94 30.09 45.07
C THR KA 17 66.98 31.15 45.40
N ILE KA 18 66.50 32.38 45.56
CA ILE KA 18 67.36 33.52 45.86
C ILE KA 18 66.54 34.58 46.57
N GLY KA 19 67.24 35.42 47.33
CA GLY KA 19 66.62 36.53 48.03
C GLY KA 19 66.80 37.82 47.25
N TYR KA 20 65.77 38.66 47.30
CA TYR KA 20 65.80 39.97 46.67
C TYR KA 20 65.23 40.97 47.67
N THR KA 21 65.97 42.06 47.86
CA THR KA 21 65.75 42.98 48.98
C THR KA 21 65.57 44.38 48.43
N VAL KA 22 64.32 44.86 48.43
CA VAL KA 22 64.02 46.24 48.11
C VAL KA 22 64.19 47.06 49.38
N LYS KA 23 65.09 48.03 49.34
CA LYS KA 23 65.52 48.72 50.54
C LYS KA 23 64.59 49.88 50.87
N LYS KA 24 64.84 50.48 52.03
CA LYS KA 24 64.05 51.60 52.52
C LYS KA 24 64.40 52.87 51.76
N THR KA 25 63.67 53.93 52.07
CA THR KA 25 63.97 55.27 51.60
C THR KA 25 63.14 56.26 52.41
N THR KA 26 63.76 57.37 52.79
CA THR KA 26 63.04 58.45 53.45
C THR KA 26 62.09 59.16 52.51
N VAL KA 27 62.29 59.03 51.19
CA VAL KA 27 61.37 59.62 50.22
C VAL KA 27 59.98 59.08 50.46
N ARG KA 28 58.99 59.97 50.32
CA ARG KA 28 57.59 59.62 50.48
C ARG KA 28 56.80 59.71 49.19
N THR KA 29 57.31 60.41 48.19
CA THR KA 29 56.65 60.42 46.90
C THR KA 29 56.76 59.05 46.27
N PRO KA 30 55.84 58.68 45.37
CA PRO KA 30 55.95 57.37 44.72
C PRO KA 30 57.23 57.25 43.92
N SER KA 31 58.07 56.30 44.32
CA SER KA 31 59.32 56.02 43.64
C SER KA 31 59.46 54.52 43.52
N TRP KA 32 60.02 54.08 42.39
CA TRP KA 32 60.14 52.68 42.06
C TRP KA 32 61.60 52.24 42.04
N ASN KA 33 61.79 50.94 42.22
CA ASN KA 33 63.11 50.30 42.23
C ASN KA 33 63.13 49.27 41.12
N VAL KA 34 63.85 49.58 40.06
CA VAL KA 34 63.84 48.78 38.85
C VAL KA 34 65.01 47.81 38.88
N ASP KA 35 64.77 46.61 38.38
CA ASP KA 35 65.81 45.59 38.29
C ASP KA 35 65.35 44.56 37.26
N MET KA 36 66.32 43.96 36.60
CA MET KA 36 66.07 42.97 35.57
C MET KA 36 66.19 41.57 36.18
N MET KA 37 66.15 40.55 35.33
CA MET KA 37 66.28 39.18 35.78
C MET KA 37 66.67 38.31 34.60
N ARG KA 38 67.79 37.62 34.72
CA ARG KA 38 68.34 36.76 33.69
C ARG KA 38 68.27 35.31 34.13
N PHE KA 39 68.23 34.42 33.15
CA PHE KA 39 68.13 32.99 33.37
C PHE KA 39 69.25 32.28 32.63
N ASN KA 40 70.04 31.50 33.35
CA ASN KA 40 71.12 30.73 32.78
C ASN KA 40 71.11 29.36 33.43
N ILE KA 41 71.20 28.32 32.60
CA ILE KA 41 71.01 26.97 33.10
C ILE KA 41 72.17 26.50 33.97
N ASN KA 42 73.32 27.14 33.87
CA ASN KA 42 74.44 26.75 34.71
C ASN KA 42 74.14 26.96 36.18
N ASP KA 43 73.24 27.88 36.50
CA ASP KA 43 72.81 28.08 37.87
C ASP KA 43 71.84 27.03 38.35
N PHE KA 44 71.34 26.16 37.47
CA PHE KA 44 70.46 25.07 37.82
C PHE KA 44 71.14 23.72 37.78
N LEU KA 45 71.95 23.47 36.76
CA LEU KA 45 72.65 22.21 36.59
C LEU KA 45 74.06 22.34 37.14
N PRO KA 46 74.39 21.75 38.28
CA PRO KA 46 75.78 21.77 38.72
C PRO KA 46 76.63 20.83 37.89
N PRO KA 47 77.95 20.95 37.96
CA PRO KA 47 78.81 20.13 37.10
C PRO KA 47 78.94 18.72 37.62
N GLY KA 48 79.03 17.78 36.69
CA GLY KA 48 79.22 16.39 37.04
C GLY KA 48 80.66 16.07 37.34
N GLY KA 49 81.12 14.92 36.87
CA GLY KA 49 82.49 14.52 37.09
C GLY KA 49 82.95 13.42 36.17
N GLY KA 50 84.19 13.51 35.71
CA GLY KA 50 84.75 12.52 34.83
C GLY KA 50 84.41 12.74 33.38
N SER KA 51 84.14 11.66 32.65
CA SER KA 51 83.80 11.78 31.24
C SER KA 51 82.46 12.45 31.05
N ASN KA 52 81.56 12.34 32.03
CA ASN KA 52 80.28 13.03 31.99
C ASN KA 52 80.44 14.40 32.63
N PRO KA 53 80.46 15.49 31.86
CA PRO KA 53 80.80 16.78 32.47
C PRO KA 53 79.67 17.39 33.27
N LEU KA 54 78.44 17.11 32.86
CA LEU KA 54 77.25 17.61 33.54
C LEU KA 54 76.65 16.55 34.44
N THR KA 55 75.69 16.99 35.26
CA THR KA 55 74.94 16.07 36.12
C THR KA 55 73.81 15.38 35.38
N VAL KA 56 73.32 15.97 34.30
CA VAL KA 56 72.25 15.40 33.48
C VAL KA 56 72.90 14.88 32.20
N PRO KA 57 72.77 13.60 31.88
CA PRO KA 57 73.43 13.11 30.67
C PRO KA 57 72.63 13.36 29.40
N PHE KA 58 72.75 14.59 28.90
CA PHE KA 58 72.15 14.96 27.63
C PHE KA 58 73.03 15.99 26.96
N GLU KA 59 72.84 16.15 25.65
CA GLU KA 59 73.65 17.02 24.83
C GLU KA 59 72.95 18.33 24.51
N TYR KA 60 71.74 18.26 23.99
CA TYR KA 60 70.99 19.43 23.57
C TYR KA 60 69.94 19.78 24.62
N TYR KA 61 69.36 20.95 24.46
CA TYR KA 61 68.30 21.39 25.35
C TYR KA 61 67.61 22.61 24.76
N ARG KA 62 66.40 22.85 25.24
CA ARG KA 62 65.66 24.04 24.89
C ARG KA 62 64.64 24.32 25.98
N ILE KA 63 64.61 25.55 26.46
CA ILE KA 63 63.75 25.92 27.57
C ILE KA 63 62.36 26.24 27.02
N ARG KA 64 61.38 25.47 27.46
CA ARG KA 64 60.02 25.67 27.03
C ARG KA 64 59.37 26.82 27.76
N LYS KA 65 59.41 26.80 29.08
CA LYS KA 65 58.71 27.76 29.91
C LYS KA 65 59.52 28.06 31.15
N VAL KA 66 59.18 29.17 31.77
CA VAL KA 66 59.75 29.58 33.05
C VAL KA 66 58.62 30.09 33.92
N LYS KA 67 58.66 29.72 35.19
CA LYS KA 67 57.68 30.14 36.18
C LYS KA 67 58.44 30.80 37.32
N VAL KA 68 58.47 32.11 37.30
CA VAL KA 68 59.00 32.88 38.39
C VAL KA 68 57.94 33.00 39.46
N GLU KA 69 58.39 33.06 40.72
CA GLU KA 69 57.50 33.12 41.86
C GLU KA 69 58.11 34.04 42.90
N PHE KA 70 57.35 35.04 43.31
CA PHE KA 70 57.78 36.01 44.31
C PHE KA 70 57.14 35.65 45.65
N TRP KA 71 57.67 34.62 46.27
CA TRP KA 71 57.22 34.27 47.61
C TRP KA 71 57.72 35.32 48.58
N PRO KA 72 56.86 36.15 49.15
CA PRO KA 72 57.36 37.26 49.97
C PRO KA 72 57.97 36.77 51.28
N CYS KA 73 58.57 37.73 51.97
CA CYS KA 73 59.14 37.52 53.28
C CYS KA 73 58.60 38.52 54.30
N SER KA 74 57.74 39.46 53.90
CA SER KA 74 57.20 40.46 54.78
C SER KA 74 55.87 39.99 55.35
N PRO KA 75 55.46 40.54 56.49
CA PRO KA 75 54.22 40.08 57.11
C PRO KA 75 53.00 40.76 56.49
N ILE KA 76 51.84 40.22 56.85
CA ILE KA 76 50.58 40.78 56.41
C ILE KA 76 50.36 42.16 57.01
N THR KA 77 50.88 42.41 58.21
CA THR KA 77 50.58 43.63 58.93
C THR KA 77 51.51 44.78 58.58
N GLN KA 78 52.13 44.73 57.42
CA GLN KA 78 53.07 45.77 57.02
C GLN KA 78 52.32 46.89 56.32
N GLY KA 79 52.71 48.12 56.66
CA GLY KA 79 52.08 49.30 56.11
C GLY KA 79 52.88 49.93 55.00
N ASP KA 80 52.42 51.10 54.57
CA ASP KA 80 52.98 51.82 53.44
C ASP KA 80 53.07 50.90 52.24
N ARG KA 81 51.93 50.35 51.87
CA ARG KA 81 51.87 49.41 50.77
C ARG KA 81 52.16 50.14 49.48
N GLY KA 82 52.13 49.39 48.38
CA GLY KA 82 52.44 49.97 47.10
C GLY KA 82 51.92 49.12 45.98
N VAL KA 83 52.46 49.36 44.80
CA VAL KA 83 52.04 48.66 43.61
C VAL KA 83 53.17 48.72 42.60
N GLY KA 84 53.46 47.59 41.97
CA GLY KA 84 54.56 47.46 41.05
C GLY KA 84 54.14 46.87 39.73
N SER KA 85 55.09 46.35 38.97
CA SER KA 85 54.79 45.81 37.66
C SER KA 85 55.91 44.90 37.20
N THR KA 86 55.53 43.79 36.58
CA THR KA 86 56.45 42.85 35.97
C THR KA 86 56.14 42.74 34.50
N ALA KA 87 57.18 42.73 33.68
CA ALA KA 87 57.03 42.69 32.24
C ALA KA 87 58.05 41.73 31.66
N VAL KA 88 57.73 41.25 30.47
CA VAL KA 88 58.52 40.26 29.77
C VAL KA 88 59.38 40.97 28.74
N ILE KA 89 60.69 40.75 28.81
CA ILE KA 89 61.67 41.42 27.97
C ILE KA 89 62.47 40.33 27.29
N LEU KA 90 62.28 40.18 25.98
CA LEU KA 90 62.80 39.05 25.24
C LEU KA 90 64.00 39.41 24.38
N ASP KA 91 64.63 40.57 24.64
CA ASP KA 91 65.66 41.09 23.76
C ASP KA 91 66.89 41.62 24.48
N ASP KA 92 67.00 41.41 25.79
CA ASP KA 92 68.13 41.89 26.58
C ASP KA 92 68.19 43.42 26.58
N ASN KA 93 67.06 44.07 26.36
CA ASN KA 93 66.94 45.52 26.42
C ASN KA 93 66.03 45.82 27.60
N PHE KA 94 66.61 45.84 28.77
CA PHE KA 94 65.89 46.19 29.97
C PHE KA 94 65.89 47.71 30.12
N VAL KA 95 65.31 48.17 31.21
CA VAL KA 95 65.19 49.59 31.52
C VAL KA 95 66.11 49.83 32.70
N THR KA 96 66.96 50.85 32.58
CA THR KA 96 68.18 50.99 33.36
C THR KA 96 67.96 50.78 34.86
N LYS KA 97 68.85 50.01 35.46
CA LYS KA 97 68.78 49.71 36.87
C LYS KA 97 68.80 50.98 37.71
N ALA KA 98 67.81 51.11 38.57
CA ALA KA 98 67.62 52.33 39.33
C ALA KA 98 67.00 52.02 40.67
N ASN KA 99 67.46 52.70 41.71
CA ASN KA 99 66.92 52.53 43.04
C ASN KA 99 65.70 53.40 43.29
N ALA KA 100 65.56 54.49 42.55
CA ALA KA 100 64.44 55.42 42.75
C ALA KA 100 64.14 56.08 41.42
N LEU KA 101 62.98 55.76 40.86
CA LEU KA 101 62.50 56.35 39.63
C LEU KA 101 61.09 56.84 39.84
N THR KA 102 60.80 58.01 39.31
CA THR KA 102 59.55 58.71 39.60
C THR KA 102 58.35 58.12 38.91
N TYR KA 103 58.50 57.02 38.17
CA TYR KA 103 57.39 56.42 37.47
C TYR KA 103 57.65 54.93 37.28
N ASP KA 104 56.59 54.21 36.97
CA ASP KA 104 56.66 52.78 36.69
C ASP KA 104 56.87 52.58 35.20
N PRO KA 105 58.08 52.28 34.74
CA PRO KA 105 58.28 52.19 33.30
C PRO KA 105 57.66 50.97 32.67
N TYR KA 106 57.51 49.89 33.44
CA TYR KA 106 56.93 48.65 32.93
C TYR KA 106 55.42 48.61 33.10
N VAL KA 107 54.76 49.76 33.23
CA VAL KA 107 53.33 49.76 33.50
C VAL KA 107 52.52 49.66 32.22
N ASN KA 108 52.92 50.37 31.18
CA ASN KA 108 52.20 50.37 29.92
C ASN KA 108 52.63 49.24 29.00
N TYR KA 109 53.65 48.48 29.37
CA TYR KA 109 54.06 47.33 28.59
C TYR KA 109 52.90 46.35 28.44
N SER KA 110 52.73 45.84 27.23
CA SER KA 110 51.63 44.93 26.95
C SER KA 110 51.74 43.66 27.77
N SER KA 111 52.96 43.25 28.14
CA SER KA 111 53.19 42.09 28.96
C SER KA 111 53.18 42.40 30.45
N ARG KA 112 52.49 43.47 30.85
CA ARG KA 112 52.49 43.89 32.24
C ARG KA 112 51.49 43.07 33.03
N HIS KA 113 51.93 42.59 34.19
CA HIS KA 113 51.08 41.93 35.16
C HIS KA 113 51.34 42.59 36.49
N THR KA 114 50.31 43.17 37.08
CA THR KA 114 50.47 44.00 38.25
C THR KA 114 50.92 43.20 39.45
N ILE KA 115 51.72 43.85 40.29
CA ILE KA 115 52.13 43.30 41.57
C ILE KA 115 51.39 44.08 42.65
N THR KA 116 50.85 43.35 43.61
CA THR KA 116 50.44 43.92 44.88
C THR KA 116 51.57 43.70 45.86
N GLN KA 117 51.81 44.69 46.70
CA GLN KA 117 52.96 44.69 47.60
C GLN KA 117 52.48 44.96 49.02
N PRO KA 118 53.30 44.59 50.03
CA PRO KA 118 54.55 43.85 50.04
C PRO KA 118 54.42 42.40 50.48
N PHE KA 119 53.19 41.92 50.69
CA PHE KA 119 52.97 40.61 51.29
C PHE KA 119 52.27 39.63 50.36
N SER KA 120 52.13 39.97 49.09
CA SER KA 120 51.38 39.14 48.15
C SER KA 120 52.32 38.28 47.30
N TYR KA 121 51.73 37.27 46.70
CA TYR KA 121 52.43 36.35 45.80
C TYR KA 121 52.15 36.73 44.37
N HIS KA 122 53.18 36.64 43.53
CA HIS KA 122 53.06 36.98 42.12
C HIS KA 122 53.88 35.99 41.30
N SER KA 123 53.29 35.53 40.20
CA SER KA 123 53.89 34.52 39.36
C SER KA 123 53.72 34.90 37.90
N ARG KA 124 54.69 34.48 37.10
CA ARG KA 124 54.75 34.82 35.68
C ARG KA 124 55.23 33.60 34.92
N TYR KA 125 54.33 32.98 34.18
CA TYR KA 125 54.58 31.74 33.45
C TYR KA 125 54.66 32.08 31.97
N PHE KA 126 55.88 32.10 31.44
CA PHE KA 126 56.12 32.58 30.10
C PHE KA 126 57.22 31.76 29.45
N THR KA 127 57.41 32.02 28.16
CA THR KA 127 58.45 31.39 27.36
C THR KA 127 59.61 32.34 27.21
N PRO KA 128 60.80 32.06 27.74
CA PRO KA 128 61.93 32.93 27.50
C PRO KA 128 62.55 32.66 26.13
N LYS KA 129 63.51 33.49 25.79
CA LYS KA 129 64.24 33.39 24.55
C LYS KA 129 65.71 33.55 24.83
N PRO KA 130 66.58 32.94 24.03
CA PRO KA 130 68.01 33.08 24.26
C PRO KA 130 68.60 34.32 23.60
N VAL KA 131 69.84 34.59 23.95
CA VAL KA 131 70.58 35.73 23.45
C VAL KA 131 71.55 35.19 22.42
N LEU KA 132 71.12 35.17 21.16
CA LEU KA 132 71.97 34.70 20.08
C LEU KA 132 72.91 35.78 19.58
N ASP KA 133 72.40 37.00 19.42
CA ASP KA 133 73.22 38.12 18.96
C ASP KA 133 72.82 39.35 19.75
N ARG KA 134 73.75 39.86 20.55
CA ARG KA 134 73.48 41.04 21.36
C ARG KA 134 73.37 42.30 20.49
N THR KA 135 74.18 42.38 19.43
CA THR KA 135 74.13 43.53 18.54
C THR KA 135 72.78 43.66 17.87
N ILE KA 136 72.23 42.54 17.42
CA ILE KA 136 71.02 42.53 16.63
C ILE KA 136 69.80 42.27 17.50
N ASP KA 137 69.95 41.40 18.49
CA ASP KA 137 68.90 41.09 19.45
C ASP KA 137 67.64 40.59 18.75
N TYR KA 138 67.79 39.44 18.10
CA TYR KA 138 66.67 38.77 17.46
C TYR KA 138 66.23 37.57 18.28
N PHE KA 139 64.98 37.19 18.05
CA PHE KA 139 64.39 36.05 18.71
C PHE KA 139 63.17 35.62 17.91
N GLN KA 140 62.79 34.38 18.08
CA GLN KA 140 61.71 33.82 17.30
C GLN KA 140 60.43 33.73 18.11
N PRO KA 141 59.30 33.59 17.45
CA PRO KA 141 58.04 33.48 18.18
C PRO KA 141 57.93 32.23 19.02
N ASN KA 142 56.79 32.06 19.67
CA ASN KA 142 56.52 30.89 20.48
C ASN KA 142 55.88 29.84 19.59
N ASN KA 143 56.68 28.89 19.14
CA ASN KA 143 56.19 27.73 18.41
C ASN KA 143 56.98 26.52 18.88
N LYS KA 144 56.27 25.55 19.46
CA LYS KA 144 56.95 24.43 20.08
C LYS KA 144 57.69 23.57 19.06
N ARG KA 145 57.06 23.30 17.92
CA ARG KA 145 57.66 22.40 16.94
C ARG KA 145 58.99 22.95 16.44
N ASN KA 146 59.00 24.20 16.01
CA ASN KA 146 60.16 24.78 15.35
C ASN KA 146 61.04 25.58 16.31
N GLN KA 147 60.89 25.39 17.60
CA GLN KA 147 61.80 26.03 18.54
C GLN KA 147 63.19 25.43 18.41
N LEU KA 148 64.18 26.28 18.66
CA LEU KA 148 65.56 25.88 18.45
C LEU KA 148 66.05 24.95 19.54
N TRP KA 149 67.09 24.21 19.22
CA TRP KA 149 67.84 23.42 20.16
C TRP KA 149 69.19 24.08 20.42
N LEU KA 150 69.73 23.81 21.59
CA LEU KA 150 70.98 24.43 22.03
C LEU KA 150 71.84 23.39 22.70
N ARG KA 151 73.13 23.43 22.38
CA ARG KA 151 74.08 22.55 23.02
C ARG KA 151 74.15 22.86 24.51
N LEU KA 152 74.20 21.80 25.32
CA LEU KA 152 74.27 21.94 26.76
C LEU KA 152 75.75 22.01 27.12
N GLN KA 153 76.27 23.22 27.16
CA GLN KA 153 77.67 23.42 27.47
C GLN KA 153 77.91 23.26 28.96
N THR KA 154 79.18 23.18 29.32
CA THR KA 154 79.60 22.90 30.67
C THR KA 154 79.70 24.15 31.53
N THR KA 155 80.27 25.23 30.99
CA THR KA 155 80.54 26.43 31.75
C THR KA 155 80.09 27.72 31.08
N GLY KA 156 79.69 27.68 29.81
CA GLY KA 156 79.41 28.88 29.05
C GLY KA 156 78.07 28.87 28.36
N ASN KA 157 77.05 28.37 29.03
CA ASN KA 157 75.72 28.36 28.45
C ASN KA 157 75.21 29.79 28.28
N VAL KA 158 74.35 29.96 27.31
CA VAL KA 158 73.89 31.29 26.92
C VAL KA 158 72.84 31.78 27.91
N ASP KA 159 72.79 33.09 28.08
CA ASP KA 159 71.94 33.73 29.07
C ASP KA 159 70.57 33.95 28.46
N HIS KA 160 69.63 33.08 28.79
CA HIS KA 160 68.23 33.33 28.49
C HIS KA 160 67.76 34.59 29.20
N VAL KA 161 66.63 35.12 28.74
CA VAL KA 161 66.12 36.40 29.18
C VAL KA 161 64.61 36.33 29.14
N GLY KA 162 63.94 37.36 29.65
CA GLY KA 162 62.51 37.34 29.72
C GLY KA 162 61.77 37.98 30.88
N LEU KA 163 62.43 38.71 31.79
CA LEU KA 163 61.66 39.38 32.84
C LEU KA 163 62.36 40.61 33.36
N GLY KA 164 61.55 41.63 33.62
CA GLY KA 164 62.03 42.83 34.29
C GLY KA 164 60.98 43.30 35.27
N THR KA 165 61.45 43.93 36.34
CA THR KA 165 60.63 44.25 37.49
C THR KA 165 60.67 45.74 37.78
N ALA KA 166 59.66 46.18 38.53
CA ALA KA 166 59.61 47.54 39.04
C ALA KA 166 58.77 47.52 40.31
N PHE KA 167 59.43 47.57 41.45
CA PHE KA 167 58.78 47.56 42.75
C PHE KA 167 58.73 48.96 43.32
N GLU KA 168 57.62 49.28 43.96
CA GLU KA 168 57.43 50.60 44.53
C GLU KA 168 58.12 50.68 45.88
N ASN KA 169 58.96 51.69 46.04
CA ASN KA 169 59.72 51.84 47.27
C ASN KA 169 58.79 52.09 48.44
N SER KA 170 59.31 51.81 49.63
CA SER KA 170 58.54 51.97 50.86
C SER KA 170 59.48 52.31 52.00
N ILE KA 171 58.89 52.77 53.09
CA ILE KA 171 59.66 53.12 54.27
C ILE KA 171 60.36 51.89 54.82
N TYR KA 172 59.68 50.76 54.78
CA TYR KA 172 60.17 49.52 55.35
C TYR KA 172 60.80 48.66 54.27
N ASP KA 173 61.73 47.81 54.68
CA ASP KA 173 62.32 46.85 53.77
C ASP KA 173 61.27 45.88 53.28
N GLN KA 174 61.35 45.53 51.99
CA GLN KA 174 60.46 44.56 51.36
C GLN KA 174 61.35 43.43 50.88
N ASP KA 175 61.61 42.48 51.75
CA ASP KA 175 62.37 41.30 51.38
C ASP KA 175 61.47 40.31 50.66
N TYR KA 176 62.05 39.61 49.70
CA TYR KA 176 61.35 38.61 48.92
C TYR KA 176 62.19 37.35 48.84
N ASN KA 177 61.53 36.26 48.49
CA ASN KA 177 62.16 34.95 48.33
C ASN KA 177 61.76 34.46 46.96
N ILE KA 178 62.60 34.73 45.98
CA ILE KA 178 62.28 34.42 44.60
C ILE KA 178 62.59 32.96 44.32
N ARG KA 179 61.73 32.31 43.56
CA ARG KA 179 61.91 30.95 43.09
C ARG KA 179 61.78 30.95 41.58
N ILE KA 180 62.83 30.51 40.90
CA ILE KA 180 62.85 30.47 39.45
C ILE KA 180 62.73 29.03 39.01
N THR KA 181 61.52 28.60 38.73
CA THR KA 181 61.26 27.27 38.20
C THR KA 181 61.39 27.29 36.69
N MET KA 182 62.05 26.27 36.16
CA MET KA 182 62.34 26.16 34.74
C MET KA 182 61.84 24.82 34.24
N TYR KA 183 61.26 24.82 33.05
CA TYR KA 183 60.71 23.64 32.41
C TYR KA 183 61.49 23.40 31.13
N VAL KA 184 62.40 22.44 31.21
CA VAL KA 184 63.41 22.22 30.19
C VAL KA 184 63.05 20.96 29.42
N GLN KA 185 63.66 20.81 28.25
CA GLN KA 185 63.44 19.66 27.39
C GLN KA 185 64.79 19.29 26.77
N PHE KA 186 65.36 18.19 27.23
CA PHE KA 186 66.67 17.74 26.80
C PHE KA 186 66.54 16.76 25.64
N ARG KA 187 67.68 16.26 25.17
CA ARG KA 187 67.72 15.39 24.01
C ARG KA 187 69.10 14.76 23.91
N GLU KA 188 69.16 13.64 23.18
CA GLU KA 188 70.40 12.94 22.86
C GLU KA 188 71.14 12.50 24.13
N PHE KA 189 70.54 11.52 24.80
CA PHE KA 189 71.13 10.89 25.96
C PHE KA 189 72.55 10.40 25.67
N ASN KA 190 73.55 11.04 26.27
CA ASN KA 190 74.95 10.88 25.91
C ASN KA 190 75.78 10.40 27.06
N LEU KA 191 75.30 9.41 27.78
CA LEU KA 191 76.02 8.92 28.95
C LEU KA 191 77.22 8.10 28.52
N LYS KA 192 78.30 8.23 29.27
CA LYS KA 192 79.50 7.43 29.11
C LYS KA 192 79.56 6.39 30.22
N ASP KA 193 80.27 5.29 29.94
CA ASP KA 193 80.45 4.21 30.89
C ASP KA 193 81.85 3.64 30.74
N PRO KA 194 82.86 4.32 31.30
CA PRO KA 194 84.18 3.75 31.35
C PRO KA 194 84.21 2.54 32.27
N PRO KA 195 85.30 1.77 32.26
CA PRO KA 195 85.42 0.67 33.21
C PRO KA 195 85.76 1.16 34.61
N LEU KA 196 86.01 0.24 35.53
CA LEU KA 196 86.31 0.56 36.93
C LEU KA 196 85.12 1.24 37.60
N TYR LA 1 28.24 51.35 8.40
CA TYR LA 1 28.61 52.62 7.79
C TYR LA 1 29.95 53.13 8.33
N ARG LA 2 30.98 52.27 8.23
CA ARG LA 2 32.37 52.59 8.57
C ARG LA 2 32.47 53.24 9.96
N TRP LA 3 32.35 52.50 11.07
CA TRP LA 3 32.65 51.05 11.24
C TRP LA 3 34.12 50.67 10.95
N ARG LA 4 34.99 51.02 11.81
CA ARG LA 4 36.05 51.95 12.20
C ARG LA 4 36.95 52.50 11.07
N ARG LA 5 37.65 51.75 10.20
CA ARG LA 5 37.84 50.31 10.14
C ARG LA 5 39.33 49.95 10.35
N LYS LA 6 40.18 50.49 9.46
CA LYS LA 6 41.64 50.31 9.46
C LYS LA 6 42.36 51.63 9.27
N ASN LA 7 41.65 52.75 9.14
CA ASN LA 7 42.19 53.97 8.53
C ASN LA 7 43.15 54.74 9.44
N GLY LA 8 43.84 54.04 10.34
CA GLY LA 8 44.75 54.61 11.30
C GLY LA 8 44.42 54.15 12.70
N ILE LA 9 43.42 53.29 12.83
CA ILE LA 9 42.88 52.95 14.12
C ILE LA 9 43.90 52.13 14.90
N PHE LA 10 44.18 52.55 16.12
CA PHE LA 10 45.12 51.84 16.99
C PHE LA 10 44.62 51.95 18.42
N ASN LA 11 43.86 50.96 18.84
CA ASN LA 11 43.43 50.89 20.22
C ASN LA 11 44.59 50.49 21.09
N THR LA 12 44.73 51.18 22.23
CA THR LA 12 45.84 50.94 23.12
C THR LA 12 45.42 51.31 24.54
N ARG LA 13 46.40 51.40 25.42
CA ARG LA 13 46.19 51.63 26.83
C ARG LA 13 47.27 52.54 27.35
N LEU LA 14 46.91 53.33 28.36
CA LEU LA 14 47.85 54.22 29.03
C LEU LA 14 47.54 54.22 30.51
N SER LA 15 48.54 54.53 31.31
CA SER LA 15 48.41 54.48 32.74
C SER LA 15 49.40 55.41 33.39
N ARG LA 16 49.03 55.92 34.55
CA ARG LA 16 49.92 56.73 35.38
C ARG LA 16 49.58 56.44 36.83
N THR LA 17 50.29 57.11 37.72
CA THR LA 17 50.18 56.83 39.15
C THR LA 17 50.42 58.09 39.95
N ILE LA 18 49.68 58.22 41.05
CA ILE LA 18 49.76 59.39 41.92
C ILE LA 18 49.32 58.99 43.30
N GLY LA 19 49.80 59.75 44.29
CA GLY LA 19 49.42 59.54 45.67
C GLY LA 19 48.33 60.51 46.09
N TYR LA 20 47.42 60.02 46.93
CA TYR LA 20 46.35 60.83 47.48
C TYR LA 20 46.26 60.55 48.96
N THR LA 21 46.23 61.61 49.76
CA THR LA 21 46.44 61.53 51.20
C THR LA 21 45.27 62.19 51.91
N VAL LA 22 44.41 61.36 52.49
CA VAL LA 22 43.34 61.85 53.35
C VAL LA 22 43.92 62.01 54.75
N LYS LA 23 43.87 63.22 55.27
CA LYS LA 23 44.59 63.57 56.48
C LYS LA 23 43.77 63.23 57.72
N LYS LA 24 44.41 63.38 58.87
CA LYS LA 24 43.80 63.11 60.16
C LYS LA 24 42.82 64.21 60.54
N THR LA 25 42.13 63.99 61.65
CA THR LA 25 41.30 65.01 62.28
C THR LA 25 40.95 64.54 63.68
N THR LA 26 40.99 65.47 64.63
CA THR LA 26 40.55 65.17 65.98
C THR LA 26 39.05 64.98 66.07
N VAL LA 27 38.29 65.44 65.08
CA VAL LA 27 36.85 65.23 65.06
C VAL LA 27 36.56 63.74 65.07
N ARG LA 28 35.53 63.36 65.81
CA ARG LA 28 35.09 61.98 65.92
C ARG LA 28 33.74 61.73 65.29
N THR LA 29 32.95 62.77 65.06
CA THR LA 29 31.70 62.59 64.35
C THR LA 29 32.00 62.23 62.90
N PRO LA 30 31.08 61.53 62.22
CA PRO LA 30 31.33 61.20 60.81
C PRO LA 30 31.48 62.45 59.96
N SER LA 31 32.66 62.60 59.37
CA SER LA 31 32.96 63.71 58.49
C SER LA 31 33.69 63.17 57.29
N TRP LA 32 33.40 63.75 56.13
CA TRP LA 32 33.92 63.30 54.85
C TRP LA 32 34.87 64.32 54.25
N ASN LA 33 35.73 63.83 53.37
CA ASN LA 33 36.73 64.63 52.67
C ASN LA 33 36.48 64.50 51.19
N VAL LA 34 35.95 65.53 50.58
CA VAL LA 34 35.48 65.50 49.20
C VAL LA 34 36.58 66.02 48.30
N ASP LA 35 36.71 65.40 47.13
CA ASP LA 35 37.67 65.82 46.13
C ASP LA 35 37.24 65.26 44.80
N MET LA 36 37.56 65.99 43.74
CA MET LA 36 37.20 65.60 42.38
C MET LA 36 38.38 64.88 41.74
N MET LA 37 38.27 64.62 40.44
CA MET LA 37 39.33 63.96 39.70
C MET LA 37 39.13 64.23 38.22
N ARG LA 38 40.13 64.81 37.58
CA ARG LA 38 40.11 65.16 36.17
C ARG LA 38 41.11 64.31 35.41
N PHE LA 39 40.84 64.13 34.12
CA PHE LA 39 41.65 63.33 33.23
C PHE LA 39 42.05 64.16 32.03
N ASN LA 40 43.35 64.24 31.78
CA ASN LA 40 43.88 64.96 30.64
C ASN LA 40 45.01 64.13 30.06
N ILE LA 41 44.99 63.96 28.74
CA ILE LA 41 45.91 63.02 28.11
C ILE LA 41 47.33 63.53 28.11
N ASN LA 42 47.55 64.83 28.30
CA ASN LA 42 48.90 65.35 28.34
C ASN LA 42 49.68 64.78 29.52
N ASP LA 43 48.99 64.35 30.57
CA ASP LA 43 49.63 63.71 31.70
C ASP LA 43 50.00 62.26 31.42
N PHE LA 44 49.55 61.70 30.31
CA PHE LA 44 49.89 60.34 29.89
C PHE LA 44 50.87 60.30 28.74
N LEU LA 45 50.70 61.15 27.74
CA LEU LA 45 51.56 61.21 26.58
C LEU LA 45 52.60 62.30 26.77
N PRO LA 46 53.86 61.97 27.02
CA PRO LA 46 54.87 63.02 27.06
C PRO LA 46 55.18 63.54 25.68
N PRO LA 47 55.85 64.68 25.57
CA PRO LA 47 56.09 65.26 24.25
C PRO LA 47 57.22 64.57 23.52
N GLY LA 48 57.08 64.47 22.21
CA GLY LA 48 58.11 63.88 21.37
C GLY LA 48 59.22 64.86 21.07
N GLY LA 49 59.69 64.85 19.83
CA GLY LA 49 60.75 65.75 19.43
C GLY LA 49 60.88 65.88 17.93
N GLY LA 50 61.14 67.10 17.48
CA GLY LA 50 61.30 67.36 16.06
C GLY LA 50 60.00 67.59 15.35
N SER LA 51 59.89 67.07 14.13
CA SER LA 51 58.67 67.23 13.36
C SER LA 51 57.51 66.47 13.98
N ASN LA 52 57.80 65.40 14.71
CA ASN LA 52 56.77 64.65 15.41
C ASN LA 52 56.63 65.24 16.81
N PRO LA 53 55.56 65.98 17.11
CA PRO LA 53 55.51 66.70 18.39
C PRO LA 53 55.20 65.80 19.56
N LEU LA 54 54.42 64.74 19.32
CA LEU LA 54 54.05 63.79 20.35
C LEU LA 54 54.90 62.54 20.28
N THR LA 55 54.77 61.71 21.31
CA THR LA 55 55.43 60.41 21.34
C THR LA 55 54.68 59.35 20.56
N VAL LA 56 53.38 59.52 20.37
CA VAL LA 56 52.54 58.60 19.62
C VAL LA 56 52.22 59.25 18.29
N PRO LA 57 52.58 58.65 17.15
CA PRO LA 57 52.31 59.32 15.89
C PRO LA 57 50.88 59.12 15.40
N PHE LA 58 49.98 59.94 15.94
CA PHE LA 58 48.60 59.96 15.49
C PHE LA 58 48.06 61.37 15.66
N GLU LA 59 46.97 61.65 14.95
CA GLU LA 59 46.37 62.98 14.91
C GLU LA 59 45.15 63.08 15.80
N TYR LA 60 44.19 62.18 15.62
CA TYR LA 60 42.94 62.21 16.35
C TYR LA 60 42.97 61.21 17.48
N TYR LA 61 41.98 61.30 18.36
CA TYR LA 61 41.84 60.36 19.45
C TYR LA 61 40.47 60.52 20.08
N ARG LA 62 40.08 59.47 20.81
CA ARG LA 62 38.85 59.51 21.59
C ARG LA 62 38.97 58.48 22.69
N ILE LA 63 38.67 58.89 23.92
CA ILE LA 63 38.83 58.02 25.07
C ILE LA 63 37.58 57.16 25.20
N ARG LA 64 37.76 55.85 25.10
CA ARG LA 64 36.66 54.92 25.22
C ARG LA 64 36.28 54.71 26.67
N LYS LA 65 37.25 54.36 27.51
CA LYS LA 65 36.99 53.97 28.88
C LYS LA 65 38.12 54.45 29.76
N VAL LA 66 37.84 54.50 31.05
CA VAL LA 66 38.82 54.81 32.08
C VAL LA 66 38.61 53.85 33.22
N LYS LA 67 39.71 53.34 33.78
CA LYS LA 67 39.68 52.44 34.92
C LYS LA 67 40.54 53.06 36.01
N VAL LA 68 39.89 53.70 36.94
CA VAL LA 68 40.56 54.20 38.13
C VAL LA 68 40.72 53.05 39.11
N GLU LA 69 41.79 53.10 39.90
CA GLU LA 69 42.11 52.06 40.84
C GLU LA 69 42.71 52.70 42.08
N PHE LA 70 42.10 52.41 43.23
CA PHE LA 70 42.55 52.94 44.51
C PHE LA 70 43.33 51.86 45.25
N TRP LA 71 44.55 51.65 44.80
CA TRP LA 71 45.44 50.73 45.49
C TRP LA 71 45.85 51.35 46.81
N PRO LA 72 45.41 50.86 47.96
CA PRO LA 72 45.69 51.55 49.21
C PRO LA 72 47.15 51.47 49.59
N CYS LA 73 47.48 52.23 50.63
CA CYS LA 73 48.80 52.23 51.23
C CYS LA 73 48.75 51.97 52.73
N SER LA 74 47.56 51.79 53.31
CA SER LA 74 47.40 51.55 54.73
C SER LA 74 47.36 50.06 55.01
N PRO LA 75 47.68 49.63 56.22
CA PRO LA 75 47.70 48.21 56.53
C PRO LA 75 46.32 47.68 56.84
N ILE LA 76 46.24 46.35 56.90
CA ILE LA 76 45.00 45.68 57.25
C ILE LA 76 44.63 45.96 58.69
N THR LA 77 45.61 46.18 59.56
CA THR LA 77 45.37 46.29 60.99
C THR LA 77 45.03 47.69 61.44
N GLN LA 78 44.55 48.54 60.53
CA GLN LA 78 44.23 49.91 60.85
C GLN LA 78 42.81 50.00 61.36
N GLY LA 79 42.62 50.80 62.41
CA GLY LA 79 41.34 50.97 63.04
C GLY LA 79 40.65 52.26 62.62
N ASP LA 80 39.55 52.53 63.29
CA ASP LA 80 38.68 53.66 62.98
C ASP LA 80 38.33 53.65 61.50
N ARG LA 81 37.77 52.53 61.07
CA ARG LA 81 37.43 52.37 59.67
C ARG LA 81 36.30 53.31 59.31
N GLY LA 82 35.89 53.26 58.06
CA GLY LA 82 34.86 54.14 57.59
C GLY LA 82 34.24 53.63 56.33
N VAL LA 83 33.56 54.53 55.63
CA VAL LA 83 32.86 54.18 54.41
C VAL LA 83 32.69 55.47 53.60
N GLY LA 84 32.95 55.35 52.30
CA GLY LA 84 32.94 56.47 51.40
C GLY LA 84 32.09 56.23 50.17
N SER LA 85 32.30 57.00 49.12
CA SER LA 85 31.49 56.87 47.92
C SER LA 85 32.20 57.51 46.75
N THR LA 86 32.11 56.86 45.60
CA THR LA 86 32.62 57.37 44.35
C THR LA 86 31.48 57.46 43.36
N ALA LA 87 31.45 58.57 42.63
CA ALA LA 87 30.38 58.83 41.69
C ALA LA 87 30.97 59.40 40.41
N VAL LA 88 30.21 59.26 39.34
CA VAL LA 88 30.61 59.66 38.01
C VAL LA 88 29.97 61.00 37.70
N ILE LA 89 30.80 61.98 37.34
CA ILE LA 89 30.37 63.35 37.10
C ILE LA 89 30.85 63.71 35.71
N LEU LA 90 29.91 63.86 34.78
CA LEU LA 90 30.21 63.97 33.37
C LEU LA 90 30.05 65.40 32.85
N ASP LA 91 29.98 66.39 33.75
CA ASP LA 91 29.62 67.75 33.37
C ASP LA 91 30.50 68.81 34.00
N ASP LA 92 31.58 68.44 34.69
CA ASP LA 92 32.46 69.39 35.35
C ASP LA 92 31.75 70.15 36.45
N ASN LA 93 30.69 69.56 37.00
CA ASN LA 93 29.95 70.12 38.12
C ASN LA 93 30.16 69.15 39.27
N PHE LA 94 31.27 69.33 39.96
CA PHE LA 94 31.57 68.54 41.13
C PHE LA 94 30.93 69.20 42.34
N VAL LA 95 31.17 68.62 43.50
CA VAL LA 95 30.64 69.09 44.76
C VAL LA 95 31.81 69.63 45.55
N THR LA 96 31.66 70.86 46.05
CA THR LA 96 32.76 71.73 46.46
C THR LA 96 33.79 71.01 47.31
N LYS LA 97 35.06 71.24 46.98
CA LYS LA 97 36.17 70.63 47.68
C LYS LA 97 36.13 71.01 49.15
N ALA LA 98 36.17 69.99 50.01
CA ALA LA 98 36.00 70.18 51.43
C ALA LA 98 36.78 69.14 52.19
N ASN LA 99 37.41 69.55 53.28
CA ASN LA 99 38.14 68.64 54.13
C ASN LA 99 37.27 67.94 55.15
N ALA LA 100 36.13 68.54 55.50
CA ALA LA 100 35.25 67.98 56.52
C ALA LA 100 33.83 68.41 56.19
N LEU LA 101 33.00 67.44 55.81
CA LEU LA 101 31.60 67.68 55.53
C LEU LA 101 30.79 66.65 56.29
N THR LA 102 29.68 67.10 56.85
CA THR LA 102 28.90 66.29 57.79
C THR LA 102 28.10 65.21 57.13
N TYR LA 103 28.21 65.04 55.81
CA TYR LA 103 27.43 64.02 55.11
C TYR LA 103 28.17 63.61 53.85
N ASP LA 104 27.77 62.48 53.31
CA ASP LA 104 28.31 61.95 52.08
C ASP LA 104 27.47 62.45 50.91
N PRO LA 105 27.93 63.46 50.16
CA PRO LA 105 27.05 64.00 49.12
C PRO LA 105 26.90 63.07 47.93
N TYR LA 106 27.89 62.24 47.66
CA TYR LA 106 27.86 61.32 46.54
C TYR LA 106 27.22 59.99 46.89
N VAL LA 107 26.41 59.93 47.94
CA VAL LA 107 25.87 58.65 48.39
C VAL LA 107 24.60 58.29 47.62
N ASN LA 108 23.72 59.26 47.40
CA ASN LA 108 22.48 59.00 46.71
C ASN LA 108 22.61 59.11 45.20
N TYR LA 109 23.77 59.50 44.69
CA TYR LA 109 23.99 59.53 43.26
C TYR LA 109 23.78 58.15 42.67
N SER LA 110 23.10 58.11 41.53
CA SER LA 110 22.80 56.85 40.87
C SER LA 110 24.06 56.11 40.46
N SER LA 111 25.13 56.85 40.18
CA SER LA 111 26.41 56.27 39.81
C SER LA 111 27.29 55.97 41.02
N ARG LA 112 26.69 55.78 42.18
CA ARG LA 112 27.46 55.58 43.41
C ARG LA 112 27.90 54.14 43.50
N HIS LA 113 29.19 53.96 43.83
CA HIS LA 113 29.75 52.66 44.13
C HIS LA 113 30.51 52.81 45.44
N THR LA 114 30.10 52.03 46.44
CA THR LA 114 30.59 52.24 47.79
C THR LA 114 32.06 51.90 47.89
N ILE LA 115 32.75 52.64 48.77
CA ILE LA 115 34.13 52.36 49.14
C ILE LA 115 34.13 51.79 50.54
N THR LA 116 34.88 50.73 50.74
CA THR LA 116 35.28 50.29 52.06
C THR LA 116 36.65 50.86 52.32
N GLN LA 117 36.88 51.28 53.56
CA GLN LA 117 38.09 51.99 53.93
C GLN LA 117 38.71 51.32 55.14
N PRO LA 118 40.02 51.54 55.38
CA PRO LA 118 41.04 52.24 54.60
C PRO LA 118 42.00 51.33 53.86
N PHE LA 119 41.76 50.02 53.88
CA PHE LA 119 42.71 49.06 53.35
C PHE LA 119 42.19 48.29 52.14
N SER LA 120 41.06 48.68 51.59
CA SER LA 120 40.43 47.94 50.51
C SER LA 120 40.73 48.56 49.16
N TYR LA 121 40.51 47.77 48.11
CA TYR LA 121 40.69 48.19 46.73
C TYR LA 121 39.35 48.53 46.12
N HIS LA 122 39.33 49.60 45.33
CA HIS LA 122 38.12 50.04 44.67
C HIS LA 122 38.45 50.50 43.26
N SER LA 123 37.60 50.12 42.32
CA SER LA 123 37.81 50.39 40.92
C SER LA 123 36.53 50.83 40.27
N ARG LA 124 36.66 51.68 39.25
CA ARG LA 124 35.53 52.30 38.57
C ARG LA 124 35.84 52.35 37.09
N TYR LA 125 35.17 51.51 36.32
CA TYR LA 125 35.39 51.35 34.89
C TYR LA 125 34.23 52.00 34.15
N PHE LA 126 34.47 53.18 33.60
CA PHE LA 126 33.41 53.99 33.02
C PHE LA 126 33.92 54.72 31.80
N THR LA 127 32.99 55.36 31.11
CA THR LA 127 33.27 56.16 29.93
C THR LA 127 33.29 57.63 30.32
N PRO LA 128 34.40 58.34 30.23
CA PRO LA 128 34.38 59.77 30.51
C PRO LA 128 33.87 60.54 29.31
N LYS LA 129 33.71 61.83 29.52
CA LYS LA 129 33.26 62.75 28.49
C LYS LA 129 34.13 63.99 28.52
N PRO LA 130 34.31 64.66 27.39
CA PRO LA 130 35.15 65.86 27.37
C PRO LA 130 34.36 67.11 27.74
N VAL LA 131 35.11 68.18 27.94
CA VAL LA 131 34.57 69.47 28.33
C VAL LA 131 34.62 70.33 27.06
N LEU LA 132 33.51 70.32 26.31
CA LEU LA 132 33.43 71.11 25.10
C LEU LA 132 33.02 72.55 25.40
N ASP LA 133 32.05 72.74 26.29
CA ASP LA 133 31.58 74.07 26.66
C ASP LA 133 31.33 74.08 28.15
N ARG LA 134 32.11 74.88 28.87
CA ARG LA 134 31.94 74.95 30.32
C ARG LA 134 30.67 75.70 30.70
N THR LA 135 30.30 76.70 29.90
CA THR LA 135 29.09 77.46 30.19
C THR LA 135 27.86 76.58 30.10
N ILE LA 136 27.81 75.73 29.07
CA ILE LA 136 26.63 74.93 28.78
C ILE LA 136 26.75 73.54 29.38
N ASP LA 137 27.96 72.98 29.37
CA ASP LA 137 28.26 71.69 29.96
C ASP LA 137 27.37 70.60 29.37
N TYR LA 138 27.55 70.37 28.08
CA TYR LA 138 26.86 69.31 27.37
C TYR LA 138 27.79 68.14 27.11
N PHE LA 139 27.19 66.98 26.91
CA PHE LA 139 27.91 65.77 26.61
C PHE LA 139 26.94 64.78 26.00
N GLN LA 140 27.50 63.83 25.28
CA GLN LA 140 26.68 62.89 24.55
C GLN LA 140 26.63 61.55 25.25
N PRO LA 141 25.65 60.71 24.92
CA PRO LA 141 25.57 59.40 25.56
C PRO LA 141 26.73 58.49 25.20
N ASN LA 142 26.68 57.27 25.72
CA ASN LA 142 27.70 56.26 25.44
C ASN LA 142 27.26 55.49 24.21
N ASN LA 143 27.83 55.86 23.06
CA ASN LA 143 27.63 55.11 21.82
C ASN LA 143 28.96 55.08 21.10
N LYS LA 144 29.49 53.88 20.89
CA LYS LA 144 30.83 53.75 20.35
C LYS LA 144 30.91 54.26 18.92
N ARG LA 145 29.94 53.92 18.09
CA ARG LA 145 29.99 54.30 16.68
C ARG LA 145 30.05 55.79 16.50
N ASN LA 146 29.14 56.51 17.14
CA ASN LA 146 28.97 57.94 16.93
C ASN LA 146 29.70 58.79 17.97
N GLN LA 147 30.63 58.20 18.70
CA GLN LA 147 31.44 58.99 19.62
C GLN LA 147 32.35 59.92 18.84
N LEU LA 148 32.62 61.07 19.43
CA LEU LA 148 33.37 62.11 18.75
C LEU LA 148 34.85 61.77 18.69
N TRP LA 149 35.52 62.40 17.74
CA TRP LA 149 36.96 62.39 17.63
C TRP LA 149 37.49 63.75 18.04
N LEU LA 150 38.74 63.76 18.51
CA LEU LA 150 39.37 64.96 19.02
C LEU LA 150 40.80 65.03 18.54
N ARG LA 151 41.21 66.21 18.11
CA ARG LA 151 42.59 66.41 17.71
C ARG LA 151 43.51 66.20 18.89
N LEU LA 152 44.62 65.51 18.64
CA LEU LA 152 45.61 65.23 19.67
C LEU LA 152 46.58 66.40 19.68
N GLN LA 153 46.28 67.39 20.50
CA GLN LA 153 47.11 68.57 20.59
C GLN LA 153 48.37 68.27 21.39
N THR LA 154 49.31 69.20 21.33
CA THR LA 154 50.62 69.04 21.93
C THR LA 154 50.66 69.46 23.39
N THR LA 155 50.03 70.58 23.72
CA THR LA 155 50.10 71.15 25.06
C THR LA 155 48.77 71.57 25.65
N GLY LA 156 47.69 71.58 24.87
CA GLY LA 156 46.42 72.11 25.30
C GLY LA 156 45.24 71.18 25.10
N ASN LA 157 45.45 69.89 25.35
CA ASN LA 157 44.36 68.94 25.22
C ASN LA 157 43.28 69.23 26.25
N VAL LA 158 42.06 68.86 25.90
CA VAL LA 158 40.90 69.20 26.71
C VAL LA 158 40.82 68.27 27.90
N ASP LA 159 40.26 68.79 28.99
CA ASP LA 159 40.21 68.08 30.26
C ASP LA 159 38.97 67.21 30.28
N HIS LA 160 39.15 65.92 30.04
CA HIS LA 160 38.10 64.96 30.28
C HIS LA 160 37.75 64.95 31.76
N VAL LA 161 36.58 64.37 32.05
CA VAL LA 161 35.98 64.42 33.38
C VAL LA 161 35.23 63.11 33.58
N GLY LA 162 34.73 62.91 34.80
CA GLY LA 162 34.05 61.67 35.10
C GLY LA 162 34.18 61.02 36.46
N LEU LA 163 34.79 61.64 37.46
CA LEU LA 163 34.80 61.02 38.77
C LEU LA 163 34.92 62.02 39.90
N GLY LA 164 34.19 61.75 40.97
CA GLY LA 164 34.30 62.51 42.20
C GLY LA 164 34.23 61.57 43.37
N THR LA 165 34.91 61.96 44.45
CA THR LA 165 35.13 61.09 45.59
C THR LA 165 34.63 61.72 46.87
N ALA LA 166 34.41 60.88 47.87
CA ALA LA 166 34.08 61.33 49.21
C ALA LA 166 34.54 60.25 50.17
N PHE LA 167 35.66 60.50 50.83
CA PHE LA 167 36.24 59.58 51.78
C PHE LA 167 35.93 60.02 53.20
N GLU LA 168 35.65 59.07 54.07
CA GLU LA 168 35.30 59.35 55.44
C GLU LA 168 36.56 59.59 56.25
N ASN LA 169 36.60 60.72 56.95
CA ASN LA 169 37.77 61.07 57.71
C ASN LA 169 38.01 60.08 58.84
N SER LA 170 39.24 60.05 59.31
CA SER LA 170 39.63 59.12 60.37
C SER LA 170 40.74 59.75 61.18
N ILE LA 171 40.98 59.15 62.35
CA ILE LA 171 42.04 59.64 63.24
C ILE LA 171 43.39 59.49 62.57
N TYR LA 172 43.58 58.40 61.83
CA TYR LA 172 44.85 58.08 61.19
C TYR LA 172 44.82 58.52 59.74
N ASP LA 173 46.02 58.79 59.21
CA ASP LA 173 46.15 59.10 57.81
C ASP LA 173 45.75 57.91 56.97
N GLN LA 174 45.05 58.18 55.87
CA GLN LA 174 44.64 57.16 54.91
C GLN LA 174 45.31 57.52 53.59
N ASP LA 175 46.53 57.04 53.40
CA ASP LA 175 47.24 57.24 52.17
C ASP LA 175 46.77 56.23 51.14
N TYR LA 176 46.74 56.66 49.88
CA TYR LA 176 46.32 55.83 48.77
C TYR LA 176 47.32 55.99 47.63
N ASN LA 177 47.28 55.01 46.72
CA ASN LA 177 48.13 54.98 45.55
C ASN LA 177 47.21 54.80 44.36
N ILE LA 178 46.82 55.91 43.77
CA ILE LA 178 45.84 55.89 42.69
C ILE LA 178 46.53 55.56 41.39
N ARG LA 179 45.87 54.75 40.57
CA ARG LA 179 46.31 54.41 39.23
C ARG LA 179 45.18 54.73 38.27
N ILE LA 180 45.45 55.60 37.32
CA ILE LA 180 44.46 56.01 36.33
C ILE LA 180 44.81 55.36 35.01
N THR LA 181 44.20 54.23 34.73
CA THR LA 181 44.36 53.54 33.46
C THR LA 181 43.36 54.08 32.47
N MET LA 182 43.82 54.32 31.26
CA MET LA 182 43.02 54.91 30.19
C MET LA 182 43.09 54.01 28.96
N TYR LA 183 41.95 53.86 28.31
CA TYR LA 183 41.81 53.02 27.12
C TYR LA 183 41.44 53.94 25.96
N VAL LA 184 42.42 54.24 25.14
CA VAL LA 184 42.33 55.28 24.12
C VAL LA 184 42.23 54.60 22.76
N GLN LA 185 41.79 55.38 21.77
CA GLN LA 185 41.65 54.91 20.41
C GLN LA 185 42.08 56.04 19.48
N PHE LA 186 43.25 55.87 18.87
CA PHE LA 186 43.83 56.89 18.02
C PHE LA 186 43.45 56.65 16.56
N ARG LA 187 43.94 57.51 15.68
CA ARG LA 187 43.57 57.47 14.27
C ARG LA 187 44.52 58.37 13.49
N GLU LA 188 44.60 58.11 12.18
CA GLU LA 188 45.36 58.91 11.23
C GLU LA 188 46.84 58.97 11.60
N PHE LA 189 47.49 57.82 11.43
CA PHE LA 189 48.93 57.70 11.61
C PHE LA 189 49.67 58.74 10.80
N ASN LA 190 50.30 59.70 11.47
CA ASN LA 190 50.82 60.91 10.85
C ASN LA 190 52.31 61.06 11.11
N LEU LA 191 53.06 59.98 10.94
CA LEU LA 191 54.49 60.03 11.20
C LEU LA 191 55.21 60.78 10.10
N LYS LA 192 56.22 61.54 10.50
CA LYS LA 192 57.12 62.20 9.57
C LYS LA 192 58.45 61.48 9.52
N ASP LA 193 59.15 61.63 8.39
CA ASP LA 193 60.46 61.02 8.19
C ASP LA 193 61.34 61.97 7.42
N PRO LA 194 61.91 62.96 8.09
CA PRO LA 194 62.91 63.80 7.45
C PRO LA 194 64.18 63.01 7.16
N PRO LA 195 65.09 63.56 6.39
CA PRO LA 195 66.37 62.88 6.18
C PRO LA 195 67.29 62.99 7.39
N LEU LA 196 68.53 62.53 7.27
CA LEU LA 196 69.50 62.52 8.36
C LEU LA 196 69.02 61.65 9.52
N TYR MA 1 -5.13 45.00 37.80
CA TYR MA 1 -6.02 46.06 38.27
C TYR MA 1 -5.22 47.28 38.74
N ARG MA 2 -4.35 47.79 37.87
CA ARG MA 2 -3.57 49.02 38.07
C ARG MA 2 -2.87 49.02 39.44
N TRP MA 3 -1.78 48.26 39.65
CA TRP MA 3 -0.78 47.81 38.64
C TRP MA 3 -0.05 48.97 37.91
N ARG MA 4 0.81 49.62 38.57
CA ARG MA 4 1.15 50.84 39.31
C ARG MA 4 0.51 52.17 38.81
N ARG MA 5 0.64 52.65 37.57
CA ARG MA 5 1.42 52.18 36.43
C ARG MA 5 2.49 53.22 36.04
N LYS MA 6 2.01 54.43 35.69
CA LYS MA 6 2.83 55.58 35.30
C LYS MA 6 2.40 56.85 36.01
N ASN MA 7 1.38 56.79 36.88
CA ASN MA 7 0.62 57.97 37.27
C ASN MA 7 1.34 58.88 38.26
N GLY MA 8 2.67 58.90 38.22
CA GLY MA 8 3.52 59.67 39.08
C GLY MA 8 4.57 58.79 39.74
N ILE MA 9 4.60 57.51 39.36
CA ILE MA 9 5.41 56.55 40.07
C ILE MA 9 6.87 56.83 39.78
N PHE MA 10 7.68 56.91 40.84
CA PHE MA 10 9.10 57.15 40.72
C PHE MA 10 9.81 56.38 41.83
N ASN MA 11 10.22 55.17 41.51
CA ASN MA 11 11.01 54.39 42.44
C ASN MA 11 12.41 54.96 42.52
N THR MA 12 12.93 55.07 43.74
CA THR MA 12 14.23 55.67 43.94
C THR MA 12 14.83 55.08 45.22
N ARG MA 13 15.90 55.72 45.69
CA ARG MA 13 16.67 55.25 46.82
C ARG MA 13 17.12 56.44 47.64
N LEU MA 14 17.25 56.23 48.94
CA LEU MA 14 17.74 57.24 49.85
C LEU MA 14 18.63 56.56 50.88
N SER MA 15 19.54 57.34 51.46
CA SER MA 15 20.51 56.81 52.38
C SER MA 15 20.99 57.90 53.30
N ARG MA 16 21.36 57.49 54.52
CA ARG MA 16 21.98 58.38 55.47
C ARG MA 16 22.97 57.57 56.28
N THR MA 17 23.63 58.23 57.23
CA THR MA 17 24.72 57.62 57.97
C THR MA 17 24.76 58.17 59.38
N ILE MA 18 25.10 57.31 60.33
CA ILE MA 18 25.16 57.67 61.74
C ILE MA 18 26.12 56.73 62.44
N GLY MA 19 26.67 57.20 63.56
CA GLY MA 19 27.55 56.41 64.39
C GLY MA 19 26.81 55.81 65.56
N TYR MA 20 27.20 54.60 65.92
CA TYR MA 20 26.64 53.91 67.07
C TYR MA 20 27.78 53.29 67.85
N THR MA 21 27.79 53.53 69.14
CA THR MA 21 28.95 53.28 69.99
C THR MA 21 28.53 52.39 71.15
N VAL MA 22 28.92 51.13 71.09
CA VAL MA 22 28.76 50.21 72.20
C VAL MA 22 29.94 50.38 73.13
N LYS MA 23 29.67 50.75 74.37
CA LYS MA 23 30.71 51.18 75.29
C LYS MA 23 31.34 49.99 76.00
N LYS MA 24 32.40 50.29 76.75
CA LYS MA 24 33.13 49.29 77.50
C LYS MA 24 32.35 48.86 78.74
N THR MA 25 32.92 47.88 79.43
CA THR MA 25 32.42 47.47 80.74
C THR MA 25 33.47 46.57 81.37
N THR MA 26 33.68 46.76 82.68
CA THR MA 26 34.58 45.88 83.41
C THR MA 26 33.98 44.50 83.61
N VAL MA 27 32.66 44.34 83.44
CA VAL MA 27 32.04 43.04 83.53
C VAL MA 27 32.66 42.11 82.50
N ARG MA 28 32.85 40.85 82.90
CA ARG MA 28 33.41 39.82 82.04
C ARG MA 28 32.41 38.73 81.68
N THR MA 29 31.33 38.61 82.43
CA THR MA 29 30.30 37.66 82.07
C THR MA 29 29.61 38.15 80.80
N PRO MA 30 29.01 37.25 80.01
CA PRO MA 30 28.32 37.68 78.80
C PRO MA 30 27.17 38.61 79.13
N SER MA 31 27.27 39.84 78.64
CA SER MA 31 26.24 40.84 78.82
C SER MA 31 26.03 41.56 77.50
N TRP MA 32 24.78 41.89 77.23
CA TRP MA 32 24.36 42.47 75.96
C TRP MA 32 23.90 43.91 76.14
N ASN MA 33 23.96 44.67 75.05
CA ASN MA 33 23.57 46.06 75.00
C ASN MA 33 22.46 46.19 73.97
N VAL MA 34 21.24 46.38 74.44
CA VAL MA 34 20.06 46.36 73.59
C VAL MA 34 19.71 47.78 73.18
N ASP MA 35 19.26 47.92 71.94
CA ASP MA 35 18.83 49.21 71.42
C ASP MA 35 17.96 48.94 70.22
N MET MA 36 17.00 49.83 69.99
CA MET MA 36 16.07 49.74 68.89
C MET MA 36 16.57 50.58 67.73
N MET MA 37 15.74 50.72 66.70
CA MET MA 37 16.08 51.54 65.54
C MET MA 37 14.80 51.89 64.80
N ARG MA 38 14.56 53.18 64.63
CA ARG MA 38 13.38 53.70 63.96
C ARG MA 38 13.77 54.37 62.65
N PHE MA 39 12.81 54.42 61.74
CA PHE MA 39 13.01 54.98 60.41
C PHE MA 39 11.94 56.03 60.16
N ASN MA 40 12.37 57.23 59.83
CA ASN MA 40 11.47 58.32 59.50
C ASN MA 40 12.04 59.06 58.32
N ILE MA 41 11.19 59.33 57.33
CA ILE MA 41 11.68 59.86 56.07
C ILE MA 41 12.14 61.30 56.17
N ASN MA 42 11.72 62.01 57.22
CA ASN MA 42 12.17 63.39 57.38
C ASN MA 42 13.68 63.46 57.58
N ASP MA 43 14.28 62.39 58.09
CA ASP MA 43 15.72 62.33 58.24
C ASP MA 43 16.44 62.06 56.93
N PHE MA 44 15.72 61.73 55.86
CA PHE MA 44 16.27 61.51 54.54
C PHE MA 44 15.98 62.65 53.57
N LEU MA 45 14.76 63.15 53.58
CA LEU MA 45 14.35 64.23 52.70
C LEU MA 45 14.45 65.55 53.43
N PRO MA 46 15.42 66.40 53.13
CA PRO MA 46 15.43 67.72 53.75
C PRO MA 46 14.35 68.60 53.16
N PRO MA 47 14.03 69.72 53.81
CA PRO MA 47 12.93 70.56 53.33
C PRO MA 47 13.33 71.40 52.13
N GLY MA 48 12.38 71.60 51.23
CA GLY MA 48 12.60 72.43 50.07
C GLY MA 48 12.46 73.90 50.38
N GLY MA 49 11.84 74.64 49.47
CA GLY MA 49 11.62 76.05 49.68
C GLY MA 49 10.56 76.63 48.77
N GLY MA 50 9.75 77.54 49.32
CA GLY MA 50 8.72 78.19 48.55
C GLY MA 50 7.44 77.38 48.49
N SER MA 51 6.80 77.38 47.32
CA SER MA 51 5.55 76.64 47.17
C SER MA 51 5.80 75.14 47.22
N ASN MA 52 6.99 74.70 46.86
CA ASN MA 52 7.36 73.29 46.96
C ASN MA 52 7.97 73.04 48.33
N PRO MA 53 7.27 72.40 49.26
CA PRO MA 53 7.79 72.34 50.64
C PRO MA 53 8.91 71.34 50.81
N LEU MA 54 8.89 70.27 50.02
CA LEU MA 54 9.90 69.23 50.06
C LEU MA 54 10.91 69.40 48.94
N THR MA 55 11.99 68.63 49.03
CA THR MA 55 12.99 68.59 47.98
C THR MA 55 12.60 67.69 46.83
N VAL MA 56 11.74 66.71 47.07
CA VAL MA 56 11.26 65.79 46.05
C VAL MA 56 9.83 66.19 45.72
N PRO MA 57 9.51 66.52 44.46
CA PRO MA 57 8.15 66.94 44.18
C PRO MA 57 7.18 65.78 43.97
N PHE MA 58 6.71 65.24 45.09
CA PHE MA 58 5.69 64.21 45.06
C PHE MA 58 4.83 64.35 46.30
N GLU MA 59 3.65 63.75 46.24
CA GLU MA 59 2.65 63.86 47.29
C GLU MA 59 2.60 62.63 48.18
N TYR MA 60 2.46 61.46 47.57
CA TYR MA 60 2.32 60.21 48.30
C TYR MA 60 3.65 59.46 48.30
N TYR MA 61 3.72 58.43 49.13
CA TYR MA 61 4.89 57.58 49.18
C TYR MA 61 4.58 56.32 49.95
N ARG MA 62 5.42 55.31 49.73
CA ARG MA 62 5.33 54.07 50.49
C ARG MA 62 6.69 53.40 50.44
N ILE MA 63 7.20 53.00 51.59
CA ILE MA 63 8.52 52.42 51.69
C ILE MA 63 8.43 50.93 51.37
N ARG MA 64 9.11 50.53 50.30
CA ARG MA 64 9.11 49.13 49.90
C ARG MA 64 10.05 48.31 50.77
N LYS MA 65 11.31 48.74 50.89
CA LYS MA 65 12.33 47.97 51.55
C LYS MA 65 13.28 48.90 52.28
N VAL MA 66 14.02 48.33 53.20
CA VAL MA 66 15.08 49.02 53.92
C VAL MA 66 16.26 48.09 54.01
N LYS MA 67 17.46 48.64 53.81
CA LYS MA 67 18.71 47.90 53.89
C LYS MA 67 19.59 48.60 54.91
N VAL MA 68 19.60 48.08 56.11
CA VAL MA 68 20.51 48.55 57.12
C VAL MA 68 21.86 47.89 56.90
N GLU MA 69 22.92 48.61 57.26
CA GLU MA 69 24.28 48.14 57.05
C GLU MA 69 25.12 48.60 58.23
N PHE MA 70 25.78 47.63 58.88
CA PHE MA 70 26.63 47.91 60.02
C PHE MA 70 28.09 47.88 59.57
N TRP MA 71 28.49 48.93 58.90
CA TRP MA 71 29.88 49.08 58.52
C TRP MA 71 30.70 49.36 59.77
N PRO MA 72 31.54 48.43 60.23
CA PRO MA 72 32.21 48.64 61.51
C PRO MA 72 33.25 49.75 61.44
N CYS MA 73 33.76 50.07 62.61
CA CYS MA 73 34.84 51.03 62.78
C CYS MA 73 36.01 50.45 63.57
N SER MA 74 35.90 49.21 64.03
CA SER MA 74 36.95 48.57 64.81
C SER MA 74 37.88 47.78 63.91
N PRO MA 75 39.10 47.53 64.34
CA PRO MA 75 40.05 46.81 63.49
C PRO MA 75 39.85 45.31 63.56
N ILE MA 76 40.52 44.63 62.64
CA ILE MA 76 40.49 43.18 62.60
C ILE MA 76 41.17 42.58 63.82
N THR MA 77 42.16 43.28 64.37
CA THR MA 77 43.00 42.73 65.42
C THR MA 77 42.43 42.96 66.81
N GLN MA 78 41.13 43.19 66.92
CA GLN MA 78 40.50 43.46 68.20
C GLN MA 78 40.10 42.15 68.86
N GLY MA 79 40.35 42.08 70.17
CA GLY MA 79 40.06 40.89 70.94
C GLY MA 79 38.77 41.01 71.74
N ASP MA 80 38.55 40.02 72.57
CA ASP MA 80 37.33 39.88 73.35
C ASP MA 80 36.11 39.99 72.43
N ARG MA 81 36.10 39.12 71.44
CA ARG MA 81 35.03 39.15 70.46
C ARG MA 81 33.73 38.73 71.13
N GLY MA 82 32.68 38.70 70.34
CA GLY MA 82 31.38 38.35 70.87
C GLY MA 82 30.44 37.94 69.78
N VAL MA 83 29.16 37.96 70.12
CA VAL MA 83 28.12 37.55 69.18
C VAL MA 83 26.82 38.21 69.61
N GLY MA 84 26.10 38.74 68.64
CA GLY MA 84 24.89 39.49 68.88
C GLY MA 84 23.73 38.98 68.05
N SER MA 85 22.70 39.81 67.89
CA SER MA 85 21.52 39.40 67.15
C SER MA 85 20.73 40.62 66.73
N THR MA 86 20.21 40.56 65.51
CA THR MA 86 19.32 41.56 64.97
C THR MA 86 18.00 40.91 64.59
N ALA MA 87 16.91 41.59 64.93
CA ALA MA 87 15.58 41.06 64.71
C ALA MA 87 14.69 42.18 64.18
N VAL MA 88 13.63 41.76 63.51
CA VAL MA 88 12.69 42.65 62.86
C VAL MA 88 11.48 42.80 63.76
N ILE MA 89 11.15 44.05 64.09
CA ILE MA 89 10.08 44.38 65.01
C ILE MA 89 9.15 45.33 64.28
N LEU MA 90 7.95 44.85 63.96
CA LEU MA 90 7.05 45.55 63.05
C LEU MA 90 5.89 46.20 63.79
N ASP MA 91 5.99 46.34 65.12
CA ASP MA 91 4.85 46.77 65.94
C ASP MA 91 5.20 47.82 66.97
N ASP MA 92 6.41 48.38 66.95
CA ASP MA 92 6.84 49.38 67.92
C ASP MA 92 6.88 48.82 69.32
N ASN MA 93 7.03 47.51 69.44
CA ASN MA 93 7.17 46.83 70.73
C ASN MA 93 8.57 46.25 70.73
N PHE MA 94 9.52 47.08 71.11
CA PHE MA 94 10.89 46.65 71.25
C PHE MA 94 11.09 46.08 72.64
N VAL MA 95 12.32 45.69 72.93
CA VAL MA 95 12.69 45.11 74.20
C VAL MA 95 13.57 46.13 74.90
N THR MA 96 13.22 46.42 76.16
CA THR MA 96 13.62 47.64 76.85
C THR MA 96 15.10 47.96 76.70
N LYS MA 97 15.38 49.22 76.42
CA LYS MA 97 16.74 49.69 76.23
C LYS MA 97 17.57 49.43 77.47
N ALA MA 98 18.70 48.76 77.28
CA ALA MA 98 19.52 48.32 78.40
C ALA MA 98 20.98 48.30 77.97
N ASN MA 99 21.85 48.71 78.88
CA ASN MA 99 23.28 48.69 78.64
C ASN MA 99 23.91 47.35 78.96
N ALA MA 100 23.29 46.56 79.83
CA ALA MA 100 23.84 45.28 80.24
C ALA MA 100 22.69 44.36 80.60
N LEU MA 101 22.50 43.33 79.80
CA LEU MA 101 21.47 42.33 80.03
C LEU MA 101 22.12 40.96 79.93
N THR MA 102 21.74 40.07 80.84
CA THR MA 102 22.41 38.79 81.00
C THR MA 102 22.08 37.80 79.90
N TYR MA 103 21.30 38.17 78.90
CA TYR MA 103 20.94 37.24 77.85
C TYR MA 103 20.63 38.02 76.58
N ASP MA 104 20.62 37.31 75.47
CA ASP MA 104 20.29 37.88 74.17
C ASP MA 104 18.80 37.72 73.94
N PRO MA 105 17.99 38.76 74.10
CA PRO MA 105 16.55 38.56 73.97
C PRO MA 105 16.10 38.34 72.54
N TYR MA 106 16.83 38.87 71.57
CA TYR MA 106 16.48 38.73 70.17
C TYR MA 106 17.07 37.49 69.54
N VAL MA 107 17.45 36.49 70.33
CA VAL MA 107 18.14 35.32 69.78
C VAL MA 107 17.15 34.29 69.25
N ASN MA 108 16.06 34.05 69.97
CA ASN MA 108 15.07 33.07 69.56
C ASN MA 108 14.03 33.65 68.63
N TYR MA 109 14.06 34.95 68.37
CA TYR MA 109 13.15 35.55 67.41
C TYR MA 109 13.32 34.90 66.04
N SER MA 110 12.19 34.62 65.40
CA SER MA 110 12.22 33.96 64.09
C SER MA 110 12.93 34.81 63.06
N SER MA 111 12.91 36.13 63.22
CA SER MA 111 13.58 37.05 62.31
C SER MA 111 15.01 37.34 62.74
N ARG MA 112 15.63 36.42 63.47
CA ARG MA 112 16.97 36.64 63.98
C ARG MA 112 18.00 36.34 62.90
N HIS MA 113 18.95 37.25 62.75
CA HIS MA 113 20.11 37.04 61.89
C HIS MA 113 21.33 37.39 62.73
N THR MA 114 22.22 36.43 62.89
CA THR MA 114 23.30 36.56 63.83
C THR MA 114 24.30 37.63 63.39
N ILE MA 115 24.87 38.30 64.37
CA ILE MA 115 25.97 39.24 64.15
C ILE MA 115 27.24 38.60 64.67
N THR MA 116 28.29 38.69 63.88
CA THR MA 116 29.64 38.46 64.34
C THR MA 116 30.23 39.82 64.70
N GLN MA 117 31.00 39.86 65.77
CA GLN MA 117 31.52 41.11 66.31
C GLN MA 117 33.01 41.00 66.50
N PRO MA 118 33.72 42.13 66.58
CA PRO MA 118 33.34 43.53 66.39
C PRO MA 118 33.75 44.14 65.07
N PHE MA 119 34.30 43.34 64.16
CA PHE MA 119 34.89 43.84 62.93
C PHE MA 119 34.17 43.38 61.68
N SER MA 120 33.01 42.76 61.80
CA SER MA 120 32.31 42.18 60.67
C SER MA 120 31.19 43.09 60.19
N TYR MA 121 30.75 42.83 58.97
CA TYR MA 121 29.67 43.56 58.33
C TYR MA 121 28.39 42.75 58.43
N HIS MA 122 27.28 43.43 58.69
CA HIS MA 122 25.99 42.79 58.81
C HIS MA 122 24.94 43.67 58.17
N SER MA 123 24.04 43.03 57.42
CA SER MA 123 23.02 43.72 56.65
C SER MA 123 21.70 43.01 56.80
N ARG MA 124 20.62 43.79 56.73
CA ARG MA 124 19.26 43.31 56.94
C ARG MA 124 18.35 43.99 55.94
N TYR MA 125 17.89 43.26 54.95
CA TYR MA 125 17.07 43.77 53.86
C TYR MA 125 15.65 43.28 54.06
N PHE MA 126 14.79 44.18 54.53
CA PHE MA 126 13.45 43.80 54.92
C PHE MA 126 12.47 44.91 54.57
N THR MA 127 11.20 44.60 54.76
CA THR MA 127 10.11 45.53 54.52
C THR MA 127 9.64 46.11 55.85
N PRO MA 128 9.78 47.40 56.11
CA PRO MA 128 9.24 47.95 57.34
C PRO MA 128 7.75 48.21 57.21
N LYS MA 129 7.17 48.61 58.33
CA LYS MA 129 5.75 48.92 58.41
C LYS MA 129 5.60 50.21 59.18
N PRO MA 130 4.55 50.99 58.90
CA PRO MA 130 4.35 52.24 59.61
C PRO MA 130 3.59 52.04 60.92
N VAL MA 131 3.57 53.12 61.70
CA VAL MA 131 2.91 53.13 63.00
C VAL MA 131 1.61 53.91 62.79
N LEU MA 132 0.54 53.18 62.48
CA LEU MA 132 -0.76 53.80 62.29
C LEU MA 132 -1.48 54.03 63.62
N ASP MA 133 -1.44 53.05 64.51
CA ASP MA 133 -2.09 53.15 65.81
C ASP MA 133 -1.17 52.54 66.85
N ARG MA 134 -0.66 53.36 67.76
CA ARG MA 134 0.23 52.87 68.80
C ARG MA 134 -0.51 52.02 69.82
N THR MA 135 -1.77 52.38 70.10
CA THR MA 135 -2.56 51.62 71.08
C THR MA 135 -2.79 50.20 70.59
N ILE MA 136 -3.10 50.06 69.31
CA ILE MA 136 -3.50 48.77 68.74
C ILE MA 136 -2.31 48.08 68.09
N ASP MA 137 -1.44 48.85 67.45
CA ASP MA 137 -0.22 48.34 66.83
C ASP MA 137 -0.53 47.26 65.80
N TYR MA 138 -1.23 47.67 64.77
CA TYR MA 138 -1.54 46.80 63.65
C TYR MA 138 -0.67 47.13 62.46
N PHE MA 139 -0.52 46.14 61.58
CA PHE MA 139 0.24 46.29 60.36
C PHE MA 139 -0.18 45.18 59.42
N GLN MA 140 0.07 45.40 58.15
CA GLN MA 140 -0.37 44.49 57.13
C GLN MA 140 0.77 43.64 56.61
N PRO MA 141 0.47 42.53 55.96
CA PRO MA 141 1.55 41.69 55.43
C PRO MA 141 2.34 42.35 54.32
N ASN MA 142 3.29 41.62 53.77
CA ASN MA 142 4.10 42.09 52.67
C ASN MA 142 3.41 41.71 51.37
N ASN MA 143 2.70 42.67 50.78
CA ASN MA 143 2.12 42.51 49.47
C ASN MA 143 2.28 43.82 48.72
N LYS MA 144 3.00 43.78 47.61
CA LYS MA 144 3.36 45.00 46.92
C LYS MA 144 2.14 45.70 46.34
N ARG MA 145 1.23 44.95 45.73
CA ARG MA 145 0.09 45.55 45.06
C ARG MA 145 -0.77 46.33 46.03
N ASN MA 146 -1.14 45.71 47.15
CA ASN MA 146 -2.09 46.28 48.09
C ASN MA 146 -1.43 46.99 49.26
N GLN MA 147 -0.15 47.31 49.14
CA GLN MA 147 0.50 48.10 50.18
C GLN MA 147 -0.06 49.52 50.18
N LEU MA 148 -0.08 50.11 51.36
CA LEU MA 148 -0.72 51.40 51.55
C LEU MA 148 0.16 52.52 50.99
N TRP MA 149 -0.49 53.62 50.70
CA TRP MA 149 0.16 54.88 50.37
C TRP MA 149 0.02 55.84 51.53
N LEU MA 150 0.96 56.76 51.62
CA LEU MA 150 1.04 57.70 52.72
C LEU MA 150 1.38 59.07 52.18
N ARG MA 151 0.69 60.08 52.71
CA ARG MA 151 0.99 61.45 52.34
C ARG MA 151 2.40 61.81 52.79
N LEU MA 152 3.12 62.52 51.92
CA LEU MA 152 4.48 62.93 52.21
C LEU MA 152 4.39 64.29 52.89
N GLN MA 153 4.30 64.25 54.21
CA GLN MA 153 4.19 65.47 54.98
C GLN MA 153 5.54 66.18 55.06
N THR MA 154 5.49 67.41 55.54
CA THR MA 154 6.65 68.29 55.56
C THR MA 154 7.49 68.10 56.82
N THR MA 155 6.84 67.99 57.99
CA THR MA 155 7.53 67.95 59.27
C THR MA 155 7.06 66.84 60.20
N GLY MA 156 5.98 66.15 59.88
CA GLY MA 156 5.37 65.20 60.79
C GLY MA 156 5.11 63.83 60.19
N ASN MA 157 6.04 63.36 59.38
CA ASN MA 157 5.88 62.03 58.79
C ASN MA 157 5.92 60.97 59.87
N VAL MA 158 5.25 59.87 59.60
CA VAL MA 158 5.07 58.82 60.58
C VAL MA 158 6.34 58.00 60.70
N ASP MA 159 6.56 57.46 61.90
CA ASP MA 159 7.79 56.75 62.22
C ASP MA 159 7.62 55.29 61.82
N HIS MA 160 8.19 54.93 60.68
CA HIS MA 160 8.33 53.53 60.33
C HIS MA 160 9.20 52.81 61.35
N VAL MA 161 9.11 51.49 61.34
CA VAL MA 161 9.72 50.64 62.34
C VAL MA 161 10.14 49.35 61.66
N GLY MA 162 10.85 48.50 62.39
CA GLY MA 162 11.35 47.28 61.80
C GLY MA 162 12.70 46.71 62.20
N LEU MA 163 13.40 47.25 63.20
CA LEU MA 163 14.65 46.61 63.60
C LEU MA 163 14.99 46.86 65.05
N GLY MA 164 15.50 45.82 65.69
CA GLY MA 164 16.04 45.92 67.02
C GLY MA 164 17.31 45.11 67.12
N THR MA 165 18.22 45.56 67.99
CA THR MA 165 19.57 45.05 68.05
C THR MA 165 19.89 44.56 69.45
N ALA MA 166 20.92 43.71 69.52
CA ALA MA 166 21.47 43.27 70.79
C ALA MA 166 22.92 42.90 70.54
N PHE MA 167 23.83 43.79 70.96
CA PHE MA 167 25.25 43.59 70.81
C PHE MA 167 25.85 43.14 72.12
N GLU MA 168 26.81 42.23 72.02
CA GLU MA 168 27.46 41.68 73.21
C GLU MA 168 28.54 42.64 73.68
N ASN MA 169 28.48 43.00 74.95
CA ASN MA 169 29.43 43.94 75.50
C ASN MA 169 30.84 43.37 75.47
N SER MA 170 31.81 44.28 75.53
CA SER MA 170 33.21 43.90 75.47
C SER MA 170 34.02 44.90 76.26
N ILE MA 171 35.27 44.51 76.56
CA ILE MA 171 36.17 45.38 77.30
C ILE MA 171 36.45 46.64 76.50
N TYR MA 172 36.58 46.51 75.19
CA TYR MA 172 36.93 47.61 74.31
C TYR MA 172 35.68 48.19 73.68
N ASP MA 173 35.76 49.46 73.32
CA ASP MA 173 34.68 50.11 72.60
C ASP MA 173 34.49 49.45 71.24
N GLN MA 174 33.24 49.29 70.84
CA GLN MA 174 32.86 48.74 69.55
C GLN MA 174 32.09 49.84 68.83
N ASP MA 175 32.82 50.69 68.14
CA ASP MA 175 32.19 51.73 67.34
C ASP MA 175 31.74 51.16 66.01
N TYR MA 176 30.63 51.68 65.52
CA TYR MA 176 30.06 51.25 64.25
C TYR MA 176 29.67 52.47 63.44
N ASN MA 177 29.50 52.25 62.14
CA ASN MA 177 29.13 53.29 61.18
C ASN MA 177 27.92 52.74 60.45
N ILE MA 178 26.74 53.08 60.94
CA ILE MA 178 25.51 52.54 60.41
C ILE MA 178 25.10 53.33 59.17
N ARG MA 179 24.61 52.62 58.18
CA ARG MA 179 24.06 53.21 56.96
C ARG MA 179 22.66 52.66 56.77
N ILE MA 180 21.68 53.56 56.73
CA ILE MA 180 20.28 53.18 56.57
C ILE MA 180 19.85 53.54 55.16
N THR MA 181 19.93 52.58 54.27
CA THR MA 181 19.46 52.75 52.90
C THR MA 181 17.99 52.42 52.83
N MET MA 182 17.24 53.26 52.11
CA MET MA 182 15.80 53.15 51.99
C MET MA 182 15.42 53.13 50.53
N TYR MA 183 14.46 52.28 50.19
CA TYR MA 183 13.97 52.11 48.83
C TYR MA 183 12.51 52.52 48.81
N VAL MA 184 12.27 53.73 48.31
CA VAL MA 184 10.99 54.39 48.42
C VAL MA 184 10.32 54.38 47.06
N GLN MA 185 9.02 54.63 47.06
CA GLN MA 185 8.23 54.67 45.85
C GLN MA 185 7.22 55.80 45.98
N PHE MA 186 7.45 56.88 45.25
CA PHE MA 186 6.63 58.08 45.33
C PHE MA 186 5.54 58.05 44.27
N ARG MA 187 4.73 59.10 44.23
CA ARG MA 187 3.57 59.15 43.35
C ARG MA 187 3.04 60.58 43.32
N GLU MA 188 2.30 60.88 42.26
CA GLU MA 188 1.60 62.16 42.08
C GLU MA 188 2.57 63.34 42.11
N PHE MA 189 3.35 63.42 41.03
CA PHE MA 189 4.27 64.52 40.80
C PHE MA 189 3.54 65.85 40.90
N ASN MA 190 3.84 66.63 41.92
CA ASN MA 190 3.07 67.80 42.31
C ASN MA 190 3.92 69.06 42.32
N LEU MA 191 4.71 69.25 41.29
CA LEU MA 191 5.59 70.41 41.24
C LEU MA 191 4.79 71.66 40.93
N LYS MA 192 5.19 72.75 41.55
CA LYS MA 192 4.65 74.07 41.28
C LYS MA 192 5.65 74.88 40.47
N ASP MA 193 5.13 75.85 39.72
CA ASP MA 193 5.95 76.74 38.89
C ASP MA 193 5.37 78.14 38.93
N PRO MA 194 5.62 78.89 39.99
CA PRO MA 194 5.26 80.29 40.01
C PRO MA 194 6.09 81.07 39.01
N PRO MA 195 5.72 82.31 38.74
CA PRO MA 195 6.56 83.15 37.87
C PRO MA 195 7.81 83.63 38.59
N LEU MA 196 8.57 84.51 37.93
CA LEU MA 196 9.83 85.04 38.47
C LEU MA 196 10.84 83.92 38.67
N TYR NA 1 1.83 5.86 58.78
CA TYR NA 1 1.20 5.47 60.02
C TYR NA 1 1.33 6.57 61.09
N ARG NA 2 0.89 7.79 60.72
CA ARG NA 2 0.82 8.95 61.60
C ARG NA 2 2.14 9.17 62.37
N TRP NA 3 3.21 9.68 61.74
CA TRP NA 3 3.22 10.60 60.56
C TRP NA 3 2.49 11.94 60.80
N ARG NA 4 3.07 12.79 61.55
CA ARG NA 4 3.16 13.43 62.86
C ARG NA 4 1.84 13.65 63.63
N ARG NA 5 0.78 14.32 63.16
CA ARG NA 5 0.60 15.07 61.93
C ARG NA 5 0.35 16.56 62.22
N LYS NA 6 -0.74 16.82 62.98
CA LYS NA 6 -1.18 18.14 63.42
C LYS NA 6 -1.52 18.16 64.90
N ASN NA 7 -1.39 17.04 65.61
CA ASN NA 7 -2.08 16.84 66.89
C ASN NA 7 -1.47 17.59 68.06
N GLY NA 8 -0.84 18.74 67.78
CA GLY NA 8 -0.18 19.57 68.76
C GLY NA 8 1.24 19.86 68.34
N ILE NA 9 1.63 19.41 67.15
CA ILE NA 9 3.02 19.45 66.74
C ILE NA 9 3.41 20.89 66.48
N PHE NA 10 4.51 21.31 67.08
CA PHE NA 10 5.03 22.66 66.91
C PHE NA 10 6.54 22.60 66.93
N ASN NA 11 7.14 22.48 65.76
CA ASN NA 11 8.58 22.53 65.63
C ASN NA 11 9.05 23.95 65.84
N THR NA 12 10.12 24.10 66.62
CA THR NA 12 10.63 25.42 66.94
C THR NA 12 12.12 25.30 67.23
N ARG NA 13 12.68 26.37 67.79
CA ARG NA 13 14.10 26.48 68.03
C ARG NA 13 14.31 27.19 69.36
N LEU NA 14 15.40 26.85 70.02
CA LEU NA 14 15.80 27.47 71.27
C LEU NA 14 17.30 27.62 71.27
N SER NA 15 17.78 28.59 72.04
CA SER NA 15 19.19 28.91 72.07
C SER NA 15 19.55 29.56 73.38
N ARG NA 16 20.79 29.36 73.80
CA ARG NA 16 21.34 30.02 74.96
C ARG NA 16 22.82 30.27 74.70
N THR NA 17 23.49 30.86 75.68
CA THR NA 17 24.86 31.29 75.50
C THR NA 17 25.60 31.19 76.81
N ILE NA 18 26.88 30.82 76.73
CA ILE NA 18 27.73 30.65 77.90
C ILE NA 18 29.18 30.83 77.48
N GLY NA 19 30.00 31.21 78.45
CA GLY NA 19 31.43 31.36 78.24
C GLY NA 19 32.18 30.14 78.71
N TYR NA 20 33.24 29.80 77.97
CA TYR NA 20 34.12 28.69 78.31
C TYR NA 20 35.54 29.16 78.14
N THR NA 21 36.36 28.92 79.17
CA THR NA 21 37.66 29.55 79.33
C THR NA 21 38.71 28.47 79.50
N VAL NA 22 39.49 28.23 78.45
CA VAL NA 22 40.65 27.36 78.53
C VAL NA 22 41.82 28.19 79.04
N LYS NA 23 42.38 27.79 80.17
CA LYS NA 23 43.33 28.61 80.88
C LYS NA 23 44.74 28.40 80.35
N LYS NA 24 45.65 29.22 80.85
CA LYS NA 24 47.05 29.17 80.47
C LYS NA 24 47.74 27.97 81.10
N THR NA 25 49.02 27.80 80.72
CA THR NA 25 49.89 26.84 81.36
C THR NA 25 51.31 27.13 80.91
N THR NA 26 52.25 27.03 81.86
CA THR NA 26 53.66 27.18 81.53
C THR NA 26 54.19 25.98 80.74
N VAL NA 27 53.48 24.85 80.77
CA VAL NA 27 53.88 23.70 79.98
C VAL NA 27 53.91 24.07 78.52
N ARG NA 28 54.92 23.55 77.81
CA ARG NA 28 55.10 23.78 76.39
C ARG NA 28 54.89 22.54 75.55
N THR NA 29 54.94 21.36 76.16
CA THR NA 29 54.63 20.16 75.41
C THR NA 29 53.14 20.15 75.07
N PRO NA 30 52.74 19.45 74.01
CA PRO NA 30 51.31 19.40 73.68
C PRO NA 30 50.51 18.77 74.80
N SER NA 31 49.60 19.55 75.37
CA SER NA 31 48.71 19.10 76.41
C SER NA 31 47.32 19.61 76.13
N TRP NA 32 46.33 18.78 76.43
CA TRP NA 32 44.94 19.05 76.12
C TRP NA 32 44.12 19.28 77.38
N ASN NA 33 43.00 19.97 77.21
CA ASN NA 33 42.08 20.30 78.28
C ASN NA 33 40.73 19.71 77.92
N VAL NA 34 40.35 18.64 78.60
CA VAL NA 34 39.18 17.87 78.25
C VAL NA 34 38.00 18.34 79.10
N ASP NA 35 36.83 18.37 78.48
CA ASP NA 35 35.61 18.74 79.17
C ASP NA 35 34.44 18.22 78.35
N MET NA 36 33.37 17.88 79.04
CA MET NA 36 32.16 17.36 78.43
C MET NA 36 31.17 18.49 78.20
N MET NA 37 29.95 18.13 77.80
CA MET NA 37 28.90 19.11 77.58
C MET NA 37 27.56 18.40 77.60
N ARG NA 38 26.68 18.84 78.49
CA ARG NA 38 25.35 18.27 78.67
C ARG NA 38 24.29 19.27 78.23
N PHE NA 39 23.14 18.74 77.85
CA PHE NA 39 22.02 19.52 77.37
C PHE NA 39 20.78 19.18 78.18
N ASN NA 40 20.16 20.19 78.77
CA ASN NA 40 18.94 20.02 79.54
C ASN NA 40 18.02 21.18 79.20
N ILE NA 41 16.76 20.86 78.91
CA ILE NA 41 15.85 21.85 78.38
C ILE NA 41 15.44 22.88 79.43
N ASN NA 42 15.62 22.57 80.71
CA ASN NA 42 15.28 23.54 81.74
C ASN NA 42 16.15 24.78 81.64
N ASP NA 43 17.34 24.66 81.07
CA ASP NA 43 18.20 25.80 80.84
C ASP NA 43 17.77 26.65 79.66
N PHE NA 44 16.81 26.18 78.87
CA PHE NA 44 16.26 26.92 77.73
C PHE NA 44 14.88 27.47 78.00
N LEU NA 45 14.00 26.65 78.61
CA LEU NA 45 12.64 27.05 78.90
C LEU NA 45 12.56 27.54 80.33
N PRO NA 46 12.41 28.85 80.59
CA PRO NA 46 12.20 29.29 81.96
C PRO NA 46 10.79 28.95 82.42
N PRO NA 47 10.54 29.01 83.73
CA PRO NA 47 9.23 28.60 84.24
C PRO NA 47 8.18 29.66 84.00
N GLY NA 48 6.96 29.19 83.74
CA GLY NA 48 5.84 30.08 83.56
C GLY NA 48 5.26 30.56 84.87
N GLY NA 49 3.94 30.62 84.95
CA GLY NA 49 3.28 31.04 86.16
C GLY NA 49 1.81 30.66 86.20
N GLY NA 50 1.34 30.24 87.37
CA GLY NA 50 -0.04 29.88 87.55
C GLY NA 50 -0.32 28.45 87.16
N SER NA 51 -1.47 28.22 86.53
CA SER NA 51 -1.84 26.88 86.11
C SER NA 51 -0.94 26.38 84.99
N ASN NA 52 -0.37 27.29 84.21
CA ASN NA 52 0.57 26.91 83.16
C ASN NA 52 1.97 26.94 83.76
N PRO NA 53 2.61 25.80 84.03
CA PRO NA 53 3.87 25.83 84.78
C PRO NA 53 5.05 26.27 83.94
N LEU NA 54 5.01 25.97 82.64
CA LEU NA 54 6.07 26.32 81.72
C LEU NA 54 5.69 27.57 80.92
N THR NA 55 6.68 28.10 80.20
CA THR NA 55 6.46 29.22 79.31
C THR NA 55 5.89 28.79 77.97
N VAL NA 56 6.11 27.55 77.56
CA VAL NA 56 5.61 27.00 76.32
C VAL NA 56 4.46 26.07 76.67
N PRO NA 57 3.25 26.30 76.16
CA PRO NA 57 2.14 25.43 76.55
C PRO NA 57 2.09 24.13 75.73
N PHE NA 58 2.91 23.17 76.15
CA PHE NA 58 2.90 21.84 75.57
C PHE NA 58 3.27 20.84 76.64
N GLU NA 59 2.92 19.58 76.39
CA GLU NA 59 3.12 18.50 77.34
C GLU NA 59 4.34 17.66 77.02
N TYR NA 60 4.41 17.15 75.80
CA TYR NA 60 5.48 16.26 75.37
C TYR NA 60 6.52 17.03 74.57
N TYR NA 61 7.64 16.40 74.33
CA TYR NA 61 8.69 16.99 73.51
C TYR NA 61 9.70 15.92 73.16
N ARG NA 62 10.48 16.21 72.11
CA ARG NA 62 11.60 15.37 71.71
C ARG NA 62 12.56 16.22 70.92
N ILE NA 63 13.84 16.15 71.28
CA ILE NA 63 14.86 16.97 70.66
C ILE NA 63 15.32 16.30 69.38
N ARG NA 64 15.12 16.97 68.26
CA ARG NA 64 15.52 16.44 66.98
C ARG NA 64 17.01 16.61 66.75
N LYS NA 65 17.51 17.83 66.91
CA LYS NA 65 18.88 18.17 66.58
C LYS NA 65 19.40 19.20 67.55
N VAL NA 66 20.72 19.30 67.60
CA VAL NA 66 21.42 20.31 68.37
C VAL NA 66 22.54 20.86 67.52
N LYS NA 67 22.72 22.18 67.56
CA LYS NA 67 23.78 22.86 66.83
C LYS NA 67 24.58 23.65 67.85
N VAL NA 68 25.70 23.09 68.24
CA VAL NA 68 26.65 23.79 69.08
C VAL NA 68 27.50 24.69 68.19
N GLU NA 69 27.92 25.82 68.75
CA GLU NA 69 28.69 26.82 68.01
C GLU NA 69 29.73 27.40 68.94
N PHE NA 70 30.99 27.33 68.53
CA PHE NA 70 32.10 27.87 69.32
C PHE NA 70 32.52 29.20 68.73
N TRP NA 71 31.73 30.22 69.00
CA TRP NA 71 32.09 31.56 68.58
C TRP NA 71 33.24 32.04 69.44
N PRO NA 72 34.45 32.18 68.91
CA PRO NA 72 35.59 32.50 69.77
C PRO NA 72 35.52 33.90 70.33
N CYS NA 73 36.44 34.16 71.24
CA CYS NA 73 36.63 35.47 71.85
C CYS NA 73 38.06 35.97 71.72
N SER NA 74 38.95 35.18 71.12
CA SER NA 74 40.34 35.54 70.97
C SER NA 74 40.57 36.21 69.62
N PRO NA 75 41.61 37.01 69.48
CA PRO NA 75 41.83 37.72 68.22
C PRO NA 75 42.53 36.83 67.20
N ILE NA 76 42.55 37.34 65.97
CA ILE NA 76 43.23 36.66 64.88
C ILE NA 76 44.73 36.63 65.11
N THR NA 77 45.27 37.63 65.79
CA THR NA 77 46.71 37.79 65.91
C THR NA 77 47.30 37.03 67.09
N GLN NA 78 46.60 36.01 67.58
CA GLN NA 78 47.07 35.26 68.72
C GLN NA 78 47.98 34.14 68.28
N GLY NA 79 49.06 33.95 69.01
CA GLY NA 79 50.05 32.95 68.70
C GLY NA 79 49.91 31.70 69.55
N ASP NA 80 50.90 30.82 69.40
CA ASP NA 80 50.89 29.51 70.05
C ASP NA 80 49.58 28.79 69.76
N ARG NA 81 49.29 28.65 68.48
CA ARG NA 81 48.05 28.02 68.06
C ARG NA 81 48.08 26.55 68.43
N GLY NA 82 47.01 25.87 68.10
CA GLY NA 82 46.90 24.48 68.44
C GLY NA 82 45.87 23.79 67.61
N VAL NA 83 45.45 22.63 68.08
CA VAL NA 83 44.47 21.82 67.37
C VAL NA 83 43.79 20.91 68.38
N GLY NA 84 42.48 20.81 68.27
CA GLY NA 84 41.66 20.06 69.21
C GLY NA 84 40.75 19.09 68.52
N SER NA 85 39.70 18.64 69.22
CA SER NA 85 38.80 17.66 68.66
C SER NA 85 37.49 17.68 69.43
N THR NA 86 36.40 17.54 68.70
CA THR NA 86 35.06 17.41 69.26
C THR NA 86 34.46 16.10 68.79
N ALA NA 87 33.82 15.40 69.72
CA ALA NA 87 33.25 14.10 69.44
C ALA NA 87 31.88 14.00 70.08
N VAL NA 88 31.08 13.10 69.53
CA VAL NA 88 29.70 12.90 69.94
C VAL NA 88 29.65 11.70 70.87
N ILE NA 89 29.11 11.90 72.07
CA ILE NA 89 29.05 10.90 73.12
C ILE NA 89 27.60 10.75 73.52
N LEU NA 90 27.00 9.61 73.17
CA LEU NA 90 25.58 9.43 73.28
C LEU NA 90 25.19 8.55 74.45
N ASP NA 91 26.11 8.33 75.41
CA ASP NA 91 25.90 7.33 76.46
C ASP NA 91 26.28 7.84 77.85
N ASP NA 92 26.60 9.12 78.01
CA ASP NA 92 27.01 9.68 79.30
C ASP NA 92 28.30 9.06 79.79
N ASN NA 93 29.11 8.54 78.88
CA ASN NA 93 30.43 8.00 79.18
C ASN NA 93 31.43 8.91 78.49
N PHE NA 94 31.75 10.00 79.17
CA PHE NA 94 32.75 10.92 78.68
C PHE NA 94 34.12 10.43 79.12
N VAL NA 95 35.14 11.21 78.80
CA VAL NA 95 36.53 10.91 79.12
C VAL NA 95 36.94 11.92 80.17
N THR NA 96 37.52 11.43 81.26
CA THR NA 96 37.60 12.13 82.53
C THR NA 96 38.09 13.57 82.38
N LYS NA 97 37.40 14.46 83.08
CA LYS NA 97 37.72 15.88 83.05
C LYS NA 97 39.16 16.11 83.50
N ALA NA 98 39.92 16.82 82.68
CA ALA NA 98 41.33 16.99 82.92
C ALA NA 98 41.77 18.32 82.34
N ASN NA 99 42.65 19.00 83.08
CA ASN NA 99 43.21 20.26 82.63
C ASN NA 99 44.41 20.08 81.73
N ALA NA 100 45.11 18.97 81.84
CA ALA NA 100 46.32 18.72 81.06
C ALA NA 100 46.44 17.23 80.83
N LEU NA 101 46.29 16.81 79.59
CA LEU NA 101 46.44 15.43 79.20
C LEU NA 101 47.37 15.37 78.00
N THR NA 102 48.26 14.39 78.01
CA THR NA 102 49.34 14.32 77.05
C THR NA 102 48.91 13.89 75.66
N TYR NA 103 47.62 13.67 75.43
CA TYR NA 103 47.15 13.23 74.14
C TYR NA 103 45.70 13.68 73.95
N ASP NA 104 45.27 13.64 72.71
CA ASP NA 104 43.90 13.99 72.34
C ASP NA 104 43.07 12.72 72.36
N PRO NA 105 42.25 12.48 73.38
CA PRO NA 105 41.54 11.20 73.42
C PRO NA 105 40.42 11.12 72.42
N TYR NA 106 39.83 12.24 72.04
CA TYR NA 106 38.73 12.27 71.09
C TYR NA 106 39.20 12.38 69.65
N VAL NA 107 40.44 12.01 69.36
CA VAL NA 107 40.98 12.21 68.01
C VAL NA 107 40.61 11.05 67.10
N ASN NA 108 40.70 9.82 67.59
CA ASN NA 108 40.40 8.64 66.80
C ASN NA 108 38.92 8.28 66.81
N TYR NA 109 38.11 8.98 67.60
CA TYR NA 109 36.68 8.75 67.58
C TYR NA 109 36.12 8.97 66.19
N SER NA 110 35.23 8.07 65.78
CA SER NA 110 34.66 8.15 64.45
C SER NA 110 33.86 9.43 64.26
N SER NA 111 33.30 9.97 65.33
CA SER NA 111 32.55 11.21 65.30
C SER NA 111 33.42 12.44 65.51
N ARG NA 112 34.70 12.34 65.20
CA ARG NA 112 35.63 13.43 65.43
C ARG NA 112 35.54 14.45 64.32
N HIS NA 113 35.45 15.72 64.70
CA HIS NA 113 35.53 16.84 63.79
C HIS NA 113 36.55 17.80 64.35
N THR NA 114 37.59 18.06 63.57
CA THR NA 114 38.75 18.78 64.08
C THR NA 114 38.40 20.22 64.39
N ILE NA 115 39.06 20.76 65.41
CA ILE NA 115 38.99 22.16 65.76
C ILE NA 115 40.31 22.81 65.38
N THR NA 116 40.23 23.95 64.73
CA THR NA 116 41.35 24.86 64.61
C THR NA 116 41.23 25.88 65.72
N GLN NA 117 42.34 26.26 66.30
CA GLN NA 117 42.37 27.12 67.48
C GLN NA 117 43.31 28.28 67.23
N PRO NA 118 43.16 29.38 67.98
CA PRO NA 118 42.15 29.75 68.98
C PRO NA 118 41.11 30.74 68.47
N PHE NA 119 41.14 31.08 67.19
CA PHE NA 119 40.32 32.15 66.66
C PHE NA 119 39.29 31.67 65.63
N SER NA 120 39.11 30.38 65.48
CA SER NA 120 38.25 29.84 64.45
C SER NA 120 36.90 29.45 65.02
N TYR NA 121 35.94 29.29 64.11
CA TYR NA 121 34.58 28.89 64.44
C TYR NA 121 34.41 27.41 64.15
N HIS NA 122 33.70 26.72 65.04
CA HIS NA 122 33.45 25.29 64.90
C HIS NA 122 32.02 24.99 65.32
N SER NA 123 31.36 24.15 64.53
CA SER NA 123 29.97 23.82 64.74
C SER NA 123 29.75 22.34 64.56
N ARG NA 124 28.78 21.80 65.30
CA ARG NA 124 28.49 20.38 65.32
C ARG NA 124 26.98 20.20 65.37
N TYR NA 125 26.41 19.75 64.27
CA TYR NA 125 24.97 19.60 64.09
C TYR NA 125 24.65 18.12 64.13
N PHE NA 126 24.11 17.67 65.25
CA PHE NA 126 23.89 16.25 65.49
C PHE NA 126 22.60 16.05 66.27
N THR NA 127 22.25 14.77 66.40
CA THR NA 127 21.07 14.35 67.14
C THR NA 127 21.50 13.85 68.51
N PRO NA 128 21.11 14.49 69.60
CA PRO NA 128 21.43 13.96 70.92
C PRO NA 128 20.48 12.86 71.30
N LYS NA 129 20.77 12.24 72.44
CA LYS NA 129 19.96 11.17 72.98
C LYS NA 129 19.78 11.42 74.46
N PRO NA 130 18.68 10.97 75.05
CA PRO NA 130 18.46 11.18 76.47
C PRO NA 130 19.10 10.09 77.32
N VAL NA 131 19.11 10.35 78.62
CA VAL NA 131 19.69 9.45 79.61
C VAL NA 131 18.51 8.77 80.29
N LEU NA 132 18.12 7.61 79.76
CA LEU NA 132 17.01 6.86 80.33
C LEU NA 132 17.48 5.99 81.50
N ASP NA 133 18.62 5.32 81.35
CA ASP NA 133 19.16 4.47 82.40
C ASP NA 133 20.67 4.68 82.45
N ARG NA 134 21.16 5.23 83.56
CA ARG NA 134 22.58 5.46 83.69
C ARG NA 134 23.35 4.16 83.87
N THR NA 135 22.75 3.19 84.57
CA THR NA 135 23.41 1.91 84.78
C THR NA 135 23.66 1.20 83.47
N ILE NA 136 22.66 1.22 82.58
CA ILE NA 136 22.70 0.46 81.35
C ILE NA 136 23.18 1.30 80.19
N ASP NA 137 22.78 2.58 80.17
CA ASP NA 137 23.21 3.55 79.17
C ASP NA 137 22.87 3.07 77.76
N TYR NA 138 21.56 2.95 77.52
CA TYR NA 138 21.06 2.59 76.21
C TYR NA 138 20.49 3.81 75.51
N PHE NA 139 20.43 3.72 74.19
CA PHE NA 139 19.88 4.77 73.36
C PHE NA 139 19.55 4.17 72.01
N GLN NA 140 18.66 4.82 71.31
CA GLN NA 140 18.16 4.30 70.05
C GLN NA 140 18.80 5.03 68.88
N PRO NA 141 18.74 4.44 67.68
CA PRO NA 141 19.32 5.11 66.53
C PRO NA 141 18.60 6.37 66.14
N ASN NA 142 19.06 6.99 65.06
CA ASN NA 142 18.45 8.21 64.55
C ASN NA 142 17.37 7.80 63.55
N ASN NA 143 16.12 7.82 64.01
CA ASN NA 143 14.97 7.61 63.14
C ASN NA 143 13.88 8.55 63.60
N LYS NA 144 13.48 9.45 62.71
CA LYS NA 144 12.56 10.50 63.09
C LYS NA 144 11.20 9.96 63.46
N ARG NA 145 10.67 9.01 62.68
CA ARG NA 145 9.32 8.51 62.91
C ARG NA 145 9.20 7.88 64.28
N ASN NA 146 10.11 6.98 64.62
CA ASN NA 146 10.02 6.17 65.82
C ASN NA 146 10.83 6.75 66.98
N GLN NA 147 11.23 8.01 66.90
CA GLN NA 147 11.89 8.63 68.03
C GLN NA 147 10.92 8.81 69.18
N LEU NA 148 11.45 8.74 70.39
CA LEU NA 148 10.61 8.75 71.57
C LEU NA 148 10.11 10.15 71.87
N TRP NA 149 9.03 10.19 72.62
CA TRP NA 149 8.49 11.41 73.19
C TRP NA 149 8.78 11.42 74.68
N LEU NA 150 8.86 12.61 75.24
CA LEU NA 150 9.20 12.81 76.64
C LEU NA 150 8.32 13.88 77.24
N ARG NA 151 7.84 13.62 78.45
CA ARG NA 151 7.05 14.60 79.16
C ARG NA 151 7.90 15.83 79.45
N LEU NA 152 7.30 17.00 79.27
CA LEU NA 152 7.98 18.26 79.50
C LEU NA 152 7.75 18.62 80.96
N GLN NA 153 8.65 18.18 81.81
CA GLN NA 153 8.54 18.42 83.23
C GLN NA 153 8.92 19.86 83.55
N THR NA 154 8.63 20.26 84.77
CA THR NA 154 8.80 21.64 85.21
C THR NA 154 10.20 21.92 85.74
N THR NA 155 10.75 21.00 86.53
CA THR NA 155 12.03 21.20 87.21
C THR NA 155 13.00 20.05 87.08
N GLY NA 156 12.57 18.89 86.58
CA GLY NA 156 13.39 17.69 86.59
C GLY NA 156 13.49 17.02 85.24
N ASN NA 157 13.63 17.79 84.18
CA ASN NA 157 13.79 17.22 82.86
C ASN NA 157 15.10 16.46 82.77
N VAL NA 158 15.12 15.47 81.90
CA VAL NA 158 16.25 14.56 81.81
C VAL NA 158 17.38 15.21 81.04
N ASP NA 159 18.60 14.83 81.38
CA ASP NA 159 19.81 15.44 80.83
C ASP NA 159 20.16 14.74 79.53
N HIS NA 160 19.82 15.37 78.42
CA HIS NA 160 20.33 14.94 77.14
C HIS NA 160 21.84 15.05 77.11
N VAL NA 161 22.44 14.38 76.13
CA VAL NA 161 23.88 14.22 76.05
C VAL NA 161 24.25 14.17 74.57
N GLY NA 162 25.56 14.18 74.29
CA GLY NA 162 25.99 14.19 72.91
C GLY NA 162 27.23 14.97 72.51
N LEU NA 163 28.02 15.52 73.41
CA LEU NA 163 29.25 16.17 72.96
C LEU NA 163 30.33 16.17 74.03
N GLY NA 164 31.55 15.95 73.58
CA GLY NA 164 32.72 16.09 74.42
C GLY NA 164 33.83 16.75 73.64
N THR NA 165 34.67 17.49 74.37
CA THR NA 165 35.66 18.38 73.77
C THR NA 165 37.05 18.03 74.26
N ALA NA 166 38.03 18.49 73.50
CA ALA NA 166 39.43 18.40 73.88
C ALA NA 166 40.16 19.53 73.19
N PHE NA 167 40.47 20.58 73.93
CA PHE NA 167 41.17 21.73 73.42
C PHE NA 167 42.64 21.68 73.82
N GLU NA 168 43.51 22.09 72.91
CA GLU NA 168 44.94 22.06 73.14
C GLU NA 168 45.34 23.28 73.96
N ASN NA 169 46.04 23.05 75.06
CA ASN NA 169 46.43 24.12 75.93
C ASN NA 169 47.40 25.06 75.22
N SER NA 170 47.49 26.28 75.75
CA SER NA 170 48.33 27.30 75.16
C SER NA 170 48.81 28.24 76.26
N ILE NA 171 49.83 29.02 75.93
CA ILE NA 171 50.38 29.98 76.87
C ILE NA 171 49.33 31.01 77.24
N TYR NA 172 48.53 31.42 76.25
CA TYR NA 172 47.53 32.46 76.43
C TYR NA 172 46.17 31.86 76.69
N ASP NA 173 45.33 32.61 77.38
CA ASP NA 173 43.96 32.20 77.58
C ASP NA 173 43.23 32.11 76.25
N GLN NA 174 42.39 31.10 76.12
CA GLN NA 174 41.55 30.88 74.94
C GLN NA 174 40.12 30.93 75.42
N ASP NA 175 39.57 32.13 75.47
CA ASP NA 175 38.18 32.29 75.84
C ASP NA 175 37.29 32.02 74.64
N TYR NA 176 36.13 31.45 74.90
CA TYR NA 176 35.15 31.12 73.88
C TYR NA 176 33.78 31.60 74.32
N ASN NA 177 32.89 31.71 73.35
CA ASN NA 177 31.51 32.13 73.56
C ASN NA 177 30.64 31.06 72.91
N ILE NA 178 30.23 30.09 73.70
CA ILE NA 178 29.50 28.95 73.19
C ILE NA 178 28.04 29.31 73.05
N ARG NA 179 27.43 28.84 71.97
CA ARG NA 179 26.00 28.98 71.72
C ARG NA 179 25.43 27.60 71.46
N ILE NA 180 24.47 27.19 72.27
CA ILE NA 180 23.84 25.89 72.16
C ILE NA 180 22.45 26.08 71.59
N THR NA 181 22.33 25.95 70.29
CA THR NA 181 21.04 26.01 69.62
C THR NA 181 20.42 24.63 69.61
N MET NA 182 19.12 24.59 69.90
CA MET NA 182 18.37 23.36 70.02
C MET NA 182 17.15 23.43 69.13
N TYR NA 183 16.85 22.33 68.46
CA TYR NA 183 15.72 22.22 67.54
C TYR NA 183 14.76 21.18 68.11
N VAL NA 184 13.70 21.67 68.71
CA VAL NA 184 12.80 20.86 69.52
C VAL NA 184 11.50 20.67 68.75
N GLN NA 185 10.73 19.68 69.19
CA GLN NA 185 9.45 19.37 68.58
C GLN NA 185 8.48 19.01 69.69
N PHE NA 186 7.55 19.90 69.97
CA PHE NA 186 6.60 19.74 71.05
C PHE NA 186 5.31 19.09 70.55
N ARG NA 187 4.35 18.91 71.46
CA ARG NA 187 3.13 18.20 71.14
C ARG NA 187 2.13 18.42 72.27
N GLU NA 188 0.85 18.22 71.95
CA GLU NA 188 -0.25 18.27 72.90
C GLU NA 188 -0.34 19.63 73.61
N PHE NA 189 -0.73 20.62 72.81
CA PHE NA 189 -0.99 21.96 73.30
C PHE NA 189 -1.96 21.94 74.48
N ASN NA 190 -1.45 22.27 75.67
CA ASN NA 190 -2.15 22.04 76.93
C ASN NA 190 -2.35 23.34 77.70
N LEU NA 191 -2.77 24.39 77.01
CA LEU NA 191 -2.94 25.67 77.66
C LEU NA 191 -4.18 25.66 78.54
N LYS NA 192 -4.08 26.33 79.67
CA LYS NA 192 -5.20 26.56 80.57
C LYS NA 192 -5.67 28.00 80.45
N ASP NA 193 -6.94 28.21 80.78
CA ASP NA 193 -7.56 29.54 80.74
C ASP NA 193 -8.52 29.69 81.89
N PRO NA 194 -8.00 29.95 83.09
CA PRO NA 194 -8.87 30.28 84.20
C PRO NA 194 -9.55 31.62 83.97
N PRO NA 195 -10.55 31.96 84.78
CA PRO NA 195 -11.15 33.30 84.67
C PRO NA 195 -10.26 34.38 85.26
N LEU NA 196 -10.77 35.61 85.33
CA LEU NA 196 -10.02 36.75 85.83
C LEU NA 196 -8.81 37.03 84.94
N TYR OA 1 48.12 -26.41 -21.98
CA TYR OA 1 49.32 -27.18 -21.64
C TYR OA 1 50.46 -26.88 -22.62
N ARG OA 2 50.79 -25.58 -22.76
CA ARG OA 2 51.92 -25.09 -23.55
C ARG OA 2 51.94 -25.71 -24.95
N TRP OA 3 51.07 -25.29 -25.89
CA TRP OA 3 50.43 -23.96 -26.00
C TRP OA 3 51.42 -22.78 -26.16
N ARG OA 4 52.01 -22.66 -27.27
CA ARG OA 4 53.23 -22.86 -28.06
C ARG OA 4 54.58 -22.68 -27.33
N ARG OA 5 54.95 -21.59 -26.67
CA ARG OA 5 54.30 -20.29 -26.52
C ARG OA 5 55.16 -19.17 -27.14
N LYS OA 6 56.39 -19.04 -26.62
CA LYS OA 6 57.40 -18.07 -27.05
C LYS OA 6 58.77 -18.72 -27.24
N ASN OA 7 58.90 -20.02 -27.01
CA ASN OA 7 60.19 -20.65 -26.72
C ASN OA 7 61.09 -20.82 -27.95
N GLY OA 8 60.92 -19.96 -28.94
CA GLY OA 8 61.65 -20.00 -30.19
C GLY OA 8 60.70 -19.96 -31.37
N ILE OA 9 59.41 -19.82 -31.09
CA ILE OA 9 58.40 -19.99 -32.12
C ILE OA 9 58.47 -18.82 -33.08
N PHE OA 10 58.54 -19.13 -34.37
CA PHE OA 10 58.58 -18.11 -35.41
C PHE OA 10 57.82 -18.63 -36.62
N ASN OA 11 56.54 -18.30 -36.68
CA ASN OA 11 55.74 -18.62 -37.84
C ASN OA 11 56.14 -17.73 -39.00
N THR OA 12 56.27 -18.33 -40.17
CA THR OA 12 56.71 -17.60 -41.34
C THR OA 12 56.15 -18.27 -42.58
N ARG OA 13 56.69 -17.88 -43.74
CA ARG OA 13 56.21 -18.34 -45.02
C ARG OA 13 57.40 -18.52 -45.94
N LEU OA 14 57.27 -19.47 -46.86
CA LEU OA 14 58.27 -19.73 -47.87
C LEU OA 14 57.57 -20.07 -49.17
N SER OA 15 58.27 -19.82 -50.28
CA SER OA 15 57.68 -20.01 -51.59
C SER OA 15 58.78 -20.27 -52.60
N ARG OA 16 58.42 -21.02 -53.64
CA ARG OA 16 59.29 -21.26 -54.76
C ARG OA 16 58.43 -21.37 -56.00
N THR OA 17 59.07 -21.61 -57.14
CA THR OA 17 58.38 -21.58 -58.42
C THR OA 17 59.03 -22.56 -59.37
N ILE OA 18 58.21 -23.20 -60.19
CA ILE OA 18 58.66 -24.19 -61.15
C ILE OA 18 57.66 -24.26 -62.30
N GLY OA 19 58.14 -24.72 -63.45
CA GLY OA 19 57.31 -24.90 -64.62
C GLY OA 19 56.90 -26.35 -64.76
N TYR OA 20 55.67 -26.56 -65.22
CA TYR OA 20 55.15 -27.88 -65.49
C TYR OA 20 54.45 -27.84 -66.84
N THR OA 21 54.79 -28.82 -67.69
CA THR OA 21 54.46 -28.77 -69.10
C THR OA 21 53.72 -30.05 -69.47
N VAL OA 22 52.41 -29.93 -69.67
CA VAL OA 22 51.61 -31.02 -70.20
C VAL OA 22 51.70 -30.96 -71.72
N LYS OA 23 52.20 -32.04 -72.31
CA LYS OA 23 52.56 -32.04 -73.71
C LYS OA 23 51.36 -32.36 -74.60
N LYS OA 24 51.57 -32.23 -75.89
CA LYS OA 24 50.55 -32.48 -76.89
C LYS OA 24 50.31 -33.98 -77.05
N THR OA 25 49.32 -34.31 -77.88
CA THR OA 25 49.07 -35.67 -78.31
C THR OA 25 48.10 -35.63 -79.47
N THR OA 26 48.36 -36.47 -80.47
CA THR OA 26 47.44 -36.61 -81.58
C THR OA 26 46.16 -37.31 -81.18
N VAL OA 27 46.16 -38.03 -80.05
CA VAL OA 27 44.94 -38.66 -79.56
C VAL OA 27 43.88 -37.62 -79.34
N ARG OA 28 42.64 -37.97 -79.68
CA ARG OA 28 41.48 -37.11 -79.51
C ARG OA 28 40.51 -37.60 -78.46
N THR OA 29 40.58 -38.87 -78.10
CA THR OA 29 39.74 -39.36 -77.03
C THR OA 29 40.22 -38.75 -75.71
N PRO OA 30 39.33 -38.63 -74.72
CA PRO OA 30 39.76 -38.08 -73.43
C PRO OA 30 40.85 -38.93 -72.80
N SER OA 31 42.02 -38.32 -72.62
CA SER OA 31 43.15 -38.96 -71.99
C SER OA 31 43.79 -37.99 -71.03
N TRP OA 32 44.25 -38.51 -69.90
CA TRP OA 32 44.79 -37.71 -68.82
C TRP OA 32 46.28 -37.94 -68.65
N ASN OA 33 46.94 -36.96 -68.03
CA ASN OA 33 48.36 -36.98 -67.77
C ASN OA 33 48.56 -36.86 -66.26
N VAL OA 34 48.93 -37.95 -65.64
CA VAL OA 34 48.99 -38.04 -64.18
C VAL OA 34 50.41 -37.75 -63.72
N ASP OA 35 50.52 -37.05 -62.60
CA ASP OA 35 51.80 -36.75 -61.99
C ASP OA 35 51.56 -36.40 -60.54
N MET OA 36 52.54 -36.70 -59.71
CA MET OA 36 52.48 -36.45 -58.28
C MET OA 36 53.16 -35.12 -57.97
N MET OA 37 53.33 -34.84 -56.69
CA MET OA 37 54.00 -33.62 -56.26
C MET OA 37 54.46 -33.81 -54.82
N ARG OA 38 55.76 -33.64 -54.58
CA ARG OA 38 56.38 -33.79 -53.28
C ARG OA 38 56.88 -32.46 -52.79
N PHE OA 39 56.99 -32.34 -51.46
CA PHE OA 39 57.42 -31.12 -50.81
C PHE OA 39 58.57 -31.45 -49.87
N ASN OA 40 59.68 -30.76 -50.06
CA ASN OA 40 60.85 -30.93 -49.21
C ASN OA 40 61.42 -29.55 -48.94
N ILE OA 41 61.72 -29.29 -47.67
CA ILE OA 41 62.09 -27.93 -47.27
C ILE OA 41 63.46 -27.54 -47.76
N ASN OA 42 64.30 -28.51 -48.14
CA ASN OA 42 65.61 -28.16 -48.66
C ASN OA 42 65.52 -27.37 -49.95
N ASP OA 43 64.42 -27.52 -50.69
CA ASP OA 43 64.19 -26.74 -51.89
C ASP OA 43 63.73 -25.32 -51.60
N PHE OA 44 63.41 -25.00 -50.34
CA PHE OA 44 63.03 -23.67 -49.93
C PHE OA 44 64.11 -22.95 -49.15
N LEU OA 45 64.77 -23.66 -48.23
CA LEU OA 45 65.82 -23.09 -47.40
C LEU OA 45 67.18 -23.40 -48.02
N PRO OA 46 67.88 -22.45 -48.61
CA PRO OA 46 69.23 -22.73 -49.08
C PRO OA 46 70.19 -22.84 -47.92
N PRO OA 47 71.38 -23.38 -48.13
CA PRO OA 47 72.31 -23.59 -47.02
C PRO OA 47 73.00 -22.29 -46.62
N GLY OA 48 73.25 -22.17 -45.32
CA GLY OA 48 73.96 -21.02 -44.80
C GLY OA 48 75.45 -21.16 -44.96
N GLY OA 49 76.19 -20.74 -43.93
CA GLY OA 49 77.64 -20.84 -43.97
C GLY OA 49 78.27 -20.72 -42.61
N GLY OA 50 79.31 -21.53 -42.38
CA GLY OA 50 80.03 -21.50 -41.12
C GLY OA 50 79.38 -22.35 -40.06
N SER OA 51 79.38 -21.86 -38.82
CA SER OA 51 78.78 -22.62 -37.73
C SER OA 51 77.28 -22.72 -37.87
N ASN OA 52 76.66 -21.75 -38.55
CA ASN OA 52 75.23 -21.79 -38.83
C ASN OA 52 75.02 -22.49 -40.15
N PRO OA 53 74.54 -23.74 -40.18
CA PRO OA 53 74.51 -24.48 -41.44
C PRO OA 53 73.40 -24.05 -42.37
N LEU OA 54 72.28 -23.60 -41.79
CA LEU OA 54 71.13 -23.15 -42.55
C LEU OA 54 71.09 -21.62 -42.62
N THR OA 55 70.19 -21.14 -43.48
CA THR OA 55 69.96 -19.70 -43.59
C THR OA 55 69.03 -19.18 -42.51
N VAL OA 56 68.19 -20.03 -41.95
CA VAL OA 56 67.26 -19.68 -40.88
C VAL OA 56 67.80 -20.26 -39.59
N PRO OA 57 68.09 -19.45 -38.57
CA PRO OA 57 68.65 -20.02 -37.35
C PRO OA 57 67.61 -20.63 -36.42
N PHE OA 58 67.20 -21.85 -36.74
CA PHE OA 58 66.31 -22.61 -35.88
C PHE OA 58 66.66 -24.09 -36.01
N GLU OA 59 66.20 -24.85 -35.03
CA GLU OA 59 66.51 -26.27 -34.94
C GLU OA 59 65.37 -27.15 -35.40
N TYR OA 60 64.19 -26.94 -34.85
CA TYR OA 60 63.02 -27.75 -35.14
C TYR OA 60 62.11 -27.03 -36.12
N TYR OA 61 61.15 -27.77 -36.65
CA TYR OA 61 60.16 -27.18 -37.55
C TYR OA 61 59.02 -28.15 -37.74
N ARG OA 62 57.89 -27.60 -38.19
CA ARG OA 62 56.74 -28.40 -38.56
C ARG OA 62 55.90 -27.60 -39.53
N ILE OA 63 55.53 -28.23 -40.63
CA ILE OA 63 54.79 -27.56 -41.69
C ILE OA 63 53.31 -27.57 -41.34
N ARG OA 64 52.74 -26.38 -41.17
CA ARG OA 64 51.34 -26.26 -40.85
C ARG OA 64 50.46 -26.46 -42.08
N LYS OA 65 50.74 -25.72 -43.14
CA LYS OA 65 49.90 -25.68 -44.32
C LYS OA 65 50.77 -25.52 -45.55
N VAL OA 66 50.17 -25.86 -46.69
CA VAL OA 66 50.78 -25.66 -48.00
C VAL OA 66 49.72 -25.11 -48.92
N LYS OA 67 50.10 -24.13 -49.73
CA LYS OA 67 49.21 -23.53 -50.71
C LYS OA 67 49.87 -23.65 -52.06
N VAL OA 68 49.45 -24.64 -52.81
CA VAL OA 68 49.88 -24.79 -54.19
C VAL OA 68 49.04 -23.87 -55.05
N GLU OA 69 49.64 -23.38 -56.14
CA GLU OA 69 49.00 -22.44 -57.03
C GLU OA 69 49.42 -22.75 -58.44
N PHE OA 70 48.45 -22.98 -59.31
CA PHE OA 70 48.69 -23.29 -60.72
C PHE OA 70 48.44 -22.04 -61.55
N TRP OA 71 49.39 -21.13 -61.49
CA TRP OA 71 49.33 -19.94 -62.32
C TRP OA 71 49.59 -20.36 -63.76
N PRO OA 72 48.61 -20.33 -64.66
CA PRO OA 72 48.83 -20.86 -66.00
C PRO OA 72 49.78 -19.99 -66.81
N CYS OA 73 50.14 -20.54 -67.97
CA CYS OA 73 50.94 -19.86 -68.96
C CYS OA 73 50.30 -19.82 -70.32
N SER OA 74 49.12 -20.41 -70.48
CA SER OA 74 48.41 -20.45 -71.76
C SER OA 74 47.45 -19.28 -71.86
N PRO OA 75 47.07 -18.88 -73.06
CA PRO OA 75 46.19 -17.73 -73.21
C PRO OA 75 44.72 -18.12 -73.03
N ILE OA 76 43.91 -17.08 -72.92
CA ILE OA 76 42.47 -17.27 -72.81
C ILE OA 76 41.88 -17.86 -74.08
N THR OA 77 42.49 -17.58 -75.23
CA THR OA 77 41.93 -17.93 -76.51
C THR OA 77 42.32 -19.33 -76.96
N GLN OA 78 42.73 -20.19 -76.04
CA GLN OA 78 43.17 -21.53 -76.39
C GLN OA 78 41.98 -22.47 -76.43
N GLY OA 79 41.96 -23.34 -77.44
CA GLY OA 79 40.88 -24.26 -77.65
C GLY OA 79 41.23 -25.67 -77.18
N ASP OA 80 40.32 -26.58 -77.49
CA ASP OA 80 40.40 -27.97 -77.03
C ASP OA 80 40.60 -28.01 -75.52
N ARG OA 81 39.66 -27.37 -74.82
CA ARG OA 81 39.75 -27.28 -73.39
C ARG OA 81 39.54 -28.66 -72.78
N GLY OA 82 39.59 -28.72 -71.47
CA GLY OA 82 39.45 -29.98 -70.79
C GLY OA 82 39.08 -29.78 -69.36
N VAL OA 83 39.29 -30.84 -68.58
CA VAL OA 83 38.94 -30.83 -67.17
C VAL OA 83 39.79 -31.87 -66.47
N GLY OA 84 40.32 -31.50 -65.32
CA GLY OA 84 41.24 -32.34 -64.58
C GLY OA 84 40.82 -32.50 -63.13
N SER OA 85 41.76 -32.90 -62.27
CA SER OA 85 41.44 -33.13 -60.88
C SER OA 85 42.71 -33.13 -60.06
N THR OA 86 42.63 -32.53 -58.88
CA THR OA 86 43.70 -32.52 -57.90
C THR OA 86 43.19 -33.16 -56.62
N ALA OA 87 44.02 -34.00 -56.03
CA ALA OA 87 43.65 -34.73 -54.83
C ALA OA 87 44.82 -34.73 -53.86
N VAL OA 88 44.49 -34.93 -52.60
CA VAL OA 88 45.44 -34.89 -51.50
C VAL OA 88 45.82 -36.32 -51.15
N ILE OA 89 47.10 -36.60 -51.17
CA ILE OA 89 47.64 -37.95 -50.94
C ILE OA 89 48.64 -37.83 -49.80
N LEU OA 90 48.29 -38.39 -48.65
CA LEU OA 90 49.03 -38.17 -47.43
C LEU OA 90 49.88 -39.37 -47.03
N ASP OA 91 50.10 -40.31 -47.95
CA ASP OA 91 50.72 -41.58 -47.61
C ASP OA 91 51.81 -42.01 -48.59
N ASP OA 92 52.20 -41.16 -49.53
CA ASP OA 92 53.21 -41.50 -50.54
C ASP OA 92 52.75 -42.65 -51.43
N ASN OA 93 51.45 -42.82 -51.55
CA ASN OA 93 50.85 -43.81 -52.45
C ASN OA 93 50.11 -43.03 -53.50
N PHE OA 94 50.84 -42.60 -54.52
CA PHE OA 94 50.26 -41.91 -55.64
C PHE OA 94 49.76 -42.94 -56.64
N VAL OA 95 49.25 -42.46 -57.76
CA VAL OA 95 48.72 -43.27 -58.82
C VAL OA 95 49.68 -43.13 -59.99
N THR OA 96 50.10 -44.26 -60.54
CA THR OA 96 51.31 -44.39 -61.35
C THR OA 96 51.43 -43.31 -62.40
N LYS OA 97 52.62 -42.75 -62.51
CA LYS OA 97 52.90 -41.69 -63.46
C LYS OA 97 52.63 -42.16 -64.89
N ALA OA 98 51.82 -41.41 -65.60
CA ALA OA 98 51.35 -41.81 -66.91
C ALA OA 98 51.11 -40.57 -67.77
N ASN OA 99 51.49 -40.67 -69.04
CA ASN OA 99 51.27 -39.59 -69.98
C ASN OA 99 49.89 -39.63 -70.60
N ALA OA 100 49.26 -40.80 -70.64
CA ALA OA 100 47.95 -40.94 -71.27
C ALA OA 100 47.21 -42.07 -70.56
N LEU OA 101 46.15 -41.71 -69.85
CA LEU OA 101 45.31 -42.66 -69.16
C LEU OA 101 43.86 -42.37 -69.52
N THR OA 102 43.11 -43.43 -69.76
CA THR OA 102 41.77 -43.30 -70.32
C THR OA 102 40.74 -42.80 -69.33
N TYR OA 103 41.13 -42.47 -68.10
CA TYR OA 103 40.17 -42.01 -67.11
C TYR OA 103 40.89 -41.13 -66.11
N ASP OA 104 40.11 -40.37 -65.35
CA ASP OA 104 40.61 -39.51 -64.31
C ASP OA 104 40.63 -40.28 -63.00
N PRO OA 105 41.77 -40.76 -62.53
CA PRO OA 105 41.75 -41.59 -61.33
C PRO OA 105 41.47 -40.80 -60.06
N TYR OA 106 41.83 -39.52 -60.04
CA TYR OA 106 41.63 -38.69 -58.87
C TYR OA 106 40.28 -37.99 -58.87
N VAL OA 107 39.30 -38.51 -59.60
CA VAL OA 107 38.03 -37.82 -59.73
C VAL OA 107 37.09 -38.17 -58.58
N ASN OA 108 37.04 -39.44 -58.19
CA ASN OA 108 36.16 -39.87 -57.12
C ASN OA 108 36.80 -39.72 -55.74
N TYR OA 109 38.07 -39.33 -55.67
CA TYR OA 109 38.69 -39.07 -54.39
C TYR OA 109 37.93 -38.01 -53.63
N SER OA 110 37.74 -38.25 -52.33
CA SER OA 110 37.00 -37.33 -51.50
C SER OA 110 37.67 -35.96 -51.43
N SER OA 111 38.99 -35.93 -51.57
CA SER OA 111 39.75 -34.68 -51.57
C SER OA 111 39.88 -34.08 -52.94
N ARG OA 112 38.95 -34.37 -53.85
CA ARG OA 112 39.05 -33.90 -55.22
C ARG OA 112 38.53 -32.48 -55.31
N HIS OA 113 39.30 -31.64 -56.00
CA HIS OA 113 38.90 -30.28 -56.34
C HIS OA 113 39.15 -30.11 -57.82
N THR OA 114 38.10 -29.82 -58.56
CA THR OA 114 38.16 -29.84 -60.01
C THR OA 114 39.06 -28.75 -60.54
N ILE OA 115 39.73 -29.04 -61.65
CA ILE OA 115 40.51 -28.07 -62.40
C ILE OA 115 39.75 -27.76 -63.68
N THR OA 116 39.65 -26.48 -63.99
CA THR OA 116 39.29 -26.03 -65.32
C THR OA 116 40.58 -25.74 -66.06
N GLN OA 117 40.61 -26.08 -67.33
CA GLN OA 117 41.82 -26.00 -68.14
C GLN OA 117 41.54 -25.23 -69.40
N PRO OA 118 42.58 -24.69 -70.06
CA PRO OA 118 44.00 -24.60 -69.71
C PRO OA 118 44.45 -23.25 -69.23
N PHE OA 119 43.51 -22.31 -69.03
CA PHE OA 119 43.86 -20.93 -68.73
C PHE OA 119 43.39 -20.48 -67.36
N SER OA 120 42.92 -21.38 -66.51
CA SER OA 120 42.36 -21.02 -65.23
C SER OA 120 43.37 -21.23 -64.11
N TYR OA 121 43.08 -20.60 -62.98
CA TYR OA 121 43.88 -20.69 -61.77
C TYR OA 121 43.25 -21.67 -60.81
N HIS OA 122 44.08 -22.47 -60.15
CA HIS OA 122 43.62 -23.46 -59.21
C HIS OA 122 44.57 -23.50 -58.02
N SER OA 123 44.00 -23.57 -56.82
CA SER OA 123 44.75 -23.52 -55.59
C SER OA 123 44.22 -24.56 -54.62
N ARG OA 124 45.13 -25.06 -53.78
CA ARG OA 124 44.83 -26.14 -52.85
C ARG OA 124 45.56 -25.85 -51.55
N TYR OA 125 44.80 -25.48 -50.53
CA TYR OA 125 45.34 -25.07 -49.23
C TYR OA 125 45.04 -26.18 -48.24
N PHE OA 126 46.07 -26.96 -47.91
CA PHE OA 126 45.90 -28.15 -47.11
C PHE OA 126 47.08 -28.33 -46.19
N THR OA 127 46.95 -29.32 -45.31
CA THR OA 127 47.99 -29.69 -44.37
C THR OA 127 48.71 -30.93 -44.88
N PRO OA 128 49.99 -30.86 -45.21
CA PRO OA 128 50.71 -32.06 -45.61
C PRO OA 128 51.13 -32.86 -44.39
N LYS OA 129 51.68 -34.04 -44.67
CA LYS OA 129 52.17 -34.94 -43.65
C LYS OA 129 53.54 -35.45 -44.07
N PRO OA 130 54.41 -35.78 -43.12
CA PRO OA 130 55.72 -36.29 -43.49
C PRO OA 130 55.73 -37.79 -43.72
N VAL OA 131 56.84 -38.25 -44.25
CA VAL OA 131 57.04 -39.67 -44.56
C VAL OA 131 57.96 -40.21 -43.47
N LEU OA 132 57.35 -40.74 -42.41
CA LEU OA 132 58.11 -41.32 -41.32
C LEU OA 132 58.53 -42.75 -41.61
N ASP OA 133 57.62 -43.55 -42.17
CA ASP OA 133 57.91 -44.94 -42.51
C ASP OA 133 57.26 -45.25 -43.84
N ARG OA 134 58.08 -45.52 -44.85
CA ARG OA 134 57.55 -45.83 -46.17
C ARG OA 134 56.89 -47.21 -46.20
N THR OA 135 57.42 -48.16 -45.43
CA THR OA 135 56.84 -49.50 -45.40
C THR OA 135 55.42 -49.46 -44.84
N ILE OA 136 55.22 -48.69 -43.78
CA ILE OA 136 53.97 -48.68 -43.05
C ILE OA 136 53.08 -47.53 -43.51
N ASP OA 137 53.68 -46.39 -43.83
CA ASP OA 137 52.99 -45.22 -44.36
C ASP OA 137 51.88 -44.77 -43.41
N TYR OA 138 52.29 -44.36 -42.23
CA TYR OA 138 51.38 -43.80 -41.23
C TYR OA 138 51.51 -42.30 -41.16
N PHE OA 139 50.45 -41.67 -40.68
CA PHE OA 139 50.41 -40.24 -40.50
C PHE OA 139 49.30 -39.92 -39.53
N GLN OA 140 49.39 -38.76 -38.92
CA GLN OA 140 48.46 -38.38 -37.89
C GLN OA 140 47.45 -37.39 -38.39
N PRO OA 141 46.33 -37.22 -37.70
CA PRO OA 141 45.33 -36.26 -38.15
C PRO OA 141 45.80 -34.82 -38.08
N ASN OA 142 44.91 -33.90 -38.44
CA ASN OA 142 45.21 -32.49 -38.39
C ASN OA 142 44.82 -31.97 -37.01
N ASN OA 143 45.81 -31.84 -36.14
CA ASN OA 143 45.62 -31.20 -34.84
C ASN OA 143 46.85 -30.35 -34.57
N LYS OA 144 46.63 -29.05 -34.42
CA LYS OA 144 47.74 -28.12 -34.31
C LYS OA 144 48.54 -28.35 -33.04
N ARG OA 145 47.86 -28.54 -31.91
CA ARG OA 145 48.56 -28.67 -30.64
C ARG OA 145 49.51 -29.84 -30.63
N ASN OA 146 49.03 -31.02 -31.02
CA ASN OA 146 49.77 -32.25 -30.91
C ASN OA 146 50.48 -32.64 -32.20
N GLN OA 147 50.63 -31.71 -33.13
CA GLN OA 147 51.41 -32.00 -34.33
C GLN OA 147 52.88 -32.14 -33.97
N LEU OA 148 53.56 -33.00 -34.73
CA LEU OA 148 54.92 -33.35 -34.42
C LEU OA 148 55.88 -32.22 -34.79
N TRP OA 149 57.05 -32.26 -34.16
CA TRP OA 149 58.17 -31.42 -34.51
C TRP OA 149 59.22 -32.27 -35.20
N LEU OA 150 60.03 -31.63 -36.03
CA LEU OA 150 61.03 -32.30 -36.84
C LEU OA 150 62.31 -31.48 -36.82
N ARG OA 151 63.43 -32.17 -36.67
CA ARG OA 151 64.72 -31.52 -36.74
C ARG OA 151 64.93 -30.93 -38.13
N LEU OA 152 65.47 -29.73 -38.17
CA LEU OA 152 65.74 -29.04 -39.42
C LEU OA 152 67.14 -29.44 -39.84
N GLN OA 153 67.21 -30.50 -40.62
CA GLN OA 153 68.49 -31.01 -41.09
C GLN OA 153 69.03 -30.14 -42.21
N THR OA 154 70.29 -30.36 -42.54
CA THR OA 154 71.01 -29.53 -43.49
C THR OA 154 70.82 -30.01 -44.93
N THR OA 155 70.88 -31.32 -45.15
CA THR OA 155 70.85 -31.88 -46.50
C THR OA 155 69.88 -33.04 -46.67
N GLY OA 156 69.30 -33.57 -45.60
CA GLY OA 156 68.51 -34.78 -45.67
C GLY OA 156 67.15 -34.66 -45.02
N ASN OA 157 66.50 -33.53 -45.19
CA ASN OA 157 65.17 -33.35 -44.63
C ASN OA 157 64.19 -34.31 -45.30
N VAL OA 158 63.16 -34.66 -44.55
CA VAL OA 158 62.22 -35.68 -44.99
C VAL OA 158 61.25 -35.08 -46.00
N ASP OA 159 60.78 -35.95 -46.90
CA ASP OA 159 59.95 -35.53 -48.02
C ASP OA 159 58.50 -35.52 -47.57
N HIS OA 160 57.99 -34.34 -47.26
CA HIS OA 160 56.56 -34.18 -47.07
C HIS OA 160 55.82 -34.52 -48.36
N VAL OA 161 54.52 -34.74 -48.21
CA VAL OA 161 53.68 -35.25 -49.28
C VAL OA 161 52.30 -34.64 -49.10
N GLY OA 162 51.41 -34.87 -50.08
CA GLY OA 162 50.10 -34.28 -50.02
C GLY OA 162 49.41 -33.81 -51.30
N LEU OA 163 49.93 -34.08 -52.50
CA LEU OA 163 49.16 -33.70 -53.68
C LEU OA 163 49.48 -34.56 -54.88
N GLY OA 164 48.44 -34.88 -55.63
CA GLY OA 164 48.57 -35.55 -56.90
C GLY OA 164 47.61 -34.95 -57.90
N THR OA 165 48.02 -34.98 -59.16
CA THR OA 165 47.34 -34.26 -60.23
C THR OA 165 46.92 -35.21 -61.33
N ALA OA 166 45.96 -34.73 -62.13
CA ALA OA 166 45.55 -35.43 -63.34
C ALA OA 166 44.98 -34.38 -64.29
N PHE OA 167 45.78 -34.02 -65.29
CA PHE OA 167 45.39 -33.04 -66.28
C PHE OA 167 44.97 -33.73 -67.56
N GLU OA 168 43.94 -33.18 -68.19
CA GLU OA 168 43.41 -33.76 -69.42
C GLU OA 168 44.26 -33.33 -70.59
N ASN OA 169 44.71 -34.29 -71.38
CA ASN OA 169 45.57 -33.99 -72.50
C ASN OA 169 44.83 -33.16 -73.53
N SER OA 170 45.60 -32.48 -74.37
CA SER OA 170 45.06 -31.62 -75.39
C SER OA 170 45.99 -31.58 -76.58
N ILE OA 171 45.48 -31.09 -77.70
CA ILE OA 171 46.28 -30.97 -78.91
C ILE OA 171 47.44 -30.01 -78.68
N TYR OA 172 47.18 -28.94 -77.94
CA TYR OA 172 48.17 -27.90 -77.71
C TYR OA 172 48.85 -28.11 -76.37
N ASP OA 173 50.08 -27.61 -76.28
CA ASP OA 173 50.80 -27.63 -75.02
C ASP OA 173 50.07 -26.80 -73.98
N GLN OA 174 50.04 -27.30 -72.75
CA GLN OA 174 49.45 -26.61 -71.61
C GLN OA 174 50.57 -26.39 -70.61
N ASP OA 175 51.28 -25.29 -70.78
CA ASP OA 175 52.32 -24.93 -69.84
C ASP OA 175 51.71 -24.26 -68.63
N TYR OA 176 52.33 -24.51 -67.47
CA TYR OA 176 51.88 -23.95 -66.20
C TYR OA 176 53.08 -23.38 -65.46
N ASN OA 177 52.78 -22.53 -64.49
CA ASN OA 177 53.78 -21.89 -63.65
C ASN OA 177 53.34 -22.14 -62.22
N ILE OA 178 53.86 -23.22 -61.64
CA ILE OA 178 53.44 -23.65 -60.32
C ILE OA 178 54.19 -22.85 -59.27
N ARG OA 179 53.46 -22.48 -58.21
CA ARG OA 179 54.02 -21.81 -57.05
C ARG OA 179 53.64 -22.61 -55.82
N ILE OA 180 54.65 -23.06 -55.08
CA ILE OA 180 54.43 -23.87 -53.89
C ILE OA 180 54.74 -23.00 -52.69
N THR OA 181 53.71 -22.40 -52.12
CA THR OA 181 53.85 -21.62 -50.90
C THR OA 181 53.70 -22.53 -49.71
N MET OA 182 54.57 -22.33 -48.72
CA MET OA 182 54.63 -23.16 -47.53
C MET OA 182 54.54 -22.26 -46.31
N TYR OA 183 53.80 -22.72 -45.31
CA TYR OA 183 53.59 -22.00 -44.07
C TYR OA 183 54.18 -22.84 -42.95
N VAL OA 184 55.36 -22.44 -42.51
CA VAL OA 184 56.19 -23.23 -41.61
C VAL OA 184 56.16 -22.61 -40.23
N GLN OA 185 56.58 -23.38 -39.24
CA GLN OA 185 56.62 -22.94 -37.86
C GLN OA 185 57.88 -23.52 -37.23
N PHE OA 186 58.86 -22.66 -37.00
CA PHE OA 186 60.15 -23.07 -36.48
C PHE OA 186 60.18 -22.95 -34.95
N ARG OA 187 61.32 -23.27 -34.36
CA ARG OA 187 61.45 -23.32 -32.92
C ARG OA 187 62.93 -23.42 -32.55
N GLU OA 188 63.24 -23.03 -31.32
CA GLU OA 188 64.58 -23.15 -30.74
C GLU OA 188 65.63 -22.40 -31.56
N PHE OA 189 65.52 -21.08 -31.48
CA PHE OA 189 66.48 -20.18 -32.10
C PHE OA 189 67.89 -20.52 -31.67
N ASN OA 190 68.71 -21.02 -32.58
CA ASN OA 190 69.99 -21.65 -32.29
C ASN OA 190 71.13 -20.95 -33.01
N LEU OA 191 71.14 -19.62 -32.98
CA LEU OA 191 72.17 -18.89 -33.68
C LEU OA 191 73.49 -18.97 -32.93
N LYS OA 192 74.57 -19.06 -33.69
CA LYS OA 192 75.93 -19.01 -33.17
C LYS OA 192 76.54 -17.64 -33.46
N ASP OA 193 77.51 -17.26 -32.64
CA ASP OA 193 78.22 -15.99 -32.79
C ASP OA 193 79.68 -16.19 -32.43
N PRO OA 194 80.46 -16.75 -33.35
CA PRO OA 194 81.90 -16.80 -33.14
C PRO OA 194 82.49 -15.40 -33.18
N PRO OA 195 83.75 -15.25 -32.79
CA PRO OA 195 84.41 -13.94 -32.93
C PRO OA 195 84.79 -13.64 -34.37
N LEU OA 196 85.50 -12.55 -34.59
CA LEU OA 196 85.91 -12.11 -35.92
C LEU OA 196 84.68 -11.79 -36.78
N TYR PA 1 9.85 -43.57 -38.81
CA TYR PA 1 9.65 -44.99 -39.09
C TYR PA 1 10.82 -45.57 -39.90
N ARG PA 2 12.04 -45.39 -39.39
CA ARG PA 2 13.27 -45.96 -39.93
C ARG PA 2 13.39 -45.70 -41.45
N TRP PA 3 13.72 -44.47 -41.90
CA TRP PA 3 14.52 -43.44 -41.21
C TRP PA 3 15.96 -43.87 -40.85
N ARG PA 4 16.80 -43.98 -41.80
CA ARG PA 4 17.53 -44.85 -42.73
C ARG PA 4 17.96 -46.22 -42.20
N ARG PA 5 18.72 -46.43 -41.11
CA ARG PA 5 19.38 -45.48 -40.22
C ARG PA 5 20.91 -45.67 -40.27
N LYS PA 6 21.35 -46.89 -39.92
CA LYS PA 6 22.75 -47.30 -39.92
C LYS PA 6 22.94 -48.67 -40.59
N ASN PA 7 21.88 -49.29 -41.09
CA ASN PA 7 21.85 -50.73 -41.36
C ASN PA 7 22.64 -51.15 -42.60
N GLY PA 8 23.66 -50.39 -42.97
CA GLY PA 8 24.48 -50.61 -44.13
C GLY PA 8 24.57 -49.36 -44.97
N ILE PA 9 23.98 -48.27 -44.50
CA ILE PA 9 23.82 -47.08 -45.32
C ILE PA 9 25.18 -46.44 -45.52
N PHE PA 10 25.51 -46.16 -46.78
CA PHE PA 10 26.77 -45.52 -47.12
C PHE PA 10 26.52 -44.59 -48.30
N ASN PA 11 26.23 -43.34 -48.01
CA ASN PA 11 26.10 -42.34 -49.06
C ASN PA 11 27.47 -42.01 -49.61
N THR PA 12 27.55 -41.92 -50.92
CA THR PA 12 28.82 -41.67 -51.58
C THR PA 12 28.55 -40.97 -52.91
N ARG PA 13 29.59 -40.92 -53.74
CA ARG PA 13 29.55 -40.21 -55.01
C ARG PA 13 30.33 -41.01 -56.03
N LEU PA 14 29.92 -40.88 -57.29
CA LEU PA 14 30.59 -41.50 -58.40
C LEU PA 14 30.56 -40.55 -59.59
N SER PA 15 31.53 -40.70 -60.48
CA SER PA 15 31.66 -39.81 -61.60
C SER PA 15 32.38 -40.51 -62.73
N ARG PA 16 32.06 -40.08 -63.94
CA ARG PA 16 32.74 -40.55 -65.14
C ARG PA 16 32.79 -39.39 -66.12
N THR PA 17 33.37 -39.65 -67.29
CA THR PA 17 33.62 -38.60 -68.25
C THR PA 17 33.55 -39.16 -69.65
N ILE PA 18 33.02 -38.36 -70.58
CA ILE PA 18 32.84 -38.75 -71.96
C ILE PA 18 32.81 -37.51 -72.82
N GLY PA 19 33.16 -37.69 -74.10
CA GLY PA 19 33.13 -36.61 -75.07
C GLY PA 19 31.86 -36.67 -75.89
N TYR PA 20 31.35 -35.50 -76.24
CA TYR PA 20 30.17 -35.37 -77.08
C TYR PA 20 30.45 -34.28 -78.10
N THR PA 21 30.19 -34.60 -79.37
CA THR PA 21 30.68 -33.82 -80.50
C THR PA 21 29.49 -33.45 -81.38
N VAL PA 22 29.08 -32.20 -81.31
CA VAL PA 22 28.08 -31.66 -82.22
C VAL PA 22 28.81 -31.21 -83.48
N LYS PA 23 28.43 -31.79 -84.61
CA LYS PA 23 29.19 -31.63 -85.83
C LYS PA 23 28.77 -30.37 -86.58
N LYS PA 24 29.51 -30.07 -87.64
CA LYS PA 24 29.26 -28.91 -88.48
C LYS PA 24 28.05 -29.14 -89.37
N THR PA 25 27.69 -28.09 -90.09
CA THR PA 25 26.68 -28.16 -91.14
C THR PA 25 26.77 -26.89 -91.97
N THR PA 26 26.64 -27.06 -93.29
CA THR PA 26 26.58 -25.90 -94.17
C THR PA 26 25.28 -25.14 -94.04
N VAL PA 27 24.24 -25.76 -93.47
CA VAL PA 27 22.99 -25.07 -93.22
C VAL PA 27 23.24 -23.86 -92.34
N ARG PA 28 22.54 -22.76 -92.66
CA ARG PA 28 22.63 -21.53 -91.91
C ARG PA 28 21.36 -21.18 -91.16
N THR PA 29 20.23 -21.78 -91.53
CA THR PA 29 19.02 -21.57 -90.77
C THR PA 29 19.16 -22.23 -89.41
N PRO PA 30 18.43 -21.76 -88.39
CA PRO PA 30 18.53 -22.41 -87.08
C PRO PA 30 18.09 -23.85 -87.13
N SER PA 31 19.02 -24.74 -86.83
CA SER PA 31 18.76 -26.17 -86.78
C SER PA 31 19.42 -26.74 -85.54
N TRP PA 32 18.74 -27.70 -84.93
CA TRP PA 32 19.15 -28.29 -83.67
C TRP PA 32 19.57 -29.74 -83.84
N ASN PA 33 20.38 -30.20 -82.90
CA ASN PA 33 20.91 -31.57 -82.88
C ASN PA 33 20.46 -32.21 -81.57
N VAL PA 34 19.51 -33.12 -81.67
CA VAL PA 34 18.85 -33.68 -80.51
C VAL PA 34 19.52 -35.00 -80.15
N ASP PA 35 19.64 -35.25 -78.85
CA ASP PA 35 20.22 -36.49 -78.36
C ASP PA 35 19.78 -36.66 -76.92
N MET PA 36 19.62 -37.91 -76.51
CA MET PA 36 19.20 -38.26 -75.17
C MET PA 36 20.42 -38.54 -74.30
N MET PA 37 20.18 -39.04 -73.09
CA MET PA 37 21.26 -39.39 -72.18
C MET PA 37 20.72 -40.34 -71.13
N ARG PA 38 21.33 -41.51 -71.02
CA ARG PA 38 20.95 -42.55 -70.09
C ARG PA 38 22.03 -42.73 -69.04
N PHE PA 39 21.60 -43.23 -67.89
CA PHE PA 39 22.48 -43.45 -66.74
C PHE PA 39 22.35 -44.88 -66.29
N ASN PA 40 23.48 -45.58 -66.22
CA ASN PA 40 23.52 -46.96 -65.75
C ASN PA 40 24.74 -47.11 -64.88
N ILE PA 41 24.56 -47.71 -63.71
CA ILE PA 41 25.61 -47.73 -62.71
C ILE PA 41 26.75 -48.66 -63.10
N ASN PA 42 26.53 -49.58 -64.03
CA ASN PA 42 27.61 -50.44 -64.47
C ASN PA 42 28.73 -49.66 -65.12
N ASP PA 43 28.42 -48.49 -65.68
CA ASP PA 43 29.43 -47.62 -66.25
C ASP PA 43 30.23 -46.86 -65.20
N PHE PA 44 29.81 -46.91 -63.94
CA PHE PA 44 30.51 -46.28 -62.83
C PHE PA 44 31.23 -47.27 -61.95
N LEU PA 45 30.60 -48.39 -61.62
CA LEU PA 45 31.17 -49.41 -60.77
C LEU PA 45 31.79 -50.50 -61.63
N PRO PA 46 33.11 -50.60 -61.73
CA PRO PA 46 33.69 -51.73 -62.45
C PRO PA 46 33.56 -53.01 -61.64
N PRO PA 47 33.76 -54.16 -62.27
CA PRO PA 47 33.56 -55.42 -61.57
C PRO PA 47 34.71 -55.76 -60.65
N GLY PA 48 34.38 -56.38 -59.51
CA GLY PA 48 35.38 -56.80 -58.58
C GLY PA 48 36.02 -58.11 -58.97
N GLY PA 49 36.25 -58.98 -58.00
CA GLY PA 49 36.84 -60.27 -58.27
C GLY PA 49 36.65 -61.27 -57.15
N GLY PA 50 36.39 -62.52 -57.51
CA GLY PA 50 36.20 -63.57 -56.54
C GLY PA 50 34.79 -63.64 -56.01
N SER PA 51 34.66 -63.90 -54.72
CA SER PA 51 33.33 -64.00 -54.11
C SER PA 51 32.65 -62.65 -54.09
N ASN PA 52 33.41 -61.56 -54.06
CA ASN PA 52 32.84 -60.22 -54.12
C ASN PA 52 32.75 -59.81 -55.59
N PRO PA 53 31.57 -59.78 -56.20
CA PRO PA 53 31.50 -59.56 -57.64
C PRO PA 53 31.72 -58.12 -58.05
N LEU PA 54 31.33 -57.19 -57.19
CA LEU PA 54 31.48 -55.77 -57.43
C LEU PA 54 32.69 -55.22 -56.69
N THR PA 55 33.04 -53.97 -57.02
CA THR PA 55 34.10 -53.26 -56.33
C THR PA 55 33.64 -52.64 -55.03
N VAL PA 56 32.35 -52.38 -54.90
CA VAL PA 56 31.76 -51.80 -53.70
C VAL PA 56 31.00 -52.92 -52.98
N PRO PA 57 31.33 -53.24 -51.74
CA PRO PA 57 30.63 -54.36 -51.09
C PRO PA 57 29.30 -53.94 -50.49
N PHE PA 58 28.28 -53.88 -51.34
CA PHE PA 58 26.93 -53.63 -50.91
C PHE PA 58 25.98 -54.36 -51.84
N GLU PA 59 24.75 -54.55 -51.35
CA GLU PA 59 23.73 -55.32 -52.06
C GLU PA 59 22.72 -54.44 -52.76
N TYR PA 60 22.12 -53.52 -52.03
CA TYR PA 60 21.08 -52.65 -52.54
C TYR PA 60 21.65 -51.28 -52.88
N TYR PA 61 20.86 -50.48 -53.58
CA TYR PA 61 21.25 -49.12 -53.89
C TYR PA 61 20.04 -48.36 -54.41
N ARG PA 62 20.16 -47.04 -54.36
CA ARG PA 62 19.16 -46.16 -54.93
C ARG PA 62 19.82 -44.82 -55.22
N ILE PA 63 19.63 -44.31 -56.43
CA ILE PA 63 20.26 -43.09 -56.86
C ILE PA 63 19.44 -41.91 -56.38
N ARG PA 64 20.03 -41.08 -55.54
CA ARG PA 64 19.36 -39.91 -55.01
C ARG PA 64 19.33 -38.79 -56.04
N LYS PA 65 20.49 -38.43 -56.57
CA LYS PA 65 20.63 -37.26 -57.44
C LYS PA 65 21.67 -37.56 -58.50
N VAL PA 66 21.61 -36.76 -59.55
CA VAL PA 66 22.59 -36.78 -60.63
C VAL PA 66 22.93 -35.35 -60.98
N LYS PA 67 24.21 -35.08 -61.20
CA LYS PA 67 24.71 -33.77 -61.58
C LYS PA 67 25.47 -33.94 -62.88
N VAL PA 68 24.81 -33.63 -63.97
CA VAL PA 68 25.47 -33.58 -65.26
C VAL PA 68 26.18 -32.25 -65.39
N GLU PA 69 27.28 -32.25 -66.12
CA GLU PA 69 28.12 -31.07 -66.30
C GLU PA 69 28.66 -31.06 -67.71
N PHE PA 70 28.40 -29.97 -68.43
CA PHE PA 70 28.85 -29.81 -69.80
C PHE PA 70 30.08 -28.91 -69.81
N TRP PA 71 31.20 -29.46 -69.41
CA TRP PA 71 32.45 -28.74 -69.48
C TRP PA 71 32.85 -28.61 -70.94
N PRO PA 72 32.81 -27.43 -71.55
CA PRO PA 72 33.06 -27.34 -72.98
C PRO PA 72 34.50 -27.64 -73.34
N CYS PA 73 34.73 -27.71 -74.64
CA CYS PA 73 36.04 -27.88 -75.22
C CYS PA 73 36.35 -26.82 -76.27
N SER PA 74 35.42 -25.92 -76.55
CA SER PA 74 35.61 -24.88 -77.55
C SER PA 74 36.12 -23.61 -76.89
N PRO PA 75 36.77 -22.74 -77.65
CA PRO PA 75 37.34 -21.53 -77.05
C PRO PA 75 36.30 -20.43 -76.91
N ILE PA 76 36.70 -19.41 -76.17
CA ILE PA 76 35.85 -18.24 -75.98
C ILE PA 76 35.66 -17.49 -77.28
N THR PA 77 36.64 -17.53 -78.18
CA THR PA 77 36.64 -16.72 -79.37
C THR PA 77 35.92 -17.36 -80.54
N GLN PA 78 35.04 -18.32 -80.26
CA GLN PA 78 34.33 -19.02 -81.32
C GLN PA 78 33.06 -18.25 -81.69
N GLY PA 79 32.81 -18.19 -82.99
CA GLY PA 79 31.67 -17.46 -83.52
C GLY PA 79 30.53 -18.38 -83.90
N ASP PA 80 29.53 -17.78 -84.52
CA ASP PA 80 28.28 -18.45 -84.87
C ASP PA 80 27.70 -19.15 -83.66
N ARG PA 81 27.50 -18.36 -82.62
CA ARG PA 81 27.00 -18.90 -81.36
C ARG PA 81 25.56 -19.37 -81.55
N GLY PA 82 24.99 -19.88 -80.49
CA GLY PA 82 23.65 -20.40 -80.56
C GLY PA 82 23.03 -20.49 -79.20
N VAL PA 83 21.97 -21.29 -79.13
CA VAL PA 83 21.23 -21.46 -77.89
C VAL PA 83 20.50 -22.78 -77.97
N GLY PA 84 20.55 -23.53 -76.88
CA GLY PA 84 19.99 -24.86 -76.81
C GLY PA 84 19.07 -25.05 -75.63
N SER PA 85 18.81 -26.29 -75.24
CA SER PA 85 17.90 -26.57 -74.15
C SER PA 85 18.13 -27.97 -73.63
N THR PA 86 18.07 -28.10 -72.31
CA THR PA 86 18.15 -29.37 -71.62
C THR PA 86 16.89 -29.57 -70.81
N ALA PA 87 16.35 -30.78 -70.86
CA ALA PA 87 15.10 -31.10 -70.20
C ALA PA 87 15.23 -32.46 -69.54
N VAL PA 88 14.38 -32.67 -68.54
CA VAL PA 88 14.39 -33.87 -67.73
C VAL PA 88 13.29 -34.78 -68.22
N ILE PA 89 13.65 -36.01 -68.56
CA ILE PA 89 12.75 -37.00 -69.14
C ILE PA 89 12.81 -38.22 -68.26
N LEU PA 90 11.73 -38.49 -67.54
CA LEU PA 90 11.73 -39.49 -66.49
C LEU PA 90 10.99 -40.76 -66.90
N ASP PA 91 10.75 -40.95 -68.20
CA ASP PA 91 9.88 -42.03 -68.67
C ASP PA 91 10.44 -42.79 -69.86
N ASP PA 92 11.68 -42.54 -70.26
CA ASP PA 92 12.30 -43.19 -71.41
C ASP PA 92 11.56 -42.87 -72.71
N ASN PA 93 10.88 -41.72 -72.72
CA ASN PA 93 10.22 -41.22 -73.92
C ASN PA 93 10.94 -39.94 -74.29
N PHE PA 94 12.03 -40.10 -75.02
CA PHE PA 94 12.78 -38.97 -75.52
C PHE PA 94 12.16 -38.53 -76.84
N VAL PA 95 12.79 -37.55 -77.45
CA VAL PA 95 12.35 -36.98 -78.72
C VAL PA 95 13.39 -37.37 -79.74
N THR PA 96 12.92 -37.93 -80.87
CA THR PA 96 13.72 -38.77 -81.76
C THR PA 96 15.06 -38.15 -82.09
N LYS PA 97 16.09 -38.99 -82.05
CA LYS PA 97 17.45 -38.56 -82.33
C LYS PA 97 17.55 -38.00 -83.74
N ALA PA 98 18.08 -36.79 -83.83
CA ALA PA 98 18.11 -36.06 -85.09
C ALA PA 98 19.32 -35.16 -85.13
N ASN PA 99 19.95 -35.09 -86.30
CA ASN PA 99 21.10 -34.22 -86.49
C ASN PA 99 20.70 -32.80 -86.86
N ALA PA 100 19.51 -32.61 -87.42
CA ALA PA 100 19.07 -31.29 -87.85
C ALA PA 100 17.56 -31.25 -87.74
N LEU PA 101 17.06 -30.44 -86.82
CA LEU PA 101 15.64 -30.24 -86.63
C LEU PA 101 15.37 -28.75 -86.60
N THR PA 102 14.28 -28.33 -87.24
CA THR PA 102 14.01 -26.92 -87.48
C THR PA 102 13.53 -26.19 -86.24
N TYR PA 103 13.45 -26.85 -85.09
CA TYR PA 103 12.97 -26.21 -83.89
C TYR PA 103 13.56 -26.89 -82.67
N ASP PA 104 13.48 -26.22 -81.54
CA ASP PA 104 13.96 -26.73 -80.27
C ASP PA 104 12.80 -27.45 -79.58
N PRO PA 105 12.75 -28.77 -79.59
CA PRO PA 105 11.58 -29.43 -79.00
C PRO PA 105 11.54 -29.36 -77.50
N TYR PA 106 12.70 -29.27 -76.85
CA TYR PA 106 12.78 -29.23 -75.41
C TYR PA 106 12.71 -27.80 -74.86
N VAL PA 107 12.18 -26.86 -75.63
CA VAL PA 107 12.19 -25.47 -75.20
C VAL PA 107 11.01 -25.15 -74.28
N ASN PA 108 9.83 -25.65 -74.62
CA ASN PA 108 8.64 -25.38 -73.83
C ASN PA 108 8.46 -26.37 -72.68
N TYR PA 109 9.31 -27.37 -72.58
CA TYR PA 109 9.25 -28.29 -71.45
C TYR PA 109 9.42 -27.53 -70.15
N SER PA 110 8.62 -27.89 -69.17
CA SER PA 110 8.65 -27.22 -67.89
C SER PA 110 10.00 -27.39 -67.20
N SER PA 111 10.69 -28.49 -67.47
CA SER PA 111 11.99 -28.76 -66.91
C SER PA 111 13.12 -28.21 -67.78
N ARG PA 112 12.85 -27.18 -68.57
CA ARG PA 112 13.84 -26.64 -69.48
C ARG PA 112 14.76 -25.68 -68.74
N HIS PA 113 16.05 -25.86 -68.98
CA HIS PA 113 17.08 -24.95 -68.51
C HIS PA 113 17.96 -24.62 -69.69
N THR PA 114 18.02 -23.33 -70.01
CA THR PA 114 18.64 -22.91 -71.26
C THR PA 114 20.13 -23.15 -71.25
N ILE PA 115 20.67 -23.46 -72.43
CA ILE PA 115 22.09 -23.58 -72.65
C ILE PA 115 22.54 -22.37 -73.45
N THR PA 116 23.64 -21.77 -73.03
CA THR PA 116 24.38 -20.85 -73.86
C THR PA 116 25.50 -21.64 -74.51
N GLN PA 117 25.79 -21.34 -75.76
CA GLN PA 117 26.73 -22.10 -76.56
C GLN PA 117 27.74 -21.17 -77.18
N PRO PA 118 28.92 -21.70 -77.58
CA PRO PA 118 29.49 -23.02 -77.44
C PRO PA 118 30.55 -23.16 -76.37
N PHE PA 119 30.78 -22.10 -75.59
CA PHE PA 119 31.89 -22.05 -74.65
C PHE PA 119 31.47 -21.96 -73.21
N SER PA 120 30.19 -22.14 -72.92
CA SER PA 120 29.67 -21.95 -71.57
C SER PA 120 29.49 -23.30 -70.86
N TYR PA 121 29.38 -23.22 -69.54
CA TYR PA 121 29.17 -24.36 -68.69
C TYR PA 121 27.70 -24.46 -68.31
N HIS PA 122 27.18 -25.68 -68.29
CA HIS PA 122 25.78 -25.92 -67.95
C HIS PA 122 25.69 -27.17 -67.10
N SER PA 123 24.88 -27.10 -66.06
CA SER PA 123 24.74 -28.18 -65.09
C SER PA 123 23.27 -28.37 -64.75
N ARG PA 124 22.93 -29.62 -64.44
CA ARG PA 124 21.56 -30.02 -64.18
C ARG PA 124 21.57 -31.01 -63.03
N TYR PA 125 21.09 -30.58 -61.87
CA TYR PA 125 21.11 -31.36 -60.64
C TYR PA 125 19.68 -31.80 -60.36
N PHE PA 126 19.40 -33.07 -60.62
CA PHE PA 126 18.05 -33.59 -60.55
C PHE PA 126 18.05 -35.01 -60.03
N THR PA 127 16.85 -35.51 -59.79
CA THR PA 127 16.63 -36.87 -59.33
C THR PA 127 16.20 -37.73 -60.51
N PRO PA 128 16.97 -38.73 -60.92
CA PRO PA 128 16.51 -39.61 -61.98
C PRO PA 128 15.57 -40.66 -61.44
N LYS PA 129 15.01 -41.43 -62.36
CA LYS PA 129 14.10 -42.50 -62.03
C LYS PA 129 14.49 -43.73 -62.84
N PRO PA 130 14.23 -44.93 -62.33
CA PRO PA 130 14.58 -46.13 -63.08
C PRO PA 130 13.49 -46.54 -64.07
N VAL PA 131 13.85 -47.50 -64.90
CA VAL PA 131 12.97 -48.02 -65.92
C VAL PA 131 12.50 -49.38 -65.42
N LEU PA 132 11.36 -49.38 -64.73
CA LEU PA 132 10.79 -50.61 -64.22
C LEU PA 132 9.97 -51.33 -65.27
N ASP PA 133 9.16 -50.61 -66.04
CA ASP PA 133 8.34 -51.20 -67.10
C ASP PA 133 8.37 -50.27 -68.29
N ARG PA 134 8.94 -50.74 -69.39
CA ARG PA 134 9.02 -49.92 -70.59
C ARG PA 134 7.65 -49.77 -71.25
N THR PA 135 6.82 -50.81 -71.18
CA THR PA 135 5.49 -50.74 -71.77
C THR PA 135 4.64 -49.69 -71.10
N ILE PA 136 4.71 -49.62 -69.77
CA ILE PA 136 3.85 -48.74 -68.99
C ILE PA 136 4.54 -47.44 -68.67
N ASP PA 137 5.84 -47.49 -68.40
CA ASP PA 137 6.67 -46.32 -68.14
C ASP PA 137 6.12 -45.52 -66.96
N TYR PA 138 6.14 -46.15 -65.80
CA TYR PA 138 5.75 -45.52 -64.56
C TYR PA 138 6.96 -45.16 -63.72
N PHE PA 139 6.77 -44.19 -62.85
CA PHE PA 139 7.81 -43.75 -61.94
C PHE PA 139 7.14 -42.99 -60.81
N GLN PA 140 7.85 -42.92 -59.70
CA GLN PA 140 7.29 -42.32 -58.51
C GLN PA 140 7.82 -40.93 -58.28
N PRO PA 141 7.16 -40.13 -57.46
CA PRO PA 141 7.65 -38.78 -57.20
C PRO PA 141 8.96 -38.76 -56.45
N ASN PA 142 9.43 -37.55 -56.15
CA ASN PA 142 10.66 -37.35 -55.41
C ASN PA 142 10.30 -37.32 -53.93
N ASN PA 143 10.50 -38.45 -53.25
CA ASN PA 143 10.37 -38.53 -51.81
C ASN PA 143 11.47 -39.42 -51.28
N LYS PA 144 12.33 -38.86 -50.44
CA LYS PA 144 13.52 -39.58 -50.02
C LYS PA 144 13.17 -40.79 -49.18
N ARG PA 145 12.24 -40.65 -48.24
CA ARG PA 145 11.93 -41.73 -47.32
C ARG PA 145 11.42 -42.96 -48.07
N ASN PA 146 10.45 -42.77 -48.95
CA ASN PA 146 9.77 -43.87 -49.61
C ASN PA 146 10.33 -44.18 -50.98
N GLN PA 147 11.52 -43.70 -51.29
CA GLN PA 147 12.15 -44.06 -52.56
C GLN PA 147 12.55 -45.53 -52.53
N LEU PA 148 12.50 -46.14 -53.70
CA LEU PA 148 12.72 -47.57 -53.81
C LEU PA 148 14.18 -47.92 -53.65
N TRP PA 149 14.42 -49.18 -53.30
CA TRP PA 149 15.73 -49.78 -53.30
C TRP PA 149 15.82 -50.75 -54.47
N LEU PA 150 17.05 -50.96 -54.93
CA LEU PA 150 17.31 -51.79 -56.09
C LEU PA 150 18.53 -52.66 -55.83
N ARG PA 151 18.43 -53.92 -56.21
CA ARG PA 151 19.56 -54.82 -56.09
C ARG PA 151 20.69 -54.34 -56.98
N LEU PA 152 21.91 -54.41 -56.45
CA LEU PA 152 23.09 -54.00 -57.18
C LEU PA 152 23.60 -55.22 -57.94
N GLN PA 153 23.11 -55.37 -59.16
CA GLN PA 153 23.49 -56.50 -59.97
C GLN PA 153 24.90 -56.31 -60.53
N THR PA 154 25.43 -57.38 -61.09
CA THR PA 154 26.80 -57.42 -61.56
C THR PA 154 26.95 -56.91 -62.98
N THR PA 155 26.04 -57.31 -63.88
CA THR PA 155 26.14 -57.01 -65.30
C THR PA 155 24.87 -56.47 -65.93
N GLY PA 156 23.74 -56.51 -65.23
CA GLY PA 156 22.45 -56.17 -65.81
C GLY PA 156 21.67 -55.15 -65.02
N ASN PA 157 22.33 -54.15 -64.49
CA ASN PA 157 21.64 -53.12 -63.75
C ASN PA 157 20.72 -52.34 -64.68
N VAL PA 158 19.66 -51.80 -64.10
CA VAL PA 158 18.62 -51.15 -64.88
C VAL PA 158 19.07 -49.75 -65.30
N ASP PA 159 18.57 -49.31 -66.44
CA ASP PA 159 18.99 -48.07 -67.05
C ASP PA 159 18.14 -46.94 -66.47
N HIS PA 160 18.72 -46.20 -65.53
CA HIS PA 160 18.12 -44.95 -65.10
C HIS PA 160 18.06 -43.98 -66.26
N VAL PA 161 17.23 -42.95 -66.08
CA VAL PA 161 16.90 -42.01 -67.13
C VAL PA 161 16.68 -40.65 -66.48
N GLY PA 162 16.51 -39.62 -67.31
CA GLY PA 162 16.35 -38.29 -66.78
C GLY PA 162 16.95 -37.09 -67.51
N LEU PA 163 17.47 -37.23 -68.72
CA LEU PA 163 17.93 -36.01 -69.41
C LEU PA 163 17.89 -36.17 -70.92
N GLY PA 164 17.49 -35.09 -71.57
CA GLY PA 164 17.55 -34.99 -73.02
C GLY PA 164 18.01 -33.62 -73.42
N THR PA 165 18.70 -33.56 -74.55
CA THR PA 165 19.41 -32.36 -74.97
C THR PA 165 18.94 -31.91 -76.35
N ALA PA 166 19.21 -30.64 -76.64
CA ALA PA 166 18.98 -30.09 -77.97
C ALA PA 166 19.95 -28.93 -78.14
N PHE PA 167 21.01 -29.17 -78.90
CA PHE PA 167 22.04 -28.18 -79.17
C PHE PA 167 21.84 -27.58 -80.55
N GLU PA 168 22.07 -26.29 -80.65
CA GLU PA 168 21.88 -25.59 -81.92
C GLU PA 168 23.11 -25.80 -82.79
N ASN PA 169 22.88 -26.23 -84.02
CA ASN PA 169 23.97 -26.51 -84.92
C ASN PA 169 24.72 -25.24 -85.26
N SER PA 170 25.97 -25.42 -85.71
CA SER PA 170 26.83 -24.30 -86.03
C SER PA 170 27.78 -24.71 -87.13
N ILE PA 171 28.41 -23.71 -87.75
CA ILE PA 171 29.37 -23.96 -88.82
C ILE PA 171 30.55 -24.75 -88.27
N TYR PA 172 30.97 -24.44 -87.05
CA TYR PA 172 32.14 -25.04 -86.43
C TYR PA 172 31.71 -26.18 -85.52
N ASP PA 173 32.63 -27.13 -85.34
CA ASP PA 173 32.40 -28.20 -84.39
C ASP PA 173 32.29 -27.64 -82.98
N GLN PA 174 31.37 -28.20 -82.20
CA GLN PA 174 31.16 -27.84 -80.81
C GLN PA 174 31.43 -29.10 -79.99
N ASP PA 175 32.68 -29.32 -79.65
CA ASP PA 175 33.04 -30.44 -78.81
C ASP PA 175 32.78 -30.09 -77.36
N TYR PA 176 32.38 -31.11 -76.59
CA TYR PA 176 32.09 -30.97 -75.19
C TYR PA 176 32.76 -32.10 -74.42
N ASN PA 177 32.89 -31.89 -73.12
CA ASN PA 177 33.49 -32.85 -72.20
C ASN PA 177 32.49 -33.04 -71.09
N ILE PA 178 31.64 -34.04 -71.23
CA ILE PA 178 30.56 -34.26 -70.29
C ILE PA 178 31.08 -35.01 -69.07
N ARG PA 179 30.59 -34.62 -67.91
CA ARG PA 179 30.89 -35.29 -66.65
C ARG PA 179 29.57 -35.63 -65.99
N ILE PA 180 29.35 -36.93 -65.74
CA ILE PA 180 28.13 -37.40 -65.13
C ILE PA 180 28.45 -37.81 -63.70
N THR PA 181 28.21 -36.90 -62.78
CA THR PA 181 28.37 -37.18 -61.36
C THR PA 181 27.09 -37.75 -60.81
N MET PA 182 27.23 -38.79 -59.99
CA MET PA 182 26.10 -39.51 -59.43
C MET PA 182 26.26 -39.58 -57.92
N TYR PA 183 25.14 -39.41 -57.23
CA TYR PA 183 25.09 -39.42 -55.77
C TYR PA 183 24.23 -40.59 -55.35
N VAL PA 184 24.89 -41.65 -54.92
CA VAL PA 184 24.27 -42.95 -54.71
C VAL PA 184 24.17 -43.18 -53.21
N GLN PA 185 23.33 -44.14 -52.85
CA GLN PA 185 23.11 -44.51 -51.45
C GLN PA 185 22.96 -46.02 -51.40
N PHE PA 186 23.98 -46.69 -50.88
CA PHE PA 186 24.02 -48.14 -50.83
C PHE PA 186 23.50 -48.65 -49.50
N ARG PA 187 23.50 -49.96 -49.32
CA ARG PA 187 22.93 -50.58 -48.14
C ARG PA 187 23.35 -52.04 -48.09
N GLU PA 188 23.29 -52.62 -46.89
CA GLU PA 188 23.55 -54.04 -46.64
C GLU PA 188 24.96 -54.44 -47.07
N PHE PA 189 25.92 -53.93 -46.30
CA PHE PA 189 27.33 -54.28 -46.47
C PHE PA 189 27.50 -55.79 -46.47
N ASN PA 190 27.88 -56.35 -47.61
CA ASN PA 190 27.84 -57.78 -47.86
C ASN PA 190 29.21 -58.32 -48.26
N LEU PA 191 30.24 -57.91 -47.53
CA LEU PA 191 31.58 -58.34 -47.87
C LEU PA 191 31.80 -59.79 -47.47
N LYS PA 192 32.54 -60.51 -48.29
CA LYS PA 192 32.98 -61.86 -48.01
C LYS PA 192 34.44 -61.86 -47.62
N ASP PA 193 34.83 -62.87 -46.85
CA ASP PA 193 36.22 -63.03 -46.40
C ASP PA 193 36.57 -64.51 -46.40
N PRO PA 194 36.87 -65.07 -47.56
CA PRO PA 194 37.40 -66.42 -47.61
C PRO PA 194 38.78 -66.48 -46.99
N PRO PA 195 39.31 -67.68 -46.75
CA PRO PA 195 40.69 -67.78 -46.27
C PRO PA 195 41.70 -67.53 -47.37
N LEU PA 196 42.98 -67.73 -47.08
CA LEU PA 196 44.07 -67.48 -48.02
C LEU PA 196 44.13 -66.01 -48.40
N TYR QA 1 -13.74 -9.69 -56.64
CA TYR QA 1 -14.84 -9.88 -57.58
C TYR QA 1 -14.44 -10.80 -58.73
N ARG QA 2 -13.96 -12.01 -58.38
CA ARG QA 2 -13.63 -13.09 -59.31
C ARG QA 2 -12.74 -12.57 -60.47
N TRP QA 3 -11.44 -12.31 -60.26
CA TRP QA 3 -10.54 -12.95 -59.25
C TRP QA 3 -10.39 -14.48 -59.39
N ARG QA 4 -9.71 -14.91 -60.36
CA ARG QA 4 -9.69 -15.51 -61.69
C ARG QA 4 -10.81 -16.52 -62.04
N ARG QA 5 -11.08 -17.63 -61.33
CA ARG QA 5 -10.39 -18.22 -60.18
C ARG QA 5 -9.83 -19.61 -60.54
N LYS QA 6 -10.74 -20.51 -60.95
CA LYS QA 6 -10.45 -21.88 -61.35
C LYS QA 6 -11.17 -22.24 -62.65
N ASN QA 7 -11.93 -21.33 -63.24
CA ASN QA 7 -12.97 -21.67 -64.21
C ASN QA 7 -12.45 -22.07 -65.58
N GLY QA 8 -11.23 -22.61 -65.65
CA GLY QA 8 -10.56 -23.00 -66.86
C GLY QA 8 -9.18 -22.39 -66.94
N ILE QA 9 -8.78 -21.68 -65.89
CA ILE QA 9 -7.57 -20.88 -65.94
C ILE QA 9 -6.37 -21.80 -65.96
N PHE QA 10 -5.48 -21.57 -66.92
CA PHE QA 10 -4.26 -22.36 -67.06
C PHE QA 10 -3.16 -21.43 -67.55
N ASN QA 11 -2.41 -20.88 -66.61
CA ASN QA 11 -1.25 -20.08 -66.95
C ASN QA 11 -0.14 -21.00 -67.44
N THR QA 12 0.51 -20.59 -68.53
CA THR QA 12 1.55 -21.40 -69.12
C THR QA 12 2.53 -20.48 -69.84
N ARG QA 13 3.38 -21.08 -70.66
CA ARG QA 13 4.45 -20.39 -71.35
C ARG QA 13 4.59 -20.98 -72.74
N LEU QA 14 5.01 -20.14 -73.67
CA LEU QA 14 5.29 -20.54 -75.04
C LEU QA 14 6.51 -19.81 -75.53
N SER QA 15 7.19 -20.40 -76.50
CA SER QA 15 8.43 -19.85 -77.00
C SER QA 15 8.66 -20.31 -78.43
N ARG QA 16 9.36 -19.47 -79.18
CA ARG QA 16 9.79 -19.81 -80.52
C ARG QA 16 11.13 -19.15 -80.76
N THR QA 17 11.67 -19.33 -81.95
CA THR QA 17 13.01 -18.88 -82.26
C THR QA 17 13.11 -18.51 -83.73
N ILE QA 18 13.89 -17.47 -84.01
CA ILE QA 18 14.07 -16.97 -85.36
C ILE QA 18 15.41 -16.25 -85.43
N GLY QA 19 15.93 -16.17 -86.64
CA GLY QA 19 17.18 -15.46 -86.91
C GLY QA 19 16.90 -14.08 -87.46
N TYR QA 20 17.74 -13.12 -87.06
CA TYR QA 20 17.66 -11.76 -87.54
C TYR QA 20 19.06 -11.30 -87.87
N THR QA 21 19.22 -10.75 -89.07
CA THR QA 21 20.53 -10.53 -89.69
C THR QA 21 20.64 -9.06 -90.07
N VAL QA 22 21.43 -8.33 -89.29
CA VAL QA 22 21.79 -6.96 -89.64
C VAL QA 22 22.99 -7.01 -90.58
N LYS QA 23 22.83 -6.48 -91.78
CA LYS QA 23 23.79 -6.68 -92.83
C LYS QA 23 24.91 -5.64 -92.75
N LYS QA 24 25.92 -5.84 -93.60
CA LYS QA 24 27.07 -4.96 -93.67
C LYS QA 24 26.72 -3.64 -94.35
N THR QA 25 27.69 -2.74 -94.37
CA THR QA 25 27.61 -1.52 -95.14
C THR QA 25 28.99 -0.90 -95.21
N THR QA 26 29.35 -0.39 -96.38
CA THR QA 26 30.61 0.34 -96.52
C THR QA 26 30.57 1.68 -95.82
N VAL QA 27 29.37 2.21 -95.51
CA VAL QA 27 29.27 3.46 -94.77
C VAL QA 27 29.97 3.31 -93.44
N ARG QA 28 30.66 4.39 -93.03
CA ARG QA 28 31.37 4.44 -91.77
C ARG QA 28 30.76 5.42 -90.78
N THR QA 29 29.94 6.35 -91.24
CA THR QA 29 29.25 7.22 -90.32
C THR QA 29 28.22 6.41 -89.54
N PRO QA 30 27.85 6.85 -88.34
CA PRO QA 30 26.85 6.11 -87.57
C PRO QA 30 25.52 6.05 -88.31
N SER QA 31 25.10 4.84 -88.64
CA SER QA 31 23.84 4.59 -89.31
C SER QA 31 23.16 3.41 -88.65
N TRP QA 32 21.85 3.48 -88.55
CA TRP QA 32 21.05 2.50 -87.85
C TRP QA 32 20.16 1.73 -88.81
N ASN QA 33 19.77 0.54 -88.37
CA ASN QA 33 18.92 -0.36 -89.13
C ASN QA 33 17.67 -0.63 -88.30
N VAL QA 34 16.56 -0.04 -88.71
CA VAL QA 34 15.33 -0.05 -87.94
C VAL QA 34 14.45 -1.18 -88.41
N ASP QA 35 13.77 -1.82 -87.47
CA ASP QA 35 12.83 -2.89 -87.77
C ASP QA 35 11.91 -3.05 -86.59
N MET QA 36 10.68 -3.46 -86.87
CA MET QA 36 9.66 -3.66 -85.86
C MET QA 36 9.63 -5.13 -85.45
N MET QA 37 8.63 -5.49 -84.66
CA MET QA 37 8.46 -6.87 -84.22
C MET QA 37 7.03 -7.06 -83.75
N ARG QA 38 6.33 -8.02 -84.36
CA ARG QA 38 4.95 -8.33 -84.06
C ARG QA 38 4.86 -9.70 -83.42
N PHE QA 39 3.79 -9.89 -82.64
CA PHE QA 39 3.55 -11.12 -81.92
C PHE QA 39 2.16 -11.63 -82.26
N ASN QA 40 2.09 -12.87 -82.73
CA ASN QA 40 0.82 -13.51 -83.06
C ASN QA 40 0.88 -14.94 -82.56
N ILE QA 41 -0.16 -15.37 -81.87
CA ILE QA 41 -0.11 -16.65 -81.19
C ILE QA 41 -0.17 -17.82 -82.15
N ASN QA 42 -0.61 -17.60 -83.39
CA ASN QA 42 -0.63 -18.68 -84.36
C ASN QA 42 0.76 -19.18 -84.67
N ASP QA 43 1.78 -18.35 -84.48
CA ASP QA 43 3.15 -18.77 -84.67
C ASP QA 43 3.68 -19.59 -83.49
N PHE QA 44 2.93 -19.67 -82.39
CA PHE QA 44 3.30 -20.47 -81.24
C PHE QA 44 2.46 -21.73 -81.10
N LEU QA 45 1.16 -21.64 -81.32
CA LEU QA 45 0.26 -22.76 -81.22
C LEU QA 45 0.02 -23.37 -82.60
N PRO QA 46 0.58 -24.53 -82.93
CA PRO QA 46 0.24 -25.15 -84.20
C PRO QA 46 -1.16 -25.72 -84.17
N PRO QA 47 -1.73 -26.05 -85.32
CA PRO QA 47 -3.12 -26.51 -85.35
C PRO QA 47 -3.24 -27.96 -84.91
N GLY QA 48 -4.34 -28.25 -84.24
CA GLY QA 48 -4.63 -29.60 -83.81
C GLY QA 48 -5.22 -30.44 -84.91
N GLY QA 49 -6.20 -31.26 -84.57
CA GLY QA 49 -6.84 -32.10 -85.55
C GLY QA 49 -8.18 -32.64 -85.10
N GLY QA 50 -9.14 -32.68 -86.02
CA GLY QA 50 -10.46 -33.19 -85.73
C GLY QA 50 -11.37 -32.15 -85.12
N SER QA 51 -12.17 -32.56 -84.13
CA SER QA 51 -13.08 -31.64 -83.48
C SER QA 51 -12.34 -30.60 -82.66
N ASN QA 52 -11.15 -30.94 -82.19
CA ASN QA 52 -10.31 -29.99 -81.46
C ASN QA 52 -9.42 -29.27 -82.47
N PRO QA 53 -9.68 -28.01 -82.80
CA PRO QA 53 -8.94 -27.38 -83.90
C PRO QA 53 -7.52 -26.98 -83.52
N LEU QA 54 -7.32 -26.63 -82.26
CA LEU QA 54 -6.02 -26.22 -81.75
C LEU QA 54 -5.35 -27.38 -81.01
N THR QA 55 -4.07 -27.16 -80.69
CA THR QA 55 -3.32 -28.12 -79.89
C THR QA 55 -3.57 -27.95 -78.41
N VAL QA 56 -3.99 -26.78 -77.97
CA VAL QA 56 -4.30 -26.49 -76.58
C VAL QA 56 -5.81 -26.44 -76.45
N PRO QA 57 -6.44 -27.26 -75.62
CA PRO QA 57 -7.90 -27.22 -75.55
C PRO QA 57 -8.41 -26.12 -74.63
N PHE QA 58 -8.47 -24.91 -75.18
CA PHE QA 58 -9.07 -23.77 -74.49
C PHE QA 58 -9.69 -22.86 -75.52
N GLU QA 59 -10.59 -22.00 -75.03
CA GLU QA 59 -11.36 -21.10 -75.88
C GLU QA 59 -10.82 -19.69 -75.87
N TYR QA 60 -10.67 -19.11 -74.69
CA TYR QA 60 -10.23 -17.74 -74.53
C TYR QA 60 -8.76 -17.69 -74.18
N TYR QA 61 -8.18 -16.50 -74.24
CA TYR QA 61 -6.80 -16.30 -73.86
C TYR QA 61 -6.53 -14.82 -73.72
N ARG QA 62 -5.45 -14.51 -73.01
CA ARG QA 62 -4.96 -13.16 -72.89
C ARG QA 62 -3.49 -13.20 -72.54
N ILE QA 63 -2.69 -12.45 -73.26
CA ILE QA 63 -1.24 -12.47 -73.08
C ILE QA 63 -0.87 -11.53 -71.95
N ARG QA 64 -0.29 -12.09 -70.90
CA ARG QA 64 0.11 -11.30 -69.75
C ARG QA 64 1.41 -10.56 -70.03
N LYS QA 65 2.44 -11.28 -70.46
CA LYS QA 65 3.77 -10.73 -70.61
C LYS QA 65 4.45 -11.38 -71.80
N VAL QA 66 5.50 -10.71 -72.27
CA VAL QA 66 6.36 -11.21 -73.32
C VAL QA 66 7.80 -10.93 -72.92
N LYS QA 67 8.67 -11.91 -73.15
CA LYS QA 67 10.09 -11.78 -72.86
C LYS QA 67 10.84 -12.07 -74.15
N VAL QA 68 11.23 -11.02 -74.82
CA VAL QA 68 12.10 -11.12 -75.98
C VAL QA 68 13.53 -11.28 -75.50
N GLU QA 69 14.32 -12.01 -76.27
CA GLU QA 69 15.70 -12.31 -75.93
C GLU QA 69 16.54 -12.29 -77.19
N PHE QA 70 17.58 -11.46 -77.20
CA PHE QA 70 18.48 -11.34 -78.33
C PHE QA 70 19.75 -12.13 -78.05
N TRP QA 71 19.64 -13.43 -78.16
CA TRP QA 71 20.81 -14.28 -78.02
C TRP QA 71 21.69 -14.09 -79.24
N PRO QA 72 22.86 -13.47 -79.13
CA PRO QA 72 23.63 -13.16 -80.33
C PRO QA 72 24.20 -14.40 -80.98
N CYS QA 73 24.77 -14.17 -82.16
CA CYS QA 73 25.47 -15.19 -82.92
C CYS QA 73 26.88 -14.77 -83.29
N SER QA 74 27.29 -13.55 -82.93
CA SER QA 74 28.61 -13.04 -83.26
C SER QA 74 29.58 -13.33 -82.13
N PRO QA 75 30.87 -13.35 -82.40
CA PRO QA 75 31.84 -13.68 -81.36
C PRO QA 75 32.18 -12.46 -80.51
N ILE QA 76 32.87 -12.75 -79.41
CA ILE QA 76 33.33 -11.68 -78.53
C ILE QA 76 34.39 -10.82 -79.21
N THR QA 77 35.16 -11.40 -80.13
CA THR QA 77 36.30 -10.72 -80.71
C THR QA 77 35.94 -9.88 -81.92
N GLN QA 78 34.67 -9.50 -82.06
CA GLN QA 78 34.24 -8.74 -83.21
C GLN QA 78 34.43 -7.26 -82.95
N GLY QA 79 34.92 -6.55 -83.98
CA GLY QA 79 35.19 -5.14 -83.88
C GLY QA 79 34.10 -4.30 -84.51
N ASP QA 80 34.39 -2.99 -84.58
CA ASP QA 80 33.44 -2.00 -85.05
C ASP QA 80 32.12 -2.13 -84.31
N ARG QA 81 32.23 -2.05 -83.00
CA ARG QA 81 31.07 -2.22 -82.14
C ARG QA 81 30.13 -1.04 -82.35
N GLY QA 82 29.03 -1.07 -81.63
CA GLY QA 82 28.04 -0.02 -81.77
C GLY QA 82 27.12 0.03 -80.59
N VAL QA 83 25.99 0.69 -80.79
CA VAL QA 83 25.01 0.85 -79.73
C VAL QA 83 23.67 1.11 -80.38
N GLY QA 84 22.64 0.44 -79.85
CA GLY QA 84 21.31 0.49 -80.41
C GLY QA 84 20.27 0.83 -79.37
N SER QA 85 19.01 0.52 -79.65
CA SER QA 85 17.93 0.87 -78.74
C SER QA 85 16.71 0.03 -79.06
N THR QA 86 16.03 -0.42 -78.02
CA THR QA 86 14.77 -1.12 -78.11
C THR QA 86 13.71 -0.36 -77.35
N ALA QA 87 12.54 -0.25 -77.95
CA ALA QA 87 11.46 0.52 -77.37
C ALA QA 87 10.15 -0.26 -77.54
N VAL QA 88 9.21 0.07 -76.68
CA VAL QA 88 7.92 -0.60 -76.62
C VAL QA 88 6.90 0.27 -77.36
N ILE QA 89 6.23 -0.34 -78.34
CA ILE QA 89 5.29 0.35 -79.21
C ILE QA 89 3.98 -0.40 -79.12
N LEU QA 90 2.98 0.21 -78.49
CA LEU QA 90 1.75 -0.47 -78.12
C LEU QA 90 0.59 -0.08 -79.01
N ASP QA 91 0.86 0.53 -80.18
CA ASP QA 91 -0.19 1.10 -81.01
C ASP QA 91 -0.05 0.78 -82.48
N ASP QA 92 0.87 -0.09 -82.87
CA ASP QA 92 1.10 -0.45 -84.27
C ASP QA 92 1.57 0.75 -85.08
N ASN QA 93 2.18 1.73 -84.42
CA ASN QA 93 2.77 2.89 -85.06
C ASN QA 93 4.26 2.79 -84.82
N PHE QA 94 4.92 2.02 -85.67
CA PHE QA 94 6.36 1.89 -85.62
C PHE QA 94 6.98 3.03 -86.41
N VAL QA 95 8.30 3.00 -86.50
CA VAL QA 95 9.07 4.01 -87.21
C VAL QA 95 9.65 3.32 -88.43
N THR QA 96 9.45 3.95 -89.60
CA THR QA 96 9.52 3.30 -90.90
C THR QA 96 10.75 2.42 -91.05
N LYS QA 97 10.52 1.23 -91.59
CA LYS QA 97 11.59 0.27 -91.81
C LYS QA 97 12.66 0.85 -92.71
N ALA QA 98 13.90 0.79 -92.24
CA ALA QA 98 15.01 1.43 -92.93
C ALA QA 98 16.28 0.67 -92.67
N ASN QA 99 17.11 0.53 -93.70
CA ASN QA 99 18.38 -0.13 -93.58
C ASN QA 99 19.49 0.80 -93.09
N ALA QA 100 19.33 2.11 -93.30
CA ALA QA 100 20.36 3.07 -92.91
C ALA QA 100 19.67 4.37 -92.58
N LEU QA 101 19.71 4.76 -91.31
CA LEU QA 101 19.15 6.01 -90.85
C LEU QA 101 20.19 6.70 -90.01
N THR QA 102 20.31 8.01 -90.19
CA THR QA 102 21.40 8.79 -89.61
C THR QA 102 21.24 9.02 -88.12
N TYR QA 103 20.21 8.49 -87.48
CA TYR QA 103 20.02 8.70 -86.06
C TYR QA 103 19.24 7.53 -85.49
N ASP QA 104 19.27 7.43 -84.16
CA ASP QA 104 18.55 6.40 -83.44
C ASP QA 104 17.19 6.96 -83.05
N PRO QA 105 16.11 6.59 -83.74
CA PRO QA 105 14.82 7.21 -83.42
C PRO QA 105 14.25 6.74 -82.11
N TYR QA 106 14.56 5.53 -81.69
CA TYR QA 106 14.04 4.97 -80.45
C TYR QA 106 14.91 5.29 -79.26
N VAL QA 107 15.73 6.34 -79.33
CA VAL QA 107 16.67 6.62 -78.25
C VAL QA 107 16.02 7.44 -77.15
N ASN QA 108 15.23 8.45 -77.52
CA ASN QA 108 14.57 9.30 -76.55
C ASN QA 108 13.25 8.75 -76.06
N TYR QA 109 12.79 7.64 -76.63
CA TYR QA 109 11.57 7.01 -76.14
C TYR QA 109 11.71 6.65 -74.67
N SER QA 110 10.65 6.91 -73.91
CA SER QA 110 10.68 6.65 -72.48
C SER QA 110 10.87 5.17 -72.19
N SER QA 111 10.41 4.31 -73.09
CA SER QA 111 10.56 2.87 -72.95
C SER QA 111 11.85 2.35 -73.55
N ARG QA 112 12.87 3.20 -73.64
CA ARG QA 112 14.12 2.81 -74.26
C ARG QA 112 14.99 2.05 -73.29
N HIS QA 113 15.53 0.93 -73.76
CA HIS QA 113 16.52 0.15 -73.04
C HIS QA 113 17.66 -0.11 -73.98
N THR QA 114 18.85 0.36 -73.61
CA THR QA 114 19.98 0.38 -74.52
C THR QA 114 20.44 -1.02 -74.85
N ILE QA 115 20.92 -1.18 -76.08
CA ILE QA 115 21.56 -2.40 -76.52
C ILE QA 115 23.05 -2.13 -76.64
N THR QA 116 23.85 -3.05 -76.13
CA THR QA 116 25.25 -3.13 -76.47
C THR QA 116 25.40 -4.14 -77.57
N GLN QA 117 26.28 -3.87 -78.51
CA GLN QA 117 26.42 -4.67 -79.72
C GLN QA 117 27.87 -5.06 -79.91
N PRO QA 118 28.15 -6.11 -80.68
CA PRO QA 118 27.29 -7.09 -81.34
C PRO QA 118 27.22 -8.44 -80.65
N PHE QA 119 27.84 -8.57 -79.48
CA PHE QA 119 28.00 -9.87 -78.83
C PHE QA 119 27.27 -9.97 -77.49
N SER QA 120 26.44 -8.99 -77.16
CA SER QA 120 25.80 -8.94 -75.85
C SER QA 120 24.37 -9.46 -75.94
N TYR QA 121 23.83 -9.79 -74.77
CA TYR QA 121 22.48 -10.26 -74.61
C TYR QA 121 21.59 -9.13 -74.12
N HIS QA 122 20.38 -9.06 -74.66
CA HIS QA 122 19.43 -8.04 -74.31
C HIS QA 122 18.04 -8.64 -74.23
N SER QA 123 17.30 -8.26 -73.20
CA SER QA 123 15.99 -8.81 -72.92
C SER QA 123 15.03 -7.71 -72.54
N ARG QA 124 13.77 -7.91 -72.86
CA ARG QA 124 12.72 -6.91 -72.66
C ARG QA 124 11.46 -7.64 -72.20
N TYR QA 125 11.11 -7.48 -70.94
CA TYR QA 125 9.99 -8.17 -70.30
C TYR QA 125 8.89 -7.15 -70.09
N PHE QA 126 7.87 -7.21 -70.94
CA PHE QA 126 6.82 -6.21 -70.96
C PHE QA 126 5.48 -6.85 -71.25
N THR QA 127 4.45 -6.04 -71.14
CA THR QA 127 3.08 -6.44 -71.42
C THR QA 127 2.70 -5.92 -72.80
N PRO QA 128 2.42 -6.77 -73.77
CA PRO QA 128 1.96 -6.28 -75.07
C PRO QA 128 0.47 -5.97 -75.02
N LYS QA 129 -0.02 -5.42 -76.12
CA LYS QA 129 -1.41 -5.07 -76.26
C LYS QA 129 -1.87 -5.52 -77.63
N PRO QA 130 -3.15 -5.84 -77.79
CA PRO QA 130 -3.64 -6.28 -79.10
C PRO QA 130 -4.04 -5.11 -79.99
N VAL QA 131 -4.29 -5.45 -81.24
CA VAL QA 131 -4.68 -4.48 -82.26
C VAL QA 131 -6.18 -4.68 -82.46
N LEU QA 132 -6.98 -3.90 -81.71
CA LEU QA 132 -8.42 -3.97 -81.85
C LEU QA 132 -8.92 -3.12 -82.99
N ASP QA 133 -8.40 -1.91 -83.15
CA ASP QA 133 -8.80 -1.01 -84.22
C ASP QA 133 -7.56 -0.32 -84.75
N ARG QA 134 -7.22 -0.60 -86.00
CA ARG QA 134 -6.04 0.01 -86.61
C ARG QA 134 -6.27 1.50 -86.89
N THR QA 135 -7.49 1.87 -87.24
CA THR QA 135 -7.78 3.27 -87.52
C THR QA 135 -7.60 4.12 -86.28
N ILE QA 136 -8.06 3.62 -85.14
CA ILE QA 136 -8.09 4.38 -83.91
C ILE QA 136 -6.87 4.09 -83.05
N ASP QA 137 -6.44 2.83 -83.06
CA ASP QA 137 -5.25 2.38 -82.34
C ASP QA 137 -5.34 2.72 -80.85
N TYR QA 138 -6.32 2.10 -80.20
CA TYR QA 138 -6.50 2.22 -78.77
C TYR QA 138 -6.02 0.97 -78.05
N PHE QA 139 -5.69 1.15 -76.78
CA PHE QA 139 -5.26 0.06 -75.93
C PHE QA 139 -5.43 0.50 -74.49
N GLN QA 140 -5.50 -0.48 -73.63
CA GLN QA 140 -5.78 -0.21 -72.23
C GLN QA 140 -4.52 -0.32 -71.39
N PRO QA 141 -4.53 0.24 -70.19
CA PRO QA 141 -3.34 0.15 -69.34
C PRO QA 141 -3.05 -1.26 -68.88
N ASN QA 142 -2.00 -1.39 -68.07
CA ASN QA 142 -1.61 -2.68 -67.52
C ASN QA 142 -2.34 -2.86 -66.20
N ASN QA 143 -3.42 -3.63 -66.25
CA ASN QA 143 -4.15 -4.03 -65.05
C ASN QA 143 -4.58 -5.47 -65.24
N LYS QA 144 -4.09 -6.34 -64.35
CA LYS QA 144 -4.30 -7.77 -64.54
C LYS QA 144 -5.77 -8.14 -64.40
N ARG QA 145 -6.46 -7.60 -63.41
CA ARG QA 145 -7.84 -7.98 -63.16
C ARG QA 145 -8.72 -7.67 -64.34
N ASN QA 146 -8.65 -6.45 -64.86
CA ASN QA 146 -9.56 -5.98 -65.88
C ASN QA 146 -8.99 -6.09 -67.29
N GLN QA 147 -7.94 -6.88 -67.47
CA GLN QA 147 -7.43 -7.11 -68.81
C GLN QA 147 -8.43 -7.94 -69.61
N LEU QA 148 -8.45 -7.70 -70.90
CA LEU QA 148 -9.44 -8.30 -71.76
C LEU QA 148 -9.12 -9.76 -72.03
N TRP QA 149 -10.16 -10.49 -72.42
CA TRP QA 149 -10.04 -11.84 -72.91
C TRP QA 149 -10.29 -11.84 -74.40
N LEU QA 150 -9.72 -12.82 -75.09
CA LEU QA 150 -9.78 -12.92 -76.53
C LEU QA 150 -10.03 -14.36 -76.93
N ARG QA 151 -10.92 -14.54 -77.89
CA ARG QA 151 -11.18 -15.86 -78.43
C ARG QA 151 -9.92 -16.41 -79.09
N LEU QA 152 -9.65 -17.68 -78.85
CA LEU QA 152 -8.49 -18.35 -79.42
C LEU QA 152 -8.92 -18.91 -80.76
N GLN QA 153 -8.75 -18.12 -81.80
CA GLN QA 153 -9.14 -18.53 -83.13
C GLN QA 153 -8.12 -19.52 -83.70
N THR QA 154 -8.51 -20.13 -84.81
CA THR QA 154 -7.73 -21.19 -85.41
C THR QA 154 -6.68 -20.67 -86.38
N THR QA 155 -7.03 -19.68 -87.21
CA THR QA 155 -6.16 -19.19 -88.26
C THR QA 155 -6.05 -17.68 -88.33
N GLY QA 156 -6.87 -16.94 -87.60
CA GLY QA 156 -6.94 -15.49 -87.73
C GLY QA 156 -6.82 -14.74 -86.43
N ASN QA 157 -5.94 -15.20 -85.55
CA ASN QA 157 -5.73 -14.51 -84.30
C ASN QA 157 -5.14 -13.12 -84.54
N VAL QA 158 -5.42 -12.22 -83.63
CA VAL QA 158 -5.06 -10.83 -83.80
C VAL QA 158 -3.58 -10.64 -83.49
N ASP QA 159 -2.99 -9.66 -84.15
CA ASP QA 159 -1.55 -9.42 -84.07
C ASP QA 159 -1.27 -8.51 -82.89
N HIS QA 160 -0.82 -9.11 -81.79
CA HIS QA 160 -0.28 -8.33 -80.70
C HIS QA 160 0.94 -7.57 -81.15
N VAL QA 161 1.31 -6.57 -80.36
CA VAL QA 161 2.34 -5.61 -80.71
C VAL QA 161 3.05 -5.21 -79.43
N GLY QA 162 4.14 -4.44 -79.56
CA GLY QA 162 4.90 -4.06 -78.39
C GLY QA 162 6.42 -3.95 -78.47
N LEU QA 163 7.05 -4.03 -79.64
CA LEU QA 163 8.49 -3.82 -79.66
C LEU QA 163 8.98 -3.30 -81.01
N GLY QA 164 9.92 -2.38 -80.95
CA GLY QA 164 10.62 -1.92 -82.12
C GLY QA 164 12.09 -1.75 -81.80
N THR QA 165 12.91 -1.94 -82.82
CA THR QA 165 14.35 -2.03 -82.66
C THR QA 165 15.07 -1.00 -83.52
N ALA QA 166 16.31 -0.73 -83.15
CA ALA QA 166 17.20 0.10 -83.94
C ALA QA 166 18.63 -0.33 -83.63
N PHE QA 167 19.22 -1.08 -84.54
CA PHE QA 167 20.58 -1.57 -84.39
C PHE QA 167 21.52 -0.73 -85.23
N GLU QA 168 22.71 -0.48 -84.68
CA GLU QA 168 23.70 0.35 -85.35
C GLU QA 168 24.44 -0.50 -86.37
N ASN QA 169 24.49 -0.01 -87.60
CA ASN QA 169 25.14 -0.75 -88.66
C ASN QA 169 26.63 -0.90 -88.39
N SER QA 170 27.22 -1.89 -89.04
CA SER QA 170 28.64 -2.17 -88.86
C SER QA 170 29.19 -2.77 -90.14
N ILE QA 171 30.51 -2.79 -90.22
CA ILE QA 171 31.19 -3.36 -91.39
C ILE QA 171 30.87 -4.84 -91.51
N TYR QA 172 30.80 -5.53 -90.38
CA TYR QA 172 30.59 -6.96 -90.34
C TYR QA 172 29.12 -7.27 -90.10
N ASP QA 173 28.70 -8.44 -90.57
CA ASP QA 173 27.35 -8.91 -90.29
C ASP QA 173 27.17 -9.12 -88.79
N GLN QA 174 25.99 -8.75 -88.30
CA GLN QA 174 25.62 -8.94 -86.91
C GLN QA 174 24.40 -9.86 -86.92
N ASP QA 175 24.65 -11.15 -86.92
CA ASP QA 175 23.58 -12.12 -86.85
C ASP QA 175 23.13 -12.28 -85.40
N TYR QA 176 21.83 -12.52 -85.24
CA TYR QA 176 21.23 -12.71 -83.93
C TYR QA 176 20.32 -13.92 -83.96
N ASN QA 177 20.01 -14.42 -82.78
CA ASN QA 177 19.14 -15.57 -82.59
C ASN QA 177 18.07 -15.13 -81.60
N ILE QA 178 16.96 -14.66 -82.12
CA ILE QA 178 15.92 -14.09 -81.29
C ILE QA 178 15.05 -15.22 -80.74
N ARG QA 179 14.66 -15.07 -79.47
CA ARG QA 179 13.74 -15.98 -78.81
C ARG QA 179 12.61 -15.15 -78.24
N ILE QA 180 11.39 -15.46 -78.67
CA ILE QA 180 10.20 -14.75 -78.23
C ILE QA 180 9.44 -15.64 -77.28
N THR QA 181 9.67 -15.47 -75.99
CA THR QA 181 8.95 -16.19 -74.98
C THR QA 181 7.68 -15.43 -74.62
N MET QA 182 6.59 -16.16 -74.49
CA MET QA 182 5.27 -15.60 -74.23
C MET QA 182 4.68 -16.27 -73.01
N TYR QA 183 4.02 -15.47 -72.18
CA TYR QA 183 3.39 -15.94 -70.96
C TYR QA 183 1.89 -15.69 -71.08
N VAL QA 184 1.18 -16.77 -71.37
CA VAL QA 184 -0.22 -16.71 -71.76
C VAL QA 184 -1.07 -17.21 -70.62
N GLN QA 185 -2.35 -16.90 -70.68
CA GLN QA 185 -3.32 -17.31 -69.67
C GLN QA 185 -4.60 -17.68 -70.39
N PHE QA 186 -4.89 -18.98 -70.45
CA PHE QA 186 -6.04 -19.49 -71.16
C PHE QA 186 -7.24 -19.65 -70.22
N ARG QA 187 -8.34 -20.14 -70.76
CA ARG QA 187 -9.58 -20.23 -70.00
C ARG QA 187 -10.57 -21.10 -70.78
N GLU QA 188 -11.55 -21.63 -70.06
CA GLU QA 188 -12.66 -22.40 -70.62
C GLU QA 188 -12.17 -23.63 -71.39
N PHE QA 189 -11.66 -24.58 -70.62
CA PHE QA 189 -11.23 -25.87 -71.14
C PHE QA 189 -12.35 -26.51 -71.95
N ASN QA 190 -12.15 -26.62 -73.26
CA ASN QA 190 -13.21 -26.97 -74.21
C ASN QA 190 -12.85 -28.21 -75.01
N LEU QA 191 -12.36 -29.23 -74.34
CA LEU QA 191 -11.96 -30.44 -75.03
C LEU QA 191 -13.18 -31.23 -75.47
N LYS QA 192 -13.08 -31.82 -76.65
CA LYS QA 192 -14.07 -32.75 -77.17
C LYS QA 192 -13.57 -34.17 -77.05
N ASP QA 193 -14.52 -35.11 -76.99
CA ASP QA 193 -14.21 -36.54 -76.90
C ASP QA 193 -15.22 -37.32 -77.71
N PRO QA 194 -15.05 -37.37 -79.02
CA PRO QA 194 -15.87 -38.25 -79.84
C PRO QA 194 -15.56 -39.69 -79.55
N PRO QA 195 -16.36 -40.63 -80.04
CA PRO QA 195 -16.03 -42.05 -79.88
C PRO QA 195 -14.92 -42.48 -80.82
N LEU QA 196 -14.62 -43.77 -80.86
CA LEU QA 196 -13.54 -44.33 -81.69
C LEU QA 196 -12.20 -43.78 -81.25
N TYR RA 1 9.81 28.32 -51.03
CA TYR RA 1 9.57 29.54 -51.78
C TYR RA 1 9.50 29.27 -53.28
N ARG RA 2 8.61 28.33 -53.66
CA ARG RA 2 8.30 28.00 -55.06
C ARG RA 2 9.58 27.77 -55.89
N TRP RA 3 10.28 26.63 -55.75
CA TRP RA 3 9.77 25.30 -55.33
C TRP RA 3 8.68 24.71 -56.25
N ARG RA 4 9.05 24.29 -57.39
CA ARG RA 4 9.14 24.51 -58.83
C ARG RA 4 7.98 25.28 -59.50
N ARG RA 5 6.69 24.93 -59.44
CA ARG RA 5 6.05 23.75 -58.87
C ARG RA 5 5.36 22.91 -59.97
N LYS RA 6 4.40 23.56 -60.65
CA LYS RA 6 3.62 22.99 -61.75
C LYS RA 6 3.55 23.93 -62.94
N ASN RA 7 4.17 25.11 -62.87
CA ASN RA 7 3.83 26.24 -63.74
C ASN RA 7 4.33 26.10 -65.18
N GLY RA 8 4.47 24.88 -65.66
CA GLY RA 8 4.98 24.56 -66.97
C GLY RA 8 6.11 23.56 -66.89
N ILE RA 9 6.41 23.09 -65.69
CA ILE RA 9 7.61 22.31 -65.48
C ILE RA 9 7.43 20.94 -66.13
N PHE RA 10 8.41 20.55 -66.94
CA PHE RA 10 8.39 19.27 -67.62
C PHE RA 10 9.82 18.75 -67.69
N ASN RA 11 10.21 17.95 -66.70
CA ASN RA 11 11.50 17.31 -66.73
C ASN RA 11 11.48 16.20 -67.75
N THR RA 12 12.55 16.11 -68.54
CA THR RA 12 12.63 15.12 -69.60
C THR RA 12 14.09 14.80 -69.86
N ARG RA 13 14.34 14.13 -70.97
CA ARG RA 13 15.65 13.64 -71.33
C ARG RA 13 15.83 13.79 -72.83
N LEU RA 14 17.07 13.99 -73.24
CA LEU RA 14 17.44 14.07 -74.64
C LEU RA 14 18.78 13.40 -74.83
N SER RA 15 19.02 12.93 -76.04
CA SER RA 15 20.22 12.18 -76.34
C SER RA 15 20.55 12.30 -77.82
N ARG RA 16 21.84 12.21 -78.11
CA ARG RA 16 22.32 12.17 -79.48
C ARG RA 16 23.55 11.28 -79.50
N THR RA 17 24.13 11.13 -80.68
CA THR RA 17 25.23 10.19 -80.87
C THR RA 17 26.18 10.72 -81.93
N ILE RA 18 27.46 10.46 -81.73
CA ILE RA 18 28.51 10.92 -82.64
C ILE RA 18 29.71 10.00 -82.50
N GLY RA 19 30.52 9.96 -83.56
CA GLY RA 19 31.74 9.19 -83.57
C GLY RA 19 32.94 10.07 -83.28
N TYR RA 20 33.90 9.50 -82.55
CA TYR RA 20 35.15 10.18 -82.24
C TYR RA 20 36.27 9.20 -82.47
N THR RA 21 37.29 9.64 -83.21
CA THR RA 21 38.30 8.77 -83.79
C THR RA 21 39.67 9.26 -83.38
N VAL RA 22 40.29 8.56 -82.44
CA VAL RA 22 41.67 8.80 -82.06
C VAL RA 22 42.56 8.04 -83.04
N LYS RA 23 43.41 8.75 -83.75
CA LYS RA 23 44.12 8.18 -84.87
C LYS RA 23 45.41 7.51 -84.41
N LYS RA 24 46.06 6.83 -85.35
CA LYS RA 24 47.30 6.13 -85.11
C LYS RA 24 48.47 7.10 -84.97
N THR RA 25 49.62 6.54 -84.64
CA THR RA 25 50.88 7.27 -84.65
C THR RA 25 52.01 6.27 -84.56
N THR RA 26 53.07 6.52 -85.33
CA THR RA 26 54.27 5.69 -85.23
C THR RA 26 55.03 5.93 -83.94
N VAL RA 27 54.77 7.05 -83.26
CA VAL RA 27 55.39 7.31 -81.97
C VAL RA 27 55.05 6.20 -81.00
N ARG RA 28 56.04 5.81 -80.20
CA ARG RA 28 55.88 4.77 -79.19
C ARG RA 28 55.96 5.30 -77.77
N THR RA 29 56.52 6.49 -77.58
CA THR RA 29 56.51 7.07 -76.25
C THR RA 29 55.08 7.46 -75.88
N PRO RA 30 54.77 7.53 -74.59
CA PRO RA 30 53.41 7.91 -74.19
C PRO RA 30 53.09 9.32 -74.68
N SER RA 31 52.07 9.40 -75.53
CA SER RA 31 51.59 10.66 -76.06
C SER RA 31 50.08 10.65 -76.04
N TRP RA 32 49.50 11.80 -75.74
CA TRP RA 32 48.07 11.95 -75.55
C TRP RA 32 47.45 12.80 -76.65
N ASN RA 33 46.16 12.62 -76.85
CA ASN RA 33 45.38 13.33 -77.85
C ASN RA 33 44.27 14.07 -77.13
N VAL RA 34 44.40 15.38 -77.02
CA VAL RA 34 43.52 16.21 -76.22
C VAL RA 34 42.43 16.77 -77.10
N ASP RA 35 41.22 16.86 -76.55
CA ASP RA 35 40.09 17.43 -77.24
C ASP RA 35 39.05 17.80 -76.20
N MET RA 36 38.29 18.83 -76.50
CA MET RA 36 37.25 19.34 -75.62
C MET RA 36 35.91 18.75 -76.03
N MET RA 37 34.85 19.25 -75.41
CA MET RA 37 33.50 18.80 -75.74
C MET RA 37 32.50 19.85 -75.26
N ARG RA 38 31.69 20.36 -76.17
CA ARG RA 38 30.69 21.38 -75.90
C ARG RA 38 29.30 20.80 -76.06
N PHE RA 39 28.35 21.42 -75.37
CA PHE RA 39 26.96 20.99 -75.36
C PHE RA 39 26.08 22.17 -75.73
N ASN RA 40 25.26 21.99 -76.76
CA ASN RA 40 24.33 23.00 -77.20
C ASN RA 40 23.03 22.32 -77.54
N ILE RA 41 21.92 22.87 -77.05
CA ILE RA 41 20.65 22.17 -77.14
C ILE RA 41 20.10 22.17 -78.56
N ASN RA 42 20.58 23.04 -79.42
CA ASN RA 42 20.13 23.03 -80.81
C ASN RA 42 20.49 21.73 -81.51
N ASP RA 43 21.52 21.05 -81.05
CA ASP RA 43 21.89 19.75 -81.59
C ASP RA 43 20.99 18.63 -81.09
N PHE RA 44 20.14 18.90 -80.11
CA PHE RA 44 19.18 17.93 -79.59
C PHE RA 44 17.75 18.20 -80.02
N LEU RA 45 17.34 19.46 -79.99
CA LEU RA 45 15.99 19.86 -80.38
C LEU RA 45 15.99 20.32 -81.82
N PRO RA 46 15.45 19.57 -82.77
CA PRO RA 46 15.34 20.09 -84.12
C PRO RA 46 14.25 21.13 -84.22
N PRO RA 47 14.22 21.91 -85.30
CA PRO RA 47 13.24 22.99 -85.39
C PRO RA 47 11.86 22.48 -85.75
N GLY RA 48 10.85 23.14 -85.18
CA GLY RA 48 9.47 22.79 -85.48
C GLY RA 48 9.00 23.41 -86.79
N GLY RA 49 7.77 23.90 -86.79
CA GLY RA 49 7.23 24.53 -87.97
C GLY RA 49 6.01 25.38 -87.69
N GLY RA 50 5.93 26.52 -88.38
CA GLY RA 50 4.80 27.41 -88.22
C GLY RA 50 4.97 28.36 -87.05
N SER RA 51 3.87 28.60 -86.33
CA SER RA 51 3.92 29.50 -85.18
C SER RA 51 4.74 28.91 -84.05
N ASN RA 52 4.81 27.58 -83.97
CA ASN RA 52 5.63 26.91 -82.97
C ASN RA 52 7.02 26.70 -83.57
N PRO RA 53 8.05 27.45 -83.16
CA PRO RA 53 9.33 27.37 -83.86
C PRO RA 53 10.12 26.13 -83.51
N LEU RA 54 9.96 25.64 -82.29
CA LEU RA 54 10.66 24.46 -81.82
C LEU RA 54 9.74 23.23 -81.87
N THR RA 55 10.35 22.07 -81.66
CA THR RA 55 9.60 20.83 -81.57
C THR RA 55 9.00 20.60 -80.20
N VAL RA 56 9.56 21.22 -79.17
CA VAL RA 56 9.07 21.11 -77.79
C VAL RA 56 8.38 22.43 -77.46
N PRO RA 57 7.10 22.44 -77.11
CA PRO RA 57 6.45 23.71 -76.84
C PRO RA 57 6.71 24.23 -75.42
N PHE RA 58 7.87 24.86 -75.26
CA PHE RA 58 8.21 25.52 -74.02
C PHE RA 58 9.08 26.72 -74.33
N GLU RA 59 9.15 27.63 -73.37
CA GLU RA 59 9.87 28.89 -73.52
C GLU RA 59 11.22 28.88 -72.85
N TYR RA 60 11.26 28.53 -71.57
CA TYR RA 60 12.47 28.54 -70.78
C TYR RA 60 13.03 27.14 -70.65
N TYR RA 61 14.25 27.04 -70.15
CA TYR RA 61 14.88 25.75 -69.90
C TYR RA 61 16.11 25.95 -69.05
N ARG RA 62 16.54 24.86 -68.43
CA ARG RA 62 17.79 24.84 -67.69
C ARG RA 62 18.26 23.39 -67.60
N ILE RA 63 19.52 23.17 -67.94
CA ILE RA 63 20.07 21.83 -67.98
C ILE RA 63 20.51 21.44 -66.57
N ARG RA 64 19.89 20.39 -66.05
CA ARG RA 64 20.22 19.91 -64.73
C ARG RA 64 21.51 19.10 -64.73
N LYS RA 65 21.58 18.09 -65.61
CA LYS RA 65 22.67 17.15 -65.62
C LYS RA 65 22.97 16.73 -67.04
N VAL RA 66 24.16 16.18 -67.23
CA VAL RA 66 24.59 15.60 -68.49
C VAL RA 66 25.29 14.31 -68.19
N LYS RA 67 25.01 13.29 -69.00
CA LYS RA 67 25.62 11.97 -68.88
C LYS RA 67 26.27 11.65 -70.21
N VAL RA 68 27.56 11.86 -70.28
CA VAL RA 68 28.34 11.45 -71.43
C VAL RA 68 28.66 9.97 -71.29
N GLU RA 69 28.77 9.29 -72.42
CA GLU RA 69 29.00 7.86 -72.45
C GLU RA 69 29.91 7.55 -73.61
N PHE RA 70 31.03 6.90 -73.32
CA PHE RA 70 32.01 6.52 -74.35
C PHE RA 70 31.84 5.04 -74.67
N TRP RA 71 30.81 4.75 -75.43
CA TRP RA 71 30.60 3.39 -75.90
C TRP RA 71 31.66 3.09 -76.94
N PRO RA 72 32.63 2.22 -76.68
CA PRO RA 72 33.72 2.04 -77.63
C PRO RA 72 33.26 1.34 -78.89
N CYS RA 73 34.20 1.31 -79.85
CA CYS RA 73 34.03 0.61 -81.11
C CYS RA 73 35.15 -0.37 -81.38
N SER RA 74 36.14 -0.46 -80.51
CA SER RA 74 37.27 -1.35 -80.68
C SER RA 74 37.02 -2.68 -79.99
N PRO RA 75 37.69 -3.75 -80.41
CA PRO RA 75 37.43 -5.04 -79.81
C PRO RA 75 38.20 -5.23 -78.52
N ILE RA 76 37.83 -6.29 -77.81
CA ILE RA 76 38.50 -6.66 -76.58
C ILE RA 76 39.94 -7.09 -76.84
N THR RA 77 40.22 -7.65 -78.02
CA THR RA 77 41.51 -8.24 -78.30
C THR RA 77 42.51 -7.24 -78.86
N GLN RA 78 42.30 -5.95 -78.61
CA GLN RA 78 43.18 -4.93 -79.13
C GLN RA 78 44.34 -4.70 -78.17
N GLY RA 79 45.53 -4.56 -78.73
CA GLY RA 79 46.74 -4.38 -77.96
C GLY RA 79 47.18 -2.93 -77.92
N ASP RA 80 48.37 -2.72 -77.34
CA ASP RA 80 48.93 -1.41 -77.10
C ASP RA 80 47.92 -0.54 -76.38
N ARG RA 81 47.48 -1.04 -75.23
CA ARG RA 81 46.47 -0.35 -74.46
C ARG RA 81 47.06 0.93 -73.89
N GLY RA 82 46.25 1.66 -73.16
CA GLY RA 82 46.69 2.91 -72.61
C GLY RA 82 45.83 3.35 -71.47
N VAL RA 83 45.92 4.63 -71.15
CA VAL RA 83 45.17 5.20 -70.05
C VAL RA 83 45.04 6.69 -70.29
N GLY RA 84 43.84 7.20 -70.06
CA GLY RA 84 43.50 8.58 -70.34
C GLY RA 84 42.87 9.26 -69.15
N SER RA 85 42.19 10.38 -69.39
CA SER RA 85 41.60 11.13 -68.31
C SER RA 85 40.51 12.05 -68.85
N THR RA 86 39.42 12.15 -68.11
CA THR RA 86 38.34 13.07 -68.40
C THR RA 86 38.15 14.00 -67.22
N ALA RA 87 37.96 15.27 -67.51
CA ALA RA 87 37.83 16.30 -66.50
C ALA RA 87 36.71 17.24 -66.87
N VAL RA 88 36.19 17.91 -65.86
CA VAL RA 88 35.06 18.81 -65.99
C VAL RA 88 35.58 20.23 -66.03
N ILE RA 89 35.21 20.95 -67.09
CA ILE RA 89 35.69 22.30 -67.34
C ILE RA 89 34.47 23.18 -67.50
N LEU RA 90 34.24 24.05 -66.52
CA LEU RA 90 33.01 24.80 -66.40
C LEU RA 90 33.16 26.25 -66.81
N ASP RA 91 34.25 26.60 -67.52
CA ASP RA 91 34.58 27.99 -67.78
C ASP RA 91 34.99 28.26 -69.22
N ASP RA 92 34.88 27.29 -70.12
CA ASP RA 92 35.29 27.43 -71.52
C ASP RA 92 36.78 27.69 -71.64
N ASN RA 93 37.55 27.24 -70.65
CA ASN RA 93 39.00 27.31 -70.67
C ASN RA 93 39.49 25.87 -70.71
N PHE RA 94 39.54 25.33 -71.91
CA PHE RA 94 40.06 24.00 -72.11
C PHE RA 94 41.57 24.09 -72.28
N VAL RA 95 42.19 22.94 -72.53
CA VAL RA 95 43.61 22.82 -72.71
C VAL RA 95 43.84 22.51 -74.17
N THR RA 96 44.73 23.26 -74.81
CA THR RA 96 44.79 23.42 -76.25
C THR RA 96 44.71 22.11 -77.00
N LYS RA 97 43.90 22.09 -78.04
CA LYS RA 97 43.69 20.91 -78.86
C LYS RA 97 45.01 20.45 -79.46
N ALA RA 98 45.33 19.18 -79.24
CA ALA RA 98 46.62 18.64 -79.63
C ALA RA 98 46.48 17.18 -79.98
N ASN RA 99 47.18 16.75 -81.02
CA ASN RA 99 47.18 15.36 -81.43
C ASN RA 99 48.20 14.53 -80.67
N ALA RA 100 49.25 15.16 -80.15
CA ALA RA 100 50.31 14.44 -79.46
C ALA RA 100 50.90 15.36 -78.42
N LEU RA 101 50.69 15.03 -77.16
CA LEU RA 101 51.23 15.79 -76.04
C LEU RA 101 51.91 14.80 -75.09
N THR RA 102 53.07 15.20 -74.59
CA THR RA 102 53.93 14.29 -73.84
C THR RA 102 53.43 14.00 -72.44
N TYR RA 103 52.28 14.53 -72.04
CA TYR RA 103 51.77 14.30 -70.70
C TYR RA 103 50.25 14.41 -70.73
N ASP RA 104 49.64 13.91 -69.66
CA ASP RA 104 48.20 13.97 -69.49
C ASP RA 104 47.86 15.23 -68.70
N PRO RA 105 47.38 16.29 -69.34
CA PRO RA 105 47.16 17.52 -68.58
C PRO RA 105 45.98 17.45 -67.65
N TYR RA 106 44.98 16.62 -67.96
CA TYR RA 106 43.80 16.49 -67.13
C TYR RA 106 43.94 15.43 -66.05
N VAL RA 107 45.17 15.06 -65.69
CA VAL RA 107 45.37 13.97 -64.74
C VAL RA 107 45.27 14.45 -63.31
N ASN RA 108 45.85 15.60 -63.00
CA ASN RA 108 45.84 16.14 -61.65
C ASN RA 108 44.60 16.96 -61.36
N TYR RA 109 43.75 17.20 -62.35
CA TYR RA 109 42.50 17.91 -62.11
C TYR RA 109 41.68 17.17 -61.07
N SER RA 110 41.09 17.93 -60.16
CA SER RA 110 40.30 17.35 -59.08
C SER RA 110 39.10 16.61 -59.63
N SER RA 111 38.58 17.03 -60.78
CA SER RA 111 37.45 16.38 -61.42
C SER RA 111 37.87 15.26 -62.36
N ARG RA 112 39.03 14.67 -62.13
CA ARG RA 112 39.56 13.65 -63.03
C ARG RA 112 38.93 12.31 -62.71
N HIS RA 113 38.49 11.62 -63.75
CA HIS RA 113 38.01 10.25 -63.67
C HIS RA 113 38.73 9.47 -64.74
N THR RA 114 39.46 8.45 -64.34
CA THR RA 114 40.37 7.76 -65.24
C THR RA 114 39.61 7.00 -66.31
N ILE RA 115 40.20 6.93 -67.48
CA ILE RA 115 39.72 6.12 -68.58
C ILE RA 115 40.65 4.93 -68.73
N THR RA 116 40.07 3.76 -68.87
CA THR RA 116 40.78 2.60 -69.37
C THR RA 116 40.49 2.51 -70.86
N GLN RA 117 41.51 2.13 -71.63
CA GLN RA 117 41.44 2.15 -73.08
C GLN RA 117 41.86 0.80 -73.62
N PRO RA 118 41.47 0.47 -74.85
CA PRO RA 118 40.58 1.12 -75.80
C PRO RA 118 39.20 0.51 -75.92
N PHE RA 119 38.90 -0.47 -75.07
CA PHE RA 119 37.67 -1.24 -75.21
C PHE RA 119 36.71 -1.08 -74.04
N SER RA 120 36.96 -0.15 -73.15
CA SER RA 120 36.17 0.01 -71.94
C SER RA 120 35.15 1.13 -72.09
N TYR RA 121 34.17 1.11 -71.20
CA TYR RA 121 33.11 2.10 -71.14
C TYR RA 121 33.42 3.09 -70.04
N HIS RA 122 33.14 4.37 -70.31
CA HIS RA 122 33.38 5.42 -69.35
C HIS RA 122 32.25 6.43 -69.42
N SER RA 123 31.78 6.86 -68.25
CA SER RA 123 30.64 7.75 -68.14
C SER RA 123 30.93 8.83 -67.11
N ARG RA 124 30.34 9.99 -67.34
CA ARG RA 124 30.57 11.17 -66.51
C ARG RA 124 29.24 11.90 -66.35
N TYR RA 125 28.69 11.83 -65.15
CA TYR RA 125 27.37 12.39 -64.83
C TYR RA 125 27.59 13.62 -63.98
N PHE RA 126 27.43 14.79 -64.60
CA PHE RA 126 27.77 16.05 -63.95
C PHE RA 126 26.78 17.12 -64.38
N THR RA 127 26.91 18.27 -63.72
CA THR RA 127 26.11 19.44 -63.99
C THR RA 127 26.90 20.41 -64.84
N PRO RA 128 26.52 20.69 -66.07
CA PRO RA 128 27.22 21.70 -66.85
C PRO RA 128 26.78 23.10 -66.46
N LYS RA 129 27.47 24.07 -67.04
CA LYS RA 129 27.18 25.47 -66.81
C LYS RA 129 27.18 26.19 -68.15
N PRO RA 130 26.42 27.26 -68.28
CA PRO RA 130 26.39 27.99 -69.56
C PRO RA 130 27.50 29.03 -69.64
N VAL RA 131 27.65 29.55 -70.85
CA VAL RA 131 28.65 30.55 -71.15
C VAL RA 131 27.92 31.89 -71.24
N LEU RA 132 27.87 32.59 -70.11
CA LEU RA 132 27.21 33.88 -70.07
C LEU RA 132 28.13 35.00 -70.54
N ASP RA 133 29.39 34.98 -70.11
CA ASP RA 133 30.37 35.99 -70.50
C ASP RA 133 31.70 35.29 -70.75
N ARG RA 134 32.15 35.31 -72.00
CA ARG RA 134 33.41 34.67 -72.34
C ARG RA 134 34.60 35.45 -71.78
N THR RA 135 34.49 36.78 -71.74
CA THR RA 135 35.59 37.59 -71.21
C THR RA 135 35.83 37.29 -69.74
N ILE RA 136 34.75 37.16 -68.98
CA ILE RA 136 34.83 37.02 -67.53
C ILE RA 136 34.78 35.56 -67.12
N ASP RA 137 33.98 34.76 -67.82
CA ASP RA 137 33.87 33.33 -67.60
C ASP RA 137 33.47 33.02 -66.16
N TYR RA 138 32.26 33.47 -65.81
CA TYR RA 138 31.69 33.19 -64.50
C TYR RA 138 30.62 32.12 -64.61
N PHE RA 139 30.37 31.47 -63.49
CA PHE RA 139 29.36 30.44 -63.39
C PHE RA 139 29.03 30.25 -61.93
N GLN RA 140 27.86 29.71 -61.68
CA GLN RA 140 27.37 29.57 -60.32
C GLN RA 140 27.50 28.15 -59.83
N PRO RA 141 27.44 27.93 -58.53
CA PRO RA 141 27.55 26.58 -58.01
C PRO RA 141 26.38 25.70 -58.38
N ASN RA 142 26.41 24.47 -57.90
CA ASN RA 142 25.34 23.51 -58.15
C ASN RA 142 24.31 23.66 -57.04
N ASN RA 143 23.23 24.38 -57.34
CA ASN RA 143 22.09 24.49 -56.44
C ASN RA 143 20.84 24.46 -57.29
N LYS RA 144 20.01 23.45 -57.06
CA LYS RA 144 18.86 23.23 -57.93
C LYS RA 144 17.86 24.36 -57.82
N ARG RA 145 17.57 24.82 -56.60
CA ARG RA 145 16.53 25.82 -56.41
C ARG RA 145 16.86 27.11 -57.14
N ASN RA 146 18.08 27.61 -56.95
CA ASN RA 146 18.47 28.92 -57.45
C ASN RA 146 19.23 28.84 -58.77
N GLN RA 147 19.15 27.72 -59.47
CA GLN RA 147 19.75 27.64 -60.79
C GLN RA 147 18.97 28.51 -61.77
N LEU RA 148 19.70 29.05 -62.74
CA LEU RA 148 19.13 30.01 -63.66
C LEU RA 148 18.24 29.34 -64.67
N TRP RA 149 17.36 30.14 -65.24
CA TRP RA 149 16.55 29.77 -66.38
C TRP RA 149 17.06 30.48 -67.61
N LEU RA 150 16.82 29.89 -68.77
CA LEU RA 150 17.32 30.39 -70.03
C LEU RA 150 16.23 30.27 -71.08
N ARG RA 151 16.09 31.32 -71.88
CA ARG RA 151 15.15 31.29 -72.98
C ARG RA 151 15.57 30.22 -73.99
N LEU RA 152 14.57 29.50 -74.48
CA LEU RA 152 14.80 28.44 -75.45
C LEU RA 152 14.72 29.09 -76.83
N GLN RA 153 15.86 29.54 -77.32
CA GLN RA 153 15.91 30.19 -78.61
C GLN RA 153 15.83 29.16 -79.73
N THR RA 154 15.63 29.66 -80.94
CA THR RA 154 15.39 28.83 -82.10
C THR RA 154 16.68 28.39 -82.78
N THR RA 155 17.64 29.31 -82.92
CA THR RA 155 18.87 29.04 -83.67
C THR RA 155 20.14 29.47 -82.95
N GLY RA 156 20.05 30.19 -81.84
CA GLY RA 156 21.21 30.77 -81.21
C GLY RA 156 21.33 30.48 -79.73
N ASN RA 157 20.99 29.25 -79.34
CA ASN RA 157 21.11 28.88 -77.94
C ASN RA 157 22.56 28.89 -77.51
N VAL RA 158 22.78 29.13 -76.23
CA VAL RA 158 24.12 29.32 -75.70
C VAL RA 158 24.79 27.97 -75.53
N ASP RA 159 26.11 27.99 -75.66
CA ASP RA 159 26.92 26.78 -75.65
C ASP RA 159 27.26 26.43 -74.22
N HIS RA 160 26.54 25.48 -73.65
CA HIS RA 160 26.94 24.88 -72.39
C HIS RA 160 28.29 24.20 -72.54
N VAL RA 161 28.91 23.94 -71.40
CA VAL RA 161 30.28 23.46 -71.33
C VAL RA 161 30.39 22.53 -70.13
N GLY RA 162 31.54 21.87 -69.98
CA GLY RA 162 31.70 20.92 -68.90
C GLY RA 162 32.50 19.65 -69.10
N LEU RA 163 33.20 19.45 -70.21
CA LEU RA 163 34.03 18.26 -70.31
C LEU RA 163 35.21 18.45 -71.24
N GLY RA 164 36.34 17.89 -70.82
CA GLY RA 164 37.51 17.82 -71.66
C GLY RA 164 38.18 16.47 -71.50
N THR RA 165 38.82 16.02 -72.57
CA THR RA 165 39.32 14.66 -72.67
C THR RA 165 40.82 14.66 -72.95
N ALA RA 166 41.43 13.52 -72.65
CA ALA RA 166 42.82 13.28 -73.01
C ALA RA 166 43.00 11.76 -73.14
N PHE RA 167 43.05 11.30 -74.38
CA PHE RA 167 43.21 9.88 -74.68
C PHE RA 167 44.65 9.60 -75.07
N GLU RA 168 45.15 8.46 -74.63
CA GLU RA 168 46.52 8.08 -74.90
C GLU RA 168 46.61 7.48 -76.29
N ASN RA 169 47.53 8.00 -77.09
CA ASN RA 169 47.67 7.55 -78.45
C ASN RA 169 48.12 6.09 -78.49
N SER RA 170 47.87 5.45 -79.62
CA SER RA 170 48.21 4.05 -79.80
C SER RA 170 48.51 3.80 -81.26
N ILE RA 171 49.13 2.64 -81.51
CA ILE RA 171 49.48 2.26 -82.88
C ILE RA 171 48.21 2.09 -83.71
N TYR RA 172 47.16 1.55 -83.10
CA TYR RA 172 45.92 1.25 -83.78
C TYR RA 172 44.91 2.37 -83.55
N ASP RA 173 43.99 2.51 -84.50
CA ASP RA 173 42.90 3.46 -84.34
C ASP RA 173 42.03 3.05 -83.15
N GLN RA 174 41.58 4.05 -82.40
CA GLN RA 174 40.69 3.85 -81.26
C GLN RA 174 39.42 4.63 -81.59
N ASP RA 175 38.51 3.99 -82.29
CA ASP RA 175 37.23 4.60 -82.60
C ASP RA 175 36.31 4.46 -81.40
N TYR RA 176 35.47 5.47 -81.22
CA TYR RA 176 34.50 5.51 -80.13
C TYR RA 176 33.15 5.93 -80.68
N ASN RA 177 32.11 5.65 -79.89
CA ASN RA 177 30.74 5.97 -80.22
C ASN RA 177 30.19 6.73 -79.02
N ILE RA 178 30.29 8.04 -79.07
CA ILE RA 178 29.91 8.87 -77.94
C ILE RA 178 28.41 9.09 -77.95
N ARG RA 179 27.83 9.06 -76.76
CA ARG RA 179 26.43 9.35 -76.54
C ARG RA 179 26.33 10.44 -75.49
N ILE RA 180 25.71 11.55 -75.85
CA ILE RA 180 25.56 12.70 -74.96
C ILE RA 180 24.12 12.76 -74.53
N THR RA 181 23.82 12.18 -73.38
CA THR RA 181 22.50 12.25 -72.80
C THR RA 181 22.39 13.49 -71.94
N MET RA 182 21.27 14.17 -72.07
CA MET RA 182 21.01 15.44 -71.40
C MET RA 182 19.70 15.34 -70.63
N TYR RA 183 19.69 15.90 -69.44
CA TYR RA 183 18.53 15.90 -68.55
C TYR RA 183 18.10 17.34 -68.35
N VAL RA 184 17.05 17.73 -69.06
CA VAL RA 184 16.63 19.11 -69.19
C VAL RA 184 15.38 19.31 -68.37
N GLN RA 185 15.07 20.57 -68.09
CA GLN RA 185 13.90 20.95 -67.33
C GLN RA 185 13.32 22.21 -67.96
N PHE RA 186 12.19 22.06 -68.64
CA PHE RA 186 11.57 23.14 -69.37
C PHE RA 186 10.52 23.83 -68.50
N ARG RA 187 9.85 24.83 -69.07
CA ARG RA 187 8.91 25.65 -68.32
C ARG RA 187 8.11 26.50 -69.30
N GLU RA 188 6.94 26.94 -68.84
CA GLU RA 188 6.06 27.86 -69.58
C GLU RA 188 5.64 27.29 -70.92
N PHE RA 189 4.79 26.26 -70.83
CA PHE RA 189 4.17 25.64 -71.99
C PHE RA 189 3.51 26.68 -72.87
N ASN RA 190 4.05 26.91 -74.06
CA ASN RA 190 3.71 28.04 -74.91
C ASN RA 190 3.21 27.60 -76.27
N LEU RA 191 2.35 26.60 -76.30
CA LEU RA 191 1.86 26.08 -77.57
C LEU RA 191 0.88 27.05 -78.19
N LYS RA 192 0.94 27.16 -79.51
CA LYS RA 192 -0.02 27.91 -80.30
C LYS RA 192 -0.97 26.96 -81.00
N ASP RA 193 -2.16 27.47 -81.31
CA ASP RA 193 -3.19 26.69 -82.01
C ASP RA 193 -3.93 27.61 -82.97
N PRO RA 194 -3.34 27.88 -84.13
CA PRO RA 194 -4.06 28.59 -85.17
C PRO RA 194 -5.19 27.73 -85.71
N PRO RA 195 -6.09 28.31 -86.50
CA PRO RA 195 -7.12 27.50 -87.15
C PRO RA 195 -6.57 26.69 -88.31
N LEU RA 196 -7.46 26.02 -89.05
CA LEU RA 196 -7.06 25.16 -90.18
C LEU RA 196 -6.20 24.00 -89.70
N TYR SA 1 47.94 17.87 -29.54
CA TYR SA 1 49.10 18.74 -29.49
C TYR SA 1 49.47 19.24 -30.89
N ARG SA 2 48.49 19.83 -31.59
CA ARG SA 2 48.67 20.48 -32.90
C ARG SA 2 49.42 19.57 -33.88
N TRP SA 3 48.79 18.52 -34.45
CA TRP SA 3 47.33 18.40 -34.73
C TRP SA 3 46.75 19.47 -35.67
N ARG SA 4 47.06 19.41 -36.90
CA ARG SA 4 47.89 19.90 -38.01
C ARG SA 4 48.24 21.40 -38.01
N ARG SA 5 47.34 22.40 -37.97
CA ARG SA 5 45.89 22.38 -38.02
C ARG SA 5 45.37 23.09 -39.29
N LYS SA 6 45.73 24.37 -39.40
CA LYS SA 6 45.38 25.26 -40.51
C LYS SA 6 46.59 26.04 -41.01
N ASN SA 7 47.77 25.85 -40.43
CA ASN SA 7 48.86 26.82 -40.52
C ASN SA 7 49.57 26.83 -41.87
N GLY SA 8 48.87 26.46 -42.93
CA GLY SA 8 49.40 26.37 -44.27
C GLY SA 8 49.11 25.03 -44.89
N ILE SA 9 48.37 24.18 -44.16
CA ILE SA 9 48.21 22.80 -44.55
C ILE SA 9 47.33 22.73 -45.78
N PHE SA 10 47.81 22.02 -46.80
CA PHE SA 10 47.07 21.84 -48.05
C PHE SA 10 47.36 20.44 -48.57
N ASN SA 11 46.49 19.50 -48.20
CA ASN SA 11 46.58 18.17 -48.74
C ASN SA 11 46.12 18.17 -50.19
N THR SA 12 46.87 17.47 -51.03
CA THR SA 12 46.58 17.45 -52.44
C THR SA 12 47.10 16.14 -53.02
N ARG SA 13 47.15 16.09 -54.35
CA ARG SA 13 47.51 14.89 -55.09
C ARG SA 13 48.33 15.30 -56.30
N LEU SA 14 49.23 14.41 -56.69
CA LEU SA 14 50.05 14.60 -57.88
C LEU SA 14 50.20 13.27 -58.57
N SER SA 15 50.45 13.32 -59.87
CA SER SA 15 50.52 12.12 -60.67
C SER SA 15 51.39 12.37 -61.90
N ARG SA 16 52.04 11.31 -62.36
CA ARG SA 16 52.79 11.34 -63.60
C ARG SA 16 52.66 9.98 -64.25
N THR SA 17 53.31 9.82 -65.40
CA THR SA 17 53.14 8.62 -66.19
C THR SA 17 54.43 8.32 -66.94
N ILE SA 18 54.74 7.04 -67.07
CA ILE SA 18 55.95 6.57 -67.74
C ILE SA 18 55.72 5.18 -68.26
N GLY SA 19 56.49 4.81 -69.28
CA GLY SA 19 56.44 3.49 -69.86
C GLY SA 19 57.56 2.63 -69.32
N TYR SA 20 57.26 1.34 -69.13
CA TYR SA 20 58.23 0.37 -68.68
C TYR SA 20 58.07 -0.88 -69.54
N THR SA 21 59.19 -1.36 -70.07
CA THR SA 21 59.20 -2.34 -71.15
C THR SA 21 60.05 -3.53 -70.72
N VAL SA 22 59.38 -4.63 -70.37
CA VAL SA 22 60.06 -5.89 -70.13
C VAL SA 22 60.26 -6.59 -71.46
N LYS SA 23 61.51 -6.85 -71.81
CA LYS SA 23 61.86 -7.28 -73.14
C LYS SA 23 61.72 -8.80 -73.28
N LYS SA 24 61.88 -9.26 -74.51
CA LYS SA 24 61.78 -10.67 -74.84
C LYS SA 24 63.02 -11.42 -74.36
N THR SA 25 62.98 -12.75 -74.54
CA THR SA 25 64.14 -13.60 -74.34
C THR SA 25 63.82 -14.96 -74.94
N THR SA 26 64.82 -15.54 -75.60
CA THR SA 26 64.68 -16.90 -76.11
C THR SA 26 64.67 -17.94 -75.00
N VAL SA 27 65.15 -17.58 -73.80
CA VAL SA 27 65.11 -18.49 -72.66
C VAL SA 27 63.67 -18.88 -72.39
N ARG SA 28 63.48 -20.16 -72.04
CA ARG SA 28 62.17 -20.70 -71.72
C ARG SA 28 62.03 -21.09 -70.25
N THR SA 29 63.14 -21.26 -69.54
CA THR SA 29 63.05 -21.52 -68.12
C THR SA 29 62.54 -20.26 -67.42
N PRO SA 30 61.92 -20.40 -66.25
CA PRO SA 30 61.45 -19.22 -65.53
C PRO SA 30 62.59 -18.30 -65.16
N SER SA 31 62.56 -17.09 -65.71
CA SER SA 31 63.55 -16.07 -65.44
C SER SA 31 62.83 -14.75 -65.21
N TRP SA 32 63.35 -13.97 -64.28
CA TRP SA 32 62.74 -12.72 -63.85
C TRP SA 32 63.59 -11.53 -64.25
N ASN SA 33 62.93 -10.38 -64.35
CA ASN SA 33 63.55 -9.11 -64.71
C ASN SA 33 63.32 -8.14 -63.56
N VAL SA 34 64.38 -7.86 -62.81
CA VAL SA 34 64.28 -7.10 -61.58
C VAL SA 34 64.60 -5.64 -61.88
N ASP SA 35 63.88 -4.75 -61.21
CA ASP SA 35 64.10 -3.32 -61.35
C ASP SA 35 63.49 -2.65 -60.14
N MET SA 36 64.08 -1.53 -59.73
CA MET SA 36 63.64 -0.76 -58.60
C MET SA 36 62.74 0.37 -59.06
N MET SA 37 62.39 1.26 -58.15
CA MET SA 37 61.55 2.41 -58.48
C MET SA 37 61.72 3.46 -57.39
N ARG SA 38 62.13 4.65 -57.79
CA ARG SA 38 62.37 5.77 -56.90
C ARG SA 38 61.34 6.87 -57.14
N PHE SA 39 61.11 7.66 -56.11
CA PHE SA 39 60.14 8.75 -56.15
C PHE SA 39 60.81 10.04 -55.72
N ASN SA 40 60.72 11.04 -56.57
CA ASN SA 40 61.28 12.36 -56.29
C ASN SA 40 60.28 13.39 -56.76
N ILE SA 41 60.01 14.38 -55.91
CA ILE SA 41 58.92 15.30 -56.17
C ILE SA 41 59.25 16.27 -57.30
N ASN SA 42 60.53 16.42 -57.64
CA ASN SA 42 60.88 17.30 -58.74
C ASN SA 42 60.32 16.81 -60.06
N ASP SA 43 60.06 15.50 -60.17
CA ASP SA 43 59.43 14.94 -61.35
C ASP SA 43 57.93 15.19 -61.40
N PHE SA 44 57.34 15.70 -60.32
CA PHE SA 44 55.94 16.04 -60.26
C PHE SA 44 55.68 17.53 -60.30
N LEU SA 45 56.46 18.31 -59.55
CA LEU SA 45 56.32 19.75 -59.49
C LEU SA 45 57.29 20.40 -60.46
N PRO SA 46 56.84 20.95 -61.59
CA PRO SA 46 57.76 21.69 -62.43
C PRO SA 46 58.12 23.03 -61.82
N PRO SA 47 59.17 23.68 -62.32
CA PRO SA 47 59.61 24.92 -61.69
C PRO SA 47 58.73 26.10 -62.08
N GLY SA 48 58.54 27.01 -61.13
CA GLY SA 48 57.78 28.20 -61.37
C GLY SA 48 58.59 29.26 -62.08
N GLY SA 49 58.41 30.51 -61.67
CA GLY SA 49 59.16 31.60 -62.27
C GLY SA 49 59.15 32.86 -61.42
N GLY SA 50 60.30 33.54 -61.39
CA GLY SA 50 60.42 34.78 -60.63
C GLY SA 50 60.75 34.53 -59.18
N SER SA 51 60.14 35.33 -58.30
CA SER SA 51 60.39 35.19 -56.87
C SER SA 51 59.82 33.89 -56.34
N ASN SA 52 58.79 33.36 -56.98
CA ASN SA 52 58.22 32.07 -56.60
C ASN SA 52 58.94 30.98 -57.39
N PRO SA 53 59.82 30.19 -56.80
CA PRO SA 53 60.64 29.28 -57.60
C PRO SA 53 59.88 28.05 -58.07
N LEU SA 54 58.92 27.61 -57.27
CA LEU SA 54 58.10 26.45 -57.58
C LEU SA 54 56.74 26.87 -58.14
N THR SA 55 56.02 25.88 -58.66
CA THR SA 55 54.66 26.09 -59.13
C THR SA 55 53.64 26.09 -58.02
N VAL SA 56 53.94 25.43 -56.90
CA VAL SA 56 53.08 25.36 -55.74
C VAL SA 56 53.66 26.29 -54.67
N PRO SA 57 52.93 27.29 -54.20
CA PRO SA 57 53.53 28.20 -53.21
C PRO SA 57 53.46 27.66 -51.80
N PHE SA 58 54.41 26.78 -51.48
CA PHE SA 58 54.57 26.28 -50.13
C PHE SA 58 56.04 26.01 -49.89
N GLU SA 59 56.40 25.90 -48.60
CA GLU SA 59 57.78 25.75 -48.17
C GLU SA 59 58.09 24.31 -47.80
N TYR SA 60 57.31 23.74 -46.90
CA TYR SA 60 57.55 22.40 -46.39
C TYR SA 60 56.63 21.41 -47.09
N TYR SA 61 56.92 20.13 -46.89
CA TYR SA 61 56.08 19.07 -47.43
C TYR SA 61 56.45 17.75 -46.78
N ARG SA 62 55.53 16.80 -46.89
CA ARG SA 62 55.77 15.45 -46.44
C ARG SA 62 54.82 14.52 -47.19
N ILE SA 63 55.36 13.46 -47.75
CA ILE SA 63 54.57 12.54 -48.56
C ILE SA 63 53.88 11.55 -47.65
N ARG SA 64 52.56 11.56 -47.67
CA ARG SA 64 51.78 10.65 -46.85
C ARG SA 64 51.73 9.27 -47.47
N LYS SA 65 51.33 9.17 -48.73
CA LYS SA 65 51.09 7.90 -49.38
C LYS SA 65 51.49 8.00 -50.84
N VAL SA 66 51.68 6.83 -51.43
CA VAL SA 66 51.95 6.71 -52.86
C VAL SA 66 51.12 5.56 -53.38
N LYS SA 67 50.53 5.74 -54.55
CA LYS SA 67 49.73 4.73 -55.22
C LYS SA 67 50.32 4.52 -56.60
N VAL SA 68 51.10 3.48 -56.72
CA VAL SA 68 51.62 3.04 -58.00
C VAL SA 68 50.54 2.24 -58.70
N GLU SA 69 50.53 2.31 -60.03
CA GLU SA 69 49.52 1.63 -60.84
C GLU SA 69 50.19 1.13 -62.10
N PHE SA 70 50.07 -0.17 -62.35
CA PHE SA 70 50.64 -0.80 -63.53
C PHE SA 70 49.53 -1.02 -64.55
N TRP SA 71 49.15 0.05 -65.21
CA TRP SA 71 48.19 -0.06 -66.28
C TRP SA 71 48.86 -0.73 -67.47
N PRO SA 72 48.51 -1.96 -67.83
CA PRO SA 72 49.26 -2.65 -68.88
C PRO SA 72 49.04 -2.03 -70.24
N CYS SA 73 49.83 -2.53 -71.18
CA CYS SA 73 49.73 -2.19 -72.58
C CYS SA 73 49.58 -3.40 -73.48
N SER SA 74 49.60 -4.61 -72.92
CA SER SA 74 49.49 -5.83 -73.69
C SER SA 74 48.04 -6.27 -73.77
N PRO SA 75 47.69 -7.07 -74.76
CA PRO SA 75 46.29 -7.49 -74.91
C PRO SA 75 45.95 -8.67 -74.02
N ILE SA 76 44.65 -8.94 -73.94
CA ILE SA 76 44.17 -10.07 -73.18
C ILE SA 76 44.60 -11.38 -73.81
N THR SA 77 44.77 -11.41 -75.14
CA THR SA 77 45.01 -12.64 -75.86
C THR SA 77 46.49 -13.01 -75.93
N GLN SA 78 47.30 -12.48 -75.03
CA GLN SA 78 48.73 -12.75 -75.05
C GLN SA 78 49.03 -14.02 -74.27
N GLY SA 79 49.92 -14.83 -74.82
CA GLY SA 79 50.29 -16.09 -74.24
C GLY SA 79 51.62 -16.02 -73.51
N ASP SA 80 52.07 -17.19 -73.08
CA ASP SA 80 53.27 -17.33 -72.27
C ASP SA 80 53.19 -16.41 -71.05
N ARG SA 81 52.12 -16.59 -70.30
CA ARG SA 81 51.88 -15.74 -69.16
C ARG SA 81 52.92 -16.03 -68.08
N GLY SA 82 52.82 -15.33 -66.98
CA GLY SA 82 53.78 -15.49 -65.92
C GLY SA 82 53.25 -14.99 -64.62
N VAL SA 83 54.18 -14.76 -63.69
CA VAL SA 83 53.82 -14.29 -62.36
C VAL SA 83 55.03 -13.59 -61.77
N GLY SA 84 54.78 -12.45 -61.15
CA GLY SA 84 55.83 -11.61 -60.62
C GLY SA 84 55.59 -11.23 -59.17
N SER SA 85 56.25 -10.18 -58.71
CA SER SA 85 56.12 -9.79 -57.31
C SER SA 85 56.58 -8.35 -57.15
N THR SA 86 55.85 -7.61 -56.33
CA THR SA 86 56.20 -6.25 -55.95
C THR SA 86 56.35 -6.19 -54.44
N ALA SA 87 57.40 -5.50 -53.99
CA ALA SA 87 57.71 -5.40 -52.59
C ALA SA 87 58.10 -3.98 -52.26
N VAL SA 88 57.96 -3.65 -50.98
CA VAL SA 88 58.21 -2.31 -50.47
C VAL SA 88 59.59 -2.29 -49.84
N ILE SA 89 60.42 -1.37 -50.30
CA ILE SA 89 61.81 -1.25 -49.88
C ILE SA 89 62.01 0.16 -49.38
N LEU SA 90 62.18 0.31 -48.07
CA LEU SA 90 62.15 1.60 -47.41
C LEU SA 90 63.55 2.08 -47.02
N ASP SA 91 64.60 1.48 -47.58
CA ASP SA 91 65.96 1.74 -47.11
C ASP SA 91 66.96 1.96 -48.24
N ASP SA 92 66.51 2.05 -49.50
CA ASP SA 92 67.40 2.22 -50.64
C ASP SA 92 68.32 1.03 -50.82
N ASN SA 93 67.91 -0.13 -50.32
CA ASN SA 93 68.65 -1.38 -50.50
C ASN SA 93 67.76 -2.27 -51.34
N PHE SA 94 67.85 -2.07 -52.64
CA PHE SA 94 67.12 -2.90 -53.58
C PHE SA 94 67.94 -4.14 -53.87
N VAL SA 95 67.44 -4.97 -54.77
CA VAL SA 95 68.07 -6.20 -55.17
C VAL SA 95 68.53 -6.00 -56.60
N THR SA 96 69.79 -6.33 -56.86
CA THR SA 96 70.55 -5.82 -58.01
C THR SA 96 69.79 -5.94 -59.31
N LYS SA 97 69.85 -4.86 -60.08
CA LYS SA 97 69.17 -4.80 -61.36
C LYS SA 97 69.65 -5.90 -62.28
N ALA SA 98 68.71 -6.67 -62.81
CA ALA SA 98 69.04 -7.85 -63.60
C ALA SA 98 67.97 -8.09 -64.63
N ASN SA 99 68.39 -8.47 -65.82
CA ASN SA 99 67.46 -8.80 -66.89
C ASN SA 99 66.96 -10.23 -66.84
N ALA SA 100 67.71 -11.13 -66.21
CA ALA SA 100 67.34 -12.54 -66.14
C ALA SA 100 67.91 -13.11 -64.85
N LEU SA 101 67.03 -13.46 -63.94
CA LEU SA 101 67.40 -14.09 -62.68
C LEU SA 101 66.55 -15.32 -62.49
N THR SA 102 67.18 -16.39 -62.01
CA THR SA 102 66.54 -17.70 -61.97
C THR SA 102 65.51 -17.83 -60.88
N TYR SA 103 65.22 -16.78 -60.12
CA TYR SA 103 64.25 -16.87 -59.04
C TYR SA 103 63.66 -15.49 -58.79
N ASP SA 104 62.54 -15.49 -58.08
CA ASP SA 104 61.86 -14.27 -57.71
C ASP SA 104 62.37 -13.82 -56.35
N PRO SA 105 63.25 -12.83 -56.26
CA PRO SA 105 63.81 -12.49 -54.95
C PRO SA 105 62.82 -11.80 -54.05
N TYR SA 106 61.85 -11.09 -54.60
CA TYR SA 106 60.86 -10.37 -53.82
C TYR SA 106 59.63 -11.21 -53.49
N VAL SA 107 59.76 -12.54 -53.53
CA VAL SA 107 58.59 -13.40 -53.34
C VAL SA 107 58.33 -13.65 -51.86
N ASN SA 108 59.37 -13.89 -51.08
CA ASN SA 108 59.22 -14.17 -49.66
C ASN SA 108 59.19 -12.91 -48.81
N TYR SA 109 59.40 -11.75 -49.42
CA TYR SA 109 59.28 -10.50 -48.68
C TYR SA 109 57.89 -10.36 -48.08
N SER SA 110 57.85 -9.91 -46.82
CA SER SA 110 56.58 -9.78 -46.13
C SER SA 110 55.68 -8.77 -46.81
N SER SA 111 56.25 -7.79 -47.49
CA SER SA 111 55.48 -6.78 -48.23
C SER SA 111 55.20 -7.21 -49.66
N ARG SA 112 55.17 -8.50 -49.93
CA ARG SA 112 54.98 -8.99 -51.28
C ARG SA 112 53.50 -8.98 -51.63
N HIS SA 113 53.19 -8.47 -52.81
CA HIS SA 113 51.86 -8.53 -53.39
C HIS SA 113 52.02 -9.04 -54.81
N THR SA 114 51.39 -10.16 -55.10
CA THR SA 114 51.64 -10.87 -56.33
C THR SA 114 51.14 -10.08 -57.53
N ILE SA 115 51.85 -10.23 -58.64
CA ILE SA 115 51.44 -9.69 -59.92
C ILE SA 115 50.99 -10.85 -60.79
N THR SA 116 49.86 -10.68 -61.45
CA THR SA 116 49.48 -11.51 -62.58
C THR SA 116 49.91 -10.78 -63.83
N GLN SA 117 50.39 -11.53 -64.80
CA GLN SA 117 50.98 -10.97 -66.01
C GLN SA 117 50.33 -11.60 -67.23
N PRO SA 118 50.41 -10.94 -68.40
CA PRO SA 118 50.92 -9.61 -68.73
C PRO SA 118 49.86 -8.56 -68.96
N PHE SA 119 48.59 -8.90 -68.72
CA PHE SA 119 47.47 -8.03 -69.08
C PHE SA 119 46.68 -7.53 -67.89
N SER SA 120 47.15 -7.76 -66.67
CA SER SA 120 46.41 -7.43 -65.47
C SER SA 120 46.89 -6.11 -64.88
N TYR SA 121 46.06 -5.56 -64.01
CA TYR SA 121 46.33 -4.33 -63.30
C TYR SA 121 46.79 -4.64 -61.89
N HIS SA 122 47.78 -3.90 -61.41
CA HIS SA 122 48.32 -4.09 -60.09
C HIS SA 122 48.63 -2.73 -59.47
N SER SA 123 48.26 -2.58 -58.19
CA SER SA 123 48.39 -1.33 -57.48
C SER SA 123 48.94 -1.58 -56.09
N ARG SA 124 49.68 -0.59 -55.59
CA ARG SA 124 50.38 -0.69 -54.31
C ARG SA 124 50.27 0.65 -53.62
N TYR SA 125 49.47 0.71 -52.57
CA TYR SA 125 49.16 1.93 -51.84
C TYR SA 125 49.89 1.86 -50.50
N PHE SA 126 50.99 2.59 -50.38
CA PHE SA 126 51.86 2.49 -49.24
C PHE SA 126 52.43 3.85 -48.90
N THR SA 127 53.12 3.89 -47.76
CA THR SA 127 53.79 5.08 -47.27
C THR SA 127 55.27 4.99 -47.58
N PRO SA 128 55.83 5.85 -48.42
CA PRO SA 128 57.27 5.82 -48.64
C PRO SA 128 58.00 6.54 -47.53
N LYS SA 129 59.32 6.45 -47.59
CA LYS SA 129 60.19 7.09 -46.63
C LYS SA 129 61.31 7.78 -47.38
N PRO SA 130 61.87 8.85 -46.83
CA PRO SA 130 62.96 9.55 -47.52
C PRO SA 130 64.31 8.94 -47.20
N VAL SA 131 65.30 9.40 -47.96
CA VAL SA 131 66.68 8.95 -47.83
C VAL SA 131 67.41 10.07 -47.10
N LEU SA 132 67.48 9.96 -45.78
CA LEU SA 132 68.18 10.94 -44.97
C LEU SA 132 69.67 10.66 -44.91
N ASP SA 133 70.05 9.39 -44.73
CA ASP SA 133 71.46 9.01 -44.66
C ASP SA 133 71.61 7.69 -45.41
N ARG SA 134 72.36 7.74 -46.51
CA ARG SA 134 72.58 6.53 -47.30
C ARG SA 134 73.50 5.55 -46.58
N THR SA 135 74.48 6.07 -45.84
CA THR SA 135 75.39 5.19 -45.12
C THR SA 135 74.65 4.37 -44.07
N ILE SA 136 73.74 5.01 -43.34
CA ILE SA 136 73.06 4.40 -42.22
C ILE SA 136 71.72 3.82 -42.63
N ASP SA 137 71.02 4.51 -43.53
CA ASP SA 137 69.75 4.06 -44.08
C ASP SA 137 68.74 3.81 -42.97
N TYR SA 138 68.38 4.89 -42.29
CA TYR SA 138 67.36 4.86 -41.25
C TYR SA 138 66.08 5.49 -41.77
N PHE SA 139 64.98 5.10 -41.13
CA PHE SA 139 63.67 5.62 -41.44
C PHE SA 139 62.76 5.35 -40.26
N GLN SA 140 61.70 6.11 -40.19
CA GLN SA 140 60.80 6.03 -39.05
C GLN SA 140 59.54 5.28 -39.40
N PRO SA 141 58.80 4.81 -38.40
CA PRO SA 141 57.57 4.10 -38.69
C PRO SA 141 56.51 4.97 -39.31
N ASN SA 142 55.34 4.37 -39.55
CA ASN SA 142 54.21 5.08 -40.12
C ASN SA 142 53.39 5.65 -38.97
N ASN SA 143 53.60 6.94 -38.70
CA ASN SA 143 52.78 7.67 -37.73
C ASN SA 143 52.53 9.05 -38.30
N LYS SA 144 51.27 9.38 -38.52
CA LYS SA 144 50.94 10.61 -39.21
C LYS SA 144 51.32 11.83 -38.40
N ARG SA 145 51.04 11.81 -37.09
CA ARG SA 145 51.28 12.99 -36.26
C ARG SA 145 52.75 13.36 -36.26
N ASN SA 146 53.62 12.41 -35.99
CA ASN SA 146 55.04 12.66 -35.79
C ASN SA 146 55.87 12.43 -37.04
N GLN SA 147 55.24 12.37 -38.21
CA GLN SA 147 55.99 12.27 -39.44
C GLN SA 147 56.74 13.57 -39.69
N LEU SA 148 57.89 13.44 -40.33
CA LEU SA 148 58.78 14.57 -40.52
C LEU SA 148 58.27 15.48 -41.61
N TRP SA 149 58.73 16.73 -41.55
CA TRP SA 149 58.54 17.71 -42.60
C TRP SA 149 59.85 17.91 -43.32
N LEU SA 150 59.75 18.32 -44.58
CA LEU SA 150 60.90 18.48 -45.46
C LEU SA 150 60.76 19.76 -46.25
N ARG SA 151 61.85 20.51 -46.35
CA ARG SA 151 61.85 21.71 -47.17
C ARG SA 151 61.61 21.34 -48.63
N LEU SA 152 60.79 22.14 -49.30
CA LEU SA 152 60.48 21.92 -50.70
C LEU SA 152 61.51 22.68 -51.51
N GLN SA 153 62.59 21.99 -51.84
CA GLN SA 153 63.67 22.60 -52.58
C GLN SA 153 63.29 22.73 -54.05
N THR SA 154 64.09 23.48 -54.78
CA THR SA 154 63.82 23.82 -56.16
C THR SA 154 64.34 22.77 -57.14
N THR SA 155 65.57 22.28 -56.91
CA THR SA 155 66.22 21.37 -57.83
C THR SA 155 66.84 20.14 -57.19
N GLY SA 156 66.91 20.07 -55.86
CA GLY SA 156 67.63 19.03 -55.17
C GLY SA 156 66.84 18.32 -54.10
N ASN SA 157 65.55 18.08 -54.36
CA ASN SA 157 64.74 17.37 -53.40
C ASN SA 157 65.23 15.95 -53.23
N VAL SA 158 64.98 15.40 -52.05
CA VAL SA 158 65.52 14.11 -51.68
C VAL SA 158 64.71 13.01 -52.34
N ASP SA 159 65.38 11.89 -52.61
CA ASP SA 159 64.78 10.78 -53.35
C ASP SA 159 64.07 9.88 -52.36
N HIS SA 160 62.76 10.00 -52.30
CA HIS SA 160 61.95 9.02 -51.60
C HIS SA 160 62.09 7.66 -52.26
N VAL SA 161 61.69 6.64 -51.52
CA VAL SA 161 61.91 5.25 -51.90
C VAL SA 161 60.72 4.44 -51.38
N GLY SA 162 60.67 3.16 -51.76
CA GLY SA 162 59.55 2.34 -51.38
C GLY SA 162 59.00 1.29 -52.30
N LEU SA 163 59.62 0.99 -53.45
CA LEU SA 163 59.11 -0.11 -54.26
C LEU SA 163 60.17 -0.77 -55.11
N GLY SA 164 60.09 -2.08 -55.19
CA GLY SA 164 60.92 -2.84 -56.10
C GLY SA 164 60.09 -3.93 -56.75
N THR SA 165 60.47 -4.28 -57.97
CA THR SA 165 59.68 -5.13 -58.83
C THR SA 165 60.47 -6.35 -59.28
N ALA SA 166 59.73 -7.37 -59.71
CA ALA SA 166 60.32 -8.55 -60.32
C ALA SA 166 59.27 -9.15 -61.25
N PHE SA 167 59.44 -8.92 -62.54
CA PHE SA 167 58.54 -9.43 -63.55
C PHE SA 167 59.13 -10.65 -64.21
N GLU SA 168 58.28 -11.62 -64.51
CA GLU SA 168 58.71 -12.86 -65.13
C GLU SA 168 58.86 -12.66 -66.62
N ASN SA 169 60.03 -13.02 -67.14
CA ASN SA 169 60.30 -12.83 -68.55
C ASN SA 169 59.38 -13.69 -69.40
N SER SA 170 59.23 -13.29 -70.66
CA SER SA 170 58.36 -13.98 -71.58
C SER SA 170 58.91 -13.83 -72.98
N ILE SA 171 58.39 -14.67 -73.88
CA ILE SA 171 58.81 -14.63 -75.28
C ILE SA 171 58.45 -13.28 -75.90
N TYR SA 172 57.28 -12.75 -75.53
CA TYR SA 172 56.76 -11.52 -76.08
C TYR SA 172 57.09 -10.34 -75.17
N ASP SA 173 57.18 -9.16 -75.78
CA ASP SA 173 57.35 -7.95 -75.00
C ASP SA 173 56.15 -7.72 -74.10
N GLN SA 174 56.41 -7.27 -72.89
CA GLN SA 174 55.38 -6.93 -71.91
C GLN SA 174 55.56 -5.44 -71.61
N ASP SA 175 54.93 -4.62 -72.41
CA ASP SA 175 54.94 -3.18 -72.18
C ASP SA 175 53.92 -2.83 -71.12
N TYR SA 176 54.25 -1.82 -70.33
CA TYR SA 176 53.39 -1.33 -69.26
C TYR SA 176 53.32 0.19 -69.33
N ASN SA 177 52.30 0.73 -68.67
CA ASN SA 177 52.07 2.16 -68.59
C ASN SA 177 51.92 2.47 -67.11
N ILE SA 178 53.01 2.84 -66.49
CA ILE SA 178 53.03 3.05 -65.05
C ILE SA 178 52.51 4.44 -64.74
N ARG SA 179 51.73 4.54 -63.67
CA ARG SA 179 51.22 5.80 -63.16
C ARG SA 179 51.60 5.88 -61.69
N ILE SA 180 52.34 6.91 -61.33
CA ILE SA 180 52.80 7.11 -59.96
C ILE SA 180 52.01 8.26 -59.37
N THR SA 181 50.94 7.93 -58.67
CA THR SA 181 50.14 8.91 -57.96
C THR SA 181 50.72 9.13 -56.57
N MET SA 182 50.80 10.39 -56.17
CA MET SA 182 51.39 10.80 -54.91
C MET SA 182 50.41 11.65 -54.15
N TYR SA 183 50.35 11.43 -52.85
CA TYR SA 183 49.44 12.15 -51.95
C TYR SA 183 50.29 12.93 -50.97
N VAL SA 184 50.41 14.22 -51.22
CA VAL SA 184 51.37 15.08 -50.55
C VAL SA 184 50.61 15.97 -49.58
N GLN SA 185 51.35 16.57 -48.66
CA GLN SA 185 50.79 17.46 -47.65
C GLN SA 185 51.78 18.60 -47.45
N PHE SA 186 51.43 19.78 -47.96
CA PHE SA 186 52.30 20.94 -47.92
C PHE SA 186 52.00 21.79 -46.68
N ARG SA 187 52.72 22.89 -46.54
CA ARG SA 187 52.62 23.74 -45.37
C ARG SA 187 53.33 25.06 -45.64
N GLU SA 188 52.95 26.07 -44.87
CA GLU SA 188 53.58 27.39 -44.88
C GLU SA 188 53.49 28.04 -46.26
N PHE SA 189 52.27 28.42 -46.61
CA PHE SA 189 51.98 29.15 -47.84
C PHE SA 189 52.86 30.39 -47.93
N ASN SA 190 53.78 30.40 -48.89
CA ASN SA 190 54.87 31.36 -48.96
C ASN SA 190 54.87 32.12 -50.28
N LEU SA 191 53.70 32.56 -50.70
CA LEU SA 191 53.60 33.26 -51.98
C LEU SA 191 54.16 34.66 -51.86
N LYS SA 192 54.82 35.09 -52.92
CA LYS SA 192 55.31 36.45 -53.07
C LYS SA 192 54.42 37.23 -54.02
N ASP SA 193 54.40 38.54 -53.86
CA ASP SA 193 53.61 39.43 -54.72
C ASP SA 193 54.40 40.71 -54.96
N PRO SA 194 55.36 40.68 -55.86
CA PRO SA 194 56.02 41.91 -56.27
C PRO SA 194 55.06 42.81 -57.02
N PRO SA 195 55.44 44.06 -57.27
CA PRO SA 195 54.59 44.92 -58.10
C PRO SA 195 54.69 44.57 -59.58
N LEU SA 196 54.07 45.37 -60.44
CA LEU SA 196 54.04 45.14 -61.88
C LEU SA 196 53.32 43.83 -62.20
N TYR TA 1 47.65 2.83 -34.80
CA TYR TA 1 48.12 3.17 -36.14
C TYR TA 1 49.31 2.30 -36.54
N ARG TA 2 49.12 0.98 -36.47
CA ARG TA 2 50.08 -0.03 -36.93
C ARG TA 2 51.49 0.23 -36.37
N TRP TA 3 51.77 -0.03 -35.08
CA TRP TA 3 51.13 -1.06 -34.21
C TRP TA 3 51.27 -2.51 -34.72
N ARG TA 4 52.41 -3.05 -34.64
CA ARG TA 4 53.64 -3.46 -35.30
C ARG TA 4 53.53 -3.95 -36.76
N ARG TA 5 52.74 -4.94 -37.18
CA ARG TA 5 51.90 -5.87 -36.44
C ARG TA 5 52.40 -7.32 -36.62
N LYS TA 6 52.41 -7.77 -37.88
CA LYS TA 6 52.86 -9.09 -38.30
C LYS TA 6 53.81 -9.01 -39.51
N ASN TA 7 54.12 -7.83 -40.00
CA ASN TA 7 54.63 -7.65 -41.36
C ASN TA 7 56.09 -8.05 -41.53
N GLY TA 8 56.57 -8.99 -40.71
CA GLY TA 8 57.92 -9.46 -40.71
C GLY TA 8 58.51 -9.41 -39.32
N ILE TA 9 57.70 -9.02 -38.34
CA ILE TA 9 58.21 -8.72 -37.01
C ILE TA 9 58.63 -10.02 -36.35
N PHE TA 10 59.85 -10.02 -35.82
CA PHE TA 10 60.39 -11.19 -35.12
C PHE TA 10 61.27 -10.69 -33.99
N ASN TA 11 60.68 -10.56 -32.81
CA ASN TA 11 61.44 -10.22 -31.63
C ASN TA 11 62.26 -11.41 -31.20
N THR TA 12 63.51 -11.17 -30.85
CA THR TA 12 64.42 -12.23 -30.48
C THR TA 12 65.47 -11.66 -29.53
N ARG TA 13 66.52 -12.44 -29.32
CA ARG TA 13 67.57 -12.11 -28.36
C ARG TA 13 68.90 -12.56 -28.94
N LEU TA 14 69.95 -11.83 -28.57
CA LEU TA 14 71.30 -12.16 -28.97
C LEU TA 14 72.22 -11.87 -27.79
N SER TA 15 73.36 -12.56 -27.77
CA SER TA 15 74.28 -12.46 -26.66
C SER TA 15 75.68 -12.81 -27.13
N ARG TA 16 76.66 -12.20 -26.47
CA ARG TA 16 78.05 -12.53 -26.69
C ARG TA 16 78.77 -12.38 -25.36
N THR TA 17 80.08 -12.63 -25.38
CA THR TA 17 80.85 -12.68 -24.16
C THR TA 17 82.26 -12.20 -24.43
N ILE TA 18 82.84 -11.50 -23.46
CA ILE TA 18 84.19 -10.95 -23.56
C ILE TA 18 84.75 -10.77 -22.17
N GLY TA 19 86.08 -10.77 -22.10
CA GLY TA 19 86.79 -10.55 -20.85
C GLY TA 19 87.24 -9.09 -20.74
N TYR TA 20 87.20 -8.58 -19.51
CA TYR TA 20 87.66 -7.23 -19.22
C TYR TA 20 88.49 -7.30 -17.96
N THR TA 21 89.67 -6.71 -18.01
CA THR TA 21 90.72 -6.92 -17.01
C THR TA 21 91.17 -5.57 -16.47
N VAL TA 22 90.75 -5.26 -15.26
CA VAL TA 22 91.24 -4.10 -14.55
C VAL TA 22 92.53 -4.49 -13.85
N LYS TA 23 93.61 -3.81 -14.19
CA LYS TA 23 94.94 -4.22 -13.80
C LYS TA 23 95.30 -3.69 -12.41
N LYS TA 24 96.44 -4.15 -11.91
CA LYS TA 24 96.94 -3.77 -10.61
C LYS TA 24 97.49 -2.35 -10.65
N THR TA 25 97.90 -1.87 -9.47
CA THR TA 25 98.62 -0.63 -9.32
C THR TA 25 99.19 -0.56 -7.92
N THR TA 26 100.42 -0.09 -7.81
CA THR TA 26 101.03 0.13 -6.51
C THR TA 26 100.41 1.31 -5.77
N VAL TA 27 99.70 2.19 -6.50
CA VAL TA 27 99.00 3.30 -5.86
C VAL TA 27 98.01 2.76 -4.85
N ARG TA 28 97.91 3.45 -3.71
CA ARG TA 28 96.99 3.09 -2.65
C ARG TA 28 95.88 4.10 -2.46
N THR TA 29 96.04 5.32 -2.96
CA THR TA 29 94.96 6.28 -2.90
C THR TA 29 93.84 5.82 -3.82
N PRO TA 30 92.60 6.22 -3.56
CA PRO TA 30 91.50 5.84 -4.45
C PRO TA 30 91.71 6.36 -5.86
N SER TA 31 91.84 5.43 -6.80
CA SER TA 31 92.00 5.74 -8.20
C SER TA 31 91.12 4.83 -9.01
N TRP TA 32 90.55 5.38 -10.08
CA TRP TA 32 89.57 4.68 -10.91
C TRP TA 32 90.14 4.42 -12.29
N ASN TA 33 89.55 3.41 -12.94
CA ASN TA 33 89.92 2.98 -14.28
C ASN TA 33 88.70 3.11 -15.17
N VAL TA 34 88.70 4.11 -16.03
CA VAL TA 34 87.54 4.47 -16.82
C VAL TA 34 87.64 3.80 -18.19
N ASP TA 35 86.49 3.36 -18.69
CA ASP TA 35 86.42 2.76 -20.01
C ASP TA 35 84.97 2.82 -20.45
N MET TA 36 84.79 2.92 -21.76
CA MET TA 36 83.47 3.01 -22.38
C MET TA 36 83.04 1.62 -22.83
N MET TA 37 81.92 1.56 -23.55
CA MET TA 37 81.41 0.30 -24.08
C MET TA 37 80.46 0.61 -25.22
N ARG TA 38 80.74 0.05 -26.40
CA ARG TA 38 79.97 0.24 -27.60
C ARG TA 38 79.30 -1.05 -28.00
N PHE TA 39 78.18 -0.92 -28.71
CA PHE TA 39 77.38 -2.05 -29.16
C PHE TA 39 77.19 -1.96 -30.66
N ASN TA 40 77.56 -3.02 -31.36
CA ASN TA 40 77.40 -3.10 -32.81
C ASN TA 40 76.92 -4.50 -33.13
N ILE TA 41 75.88 -4.59 -33.96
CA ILE TA 41 75.23 -5.87 -34.18
C ILE TA 41 76.07 -6.82 -35.01
N ASN TA 42 77.07 -6.30 -35.73
CA ASN TA 42 77.94 -7.18 -36.49
C ASN TA 42 78.71 -8.14 -35.60
N ASP TA 43 78.93 -7.76 -34.34
CA ASP TA 43 79.57 -8.64 -33.38
C ASP TA 43 78.64 -9.72 -32.85
N PHE TA 44 77.35 -9.64 -33.14
CA PHE TA 44 76.37 -10.65 -32.75
C PHE TA 44 75.91 -11.52 -33.90
N LEU TA 45 75.67 -10.92 -35.07
CA LEU TA 45 75.20 -11.64 -36.24
C LEU TA 45 76.40 -11.95 -37.13
N PRO TA 46 76.86 -13.19 -37.23
CA PRO TA 46 77.90 -13.49 -38.19
C PRO TA 46 77.36 -13.49 -39.60
N PRO TA 47 78.23 -13.46 -40.61
CA PRO TA 47 77.74 -13.37 -41.98
C PRO TA 47 77.25 -14.71 -42.50
N GLY TA 48 76.21 -14.65 -43.33
CA GLY TA 48 75.68 -15.84 -43.95
C GLY TA 48 76.47 -16.27 -45.15
N GLY TA 49 75.78 -16.69 -46.19
CA GLY TA 49 76.43 -17.12 -47.41
C GLY TA 49 75.52 -17.16 -48.61
N GLY TA 50 76.04 -16.75 -49.76
CA GLY TA 50 75.27 -16.76 -50.98
C GLY TA 50 74.41 -15.54 -51.16
N SER TA 51 73.19 -15.74 -51.66
CA SER TA 51 72.29 -14.61 -51.87
C SER TA 51 71.82 -14.02 -50.55
N ASN TA 52 71.79 -14.83 -49.50
CA ASN TA 52 71.44 -14.35 -48.17
C ASN TA 52 72.72 -13.91 -47.47
N PRO TA 53 72.97 -12.60 -47.32
CA PRO TA 53 74.29 -12.18 -46.82
C PRO TA 53 74.45 -12.37 -45.32
N LEU TA 54 73.35 -12.27 -44.58
CA LEU TA 54 73.35 -12.43 -43.14
C LEU TA 54 72.86 -13.83 -42.76
N THR TA 55 73.04 -14.14 -41.47
CA THR TA 55 72.53 -15.39 -40.92
C THR TA 55 71.06 -15.32 -40.57
N VAL TA 56 70.54 -14.13 -40.32
CA VAL TA 56 69.13 -13.91 -39.99
C VAL TA 56 68.47 -13.30 -41.22
N PRO TA 57 67.45 -13.93 -41.81
CA PRO TA 57 66.86 -13.36 -43.01
C PRO TA 57 65.85 -12.26 -42.72
N PHE TA 58 66.38 -11.06 -42.49
CA PHE TA 58 65.56 -9.87 -42.32
C PHE TA 58 66.32 -8.67 -42.85
N GLU TA 59 65.58 -7.61 -43.13
CA GLU TA 59 66.12 -6.39 -43.73
C GLU TA 59 66.35 -5.29 -42.72
N TYR TA 60 65.31 -4.96 -41.96
CA TYR TA 60 65.36 -3.87 -41.00
C TYR TA 60 65.56 -4.42 -39.60
N TYR TA 61 65.86 -3.51 -38.67
CA TYR TA 61 66.00 -3.89 -37.28
C TYR TA 61 66.02 -2.64 -36.42
N ARG TA 62 65.75 -2.84 -35.14
CA ARG TA 62 65.85 -1.78 -34.15
C ARG TA 62 66.04 -2.42 -32.79
N ILE TA 63 67.04 -1.93 -32.05
CA ILE TA 63 67.38 -2.51 -30.77
C ILE TA 63 66.48 -1.91 -29.71
N ARG TA 64 65.69 -2.76 -29.06
CA ARG TA 64 64.80 -2.31 -28.02
C ARG TA 64 65.54 -2.07 -26.71
N LYS TA 65 66.29 -3.08 -26.26
CA LYS TA 65 66.92 -3.06 -24.96
C LYS TA 65 68.25 -3.77 -25.02
N VAL TA 66 69.08 -3.48 -24.03
CA VAL TA 66 70.35 -4.14 -23.85
C VAL TA 66 70.50 -4.46 -22.37
N LYS TA 67 71.00 -5.66 -22.08
CA LYS TA 67 71.25 -6.11 -20.72
C LYS TA 67 72.72 -6.50 -20.63
N VAL TA 68 73.51 -5.60 -20.10
CA VAL TA 68 74.90 -5.90 -19.80
C VAL TA 68 74.96 -6.62 -18.47
N GLU TA 69 75.94 -7.50 -18.33
CA GLU TA 69 76.10 -8.32 -17.14
C GLU TA 69 77.57 -8.47 -16.86
N PHE TA 70 77.98 -8.10 -15.65
CA PHE TA 70 79.36 -8.19 -15.22
C PHE TA 70 79.52 -9.43 -14.34
N TRP TA 71 79.56 -10.58 -14.97
CA TRP TA 71 79.82 -11.80 -14.25
C TRP TA 71 81.28 -11.82 -13.84
N PRO TA 72 81.62 -11.69 -12.56
CA PRO TA 72 83.03 -11.55 -12.19
C PRO TA 72 83.80 -12.84 -12.41
N CYS TA 73 85.10 -12.71 -12.22
CA CYS TA 73 86.04 -13.81 -12.28
C CYS TA 73 86.90 -13.90 -11.03
N SER TA 74 86.75 -12.98 -10.09
CA SER TA 74 87.54 -12.96 -8.88
C SER TA 74 86.82 -13.71 -7.77
N PRO TA 75 87.54 -14.19 -6.76
CA PRO TA 75 86.90 -14.97 -5.71
C PRO TA 75 86.27 -14.06 -4.65
N ILE TA 76 85.48 -14.69 -3.80
CA ILE TA 76 84.86 -14.00 -2.69
C ILE TA 76 85.89 -13.52 -1.68
N THR TA 77 87.01 -14.23 -1.55
CA THR TA 77 87.98 -13.97 -0.51
C THR TA 77 89.01 -12.93 -0.92
N GLN TA 78 88.70 -12.09 -1.90
CA GLN TA 78 89.64 -11.09 -2.37
C GLN TA 78 89.50 -9.82 -1.54
N GLY TA 79 90.66 -9.24 -1.20
CA GLY TA 79 90.71 -8.05 -0.39
C GLY TA 79 90.94 -6.79 -1.21
N ASP TA 80 91.15 -5.70 -0.48
CA ASP TA 80 91.27 -4.37 -1.07
C ASP TA 80 90.10 -4.10 -1.99
N ARG TA 81 88.91 -4.20 -1.43
CA ARG TA 81 87.70 -4.02 -2.20
C ARG TA 81 87.58 -2.57 -2.63
N GLY TA 82 86.52 -2.26 -3.33
CA GLY TA 82 86.33 -0.92 -3.81
C GLY TA 82 84.90 -0.67 -4.18
N VAL TA 83 84.70 0.38 -4.97
CA VAL TA 83 83.37 0.78 -5.38
C VAL TA 83 83.50 1.59 -6.66
N GLY TA 84 82.63 1.29 -7.62
CA GLY TA 84 82.67 1.89 -8.93
C GLY TA 84 81.34 2.48 -9.33
N SER TA 85 81.14 2.70 -10.63
CA SER TA 85 79.92 3.30 -11.10
C SER TA 85 79.76 3.03 -12.59
N THR TA 86 78.52 2.74 -12.99
CA THR TA 86 78.15 2.58 -14.38
C THR TA 86 77.08 3.59 -14.72
N ALA TA 87 77.21 4.19 -15.89
CA ALA TA 87 76.31 5.24 -16.33
C ALA TA 87 75.98 5.02 -17.80
N VAL TA 88 74.84 5.59 -18.19
CA VAL TA 88 74.31 5.43 -19.53
C VAL TA 88 74.66 6.69 -20.32
N ILE TA 89 75.31 6.50 -21.46
CA ILE TA 89 75.81 7.57 -22.30
C ILE TA 89 75.23 7.36 -23.69
N LEU TA 90 74.31 8.23 -24.08
CA LEU TA 90 73.51 8.02 -25.28
C LEU TA 90 73.94 8.90 -26.44
N ASP TA 91 75.14 9.49 -26.36
CA ASP TA 91 75.56 10.51 -27.32
C ASP TA 91 76.98 10.33 -27.83
N ASP TA 92 77.64 9.21 -27.50
CA ASP TA 92 79.02 8.96 -27.93
C ASP TA 92 79.98 9.99 -27.34
N ASN TA 93 79.60 10.58 -26.20
CA ASN TA 93 80.45 11.51 -25.47
C ASN TA 93 80.75 10.83 -24.16
N PHE TA 94 81.77 9.99 -24.17
CA PHE TA 94 82.22 9.32 -22.97
C PHE TA 94 83.22 10.23 -22.27
N VAL TA 95 83.78 9.74 -21.18
CA VAL TA 95 84.75 10.45 -20.37
C VAL TA 95 86.07 9.74 -20.56
N THR TA 96 87.11 10.52 -20.88
CA THR TA 96 88.32 10.04 -21.52
C THR TA 96 88.88 8.80 -20.85
N LYS TA 97 89.27 7.84 -21.70
CA LYS TA 97 89.83 6.58 -21.23
C LYS TA 97 91.07 6.83 -20.39
N ALA TA 98 91.06 6.26 -19.19
CA ALA TA 98 92.12 6.52 -18.23
C ALA TA 98 92.31 5.31 -17.35
N ASN TA 99 93.57 5.00 -17.04
CA ASN TA 99 93.89 3.90 -16.16
C ASN TA 99 93.87 4.29 -14.69
N ALA TA 100 94.03 5.58 -14.39
CA ALA TA 100 94.08 6.03 -13.00
C ALA TA 100 93.56 7.46 -12.98
N LEU TA 101 92.40 7.65 -12.37
CA LEU TA 101 91.80 8.96 -12.21
C LEU TA 101 91.42 9.13 -10.75
N THR TA 102 91.66 10.31 -10.21
CA THR TA 102 91.54 10.55 -8.78
C THR TA 102 90.10 10.66 -8.31
N TYR TA 103 89.11 10.47 -9.18
CA TYR TA 103 87.72 10.58 -8.79
C TYR TA 103 86.88 9.73 -9.71
N ASP TA 104 85.65 9.48 -9.27
CA ASP TA 104 84.68 8.71 -10.04
C ASP TA 104 83.85 9.69 -10.86
N PRO TA 105 84.10 9.82 -12.16
CA PRO TA 105 83.36 10.84 -12.91
C PRO TA 105 81.92 10.47 -13.15
N TYR TA 106 81.60 9.18 -13.20
CA TYR TA 106 80.24 8.73 -13.44
C TYR TA 106 79.44 8.56 -12.17
N VAL TA 107 79.84 9.23 -11.08
CA VAL TA 107 79.17 9.02 -9.79
C VAL TA 107 77.94 9.90 -9.66
N ASN TA 108 78.03 11.16 -10.08
CA ASN TA 108 76.91 12.08 -9.97
C ASN TA 108 75.97 12.01 -11.16
N TYR TA 109 76.30 11.22 -12.17
CA TYR TA 109 75.39 11.03 -13.30
C TYR TA 109 74.06 10.48 -12.82
N SER TA 110 72.99 11.04 -13.35
CA SER TA 110 71.65 10.62 -12.96
C SER TA 110 71.40 9.15 -13.27
N SER TA 111 72.05 8.63 -14.29
CA SER TA 111 71.93 7.23 -14.67
C SER TA 111 72.94 6.34 -13.97
N ARG TA 112 73.42 6.76 -12.80
CA ARG TA 112 74.43 6.01 -12.10
C ARG TA 112 73.81 4.86 -11.32
N HIS TA 113 74.41 3.70 -11.45
CA HIS TA 113 74.06 2.53 -10.65
C HIS TA 113 75.35 1.98 -10.09
N THR TA 114 75.44 1.92 -8.77
CA THR TA 114 76.69 1.63 -8.11
C THR TA 114 77.12 0.19 -8.37
N ILE TA 115 78.43 0.02 -8.43
CA ILE TA 115 79.05 -1.30 -8.50
C ILE TA 115 79.70 -1.59 -7.16
N THR TA 116 79.48 -2.79 -6.66
CA THR TA 116 80.29 -3.34 -5.60
C THR TA 116 81.35 -4.21 -6.26
N GLN TA 117 82.54 -4.18 -5.71
CA GLN TA 117 83.70 -4.83 -6.30
C GLN TA 117 84.38 -5.70 -5.28
N PRO TA 118 85.18 -6.69 -5.70
CA PRO TA 118 85.45 -7.20 -7.05
C PRO TA 118 84.74 -8.50 -7.40
N PHE TA 119 83.87 -8.99 -6.52
CA PHE TA 119 83.28 -10.30 -6.65
C PHE TA 119 81.77 -10.28 -6.87
N SER TA 120 81.19 -9.12 -7.09
CA SER TA 120 79.75 -8.98 -7.18
C SER TA 120 79.29 -8.91 -8.63
N TYR TA 121 78.01 -9.15 -8.81
CA TYR TA 121 77.36 -9.10 -10.12
C TYR TA 121 76.62 -7.78 -10.27
N HIS TA 122 76.70 -7.21 -11.46
CA HIS TA 122 76.05 -5.95 -11.76
C HIS TA 122 75.46 -6.00 -13.16
N SER TA 123 74.24 -5.49 -13.28
CA SER TA 123 73.51 -5.55 -14.53
C SER TA 123 72.83 -4.22 -14.79
N ARG TA 124 72.68 -3.89 -16.07
CA ARG TA 124 72.14 -2.61 -16.52
C ARG TA 124 71.25 -2.87 -17.71
N TYR TA 125 69.95 -2.74 -17.52
CA TYR TA 125 68.94 -3.03 -18.53
C TYR TA 125 68.37 -1.71 -19.01
N PHE TA 126 68.79 -1.29 -20.20
CA PHE TA 126 68.46 0.03 -20.70
C PHE TA 126 68.25 -0.03 -22.20
N THR TA 127 67.79 1.10 -22.74
CA THR TA 127 67.56 1.27 -24.16
C THR TA 127 68.71 2.03 -24.77
N PRO TA 128 69.51 1.46 -25.67
CA PRO TA 128 70.56 2.23 -26.32
C PRO TA 128 69.99 3.06 -27.45
N LYS TA 129 70.86 3.89 -28.02
CA LYS TA 129 70.51 4.74 -29.14
C LYS TA 129 71.61 4.65 -30.17
N PRO TA 130 71.29 4.84 -31.45
CA PRO TA 130 72.32 4.77 -32.48
C PRO TA 130 73.04 6.10 -32.67
N VAL TA 131 74.11 6.02 -33.45
CA VAL TA 131 74.95 7.17 -33.76
C VAL TA 131 74.59 7.56 -35.18
N LEU TA 132 73.65 8.49 -35.31
CA LEU TA 132 73.24 8.97 -36.61
C LEU TA 132 74.15 10.08 -37.11
N ASP TA 133 74.52 11.02 -36.25
CA ASP TA 133 75.41 12.12 -36.60
C ASP TA 133 76.37 12.35 -35.46
N ARG TA 134 77.66 12.10 -35.70
CA ARG TA 134 78.65 12.31 -34.66
C ARG TA 134 78.88 13.78 -34.38
N THR TA 135 78.79 14.62 -35.40
CA THR TA 135 78.99 16.06 -35.21
C THR TA 135 77.92 16.63 -34.31
N ILE TA 136 76.67 16.22 -34.51
CA ILE TA 136 75.53 16.79 -33.81
C ILE TA 136 75.16 15.96 -32.59
N ASP TA 137 75.27 14.64 -32.71
CA ASP TA 137 75.03 13.71 -31.60
C ASP TA 137 73.61 13.88 -31.05
N TYR TA 138 72.64 13.60 -31.91
CA TYR TA 138 71.24 13.62 -31.53
C TYR TA 138 70.71 12.21 -31.36
N PHE TA 139 69.65 12.11 -30.58
CA PHE TA 139 68.98 10.85 -30.34
C PHE TA 139 67.59 11.15 -29.81
N GLN TA 140 66.72 10.18 -29.96
CA GLN TA 140 65.32 10.37 -29.62
C GLN TA 140 64.99 9.71 -28.30
N PRO TA 141 63.88 10.10 -27.68
CA PRO TA 141 63.51 9.47 -26.42
C PRO TA 141 63.15 8.01 -26.54
N ASN TA 142 62.76 7.42 -25.42
CA ASN TA 142 62.35 6.02 -25.39
C ASN TA 142 60.85 5.98 -25.65
N ASN TA 143 60.48 5.68 -26.89
CA ASN TA 143 59.09 5.43 -27.26
C ASN TA 143 59.07 4.29 -28.24
N LYS TA 144 58.40 3.20 -27.87
CA LYS TA 144 58.46 1.99 -28.66
C LYS TA 144 57.80 2.18 -30.02
N ARG TA 145 56.63 2.82 -30.05
CA ARG TA 145 55.89 2.95 -31.31
C ARG TA 145 56.69 3.69 -32.35
N ASN TA 146 57.23 4.86 -31.98
CA ASN TA 146 57.87 5.75 -32.93
C ASN TA 146 59.39 5.59 -32.96
N GLN TA 147 59.91 4.49 -32.43
CA GLN TA 147 61.33 4.23 -32.55
C GLN TA 147 61.70 3.94 -33.99
N LEU TA 148 62.90 4.32 -34.36
CA LEU TA 148 63.34 4.22 -35.73
C LEU TA 148 63.66 2.79 -36.12
N TRP TA 149 63.63 2.54 -37.41
CA TRP TA 149 64.09 1.32 -38.01
C TRP TA 149 65.41 1.57 -38.73
N LEU TA 150 66.21 0.54 -38.85
CA LEU TA 150 67.54 0.63 -39.43
C LEU TA 150 67.78 -0.55 -40.34
N ARG TA 151 68.35 -0.28 -41.50
CA ARG TA 151 68.72 -1.35 -42.41
C ARG TA 151 69.76 -2.24 -41.77
N LEU TA 152 69.61 -3.54 -41.95
CA LEU TA 152 70.53 -4.53 -41.42
C LEU TA 152 71.61 -4.74 -42.46
N GLN TA 153 72.67 -3.95 -42.36
CA GLN TA 153 73.76 -4.03 -43.31
C GLN TA 153 74.62 -5.24 -43.01
N THR TA 154 75.50 -5.55 -43.95
CA THR TA 154 76.32 -6.75 -43.90
C THR TA 154 77.60 -6.56 -43.12
N THR TA 155 78.28 -5.41 -43.33
CA THR TA 155 79.58 -5.17 -42.75
C THR TA 155 79.74 -3.81 -42.10
N GLY TA 156 78.78 -2.90 -42.26
CA GLY TA 156 78.93 -1.53 -41.81
C GLY TA 156 77.78 -1.03 -40.97
N ASN TA 157 77.26 -1.87 -40.10
CA ASN TA 157 76.17 -1.45 -39.22
C ASN TA 157 76.66 -0.37 -38.27
N VAL TA 158 75.73 0.46 -37.85
CA VAL TA 158 76.07 1.63 -37.06
C VAL TA 158 76.31 1.23 -35.62
N ASP TA 159 77.17 1.98 -34.94
CA ASP TA 159 77.62 1.66 -33.59
C ASP TA 159 76.63 2.25 -32.61
N HIS TA 160 75.75 1.42 -32.08
CA HIS TA 160 74.94 1.81 -30.94
C HIS TA 160 75.84 2.12 -29.75
N VAL TA 161 75.25 2.80 -28.78
CA VAL TA 161 75.98 3.35 -27.64
C VAL TA 161 75.05 3.31 -26.44
N GLY TA 162 75.58 3.62 -25.26
CA GLY TA 162 74.79 3.56 -24.07
C GLY TA 162 75.41 3.11 -22.75
N LEU TA 163 76.72 2.93 -22.63
CA LEU TA 163 77.26 2.60 -21.32
C LEU TA 163 78.71 3.04 -21.17
N GLY TA 164 79.01 3.53 -19.98
CA GLY TA 164 80.37 3.84 -19.60
C GLY TA 164 80.60 3.42 -18.16
N THR TA 165 81.85 3.05 -17.88
CA THR TA 165 82.21 2.41 -16.63
C THR TA 165 83.30 3.20 -15.91
N ALA TA 166 83.40 2.93 -14.62
CA ALA TA 166 84.49 3.47 -13.80
C ALA TA 166 84.70 2.51 -12.64
N PHE TA 167 85.74 1.69 -12.73
CA PHE TA 167 86.07 0.73 -11.71
C PHE TA 167 87.21 1.24 -10.86
N GLU TA 168 87.13 0.98 -9.56
CA GLU TA 168 88.13 1.44 -8.62
C GLU TA 168 89.33 0.50 -8.65
N ASN TA 169 90.51 1.06 -8.84
CA ASN TA 169 91.70 0.26 -8.94
C ASN TA 169 91.98 -0.45 -7.62
N SER TA 170 92.77 -1.52 -7.71
CA SER TA 170 93.10 -2.32 -6.56
C SER TA 170 94.47 -2.94 -6.75
N ILE TA 171 95.04 -3.43 -5.65
CA ILE TA 171 96.34 -4.08 -5.69
C ILE TA 171 96.29 -5.30 -6.57
N TYR TA 172 95.19 -6.04 -6.51
CA TYR TA 172 95.03 -7.30 -7.24
C TYR TA 172 94.28 -7.06 -8.53
N ASP TA 173 94.52 -7.93 -9.50
CA ASP TA 173 93.78 -7.90 -10.74
C ASP TA 173 92.31 -8.19 -10.47
N GLN TA 174 91.44 -7.47 -11.17
CA GLN TA 174 89.99 -7.66 -11.10
C GLN TA 174 89.54 -8.05 -12.50
N ASP TA 175 89.60 -9.34 -12.78
CA ASP TA 175 89.11 -9.84 -14.05
C ASP TA 175 87.61 -9.98 -14.01
N TYR TA 176 86.98 -9.74 -15.15
CA TYR TA 176 85.53 -9.84 -15.29
C TYR TA 176 85.21 -10.62 -16.55
N ASN TA 177 83.97 -11.09 -16.61
CA ASN TA 177 83.46 -11.86 -17.74
C ASN TA 177 82.16 -11.17 -18.14
N ILE TA 178 82.27 -10.26 -19.09
CA ILE TA 178 81.13 -9.44 -19.49
C ILE TA 178 80.28 -10.22 -20.47
N ARG TA 179 78.96 -10.09 -20.32
CA ARG TA 179 77.98 -10.65 -21.23
C ARG TA 179 77.07 -9.54 -21.70
N ILE TA 180 77.02 -9.32 -23.00
CA ILE TA 180 76.21 -8.27 -23.59
C ILE TA 180 75.03 -8.92 -24.28
N THR TA 181 73.92 -9.00 -23.56
CA THR TA 181 72.68 -9.50 -24.12
C THR TA 181 71.92 -8.37 -24.78
N MET TA 182 71.39 -8.66 -25.96
CA MET TA 182 70.69 -7.68 -26.78
C MET TA 182 69.32 -8.21 -27.15
N TYR TA 183 68.34 -7.33 -27.11
CA TYR TA 183 66.95 -7.66 -27.41
C TYR TA 183 66.55 -6.88 -28.65
N VAL TA 184 66.52 -7.56 -29.78
CA VAL TA 184 66.39 -6.95 -31.08
C VAL TA 184 64.99 -7.22 -31.61
N GLN TA 185 64.62 -6.46 -32.62
CA GLN TA 185 63.31 -6.59 -33.26
C GLN TA 185 63.51 -6.37 -34.75
N PHE TA 186 63.42 -7.46 -35.52
CA PHE TA 186 63.66 -7.41 -36.95
C PHE TA 186 62.35 -7.23 -37.70
N ARG TA 187 62.44 -7.21 -39.03
CA ARG TA 187 61.29 -6.92 -39.87
C ARG TA 187 61.64 -7.27 -41.31
N GLU TA 188 60.60 -7.47 -42.11
CA GLU TA 188 60.70 -7.71 -43.55
C GLU TA 188 61.56 -8.94 -43.87
N PHE TA 189 60.99 -10.09 -43.54
CA PHE TA 189 61.60 -11.38 -43.85
C PHE TA 189 61.94 -11.47 -45.33
N ASN TA 190 63.23 -11.48 -45.65
CA ASN TA 190 63.73 -11.31 -47.01
C ASN TA 190 64.57 -12.49 -47.46
N LEU TA 191 64.09 -13.69 -47.21
CA LEU TA 191 64.84 -14.88 -47.57
C LEU TA 191 64.79 -15.10 -49.07
N LYS TA 192 65.91 -15.56 -49.62
CA LYS TA 192 66.02 -15.98 -51.01
C LYS TA 192 66.04 -17.49 -51.08
N ASP TA 193 65.61 -18.02 -52.23
CA ASP TA 193 65.59 -19.45 -52.48
C ASP TA 193 65.97 -19.71 -53.94
N PRO TA 194 67.25 -19.66 -54.26
CA PRO TA 194 67.69 -20.08 -55.57
C PRO TA 194 67.49 -21.57 -55.76
N PRO TA 195 67.64 -22.07 -56.99
CA PRO TA 195 67.57 -23.52 -57.19
C PRO TA 195 68.83 -24.22 -56.72
N LEU TA 196 68.93 -25.52 -56.99
CA LEU TA 196 70.07 -26.34 -56.57
C LEU TA 196 70.17 -26.39 -55.04
N TYR UA 1 51.85 28.32 2.17
CA TYR UA 1 52.49 29.64 2.19
C TYR UA 1 53.86 29.59 1.51
N ARG UA 2 53.87 29.11 0.25
CA ARG UA 2 55.05 29.09 -0.63
C ARG UA 2 56.28 28.50 0.09
N TRP UA 3 56.38 27.17 0.30
CA TRP UA 3 55.78 26.09 -0.52
C TRP UA 3 56.23 26.06 -1.99
N ARG UA 4 57.41 25.67 -2.23
CA ARG UA 4 58.80 26.03 -2.56
C ARG UA 4 59.01 27.25 -3.47
N ARG UA 5 58.48 27.39 -4.70
CA ARG UA 5 57.68 26.48 -5.51
C ARG UA 5 58.44 26.10 -6.81
N LYS UA 6 58.75 27.14 -7.60
CA LYS UA 6 59.47 27.04 -8.87
C LYS UA 6 60.58 28.09 -8.96
N ASN UA 7 60.78 28.92 -7.95
CA ASN UA 7 61.48 30.19 -8.10
C ASN UA 7 63.00 30.06 -8.21
N GLY UA 8 63.47 28.93 -8.73
CA GLY UA 8 64.86 28.61 -8.88
C GLY UA 8 65.18 27.26 -8.28
N ILE UA 9 64.16 26.57 -7.79
CA ILE UA 9 64.38 25.37 -7.01
C ILE UA 9 64.89 24.26 -7.91
N PHE UA 10 65.98 23.64 -7.50
CA PHE UA 10 66.58 22.54 -8.25
C PHE UA 10 67.15 21.54 -7.26
N ASN UA 11 66.36 20.55 -6.91
CA ASN UA 11 66.84 19.48 -6.06
C ASN UA 11 67.76 18.58 -6.87
N THR UA 12 68.86 18.20 -6.26
CA THR UA 12 69.86 17.40 -6.93
C THR UA 12 70.63 16.59 -5.90
N ARG UA 13 71.74 16.01 -6.33
CA ARG UA 13 72.54 15.11 -5.53
C ARG UA 13 74.00 15.36 -5.83
N LEU UA 14 74.83 15.14 -4.82
CA LEU UA 14 76.27 15.24 -4.96
C LEU UA 14 76.92 14.14 -4.15
N SER UA 15 78.13 13.77 -4.53
CA SER UA 15 78.82 12.66 -3.91
C SER UA 15 80.31 12.84 -4.08
N ARG UA 16 81.05 12.30 -3.12
CA ARG UA 16 82.50 12.25 -3.19
C ARG UA 16 82.94 10.98 -2.49
N THR UA 17 84.26 10.77 -2.45
CA THR UA 17 84.80 9.53 -1.95
C THR UA 17 86.15 9.78 -1.30
N ILE UA 18 86.42 9.05 -0.23
CA ILE UA 18 87.66 9.18 0.53
C ILE UA 18 87.94 7.88 1.25
N GLY UA 19 89.21 7.67 1.56
CA GLY UA 19 89.65 6.50 2.29
C GLY UA 19 89.83 6.82 3.76
N TYR UA 20 89.50 5.86 4.61
CA TYR UA 20 89.67 5.98 6.04
C TYR UA 20 90.27 4.68 6.55
N THR UA 21 91.33 4.80 7.33
CA THR UA 21 92.22 3.69 7.66
C THR UA 21 92.34 3.58 9.17
N VAL UA 22 91.67 2.58 9.74
CA VAL UA 22 91.83 2.25 11.14
C VAL UA 22 93.04 1.33 11.27
N LYS UA 23 94.04 1.77 12.03
CA LYS UA 23 95.32 1.10 12.04
C LYS UA 23 95.34 -0.05 13.03
N LYS UA 24 96.44 -0.80 12.99
CA LYS UA 24 96.63 -1.94 13.86
C LYS UA 24 96.94 -1.50 15.29
N THR UA 25 97.06 -2.48 16.18
CA THR UA 25 97.54 -2.28 17.52
C THR UA 25 97.84 -3.63 18.14
N THR UA 26 98.95 -3.71 18.87
CA THR UA 26 99.27 -4.93 19.60
C THR UA 26 98.34 -5.15 20.78
N VAL UA 27 97.64 -4.10 21.24
CA VAL UA 27 96.68 -4.26 22.31
C VAL UA 27 95.62 -5.27 21.91
N ARG UA 28 95.21 -6.09 22.88
CA ARG UA 28 94.20 -7.11 22.68
C ARG UA 28 92.91 -6.83 23.44
N THR UA 29 92.96 -5.97 24.45
CA THR UA 29 91.74 -5.58 25.13
C THR UA 29 90.89 -4.74 24.18
N PRO UA 30 89.57 -4.72 24.38
CA PRO UA 30 88.72 -3.90 23.52
C PRO UA 30 89.08 -2.43 23.62
N SER UA 31 89.52 -1.88 22.49
CA SER UA 31 89.87 -0.48 22.39
C SER UA 31 89.30 0.09 21.10
N TRP UA 32 88.84 1.32 21.16
CA TRP UA 32 88.15 1.97 20.07
C TRP UA 32 88.98 3.12 19.50
N ASN UA 33 88.69 3.46 18.25
CA ASN UA 33 89.35 4.52 17.52
C ASN UA 33 88.29 5.53 17.11
N VAL UA 34 88.29 6.67 17.78
CA VAL UA 34 87.23 7.66 17.62
C VAL UA 34 87.67 8.70 16.60
N ASP UA 35 86.72 9.16 15.80
CA ASP UA 35 86.97 10.19 14.81
C ASP UA 35 85.63 10.79 14.43
N MET UA 36 85.66 12.07 14.09
CA MET UA 36 84.48 12.81 13.70
C MET UA 36 84.36 12.83 12.18
N MET UA 37 83.41 13.60 11.67
CA MET UA 37 83.22 13.74 10.24
C MET UA 37 82.44 15.01 9.97
N ARG UA 38 83.01 15.89 9.15
CA ARG UA 38 82.42 17.17 8.80
C ARG UA 38 82.05 17.18 7.33
N PHE UA 39 81.08 18.02 7.00
CA PHE UA 39 80.56 18.14 5.64
C PHE UA 39 80.61 19.59 5.23
N ASN UA 40 81.27 19.86 4.10
CA ASN UA 40 81.37 21.19 3.55
C ASN UA 40 81.20 21.08 2.05
N ILE UA 41 80.35 21.95 1.49
CA ILE UA 41 79.95 21.80 0.10
C ILE UA 41 81.07 22.17 -0.85
N ASN UA 42 82.09 22.90 -0.39
CA ASN UA 42 83.21 23.23 -1.26
C ASN UA 42 83.96 21.99 -1.70
N ASP UA 43 83.89 20.91 -0.93
CA ASP UA 43 84.50 19.65 -1.31
C ASP UA 43 83.68 18.89 -2.34
N PHE UA 44 82.46 19.34 -2.63
CA PHE UA 44 81.61 18.74 -3.65
C PHE UA 44 81.51 19.57 -4.91
N LEU UA 45 81.36 20.89 -4.76
CA LEU UA 45 81.24 21.81 -5.88
C LEU UA 45 82.59 22.41 -6.20
N PRO UA 46 83.26 22.03 -7.28
CA PRO UA 46 84.50 22.70 -7.64
C PRO UA 46 84.21 24.09 -8.20
N PRO UA 47 85.23 24.95 -8.29
CA PRO UA 47 84.98 26.32 -8.73
C PRO UA 47 84.80 26.41 -10.23
N GLY UA 48 83.93 27.32 -10.64
CA GLY UA 48 83.70 27.57 -12.05
C GLY UA 48 84.76 28.45 -12.66
N GLY UA 49 84.33 29.37 -13.51
CA GLY UA 49 85.26 30.29 -14.13
C GLY UA 49 84.58 31.50 -14.74
N GLY UA 50 85.21 32.66 -14.61
CA GLY UA 50 84.67 33.89 -15.16
C GLY UA 50 83.67 34.54 -14.25
N SER UA 51 82.61 35.10 -14.85
CA SER UA 51 81.58 35.76 -14.06
C SER UA 51 80.80 34.78 -13.21
N ASN UA 52 80.73 33.52 -13.64
CA ASN UA 52 80.08 32.48 -12.86
C ASN UA 52 81.13 31.83 -11.96
N PRO UA 53 81.14 32.09 -10.65
CA PRO UA 53 82.26 31.62 -9.83
C PRO UA 53 82.19 30.14 -9.52
N LEU UA 54 80.98 29.61 -9.43
CA LEU UA 54 80.76 28.20 -9.14
C LEU UA 54 80.44 27.42 -10.41
N THR UA 55 80.44 26.10 -10.28
CA THR UA 55 80.06 25.22 -11.37
C THR UA 55 78.56 25.07 -11.51
N VAL UA 56 77.82 25.30 -10.44
CA VAL UA 56 76.36 25.23 -10.42
C VAL UA 56 75.83 26.65 -10.38
N PRO UA 57 75.03 27.09 -11.36
CA PRO UA 57 74.58 28.49 -11.33
C PRO UA 57 73.37 28.69 -10.42
N PHE UA 58 73.65 28.82 -9.13
CA PHE UA 58 72.63 29.14 -8.15
C PHE UA 58 73.26 29.97 -7.04
N GLU UA 59 72.42 30.65 -6.29
CA GLU UA 59 72.85 31.57 -5.24
C GLU UA 59 72.70 30.96 -3.86
N TYR UA 60 71.52 30.48 -3.53
CA TYR UA 60 71.22 29.94 -2.22
C TYR UA 60 71.26 28.42 -2.25
N TYR UA 61 71.25 27.82 -1.07
CA TYR UA 61 71.21 26.37 -0.95
C TYR UA 61 70.87 25.99 0.47
N ARG UA 62 70.42 24.75 0.62
CA ARG UA 62 70.18 24.17 1.93
C ARG UA 62 70.24 22.66 1.80
N ILE UA 63 70.99 22.03 2.67
CA ILE UA 63 71.20 20.59 2.61
C ILE UA 63 70.05 19.90 3.31
N ARG UA 64 69.31 19.10 2.55
CA ARG UA 64 68.18 18.36 3.10
C ARG UA 64 68.64 17.15 3.87
N LYS UA 65 69.44 16.31 3.23
CA LYS UA 65 69.84 15.02 3.79
C LYS UA 65 71.26 14.70 3.39
N VAL UA 66 71.85 13.77 4.14
CA VAL UA 66 73.16 13.24 3.85
C VAL UA 66 73.11 11.74 4.03
N LYS UA 67 73.73 11.01 3.12
CA LYS UA 67 73.81 9.56 3.17
C LYS UA 67 75.28 9.19 3.15
N VAL UA 68 75.81 8.90 4.30
CA VAL UA 68 77.16 8.37 4.43
C VAL UA 68 77.11 6.88 4.17
N GLU UA 69 78.19 6.35 3.60
CA GLU UA 69 78.26 4.94 3.23
C GLU UA 69 79.67 4.46 3.49
N PHE UA 70 79.80 3.41 4.30
CA PHE UA 70 81.08 2.82 4.64
C PHE UA 70 81.30 1.57 3.80
N TRP UA 71 81.62 1.78 2.54
CA TRP UA 71 81.96 0.66 1.68
C TRP UA 71 83.30 0.10 2.09
N PRO UA 72 83.39 -1.08 2.68
CA PRO UA 72 84.67 -1.54 3.22
C PRO UA 72 85.67 -1.85 2.12
N CYS UA 73 86.88 -2.12 2.58
CA CYS UA 73 87.98 -2.54 1.73
C CYS UA 73 88.62 -3.83 2.21
N SER UA 74 88.16 -4.39 3.32
CA SER UA 74 88.71 -5.61 3.88
C SER UA 74 87.94 -6.82 3.37
N PRO UA 75 88.55 -7.99 3.38
CA PRO UA 75 87.88 -9.17 2.86
C PRO UA 75 86.93 -9.79 3.89
N ILE UA 76 86.12 -10.72 3.39
CA ILE UA 76 85.20 -11.45 4.25
C ILE UA 76 85.96 -12.34 5.22
N THR UA 77 87.14 -12.83 4.83
CA THR UA 77 87.86 -13.81 5.61
C THR UA 77 88.76 -13.21 6.67
N GLN UA 78 88.49 -11.98 7.08
CA GLN UA 78 89.33 -11.30 8.06
C GLN UA 78 88.84 -11.63 9.46
N GLY UA 79 89.80 -11.89 10.35
CA GLY UA 79 89.53 -12.26 11.71
C GLY UA 79 89.68 -11.09 12.67
N ASP UA 80 89.58 -11.43 13.95
CA ASP UA 80 89.59 -10.45 15.03
C ASP UA 80 88.56 -9.36 14.76
N ARG UA 81 87.33 -9.80 14.58
CA ARG UA 81 86.25 -8.88 14.25
C ARG UA 81 85.98 -7.99 15.45
N GLY UA 82 85.02 -7.11 15.30
CA GLY UA 82 84.69 -6.19 16.35
C GLY UA 82 83.33 -5.60 16.17
N VAL UA 83 83.10 -4.49 16.86
CA VAL UA 83 81.82 -3.82 16.83
C VAL UA 83 82.03 -2.38 17.21
N GLY UA 84 81.39 -1.48 16.46
CA GLY UA 84 81.56 -0.05 16.62
C GLY UA 84 80.24 0.67 16.76
N SER UA 85 80.25 1.97 16.53
CA SER UA 85 79.03 2.76 16.68
C SER UA 85 79.18 4.07 15.94
N THR UA 86 78.09 4.48 15.30
CA THR UA 86 77.99 5.77 14.63
C THR UA 86 76.85 6.55 15.23
N ALA UA 87 77.08 7.82 15.47
CA ALA UA 87 76.11 8.68 16.11
C ALA UA 87 76.08 10.03 15.40
N VAL UA 88 74.96 10.71 15.56
CA VAL UA 88 74.70 11.98 14.90
C VAL UA 88 74.96 13.09 15.89
N ILE UA 89 75.82 14.02 15.50
CA ILE UA 89 76.27 15.12 16.35
C ILE UA 89 75.99 16.40 15.59
N LEU UA 90 75.02 17.17 16.08
CA LEU UA 90 74.49 18.30 15.35
C LEU UA 90 74.96 19.63 15.91
N ASP UA 91 76.01 19.62 16.74
CA ASP UA 91 76.41 20.81 17.48
C ASP UA 91 77.92 21.08 17.45
N ASP UA 92 78.68 20.34 16.66
CA ASP UA 92 80.14 20.49 16.59
C ASP UA 92 80.80 20.18 17.92
N ASN UA 93 80.14 19.36 18.74
CA ASN UA 93 80.69 18.89 20.01
C ASN UA 93 80.87 17.40 19.85
N PHE UA 94 81.98 17.02 19.27
CA PHE UA 94 82.34 15.63 19.11
C PHE UA 94 83.03 15.16 20.38
N VAL UA 95 83.47 13.91 20.37
CA VAL UA 95 84.15 13.29 21.49
C VAL UA 95 85.59 13.09 21.05
N THR UA 96 86.52 13.53 21.90
CA THR UA 96 87.89 13.83 21.52
C THR UA 96 88.52 12.73 20.68
N LYS UA 97 89.20 13.16 19.62
CA LYS UA 97 89.87 12.24 18.71
C LYS UA 97 90.89 11.40 19.45
N ALA UA 98 90.77 10.09 19.30
CA ALA UA 98 91.59 9.15 20.06
C ALA UA 98 91.82 7.90 19.24
N ASN UA 99 93.04 7.38 19.32
CA ASN UA 99 93.39 6.15 18.63
C ASN UA 99 93.03 4.91 19.44
N ALA UA 100 92.95 5.03 20.76
CA ALA UA 100 92.66 3.89 21.62
C ALA UA 100 91.93 4.40 22.85
N LEU UA 101 90.67 4.02 22.96
CA LEU UA 101 89.84 4.37 24.11
C LEU UA 101 89.19 3.10 24.62
N THR UA 102 89.14 2.97 25.94
CA THR UA 102 88.73 1.73 26.57
C THR UA 102 87.24 1.48 26.51
N TYR UA 103 86.47 2.34 25.86
CA TYR UA 103 85.02 2.16 25.80
C TYR UA 103 84.50 2.84 24.54
N ASP UA 104 83.27 2.47 24.18
CA ASP UA 104 82.59 3.03 23.04
C ASP UA 104 81.77 4.22 23.51
N PRO UA 105 82.21 5.46 23.29
CA PRO UA 105 81.46 6.59 23.85
C PRO UA 105 80.15 6.84 23.13
N TYR UA 106 80.07 6.50 21.86
CA TYR UA 106 78.87 6.72 21.07
C TYR UA 106 77.89 5.56 21.14
N VAL UA 107 77.99 4.72 22.18
CA VAL UA 107 77.15 3.53 22.24
C VAL UA 107 75.79 3.83 22.83
N ASN UA 108 75.74 4.63 23.89
CA ASN UA 108 74.49 4.96 24.54
C ASN UA 108 73.78 6.15 23.92
N TYR UA 109 74.41 6.81 22.94
CA TYR UA 109 73.75 7.89 22.24
C TYR UA 109 72.46 7.40 21.59
N SER UA 110 71.42 8.22 21.71
CA SER UA 110 70.13 7.84 21.17
C SER UA 110 70.17 7.67 19.66
N SER UA 111 71.08 8.38 18.99
CA SER UA 111 71.24 8.28 17.55
C SER UA 111 72.25 7.21 17.16
N ARG UA 112 72.45 6.22 18.00
CA ARG UA 112 73.44 5.19 17.74
C ARG UA 112 72.88 4.15 16.79
N HIS UA 113 73.68 3.81 15.78
CA HIS UA 113 73.39 2.72 14.86
C HIS UA 113 74.64 1.86 14.80
N THR UA 114 74.50 0.60 15.18
CA THR UA 114 75.65 -0.25 15.37
C THR UA 114 76.35 -0.55 14.05
N ILE UA 115 77.67 -0.69 14.13
CA ILE UA 115 78.50 -1.13 13.02
C ILE UA 115 78.94 -2.55 13.31
N THR UA 116 78.84 -3.39 12.31
CA THR UA 116 79.53 -4.65 12.28
C THR UA 116 80.81 -4.46 11.50
N GLN UA 117 81.88 -5.09 11.96
CA GLN UA 117 83.22 -4.87 11.41
C GLN UA 117 83.84 -6.20 11.05
N PRO UA 118 84.85 -6.21 10.17
CA PRO UA 118 85.43 -5.16 9.35
C PRO UA 118 85.01 -5.19 7.89
N PHE UA 119 84.09 -6.09 7.52
CA PHE UA 119 83.76 -6.33 6.13
C PHE UA 119 82.33 -5.96 5.77
N SER UA 120 81.61 -5.29 6.66
CA SER UA 120 80.20 -5.01 6.45
C SER UA 120 80.00 -3.58 5.98
N TYR UA 121 78.82 -3.34 5.43
CA TYR UA 121 78.40 -2.04 4.93
C TYR UA 121 77.50 -1.38 5.96
N HIS UA 122 77.68 -0.08 6.13
CA HIS UA 122 76.90 0.70 7.09
C HIS UA 122 76.59 2.05 6.48
N SER UA 123 75.34 2.48 6.66
CA SER UA 123 74.84 3.71 6.07
C SER UA 123 74.02 4.46 7.08
N ARG UA 124 74.03 5.79 6.96
CA ARG UA 124 73.38 6.69 7.89
C ARG UA 124 72.76 7.83 7.10
N TYR UA 125 71.44 7.83 7.01
CA TYR UA 125 70.68 8.79 6.22
C TYR UA 125 70.00 9.75 7.18
N PHE UA 126 70.54 10.95 7.29
CA PHE UA 126 70.09 11.91 8.28
C PHE UA 126 70.15 13.31 7.72
N THR UA 127 69.62 14.25 8.51
CA THR UA 127 69.61 15.65 8.17
C THR UA 127 70.71 16.36 8.95
N PRO UA 128 71.73 16.91 8.31
CA PRO UA 128 72.74 17.66 9.05
C PRO UA 128 72.25 19.06 9.35
N LYS UA 129 73.05 19.78 10.12
CA LYS UA 129 72.77 21.15 10.50
C LYS UA 129 74.03 21.96 10.32
N PRO UA 130 73.91 23.25 10.05
CA PRO UA 130 75.10 24.08 9.88
C PRO UA 130 75.61 24.63 11.20
N VAL UA 131 76.80 25.21 11.12
CA VAL UA 131 77.48 25.79 12.27
C VAL UA 131 77.32 27.30 12.13
N LEU UA 132 76.26 27.84 12.75
CA LEU UA 132 76.02 29.27 12.71
C LEU UA 132 76.81 30.00 13.78
N ASP UA 133 76.87 29.46 15.00
CA ASP UA 133 77.61 30.07 16.10
C ASP UA 133 78.31 28.97 16.86
N ARG UA 134 79.64 28.97 16.83
CA ARG UA 134 80.40 27.96 17.55
C ARG UA 134 80.33 28.15 19.05
N THR UA 135 80.28 29.41 19.50
CA THR UA 135 80.20 29.69 20.93
C THR UA 135 78.91 29.15 21.52
N ILE UA 136 77.81 29.33 20.81
CA ILE UA 136 76.48 29.00 21.32
C ILE UA 136 76.04 27.62 20.84
N ASP UA 137 76.40 27.28 19.61
CA ASP UA 137 76.11 25.97 19.03
C ASP UA 137 74.62 25.66 19.06
N TYR UA 138 73.86 26.47 18.33
CA TYR UA 138 72.44 26.27 18.16
C TYR UA 138 72.13 25.70 16.80
N PHE UA 139 70.98 25.06 16.72
CA PHE UA 139 70.48 24.49 15.48
C PHE UA 139 68.99 24.25 15.63
N GLN UA 140 68.33 24.16 14.50
CA GLN UA 140 66.89 24.06 14.49
C GLN UA 140 66.44 22.63 14.21
N PRO UA 141 65.20 22.30 14.52
CA PRO UA 141 64.72 20.95 14.26
C PRO UA 141 64.63 20.63 12.78
N ASN UA 142 64.16 19.43 12.49
CA ASN UA 142 63.98 18.98 11.12
C ASN UA 142 62.59 19.36 10.67
N ASN UA 143 62.49 20.46 9.95
CA ASN UA 143 61.24 20.87 9.32
C ASN UA 143 61.59 21.41 7.94
N LYS UA 144 61.04 20.78 6.91
CA LYS UA 144 61.43 21.11 5.55
C LYS UA 144 60.99 22.51 5.17
N ARG UA 145 59.76 22.89 5.51
CA ARG UA 145 59.23 24.18 5.09
C ARG UA 145 60.07 25.32 5.63
N ASN UA 146 60.34 25.31 6.94
CA ASN UA 146 60.99 26.43 7.61
C ASN UA 146 62.49 26.23 7.77
N GLN UA 147 63.08 25.31 7.02
CA GLN UA 147 64.53 25.17 7.06
C GLN UA 147 65.18 26.39 6.41
N LEU UA 148 66.35 26.74 6.91
CA LEU UA 148 67.03 27.94 6.49
C LEU UA 148 67.64 27.78 5.11
N TRP UA 149 67.87 28.91 4.47
CA TRP UA 149 68.63 29.02 3.25
C TRP UA 149 69.98 29.62 3.55
N LEU UA 150 70.95 29.31 2.71
CA LEU UA 150 72.33 29.73 2.90
C LEU UA 150 72.92 30.17 1.58
N ARG UA 151 73.62 31.28 1.59
CA ARG UA 151 74.31 31.74 0.40
C ARG UA 151 75.37 30.73 -0.01
N LEU UA 152 75.46 30.48 -1.31
CA LEU UA 152 76.43 29.54 -1.86
C LEU UA 152 77.69 30.33 -2.15
N GLN UA 153 78.56 30.38 -1.16
CA GLN UA 153 79.80 31.12 -1.30
C GLN UA 153 80.79 30.34 -2.16
N THR UA 154 81.85 31.02 -2.54
CA THR UA 154 82.84 30.49 -3.47
C THR UA 154 83.92 29.68 -2.77
N THR UA 155 84.42 30.19 -1.64
CA THR UA 155 85.56 29.58 -0.96
C THR UA 155 85.37 29.40 0.54
N GLY UA 156 84.32 29.97 1.13
CA GLY UA 156 84.16 29.99 2.57
C GLY UA 156 82.82 29.50 3.05
N ASN UA 157 82.29 28.45 2.42
CA ASN UA 157 81.03 27.89 2.85
C ASN UA 157 81.16 27.31 4.25
N VAL UA 158 80.04 27.30 4.95
CA VAL UA 158 80.04 26.91 6.36
C VAL UA 158 80.09 25.39 6.47
N ASP UA 159 80.69 24.93 7.56
CA ASP UA 159 80.95 23.51 7.78
C ASP UA 159 79.72 22.90 8.42
N HIS UA 160 78.91 22.21 7.62
CA HIS UA 160 77.87 21.37 8.16
C HIS UA 160 78.48 20.26 9.00
N VAL UA 161 77.64 19.64 9.81
CA VAL UA 161 78.06 18.68 10.82
C VAL UA 161 76.95 17.64 10.96
N GLY UA 162 77.21 16.59 11.72
CA GLY UA 162 76.24 15.53 11.86
C GLY UA 162 76.69 14.09 11.98
N LEU UA 163 77.98 13.77 12.12
CA LEU UA 163 78.33 12.37 12.34
C LEU UA 163 79.63 12.22 13.10
N GLY UA 164 79.65 11.23 13.98
CA GLY UA 164 80.86 10.84 14.67
C GLY UA 164 80.91 9.33 14.77
N THR UA 165 82.12 8.80 14.77
CA THR UA 165 82.36 7.37 14.64
C THR UA 165 83.16 6.85 15.81
N ALA UA 166 83.08 5.54 16.00
CA ALA UA 166 83.92 4.83 16.97
C ALA UA 166 84.07 3.40 16.48
N PHE UA 167 85.23 3.10 15.92
CA PHE UA 167 85.53 1.79 15.40
C PHE UA 167 86.41 1.03 16.39
N GLU UA 168 86.15 -0.26 16.51
CA GLU UA 168 86.89 -1.10 17.45
C GLU UA 168 88.20 -1.51 16.81
N ASN UA 169 89.30 -1.28 17.53
CA ASN UA 169 90.61 -1.59 17.01
C ASN UA 169 90.77 -3.08 16.81
N SER UA 170 91.73 -3.44 15.96
CA SER UA 170 91.97 -4.83 15.64
C SER UA 170 93.44 -5.01 15.30
N ILE UA 171 93.88 -6.26 15.29
CA ILE UA 171 95.25 -6.58 14.96
C ILE UA 171 95.56 -6.16 13.54
N TYR UA 172 94.61 -6.34 12.64
CA TYR UA 172 94.78 -6.07 11.22
C TYR UA 172 94.23 -4.69 10.88
N ASP UA 173 94.79 -4.11 9.83
CA ASP UA 173 94.26 -2.85 9.33
C ASP UA 173 92.84 -3.04 8.83
N GLN UA 174 92.00 -2.05 9.09
CA GLN UA 174 90.61 -2.03 8.63
C GLN UA 174 90.47 -0.80 7.75
N ASP UA 175 90.79 -0.97 6.47
CA ASP UA 175 90.62 0.10 5.52
C ASP UA 175 89.17 0.18 5.08
N TYR UA 176 88.72 1.40 4.82
CA TYR UA 176 87.36 1.67 4.39
C TYR UA 176 87.40 2.62 3.21
N ASN UA 177 86.28 2.65 2.48
CA ASN UA 177 86.09 3.51 1.32
C ASN UA 177 84.80 4.26 1.57
N ILE UA 178 84.91 5.44 2.14
CA ILE UA 178 83.75 6.21 2.54
C ILE UA 178 83.21 6.96 1.34
N ARG UA 179 81.89 7.02 1.23
CA ARG UA 179 81.18 7.77 0.21
C ARG UA 179 80.19 8.69 0.92
N ILE UA 180 80.34 9.98 0.71
CA ILE UA 180 79.49 10.98 1.33
C ILE UA 180 78.56 11.53 0.27
N THR UA 181 77.37 10.96 0.18
CA THR UA 181 76.34 11.45 -0.72
C THR UA 181 75.53 12.53 -0.04
N MET UA 182 75.27 13.60 -0.78
CA MET UA 182 74.58 14.77 -0.27
C MET UA 182 73.39 15.08 -1.16
N TYR UA 183 72.28 15.45 -0.54
CA TYR UA 183 71.04 15.78 -1.24
C TYR UA 183 70.73 17.24 -0.96
N VAL UA 184 71.02 18.07 -1.95
CA VAL UA 184 71.02 19.52 -1.80
C VAL UA 184 69.81 20.07 -2.52
N GLN UA 185 69.48 21.31 -2.20
CA GLN UA 185 68.35 22.00 -2.79
C GLN UA 185 68.76 23.46 -3.01
N PHE UA 186 68.98 23.82 -4.27
CA PHE UA 186 69.45 25.15 -4.62
C PHE UA 186 68.28 26.06 -4.95
N ARG UA 187 68.59 27.29 -5.33
CA ARG UA 187 67.58 28.31 -5.56
C ARG UA 187 68.22 29.51 -6.24
N GLU UA 188 67.38 30.30 -6.91
CA GLU UA 188 67.77 31.55 -7.55
C GLU UA 188 68.86 31.34 -8.60
N PHE UA 189 68.44 30.71 -9.68
CA PHE UA 189 69.29 30.51 -10.85
C PHE UA 189 69.89 31.83 -11.32
N ASN UA 190 71.21 31.98 -11.16
CA ASN UA 190 71.89 33.25 -11.31
C ASN UA 190 72.98 33.19 -12.37
N LEU UA 191 72.66 32.61 -13.51
CA LEU UA 191 73.66 32.47 -14.55
C LEU UA 191 73.90 33.80 -15.24
N LYS UA 192 75.16 34.03 -15.59
CA LYS UA 192 75.56 35.18 -16.38
C LYS UA 192 75.85 34.75 -17.81
N ASP UA 193 75.72 35.70 -18.74
CA ASP UA 193 75.97 35.45 -20.15
C ASP UA 193 76.63 36.68 -20.75
N PRO UA 194 77.93 36.85 -20.54
CA PRO UA 194 78.65 37.90 -21.23
C PRO UA 194 78.73 37.61 -22.73
N PRO UA 195 79.17 38.56 -23.53
CA PRO UA 195 79.37 38.28 -24.95
C PRO UA 195 80.63 37.47 -25.20
N LEU UA 196 80.99 37.27 -26.47
CA LEU UA 196 82.15 36.48 -26.85
C LEU UA 196 82.00 35.03 -26.40
N TYR VA 1 45.28 1.88 38.02
CA TYR VA 1 45.68 2.24 39.38
C TYR VA 1 47.14 2.71 39.41
N ARG VA 2 47.46 3.72 38.58
CA ARG VA 2 48.75 4.40 38.54
C ARG VA 2 49.91 3.39 38.48
N TRP VA 3 50.18 2.74 37.33
CA TRP VA 3 49.92 3.20 35.95
C TRP VA 3 50.62 4.53 35.55
N ARG VA 4 51.87 4.50 35.37
CA ARG VA 4 53.21 4.77 35.89
C ARG VA 4 53.38 6.01 36.78
N ARG VA 5 53.06 7.26 36.42
CA ARG VA 5 52.57 7.80 35.16
C ARG VA 5 53.59 8.80 34.57
N LYS VA 6 53.86 9.86 35.35
CA LYS VA 6 54.79 10.93 35.01
C LYS VA 6 55.72 11.26 36.18
N ASN VA 7 55.60 10.57 37.31
CA ASN VA 7 56.10 11.05 38.60
C ASN VA 7 57.62 10.95 38.75
N GLY VA 8 58.35 11.01 37.65
CA GLY VA 8 59.78 10.88 37.60
C GLY VA 8 60.21 9.83 36.60
N ILE VA 9 59.24 9.25 35.90
CA ILE VA 9 59.51 8.08 35.07
C ILE VA 9 60.35 8.51 33.88
N PHE VA 10 61.44 7.79 33.65
CA PHE VA 10 62.33 8.06 32.54
C PHE VA 10 62.87 6.73 32.04
N ASN VA 11 62.20 6.15 31.07
CA ASN VA 11 62.70 4.95 30.43
C ASN VA 11 63.88 5.30 29.55
N THR VA 12 64.91 4.47 29.61
CA THR VA 12 66.13 4.73 28.87
C THR VA 12 66.83 3.41 28.60
N ARG VA 13 68.07 3.49 28.16
CA ARG VA 13 68.86 2.35 27.75
C ARG VA 13 70.29 2.55 28.20
N LEU VA 14 70.97 1.45 28.48
CA LEU VA 14 72.37 1.45 28.84
C LEU VA 14 73.03 0.25 28.21
N SER VA 15 74.34 0.36 28.00
CA SER VA 15 75.08 -0.68 27.32
C SER VA 15 76.54 -0.62 27.73
N ARG VA 16 77.17 -1.78 27.69
CA ARG VA 16 78.60 -1.89 27.92
C ARG VA 16 79.12 -3.02 27.06
N THR VA 17 80.42 -3.28 27.16
CA THR VA 17 81.07 -4.22 26.27
C THR VA 17 82.22 -4.89 27.00
N ILE VA 18 82.43 -6.18 26.70
CA ILE VA 18 83.47 -6.98 27.33
C ILE VA 18 83.84 -8.11 26.40
N GLY VA 19 85.05 -8.62 26.56
CA GLY VA 19 85.54 -9.75 25.80
C GLY VA 19 85.41 -11.02 26.60
N TYR VA 20 85.10 -12.11 25.90
CA TYR VA 20 85.00 -13.44 26.49
C TYR VA 20 85.71 -14.41 25.57
N THR VA 21 86.59 -15.21 26.15
CA THR VA 21 87.56 -15.99 25.40
C THR VA 21 87.43 -17.45 25.80
N VAL VA 22 86.85 -18.25 24.92
CA VAL VA 22 86.83 -19.69 25.08
C VAL VA 22 88.12 -20.25 24.51
N LYS VA 23 88.89 -20.92 25.36
CA LYS VA 23 90.24 -21.30 25.03
C LYS VA 23 90.28 -22.61 24.26
N LYS VA 24 91.48 -22.95 23.80
CA LYS VA 24 91.71 -24.17 23.05
C LYS VA 24 91.69 -25.39 23.97
N THR VA 25 91.81 -26.56 23.35
CA THR VA 25 92.00 -27.81 24.07
C THR VA 25 92.41 -28.87 23.06
N THR VA 26 93.37 -29.71 23.45
CA THR VA 26 93.76 -30.84 22.62
C THR VA 26 92.69 -31.92 22.58
N VAL VA 27 91.76 -31.91 23.54
CA VAL VA 27 90.65 -32.86 23.53
C VAL VA 27 89.88 -32.71 22.25
N ARG VA 28 89.44 -33.86 21.70
CA ARG VA 28 88.66 -33.89 20.48
C ARG VA 28 87.24 -34.38 20.71
N THR VA 29 86.97 -35.03 21.83
CA THR VA 29 85.60 -35.41 22.14
C THR VA 29 84.80 -34.14 22.44
N PRO VA 30 83.48 -34.17 22.26
CA PRO VA 30 82.67 -33.00 22.56
C PRO VA 30 82.77 -32.63 24.04
N SER VA 31 83.29 -31.44 24.29
CA SER VA 31 83.43 -30.92 25.63
C SER VA 31 83.00 -29.46 25.62
N TRP VA 32 82.34 -29.05 26.69
CA TRP VA 32 81.75 -27.72 26.81
C TRP VA 32 82.47 -26.90 27.87
N ASN VA 33 82.34 -25.59 27.74
CA ASN VA 33 82.94 -24.61 28.64
C ASN VA 33 81.82 -23.78 29.22
N VAL VA 34 81.51 -24.01 30.48
CA VAL VA 34 80.36 -23.41 31.14
C VAL VA 34 80.78 -22.16 31.87
N ASP VA 35 79.93 -21.14 31.85
CA ASP VA 35 80.17 -19.91 32.55
C ASP VA 35 78.84 -19.19 32.71
N MET VA 36 78.72 -18.45 33.79
CA MET VA 36 77.52 -17.71 34.11
C MET VA 36 77.66 -16.27 33.62
N MET VA 37 76.70 -15.43 33.99
CA MET VA 37 76.73 -14.02 33.62
C MET VA 37 75.82 -13.26 34.56
N ARG VA 38 76.37 -12.25 35.24
CA ARG VA 38 75.65 -11.43 36.19
C ARG VA 38 75.54 -10.00 35.66
N PHE VA 39 74.52 -9.31 36.13
CA PHE VA 39 74.23 -7.94 35.72
C PHE VA 39 74.12 -7.07 36.95
N ASN VA 40 74.91 -6.00 36.98
CA ASN VA 40 74.88 -5.05 38.07
C ASN VA 40 74.99 -3.65 37.47
N ILE VA 41 74.12 -2.76 37.91
CA ILE VA 41 74.00 -1.47 37.27
C ILE VA 41 75.20 -0.57 37.54
N ASN VA 42 75.98 -0.87 38.58
CA ASN VA 42 77.16 -0.07 38.85
C ASN VA 42 78.16 -0.14 37.72
N ASP VA 43 78.14 -1.24 36.95
CA ASP VA 43 79.00 -1.37 35.79
C ASP VA 43 78.52 -0.57 34.60
N PHE VA 44 77.31 -0.01 34.66
CA PHE VA 44 76.76 0.83 33.61
C PHE VA 44 76.74 2.30 33.97
N LEU VA 45 76.35 2.62 35.21
CA LEU VA 45 76.28 4.00 35.68
C LEU VA 45 77.55 4.34 36.42
N PRO VA 46 78.45 5.16 35.87
CA PRO VA 46 79.60 5.58 36.66
C PRO VA 46 79.20 6.60 37.71
N PRO VA 47 80.05 6.87 38.69
CA PRO VA 47 79.67 7.76 39.77
C PRO VA 47 79.74 9.22 39.35
N GLY VA 48 78.82 10.01 39.88
CA GLY VA 48 78.80 11.43 39.62
C GLY VA 48 79.78 12.18 40.49
N GLY VA 49 79.37 13.34 40.98
CA GLY VA 49 80.22 14.14 41.82
C GLY VA 49 79.47 15.19 42.61
N GLY VA 50 79.88 15.38 43.86
CA GLY VA 50 79.25 16.37 44.72
C GLY VA 50 78.00 15.85 45.40
N SER VA 51 76.99 16.71 45.51
CA SER VA 51 75.75 16.32 46.14
C SER VA 51 75.00 15.28 45.33
N ASN VA 52 75.21 15.26 44.02
CA ASN VA 52 74.62 14.25 43.16
C ASN VA 52 75.59 13.07 43.05
N PRO VA 53 75.32 11.94 43.71
CA PRO VA 53 76.35 10.89 43.77
C PRO VA 53 76.47 10.11 42.48
N LEU VA 54 75.36 9.96 41.75
CA LEU VA 54 75.32 9.25 40.49
C LEU VA 54 75.38 10.21 39.31
N THR VA 55 75.57 9.63 38.13
CA THR VA 55 75.53 10.41 36.89
C THR VA 55 74.11 10.65 36.40
N VAL VA 56 73.17 9.81 36.79
CA VAL VA 56 71.77 9.93 36.41
C VAL VA 56 71.01 10.43 37.64
N PRO VA 57 70.34 11.58 37.58
CA PRO VA 57 69.66 12.06 38.77
C PRO VA 57 68.29 11.41 39.00
N PHE VA 58 68.32 10.22 39.57
CA PHE VA 58 67.11 9.53 39.97
C PHE VA 58 67.40 8.70 41.20
N GLU VA 59 66.33 8.33 41.90
CA GLU VA 59 66.43 7.61 43.15
C GLU VA 59 66.15 6.12 43.00
N TYR VA 60 65.02 5.79 42.40
CA TYR VA 60 64.59 4.41 42.24
C TYR VA 60 64.88 3.93 40.83
N TYR VA 61 64.76 2.61 40.64
CA TYR VA 61 64.94 2.03 39.33
C TYR VA 61 64.43 0.60 39.34
N ARG VA 62 64.16 0.10 38.14
CA ARG VA 62 63.80 -1.30 37.97
C ARG VA 62 64.12 -1.69 36.53
N ILE VA 63 64.81 -2.82 36.38
CA ILE VA 63 65.26 -3.26 35.07
C ILE VA 63 64.13 -4.02 34.40
N ARG VA 64 63.67 -3.50 33.28
CA ARG VA 64 62.61 -4.14 32.52
C ARG VA 64 63.12 -5.32 31.74
N LYS VA 65 64.15 -5.10 30.92
CA LYS VA 65 64.64 -6.10 29.99
C LYS VA 65 66.14 -5.99 29.88
N VAL VA 66 66.74 -7.06 29.36
CA VAL VA 66 68.15 -7.12 29.06
C VAL VA 66 68.31 -7.80 27.72
N LYS VA 67 69.20 -7.26 26.89
CA LYS VA 67 69.50 -7.80 25.58
C LYS VA 67 70.99 -8.06 25.53
N VAL VA 68 71.35 -9.30 25.74
CA VAL VA 68 72.73 -9.74 25.57
C VAL VA 68 72.98 -10.00 24.09
N GLU VA 69 74.20 -9.76 23.65
CA GLU VA 69 74.57 -9.91 22.26
C GLU VA 69 75.97 -10.47 22.19
N PHE VA 70 76.13 -11.59 21.49
CA PHE VA 70 77.41 -12.24 21.32
C PHE VA 70 77.96 -11.91 19.93
N TRP VA 71 78.46 -10.69 19.80
CA TRP VA 71 79.11 -10.30 18.58
C TRP VA 71 80.45 -11.03 18.48
N PRO VA 72 80.63 -11.99 17.58
CA PRO VA 72 81.85 -12.78 17.59
C PRO VA 72 83.07 -11.98 17.17
N CYS VA 73 84.22 -12.62 17.32
CA CYS VA 73 85.49 -12.09 16.90
C CYS VA 73 86.24 -13.05 15.98
N SER VA 74 85.69 -14.22 15.72
CA SER VA 74 86.34 -15.22 14.88
C SER VA 74 85.87 -15.07 13.44
N PRO VA 75 86.65 -15.55 12.48
CA PRO VA 75 86.27 -15.38 11.08
C PRO VA 75 85.28 -16.44 10.63
N ILE VA 76 84.74 -16.21 9.44
CA ILE VA 76 83.81 -17.16 8.84
C ILE VA 76 84.52 -18.45 8.47
N THR VA 77 85.81 -18.38 8.15
CA THR VA 77 86.55 -19.52 7.62
C THR VA 77 87.14 -20.40 8.71
N GLN VA 78 86.61 -20.34 9.92
CA GLN VA 78 87.13 -21.12 11.02
C GLN VA 78 86.48 -22.48 11.05
N GLY VA 79 87.30 -23.50 11.30
CA GLY VA 79 86.85 -24.88 11.32
C GLY VA 79 86.65 -25.40 12.73
N ASP VA 80 86.38 -26.70 12.80
CA ASP VA 80 86.04 -27.38 14.04
C ASP VA 80 84.92 -26.64 14.75
N ARG VA 81 83.82 -26.49 14.03
CA ARG VA 81 82.69 -25.76 14.55
C ARG VA 81 82.06 -26.55 15.69
N GLY VA 82 81.01 -26.00 16.25
CA GLY VA 82 80.37 -26.63 17.37
C GLY VA 82 78.98 -26.11 17.57
N VAL VA 83 78.45 -26.36 18.77
CA VAL VA 83 77.10 -25.97 19.10
C VAL VA 83 77.01 -25.85 20.61
N GLY VA 84 76.37 -24.78 21.07
CA GLY VA 84 76.27 -24.48 22.48
C GLY VA 84 74.85 -24.21 22.90
N SER VA 85 74.69 -23.55 24.05
CA SER VA 85 73.35 -23.30 24.57
C SER VA 85 73.40 -22.18 25.59
N THR VA 86 72.40 -21.32 25.54
CA THR VA 86 72.20 -20.25 26.50
C THR VA 86 70.85 -20.44 27.17
N ALA VA 87 70.84 -20.24 28.48
CA ALA VA 87 69.64 -20.44 29.27
C ALA VA 87 69.52 -19.32 30.28
N VAL VA 88 68.29 -19.12 30.72
CA VAL VA 88 67.93 -18.04 31.64
C VAL VA 88 67.85 -18.62 33.04
N ILE VA 89 68.60 -18.04 33.97
CA ILE VA 89 68.71 -18.50 35.34
C ILE VA 89 68.35 -17.34 36.23
N LEU VA 90 67.20 -17.44 36.89
CA LEU VA 90 66.62 -16.31 37.59
C LEU VA 90 66.77 -16.43 39.11
N ASP VA 91 67.65 -17.32 39.58
CA ASP VA 91 67.72 -17.65 41.00
C ASP VA 91 69.14 -17.70 41.56
N ASP VA 92 70.14 -17.30 40.78
CA ASP VA 92 71.54 -17.34 41.20
C ASP VA 92 72.01 -18.76 41.47
N ASN VA 93 71.36 -19.74 40.83
CA ASN VA 93 71.75 -21.14 40.90
C ASN VA 93 72.20 -21.51 39.51
N PHE VA 94 73.45 -21.22 39.21
CA PHE VA 94 74.04 -21.59 37.94
C PHE VA 94 74.57 -23.00 38.06
N VAL VA 95 75.21 -23.47 36.99
CA VAL VA 95 75.77 -24.79 36.91
C VAL VA 95 77.28 -24.61 36.88
N THR VA 96 77.96 -25.36 37.75
CA THR VA 96 79.32 -25.04 38.20
C THR VA 96 80.25 -24.70 37.06
N LYS VA 97 81.03 -23.64 37.26
CA LYS VA 97 81.98 -23.17 36.27
C LYS VA 97 82.98 -24.27 35.94
N ALA VA 98 83.11 -24.55 34.65
CA ALA VA 98 83.93 -25.66 34.20
C ALA VA 98 84.49 -25.36 32.83
N ASN VA 99 85.75 -25.73 32.63
CA ASN VA 99 86.40 -25.54 31.34
C ASN VA 99 86.13 -26.68 30.38
N ALA VA 100 85.79 -27.86 30.88
CA ALA VA 100 85.55 -29.02 30.03
C ALA VA 100 84.55 -29.91 30.72
N LEU VA 101 83.36 -30.01 30.15
CA LEU VA 101 82.30 -30.87 30.65
C LEU VA 101 81.78 -31.71 29.49
N THR VA 102 81.54 -32.99 29.77
CA THR VA 102 81.23 -33.96 28.73
C THR VA 102 79.83 -33.82 28.16
N TYR VA 103 79.05 -32.84 28.60
CA TYR VA 103 77.70 -32.68 28.11
C TYR VA 103 77.29 -31.22 28.23
N ASP VA 104 76.23 -30.87 27.52
CA ASP VA 104 75.67 -29.53 27.55
C ASP VA 104 74.59 -29.49 28.63
N PRO VA 105 74.85 -28.92 29.80
CA PRO VA 105 73.84 -28.98 30.85
C PRO VA 105 72.66 -28.07 30.59
N TYR VA 106 72.85 -26.99 29.86
CA TYR VA 106 71.79 -26.05 29.57
C TYR VA 106 71.02 -26.40 28.30
N VAL VA 107 71.06 -27.66 27.88
CA VAL VA 107 70.44 -28.03 26.61
C VAL VA 107 68.96 -28.33 26.79
N ASN VA 108 68.60 -29.04 27.84
CA ASN VA 108 67.21 -29.41 28.09
C ASN VA 108 66.45 -28.34 28.85
N TYR VA 109 67.12 -27.28 29.28
CA TYR VA 109 66.42 -26.18 29.94
C TYR VA 109 65.37 -25.60 29.01
N SER VA 110 64.20 -25.32 29.58
CA SER VA 110 63.09 -24.80 28.79
C SER VA 110 63.43 -23.46 28.18
N SER VA 111 64.30 -22.69 28.83
CA SER VA 111 64.73 -21.39 28.32
C SER VA 111 65.96 -21.50 27.42
N ARG VA 112 66.16 -22.64 26.80
CA ARG VA 112 67.34 -22.85 25.97
C ARG VA 112 67.13 -22.25 24.60
N HIS VA 113 68.14 -21.52 24.14
CA HIS VA 113 68.19 -21.01 22.78
C HIS VA 113 69.56 -21.36 22.23
N THR VA 114 69.56 -22.12 21.14
CA THR VA 114 70.78 -22.73 20.65
C THR VA 114 71.74 -21.67 20.12
N ILE VA 115 73.03 -21.94 20.29
CA ILE VA 115 74.10 -21.13 19.72
C ILE VA 115 74.71 -21.93 18.59
N THR VA 116 74.92 -21.26 17.47
CA THR VA 116 75.80 -21.75 16.43
C THR VA 116 77.16 -21.08 16.65
N GLN VA 117 78.22 -21.84 16.43
CA GLN VA 117 79.57 -21.41 16.74
C GLN VA 117 80.46 -21.59 15.53
N PRO VA 118 81.58 -20.88 15.45
CA PRO VA 118 82.12 -19.82 16.31
C PRO VA 118 81.97 -18.43 15.73
N PHE VA 119 81.30 -18.28 14.59
CA PHE VA 119 81.25 -17.03 13.86
C PHE VA 119 79.86 -16.41 13.80
N SER VA 120 78.90 -16.94 14.53
CA SER VA 120 77.52 -16.49 14.44
C SER VA 120 77.18 -15.54 15.57
N TYR VA 121 76.08 -14.82 15.37
CA TYR VA 121 75.54 -13.87 16.33
C TYR VA 121 74.39 -14.50 17.08
N HIS VA 122 74.32 -14.25 18.38
CA HIS VA 122 73.28 -14.78 19.22
C HIS VA 122 72.85 -13.73 20.23
N SER VA 123 71.54 -13.61 20.41
CA SER VA 123 70.96 -12.60 21.27
C SER VA 123 69.85 -13.20 22.11
N ARG VA 124 69.68 -12.63 23.30
CA ARG VA 124 68.73 -13.14 24.30
C ARG VA 124 68.09 -11.94 24.97
N TYR VA 125 66.82 -11.71 24.67
CA TYR VA 125 66.07 -10.56 25.14
C TYR VA 125 65.08 -11.07 26.19
N PHE VA 126 65.39 -10.82 27.46
CA PHE VA 126 64.62 -11.37 28.56
C PHE VA 126 64.55 -10.38 29.70
N THR VA 127 63.75 -10.75 30.69
CA THR VA 127 63.56 -9.97 31.90
C THR VA 127 64.39 -10.57 33.01
N PRO VA 128 65.40 -9.89 33.55
CA PRO VA 128 66.12 -10.44 34.68
C PRO VA 128 65.36 -10.19 35.97
N LYS VA 129 65.90 -10.76 37.04
CA LYS VA 129 65.33 -10.62 38.37
C LYS VA 129 66.46 -10.32 39.34
N PRO VA 130 66.18 -9.61 40.43
CA PRO VA 130 67.22 -9.30 41.39
C PRO VA 130 67.40 -10.41 42.42
N VAL VA 131 68.48 -10.27 43.19
CA VAL VA 131 68.84 -11.22 44.22
C VAL VA 131 68.47 -10.56 45.54
N LEU VA 132 67.25 -10.85 46.00
CA LEU VA 132 66.78 -10.29 47.27
C LEU VA 132 67.26 -11.13 48.45
N ASP VA 133 67.19 -12.45 48.33
CA ASP VA 133 67.62 -13.36 49.40
C ASP VA 133 68.34 -14.53 48.76
N ARG VA 134 69.63 -14.64 49.03
CA ARG VA 134 70.42 -15.73 48.48
C ARG VA 134 70.05 -17.07 49.11
N THR VA 135 69.73 -17.05 50.41
CA THR VA 135 69.35 -18.29 51.09
C THR VA 135 68.09 -18.88 50.50
N ILE VA 136 67.11 -18.03 50.22
CA ILE VA 136 65.80 -18.48 49.79
C ILE VA 136 65.67 -18.45 48.27
N ASP VA 137 66.29 -17.45 47.64
CA ASP VA 137 66.33 -17.32 46.19
C ASP VA 137 64.92 -17.29 45.60
N TYR VA 138 64.17 -16.25 45.97
CA TYR VA 138 62.85 -16.01 45.44
C TYR VA 138 62.88 -14.89 44.41
N PHE VA 139 61.87 -14.92 43.55
CA PHE VA 139 61.71 -13.90 42.52
C PHE VA 139 60.28 -13.95 42.05
N GLN VA 140 59.84 -12.85 41.47
CA GLN VA 140 58.46 -12.72 41.07
C GLN VA 140 58.31 -12.90 39.57
N PRO VA 141 57.10 -13.16 39.10
CA PRO VA 141 56.91 -13.32 37.66
C PRO VA 141 57.12 -12.04 36.88
N ASN VA 142 56.91 -12.12 35.58
CA ASN VA 142 57.05 -10.98 34.70
C ASN VA 142 55.70 -10.28 34.62
N ASN VA 143 55.56 -9.21 35.39
CA ASN VA 143 54.39 -8.34 35.33
C ASN VA 143 54.87 -6.91 35.47
N LYS VA 144 54.62 -6.11 34.44
CA LYS VA 144 55.17 -4.77 34.41
C LYS VA 144 54.59 -3.89 35.50
N ARG VA 145 53.28 -3.95 35.70
CA ARG VA 145 52.62 -3.06 36.66
C ARG VA 145 53.16 -3.27 38.05
N ASN VA 146 53.20 -4.52 38.50
CA ASN VA 146 53.53 -4.84 39.88
C ASN VA 146 54.99 -5.22 40.07
N GLN VA 147 55.84 -4.90 39.11
CA GLN VA 147 57.26 -5.13 39.30
C GLN VA 147 57.81 -4.19 40.36
N LEU VA 148 58.82 -4.67 41.08
CA LEU VA 148 59.35 -3.95 42.21
C LEU VA 148 60.20 -2.77 41.76
N TRP VA 149 60.35 -1.83 42.67
CA TRP VA 149 61.29 -0.72 42.53
C TRP VA 149 62.44 -0.95 43.48
N LEU VA 150 63.58 -0.38 43.13
CA LEU VA 150 64.81 -0.57 43.88
C LEU VA 150 65.54 0.75 43.98
N ARG VA 151 66.05 1.04 45.17
CA ARG VA 151 66.85 2.23 45.37
C ARG VA 151 68.12 2.16 44.53
N LEU VA 152 68.45 3.28 43.91
CA LEU VA 152 69.64 3.37 43.08
C LEU VA 152 70.80 3.77 43.99
N GLN VA 153 71.46 2.77 44.53
CA GLN VA 153 72.57 3.02 45.43
C GLN VA 153 73.81 3.44 44.65
N THR VA 154 74.79 3.93 45.39
CA THR VA 154 76.00 4.50 44.81
C THR VA 154 77.07 3.46 44.52
N THR VA 155 77.28 2.52 45.43
CA THR VA 155 78.36 1.55 45.32
C THR VA 155 77.94 0.11 45.59
N GLY VA 156 76.73 -0.14 46.07
CA GLY VA 156 76.33 -1.46 46.50
C GLY VA 156 75.02 -1.93 45.92
N ASN VA 157 74.79 -1.64 44.64
CA ASN VA 157 73.57 -2.09 43.99
C ASN VA 157 73.55 -3.61 43.91
N VAL VA 158 72.35 -4.15 43.88
CA VAL VA 158 72.17 -5.60 43.96
C VAL VA 158 72.45 -6.21 42.60
N ASP VA 159 72.92 -7.46 42.64
CA ASP VA 159 73.36 -8.16 41.44
C ASP VA 159 72.16 -8.85 40.82
N HIS VA 160 71.63 -8.24 39.77
CA HIS VA 160 70.66 -8.92 38.93
C HIS VA 160 71.29 -10.14 38.29
N VAL VA 161 70.42 -11.01 37.79
CA VAL VA 161 70.81 -12.33 37.30
C VAL VA 161 69.89 -12.68 36.15
N GLY VA 162 70.18 -13.79 35.47
CA GLY VA 162 69.39 -14.18 34.32
C GLY VA 162 70.04 -14.82 33.11
N LEU VA 163 71.31 -15.20 33.13
CA LEU VA 163 71.85 -15.91 31.98
C LEU VA 163 73.01 -16.81 32.36
N GLY VA 164 73.03 -17.98 31.72
CA GLY VA 164 74.15 -18.89 31.81
C GLY VA 164 74.43 -19.49 30.46
N THR VA 165 75.70 -19.82 30.23
CA THR VA 165 76.19 -20.19 28.92
C THR VA 165 76.85 -21.56 28.96
N ALA VA 166 76.96 -22.17 27.78
CA ALA VA 166 77.70 -23.40 27.61
C ALA VA 166 78.17 -23.44 26.16
N PHE VA 167 79.45 -23.14 25.96
CA PHE VA 167 80.05 -23.14 24.63
C PHE VA 167 80.85 -24.42 24.43
N GLU VA 168 80.79 -24.94 23.22
CA GLU VA 168 81.48 -26.18 22.89
C GLU VA 168 82.93 -25.87 22.59
N ASN VA 169 83.83 -26.58 23.26
CA ASN VA 169 85.25 -26.34 23.09
C ASN VA 169 85.68 -26.68 21.67
N SER VA 170 86.81 -26.11 21.27
CA SER VA 170 87.34 -26.30 19.94
C SER VA 170 88.85 -26.20 19.98
N ILE VA 171 89.48 -26.67 18.90
CA ILE VA 171 90.93 -26.62 18.80
C ILE VA 171 91.41 -25.18 18.81
N TYR VA 172 90.66 -24.30 18.16
CA TYR VA 172 91.04 -22.91 18.02
C TYR VA 172 90.34 -22.06 19.06
N ASP VA 173 90.96 -20.94 19.40
CA ASP VA 173 90.33 -19.98 20.29
C ASP VA 173 89.07 -19.42 19.66
N GLN VA 174 88.04 -19.24 20.49
CA GLN VA 174 86.77 -18.66 20.08
C GLN VA 174 86.59 -17.40 20.91
N ASP VA 175 87.14 -16.31 20.43
CA ASP VA 175 86.97 -15.03 21.08
C ASP VA 175 85.62 -14.43 20.72
N TYR VA 176 85.03 -13.74 21.67
CA TYR VA 176 83.74 -13.08 21.49
C TYR VA 176 83.82 -11.66 22.02
N ASN VA 177 82.86 -10.85 21.59
CA ASN VA 177 82.74 -9.46 21.98
C ASN VA 177 81.31 -9.29 22.48
N ILE VA 178 81.14 -9.45 23.77
CA ILE VA 178 79.81 -9.42 24.37
C ILE VA 178 79.36 -7.98 24.57
N ARG VA 179 78.10 -7.73 24.31
CA ARG VA 179 77.46 -6.45 24.56
C ARG VA 179 76.23 -6.69 25.41
N ILE VA 180 76.19 -6.06 26.58
CA ILE VA 180 75.10 -6.22 27.51
C ILE VA 180 74.29 -4.94 27.50
N THR VA 181 73.24 -4.92 26.70
CA THR VA 181 72.32 -3.80 26.65
C THR VA 181 71.24 -3.98 27.70
N MET VA 182 70.94 -2.90 28.40
CA MET VA 182 69.99 -2.90 29.50
C MET VA 182 68.94 -1.84 29.25
N TYR VA 183 67.69 -2.18 29.56
CA TYR VA 183 66.55 -1.28 29.38
C TYR VA 183 65.97 -1.00 30.76
N VAL VA 184 66.29 0.17 31.28
CA VAL VA 184 66.03 0.52 32.66
C VAL VA 184 64.88 1.51 32.71
N GLN VA 185 64.30 1.67 33.89
CA GLN VA 185 63.19 2.58 34.11
C GLN VA 185 63.39 3.23 35.47
N PHE VA 186 63.76 4.50 35.47
CA PHE VA 186 64.07 5.23 36.68
C PHE VA 186 62.84 5.98 37.18
N ARG VA 187 63.00 6.71 38.27
CA ARG VA 187 61.89 7.38 38.93
C ARG VA 187 62.44 8.36 39.96
N GLU VA 188 61.61 9.33 40.30
CA GLU VA 188 61.89 10.31 41.36
C GLU VA 188 63.17 11.11 41.07
N PHE VA 189 63.05 11.95 40.06
CA PHE VA 189 64.11 12.89 39.69
C PHE VA 189 64.55 13.70 40.89
N ASN VA 190 65.78 13.46 41.35
CA ASN VA 190 66.27 13.95 42.63
C ASN VA 190 67.52 14.80 42.48
N LEU VA 191 67.50 15.71 41.52
CA LEU VA 191 68.67 16.54 41.26
C LEU VA 191 68.81 17.59 42.35
N LYS VA 192 70.05 17.87 42.71
CA LYS VA 192 70.40 18.94 43.62
C LYS VA 192 70.99 20.11 42.83
N ASP VA 193 70.87 21.31 43.40
CA ASP VA 193 71.41 22.53 42.79
C ASP VA 193 71.95 23.43 43.88
N PRO VA 194 73.14 23.14 44.37
CA PRO VA 194 73.79 24.07 45.29
C PRO VA 194 74.17 25.34 44.56
N PRO VA 195 74.58 26.38 45.29
CA PRO VA 195 75.07 27.59 44.63
C PRO VA 195 76.48 27.41 44.07
N LEU VA 196 77.07 28.49 43.57
CA LEU VA 196 78.40 28.45 42.95
C LEU VA 196 78.40 27.57 41.72
N TYR WA 1 37.05 -39.68 23.09
CA TYR WA 1 37.13 -40.87 23.92
C TYR WA 1 38.46 -40.92 24.69
N ARG WA 2 38.75 -39.84 25.43
CA ARG WA 2 39.91 -39.73 26.33
C ARG WA 2 41.21 -40.14 25.62
N TRP WA 3 41.78 -39.32 24.72
CA TRP WA 3 41.70 -37.83 24.68
C TRP WA 3 42.23 -37.11 25.94
N ARG WA 4 43.48 -37.10 26.12
CA ARG WA 4 44.65 -37.65 26.81
C ARG WA 4 44.46 -38.09 28.28
N ARG WA 5 43.99 -37.30 29.26
CA ARG WA 5 43.66 -35.88 29.28
C ARG WA 5 44.59 -35.12 30.23
N LYS WA 6 44.54 -35.52 31.52
CA LYS WA 6 45.34 -34.97 32.61
C LYS WA 6 45.97 -36.06 33.46
N ASN WA 7 45.76 -37.33 33.13
CA ASN WA 7 45.94 -38.43 34.09
C ASN WA 7 47.40 -38.79 34.37
N GLY WA 8 48.29 -37.82 34.23
CA GLY WA 8 49.72 -37.99 34.41
C GLY WA 8 50.49 -37.46 33.22
N ILE WA 9 49.77 -36.88 32.26
CA ILE WA 9 50.36 -36.52 30.99
C ILE WA 9 51.32 -35.37 31.19
N PHE WA 10 52.54 -35.52 30.70
CA PHE WA 10 53.56 -34.48 30.79
C PHE WA 10 54.40 -34.53 29.52
N ASN WA 11 54.01 -33.73 28.55
CA ASN WA 11 54.80 -33.60 27.34
C ASN WA 11 56.05 -32.79 27.65
N THR WA 12 57.18 -33.25 27.13
CA THR WA 12 58.45 -32.62 27.40
C THR WA 12 59.38 -32.88 26.24
N ARG WA 13 60.67 -32.59 26.45
CA ARG WA 13 61.69 -32.68 25.43
C ARG WA 13 62.97 -33.20 26.07
N LEU WA 14 63.74 -33.90 25.26
CA LEU WA 14 65.05 -34.41 25.68
C LEU WA 14 66.00 -34.30 24.50
N SER WA 15 67.28 -34.22 24.82
CA SER WA 15 68.30 -34.01 23.81
C SER WA 15 69.62 -34.56 24.30
N ARG WA 16 70.44 -34.98 23.35
CA ARG WA 16 71.80 -35.40 23.62
C ARG WA 16 72.64 -35.03 22.42
N THR WA 17 73.93 -35.35 22.49
CA THR WA 17 74.87 -34.92 21.48
C THR WA 17 75.97 -35.96 21.32
N ILE WA 18 76.42 -36.13 20.09
CA ILE WA 18 77.46 -37.10 19.75
C ILE WA 18 78.17 -36.66 18.49
N GLY WA 19 79.40 -37.12 18.33
CA GLY WA 19 80.20 -36.84 17.17
C GLY WA 19 80.14 -38.01 16.18
N TYR WA 20 80.13 -37.66 14.90
CA TYR WA 20 80.15 -38.65 13.83
C TYR WA 20 81.16 -38.20 12.80
N THR WA 21 82.05 -39.11 12.41
CA THR WA 21 83.26 -38.79 11.68
C THR WA 21 83.30 -39.63 10.41
N VAL WA 22 83.02 -39.01 9.27
CA VAL WA 22 83.20 -39.62 7.98
C VAL WA 22 84.65 -39.43 7.56
N LYS WA 23 85.35 -40.54 7.36
CA LYS WA 23 86.79 -40.52 7.21
C LYS WA 23 87.18 -40.25 5.76
N LYS WA 24 88.49 -40.06 5.55
CA LYS WA 24 89.04 -39.79 4.24
C LYS WA 24 89.06 -41.05 3.39
N THR WA 25 89.47 -40.88 2.13
CA THR WA 25 89.74 -41.98 1.23
C THR WA 25 90.49 -41.44 0.03
N THR WA 26 91.48 -42.20 -0.43
CA THR WA 26 92.19 -41.84 -1.65
C THR WA 26 91.34 -42.05 -2.89
N VAL WA 27 90.26 -42.84 -2.79
CA VAL WA 27 89.35 -43.01 -3.91
C VAL WA 27 88.80 -41.67 -4.33
N ARG WA 28 88.67 -41.48 -5.65
CA ARG WA 28 88.12 -40.26 -6.22
C ARG WA 28 86.79 -40.47 -6.90
N THR WA 29 86.43 -41.71 -7.22
CA THR WA 29 85.12 -41.96 -7.77
C THR WA 29 84.08 -41.73 -6.67
N PRO WA 30 82.84 -41.41 -7.04
CA PRO WA 30 81.80 -41.21 -6.03
C PRO WA 30 81.58 -42.48 -5.22
N SER WA 31 81.84 -42.38 -3.92
CA SER WA 31 81.64 -43.47 -3.00
C SER WA 31 81.00 -42.94 -1.74
N TRP WA 32 80.09 -43.72 -1.17
CA TRP WA 32 79.28 -43.32 -0.04
C TRP WA 32 79.65 -44.13 1.20
N ASN WA 33 79.34 -43.55 2.35
CA ASN WA 33 79.60 -44.14 3.67
C ASN WA 33 78.27 -44.28 4.37
N VAL WA 34 77.78 -45.50 4.48
CA VAL WA 34 76.45 -45.76 4.98
C VAL WA 34 76.52 -46.10 6.46
N ASP WA 35 75.54 -45.63 7.21
CA ASP WA 35 75.44 -45.91 8.63
C ASP WA 35 74.01 -45.66 9.05
N MET WA 36 73.57 -46.41 10.04
CA MET WA 36 72.22 -46.32 10.58
C MET WA 36 72.21 -45.40 11.79
N MET WA 37 71.08 -45.35 12.48
CA MET WA 37 70.95 -44.54 13.69
C MET WA 37 69.76 -45.05 14.49
N ARG WA 38 70.01 -45.43 15.73
CA ARG WA 38 69.01 -45.96 16.64
C ARG WA 38 68.77 -44.98 17.78
N PHE WA 39 67.57 -45.06 18.35
CA PHE WA 39 67.14 -44.19 19.43
C PHE WA 39 66.67 -45.04 20.59
N ASN WA 40 67.26 -44.81 21.76
CA ASN WA 40 66.88 -45.50 22.98
C ASN WA 40 66.87 -44.49 24.10
N ILE WA 41 65.80 -44.51 24.90
CA ILE WA 41 65.59 -43.45 25.87
C ILE WA 41 66.55 -43.56 27.04
N ASN WA 42 67.17 -44.72 27.25
CA ASN WA 42 68.14 -44.85 28.33
C ASN WA 42 69.33 -43.93 28.12
N ASP WA 43 69.63 -43.58 26.87
CA ASP WA 43 70.69 -42.63 26.58
C ASP WA 43 70.30 -41.19 26.85
N PHE WA 44 69.03 -40.92 27.13
CA PHE WA 44 68.54 -39.60 27.48
C PHE WA 44 68.21 -39.44 28.96
N LEU WA 45 67.57 -40.44 29.55
CA LEU WA 45 67.19 -40.42 30.95
C LEU WA 45 68.23 -41.16 31.77
N PRO WA 46 69.07 -40.48 32.55
CA PRO WA 46 69.98 -41.20 33.42
C PRO WA 46 69.23 -41.80 34.61
N PRO WA 47 69.84 -42.73 35.32
CA PRO WA 47 69.12 -43.39 36.42
C PRO WA 47 69.02 -42.53 37.65
N GLY WA 48 67.91 -42.65 38.35
CA GLY WA 48 67.71 -41.93 39.59
C GLY WA 48 68.38 -42.60 40.75
N GLY WA 49 67.70 -42.63 41.89
CA GLY WA 49 68.25 -43.26 43.07
C GLY WA 49 67.20 -43.56 44.13
N GLY WA 50 67.33 -44.72 44.76
CA GLY WA 50 66.42 -45.11 45.81
C GLY WA 50 65.17 -45.77 45.28
N SER WA 51 64.02 -45.46 45.89
CA SER WA 51 62.77 -46.06 45.46
C SER WA 51 62.37 -45.56 44.08
N ASN WA 52 62.80 -44.35 43.71
CA ASN WA 52 62.55 -43.81 42.39
C ASN WA 52 63.70 -44.23 41.47
N PRO WA 53 63.51 -45.18 40.56
CA PRO WA 53 64.66 -45.70 39.82
C PRO WA 53 65.15 -44.77 38.73
N LEU WA 54 64.23 -44.01 38.14
CA LEU WA 54 64.53 -43.07 37.08
C LEU WA 54 64.64 -41.64 37.63
N THR WA 55 65.13 -40.75 36.77
CA THR WA 55 65.19 -39.34 37.11
C THR WA 55 63.87 -38.62 36.89
N VAL WA 56 63.02 -39.16 36.02
CA VAL WA 56 61.71 -38.60 35.72
C VAL WA 56 60.67 -39.49 36.39
N PRO WA 57 59.84 -38.97 37.30
CA PRO WA 57 58.89 -39.86 37.96
C PRO WA 57 57.64 -40.12 37.15
N PHE WA 58 57.75 -41.05 36.22
CA PHE WA 58 56.62 -41.52 35.43
C PHE WA 58 56.81 -42.97 35.10
N GLU WA 59 55.71 -43.63 34.74
CA GLU WA 59 55.69 -45.06 34.48
C GLU WA 59 55.69 -45.37 32.99
N TYR WA 60 54.76 -44.79 32.25
CA TYR WA 60 54.60 -45.05 30.83
C TYR WA 60 55.22 -43.93 30.02
N TYR WA 61 55.34 -44.18 28.71
CA TYR WA 61 55.85 -43.16 27.81
C TYR WA 61 55.58 -43.59 26.38
N ARG WA 62 55.63 -42.61 25.49
CA ARG WA 62 55.54 -42.86 24.06
C ARG WA 62 56.18 -41.69 23.34
N ILE WA 63 57.06 -42.00 22.40
CA ILE WA 63 57.80 -40.97 21.68
C ILE WA 63 56.94 -40.47 20.53
N ARG WA 64 56.63 -39.17 20.57
CA ARG WA 64 55.82 -38.57 19.53
C ARG WA 64 56.66 -38.27 18.29
N LYS WA 65 57.77 -37.58 18.47
CA LYS WA 65 58.57 -37.10 17.36
C LYS WA 65 60.04 -37.12 17.75
N VAL WA 66 60.88 -37.07 16.73
CA VAL WA 66 62.31 -36.97 16.89
C VAL WA 66 62.82 -35.95 15.88
N LYS WA 67 63.75 -35.11 16.32
CA LYS WA 67 64.36 -34.10 15.48
C LYS WA 67 65.86 -34.32 15.54
N VAL WA 68 66.38 -34.97 14.54
CA VAL WA 68 67.81 -35.11 14.37
C VAL WA 68 68.35 -33.85 13.73
N GLU WA 69 69.59 -33.50 14.07
CA GLU WA 69 70.22 -32.28 13.60
C GLU WA 69 71.69 -32.58 13.35
N PHE WA 70 72.15 -32.31 12.14
CA PHE WA 70 73.53 -32.53 11.76
C PHE WA 70 74.26 -31.19 11.76
N TRP WA 71 74.57 -30.72 12.95
CA TRP WA 71 75.36 -29.52 13.08
C TRP WA 71 76.79 -29.82 12.66
N PRO WA 72 77.28 -29.31 11.54
CA PRO WA 72 78.60 -29.73 11.07
C PRO WA 72 79.71 -29.21 11.94
N CYS WA 73 80.90 -29.71 11.64
CA CYS WA 73 82.13 -29.29 12.27
C CYS WA 73 83.18 -28.84 11.27
N SER WA 74 82.89 -28.91 9.97
CA SER WA 74 83.82 -28.53 8.93
C SER WA 74 83.61 -27.08 8.54
N PRO WA 75 84.62 -26.43 7.96
CA PRO WA 75 84.47 -25.02 7.61
C PRO WA 75 83.78 -24.85 6.27
N ILE WA 76 83.42 -23.59 6.02
CA ILE WA 76 82.79 -23.23 4.76
C ILE WA 76 83.76 -23.40 3.60
N THR WA 77 85.06 -23.23 3.84
CA THR WA 77 86.05 -23.20 2.78
C THR WA 77 86.57 -24.58 2.41
N GLN WA 78 85.83 -25.63 2.73
CA GLN WA 78 86.26 -26.99 2.46
C GLN WA 78 85.85 -27.38 1.05
N GLY WA 79 86.77 -28.06 0.35
CA GLY WA 79 86.56 -28.48 -1.01
C GLY WA 79 86.19 -29.95 -1.11
N ASP WA 80 86.13 -30.41 -2.35
CA ASP WA 80 85.69 -31.76 -2.68
C ASP WA 80 84.36 -32.05 -2.02
N ARG WA 81 83.39 -31.19 -2.33
CA ARG WA 81 82.08 -31.30 -1.72
C ARG WA 81 81.39 -32.56 -2.25
N GLY WA 82 80.19 -32.78 -1.79
CA GLY WA 82 79.47 -33.97 -2.18
C GLY WA 82 77.99 -33.81 -1.95
N VAL WA 83 77.31 -34.95 -1.92
CA VAL WA 83 75.88 -34.97 -1.74
C VAL WA 83 75.49 -36.34 -1.19
N GLY WA 84 74.61 -36.34 -0.20
CA GLY WA 84 74.22 -37.54 0.49
C GLY WA 84 72.72 -37.69 0.57
N SER WA 85 72.24 -38.52 1.50
CA SER WA 85 70.82 -38.76 1.60
C SER WA 85 70.50 -39.35 2.96
N THR WA 86 69.39 -38.90 3.54
CA THR WA 86 68.85 -39.42 4.78
C THR WA 86 67.45 -39.95 4.52
N ALA WA 87 67.17 -41.12 5.09
CA ALA WA 87 65.91 -41.78 4.89
C ALA WA 87 65.42 -42.34 6.22
N VAL WA 88 64.11 -42.54 6.28
CA VAL WA 88 63.43 -42.99 7.47
C VAL WA 88 63.18 -44.49 7.34
N ILE WA 89 63.66 -45.25 8.33
CA ILE WA 89 63.60 -46.69 8.33
C ILE WA 89 62.89 -47.11 9.61
N LEU WA 90 61.67 -47.61 9.48
CA LEU WA 90 60.80 -47.84 10.61
C LEU WA 90 60.69 -49.31 10.99
N ASP WA 91 61.61 -50.16 10.49
CA ASP WA 91 61.47 -51.60 10.64
C ASP WA 91 62.75 -52.30 11.06
N ASP WA 92 63.80 -51.56 11.41
CA ASP WA 92 65.09 -52.14 11.81
C ASP WA 92 65.72 -52.91 10.66
N ASN WA 93 65.37 -52.56 9.42
CA ASN WA 93 65.98 -53.13 8.23
C ASN WA 93 66.71 -52.00 7.55
N PHE WA 94 67.93 -51.79 8.00
CA PHE WA 94 68.79 -50.80 7.40
C PHE WA 94 69.52 -51.43 6.23
N VAL WA 95 70.40 -50.66 5.61
CA VAL WA 95 71.18 -51.08 4.47
C VAL WA 95 72.62 -51.18 4.96
N THR WA 96 73.25 -52.33 4.68
CA THR WA 96 74.43 -52.80 5.40
C THR WA 96 75.50 -51.73 5.56
N LYS WA 97 76.03 -51.66 6.77
CA LYS WA 97 77.05 -50.68 7.11
C LYS WA 97 78.26 -50.86 6.21
N ALA WA 98 78.67 -49.76 5.57
CA ALA WA 98 79.72 -49.80 4.58
C ALA WA 98 80.47 -48.49 4.57
N ASN WA 99 81.79 -48.57 4.44
CA ASN WA 99 82.62 -47.39 4.35
C ASN WA 99 82.71 -46.83 2.95
N ALA WA 100 82.49 -47.64 1.93
CA ALA WA 100 82.61 -47.21 0.54
C ALA WA 100 81.65 -48.04 -0.29
N LEU WA 101 80.62 -47.39 -0.81
CA LEU WA 101 79.64 -48.02 -1.68
C LEU WA 101 79.49 -47.17 -2.92
N THR WA 102 79.41 -47.82 -4.07
CA THR WA 102 79.46 -47.13 -5.35
C THR WA 102 78.18 -46.39 -5.70
N TYR WA 103 77.18 -46.38 -4.81
CA TYR WA 103 75.92 -45.71 -5.11
C TYR WA 103 75.27 -45.29 -3.80
N ASP WA 104 74.32 -44.39 -3.92
CA ASP WA 104 73.55 -43.90 -2.79
C ASP WA 104 72.30 -44.76 -2.64
N PRO WA 105 72.26 -45.70 -1.70
CA PRO WA 105 71.09 -46.59 -1.65
C PRO WA 105 69.84 -45.91 -1.15
N TYR WA 106 69.99 -44.88 -0.32
CA TYR WA 106 68.85 -44.17 0.24
C TYR WA 106 68.39 -43.02 -0.64
N VAL WA 107 68.71 -43.04 -1.94
CA VAL WA 107 68.40 -41.90 -2.79
C VAL WA 107 66.98 -42.00 -3.34
N ASN WA 108 66.56 -43.19 -3.75
CA ASN WA 108 65.23 -43.37 -4.31
C ASN WA 108 64.18 -43.64 -3.25
N TYR WA 109 64.57 -43.77 -1.99
CA TYR WA 109 63.60 -43.93 -0.91
C TYR WA 109 62.65 -42.74 -0.89
N SER WA 110 61.37 -43.05 -0.71
CA SER WA 110 60.36 -42.00 -0.69
C SER WA 110 60.57 -41.03 0.44
N SER WA 111 61.17 -41.48 1.54
CA SER WA 111 61.47 -40.63 2.68
C SER WA 111 62.82 -39.96 2.57
N ARG WA 112 63.34 -39.79 1.36
CA ARG WA 112 64.66 -39.22 1.17
C ARG WA 112 64.60 -37.71 1.26
N HIS WA 113 65.55 -37.15 2.02
CA HIS WA 113 65.76 -35.71 2.09
C HIS WA 113 67.24 -35.49 1.87
N THR WA 114 67.57 -34.72 0.84
CA THR WA 114 68.94 -34.60 0.40
C THR WA 114 69.79 -33.87 1.42
N ILE WA 115 71.05 -34.27 1.50
CA ILE WA 115 72.05 -33.60 2.30
C ILE WA 115 72.98 -32.87 1.35
N THR WA 116 73.28 -31.62 1.67
CA THR WA 116 74.41 -30.92 1.09
C THR WA 116 75.57 -31.07 2.07
N GLN WA 117 76.76 -31.23 1.52
CA GLN WA 117 77.94 -31.53 2.31
C GLN WA 117 79.05 -30.57 1.95
N PRO WA 118 80.05 -30.40 2.84
CA PRO WA 118 80.24 -30.90 4.19
C PRO WA 118 79.97 -29.88 5.29
N PHE WA 119 79.49 -28.69 4.93
CA PHE WA 119 79.37 -27.59 5.87
C PHE WA 119 77.93 -27.15 6.12
N SER WA 120 76.96 -27.90 5.64
CA SER WA 120 75.56 -27.51 5.74
C SER WA 120 74.87 -28.21 6.90
N TYR WA 121 73.73 -27.65 7.27
CA TYR WA 121 72.89 -28.18 8.33
C TYR WA 121 71.73 -28.96 7.72
N HIS WA 122 71.40 -30.08 8.33
CA HIS WA 122 70.31 -30.92 7.87
C HIS WA 122 69.54 -31.47 9.06
N SER WA 123 68.22 -31.44 8.95
CA SER WA 123 67.34 -31.83 10.03
C SER WA 123 66.21 -32.70 9.49
N ARG WA 124 65.74 -33.60 10.34
CA ARG WA 124 64.72 -34.58 9.97
C ARG WA 124 63.77 -34.74 11.15
N TYR WA 125 62.57 -34.23 11.00
CA TYR WA 125 61.55 -34.21 12.05
C TYR WA 125 60.50 -35.24 11.69
N PHE WA 126 60.53 -36.37 12.37
CA PHE WA 126 59.69 -37.51 12.02
C PHE WA 126 59.24 -38.23 13.28
N THR WA 127 58.34 -39.18 13.07
CA THR WA 127 57.82 -40.03 14.13
C THR WA 127 58.52 -41.37 14.08
N PRO WA 128 59.30 -41.77 15.08
CA PRO WA 128 59.88 -43.10 15.08
C PRO WA 128 58.86 -44.13 15.53
N LYS WA 129 59.29 -45.39 15.44
CA LYS WA 129 58.47 -46.51 15.86
C LYS WA 129 59.34 -47.46 16.68
N PRO WA 130 58.76 -48.20 17.60
CA PRO WA 130 59.55 -49.12 18.40
C PRO WA 130 59.73 -50.48 17.73
N VAL WA 131 60.60 -51.27 18.32
CA VAL WA 131 60.93 -52.60 17.82
C VAL WA 131 60.22 -53.57 18.76
N LEU WA 132 59.00 -53.95 18.38
CA LEU WA 132 58.23 -54.91 19.17
C LEU WA 132 58.61 -56.34 18.85
N ASP WA 133 58.78 -56.67 17.58
CA ASP WA 133 59.15 -58.02 17.15
C ASP WA 133 60.16 -57.89 16.02
N ARG WA 134 61.39 -58.34 16.27
CA ARG WA 134 62.42 -58.27 15.25
C ARG WA 134 62.17 -59.27 14.14
N THR WA 135 61.62 -60.44 14.46
CA THR WA 135 61.35 -61.44 13.45
C THR WA 135 60.32 -60.94 12.45
N ILE WA 136 59.28 -60.28 12.95
CA ILE WA 136 58.16 -59.87 12.12
C ILE WA 136 58.31 -58.43 11.66
N ASP WA 137 58.85 -57.58 12.53
CA ASP WA 137 59.13 -56.18 12.22
C ASP WA 137 57.86 -55.46 11.76
N TYR WA 138 56.91 -55.36 12.68
CA TYR WA 138 55.69 -54.63 12.46
C TYR WA 138 55.71 -53.30 13.20
N PHE WA 139 54.89 -52.39 12.71
CA PHE WA 139 54.75 -51.07 13.30
C PHE WA 139 53.46 -50.46 12.81
N GLN WA 140 52.96 -49.52 13.56
CA GLN WA 140 51.67 -48.93 13.26
C GLN WA 140 51.81 -47.57 12.62
N PRO WA 141 50.78 -47.07 11.97
CA PRO WA 141 50.87 -45.75 11.34
C PRO WA 141 51.01 -44.63 12.34
N ASN WA 142 51.06 -43.41 11.82
CA ASN WA 142 51.16 -42.22 12.65
C ASN WA 142 49.75 -41.76 12.99
N ASN WA 143 49.29 -42.11 14.18
CA ASN WA 143 48.04 -41.62 14.71
C ASN WA 143 48.24 -41.34 16.19
N LYS WA 144 48.06 -40.08 16.57
CA LYS WA 144 48.39 -39.67 17.92
C LYS WA 144 47.48 -40.32 18.94
N ARG WA 145 46.17 -40.38 18.67
CA ARG WA 145 45.22 -40.90 19.65
C ARG WA 145 45.53 -42.35 19.99
N ASN WA 146 45.69 -43.18 18.98
CA ASN WA 146 45.81 -44.62 19.17
C ASN WA 146 47.26 -45.10 19.18
N GLN WA 147 48.21 -44.19 19.37
CA GLN WA 147 49.59 -44.60 19.51
C GLN WA 147 49.77 -45.35 20.83
N LEU WA 148 50.69 -46.30 20.82
CA LEU WA 148 50.88 -47.18 21.95
C LEU WA 148 51.60 -46.48 23.07
N TRP WA 149 51.43 -47.03 24.27
CA TRP WA 149 52.17 -46.65 25.45
C TRP WA 149 53.17 -47.75 25.77
N LEU WA 150 54.25 -47.36 26.44
CA LEU WA 150 55.34 -48.27 26.76
C LEU WA 150 55.80 -48.01 28.18
N ARG WA 151 56.04 -49.08 28.90
CA ARG WA 151 56.58 -48.97 30.24
C ARG WA 151 57.97 -48.36 30.19
N LEU WA 152 58.23 -47.45 31.12
CA LEU WA 152 59.52 -46.78 31.20
C LEU WA 152 60.41 -47.63 32.09
N GLN WA 153 61.13 -48.55 31.47
CA GLN WA 153 62.00 -49.44 32.20
C GLN WA 153 63.26 -48.70 32.63
N THR WA 154 64.01 -49.36 33.51
CA THR WA 154 65.18 -48.77 34.13
C THR WA 154 66.44 -48.96 33.30
N THR WA 155 66.64 -50.16 32.75
CA THR WA 155 67.87 -50.51 32.04
C THR WA 155 67.65 -51.19 30.70
N GLY WA 156 66.43 -51.58 30.36
CA GLY WA 156 66.17 -52.37 29.17
C GLY WA 156 65.09 -51.82 28.28
N ASN WA 157 65.05 -50.51 28.12
CA ASN WA 157 64.07 -49.91 27.24
C ASN WA 157 64.31 -50.33 25.80
N VAL WA 158 63.24 -50.35 25.03
CA VAL WA 158 63.28 -50.88 23.68
C VAL WA 158 63.90 -49.85 22.74
N ASP WA 159 64.55 -50.34 21.70
CA ASP WA 159 65.31 -49.52 20.79
C ASP WA 159 64.37 -49.02 19.70
N HIS WA 160 63.94 -47.77 19.84
CA HIS WA 160 63.26 -47.09 18.74
C HIS WA 160 64.19 -46.98 17.54
N VAL WA 161 63.58 -46.70 16.40
CA VAL WA 161 64.26 -46.73 15.11
C VAL WA 161 63.63 -45.66 14.23
N GLY WA 162 64.23 -45.42 13.07
CA GLY WA 162 63.72 -44.38 12.19
C GLY WA 162 64.68 -43.55 11.37
N LEU WA 163 65.97 -43.85 11.29
CA LEU WA 163 66.82 -43.07 10.40
C LEU WA 163 68.02 -43.85 9.92
N GLY WA 164 68.34 -43.64 8.65
CA GLY WA 164 69.57 -44.17 8.06
C GLY WA 164 70.17 -43.14 7.15
N THR WA 165 71.50 -43.17 7.06
CA THR WA 165 72.27 -42.13 6.41
C THR WA 165 73.13 -42.71 5.29
N ALA WA 166 73.55 -41.82 4.40
CA ALA WA 166 74.51 -42.16 3.36
C ALA WA 166 75.23 -40.88 2.98
N PHE WA 167 76.46 -40.72 3.47
CA PHE WA 167 77.27 -39.56 3.20
C PHE WA 167 78.30 -39.88 2.12
N GLU WA 168 78.54 -38.92 1.25
CA GLU WA 168 79.48 -39.11 0.15
C GLU WA 168 80.89 -38.90 0.65
N ASN WA 169 81.76 -39.86 0.40
CA ASN WA 169 83.11 -39.79 0.86
C ASN WA 169 83.84 -38.62 0.21
N SER WA 170 84.93 -38.20 0.87
CA SER WA 170 85.71 -37.07 0.39
C SER WA 170 87.15 -37.26 0.82
N ILE WA 171 88.03 -36.48 0.19
CA ILE WA 171 89.44 -36.54 0.51
C ILE WA 171 89.67 -36.13 1.95
N TYR WA 172 88.92 -35.14 2.42
CA TYR WA 172 89.08 -34.58 3.75
C TYR WA 172 88.08 -35.20 4.69
N ASP WA 173 88.44 -35.21 5.98
CA ASP WA 173 87.51 -35.66 7.00
C ASP WA 173 86.31 -34.74 7.06
N GLN WA 174 85.13 -35.32 7.26
CA GLN WA 174 83.88 -34.60 7.41
C GLN WA 174 83.35 -34.94 8.79
N ASP WA 175 83.79 -34.18 9.79
CA ASP WA 175 83.30 -34.35 11.13
C ASP WA 175 81.96 -33.65 11.28
N TYR WA 176 81.10 -34.25 12.10
CA TYR WA 176 79.78 -33.71 12.37
C TYR WA 176 79.52 -33.74 13.87
N ASN WA 177 78.54 -32.95 14.28
CA ASN WA 177 78.12 -32.85 15.67
C ASN WA 177 76.62 -33.08 15.68
N ILE WA 178 76.24 -34.32 15.89
CA ILE WA 178 74.84 -34.71 15.80
C ILE WA 178 74.14 -34.39 17.11
N ARG WA 179 72.92 -33.90 17.00
CA ARG WA 179 72.05 -33.63 18.13
C ARG WA 179 70.74 -34.37 17.90
N ILE WA 180 70.39 -35.25 18.83
CA ILE WA 180 69.18 -36.05 18.73
C ILE WA 180 68.20 -35.50 19.75
N THR WA 181 67.32 -34.63 19.29
CA THR WA 181 66.25 -34.10 20.12
C THR WA 181 65.05 -35.02 20.04
N MET WA 182 64.45 -35.28 21.20
CA MET WA 182 63.32 -36.20 21.32
C MET WA 182 62.18 -35.49 22.02
N TYR WA 183 60.97 -35.74 21.53
CA TYR WA 183 59.75 -35.15 22.06
C TYR WA 183 58.89 -36.27 22.61
N VAL WA 184 58.91 -36.41 23.93
CA VAL WA 184 58.35 -37.56 24.62
C VAL WA 184 57.07 -37.12 25.30
N GLN WA 185 56.27 -38.11 25.69
CA GLN WA 185 55.00 -37.88 26.36
C GLN WA 185 54.85 -38.96 27.42
N PHE WA 186 55.00 -38.58 28.69
CA PHE WA 186 54.96 -39.51 29.79
C PHE WA 186 53.56 -39.58 30.38
N ARG WA 187 53.40 -40.38 31.43
CA ARG WA 187 52.10 -40.64 32.01
C ARG WA 187 52.28 -41.35 33.35
N GLU WA 188 51.25 -41.25 34.18
CA GLU WA 188 51.17 -41.94 35.47
C GLU WA 188 52.34 -41.56 36.39
N PHE WA 189 52.27 -40.32 36.85
CA PHE WA 189 53.21 -39.78 37.82
C PHE WA 189 53.30 -40.69 39.04
N ASN WA 190 54.44 -41.35 39.22
CA ASN WA 190 54.60 -42.44 40.17
C ASN WA 190 55.69 -42.15 41.18
N LEU WA 191 55.71 -40.95 41.72
CA LEU WA 191 56.75 -40.58 42.66
C LEU WA 191 56.52 -41.25 44.01
N LYS WA 192 57.61 -41.65 44.64
CA LYS WA 192 57.60 -42.18 45.99
C LYS WA 192 58.13 -41.13 46.95
N ASP WA 193 57.72 -41.25 48.22
CA ASP WA 193 58.15 -40.34 49.27
C ASP WA 193 58.34 -41.12 50.56
N PRO WA 194 59.45 -41.82 50.70
CA PRO WA 194 59.76 -42.44 51.97
C PRO WA 194 60.06 -41.39 53.03
N PRO WA 195 60.14 -41.77 54.29
CA PRO WA 195 60.54 -40.80 55.32
C PRO WA 195 62.03 -40.51 55.28
N LEU WA 196 62.52 -39.75 56.25
CA LEU WA 196 63.93 -39.34 56.32
C LEU WA 196 64.30 -38.48 55.13
N TYR XA 1 38.49 -39.18 -21.64
CA TYR XA 1 38.63 -40.38 -22.47
C TYR XA 1 39.80 -41.26 -21.99
N ARG XA 2 39.78 -41.61 -20.70
CA ARG XA 2 40.73 -42.54 -20.07
C ARG XA 2 42.18 -42.15 -20.39
N TRP XA 3 42.76 -41.10 -19.79
CA TRP XA 3 42.44 -40.54 -18.45
C TRP XA 3 42.61 -41.52 -17.27
N ARG XA 4 43.80 -41.82 -16.94
CA ARG XA 4 44.91 -42.79 -16.97
C ARG XA 4 44.54 -44.28 -16.97
N ARG XA 5 43.78 -44.88 -16.03
CA ARG XA 5 43.23 -44.37 -14.78
C ARG XA 5 43.85 -45.12 -13.57
N LYS XA 6 43.63 -46.44 -13.56
CA LYS XA 6 44.13 -47.36 -12.53
C LYS XA 6 44.78 -48.59 -13.15
N ASN XA 7 44.84 -48.70 -14.47
CA ASN XA 7 45.04 -49.98 -15.15
C ASN XA 7 46.47 -50.53 -15.08
N GLY XA 8 47.20 -50.16 -14.04
CA GLY XA 8 48.57 -50.55 -13.83
C GLY XA 8 49.43 -49.32 -13.54
N ILE XA 9 48.81 -48.16 -13.46
CA ILE XA 9 49.55 -46.91 -13.41
C ILE XA 9 50.25 -46.81 -12.07
N PHE XA 10 51.55 -46.52 -12.11
CA PHE XA 10 52.35 -46.37 -10.90
C PHE XA 10 53.39 -45.29 -11.16
N ASN XA 11 53.05 -44.06 -10.81
CA ASN XA 11 54.00 -42.98 -10.90
C ASN XA 11 55.03 -43.12 -9.79
N THR XA 12 56.29 -42.92 -10.13
CA THR XA 12 57.36 -43.09 -9.19
C THR XA 12 58.52 -42.19 -9.60
N ARG XA 13 59.69 -42.43 -8.99
CA ARG XA 13 60.86 -41.61 -9.18
C ARG XA 13 62.08 -42.51 -9.18
N LEU XA 14 63.10 -42.10 -9.92
CA LEU XA 14 64.36 -42.79 -9.99
C LEU XA 14 65.47 -41.76 -10.05
N SER XA 15 66.65 -42.17 -9.59
CA SER XA 15 67.78 -41.26 -9.51
C SER XA 15 69.07 -42.04 -9.57
N ARG XA 16 70.10 -41.39 -10.09
CA ARG XA 16 71.44 -41.93 -10.11
C ARG XA 16 72.41 -40.77 -9.95
N THR XA 17 73.70 -41.09 -9.96
CA THR XA 17 74.72 -40.09 -9.67
C THR XA 17 75.98 -40.42 -10.45
N ILE XA 18 76.66 -39.38 -10.90
CA ILE XA 18 77.89 -39.51 -11.69
C ILE XA 18 78.71 -38.25 -11.51
N GLY XA 19 80.01 -38.40 -11.74
CA GLY XA 19 80.95 -37.28 -11.67
C GLY XA 19 81.25 -36.76 -13.06
N TYR XA 20 81.41 -35.45 -13.15
CA TYR XA 20 81.77 -34.79 -14.39
C TYR XA 20 82.86 -33.78 -14.09
N THR XA 21 83.93 -33.82 -14.87
CA THR XA 21 85.18 -33.15 -14.54
C THR XA 21 85.58 -32.27 -15.71
N VAL XA 22 85.40 -30.96 -15.53
CA VAL XA 22 85.91 -29.98 -16.49
C VAL XA 22 87.35 -29.69 -16.14
N LYS XA 23 88.24 -29.95 -17.07
CA LYS XA 23 89.67 -29.95 -16.79
C LYS XA 23 90.25 -28.54 -16.91
N LYS XA 24 91.51 -28.43 -16.52
CA LYS XA 24 92.24 -27.16 -16.57
C LYS XA 24 92.61 -26.81 -18.00
N THR XA 25 93.19 -25.62 -18.15
CA THR XA 25 93.79 -25.18 -19.39
C THR XA 25 94.64 -23.96 -19.12
N THR XA 26 95.81 -23.90 -19.74
CA THR XA 26 96.65 -22.71 -19.64
C THR XA 26 96.07 -21.53 -20.40
N VAL XA 27 95.14 -21.78 -21.33
CA VAL XA 27 94.47 -20.70 -22.04
C VAL XA 27 93.79 -19.78 -21.04
N ARG XA 28 93.85 -18.48 -21.32
CA ARG XA 28 93.23 -17.47 -20.48
C ARG XA 28 92.08 -16.76 -21.18
N THR XA 29 91.99 -16.84 -22.50
CA THR XA 29 90.85 -16.28 -23.18
C THR XA 29 89.61 -17.11 -22.85
N PRO XA 30 88.42 -16.52 -22.93
CA PRO XA 30 87.21 -17.29 -22.65
C PRO XA 30 87.06 -18.46 -23.62
N SER XA 31 87.08 -19.66 -23.07
CA SER XA 31 86.91 -20.88 -23.83
C SER XA 31 85.97 -21.80 -23.07
N TRP XA 32 85.13 -22.50 -23.82
CA TRP XA 32 84.09 -23.34 -23.26
C TRP XA 32 84.36 -24.81 -23.54
N ASN XA 33 83.77 -25.66 -22.70
CA ASN XA 33 83.90 -27.11 -22.78
C ASN XA 33 82.50 -27.68 -22.97
N VAL XA 34 82.21 -28.14 -24.17
CA VAL XA 34 80.88 -28.55 -24.55
C VAL XA 34 80.75 -30.06 -24.37
N ASP XA 35 79.58 -30.50 -23.92
CA ASP XA 35 79.29 -31.90 -23.75
C ASP XA 35 77.79 -32.06 -23.70
N MET XA 36 77.31 -33.20 -24.17
CA MET XA 36 75.91 -33.53 -24.21
C MET XA 36 75.53 -34.35 -22.98
N MET XA 37 74.31 -34.85 -22.96
CA MET XA 37 73.84 -35.69 -21.86
C MET XA 37 72.63 -36.48 -22.33
N ARG XA 38 72.73 -37.80 -22.23
CA ARG XA 38 71.69 -38.73 -22.65
C ARG XA 38 71.09 -39.43 -21.44
N PHE XA 39 69.84 -39.86 -21.60
CA PHE XA 39 69.10 -40.52 -20.54
C PHE XA 39 68.59 -41.85 -21.07
N ASN XA 40 68.92 -42.92 -20.36
CA ASN XA 40 68.45 -44.26 -20.70
C ASN XA 40 68.08 -44.96 -19.42
N ILE XA 41 66.91 -45.59 -19.41
CA ILE XA 41 66.36 -46.12 -18.18
C ILE XA 41 67.11 -47.36 -17.70
N ASN XA 42 67.88 -48.01 -18.58
CA ASN XA 42 68.65 -49.16 -18.15
C ASN XA 42 69.69 -48.78 -17.12
N ASP XA 43 70.13 -47.53 -17.11
CA ASP XA 43 71.06 -47.05 -16.10
C ASP XA 43 70.39 -46.76 -14.77
N PHE XA 44 69.07 -46.80 -14.70
CA PHE XA 44 68.32 -46.62 -13.47
C PHE XA 44 67.72 -47.91 -12.93
N LEU XA 45 67.16 -48.74 -13.81
CA LEU XA 45 66.54 -50.00 -13.43
C LEU XA 45 67.54 -51.12 -13.62
N PRO XA 46 68.11 -51.71 -12.59
CA PRO XA 46 68.95 -52.87 -12.79
C PRO XA 46 68.12 -54.09 -13.12
N PRO XA 47 68.74 -55.15 -13.62
CA PRO XA 47 67.98 -56.32 -14.06
C PRO XA 47 67.53 -57.17 -12.88
N GLY XA 48 66.34 -57.75 -13.01
CA GLY XA 48 65.82 -58.64 -12.01
C GLY XA 48 66.38 -60.03 -12.11
N GLY XA 49 65.53 -61.03 -11.93
CA GLY XA 49 65.96 -62.40 -12.03
C GLY XA 49 64.82 -63.37 -12.20
N GLY XA 50 65.02 -64.39 -13.04
CA GLY XA 50 64.02 -65.40 -13.27
C GLY XA 50 63.01 -64.99 -14.31
N SER XA 51 61.74 -65.34 -14.08
CA SER XA 51 60.70 -64.99 -15.04
C SER XA 51 60.46 -63.50 -15.09
N ASN XA 52 60.75 -62.79 -14.00
CA ASN XA 52 60.64 -61.34 -13.98
C ASN XA 52 61.98 -60.75 -14.40
N PRO XA 53 62.12 -60.21 -15.60
CA PRO XA 53 63.45 -59.81 -16.07
C PRO XA 53 63.95 -58.53 -15.45
N LEU XA 54 63.03 -57.62 -15.12
CA LEU XA 54 63.36 -56.34 -14.52
C LEU XA 54 63.13 -56.38 -13.01
N THR XA 55 63.60 -55.33 -12.34
CA THR XA 55 63.37 -55.16 -10.92
C THR XA 55 62.00 -54.57 -10.61
N VAL XA 56 61.41 -53.85 -11.56
CA VAL XA 56 60.10 -53.24 -11.42
C VAL XA 56 59.12 -54.07 -12.25
N PRO XA 57 58.08 -54.64 -11.67
CA PRO XA 57 57.18 -55.47 -12.48
C PRO XA 57 56.15 -54.66 -13.24
N PHE XA 58 56.58 -54.12 -14.38
CA PHE XA 58 55.69 -53.43 -15.29
C PHE XA 58 56.18 -53.64 -16.71
N GLU XA 59 55.28 -53.41 -17.66
CA GLU XA 59 55.55 -53.65 -19.07
C GLU XA 59 55.85 -52.36 -19.82
N TYR XA 60 54.98 -51.38 -19.72
CA TYR XA 60 55.11 -50.13 -20.44
C TYR XA 60 55.66 -49.05 -19.53
N TYR XA 61 56.05 -47.94 -20.13
CA TYR XA 61 56.52 -46.79 -19.37
C TYR XA 61 56.59 -45.58 -20.27
N ARG XA 62 56.62 -44.41 -19.64
CA ARG XA 62 56.81 -43.15 -20.33
C ARG XA 62 57.36 -42.15 -19.35
N ILE XA 63 58.43 -41.47 -19.74
CA ILE XA 63 59.10 -40.53 -18.86
C ILE XA 63 58.39 -39.19 -18.93
N ARG XA 64 57.86 -38.76 -17.80
CA ARG XA 64 57.16 -37.49 -17.73
C ARG XA 64 58.13 -36.32 -17.67
N LYS XA 65 59.06 -36.37 -16.72
CA LYS XA 65 59.95 -35.26 -16.45
C LYS XA 65 61.31 -35.78 -16.05
N VAL XA 66 62.30 -34.90 -16.15
CA VAL XA 66 63.66 -35.17 -15.70
C VAL XA 66 64.14 -33.94 -14.96
N LYS XA 67 64.82 -34.15 -13.85
CA LYS XA 67 65.40 -33.09 -13.04
C LYS XA 67 66.88 -33.38 -12.91
N VAL XA 68 67.66 -32.71 -13.72
CA VAL XA 68 69.11 -32.77 -13.60
C VAL XA 68 69.54 -31.80 -12.50
N GLU XA 69 70.62 -32.13 -11.81
CA GLU XA 69 71.12 -31.34 -10.71
C GLU XA 69 72.63 -31.37 -10.73
N PHE XA 70 73.23 -30.19 -10.78
CA PHE XA 70 74.68 -30.06 -10.80
C PHE XA 70 75.16 -29.68 -9.40
N TRP XA 71 75.18 -30.66 -8.53
CA TRP XA 71 75.73 -30.46 -7.20
C TRP XA 71 77.24 -30.33 -7.32
N PRO XA 72 77.83 -29.15 -7.11
CA PRO XA 72 79.26 -28.99 -7.35
C PRO XA 72 80.10 -29.75 -6.36
N CYS XA 73 81.40 -29.77 -6.66
CA CYS XA 73 82.41 -30.34 -5.80
C CYS XA 73 83.53 -29.36 -5.48
N SER XA 74 83.48 -28.16 -6.01
CA SER XA 74 84.50 -27.15 -5.80
C SER XA 74 84.13 -26.27 -4.62
N PRO XA 75 85.09 -25.62 -3.99
CA PRO XA 75 84.78 -24.79 -2.82
C PRO XA 75 84.30 -23.41 -3.22
N ILE XA 76 83.79 -22.70 -2.22
CA ILE XA 76 83.34 -21.34 -2.42
C ILE XA 76 84.50 -20.42 -2.74
N THR XA 77 85.69 -20.72 -2.23
CA THR XA 77 86.83 -19.83 -2.32
C THR XA 77 87.63 -20.02 -3.60
N GLN XA 78 87.03 -20.59 -4.63
CA GLN XA 78 87.72 -20.84 -5.88
C GLN XA 78 87.63 -19.61 -6.78
N GLY XA 79 88.75 -19.30 -7.42
CA GLY XA 79 88.85 -18.15 -8.28
C GLY XA 79 88.75 -18.51 -9.74
N ASP XA 80 88.99 -17.50 -10.58
CA ASP XA 80 88.84 -17.61 -12.03
C ASP XA 80 87.48 -18.18 -12.37
N ARG XA 81 86.46 -17.50 -11.88
CA ARG XA 81 85.09 -17.95 -12.08
C ARG XA 81 84.73 -17.83 -13.55
N GLY XA 82 83.52 -18.20 -13.87
CA GLY XA 82 83.07 -18.16 -15.24
C GLY XA 82 81.58 -18.18 -15.33
N VAL XA 83 81.10 -18.51 -16.53
CA VAL XA 83 79.68 -18.54 -16.79
C VAL XA 83 79.44 -19.47 -17.97
N GLY XA 84 78.42 -20.32 -17.84
CA GLY XA 84 78.12 -21.33 -18.83
C GLY XA 84 76.67 -21.29 -19.26
N SER XA 85 76.19 -22.38 -19.84
CA SER XA 85 74.83 -22.42 -20.34
C SER XA 85 74.38 -23.85 -20.52
N THR XA 86 73.14 -24.11 -20.16
CA THR XA 86 72.48 -25.39 -20.37
C THR XA 86 71.26 -25.19 -21.24
N ALA XA 87 71.08 -26.09 -22.19
CA ALA XA 87 69.99 -25.99 -23.13
C ALA XA 87 69.38 -27.36 -23.34
N VAL XA 88 68.14 -27.35 -23.80
CA VAL XA 88 67.35 -28.56 -23.99
C VAL XA 88 67.38 -28.92 -25.46
N ILE XA 89 67.79 -30.15 -25.74
CA ILE XA 89 67.97 -30.64 -27.11
C ILE XA 89 67.14 -31.90 -27.24
N LEU XA 90 66.07 -31.82 -28.00
CA LEU XA 90 65.06 -32.86 -28.04
C LEU XA 90 65.13 -33.70 -29.31
N ASP XA 91 66.24 -33.63 -30.05
CA ASP XA 91 66.33 -34.23 -31.37
C ASP XA 91 67.63 -35.01 -31.61
N ASP XA 92 68.46 -35.19 -30.59
CA ASP XA 92 69.73 -35.90 -30.73
C ASP XA 92 70.68 -35.16 -31.67
N ASN XA 93 70.49 -33.86 -31.80
CA ASN XA 93 71.37 -32.99 -32.58
C ASN XA 93 72.02 -32.05 -31.60
N PHE XA 94 73.09 -32.53 -30.99
CA PHE XA 94 73.86 -31.71 -30.07
C PHE XA 94 74.88 -30.92 -30.87
N VAL XA 95 75.71 -30.18 -30.17
CA VAL XA 95 76.74 -29.34 -30.76
C VAL XA 95 78.06 -29.98 -30.38
N THR XA 96 78.91 -30.18 -31.39
CA THR XA 96 80.01 -31.13 -31.36
C THR XA 96 80.84 -31.04 -30.08
N LYS XA 97 81.14 -32.20 -29.53
CA LYS XA 97 81.92 -32.29 -28.31
C LYS XA 97 83.27 -31.64 -28.48
N ALA XA 98 83.60 -30.71 -27.58
CA ALA XA 98 84.79 -29.92 -27.71
C ALA XA 98 85.30 -29.54 -26.34
N ASN XA 99 86.62 -29.57 -26.18
CA ASN XA 99 87.25 -29.18 -24.93
C ASN XA 99 87.48 -27.69 -24.83
N ALA XA 100 87.58 -27.00 -25.96
CA ALA XA 100 87.86 -25.56 -25.96
C ALA XA 100 87.21 -24.97 -27.20
N LEU XA 101 86.19 -24.16 -26.98
CA LEU XA 101 85.50 -23.46 -28.05
C LEU XA 101 85.41 -21.99 -27.67
N THR XA 102 85.64 -21.12 -28.66
CA THR XA 102 85.79 -19.70 -28.41
C THR XA 102 84.49 -18.99 -28.11
N TYR XA 103 83.36 -19.70 -28.03
CA TYR XA 103 82.09 -19.07 -27.77
C TYR XA 103 81.16 -20.07 -27.12
N ASP XA 104 80.10 -19.54 -26.52
CA ASP XA 104 79.08 -20.36 -25.88
C ASP XA 104 77.99 -20.65 -26.91
N PRO XA 105 77.94 -21.85 -27.49
CA PRO XA 105 76.95 -22.08 -28.54
C PRO XA 105 75.53 -22.18 -28.02
N TYR XA 106 75.36 -22.62 -26.77
CA TYR XA 106 74.04 -22.78 -26.19
C TYR XA 106 73.56 -21.52 -25.49
N VAL XA 107 74.10 -20.35 -25.85
CA VAL XA 107 73.75 -19.12 -25.14
C VAL XA 107 72.48 -18.50 -25.69
N ASN XA 108 72.34 -18.47 -27.01
CA ASN XA 108 71.18 -17.87 -27.65
C ASN XA 108 70.02 -18.84 -27.79
N TYR XA 109 70.21 -20.11 -27.43
CA TYR XA 109 69.11 -21.06 -27.44
C TYR XA 109 67.99 -20.57 -26.55
N SER XA 110 66.75 -20.72 -27.05
CA SER XA 110 65.60 -20.26 -26.29
C SER XA 110 65.45 -21.01 -24.98
N SER XA 111 65.92 -22.25 -24.93
CA SER XA 111 65.88 -23.06 -23.71
C SER XA 111 67.10 -22.87 -22.84
N ARG XA 112 67.77 -21.73 -22.96
CA ARG XA 112 68.99 -21.50 -22.21
C ARG XA 112 68.68 -21.07 -20.79
N HIS XA 113 69.36 -21.68 -19.85
CA HIS XA 113 69.32 -21.30 -18.44
C HIS XA 113 70.76 -21.17 -17.98
N THR XA 114 71.12 -19.98 -17.53
CA THR XA 114 72.52 -19.67 -17.27
C THR XA 114 73.04 -20.47 -16.08
N ILE XA 115 74.32 -20.81 -16.16
CA ILE XA 115 75.06 -21.43 -15.07
C ILE XA 115 75.99 -20.40 -14.50
N THR XA 116 76.03 -20.30 -13.19
CA THR XA 116 77.10 -19.65 -12.48
C THR XA 116 78.08 -20.72 -12.05
N GLN XA 117 79.37 -20.40 -12.13
CA GLN XA 117 80.43 -21.37 -11.91
C GLN XA 117 81.41 -20.82 -10.89
N PRO XA 118 82.19 -21.69 -10.24
CA PRO XA 118 82.23 -23.15 -10.23
C PRO XA 118 81.61 -23.80 -9.01
N PHE XA 119 81.01 -23.01 -8.13
CA PHE XA 119 80.55 -23.49 -6.83
C PHE XA 119 79.04 -23.42 -6.66
N SER XA 120 78.29 -23.13 -7.71
CA SER XA 120 76.86 -22.94 -7.62
C SER XA 120 76.10 -24.18 -8.04
N TYR XA 121 74.83 -24.22 -7.66
CA TYR XA 121 73.92 -25.30 -7.99
C TYR XA 121 73.03 -24.88 -9.15
N HIS XA 122 72.79 -25.80 -10.07
CA HIS XA 122 71.97 -25.53 -11.23
C HIS XA 122 71.10 -26.75 -11.51
N SER XA 123 69.83 -26.50 -11.81
CA SER XA 123 68.85 -27.55 -12.02
C SER XA 123 67.99 -27.22 -13.23
N ARG XA 124 67.53 -28.27 -13.90
CA ARG XA 124 66.78 -28.16 -15.14
C ARG XA 124 65.68 -29.21 -15.12
N TYR XA 125 64.45 -28.76 -14.95
CA TYR XA 125 63.28 -29.63 -14.82
C TYR XA 125 62.49 -29.53 -16.10
N PHE XA 126 62.59 -30.56 -16.94
CA PHE XA 126 62.02 -30.53 -18.28
C PHE XA 126 61.50 -31.90 -18.65
N THR XA 127 60.82 -31.93 -19.79
CA THR XA 127 60.27 -33.16 -20.35
C THR XA 127 61.18 -33.64 -21.46
N PRO XA 128 61.82 -34.79 -21.34
CA PRO XA 128 62.60 -35.32 -22.45
C PRO XA 128 61.72 -35.98 -23.48
N LYS XA 129 62.35 -36.38 -24.58
CA LYS XA 129 61.68 -37.06 -25.66
C LYS XA 129 62.54 -38.23 -26.09
N PRO XA 130 61.94 -39.29 -26.62
CA PRO XA 130 62.72 -40.44 -27.05
C PRO XA 130 63.23 -40.29 -28.48
N VAL XA 131 64.11 -41.21 -28.84
CA VAL XA 131 64.73 -41.23 -30.16
C VAL XA 131 64.05 -42.36 -30.91
N LEU XA 132 62.99 -42.00 -31.65
CA LEU XA 132 62.27 -42.99 -32.44
C LEU XA 132 62.93 -43.22 -33.79
N ASP XA 133 63.37 -42.15 -34.45
CA ASP XA 133 64.03 -42.26 -35.75
C ASP XA 133 65.18 -41.28 -35.78
N ARG XA 134 66.40 -41.79 -35.85
CA ARG XA 134 67.57 -40.93 -35.89
C ARG XA 134 67.68 -40.19 -37.22
N THR XA 135 67.28 -40.85 -38.31
CA THR XA 135 67.35 -40.21 -39.62
C THR XA 135 66.45 -39.00 -39.68
N ILE XA 136 65.24 -39.12 -39.14
CA ILE XA 136 64.23 -38.09 -39.26
C ILE XA 136 64.22 -37.18 -38.04
N ASP XA 137 64.45 -37.76 -36.87
CA ASP XA 137 64.54 -37.03 -35.61
C ASP XA 137 63.27 -36.22 -35.35
N TYR XA 138 62.18 -36.95 -35.19
CA TYR XA 138 60.90 -36.36 -34.83
C TYR XA 138 60.58 -36.60 -33.37
N PHE XA 139 59.72 -35.74 -32.85
CA PHE XA 139 59.26 -35.83 -31.48
C PHE XA 139 57.98 -35.02 -31.35
N GLN XA 140 57.22 -35.34 -30.34
CA GLN XA 140 55.92 -34.73 -30.17
C GLN XA 140 55.95 -33.68 -29.08
N PRO XA 141 54.97 -32.80 -29.05
CA PRO XA 141 54.94 -31.77 -28.01
C PRO XA 141 54.73 -32.33 -26.62
N ASN XA 142 54.66 -31.44 -25.65
CA ASN XA 142 54.41 -31.82 -24.26
C ASN XA 142 52.91 -31.82 -24.03
N ASN XA 143 52.32 -33.01 -24.08
CA ASN XA 143 50.93 -33.20 -23.73
C ASN XA 143 50.82 -34.50 -22.96
N LYS XA 144 50.37 -34.41 -21.71
CA LYS XA 144 50.39 -35.57 -20.84
C LYS XA 144 49.44 -36.65 -21.32
N ARG XA 145 48.23 -36.27 -21.73
CA ARG XA 145 47.23 -37.27 -22.11
C ARG XA 145 47.71 -38.11 -23.27
N ASN XA 146 48.18 -37.47 -24.34
CA ASN XA 146 48.50 -38.15 -25.58
C ASN XA 146 49.98 -38.48 -25.71
N GLN XA 147 50.72 -38.44 -24.61
CA GLN XA 147 52.11 -38.87 -24.65
C GLN XA 147 52.18 -40.37 -24.89
N LEU XA 148 53.23 -40.78 -25.58
CA LEU XA 148 53.38 -42.16 -26.00
C LEU XA 148 53.77 -43.05 -24.83
N TRP XA 149 53.48 -44.34 -25.00
CA TRP XA 149 53.94 -45.39 -24.12
C TRP XA 149 55.03 -46.17 -24.83
N LEU XA 150 55.90 -46.78 -24.03
CA LEU XA 150 57.05 -47.50 -24.54
C LEU XA 150 57.22 -48.78 -23.75
N ARG XA 151 57.50 -49.86 -24.47
CA ARG XA 151 57.78 -51.13 -23.83
C ARG XA 151 59.04 -51.01 -22.98
N LEU XA 152 58.98 -51.60 -21.79
CA LEU XA 152 60.11 -51.58 -20.87
C LEU XA 152 60.96 -52.80 -21.18
N GLN XA 153 61.91 -52.61 -22.08
CA GLN XA 153 62.78 -53.69 -22.49
C GLN XA 153 63.82 -53.98 -21.41
N THR XA 154 64.50 -55.10 -21.57
CA THR XA 154 65.44 -55.60 -20.58
C THR XA 154 66.84 -55.03 -20.75
N THR XA 155 67.32 -54.95 -21.99
CA THR XA 155 68.69 -54.53 -22.27
C THR XA 155 68.83 -53.48 -23.37
N GLY XA 156 67.76 -53.17 -24.10
CA GLY XA 156 67.84 -52.31 -25.26
C GLY XA 156 66.85 -51.18 -25.26
N ASN XA 157 66.62 -50.57 -24.11
CA ASN XA 157 65.71 -49.44 -24.04
C ASN XA 157 66.28 -48.27 -24.83
N VAL XA 158 65.37 -47.44 -25.32
CA VAL XA 158 65.73 -46.37 -26.22
C VAL XA 158 66.32 -45.21 -25.43
N ASP XA 159 67.22 -44.47 -26.08
CA ASP XA 159 67.98 -43.41 -25.44
C ASP XA 159 67.16 -42.13 -25.51
N HIS XA 160 66.52 -41.78 -24.41
CA HIS XA 160 65.93 -40.46 -24.27
C HIS XA 160 67.01 -39.40 -24.35
N VAL XA 161 66.58 -38.16 -24.58
CA VAL XA 161 67.47 -37.05 -24.86
C VAL XA 161 66.83 -35.80 -24.28
N GLY XA 162 67.56 -34.69 -24.31
CA GLY XA 162 67.05 -33.47 -23.73
C GLY XA 162 67.98 -32.51 -23.01
N LEU XA 163 69.30 -32.68 -23.03
CA LEU XA 163 70.15 -31.67 -22.41
C LEU XA 163 71.53 -31.61 -23.03
N GLY XA 164 72.02 -30.39 -23.17
CA GLY XA 164 73.40 -30.16 -23.58
C GLY XA 164 73.98 -29.02 -22.78
N THR XA 165 75.28 -29.09 -22.56
CA THR XA 165 75.97 -28.21 -21.63
C THR XA 165 77.09 -27.46 -22.33
N ALA XA 166 77.50 -26.36 -21.70
CA ALA XA 166 78.67 -25.60 -22.14
C ALA XA 166 79.22 -24.89 -20.91
N PHE XA 167 80.30 -25.42 -20.37
CA PHE XA 167 80.95 -24.87 -19.20
C PHE XA 167 82.19 -24.08 -19.61
N GLU XA 168 82.42 -22.96 -18.94
CA GLU XA 168 83.54 -22.10 -19.27
C GLU XA 168 84.80 -22.65 -18.60
N ASN XA 169 85.83 -22.82 -19.40
CA ASN XA 169 87.07 -23.39 -18.89
C ASN XA 169 87.70 -22.46 -17.86
N SER XA 170 88.56 -23.04 -17.03
CA SER XA 170 89.21 -22.29 -15.97
C SER XA 170 90.57 -22.91 -15.71
N ILE XA 171 91.41 -22.15 -14.99
CA ILE XA 171 92.74 -22.62 -14.64
C ILE XA 171 92.64 -23.85 -13.76
N TYR XA 172 91.67 -23.87 -12.86
CA TYR XA 172 91.50 -24.93 -11.88
C TYR XA 172 90.46 -25.93 -12.37
N ASP XA 173 90.59 -27.17 -11.91
CA ASP XA 173 89.60 -28.17 -12.20
C ASP XA 173 88.26 -27.79 -11.58
N GLN XA 174 87.19 -28.04 -12.32
CA GLN XA 174 85.82 -27.80 -11.87
C GLN XA 174 85.13 -29.16 -11.87
N ASP XA 175 85.26 -29.86 -10.76
CA ASP XA 175 84.58 -31.14 -10.60
C ASP XA 175 83.14 -30.89 -10.19
N TYR XA 176 82.26 -31.77 -10.66
CA TYR XA 176 80.84 -31.70 -10.37
C TYR XA 176 80.34 -33.08 -9.98
N ASN XA 177 79.18 -33.09 -9.33
CA ASN XA 177 78.53 -34.31 -8.88
C ASN XA 177 77.10 -34.23 -9.42
N ILE XA 178 76.90 -34.81 -10.59
CA ILE XA 178 75.63 -34.72 -11.27
C ILE XA 178 74.67 -35.75 -10.71
N ARG XA 179 73.41 -35.35 -10.56
CA ARG XA 179 72.33 -36.22 -10.14
C ARG XA 179 71.23 -36.13 -11.17
N ILE XA 180 70.88 -37.25 -11.77
CA ILE XA 180 69.85 -37.31 -12.79
C ILE XA 180 68.62 -37.96 -12.18
N THR XA 181 67.70 -37.15 -11.70
CA THR XA 181 66.44 -37.63 -11.18
C THR XA 181 65.44 -37.74 -12.32
N MET XA 182 64.70 -38.84 -12.32
CA MET XA 182 63.75 -39.15 -13.37
C MET XA 182 62.39 -39.44 -12.75
N TYR XA 183 61.34 -38.95 -13.39
CA TYR XA 183 59.96 -39.10 -12.93
C TYR XA 183 59.22 -39.91 -13.98
N VAL XA 184 59.04 -41.19 -13.69
CA VAL XA 184 58.57 -42.17 -14.64
C VAL XA 184 57.13 -42.52 -14.32
N GLN XA 185 56.46 -43.13 -15.28
CA GLN XA 185 55.07 -43.55 -15.12
C GLN XA 185 54.93 -44.89 -15.82
N PHE XA 186 54.79 -45.96 -15.04
CA PHE XA 186 54.72 -47.31 -15.56
C PHE XA 186 53.26 -47.73 -15.75
N ARG XA 187 53.07 -48.96 -16.20
CA ARG XA 187 51.74 -49.45 -16.52
C ARG XA 187 51.80 -50.96 -16.72
N GLU XA 188 50.65 -51.61 -16.59
CA GLU XA 188 50.47 -53.03 -16.84
C GLU XA 188 51.37 -53.89 -15.94
N PHE XA 189 51.02 -53.88 -14.66
CA PHE XA 189 51.68 -54.71 -13.66
C PHE XA 189 51.70 -56.16 -14.10
N ASN XA 190 52.89 -56.68 -14.41
CA ASN XA 190 53.07 -57.96 -15.09
C ASN XA 190 53.91 -58.91 -14.28
N LEU XA 191 53.63 -59.02 -12.99
CA LEU XA 191 54.42 -59.88 -12.13
C LEU XA 191 54.08 -61.34 -12.38
N LYS XA 192 55.10 -62.18 -12.32
CA LYS XA 192 54.95 -63.62 -12.39
C LYS XA 192 55.12 -64.22 -11.00
N ASP XA 193 54.52 -65.39 -10.80
CA ASP XA 193 54.61 -66.12 -9.53
C ASP XA 193 54.69 -67.61 -9.81
N PRO XA 194 55.87 -68.09 -10.18
CA PRO XA 194 56.06 -69.52 -10.28
C PRO XA 194 55.98 -70.18 -8.91
N PRO XA 195 55.92 -71.50 -8.86
CA PRO XA 195 55.97 -72.18 -7.55
C PRO XA 195 57.38 -72.20 -6.98
N LEU XA 196 57.56 -72.90 -5.86
CA LEU XA 196 58.84 -72.98 -5.17
C LEU XA 196 59.27 -71.60 -4.67
N TYR YA 1 -41.68 25.82 33.10
CA TYR YA 1 -41.95 26.48 34.37
C TYR YA 1 -43.38 26.20 34.84
N ARG YA 2 -43.73 24.91 34.93
CA ARG YA 2 -45.00 24.41 35.48
C ARG YA 2 -46.20 25.15 34.85
N TRP YA 3 -46.59 24.87 33.60
CA TRP YA 3 -46.42 23.58 32.87
C TRP YA 3 -47.11 22.37 33.53
N ARG YA 4 -48.37 22.31 33.48
CA ARG YA 4 -49.66 22.50 34.15
C ARG YA 4 -49.71 22.19 35.66
N ARG YA 5 -49.36 21.02 36.22
CA ARG YA 5 -48.98 19.75 35.61
C ARG YA 5 -50.01 18.65 35.94
N LYS YA 6 -50.17 18.40 37.25
CA LYS YA 6 -51.10 17.41 37.81
C LYS YA 6 -51.91 17.99 38.96
N ASN YA 7 -51.72 19.27 39.31
CA ASN YA 7 -52.10 19.78 40.62
C ASN YA 7 -53.60 20.02 40.80
N GLY YA 8 -54.42 19.25 40.09
CA GLY YA 8 -55.85 19.35 40.10
C GLY YA 8 -56.39 19.47 38.69
N ILE YA 9 -55.51 19.39 37.70
CA ILE YA 9 -55.88 19.70 36.33
C ILE YA 9 -56.80 18.61 35.81
N PHE YA 10 -57.94 19.03 35.25
CA PHE YA 10 -58.91 18.10 34.68
C PHE YA 10 -59.54 18.77 33.47
N ASN YA 11 -58.97 18.51 32.31
CA ASN YA 11 -59.55 18.99 31.07
C ASN YA 11 -60.79 18.17 30.76
N THR YA 12 -61.84 18.86 30.34
CA THR YA 12 -63.10 18.20 30.07
C THR YA 12 -63.87 19.02 29.04
N ARG YA 13 -65.14 18.70 28.88
CA ARG YA 13 -66.00 19.29 27.88
C ARG YA 13 -67.39 19.48 28.46
N LEU YA 14 -68.07 20.51 27.98
CA LEU YA 14 -69.43 20.80 28.37
C LEU YA 14 -70.19 21.28 27.15
N SER YA 15 -71.50 21.10 27.17
CA SER YA 15 -72.34 21.42 26.04
C SER YA 15 -73.75 21.71 26.50
N ARG YA 16 -74.42 22.56 25.75
CA ARG YA 16 -75.83 22.85 25.97
C ARG YA 16 -76.45 23.11 24.61
N THR YA 17 -77.75 23.40 24.62
CA THR YA 17 -78.51 23.52 23.38
C THR YA 17 -79.62 24.55 23.56
N ILE YA 18 -79.89 25.29 22.50
CA ILE YA 18 -80.90 26.34 22.51
C ILE YA 18 -81.37 26.57 21.09
N GLY YA 19 -82.59 27.09 20.98
CA GLY YA 19 -83.18 27.42 19.70
C GLY YA 19 -83.03 28.91 19.40
N TYR YA 20 -82.80 29.22 18.13
CA TYR YA 20 -82.71 30.59 17.67
C TYR YA 20 -83.52 30.71 16.40
N THR YA 21 -84.38 31.72 16.35
CA THR YA 21 -85.44 31.83 15.36
C THR YA 21 -85.33 33.17 14.65
N VAL YA 22 -84.86 33.14 13.42
CA VAL YA 22 -84.86 34.32 12.57
C VAL YA 22 -86.21 34.39 11.89
N LYS YA 23 -86.93 35.48 12.12
CA LYS YA 23 -88.33 35.57 11.74
C LYS YA 23 -88.47 36.03 10.30
N LYS YA 24 -89.71 36.00 9.82
CA LYS YA 24 -90.04 36.41 8.46
C LYS YA 24 -90.00 37.93 8.32
N THR YA 25 -90.19 38.38 7.08
CA THR YA 25 -90.37 39.78 6.78
C THR YA 25 -90.90 39.90 5.36
N THR YA 26 -91.85 40.81 5.17
CA THR YA 26 -92.35 41.10 3.83
C THR YA 26 -91.31 41.83 2.99
N VAL YA 27 -90.31 42.45 3.62
CA VAL YA 27 -89.24 43.11 2.87
C VAL YA 27 -88.57 42.11 1.97
N ARG YA 28 -88.22 42.56 0.76
CA ARG YA 28 -87.54 41.75 -0.23
C ARG YA 28 -86.13 42.22 -0.51
N THR YA 29 -85.79 43.45 -0.15
CA THR YA 29 -84.41 43.89 -0.29
C THR YA 29 -83.54 43.14 0.72
N PRO YA 30 -82.25 42.99 0.45
CA PRO YA 30 -81.38 42.30 1.39
C PRO YA 30 -81.34 43.03 2.73
N SER YA 31 -81.81 42.34 3.77
CA SER YA 31 -81.81 42.86 5.12
C SER YA 31 -81.34 41.77 6.06
N TRP YA 32 -80.57 42.17 7.07
CA TRP YA 32 -79.93 41.25 7.99
C TRP YA 32 -80.53 41.38 9.39
N ASN YA 33 -80.37 40.31 10.17
CA ASN YA 33 -80.86 40.22 11.54
C ASN YA 33 -79.66 39.96 12.43
N VAL YA 34 -79.26 40.97 13.17
CA VAL YA 34 -78.03 40.94 13.95
C VAL YA 34 -78.36 40.53 15.38
N ASP YA 35 -77.47 39.74 15.96
CA ASP YA 35 -77.61 39.30 17.35
C ASP YA 35 -76.25 38.84 17.82
N MET YA 36 -76.01 39.02 19.11
CA MET YA 36 -74.77 38.64 19.75
C MET YA 36 -74.90 37.26 20.37
N MET YA 37 -73.89 36.86 21.13
CA MET YA 37 -73.90 35.57 21.81
C MET YA 37 -72.89 35.61 22.93
N ARG YA 38 -73.34 35.35 24.15
CA ARG YA 38 -72.53 35.36 25.35
C ARG YA 38 -72.41 33.95 25.91
N PHE YA 39 -71.33 33.73 26.64
CA PHE YA 39 -71.03 32.43 27.23
C PHE YA 39 -70.79 32.61 28.71
N ASN YA 40 -71.54 31.87 29.53
CA ASN YA 40 -71.39 31.89 30.97
C ASN YA 40 -71.49 30.48 31.47
N ILE YA 41 -70.56 30.07 32.34
CA ILE YA 41 -70.45 28.68 32.72
C ILE YA 41 -71.60 28.25 33.62
N ASN YA 42 -72.30 29.20 34.25
CA ASN YA 42 -73.42 28.82 35.10
C ASN YA 42 -74.52 28.15 34.29
N ASP YA 43 -74.60 28.43 32.99
CA ASP YA 43 -75.55 27.78 32.12
C ASP YA 43 -75.14 26.37 31.74
N PHE YA 44 -73.92 25.96 32.06
CA PHE YA 44 -73.43 24.62 31.81
C PHE YA 44 -73.33 23.77 33.07
N LEU YA 45 -72.83 24.35 34.16
CA LEU YA 45 -72.67 23.66 35.42
C LEU YA 45 -73.87 23.94 36.32
N PRO YA 46 -74.79 23.00 36.54
CA PRO YA 46 -75.85 23.26 37.50
C PRO YA 46 -75.32 23.19 38.91
N PRO YA 47 -76.08 23.69 39.88
CA PRO YA 47 -75.57 23.74 41.26
C PRO YA 47 -75.64 22.39 41.94
N GLY YA 48 -74.65 22.13 42.79
CA GLY YA 48 -74.60 20.90 43.55
C GLY YA 48 -75.49 20.97 44.77
N GLY YA 49 -75.00 20.43 45.88
CA GLY YA 49 -75.75 20.45 47.12
C GLY YA 49 -74.89 20.18 48.33
N GLY YA 50 -75.18 20.90 49.41
CA GLY YA 50 -74.46 20.72 50.66
C GLY YA 50 -73.19 21.52 50.70
N SER YA 51 -72.13 20.92 51.26
CA SER YA 51 -70.86 21.61 51.37
C SER YA 51 -70.22 21.81 50.01
N ASN YA 52 -70.53 20.94 49.04
CA ASN YA 52 -70.05 21.09 47.69
C ASN YA 52 -71.06 21.91 46.91
N PRO YA 53 -70.78 23.18 46.59
CA PRO YA 53 -71.83 24.03 46.02
C PRO YA 53 -72.09 23.74 44.55
N LEU YA 54 -71.06 23.32 43.83
CA LEU YA 54 -71.15 23.00 42.42
C LEU YA 54 -71.26 21.50 42.20
N THR YA 55 -71.56 21.12 40.97
CA THR YA 55 -71.61 19.72 40.57
C THR YA 55 -70.23 19.17 40.26
N VAL YA 56 -69.29 20.02 39.89
CA VAL YA 56 -67.92 19.62 39.59
C VAL YA 56 -67.04 20.06 40.76
N PRO YA 57 -66.34 19.15 41.43
CA PRO YA 57 -65.55 19.59 42.58
C PRO YA 57 -64.20 20.17 42.19
N PHE YA 58 -64.21 21.43 41.81
CA PHE YA 58 -62.99 22.17 41.53
C PHE YA 58 -63.21 23.63 41.90
N GLU YA 59 -62.10 24.34 42.07
CA GLU YA 59 -62.11 25.72 42.52
C GLU YA 59 -61.90 26.70 41.38
N TYR YA 60 -60.84 26.51 40.62
CA TYR YA 60 -60.47 27.42 39.54
C TYR YA 60 -60.90 26.83 38.21
N TYR YA 61 -60.83 27.66 37.17
CA TYR YA 61 -61.14 27.21 35.82
C TYR YA 61 -60.68 28.26 34.83
N ARG YA 62 -60.54 27.82 33.59
CA ARG YA 62 -60.23 28.71 32.48
C ARG YA 62 -60.69 28.05 31.19
N ILE YA 63 -61.42 28.79 30.39
CA ILE YA 63 -61.99 28.25 29.16
C ILE YA 63 -60.95 28.33 28.06
N ARG YA 64 -60.57 27.16 27.54
CA ARG YA 64 -59.59 27.10 26.47
C ARG YA 64 -60.21 27.45 25.13
N LYS YA 65 -61.29 26.79 24.78
CA LYS YA 65 -61.89 26.90 23.46
C LYS YA 65 -63.40 26.79 23.58
N VAL YA 66 -64.07 27.26 22.54
CA VAL YA 66 -65.51 27.14 22.40
C VAL YA 66 -65.80 26.73 20.96
N LYS YA 67 -66.73 25.81 20.80
CA LYS YA 67 -67.17 25.33 19.48
C LYS YA 67 -68.66 25.55 19.40
N VAL YA 68 -69.05 26.61 18.76
CA VAL YA 68 -70.44 26.86 18.45
C VAL YA 68 -70.82 26.06 17.21
N GLU YA 69 -72.08 25.63 17.16
CA GLU YA 69 -72.56 24.81 16.06
C GLU YA 69 -73.98 25.22 15.76
N PHE YA 70 -74.23 25.57 14.50
CA PHE YA 70 -75.55 25.98 14.04
C PHE YA 70 -76.20 24.82 13.30
N TRP YA 71 -76.67 23.86 14.07
CA TRP YA 71 -77.41 22.77 13.48
C TRP YA 71 -78.77 23.28 13.04
N PRO YA 72 -79.05 23.38 11.73
CA PRO YA 72 -80.30 24.00 11.31
C PRO YA 72 -81.51 23.16 11.65
N CYS YA 73 -82.66 23.78 11.42
CA CYS YA 73 -83.96 23.14 11.58
C CYS YA 73 -84.81 23.26 10.32
N SER YA 74 -84.32 23.93 9.29
CA SER YA 74 -85.06 24.13 8.06
C SER YA 74 -84.72 23.02 7.06
N PRO YA 75 -85.59 22.75 6.10
CA PRO YA 75 -85.33 21.67 5.16
C PRO YA 75 -84.42 22.12 4.02
N ILE YA 76 -83.96 21.14 3.27
CA ILE YA 76 -83.13 21.40 2.10
C ILE YA 76 -83.91 22.13 1.03
N THR YA 77 -85.23 21.90 0.95
CA THR YA 77 -86.03 22.40 -0.14
C THR YA 77 -86.56 23.81 0.10
N GLN YA 78 -85.93 24.56 0.99
CA GLN YA 78 -86.38 25.90 1.32
C GLN YA 78 -85.78 26.90 0.36
N GLY YA 79 -86.61 27.85 -0.07
CA GLY YA 79 -86.21 28.86 -1.01
C GLY YA 79 -85.90 30.19 -0.36
N ASP YA 80 -85.68 31.18 -1.20
CA ASP YA 80 -85.27 32.52 -0.78
C ASP YA 80 -84.05 32.41 0.14
N ARG YA 81 -83.01 31.77 -0.38
CA ARG YA 81 -81.83 31.56 0.41
C ARG YA 81 -81.14 32.89 0.66
N GLY YA 82 -80.02 32.83 1.36
CA GLY YA 82 -79.31 34.03 1.69
C GLY YA 82 -77.89 33.75 2.06
N VAL YA 83 -77.27 34.72 2.73
CA VAL YA 83 -75.88 34.60 3.13
C VAL YA 83 -75.66 35.53 4.30
N GLY YA 84 -74.96 35.04 5.31
CA GLY YA 84 -74.73 35.76 6.54
C GLY YA 84 -73.27 35.81 6.91
N SER YA 85 -72.98 36.08 8.18
CA SER YA 85 -71.61 36.21 8.62
C SER YA 85 -71.54 36.07 10.13
N THR YA 86 -70.51 35.37 10.59
CA THR YA 86 -70.19 35.23 12.00
C THR YA 86 -68.80 35.77 12.26
N ALA YA 87 -68.68 36.51 13.35
CA ALA YA 87 -67.42 37.16 13.69
C ALA YA 87 -67.17 37.00 15.18
N VAL YA 88 -65.91 37.12 15.54
CA VAL YA 88 -65.44 36.92 16.90
C VAL YA 88 -65.26 38.30 17.53
N ILE YA 89 -65.92 38.51 18.67
CA ILE YA 89 -65.93 39.79 19.36
C ILE YA 89 -65.46 39.52 20.78
N LEU YA 90 -64.26 39.99 21.10
CA LEU YA 90 -63.58 39.62 22.33
C LEU YA 90 -63.60 40.74 23.37
N ASP YA 91 -64.47 41.74 23.20
CA ASP YA 91 -64.43 42.94 24.02
C ASP YA 91 -65.80 43.39 24.50
N ASP YA 92 -66.86 42.61 24.29
CA ASP YA 92 -68.21 42.97 24.70
C ASP YA 92 -68.70 44.22 23.96
N ASN YA 93 -68.15 44.48 22.79
CA ASN YA 93 -68.58 45.57 21.93
C ASN YA 93 -69.15 44.92 20.69
N PHE YA 94 -70.41 44.54 20.78
CA PHE YA 94 -71.12 43.98 19.65
C PHE YA 94 -71.69 45.12 18.82
N VAL YA 95 -72.42 44.77 17.78
CA VAL YA 95 -73.04 45.70 16.87
C VAL YA 95 -74.53 45.61 17.10
N THR YA 96 -75.17 46.76 17.30
CA THR YA 96 -76.46 46.87 17.96
C THR YA 96 -77.49 45.88 17.43
N LYS YA 97 -78.20 45.26 18.36
CA LYS YA 97 -79.21 44.27 18.02
C LYS YA 97 -80.28 44.88 17.13
N ALA YA 98 -80.52 44.24 16.00
CA ALA YA 98 -81.41 44.78 14.99
C ALA YA 98 -82.08 43.64 14.24
N ASN YA 99 -83.37 43.82 13.94
CA ASN YA 99 -84.11 42.85 13.18
C ASN YA 99 -83.96 43.02 11.68
N ALA YA 100 -83.62 44.22 11.23
CA ALA YA 100 -83.50 44.49 9.80
C ALA YA 100 -82.47 45.59 9.62
N LEU YA 101 -81.33 45.23 9.03
CA LEU YA 101 -80.27 46.17 8.73
C LEU YA 101 -79.88 46.00 7.28
N THR YA 102 -79.65 47.12 6.59
CA THR YA 102 -79.46 47.12 5.15
C THR YA 102 -78.11 46.60 4.71
N TYR YA 103 -77.26 46.14 5.64
CA TYR YA 103 -75.95 45.65 5.26
C TYR YA 103 -75.49 44.64 6.31
N ASP YA 104 -74.48 43.88 5.93
CA ASP YA 104 -73.87 42.89 6.80
C ASP YA 104 -72.71 43.55 7.53
N PRO YA 105 -72.85 43.92 8.80
CA PRO YA 105 -71.76 44.65 9.45
C PRO YA 105 -70.57 43.77 9.77
N TYR YA 106 -70.79 42.48 9.98
CA TYR YA 106 -69.72 41.56 10.31
C TYR YA 106 -69.07 40.94 9.08
N VAL YA 107 -69.19 41.58 7.91
CA VAL YA 107 -68.69 40.98 6.69
C VAL YA 107 -67.21 41.28 6.49
N ASN YA 108 -66.79 42.51 6.75
CA ASN YA 108 -65.41 42.90 6.57
C ASN YA 108 -64.55 42.60 7.78
N TYR YA 109 -65.14 42.12 8.88
CA TYR YA 109 -64.36 41.73 10.03
C TYR YA 109 -63.36 40.65 9.66
N SER YA 110 -62.14 40.79 10.16
CA SER YA 110 -61.09 39.84 9.84
C SER YA 110 -61.43 38.44 10.33
N SER YA 111 -62.21 38.34 11.40
CA SER YA 111 -62.64 37.06 11.94
C SER YA 111 -63.94 36.57 11.31
N ARG YA 112 -64.23 36.99 10.09
CA ARG YA 112 -65.48 36.64 9.45
C ARG YA 112 -65.37 35.26 8.82
N HIS YA 113 -66.38 34.44 9.07
CA HIS YA 113 -66.54 33.14 8.43
C HIS YA 113 -67.95 33.08 7.89
N THR YA 114 -68.08 32.91 6.58
CA THR YA 114 -69.36 33.06 5.92
C THR YA 114 -70.32 31.95 6.33
N ILE YA 115 -71.59 32.31 6.38
CA ILE YA 115 -72.68 31.36 6.59
C ILE YA 115 -73.41 31.20 5.28
N THR YA 116 -73.70 29.96 4.92
CA THR YA 116 -74.68 29.66 3.91
C THR YA 116 -75.98 29.35 4.62
N GLN YA 117 -77.08 29.80 4.04
CA GLN YA 117 -78.39 29.72 4.68
C GLN YA 117 -79.37 29.08 3.74
N PRO YA 118 -80.49 28.53 4.26
CA PRO YA 118 -80.91 28.34 5.65
C PRO YA 118 -80.76 26.91 6.16
N PHE YA 119 -80.18 26.03 5.37
CA PHE YA 119 -80.15 24.60 5.67
C PHE YA 119 -78.75 24.06 5.92
N SER YA 120 -77.75 24.92 6.02
CA SER YA 120 -76.37 24.48 6.13
C SER YA 120 -75.90 24.53 7.58
N TYR YA 121 -74.80 23.83 7.82
CA TYR YA 121 -74.16 23.76 9.12
C TYR YA 121 -72.97 24.70 9.15
N HIS YA 122 -72.78 25.39 10.26
CA HIS YA 122 -71.69 26.32 10.44
C HIS YA 122 -71.14 26.21 11.84
N SER YA 123 -69.82 26.21 11.96
CA SER YA 123 -69.14 26.01 13.22
C SER YA 123 -67.99 26.99 13.34
N ARG YA 124 -67.70 27.36 14.58
CA ARG YA 124 -66.69 28.38 14.89
C ARG YA 124 -65.94 27.94 16.13
N TYR YA 125 -64.71 27.52 15.96
CA TYR YA 125 -63.87 26.98 17.03
C TYR YA 125 -62.82 28.02 17.37
N PHE YA 126 -63.01 28.69 18.49
CA PHE YA 126 -62.18 29.83 18.85
C PHE YA 126 -61.98 29.86 20.36
N THR YA 127 -61.11 30.77 20.77
CA THR YA 127 -60.80 31.00 22.17
C THR YA 127 -61.54 32.22 22.65
N PRO YA 128 -62.48 32.12 23.58
CA PRO YA 128 -63.13 33.31 24.11
C PRO YA 128 -62.26 33.98 25.16
N LYS YA 129 -62.71 35.14 25.60
CA LYS YA 129 -62.04 35.90 26.62
C LYS YA 129 -63.07 36.37 27.63
N PRO YA 130 -62.68 36.58 28.88
CA PRO YA 130 -63.63 37.04 29.89
C PRO YA 130 -63.76 38.55 29.91
N VAL YA 131 -64.75 38.99 30.65
CA VAL YA 131 -65.06 40.40 30.80
C VAL YA 131 -64.56 40.80 32.19
N LEU YA 132 -63.32 41.28 32.24
CA LEU YA 132 -62.73 41.71 33.49
C LEU YA 132 -63.13 43.14 33.83
N ASP YA 133 -63.11 44.04 32.85
CA ASP YA 133 -63.49 45.44 33.06
C ASP YA 133 -64.30 45.89 31.86
N ARG YA 134 -65.58 46.20 32.10
CA ARG YA 134 -66.43 46.66 31.02
C ARG YA 134 -66.07 48.06 30.56
N THR YA 135 -65.63 48.91 31.48
CA THR YA 135 -65.24 50.27 31.12
C THR YA 135 -64.05 50.28 30.18
N ILE YA 136 -63.06 49.43 30.46
CA ILE YA 136 -61.81 49.42 29.74
C ILE YA 136 -61.82 48.38 28.63
N ASP YA 137 -62.45 47.24 28.90
CA ASP YA 137 -62.60 46.16 27.92
C ASP YA 137 -61.24 45.69 27.40
N TYR YA 138 -60.44 45.15 28.31
CA TYR YA 138 -59.16 44.57 27.96
C TYR YA 138 -59.23 43.06 27.97
N PHE YA 139 -58.31 42.46 27.23
CA PHE YA 139 -58.20 41.02 27.16
C PHE YA 139 -56.81 40.68 26.65
N GLN YA 140 -56.39 39.47 26.93
CA GLN YA 140 -55.04 39.06 26.60
C GLN YA 140 -55.01 38.17 25.38
N PRO YA 141 -53.87 38.01 24.75
CA PRO YA 141 -53.80 37.16 23.57
C PRO YA 141 -54.04 35.69 23.88
N ASN YA 142 -53.93 34.87 22.85
CA ASN YA 142 -54.11 33.43 22.99
C ASN YA 142 -52.75 32.83 23.30
N ASN YA 143 -52.50 32.55 24.56
CA ASN YA 143 -51.31 31.83 25.00
C ASN YA 143 -51.73 30.88 26.11
N LYS YA 144 -51.55 29.59 25.87
CA LYS YA 144 -52.06 28.60 26.81
C LYS YA 144 -51.35 28.67 28.14
N ARG YA 145 -50.02 28.81 28.14
CA ARG YA 145 -49.27 28.77 29.39
C ARG YA 145 -49.70 29.89 30.32
N ASN YA 146 -49.74 31.12 29.81
CA ASN YA 146 -49.96 32.29 30.64
C ASN YA 146 -51.41 32.75 30.64
N GLN YA 147 -52.34 31.89 30.21
CA GLN YA 147 -53.74 32.23 30.32
C GLN YA 147 -54.16 32.27 31.78
N LEU YA 148 -55.12 33.14 32.07
CA LEU YA 148 -55.53 33.38 33.44
C LEU YA 148 -56.37 32.24 33.97
N TRP YA 149 -56.41 32.16 35.29
CA TRP YA 149 -57.32 31.29 36.01
C TRP YA 149 -58.41 32.14 36.65
N LEU YA 150 -59.56 31.52 36.87
CA LEU YA 150 -60.72 32.19 37.40
C LEU YA 150 -61.39 31.31 38.43
N ARG YA 151 -61.80 31.91 39.54
CA ARG YA 151 -62.53 31.20 40.55
C ARG YA 151 -63.86 30.72 40.00
N LEU YA 152 -64.22 29.49 40.33
CA LEU YA 152 -65.47 28.89 39.87
C LEU YA 152 -66.53 29.25 40.91
N GLN YA 153 -67.18 30.38 40.69
CA GLN YA 153 -68.21 30.84 41.61
C GLN YA 153 -69.48 30.03 41.44
N THR YA 154 -70.39 30.21 42.37
CA THR YA 154 -71.62 29.44 42.44
C THR YA 154 -72.73 30.03 41.61
N THR YA 155 -72.91 31.36 41.67
CA THR YA 155 -74.02 32.03 41.02
C THR YA 155 -73.64 33.26 40.21
N GLY YA 156 -72.39 33.73 40.30
CA GLY YA 156 -71.99 34.99 39.70
C GLY YA 156 -70.76 34.89 38.83
N ASN YA 157 -70.63 33.81 38.08
CA ASN YA 157 -69.49 33.67 37.19
C ASN YA 157 -69.53 34.73 36.11
N VAL YA 158 -68.35 35.09 35.62
CA VAL YA 158 -68.21 36.19 34.68
C VAL YA 158 -68.62 35.74 33.30
N ASP YA 159 -69.14 36.69 32.52
CA ASP YA 159 -69.70 36.42 31.21
C ASP YA 159 -68.57 36.46 30.19
N HIS YA 160 -68.11 35.28 29.78
CA HIS YA 160 -67.24 35.19 28.62
C HIS YA 160 -67.96 35.69 27.39
N VAL YA 161 -67.17 35.97 26.35
CA VAL YA 161 -67.65 36.62 25.15
C VAL YA 161 -66.83 36.07 23.99
N GLY YA 162 -67.21 36.44 22.77
CA GLY YA 162 -66.54 35.92 21.60
C GLY YA 162 -67.30 35.61 20.33
N LEU YA 163 -68.59 35.95 20.20
CA LEU YA 163 -69.24 35.71 18.92
C LEU YA 163 -70.40 36.66 18.67
N GLY YA 164 -70.51 37.09 17.43
CA GLY YA 164 -71.65 37.87 16.98
C GLY YA 164 -72.05 37.41 15.60
N THR YA 165 -73.35 37.53 15.32
CA THR YA 165 -73.95 36.94 14.14
C THR YA 165 -74.66 38.00 13.31
N ALA YA 166 -74.89 37.65 12.05
CA ALA YA 166 -75.69 38.47 11.16
C ALA YA 166 -76.27 37.54 10.10
N PHE YA 167 -77.55 37.23 10.26
CA PHE YA 167 -78.26 36.34 9.34
C PHE YA 167 -79.12 37.17 8.40
N GLU YA 168 -79.18 36.74 7.15
CA GLU YA 168 -79.94 37.46 6.14
C GLU YA 168 -81.40 37.07 6.25
N ASN YA 169 -82.26 38.08 6.34
CA ASN YA 169 -83.68 37.83 6.49
C ASN YA 169 -84.24 37.13 5.26
N SER YA 170 -85.39 36.48 5.44
CA SER YA 170 -86.02 35.74 4.38
C SER YA 170 -87.52 35.75 4.61
N ILE YA 171 -88.25 35.39 3.56
CA ILE YA 171 -89.71 35.33 3.63
C ILE YA 171 -90.13 34.28 4.66
N TYR YA 172 -89.42 33.17 4.71
CA TYR YA 172 -89.76 32.06 5.57
C TYR YA 172 -88.94 32.11 6.86
N ASP YA 173 -89.49 31.53 7.91
CA ASP YA 173 -88.76 31.41 9.16
C ASP YA 173 -87.53 30.53 8.97
N GLN YA 174 -86.44 30.93 9.60
CA GLN YA 174 -85.19 30.18 9.59
C GLN YA 174 -84.90 29.81 11.04
N ASP YA 175 -85.45 28.69 11.47
CA ASP YA 175 -85.17 28.19 12.79
C ASP YA 175 -83.85 27.45 12.81
N TYR YA 176 -83.15 27.56 13.94
CA TYR YA 176 -81.87 26.92 14.13
C TYR YA 176 -81.85 26.24 15.48
N ASN YA 177 -80.90 25.32 15.63
CA ASN YA 177 -80.71 24.55 16.85
C ASN YA 177 -79.23 24.72 17.21
N ILE YA 178 -78.95 25.69 18.04
CA ILE YA 178 -77.58 26.03 18.37
C ILE YA 178 -77.08 25.10 19.46
N ARG YA 179 -75.83 24.69 19.34
CA ARG YA 179 -75.13 23.89 20.33
C ARG YA 179 -73.85 24.61 20.69
N ILE YA 180 -73.69 24.94 21.96
CA ILE YA 180 -72.52 25.64 22.45
C ILE YA 180 -71.67 24.66 23.24
N THR YA 181 -70.69 24.08 22.57
CA THR YA 181 -69.75 23.20 23.21
C THR YA 181 -68.59 24.00 23.77
N MET YA 182 -68.19 23.67 24.99
CA MET YA 182 -67.15 24.38 25.71
C MET YA 182 -66.10 23.40 26.16
N TYR YA 183 -64.84 23.81 26.05
CA TYR YA 183 -63.69 22.99 26.43
C TYR YA 183 -62.98 23.70 27.57
N VAL YA 184 -63.21 23.19 28.78
CA VAL YA 184 -62.83 23.86 30.01
C VAL YA 184 -61.65 23.12 30.61
N GLN YA 185 -60.97 23.79 31.53
CA GLN YA 185 -59.82 23.23 32.22
C GLN YA 185 -59.88 23.67 33.66
N PHE YA 186 -60.22 22.75 34.55
CA PHE YA 186 -60.39 23.04 35.96
C PHE YA 186 -59.09 22.78 36.73
N ARG YA 187 -59.14 22.98 38.04
CA ARG YA 187 -57.96 22.90 38.88
C ARG YA 187 -58.38 22.89 40.33
N GLU YA 188 -57.50 22.38 41.18
CA GLU YA 188 -57.65 22.37 42.64
C GLU YA 188 -58.92 21.64 43.07
N PHE YA 189 -58.86 20.32 42.90
CA PHE YA 189 -59.92 19.42 43.33
C PHE YA 189 -60.23 19.64 44.80
N ASN YA 190 -61.42 20.17 45.08
CA ASN YA 190 -61.79 20.69 46.40
C ASN YA 190 -63.01 19.99 46.96
N LEU YA 191 -63.04 18.67 46.86
CA LEU YA 191 -64.21 17.93 47.33
C LEU YA 191 -64.22 17.88 48.86
N LYS YA 192 -65.42 17.97 49.42
CA LYS YA 192 -65.64 17.80 50.84
C LYS YA 192 -66.27 16.43 51.09
N ASP YA 193 -66.05 15.92 52.30
CA ASP YA 193 -66.61 14.63 52.73
C ASP YA 193 -67.02 14.72 54.18
N PRO YA 194 -68.18 15.30 54.45
CA PRO YA 194 -68.72 15.25 55.80
C PRO YA 194 -69.12 13.83 56.17
N PRO YA 195 -69.42 13.57 57.43
CA PRO YA 195 -69.93 12.25 57.81
C PRO YA 195 -71.38 12.05 57.39
N LEU YA 196 -71.97 10.94 57.79
CA LEU YA 196 -73.35 10.59 57.44
C LEU YA 196 -73.49 10.41 55.93
N TYR ZA 1 -36.22 46.31 -6.71
CA TYR ZA 1 -36.29 47.75 -6.89
C TYR ZA 1 -37.55 48.34 -6.23
N ARG ZA 2 -37.71 48.04 -4.94
CA ARG ZA 2 -38.78 48.60 -4.09
C ARG ZA 2 -40.16 48.47 -4.77
N TRP ZA 3 -40.78 47.27 -4.82
CA TRP ZA 3 -40.64 46.14 -3.87
C TRP ZA 3 -41.02 46.46 -2.41
N ARG ZA 4 -42.25 46.61 -2.15
CA ARG ZA 4 -43.38 47.52 -1.90
C ARG ZA 4 -43.07 48.82 -1.14
N ARG ZA 5 -42.49 48.88 0.07
CA ARG ZA 5 -42.11 47.83 0.99
C ARG ZA 5 -42.92 47.94 2.32
N LYS ZA 6 -42.77 49.09 2.98
CA LYS ZA 6 -43.44 49.44 4.23
C LYS ZA 6 -44.04 50.84 4.18
N ASN ZA 7 -43.92 51.56 3.07
CA ASN ZA 7 -44.05 53.01 3.05
C ASN ZA 7 -45.49 53.51 3.15
N GLY ZA 8 -46.36 52.73 3.79
CA GLY ZA 8 -47.77 53.01 3.94
C GLY ZA 8 -48.61 51.84 3.50
N ILE ZA 9 -47.96 50.75 3.11
CA ILE ZA 9 -48.65 49.64 2.46
C ILE ZA 9 -49.54 48.95 3.48
N PHE ZA 10 -50.80 48.77 3.11
CA PHE ZA 10 -51.76 48.09 3.98
C PHE ZA 10 -52.71 47.30 3.10
N ASN ZA 11 -52.38 46.04 2.87
CA ASN ZA 11 -53.27 45.16 2.15
C ASN ZA 11 -54.45 44.79 3.03
N THR ZA 12 -55.64 44.83 2.44
CA THR ZA 12 -56.85 44.57 3.19
C THR ZA 12 -57.90 44.02 2.24
N ARG ZA 13 -59.14 43.97 2.71
CA ARG ZA 13 -60.25 43.38 1.99
C ARG ZA 13 -61.49 44.22 2.24
N LEU ZA 14 -62.36 44.24 1.25
CA LEU ZA 14 -63.64 44.92 1.33
C LEU ZA 14 -64.69 44.08 0.63
N SER ZA 15 -65.94 44.27 1.04
CA SER ZA 15 -67.02 43.47 0.53
C SER ZA 15 -68.33 44.24 0.65
N ARG ZA 16 -69.24 43.94 -0.26
CA ARG ZA 16 -70.58 44.47 -0.22
C ARG ZA 16 -71.51 43.41 -0.77
N THR ZA 17 -72.80 43.74 -0.83
CA THR ZA 17 -73.82 42.77 -1.19
C THR ZA 17 -74.96 43.46 -1.89
N ILE ZA 18 -75.54 42.77 -2.87
CA ILE ZA 18 -76.63 43.30 -3.68
C ILE ZA 18 -77.43 42.14 -4.24
N GLY ZA 19 -78.69 42.41 -4.55
CA GLY ZA 19 -79.57 41.44 -5.16
C GLY ZA 19 -79.64 41.64 -6.66
N TYR ZA 20 -79.74 40.53 -7.38
CA TYR ZA 20 -79.90 40.55 -8.82
C TYR ZA 20 -80.97 39.54 -9.19
N THR ZA 21 -81.92 39.98 -10.00
CA THR ZA 21 -83.18 39.28 -10.22
C THR ZA 21 -83.36 39.06 -11.71
N VAL ZA 22 -83.16 37.82 -12.15
CA VAL ZA 22 -83.49 37.43 -13.51
C VAL ZA 22 -84.96 37.05 -13.55
N LYS ZA 23 -85.72 37.75 -14.38
CA LYS ZA 23 -87.17 37.67 -14.34
C LYS ZA 23 -87.67 36.51 -15.19
N LYS ZA 24 -88.97 36.27 -15.09
CA LYS ZA 24 -89.63 35.21 -15.83
C LYS ZA 24 -89.77 35.57 -17.30
N THR ZA 25 -90.29 34.61 -18.07
CA THR ZA 25 -90.68 34.83 -19.45
C THR ZA 25 -91.51 33.65 -19.90
N THR ZA 26 -92.57 33.93 -20.65
CA THR ZA 26 -93.37 32.87 -21.24
C THR ZA 26 -92.64 32.16 -22.37
N VAL ZA 27 -91.59 32.78 -22.93
CA VAL ZA 27 -90.79 32.14 -23.95
C VAL ZA 27 -90.22 30.84 -23.42
N ARG ZA 28 -90.19 29.82 -24.27
CA ARG ZA 28 -89.66 28.52 -23.93
C ARG ZA 28 -88.39 28.18 -24.70
N THR ZA 29 -88.12 28.86 -25.80
CA THR ZA 29 -86.87 28.65 -26.49
C THR ZA 29 -85.73 29.18 -25.62
N PRO ZA 30 -84.52 28.66 -25.80
CA PRO ZA 30 -83.39 29.16 -25.01
C PRO ZA 30 -83.14 30.64 -25.29
N SER ZA 31 -83.29 31.45 -24.24
CA SER ZA 31 -83.06 32.87 -24.31
C SER ZA 31 -82.28 33.30 -23.08
N TRP ZA 32 -81.37 34.23 -23.28
CA TRP ZA 32 -80.45 34.68 -22.25
C TRP ZA 32 -80.73 36.12 -21.84
N ASN ZA 33 -80.30 36.45 -20.63
CA ASN ZA 33 -80.47 37.78 -20.04
C ASN ZA 33 -79.09 38.32 -19.73
N VAL ZA 34 -78.64 39.28 -20.52
CA VAL ZA 34 -77.28 39.78 -20.46
C VAL ZA 34 -77.24 41.02 -19.58
N ASP ZA 35 -76.17 41.14 -18.81
CA ASP ZA 35 -75.96 42.30 -17.96
C ASP ZA 35 -74.48 42.36 -17.62
N MET ZA 36 -74.00 43.57 -17.42
CA MET ZA 36 -72.61 43.83 -17.09
C MET ZA 36 -72.45 43.96 -15.59
N MET ZA 37 -71.27 44.35 -15.15
CA MET ZA 37 -70.99 44.55 -13.74
C MET ZA 37 -69.76 45.45 -13.60
N ARG ZA 38 -69.92 46.56 -12.91
CA ARG ZA 38 -68.86 47.53 -12.69
C ARG ZA 38 -68.49 47.57 -11.22
N PHE ZA 39 -67.24 47.98 -10.97
CA PHE ZA 39 -66.69 48.04 -9.62
C PHE ZA 39 -66.15 49.44 -9.38
N ASN ZA 40 -66.63 50.07 -8.31
CA ASN ZA 40 -66.17 51.39 -7.92
C ASN ZA 40 -66.01 51.39 -6.41
N ILE ZA 41 -64.88 51.91 -5.95
CA ILE ZA 41 -64.54 51.77 -4.53
C ILE ZA 41 -65.40 52.66 -3.66
N ASN ZA 42 -66.05 53.67 -4.22
CA ASN ZA 42 -66.93 54.53 -3.42
C ASN ZA 42 -68.09 53.74 -2.85
N ASP ZA 43 -68.48 52.65 -3.50
CA ASP ZA 43 -69.53 51.78 -2.98
C ASP ZA 43 -69.05 50.89 -1.85
N PHE ZA 44 -67.75 50.85 -1.59
CA PHE ZA 44 -67.17 50.07 -0.48
C PHE ZA 44 -66.72 50.94 0.67
N LEU ZA 45 -66.07 52.07 0.37
CA LEU ZA 45 -65.56 52.97 1.38
C LEU ZA 45 -66.56 54.10 1.60
N PRO ZA 46 -67.30 54.15 2.70
CA PRO ZA 46 -68.15 55.30 2.95
C PRO ZA 46 -67.33 56.50 3.34
N PRO ZA 47 -67.91 57.69 3.31
CA PRO ZA 47 -67.13 58.91 3.60
C PRO ZA 47 -66.90 59.09 5.09
N GLY ZA 48 -65.73 59.62 5.41
CA GLY ZA 48 -65.39 59.91 6.78
C GLY ZA 48 -65.98 61.21 7.26
N GLY ZA 49 -65.20 61.97 8.02
CA GLY ZA 49 -65.67 63.25 8.51
C GLY ZA 49 -64.55 64.15 8.99
N GLY ZA 50 -64.68 65.44 8.69
CA GLY ZA 50 -63.68 66.41 9.12
C GLY ZA 50 -62.52 66.51 8.17
N SER ZA 51 -61.31 66.65 8.71
CA SER ZA 51 -60.13 66.76 7.88
C SER ZA 51 -59.83 65.46 7.17
N ASN ZA 52 -60.24 64.33 7.74
CA ASN ZA 52 -60.08 63.03 7.10
C ASN ZA 52 -61.32 62.76 6.26
N PRO ZA 53 -61.27 62.85 4.93
CA PRO ZA 53 -62.50 62.78 4.14
C PRO ZA 53 -63.03 61.36 4.00
N LEU ZA 54 -62.14 60.38 4.00
CA LEU ZA 54 -62.50 58.98 3.88
C LEU ZA 54 -62.49 58.30 5.25
N THR ZA 55 -63.02 57.07 5.27
CA THR ZA 55 -62.99 56.25 6.46
C THR ZA 55 -61.66 55.54 6.65
N VAL ZA 56 -60.92 55.32 5.57
CA VAL ZA 56 -59.61 54.68 5.61
C VAL ZA 56 -58.56 55.76 5.41
N PRO ZA 57 -57.64 55.95 6.35
CA PRO ZA 57 -56.67 57.04 6.16
C PRO ZA 57 -55.50 56.64 5.27
N PHE ZA 58 -55.74 56.71 3.96
CA PHE ZA 58 -54.69 56.50 2.98
C PHE ZA 58 -54.98 57.37 1.77
N GLU ZA 59 -53.95 57.57 0.96
CA GLU ZA 59 -54.00 58.46 -0.20
C GLU ZA 59 -54.16 57.69 -1.50
N TYR ZA 60 -53.27 56.74 -1.74
CA TYR ZA 60 -53.24 55.98 -2.97
C TYR ZA 60 -53.88 54.61 -2.76
N TYR ZA 61 -54.13 53.94 -3.88
CA TYR ZA 61 -54.68 52.58 -3.82
C TYR ZA 61 -54.55 51.93 -5.18
N ARG ZA 62 -54.64 50.60 -5.17
CA ARG ZA 62 -54.67 49.83 -6.40
C ARG ZA 62 -55.33 48.50 -6.10
N ILE ZA 63 -56.29 48.13 -6.92
CA ILE ZA 63 -57.06 46.90 -6.68
C ILE ZA 63 -56.29 45.74 -7.27
N ARG ZA 64 -55.91 44.80 -6.41
CA ARG ZA 64 -55.18 43.62 -6.84
C ARG ZA 64 -56.11 42.61 -7.48
N LYS ZA 65 -57.17 42.23 -6.77
CA LYS ZA 65 -58.04 41.16 -7.18
C LYS ZA 65 -59.46 41.48 -6.79
N VAL ZA 66 -60.39 40.78 -7.43
CA VAL ZA 66 -61.81 40.85 -7.11
C VAL ZA 66 -62.35 39.44 -7.12
N LYS ZA 67 -63.20 39.13 -6.15
CA LYS ZA 67 -63.85 37.83 -6.03
C LYS ZA 67 -65.34 38.09 -5.99
N VAL ZA 68 -65.97 37.90 -7.13
CA VAL ZA 68 -67.42 37.94 -7.21
C VAL ZA 68 -67.96 36.59 -6.77
N GLU ZA 69 -69.14 36.60 -6.18
CA GLU ZA 69 -69.77 35.40 -5.66
C GLU ZA 69 -71.26 35.49 -5.89
N PHE ZA 70 -71.81 34.49 -6.57
CA PHE ZA 70 -73.23 34.42 -6.86
C PHE ZA 70 -73.90 33.46 -5.89
N TRP ZA 71 -74.09 33.91 -4.68
CA TRP ZA 71 -74.81 33.14 -3.70
C TRP ZA 71 -76.28 33.13 -4.08
N PRO ZA 72 -76.84 32.01 -4.53
CA PRO ZA 72 -78.21 32.04 -5.03
C PRO ZA 72 -79.23 32.28 -3.93
N CYS ZA 73 -80.46 32.47 -4.38
CA CYS ZA 73 -81.61 32.61 -3.52
C CYS ZA 73 -82.73 31.64 -3.86
N SER ZA 74 -82.56 30.81 -4.89
CA SER ZA 74 -83.56 29.87 -5.31
C SER ZA 74 -83.33 28.52 -4.65
N PRO ZA 75 -84.35 27.68 -4.54
CA PRO ZA 75 -84.17 26.40 -3.87
C PRO ZA 75 -83.59 25.35 -4.79
N ILE ZA 76 -83.20 24.24 -4.18
CA ILE ZA 76 -82.67 23.11 -4.93
C ILE ZA 76 -83.74 22.49 -5.80
N THR ZA 77 -85.01 22.56 -5.39
CA THR ZA 77 -86.08 21.86 -6.06
C THR ZA 77 -86.69 22.64 -7.20
N GLN ZA 78 -85.97 23.62 -7.74
CA GLN ZA 78 -86.48 24.45 -8.82
C GLN ZA 78 -86.22 23.79 -10.16
N GLY ZA 79 -87.22 23.85 -11.03
CA GLY ZA 79 -87.14 23.23 -12.33
C GLY ZA 79 -86.85 24.24 -13.43
N ASP ZA 80 -86.92 23.76 -14.66
CA ASP ZA 80 -86.57 24.52 -15.85
C ASP ZA 80 -85.19 25.14 -15.68
N ARG ZA 81 -84.22 24.26 -15.42
CA ARG ZA 81 -82.87 24.72 -15.19
C ARG ZA 81 -82.29 25.28 -16.47
N GLY ZA 82 -81.06 25.72 -16.40
CA GLY ZA 82 -80.42 26.31 -17.54
C GLY ZA 82 -78.93 26.31 -17.40
N VAL ZA 83 -78.30 27.16 -18.21
CA VAL ZA 83 -76.85 27.25 -18.22
C VAL ZA 83 -76.49 28.62 -18.78
N GLY ZA 84 -75.53 29.26 -18.12
CA GLY ZA 84 -75.12 30.62 -18.45
C GLY ZA 84 -73.63 30.73 -18.64
N SER ZA 85 -73.11 31.94 -18.55
CA SER ZA 85 -71.68 32.16 -18.78
C SER ZA 85 -71.27 33.50 -18.19
N THR ZA 86 -70.10 33.52 -17.57
CA THR ZA 86 -69.48 34.72 -17.06
C THR ZA 86 -68.13 34.91 -17.73
N ALA ZA 87 -67.85 36.14 -18.11
CA ALA ZA 87 -66.63 36.47 -18.83
C ALA ZA 87 -66.05 37.75 -18.27
N VAL ZA 88 -64.76 37.91 -18.49
CA VAL ZA 88 -63.99 39.04 -17.97
C VAL ZA 88 -63.83 40.05 -19.09
N ILE ZA 89 -64.24 41.28 -18.83
CA ILE ZA 89 -64.24 42.36 -19.81
C ILE ZA 89 -63.44 43.50 -19.21
N LEU ZA 90 -62.26 43.76 -19.76
CA LEU ZA 90 -61.30 44.66 -19.15
C LEU ZA 90 -61.22 46.00 -19.87
N ASP ZA 91 -62.21 46.31 -20.72
CA ASP ZA 91 -62.12 47.47 -21.59
C ASP ZA 91 -63.40 48.32 -21.63
N ASP ZA 92 -64.38 48.03 -20.78
CA ASP ZA 92 -65.65 48.76 -20.75
C ASP ZA 92 -66.41 48.58 -22.06
N ASN ZA 93 -66.16 47.48 -22.76
CA ASN ZA 93 -66.88 47.13 -23.98
C ASN ZA 93 -67.63 45.85 -23.65
N PHE ZA 94 -68.80 46.03 -23.06
CA PHE ZA 94 -69.67 44.91 -22.76
C PHE ZA 94 -70.52 44.62 -23.97
N VAL ZA 95 -71.42 43.66 -23.83
CA VAL ZA 95 -72.31 43.23 -24.88
C VAL ZA 95 -73.70 43.66 -24.45
N THR ZA 96 -74.40 44.35 -25.37
CA THR ZA 96 -75.53 45.21 -25.05
C THR ZA 96 -76.53 44.56 -24.12
N LYS ZA 97 -76.96 45.33 -23.13
CA LYS ZA 97 -77.90 44.87 -22.13
C LYS ZA 97 -79.19 44.42 -22.79
N ALA ZA 98 -79.61 43.20 -22.48
CA ALA ZA 98 -80.75 42.60 -23.15
C ALA ZA 98 -81.44 41.63 -22.20
N ASN ZA 99 -82.76 41.64 -22.24
CA ASN ZA 99 -83.56 40.73 -21.43
C ASN ZA 99 -83.74 39.37 -22.08
N ALA ZA 100 -83.64 39.29 -23.40
CA ALA ZA 100 -83.86 38.05 -24.11
C ALA ZA 100 -83.02 38.07 -25.37
N LEU ZA 101 -82.01 37.21 -25.42
CA LEU ZA 101 -81.15 37.07 -26.57
C LEU ZA 101 -81.06 35.60 -26.93
N THR ZA 102 -81.11 35.31 -28.22
CA THR ZA 102 -81.24 33.94 -28.70
C THR ZA 102 -79.96 33.13 -28.58
N TYR ZA 103 -78.89 33.68 -28.01
CA TYR ZA 103 -77.65 32.95 -27.90
C TYR ZA 103 -76.87 33.50 -26.71
N ASP ZA 104 -75.88 32.72 -26.29
CA ASP ZA 104 -75.00 33.10 -25.20
C ASP ZA 104 -73.78 33.80 -25.78
N PRO ZA 105 -73.70 35.13 -25.73
CA PRO ZA 105 -72.57 35.79 -26.39
C PRO ZA 105 -71.26 35.59 -25.68
N TYR ZA 106 -71.28 35.38 -24.37
CA TYR ZA 106 -70.07 35.20 -23.59
C TYR ZA 106 -69.64 33.75 -23.50
N VAL ZA 107 -70.08 32.90 -24.44
CA VAL ZA 107 -69.79 31.47 -24.33
C VAL ZA 107 -68.44 31.14 -24.93
N ASN ZA 108 -68.10 31.73 -26.07
CA ASN ZA 108 -66.83 31.46 -26.73
C ASN ZA 108 -65.71 32.33 -26.23
N TYR ZA 109 -65.99 33.29 -25.35
CA TYR ZA 109 -64.94 34.10 -24.76
C TYR ZA 109 -63.94 33.21 -24.04
N SER ZA 110 -62.66 33.53 -24.23
CA SER ZA 110 -61.61 32.74 -23.61
C SER ZA 110 -61.67 32.78 -22.10
N SER ZA 111 -62.20 33.86 -21.54
CA SER ZA 111 -62.36 34.00 -20.10
C SER ZA 111 -63.70 33.47 -19.62
N ARG ZA 112 -64.30 32.54 -20.33
CA ARG ZA 112 -65.61 32.04 -19.98
C ARG ZA 112 -65.49 30.98 -18.90
N HIS ZA 113 -66.33 31.10 -17.88
CA HIS ZA 113 -66.47 30.09 -16.85
C HIS ZA 113 -67.96 29.81 -16.70
N THR ZA 114 -68.34 28.58 -16.92
CA THR ZA 114 -69.74 28.23 -17.05
C THR ZA 114 -70.47 28.40 -15.72
N ILE ZA 115 -71.74 28.78 -15.81
CA ILE ZA 115 -72.64 28.84 -14.69
C ILE ZA 115 -73.61 27.69 -14.81
N THR ZA 116 -73.83 26.99 -13.71
CA THR ZA 116 -74.97 26.12 -13.56
C THR ZA 116 -76.06 26.90 -12.83
N GLN ZA 117 -77.29 26.69 -13.24
CA GLN ZA 117 -78.41 27.48 -12.75
C GLN ZA 117 -79.50 26.56 -12.26
N PRO ZA 118 -80.41 27.05 -11.40
CA PRO ZA 118 -80.51 28.34 -10.72
C PRO ZA 118 -80.10 28.32 -9.26
N PHE ZA 119 -79.60 27.17 -8.77
CA PHE ZA 119 -79.36 26.97 -7.35
C PHE ZA 119 -77.88 26.79 -7.00
N SER ZA 120 -76.99 27.00 -7.95
CA SER ZA 120 -75.57 26.72 -7.75
C SER ZA 120 -74.81 28.01 -7.43
N TYR ZA 121 -73.62 27.82 -6.89
CA TYR ZA 121 -72.71 28.89 -6.53
C TYR ZA 121 -71.64 29.02 -7.61
N HIS ZA 122 -71.30 30.27 -7.94
CA HIS ZA 122 -70.31 30.54 -8.95
C HIS ZA 122 -69.46 31.72 -8.50
N SER ZA 123 -68.15 31.59 -8.70
CA SER ZA 123 -67.19 32.59 -8.25
C SER ZA 123 -66.16 32.83 -9.32
N ARG ZA 124 -65.64 34.06 -9.35
CA ARG ZA 124 -64.71 34.51 -10.37
C ARG ZA 124 -63.67 35.40 -9.71
N TYR ZA 125 -62.45 34.88 -9.59
CA TYR ZA 125 -61.36 35.55 -8.89
C TYR ZA 125 -60.38 36.03 -9.94
N PHE ZA 126 -60.40 37.34 -10.20
CA PHE ZA 126 -59.64 37.90 -11.29
C PHE ZA 126 -59.11 39.28 -10.90
N THR ZA 127 -58.28 39.82 -11.78
CA THR ZA 127 -57.70 41.14 -11.62
C THR ZA 127 -58.46 42.13 -12.48
N PRO ZA 128 -59.15 43.11 -11.93
CA PRO ZA 128 -59.80 44.11 -12.77
C PRO ZA 128 -58.79 45.15 -13.23
N LYS ZA 129 -59.28 46.04 -14.09
CA LYS ZA 129 -58.48 47.13 -14.62
C LYS ZA 129 -59.31 48.39 -14.57
N PRO ZA 130 -58.68 49.55 -14.44
CA PRO ZA 130 -59.43 50.80 -14.40
C PRO ZA 130 -59.71 51.35 -15.79
N VAL ZA 131 -60.57 52.37 -15.80
CA VAL ZA 131 -60.99 53.03 -17.02
C VAL ZA 131 -60.24 54.35 -17.06
N LEU ZA 132 -59.08 54.35 -17.70
CA LEU ZA 132 -58.29 55.56 -17.83
C LEU ZA 132 -58.76 56.42 -18.99
N ASP ZA 133 -59.05 55.81 -20.14
CA ASP ZA 133 -59.52 56.53 -21.31
C ASP ZA 133 -60.61 55.71 -21.96
N ARG ZA 134 -61.83 56.25 -21.97
CA ARG ZA 134 -62.95 55.55 -22.58
C ARG ZA 134 -62.84 55.53 -24.10
N THR ZA 135 -62.31 56.60 -24.68
CA THR ZA 135 -62.16 56.65 -26.13
C THR ZA 135 -61.21 55.58 -26.63
N ILE ZA 136 -60.11 55.39 -25.92
CA ILE ZA 136 -59.04 54.51 -26.35
C ILE ZA 136 -59.17 53.13 -25.71
N ASP ZA 137 -59.59 53.10 -24.46
CA ASP ZA 137 -59.85 51.87 -23.72
C ASP ZA 137 -58.60 50.98 -23.68
N TYR ZA 138 -57.56 51.52 -23.03
CA TYR ZA 138 -56.33 50.78 -22.82
C TYR ZA 138 -56.24 50.30 -21.38
N PHE ZA 139 -55.43 49.26 -21.21
CA PHE ZA 139 -55.18 48.68 -19.90
C PHE ZA 139 -53.91 47.87 -19.98
N GLN ZA 140 -53.31 47.65 -18.84
CA GLN ZA 140 -52.03 46.98 -18.79
C GLN ZA 140 -52.17 45.54 -18.34
N PRO ZA 141 -51.18 44.71 -18.58
CA PRO ZA 141 -51.28 43.32 -18.15
C PRO ZA 141 -51.28 43.16 -16.64
N ASN ZA 142 -51.32 41.91 -16.21
CA ASN ZA 142 -51.30 41.59 -14.79
C ASN ZA 142 -49.84 41.44 -14.36
N ASN ZA 143 -49.30 42.48 -13.76
CA ASN ZA 143 -47.98 42.44 -13.15
C ASN ZA 143 -48.03 43.22 -11.86
N LYS ZA 144 -47.76 42.54 -10.75
CA LYS ZA 144 -47.95 43.15 -9.45
C LYS ZA 144 -46.99 44.30 -9.22
N ARG ZA 145 -45.72 44.12 -9.58
CA ARG ZA 145 -44.72 45.14 -9.30
C ARG ZA 145 -45.05 46.44 -9.99
N ASN ZA 146 -45.33 46.39 -11.29
CA ASN ZA 146 -45.50 47.59 -12.10
C ASN ZA 146 -46.95 47.99 -12.27
N GLN ZA 147 -47.85 47.47 -11.44
CA GLN ZA 147 -49.23 47.92 -11.47
C GLN ZA 147 -49.32 49.36 -10.99
N LEU ZA 148 -50.29 50.08 -11.56
CA LEU ZA 148 -50.40 51.49 -11.30
C LEU ZA 148 -51.00 51.75 -9.91
N TRP ZA 149 -50.73 52.95 -9.43
CA TRP ZA 149 -51.37 53.48 -8.24
C TRP ZA 149 -52.38 54.54 -8.64
N LEU ZA 150 -53.37 54.73 -7.79
CA LEU ZA 150 -54.46 55.65 -8.06
C LEU ZA 150 -54.80 56.42 -6.80
N ARG ZA 151 -55.01 57.71 -6.96
CA ARG ZA 151 -55.43 58.54 -5.85
C ARG ZA 151 -56.79 58.09 -5.35
N LEU ZA 152 -56.93 58.05 -4.03
CA LEU ZA 152 -58.18 57.64 -3.40
C LEU ZA 152 -59.02 58.89 -3.23
N GLN ZA 153 -59.83 59.18 -4.24
CA GLN ZA 153 -60.67 60.36 -4.22
C GLN ZA 153 -61.86 60.14 -3.29
N THR ZA 154 -62.55 61.23 -3.01
CA THR ZA 154 -63.64 61.23 -2.05
C THR ZA 154 -64.97 60.86 -2.68
N THR ZA 155 -65.28 61.39 -3.86
CA THR ZA 155 -66.57 61.20 -4.51
C THR ZA 155 -66.50 60.80 -5.97
N GLY ZA 156 -65.33 60.82 -6.59
CA GLY ZA 156 -65.21 60.61 -8.02
C GLY ZA 156 -64.19 59.58 -8.42
N ASN ZA 157 -64.11 58.50 -7.66
CA ASN ZA 157 -63.17 57.43 -7.99
C ASN ZA 157 -63.57 56.79 -9.31
N VAL ZA 158 -62.57 56.26 -9.99
CA VAL ZA 158 -62.75 55.74 -11.34
C VAL ZA 158 -63.40 54.37 -11.28
N ASP ZA 159 -64.17 54.06 -12.32
CA ASP ZA 159 -64.97 52.85 -12.37
C ASP ZA 159 -64.11 51.72 -12.92
N HIS ZA 160 -63.62 50.87 -12.02
CA HIS ZA 160 -63.00 49.63 -12.44
C HIS ZA 160 -64.03 48.76 -13.16
N VAL ZA 161 -63.52 47.77 -13.88
CA VAL ZA 161 -64.31 46.95 -14.77
C VAL ZA 161 -63.71 45.55 -14.76
N GLY ZA 162 -64.39 44.60 -15.41
CA GLY ZA 162 -63.93 43.24 -15.40
C GLY ZA 162 -64.91 42.09 -15.37
N LEU ZA 163 -66.22 42.29 -15.50
CA LEU ZA 163 -67.11 41.14 -15.56
C LEU ZA 163 -68.39 41.43 -16.32
N GLY ZA 164 -68.81 40.43 -17.09
CA GLY ZA 164 -70.09 40.47 -17.76
C GLY ZA 164 -70.74 39.11 -17.68
N THR ZA 165 -72.06 39.11 -17.65
CA THR ZA 165 -72.85 37.92 -17.36
C THR ZA 165 -73.83 37.63 -18.48
N ALA ZA 166 -74.28 36.38 -18.50
CA ALA ZA 166 -75.34 35.96 -19.41
C ALA ZA 166 -76.04 34.78 -18.77
N PHE ZA 167 -77.21 35.02 -18.20
CA PHE ZA 167 -78.01 34.00 -17.53
C PHE ZA 167 -79.12 33.56 -18.45
N GLU ZA 168 -79.41 32.26 -18.42
CA GLU ZA 168 -80.45 31.69 -19.27
C GLU ZA 168 -81.80 31.91 -18.62
N ASN ZA 169 -82.72 32.48 -19.39
CA ASN ZA 169 -84.03 32.78 -18.86
C ASN ZA 169 -84.77 31.49 -18.49
N SER ZA 170 -85.77 31.64 -17.63
CA SER ZA 170 -86.54 30.51 -17.14
C SER ZA 170 -87.95 30.98 -16.82
N ILE ZA 171 -88.84 30.01 -16.68
CA ILE ZA 171 -90.23 30.31 -16.35
C ILE ZA 171 -90.31 30.98 -15.00
N TYR ZA 172 -89.48 30.53 -14.05
CA TYR ZA 172 -89.50 31.02 -12.69
C TYR ZA 172 -88.44 32.08 -12.49
N ASP ZA 173 -88.68 32.97 -11.53
CA ASP ZA 173 -87.70 33.96 -11.16
C ASP ZA 173 -86.45 33.27 -10.61
N GLN ZA 174 -85.30 33.81 -10.97
CA GLN ZA 174 -84.00 33.34 -10.50
C GLN ZA 174 -83.37 34.50 -9.75
N ASP ZA 175 -83.69 34.62 -8.47
CA ASP ZA 175 -83.08 35.64 -7.64
C ASP ZA 175 -81.72 35.19 -7.19
N TYR ZA 176 -80.81 36.15 -7.06
CA TYR ZA 176 -79.45 35.89 -6.62
C TYR ZA 176 -79.06 36.91 -5.57
N ASN ZA 177 -78.01 36.58 -4.83
CA ASN ZA 177 -77.48 37.41 -3.77
C ASN ZA 177 -75.98 37.56 -4.06
N ILE ZA 178 -75.63 38.61 -4.77
CA ILE ZA 178 -74.28 38.80 -5.23
C ILE ZA 178 -73.45 39.41 -4.11
N ARG ZA 179 -72.22 38.94 -3.98
CA ARG ZA 179 -71.24 39.48 -3.04
C ARG ZA 179 -69.99 39.83 -3.84
N ILE ZA 180 -69.60 41.10 -3.77
CA ILE ZA 180 -68.44 41.59 -4.49
C ILE ZA 180 -67.35 41.85 -3.48
N THR ZA 181 -66.47 40.86 -3.30
CA THR ZA 181 -65.32 41.01 -2.44
C THR ZA 181 -64.16 41.59 -3.22
N MET ZA 182 -63.48 42.55 -2.61
CA MET ZA 182 -62.38 43.28 -3.23
C MET ZA 182 -61.15 43.20 -2.35
N TYR ZA 183 -60.00 43.02 -2.99
CA TYR ZA 183 -58.72 42.90 -2.32
C TYR ZA 183 -57.86 44.08 -2.74
N VAL ZA 184 -57.77 45.06 -1.85
CA VAL ZA 184 -57.20 46.36 -2.18
C VAL ZA 184 -55.85 46.47 -1.50
N GLN ZA 185 -55.07 47.43 -1.96
CA GLN ZA 185 -53.74 47.68 -1.43
C GLN ZA 185 -53.53 49.18 -1.38
N PHE ZA 186 -53.57 49.75 -0.18
CA PHE ZA 186 -53.46 51.19 0.01
C PHE ZA 186 -52.01 51.60 0.26
N ARG ZA 187 -51.80 52.89 0.48
CA ARG ZA 187 -50.46 53.43 0.62
C ARG ZA 187 -50.55 54.86 1.14
N GLU ZA 188 -49.45 55.32 1.72
CA GLU ZA 188 -49.30 56.69 2.21
C GLU ZA 188 -50.35 57.06 3.25
N PHE ZA 189 -50.19 56.44 4.42
CA PHE ZA 189 -51.02 56.73 5.58
C PHE ZA 189 -51.03 58.21 5.87
N ASN ZA 190 -52.18 58.85 5.67
CA ASN ZA 190 -52.31 60.30 5.66
C ASN ZA 190 -53.30 60.80 6.68
N LEU ZA 191 -53.21 60.28 7.90
CA LEU ZA 191 -54.15 60.67 8.93
C LEU ZA 191 -53.84 62.05 9.45
N LYS ZA 192 -54.88 62.81 9.75
CA LYS ZA 192 -54.78 64.10 10.39
C LYS ZA 192 -55.18 63.99 11.86
N ASP ZA 193 -54.66 64.90 12.66
CA ASP ZA 193 -54.96 64.95 14.10
C ASP ZA 193 -55.06 66.40 14.54
N PRO ZA 194 -56.18 67.05 14.27
CA PRO ZA 194 -56.41 68.37 14.83
C PRO ZA 194 -56.57 68.30 16.33
N PRO ZA 195 -56.56 69.44 17.02
CA PRO ZA 195 -56.83 69.43 18.46
C PRO ZA 195 -58.30 69.22 18.76
N LEU ZA 196 -58.67 69.32 20.04
CA LEU ZA 196 -60.04 69.10 20.49
C LEU ZA 196 -60.48 67.68 20.22
N TYR AB 1 -41.67 15.30 -39.14
CA TYR AB 1 -41.93 15.64 -40.54
C TYR AB 1 -43.08 16.65 -40.67
N ARG AB 2 -42.94 17.77 -39.97
CA ARG AB 2 -43.85 18.93 -40.04
C ARG AB 2 -45.32 18.49 -39.89
N TRP AB 3 -45.81 18.14 -38.67
CA TRP AB 3 -45.33 18.62 -37.34
C TRP AB 3 -45.44 20.15 -37.14
N ARG AB 4 -46.59 20.64 -36.99
CA ARG AB 4 -47.72 21.36 -37.56
C ARG AB 4 -47.41 22.46 -38.60
N ARG AB 5 -46.60 23.50 -38.38
CA ARG AB 5 -45.91 23.95 -37.19
C ARG AB 5 -46.42 25.33 -36.75
N LYS AB 6 -46.26 26.32 -37.65
CA LYS AB 6 -46.68 27.70 -37.47
C LYS AB 6 -47.43 28.22 -38.69
N ASN AB 7 -47.62 27.42 -39.73
CA ASN AB 7 -47.92 27.91 -41.07
C ASN AB 7 -49.36 28.40 -41.25
N GLY AB 8 -49.97 28.88 -40.17
CA GLY AB 8 -51.34 29.35 -40.15
C GLY AB 8 -52.12 28.69 -39.04
N ILE AB 9 -51.46 27.86 -38.25
CA ILE AB 9 -52.14 27.00 -37.30
C ILE AB 9 -52.71 27.86 -36.19
N PHE AB 10 -53.99 27.67 -35.91
CA PHE AB 10 -54.67 28.40 -34.84
C PHE AB 10 -55.70 27.48 -34.21
N ASN AB 11 -55.28 26.79 -33.15
CA ASN AB 11 -56.20 25.97 -32.40
C ASN AB 11 -57.12 26.87 -31.59
N THR AB 12 -58.40 26.53 -31.59
CA THR AB 12 -59.39 27.34 -30.90
C THR AB 12 -60.55 26.45 -30.49
N ARG AB 13 -61.65 27.08 -30.10
CA ARG AB 13 -62.82 26.40 -29.58
C ARG AB 13 -64.05 27.11 -30.07
N LEU AB 14 -65.12 26.34 -30.24
CA LEU AB 14 -66.41 26.87 -30.64
C LEU AB 14 -67.49 26.11 -29.88
N SER AB 15 -68.64 26.76 -29.71
CA SER AB 15 -69.71 26.19 -28.93
C SER AB 15 -71.04 26.79 -29.38
N ARG AB 16 -72.08 25.99 -29.23
CA ARG AB 16 -73.44 26.44 -29.48
C ARG AB 16 -74.34 25.73 -28.50
N THR AB 17 -75.64 26.00 -28.60
CA THR AB 17 -76.60 25.51 -27.62
C THR AB 17 -77.93 25.27 -28.28
N ILE AB 18 -78.63 24.22 -27.85
CA ILE AB 18 -79.92 23.84 -28.40
C ILE AB 18 -80.69 23.06 -27.35
N GLY AB 19 -82.00 23.07 -27.48
CA GLY AB 19 -82.88 22.34 -26.60
C GLY AB 19 -83.31 21.03 -27.24
N TYR AB 20 -83.43 20.00 -26.40
CA TYR AB 20 -83.88 18.69 -26.83
C TYR AB 20 -84.90 18.19 -25.82
N THR AB 21 -86.05 17.75 -26.32
CA THR AB 21 -87.23 17.53 -25.51
C THR AB 21 -87.71 16.09 -25.72
N VAL AB 22 -87.47 15.24 -24.74
CA VAL AB 22 -88.03 13.90 -24.73
C VAL AB 22 -89.43 13.98 -24.14
N LYS AB 23 -90.42 13.57 -24.92
CA LYS AB 23 -91.81 13.82 -24.57
C LYS AB 23 -92.35 12.72 -23.66
N LYS AB 24 -93.57 12.95 -23.19
CA LYS AB 24 -94.25 12.03 -22.30
C LYS AB 24 -94.74 10.81 -23.07
N THR AB 25 -95.29 9.86 -22.31
CA THR AB 25 -96.00 8.72 -22.88
C THR AB 25 -96.77 8.04 -21.77
N THR AB 26 -98.00 7.62 -22.07
CA THR AB 26 -98.78 6.85 -21.13
C THR AB 26 -98.23 5.44 -20.94
N VAL AB 27 -97.41 4.96 -21.86
CA VAL AB 27 -96.77 3.66 -21.72
C VAL AB 27 -95.96 3.63 -20.44
N ARG AB 28 -96.02 2.48 -19.75
CA ARG AB 28 -95.28 2.27 -18.52
C ARG AB 28 -94.17 1.24 -18.65
N THR AB 29 -94.22 0.41 -19.68
CA THR AB 29 -93.13 -0.51 -19.90
C THR AB 29 -91.90 0.27 -20.33
N PRO AB 30 -90.69 -0.26 -20.11
CA PRO AB 30 -89.49 0.45 -20.54
C PRO AB 30 -89.47 0.65 -22.04
N SER AB 31 -89.49 1.91 -22.45
CA SER AB 31 -89.43 2.28 -23.86
C SER AB 31 -88.45 3.43 -24.01
N TRP AB 32 -87.71 3.41 -25.11
CA TRP AB 32 -86.64 4.37 -25.37
C TRP AB 32 -87.00 5.27 -26.54
N ASN AB 33 -86.35 6.43 -26.55
CA ASN AB 33 -86.54 7.45 -27.58
C ASN AB 33 -85.19 7.70 -28.23
N VAL AB 34 -85.04 7.20 -29.45
CA VAL AB 34 -83.75 7.21 -30.13
C VAL AB 34 -83.66 8.43 -31.03
N ASP AB 35 -82.47 9.01 -31.10
CA ASP AB 35 -82.21 10.15 -31.95
C ASP AB 35 -80.72 10.24 -32.17
N MET AB 36 -80.34 10.74 -33.32
CA MET AB 36 -78.94 10.89 -33.70
C MET AB 36 -78.48 12.31 -33.40
N MET AB 37 -77.28 12.66 -33.84
CA MET AB 37 -76.74 13.99 -33.64
C MET AB 37 -75.62 14.21 -34.63
N ARG AB 38 -75.74 15.26 -35.45
CA ARG AB 38 -74.78 15.61 -36.47
C ARG AB 38 -74.09 16.92 -36.11
N PHE AB 39 -72.88 17.08 -36.64
CA PHE AB 39 -72.06 18.26 -36.38
C PHE AB 39 -71.64 18.86 -37.71
N ASN AB 40 -71.94 20.14 -37.89
CA ASN AB 40 -71.56 20.87 -39.08
C ASN AB 40 -71.08 22.24 -38.65
N ILE AB 41 -69.93 22.67 -39.18
CA ILE AB 41 -69.30 23.87 -38.69
C ILE AB 41 -70.05 25.13 -39.10
N ASN AB 42 -70.90 25.05 -40.12
CA ASN AB 42 -71.67 26.22 -40.50
C ASN AB 42 -72.60 26.69 -39.40
N ASP AB 43 -72.99 25.78 -38.50
CA ASP AB 43 -73.81 26.14 -37.36
C ASP AB 43 -73.00 26.80 -36.25
N PHE AB 44 -71.68 26.82 -36.35
CA PHE AB 44 -70.81 27.49 -35.40
C PHE AB 44 -70.21 28.78 -35.94
N LEU AB 45 -69.76 28.78 -37.19
CA LEU AB 45 -69.15 29.93 -37.81
C LEU AB 45 -70.20 30.67 -38.63
N PRO AB 46 -70.69 31.83 -38.21
CA PRO AB 46 -71.59 32.58 -39.06
C PRO AB 46 -70.83 33.23 -40.22
N PRO AB 47 -71.54 33.69 -41.24
CA PRO AB 47 -70.85 34.23 -42.42
C PRO AB 47 -70.32 35.63 -42.17
N GLY AB 48 -69.17 35.91 -42.77
CA GLY AB 48 -68.58 37.23 -42.68
C GLY AB 48 -69.20 38.20 -43.65
N GLY AB 49 -68.38 39.03 -44.27
CA GLY AB 49 -68.85 39.99 -45.23
C GLY AB 49 -67.77 40.55 -46.12
N GLY AB 50 -68.09 40.74 -47.39
CA GLY AB 50 -67.15 41.29 -48.34
C GLY AB 50 -66.23 40.25 -48.93
N SER AB 51 -64.97 40.60 -49.10
CA SER AB 51 -64.00 39.67 -49.67
C SER AB 51 -63.72 38.52 -48.72
N ASN AB 52 -63.87 38.74 -47.41
CA ASN AB 52 -63.72 37.69 -46.43
C ASN AB 52 -65.08 37.02 -46.21
N PRO AB 53 -65.30 35.80 -46.72
CA PRO AB 53 -66.66 35.25 -46.67
C PRO AB 53 -67.05 34.74 -45.30
N LEU AB 54 -66.08 34.26 -44.54
CA LEU AB 54 -66.30 33.74 -43.20
C LEU AB 54 -65.92 34.78 -42.15
N THR AB 55 -66.30 34.47 -40.90
CA THR AB 55 -65.93 35.31 -39.78
C THR AB 55 -64.52 35.02 -39.27
N VAL AB 56 -64.01 33.83 -39.54
CA VAL AB 56 -62.66 33.43 -39.15
C VAL AB 56 -61.81 33.43 -40.40
N PRO AB 57 -60.72 34.21 -40.46
CA PRO AB 57 -59.94 34.23 -41.70
C PRO AB 57 -58.96 33.08 -41.81
N PHE AB 58 -59.47 31.93 -42.23
CA PHE AB 58 -58.65 30.77 -42.51
C PHE AB 58 -59.28 29.99 -43.64
N GLU AB 59 -58.47 29.14 -44.27
CA GLU AB 59 -58.88 28.37 -45.44
C GLU AB 59 -59.20 26.94 -45.10
N TYR AB 60 -58.29 26.25 -44.43
CA TYR AB 60 -58.45 24.84 -44.10
C TYR AB 60 -58.88 24.68 -42.65
N TYR AB 61 -59.29 23.48 -42.30
CA TYR AB 61 -59.65 23.16 -40.94
C TYR AB 61 -59.76 21.66 -40.76
N ARG AB 62 -59.69 21.24 -39.51
CA ARG AB 62 -59.91 19.85 -39.15
C ARG AB 62 -60.32 19.79 -37.70
N ILE AB 63 -61.40 19.07 -37.43
CA ILE AB 63 -61.96 18.99 -36.08
C ILE AB 63 -61.21 17.94 -35.30
N ARG AB 64 -60.55 18.36 -34.23
CA ARG AB 64 -59.80 17.44 -33.39
C ARG AB 64 -60.73 16.67 -32.47
N LYS AB 65 -61.57 17.37 -31.73
CA LYS AB 65 -62.39 16.77 -30.69
C LYS AB 65 -63.72 17.49 -30.62
N VAL AB 66 -64.68 16.82 -30.00
CA VAL AB 66 -66.00 17.37 -29.72
C VAL AB 66 -66.37 16.97 -28.31
N LYS AB 67 -66.94 17.92 -27.57
CA LYS AB 67 -67.42 17.70 -26.22
C LYS AB 67 -68.89 18.06 -26.18
N VAL AB 68 -69.72 17.07 -26.25
CA VAL AB 68 -71.15 17.24 -26.06
C VAL AB 68 -71.43 17.28 -24.57
N GLU AB 69 -72.46 18.03 -24.19
CA GLU AB 69 -72.82 18.22 -22.80
C GLU AB 69 -74.32 18.28 -22.70
N PHE AB 70 -74.89 17.41 -21.87
CA PHE AB 70 -76.33 17.35 -21.66
C PHE AB 70 -76.66 18.04 -20.34
N TRP AB 71 -76.64 19.35 -20.37
CA TRP AB 71 -77.04 20.12 -19.21
C TRP AB 71 -78.56 20.00 -19.06
N PRO AB 72 -79.07 19.31 -18.05
CA PRO AB 72 -80.51 19.08 -18.00
C PRO AB 72 -81.29 20.35 -17.71
N CYS AB 73 -82.60 20.20 -17.82
CA CYS AB 73 -83.55 21.24 -17.49
C CYS AB 73 -84.59 20.78 -16.48
N SER AB 74 -84.56 19.53 -16.05
CA SER AB 74 -85.52 18.98 -15.13
C SER AB 74 -85.00 19.10 -13.71
N PRO AB 75 -85.88 19.10 -12.71
CA PRO AB 75 -85.43 19.27 -11.33
C PRO AB 75 -84.95 17.95 -10.74
N ILE AB 76 -84.31 18.09 -9.57
CA ILE AB 76 -83.84 16.93 -8.83
C ILE AB 76 -85.00 16.08 -8.33
N THR AB 77 -86.14 16.70 -8.06
CA THR AB 77 -87.26 16.03 -7.42
C THR AB 77 -88.17 15.33 -8.40
N GLN AB 78 -87.70 15.03 -9.60
CA GLN AB 78 -88.52 14.40 -10.62
C GLN AB 78 -88.48 12.89 -10.46
N GLY AB 79 -89.64 12.27 -10.61
CA GLY AB 79 -89.78 10.84 -10.45
C GLY AB 79 -89.84 10.12 -11.78
N ASP AB 80 -90.12 8.82 -11.69
CA ASP AB 80 -90.11 7.92 -12.83
C ASP AB 80 -88.81 8.05 -13.60
N ARG AB 81 -87.72 7.84 -12.87
CA ARG AB 81 -86.40 7.98 -13.45
C ARG AB 81 -86.17 6.88 -14.48
N GLY AB 82 -85.00 6.90 -15.08
CA GLY AB 82 -84.70 5.93 -16.09
C GLY AB 82 -83.22 5.81 -16.31
N VAL AB 83 -82.88 5.24 -17.46
CA VAL AB 83 -81.48 5.02 -17.80
C VAL AB 83 -81.39 4.90 -19.31
N GLY AB 84 -80.40 5.56 -19.89
CA GLY AB 84 -80.21 5.64 -21.32
C GLY AB 84 -78.82 5.25 -21.74
N SER AB 85 -78.43 5.65 -22.95
CA SER AB 85 -77.12 5.28 -23.47
C SER AB 85 -76.74 6.20 -24.61
N THR AB 86 -75.48 6.59 -24.64
CA THR AB 86 -74.90 7.36 -25.71
C THR AB 86 -73.76 6.58 -26.33
N ALA AB 87 -73.70 6.60 -27.64
CA ALA AB 87 -72.71 5.83 -28.38
C ALA AB 87 -72.16 6.68 -29.51
N VAL AB 88 -70.97 6.32 -29.95
CA VAL AB 88 -70.24 7.05 -30.98
C VAL AB 88 -70.43 6.32 -32.30
N ILE AB 89 -70.90 7.05 -33.30
CA ILE AB 89 -71.23 6.50 -34.61
C ILE AB 89 -70.46 7.30 -35.63
N LEU AB 90 -69.46 6.68 -36.24
CA LEU AB 90 -68.49 7.38 -37.07
C LEU AB 90 -68.72 7.15 -38.56
N ASP AB 91 -69.90 6.65 -38.94
CA ASP AB 91 -70.13 6.21 -40.32
C ASP AB 91 -71.47 6.66 -40.89
N ASP AB 92 -72.20 7.53 -40.19
CA ASP AB 92 -73.50 7.99 -40.65
C ASP AB 92 -74.52 6.86 -40.74
N ASN AB 93 -74.29 5.79 -39.98
CA ASN AB 93 -75.21 4.67 -39.89
C ASN AB 93 -75.73 4.67 -38.47
N PHE AB 94 -76.75 5.47 -38.25
CA PHE AB 94 -77.41 5.53 -36.96
C PHE AB 94 -78.47 4.43 -36.91
N VAL AB 95 -79.20 4.40 -35.82
CA VAL AB 95 -80.25 3.43 -35.59
C VAL AB 95 -81.56 4.20 -35.62
N THR AB 96 -82.51 3.70 -36.42
CA THR AB 96 -83.64 4.47 -36.93
C THR AB 96 -84.33 5.29 -35.87
N LYS AB 97 -84.62 6.54 -36.21
CA LYS AB 97 -85.28 7.46 -35.31
C LYS AB 97 -86.62 6.92 -34.87
N ALA AB 98 -86.82 6.85 -33.55
CA ALA AB 98 -88.00 6.23 -33.00
C ALA AB 98 -88.36 6.90 -31.69
N ASN AB 99 -89.66 7.09 -31.47
CA ASN AB 99 -90.15 7.67 -30.23
C ASN AB 99 -90.32 6.64 -29.14
N ALA AB 100 -90.50 5.38 -29.49
CA ALA AB 100 -90.73 4.33 -28.50
C ALA AB 100 -90.19 3.02 -29.05
N LEU AB 101 -89.13 2.54 -28.44
CA LEU AB 101 -88.51 1.27 -28.81
C LEU AB 101 -88.34 0.44 -27.55
N THR AB 102 -88.63 -0.85 -27.67
CA THR AB 102 -88.71 -1.73 -26.52
C THR AB 102 -87.36 -2.10 -25.94
N TYR AB 103 -86.27 -1.57 -26.47
CA TYR AB 103 -84.95 -1.92 -25.96
C TYR AB 103 -84.00 -0.77 -26.24
N ASP AB 104 -82.87 -0.79 -25.57
CA ASP AB 104 -81.82 0.19 -25.73
C ASP AB 104 -80.84 -0.33 -26.78
N PRO AB 105 -80.89 0.17 -28.02
CA PRO AB 105 -80.01 -0.41 -29.04
C PRO AB 105 -78.55 -0.05 -28.86
N TYR AB 106 -78.28 1.11 -28.26
CA TYR AB 106 -76.92 1.57 -28.06
C TYR AB 106 -76.33 1.10 -26.75
N VAL AB 107 -76.86 0.02 -26.17
CA VAL AB 107 -76.41 -0.42 -24.85
C VAL AB 107 -75.17 -1.31 -24.96
N ASN AB 108 -75.15 -2.23 -25.92
CA ASN AB 108 -74.05 -3.14 -26.08
C ASN AB 108 -72.94 -2.57 -26.94
N TYR AB 109 -73.13 -1.38 -27.52
CA TYR AB 109 -72.07 -0.74 -28.28
C TYR AB 109 -70.85 -0.54 -27.40
N SER AB 110 -69.67 -0.82 -27.98
CA SER AB 110 -68.44 -0.69 -27.23
C SER AB 110 -68.19 0.74 -26.79
N SER AB 111 -68.70 1.71 -27.54
CA SER AB 111 -68.57 3.12 -27.21
C SER AB 111 -69.69 3.62 -26.33
N ARG AB 112 -70.33 2.73 -25.57
CA ARG AB 112 -71.48 3.11 -24.76
C ARG AB 112 -71.00 3.74 -23.46
N HIS AB 113 -71.61 4.86 -23.12
CA HIS AB 113 -71.43 5.52 -21.83
C HIS AB 113 -72.81 5.79 -21.28
N THR AB 114 -73.10 5.24 -20.11
CA THR AB 114 -74.44 5.25 -19.59
C THR AB 114 -74.88 6.65 -19.22
N ILE AB 115 -76.18 6.91 -19.38
CA ILE AB 115 -76.81 8.13 -18.93
C ILE AB 115 -77.67 7.79 -17.72
N THR AB 116 -77.56 8.60 -16.70
CA THR AB 116 -78.54 8.65 -15.63
C THR AB 116 -79.52 9.77 -15.96
N GLN AB 117 -80.79 9.53 -15.68
CA GLN AB 117 -81.86 10.43 -16.07
C GLN AB 117 -82.72 10.76 -14.86
N PRO AB 118 -83.46 11.87 -14.90
CA PRO AB 118 -83.54 12.95 -15.88
C PRO AB 118 -82.83 14.22 -15.48
N PHE AB 119 -82.13 14.21 -14.35
CA PHE AB 119 -81.56 15.43 -13.78
C PHE AB 119 -80.04 15.43 -13.75
N SER AB 120 -79.39 14.48 -14.40
CA SER AB 120 -77.95 14.34 -14.32
C SER AB 120 -77.28 14.94 -15.55
N TYR AB 121 -75.99 15.18 -15.42
CA TYR AB 121 -75.14 15.71 -16.47
C TYR AB 121 -74.35 14.58 -17.11
N HIS AB 122 -74.23 14.63 -18.42
CA HIS AB 122 -73.51 13.62 -19.17
C HIS AB 122 -72.72 14.29 -20.28
N SER AB 123 -71.47 13.85 -20.45
CA SER AB 123 -70.55 14.44 -21.40
C SER AB 123 -69.81 13.35 -22.14
N ARG AB 124 -69.45 13.66 -23.39
CA ARG AB 124 -68.81 12.70 -24.29
C ARG AB 124 -67.76 13.44 -25.09
N TYR AB 125 -66.50 13.18 -24.78
CA TYR AB 125 -65.36 13.87 -25.38
C TYR AB 125 -64.68 12.89 -26.33
N PHE AB 126 -64.91 13.09 -27.63
CA PHE AB 126 -64.46 12.14 -28.63
C PHE AB 126 -64.03 12.88 -29.88
N THR AB 127 -63.45 12.10 -30.80
CA THR AB 127 -63.01 12.61 -32.09
C THR AB 127 -64.03 12.26 -33.15
N PRO AB 128 -64.70 13.21 -33.78
CA PRO AB 128 -65.61 12.87 -34.87
C PRO AB 128 -64.85 12.63 -36.16
N LYS AB 129 -65.60 12.21 -37.16
CA LYS AB 129 -65.06 11.94 -38.48
C LYS AB 129 -65.99 12.55 -39.51
N PRO AB 130 -65.48 12.96 -40.66
CA PRO AB 130 -66.34 13.54 -41.68
C PRO AB 130 -66.98 12.49 -42.58
N VAL AB 131 -67.92 12.96 -43.38
CA VAL AB 131 -68.66 12.11 -44.30
C VAL AB 131 -68.09 12.41 -45.68
N LEU AB 132 -67.09 11.60 -46.08
CA LEU AB 132 -66.49 11.76 -47.38
C LEU AB 132 -67.27 11.05 -48.47
N ASP AB 133 -67.75 9.83 -48.19
CA ASP AB 133 -68.53 9.06 -49.15
C ASP AB 133 -69.64 8.36 -48.40
N ARG AB 134 -70.88 8.75 -48.70
CA ARG AB 134 -72.02 8.13 -48.02
C ARG AB 134 -72.24 6.70 -48.49
N THR AB 135 -71.97 6.42 -49.76
CA THR AB 135 -72.14 5.07 -50.29
C THR AB 135 -71.20 4.10 -49.60
N ILE AB 136 -69.96 4.50 -49.40
CA ILE AB 136 -68.92 3.63 -48.89
C ILE AB 136 -68.76 3.79 -47.39
N ASP AB 137 -68.90 5.01 -46.89
CA ASP AB 137 -68.85 5.32 -45.47
C ASP AB 137 -67.54 4.86 -44.85
N TYR AB 138 -66.45 5.46 -45.33
CA TYR AB 138 -65.13 5.21 -44.79
C TYR AB 138 -64.68 6.35 -43.91
N PHE AB 139 -63.74 6.04 -43.03
CA PHE AB 139 -63.16 7.02 -42.13
C PHE AB 139 -61.85 6.46 -41.61
N GLN AB 140 -61.00 7.35 -41.16
CA GLN AB 140 -59.67 6.97 -40.74
C GLN AB 140 -59.56 6.92 -39.24
N PRO AB 141 -58.56 6.25 -38.70
CA PRO AB 141 -58.40 6.20 -37.25
C PRO AB 141 -58.06 7.54 -36.63
N ASN AB 142 -57.88 7.54 -35.32
CA ASN AB 142 -57.51 8.74 -34.59
C ASN AB 142 -56.00 8.84 -34.57
N ASN AB 143 -55.45 9.66 -35.46
CA ASN AB 143 -54.03 9.99 -35.46
C ASN AB 143 -53.91 11.46 -35.79
N LYS AB 144 -53.33 12.22 -34.86
CA LYS AB 144 -53.31 13.66 -35.00
C LYS AB 144 -52.44 14.10 -36.17
N ARG AB 145 -51.27 13.49 -36.33
CA ARG AB 145 -50.34 13.92 -37.37
C ARG AB 145 -50.95 13.78 -38.75
N ASN AB 146 -51.50 12.60 -39.05
CA ASN AB 146 -51.97 12.29 -40.38
C ASN AB 146 -53.46 12.50 -40.56
N GLN AB 147 -54.09 13.24 -39.67
CA GLN AB 147 -55.49 13.58 -39.86
C GLN AB 147 -55.64 14.53 -41.04
N LEU AB 148 -56.77 14.41 -41.72
CA LEU AB 148 -56.99 15.15 -42.95
C LEU AB 148 -57.30 16.61 -42.66
N TRP AB 149 -57.07 17.43 -43.68
CA TRP AB 149 -57.49 18.81 -43.70
C TRP AB 149 -58.66 18.96 -44.64
N LEU AB 150 -59.47 19.98 -44.39
CA LEU AB 150 -60.69 20.21 -45.14
C LEU AB 150 -60.83 21.70 -45.42
N ARG AB 151 -61.21 22.02 -46.64
CA ARG AB 151 -61.47 23.39 -47.01
C ARG AB 151 -62.64 23.93 -46.19
N LEU AB 152 -62.48 25.17 -45.72
CA LEU AB 152 -63.52 25.82 -44.93
C LEU AB 152 -64.43 26.54 -45.91
N GLN AB 153 -65.46 25.83 -46.34
CA GLN AB 153 -66.41 26.39 -47.29
C GLN AB 153 -67.34 27.37 -46.59
N THR AB 154 -68.08 28.12 -47.42
CA THR AB 154 -68.92 29.19 -46.94
C THR AB 154 -70.31 28.70 -46.55
N THR AB 155 -70.92 27.82 -47.35
CA THR AB 155 -72.29 27.39 -47.15
C THR AB 155 -72.49 25.88 -47.23
N GLY AB 156 -71.50 25.12 -47.66
CA GLY AB 156 -71.66 23.70 -47.92
C GLY AB 156 -70.63 22.83 -47.24
N ASN AB 157 -70.29 23.15 -46.01
CA ASN AB 157 -69.33 22.33 -45.28
C ASN AB 157 -69.92 20.95 -45.01
N VAL AB 158 -69.04 19.98 -44.90
CA VAL AB 158 -69.44 18.59 -44.79
C VAL AB 158 -69.92 18.30 -43.38
N ASP AB 159 -70.85 17.35 -43.28
CA ASP AB 159 -71.51 17.03 -42.01
C ASP AB 159 -70.66 16.00 -41.28
N HIS AB 160 -69.90 16.47 -40.30
CA HIS AB 160 -69.26 15.57 -39.36
C HIS AB 160 -70.31 14.77 -38.60
N VAL AB 161 -69.86 13.69 -37.98
CA VAL AB 161 -70.73 12.72 -37.35
C VAL AB 161 -70.00 12.16 -36.14
N GLY AB 162 -70.70 11.35 -35.34
CA GLY AB 162 -70.09 10.83 -34.13
C GLY AB 162 -70.91 10.65 -32.88
N LEU AB 163 -72.23 10.80 -32.89
CA LEU AB 163 -72.98 10.51 -31.67
C LEU AB 163 -74.41 10.11 -31.96
N GLY AB 164 -74.88 9.14 -31.18
CA GLY AB 164 -76.28 8.74 -31.20
C GLY AB 164 -76.73 8.47 -29.79
N THR AB 165 -78.02 8.72 -29.55
CA THR AB 165 -78.59 8.73 -28.22
C THR AB 165 -79.74 7.74 -28.12
N ALA AB 166 -80.05 7.37 -26.88
CA ALA AB 166 -81.23 6.57 -26.58
C ALA AB 166 -81.64 6.89 -25.14
N PHE AB 167 -82.68 7.71 -25.00
CA PHE AB 167 -83.19 8.10 -23.71
C PHE AB 167 -84.43 7.29 -23.38
N GLU AB 168 -84.56 6.93 -22.11
CA GLU AB 168 -85.68 6.13 -21.66
C GLU AB 168 -86.88 7.03 -21.43
N ASN AB 169 -88.00 6.67 -22.03
CA ASN AB 169 -89.20 7.47 -21.92
C ASN AB 169 -89.69 7.50 -20.48
N SER AB 170 -90.49 8.52 -20.19
CA SER AB 170 -91.02 8.71 -18.84
C SER AB 170 -92.36 9.40 -18.93
N ILE AB 171 -93.09 9.36 -17.83
CA ILE AB 171 -94.41 10.00 -17.77
C ILE AB 171 -94.27 11.49 -17.96
N TYR AB 172 -93.21 12.07 -17.41
CA TYR AB 172 -92.99 13.51 -17.43
C TYR AB 172 -92.04 13.87 -18.56
N ASP AB 173 -92.17 15.10 -19.04
CA ASP AB 173 -91.23 15.61 -20.04
C ASP AB 173 -89.84 15.69 -19.44
N GLN AB 174 -88.85 15.33 -20.26
CA GLN AB 174 -87.44 15.41 -19.89
C GLN AB 174 -86.79 16.39 -20.87
N ASP AB 175 -86.84 17.66 -20.52
CA ASP AB 175 -86.19 18.68 -21.33
C ASP AB 175 -84.70 18.71 -21.00
N TYR AB 176 -83.91 19.00 -22.01
CA TYR AB 176 -82.47 19.09 -21.88
C TYR AB 176 -81.98 20.35 -22.57
N ASN AB 177 -80.77 20.75 -22.21
CA ASN AB 177 -80.11 21.93 -22.78
C ASN AB 177 -78.75 21.45 -23.25
N ILE AB 178 -78.68 21.09 -24.52
CA ILE AB 178 -77.47 20.50 -25.07
C ILE AB 178 -76.50 21.60 -25.45
N ARG AB 179 -75.22 21.37 -25.18
CA ARG AB 179 -74.13 22.25 -25.57
C ARG AB 179 -73.13 21.43 -26.35
N ILE AB 180 -72.87 21.85 -27.59
CA ILE AB 180 -71.95 21.15 -28.47
C ILE AB 180 -70.69 21.99 -28.59
N THR AB 181 -69.71 21.69 -27.77
CA THR AB 181 -68.42 22.34 -27.83
C THR AB 181 -67.54 21.61 -28.83
N MET AB 182 -66.84 22.39 -29.65
CA MET AB 182 -65.99 21.88 -30.71
C MET AB 182 -64.60 22.46 -30.57
N TYR AB 183 -63.61 21.62 -30.81
CA TYR AB 183 -62.20 21.99 -30.71
C TYR AB 183 -61.59 21.84 -32.09
N VAL AB 184 -61.41 22.98 -32.76
CA VAL AB 184 -61.08 23.03 -34.16
C VAL AB 184 -59.63 23.46 -34.29
N GLN AB 185 -59.07 23.23 -35.47
CA GLN AB 185 -57.69 23.59 -35.78
C GLN AB 185 -57.65 24.09 -37.20
N PHE AB 186 -57.49 25.40 -37.36
CA PHE AB 186 -57.51 26.04 -38.67
C PHE AB 186 -56.09 26.17 -39.22
N ARG AB 187 -55.97 26.77 -40.40
CA ARG AB 187 -54.70 26.85 -41.10
C ARG AB 187 -54.84 27.84 -42.26
N GLU AB 188 -53.70 28.35 -42.70
CA GLU AB 188 -53.59 29.23 -43.86
C GLU AB 188 -54.43 30.49 -43.70
N PHE AB 189 -53.96 31.34 -42.79
CA PHE AB 189 -54.55 32.65 -42.56
C PHE AB 189 -54.66 33.43 -43.87
N ASN AB 190 -55.89 33.65 -44.32
CA ASN AB 190 -56.18 34.14 -45.67
C ASN AB 190 -56.97 35.43 -45.64
N LEU AB 191 -56.58 36.36 -44.80
CA LEU AB 191 -57.30 37.60 -44.68
C LEU AB 191 -57.04 38.49 -45.87
N LYS AB 192 -58.07 39.19 -46.31
CA LYS AB 192 -57.98 40.21 -47.34
C LYS AB 192 -58.04 41.59 -46.72
N ASP AB 193 -57.46 42.57 -47.41
CA ASP AB 193 -57.45 43.95 -46.97
C ASP AB 193 -57.62 44.87 -48.17
N PRO AB 194 -58.84 45.03 -48.66
CA PRO AB 194 -59.08 46.02 -49.69
C PRO AB 194 -58.91 47.43 -49.13
N PRO AB 195 -58.87 48.43 -49.99
CA PRO AB 195 -58.82 49.81 -49.50
C PRO AB 195 -60.16 50.28 -48.95
N LEU AB 196 -60.26 51.55 -48.59
CA LEU AB 196 -61.48 52.13 -48.02
C LEU AB 196 -61.81 51.47 -46.68
N TYR BB 1 -50.44 -24.13 -19.26
CA TYR BB 1 -51.03 -25.27 -19.96
C TYR BB 1 -52.28 -24.85 -20.75
N ARG BB 2 -52.12 -23.84 -21.62
CA ARG BB 2 -53.14 -23.37 -22.56
C ARG BB 2 -54.48 -23.13 -21.84
N TRP BB 3 -54.66 -22.05 -21.06
CA TRP BB 3 -53.97 -20.73 -21.17
C TRP BB 3 -54.19 -20.00 -22.51
N ARG BB 4 -55.33 -19.50 -22.74
CA ARG BB 4 -56.63 -19.60 -23.39
C ARG BB 4 -56.66 -20.25 -24.79
N ARG BB 5 -55.94 -19.83 -25.84
CA ARG BB 5 -55.06 -18.68 -26.00
C ARG BB 5 -55.61 -17.71 -27.07
N LYS BB 6 -55.75 -18.24 -28.30
CA LYS BB 6 -56.27 -17.54 -29.47
C LYS BB 6 -57.32 -18.37 -30.21
N ASN BB 7 -57.64 -19.57 -29.74
CA ASN BB 7 -58.27 -20.59 -30.58
C ASN BB 7 -59.75 -20.36 -30.85
N GLY BB 8 -60.18 -19.09 -30.85
CA GLY BB 8 -61.54 -18.68 -31.05
C GLY BB 8 -62.00 -17.76 -29.95
N ILE BB 9 -61.08 -17.41 -29.04
CA ILE BB 9 -61.47 -16.72 -27.83
C ILE BB 9 -61.87 -15.30 -28.18
N PHE BB 10 -63.03 -14.88 -27.70
CA PHE BB 10 -63.54 -13.54 -27.94
C PHE BB 10 -64.29 -13.09 -26.70
N ASN BB 11 -63.60 -12.41 -25.80
CA ASN BB 11 -64.24 -11.84 -24.64
C ASN BB 11 -65.06 -10.64 -25.07
N THR BB 12 -66.27 -10.53 -24.54
CA THR BB 12 -67.17 -9.46 -24.91
C THR BB 12 -68.11 -9.19 -23.75
N ARG BB 13 -69.17 -8.44 -24.03
CA ARG BB 13 -70.12 -7.98 -23.03
C ARG BB 13 -71.51 -8.00 -23.64
N LEU BB 14 -72.49 -8.24 -22.79
CA LEU BB 14 -73.89 -8.21 -23.18
C LEU BB 14 -74.69 -7.58 -22.05
N SER BB 15 -75.84 -7.02 -22.42
CA SER BB 15 -76.65 -6.31 -21.46
C SER BB 15 -78.09 -6.32 -21.92
N ARG BB 16 -79.00 -6.27 -20.95
CA ARG BB 16 -80.42 -6.12 -21.22
C ARG BB 16 -81.01 -5.31 -20.08
N THR BB 17 -82.31 -5.08 -20.15
CA THR BB 17 -82.98 -4.19 -19.23
C THR BB 17 -84.40 -4.66 -18.99
N ILE BB 18 -84.87 -4.50 -17.75
CA ILE BB 18 -86.20 -4.92 -17.35
C ILE BB 18 -86.63 -4.08 -16.16
N GLY BB 19 -87.95 -3.99 -15.98
CA GLY BB 19 -88.54 -3.28 -14.87
C GLY BB 19 -88.94 -4.24 -13.77
N TYR BB 20 -88.77 -3.79 -12.53
CA TYR BB 20 -89.17 -4.56 -11.36
C TYR BB 20 -89.89 -3.62 -10.41
N THR BB 21 -91.05 -4.05 -9.96
CA THR BB 21 -92.02 -3.18 -9.28
C THR BB 21 -92.38 -3.78 -7.94
N VAL BB 22 -91.84 -3.21 -6.88
CA VAL BB 22 -92.24 -3.55 -5.52
C VAL BB 22 -93.47 -2.74 -5.17
N LYS BB 23 -94.57 -3.44 -4.87
CA LYS BB 23 -95.86 -2.80 -4.75
C LYS BB 23 -96.08 -2.24 -3.35
N LYS BB 24 -97.19 -1.52 -3.20
CA LYS BB 24 -97.55 -0.90 -1.95
C LYS BB 24 -98.08 -1.94 -0.96
N THR BB 25 -98.35 -1.48 0.25
CA THR BB 25 -99.03 -2.27 1.26
C THR BB 25 -99.48 -1.34 2.38
N THR BB 26 -100.68 -1.56 2.88
CA THR BB 26 -101.16 -0.82 4.04
C THR BB 26 -100.44 -1.21 5.31
N VAL BB 27 -99.78 -2.38 5.32
CA VAL BB 27 -99.00 -2.79 6.49
C VAL BB 27 -97.94 -1.74 6.78
N ARG BB 28 -97.72 -1.49 8.06
CA ARG BB 28 -96.71 -0.54 8.52
C ARG BB 28 -95.56 -1.20 9.26
N THR BB 29 -95.74 -2.43 9.73
CA THR BB 29 -94.62 -3.14 10.33
C THR BB 29 -93.60 -3.47 9.25
N PRO BB 30 -92.33 -3.65 9.61
CA PRO BB 30 -91.34 -4.00 8.61
C PRO BB 30 -91.65 -5.33 7.95
N SER BB 31 -91.89 -5.28 6.64
CA SER BB 31 -92.17 -6.46 5.85
C SER BB 31 -91.38 -6.37 4.56
N TRP BB 32 -90.89 -7.51 4.11
CA TRP BB 32 -90.02 -7.61 2.95
C TRP BB 32 -90.71 -8.33 1.80
N ASN BB 33 -90.21 -8.05 0.61
CA ASN BB 33 -90.72 -8.63 -0.64
C ASN BB 33 -89.57 -9.37 -1.30
N VAL BB 34 -89.62 -10.69 -1.25
CA VAL BB 34 -88.53 -11.54 -1.69
C VAL BB 34 -88.76 -11.97 -3.12
N ASP BB 35 -87.68 -12.04 -3.88
CA ASP BB 35 -87.74 -12.49 -5.27
C ASP BB 35 -86.33 -12.89 -5.68
N MET BB 36 -86.26 -13.86 -6.57
CA MET BB 36 -85.01 -14.39 -7.07
C MET BB 36 -84.65 -13.70 -8.38
N MET BB 37 -83.61 -14.20 -9.04
CA MET BB 37 -83.19 -13.65 -10.32
C MET BB 37 -82.32 -14.68 -11.03
N ARG BB 38 -82.73 -15.06 -12.24
CA ARG BB 38 -82.05 -16.05 -13.05
C ARG BB 38 -81.46 -15.38 -14.28
N PHE BB 39 -80.41 -16.02 -14.81
CA PHE BB 39 -79.68 -15.52 -15.96
C PHE BB 39 -79.62 -16.61 -17.02
N ASN BB 40 -80.08 -16.30 -18.22
CA ASN BB 40 -80.04 -17.21 -19.34
C ASN BB 40 -79.64 -16.42 -20.56
N ILE BB 41 -78.68 -16.97 -21.32
CA ILE BB 41 -78.09 -16.20 -22.40
C ILE BB 41 -79.04 -16.04 -23.57
N ASN BB 42 -80.07 -16.85 -23.67
CA ASN BB 42 -81.04 -16.69 -24.76
C ASN BB 42 -81.75 -15.36 -24.68
N ASP BB 43 -81.84 -14.77 -23.49
CA ASP BB 43 -82.42 -13.45 -23.34
C ASP BB 43 -81.48 -12.33 -23.75
N PHE BB 44 -80.21 -12.65 -24.02
CA PHE BB 44 -79.23 -11.68 -24.50
C PHE BB 44 -78.90 -11.84 -25.98
N LEU BB 45 -78.74 -13.07 -26.43
CA LEU BB 45 -78.41 -13.36 -27.81
C LEU BB 45 -79.67 -13.69 -28.58
N PRO BB 46 -80.18 -12.82 -29.45
CA PRO BB 46 -81.31 -13.21 -30.27
C PRO BB 46 -80.90 -14.18 -31.35
N PRO BB 47 -81.85 -14.86 -31.99
CA PRO BB 47 -81.50 -15.87 -32.98
C PRO BB 47 -81.08 -15.26 -34.31
N GLY BB 48 -80.12 -15.91 -34.95
CA GLY BB 48 -79.67 -15.48 -36.25
C GLY BB 48 -80.59 -15.94 -37.36
N GLY BB 49 -79.99 -16.37 -38.47
CA GLY BB 49 -80.78 -16.85 -39.59
C GLY BB 49 -79.97 -17.67 -40.56
N GLY BB 50 -80.57 -18.73 -41.08
CA GLY BB 50 -79.92 -19.58 -42.06
C GLY BB 50 -79.04 -20.63 -41.42
N SER BB 51 -77.88 -20.88 -42.03
CA SER BB 51 -76.97 -21.88 -41.50
C SER BB 51 -76.37 -21.44 -40.17
N ASN BB 52 -76.27 -20.13 -39.95
CA ASN BB 52 -75.79 -19.60 -38.68
C ASN BB 52 -76.99 -19.40 -37.77
N PRO BB 53 -77.19 -20.25 -36.74
CA PRO BB 53 -78.44 -20.16 -35.98
C PRO BB 53 -78.48 -19.00 -35.01
N LEU BB 54 -77.32 -18.62 -34.49
CA LEU BB 54 -77.19 -17.52 -33.55
C LEU BB 54 -76.72 -16.26 -34.25
N THR BB 55 -76.78 -15.15 -33.52
CA THR BB 55 -76.27 -13.88 -34.00
C THR BB 55 -74.77 -13.75 -33.83
N VAL BB 56 -74.19 -14.48 -32.87
CA VAL BB 56 -72.75 -14.48 -32.61
C VAL BB 56 -72.19 -15.79 -33.15
N PRO BB 57 -71.24 -15.76 -34.08
CA PRO BB 57 -70.75 -17.03 -34.63
C PRO BB 57 -69.69 -17.68 -33.75
N PHE BB 58 -70.17 -18.37 -32.72
CA PHE BB 58 -69.29 -19.17 -31.86
C PHE BB 58 -70.07 -20.37 -31.38
N GLU BB 59 -69.32 -21.38 -30.91
CA GLU BB 59 -69.88 -22.65 -30.50
C GLU BB 59 -69.99 -22.77 -29.00
N TYR BB 60 -68.88 -22.54 -28.29
CA TYR BB 60 -68.81 -22.69 -26.85
C TYR BB 60 -68.91 -21.33 -26.17
N TYR BB 61 -69.10 -21.36 -24.87
CA TYR BB 61 -69.13 -20.13 -24.09
C TYR BB 61 -69.03 -20.46 -22.61
N ARG BB 62 -68.65 -19.46 -21.84
CA ARG BB 62 -68.64 -19.57 -20.39
C ARG BB 62 -68.73 -18.17 -19.81
N ILE BB 63 -69.64 -17.98 -18.87
CA ILE BB 63 -69.88 -16.67 -18.29
C ILE BB 63 -68.88 -16.43 -17.18
N ARG BB 64 -68.05 -15.40 -17.35
CA ARG BB 64 -67.05 -15.06 -16.36
C ARG BB 64 -67.68 -14.31 -15.19
N LYS BB 65 -68.40 -13.25 -15.47
CA LYS BB 65 -68.92 -12.36 -14.45
C LYS BB 65 -70.27 -11.83 -14.87
N VAL BB 66 -71.00 -11.33 -13.88
CA VAL BB 66 -72.27 -10.66 -14.09
C VAL BB 66 -72.30 -9.43 -13.22
N LYS BB 67 -72.79 -8.33 -13.77
CA LYS BB 67 -72.94 -7.07 -13.06
C LYS BB 67 -74.40 -6.66 -13.14
N VAL BB 68 -75.12 -6.93 -12.08
CA VAL BB 68 -76.48 -6.46 -11.94
C VAL BB 68 -76.44 -5.02 -11.47
N GLU BB 69 -77.43 -4.24 -11.88
CA GLU BB 69 -77.51 -2.83 -11.55
C GLU BB 69 -78.95 -2.47 -11.32
N PHE BB 70 -79.24 -1.90 -10.16
CA PHE BB 70 -80.58 -1.48 -9.78
C PHE BB 70 -80.71 0.03 -9.96
N TRP BB 71 -80.82 0.44 -11.20
CA TRP BB 71 -81.05 1.84 -11.49
C TRP BB 71 -82.47 2.19 -11.07
N PRO BB 72 -82.69 2.98 -10.03
CA PRO BB 72 -84.05 3.19 -9.54
C PRO BB 72 -84.88 4.01 -10.51
N CYS BB 73 -86.16 4.09 -10.18
CA CYS BB 73 -87.12 4.91 -10.88
C CYS BB 73 -87.87 5.85 -9.97
N SER BB 74 -87.61 5.81 -8.66
CA SER BB 74 -88.29 6.65 -7.70
C SER BB 74 -87.50 7.91 -7.46
N PRO BB 75 -88.13 8.98 -6.99
CA PRO BB 75 -87.43 10.24 -6.80
C PRO BB 75 -86.68 10.27 -5.47
N ILE BB 76 -85.83 11.28 -5.34
CA ILE BB 76 -85.09 11.50 -4.11
C ILE BB 76 -86.03 11.86 -2.97
N THR BB 77 -87.15 12.52 -3.26
CA THR BB 77 -88.01 13.07 -2.23
C THR BB 77 -89.05 12.07 -1.73
N GLN BB 78 -88.80 10.77 -1.91
CA GLN BB 78 -89.76 9.76 -1.50
C GLN BB 78 -89.52 9.39 -0.05
N GLY BB 79 -90.61 9.23 0.68
CA GLY BB 79 -90.56 8.91 2.09
C GLY BB 79 -90.82 7.45 2.36
N ASP BB 80 -90.94 7.14 3.65
CA ASP BB 80 -91.08 5.77 4.13
C ASP BB 80 -89.99 4.89 3.55
N ARG BB 81 -88.75 5.31 3.79
CA ARG BB 81 -87.62 4.60 3.24
C ARG BB 81 -87.50 3.25 3.91
N GLY BB 82 -86.49 2.50 3.52
CA GLY BB 82 -86.32 1.18 4.05
C GLY BB 82 -84.91 0.69 3.85
N VAL BB 83 -84.76 -0.62 3.96
CA VAL BB 83 -83.46 -1.25 3.82
C VAL BB 83 -83.68 -2.70 3.45
N GLY BB 84 -82.91 -3.17 2.48
CA GLY BB 84 -83.04 -4.51 1.93
C GLY BB 84 -81.74 -5.26 1.92
N SER BB 85 -81.65 -6.30 1.10
CA SER BB 85 -80.46 -7.12 1.06
C SER BB 85 -80.44 -7.93 -0.23
N THR BB 86 -79.25 -8.04 -0.80
CA THR BB 86 -79.00 -8.87 -1.97
C THR BB 86 -77.94 -9.89 -1.62
N ALA BB 87 -78.17 -11.12 -2.06
CA ALA BB 87 -77.28 -12.23 -1.75
C ALA BB 87 -77.08 -13.08 -2.99
N VAL BB 88 -75.98 -13.80 -2.99
CA VAL BB 88 -75.57 -14.62 -4.11
C VAL BB 88 -75.95 -16.06 -3.82
N ILE BB 89 -76.71 -16.66 -4.73
CA ILE BB 89 -77.25 -18.00 -4.56
C ILE BB 89 -76.80 -18.81 -5.77
N LEU BB 90 -75.90 -19.76 -5.55
CA LEU BB 90 -75.21 -20.44 -6.63
C LEU BB 90 -75.72 -21.85 -6.83
N ASP BB 91 -76.89 -22.19 -6.29
CA ASP BB 91 -77.36 -23.57 -6.25
C ASP BB 91 -78.83 -23.72 -6.63
N ASP BB 92 -79.50 -22.67 -7.10
CA ASP BB 92 -80.90 -22.71 -7.46
C ASP BB 92 -81.78 -23.02 -6.26
N ASN BB 93 -81.29 -22.71 -5.06
CA ASN BB 93 -82.04 -22.86 -3.82
C ASN BB 93 -82.25 -21.46 -3.29
N PHE BB 94 -83.28 -20.81 -3.80
CA PHE BB 94 -83.65 -19.49 -3.33
C PHE BB 94 -84.55 -19.64 -2.12
N VAL BB 95 -85.03 -18.51 -1.61
CA VAL BB 95 -85.90 -18.45 -0.45
C VAL BB 95 -87.25 -18.01 -0.97
N THR BB 96 -88.29 -18.75 -0.58
CA THR BB 96 -89.57 -18.78 -1.27
C THR BB 96 -90.11 -17.40 -1.59
N LYS BB 97 -90.59 -17.24 -2.81
CA LYS BB 97 -91.13 -15.99 -3.29
C LYS BB 97 -92.29 -15.54 -2.40
N ALA BB 98 -92.20 -14.32 -1.90
CA ALA BB 98 -93.16 -13.82 -0.94
C ALA BB 98 -93.30 -12.32 -1.10
N ASN BB 99 -94.53 -11.84 -0.98
CA ASN BB 99 -94.81 -10.42 -1.06
C ASN BB 99 -94.64 -9.72 0.27
N ALA BB 100 -94.75 -10.44 1.39
CA ALA BB 100 -94.65 -9.84 2.71
C ALA BB 100 -94.10 -10.89 3.65
N LEU BB 101 -92.89 -10.67 4.13
CA LEU BB 101 -92.23 -11.54 5.09
C LEU BB 101 -91.72 -10.69 6.23
N THR BB 102 -91.88 -11.19 7.45
CA THR BB 102 -91.63 -10.40 8.64
C THR BB 102 -90.15 -10.22 8.94
N TYR BB 103 -89.25 -10.71 8.09
CA TYR BB 103 -87.83 -10.59 8.34
C TYR BB 103 -87.09 -10.61 7.02
N ASP BB 104 -85.84 -10.18 7.07
CA ASP BB 104 -84.96 -10.17 5.91
C ASP BB 104 -84.18 -11.48 5.89
N PRO BB 105 -84.54 -12.46 5.07
CA PRO BB 105 -83.85 -13.74 5.14
C PRO BB 105 -82.43 -13.69 4.60
N TYR BB 106 -82.16 -12.79 3.67
CA TYR BB 106 -80.85 -12.67 3.06
C TYR BB 106 -79.94 -11.72 3.82
N VAL BB 107 -80.22 -11.46 5.09
CA VAL BB 107 -79.45 -10.46 5.83
C VAL BB 107 -78.18 -11.07 6.42
N ASN BB 108 -78.28 -12.27 6.98
CA ASN BB 108 -77.13 -12.92 7.59
C ASN BB 108 -76.30 -13.71 6.60
N TYR BB 109 -76.74 -13.81 5.34
CA TYR BB 109 -75.94 -14.47 4.32
C TYR BB 109 -74.59 -13.79 4.20
N SER BB 110 -73.55 -14.61 4.08
CA SER BB 110 -72.19 -14.08 3.98
C SER BB 110 -72.01 -13.23 2.74
N SER BB 111 -72.77 -13.51 1.69
CA SER BB 111 -72.72 -12.75 0.45
C SER BB 111 -73.68 -11.58 0.45
N ARG BB 112 -74.04 -11.07 1.62
CA ARG BB 112 -75.02 -10.00 1.72
C ARG BB 112 -74.35 -8.66 1.46
N HIS BB 113 -75.00 -7.86 0.61
CA HIS BB 113 -74.61 -6.48 0.38
C HIS BB 113 -75.86 -5.64 0.52
N THR BB 114 -75.82 -4.70 1.45
CA THR BB 114 -77.02 -3.99 1.85
C THR BB 114 -77.52 -3.09 0.72
N ILE BB 115 -78.83 -2.95 0.66
CA ILE BB 115 -79.49 -2.01 -0.23
C ILE BB 115 -80.03 -0.87 0.60
N THR BB 116 -79.79 0.34 0.14
CA THR BB 116 -80.52 1.51 0.60
C THR BB 116 -81.66 1.75 -0.38
N GLN BB 117 -82.80 2.13 0.15
CA GLN BB 117 -84.02 2.26 -0.63
C GLN BB 117 -84.63 3.63 -0.41
N PRO BB 118 -85.49 4.09 -1.33
CA PRO BB 118 -85.89 3.57 -2.63
C PRO BB 118 -85.25 4.25 -3.82
N PHE BB 119 -84.33 5.18 -3.59
CA PHE BB 119 -83.78 6.03 -4.63
C PHE BB 119 -82.29 5.81 -4.89
N SER BB 120 -81.70 4.77 -4.32
CA SER BB 120 -80.27 4.56 -4.41
C SER BB 120 -79.95 3.50 -5.46
N TYR BB 121 -78.68 3.50 -5.87
CA TYR BB 121 -78.15 2.56 -6.84
C TYR BB 121 -77.40 1.46 -6.12
N HIS BB 122 -77.57 0.23 -6.60
CA HIS BB 122 -76.92 -0.92 -6.01
C HIS BB 122 -76.46 -1.86 -7.11
N SER BB 123 -75.24 -2.37 -6.97
CA SER BB 123 -74.62 -3.20 -7.98
C SER BB 123 -73.93 -4.37 -7.32
N ARG BB 124 -73.89 -5.49 -8.05
CA ARG BB 124 -73.35 -6.75 -7.55
C ARG BB 124 -72.58 -7.42 -8.67
N TYR BB 125 -71.27 -7.43 -8.55
CA TYR BB 125 -70.36 -7.94 -9.56
C TYR BB 125 -69.80 -9.26 -9.07
N PHE BB 126 -70.31 -10.35 -9.62
CA PHE BB 126 -70.00 -11.69 -9.13
C PHE BB 126 -69.92 -12.67 -10.28
N THR BB 127 -69.48 -13.87 -9.95
CA THR BB 127 -69.37 -14.96 -10.89
C THR BB 127 -70.56 -15.90 -10.72
N PRO BB 128 -71.44 -16.05 -11.69
CA PRO BB 128 -72.52 -17.02 -11.56
C PRO BB 128 -72.03 -18.42 -11.87
N LYS BB 129 -72.92 -19.37 -11.66
CA LYS BB 129 -72.65 -20.77 -11.91
C LYS BB 129 -73.85 -21.36 -12.64
N PRO BB 130 -73.64 -22.37 -13.47
CA PRO BB 130 -74.76 -22.98 -14.19
C PRO BB 130 -75.45 -24.06 -13.38
N VAL BB 131 -76.59 -24.48 -13.90
CA VAL BB 131 -77.42 -25.50 -13.27
C VAL BB 131 -77.19 -26.77 -14.08
N LEU BB 132 -76.23 -27.57 -13.63
CA LEU BB 132 -75.92 -28.84 -14.28
C LEU BB 132 -76.85 -29.95 -13.82
N ASP BB 133 -77.12 -30.03 -12.52
CA ASP BB 133 -78.00 -31.05 -11.97
C ASP BB 133 -78.85 -30.40 -10.88
N ARG BB 134 -80.15 -30.34 -11.12
CA ARG BB 134 -81.05 -29.74 -10.14
C ARG BB 134 -81.21 -30.62 -8.92
N THR BB 135 -81.19 -31.94 -9.10
CA THR BB 135 -81.33 -32.85 -7.97
C THR BB 135 -80.17 -32.71 -7.01
N ILE BB 136 -78.95 -32.59 -7.54
CA ILE BB 136 -77.74 -32.58 -6.74
C ILE BB 136 -77.29 -31.16 -6.44
N ASP BB 137 -77.45 -30.27 -7.41
CA ASP BB 137 -77.12 -28.85 -7.26
C ASP BB 137 -75.66 -28.67 -6.86
N TYR BB 138 -74.78 -29.07 -7.76
CA TYR BB 138 -73.35 -28.88 -7.58
C TYR BB 138 -72.85 -27.75 -8.46
N PHE BB 139 -71.72 -27.20 -8.04
CA PHE BB 139 -71.07 -26.14 -8.78
C PHE BB 139 -69.63 -26.06 -8.31
N GLN BB 140 -68.80 -25.48 -9.15
CA GLN BB 140 -67.38 -25.45 -8.88
C GLN BB 140 -66.94 -24.08 -8.40
N PRO BB 141 -65.78 -23.99 -7.78
CA PRO BB 141 -65.32 -22.68 -7.31
C PRO BB 141 -65.01 -21.72 -8.42
N ASN BB 142 -64.54 -20.54 -8.04
CA ASN BB 142 -64.16 -19.51 -9.00
C ASN BB 142 -62.69 -19.71 -9.35
N ASN BB 143 -62.45 -20.34 -10.49
CA ASN BB 143 -61.10 -20.47 -11.03
C ASN BB 143 -61.20 -20.30 -12.53
N LYS BB 144 -60.53 -19.28 -13.04
CA LYS BB 144 -60.69 -18.92 -14.44
C LYS BB 144 -60.14 -20.00 -15.36
N ARG BB 145 -58.97 -20.55 -15.05
CA ARG BB 145 -58.34 -21.51 -15.93
C ARG BB 145 -59.21 -22.73 -16.13
N ASN BB 146 -59.68 -23.32 -15.03
CA ASN BB 146 -60.39 -24.59 -15.07
C ASN BB 146 -61.90 -24.44 -15.07
N GLN BB 147 -62.40 -23.24 -15.38
CA GLN BB 147 -63.83 -23.08 -15.52
C GLN BB 147 -64.33 -23.82 -16.74
N LEU BB 148 -65.56 -24.31 -16.65
CA LEU BB 148 -66.12 -25.16 -17.69
C LEU BB 148 -66.50 -24.35 -18.91
N TRP BB 149 -66.60 -25.05 -20.03
CA TRP BB 149 -67.15 -24.52 -21.26
C TRP BB 149 -68.52 -25.15 -21.49
N LEU BB 150 -69.35 -24.44 -22.23
CA LEU BB 150 -70.72 -24.85 -22.47
C LEU BB 150 -71.07 -24.58 -23.92
N ARG BB 151 -71.74 -25.54 -24.53
CA ARG BB 151 -72.21 -25.36 -25.90
C ARG BB 151 -73.22 -24.23 -25.94
N LEU BB 152 -73.12 -23.40 -26.97
CA LEU BB 152 -74.02 -22.28 -27.17
C LEU BB 152 -75.19 -22.79 -27.99
N GLN BB 153 -76.21 -23.26 -27.28
CA GLN BB 153 -77.39 -23.79 -27.94
C GLN BB 153 -78.25 -22.66 -28.48
N THR BB 154 -79.22 -23.04 -29.31
CA THR BB 154 -80.06 -22.09 -30.01
C THR BB 154 -81.27 -21.66 -29.20
N THR BB 155 -81.93 -22.61 -28.53
CA THR BB 155 -83.18 -22.34 -27.82
C THR BB 155 -83.23 -22.90 -26.40
N GLY BB 156 -82.27 -23.71 -25.99
CA GLY BB 156 -82.34 -24.41 -24.72
C GLY BB 156 -81.11 -24.25 -23.86
N ASN BB 157 -80.53 -23.06 -23.85
CA ASN BB 157 -79.37 -22.82 -23.01
C ASN BB 157 -79.73 -22.95 -21.54
N VAL BB 158 -78.74 -23.32 -20.74
CA VAL BB 158 -78.98 -23.62 -19.34
C VAL BB 158 -79.10 -22.34 -18.55
N ASP BB 159 -79.88 -22.40 -17.48
CA ASP BB 159 -80.21 -21.24 -16.67
C ASP BB 159 -79.13 -21.05 -15.63
N HIS BB 160 -78.23 -20.11 -15.88
CA HIS BB 160 -77.32 -19.66 -14.85
C HIS BB 160 -78.09 -19.04 -13.70
N VAL BB 161 -77.40 -18.91 -12.57
CA VAL BB 161 -78.01 -18.51 -11.32
C VAL BB 161 -76.98 -17.71 -10.54
N GLY BB 162 -77.40 -17.12 -9.42
CA GLY BB 162 -76.50 -16.29 -8.66
C GLY BB 162 -77.01 -15.04 -7.94
N LEU BB 163 -78.31 -14.78 -7.88
CA LEU BB 163 -78.74 -13.63 -7.10
C LEU BB 163 -80.16 -13.79 -6.57
N GLY BB 164 -80.34 -13.34 -5.33
CA GLY BB 164 -81.66 -13.25 -4.74
C GLY BB 164 -81.77 -11.96 -3.96
N THR BB 165 -82.99 -11.44 -3.90
CA THR BB 165 -83.26 -10.11 -3.39
C THR BB 165 -84.26 -10.16 -2.25
N ALA BB 166 -84.25 -9.09 -1.46
CA ALA BB 166 -85.24 -8.88 -0.42
C ALA BB 166 -85.37 -7.38 -0.21
N PHE BB 167 -86.44 -6.80 -0.73
CA PHE BB 167 -86.71 -5.38 -0.62
C PHE BB 167 -87.76 -5.14 0.45
N GLU BB 168 -87.56 -4.07 1.22
CA GLU BB 168 -88.47 -3.74 2.30
C GLU BB 168 -89.69 -3.02 1.74
N ASN BB 169 -90.87 -3.52 2.08
CA ASN BB 169 -92.09 -2.94 1.56
C ASN BB 169 -92.26 -1.52 2.07
N SER BB 170 -93.09 -0.76 1.34
CA SER BB 170 -93.33 0.63 1.67
C SER BB 170 -94.73 1.00 1.23
N ILE BB 171 -95.20 2.14 1.74
CA ILE BB 171 -96.53 2.63 1.39
C ILE BB 171 -96.60 2.94 -0.10
N TYR BB 172 -95.51 3.47 -0.65
CA TYR BB 172 -95.46 3.89 -2.03
C TYR BB 172 -94.81 2.82 -2.89
N ASP BB 173 -95.17 2.81 -4.16
CA ASP BB 173 -94.53 1.92 -5.11
C ASP BB 173 -93.05 2.25 -5.23
N GLN BB 174 -92.22 1.22 -5.33
CA GLN BB 174 -90.79 1.34 -5.53
C GLN BB 174 -90.47 0.67 -6.85
N ASP BB 175 -90.59 1.43 -7.92
CA ASP BB 175 -90.23 0.91 -9.24
C ASP BB 175 -88.73 0.99 -9.43
N TYR BB 176 -88.20 0.01 -10.15
CA TYR BB 176 -86.78 -0.08 -10.44
C TYR BB 176 -86.59 -0.37 -11.91
N ASN BB 177 -85.38 -0.11 -12.39
CA ASN BB 177 -84.98 -0.34 -13.77
C ASN BB 177 -83.71 -1.17 -13.71
N ILE BB 178 -83.87 -2.47 -13.77
CA ILE BB 178 -82.75 -3.39 -13.60
C ILE BB 178 -82.01 -3.52 -14.92
N ARG BB 179 -80.69 -3.56 -14.82
CA ARG BB 179 -79.81 -3.80 -15.95
C ARG BB 179 -78.92 -4.97 -15.61
N ILE BB 180 -78.98 -6.02 -16.43
CA ILE BB 180 -78.20 -7.23 -16.21
C ILE BB 180 -77.09 -7.25 -17.25
N THR BB 181 -75.93 -6.76 -16.88
CA THR BB 181 -74.75 -6.82 -17.73
C THR BB 181 -74.03 -8.13 -17.51
N MET BB 182 -73.61 -8.75 -18.62
CA MET BB 182 -72.97 -10.05 -18.61
C MET BB 182 -71.65 -9.95 -19.34
N TYR BB 183 -70.63 -10.62 -18.81
CA TYR BB 183 -69.29 -10.63 -19.37
C TYR BB 183 -68.98 -12.06 -19.77
N VAL BB 184 -69.07 -12.32 -21.06
CA VAL BB 184 -69.04 -13.67 -21.61
C VAL BB 184 -67.71 -13.88 -22.29
N GLN BB 185 -67.40 -15.15 -22.54
CA GLN BB 185 -66.17 -15.53 -23.21
C GLN BB 185 -66.48 -16.69 -24.13
N PHE BB 186 -66.49 -16.42 -25.44
CA PHE BB 186 -66.86 -17.40 -26.44
C PHE BB 186 -65.62 -18.11 -26.97
N ARG BB 187 -65.82 -19.02 -27.92
CA ARG BB 187 -64.75 -19.85 -28.43
C ARG BB 187 -65.23 -20.56 -29.69
N GLU BB 188 -64.28 -20.99 -30.51
CA GLU BB 188 -64.51 -21.79 -31.70
C GLU BB 188 -65.43 -21.06 -32.69
N PHE BB 189 -64.87 -20.02 -33.28
CA PHE BB 189 -65.53 -19.26 -34.34
C PHE BB 189 -66.00 -20.18 -35.45
N ASN BB 190 -67.31 -20.33 -35.59
CA ASN BB 190 -67.93 -21.36 -36.42
C ASN BB 190 -68.83 -20.77 -37.48
N LEU BB 191 -68.36 -19.73 -38.16
CA LEU BB 191 -69.18 -19.08 -39.16
C LEU BB 191 -69.27 -19.93 -40.41
N LYS BB 192 -70.45 -19.92 -41.02
CA LYS BB 192 -70.68 -20.55 -42.31
C LYS BB 192 -70.75 -19.48 -43.39
N ASP BB 193 -70.45 -19.90 -44.62
CA ASP BB 193 -70.48 -19.01 -45.79
C ASP BB 193 -71.00 -19.78 -46.98
N PRO BB 194 -72.31 -19.99 -47.08
CA PRO BB 194 -72.87 -20.56 -48.29
C PRO BB 194 -72.72 -19.60 -49.46
N PRO BB 195 -73.00 -20.05 -50.67
CA PRO BB 195 -72.98 -19.13 -51.81
C PRO BB 195 -74.22 -18.25 -51.84
N LEU BB 196 -74.38 -17.46 -52.91
CA LEU BB 196 -75.50 -16.54 -53.06
C LEU BB 196 -75.46 -15.47 -51.98
N TYR CB 1 -50.39 -17.66 25.26
CA TYR CB 1 -50.98 -18.59 26.22
C TYR CB 1 -52.41 -18.97 25.81
N ARG CB 2 -52.55 -19.46 24.57
CA ARG CB 2 -53.80 -19.99 24.02
C ARG CB 2 -54.99 -19.04 24.26
N TRP CB 3 -55.11 -17.91 23.52
CA TRP CB 3 -54.62 -17.69 22.13
C TRP CB 3 -55.20 -18.65 21.08
N ARG CB 4 -56.42 -18.49 20.75
CA ARG CB 4 -57.81 -18.92 20.87
C ARG CB 4 -58.07 -20.43 21.05
N ARG CB 5 -57.64 -21.38 20.21
CA ARG CB 5 -56.96 -21.30 18.92
C ARG CB 5 -57.84 -21.88 17.79
N LYS CB 6 -58.18 -23.16 17.94
CA LYS CB 6 -59.02 -23.91 17.02
C LYS CB 6 -60.10 -24.71 17.75
N ASN CB 7 -60.17 -24.62 19.07
CA ASN CB 7 -60.85 -25.63 19.89
C ASN CB 7 -62.37 -25.55 19.85
N GLY CB 8 -62.92 -25.06 18.75
CA GLY CB 8 -64.34 -24.88 18.55
C GLY CB 8 -64.65 -23.46 18.10
N ILE CB 9 -63.61 -22.67 17.90
CA ILE CB 9 -63.78 -21.25 17.68
C ILE CB 9 -64.42 -21.03 16.32
N PHE CB 10 -65.49 -20.25 16.29
CA PHE CB 10 -66.20 -19.93 15.05
C PHE CB 10 -66.71 -18.50 15.16
N ASN CB 11 -65.92 -17.57 14.67
CA ASN CB 11 -66.35 -16.19 14.60
C ASN CB 11 -67.37 -16.05 13.49
N THR CB 12 -68.44 -15.31 13.77
CA THR CB 12 -69.52 -15.15 12.82
C THR CB 12 -70.21 -13.82 13.09
N ARG CB 13 -71.38 -13.65 12.48
CA ARG CB 13 -72.13 -12.41 12.54
C ARG CB 13 -73.61 -12.75 12.62
N LEU CB 14 -74.35 -11.87 13.28
CA LEU CB 14 -75.80 -11.99 13.38
C LEU CB 14 -76.40 -10.61 13.29
N SER CB 15 -77.65 -10.56 12.86
CA SER CB 15 -78.32 -9.29 12.64
C SER CB 15 -79.82 -9.48 12.75
N ARG CB 16 -80.49 -8.42 13.17
CA ARG CB 16 -81.93 -8.36 13.21
C ARG CB 16 -82.36 -6.94 12.90
N THR CB 17 -83.66 -6.72 12.90
CA THR CB 17 -84.21 -5.44 12.46
C THR CB 17 -85.49 -5.14 13.24
N ILE CB 18 -85.68 -3.86 13.55
CA ILE CB 18 -86.84 -3.40 14.31
C ILE CB 18 -87.10 -1.95 13.96
N GLY CB 19 -88.35 -1.53 14.16
CA GLY CB 19 -88.75 -0.17 13.94
C GLY CB 19 -88.79 0.60 15.25
N TYR CB 20 -88.41 1.87 15.19
CA TYR CB 20 -88.45 2.76 16.34
C TYR CB 20 -89.05 4.07 15.88
N THR CB 21 -90.04 4.56 16.63
CA THR CB 21 -90.92 5.63 16.19
C THR CB 21 -90.90 6.74 17.23
N VAL CB 22 -90.22 7.83 16.91
CA VAL CB 22 -90.26 9.03 17.73
C VAL CB 22 -91.48 9.83 17.30
N LYS CB 23 -92.40 10.07 18.24
CA LYS CB 23 -93.71 10.61 17.92
C LYS CB 23 -93.67 12.13 17.86
N LYS CB 24 -94.79 12.69 17.43
CA LYS CB 24 -94.95 14.13 17.31
C LYS CB 24 -95.12 14.78 18.67
N THR CB 25 -95.17 16.11 18.66
CA THR CB 25 -95.53 16.90 19.83
C THR CB 25 -95.81 18.31 19.38
N THR CB 26 -96.85 18.90 19.96
CA THR CB 26 -97.15 20.31 19.70
C THR CB 26 -96.13 21.24 20.33
N VAL CB 27 -95.35 20.75 21.31
CA VAL CB 27 -94.29 21.55 21.91
C VAL CB 27 -93.32 22.00 20.83
N ARG CB 28 -92.85 23.24 20.94
CA ARG CB 28 -91.89 23.81 20.02
C ARG CB 28 -90.54 24.07 20.65
N THR CB 29 -90.47 24.12 21.98
CA THR CB 29 -89.18 24.26 22.62
C THR CB 29 -88.39 22.98 22.42
N PRO CB 30 -87.05 23.04 22.48
CA PRO CB 30 -86.27 21.82 22.31
C PRO CB 30 -86.57 20.82 23.41
N SER CB 31 -87.08 19.67 23.01
CA SER CB 31 -87.39 18.58 23.91
C SER CB 31 -86.92 17.28 23.29
N TRP CB 32 -86.41 16.39 24.14
CA TRP CB 32 -85.81 15.15 23.72
C TRP CB 32 -86.64 13.96 24.16
N ASN CB 33 -86.45 12.84 23.44
CA ASN CB 33 -87.15 11.59 23.69
C ASN CB 33 -86.09 10.54 23.99
N VAL CB 34 -85.98 10.15 25.25
CA VAL CB 34 -84.92 9.28 25.71
C VAL CB 34 -85.41 7.84 25.71
N ASP CB 35 -84.52 6.92 25.34
CA ASP CB 35 -84.82 5.51 25.35
C ASP CB 35 -83.51 4.76 25.35
N MET CB 36 -83.53 3.59 25.98
CA MET CB 36 -82.35 2.73 26.09
C MET CB 36 -82.37 1.69 24.98
N MET CB 37 -81.46 0.74 25.06
CA MET CB 37 -81.38 -0.33 24.07
C MET CB 37 -80.58 -1.48 24.67
N ARG CB 38 -81.20 -2.66 24.72
CA ARG CB 38 -80.61 -3.86 25.28
C ARG CB 38 -80.36 -4.87 24.17
N PHE CB 39 -79.39 -5.76 24.42
CA PHE CB 39 -79.00 -6.78 23.47
C PHE CB 39 -79.05 -8.13 24.15
N ASN CB 40 -79.79 -9.06 23.57
CA ASN CB 40 -79.90 -10.41 24.09
C ASN CB 40 -79.86 -11.36 22.90
N ILE CB 41 -79.03 -12.39 23.00
CA ILE CB 41 -78.78 -13.25 21.85
C ILE CB 41 -79.97 -14.12 21.50
N ASN CB 42 -80.90 -14.30 22.42
CA ASN CB 42 -82.09 -15.10 22.12
C ASN CB 42 -82.92 -14.46 21.02
N ASP CB 43 -82.81 -13.15 20.85
CA ASP CB 43 -83.50 -12.46 19.77
C ASP CB 43 -82.81 -12.63 18.43
N PHE CB 44 -81.60 -13.20 18.41
CA PHE CB 44 -80.87 -13.48 17.18
C PHE CB 44 -80.85 -14.95 16.82
N LEU CB 45 -80.65 -15.83 17.81
CA LEU CB 45 -80.59 -17.26 17.59
C LEU CB 45 -81.95 -17.86 17.90
N PRO CB 46 -82.74 -18.29 16.91
CA PRO CB 46 -83.97 -18.99 17.22
C PRO CB 46 -83.68 -20.39 17.72
N PRO CB 47 -84.68 -21.05 18.33
CA PRO CB 47 -84.42 -22.36 18.92
C PRO CB 47 -84.38 -23.45 17.87
N GLY CB 48 -83.52 -24.44 18.10
CA GLY CB 48 -83.42 -25.57 17.22
C GLY CB 48 -84.49 -26.60 17.48
N GLY CB 49 -84.11 -27.87 17.43
CA GLY CB 49 -85.05 -28.94 17.68
C GLY CB 49 -84.39 -30.25 17.99
N GLY CB 50 -84.97 -30.99 18.94
CA GLY CB 50 -84.45 -32.29 19.32
C GLY CB 50 -83.33 -32.20 20.33
N SER CB 51 -82.31 -33.04 20.18
CA SER CB 51 -81.20 -33.04 21.12
C SER CB 51 -80.38 -31.77 21.00
N ASN CB 52 -80.38 -31.14 19.82
CA ASN CB 52 -79.70 -29.86 19.63
C ASN CB 52 -80.69 -28.74 19.94
N PRO CB 53 -80.57 -28.04 21.07
CA PRO CB 53 -81.63 -27.10 21.46
C PRO CB 53 -81.59 -25.81 20.68
N LEU CB 54 -80.39 -25.39 20.28
CA LEU CB 54 -80.18 -24.18 19.51
C LEU CB 54 -80.02 -24.48 18.03
N THR CB 55 -80.05 -23.42 17.23
CA THR CB 55 -79.80 -23.52 15.80
C THR CB 55 -78.33 -23.57 15.47
N VAL CB 56 -77.48 -23.03 16.33
CA VAL CB 56 -76.04 -23.03 16.16
C VAL CB 56 -75.45 -24.06 17.11
N PRO CB 57 -74.73 -25.07 16.63
CA PRO CB 57 -74.23 -26.09 17.56
C PRO CB 57 -72.94 -25.67 18.25
N PHE CB 58 -73.09 -24.88 19.30
CA PHE CB 58 -71.98 -24.49 20.15
C PHE CB 58 -72.48 -24.32 21.57
N GLU CB 59 -71.55 -24.35 22.51
CA GLU CB 59 -71.85 -24.30 23.93
C GLU CB 59 -71.61 -22.92 24.52
N TYR CB 60 -70.41 -22.38 24.32
CA TYR CB 60 -70.02 -21.11 24.89
C TYR CB 60 -70.12 -20.02 23.84
N TYR CB 61 -70.01 -18.78 24.30
CA TYR CB 61 -70.01 -17.64 23.39
C TYR CB 61 -69.55 -16.40 24.14
N ARG CB 62 -69.14 -15.41 23.37
CA ARG CB 62 -68.80 -14.10 23.91
C ARG CB 62 -68.92 -13.08 22.79
N ILE CB 63 -69.62 -11.99 23.07
CA ILE CB 63 -69.87 -10.97 22.07
C ILE CB 63 -68.69 -10.04 22.01
N ARG CB 64 -68.04 -9.99 20.84
CA ARG CB 64 -66.90 -9.12 20.65
C ARG CB 64 -67.32 -7.68 20.42
N LYS CB 65 -68.23 -7.46 19.47
CA LYS CB 65 -68.60 -6.13 19.04
C LYS CB 65 -70.07 -6.12 18.67
N VAL CB 66 -70.61 -4.91 18.63
CA VAL CB 66 -71.97 -4.66 18.17
C VAL CB 66 -71.95 -3.44 17.29
N LYS CB 67 -72.68 -3.50 16.18
CA LYS CB 67 -72.80 -2.39 15.25
C LYS CB 67 -74.28 -2.08 15.10
N VAL CB 68 -74.72 -1.06 15.80
CA VAL CB 68 -76.07 -0.56 15.65
C VAL CB 68 -76.09 0.36 14.44
N GLU CB 69 -77.23 0.42 13.78
CA GLU CB 69 -77.39 1.20 12.56
C GLU CB 69 -78.79 1.78 12.55
N PHE CB 70 -78.87 3.10 12.44
CA PHE CB 70 -80.14 3.82 12.40
C PHE CB 70 -80.47 4.17 10.95
N TRP CB 71 -80.90 3.18 10.21
CA TRP CB 71 -81.35 3.43 8.85
C TRP CB 71 -82.67 4.17 8.91
N PRO CB 72 -82.75 5.44 8.53
CA PRO CB 72 -83.99 6.19 8.73
C PRO CB 72 -85.09 5.71 7.81
N CYS CB 73 -86.27 6.26 8.07
CA CYS CB 73 -87.44 6.04 7.26
C CYS CB 73 -88.09 7.33 6.79
N SER CB 74 -87.55 8.48 7.18
CA SER CB 74 -88.09 9.77 6.81
C SER CB 74 -87.41 10.29 5.56
N PRO CB 75 -88.06 11.18 4.82
CA PRO CB 75 -87.46 11.67 3.58
C PRO CB 75 -86.46 12.79 3.83
N ILE CB 76 -85.73 13.10 2.77
CA ILE CB 76 -84.76 14.18 2.82
C ILE CB 76 -85.47 15.53 2.99
N THR CB 77 -86.69 15.66 2.48
CA THR CB 77 -87.37 16.94 2.44
C THR CB 77 -88.15 17.25 3.71
N GLN CB 78 -87.80 16.61 4.82
CA GLN CB 78 -88.51 16.80 6.07
C GLN CB 78 -87.93 17.98 6.82
N GLY CB 79 -88.81 18.80 7.39
CA GLY CB 79 -88.42 19.99 8.10
C GLY CB 79 -88.45 19.79 9.60
N ASP CB 80 -88.24 20.90 10.30
CA ASP CB 80 -88.12 20.92 11.76
C ASP CB 80 -87.08 19.89 12.20
N ARG CB 81 -85.88 20.05 11.66
CA ARG CB 81 -84.82 19.12 11.95
C ARG CB 81 -84.41 19.26 13.41
N GLY CB 82 -83.43 18.47 13.81
CA GLY CB 82 -82.98 18.50 15.18
C GLY CB 82 -81.62 17.90 15.32
N VAL CB 83 -81.29 17.54 16.55
CA VAL CB 83 -79.99 16.98 16.86
C VAL CB 83 -80.12 16.19 18.15
N GLY CB 84 -79.53 14.99 18.14
CA GLY CB 84 -79.63 14.06 19.25
C GLY CB 84 -78.28 13.58 19.72
N SER CB 85 -78.26 12.46 20.43
CA SER CB 85 -77.01 11.95 20.97
C SER CB 85 -77.17 10.48 21.33
N THR CB 86 -76.14 9.71 21.04
CA THR CB 86 -76.05 8.31 21.41
C THR CB 86 -74.83 8.11 22.28
N ALA CB 87 -75.01 7.33 23.34
CA ALA CB 87 -73.95 7.10 24.30
C ALA CB 87 -73.94 5.62 24.68
N VAL CB 88 -72.79 5.19 25.17
CA VAL CB 88 -72.53 3.81 25.52
C VAL CB 88 -72.68 3.68 27.03
N ILE CB 89 -73.54 2.75 27.44
CA ILE CB 89 -73.88 2.54 28.85
C ILE CB 89 -73.61 1.08 29.14
N LEU CB 90 -72.58 0.81 29.93
CA LEU CB 90 -72.06 -0.53 30.12
C LEU CB 90 -72.44 -1.12 31.47
N ASP CB 91 -73.42 -0.52 32.17
CA ASP CB 91 -73.71 -0.88 33.55
C ASP CB 91 -75.20 -1.04 33.84
N ASP CB 92 -76.06 -1.00 32.82
CA ASP CB 92 -77.51 -1.11 33.01
C ASP CB 92 -78.06 0.05 33.82
N ASN CB 93 -77.36 1.18 33.82
CA ASN CB 93 -77.81 2.41 34.46
C ASN CB 93 -78.04 3.40 33.36
N PHE CB 94 -79.23 3.32 32.78
CA PHE CB 94 -79.64 4.26 31.76
C PHE CB 94 -80.23 5.48 32.43
N VAL CB 95 -80.71 6.41 31.62
CA VAL CB 95 -81.31 7.65 32.07
C VAL CB 95 -82.78 7.56 31.74
N THR CB 96 -83.62 7.84 32.74
CA THR CB 96 -85.01 7.41 32.79
C THR CB 96 -85.75 7.67 31.49
N LYS CB 97 -86.51 6.67 31.07
CA LYS CB 97 -87.28 6.74 29.85
C LYS CB 97 -88.27 7.90 29.91
N ALA CB 98 -88.21 8.77 28.90
CA ALA CB 98 -88.99 9.98 28.90
C ALA CB 98 -89.33 10.36 27.47
N ASN CB 99 -90.56 10.85 27.28
CA ASN CB 99 -91.01 11.30 25.97
C ASN CB 99 -90.63 12.74 25.69
N ALA CB 100 -90.41 13.54 26.73
CA ALA CB 100 -90.09 14.96 26.56
C ALA CB 100 -89.23 15.38 27.73
N LEU CB 101 -87.98 15.69 27.45
CA LEU CB 101 -87.04 16.18 28.45
C LEU CB 101 -86.39 17.43 27.91
N THR CB 102 -86.22 18.43 28.77
CA THR CB 102 -85.80 19.76 28.36
C THR CB 102 -84.33 19.85 28.01
N TYR CB 103 -83.59 18.74 28.04
CA TYR CB 103 -82.17 18.77 27.75
C TYR CB 103 -81.74 17.41 27.24
N ASP CB 104 -80.57 17.40 26.63
CA ASP CB 104 -79.97 16.17 26.11
C ASP CB 104 -79.06 15.60 27.19
N PRO CB 105 -79.48 14.56 27.91
CA PRO CB 105 -78.64 14.08 29.01
C PRO CB 105 -77.40 13.36 28.54
N TYR CB 106 -77.44 12.74 27.36
CA TYR CB 106 -76.31 12.00 26.84
C TYR CB 106 -75.38 12.87 26.02
N VAL CB 107 -75.40 14.19 26.21
CA VAL CB 107 -74.61 15.08 25.37
C VAL CB 107 -73.19 15.21 25.89
N ASN CB 108 -73.01 15.34 27.20
CA ASN CB 108 -71.69 15.49 27.78
C ASN CB 108 -71.01 14.17 28.07
N TYR CB 109 -71.70 13.05 27.86
CA TYR CB 109 -71.08 11.75 28.02
C TYR CB 109 -69.87 11.62 27.11
N SER CB 110 -68.79 11.07 27.65
CA SER CB 110 -67.57 10.92 26.88
C SER CB 110 -67.76 10.02 25.67
N SER CB 111 -68.69 9.08 25.75
CA SER CB 111 -68.99 8.18 24.65
C SER CB 111 -70.06 8.75 23.72
N ARG CB 112 -70.22 10.06 23.68
CA ARG CB 112 -71.26 10.67 22.88
C ARG CB 112 -70.84 10.77 21.43
N HIS CB 113 -71.73 10.37 20.54
CA HIS CB 113 -71.56 10.55 19.11
C HIS CB 113 -72.84 11.17 18.60
N THR CB 114 -72.71 12.34 17.99
CA THR CB 114 -73.87 13.14 17.66
C THR CB 114 -74.70 12.50 16.57
N ILE CB 115 -76.00 12.70 16.65
CA ILE CB 115 -76.94 12.30 15.62
C ILE CB 115 -77.41 13.55 14.90
N THR CB 116 -77.42 13.48 13.58
CA THR CB 116 -78.16 14.43 12.77
C THR CB 116 -79.50 13.80 12.45
N GLN CB 117 -80.54 14.61 12.46
CA GLN CB 117 -81.91 14.13 12.32
C GLN CB 117 -82.61 14.90 11.22
N PRO CB 118 -83.69 14.34 10.66
CA PRO CB 118 -84.30 13.02 10.82
C PRO CB 118 -84.02 12.05 9.69
N PHE CB 119 -83.18 12.42 8.74
CA PHE CB 119 -82.98 11.64 7.53
C PHE CB 119 -81.57 11.07 7.39
N SER CB 120 -80.75 11.17 8.42
CA SER CB 120 -79.36 10.77 8.35
C SER CB 120 -79.16 9.39 8.94
N TYR CB 121 -78.02 8.79 8.60
CA TYR CB 121 -77.61 7.49 9.08
C TYR CB 121 -76.60 7.66 10.20
N HIS CB 122 -76.73 6.83 11.23
CA HIS CB 122 -75.83 6.88 12.37
C HIS CB 122 -75.52 5.46 12.81
N SER CB 123 -74.25 5.22 13.13
CA SER CB 123 -73.77 3.91 13.48
C SER CB 123 -72.83 4.00 14.66
N ARG CB 124 -72.81 2.94 15.47
CA ARG CB 124 -72.04 2.90 16.71
C ARG CB 124 -71.46 1.50 16.85
N TYR CB 125 -70.15 1.38 16.66
CA TYR CB 125 -69.44 0.12 16.67
C TYR CB 125 -68.64 0.05 17.95
N PHE CB 126 -69.13 -0.75 18.90
CA PHE CB 126 -68.56 -0.79 20.23
C PHE CB 126 -68.62 -2.20 20.79
N THR CB 127 -67.99 -2.37 21.93
CA THR CB 127 -67.96 -3.63 22.65
C THR CB 127 -68.97 -3.58 23.79
N PRO CB 128 -70.02 -4.38 23.79
CA PRO CB 128 -70.93 -4.41 24.92
C PRO CB 128 -70.36 -5.25 26.06
N LYS CB 129 -71.07 -5.22 27.17
CA LYS CB 129 -70.70 -5.98 28.35
C LYS CB 129 -71.95 -6.65 28.89
N PRO CB 130 -71.81 -7.80 29.55
CA PRO CB 130 -72.98 -8.47 30.09
C PRO CB 130 -73.35 -7.96 31.48
N VAL CB 131 -74.52 -8.40 31.92
CA VAL CB 131 -75.07 -8.02 33.22
C VAL CB 131 -74.88 -9.23 34.12
N LEU CB 132 -73.75 -9.25 34.84
CA LEU CB 132 -73.46 -10.33 35.76
C LEU CB 132 -74.14 -10.12 37.10
N ASP CB 133 -74.10 -8.90 37.63
CA ASP CB 133 -74.71 -8.57 38.91
C ASP CB 133 -75.38 -7.21 38.79
N ARG CB 134 -76.70 -7.18 38.89
CA ARG CB 134 -77.43 -5.93 38.79
C ARG CB 134 -77.21 -5.06 40.02
N THR CB 135 -77.08 -5.68 41.19
CA THR CB 135 -76.87 -4.92 42.41
C THR CB 135 -75.54 -4.16 42.36
N ILE CB 136 -74.50 -4.82 41.87
CA ILE CB 136 -73.16 -4.28 41.89
C ILE CB 136 -72.81 -3.61 40.58
N ASP CB 137 -73.28 -4.18 39.47
CA ASP CB 137 -73.10 -3.62 38.14
C ASP CB 137 -71.62 -3.44 37.82
N TYR CB 138 -70.90 -4.55 37.77
CA TYR CB 138 -69.50 -4.56 37.39
C TYR CB 138 -69.34 -5.08 35.97
N PHE CB 139 -68.22 -4.70 35.37
CA PHE CB 139 -67.87 -5.14 34.04
C PHE CB 139 -66.39 -4.92 33.86
N GLN CB 140 -65.82 -5.65 32.91
CA GLN CB 140 -64.40 -5.63 32.71
C GLN CB 140 -64.02 -4.79 31.50
N PRO CB 141 -62.77 -4.38 31.39
CA PRO CB 141 -62.37 -3.58 30.24
C PRO CB 141 -62.42 -4.34 28.94
N ASN CB 142 -62.02 -3.67 27.87
CA ASN CB 142 -61.98 -4.28 26.54
C ASN CB 142 -60.62 -4.92 26.36
N ASN CB 143 -60.55 -6.23 26.55
CA ASN CB 143 -59.35 -7.00 26.27
C ASN CB 143 -59.79 -8.32 25.66
N LYS CB 144 -59.37 -8.57 24.43
CA LYS CB 144 -59.87 -9.71 23.70
C LYS CB 144 -59.42 -11.02 24.33
N ARG CB 145 -58.15 -11.11 24.73
CA ARG CB 145 -57.62 -12.37 25.24
C ARG CB 145 -58.37 -12.81 26.48
N ASN CB 146 -58.51 -11.91 27.46
CA ASN CB 146 -59.06 -12.25 28.76
C ASN CB 146 -60.54 -11.93 28.88
N GLN CB 147 -61.24 -11.74 27.77
CA GLN CB 147 -62.68 -11.58 27.82
C GLN CB 147 -63.34 -12.88 28.23
N LEU CB 148 -64.45 -12.74 28.94
CA LEU CB 148 -65.12 -13.90 29.51
C LEU CB 148 -65.86 -14.69 28.45
N TRP CB 149 -66.11 -15.95 28.78
CA TRP CB 149 -66.97 -16.82 28.02
C TRP CB 149 -68.27 -17.02 28.78
N LEU CB 150 -69.32 -17.32 28.04
CA LEU CB 150 -70.66 -17.45 28.58
C LEU CB 150 -71.35 -18.64 27.96
N ARG CB 151 -72.02 -19.42 28.79
CA ARG CB 151 -72.79 -20.54 28.29
C ARG CB 151 -73.92 -20.04 27.40
N LEU CB 152 -74.13 -20.74 26.29
CA LEU CB 152 -75.17 -20.38 25.34
C LEU CB 152 -76.43 -21.12 25.78
N GLN CB 153 -77.22 -20.45 26.62
CA GLN CB 153 -78.43 -21.04 27.12
C GLN CB 153 -79.52 -21.02 26.06
N THR CB 154 -80.59 -21.75 26.33
CA THR CB 154 -81.67 -21.94 25.38
C THR CB 154 -82.72 -20.85 25.45
N THR CB 155 -83.10 -20.42 26.66
CA THR CB 155 -84.18 -19.47 26.85
C THR CB 155 -83.86 -18.34 27.80
N GLY CB 156 -82.75 -18.39 28.52
CA GLY CB 156 -82.46 -17.44 29.57
C GLY CB 156 -81.09 -16.80 29.47
N ASN CB 157 -80.67 -16.48 28.26
CA ASN CB 157 -79.39 -15.82 28.07
C ASN CB 157 -79.41 -14.44 28.71
N VAL CB 158 -78.24 -13.99 29.13
CA VAL CB 158 -78.11 -12.75 29.88
C VAL CB 158 -78.22 -11.56 28.95
N ASP CB 159 -78.73 -10.46 29.48
CA ASP CB 159 -79.01 -9.27 28.70
C ASP CB 159 -77.76 -8.42 28.64
N HIS CB 160 -77.04 -8.50 27.52
CA HIS CB 160 -75.99 -7.54 27.25
C HIS CB 160 -76.56 -6.13 27.17
N VAL CB 161 -75.66 -5.16 27.26
CA VAL CB 161 -76.02 -3.76 27.39
C VAL CB 161 -74.94 -2.95 26.68
N GLY CB 162 -75.18 -1.64 26.56
CA GLY CB 162 -74.23 -0.81 25.85
C GLY CB 162 -74.72 0.35 25.00
N LEU CB 163 -75.99 0.72 25.00
CA LEU CB 163 -76.37 1.92 24.25
C LEU CB 163 -77.61 2.59 24.81
N GLY CB 164 -77.58 3.91 24.80
CA GLY CB 164 -78.73 4.72 25.14
C GLY CB 164 -78.82 5.89 24.18
N THR CB 165 -80.05 6.33 23.95
CA THR CB 165 -80.35 7.29 22.90
C THR CB 165 -81.06 8.50 23.48
N ALA CB 166 -81.01 9.59 22.71
CA ALA CB 166 -81.77 10.79 23.02
C ALA CB 166 -82.02 11.52 21.70
N PHE CB 167 -83.23 11.40 21.19
CA PHE CB 167 -83.63 12.03 19.95
C PHE CB 167 -84.43 13.28 20.24
N GLU CB 168 -84.21 14.31 19.44
CA GLU CB 168 -84.90 15.58 19.62
C GLU CB 168 -86.28 15.51 18.99
N ASN CB 169 -87.28 15.86 19.78
CA ASN CB 169 -88.65 15.78 19.31
C ASN CB 169 -88.88 16.75 18.16
N SER CB 170 -89.92 16.47 17.38
CA SER CB 170 -90.24 17.29 16.22
C SER CB 170 -91.74 17.23 15.98
N ILE CB 171 -92.22 18.17 15.17
CA ILE CB 171 -93.63 18.23 14.84
C ILE CB 171 -94.06 16.97 14.11
N TYR CB 172 -93.19 16.46 13.25
CA TYR CB 172 -93.48 15.31 12.42
C TYR CB 172 -92.92 14.04 13.04
N ASP CB 173 -93.55 12.91 12.72
CA ASP CB 173 -93.03 11.63 13.16
C ASP CB 173 -91.67 11.38 12.53
N GLN CB 174 -90.77 10.80 13.33
CA GLN CB 174 -89.43 10.43 12.89
C GLN CB 174 -89.33 8.92 13.07
N ASP CB 175 -89.76 8.19 12.04
CA ASP CB 175 -89.65 6.75 12.06
C ASP CB 175 -88.24 6.35 11.66
N TYR CB 176 -87.78 5.26 12.26
CA TYR CB 176 -86.45 4.72 11.99
C TYR CB 176 -86.56 3.22 11.79
N ASN CB 177 -85.51 2.67 11.18
CA ASN CB 177 -85.41 1.25 10.89
C ASN CB 177 -84.06 0.82 11.46
N ILE CB 178 -84.08 0.34 12.69
CA ILE CB 178 -82.86 0.00 13.40
C ILE CB 178 -82.41 -1.39 12.98
N ARG CB 179 -81.10 -1.54 12.83
CA ARG CB 179 -80.47 -2.82 12.54
C ARG CB 179 -79.39 -3.04 13.58
N ILE CB 180 -79.50 -4.14 14.32
CA ILE CB 180 -78.57 -4.48 15.37
C ILE CB 180 -77.72 -5.64 14.88
N THR CB 181 -76.56 -5.32 14.33
CA THR CB 181 -75.61 -6.33 13.90
C THR CB 181 -74.71 -6.69 15.08
N MET CB 182 -74.47 -7.98 15.23
CA MET CB 182 -73.70 -8.53 16.33
C MET CB 182 -72.59 -9.40 15.78
N TYR CB 183 -71.42 -9.29 16.39
CA TYR CB 183 -70.23 -10.04 15.99
C TYR CB 183 -69.85 -10.95 17.15
N VAL CB 184 -70.20 -12.22 17.02
CA VAL CB 184 -70.13 -13.19 18.10
C VAL CB 184 -68.97 -14.12 17.85
N GLN CB 185 -68.57 -14.82 18.90
CA GLN CB 185 -67.48 -15.78 18.83
C GLN CB 185 -67.85 -16.97 19.69
N PHE CB 186 -68.18 -18.08 19.04
CA PHE CB 186 -68.64 -19.28 19.71
C PHE CB 186 -67.47 -20.23 19.99
N ARG CB 187 -67.77 -21.37 20.59
CA ARG CB 187 -66.74 -22.31 21.01
C ARG CB 187 -67.40 -23.62 21.39
N GLU CB 188 -66.61 -24.70 21.36
CA GLU CB 188 -67.00 -26.03 21.78
C GLU CB 188 -68.19 -26.56 20.97
N PHE CB 189 -67.90 -26.84 19.71
CA PHE CB 189 -68.85 -27.45 18.80
C PHE CB 189 -69.45 -28.71 19.40
N ASN CB 190 -70.73 -28.68 19.74
CA ASN CB 190 -71.39 -29.68 20.55
C ASN CB 190 -72.57 -30.30 19.84
N LEU CB 191 -72.38 -30.67 18.58
CA LEU CB 191 -73.46 -31.24 17.81
C LEU CB 191 -73.73 -32.67 18.24
N LYS CB 192 -74.99 -33.04 18.25
CA LYS CB 192 -75.43 -34.40 18.49
C LYS CB 192 -75.86 -35.04 17.17
N ASP CB 193 -75.79 -36.37 17.13
CA ASP CB 193 -76.19 -37.14 15.95
C ASP CB 193 -76.85 -38.42 16.40
N PRO CB 194 -78.11 -38.35 16.80
CA PRO CB 194 -78.86 -39.57 17.07
C PRO CB 194 -79.08 -40.36 15.79
N PRO CB 195 -79.55 -41.59 15.88
CA PRO CB 195 -79.90 -42.34 14.67
C PRO CB 195 -81.21 -41.87 14.06
N LEU CB 196 -81.68 -42.56 13.03
CA LEU CB 196 -82.90 -42.20 12.31
C LEU CB 196 -82.75 -40.85 11.65
N TYR DB 1 -53.92 -2.23 23.74
CA TYR DB 1 -55.33 -2.48 23.46
C TYR DB 1 -56.24 -1.65 24.37
N ARG DB 2 -56.03 -0.32 24.35
CA ARG DB 2 -56.86 0.67 25.04
C ARG DB 2 -57.09 0.28 26.50
N TRP DB 3 -56.11 0.43 27.42
CA TRP DB 3 -55.00 1.42 27.38
C TRP DB 3 -55.44 2.89 27.37
N ARG DB 4 -55.91 3.36 28.44
CA ARG DB 4 -57.09 3.76 29.21
C ARG DB 4 -58.27 4.37 28.43
N ARG DB 5 -58.19 5.43 27.62
CA ARG DB 5 -57.09 6.34 27.35
C ARG DB 5 -57.43 7.78 27.82
N LYS DB 6 -58.52 8.32 27.24
CA LYS DB 6 -59.05 9.65 27.53
C LYS DB 6 -60.55 9.62 27.74
N ASN DB 7 -61.20 8.45 27.66
CA ASN DB 7 -62.64 8.36 27.42
C ASN DB 7 -63.50 8.70 28.64
N GLY DB 8 -62.99 9.55 29.53
CA GLY DB 8 -63.64 9.94 30.75
C GLY DB 8 -62.73 9.75 31.93
N ILE DB 9 -61.50 9.32 31.68
CA ILE DB 9 -60.62 8.90 32.75
C ILE DB 9 -60.20 10.11 33.56
N PHE DB 10 -60.36 10.01 34.88
CA PHE DB 10 -59.98 11.09 35.79
C PHE DB 10 -59.46 10.45 37.07
N ASN DB 11 -58.16 10.26 37.13
CA ASN DB 11 -57.52 9.78 38.34
C ASN DB 11 -57.52 10.89 39.38
N THR DB 12 -57.85 10.55 40.61
CA THR DB 12 -57.94 11.52 41.68
C THR DB 12 -57.67 10.83 43.00
N ARG DB 13 -57.98 11.53 44.08
CA ARG DB 13 -57.69 11.09 45.43
C ARG DB 13 -58.84 11.49 46.33
N LEU DB 14 -59.08 10.69 47.36
CA LEU DB 14 -60.09 10.97 48.37
C LEU DB 14 -59.55 10.55 49.72
N SER DB 15 -60.07 11.17 50.77
CA SER DB 15 -59.57 10.93 52.10
C SER DB 15 -60.67 11.25 53.10
N ARG DB 16 -60.62 10.54 54.23
CA ARG DB 16 -61.49 10.81 55.35
C ARG DB 16 -60.70 10.52 56.62
N THR DB 17 -61.37 10.69 57.76
CA THR DB 17 -60.69 10.59 59.04
C THR DB 17 -61.66 10.08 60.09
N ILE DB 18 -61.14 9.27 61.01
CA ILE DB 18 -61.93 8.66 62.06
C ILE DB 18 -61.02 8.33 63.24
N GLY DB 19 -61.61 8.25 64.41
CA GLY DB 19 -60.90 7.90 65.62
C GLY DB 19 -61.10 6.43 65.95
N TYR DB 20 -60.04 5.81 66.47
CA TYR DB 20 -60.08 4.43 66.90
C TYR DB 20 -59.39 4.34 68.25
N THR DB 21 -60.06 3.69 69.20
CA THR DB 21 -59.73 3.77 70.61
C THR DB 21 -59.54 2.36 71.15
N VAL DB 22 -58.28 1.98 71.37
CA VAL DB 22 -57.96 0.74 72.05
C VAL DB 22 -57.99 1.00 73.54
N LYS DB 23 -58.86 0.30 74.25
CA LYS DB 23 -59.17 0.61 75.62
C LYS DB 23 -58.18 -0.05 76.58
N LYS DB 24 -58.30 0.31 77.85
CA LYS DB 24 -57.44 -0.21 78.89
C LYS DB 24 -57.80 -1.65 79.23
N THR DB 25 -57.01 -2.24 80.13
CA THR DB 25 -57.30 -3.53 80.72
C THR DB 25 -56.38 -3.73 81.90
N THR DB 26 -56.93 -4.28 82.98
CA THR DB 26 -56.11 -4.64 84.13
C THR DB 26 -55.22 -5.83 83.85
N VAL DB 27 -55.53 -6.62 82.81
CA VAL DB 27 -54.67 -7.73 82.43
C VAL DB 27 -53.28 -7.23 82.13
N ARG DB 28 -52.28 -8.00 82.54
CA ARG DB 28 -50.88 -7.68 82.31
C ARG DB 28 -50.21 -8.65 81.36
N THR DB 29 -50.77 -9.82 81.14
CA THR DB 29 -50.22 -10.72 80.15
C THR DB 29 -50.44 -10.13 78.76
N PRO DB 30 -49.61 -10.50 77.79
CA PRO DB 30 -49.81 -9.97 76.43
C PRO DB 30 -51.15 -10.40 75.87
N SER DB 31 -51.99 -9.40 75.59
CA SER DB 31 -53.30 -9.61 75.01
C SER DB 31 -53.52 -8.58 73.92
N TRP DB 32 -54.17 -9.03 72.85
CA TRP DB 32 -54.37 -8.22 71.66
C TRP DB 32 -55.84 -7.86 71.47
N ASN DB 33 -56.06 -6.78 70.74
CA ASN DB 33 -57.39 -6.26 70.43
C ASN DB 33 -57.55 -6.25 68.92
N VAL DB 34 -58.34 -7.18 68.42
CA VAL DB 34 -58.45 -7.41 66.99
C VAL DB 34 -59.65 -6.65 66.45
N ASP DB 35 -59.50 -6.10 65.25
CA ASP DB 35 -60.57 -5.39 64.59
C ASP DB 35 -60.24 -5.34 63.10
N MET DB 36 -61.28 -5.33 62.29
CA MET DB 36 -61.15 -5.29 60.84
C MET DB 36 -61.26 -3.85 60.36
N MET DB 37 -61.33 -3.68 59.04
CA MET DB 37 -61.47 -2.36 58.45
C MET DB 37 -62.00 -2.52 57.03
N ARG DB 38 -63.13 -1.89 56.75
CA ARG DB 38 -63.79 -1.94 55.45
C ARG DB 38 -63.74 -0.57 54.78
N PHE DB 39 -63.81 -0.60 53.46
CA PHE DB 39 -63.74 0.61 52.64
C PHE DB 39 -64.94 0.65 51.73
N ASN DB 40 -65.70 1.75 51.79
CA ASN DB 40 -66.85 1.95 50.94
C ASN DB 40 -66.83 3.40 50.49
N ILE DB 41 -67.03 3.61 49.19
CA ILE DB 41 -66.84 4.93 48.62
C ILE DB 41 -67.93 5.89 49.03
N ASN DB 42 -69.07 5.39 49.49
CA ASN DB 42 -70.14 6.29 49.92
C ASN DB 42 -69.71 7.12 51.12
N ASP DB 43 -68.75 6.63 51.90
CA ASP DB 43 -68.21 7.40 53.01
C ASP DB 43 -67.22 8.47 52.57
N PHE DB 44 -66.83 8.49 51.29
CA PHE DB 44 -65.96 9.51 50.73
C PHE DB 44 -66.70 10.49 49.84
N LEU DB 45 -67.59 10.01 48.99
CA LEU DB 45 -68.36 10.84 48.08
C LEU DB 45 -69.71 11.16 48.68
N PRO DB 46 -69.97 12.37 49.15
CA PRO DB 46 -71.31 12.69 49.60
C PRO DB 46 -72.25 12.85 48.43
N PRO DB 47 -73.57 12.85 48.67
CA PRO DB 47 -74.51 12.90 47.57
C PRO DB 47 -74.65 14.29 47.00
N GLY DB 48 -74.86 14.35 45.69
CA GLY DB 48 -75.07 15.61 45.01
C GLY DB 48 -76.49 16.10 45.15
N GLY DB 49 -77.02 16.65 44.06
CA GLY DB 49 -78.38 17.13 44.06
C GLY DB 49 -78.96 17.32 42.68
N GLY DB 50 -80.23 16.97 42.52
CA GLY DB 50 -80.90 17.13 41.24
C GLY DB 50 -80.67 15.96 40.32
N SER DB 51 -80.50 16.27 39.03
CA SER DB 51 -80.27 15.22 38.05
C SER DB 51 -78.92 14.55 38.25
N ASN DB 52 -77.96 15.28 38.82
CA ASN DB 52 -76.66 14.69 39.14
C ASN DB 52 -76.71 14.13 40.55
N PRO DB 53 -76.76 12.81 40.73
CA PRO DB 53 -77.01 12.28 42.08
C PRO DB 53 -75.79 12.35 42.97
N LEU DB 54 -74.60 12.24 42.38
CA LEU DB 54 -73.35 12.29 43.11
C LEU DB 54 -72.71 13.66 43.01
N THR DB 55 -71.68 13.87 43.83
CA THR DB 55 -70.89 15.09 43.77
C THR DB 55 -69.86 15.07 42.66
N VAL DB 56 -69.43 13.89 42.23
CA VAL DB 56 -68.45 13.72 41.16
C VAL DB 56 -69.21 13.25 39.93
N PRO DB 57 -69.17 13.98 38.81
CA PRO DB 57 -69.95 13.54 37.66
C PRO DB 57 -69.24 12.47 36.84
N PHE DB 58 -69.35 11.23 37.30
CA PHE DB 58 -68.85 10.08 36.58
C PHE DB 58 -69.75 8.89 36.86
N GLU DB 59 -69.65 7.89 35.99
CA GLU DB 59 -70.50 6.71 36.06
C GLU DB 59 -69.79 5.52 36.66
N TYR DB 60 -68.63 5.18 36.11
CA TYR DB 60 -67.88 4.02 36.54
C TYR DB 60 -66.73 4.43 37.46
N TYR DB 61 -66.12 3.45 38.10
CA TYR DB 61 -64.97 3.70 38.95
C TYR DB 61 -64.29 2.38 39.28
N ARG DB 62 -63.04 2.49 39.70
CA ARG DB 62 -62.29 1.35 40.18
C ARG DB 62 -61.18 1.86 41.08
N ILE DB 63 -61.07 1.28 42.26
CA ILE DB 63 -60.10 1.72 43.25
C ILE DB 63 -58.76 1.09 42.95
N ARG DB 64 -57.76 1.93 42.66
CA ARG DB 64 -56.43 1.45 42.36
C ARG DB 64 -55.69 1.07 43.64
N LYS DB 65 -55.63 1.98 44.59
CA LYS DB 65 -54.82 1.83 45.78
C LYS DB 65 -55.52 2.46 46.96
N VAL DB 66 -55.09 2.05 48.14
CA VAL DB 66 -55.54 2.64 49.39
C VAL DB 66 -54.33 2.82 50.28
N LYS DB 67 -54.26 3.96 50.96
CA LYS DB 67 -53.19 4.29 51.89
C LYS DB 67 -53.83 4.59 53.24
N VAL DB 68 -53.81 3.62 54.10
CA VAL DB 68 -54.24 3.81 55.47
C VAL DB 68 -53.09 4.42 56.25
N GLU DB 69 -53.43 5.24 57.24
CA GLU DB 69 -52.44 5.96 58.04
C GLU DB 69 -52.93 6.00 59.47
N PHE DB 70 -52.10 5.51 60.39
CA PHE DB 70 -52.42 5.49 61.81
C PHE DB 70 -51.69 6.64 62.49
N TRP DB 71 -52.20 7.83 62.30
CA TRP DB 71 -51.66 8.98 62.99
C TRP DB 71 -52.04 8.89 64.46
N PRO DB 72 -51.10 8.63 65.38
CA PRO DB 72 -51.49 8.40 66.76
C PRO DB 72 -52.01 9.65 67.44
N CYS DB 73 -52.52 9.44 68.64
CA CYS DB 73 -52.97 10.50 69.51
C CYS DB 73 -52.33 10.44 70.89
N SER DB 74 -51.48 9.46 71.15
CA SER DB 74 -50.82 9.30 72.43
C SER DB 74 -49.48 9.99 72.43
N PRO DB 75 -48.95 10.35 73.59
CA PRO DB 75 -47.67 11.07 73.62
C PRO DB 75 -46.49 10.12 73.53
N ILE DB 76 -45.33 10.73 73.33
CA ILE DB 76 -44.09 9.98 73.27
C ILE DB 76 -43.76 9.35 74.63
N THR DB 77 -44.18 9.99 75.71
CA THR DB 77 -43.77 9.59 77.05
C THR DB 77 -44.68 8.54 77.66
N GLN DB 78 -45.41 7.81 76.83
CA GLN DB 78 -46.34 6.80 77.31
C GLN DB 78 -45.61 5.47 77.50
N GLY DB 79 -45.92 4.81 78.61
CA GLY DB 79 -45.29 3.55 78.95
C GLY DB 79 -46.17 2.37 78.64
N ASP DB 80 -45.70 1.20 79.08
CA ASP DB 80 -46.33 -0.08 78.79
C ASP DB 80 -46.56 -0.22 77.30
N ARG DB 81 -45.46 -0.09 76.56
CA ARG DB 81 -45.53 -0.15 75.11
C ARG DB 81 -45.90 -1.56 74.69
N GLY DB 82 -45.99 -1.75 73.39
CA GLY DB 82 -46.38 -3.03 72.87
C GLY DB 82 -45.98 -3.18 71.43
N VAL DB 83 -46.60 -4.15 70.77
CA VAL DB 83 -46.32 -4.44 69.38
C VAL DB 83 -47.52 -5.15 68.79
N GLY DB 84 -47.89 -4.74 67.59
CA GLY DB 84 -49.08 -5.23 66.92
C GLY DB 84 -48.79 -5.71 65.52
N SER DB 85 -49.82 -5.81 64.69
CA SER DB 85 -49.65 -6.31 63.34
C SER DB 85 -50.83 -5.91 62.49
N THR DB 86 -50.54 -5.53 61.25
CA THR DB 86 -51.55 -5.23 60.25
C THR DB 86 -51.35 -6.15 59.07
N ALA DB 87 -52.46 -6.67 58.56
CA ALA DB 87 -52.43 -7.62 57.46
C ALA DB 87 -53.53 -7.28 56.47
N VAL DB 88 -53.32 -7.74 55.25
CA VAL DB 88 -54.21 -7.46 54.13
C VAL DB 88 -55.12 -8.66 53.93
N ILE DB 89 -56.42 -8.41 53.95
CA ILE DB 89 -57.44 -9.44 53.86
C ILE DB 89 -58.35 -9.08 52.70
N LEU DB 90 -58.26 -9.86 51.63
CA LEU DB 90 -58.88 -9.52 50.37
C LEU DB 90 -60.14 -10.33 50.08
N ASP DB 91 -60.71 -10.99 51.11
CA ASP DB 91 -61.78 -11.94 50.90
C ASP DB 91 -62.93 -11.79 51.89
N ASP DB 92 -62.94 -10.75 52.72
CA ASP DB 92 -63.98 -10.54 53.73
C ASP DB 92 -63.99 -11.66 54.76
N ASN DB 93 -62.86 -12.32 54.94
CA ASN DB 93 -62.68 -13.34 55.96
C ASN DB 93 -61.66 -12.80 56.94
N PHE DB 94 -62.16 -12.00 57.87
CA PHE DB 94 -61.32 -11.47 58.92
C PHE DB 94 -61.25 -12.47 60.05
N VAL DB 95 -60.56 -12.10 61.12
CA VAL DB 95 -60.38 -12.93 62.29
C VAL DB 95 -61.18 -12.28 63.40
N THR DB 96 -62.00 -13.08 64.07
CA THR DB 96 -63.15 -12.62 64.85
C THR DB 96 -62.81 -11.46 65.77
N LYS DB 97 -63.68 -10.47 65.77
CA LYS DB 97 -63.50 -9.27 66.59
C LYS DB 97 -63.40 -9.65 68.06
N ALA DB 98 -62.35 -9.19 68.70
CA ALA DB 98 -62.06 -9.59 70.07
C ALA DB 98 -61.33 -8.45 70.77
N ASN DB 99 -61.69 -8.24 72.04
CA ASN DB 99 -61.05 -7.23 72.85
C ASN DB 99 -59.78 -7.74 73.52
N ALA DB 100 -59.65 -9.05 73.72
CA ALA DB 100 -58.50 -9.62 74.40
C ALA DB 100 -58.28 -11.02 73.84
N LEU DB 101 -57.18 -11.19 73.12
CA LEU DB 101 -56.79 -12.48 72.57
C LEU DB 101 -55.35 -12.74 72.94
N THR DB 102 -55.06 -13.98 73.32
CA THR DB 102 -53.77 -14.32 73.90
C THR DB 102 -52.65 -14.39 72.89
N TYR DB 103 -52.90 -14.08 71.63
CA TYR DB 103 -51.86 -14.16 70.61
C TYR DB 103 -52.20 -13.19 69.49
N ASP DB 104 -51.20 -12.90 68.67
CA ASP DB 104 -51.34 -12.03 67.52
C ASP DB 104 -51.68 -12.89 66.32
N PRO DB 105 -52.93 -12.93 65.87
CA PRO DB 105 -53.26 -13.84 64.77
C PRO DB 105 -52.73 -13.39 63.44
N TYR DB 106 -52.55 -12.09 63.25
CA TYR DB 106 -52.06 -11.54 62.00
C TYR DB 106 -50.55 -11.44 61.96
N VAL DB 107 -49.83 -12.20 62.78
CA VAL DB 107 -48.39 -12.07 62.86
C VAL DB 107 -47.69 -12.89 61.79
N ASN DB 108 -48.15 -14.11 61.55
CA ASN DB 108 -47.54 -14.98 60.56
C ASN DB 108 -48.09 -14.76 59.15
N TYR DB 109 -49.10 -13.91 59.00
CA TYR DB 109 -49.60 -13.59 57.68
C TYR DB 109 -48.50 -13.01 56.82
N SER DB 110 -48.46 -13.46 55.57
CA SER DB 110 -47.41 -13.02 54.65
C SER DB 110 -47.50 -11.52 54.41
N SER DB 111 -48.69 -10.94 54.51
CA SER DB 111 -48.90 -9.51 54.33
C SER DB 111 -48.75 -8.74 55.63
N ARG DB 112 -48.00 -9.27 56.58
CA ARG DB 112 -47.87 -8.64 57.88
C ARG DB 112 -46.84 -7.53 57.82
N HIS DB 113 -47.20 -6.38 58.38
CA HIS DB 113 -46.28 -5.27 58.57
C HIS DB 113 -46.42 -4.83 60.01
N THR DB 114 -45.32 -4.88 60.74
CA THR DB 114 -45.36 -4.72 62.19
C THR DB 114 -45.74 -3.29 62.56
N ILE DB 115 -46.45 -3.17 63.67
CA ILE DB 115 -46.76 -1.89 64.28
C ILE DB 115 -45.91 -1.75 65.52
N THR DB 116 -45.32 -0.59 65.69
CA THR DB 116 -44.79 -0.15 66.97
C THR DB 116 -45.84 0.70 67.63
N GLN DB 117 -45.97 0.56 68.94
CA GLN DB 117 -47.03 1.19 69.69
C GLN DB 117 -46.44 1.95 70.87
N PRO DB 118 -47.18 2.93 71.42
CA PRO DB 118 -48.45 3.52 71.03
C PRO DB 118 -48.33 4.87 70.37
N PHE DB 119 -47.12 5.34 70.09
CA PHE DB 119 -46.89 6.70 69.63
C PHE DB 119 -46.32 6.77 68.22
N SER DB 120 -46.26 5.66 67.51
CA SER DB 120 -45.63 5.60 66.20
C SER DB 120 -46.65 5.68 65.08
N TYR DB 121 -46.16 6.00 63.90
CA TYR DB 121 -46.96 6.09 62.68
C TYR DB 121 -46.78 4.84 61.87
N HIS DB 122 -47.87 4.36 61.28
CA HIS DB 122 -47.87 3.15 60.48
C HIS DB 122 -48.77 3.36 59.28
N SER DB 123 -48.30 2.92 58.11
CA SER DB 123 -49.01 3.12 56.86
C SER DB 123 -48.95 1.85 56.04
N ARG DB 124 -49.99 1.64 55.24
CA ARG DB 124 -50.16 0.42 54.44
C ARG DB 124 -50.74 0.82 53.10
N TYR DB 125 -49.92 0.75 52.06
CA TYR DB 125 -50.28 1.17 50.72
C TYR DB 125 -50.47 -0.08 49.88
N PHE DB 126 -51.72 -0.42 49.61
CA PHE DB 126 -52.06 -1.67 48.96
C PHE DB 126 -53.24 -1.48 48.03
N THR DB 127 -53.53 -2.54 47.28
CA THR DB 127 -54.65 -2.58 46.36
C THR DB 127 -55.78 -3.35 46.99
N PRO DB 128 -56.93 -2.75 47.27
CA PRO DB 128 -58.05 -3.52 47.80
C PRO DB 128 -58.78 -4.23 46.66
N LYS DB 129 -59.74 -5.04 47.06
CA LYS DB 129 -60.57 -5.79 46.14
C LYS DB 129 -62.01 -5.66 46.59
N PRO DB 130 -62.97 -5.74 45.66
CA PRO DB 130 -64.37 -5.63 46.05
C PRO DB 130 -64.96 -6.98 46.45
N VAL DB 131 -66.16 -6.90 47.00
CA VAL DB 131 -66.89 -8.06 47.47
C VAL DB 131 -67.97 -8.33 46.43
N LEU DB 132 -67.64 -9.18 45.46
CA LEU DB 132 -68.59 -9.54 44.42
C LEU DB 132 -69.53 -10.65 44.86
N ASP DB 133 -69.00 -11.67 45.54
CA ASP DB 133 -69.81 -12.78 46.03
C ASP DB 133 -69.31 -13.16 47.40
N ARG DB 134 -70.15 -12.97 48.42
CA ARG DB 134 -69.76 -13.31 49.78
C ARG DB 134 -69.69 -14.81 49.98
N THR DB 135 -70.57 -15.56 49.33
CA THR DB 135 -70.56 -17.01 49.47
C THR DB 135 -69.26 -17.60 48.95
N ILE DB 136 -68.80 -17.10 47.81
CA ILE DB 136 -67.65 -17.67 47.12
C ILE DB 136 -66.38 -16.93 47.48
N ASP DB 137 -66.48 -15.61 47.63
CA ASP DB 137 -65.37 -14.76 48.03
C ASP DB 137 -64.19 -14.90 47.07
N TYR DB 138 -64.43 -14.49 45.83
CA TYR DB 138 -63.39 -14.48 44.82
C TYR DB 138 -62.92 -13.06 44.57
N PHE DB 139 -61.71 -12.96 44.04
CA PHE DB 139 -61.11 -11.69 43.69
C PHE DB 139 -59.98 -11.96 42.72
N GLN DB 140 -59.62 -10.93 41.98
CA GLN DB 140 -58.64 -11.09 40.94
C GLN DB 140 -57.30 -10.52 41.35
N PRO DB 141 -56.23 -10.89 40.67
CA PRO DB 141 -54.92 -10.35 41.04
C PRO DB 141 -54.78 -8.87 40.79
N ASN DB 142 -53.60 -8.34 41.06
CA ASN DB 142 -53.31 -6.94 40.83
C ASN DB 142 -52.77 -6.79 39.42
N ASN DB 143 -53.65 -6.36 38.51
CA ASN DB 143 -53.26 -6.03 37.15
C ASN DB 143 -54.05 -4.80 36.74
N LYS DB 144 -53.34 -3.73 36.44
CA LYS DB 144 -54.00 -2.45 36.20
C LYS DB 144 -54.86 -2.49 34.94
N ARG DB 145 -54.33 -3.08 33.85
CA ARG DB 145 -55.04 -3.06 32.59
C ARG DB 145 -56.38 -3.76 32.70
N ASN DB 146 -56.39 -4.97 33.24
CA ASN DB 146 -57.57 -5.82 33.25
C ASN DB 146 -58.35 -5.74 34.56
N GLN DB 147 -58.10 -4.72 35.37
CA GLN DB 147 -58.90 -4.52 36.56
C GLN DB 147 -60.31 -4.14 36.18
N LEU DB 148 -61.25 -4.55 37.01
CA LEU DB 148 -62.66 -4.36 36.72
C LEU DB 148 -63.08 -2.92 36.93
N TRP DB 149 -64.18 -2.57 36.28
CA TRP DB 149 -64.88 -1.32 36.49
C TRP DB 149 -66.17 -1.60 37.24
N LEU DB 150 -66.63 -0.59 37.96
CA LEU DB 150 -67.80 -0.71 38.81
C LEU DB 150 -68.66 0.54 38.67
N ARG DB 151 -69.96 0.33 38.57
CA ARG DB 151 -70.89 1.44 38.53
C ARG DB 151 -70.82 2.21 39.82
N LEU DB 152 -70.84 3.54 39.70
CA LEU DB 152 -70.79 4.42 40.86
C LEU DB 152 -72.23 4.66 41.28
N GLN DB 153 -72.70 3.82 42.18
CA GLN DB 153 -74.06 3.92 42.66
C GLN DB 153 -74.19 5.06 43.66
N THR DB 154 -75.43 5.39 43.98
CA THR DB 154 -75.74 6.54 44.80
C THR DB 154 -75.73 6.21 46.29
N THR DB 155 -76.30 5.06 46.67
CA THR DB 155 -76.46 4.70 48.08
C THR DB 155 -76.03 3.27 48.41
N GLY DB 156 -75.73 2.44 47.43
CA GLY DB 156 -75.47 1.03 47.66
C GLY DB 156 -74.19 0.53 47.03
N ASN DB 157 -73.14 1.33 47.10
CA ASN DB 157 -71.86 0.89 46.55
C ASN DB 157 -71.32 -0.29 47.35
N VAL DB 158 -70.53 -1.10 46.69
CA VAL DB 158 -70.06 -2.35 47.27
C VAL DB 158 -68.92 -2.07 48.23
N ASP DB 159 -68.81 -2.92 49.24
CA ASP DB 159 -67.86 -2.73 50.33
C ASP DB 159 -66.54 -3.36 49.92
N HIS DB 160 -65.60 -2.51 49.49
CA HIS DB 160 -64.23 -2.95 49.32
C HIS DB 160 -63.65 -3.41 50.66
N VAL DB 161 -62.56 -4.14 50.59
CA VAL DB 161 -61.97 -4.81 51.72
C VAL DB 161 -60.46 -4.81 51.52
N GLY DB 162 -59.72 -5.26 52.55
CA GLY DB 162 -58.28 -5.25 52.46
C GLY DB 162 -57.44 -4.94 53.68
N LEU DB 163 -57.99 -4.84 54.88
CA LEU DB 163 -57.11 -4.64 56.03
C LEU DB 163 -57.72 -5.17 57.32
N GLY DB 164 -56.87 -5.77 58.13
CA GLY DB 164 -57.23 -6.18 59.47
C GLY DB 164 -56.09 -5.90 60.42
N THR DB 165 -56.45 -5.61 61.66
CA THR DB 165 -55.53 -5.09 62.66
C THR DB 165 -55.48 -5.99 63.88
N ALA DB 166 -54.41 -5.84 64.64
CA ALA DB 166 -54.27 -6.49 65.93
C ALA DB 166 -53.32 -5.65 66.78
N PHE DB 167 -53.89 -4.88 67.70
CA PHE DB 167 -53.14 -4.01 68.58
C PHE DB 167 -52.98 -4.66 69.94
N GLU DB 168 -51.82 -4.50 70.54
CA GLU DB 168 -51.53 -5.09 71.84
C GLU DB 168 -52.12 -4.21 72.93
N ASN DB 169 -52.90 -4.82 73.80
CA ASN DB 169 -53.55 -4.08 74.86
C ASN DB 169 -52.52 -3.49 75.82
N SER DB 170 -52.94 -2.47 76.54
CA SER DB 170 -52.07 -1.77 77.46
C SER DB 170 -52.90 -1.22 78.61
N ILE DB 171 -52.21 -0.84 79.68
CA ILE DB 171 -52.87 -0.27 80.84
C ILE DB 171 -53.56 1.03 80.47
N TYR DB 172 -52.93 1.82 79.62
CA TYR DB 172 -53.42 3.13 79.23
C TYR DB 172 -54.16 3.04 77.92
N ASP DB 173 -55.09 3.97 77.73
CA ASP DB 173 -55.79 4.07 76.46
C ASP DB 173 -54.81 4.42 75.35
N GLN DB 174 -55.01 3.82 74.18
CA GLN DB 174 -54.22 4.07 73.00
C GLN DB 174 -55.17 4.60 71.94
N ASP DB 175 -55.39 5.89 71.95
CA ASP DB 175 -56.22 6.53 70.95
C ASP DB 175 -55.42 6.75 69.68
N TYR DB 176 -56.10 6.63 68.55
CA TYR DB 176 -55.51 6.81 67.24
C TYR DB 176 -56.41 7.71 66.40
N ASN DB 177 -55.81 8.25 65.34
CA ASN DB 177 -56.49 9.13 64.41
C ASN DB 177 -56.22 8.55 63.03
N ILE DB 178 -57.13 7.72 62.57
CA ILE DB 178 -56.95 6.99 61.33
C ILE DB 178 -57.33 7.89 60.16
N ARG DB 179 -56.54 7.81 59.09
CA ARG DB 179 -56.82 8.50 57.85
C ARG DB 179 -56.81 7.47 56.73
N ILE DB 180 -57.92 7.36 56.02
CA ILE DB 180 -58.07 6.41 54.94
C ILE DB 180 -58.04 7.18 53.63
N THR DB 181 -56.87 7.26 53.03
CA THR DB 181 -56.71 7.87 51.73
C THR DB 181 -56.95 6.84 50.64
N MET DB 182 -57.69 7.25 49.63
CA MET DB 182 -58.09 6.38 48.53
C MET DB 182 -57.69 7.01 47.21
N TYR DB 183 -57.21 6.18 46.30
CA TYR DB 183 -56.76 6.61 44.99
C TYR DB 183 -57.65 5.94 43.95
N VAL DB 184 -58.59 6.72 43.43
CA VAL DB 184 -59.68 6.21 42.62
C VAL DB 184 -59.43 6.61 41.17
N GLN DB 185 -60.14 5.95 40.27
CA GLN DB 185 -60.03 6.20 38.86
C GLN DB 185 -61.43 6.09 38.26
N PHE DB 186 -62.00 7.23 37.90
CA PHE DB 186 -63.36 7.31 37.39
C PHE DB 186 -63.37 7.25 35.87
N ARG DB 187 -64.55 7.33 35.29
CA ARG DB 187 -64.72 7.18 33.85
C ARG DB 187 -66.13 7.61 33.47
N GLU DB 188 -66.29 7.95 32.18
CA GLU DB 188 -67.57 8.28 31.58
C GLU DB 188 -68.22 9.48 32.27
N PHE DB 189 -67.61 10.64 32.05
CA PHE DB 189 -68.12 11.91 32.52
C PHE DB 189 -69.57 12.10 32.09
N ASN DB 190 -70.49 12.08 33.04
CA ASN DB 190 -71.92 11.99 32.79
C ASN DB 190 -72.68 13.15 33.38
N LEU DB 191 -72.17 14.36 33.20
CA LEU DB 191 -72.81 15.52 33.78
C LEU DB 191 -74.07 15.87 33.01
N LYS DB 192 -75.08 16.31 33.74
CA LYS DB 192 -76.31 16.84 33.18
C LYS DB 192 -76.33 18.35 33.29
N ASP DB 193 -77.09 18.98 32.40
CA ASP DB 193 -77.23 20.44 32.38
C ASP DB 193 -78.66 20.79 32.01
N PRO DB 194 -79.58 20.70 32.95
CA PRO DB 194 -80.93 21.20 32.72
C PRO DB 194 -80.92 22.71 32.57
N PRO DB 195 -82.03 23.29 32.13
CA PRO DB 195 -82.11 24.76 32.10
C PRO DB 195 -82.31 25.35 33.47
N LEU DB 196 -82.53 26.66 33.55
CA LEU DB 196 -82.70 27.38 34.81
C LEU DB 196 -81.44 27.30 35.65
N TYR EB 1 -25.59 -30.97 43.30
CA TYR EB 1 -25.97 -32.31 43.73
C TYR EB 1 -27.25 -32.26 44.58
N ARG EB 2 -28.31 -31.67 44.02
CA ARG EB 2 -29.66 -31.63 44.60
C ARG EB 2 -29.62 -31.17 46.07
N TRP EB 3 -29.41 -29.88 46.37
CA TRP EB 3 -29.76 -28.68 45.55
C TRP EB 3 -31.25 -28.54 45.21
N ARG EB 4 -32.03 -28.20 46.14
CA ARG EB 4 -33.03 -28.59 47.15
C ARG EB 4 -34.00 -29.72 46.77
N ARG EB 5 -34.80 -29.73 45.69
CA ARG EB 5 -35.04 -28.70 44.69
C ARG EB 5 -36.52 -28.25 44.73
N LYS EB 6 -37.42 -29.22 44.51
CA LYS EB 6 -38.87 -29.03 44.51
C LYS EB 6 -39.57 -30.12 45.32
N ASN EB 7 -38.84 -31.05 45.93
CA ASN EB 7 -39.39 -32.34 46.35
C ASN EB 7 -40.25 -32.26 47.61
N GLY EB 8 -40.86 -31.11 47.86
CA GLY EB 8 -41.68 -30.86 49.02
C GLY EB 8 -41.25 -29.59 49.72
N ILE EB 9 -40.26 -28.90 49.14
CA ILE EB 9 -39.63 -27.78 49.82
C ILE EB 9 -40.60 -26.64 49.92
N PHE EB 10 -40.76 -26.10 51.12
CA PHE EB 10 -41.65 -24.97 51.36
C PHE EB 10 -41.02 -24.10 52.44
N ASN EB 11 -40.26 -23.11 52.02
CA ASN EB 11 -39.71 -22.14 52.94
C ASN EB 11 -40.81 -21.22 53.42
N THR EB 12 -40.83 -20.95 54.72
CA THR EB 12 -41.87 -20.15 55.32
C THR EB 12 -41.31 -19.47 56.55
N ARG EB 13 -42.21 -18.91 57.35
CA ARG EB 13 -41.86 -18.13 58.52
C ARG EB 13 -42.88 -18.42 59.62
N LEU EB 14 -42.41 -18.34 60.86
CA LEU EB 14 -43.26 -18.51 62.02
C LEU EB 14 -42.81 -17.52 63.08
N SER EB 15 -43.74 -17.18 63.97
CA SER EB 15 -43.48 -16.17 64.97
C SER EB 15 -44.39 -16.40 66.16
N ARG EB 16 -43.90 -15.99 67.33
CA ARG EB 16 -44.68 -16.01 68.54
C ARG EB 16 -44.23 -14.83 69.39
N THR EB 17 -44.84 -14.69 70.57
CA THR EB 17 -44.62 -13.52 71.40
C THR EB 17 -44.75 -13.92 72.86
N ILE EB 18 -43.92 -13.29 73.70
CA ILE EB 18 -43.89 -13.56 75.13
C ILE EB 18 -43.33 -12.34 75.84
N GLY EB 19 -43.70 -12.22 77.11
CA GLY EB 19 -43.21 -11.15 77.96
C GLY EB 19 -42.06 -11.63 78.82
N TYR EB 20 -41.10 -10.73 79.03
CA TYR EB 20 -39.96 -10.99 79.89
C TYR EB 20 -39.75 -9.78 80.77
N THR EB 21 -39.62 -10.03 82.07
CA THR EB 21 -39.71 -8.99 83.10
C THR EB 21 -38.46 -9.04 83.96
N VAL EB 22 -37.58 -8.07 83.76
CA VAL EB 22 -36.43 -7.88 84.62
C VAL EB 22 -36.87 -7.04 85.80
N LYS EB 23 -36.74 -7.58 87.01
CA LYS EB 23 -37.34 -7.00 88.18
C LYS EB 23 -36.43 -5.93 88.80
N LYS EB 24 -36.97 -5.24 89.79
CA LYS EB 24 -36.26 -4.21 90.50
C LYS EB 24 -35.20 -4.79 91.43
N THR EB 25 -34.44 -3.91 92.05
CA THR EB 25 -33.53 -4.26 93.12
C THR EB 25 -33.07 -2.98 93.81
N THR EB 26 -32.99 -3.03 95.13
CA THR EB 26 -32.45 -1.90 95.89
C THR EB 26 -30.95 -1.76 95.69
N VAL EB 27 -30.27 -2.79 95.21
CA VAL EB 27 -28.85 -2.70 94.93
C VAL EB 27 -28.61 -1.60 93.91
N ARG EB 28 -27.52 -0.86 94.11
CA ARG EB 28 -27.12 0.22 93.23
C ARG EB 28 -25.84 -0.06 92.48
N THR EB 29 -25.04 -1.01 92.94
CA THR EB 29 -23.87 -1.40 92.19
C THR EB 29 -24.30 -2.10 90.90
N PRO EB 30 -23.46 -2.08 89.86
CA PRO EB 30 -23.84 -2.77 88.63
C PRO EB 30 -24.02 -4.26 88.86
N SER EB 31 -25.24 -4.73 88.63
CA SER EB 31 -25.59 -6.14 88.76
C SER EB 31 -26.44 -6.53 87.58
N TRP EB 32 -26.23 -7.75 87.09
CA TRP EB 32 -26.86 -8.25 85.89
C TRP EB 32 -27.83 -9.38 86.23
N ASN EB 33 -28.79 -9.58 85.33
CA ASN EB 33 -29.82 -10.61 85.44
C ASN EB 33 -29.69 -11.52 84.23
N VAL EB 34 -29.18 -12.72 84.45
CA VAL EB 34 -28.85 -13.64 83.38
C VAL EB 34 -30.00 -14.60 83.15
N ASP EB 35 -30.24 -14.92 81.89
CA ASP EB 35 -31.27 -15.88 81.53
C ASP EB 35 -30.97 -16.37 80.13
N MET EB 36 -31.35 -17.61 79.87
CA MET EB 36 -31.14 -18.26 78.59
C MET EB 36 -32.38 -18.11 77.72
N MET EB 37 -32.39 -18.80 76.59
CA MET EB 37 -33.54 -18.79 75.69
C MET EB 37 -33.46 -19.98 74.77
N ARG EB 38 -34.49 -20.80 74.79
CA ARG EB 38 -34.58 -22.02 73.98
C ARG EB 38 -35.66 -21.87 72.93
N PHE EB 39 -35.51 -22.63 71.85
CA PHE EB 39 -36.42 -22.60 70.73
C PHE EB 39 -36.90 -24.01 70.43
N ASN EB 40 -38.21 -24.19 70.42
CA ASN EB 40 -38.81 -25.48 70.11
C ASN EB 40 -40.01 -25.22 69.22
N ILE EB 41 -40.12 -25.98 68.14
CA ILE EB 41 -41.11 -25.69 67.12
C ILE EB 41 -42.52 -26.01 67.59
N ASN EB 42 -42.67 -26.83 68.62
CA ASN EB 42 -44.00 -27.14 69.13
C ASN EB 42 -44.69 -25.90 69.66
N ASP EB 43 -43.92 -24.90 70.10
CA ASP EB 43 -44.49 -23.64 70.54
C ASP EB 43 -44.92 -22.75 69.39
N PHE EB 44 -44.59 -23.10 68.15
CA PHE EB 44 -45.00 -22.37 66.96
C PHE EB 44 -46.09 -23.08 66.17
N LEU EB 45 -45.97 -24.39 66.00
CA LEU EB 45 -46.92 -25.18 65.26
C LEU EB 45 -47.91 -25.82 66.22
N PRO EB 46 -49.16 -25.38 66.30
CA PRO EB 46 -50.12 -26.08 67.12
C PRO EB 46 -50.53 -27.39 66.48
N PRO EB 47 -51.17 -28.28 67.23
CA PRO EB 47 -51.51 -29.59 66.67
C PRO EB 47 -52.72 -29.53 65.76
N GLY EB 48 -52.70 -30.35 64.73
CA GLY EB 48 -53.81 -30.45 63.81
C GLY EB 48 -54.91 -31.34 64.34
N GLY EB 49 -55.49 -32.14 63.46
CA GLY EB 49 -56.54 -33.04 63.87
C GLY EB 49 -56.80 -34.15 62.88
N GLY EB 50 -57.06 -35.35 63.38
CA GLY EB 50 -57.34 -36.49 62.54
C GLY EB 50 -56.08 -37.19 62.06
N SER EB 51 -56.10 -37.62 60.80
CA SER EB 51 -54.95 -38.31 60.24
C SER EB 51 -53.76 -37.37 60.08
N ASN EB 52 -54.02 -36.08 59.91
CA ASN EB 52 -52.97 -35.09 59.84
C ASN EB 52 -52.68 -34.57 61.25
N PRO EB 53 -51.57 -34.95 61.88
CA PRO EB 53 -51.39 -34.63 63.29
C PRO EB 53 -51.01 -33.17 63.53
N LEU EB 54 -50.29 -32.59 62.58
CA LEU EB 54 -49.85 -31.21 62.65
C LEU EB 54 -50.75 -30.30 61.82
N THR EB 55 -50.55 -29.01 62.01
CA THR EB 55 -51.26 -28.01 61.22
C THR EB 55 -50.62 -27.77 59.86
N VAL EB 56 -49.34 -28.06 59.73
CA VAL EB 56 -48.58 -27.92 58.48
C VAL EB 56 -48.37 -29.32 57.91
N PRO EB 57 -48.83 -29.62 56.71
CA PRO EB 57 -48.65 -30.98 56.21
C PRO EB 57 -47.28 -31.22 55.60
N PHE EB 58 -46.31 -31.47 56.47
CA PHE EB 58 -44.97 -31.84 56.03
C PHE EB 58 -44.38 -32.79 57.06
N GLU EB 59 -43.34 -33.51 56.64
CA GLU EB 59 -42.71 -34.53 57.46
C GLU EB 59 -41.41 -34.06 58.08
N TYR EB 60 -40.51 -33.55 57.26
CA TYR EB 60 -39.20 -33.13 57.70
C TYR EB 60 -39.16 -31.61 57.86
N TYR EB 61 -38.09 -31.13 58.48
CA TYR EB 61 -37.89 -29.69 58.63
C TYR EB 61 -36.47 -29.44 59.08
N ARG EB 62 -36.04 -28.20 58.87
CA ARG EB 62 -34.76 -27.73 59.37
C ARG EB 62 -34.82 -26.22 59.49
N ILE EB 63 -34.40 -25.71 60.64
CA ILE EB 63 -34.48 -24.28 60.92
C ILE EB 63 -33.27 -23.61 60.32
N ARG EB 64 -33.50 -22.70 59.39
CA ARG EB 64 -32.42 -21.97 58.75
C ARG EB 64 -31.91 -20.85 59.64
N LYS EB 65 -32.82 -19.99 60.10
CA LYS EB 65 -32.46 -18.79 60.82
C LYS EB 65 -33.49 -18.51 61.89
N VAL EB 66 -33.10 -17.69 62.84
CA VAL EB 66 -33.98 -17.19 63.88
C VAL EB 66 -33.71 -15.71 64.07
N LYS EB 67 -34.76 -14.93 64.22
CA LYS EB 67 -34.67 -13.50 64.45
C LYS EB 67 -35.42 -13.20 65.73
N VAL EB 68 -34.67 -13.04 66.80
CA VAL EB 68 -35.21 -12.60 68.07
C VAL EB 68 -35.33 -11.08 68.02
N GLU EB 69 -36.32 -10.56 68.73
CA GLU EB 69 -36.60 -9.13 68.74
C GLU EB 69 -37.05 -8.75 70.14
N PHE EB 70 -36.37 -7.78 70.73
CA PHE EB 70 -36.69 -7.29 72.06
C PHE EB 70 -37.44 -5.98 71.94
N TRP EB 71 -38.70 -6.08 71.58
CA TRP EB 71 -39.55 -4.91 71.54
C TRP EB 71 -39.83 -4.47 72.96
N PRO EB 72 -39.30 -3.34 73.43
CA PRO EB 72 -39.46 -3.00 74.83
C PRO EB 72 -40.89 -2.63 75.19
N CYS EB 73 -41.10 -2.48 76.49
CA CYS EB 73 -42.35 -2.03 77.06
C CYS EB 73 -42.18 -0.83 77.96
N SER EB 74 -40.96 -0.35 78.16
CA SER EB 74 -40.69 0.78 79.03
C SER EB 74 -40.67 2.07 78.22
N PRO EB 75 -40.89 3.20 78.86
CA PRO EB 75 -40.94 4.46 78.12
C PRO EB 75 -39.54 5.02 77.87
N ILE EB 76 -39.51 6.04 77.00
CA ILE EB 76 -38.27 6.73 76.71
C ILE EB 76 -37.77 7.49 77.93
N THR EB 77 -38.66 7.95 78.80
CA THR EB 77 -38.30 8.82 79.90
C THR EB 77 -37.88 8.07 81.14
N GLN EB 78 -37.45 6.82 81.01
CA GLN EB 78 -37.06 6.01 82.14
C GLN EB 78 -35.59 6.24 82.46
N GLY EB 79 -35.29 6.36 83.75
CA GLY EB 79 -33.95 6.61 84.21
C GLY EB 79 -33.27 5.36 84.72
N ASP EB 80 -32.09 5.57 85.30
CA ASP EB 80 -31.22 4.49 85.76
C ASP EB 80 -31.01 3.49 84.64
N ARG EB 81 -30.51 4.01 83.52
CA ARG EB 81 -30.31 3.18 82.36
C ARG EB 81 -29.19 2.19 82.63
N GLY EB 82 -28.89 1.38 81.64
CA GLY EB 82 -27.87 0.38 81.81
C GLY EB 82 -27.37 -0.13 80.49
N VAL EB 83 -26.73 -1.27 80.53
CA VAL EB 83 -26.14 -1.87 79.34
C VAL EB 83 -26.01 -3.36 79.58
N GLY EB 84 -26.39 -4.14 78.58
CA GLY EB 84 -26.41 -5.59 78.68
C GLY EB 84 -25.67 -6.25 77.54
N SER EB 85 -25.95 -7.54 77.31
CA SER EB 85 -25.25 -8.27 76.27
C SER EB 85 -26.04 -9.51 75.91
N THR EB 86 -26.08 -9.80 74.62
CA THR EB 86 -26.67 -11.01 74.08
C THR EB 86 -25.62 -11.79 73.32
N ALA EB 87 -25.61 -13.10 73.52
CA ALA EB 87 -24.62 -13.97 72.93
C ALA EB 87 -25.30 -15.23 72.42
N VAL EB 88 -24.63 -15.87 71.47
CA VAL EB 88 -25.14 -17.05 70.80
C VAL EB 88 -24.48 -18.27 71.43
N ILE EB 89 -25.31 -19.20 71.89
CA ILE EB 89 -24.86 -20.39 72.61
C ILE EB 89 -25.44 -21.58 71.87
N LEU EB 90 -24.57 -22.33 71.21
CA LEU EB 90 -25.00 -23.37 70.28
C LEU EB 90 -24.83 -24.78 70.85
N ASP EB 91 -24.65 -24.90 72.17
CA ASP EB 91 -24.28 -26.18 72.78
C ASP EB 91 -25.07 -26.51 74.04
N ASP EB 92 -26.10 -25.73 74.38
CA ASP EB 92 -26.90 -25.95 75.58
C ASP EB 92 -26.06 -25.79 76.83
N ASN EB 93 -24.98 -25.02 76.75
CA ASN EB 93 -24.13 -24.70 77.89
C ASN EB 93 -24.28 -23.21 78.10
N PHE EB 94 -25.32 -22.84 78.82
CA PHE EB 94 -25.54 -21.46 79.17
C PHE EB 94 -24.77 -21.15 80.44
N VAL EB 95 -24.93 -19.93 80.92
CA VAL EB 95 -24.27 -19.45 82.12
C VAL EB 95 -25.36 -19.28 83.17
N THR EB 96 -25.12 -19.84 84.35
CA THR EB 96 -26.16 -20.18 85.32
C THR EB 96 -27.14 -19.05 85.55
N LYS EB 97 -28.41 -19.40 85.57
CA LYS EB 97 -29.48 -18.43 85.77
C LYS EB 97 -29.31 -17.71 87.10
N ALA EB 98 -29.30 -16.39 87.05
CA ALA EB 98 -29.01 -15.58 88.21
C ALA EB 98 -29.76 -14.26 88.12
N ASN EB 99 -30.27 -13.81 89.25
CA ASN EB 99 -30.97 -12.53 89.32
C ASN EB 99 -30.02 -11.37 89.54
N ALA EB 100 -28.84 -11.61 90.10
CA ALA EB 100 -27.90 -10.54 90.39
C ALA EB 100 -26.50 -11.12 90.32
N LEU EB 101 -25.75 -10.70 89.32
CA LEU EB 101 -24.36 -11.11 89.14
C LEU EB 101 -23.52 -9.86 88.94
N THR EB 102 -22.35 -9.85 89.57
CA THR EB 102 -21.52 -8.66 89.65
C THR EB 102 -20.81 -8.33 88.35
N TYR EB 103 -21.04 -9.09 87.27
CA TYR EB 103 -20.36 -8.83 86.01
C TYR EB 103 -21.21 -9.36 84.88
N ASP EB 104 -20.89 -8.90 83.68
CA ASP EB 104 -21.57 -9.32 82.47
C ASP EB 104 -20.82 -10.51 81.89
N PRO EB 105 -21.30 -11.73 82.05
CA PRO EB 105 -20.50 -12.87 81.57
C PRO EB 105 -20.48 -13.00 80.07
N TYR EB 106 -21.52 -12.52 79.40
CA TYR EB 106 -21.61 -12.61 77.95
C TYR EB 106 -21.00 -11.42 77.25
N VAL EB 107 -20.10 -10.69 77.92
CA VAL EB 107 -19.56 -9.46 77.33
C VAL EB 107 -18.38 -9.75 76.42
N ASN EB 108 -17.49 -10.65 76.84
CA ASN EB 108 -16.31 -10.98 76.04
C ASN EB 108 -16.57 -12.07 75.02
N TYR EB 109 -17.76 -12.65 75.02
CA TYR EB 109 -18.11 -13.64 74.00
C TYR EB 109 -17.98 -13.02 72.62
N SER EB 110 -17.40 -13.79 71.70
CA SER EB 110 -17.20 -13.30 70.35
C SER EB 110 -18.52 -13.00 69.66
N SER EB 111 -19.59 -13.69 70.03
CA SER EB 111 -20.91 -13.47 69.48
C SER EB 111 -21.70 -12.42 70.25
N ARG EB 112 -21.00 -11.51 70.92
CA ARG EB 112 -21.67 -10.51 71.75
C ARG EB 112 -22.16 -9.36 70.88
N HIS EB 113 -23.41 -8.97 71.11
CA HIS EB 113 -23.99 -7.78 70.51
C HIS EB 113 -24.62 -6.98 71.63
N THR EB 114 -24.15 -5.76 71.80
CA THR EB 114 -24.52 -4.98 72.97
C THR EB 114 -25.99 -4.60 72.95
N ILE EB 115 -26.57 -4.54 74.14
CA ILE EB 115 -27.92 -4.04 74.34
C ILE EB 115 -27.82 -2.67 74.99
N THR EB 116 -28.58 -1.73 74.48
CA THR EB 116 -28.88 -0.51 75.19
C THR EB 116 -30.21 -0.70 75.89
N GLN EB 117 -30.32 -0.16 77.09
CA GLN EB 117 -31.47 -0.39 77.95
C GLN EB 117 -32.01 0.94 78.43
N PRO EB 118 -33.28 0.98 78.87
CA PRO EB 118 -34.34 -0.02 78.86
C PRO EB 118 -35.39 0.17 77.78
N PHE EB 119 -35.19 1.14 76.89
CA PHE EB 119 -36.22 1.53 75.93
C PHE EB 119 -35.82 1.27 74.49
N SER EB 120 -34.74 0.56 74.25
CA SER EB 120 -34.22 0.37 72.90
C SER EB 120 -34.61 -1.01 72.36
N TYR EB 121 -34.51 -1.13 71.05
CA TYR EB 121 -34.80 -2.35 70.32
C TYR EB 121 -33.51 -3.06 70.00
N HIS EB 122 -33.52 -4.39 70.13
CA HIS EB 122 -32.35 -5.21 69.85
C HIS EB 122 -32.79 -6.48 69.16
N SER EB 123 -32.04 -6.86 68.13
CA SER EB 123 -32.36 -8.00 67.30
C SER EB 123 -31.12 -8.81 67.02
N ARG EB 124 -31.32 -10.12 66.86
CA ARG EB 124 -30.23 -11.08 66.67
C ARG EB 124 -30.66 -12.10 65.64
N TYR EB 125 -30.08 -12.02 64.45
CA TYR EB 125 -30.44 -12.87 63.33
C TYR EB 125 -29.32 -13.87 63.12
N PHE EB 126 -29.57 -15.11 63.54
CA PHE EB 126 -28.54 -16.13 63.57
C PHE EB 126 -29.14 -17.47 63.20
N THR EB 127 -28.24 -18.45 63.05
CA THR EB 127 -28.60 -19.83 62.76
C THR EB 127 -28.53 -20.64 64.03
N PRO EB 128 -29.62 -21.19 64.53
CA PRO EB 128 -29.53 -22.05 65.70
C PRO EB 128 -29.10 -23.45 65.30
N LYS EB 129 -28.89 -24.27 66.32
CA LYS EB 129 -28.49 -25.65 66.14
C LYS EB 129 -29.32 -26.52 67.07
N PRO EB 130 -29.58 -27.77 66.71
CA PRO EB 130 -30.36 -28.64 67.58
C PRO EB 130 -29.52 -29.33 68.63
N VAL EB 131 -30.21 -29.96 69.57
CA VAL EB 131 -29.59 -30.68 70.66
C VAL EB 131 -29.72 -32.16 70.32
N LEU EB 132 -28.68 -32.69 69.67
CA LEU EB 132 -28.68 -34.10 69.31
C LEU EB 132 -28.21 -34.97 70.46
N ASP EB 133 -27.15 -34.55 71.16
CA ASP EB 133 -26.60 -35.30 72.29
C ASP EB 133 -26.23 -34.31 73.37
N ARG EB 134 -26.92 -34.37 74.51
CA ARG EB 134 -26.64 -33.47 75.61
C ARG EB 134 -25.30 -33.81 76.27
N THR EB 135 -24.96 -35.10 76.34
CA THR EB 135 -23.71 -35.50 76.96
C THR EB 135 -22.52 -34.95 76.18
N ILE EB 136 -22.59 -35.02 74.86
CA ILE EB 136 -21.47 -34.66 74.00
C ILE EB 136 -21.58 -33.23 73.51
N ASP EB 137 -22.80 -32.79 73.24
CA ASP EB 137 -23.09 -31.41 72.82
C ASP EB 137 -22.29 -31.04 71.58
N TYR EB 138 -22.60 -31.75 70.48
CA TYR EB 138 -22.01 -31.46 69.19
C TYR EB 138 -22.99 -30.75 68.29
N PHE EB 139 -22.45 -30.04 67.32
CA PHE EB 139 -23.24 -29.33 66.34
C PHE EB 139 -22.35 -29.04 65.14
N GLN EB 140 -22.99 -28.82 64.02
CA GLN EB 140 -22.27 -28.64 62.78
C GLN EB 140 -22.20 -27.18 62.38
N PRO EB 141 -21.29 -26.81 61.49
CA PRO EB 141 -21.20 -25.42 61.08
C PRO EB 141 -22.41 -24.96 60.30
N ASN EB 142 -22.36 -23.71 59.85
CA ASN EB 142 -23.43 -23.12 59.06
C ASN EB 142 -23.13 -23.40 57.58
N ASN EB 143 -23.78 -24.42 57.05
CA ASN EB 143 -23.72 -24.71 55.61
C ASN EB 143 -25.10 -25.13 55.19
N LYS EB 144 -25.68 -24.37 54.26
CA LYS EB 144 -27.07 -24.59 53.89
C LYS EB 144 -27.26 -25.93 53.20
N ARG EB 145 -26.37 -26.29 52.27
CA ARG EB 145 -26.54 -27.50 51.50
C ARG EB 145 -26.56 -28.73 52.38
N ASN EB 146 -25.57 -28.85 53.27
CA ASN EB 146 -25.37 -30.05 54.05
C ASN EB 146 -25.98 -29.94 55.45
N GLN EB 147 -26.87 -29.00 55.68
CA GLN EB 147 -27.56 -28.93 56.95
C GLN EB 147 -28.51 -30.11 57.07
N LEU EB 148 -28.69 -30.55 58.31
CA LEU EB 148 -29.47 -31.75 58.58
C LEU EB 148 -30.95 -31.49 58.43
N TRP EB 149 -31.68 -32.57 58.22
CA TRP EB 149 -33.12 -32.59 58.25
C TRP EB 149 -33.58 -33.30 59.51
N LEU EB 150 -34.77 -32.95 59.97
CA LEU EB 150 -35.32 -33.46 61.21
C LEU EB 150 -36.79 -33.79 61.02
N ARG EB 151 -37.19 -34.93 61.54
CA ARG EB 151 -38.59 -35.31 61.50
C ARG EB 151 -39.42 -34.32 62.30
N LEU EB 152 -40.57 -33.96 61.76
CA LEU EB 152 -41.48 -33.01 62.40
C LEU EB 152 -42.40 -33.84 63.28
N GLN EB 153 -41.99 -34.03 64.52
CA GLN EB 153 -42.78 -34.81 65.46
C GLN EB 153 -43.97 -34.00 65.95
N THR EB 154 -44.88 -34.70 66.61
CA THR EB 154 -46.14 -34.13 67.05
C THR EB 154 -46.03 -33.45 68.40
N THR EB 155 -45.34 -34.08 69.36
CA THR EB 155 -45.28 -33.59 70.73
C THR EB 155 -43.88 -33.55 71.33
N GLY EB 156 -42.89 -34.11 70.66
CA GLY EB 156 -41.56 -34.27 71.24
C GLY EB 156 -40.44 -33.75 70.36
N ASN EB 157 -40.66 -32.63 69.70
CA ASN EB 157 -39.63 -32.06 68.87
C ASN EB 157 -38.46 -31.61 69.72
N VAL EB 158 -37.28 -31.61 69.11
CA VAL EB 158 -36.04 -31.36 69.83
C VAL EB 158 -35.89 -29.86 70.08
N ASP EB 159 -35.22 -29.54 71.18
CA ASP EB 159 -35.09 -28.15 71.63
C ASP EB 159 -33.87 -27.55 70.96
N HIS EB 160 -34.13 -26.75 69.92
CA HIS EB 160 -33.08 -25.91 69.36
C HIS EB 160 -32.60 -24.92 70.40
N VAL EB 161 -31.44 -24.34 70.13
CA VAL EB 161 -30.73 -23.50 71.08
C VAL EB 161 -30.00 -22.42 70.29
N GLY EB 162 -29.40 -21.47 71.00
CA GLY EB 162 -28.74 -20.37 70.32
C GLY EB 162 -28.78 -18.97 70.90
N LEU EB 163 -29.29 -18.74 72.11
CA LEU EB 163 -29.20 -17.39 72.64
C LEU EB 163 -29.19 -17.37 74.15
N GLY EB 164 -28.37 -16.48 74.69
CA GLY EB 164 -28.36 -16.21 76.12
C GLY EB 164 -28.21 -14.71 76.34
N THR EB 165 -28.79 -14.25 77.45
CA THR EB 165 -28.95 -12.84 77.71
C THR EB 165 -28.31 -12.46 79.04
N ALA EB 166 -28.03 -11.17 79.19
CA ALA EB 166 -27.57 -10.60 80.44
C ALA EB 166 -27.99 -9.14 80.47
N PHE EB 167 -29.04 -8.85 81.21
CA PHE EB 167 -29.57 -7.49 81.34
C PHE EB 167 -29.11 -6.89 82.65
N GLU EB 168 -28.80 -5.60 82.61
CA GLU EB 168 -28.32 -4.90 83.78
C GLU EB 168 -29.50 -4.49 84.64
N ASN EB 169 -29.44 -4.85 85.92
CA ASN EB 169 -30.53 -4.56 86.82
C ASN EB 169 -30.70 -3.05 86.99
N SER EB 170 -31.89 -2.66 87.43
CA SER EB 170 -32.22 -1.26 87.60
C SER EB 170 -33.24 -1.13 88.72
N ILE EB 171 -33.38 0.09 89.21
CA ILE EB 171 -34.34 0.38 90.27
C ILE EB 171 -35.76 0.08 89.79
N TYR EB 172 -36.04 0.39 88.54
CA TYR EB 172 -37.36 0.24 87.96
C TYR EB 172 -37.46 -1.07 87.19
N ASP EB 173 -38.68 -1.58 87.09
CA ASP EB 173 -38.93 -2.76 86.28
C ASP EB 173 -38.64 -2.45 84.82
N GLN EB 174 -38.04 -3.42 84.13
CA GLN EB 174 -37.73 -3.32 82.71
C GLN EB 174 -38.50 -4.46 82.04
N ASP EB 175 -39.75 -4.19 81.69
CA ASP EB 175 -40.56 -5.15 80.98
C ASP EB 175 -40.21 -5.12 79.51
N TYR EB 176 -40.27 -6.28 78.88
CA TYR EB 176 -39.98 -6.43 77.46
C TYR EB 176 -41.07 -7.28 76.82
N ASN EB 177 -41.14 -7.18 75.49
CA ASN EB 177 -42.10 -7.91 74.68
C ASN EB 177 -41.27 -8.62 73.61
N ILE EB 178 -40.91 -9.86 73.89
CA ILE EB 178 -40.03 -10.59 73.01
C ILE EB 178 -40.83 -11.21 71.88
N ARG EB 179 -40.27 -11.18 70.68
CA ARG EB 179 -40.83 -11.81 69.50
C ARG EB 179 -39.78 -12.73 68.92
N ILE EB 180 -40.10 -14.02 68.82
CA ILE EB 180 -39.20 -15.02 68.29
C ILE EB 180 -39.68 -15.41 66.92
N THR EB 181 -39.12 -14.78 65.90
CA THR EB 181 -39.42 -15.14 64.53
C THR EB 181 -38.49 -16.24 64.08
N MET EB 182 -39.05 -17.22 63.38
CA MET EB 182 -38.33 -18.39 62.93
C MET EB 182 -38.53 -18.56 61.43
N TYR EB 183 -37.45 -18.93 60.75
CA TYR EB 183 -37.45 -19.12 59.31
C TYR EB 183 -37.15 -20.59 59.04
N VAL EB 184 -38.19 -21.34 58.72
CA VAL EB 184 -38.14 -22.78 58.66
C VAL EB 184 -38.18 -23.21 57.21
N GLN EB 185 -37.81 -24.47 56.98
CA GLN EB 185 -37.80 -25.04 55.64
C GLN EB 185 -38.27 -26.47 55.76
N PHE EB 186 -39.49 -26.74 55.30
CA PHE EB 186 -40.11 -28.04 55.41
C PHE EB 186 -39.85 -28.86 54.15
N ARG EB 187 -40.40 -30.07 54.12
CA ARG EB 187 -40.15 -31.01 53.04
C ARG EB 187 -41.14 -32.16 53.14
N GLU EB 188 -41.33 -32.85 52.02
CA GLU EB 188 -42.15 -34.06 51.92
C GLU EB 188 -43.59 -33.80 52.37
N PHE EB 189 -44.29 -33.05 51.52
CA PHE EB 189 -45.71 -32.78 51.70
C PHE EB 189 -46.48 -34.08 51.87
N ASN EB 190 -47.02 -34.31 53.05
CA ASN EB 190 -47.57 -35.60 53.47
C ASN EB 190 -49.02 -35.48 53.88
N LEU EB 191 -49.82 -34.78 53.10
CA LEU EB 191 -51.21 -34.59 53.45
C LEU EB 191 -52.00 -35.86 53.20
N LYS EB 192 -52.94 -36.13 54.09
CA LYS EB 192 -53.89 -37.22 53.94
C LYS EB 192 -55.25 -36.66 53.52
N ASP EB 193 -56.03 -37.51 52.86
CA ASP EB 193 -57.37 -37.15 52.41
C ASP EB 193 -58.29 -38.35 52.56
N PRO EB 194 -58.77 -38.59 53.78
CA PRO EB 194 -59.79 -39.61 53.96
C PRO EB 194 -61.10 -39.18 53.32
N PRO EB 195 -62.07 -40.08 53.20
CA PRO EB 195 -63.38 -39.67 52.70
C PRO EB 195 -64.18 -38.91 53.75
N LEU EB 196 -65.44 -38.61 53.44
CA LEU EB 196 -66.32 -37.84 54.33
C LEU EB 196 -65.77 -36.43 54.54
N TYR FB 1 10.09 -7.68 57.75
CA TYR FB 1 11.05 -8.18 58.73
C TYR FB 1 10.33 -8.73 59.97
N ARG FB 2 9.40 -9.67 59.74
CA ARG FB 2 8.69 -10.41 60.78
C ARG FB 2 8.10 -9.47 61.84
N TRP FB 3 7.01 -8.74 61.58
CA TRP FB 3 5.91 -9.06 60.61
C TRP FB 3 5.16 -10.37 60.91
N ARG FB 4 4.38 -10.38 61.91
CA ARG FB 4 4.14 -10.77 63.30
C ARG FB 4 4.76 -12.10 63.78
N ARG FB 5 4.55 -13.29 63.20
CA ARG FB 5 3.68 -13.69 62.12
C ARG FB 5 2.61 -14.69 62.61
N LYS FB 6 3.10 -15.83 63.14
CA LYS FB 6 2.29 -16.91 63.69
C LYS FB 6 2.82 -17.38 65.04
N ASN FB 7 3.89 -16.79 65.56
CA ASN FB 7 4.72 -17.42 66.58
C ASN FB 7 4.11 -17.40 67.98
N GLY FB 8 2.79 -17.40 68.06
CA GLY FB 8 2.03 -17.35 69.29
C GLY FB 8 1.01 -16.23 69.26
N ILE FB 9 0.91 -15.55 68.12
CA ILE FB 9 0.13 -14.33 68.06
C ILE FB 9 -1.35 -14.68 68.15
N PHE FB 10 -2.05 -14.01 69.04
CA PHE FB 10 -3.48 -14.22 69.23
C PHE FB 10 -4.11 -12.88 69.59
N ASN FB 11 -4.59 -12.18 68.57
CA ASN FB 11 -5.32 -10.96 68.79
C ASN FB 11 -6.70 -11.29 69.34
N THR FB 12 -7.11 -10.53 70.35
CA THR FB 12 -8.37 -10.79 71.00
C THR FB 12 -8.89 -9.48 71.59
N ARG FB 13 -9.90 -9.59 72.45
CA ARG FB 13 -10.59 -8.45 73.03
C ARG FB 13 -10.93 -8.77 74.46
N LEU FB 14 -10.97 -7.73 75.29
CA LEU FB 14 -11.35 -7.84 76.67
C LEU FB 14 -12.17 -6.62 77.05
N SER FB 15 -13.01 -6.78 78.06
CA SER FB 15 -13.92 -5.72 78.46
C SER FB 15 -14.28 -5.89 79.92
N ARG FB 16 -14.58 -4.77 80.56
CA ARG FB 16 -15.08 -4.76 81.91
C ARG FB 16 -16.03 -3.58 82.04
N THR FB 17 -16.59 -3.40 83.23
CA THR FB 17 -17.63 -2.42 83.44
C THR FB 17 -17.54 -1.88 84.85
N ILE FB 18 -17.84 -0.58 84.99
CA ILE FB 18 -17.77 0.10 86.28
C ILE FB 18 -18.70 1.29 86.23
N GLY FB 19 -19.15 1.71 87.41
CA GLY FB 19 -19.99 2.88 87.56
C GLY FB 19 -19.17 4.10 87.96
N TYR FB 20 -19.57 5.26 87.43
CA TYR FB 20 -18.94 6.52 87.76
C TYR FB 20 -20.03 7.53 88.00
N THR FB 21 -19.93 8.24 89.12
CA THR FB 21 -21.03 9.03 89.67
C THR FB 21 -20.55 10.45 89.88
N VAL FB 22 -20.97 11.35 89.02
CA VAL FB 22 -20.75 12.78 89.20
C VAL FB 22 -21.85 13.31 90.09
N LYS FB 23 -21.46 13.87 91.23
CA LYS FB 23 -22.42 14.20 92.28
C LYS FB 23 -23.03 15.58 92.04
N LYS FB 24 -24.02 15.90 92.88
CA LYS FB 24 -24.71 17.17 92.81
C LYS FB 24 -23.85 18.29 93.36
N THR FB 25 -24.37 19.51 93.25
CA THR FB 25 -23.80 20.68 93.90
C THR FB 25 -24.81 21.80 93.84
N THR FB 26 -24.92 22.55 94.94
CA THR FB 26 -25.78 23.73 94.96
C THR FB 26 -25.21 24.86 94.11
N VAL FB 27 -23.92 24.82 93.79
CA VAL FB 27 -23.33 25.82 92.92
C VAL FB 27 -24.06 25.82 91.59
N ARG FB 28 -24.26 27.03 91.05
CA ARG FB 28 -24.92 27.22 89.77
C ARG FB 28 -23.98 27.75 88.70
N THR FB 29 -22.85 28.32 89.07
CA THR FB 29 -21.88 28.73 88.08
C THR FB 29 -21.28 27.49 87.42
N PRO FB 30 -20.79 27.61 86.19
CA PRO FB 30 -20.17 26.45 85.54
C PRO FB 30 -18.97 25.95 86.32
N SER FB 31 -19.07 24.72 86.80
CA SER FB 31 -18.01 24.07 87.53
C SER FB 31 -17.87 22.65 87.02
N TRP FB 32 -16.64 22.17 86.94
CA TRP FB 32 -16.31 20.87 86.38
C TRP FB 32 -15.79 19.93 87.45
N ASN FB 33 -15.91 18.64 87.16
CA ASN FB 33 -15.49 17.56 88.03
C ASN FB 33 -14.46 16.73 87.28
N VAL FB 34 -13.20 16.87 87.66
CA VAL FB 34 -12.10 16.28 86.92
C VAL FB 34 -11.73 14.95 87.55
N ASP FB 35 -11.38 13.99 86.70
CA ASP FB 35 -10.95 12.68 87.16
C ASP FB 35 -10.19 12.03 86.01
N MET FB 36 -9.23 11.19 86.38
CA MET FB 36 -8.39 10.49 85.43
C MET FB 36 -8.96 9.10 85.18
N MET FB 37 -8.20 8.27 84.46
CA MET FB 37 -8.61 6.90 84.19
C MET FB 37 -7.38 6.10 83.79
N ARG FB 38 -7.12 5.03 84.52
CA ARG FB 38 -5.97 4.15 84.29
C ARG FB 38 -6.46 2.80 83.81
N PHE FB 39 -5.57 2.11 83.09
CA PHE FB 39 -5.85 0.80 82.52
C PHE FB 39 -4.78 -0.17 82.95
N ASN FB 40 -5.19 -1.27 83.56
CA ASN FB 40 -4.29 -2.32 83.99
C ASN FB 40 -4.94 -3.66 83.66
N ILE FB 41 -4.16 -4.55 83.06
CA ILE FB 41 -4.73 -5.77 82.52
C ILE FB 41 -5.13 -6.74 83.61
N ASN FB 42 -4.61 -6.58 84.82
CA ASN FB 42 -5.01 -7.46 85.90
C ASN FB 42 -6.49 -7.33 86.22
N ASP FB 43 -7.08 -6.18 85.92
CA ASP FB 43 -8.51 -5.99 86.10
C ASP FB 43 -9.34 -6.66 85.01
N PHE FB 44 -8.71 -7.15 83.96
CA PHE FB 44 -9.39 -7.87 82.88
C PHE FB 44 -9.14 -9.36 82.92
N LEU FB 45 -7.89 -9.78 83.17
CA LEU FB 45 -7.52 -11.18 83.21
C LEU FB 45 -7.53 -11.66 84.65
N PRO FB 46 -8.49 -12.45 85.09
CA PRO FB 46 -8.41 -13.01 86.43
C PRO FB 46 -7.35 -14.10 86.51
N PRO FB 47 -6.95 -14.49 87.70
CA PRO FB 47 -5.86 -15.46 87.83
C PRO FB 47 -6.34 -16.88 87.56
N GLY FB 48 -5.45 -17.67 86.95
CA GLY FB 48 -5.75 -19.05 86.68
C GLY FB 48 -5.53 -19.93 87.89
N GLY FB 49 -4.96 -21.11 87.67
CA GLY FB 49 -4.68 -22.01 88.76
C GLY FB 49 -3.69 -23.08 88.41
N GLY FB 50 -2.81 -23.40 89.36
CA GLY FB 50 -1.81 -24.44 89.15
C GLY FB 50 -0.58 -23.93 88.46
N SER FB 51 -0.02 -24.73 87.55
CA SER FB 51 1.17 -24.34 86.84
C SER FB 51 0.90 -23.18 85.89
N ASN FB 52 -0.34 -23.06 85.41
CA ASN FB 52 -0.74 -21.95 84.57
C ASN FB 52 -1.25 -20.83 85.46
N PRO FB 53 -0.50 -19.74 85.65
CA PRO FB 53 -0.91 -18.75 86.66
C PRO FB 53 -2.05 -17.86 86.20
N LEU FB 54 -2.11 -17.61 84.89
CA LEU FB 54 -3.15 -16.77 84.30
C LEU FB 54 -4.24 -17.63 83.68
N THR FB 55 -5.33 -16.97 83.31
CA THR FB 55 -6.42 -17.62 82.60
C THR FB 55 -6.15 -17.75 81.11
N VAL FB 56 -5.30 -16.89 80.55
CA VAL FB 56 -4.93 -16.91 79.14
C VAL FB 56 -3.52 -17.47 79.05
N PRO FB 57 -3.30 -18.58 78.34
CA PRO FB 57 -1.94 -19.14 78.31
C PRO FB 57 -1.04 -18.44 77.29
N PHE FB 58 -0.50 -17.30 77.71
CA PHE FB 58 0.48 -16.59 76.91
C PHE FB 58 1.45 -15.89 77.85
N GLU FB 59 2.61 -15.52 77.30
CA GLU FB 59 3.68 -14.92 78.07
C GLU FB 59 3.76 -13.42 77.89
N TYR FB 60 3.83 -12.97 76.64
CA TYR FB 60 3.97 -11.57 76.31
C TYR FB 60 2.64 -10.97 75.91
N TYR FB 61 2.60 -9.65 75.83
CA TYR FB 61 1.40 -8.96 75.39
C TYR FB 61 1.74 -7.51 75.08
N ARG FB 62 0.86 -6.89 74.30
CA ARG FB 62 0.96 -5.46 74.02
C ARG FB 62 -0.42 -4.96 73.63
N ILE FB 63 -0.84 -3.88 74.25
CA ILE FB 63 -2.17 -3.34 74.03
C ILE FB 63 -2.15 -2.47 72.79
N ARG FB 64 -2.93 -2.86 71.79
CA ARG FB 64 -3.01 -2.11 70.55
C ARG FB 64 -3.89 -0.88 70.71
N LYS FB 65 -5.11 -1.08 71.18
CA LYS FB 65 -6.11 -0.03 71.23
C LYS FB 65 -6.97 -0.21 72.46
N VAL FB 66 -7.65 0.87 72.82
CA VAL FB 66 -8.62 0.88 73.91
C VAL FB 66 -9.83 1.67 73.43
N LYS FB 67 -11.01 1.15 73.74
CA LYS FB 67 -12.27 1.80 73.41
C LYS FB 67 -13.05 1.98 74.70
N VAL FB 68 -12.98 3.19 75.22
CA VAL FB 68 -13.79 3.55 76.36
C VAL FB 68 -15.17 3.93 75.87
N GLU FB 69 -16.18 3.68 76.69
CA GLU FB 69 -17.57 3.92 76.34
C GLU FB 69 -18.30 4.41 77.57
N PHE FB 70 -18.92 5.58 77.46
CA PHE FB 70 -19.68 6.18 78.54
C PHE FB 70 -21.16 5.94 78.30
N TRP FB 71 -21.59 4.73 78.57
CA TRP FB 71 -23.00 4.41 78.49
C TRP FB 71 -23.70 5.07 79.66
N PRO FB 72 -24.53 6.10 79.45
CA PRO FB 72 -25.09 6.82 80.58
C PRO FB 72 -26.11 5.99 81.35
N CYS FB 73 -26.51 6.56 82.47
CA CYS FB 73 -27.54 6.01 83.33
C CYS FB 73 -28.66 7.00 83.61
N SER FB 74 -28.56 8.23 83.11
CA SER FB 74 -29.55 9.26 83.33
C SER FB 74 -30.58 9.26 82.21
N PRO FB 75 -31.77 9.78 82.45
CA PRO FB 75 -32.80 9.76 81.41
C PRO FB 75 -32.64 10.90 80.44
N ILE FB 76 -33.40 10.80 79.35
CA ILE FB 76 -33.42 11.84 78.34
C ILE FB 76 -34.03 13.13 78.89
N THR FB 77 -34.96 13.02 79.85
CA THR FB 77 -35.71 14.16 80.32
C THR FB 77 -35.03 14.91 81.44
N GLN FB 78 -33.72 14.77 81.57
CA GLN FB 78 -32.98 15.41 82.65
C GLN FB 78 -32.56 16.81 82.22
N GLY FB 79 -32.71 17.76 83.14
CA GLY FB 79 -32.40 19.14 82.88
C GLY FB 79 -31.05 19.55 83.45
N ASP FB 80 -30.79 20.85 83.36
CA ASP FB 80 -29.52 21.43 83.75
C ASP FB 80 -28.38 20.70 83.07
N ARG FB 81 -28.46 20.66 81.74
CA ARG FB 81 -27.49 19.95 80.96
C ARG FB 81 -26.15 20.67 81.05
N GLY FB 82 -25.16 20.13 80.37
CA GLY FB 82 -23.84 20.69 80.43
C GLY FB 82 -23.00 20.24 79.27
N VAL FB 83 -21.69 20.41 79.43
CA VAL FB 83 -20.75 20.05 78.39
C VAL FB 83 -19.40 19.81 79.05
N GLY FB 84 -18.74 18.74 78.62
CA GLY FB 84 -17.49 18.30 79.21
C GLY FB 84 -16.42 18.08 78.17
N SER FB 85 -15.38 17.34 78.53
CA SER FB 85 -14.28 17.11 77.61
C SER FB 85 -13.48 15.90 78.07
N THR FB 86 -13.06 15.10 77.10
CA THR FB 86 -12.19 13.96 77.30
C THR FB 86 -10.94 14.15 76.49
N ALA FB 87 -9.80 13.85 77.10
CA ALA FB 87 -8.50 14.04 76.48
C ALA FB 87 -7.62 12.84 76.77
N VAL FB 88 -6.63 12.66 75.91
CA VAL FB 88 -5.73 11.54 75.96
C VAL FB 88 -4.44 11.98 76.63
N ILE FB 89 -4.05 11.29 77.67
CA ILE FB 89 -2.89 11.63 78.50
C ILE FB 89 -1.99 10.41 78.52
N LEU FB 90 -0.85 10.50 77.86
CA LEU FB 90 0.00 9.35 77.62
C LEU FB 90 1.24 9.34 78.50
N ASP FB 91 1.25 10.13 79.58
CA ASP FB 91 2.45 10.32 80.36
C ASP FB 91 2.23 10.25 81.87
N ASP FB 92 1.04 9.87 82.31
CA ASP FB 92 0.71 9.80 83.75
C ASP FB 92 0.77 11.17 84.40
N ASN FB 93 0.60 12.22 83.61
CA ASN FB 93 0.53 13.60 84.11
C ASN FB 93 -0.88 14.07 83.83
N PHE FB 94 -1.77 13.73 84.75
CA PHE FB 94 -3.14 14.19 84.67
C PHE FB 94 -3.24 15.56 85.30
N VAL FB 95 -4.46 16.08 85.37
CA VAL FB 95 -4.75 17.38 85.93
C VAL FB 95 -5.52 17.13 87.21
N THR FB 96 -5.08 17.75 88.30
CA THR FB 96 -5.37 17.33 89.66
C THR FB 96 -6.85 17.04 89.88
N LYS FB 97 -7.11 15.92 90.55
CA LYS FB 97 -8.47 15.50 90.84
C LYS FB 97 -9.21 16.56 91.64
N ALA FB 98 -10.36 16.96 91.15
CA ALA FB 98 -11.11 18.06 91.73
C ALA FB 98 -12.59 17.84 91.51
N ASN FB 99 -13.38 18.17 92.53
CA ASN FB 99 -14.82 18.07 92.44
C ASN FB 99 -15.46 19.30 91.83
N ALA FB 100 -14.81 20.44 91.89
CA ALA FB 100 -15.36 21.69 91.37
C ALA FB 100 -14.21 22.57 90.92
N LEU FB 101 -14.11 22.78 89.62
CA LEU FB 101 -13.11 23.64 89.03
C LEU FB 101 -13.80 24.60 88.09
N THR FB 102 -13.38 25.86 88.12
CA THR FB 102 -14.07 26.93 87.43
C THR FB 102 -13.87 26.91 85.93
N TYR FB 103 -13.15 25.94 85.38
CA TYR FB 103 -12.91 25.90 83.95
C TYR FB 103 -12.68 24.46 83.53
N ASP FB 104 -12.77 24.23 82.23
CA ASP FB 104 -12.54 22.92 81.64
C ASP FB 104 -11.08 22.83 81.24
N PRO FB 105 -10.22 22.15 82.00
CA PRO FB 105 -8.80 22.17 81.64
C PRO FB 105 -8.48 21.35 80.42
N TYR FB 106 -9.27 20.33 80.13
CA TYR FB 106 -9.03 19.48 78.98
C TYR FB 106 -9.72 19.98 77.71
N VAL FB 107 -10.05 21.27 77.65
CA VAL FB 107 -10.82 21.79 76.52
C VAL FB 107 -9.91 22.15 75.36
N ASN FB 108 -8.78 22.78 75.63
CA ASN FB 108 -7.86 23.19 74.59
C ASN FB 108 -6.87 22.10 74.20
N TYR FB 109 -6.88 20.97 74.91
CA TYR FB 109 -6.04 19.85 74.53
C TYR FB 109 -6.34 19.41 73.11
N SER FB 110 -5.27 19.15 72.35
CA SER FB 110 -5.43 18.76 70.96
C SER FB 110 -6.19 17.46 70.83
N SER FB 111 -6.11 16.58 71.83
CA SER FB 111 -6.83 15.32 71.84
C SER FB 111 -8.21 15.44 72.46
N ARG FB 112 -8.80 16.63 72.43
CA ARG FB 112 -10.09 16.85 73.06
C ARG FB 112 -11.20 16.38 72.15
N HIS FB 113 -12.14 15.64 72.73
CA HIS FB 113 -13.37 15.24 72.06
C HIS FB 113 -14.51 15.59 73.01
N THR FB 114 -15.41 16.44 72.54
CA THR FB 114 -16.42 17.01 73.41
C THR FB 114 -17.40 15.95 73.88
N ILE FB 115 -17.88 16.14 75.10
CA ILE FB 115 -18.96 15.34 75.67
C ILE FB 115 -20.20 16.20 75.71
N THR FB 116 -21.31 15.63 75.28
CA THR FB 116 -22.62 16.16 75.58
C THR FB 116 -23.14 15.40 76.79
N GLN FB 117 -23.82 16.13 77.67
CA GLN FB 117 -24.25 15.59 78.95
C GLN FB 117 -25.73 15.84 79.13
N PRO FB 118 -26.40 15.08 80.02
CA PRO FB 118 -25.99 13.92 80.80
C PRO FB 118 -26.47 12.59 80.27
N PHE FB 119 -27.13 12.59 79.11
CA PHE FB 119 -27.81 11.40 78.60
C PHE FB 119 -27.20 10.87 77.30
N SER FB 120 -26.06 11.38 76.89
CA SER FB 120 -25.47 11.02 75.61
C SER FB 120 -24.37 9.98 75.78
N TYR FB 121 -24.03 9.34 74.67
CA TYR FB 121 -22.98 8.34 74.61
C TYR FB 121 -21.72 8.97 74.03
N HIS FB 122 -20.58 8.60 74.59
CA HIS FB 122 -19.29 9.11 74.15
C HIS FB 122 -18.27 8.00 74.19
N SER FB 123 -17.46 7.93 73.13
CA SER FB 123 -16.48 6.87 72.96
C SER FB 123 -15.17 7.45 72.48
N ARG FB 124 -14.09 6.80 72.87
CA ARG FB 124 -12.73 7.26 72.58
C ARG FB 124 -11.88 6.05 72.26
N TYR FB 125 -11.52 5.91 70.99
CA TYR FB 125 -10.78 4.76 70.47
C TYR FB 125 -9.37 5.22 70.17
N PHE FB 126 -8.44 4.85 71.05
CA PHE FB 126 -7.08 5.35 70.98
C PHE FB 126 -6.10 4.26 71.40
N THR FB 127 -4.83 4.58 71.22
CA THR FB 127 -3.74 3.70 71.59
C THR FB 127 -3.15 4.16 72.91
N PRO FB 128 -3.22 3.39 73.98
CA PRO FB 128 -2.57 3.79 75.22
C PRO FB 128 -1.09 3.47 75.17
N LYS FB 129 -0.40 3.91 76.22
CA LYS FB 129 1.02 3.69 76.37
C LYS FB 129 1.28 3.24 77.79
N PRO FB 130 2.32 2.46 78.03
CA PRO FB 130 2.62 2.02 79.39
C PRO FB 130 3.48 3.02 80.15
N VAL FB 131 3.59 2.75 81.44
CA VAL FB 131 4.35 3.59 82.35
C VAL FB 131 5.66 2.84 82.62
N LEU FB 132 6.68 3.14 81.83
CA LEU FB 132 7.97 2.51 82.00
C LEU FB 132 8.80 3.21 83.06
N ASP FB 133 8.80 4.54 83.06
CA ASP FB 133 9.55 5.32 84.04
C ASP FB 133 8.70 6.51 84.45
N ARG FB 134 8.30 6.53 85.72
CA ARG FB 134 7.48 7.63 86.21
C ARG FB 134 8.29 8.92 86.34
N THR FB 135 9.56 8.81 86.69
CA THR FB 135 10.40 9.99 86.82
C THR FB 135 10.55 10.70 85.48
N ILE FB 136 10.76 9.93 84.42
CA ILE FB 136 11.06 10.47 83.11
C ILE FB 136 9.81 10.59 82.26
N ASP FB 137 8.91 9.62 82.39
CA ASP FB 137 7.63 9.62 81.68
C ASP FB 137 7.82 9.71 80.17
N TYR FB 138 8.45 8.68 79.64
CA TYR FB 138 8.64 8.56 78.20
C TYR FB 138 7.69 7.54 77.62
N PHE FB 139 7.44 7.69 76.32
CA PHE FB 139 6.59 6.77 75.58
C PHE FB 139 6.89 6.94 74.12
N GLN FB 140 6.55 5.92 73.35
CA GLN FB 140 6.89 5.90 71.95
C GLN FB 140 5.68 6.21 71.09
N PRO FB 141 5.89 6.58 69.84
CA PRO FB 141 4.75 6.87 68.98
C PRO FB 141 3.90 5.66 68.66
N ASN FB 142 2.88 5.86 67.84
CA ASN FB 142 2.00 4.79 67.43
C ASN FB 142 2.57 4.17 66.16
N ASN FB 143 3.26 3.05 66.32
CA ASN FB 143 3.73 2.26 65.19
C ASN FB 143 3.54 0.80 65.55
N LYS FB 144 2.74 0.11 64.76
CA LYS FB 144 2.37 -1.25 65.11
C LYS FB 144 3.56 -2.20 65.06
N ARG FB 145 4.38 -2.09 64.03
CA ARG FB 145 5.50 -3.03 63.86
C ARG FB 145 6.45 -2.96 65.04
N ASN FB 146 6.88 -1.77 65.41
CA ASN FB 146 7.93 -1.58 66.40
C ASN FB 146 7.37 -1.29 67.79
N GLN FB 147 6.10 -1.57 68.02
CA GLN FB 147 5.56 -1.43 69.36
C GLN FB 147 6.16 -2.49 70.27
N LEU FB 148 6.32 -2.13 71.54
CA LEU FB 148 6.99 -2.98 72.50
C LEU FB 148 6.12 -4.15 72.91
N TRP FB 149 6.77 -5.19 73.40
CA TRP FB 149 6.14 -6.32 74.05
C TRP FB 149 6.39 -6.23 75.54
N LEU FB 150 5.49 -6.82 76.31
CA LEU FB 150 5.54 -6.77 77.75
C LEU FB 150 5.19 -8.14 78.32
N ARG FB 151 5.96 -8.55 79.32
CA ARG FB 151 5.67 -9.80 80.00
C ARG FB 151 4.31 -9.71 80.69
N LEU FB 152 3.55 -10.79 80.58
CA LEU FB 152 2.23 -10.87 81.19
C LEU FB 152 2.42 -11.41 82.60
N GLN FB 153 2.60 -10.49 83.54
CA GLN FB 153 2.82 -10.87 84.92
C GLN FB 153 1.50 -11.29 85.56
N THR FB 154 1.63 -11.89 86.74
CA THR FB 154 0.50 -12.46 87.44
C THR FB 154 -0.24 -11.47 88.31
N THR FB 155 0.50 -10.62 89.03
CA THR FB 155 -0.09 -9.69 89.99
C THR FB 155 0.42 -8.27 89.89
N GLY FB 156 1.46 -8.00 89.11
CA GLY FB 156 2.10 -6.71 89.08
C GLY FB 156 2.27 -6.12 87.70
N ASN FB 157 1.26 -6.29 86.85
CA ASN FB 157 1.33 -5.71 85.53
C ASN FB 157 1.35 -4.20 85.59
N VAL FB 158 1.96 -3.59 84.60
CA VAL FB 158 2.18 -2.16 84.60
C VAL FB 158 0.90 -1.43 84.23
N ASP FB 159 0.76 -0.23 84.77
CA ASP FB 159 -0.46 0.56 84.62
C ASP FB 159 -0.37 1.36 83.33
N HIS FB 160 -1.04 0.87 82.29
CA HIS FB 160 -1.24 1.67 81.10
C HIS FB 160 -2.05 2.91 81.43
N VAL FB 161 -2.01 3.88 80.53
CA VAL FB 161 -2.56 5.21 80.74
C VAL FB 161 -3.07 5.71 79.40
N GLY FB 162 -3.76 6.85 79.41
CA GLY FB 162 -4.33 7.36 78.19
C GLY FB 162 -5.66 8.08 78.22
N LEU FB 163 -6.26 8.40 79.37
CA LEU FB 163 -7.49 9.18 79.33
C LEU FB 163 -7.71 9.99 80.59
N GLY FB 164 -8.21 11.20 80.40
CA GLY FB 164 -8.64 12.04 81.49
C GLY FB 164 -9.92 12.74 81.11
N THR FB 165 -10.73 13.02 82.13
CA THR FB 165 -12.09 13.49 81.94
C THR FB 165 -12.31 14.80 82.65
N ALA FB 166 -13.36 15.51 82.22
CA ALA FB 166 -13.82 16.71 82.89
C ALA FB 166 -15.30 16.86 82.58
N PHE FB 167 -16.13 16.52 83.55
CA PHE FB 167 -17.57 16.60 83.42
C PHE FB 167 -18.09 17.84 84.13
N GLU FB 168 -19.08 18.48 83.53
CA GLU FB 168 -19.65 19.69 84.07
C GLU FB 168 -20.65 19.35 85.15
N ASN FB 169 -20.47 19.95 86.32
CA ASN FB 169 -21.35 19.65 87.44
C ASN FB 169 -22.77 20.09 87.14
N SER FB 170 -23.71 19.50 87.88
CA SER FB 170 -25.12 19.78 87.69
C SER FB 170 -25.84 19.60 89.01
N ILE FB 171 -27.06 20.13 89.06
CA ILE FB 171 -27.88 20.02 90.26
C ILE FB 171 -28.18 18.55 90.55
N TYR FB 172 -28.42 17.77 89.51
CA TYR FB 172 -28.79 16.38 89.63
C TYR FB 172 -27.58 15.49 89.47
N ASP FB 173 -27.66 14.30 90.07
CA ASP FB 173 -26.62 13.30 89.89
C ASP FB 173 -26.56 12.87 88.44
N GLN FB 174 -25.35 12.68 87.94
CA GLN FB 174 -25.10 12.20 86.60
C GLN FB 174 -24.35 10.88 86.74
N ASP FB 175 -25.11 9.80 86.87
CA ASP FB 175 -24.51 8.48 86.94
C ASP FB 175 -24.19 8.00 85.54
N TYR FB 176 -23.10 7.24 85.44
CA TYR FB 176 -22.65 6.68 84.17
C TYR FB 176 -22.30 5.22 84.37
N ASN FB 177 -22.24 4.50 83.26
CA ASN FB 177 -21.91 3.08 83.23
C ASN FB 177 -20.77 2.95 82.22
N ILE FB 178 -19.56 2.99 82.72
CA ILE FB 178 -18.39 2.99 81.86
C ILE FB 178 -18.06 1.57 81.46
N ARG FB 179 -17.66 1.40 80.20
CA ARG FB 179 -17.19 0.13 79.66
C ARG FB 179 -15.83 0.36 79.05
N ILE FB 180 -14.84 -0.36 79.54
CA ILE FB 180 -13.47 -0.23 79.06
C ILE FB 180 -13.15 -1.46 78.24
N THR FB 181 -13.32 -1.36 76.93
CA THR FB 181 -12.96 -2.42 76.02
C THR FB 181 -11.50 -2.28 75.62
N MET FB 182 -10.80 -3.39 75.61
CA MET FB 182 -9.37 -3.45 75.33
C MET FB 182 -9.11 -4.44 74.21
N TYR FB 183 -8.20 -4.06 73.31
CA TYR FB 183 -7.84 -4.87 72.16
C TYR FB 183 -6.37 -5.24 72.31
N VAL FB 184 -6.13 -6.47 72.73
CA VAL FB 184 -4.83 -6.93 73.16
C VAL FB 184 -4.27 -7.85 72.10
N GLN FB 185 -2.97 -8.08 72.17
CA GLN FB 185 -2.27 -8.95 71.24
C GLN FB 185 -1.23 -9.72 72.03
N PHE FB 186 -1.49 -11.01 72.25
CA PHE FB 186 -0.62 -11.86 73.04
C PHE FB 186 0.39 -12.59 72.16
N ARG FB 187 1.23 -13.42 72.77
CA ARG FB 187 2.30 -14.09 72.08
C ARG FB 187 2.88 -15.18 72.97
N GLU FB 188 3.55 -16.14 72.34
CA GLU FB 188 4.26 -17.22 73.02
C GLU FB 188 3.33 -18.05 73.90
N PHE FB 189 2.47 -18.80 73.23
CA PHE FB 189 1.57 -19.74 73.89
C PHE FB 189 2.35 -20.69 74.79
N ASN FB 190 2.15 -20.55 76.09
CA ASN FB 190 2.99 -21.18 77.12
C ASN FB 190 2.19 -22.08 78.03
N LEU FB 191 1.31 -22.89 77.47
CA LEU FB 191 0.47 -23.75 78.28
C LEU FB 191 1.28 -24.91 78.84
N LYS FB 192 0.97 -25.28 80.08
CA LYS FB 192 1.53 -26.44 80.72
C LYS FB 192 0.49 -27.56 80.74
N ASP FB 193 0.98 -28.79 80.81
CA ASP FB 193 0.12 -29.98 80.87
C ASP FB 193 0.74 -31.01 81.79
N PRO FB 194 0.60 -30.83 83.09
CA PRO FB 194 1.01 -31.87 84.03
C PRO FB 194 0.13 -33.09 83.89
N PRO FB 195 0.51 -34.21 84.50
CA PRO FB 195 -0.37 -35.38 84.50
C PRO FB 195 -1.54 -35.21 85.45
N LEU FB 196 -2.33 -36.27 85.63
CA LEU FB 196 -3.52 -36.25 86.47
C LEU FB 196 -4.55 -35.26 85.94
N TYR GB 1 3.52 35.72 47.02
CA TYR GB 1 4.27 36.82 47.62
C TYR GB 1 4.27 36.70 49.16
N ARG GB 2 4.72 35.54 49.65
CA ARG GB 2 4.91 35.26 51.08
C ARG GB 2 3.67 35.66 51.91
N TRP GB 3 2.57 34.89 51.88
CA TRP GB 3 2.48 33.44 51.62
C TRP GB 3 3.26 32.56 52.63
N ARG GB 4 2.79 32.45 53.80
CA ARG GB 4 2.85 32.85 55.20
C ARG GB 4 4.24 33.14 55.80
N ARG GB 5 5.28 32.29 55.79
CA ARG GB 5 5.37 30.90 55.36
C ARG GB 5 5.70 29.98 56.56
N LYS GB 6 6.86 30.26 57.18
CA LYS GB 6 7.38 29.54 58.35
C LYS GB 6 7.86 30.50 59.43
N ASN GB 7 7.76 31.82 59.23
CA ASN GB 7 8.56 32.79 59.96
C ASN GB 7 8.09 33.03 61.40
N GLY GB 8 7.47 32.03 62.01
CA GLY GB 8 6.93 32.07 63.34
C GLY GB 8 5.49 31.62 63.37
N ILE GB 9 4.98 31.19 62.22
CA ILE GB 9 3.56 30.93 62.08
C ILE GB 9 3.20 29.70 62.88
N PHE GB 10 2.16 29.83 63.71
CA PHE GB 10 1.68 28.73 64.52
C PHE GB 10 0.18 28.85 64.64
N ASN GB 11 -0.53 28.18 63.73
CA ASN GB 11 -1.98 28.11 63.82
C ASN GB 11 -2.37 27.21 64.96
N THR GB 12 -3.36 27.64 65.73
CA THR GB 12 -3.78 26.90 66.89
C THR GB 12 -5.25 27.23 67.17
N ARG GB 13 -5.72 26.84 68.35
CA ARG GB 13 -7.11 26.96 68.74
C ARG GB 13 -7.16 27.33 70.21
N LEU GB 14 -8.20 28.06 70.57
CA LEU GB 14 -8.45 28.44 71.94
C LEU GB 14 -9.95 28.39 72.19
N SER GB 15 -10.32 28.20 73.45
CA SER GB 15 -11.72 28.02 73.81
C SER GB 15 -11.92 28.43 75.25
N ARG GB 16 -13.13 28.91 75.53
CA ARG GB 16 -13.55 29.21 76.89
C ARG GB 16 -15.03 28.90 77.00
N THR GB 17 -15.58 29.14 78.17
CA THR GB 17 -16.96 28.74 78.45
C THR GB 17 -17.57 29.73 79.43
N ILE GB 18 -18.87 30.00 79.25
CA ILE GB 18 -19.60 30.93 80.07
C ILE GB 18 -21.08 30.57 80.02
N GLY GB 19 -21.79 30.97 81.07
CA GLY GB 19 -23.22 30.76 81.14
C GLY GB 19 -23.98 32.02 80.74
N TYR GB 20 -25.11 31.82 80.07
CA TYR GB 20 -25.98 32.90 79.67
C TYR GB 20 -27.40 32.49 79.99
N THR GB 21 -28.13 33.39 80.66
CA THR GB 21 -29.38 33.07 81.32
C THR GB 21 -30.46 34.03 80.82
N VAL GB 22 -31.34 33.53 79.95
CA VAL GB 22 -32.51 34.28 79.54
C VAL GB 22 -33.60 34.04 80.57
N LYS GB 23 -34.07 35.12 81.20
CA LYS GB 23 -34.92 35.01 82.37
C LYS GB 23 -36.37 34.87 81.97
N LYS GB 24 -37.21 34.62 82.97
CA LYS GB 24 -38.64 34.46 82.78
C LYS GB 24 -39.31 35.80 82.51
N THR GB 25 -40.62 35.72 82.23
CA THR GB 25 -41.47 36.90 82.14
C THR GB 25 -42.91 36.44 82.15
N THR GB 26 -43.76 37.17 82.87
CA THR GB 26 -45.19 36.90 82.85
C THR GB 26 -45.82 37.28 81.52
N VAL GB 27 -45.15 38.11 80.72
CA VAL GB 27 -45.66 38.47 79.41
C VAL GB 27 -45.84 37.21 78.58
N ARG GB 28 -46.91 37.17 77.80
CA ARG GB 28 -47.21 36.06 76.92
C ARG GB 28 -47.12 36.42 75.45
N THR GB 29 -47.16 37.70 75.11
CA THR GB 29 -46.96 38.09 73.73
C THR GB 29 -45.50 37.82 73.34
N PRO GB 30 -45.23 37.62 72.05
CA PRO GB 30 -43.85 37.38 71.64
C PRO GB 30 -42.96 38.56 71.97
N SER GB 31 -41.98 38.32 72.83
CA SER GB 31 -41.01 39.33 73.23
C SER GB 31 -39.63 38.70 73.22
N TRP GB 32 -38.65 39.48 72.81
CA TRP GB 32 -37.29 39.02 72.62
C TRP GB 32 -36.35 39.67 73.63
N ASN GB 33 -35.23 39.00 73.87
CA ASN GB 33 -34.19 39.43 74.80
C ASN GB 33 -32.90 39.58 74.01
N VAL GB 34 -32.51 40.81 73.77
CA VAL GB 34 -31.39 41.11 72.88
C VAL GB 34 -30.13 41.29 73.71
N ASP GB 35 -29.02 40.81 73.17
CA ASP GB 35 -27.73 40.95 73.81
C ASP GB 35 -26.66 40.74 72.75
N MET GB 36 -25.54 41.41 72.94
CA MET GB 36 -24.41 41.36 72.03
C MET GB 36 -23.41 40.32 72.52
N MET GB 37 -22.25 40.28 71.87
CA MET GB 37 -21.19 39.36 72.26
C MET GB 37 -19.88 39.85 71.68
N ARG GB 38 -18.90 40.08 72.55
CA ARG GB 38 -17.59 40.58 72.19
C ARG GB 38 -16.54 39.50 72.43
N PHE GB 39 -15.45 39.61 71.68
CA PHE GB 39 -14.35 38.65 71.75
C PHE GB 39 -13.06 39.41 72.00
N ASN GB 40 -12.35 39.03 73.05
CA ASN GB 40 -11.07 39.61 73.40
C ASN GB 40 -10.15 38.50 73.83
N ILE GB 41 -8.93 38.50 73.29
CA ILE GB 41 -8.04 37.37 73.48
C ILE GB 41 -7.50 37.29 74.89
N ASN GB 42 -7.56 38.37 75.66
CA ASN GB 42 -7.11 38.33 77.03
C ASN GB 42 -7.93 37.37 77.87
N ASP GB 43 -9.18 37.12 77.47
CA ASP GB 43 -10.01 36.15 78.15
C ASP GB 43 -9.66 34.72 77.80
N PHE GB 44 -8.81 34.50 76.80
CA PHE GB 44 -8.34 33.18 76.40
C PHE GB 44 -6.91 32.90 76.83
N LEU GB 45 -6.01 33.88 76.68
CA LEU GB 45 -4.62 33.73 77.03
C LEU GB 45 -4.39 34.30 78.41
N PRO GB 46 -4.16 33.50 79.44
CA PRO GB 46 -3.81 34.07 80.73
C PRO GB 46 -2.39 34.59 80.72
N PRO GB 47 -2.01 35.40 81.71
CA PRO GB 47 -0.68 36.00 81.69
C PRO GB 47 0.39 35.01 82.12
N GLY GB 48 1.57 35.13 81.51
CA GLY GB 48 2.69 34.31 81.86
C GLY GB 48 3.41 34.82 83.09
N GLY GB 49 4.74 34.77 83.07
CA GLY GB 49 5.52 35.24 84.18
C GLY GB 49 6.96 35.50 83.83
N GLY GB 50 7.52 36.56 84.38
CA GLY GB 50 8.91 36.91 84.14
C GLY GB 50 9.10 37.70 82.87
N SER GB 51 10.18 37.41 82.15
CA SER GB 51 10.46 38.12 80.91
C SER GB 51 9.45 37.78 79.84
N ASN GB 52 8.84 36.60 79.90
CA ASN GB 52 7.78 36.22 78.98
C ASN GB 52 6.44 36.65 79.57
N PRO GB 53 5.80 37.70 79.07
CA PRO GB 53 4.62 38.22 79.74
C PRO GB 53 3.38 37.38 79.53
N LEU GB 54 3.29 36.75 78.37
CA LEU GB 54 2.16 35.89 78.02
C LEU GB 54 2.50 34.42 78.22
N THR GB 55 1.48 33.60 78.14
CA THR GB 55 1.64 32.15 78.20
C THR GB 55 2.07 31.55 76.87
N VAL GB 56 1.77 32.22 75.77
CA VAL GB 56 2.13 31.78 74.42
C VAL GB 56 3.28 32.66 73.96
N PRO GB 57 4.44 32.11 73.62
CA PRO GB 57 5.55 32.98 73.23
C PRO GB 57 5.48 33.40 71.76
N PHE GB 58 4.67 34.42 71.51
CA PHE GB 58 4.59 35.02 70.19
C PHE GB 58 4.29 36.50 70.36
N GLU GB 59 4.56 37.26 69.29
CA GLU GB 59 4.42 38.70 69.30
C GLU GB 59 3.15 39.17 68.60
N TYR GB 60 2.94 38.73 67.38
CA TYR GB 60 1.81 39.15 66.57
C TYR GB 60 0.73 38.07 66.59
N TYR GB 61 -0.44 38.44 66.09
CA TYR GB 61 -1.54 37.50 65.97
C TYR GB 61 -2.61 38.08 65.09
N ARG GB 62 -3.47 37.19 64.58
CA ARG GB 62 -4.64 37.60 63.83
C ARG GB 62 -5.66 36.47 63.90
N ILE GB 63 -6.89 36.82 64.24
CA ILE GB 63 -7.94 35.83 64.42
C ILE GB 63 -8.54 35.50 63.06
N ARG GB 64 -8.42 34.24 62.67
CA ARG GB 64 -8.96 33.79 61.40
C ARG GB 64 -10.46 33.57 61.48
N LYS GB 65 -10.90 32.79 62.46
CA LYS GB 65 -12.28 32.38 62.57
C LYS GB 65 -12.68 32.27 64.02
N VAL GB 66 -13.98 32.27 64.24
CA VAL GB 66 -14.57 32.06 65.56
C VAL GB 66 -15.74 31.13 65.39
N LYS GB 67 -15.87 30.18 66.31
CA LYS GB 67 -16.96 29.23 66.33
C LYS GB 67 -17.65 29.34 67.68
N VAL GB 68 -18.74 30.06 67.71
CA VAL GB 68 -19.58 30.13 68.87
C VAL GB 68 -20.47 28.90 68.90
N GLU GB 69 -20.82 28.44 70.10
CA GLU GB 69 -21.61 27.25 70.29
C GLU GB 69 -22.54 27.46 71.47
N PHE GB 70 -23.83 27.29 71.24
CA PHE GB 70 -24.84 27.46 72.27
C PHE GB 70 -25.27 26.08 72.76
N TRP GB 71 -24.43 25.47 73.56
CA TRP GB 71 -24.77 24.22 74.19
C TRP GB 71 -25.82 24.48 75.24
N PRO GB 72 -27.08 24.05 75.07
CA PRO GB 72 -28.12 24.43 76.02
C PRO GB 72 -27.94 23.75 77.36
N CYS GB 73 -28.77 24.21 78.29
CA CYS GB 73 -28.86 23.64 79.63
C CYS GB 73 -30.28 23.23 79.98
N SER GB 74 -31.25 23.46 79.12
CA SER GB 74 -32.63 23.13 79.37
C SER GB 74 -32.95 21.75 78.84
N PRO GB 75 -33.99 21.09 79.36
CA PRO GB 75 -34.30 19.74 78.92
C PRO GB 75 -35.12 19.74 77.63
N ILE GB 76 -35.23 18.55 77.06
CA ILE GB 76 -36.03 18.36 75.86
C ILE GB 76 -37.51 18.59 76.15
N THR GB 77 -37.96 18.31 77.38
CA THR GB 77 -39.37 18.33 77.72
C THR GB 77 -39.87 19.69 78.13
N GLN GB 78 -39.16 20.76 77.75
CA GLN GB 78 -39.54 22.10 78.14
C GLN GB 78 -40.53 22.68 77.15
N GLY GB 79 -41.54 23.35 77.66
CA GLY GB 79 -42.59 23.93 76.86
C GLY GB 79 -42.42 25.41 76.65
N ASP GB 80 -43.44 26.01 76.03
CA ASP GB 80 -43.43 27.40 75.64
C ASP GB 80 -42.17 27.72 74.84
N ARG GB 81 -42.01 26.95 73.75
CA ARG GB 81 -40.83 27.09 72.93
C ARG GB 81 -40.87 28.43 72.22
N GLY GB 82 -39.86 28.68 71.42
CA GLY GB 82 -39.77 29.94 70.74
C GLY GB 82 -38.84 29.86 69.56
N VAL GB 83 -38.43 31.03 69.10
CA VAL GB 83 -37.55 31.13 67.95
C VAL GB 83 -36.81 32.45 68.04
N GLY GB 84 -35.51 32.40 67.76
CA GLY GB 84 -34.64 33.55 67.89
C GLY GB 84 -33.82 33.79 66.64
N SER GB 85 -32.74 34.54 66.76
CA SER GB 85 -31.92 34.87 65.61
C SER GB 85 -30.55 35.33 66.07
N THR GB 86 -29.53 34.89 65.34
CA THR GB 86 -28.16 35.32 65.53
C THR GB 86 -27.65 35.96 64.27
N ALA GB 87 -26.95 37.07 64.42
CA ALA GB 87 -26.45 37.83 63.30
C ALA GB 87 -25.04 38.29 63.58
N VAL GB 88 -24.32 38.57 62.51
CA VAL GB 88 -22.92 38.94 62.55
C VAL GB 88 -22.82 40.45 62.44
N ILE GB 89 -22.17 41.07 63.40
CA ILE GB 89 -22.05 42.52 63.50
C ILE GB 89 -20.56 42.84 63.57
N LEU GB 90 -20.04 43.43 62.51
CA LEU GB 90 -18.61 43.60 62.33
C LEU GB 90 -18.14 45.02 62.57
N ASP GB 91 -18.99 45.85 63.21
CA ASP GB 91 -18.72 47.28 63.32
C ASP GB 91 -18.94 47.84 64.72
N ASP GB 92 -19.20 47.01 65.72
CA ASP GB 92 -19.47 47.46 67.08
C ASP GB 92 -20.73 48.31 67.15
N ASN GB 93 -21.65 48.11 66.20
CA ASN GB 93 -22.95 48.76 66.19
C ASN GB 93 -23.97 47.67 66.39
N PHE GB 94 -24.19 47.32 67.63
CA PHE GB 94 -25.20 46.35 67.98
C PHE GB 94 -26.54 47.05 68.11
N VAL GB 95 -27.55 46.28 68.49
CA VAL GB 95 -28.91 46.78 68.65
C VAL GB 95 -29.20 46.73 70.14
N THR GB 96 -29.69 47.86 70.67
CA THR GB 96 -29.62 48.18 72.09
C THR GB 96 -30.07 47.03 72.98
N LYS GB 97 -29.29 46.81 74.03
CA LYS GB 97 -29.56 45.74 74.97
C LYS GB 97 -30.93 45.93 75.60
N ALA GB 98 -31.75 44.88 75.53
CA ALA GB 98 -33.13 44.96 75.95
C ALA GB 98 -33.58 43.60 76.45
N ASN GB 99 -34.36 43.61 77.53
CA ASN GB 99 -34.91 42.39 78.09
C ASN GB 99 -36.21 41.97 77.42
N ALA GB 100 -36.92 42.91 76.82
CA ALA GB 100 -38.21 42.61 76.20
C ALA GB 100 -38.41 43.58 75.04
N LEU GB 101 -38.38 43.05 73.84
CA LEU GB 101 -38.62 43.84 72.63
C LEU GB 101 -39.65 43.12 71.79
N THR GB 102 -40.57 43.89 71.23
CA THR GB 102 -41.76 43.34 70.57
C THR GB 102 -41.46 42.72 69.22
N TYR GB 103 -40.20 42.68 68.78
CA TYR GB 103 -39.87 42.13 67.49
C TYR GB 103 -38.44 41.61 67.51
N ASP GB 104 -38.12 40.80 66.53
CA ASP GB 104 -36.78 40.25 66.37
C ASP GB 104 -36.00 41.17 65.46
N PRO GB 105 -35.09 42.01 65.98
CA PRO GB 105 -34.42 42.95 65.09
C PRO GB 105 -33.41 42.31 64.19
N TYR GB 106 -32.82 41.19 64.60
CA TYR GB 106 -31.81 40.50 63.82
C TYR GB 106 -32.41 39.48 62.86
N VAL GB 107 -33.69 39.61 62.52
CA VAL GB 107 -34.34 38.59 61.70
C VAL GB 107 -34.10 38.83 60.22
N ASN GB 108 -34.18 40.08 59.77
CA ASN GB 108 -33.99 40.41 58.38
C ASN GB 108 -32.54 40.63 58.01
N TYR GB 109 -31.63 40.61 58.98
CA TYR GB 109 -30.23 40.72 58.69
C TYR GB 109 -29.79 39.61 57.75
N SER GB 110 -28.98 39.96 56.76
CA SER GB 110 -28.52 39.00 55.78
C SER GB 110 -27.70 37.89 56.42
N SER GB 111 -27.03 38.19 57.53
CA SER GB 111 -26.23 37.21 58.25
C SER GB 111 -27.04 36.48 59.31
N ARG GB 112 -28.35 36.39 59.12
CA ARG GB 112 -29.21 35.76 60.11
C ARG GB 112 -29.20 34.26 59.96
N HIS GB 113 -29.04 33.56 61.08
CA HIS GB 113 -29.15 32.12 61.15
C HIS GB 113 -30.10 31.81 62.30
N THR GB 114 -31.19 31.14 62.00
CA THR GB 114 -32.26 30.98 62.96
C THR GB 114 -31.85 30.10 64.12
N ILE GB 115 -32.38 30.41 65.29
CA ILE GB 115 -32.23 29.59 66.48
C ILE GB 115 -33.55 28.91 66.74
N THR GB 116 -33.49 27.61 67.02
CA THR GB 116 -34.59 26.91 67.64
C THR GB 116 -34.33 26.87 69.13
N GLN GB 117 -35.38 27.03 69.92
CA GLN GB 117 -35.27 27.17 71.36
C GLN GB 117 -36.18 26.17 72.04
N PRO GB 118 -35.92 25.85 73.31
CA PRO GB 118 -34.81 26.19 74.20
C PRO GB 118 -33.79 25.09 74.40
N PHE GB 119 -33.93 23.97 73.68
CA PHE GB 119 -33.13 22.79 73.92
C PHE GB 119 -32.22 22.42 72.75
N SER GB 120 -32.10 23.28 71.75
CA SER GB 120 -31.35 22.97 70.55
C SER GB 120 -29.97 23.59 70.59
N TYR GB 121 -29.10 23.08 69.73
CA TYR GB 121 -27.74 23.54 69.57
C TYR GB 121 -27.64 24.45 68.36
N HIS GB 122 -26.88 25.52 68.48
CA HIS GB 122 -26.70 26.48 67.41
C HIS GB 122 -25.25 26.94 67.39
N SER GB 123 -24.69 27.01 66.19
CA SER GB 123 -23.29 27.34 65.99
C SER GB 123 -23.16 28.32 64.85
N ARG GB 124 -22.13 29.17 64.95
CA ARG GB 124 -21.89 30.25 64.00
C ARG GB 124 -20.39 30.35 63.77
N TYR GB 125 -19.95 29.93 62.60
CA TYR GB 125 -18.53 29.87 62.23
C TYR GB 125 -18.25 30.99 61.25
N PHE GB 126 -17.62 32.05 61.73
CA PHE GB 126 -17.44 33.26 60.96
C PHE GB 126 -16.09 33.88 61.26
N THR GB 127 -15.77 34.90 60.48
CA THR GB 127 -14.55 35.66 60.64
C THR GB 127 -14.86 36.97 61.36
N PRO GB 128 -14.34 37.20 62.56
CA PRO GB 128 -14.56 38.49 63.21
C PRO GB 128 -13.61 39.53 62.67
N LYS GB 129 -13.82 40.76 63.13
CA LYS GB 129 -13.00 41.89 62.75
C LYS GB 129 -12.67 42.68 63.99
N PRO GB 130 -11.54 43.36 64.02
CA PRO GB 130 -11.18 44.15 65.20
C PRO GB 130 -11.77 45.56 65.16
N VAL GB 131 -11.65 46.22 66.29
CA VAL GB 131 -12.16 47.57 66.48
C VAL GB 131 -10.95 48.49 66.42
N LEU GB 132 -10.65 48.98 65.23
CA LEU GB 132 -9.52 49.89 65.04
C LEU GB 132 -9.90 51.32 65.37
N ASP GB 133 -11.08 51.77 64.93
CA ASP GB 133 -11.56 53.12 65.19
C ASP GB 133 -13.03 53.06 65.49
N ARG GB 134 -13.40 53.40 66.72
CA ARG GB 134 -14.80 53.37 67.12
C ARG GB 134 -15.59 54.49 66.46
N THR GB 135 -14.96 55.65 66.26
CA THR GB 135 -15.65 56.77 65.64
C THR GB 135 -16.03 56.44 64.21
N ILE GB 136 -15.12 55.80 63.47
CA ILE GB 136 -15.30 55.54 62.06
C ILE GB 136 -15.86 54.15 61.81
N ASP GB 137 -15.43 53.18 62.61
CA ASP GB 137 -15.91 51.81 62.55
C ASP GB 137 -15.72 51.23 61.16
N TYR GB 138 -14.45 51.10 60.78
CA TYR GB 138 -14.08 50.47 59.52
C TYR GB 138 -13.54 49.08 59.77
N PHE GB 139 -13.61 48.27 58.72
CA PHE GB 139 -13.10 46.91 58.76
C PHE GB 139 -12.92 46.45 57.33
N GLN GB 140 -12.07 45.46 57.16
CA GLN GB 140 -11.72 44.99 55.84
C GLN GB 140 -12.43 43.69 55.50
N PRO GB 141 -12.51 43.33 54.24
CA PRO GB 141 -13.17 42.09 53.87
C PRO GB 141 -12.45 40.86 54.36
N ASN GB 142 -12.99 39.69 54.01
CA ASN GB 142 -12.38 38.43 54.38
C ASN GB 142 -11.42 38.02 53.29
N ASN GB 143 -10.13 38.28 53.51
CA ASN GB 143 -9.08 37.81 52.63
C ASN GB 143 -7.91 37.37 53.50
N LYS GB 144 -7.57 36.09 53.39
CA LYS GB 144 -6.58 35.52 54.30
C LYS GB 144 -5.21 36.13 54.07
N ARG GB 145 -4.80 36.29 52.82
CA ARG GB 145 -3.45 36.77 52.53
C ARG GB 145 -3.22 38.15 53.12
N ASN GB 146 -4.13 39.08 52.85
CA ASN GB 146 -3.94 40.48 53.20
C ASN GB 146 -4.62 40.86 54.51
N GLN GB 147 -4.99 39.88 55.33
CA GLN GB 147 -5.53 40.19 56.64
C GLN GB 147 -4.44 40.78 57.52
N LEU GB 148 -4.84 41.66 58.41
CA LEU GB 148 -3.91 42.41 59.23
C LEU GB 148 -3.33 41.54 60.33
N TRP GB 149 -2.18 41.98 60.81
CA TRP GB 149 -1.55 41.43 62.01
C TRP GB 149 -1.70 42.43 63.14
N LEU GB 150 -1.68 41.91 64.36
CA LEU GB 150 -1.90 42.70 65.55
C LEU GB 150 -0.92 42.27 66.62
N ARG GB 151 -0.35 43.26 67.30
CA ARG GB 151 0.54 42.97 68.41
C ARG GB 151 -0.24 42.28 69.52
N LEU GB 152 0.39 41.26 70.11
CA LEU GB 152 -0.22 40.51 71.19
C LEU GB 152 0.17 41.20 72.48
N GLN GB 153 -0.68 42.13 72.90
CA GLN GB 153 -0.42 42.88 74.11
C GLN GB 153 -0.72 42.04 75.34
N THR GB 154 -0.30 42.54 76.48
CA THR GB 154 -0.39 41.82 77.74
C THR GB 154 -1.72 42.02 78.44
N THR GB 155 -2.22 43.25 78.47
CA THR GB 155 -3.43 43.58 79.22
C THR GB 155 -4.44 44.41 78.45
N GLY GB 156 -4.11 44.91 77.27
CA GLY GB 156 -4.95 45.84 76.55
C GLY GB 156 -5.22 45.45 75.11
N ASN GB 157 -5.42 44.17 74.86
CA ASN GB 157 -5.73 43.72 73.51
C ASN GB 157 -7.06 44.28 73.07
N VAL GB 158 -7.20 44.45 71.76
CA VAL GB 158 -8.37 45.11 71.19
C VAL GB 158 -9.54 44.14 71.17
N ASP GB 159 -10.73 44.70 71.27
CA ASP GB 159 -11.96 43.92 71.39
C ASP GB 159 -12.46 43.59 69.99
N HIS GB 160 -12.20 42.37 69.55
CA HIS GB 160 -12.85 41.86 68.36
C HIS GB 160 -14.35 41.81 68.56
N VAL GB 161 -15.06 41.69 67.45
CA VAL GB 161 -16.51 41.80 67.41
C VAL GB 161 -17.02 40.87 66.32
N GLY GB 162 -18.33 40.73 66.23
CA GLY GB 162 -18.89 39.81 65.26
C GLY GB 162 -20.14 39.01 65.59
N LEU GB 163 -20.84 39.23 66.71
CA LEU GB 163 -22.07 38.49 66.92
C LEU GB 163 -23.04 39.23 67.81
N GLY GB 164 -24.32 39.15 67.44
CA GLY GB 164 -25.39 39.65 68.27
C GLY GB 164 -26.55 38.68 68.24
N THR GB 165 -27.29 38.64 69.34
CA THR GB 165 -28.29 37.62 69.58
C THR GB 165 -29.65 38.26 69.85
N ALA GB 166 -30.68 37.44 69.67
CA ALA GB 166 -32.03 37.82 70.03
C ALA GB 166 -32.80 36.54 70.33
N PHE GB 167 -33.00 36.27 71.61
CA PHE GB 167 -33.70 35.08 72.07
C PHE GB 167 -35.13 35.45 72.46
N GLU GB 168 -36.06 34.57 72.14
CA GLU GB 168 -37.45 34.81 72.43
C GLU GB 168 -37.74 34.45 73.88
N ASN GB 169 -38.35 35.39 74.60
CA ASN GB 169 -38.61 35.18 76.01
C ASN GB 169 -39.61 34.04 76.19
N SER GB 170 -39.61 33.48 77.40
CA SER GB 170 -40.47 32.37 77.73
C SER GB 170 -40.81 32.41 79.20
N ILE GB 171 -41.84 31.65 79.57
CA ILE GB 171 -42.26 31.58 80.97
C ILE GB 171 -41.14 31.01 81.82
N TYR GB 172 -40.43 30.02 81.30
CA TYR GB 172 -39.39 29.33 82.02
C TYR GB 172 -38.02 29.91 81.69
N ASP GB 173 -37.10 29.76 82.62
CA ASP GB 173 -35.72 30.17 82.38
C ASP GB 173 -35.13 29.32 81.27
N GLN GB 174 -34.34 29.96 80.41
CA GLN GB 174 -33.64 29.30 79.32
C GLN GB 174 -32.15 29.53 79.57
N ASP GB 175 -31.55 28.65 80.36
CA ASP GB 175 -30.13 28.72 80.61
C ASP GB 175 -29.38 28.09 79.45
N TYR GB 176 -28.21 28.65 79.18
CA TYR GB 176 -27.34 28.17 78.10
C TYR GB 176 -25.92 28.07 78.62
N ASN GB 177 -25.12 27.30 77.88
CA ASN GB 177 -23.72 27.08 78.20
C ASN GB 177 -22.95 27.41 76.93
N ILE GB 178 -22.50 28.65 76.83
CA ILE GB 178 -21.86 29.13 75.62
C ILE GB 178 -20.41 28.72 75.62
N ARG GB 179 -19.92 28.32 74.45
CA ARG GB 179 -18.52 28.00 74.22
C ARG GB 179 -18.03 28.84 73.07
N ILE GB 180 -17.01 29.64 73.31
CA ILE GB 180 -16.43 30.52 72.30
C ILE GB 180 -15.09 29.94 71.88
N THR GB 181 -15.10 29.17 70.81
CA THR GB 181 -13.88 28.63 70.24
C THR GB 181 -13.30 29.63 69.25
N MET GB 182 -11.99 29.81 69.32
CA MET GB 182 -11.28 30.77 68.52
C MET GB 182 -10.14 30.08 67.79
N TYR GB 183 -9.94 30.45 66.54
CA TYR GB 183 -8.92 29.88 65.67
C TYR GB 183 -7.94 31.00 65.33
N VAL GB 184 -6.80 30.99 66.00
CA VAL GB 184 -5.87 32.10 65.98
C VAL GB 184 -4.66 31.68 65.15
N GLN GB 185 -3.88 32.67 64.75
CA GLN GB 185 -2.67 32.46 63.97
C GLN GB 185 -1.62 33.43 64.47
N PHE GB 186 -0.62 32.91 65.18
CA PHE GB 186 0.41 33.72 65.79
C PHE GB 186 1.62 33.83 64.86
N ARG GB 187 2.65 34.53 65.33
CA ARG GB 187 3.82 34.80 64.52
C ARG GB 187 4.93 35.36 65.40
N GLU GB 188 6.16 35.24 64.91
CA GLU GB 188 7.35 35.79 65.55
C GLU GB 188 7.55 35.25 66.96
N PHE GB 189 7.91 33.97 66.99
CA PHE GB 189 8.25 33.28 68.23
C PHE GB 189 9.31 34.05 69.00
N ASN GB 190 8.95 34.61 70.14
CA ASN GB 190 9.75 35.59 70.87
C ASN GB 190 10.06 35.14 72.27
N LEU GB 191 10.45 33.88 72.43
CA LEU GB 191 10.73 33.35 73.75
C LEU GB 191 12.04 33.89 74.28
N LYS GB 192 12.07 34.16 75.58
CA LYS GB 192 13.27 34.54 76.28
C LYS GB 192 13.79 33.37 77.11
N ASP GB 193 15.08 33.38 77.38
CA ASP GB 193 15.73 32.34 78.17
C ASP GB 193 16.80 32.97 79.04
N PRO GB 194 16.41 33.58 80.15
CA PRO GB 194 17.40 34.05 81.11
C PRO GB 194 18.10 32.87 81.77
N PRO GB 195 19.18 33.12 82.51
CA PRO GB 195 19.81 32.03 83.26
C PRO GB 195 19.02 31.64 84.49
N LEU GB 196 19.57 30.76 85.31
CA LEU GB 196 18.90 30.26 86.52
C LEU GB 196 17.63 29.51 86.16
N TYR HB 1 -36.13 38.94 26.04
CA TYR HB 1 -36.85 40.19 25.87
C TYR HB 1 -36.97 40.95 27.19
N ARG HB 2 -35.81 41.19 27.83
CA ARG HB 2 -35.68 42.00 29.05
C ARG HB 2 -36.70 41.57 30.12
N TRP HB 3 -36.52 40.44 30.83
CA TRP HB 3 -35.22 39.78 31.14
C TRP HB 3 -34.24 40.64 31.96
N ARG HB 4 -34.51 40.84 33.18
CA ARG HB 4 -35.04 41.74 34.21
C ARG HB 4 -34.77 43.25 34.03
N ARG HB 5 -33.55 43.79 33.89
CA ARG HB 5 -32.22 43.20 33.97
C ARG HB 5 -31.43 43.79 35.15
N LYS HB 6 -31.23 45.13 35.10
CA LYS HB 6 -30.54 45.91 36.12
C LYS HB 6 -31.33 47.17 36.50
N ASN HB 7 -32.50 47.40 35.91
CA ASN HB 7 -33.12 48.72 35.87
C ASN HB 7 -33.73 49.18 37.19
N GLY HB 8 -33.20 48.68 38.31
CA GLY HB 8 -33.67 48.97 39.64
C GLY HB 8 -33.92 47.69 40.40
N ILE HB 9 -33.61 46.55 39.80
CA ILE HB 9 -33.99 45.27 40.36
C ILE HB 9 -33.18 45.01 41.61
N PHE HB 10 -33.87 44.66 42.68
CA PHE HB 10 -33.23 44.35 43.96
C PHE HB 10 -34.02 43.25 44.64
N ASN HB 11 -33.62 42.01 44.40
CA ASN HB 11 -34.22 40.90 45.09
C ASN HB 11 -33.76 40.88 46.53
N THR HB 12 -34.70 40.64 47.44
CA THR HB 12 -34.39 40.67 48.85
C THR HB 12 -35.38 39.75 49.57
N ARG HB 13 -35.40 39.87 50.90
CA ARG HB 13 -36.19 39.02 51.76
C ARG HB 13 -36.74 39.85 52.90
N LEU HB 14 -37.91 39.45 53.38
CA LEU HB 14 -38.55 40.08 54.52
C LEU HB 14 -39.20 39.01 55.36
N SER HB 15 -39.37 39.30 56.64
CA SER HB 15 -39.89 38.34 57.58
C SER HB 15 -40.55 39.05 58.74
N ARG HB 16 -41.54 38.40 59.31
CA ARG HB 16 -42.18 38.87 60.53
C ARG HB 16 -42.59 37.65 61.33
N THR HB 17 -43.22 37.90 62.48
CA THR HB 17 -43.52 36.83 63.42
C THR HB 17 -44.80 37.16 64.16
N ILE HB 18 -45.58 36.12 64.45
CA ILE HB 18 -46.87 36.27 65.14
C ILE HB 18 -47.19 34.96 65.82
N GLY HB 19 -48.01 35.06 66.86
CA GLY HB 19 -48.47 33.90 67.60
C GLY HB 19 -49.87 33.50 67.14
N TYR HB 20 -50.10 32.18 67.11
CA TYR HB 20 -51.40 31.63 66.76
C TYR HB 20 -51.71 30.54 67.77
N THR HB 21 -52.92 30.60 68.33
CA THR HB 21 -53.29 29.83 69.51
C THR HB 21 -54.55 29.03 69.20
N VAL HB 22 -54.39 27.74 69.01
CA VAL HB 22 -55.51 26.83 68.90
C VAL HB 22 -55.93 26.43 70.30
N LYS HB 23 -57.18 26.73 70.64
CA LYS HB 23 -57.63 26.62 72.01
C LYS HB 23 -58.10 25.20 72.33
N LYS HB 24 -58.39 24.99 73.62
CA LYS HB 24 -58.86 23.70 74.11
C LYS HB 24 -60.30 23.46 73.70
N THR HB 25 -60.78 22.26 74.03
CA THR HB 25 -62.19 21.91 73.90
C THR HB 25 -62.43 20.62 74.66
N THR HB 26 -63.55 20.56 75.37
CA THR HB 26 -63.94 19.33 76.04
C THR HB 26 -64.39 18.26 75.05
N VAL HB 27 -64.72 18.64 73.81
CA VAL HB 27 -65.07 17.66 72.79
C VAL HB 27 -63.91 16.70 72.60
N ARG HB 28 -64.26 15.43 72.40
CA ARG HB 28 -63.28 14.37 72.17
C ARG HB 28 -63.36 13.79 70.77
N THR HB 29 -64.46 14.00 70.07
CA THR HB 29 -64.52 13.56 68.68
C THR HB 29 -63.57 14.42 67.86
N PRO HB 30 -63.10 13.91 66.72
CA PRO HB 30 -62.21 14.72 65.87
C PRO HB 30 -62.91 15.97 65.38
N SER HB 31 -62.37 17.11 65.78
CA SER HB 31 -62.88 18.41 65.36
C SER HB 31 -61.72 19.30 65.01
N TRP HB 32 -61.91 20.11 63.98
CA TRP HB 32 -60.87 20.94 63.42
C TRP HB 32 -61.17 22.43 63.66
N ASN HB 33 -60.10 23.21 63.63
CA ASN HB 33 -60.16 24.66 63.83
C ASN HB 33 -59.59 25.32 62.57
N VAL HB 34 -60.47 25.90 61.78
CA VAL HB 34 -60.12 26.42 60.47
C VAL HB 34 -59.82 27.91 60.59
N ASP HB 35 -58.82 28.35 59.83
CA ASP HB 35 -58.46 29.76 59.79
C ASP HB 35 -57.66 29.98 58.52
N MET HB 36 -57.77 31.19 57.99
CA MET HB 36 -57.10 31.59 56.77
C MET HB 36 -55.81 32.32 57.12
N MET HB 37 -55.16 32.88 56.11
CA MET HB 37 -53.93 33.63 56.32
C MET HB 37 -53.70 34.52 55.11
N ARG HB 38 -53.58 35.82 55.36
CA ARG HB 38 -53.38 36.83 54.34
C ARG HB 38 -52.00 37.45 54.48
N PHE HB 39 -51.50 37.97 53.36
CA PHE HB 39 -50.18 38.56 53.28
C PHE HB 39 -50.30 39.96 52.71
N ASN HB 40 -49.79 40.94 53.43
CA ASN HB 40 -49.78 42.33 52.98
C ASN HB 40 -48.45 42.92 53.35
N ILE HB 41 -47.84 43.61 52.40
CA ILE HB 41 -46.46 44.05 52.57
C ILE HB 41 -46.35 45.19 53.56
N ASN HB 42 -47.45 45.88 53.86
CA ASN HB 42 -47.39 46.95 54.84
C ASN HB 42 -47.03 46.42 56.22
N ASP HB 43 -47.32 45.15 56.49
CA ASP HB 43 -46.92 44.53 57.74
C ASP HB 43 -45.44 44.16 57.79
N PHE HB 44 -44.73 44.26 56.67
CA PHE HB 44 -43.31 44.01 56.60
C PHE HB 44 -42.47 45.27 56.46
N LEU HB 45 -42.92 46.21 55.63
CA LEU HB 45 -42.21 47.45 55.39
C LEU HB 45 -42.81 48.54 56.26
N PRO HB 46 -42.15 48.99 57.32
CA PRO HB 46 -42.69 50.13 58.06
C PRO HB 46 -42.50 51.42 57.28
N PRO HB 47 -43.18 52.48 57.68
CA PRO HB 47 -43.11 53.72 56.91
C PRO HB 47 -41.82 54.49 57.17
N GLY HB 48 -41.33 55.13 56.12
CA GLY HB 48 -40.14 55.95 56.24
C GLY HB 48 -40.44 57.31 56.80
N GLY HB 49 -39.80 58.33 56.25
CA GLY HB 49 -40.03 59.69 56.70
C GLY HB 49 -39.55 60.73 55.71
N GLY HB 50 -40.33 61.81 55.57
CA GLY HB 50 -39.98 62.88 54.68
C GLY HB 50 -40.41 62.63 53.25
N SER HB 51 -39.57 63.01 52.30
CA SER HB 51 -39.90 62.82 50.90
C SER HB 51 -39.91 61.35 50.53
N ASN HB 52 -39.15 60.53 51.24
CA ASN HB 52 -39.15 59.09 51.03
C ASN HB 52 -40.21 58.47 51.94
N PRO HB 53 -41.36 58.03 51.42
CA PRO HB 53 -42.44 57.62 52.31
C PRO HB 53 -42.22 56.26 52.93
N LEU HB 54 -41.53 55.38 52.21
CA LEU HB 54 -41.24 54.04 52.67
C LEU HB 54 -39.82 53.94 53.20
N THR HB 55 -39.53 52.81 53.85
CA THR HB 55 -38.19 52.53 54.32
C THR HB 55 -37.28 51.98 53.23
N VAL HB 56 -37.85 51.39 52.20
CA VAL HB 56 -37.12 50.83 51.07
C VAL HB 56 -37.31 51.78 49.89
N PRO HB 57 -36.26 52.36 49.32
CA PRO HB 57 -36.47 53.30 48.22
C PRO HB 57 -36.68 52.62 46.88
N PHE HB 58 -37.90 52.16 46.65
CA PHE HB 58 -38.29 51.61 45.37
C PHE HB 58 -39.76 51.92 45.12
N GLU HB 59 -40.15 51.82 43.86
CA GLU HB 59 -41.49 52.18 43.42
C GLU HB 59 -42.37 50.97 43.20
N TYR HB 60 -41.90 50.02 42.40
CA TYR HB 60 -42.66 48.84 42.05
C TYR HB 60 -42.21 47.65 42.88
N TYR HB 61 -42.98 46.57 42.82
CA TYR HB 61 -42.62 45.34 43.51
C TYR HB 61 -43.50 44.22 43.01
N ARG HB 62 -43.02 43.00 43.24
CA ARG HB 62 -43.80 41.80 42.96
C ARG HB 62 -43.27 40.68 43.82
N ILE HB 63 -44.17 39.98 44.49
CA ILE HB 63 -43.79 38.93 45.42
C ILE HB 63 -43.58 37.64 44.65
N ARG HB 64 -42.35 37.13 44.69
CA ARG HB 64 -42.02 35.90 44.00
C ARG HB 64 -42.51 34.69 44.77
N LYS HB 65 -42.15 34.59 46.04
CA LYS HB 65 -42.42 33.42 46.85
C LYS HB 65 -42.70 33.84 48.28
N VAL HB 66 -43.32 32.92 49.00
CA VAL HB 66 -43.58 33.07 50.43
C VAL HB 66 -43.25 31.76 51.10
N LYS HB 67 -42.60 31.83 52.25
CA LYS HB 67 -42.25 30.67 53.05
C LYS HB 67 -42.84 30.87 54.43
N VAL HB 68 -43.97 30.24 54.65
CA VAL HB 68 -44.58 30.21 55.97
C VAL HB 68 -43.89 29.12 56.78
N GLU HB 69 -43.81 29.33 58.09
CA GLU HB 69 -43.13 28.42 58.99
C GLU HB 69 -43.91 28.37 60.29
N PHE HB 70 -44.30 27.16 60.69
CA PHE HB 70 -45.04 26.95 61.92
C PHE HB 70 -44.08 26.44 62.99
N TRP HB 71 -43.28 27.32 63.53
CA TRP HB 71 -42.41 26.97 64.62
C TRP HB 71 -43.26 26.77 65.87
N PRO HB 72 -43.43 25.55 66.37
CA PRO HB 72 -44.36 25.34 67.48
C PRO HB 72 -43.86 25.97 68.77
N CYS HB 73 -44.76 25.93 69.75
CA CYS HB 73 -44.49 26.38 71.10
C CYS HB 73 -44.81 25.31 72.14
N SER HB 74 -45.32 24.17 71.73
CA SER HB 74 -45.70 23.09 72.63
C SER HB 74 -44.53 22.12 72.79
N PRO HB 75 -44.49 21.37 73.88
CA PRO HB 75 -43.38 20.45 74.10
C PRO HB 75 -43.57 19.14 73.36
N ILE HB 76 -42.48 18.37 73.33
CA ILE HB 76 -42.51 17.06 72.73
C ILE HB 76 -43.40 16.11 73.50
N THR HB 77 -43.53 16.30 74.81
CA THR HB 77 -44.22 15.36 75.68
C THR HB 77 -45.72 15.62 75.76
N GLN HB 78 -46.28 16.32 74.79
CA GLN HB 78 -47.70 16.65 74.81
C GLN HB 78 -48.50 15.52 74.18
N GLY HB 79 -49.63 15.20 74.81
CA GLY HB 79 -50.49 14.14 74.37
C GLY HB 79 -51.69 14.64 73.61
N ASP HB 80 -52.59 13.71 73.31
CA ASP HB 80 -53.77 13.96 72.49
C ASP HB 80 -53.36 14.63 71.19
N ARG HB 81 -52.48 13.95 70.48
CA ARG HB 81 -51.95 14.50 69.24
C ARG HB 81 -53.05 14.53 68.20
N GLY HB 82 -52.71 15.00 67.02
CA GLY HB 82 -53.68 15.11 65.97
C GLY HB 82 -53.04 15.21 64.63
N VAL HB 83 -53.81 15.68 63.67
CA VAL HB 83 -53.35 15.80 62.30
C VAL HB 83 -54.20 16.85 61.60
N GLY HB 84 -53.54 17.73 60.86
CA GLY HB 84 -54.19 18.84 60.21
C GLY HB 84 -53.86 18.92 58.73
N SER HB 85 -54.05 20.09 58.13
CA SER HB 85 -53.82 20.24 56.71
C SER HB 85 -53.67 21.70 56.37
N THR HB 86 -52.74 21.99 55.48
CA THR HB 86 -52.53 23.32 54.93
C THR HB 86 -52.69 23.27 53.43
N ALA HB 87 -53.38 24.25 52.89
CA ALA HB 87 -53.67 24.31 51.47
C ALA HB 87 -53.47 25.73 50.97
N VAL HB 88 -53.26 25.82 49.66
CA VAL HB 88 -52.96 27.08 48.99
C VAL HB 88 -54.24 27.57 48.34
N ILE HB 89 -54.63 28.80 48.67
CA ILE HB 89 -55.87 29.40 48.22
C ILE HB 89 -55.50 30.71 47.54
N LEU HB 90 -55.64 30.76 46.22
CA LEU HB 90 -55.12 31.85 45.42
C LEU HB 90 -56.22 32.80 44.94
N ASP HB 91 -57.41 32.73 45.55
CA ASP HB 91 -58.56 33.46 45.04
C ASP HB 91 -59.37 34.18 46.12
N ASP HB 92 -58.88 34.24 47.35
CA ASP HB 92 -59.59 34.87 48.46
C ASP HB 92 -60.91 34.18 48.75
N ASN HB 93 -61.01 32.91 48.40
CA ASN HB 93 -62.17 32.08 48.71
C ASN HB 93 -61.68 31.01 49.67
N PHE HB 94 -61.65 31.37 50.94
CA PHE HB 94 -61.29 30.44 51.98
C PHE HB 94 -62.53 29.67 52.40
N VAL HB 95 -62.37 28.83 53.40
CA VAL HB 95 -63.42 28.00 53.93
C VAL HB 95 -63.73 28.52 55.32
N THR HB 96 -65.00 28.77 55.59
CA THR HB 96 -65.46 29.66 56.65
C THR HB 96 -64.78 29.41 57.97
N LYS HB 97 -64.37 30.50 58.61
CA LYS HB 97 -63.69 30.43 59.89
C LYS HB 97 -64.54 29.72 60.92
N ALA HB 98 -63.98 28.71 61.56
CA ALA HB 98 -64.72 27.86 62.47
C ALA HB 98 -63.80 27.33 63.54
N ASN HB 99 -64.30 27.29 64.77
CA ASN HB 99 -63.55 26.75 65.89
C ASN HB 99 -63.66 25.24 66.00
N ALA HB 100 -64.73 24.66 65.47
CA ALA HB 100 -64.95 23.22 65.58
C ALA HB 100 -65.73 22.77 64.36
N LEU HB 101 -65.09 21.99 63.51
CA LEU HB 101 -65.71 21.43 62.32
C LEU HB 101 -65.42 19.94 62.30
N THR HB 102 -66.44 19.16 61.93
CA THR HB 102 -66.39 17.71 62.06
C THR HB 102 -65.52 17.05 61.01
N TYR HB 103 -64.86 17.80 60.13
CA TYR HB 103 -64.04 17.21 59.10
C TYR HB 103 -62.96 18.21 58.70
N ASP HB 104 -61.95 17.69 58.02
CA ASP HB 104 -60.85 18.49 57.52
C ASP HB 104 -61.18 18.93 56.09
N PRO HB 105 -61.59 20.18 55.89
CA PRO HB 105 -62.01 20.56 54.53
C PRO HB 105 -60.86 20.69 53.57
N TYR HB 106 -59.67 21.01 54.06
CA TYR HB 106 -58.50 21.18 53.22
C TYR HB 106 -57.72 19.88 53.01
N VAL HB 107 -58.36 18.73 53.21
CA VAL HB 107 -57.64 17.47 53.14
C VAL HB 107 -57.54 16.97 51.70
N ASN HB 108 -58.62 17.07 50.94
CA ASN HB 108 -58.62 16.59 49.57
C ASN HB 108 -58.12 17.63 48.58
N TYR HB 109 -57.84 18.84 49.03
CA TYR HB 109 -57.25 19.85 48.16
C TYR HB 109 -55.95 19.35 47.58
N SER HB 110 -55.76 19.59 46.28
CA SER HB 110 -54.56 19.13 45.60
C SER HB 110 -53.31 19.76 46.17
N SER HB 111 -53.43 20.96 46.72
CA SER HB 111 -52.31 21.66 47.34
C SER HB 111 -52.17 21.33 48.81
N ARG HB 112 -52.66 20.17 49.24
CA ARG HB 112 -52.62 19.81 50.65
C ARG HB 112 -51.26 19.26 51.03
N HIS HB 113 -50.74 19.75 52.14
CA HIS HB 113 -49.52 19.23 52.75
C HIS HB 113 -49.84 19.00 54.21
N THR HB 114 -49.70 17.75 54.64
CA THR HB 114 -50.17 17.35 55.95
C THR HB 114 -49.36 18.00 57.05
N ILE HB 115 -50.04 18.28 58.16
CA ILE HB 115 -49.41 18.77 59.38
C ILE HB 115 -49.44 17.63 60.38
N THR HB 116 -48.31 17.42 61.04
CA THR HB 116 -48.26 16.64 62.26
C THR HB 116 -48.32 17.61 63.42
N GLN HB 117 -49.04 17.24 64.46
CA GLN HB 117 -49.31 18.12 65.59
C GLN HB 117 -48.94 17.43 66.88
N PRO HB 118 -48.71 18.20 67.96
CA PRO HB 118 -48.65 19.64 68.12
C PRO HB 118 -47.25 20.20 68.25
N PHE HB 119 -46.22 19.36 68.08
CA PHE HB 119 -44.84 19.76 68.35
C PHE HB 119 -43.96 19.74 67.12
N SER HB 120 -44.52 19.59 65.93
CA SER HB 120 -43.74 19.46 64.72
C SER HB 120 -43.67 20.79 63.96
N TYR HB 121 -42.71 20.85 63.06
CA TYR HB 121 -42.49 22.00 62.20
C TYR HB 121 -43.08 21.74 60.82
N HIS HB 122 -43.71 22.76 60.25
CA HIS HB 122 -44.31 22.64 58.94
C HIS HB 122 -44.07 23.92 58.16
N SER HB 123 -43.72 23.77 56.89
CA SER HB 123 -43.37 24.88 56.04
C SER HB 123 -44.01 24.71 54.67
N ARG HB 124 -44.31 25.84 54.05
CA ARG HB 124 -45.02 25.88 52.77
C ARG HB 124 -44.41 26.98 51.93
N TYR HB 125 -43.68 26.59 50.90
CA TYR HB 125 -42.95 27.50 50.02
C TYR HB 125 -43.68 27.57 48.70
N PHE HB 126 -44.39 28.66 48.47
CA PHE HB 126 -45.28 28.78 47.33
C PHE HB 126 -45.27 30.21 46.82
N THR HB 127 -45.91 30.39 45.67
CA THR HB 127 -46.06 31.68 45.03
C THR HB 127 -47.45 32.22 45.33
N PRO HB 128 -47.60 33.32 46.05
CA PRO HB 128 -48.92 33.90 46.24
C PRO HB 128 -49.34 34.70 45.03
N LYS HB 129 -50.58 35.16 45.08
CA LYS HB 129 -51.17 35.98 44.04
C LYS HB 129 -51.90 37.14 44.67
N PRO HB 130 -52.00 38.28 44.00
CA PRO HB 130 -52.70 39.42 44.57
C PRO HB 130 -54.19 39.37 44.30
N VAL HB 131 -54.89 40.27 44.98
CA VAL HB 131 -56.33 40.39 44.87
C VAL HB 131 -56.59 41.61 44.01
N LEU HB 132 -56.73 41.39 42.71
CA LEU HB 132 -57.01 42.47 41.78
C LEU HB 132 -58.50 42.80 41.73
N ASP HB 133 -59.34 41.78 41.69
CA ASP HB 133 -60.79 41.97 41.63
C ASP HB 133 -61.44 40.93 42.53
N ARG HB 134 -62.07 41.39 43.60
CA ARG HB 134 -62.73 40.47 44.52
C ARG HB 134 -63.98 39.87 43.91
N THR HB 135 -64.70 40.63 43.10
CA THR HB 135 -65.90 40.12 42.45
C THR HB 135 -65.59 38.96 41.52
N ILE HB 136 -64.52 39.10 40.75
CA ILE HB 136 -64.17 38.14 39.72
C ILE HB 136 -63.16 37.13 40.22
N ASP HB 137 -62.22 37.58 41.04
CA ASP HB 137 -61.21 36.73 41.67
C ASP HB 137 -60.40 35.97 40.62
N TYR HB 138 -59.68 36.74 39.82
CA TYR HB 138 -58.78 36.17 38.82
C TYR HB 138 -57.34 36.29 39.28
N PHE HB 139 -56.51 35.43 38.71
CA PHE HB 139 -55.09 35.42 38.99
C PHE HB 139 -54.40 34.67 37.86
N GLN HB 140 -53.12 34.95 37.72
CA GLN HB 140 -52.37 34.39 36.62
C GLN HB 140 -51.49 33.23 37.07
N PRO HB 141 -51.03 32.41 36.16
CA PRO HB 141 -50.18 31.29 36.56
C PRO HB 141 -48.83 31.73 37.10
N ASN HB 142 -48.00 30.75 37.43
CA ASN HB 142 -46.66 31.02 37.93
C ASN HB 142 -45.73 31.08 36.73
N ASN HB 143 -45.41 32.30 36.31
CA ASN HB 143 -44.40 32.52 35.28
C ASN HB 143 -43.61 33.76 35.69
N LYS HB 144 -42.31 33.57 35.89
CA LYS HB 144 -41.49 34.65 36.43
C LYS HB 144 -41.38 35.82 35.47
N ARG HB 145 -41.17 35.54 34.19
CA ARG HB 145 -40.94 36.61 33.22
C ARG HB 145 -42.15 37.54 33.15
N ASN HB 146 -43.33 36.97 32.98
CA ASN HB 146 -44.54 37.75 32.72
C ASN HB 146 -45.35 38.00 33.97
N GLN HB 147 -44.77 37.83 35.15
CA GLN HB 147 -45.47 38.19 36.37
C GLN HB 147 -45.64 39.70 36.46
N LEU HB 148 -46.72 40.11 37.08
CA LEU HB 148 -47.08 41.52 37.12
C LEU HB 148 -46.21 42.27 38.10
N TRP HB 149 -46.15 43.59 37.89
CA TRP HB 149 -45.55 44.52 38.82
C TRP HB 149 -46.66 45.31 39.49
N LEU HB 150 -46.36 45.79 40.69
CA LEU HB 150 -47.32 46.49 41.51
C LEU HB 150 -46.66 47.69 42.16
N ARG HB 151 -47.36 48.81 42.15
CA ARG HB 151 -46.87 50.00 42.82
C ARG HB 151 -46.76 49.75 44.31
N LEU HB 152 -45.66 50.21 44.90
CA LEU HB 152 -45.42 50.06 46.32
C LEU HB 152 -46.04 51.26 47.02
N GLN HB 153 -47.30 51.10 47.40
CA GLN HB 153 -48.02 52.17 48.05
C GLN HB 153 -47.58 52.30 49.50
N THR HB 154 -48.00 53.39 50.11
CA THR HB 154 -47.57 53.75 51.46
C THR HB 154 -48.44 53.12 52.53
N THR HB 155 -49.76 53.13 52.35
CA THR HB 155 -50.70 52.67 53.36
C THR HB 155 -51.77 51.73 52.86
N GLY HB 156 -51.90 51.54 51.54
CA GLY HB 156 -53.00 50.79 50.97
C GLY HB 156 -52.58 49.71 50.01
N ASN HB 157 -51.50 49.01 50.32
CA ASN HB 157 -51.05 47.93 49.45
C ASN HB 157 -52.08 46.80 49.45
N VAL HB 158 -52.10 46.08 48.34
CA VAL HB 158 -53.12 45.07 48.13
C VAL HB 158 -52.79 43.81 48.92
N ASP HB 159 -53.83 43.10 49.31
CA ASP HB 159 -53.72 41.95 50.18
C ASP HB 159 -53.44 40.72 49.32
N HIS HB 160 -52.19 40.31 49.28
CA HIS HB 160 -51.87 39.01 48.71
C HIS HB 160 -52.52 37.90 49.52
N VAL HB 161 -52.57 36.73 48.92
CA VAL HB 161 -53.31 35.60 49.45
C VAL HB 161 -52.56 34.34 49.06
N GLY HB 162 -53.01 33.19 49.58
CA GLY HB 162 -52.32 31.95 49.31
C GLY HB 162 -52.22 30.88 50.38
N LEU HB 163 -52.87 30.99 51.53
CA LEU HB 163 -52.81 29.87 52.48
C LEU HB 163 -54.02 29.81 53.38
N GLY HB 164 -54.46 28.58 53.63
CA GLY HB 164 -55.50 28.32 54.60
C GLY HB 164 -55.15 27.07 55.38
N THR HB 165 -55.60 27.05 56.63
CA THR HB 165 -55.19 26.06 57.60
C THR HB 165 -56.39 25.32 58.17
N ALA HB 166 -56.11 24.15 58.73
CA ALA HB 166 -57.10 23.38 59.47
C ALA HB 166 -56.35 22.52 60.47
N PHE HB 167 -56.37 22.95 61.73
CA PHE HB 167 -55.71 22.24 62.81
C PHE HB 167 -56.73 21.44 63.61
N GLU HB 168 -56.31 20.25 64.03
CA GLU HB 168 -57.19 19.37 64.78
C GLU HB 168 -57.21 19.79 66.22
N ASN HB 169 -58.41 19.98 66.77
CA ASN HB 169 -58.53 20.43 68.14
C ASN HB 169 -58.00 19.38 69.10
N SER HB 170 -57.68 19.83 70.30
CA SER HB 170 -57.12 18.96 71.33
C SER HB 170 -57.53 19.47 72.69
N ILE HB 171 -57.36 18.61 73.68
CA ILE HB 171 -57.68 18.98 75.06
C ILE HB 171 -56.80 20.12 75.52
N TYR HB 172 -55.54 20.11 75.12
CA TYR HB 172 -54.56 21.09 75.54
C TYR HB 172 -54.41 22.17 74.49
N ASP HB 173 -54.00 23.35 74.94
CA ASP HB 173 -53.71 24.44 74.02
C ASP HB 173 -52.54 24.07 73.14
N GLN HB 174 -52.63 24.45 71.87
CA GLN HB 174 -51.58 24.23 70.87
C GLN HB 174 -51.16 25.62 70.40
N ASP HB 175 -50.23 26.21 71.12
CA ASP HB 175 -49.68 27.49 70.71
C ASP HB 175 -48.63 27.29 69.65
N TYR HB 176 -48.56 28.25 68.72
CA TYR HB 176 -47.60 28.22 67.63
C TYR HB 176 -46.94 29.59 67.51
N ASN HB 177 -45.82 29.60 66.83
CA ASN HB 177 -45.03 30.80 66.58
C ASN HB 177 -44.80 30.85 65.08
N ILE HB 178 -45.68 31.55 64.39
CA ILE HB 178 -45.66 31.58 62.94
C ILE HB 178 -44.64 32.61 62.48
N ARG HB 179 -43.91 32.26 61.43
CA ARG HB 179 -42.97 33.15 60.77
C ARG HB 179 -43.32 33.20 59.30
N ILE HB 180 -43.61 34.40 58.80
CA ILE HB 180 -43.98 34.60 57.42
C ILE HB 180 -42.82 35.26 56.71
N THR HB 181 -42.00 34.46 56.07
CA THR HB 181 -40.90 34.95 55.27
C THR HB 181 -41.38 35.22 53.85
N MET HB 182 -40.96 36.36 53.31
CA MET HB 182 -41.38 36.81 52.00
C MET HB 182 -40.16 37.11 51.15
N TYR HB 183 -40.23 36.73 49.88
CA TYR HB 183 -39.13 36.92 48.93
C TYR HB 183 -39.64 37.86 47.85
N VAL HB 184 -39.22 39.12 47.94
CA VAL HB 184 -39.77 40.19 47.16
C VAL HB 184 -38.76 40.59 46.10
N GLN HB 185 -39.24 41.32 45.11
CA GLN HB 185 -38.40 41.80 44.01
C GLN HB 185 -38.86 43.21 43.66
N PHE HB 186 -38.05 44.20 44.03
CA PHE HB 186 -38.39 45.60 43.83
C PHE HB 186 -37.81 46.11 42.52
N ARG HB 187 -38.03 47.38 42.24
CA ARG HB 187 -37.64 47.97 40.97
C ARG HB 187 -37.76 49.49 41.08
N GLU HB 188 -37.04 50.18 40.18
CA GLU HB 188 -37.09 51.62 40.04
C GLU HB 188 -36.71 52.35 41.34
N PHE HB 189 -35.43 52.24 41.66
CA PHE HB 189 -34.84 52.94 42.80
C PHE HB 189 -35.15 54.42 42.73
N ASN HB 190 -35.97 54.90 43.66
CA ASN HB 190 -36.58 56.23 43.59
C ASN HB 190 -36.24 57.06 44.81
N LEU HB 191 -34.98 57.06 45.21
CA LEU HB 191 -34.57 57.79 46.40
C LEU HB 191 -34.53 59.28 46.11
N LYS HB 192 -34.93 60.06 47.09
CA LYS HB 192 -34.84 61.51 47.07
C LYS HB 192 -33.69 61.96 47.95
N ASP HB 193 -33.16 63.14 47.63
CA ASP HB 193 -32.05 63.73 48.38
C ASP HB 193 -32.26 65.24 48.46
N PRO HB 194 -33.13 65.70 49.35
CA PRO HB 194 -33.23 67.12 49.59
C PRO HB 194 -31.98 67.65 50.26
N PRO HB 195 -31.81 68.96 50.35
CA PRO HB 195 -30.67 69.51 51.09
C PRO HB 195 -30.86 69.40 52.59
N LEU HB 196 -29.94 69.99 53.36
CA LEU HB 196 -29.98 69.93 54.82
C LEU HB 196 -29.83 68.50 55.31
#